data_2N8A
#
_entry.id   2N8A
#
loop_
_entity.id
_entity.type
_entity.pdbx_description
1 polymer 'Poly [ADP-ribose] polymerase 1'
2 polymer 'DNA (45-MER)'
3 non-polymer 'ZINC ION'
#
loop_
_entity_poly.entity_id
_entity_poly.type
_entity_poly.pdbx_seq_one_letter_code
_entity_poly.pdbx_strand_id
1 'polypeptide(L)'
;MAESSDKLYRVEYAKSGRASCKKCSESIPKDSLRMAIMVQSPMFDGKVPHWYHFSCFWKVGHSIRHPDVEVDGFSELRWD
DQQKVKKTAEAGGVTGKGQDGIGSKAEKTLGDFAAEYAKSNRSTCKGCMEKIEKGQVRLSKKMVDPEKPQLGMIDRWYHP
GCFVKNREELGFRPEYSASQLKGFSLLATEDKEALKKQLPGVKSEGKRKGDEVD
;
A
2 'polydeoxyribonucleotide'
;(DG)(DC)(DT)(DG)(DG)(DC)(DT)(DT)(DC)(DG)(DT)(DA)(DA)(DG)(DA)(DA)(DG)(DC)(DC)(DA)
(DG)(DC)(DT)(DC)(DG)(DC)(DG)(DG)(DT)(DC)(DA)(DG)(DC)(DT)(DT)(DG)(DC)(DT)(DG)(DA)
(DC)(DC)(DG)(DC)(DG)
;
B
#
loop_
_chem_comp.id
_chem_comp.type
_chem_comp.name
_chem_comp.formula
DA DNA linking 2'-DEOXYADENOSINE-5'-MONOPHOSPHATE 'C10 H14 N5 O6 P'
DC DNA linking 2'-DEOXYCYTIDINE-5'-MONOPHOSPHATE 'C9 H14 N3 O7 P'
DG DNA linking 2'-DEOXYGUANOSINE-5'-MONOPHOSPHATE 'C10 H14 N5 O7 P'
DT DNA linking THYMIDINE-5'-MONOPHOSPHATE 'C10 H15 N2 O8 P'
ZN non-polymer 'ZINC ION' 'Zn 2'
#
# COMPACT_ATOMS: atom_id res chain seq x y z
N MET A 1 -0.07 -6.62 26.83
CA MET A 1 0.50 -5.27 26.51
C MET A 1 -0.62 -4.28 26.22
N ALA A 2 -0.74 -3.25 27.02
CA ALA A 2 -1.81 -2.24 26.79
C ALA A 2 -1.45 -1.33 25.61
N GLU A 3 -2.29 -1.27 24.61
CA GLU A 3 -2.00 -0.42 23.43
C GLU A 3 -0.62 -0.76 22.84
N SER A 4 -0.24 -0.11 21.77
CA SER A 4 1.09 -0.39 21.14
C SER A 4 1.25 -1.88 20.87
N SER A 5 0.17 -2.55 20.53
CA SER A 5 0.26 -4.02 20.25
C SER A 5 -0.69 -4.40 19.11
N ASP A 6 -1.11 -3.44 18.32
CA ASP A 6 -2.03 -3.76 17.19
C ASP A 6 -1.43 -3.31 15.86
N LYS A 7 -0.35 -2.57 15.89
CA LYS A 7 0.28 -2.11 14.62
C LYS A 7 0.63 -3.30 13.73
N LEU A 8 0.66 -3.12 12.44
CA LEU A 8 0.97 -4.26 11.54
C LEU A 8 2.49 -4.41 11.33
N TYR A 9 3.25 -3.38 11.61
CA TYR A 9 4.73 -3.49 11.40
C TYR A 9 5.53 -3.09 12.65
N ARG A 10 6.76 -3.53 12.71
CA ARG A 10 7.62 -3.19 13.88
C ARG A 10 9.04 -2.86 13.39
N VAL A 11 9.65 -1.90 13.99
CA VAL A 11 11.04 -1.53 13.61
C VAL A 11 11.87 -1.41 14.88
N GLU A 12 13.08 -1.90 14.86
CA GLU A 12 13.91 -1.82 16.10
C GLU A 12 15.33 -2.30 15.81
N TYR A 13 16.22 -2.06 16.74
CA TYR A 13 17.61 -2.53 16.57
C TYR A 13 17.63 -4.01 16.98
N ALA A 14 18.12 -4.86 16.11
CA ALA A 14 18.13 -6.34 16.38
C ALA A 14 18.48 -6.70 17.83
N LYS A 15 17.56 -7.34 18.51
CA LYS A 15 17.82 -7.76 19.92
C LYS A 15 18.86 -8.89 19.93
N SER A 16 19.02 -9.56 18.80
CA SER A 16 20.01 -10.66 18.69
C SER A 16 20.48 -10.75 17.22
N GLY A 17 21.40 -11.63 16.93
CA GLY A 17 21.90 -11.75 15.53
C GLY A 17 21.48 -13.11 14.97
N ARG A 18 20.47 -13.72 15.57
CA ARG A 18 20.02 -15.07 15.10
C ARG A 18 18.83 -14.98 14.12
N ALA A 19 18.15 -13.87 14.07
CA ALA A 19 17.00 -13.76 13.10
C ALA A 19 17.48 -13.81 11.65
N SER A 20 16.74 -14.47 10.80
CA SER A 20 17.13 -14.58 9.37
C SER A 20 16.17 -13.76 8.53
N CYS A 21 16.70 -13.01 7.61
CA CYS A 21 15.85 -12.16 6.73
C CYS A 21 14.91 -13.03 5.89
N LYS A 22 13.62 -12.73 5.92
CA LYS A 22 12.65 -13.54 5.14
C LYS A 22 12.77 -13.29 3.62
N LYS A 23 13.61 -12.35 3.22
CA LYS A 23 13.77 -12.06 1.75
C LYS A 23 15.06 -12.68 1.20
N CYS A 24 16.20 -12.32 1.74
CA CYS A 24 17.50 -12.86 1.22
C CYS A 24 18.04 -14.05 2.06
N SER A 25 17.39 -14.37 3.16
CA SER A 25 17.82 -15.54 4.04
C SER A 25 19.10 -15.27 4.87
N GLU A 26 19.81 -14.20 4.63
CA GLU A 26 21.04 -13.94 5.44
C GLU A 26 20.65 -13.52 6.87
N SER A 27 21.52 -13.74 7.82
CA SER A 27 21.20 -13.40 9.23
C SER A 27 21.16 -11.88 9.44
N ILE A 28 20.34 -11.43 10.35
CA ILE A 28 20.28 -9.98 10.65
C ILE A 28 21.18 -9.74 11.87
N PRO A 29 22.23 -8.95 11.69
CA PRO A 29 23.20 -8.73 12.79
C PRO A 29 22.60 -7.98 13.98
N LYS A 30 22.98 -8.38 15.17
CA LYS A 30 22.46 -7.73 16.42
C LYS A 30 22.67 -6.22 16.39
N ASP A 31 21.73 -5.46 16.92
CA ASP A 31 21.83 -3.95 16.97
C ASP A 31 21.58 -3.31 15.59
N SER A 32 21.51 -4.08 14.52
CA SER A 32 21.26 -3.47 13.19
C SER A 32 19.79 -3.10 13.07
N LEU A 33 19.49 -2.15 12.23
CA LEU A 33 18.07 -1.73 12.07
C LEU A 33 17.32 -2.77 11.22
N ARG A 34 16.29 -3.37 11.78
CA ARG A 34 15.52 -4.38 11.02
C ARG A 34 14.03 -4.06 11.10
N MET A 35 13.26 -4.53 10.15
CA MET A 35 11.80 -4.25 10.16
C MET A 35 11.03 -5.55 9.98
N ALA A 36 9.83 -5.63 10.48
CA ALA A 36 9.06 -6.89 10.34
C ALA A 36 7.57 -6.63 10.15
N ILE A 37 6.91 -7.54 9.48
CA ILE A 37 5.44 -7.43 9.32
C ILE A 37 4.79 -8.32 10.39
N MET A 38 4.09 -7.73 11.32
CA MET A 38 3.49 -8.54 12.43
C MET A 38 2.40 -9.49 11.93
N VAL A 39 2.31 -10.66 12.51
CA VAL A 39 1.27 -11.63 12.10
C VAL A 39 0.72 -12.35 13.34
N GLN A 40 -0.56 -12.60 13.38
CA GLN A 40 -1.15 -13.29 14.57
C GLN A 40 -0.95 -14.80 14.45
N SER A 41 -0.50 -15.45 15.49
CA SER A 41 -0.29 -16.92 15.42
C SER A 41 -1.53 -17.67 15.94
N PRO A 42 -1.96 -18.65 15.19
CA PRO A 42 -3.15 -19.44 15.59
C PRO A 42 -2.77 -20.54 16.59
N MET A 43 -1.51 -20.69 16.89
CA MET A 43 -1.08 -21.75 17.86
C MET A 43 -0.95 -21.18 19.27
N PHE A 44 -0.92 -19.88 19.41
CA PHE A 44 -0.79 -19.27 20.76
C PHE A 44 -1.07 -17.77 20.71
N ASP A 45 -1.58 -17.21 21.77
CA ASP A 45 -1.85 -15.75 21.79
C ASP A 45 -0.55 -14.97 21.66
N GLY A 46 -0.44 -14.13 20.67
CA GLY A 46 0.82 -13.35 20.47
C GLY A 46 1.08 -13.21 18.97
N LYS A 47 1.82 -12.21 18.58
CA LYS A 47 2.10 -12.01 17.13
C LYS A 47 3.53 -12.42 16.77
N VAL A 48 3.71 -13.09 15.67
CA VAL A 48 5.08 -13.52 15.24
C VAL A 48 5.62 -12.52 14.20
N PRO A 49 6.82 -12.04 14.40
CA PRO A 49 7.37 -11.06 13.46
C PRO A 49 8.16 -11.71 12.33
N HIS A 50 7.88 -11.34 11.12
CA HIS A 50 8.69 -11.86 9.98
C HIS A 50 9.74 -10.78 9.75
N TRP A 51 10.96 -10.99 10.23
CA TRP A 51 11.99 -9.92 10.12
C TRP A 51 12.71 -9.87 8.78
N TYR A 52 13.20 -8.72 8.47
CA TYR A 52 13.94 -8.47 7.19
C TYR A 52 15.01 -7.40 7.45
N HIS A 53 16.10 -7.41 6.71
CA HIS A 53 17.08 -6.31 6.87
C HIS A 53 16.35 -5.05 6.40
N PHE A 54 16.72 -3.88 6.87
CA PHE A 54 15.99 -2.63 6.46
C PHE A 54 15.70 -2.57 4.94
N SER A 55 16.70 -2.75 4.12
CA SER A 55 16.49 -2.68 2.64
C SER A 55 15.61 -3.83 2.11
N CYS A 56 15.87 -5.04 2.53
CA CYS A 56 15.06 -6.21 2.03
C CYS A 56 13.55 -6.00 2.27
N PHE A 57 13.20 -5.43 3.40
CA PHE A 57 11.75 -5.22 3.73
C PHE A 57 10.96 -4.55 2.59
N TRP A 58 11.58 -3.61 1.87
CA TRP A 58 10.84 -2.88 0.81
C TRP A 58 10.90 -3.62 -0.53
N LYS A 59 11.82 -4.53 -0.69
CA LYS A 59 11.94 -5.26 -1.99
C LYS A 59 10.96 -6.43 -2.09
N VAL A 60 10.17 -6.66 -1.07
CA VAL A 60 9.19 -7.81 -1.12
C VAL A 60 7.78 -7.32 -1.46
N GLY A 61 7.49 -6.07 -1.28
CA GLY A 61 6.13 -5.56 -1.58
C GLY A 61 5.55 -4.83 -0.37
N HIS A 62 6.17 -4.93 0.77
CA HIS A 62 5.65 -4.22 1.97
C HIS A 62 5.62 -2.71 1.71
N SER A 63 4.58 -2.04 2.13
CA SER A 63 4.50 -0.57 1.87
C SER A 63 4.01 0.19 3.10
N ILE A 64 4.52 1.37 3.32
CA ILE A 64 4.08 2.19 4.49
C ILE A 64 4.03 3.67 4.11
N ARG A 65 2.88 4.29 4.22
CA ARG A 65 2.78 5.73 3.87
C ARG A 65 3.15 6.59 5.08
N HIS A 66 2.66 6.22 6.23
CA HIS A 66 2.98 6.98 7.49
C HIS A 66 3.60 6.06 8.53
N PRO A 67 4.92 6.03 8.56
CA PRO A 67 5.65 5.17 9.52
C PRO A 67 5.32 5.50 11.00
N ASP A 68 5.35 6.76 11.38
CA ASP A 68 5.03 7.15 12.79
C ASP A 68 3.76 6.47 13.35
N VAL A 69 2.74 6.29 12.53
CA VAL A 69 1.47 5.67 13.05
C VAL A 69 1.31 4.18 12.65
N GLU A 70 1.95 3.74 11.59
CA GLU A 70 1.76 2.31 11.16
C GLU A 70 2.88 1.39 11.64
N VAL A 71 3.99 1.91 12.09
CA VAL A 71 5.11 1.02 12.53
C VAL A 71 5.42 1.18 14.02
N ASP A 72 5.19 0.13 14.79
CA ASP A 72 5.48 0.19 16.25
C ASP A 72 6.99 0.31 16.49
N GLY A 73 7.41 1.09 17.47
CA GLY A 73 8.87 1.23 17.75
C GLY A 73 9.49 2.36 16.92
N PHE A 74 8.77 2.92 16.00
CA PHE A 74 9.33 4.02 15.14
C PHE A 74 9.82 5.20 16.00
N SER A 75 9.01 5.67 16.88
CA SER A 75 9.40 6.83 17.74
C SER A 75 10.63 6.55 18.63
N GLU A 76 10.95 5.28 18.90
CA GLU A 76 12.13 5.00 19.74
C GLU A 76 13.43 4.84 18.92
N LEU A 77 13.35 4.93 17.61
CA LEU A 77 14.58 4.81 16.77
C LEU A 77 15.40 6.08 16.89
N ARG A 78 16.67 6.02 16.59
CA ARG A 78 17.50 7.25 16.63
C ARG A 78 16.98 8.21 15.54
N TRP A 79 17.17 9.49 15.73
CA TRP A 79 16.63 10.49 14.74
C TRP A 79 16.97 10.13 13.29
N ASP A 80 18.23 9.95 12.97
CA ASP A 80 18.61 9.61 11.56
C ASP A 80 17.84 8.38 11.04
N ASP A 81 17.69 7.37 11.86
CA ASP A 81 16.95 6.15 11.40
C ASP A 81 15.47 6.49 11.20
N GLN A 82 14.96 7.41 11.98
CA GLN A 82 13.54 7.82 11.83
C GLN A 82 13.37 8.53 10.49
N GLN A 83 14.37 9.29 10.09
CA GLN A 83 14.30 10.02 8.79
C GLN A 83 14.50 9.01 7.65
N LYS A 84 15.42 8.12 7.82
CA LYS A 84 15.67 7.08 6.76
C LYS A 84 14.39 6.28 6.50
N VAL A 85 13.73 5.84 7.54
CA VAL A 85 12.47 5.07 7.36
C VAL A 85 11.41 5.99 6.75
N LYS A 86 11.35 7.22 7.20
CA LYS A 86 10.32 8.17 6.67
C LYS A 86 10.56 8.43 5.18
N LYS A 87 11.79 8.64 4.79
CA LYS A 87 12.07 8.91 3.35
C LYS A 87 11.90 7.63 2.52
N THR A 88 12.42 6.52 3.01
CA THR A 88 12.28 5.25 2.25
C THR A 88 10.79 4.92 2.07
N ALA A 89 9.99 5.21 3.06
CA ALA A 89 8.53 4.94 2.95
C ALA A 89 7.96 5.80 1.83
N GLU A 90 8.31 7.05 1.79
CA GLU A 90 7.79 7.94 0.71
C GLU A 90 8.24 7.45 -0.66
N ALA A 91 9.52 7.21 -0.82
CA ALA A 91 10.04 6.72 -2.13
C ALA A 91 9.32 5.43 -2.55
N GLY A 92 8.65 5.46 -3.66
CA GLY A 92 7.92 4.23 -4.12
C GLY A 92 8.68 3.59 -5.30
N GLY A 93 9.97 3.47 -5.18
CA GLY A 93 10.76 2.86 -6.28
C GLY A 93 10.62 3.71 -7.54
N VAL A 94 10.52 3.08 -8.69
CA VAL A 94 10.39 3.84 -9.97
C VAL A 94 11.52 4.85 -10.12
N THR A 95 12.48 4.55 -10.95
CA THR A 95 13.62 5.50 -11.16
C THR A 95 13.11 6.89 -11.51
N GLY A 96 12.99 7.76 -10.53
CA GLY A 96 12.50 9.14 -10.81
C GLY A 96 13.66 10.13 -10.76
N LYS A 97 13.41 11.36 -10.42
CA LYS A 97 14.50 12.37 -10.35
C LYS A 97 14.01 13.65 -9.67
N GLY A 98 14.73 14.72 -9.80
CA GLY A 98 14.31 15.99 -9.16
C GLY A 98 15.04 17.17 -9.82
N GLN A 99 14.65 18.38 -9.52
CA GLN A 99 15.32 19.55 -10.12
C GLN A 99 14.97 20.82 -9.34
N ASP A 100 13.71 21.04 -9.06
CA ASP A 100 13.32 22.26 -8.30
C ASP A 100 12.07 21.96 -7.46
N GLY A 101 12.15 22.16 -6.17
CA GLY A 101 10.98 21.89 -5.29
C GLY A 101 11.14 22.64 -3.96
N ILE A 102 10.17 22.57 -3.11
CA ILE A 102 10.27 23.28 -1.80
C ILE A 102 10.32 22.27 -0.65
N GLY A 103 9.33 21.43 -0.54
CA GLY A 103 9.32 20.42 0.55
C GLY A 103 10.27 19.27 0.20
N SER A 104 10.06 18.12 0.78
CA SER A 104 10.96 16.96 0.47
C SER A 104 10.17 15.85 -0.21
N LYS A 105 10.67 15.34 -1.31
CA LYS A 105 9.95 14.25 -2.04
C LYS A 105 8.52 14.67 -2.34
N ALA A 106 7.74 13.79 -2.94
CA ALA A 106 6.33 14.14 -3.26
C ALA A 106 5.52 12.87 -3.52
N GLU A 107 4.27 12.85 -3.11
CA GLU A 107 3.42 11.65 -3.33
C GLU A 107 2.24 11.98 -4.24
N LYS A 108 1.98 11.16 -5.22
CA LYS A 108 0.84 11.43 -6.14
C LYS A 108 0.20 10.11 -6.58
N THR A 109 0.24 9.11 -5.75
CA THR A 109 -0.37 7.80 -6.12
C THR A 109 -0.76 7.02 -4.86
N LEU A 110 -1.99 6.60 -4.77
CA LEU A 110 -2.43 5.83 -3.56
C LEU A 110 -1.71 4.48 -3.51
N GLY A 111 -1.43 3.99 -2.33
CA GLY A 111 -0.72 2.68 -2.22
C GLY A 111 -1.72 1.57 -1.90
N ASP A 112 -2.96 1.90 -1.63
CA ASP A 112 -3.97 0.84 -1.32
C ASP A 112 -5.09 0.79 -2.38
N PHE A 113 -4.92 1.49 -3.48
CA PHE A 113 -5.96 1.46 -4.55
C PHE A 113 -5.31 1.23 -5.91
N ALA A 114 -5.83 0.34 -6.71
CA ALA A 114 -5.20 0.06 -8.03
C ALA A 114 -6.21 -0.15 -9.15
N ALA A 115 -5.77 0.04 -10.36
CA ALA A 115 -6.65 -0.15 -11.54
C ALA A 115 -5.84 -0.88 -12.62
N GLU A 116 -6.40 -1.92 -13.20
CA GLU A 116 -5.64 -2.66 -14.25
C GLU A 116 -6.60 -3.53 -15.07
N TYR A 117 -6.16 -4.01 -16.20
CA TYR A 117 -7.05 -4.90 -16.99
C TYR A 117 -6.96 -6.30 -16.38
N ALA A 118 -8.08 -6.96 -16.23
CA ALA A 118 -8.06 -8.32 -15.59
C ALA A 118 -7.01 -9.24 -16.23
N LYS A 119 -6.00 -9.60 -15.47
CA LYS A 119 -4.94 -10.51 -15.99
C LYS A 119 -5.54 -11.89 -16.31
N SER A 120 -6.69 -12.20 -15.77
CA SER A 120 -7.34 -13.51 -16.05
C SER A 120 -8.85 -13.39 -15.88
N ASN A 121 -9.56 -14.50 -15.87
CA ASN A 121 -11.04 -14.43 -15.72
C ASN A 121 -11.53 -15.19 -14.47
N ARG A 122 -10.64 -15.52 -13.57
CA ARG A 122 -11.06 -16.24 -12.34
C ARG A 122 -11.20 -15.28 -11.15
N SER A 123 -10.98 -13.99 -11.35
CA SER A 123 -11.14 -13.04 -10.23
C SER A 123 -12.64 -12.79 -10.03
N THR A 124 -13.04 -12.10 -8.99
CA THR A 124 -14.50 -11.88 -8.78
C THR A 124 -14.75 -10.51 -8.14
N CYS A 125 -15.64 -9.74 -8.72
CA CYS A 125 -15.96 -8.43 -8.13
C CYS A 125 -16.56 -8.65 -6.73
N LYS A 126 -15.94 -8.06 -5.72
CA LYS A 126 -16.44 -8.24 -4.32
C LYS A 126 -17.64 -7.32 -4.00
N GLY A 127 -18.32 -6.81 -5.00
CA GLY A 127 -19.47 -5.91 -4.76
C GLY A 127 -20.73 -6.64 -5.23
N CYS A 128 -20.66 -7.29 -6.36
CA CYS A 128 -21.83 -8.06 -6.87
C CYS A 128 -21.49 -9.57 -6.95
N MET A 129 -20.29 -9.96 -6.53
CA MET A 129 -19.87 -11.39 -6.59
C MET A 129 -19.91 -12.00 -8.00
N GLU A 130 -20.02 -11.19 -9.02
CA GLU A 130 -20.03 -11.74 -10.41
C GLU A 130 -18.58 -11.81 -10.90
N LYS A 131 -18.24 -12.81 -11.68
CA LYS A 131 -16.84 -12.96 -12.14
C LYS A 131 -16.44 -11.83 -13.09
N ILE A 132 -15.19 -11.39 -13.01
CA ILE A 132 -14.70 -10.35 -13.93
C ILE A 132 -14.04 -11.04 -15.13
N GLU A 133 -14.36 -10.65 -16.34
CA GLU A 133 -13.77 -11.33 -17.53
C GLU A 133 -12.34 -10.83 -17.78
N LYS A 134 -11.48 -11.72 -18.20
CA LYS A 134 -10.07 -11.30 -18.55
C LYS A 134 -10.07 -10.13 -19.54
N GLY A 135 -9.24 -9.12 -19.31
CA GLY A 135 -9.19 -7.96 -20.24
C GLY A 135 -10.08 -6.82 -19.71
N GLN A 136 -11.13 -7.16 -18.99
CA GLN A 136 -12.04 -6.10 -18.46
C GLN A 136 -11.33 -5.23 -17.43
N VAL A 137 -11.58 -3.94 -17.45
CA VAL A 137 -10.95 -3.03 -16.47
C VAL A 137 -11.52 -3.32 -15.08
N ARG A 138 -10.67 -3.41 -14.09
CA ARG A 138 -11.16 -3.68 -12.71
C ARG A 138 -10.42 -2.80 -11.72
N LEU A 139 -11.04 -2.49 -10.62
CA LEU A 139 -10.39 -1.62 -9.59
C LEU A 139 -10.25 -2.42 -8.29
N SER A 140 -9.40 -1.99 -7.39
CA SER A 140 -9.26 -2.78 -6.14
C SER A 140 -8.81 -1.95 -4.94
N LYS A 141 -9.31 -2.33 -3.80
CA LYS A 141 -8.93 -1.65 -2.53
C LYS A 141 -8.05 -2.60 -1.72
N LYS A 142 -6.76 -2.41 -1.78
CA LYS A 142 -5.83 -3.32 -1.04
C LYS A 142 -6.23 -3.47 0.43
N MET A 143 -6.15 -4.67 0.94
CA MET A 143 -6.50 -4.91 2.37
C MET A 143 -5.74 -6.14 2.87
N VAL A 144 -5.39 -6.16 4.13
CA VAL A 144 -4.64 -7.33 4.66
C VAL A 144 -5.59 -8.29 5.39
N ASP A 145 -5.33 -9.57 5.29
CA ASP A 145 -6.20 -10.57 5.98
C ASP A 145 -5.47 -11.09 7.22
N PRO A 146 -6.14 -11.02 8.35
CA PRO A 146 -5.52 -11.50 9.62
C PRO A 146 -5.32 -13.00 9.57
N GLU A 147 -6.04 -13.69 8.71
CA GLU A 147 -5.89 -15.17 8.60
C GLU A 147 -4.69 -15.50 7.71
N LYS A 148 -4.36 -14.62 6.80
CA LYS A 148 -3.20 -14.87 5.90
C LYS A 148 -2.25 -13.66 5.96
N PRO A 149 -1.54 -13.55 7.06
CA PRO A 149 -0.60 -12.41 7.25
C PRO A 149 0.60 -12.50 6.30
N GLN A 150 1.02 -13.69 5.96
CA GLN A 150 2.19 -13.82 5.04
C GLN A 150 1.91 -13.15 3.69
N LEU A 151 0.66 -13.01 3.33
CA LEU A 151 0.31 -12.35 2.03
C LEU A 151 0.55 -10.85 2.11
N GLY A 152 -0.01 -10.21 3.09
CA GLY A 152 0.17 -8.73 3.23
C GLY A 152 -1.00 -8.03 2.55
N MET A 153 -0.74 -6.90 1.94
CA MET A 153 -1.83 -6.15 1.24
C MET A 153 -2.32 -6.93 0.02
N ILE A 154 -3.49 -7.49 0.08
CA ILE A 154 -4.02 -8.25 -1.08
C ILE A 154 -5.09 -7.43 -1.81
N ASP A 155 -5.17 -7.52 -3.11
CA ASP A 155 -6.18 -6.72 -3.84
C ASP A 155 -7.59 -7.28 -3.71
N ARG A 156 -8.53 -6.43 -3.40
CA ARG A 156 -9.96 -6.82 -3.35
C ARG A 156 -10.54 -6.22 -4.63
N TRP A 157 -10.80 -7.02 -5.63
CA TRP A 157 -11.25 -6.45 -6.94
C TRP A 157 -12.73 -6.13 -7.03
N TYR A 158 -13.04 -5.27 -7.96
CA TYR A 158 -14.45 -4.82 -8.18
C TYR A 158 -14.58 -4.29 -9.61
N HIS A 159 -15.78 -4.25 -10.12
CA HIS A 159 -15.98 -3.60 -11.44
C HIS A 159 -15.90 -2.10 -11.15
N PRO A 160 -15.46 -1.30 -12.07
CA PRO A 160 -15.35 0.17 -11.79
C PRO A 160 -16.69 0.72 -11.29
N GLY A 161 -17.79 0.34 -11.90
CA GLY A 161 -19.12 0.83 -11.43
C GLY A 161 -19.37 0.32 -10.00
N CYS A 162 -19.22 -0.95 -9.78
CA CYS A 162 -19.44 -1.51 -8.40
C CYS A 162 -18.52 -0.80 -7.39
N PHE A 163 -17.28 -0.56 -7.77
CA PHE A 163 -16.31 0.13 -6.85
C PHE A 163 -16.83 1.53 -6.51
N VAL A 164 -17.29 2.26 -7.50
CA VAL A 164 -17.79 3.63 -7.24
C VAL A 164 -18.99 3.59 -6.28
N LYS A 165 -19.86 2.63 -6.44
CA LYS A 165 -21.06 2.55 -5.54
C LYS A 165 -20.64 2.43 -4.07
N ASN A 166 -19.56 1.75 -3.81
CA ASN A 166 -19.08 1.59 -2.39
C ASN A 166 -17.83 2.46 -2.11
N ARG A 167 -17.68 3.56 -2.81
CA ARG A 167 -16.46 4.42 -2.60
C ARG A 167 -16.29 4.80 -1.12
N GLU A 168 -17.36 5.06 -0.45
CA GLU A 168 -17.27 5.47 1.00
C GLU A 168 -16.73 4.33 1.87
N GLU A 169 -17.38 3.21 1.85
CA GLU A 169 -16.94 2.06 2.70
C GLU A 169 -15.55 1.58 2.27
N LEU A 170 -15.19 1.74 1.03
CA LEU A 170 -13.85 1.28 0.57
C LEU A 170 -12.77 2.31 0.94
N GLY A 171 -13.12 3.40 1.58
CA GLY A 171 -12.09 4.40 1.99
C GLY A 171 -11.61 5.23 0.80
N PHE A 172 -12.38 5.32 -0.25
CA PHE A 172 -11.94 6.15 -1.42
C PHE A 172 -12.49 7.56 -1.26
N ARG A 173 -11.83 8.36 -0.45
CA ARG A 173 -12.31 9.76 -0.17
C ARG A 173 -12.68 10.51 -1.47
N PRO A 174 -13.50 11.53 -1.32
CA PRO A 174 -13.96 12.33 -2.50
C PRO A 174 -12.86 13.22 -3.07
N GLU A 175 -11.78 13.43 -2.33
CA GLU A 175 -10.67 14.28 -2.87
C GLU A 175 -9.80 13.46 -3.82
N TYR A 176 -9.91 12.16 -3.78
CA TYR A 176 -9.09 11.29 -4.68
C TYR A 176 -9.68 11.26 -6.09
N SER A 177 -8.82 11.21 -7.07
CA SER A 177 -9.28 11.16 -8.49
C SER A 177 -8.78 9.87 -9.14
N ALA A 178 -9.32 9.52 -10.27
CA ALA A 178 -8.89 8.26 -10.96
C ALA A 178 -7.38 8.25 -11.23
N SER A 179 -6.81 9.40 -11.48
CA SER A 179 -5.34 9.47 -11.79
C SER A 179 -4.47 8.99 -10.61
N GLN A 180 -5.03 8.87 -9.43
CA GLN A 180 -4.20 8.43 -8.26
C GLN A 180 -4.20 6.90 -8.09
N LEU A 181 -4.97 6.18 -8.86
CA LEU A 181 -4.99 4.69 -8.71
C LEU A 181 -3.66 4.07 -9.17
N LYS A 182 -3.14 3.15 -8.40
CA LYS A 182 -1.86 2.49 -8.80
C LYS A 182 -2.07 1.70 -10.10
N GLY A 183 -1.36 2.04 -11.15
CA GLY A 183 -1.53 1.31 -12.44
C GLY A 183 -2.30 2.16 -13.46
N PHE A 184 -2.85 3.27 -13.03
CA PHE A 184 -3.65 4.14 -13.97
C PHE A 184 -2.87 4.46 -15.25
N SER A 185 -1.67 4.94 -15.11
CA SER A 185 -0.85 5.33 -16.30
C SER A 185 -0.76 4.23 -17.37
N LEU A 186 -0.93 2.97 -17.02
CA LEU A 186 -0.80 1.88 -18.05
C LEU A 186 -2.11 1.60 -18.80
N LEU A 187 -3.13 2.39 -18.57
CA LEU A 187 -4.43 2.15 -19.26
C LEU A 187 -4.53 2.98 -20.54
N ALA A 188 -5.21 2.46 -21.53
CA ALA A 188 -5.38 3.21 -22.81
C ALA A 188 -6.10 4.53 -22.52
N THR A 189 -5.84 5.55 -23.30
CA THR A 189 -6.51 6.88 -23.07
C THR A 189 -8.02 6.73 -22.85
N GLU A 190 -8.67 5.97 -23.69
CA GLU A 190 -10.16 5.77 -23.56
C GLU A 190 -10.51 5.26 -22.15
N ASP A 191 -9.82 4.24 -21.71
CA ASP A 191 -10.10 3.68 -20.36
C ASP A 191 -9.81 4.72 -19.26
N LYS A 192 -8.75 5.49 -19.42
CA LYS A 192 -8.41 6.52 -18.39
C LYS A 192 -9.51 7.59 -18.31
N GLU A 193 -10.04 7.98 -19.44
CA GLU A 193 -11.11 9.03 -19.44
C GLU A 193 -12.36 8.50 -18.72
N ALA A 194 -12.75 7.29 -19.01
CA ALA A 194 -13.97 6.71 -18.35
C ALA A 194 -13.81 6.75 -16.82
N LEU A 195 -12.64 6.44 -16.34
CA LEU A 195 -12.42 6.45 -14.86
C LEU A 195 -12.46 7.88 -14.33
N LYS A 196 -11.67 8.78 -14.90
CA LYS A 196 -11.68 10.19 -14.43
C LYS A 196 -13.11 10.74 -14.42
N LYS A 197 -13.94 10.21 -15.29
CA LYS A 197 -15.37 10.66 -15.37
C LYS A 197 -16.13 10.25 -14.10
N GLN A 198 -15.96 9.04 -13.64
CA GLN A 198 -16.70 8.57 -12.43
C GLN A 198 -15.97 8.98 -11.14
N LEU A 199 -14.67 9.10 -11.19
CA LEU A 199 -13.91 9.53 -9.98
C LEU A 199 -13.16 10.81 -10.33
N PRO A 200 -13.88 11.91 -10.34
CA PRO A 200 -13.28 13.23 -10.71
C PRO A 200 -12.36 13.75 -9.61
N GLY A 201 -12.75 13.62 -8.37
CA GLY A 201 -11.90 14.13 -7.26
C GLY A 201 -12.07 15.64 -7.14
N VAL A 202 -11.00 16.39 -7.30
CA VAL A 202 -11.11 17.87 -7.20
C VAL A 202 -11.44 18.47 -8.57
N LYS A 203 -10.53 18.41 -9.50
CA LYS A 203 -10.80 18.98 -10.85
C LYS A 203 -9.89 18.31 -11.89
N SER A 204 -10.19 18.49 -13.15
CA SER A 204 -9.36 17.88 -14.22
C SER A 204 -8.32 18.88 -14.72
N GLU A 205 -8.64 20.14 -14.72
CA GLU A 205 -7.68 21.17 -15.20
C GLU A 205 -6.70 21.55 -14.06
N GLY A 206 -6.01 22.65 -14.21
CA GLY A 206 -5.05 23.07 -13.15
C GLY A 206 -4.73 24.55 -13.33
N LYS A 207 -5.29 25.40 -12.52
CA LYS A 207 -5.01 26.86 -12.64
C LYS A 207 -3.90 27.27 -11.66
N ARG A 208 -4.16 27.17 -10.39
CA ARG A 208 -3.12 27.56 -9.38
C ARG A 208 -3.57 27.16 -7.97
N LYS A 209 -2.67 27.17 -7.03
CA LYS A 209 -3.05 26.80 -5.63
C LYS A 209 -2.11 27.47 -4.63
N GLY A 210 -1.87 28.74 -4.78
CA GLY A 210 -0.96 29.45 -3.83
C GLY A 210 -0.25 30.58 -4.56
N ASP A 211 0.28 30.32 -5.73
CA ASP A 211 0.99 31.39 -6.50
C ASP A 211 0.18 31.78 -7.73
N GLU A 212 0.68 32.70 -8.51
CA GLU A 212 -0.06 33.12 -9.73
C GLU A 212 0.85 33.06 -10.97
N VAL A 213 0.73 32.01 -11.73
CA VAL A 213 1.59 31.88 -12.95
C VAL A 213 0.91 30.96 -13.98
N ASP A 214 -0.33 31.22 -14.27
CA ASP A 214 -1.07 30.37 -15.27
C ASP A 214 -0.93 28.88 -14.92
ZN ZN C . 17.93 -9.45 3.86
ZN ZN D . -19.41 -6.01 -9.86
N MET A 1 3.76 -13.24 30.30
CA MET A 1 4.28 -11.91 30.73
C MET A 1 4.87 -11.17 29.53
N ALA A 2 4.19 -11.15 28.41
CA ALA A 2 4.72 -10.45 27.22
C ALA A 2 3.79 -9.30 26.82
N GLU A 3 4.26 -8.40 25.99
CA GLU A 3 3.40 -7.26 25.57
C GLU A 3 3.40 -7.13 24.04
N SER A 4 2.25 -7.15 23.43
CA SER A 4 2.18 -7.03 21.95
C SER A 4 1.33 -5.81 21.56
N SER A 5 1.06 -5.66 20.28
CA SER A 5 0.24 -4.50 19.83
C SER A 5 -0.68 -4.92 18.68
N ASP A 6 -1.21 -3.98 17.96
CA ASP A 6 -2.13 -4.31 16.83
C ASP A 6 -1.52 -3.84 15.49
N LYS A 7 -0.45 -3.10 15.53
CA LYS A 7 0.18 -2.62 14.27
C LYS A 7 0.54 -3.81 13.39
N LEU A 8 0.60 -3.60 12.09
CA LEU A 8 0.93 -4.73 11.17
C LEU A 8 2.45 -4.86 10.99
N TYR A 9 3.20 -3.83 11.27
CA TYR A 9 4.68 -3.92 11.07
C TYR A 9 5.45 -3.50 12.33
N ARG A 10 6.69 -3.91 12.42
CA ARG A 10 7.52 -3.56 13.60
C ARG A 10 8.94 -3.21 13.12
N VAL A 11 9.53 -2.23 13.73
CA VAL A 11 10.92 -1.84 13.36
C VAL A 11 11.74 -1.70 14.64
N GLU A 12 12.95 -2.17 14.64
CA GLU A 12 13.77 -2.07 15.88
C GLU A 12 15.21 -2.52 15.61
N TYR A 13 16.07 -2.27 16.55
CA TYR A 13 17.48 -2.71 16.39
C TYR A 13 17.52 -4.19 16.79
N ALA A 14 18.04 -5.03 15.94
CA ALA A 14 18.06 -6.51 16.21
C ALA A 14 18.40 -6.87 17.66
N LYS A 15 17.49 -7.52 18.34
CA LYS A 15 17.74 -7.94 19.75
C LYS A 15 18.80 -9.06 19.76
N SER A 16 18.98 -9.72 18.65
CA SER A 16 20.00 -10.79 18.54
C SER A 16 20.49 -10.88 17.09
N GLY A 17 21.42 -11.75 16.80
CA GLY A 17 21.93 -11.86 15.40
C GLY A 17 21.54 -13.22 14.84
N ARG A 18 20.55 -13.86 15.42
CA ARG A 18 20.12 -15.21 14.95
C ARG A 18 18.96 -15.14 13.97
N ALA A 19 18.26 -14.05 13.91
CA ALA A 19 17.11 -13.95 12.93
C ALA A 19 17.60 -14.00 11.47
N SER A 20 16.89 -14.68 10.62
CA SER A 20 17.29 -14.78 9.20
C SER A 20 16.33 -13.97 8.33
N CYS A 21 16.85 -13.22 7.44
CA CYS A 21 16.00 -12.37 6.55
C CYS A 21 15.08 -13.26 5.69
N LYS A 22 13.80 -12.99 5.71
CA LYS A 22 12.84 -13.82 4.90
C LYS A 22 12.98 -13.57 3.39
N LYS A 23 13.79 -12.62 3.00
CA LYS A 23 13.97 -12.32 1.54
C LYS A 23 15.29 -12.92 1.00
N CYS A 24 16.41 -12.53 1.55
CA CYS A 24 17.72 -13.07 1.04
C CYS A 24 18.27 -14.23 1.90
N SER A 25 17.62 -14.57 3.00
CA SER A 25 18.06 -15.72 3.87
C SER A 25 19.32 -15.43 4.72
N GLU A 26 20.01 -14.35 4.49
CA GLU A 26 21.24 -14.06 5.32
C GLU A 26 20.82 -13.66 6.73
N SER A 27 21.69 -13.86 7.70
CA SER A 27 21.34 -13.52 9.10
C SER A 27 21.28 -12.01 9.31
N ILE A 28 20.44 -11.57 10.21
CA ILE A 28 20.34 -10.12 10.50
C ILE A 28 21.22 -9.86 11.73
N PRO A 29 22.26 -9.06 11.57
CA PRO A 29 23.22 -8.82 12.69
C PRO A 29 22.58 -8.07 13.86
N LYS A 30 22.96 -8.47 15.06
CA LYS A 30 22.40 -7.84 16.30
C LYS A 30 22.60 -6.31 16.28
N ASP A 31 21.64 -5.57 16.80
CA ASP A 31 21.72 -4.06 16.83
C ASP A 31 21.46 -3.42 15.46
N SER A 32 21.42 -4.20 14.40
CA SER A 32 21.18 -3.60 13.05
C SER A 32 19.71 -3.25 12.91
N LEU A 33 19.39 -2.30 12.07
CA LEU A 33 17.96 -1.91 11.89
C LEU A 33 17.24 -2.96 11.04
N ARG A 34 16.22 -3.57 11.58
CA ARG A 34 15.48 -4.61 10.83
C ARG A 34 13.98 -4.31 10.89
N MET A 35 13.23 -4.79 9.93
CA MET A 35 11.76 -4.54 9.92
C MET A 35 11.02 -5.87 9.72
N ALA A 36 9.81 -5.96 10.21
CA ALA A 36 9.07 -7.23 10.06
C ALA A 36 7.58 -7.00 9.87
N ILE A 37 6.93 -7.92 9.19
CA ILE A 37 5.45 -7.82 9.03
C ILE A 37 4.82 -8.72 10.12
N MET A 38 4.09 -8.14 11.02
CA MET A 38 3.46 -8.95 12.11
C MET A 38 2.52 -10.02 11.56
N VAL A 39 2.38 -11.10 12.27
CA VAL A 39 1.49 -12.20 11.82
C VAL A 39 0.91 -12.92 13.04
N GLN A 40 -0.39 -13.10 13.07
CA GLN A 40 -1.02 -13.80 14.23
C GLN A 40 -0.81 -15.32 14.10
N SER A 41 -0.34 -15.95 15.15
CA SER A 41 -0.11 -17.43 15.08
C SER A 41 -1.34 -18.20 15.58
N PRO A 42 -1.74 -19.19 14.83
CA PRO A 42 -2.91 -20.00 15.22
C PRO A 42 -2.52 -21.10 16.23
N MET A 43 -1.26 -21.22 16.54
CA MET A 43 -0.82 -22.27 17.51
C MET A 43 -0.72 -21.71 18.93
N PHE A 44 -0.71 -20.40 19.06
CA PHE A 44 -0.61 -19.79 20.43
C PHE A 44 -0.92 -18.29 20.36
N ASP A 45 -1.44 -17.74 21.43
CA ASP A 45 -1.75 -16.29 21.44
C ASP A 45 -0.45 -15.48 21.32
N GLY A 46 -0.36 -14.66 20.32
CA GLY A 46 0.89 -13.85 20.14
C GLY A 46 1.16 -13.68 18.64
N LYS A 47 1.89 -12.67 18.26
CA LYS A 47 2.17 -12.47 16.80
C LYS A 47 3.61 -12.85 16.46
N VAL A 48 3.79 -13.53 15.35
CA VAL A 48 5.17 -13.94 14.93
C VAL A 48 5.68 -12.94 13.89
N PRO A 49 6.88 -12.42 14.10
CA PRO A 49 7.43 -11.43 13.17
C PRO A 49 8.24 -12.07 12.06
N HIS A 50 7.97 -11.71 10.83
CA HIS A 50 8.79 -12.20 9.71
C HIS A 50 9.83 -11.10 9.49
N TRP A 51 11.04 -11.30 9.97
CA TRP A 51 12.06 -10.21 9.88
C TRP A 51 12.79 -10.15 8.55
N TYR A 52 13.27 -8.98 8.25
CA TYR A 52 14.01 -8.73 6.99
C TYR A 52 15.06 -7.64 7.24
N HIS A 53 16.16 -7.63 6.53
CA HIS A 53 17.12 -6.50 6.69
C HIS A 53 16.37 -5.26 6.22
N PHE A 54 16.72 -4.09 6.69
CA PHE A 54 15.97 -2.85 6.26
C PHE A 54 15.70 -2.80 4.75
N SER A 55 16.71 -2.96 3.94
CA SER A 55 16.51 -2.89 2.45
C SER A 55 15.65 -4.05 1.91
N CYS A 56 15.93 -5.26 2.33
CA CYS A 56 15.15 -6.44 1.82
C CYS A 56 13.63 -6.27 2.05
N PHE A 57 13.27 -5.70 3.16
CA PHE A 57 11.80 -5.53 3.48
C PHE A 57 11.02 -4.85 2.33
N TRP A 58 11.62 -3.91 1.64
CA TRP A 58 10.88 -3.19 0.56
C TRP A 58 10.98 -3.93 -0.78
N LYS A 59 11.91 -4.82 -0.93
CA LYS A 59 12.06 -5.55 -2.23
C LYS A 59 11.10 -6.75 -2.34
N VAL A 60 10.29 -6.99 -1.33
CA VAL A 60 9.34 -8.14 -1.39
C VAL A 60 7.93 -7.69 -1.77
N GLY A 61 7.60 -6.44 -1.54
CA GLY A 61 6.25 -5.95 -1.89
C GLY A 61 5.64 -5.22 -0.68
N HIS A 62 6.25 -5.32 0.48
CA HIS A 62 5.70 -4.62 1.67
C HIS A 62 5.64 -3.11 1.41
N SER A 63 4.58 -2.46 1.81
CA SER A 63 4.48 -0.99 1.56
C SER A 63 3.96 -0.25 2.79
N ILE A 64 4.45 0.95 3.01
CA ILE A 64 4.00 1.75 4.18
C ILE A 64 3.92 3.23 3.79
N ARG A 65 2.76 3.83 3.88
CA ARG A 65 2.62 5.26 3.53
C ARG A 65 2.96 6.14 4.74
N HIS A 66 2.49 5.76 5.89
CA HIS A 66 2.77 6.53 7.14
C HIS A 66 3.40 5.62 8.20
N PRO A 67 4.72 5.62 8.24
CA PRO A 67 5.46 4.76 9.21
C PRO A 67 5.11 5.09 10.68
N ASP A 68 5.10 6.35 11.07
CA ASP A 68 4.76 6.73 12.47
C ASP A 68 3.49 6.03 13.01
N VAL A 69 2.50 5.83 12.19
CA VAL A 69 1.23 5.19 12.69
C VAL A 69 1.09 3.70 12.29
N GLU A 70 1.75 3.26 11.24
CA GLU A 70 1.60 1.84 10.79
C GLU A 70 2.73 0.92 11.31
N VAL A 71 3.83 1.47 11.75
CA VAL A 71 4.95 0.59 12.22
C VAL A 71 5.24 0.76 13.71
N ASP A 72 5.03 -0.28 14.47
CA ASP A 72 5.30 -0.22 15.93
C ASP A 72 6.80 -0.07 16.19
N GLY A 73 7.20 0.71 17.18
CA GLY A 73 8.66 0.89 17.48
C GLY A 73 9.27 2.03 16.65
N PHE A 74 8.54 2.57 15.73
CA PHE A 74 9.10 3.68 14.88
C PHE A 74 9.56 4.86 15.74
N SER A 75 8.71 5.33 16.61
CA SER A 75 9.08 6.50 17.46
C SER A 75 10.31 6.24 18.37
N GLU A 76 10.65 4.98 18.65
CA GLU A 76 11.83 4.72 19.51
C GLU A 76 13.13 4.59 18.69
N LEU A 77 13.07 4.66 17.38
CA LEU A 77 14.30 4.57 16.56
C LEU A 77 15.10 5.85 16.68
N ARG A 78 16.38 5.81 16.40
CA ARG A 78 17.19 7.06 16.45
C ARG A 78 16.66 8.01 15.36
N TRP A 79 16.82 9.29 15.54
CA TRP A 79 16.28 10.28 14.56
C TRP A 79 16.64 9.93 13.10
N ASP A 80 17.90 9.76 12.80
CA ASP A 80 18.31 9.44 11.39
C ASP A 80 17.57 8.20 10.87
N ASP A 81 17.42 7.18 11.68
CA ASP A 81 16.72 5.95 11.20
C ASP A 81 15.23 6.26 11.00
N GLN A 82 14.70 7.18 11.77
CA GLN A 82 13.27 7.56 11.60
C GLN A 82 13.10 8.27 10.26
N GLN A 83 14.09 9.04 9.88
CA GLN A 83 14.02 9.77 8.58
C GLN A 83 14.25 8.77 7.44
N LYS A 84 15.19 7.88 7.62
CA LYS A 84 15.47 6.85 6.56
C LYS A 84 14.21 6.04 6.28
N VAL A 85 13.55 5.58 7.32
CA VAL A 85 12.30 4.79 7.12
C VAL A 85 11.23 5.69 6.50
N LYS A 86 11.14 6.92 6.94
CA LYS A 86 10.11 7.84 6.41
C LYS A 86 10.35 8.11 4.92
N LYS A 87 11.58 8.35 4.54
CA LYS A 87 11.87 8.62 3.10
C LYS A 87 11.75 7.34 2.28
N THR A 88 12.27 6.24 2.77
CA THR A 88 12.16 4.96 2.01
C THR A 88 10.69 4.60 1.82
N ALA A 89 9.87 4.89 2.79
CA ALA A 89 8.41 4.59 2.67
C ALA A 89 7.83 5.43 1.54
N GLU A 90 8.16 6.70 1.50
CA GLU A 90 7.62 7.58 0.43
C GLU A 90 8.10 7.09 -0.95
N ALA A 91 9.38 6.87 -1.09
CA ALA A 91 9.91 6.39 -2.40
C ALA A 91 9.22 5.09 -2.82
N GLY A 92 8.59 5.08 -3.96
CA GLY A 92 7.90 3.84 -4.41
C GLY A 92 7.17 4.12 -5.74
N GLY A 93 6.25 5.04 -5.73
CA GLY A 93 5.50 5.35 -6.99
C GLY A 93 6.47 5.90 -8.03
N VAL A 94 6.20 5.68 -9.29
CA VAL A 94 7.11 6.19 -10.36
C VAL A 94 6.35 7.17 -11.26
N THR A 95 7.03 8.17 -11.76
CA THR A 95 6.36 9.17 -12.65
C THR A 95 7.28 9.54 -13.82
N GLY A 96 8.56 9.69 -13.57
CA GLY A 96 9.50 10.05 -14.67
C GLY A 96 10.84 10.46 -14.08
N LYS A 97 11.21 11.70 -14.22
CA LYS A 97 12.52 12.15 -13.66
C LYS A 97 12.29 13.11 -12.49
N GLY A 98 11.23 12.92 -11.75
CA GLY A 98 10.95 13.80 -10.59
C GLY A 98 11.65 13.27 -9.34
N GLN A 99 12.23 14.13 -8.56
CA GLN A 99 12.93 13.66 -7.32
C GLN A 99 12.40 14.43 -6.10
N ASP A 100 11.11 14.47 -5.93
CA ASP A 100 10.52 15.19 -4.76
C ASP A 100 11.05 16.63 -4.70
N GLY A 101 10.71 17.44 -5.67
CA GLY A 101 11.20 18.85 -5.67
C GLY A 101 10.59 19.60 -4.48
N ILE A 102 10.87 20.88 -4.37
CA ILE A 102 10.31 21.66 -3.24
C ILE A 102 8.90 22.16 -3.58
N GLY A 103 7.89 21.52 -3.05
CA GLY A 103 6.49 21.96 -3.34
C GLY A 103 5.71 20.78 -3.91
N SER A 104 5.81 19.63 -3.31
CA SER A 104 5.06 18.45 -3.81
C SER A 104 3.82 18.20 -2.96
N LYS A 105 2.81 19.02 -3.13
CA LYS A 105 1.56 18.85 -2.33
C LYS A 105 0.34 18.93 -3.25
N ALA A 106 0.22 18.03 -4.20
CA ALA A 106 -0.94 18.07 -5.12
C ALA A 106 -1.05 16.73 -5.87
N GLU A 107 -0.17 16.50 -6.81
CA GLU A 107 -0.22 15.23 -7.58
C GLU A 107 0.43 14.09 -6.77
N LYS A 108 -0.21 12.96 -6.72
CA LYS A 108 0.38 11.81 -5.95
C LYS A 108 -0.29 10.50 -6.37
N THR A 109 0.07 9.42 -5.75
CA THR A 109 -0.54 8.10 -6.10
C THR A 109 -0.94 7.34 -4.84
N LEU A 110 -2.17 6.90 -4.76
CA LEU A 110 -2.62 6.14 -3.55
C LEU A 110 -1.90 4.80 -3.48
N GLY A 111 -1.63 4.32 -2.28
CA GLY A 111 -0.92 3.01 -2.14
C GLY A 111 -1.92 1.90 -1.83
N ASP A 112 -3.16 2.23 -1.58
CA ASP A 112 -4.17 1.17 -1.26
C ASP A 112 -5.26 1.10 -2.33
N PHE A 113 -5.10 1.81 -3.42
CA PHE A 113 -6.14 1.77 -4.51
C PHE A 113 -5.47 1.52 -5.86
N ALA A 114 -5.99 0.61 -6.64
CA ALA A 114 -5.32 0.33 -7.96
C ALA A 114 -6.32 0.10 -9.09
N ALA A 115 -5.85 0.28 -10.29
CA ALA A 115 -6.72 0.06 -11.50
C ALA A 115 -5.88 -0.67 -12.56
N GLU A 116 -6.41 -1.72 -13.13
CA GLU A 116 -5.64 -2.47 -14.16
C GLU A 116 -6.58 -3.36 -14.97
N TYR A 117 -6.12 -3.85 -16.08
CA TYR A 117 -6.97 -4.75 -16.90
C TYR A 117 -6.90 -6.15 -16.25
N ALA A 118 -8.02 -6.82 -16.11
CA ALA A 118 -8.01 -8.17 -15.47
C ALA A 118 -6.94 -9.08 -16.07
N LYS A 119 -5.93 -9.43 -15.28
CA LYS A 119 -4.88 -10.34 -15.78
C LYS A 119 -5.46 -11.73 -16.10
N SER A 120 -6.61 -12.03 -15.56
CA SER A 120 -7.25 -13.36 -15.85
C SER A 120 -8.77 -13.24 -15.71
N ASN A 121 -9.47 -14.34 -15.69
CA ASN A 121 -10.96 -14.29 -15.58
C ASN A 121 -11.45 -15.03 -14.33
N ARG A 122 -10.58 -15.34 -13.40
CA ARG A 122 -11.03 -16.06 -12.18
C ARG A 122 -11.19 -15.08 -10.99
N SER A 123 -10.98 -13.80 -11.21
CA SER A 123 -11.16 -12.82 -10.10
C SER A 123 -12.67 -12.58 -9.94
N THR A 124 -13.09 -11.89 -8.91
CA THR A 124 -14.55 -11.68 -8.72
C THR A 124 -14.82 -10.30 -8.12
N CYS A 125 -15.71 -9.54 -8.72
CA CYS A 125 -16.05 -8.22 -8.15
C CYS A 125 -16.66 -8.42 -6.76
N LYS A 126 -16.07 -7.83 -5.75
CA LYS A 126 -16.59 -7.98 -4.36
C LYS A 126 -17.80 -7.06 -4.06
N GLY A 127 -18.47 -6.57 -5.09
CA GLY A 127 -19.63 -5.68 -4.87
C GLY A 127 -20.88 -6.42 -5.36
N CYS A 128 -20.78 -7.08 -6.49
CA CYS A 128 -21.94 -7.86 -7.01
C CYS A 128 -21.59 -9.38 -7.05
N MET A 129 -20.39 -9.76 -6.62
CA MET A 129 -19.97 -11.18 -6.64
C MET A 129 -19.97 -11.81 -8.06
N GLU A 130 -20.08 -11.01 -9.08
CA GLU A 130 -20.04 -11.58 -10.47
C GLU A 130 -18.59 -11.65 -10.93
N LYS A 131 -18.24 -12.66 -11.68
CA LYS A 131 -16.82 -12.80 -12.13
C LYS A 131 -16.41 -11.67 -13.07
N ILE A 132 -15.17 -11.24 -12.98
CA ILE A 132 -14.66 -10.20 -13.90
C ILE A 132 -13.98 -10.91 -15.07
N GLU A 133 -14.28 -10.53 -16.30
CA GLU A 133 -13.65 -11.23 -17.47
C GLU A 133 -12.23 -10.72 -17.71
N LYS A 134 -11.36 -11.62 -18.10
CA LYS A 134 -9.95 -11.19 -18.42
C LYS A 134 -9.93 -10.02 -19.44
N GLY A 135 -9.11 -9.02 -19.20
CA GLY A 135 -9.05 -7.86 -20.14
C GLY A 135 -9.95 -6.73 -19.64
N GLN A 136 -11.02 -7.06 -18.94
CA GLN A 136 -11.94 -6.00 -18.43
C GLN A 136 -11.25 -5.11 -17.40
N VAL A 137 -11.51 -3.83 -17.44
CA VAL A 137 -10.90 -2.91 -16.46
C VAL A 137 -11.49 -3.18 -15.08
N ARG A 138 -10.66 -3.25 -14.08
CA ARG A 138 -11.18 -3.52 -12.70
C ARG A 138 -10.46 -2.60 -11.70
N LEU A 139 -11.11 -2.28 -10.62
CA LEU A 139 -10.49 -1.41 -9.59
C LEU A 139 -10.36 -2.19 -8.29
N SER A 140 -9.53 -1.74 -7.37
CA SER A 140 -9.41 -2.51 -6.11
C SER A 140 -8.99 -1.67 -4.91
N LYS A 141 -9.49 -2.04 -3.76
CA LYS A 141 -9.13 -1.35 -2.50
C LYS A 141 -8.23 -2.28 -1.68
N LYS A 142 -6.95 -2.04 -1.70
CA LYS A 142 -5.99 -2.92 -0.94
C LYS A 142 -6.43 -3.08 0.52
N MET A 143 -6.30 -4.27 1.04
CA MET A 143 -6.68 -4.52 2.46
C MET A 143 -5.93 -5.74 2.99
N VAL A 144 -5.59 -5.78 4.25
CA VAL A 144 -4.85 -6.96 4.79
C VAL A 144 -5.81 -7.89 5.54
N ASP A 145 -5.57 -9.17 5.44
CA ASP A 145 -6.45 -10.15 6.16
C ASP A 145 -5.73 -10.65 7.41
N PRO A 146 -6.40 -10.58 8.54
CA PRO A 146 -5.78 -11.03 9.80
C PRO A 146 -5.58 -12.55 9.78
N GLU A 147 -6.28 -13.24 8.90
CA GLU A 147 -6.12 -14.72 8.82
C GLU A 147 -4.91 -15.06 7.93
N LYS A 148 -4.58 -14.18 7.02
CA LYS A 148 -3.40 -14.44 6.12
C LYS A 148 -2.46 -13.24 6.18
N PRO A 149 -1.82 -13.07 7.30
CA PRO A 149 -0.90 -11.93 7.49
C PRO A 149 0.36 -12.05 6.62
N GLN A 150 0.74 -13.24 6.23
CA GLN A 150 1.96 -13.40 5.37
C GLN A 150 1.74 -12.74 4.00
N LEU A 151 0.51 -12.59 3.59
CA LEU A 151 0.23 -11.97 2.26
C LEU A 151 0.37 -10.44 2.34
N GLY A 152 -0.20 -9.84 3.35
CA GLY A 152 -0.10 -8.36 3.50
C GLY A 152 -1.22 -7.68 2.70
N MET A 153 -0.93 -6.53 2.16
CA MET A 153 -1.96 -5.78 1.37
C MET A 153 -2.47 -6.61 0.18
N ILE A 154 -3.68 -7.10 0.24
CA ILE A 154 -4.23 -7.90 -0.89
C ILE A 154 -5.29 -7.09 -1.64
N ASP A 155 -5.34 -7.20 -2.94
CA ASP A 155 -6.35 -6.40 -3.71
C ASP A 155 -7.77 -6.98 -3.59
N ARG A 156 -8.71 -6.13 -3.31
CA ARG A 156 -10.14 -6.52 -3.28
C ARG A 156 -10.70 -5.94 -4.58
N TRP A 157 -10.94 -6.76 -5.57
CA TRP A 157 -11.36 -6.20 -6.90
C TRP A 157 -12.85 -5.89 -7.01
N TYR A 158 -13.15 -5.04 -7.96
CA TYR A 158 -14.54 -4.61 -8.22
C TYR A 158 -14.66 -4.09 -9.65
N HIS A 159 -15.84 -4.06 -10.18
CA HIS A 159 -16.03 -3.43 -11.52
C HIS A 159 -15.95 -1.94 -11.25
N PRO A 160 -15.50 -1.14 -12.17
CA PRO A 160 -15.40 0.33 -11.91
C PRO A 160 -16.76 0.89 -11.44
N GLY A 161 -17.84 0.50 -12.08
CA GLY A 161 -19.18 0.99 -11.63
C GLY A 161 -19.46 0.50 -10.20
N CYS A 162 -19.31 -0.78 -9.96
CA CYS A 162 -19.55 -1.32 -8.57
C CYS A 162 -18.65 -0.59 -7.56
N PHE A 163 -17.40 -0.34 -7.92
CA PHE A 163 -16.46 0.35 -6.99
C PHE A 163 -16.99 1.75 -6.67
N VAL A 164 -17.44 2.46 -7.68
CA VAL A 164 -17.94 3.85 -7.44
C VAL A 164 -19.17 3.81 -6.52
N LYS A 165 -20.03 2.84 -6.68
CA LYS A 165 -21.25 2.76 -5.80
C LYS A 165 -20.85 2.67 -4.32
N ASN A 166 -19.77 1.99 -4.03
CA ASN A 166 -19.31 1.86 -2.60
C ASN A 166 -18.08 2.73 -2.31
N ARG A 167 -17.91 3.83 -3.02
CA ARG A 167 -16.71 4.69 -2.79
C ARG A 167 -16.57 5.09 -1.32
N GLU A 168 -17.66 5.36 -0.67
CA GLU A 168 -17.58 5.78 0.78
C GLU A 168 -17.06 4.66 1.68
N GLU A 169 -17.71 3.53 1.65
CA GLU A 169 -17.27 2.41 2.53
C GLU A 169 -15.88 1.91 2.14
N LEU A 170 -15.50 2.07 0.89
CA LEU A 170 -14.15 1.61 0.46
C LEU A 170 -13.07 2.64 0.84
N GLY A 171 -13.44 3.74 1.47
CA GLY A 171 -12.43 4.75 1.89
C GLY A 171 -11.92 5.57 0.69
N PHE A 172 -12.67 5.64 -0.38
CA PHE A 172 -12.22 6.46 -1.55
C PHE A 172 -12.77 7.87 -1.42
N ARG A 173 -12.14 8.68 -0.60
CA ARG A 173 -12.63 10.08 -0.36
C ARG A 173 -12.98 10.81 -1.68
N PRO A 174 -13.80 11.84 -1.55
CA PRO A 174 -14.25 12.61 -2.74
C PRO A 174 -13.14 13.51 -3.30
N GLU A 175 -12.08 13.73 -2.56
CA GLU A 175 -10.97 14.58 -3.07
C GLU A 175 -10.06 13.75 -4.01
N TYR A 176 -10.17 12.44 -3.95
CA TYR A 176 -9.33 11.58 -4.82
C TYR A 176 -9.89 11.54 -6.24
N SER A 177 -9.01 11.45 -7.21
CA SER A 177 -9.45 11.40 -8.63
C SER A 177 -8.93 10.11 -9.26
N ALA A 178 -9.45 9.73 -10.39
CA ALA A 178 -9.00 8.47 -11.06
C ALA A 178 -7.48 8.46 -11.30
N SER A 179 -6.92 9.61 -11.55
CA SER A 179 -5.44 9.69 -11.83
C SER A 179 -4.59 9.23 -10.63
N GLN A 180 -5.17 9.11 -9.47
CA GLN A 180 -4.36 8.69 -8.28
C GLN A 180 -4.36 7.17 -8.08
N LEU A 181 -5.11 6.43 -8.85
CA LEU A 181 -5.13 4.94 -8.69
C LEU A 181 -3.80 4.33 -9.12
N LYS A 182 -3.27 3.42 -8.33
CA LYS A 182 -1.98 2.76 -8.70
C LYS A 182 -2.16 1.95 -9.98
N GLY A 183 -1.44 2.29 -11.03
CA GLY A 183 -1.57 1.54 -12.32
C GLY A 183 -2.34 2.37 -13.36
N PHE A 184 -2.90 3.49 -12.96
CA PHE A 184 -3.68 4.34 -13.92
C PHE A 184 -2.89 4.64 -15.19
N SER A 185 -1.70 5.14 -15.03
CA SER A 185 -0.84 5.51 -16.21
C SER A 185 -0.73 4.40 -17.27
N LEU A 186 -0.90 3.15 -16.91
CA LEU A 186 -0.75 2.04 -17.92
C LEU A 186 -2.05 1.75 -18.69
N LEU A 187 -3.08 2.53 -18.48
CA LEU A 187 -4.36 2.27 -19.20
C LEU A 187 -4.44 3.09 -20.49
N ALA A 188 -5.09 2.56 -21.49
CA ALA A 188 -5.23 3.29 -22.78
C ALA A 188 -5.97 4.61 -22.53
N THR A 189 -5.70 5.62 -23.31
CA THR A 189 -6.37 6.95 -23.10
C THR A 189 -7.90 6.80 -22.92
N GLU A 190 -8.53 6.02 -23.76
CA GLU A 190 -10.01 5.82 -23.64
C GLU A 190 -10.39 5.31 -22.24
N ASP A 191 -9.70 4.31 -21.77
CA ASP A 191 -10.00 3.76 -20.41
C ASP A 191 -9.75 4.82 -19.33
N LYS A 192 -8.69 5.60 -19.49
CA LYS A 192 -8.37 6.64 -18.46
C LYS A 192 -9.47 7.70 -18.41
N GLU A 193 -9.99 8.08 -19.55
CA GLU A 193 -11.07 9.12 -19.58
C GLU A 193 -12.32 8.60 -18.88
N ALA A 194 -12.71 7.38 -19.16
CA ALA A 194 -13.93 6.80 -18.52
C ALA A 194 -13.81 6.86 -16.99
N LEU A 195 -12.64 6.56 -16.48
CA LEU A 195 -12.44 6.59 -15.00
C LEU A 195 -12.51 8.04 -14.49
N LYS A 196 -11.71 8.91 -15.05
CA LYS A 196 -11.74 10.35 -14.61
C LYS A 196 -13.18 10.88 -14.63
N LYS A 197 -13.97 10.34 -15.51
CA LYS A 197 -15.41 10.77 -15.62
C LYS A 197 -16.20 10.38 -14.36
N GLN A 198 -16.02 9.17 -13.87
CA GLN A 198 -16.78 8.72 -12.67
C GLN A 198 -16.08 9.14 -11.37
N LEU A 199 -14.78 9.27 -11.41
CA LEU A 199 -14.04 9.71 -10.18
C LEU A 199 -13.29 11.01 -10.54
N PRO A 200 -14.01 12.11 -10.55
CA PRO A 200 -13.42 13.42 -10.93
C PRO A 200 -12.51 13.95 -9.82
N GLY A 201 -12.92 13.83 -8.58
CA GLY A 201 -12.08 14.36 -7.47
C GLY A 201 -12.26 15.87 -7.36
N VAL A 202 -13.21 16.43 -8.06
CA VAL A 202 -13.42 17.91 -8.00
C VAL A 202 -13.97 18.31 -6.62
N LYS A 203 -13.76 19.54 -6.23
CA LYS A 203 -14.28 20.01 -4.91
C LYS A 203 -15.15 21.24 -5.09
N SER A 204 -15.40 21.97 -4.03
CA SER A 204 -16.25 23.20 -4.14
C SER A 204 -15.51 24.28 -4.93
N GLU A 205 -15.72 24.33 -6.23
CA GLU A 205 -15.03 25.36 -7.05
C GLU A 205 -15.73 26.72 -6.89
N GLY A 206 -16.97 26.72 -6.49
CA GLY A 206 -17.70 28.00 -6.32
C GLY A 206 -17.00 28.86 -5.26
N LYS A 207 -16.89 30.13 -5.48
CA LYS A 207 -16.21 31.02 -4.50
C LYS A 207 -17.13 31.27 -3.29
N ARG A 208 -17.14 30.38 -2.33
CA ARG A 208 -18.02 30.56 -1.15
C ARG A 208 -17.45 29.80 0.05
N LYS A 209 -16.22 30.06 0.41
CA LYS A 209 -15.61 29.35 1.58
C LYS A 209 -15.26 30.34 2.68
N GLY A 210 -14.39 29.97 3.59
CA GLY A 210 -14.01 30.89 4.69
C GLY A 210 -14.91 30.64 5.90
N ASP A 211 -14.57 29.68 6.71
CA ASP A 211 -15.42 29.38 7.92
C ASP A 211 -14.55 28.76 9.02
N GLU A 212 -14.58 29.33 10.19
CA GLU A 212 -13.76 28.76 11.32
C GLU A 212 -14.67 28.04 12.32
N VAL A 213 -15.72 27.44 11.85
CA VAL A 213 -16.64 26.71 12.77
C VAL A 213 -17.27 25.50 12.06
N ASP A 214 -16.57 24.95 11.09
CA ASP A 214 -17.12 23.77 10.36
C ASP A 214 -18.53 24.06 9.83
ZN ZN C . 18.06 -9.64 3.69
ZN ZN D . -19.47 -5.84 -9.96
N MET A 1 -1.75 -6.03 31.96
CA MET A 1 -2.52 -5.24 30.96
C MET A 1 -1.68 -5.00 29.71
N ALA A 2 -2.30 -4.72 28.59
CA ALA A 2 -1.54 -4.46 27.34
C ALA A 2 -1.75 -3.02 26.87
N GLU A 3 -1.22 -2.67 25.74
CA GLU A 3 -1.39 -1.28 25.22
C GLU A 3 -2.06 -1.30 23.85
N SER A 4 -1.53 -2.07 22.93
CA SER A 4 -2.14 -2.15 21.57
C SER A 4 -1.59 -3.36 20.81
N SER A 5 -0.37 -3.27 20.35
CA SER A 5 0.24 -4.42 19.59
C SER A 5 -0.68 -4.83 18.44
N ASP A 6 -1.22 -3.88 17.72
CA ASP A 6 -2.13 -4.22 16.59
C ASP A 6 -1.51 -3.76 15.26
N LYS A 7 -0.43 -3.02 15.30
CA LYS A 7 0.21 -2.54 14.04
C LYS A 7 0.58 -3.74 13.17
N LEU A 8 0.62 -3.55 11.87
CA LEU A 8 0.97 -4.69 10.97
C LEU A 8 2.48 -4.82 10.80
N TYR A 9 3.22 -3.79 11.08
CA TYR A 9 4.71 -3.88 10.89
C TYR A 9 5.48 -3.46 12.15
N ARG A 10 6.72 -3.87 12.24
CA ARG A 10 7.55 -3.51 13.42
C ARG A 10 8.97 -3.17 12.95
N VAL A 11 9.57 -2.19 13.55
CA VAL A 11 10.95 -1.80 13.18
C VAL A 11 11.77 -1.66 14.46
N GLU A 12 12.98 -2.14 14.48
CA GLU A 12 13.80 -2.02 15.72
C GLU A 12 15.23 -2.49 15.47
N TYR A 13 16.09 -2.22 16.40
CA TYR A 13 17.49 -2.69 16.26
C TYR A 13 17.52 -4.15 16.68
N ALA A 14 18.05 -5.00 15.83
CA ALA A 14 18.07 -6.48 16.10
C ALA A 14 18.40 -6.83 17.57
N LYS A 15 17.48 -7.47 18.24
CA LYS A 15 17.73 -7.89 19.66
C LYS A 15 18.78 -9.01 19.69
N SER A 16 18.96 -9.67 18.58
CA SER A 16 19.98 -10.75 18.48
C SER A 16 20.47 -10.85 17.02
N GLY A 17 21.41 -11.72 16.76
CA GLY A 17 21.92 -11.85 15.36
C GLY A 17 21.53 -13.22 14.81
N ARG A 18 20.54 -13.85 15.39
CA ARG A 18 20.11 -15.20 14.92
C ARG A 18 18.94 -15.14 13.93
N ALA A 19 18.24 -14.03 13.86
CA ALA A 19 17.10 -13.95 12.87
C ALA A 19 17.61 -14.00 11.42
N SER A 20 16.89 -14.68 10.57
CA SER A 20 17.30 -14.80 9.15
C SER A 20 16.35 -14.00 8.28
N CYS A 21 16.87 -13.25 7.38
CA CYS A 21 16.03 -12.41 6.47
C CYS A 21 15.11 -13.29 5.62
N LYS A 22 13.83 -13.02 5.62
CA LYS A 22 12.86 -13.82 4.82
C LYS A 22 13.02 -13.60 3.32
N LYS A 23 13.84 -12.67 2.91
CA LYS A 23 14.03 -12.39 1.46
C LYS A 23 15.33 -12.99 0.93
N CYS A 24 16.47 -12.60 1.49
CA CYS A 24 17.77 -13.14 0.99
C CYS A 24 18.31 -14.30 1.86
N SER A 25 17.65 -14.64 2.95
CA SER A 25 18.09 -15.78 3.84
C SER A 25 19.35 -15.49 4.69
N GLU A 26 20.05 -14.40 4.45
CA GLU A 26 21.26 -14.12 5.28
C GLU A 26 20.85 -13.71 6.69
N SER A 27 21.71 -13.90 7.67
CA SER A 27 21.35 -13.55 9.07
C SER A 27 21.29 -12.04 9.26
N ILE A 28 20.45 -11.60 10.16
CA ILE A 28 20.37 -10.14 10.44
C ILE A 28 21.24 -9.87 11.68
N PRO A 29 22.28 -9.08 11.50
CA PRO A 29 23.23 -8.83 12.62
C PRO A 29 22.59 -8.08 13.80
N LYS A 30 22.97 -8.46 15.00
CA LYS A 30 22.41 -7.82 16.23
C LYS A 30 22.61 -6.30 16.18
N ASP A 31 21.65 -5.55 16.70
CA ASP A 31 21.73 -4.04 16.73
C ASP A 31 21.49 -3.41 15.35
N SER A 32 21.45 -4.19 14.29
CA SER A 32 21.21 -3.60 12.95
C SER A 32 19.74 -3.25 12.79
N LEU A 33 19.42 -2.30 11.95
CA LEU A 33 18.00 -1.91 11.76
C LEU A 33 17.29 -2.96 10.90
N ARG A 34 16.26 -3.57 11.45
CA ARG A 34 15.51 -4.61 10.70
C ARG A 34 14.02 -4.30 10.75
N MET A 35 13.28 -4.79 9.79
CA MET A 35 11.81 -4.54 9.77
C MET A 35 11.07 -5.86 9.58
N ALA A 36 9.85 -5.94 10.07
CA ALA A 36 9.10 -7.22 9.93
C ALA A 36 7.62 -6.98 9.72
N ILE A 37 6.98 -7.90 9.04
CA ILE A 37 5.51 -7.81 8.86
C ILE A 37 4.86 -8.72 9.91
N MET A 38 4.15 -8.14 10.85
CA MET A 38 3.54 -8.95 11.94
C MET A 38 2.48 -9.92 11.42
N VAL A 39 2.40 -11.09 12.01
CA VAL A 39 1.38 -12.09 11.58
C VAL A 39 0.84 -12.83 12.81
N GLN A 40 -0.45 -13.04 12.87
CA GLN A 40 -1.04 -13.74 14.05
C GLN A 40 -0.81 -15.25 13.92
N SER A 41 -0.39 -15.89 14.99
CA SER A 41 -0.15 -17.36 14.92
C SER A 41 -1.39 -18.12 15.43
N PRO A 42 -1.79 -19.12 14.69
CA PRO A 42 -2.97 -19.93 15.07
C PRO A 42 -2.59 -21.01 16.08
N MET A 43 -1.34 -21.13 16.41
CA MET A 43 -0.90 -22.18 17.38
C MET A 43 -0.80 -21.60 18.79
N PHE A 44 -0.79 -20.30 18.93
CA PHE A 44 -0.69 -19.68 20.28
C PHE A 44 -1.00 -18.19 20.21
N ASP A 45 -1.53 -17.63 21.26
CA ASP A 45 -1.83 -16.16 21.26
C ASP A 45 -0.53 -15.37 21.15
N GLY A 46 -0.41 -14.56 20.14
CA GLY A 46 0.83 -13.76 19.97
C GLY A 46 1.10 -13.58 18.48
N LYS A 47 1.87 -12.58 18.12
CA LYS A 47 2.16 -12.34 16.68
C LYS A 47 3.60 -12.77 16.33
N VAL A 48 3.77 -13.44 15.22
CA VAL A 48 5.14 -13.87 14.80
C VAL A 48 5.68 -12.87 13.78
N PRO A 49 6.87 -12.38 13.99
CA PRO A 49 7.42 -11.39 13.06
C PRO A 49 8.24 -12.04 11.95
N HIS A 50 7.97 -11.68 10.73
CA HIS A 50 8.81 -12.19 9.61
C HIS A 50 9.86 -11.10 9.38
N TRP A 51 11.07 -11.29 9.88
CA TRP A 51 12.08 -10.20 9.78
C TRP A 51 12.82 -10.16 8.44
N TYR A 52 13.30 -8.99 8.14
CA TYR A 52 14.06 -8.75 6.88
C TYR A 52 15.10 -7.66 7.14
N HIS A 53 16.20 -7.66 6.42
CA HIS A 53 17.17 -6.54 6.57
C HIS A 53 16.43 -5.30 6.09
N PHE A 54 16.78 -4.12 6.56
CA PHE A 54 16.03 -2.89 6.13
C PHE A 54 15.77 -2.84 4.61
N SER A 55 16.79 -3.01 3.80
CA SER A 55 16.60 -2.96 2.32
C SER A 55 15.74 -4.12 1.78
N CYS A 56 16.00 -5.33 2.22
CA CYS A 56 15.22 -6.51 1.70
C CYS A 56 13.71 -6.33 1.94
N PHE A 57 13.34 -5.74 3.04
CA PHE A 57 11.87 -5.57 3.34
C PHE A 57 11.10 -4.91 2.19
N TRP A 58 11.71 -3.97 1.48
CA TRP A 58 10.98 -3.26 0.40
C TRP A 58 11.07 -4.00 -0.95
N LYS A 59 12.01 -4.91 -1.07
CA LYS A 59 12.15 -5.64 -2.37
C LYS A 59 11.20 -6.83 -2.47
N VAL A 60 10.38 -7.06 -1.47
CA VAL A 60 9.42 -8.21 -1.52
C VAL A 60 8.02 -7.74 -1.94
N GLY A 61 7.70 -6.50 -1.70
CA GLY A 61 6.34 -6.00 -2.07
C GLY A 61 5.73 -5.26 -0.87
N HIS A 62 6.34 -5.36 0.29
CA HIS A 62 5.78 -4.65 1.47
C HIS A 62 5.74 -3.14 1.20
N SER A 63 4.68 -2.47 1.60
CA SER A 63 4.59 -1.00 1.33
C SER A 63 4.04 -0.25 2.53
N ILE A 64 4.56 0.92 2.79
CA ILE A 64 4.08 1.73 3.95
C ILE A 64 4.02 3.21 3.55
N ARG A 65 2.86 3.81 3.63
CA ARG A 65 2.75 5.26 3.26
C ARG A 65 3.07 6.12 4.47
N HIS A 66 2.58 5.77 5.62
CA HIS A 66 2.86 6.54 6.87
C HIS A 66 3.50 5.64 7.94
N PRO A 67 4.80 5.63 7.98
CA PRO A 67 5.53 4.78 8.96
C PRO A 67 5.18 5.12 10.43
N ASP A 68 5.18 6.39 10.81
CA ASP A 68 4.83 6.78 12.20
C ASP A 68 3.56 6.08 12.74
N VAL A 69 2.55 5.89 11.92
CA VAL A 69 1.29 5.24 12.42
C VAL A 69 1.16 3.76 12.03
N GLU A 70 1.81 3.31 10.98
CA GLU A 70 1.66 1.88 10.55
C GLU A 70 2.79 0.98 11.07
N VAL A 71 3.89 1.52 11.52
CA VAL A 71 5.00 0.64 12.00
C VAL A 71 5.29 0.82 13.49
N ASP A 72 5.07 -0.22 14.26
CA ASP A 72 5.33 -0.14 15.73
C ASP A 72 6.83 0.00 15.99
N GLY A 73 7.22 0.79 16.97
CA GLY A 73 8.68 0.95 17.27
C GLY A 73 9.30 2.09 16.44
N PHE A 74 8.58 2.63 15.51
CA PHE A 74 9.15 3.73 14.66
C PHE A 74 9.61 4.91 15.50
N SER A 75 8.76 5.39 16.37
CA SER A 75 9.12 6.57 17.23
C SER A 75 10.34 6.31 18.13
N GLU A 76 10.68 5.05 18.42
CA GLU A 76 11.86 4.80 19.29
C GLU A 76 13.16 4.65 18.48
N LEU A 77 13.10 4.72 17.17
CA LEU A 77 14.34 4.61 16.35
C LEU A 77 15.15 5.90 16.47
N ARG A 78 16.43 5.85 16.19
CA ARG A 78 17.24 7.10 16.24
C ARG A 78 16.72 8.03 15.14
N TRP A 79 16.89 9.32 15.32
CA TRP A 79 16.35 10.30 14.31
C TRP A 79 16.71 9.94 12.87
N ASP A 80 17.98 9.77 12.57
CA ASP A 80 18.39 9.44 11.17
C ASP A 80 17.65 8.18 10.65
N ASP A 81 17.50 7.17 11.47
CA ASP A 81 16.79 5.94 11.01
C ASP A 81 15.30 6.26 10.79
N GLN A 82 14.77 7.19 11.55
CA GLN A 82 13.34 7.57 11.37
C GLN A 82 13.18 8.27 10.02
N GLN A 83 14.18 9.04 9.64
CA GLN A 83 14.12 9.76 8.34
C GLN A 83 14.35 8.75 7.20
N LYS A 84 15.28 7.86 7.40
CA LYS A 84 15.57 6.82 6.35
C LYS A 84 14.31 6.00 6.06
N VAL A 85 13.64 5.56 7.10
CA VAL A 85 12.39 4.77 6.91
C VAL A 85 11.32 5.67 6.27
N LYS A 86 11.24 6.90 6.72
CA LYS A 86 10.21 7.84 6.17
C LYS A 86 10.46 8.08 4.68
N LYS A 87 11.69 8.30 4.29
CA LYS A 87 11.99 8.57 2.86
C LYS A 87 11.86 7.28 2.04
N THR A 88 12.38 6.19 2.54
CA THR A 88 12.27 4.90 1.80
C THR A 88 10.80 4.55 1.59
N ALA A 89 9.98 4.84 2.57
CA ALA A 89 8.52 4.55 2.44
C ALA A 89 7.95 5.39 1.31
N GLU A 90 8.29 6.65 1.25
CA GLU A 90 7.75 7.53 0.17
C GLU A 90 8.25 7.03 -1.20
N ALA A 91 9.53 6.81 -1.33
CA ALA A 91 10.06 6.33 -2.63
C ALA A 91 9.38 5.02 -3.06
N GLY A 92 9.25 4.79 -4.33
CA GLY A 92 8.59 3.54 -4.81
C GLY A 92 8.77 3.42 -6.32
N GLY A 93 8.52 2.26 -6.86
CA GLY A 93 8.67 2.08 -8.34
C GLY A 93 9.13 0.65 -8.64
N VAL A 94 10.39 0.48 -8.96
CA VAL A 94 10.90 -0.89 -9.26
C VAL A 94 12.43 -0.92 -9.16
N THR A 95 12.98 -2.01 -8.70
CA THR A 95 14.47 -2.10 -8.58
C THR A 95 15.04 -2.95 -9.72
N GLY A 96 15.14 -2.40 -10.89
CA GLY A 96 15.69 -3.18 -12.04
C GLY A 96 16.81 -2.38 -12.72
N LYS A 97 17.91 -2.20 -12.05
CA LYS A 97 19.05 -1.44 -12.66
C LYS A 97 18.56 -0.07 -13.16
N GLY A 98 17.99 0.71 -12.29
CA GLY A 98 17.50 2.06 -12.71
C GLY A 98 17.43 2.98 -11.49
N GLN A 99 18.22 4.01 -11.47
CA GLN A 99 18.21 4.95 -10.31
C GLN A 99 17.81 6.36 -10.77
N ASP A 100 18.57 6.93 -11.66
CA ASP A 100 18.24 8.30 -12.16
C ASP A 100 17.27 8.21 -13.33
N GLY A 101 16.06 8.71 -13.16
CA GLY A 101 15.06 8.66 -14.26
C GLY A 101 14.85 10.07 -14.82
N ILE A 102 13.84 10.25 -15.63
CA ILE A 102 13.58 11.59 -16.21
C ILE A 102 12.07 11.79 -16.43
N GLY A 103 11.62 13.02 -16.48
CA GLY A 103 10.17 13.28 -16.69
C GLY A 103 9.38 12.79 -15.47
N SER A 104 8.53 13.63 -14.92
CA SER A 104 7.73 13.21 -13.74
C SER A 104 6.52 14.13 -13.58
N LYS A 105 5.50 13.95 -14.39
CA LYS A 105 4.30 14.81 -14.27
C LYS A 105 3.46 14.39 -13.06
N ALA A 106 3.47 13.13 -12.73
CA ALA A 106 2.70 12.65 -11.55
C ALA A 106 3.46 12.93 -10.26
N GLU A 107 2.87 12.61 -9.13
CA GLU A 107 3.56 12.85 -7.83
C GLU A 107 2.78 12.20 -6.68
N LYS A 108 1.48 12.23 -6.74
CA LYS A 108 0.67 11.62 -5.64
C LYS A 108 0.04 10.30 -6.10
N THR A 109 0.13 9.27 -5.29
CA THR A 109 -0.45 7.96 -5.66
C THR A 109 -0.88 7.19 -4.41
N LEU A 110 -2.09 6.72 -4.36
CA LEU A 110 -2.56 5.96 -3.18
C LEU A 110 -1.86 4.61 -3.11
N GLY A 111 -1.58 4.11 -1.93
CA GLY A 111 -0.89 2.81 -1.81
C GLY A 111 -1.90 1.69 -1.52
N ASP A 112 -3.14 2.03 -1.30
CA ASP A 112 -4.16 0.97 -1.01
C ASP A 112 -5.25 0.94 -2.09
N PHE A 113 -5.05 1.63 -3.18
CA PHE A 113 -6.08 1.63 -4.27
C PHE A 113 -5.39 1.41 -5.64
N ALA A 114 -5.91 0.52 -6.45
CA ALA A 114 -5.25 0.25 -7.77
C ALA A 114 -6.26 0.02 -8.90
N ALA A 115 -5.79 0.22 -10.09
CA ALA A 115 -6.65 0.02 -11.30
C ALA A 115 -5.83 -0.71 -12.37
N GLU A 116 -6.36 -1.75 -12.95
CA GLU A 116 -5.59 -2.49 -13.99
C GLU A 116 -6.53 -3.36 -14.81
N TYR A 117 -6.07 -3.85 -15.93
CA TYR A 117 -6.94 -4.74 -16.75
C TYR A 117 -6.86 -6.13 -16.12
N ALA A 118 -7.98 -6.80 -15.99
CA ALA A 118 -7.98 -8.16 -15.35
C ALA A 118 -6.91 -9.08 -15.96
N LYS A 119 -5.90 -9.44 -15.18
CA LYS A 119 -4.84 -10.34 -15.69
C LYS A 119 -5.43 -11.72 -16.02
N SER A 120 -6.59 -12.03 -15.49
CA SER A 120 -7.22 -13.36 -15.78
C SER A 120 -8.74 -13.23 -15.64
N ASN A 121 -9.45 -14.34 -15.64
CA ASN A 121 -10.94 -14.28 -15.51
C ASN A 121 -11.44 -15.03 -14.27
N ARG A 122 -10.56 -15.36 -13.35
CA ARG A 122 -11.00 -16.08 -12.13
C ARG A 122 -11.16 -15.12 -10.93
N SER A 123 -10.95 -13.84 -11.14
CA SER A 123 -11.13 -12.87 -10.02
C SER A 123 -12.64 -12.63 -9.86
N THR A 124 -13.05 -11.94 -8.82
CA THR A 124 -14.51 -11.72 -8.64
C THR A 124 -14.77 -10.35 -8.01
N CYS A 125 -15.66 -9.58 -8.60
CA CYS A 125 -16.00 -8.27 -8.01
C CYS A 125 -16.61 -8.48 -6.63
N LYS A 126 -16.01 -7.90 -5.61
CA LYS A 126 -16.54 -8.07 -4.22
C LYS A 126 -17.74 -7.15 -3.92
N GLY A 127 -18.41 -6.65 -4.93
CA GLY A 127 -19.57 -5.76 -4.71
C GLY A 127 -20.82 -6.49 -5.19
N CYS A 128 -20.73 -7.14 -6.34
CA CYS A 128 -21.89 -7.91 -6.86
C CYS A 128 -21.54 -9.43 -6.92
N MET A 129 -20.34 -9.81 -6.48
CA MET A 129 -19.92 -11.24 -6.53
C MET A 129 -19.93 -11.85 -7.95
N GLU A 130 -20.03 -11.05 -8.97
CA GLU A 130 -20.01 -11.60 -10.36
C GLU A 130 -18.55 -11.67 -10.82
N LYS A 131 -18.21 -12.67 -11.59
CA LYS A 131 -16.79 -12.82 -12.04
C LYS A 131 -16.38 -11.67 -12.98
N ILE A 132 -15.14 -11.25 -12.88
CA ILE A 132 -14.63 -10.20 -13.80
C ILE A 132 -13.95 -10.90 -14.98
N GLU A 133 -14.25 -10.51 -16.19
CA GLU A 133 -13.64 -11.19 -17.37
C GLU A 133 -12.21 -10.69 -17.61
N LYS A 134 -11.33 -11.58 -18.00
CA LYS A 134 -9.92 -11.15 -18.33
C LYS A 134 -9.90 -9.98 -19.33
N GLY A 135 -9.09 -8.97 -19.08
CA GLY A 135 -9.03 -7.81 -20.02
C GLY A 135 -9.92 -6.68 -19.50
N GLN A 136 -10.98 -7.01 -18.80
CA GLN A 136 -11.91 -5.96 -18.29
C GLN A 136 -11.21 -5.08 -17.24
N VAL A 137 -11.48 -3.80 -17.28
CA VAL A 137 -10.86 -2.88 -16.29
C VAL A 137 -11.45 -3.18 -14.90
N ARG A 138 -10.62 -3.26 -13.91
CA ARG A 138 -11.13 -3.53 -12.53
C ARG A 138 -10.41 -2.63 -11.52
N LEU A 139 -11.06 -2.32 -10.43
CA LEU A 139 -10.43 -1.46 -9.40
C LEU A 139 -10.30 -2.25 -8.10
N SER A 140 -9.46 -1.82 -7.18
CA SER A 140 -9.34 -2.59 -5.93
C SER A 140 -8.91 -1.77 -4.73
N LYS A 141 -9.42 -2.15 -3.59
CA LYS A 141 -9.06 -1.49 -2.32
C LYS A 141 -8.20 -2.47 -1.50
N LYS A 142 -6.91 -2.30 -1.54
CA LYS A 142 -6.00 -3.23 -0.80
C LYS A 142 -6.42 -3.38 0.67
N MET A 143 -6.37 -4.58 1.17
CA MET A 143 -6.76 -4.83 2.59
C MET A 143 -6.03 -6.07 3.10
N VAL A 144 -5.65 -6.08 4.35
CA VAL A 144 -4.92 -7.26 4.90
C VAL A 144 -5.89 -8.23 5.59
N ASP A 145 -5.63 -9.49 5.51
CA ASP A 145 -6.52 -10.49 6.17
C ASP A 145 -5.82 -11.03 7.43
N PRO A 146 -6.52 -10.97 8.54
CA PRO A 146 -5.93 -11.45 9.82
C PRO A 146 -5.72 -12.97 9.77
N GLU A 147 -6.41 -13.64 8.89
CA GLU A 147 -6.24 -15.13 8.78
C GLU A 147 -5.04 -15.45 7.88
N LYS A 148 -4.68 -14.54 7.02
CA LYS A 148 -3.51 -14.78 6.12
C LYS A 148 -2.56 -13.58 6.19
N PRO A 149 -1.92 -13.46 7.34
CA PRO A 149 -0.98 -12.32 7.57
C PRO A 149 0.28 -12.42 6.71
N GLN A 150 0.66 -13.60 6.29
CA GLN A 150 1.89 -13.74 5.45
C GLN A 150 1.69 -13.08 4.08
N LEU A 151 0.45 -12.89 3.67
CA LEU A 151 0.18 -12.26 2.35
C LEU A 151 0.33 -10.74 2.44
N GLY A 152 -0.25 -10.15 3.46
CA GLY A 152 -0.14 -8.67 3.63
C GLY A 152 -1.26 -7.97 2.85
N MET A 153 -0.97 -6.81 2.33
CA MET A 153 -2.00 -6.04 1.56
C MET A 153 -2.49 -6.84 0.33
N ILE A 154 -3.68 -7.37 0.38
CA ILE A 154 -4.20 -8.12 -0.80
C ILE A 154 -5.25 -7.26 -1.52
N ASP A 155 -5.29 -7.32 -2.81
CA ASP A 155 -6.29 -6.52 -3.57
C ASP A 155 -7.71 -7.09 -3.46
N ARG A 156 -8.65 -6.23 -3.16
CA ARG A 156 -10.08 -6.64 -3.14
C ARG A 156 -10.64 -6.04 -4.43
N TRP A 157 -10.88 -6.84 -5.44
CA TRP A 157 -11.30 -6.28 -6.75
C TRP A 157 -12.79 -5.96 -6.87
N TYR A 158 -13.08 -5.10 -7.81
CA TYR A 158 -14.48 -4.66 -8.06
C TYR A 158 -14.60 -4.13 -9.48
N HIS A 159 -15.79 -4.09 -10.02
CA HIS A 159 -15.97 -3.45 -11.34
C HIS A 159 -15.90 -1.96 -11.05
N PRO A 160 -15.45 -1.15 -11.97
CA PRO A 160 -15.34 0.31 -11.69
C PRO A 160 -16.70 0.87 -11.21
N GLY A 161 -17.78 0.48 -11.85
CA GLY A 161 -19.12 0.97 -11.40
C GLY A 161 -19.39 0.47 -9.97
N CYS A 162 -19.25 -0.82 -9.74
CA CYS A 162 -19.48 -1.36 -8.37
C CYS A 162 -18.58 -0.65 -7.34
N PHE A 163 -17.33 -0.40 -7.70
CA PHE A 163 -16.39 0.29 -6.77
C PHE A 163 -16.92 1.69 -6.43
N VAL A 164 -17.37 2.41 -7.43
CA VAL A 164 -17.87 3.79 -7.18
C VAL A 164 -19.09 3.74 -6.26
N LYS A 165 -19.95 2.78 -6.44
CA LYS A 165 -21.16 2.70 -5.55
C LYS A 165 -20.77 2.59 -4.07
N ASN A 166 -19.69 1.91 -3.79
CA ASN A 166 -19.23 1.76 -2.36
C ASN A 166 -17.99 2.62 -2.06
N ARG A 167 -17.83 3.74 -2.76
CA ARG A 167 -16.62 4.60 -2.53
C ARG A 167 -16.48 4.98 -1.05
N GLU A 168 -17.56 5.24 -0.39
CA GLU A 168 -17.48 5.65 1.05
C GLU A 168 -16.97 4.51 1.93
N GLU A 169 -17.61 3.38 1.90
CA GLU A 169 -17.18 2.25 2.76
C GLU A 169 -15.79 1.76 2.37
N LEU A 170 -15.41 1.93 1.13
CA LEU A 170 -14.06 1.47 0.69
C LEU A 170 -12.97 2.50 1.08
N GLY A 171 -13.35 3.58 1.71
CA GLY A 171 -12.33 4.59 2.14
C GLY A 171 -11.82 5.43 0.95
N PHE A 172 -12.58 5.51 -0.11
CA PHE A 172 -12.12 6.33 -1.28
C PHE A 172 -12.68 7.75 -1.14
N ARG A 173 -12.04 8.54 -0.31
CA ARG A 173 -12.52 9.95 -0.06
C ARG A 173 -12.88 10.69 -1.35
N PRO A 174 -13.70 11.72 -1.22
CA PRO A 174 -14.15 12.50 -2.41
C PRO A 174 -13.03 13.40 -2.96
N GLU A 175 -11.97 13.61 -2.21
CA GLU A 175 -10.85 14.47 -2.72
C GLU A 175 -9.96 13.65 -3.67
N TYR A 176 -10.07 12.33 -3.62
CA TYR A 176 -9.23 11.48 -4.51
C TYR A 176 -9.79 11.45 -5.93
N SER A 177 -8.92 11.38 -6.89
CA SER A 177 -9.36 11.34 -8.32
C SER A 177 -8.84 10.05 -8.96
N ALA A 178 -9.37 9.69 -10.10
CA ALA A 178 -8.92 8.43 -10.78
C ALA A 178 -7.40 8.42 -11.02
N SER A 179 -6.83 9.58 -11.26
CA SER A 179 -5.36 9.65 -11.55
C SER A 179 -4.51 9.18 -10.36
N GLN A 180 -5.08 9.05 -9.19
CA GLN A 180 -4.28 8.62 -7.99
C GLN A 180 -4.26 7.09 -7.82
N LEU A 181 -5.03 6.37 -8.60
CA LEU A 181 -5.05 4.87 -8.45
C LEU A 181 -3.72 4.25 -8.89
N LYS A 182 -3.20 3.34 -8.11
CA LYS A 182 -1.91 2.68 -8.48
C LYS A 182 -2.10 1.88 -9.78
N GLY A 183 -1.37 2.23 -10.82
CA GLY A 183 -1.51 1.49 -12.11
C GLY A 183 -2.27 2.35 -13.15
N PHE A 184 -2.84 3.45 -12.74
CA PHE A 184 -3.61 4.32 -13.68
C PHE A 184 -2.83 4.63 -14.95
N SER A 185 -1.63 5.12 -14.79
CA SER A 185 -0.78 5.51 -15.96
C SER A 185 -0.66 4.41 -17.04
N LEU A 186 -0.84 3.15 -16.68
CA LEU A 186 -0.70 2.05 -17.71
C LEU A 186 -2.00 1.77 -18.48
N LEU A 187 -3.02 2.55 -18.27
CA LEU A 187 -4.31 2.31 -18.98
C LEU A 187 -4.38 3.13 -20.27
N ALA A 188 -5.05 2.61 -21.27
CA ALA A 188 -5.19 3.36 -22.55
C ALA A 188 -5.92 4.68 -22.28
N THR A 189 -5.65 5.70 -23.05
CA THR A 189 -6.33 7.03 -22.83
C THR A 189 -7.85 6.87 -22.65
N GLU A 190 -8.48 6.11 -23.50
CA GLU A 190 -9.97 5.91 -23.38
C GLU A 190 -10.34 5.39 -21.99
N ASP A 191 -9.66 4.38 -21.52
CA ASP A 191 -9.95 3.81 -20.17
C ASP A 191 -9.69 4.86 -19.08
N LYS A 192 -8.63 5.65 -19.22
CA LYS A 192 -8.31 6.67 -18.20
C LYS A 192 -9.41 7.74 -18.13
N GLU A 193 -9.93 8.12 -19.27
CA GLU A 193 -11.00 9.17 -19.29
C GLU A 193 -12.27 8.64 -18.59
N ALA A 194 -12.65 7.42 -18.88
CA ALA A 194 -13.87 6.84 -18.24
C ALA A 194 -13.74 6.88 -16.72
N LEU A 195 -12.57 6.59 -16.20
CA LEU A 195 -12.37 6.60 -14.72
C LEU A 195 -12.44 8.03 -14.20
N LYS A 196 -11.63 8.93 -14.77
CA LYS A 196 -11.65 10.35 -14.30
C LYS A 196 -13.10 10.88 -14.32
N LYS A 197 -13.89 10.36 -15.19
CA LYS A 197 -15.32 10.80 -15.29
C LYS A 197 -16.11 10.39 -14.05
N GLN A 198 -15.94 9.18 -13.57
CA GLN A 198 -16.70 8.72 -12.37
C GLN A 198 -16.00 9.13 -11.07
N LEU A 199 -14.70 9.25 -11.10
CA LEU A 199 -13.95 9.68 -9.88
C LEU A 199 -13.20 10.97 -10.22
N PRO A 200 -13.92 12.07 -10.21
CA PRO A 200 -13.30 13.39 -10.56
C PRO A 200 -12.39 13.89 -9.44
N GLY A 201 -12.81 13.76 -8.20
CA GLY A 201 -11.97 14.25 -7.07
C GLY A 201 -12.15 15.77 -6.93
N VAL A 202 -12.80 16.20 -5.89
CA VAL A 202 -13.01 17.66 -5.69
C VAL A 202 -11.66 18.37 -5.54
N LYS A 203 -11.64 19.67 -5.69
CA LYS A 203 -10.35 20.42 -5.56
C LYS A 203 -10.63 21.92 -5.47
N SER A 204 -9.60 22.72 -5.41
CA SER A 204 -9.79 24.19 -5.32
C SER A 204 -8.53 24.93 -5.80
N GLU A 205 -8.67 26.14 -6.26
CA GLU A 205 -7.48 26.90 -6.73
C GLU A 205 -6.89 27.73 -5.59
N GLY A 206 -7.65 28.66 -5.08
CA GLY A 206 -7.13 29.51 -3.96
C GLY A 206 -6.80 30.91 -4.48
N LYS A 207 -6.58 31.04 -5.76
CA LYS A 207 -6.24 32.38 -6.35
C LYS A 207 -5.06 33.00 -5.60
N ARG A 208 -4.05 32.21 -5.31
CA ARG A 208 -2.86 32.76 -4.59
C ARG A 208 -1.95 33.52 -5.57
N LYS A 209 -1.01 34.26 -5.06
CA LYS A 209 -0.09 35.01 -5.95
C LYS A 209 1.27 35.21 -5.28
N GLY A 210 1.28 35.73 -4.08
CA GLY A 210 2.57 35.94 -3.36
C GLY A 210 2.31 36.09 -1.86
N ASP A 211 1.37 36.92 -1.49
CA ASP A 211 1.05 37.11 -0.04
C ASP A 211 2.33 37.43 0.74
N GLU A 212 3.11 38.37 0.27
CA GLU A 212 4.37 38.73 0.99
C GLU A 212 4.40 40.23 1.29
N VAL A 213 3.25 40.82 1.50
CA VAL A 213 3.20 42.28 1.80
C VAL A 213 3.48 42.53 3.29
N ASP A 214 4.64 43.04 3.61
CA ASP A 214 4.97 43.30 5.04
C ASP A 214 6.19 44.21 5.15
ZN ZN C . 18.11 -9.70 3.61
ZN ZN D . -19.41 -5.87 -9.80
N MET A 1 0.45 -11.75 29.87
CA MET A 1 1.05 -11.11 28.67
C MET A 1 0.00 -10.32 27.90
N ALA A 2 -0.67 -9.40 28.55
CA ALA A 2 -1.71 -8.60 27.86
C ALA A 2 -1.11 -7.32 27.29
N GLU A 3 -1.12 -7.19 25.99
CA GLU A 3 -0.55 -5.96 25.35
C GLU A 3 -1.53 -5.36 24.36
N SER A 4 -1.20 -4.23 23.80
CA SER A 4 -2.14 -3.59 22.81
C SER A 4 -1.42 -3.41 21.46
N SER A 5 -0.47 -4.26 21.17
CA SER A 5 0.26 -4.14 19.87
C SER A 5 -0.66 -4.54 18.71
N ASP A 6 -1.15 -3.58 17.98
CA ASP A 6 -2.06 -3.90 16.85
C ASP A 6 -1.45 -3.43 15.52
N LYS A 7 -0.36 -2.69 15.58
CA LYS A 7 0.27 -2.20 14.31
C LYS A 7 0.63 -3.40 13.43
N LEU A 8 0.70 -3.19 12.14
CA LEU A 8 1.03 -4.32 11.22
C LEU A 8 2.55 -4.46 11.04
N TYR A 9 3.30 -3.43 11.34
CA TYR A 9 4.79 -3.52 11.15
C TYR A 9 5.56 -3.13 12.41
N ARG A 10 6.80 -3.56 12.49
CA ARG A 10 7.64 -3.22 13.66
C ARG A 10 9.06 -2.88 13.20
N VAL A 11 9.66 -1.91 13.82
CA VAL A 11 11.05 -1.53 13.44
C VAL A 11 11.86 -1.42 14.72
N GLU A 12 13.07 -1.90 14.72
CA GLU A 12 13.90 -1.82 15.96
C GLU A 12 15.33 -2.28 15.70
N TYR A 13 16.20 -2.05 16.64
CA TYR A 13 17.59 -2.51 16.48
C TYR A 13 17.62 -3.99 16.89
N ALA A 14 18.13 -4.83 16.02
CA ALA A 14 18.14 -6.31 16.28
C ALA A 14 18.47 -6.68 17.74
N LYS A 15 17.55 -7.32 18.41
CA LYS A 15 17.80 -7.76 19.81
C LYS A 15 18.83 -8.88 19.82
N SER A 16 19.01 -9.54 18.71
CA SER A 16 20.01 -10.63 18.60
C SER A 16 20.49 -10.71 17.14
N GLY A 17 21.43 -11.59 16.85
CA GLY A 17 21.94 -11.70 15.46
C GLY A 17 21.53 -13.06 14.88
N ARG A 18 20.54 -13.69 15.47
CA ARG A 18 20.10 -15.04 14.98
C ARG A 18 18.92 -14.94 13.99
N ALA A 19 18.25 -13.84 13.94
CA ALA A 19 17.10 -13.72 12.96
C ALA A 19 17.60 -13.77 11.50
N SER A 20 16.87 -14.43 10.65
CA SER A 20 17.28 -14.53 9.22
C SER A 20 16.32 -13.71 8.37
N CYS A 21 16.86 -12.95 7.48
CA CYS A 21 16.02 -12.10 6.58
C CYS A 21 15.09 -12.97 5.72
N LYS A 22 13.81 -12.68 5.73
CA LYS A 22 12.85 -13.50 4.94
C LYS A 22 12.98 -13.24 3.42
N LYS A 23 13.81 -12.29 3.03
CA LYS A 23 14.00 -12.00 1.58
C LYS A 23 15.31 -12.61 1.04
N CYS A 24 16.44 -12.23 1.59
CA CYS A 24 17.74 -12.78 1.08
C CYS A 24 18.27 -13.96 1.93
N SER A 25 17.61 -14.30 3.02
CA SER A 25 18.04 -15.47 3.90
C SER A 25 19.31 -15.19 4.74
N GLU A 26 20.02 -14.11 4.52
CA GLU A 26 21.24 -13.84 5.35
C GLU A 26 20.82 -13.44 6.77
N SER A 27 21.68 -13.65 7.73
CA SER A 27 21.34 -13.32 9.14
C SER A 27 21.30 -11.81 9.35
N ILE A 28 20.45 -11.37 10.25
CA ILE A 28 20.38 -9.92 10.56
C ILE A 28 21.27 -9.67 11.79
N PRO A 29 22.31 -8.88 11.63
CA PRO A 29 23.27 -8.66 12.75
C PRO A 29 22.64 -7.92 13.94
N LYS A 30 23.01 -8.32 15.14
CA LYS A 30 22.47 -7.68 16.38
C LYS A 30 22.67 -6.17 16.35
N ASP A 31 21.72 -5.42 16.88
CA ASP A 31 21.81 -3.91 16.93
C ASP A 31 21.58 -3.25 15.55
N SER A 32 21.53 -4.02 14.49
CA SER A 32 21.30 -3.42 13.14
C SER A 32 19.82 -3.05 13.01
N LEU A 33 19.52 -2.09 12.17
CA LEU A 33 18.10 -1.68 11.99
C LEU A 33 17.37 -2.72 11.13
N ARG A 34 16.34 -3.33 11.67
CA ARG A 34 15.58 -4.35 10.90
C ARG A 34 14.09 -4.03 10.96
N MET A 35 13.34 -4.50 10.01
CA MET A 35 11.87 -4.24 10.00
C MET A 35 11.11 -5.55 9.79
N ALA A 36 9.90 -5.63 10.28
CA ALA A 36 9.15 -6.89 10.13
C ALA A 36 7.66 -6.65 9.92
N ILE A 37 7.02 -7.54 9.23
CA ILE A 37 5.54 -7.44 9.06
C ILE A 37 4.89 -8.36 10.11
N MET A 38 4.16 -7.80 11.03
CA MET A 38 3.56 -8.62 12.12
C MET A 38 2.48 -9.57 11.59
N VAL A 39 2.40 -10.75 12.16
CA VAL A 39 1.37 -11.73 11.73
C VAL A 39 0.83 -12.47 12.96
N GLN A 40 -0.46 -12.70 13.00
CA GLN A 40 -1.06 -13.40 14.18
C GLN A 40 -0.85 -14.91 14.04
N SER A 41 -0.41 -15.56 15.09
CA SER A 41 -0.19 -17.03 15.02
C SER A 41 -1.43 -17.78 15.51
N PRO A 42 -1.85 -18.77 14.75
CA PRO A 42 -3.03 -19.57 15.13
C PRO A 42 -2.65 -20.68 16.12
N MET A 43 -1.40 -20.81 16.44
CA MET A 43 -0.97 -21.87 17.40
C MET A 43 -0.87 -21.32 18.83
N PHE A 44 -0.85 -20.01 18.97
CA PHE A 44 -0.74 -19.42 20.34
C PHE A 44 -1.04 -17.92 20.29
N ASP A 45 -1.55 -17.37 21.35
CA ASP A 45 -1.85 -15.91 21.37
C ASP A 45 -0.54 -15.12 21.26
N GLY A 46 -0.43 -14.28 20.27
CA GLY A 46 0.82 -13.48 20.10
C GLY A 46 1.10 -13.33 18.60
N LYS A 47 1.84 -12.32 18.23
CA LYS A 47 2.13 -12.11 16.78
C LYS A 47 3.57 -12.51 16.45
N VAL A 48 3.78 -13.17 15.34
CA VAL A 48 5.15 -13.58 14.94
C VAL A 48 5.68 -12.56 13.92
N PRO A 49 6.88 -12.09 14.13
CA PRO A 49 7.45 -11.09 13.21
C PRO A 49 8.26 -11.74 12.09
N HIS A 50 7.98 -11.36 10.87
CA HIS A 50 8.81 -11.86 9.74
C HIS A 50 9.87 -10.78 9.52
N TRP A 51 11.08 -10.98 10.02
CA TRP A 51 12.10 -9.91 9.93
C TRP A 51 12.83 -9.85 8.59
N TYR A 52 13.32 -8.69 8.30
CA TYR A 52 14.09 -8.43 7.04
C TYR A 52 15.13 -7.35 7.30
N HIS A 53 16.23 -7.35 6.59
CA HIS A 53 17.21 -6.24 6.76
C HIS A 53 16.47 -4.99 6.30
N PHE A 54 16.84 -3.83 6.77
CA PHE A 54 16.10 -2.58 6.35
C PHE A 54 15.82 -2.51 4.84
N SER A 55 16.84 -2.68 4.04
CA SER A 55 16.65 -2.60 2.54
C SER A 55 15.78 -3.75 2.00
N CYS A 56 16.03 -4.97 2.41
CA CYS A 56 15.25 -6.13 1.89
C CYS A 56 13.73 -5.94 2.13
N PHE A 57 13.37 -5.37 3.24
CA PHE A 57 11.90 -5.18 3.56
C PHE A 57 11.14 -4.50 2.41
N TRP A 58 11.75 -3.56 1.71
CA TRP A 58 11.03 -2.83 0.64
C TRP A 58 11.10 -3.56 -0.71
N LYS A 59 12.03 -4.47 -0.86
CA LYS A 59 12.17 -5.19 -2.16
C LYS A 59 11.20 -6.37 -2.27
N VAL A 60 10.39 -6.60 -1.27
CA VAL A 60 9.43 -7.74 -1.33
C VAL A 60 8.02 -7.27 -1.72
N GLY A 61 7.72 -6.01 -1.50
CA GLY A 61 6.36 -5.50 -1.84
C GLY A 61 5.75 -4.80 -0.63
N HIS A 62 6.37 -4.89 0.52
CA HIS A 62 5.83 -4.20 1.72
C HIS A 62 5.79 -2.69 1.47
N SER A 63 4.75 -2.02 1.88
CA SER A 63 4.68 -0.55 1.64
C SER A 63 4.12 0.19 2.86
N ILE A 64 4.61 1.37 3.11
CA ILE A 64 4.10 2.17 4.26
C ILE A 64 4.09 3.66 3.90
N ARG A 65 2.94 4.28 3.97
CA ARG A 65 2.86 5.74 3.63
C ARG A 65 3.20 6.58 4.86
N HIS A 66 2.71 6.20 6.00
CA HIS A 66 3.01 6.96 7.26
C HIS A 66 3.64 6.03 8.31
N PRO A 67 4.95 6.02 8.35
CA PRO A 67 5.67 5.15 9.33
C PRO A 67 5.32 5.47 10.80
N ASP A 68 5.33 6.74 11.19
CA ASP A 68 4.99 7.10 12.59
C ASP A 68 3.72 6.41 13.13
N VAL A 69 2.72 6.24 12.31
CA VAL A 69 1.45 5.60 12.80
C VAL A 69 1.29 4.12 12.40
N GLU A 70 1.95 3.69 11.34
CA GLU A 70 1.78 2.26 10.90
C GLU A 70 2.90 1.33 11.39
N VAL A 71 4.01 1.87 11.85
CA VAL A 71 5.12 0.98 12.30
C VAL A 71 5.40 1.14 13.80
N ASP A 72 5.18 0.08 14.57
CA ASP A 72 5.44 0.14 16.02
C ASP A 72 6.95 0.27 16.28
N GLY A 73 7.36 1.04 17.27
CA GLY A 73 8.81 1.18 17.57
C GLY A 73 9.44 2.33 16.76
N PHE A 74 8.71 2.89 15.83
CA PHE A 74 9.29 4.00 14.99
C PHE A 74 9.77 5.16 15.86
N SER A 75 8.93 5.63 16.73
CA SER A 75 9.31 6.80 17.59
C SER A 75 10.53 6.51 18.49
N GLU A 76 10.85 5.26 18.77
CA GLU A 76 12.03 4.98 19.63
C GLU A 76 13.34 4.83 18.82
N LEU A 77 13.27 4.92 17.51
CA LEU A 77 14.51 4.81 16.69
C LEU A 77 15.32 6.08 16.82
N ARG A 78 16.60 6.03 16.53
CA ARG A 78 17.42 7.27 16.59
C ARG A 78 16.91 8.23 15.50
N TRP A 79 17.07 9.51 15.70
CA TRP A 79 16.55 10.51 14.71
C TRP A 79 16.91 10.15 13.26
N ASP A 80 18.17 9.98 12.95
CA ASP A 80 18.57 9.66 11.55
C ASP A 80 17.82 8.43 11.01
N ASP A 81 17.66 7.41 11.82
CA ASP A 81 16.94 6.19 11.34
C ASP A 81 15.46 6.53 11.14
N GLN A 82 14.93 7.44 11.91
CA GLN A 82 13.51 7.84 11.74
C GLN A 82 13.35 8.56 10.40
N GLN A 83 14.36 9.33 10.02
CA GLN A 83 14.29 10.05 8.73
C GLN A 83 14.51 9.06 7.59
N LYS A 84 15.45 8.16 7.77
CA LYS A 84 15.71 7.13 6.70
C LYS A 84 14.45 6.32 6.42
N VAL A 85 13.77 5.88 7.45
CA VAL A 85 12.52 5.11 7.24
C VAL A 85 11.45 6.02 6.63
N LYS A 86 11.39 7.25 7.08
CA LYS A 86 10.37 8.19 6.54
C LYS A 86 10.61 8.45 5.06
N LYS A 87 11.84 8.68 4.68
CA LYS A 87 12.14 8.95 3.25
C LYS A 87 12.00 7.69 2.42
N THR A 88 12.51 6.58 2.90
CA THR A 88 12.40 5.30 2.14
C THR A 88 10.91 4.96 1.93
N ALA A 89 10.10 5.25 2.92
CA ALA A 89 8.64 4.97 2.79
C ALA A 89 8.06 5.83 1.66
N GLU A 90 8.41 7.09 1.63
CA GLU A 90 7.89 7.98 0.57
C GLU A 90 8.36 7.51 -0.81
N ALA A 91 9.65 7.27 -0.95
CA ALA A 91 10.18 6.80 -2.26
C ALA A 91 9.47 5.51 -2.69
N GLY A 92 8.83 5.52 -3.82
CA GLY A 92 8.12 4.30 -4.30
C GLY A 92 9.15 3.28 -4.81
N GLY A 93 10.14 3.73 -5.53
CA GLY A 93 11.18 2.79 -6.05
C GLY A 93 12.45 2.92 -5.22
N VAL A 94 13.58 2.95 -5.86
CA VAL A 94 14.87 3.08 -5.10
C VAL A 94 15.87 3.91 -5.90
N THR A 95 15.50 5.11 -6.27
CA THR A 95 16.44 5.97 -7.04
C THR A 95 17.06 7.03 -6.12
N GLY A 96 16.25 7.84 -5.50
CA GLY A 96 16.78 8.90 -4.59
C GLY A 96 16.98 8.31 -3.19
N LYS A 97 18.14 7.79 -2.91
CA LYS A 97 18.40 7.20 -1.56
C LYS A 97 19.31 8.11 -0.75
N GLY A 98 20.30 8.69 -1.37
CA GLY A 98 21.24 9.58 -0.63
C GLY A 98 20.61 10.98 -0.50
N GLN A 99 19.50 11.08 0.18
CA GLN A 99 18.85 12.41 0.35
C GLN A 99 18.66 13.10 -1.00
N ASP A 100 17.52 12.91 -1.62
CA ASP A 100 17.28 13.56 -2.94
C ASP A 100 16.27 14.70 -2.81
N GLY A 101 16.62 15.72 -2.07
CA GLY A 101 15.68 16.87 -1.90
C GLY A 101 15.47 17.57 -3.24
N ILE A 102 14.44 18.36 -3.36
CA ILE A 102 14.18 19.07 -4.64
C ILE A 102 13.08 20.13 -4.46
N GLY A 103 12.08 19.83 -3.68
CA GLY A 103 10.97 20.81 -3.46
C GLY A 103 10.15 20.95 -4.74
N SER A 104 9.76 19.85 -5.33
CA SER A 104 8.95 19.92 -6.58
C SER A 104 8.45 18.51 -6.95
N LYS A 105 7.73 18.40 -8.04
CA LYS A 105 7.21 17.06 -8.46
C LYS A 105 6.46 16.39 -7.31
N ALA A 106 5.43 17.02 -6.81
CA ALA A 106 4.66 16.41 -5.68
C ALA A 106 3.68 15.37 -6.21
N GLU A 107 3.86 14.12 -5.83
CA GLU A 107 2.95 13.06 -6.31
C GLU A 107 1.95 12.69 -5.20
N LYS A 108 1.12 11.72 -5.43
CA LYS A 108 0.12 11.32 -4.39
C LYS A 108 -0.55 9.99 -4.77
N THR A 109 0.17 9.10 -5.40
CA THR A 109 -0.42 7.79 -5.79
C THR A 109 -0.83 7.00 -4.54
N LEU A 110 -2.07 6.57 -4.48
CA LEU A 110 -2.53 5.80 -3.29
C LEU A 110 -1.80 4.46 -3.23
N GLY A 111 -1.56 3.95 -2.05
CA GLY A 111 -0.84 2.64 -1.93
C GLY A 111 -1.85 1.52 -1.66
N ASP A 112 -3.09 1.85 -1.39
CA ASP A 112 -4.10 0.78 -1.12
C ASP A 112 -5.20 0.77 -2.19
N PHE A 113 -4.99 1.46 -3.29
CA PHE A 113 -6.03 1.47 -4.38
C PHE A 113 -5.36 1.25 -5.74
N ALA A 114 -5.88 0.36 -6.55
CA ALA A 114 -5.22 0.09 -7.87
C ALA A 114 -6.23 -0.13 -9.00
N ALA A 115 -5.78 0.06 -10.20
CA ALA A 115 -6.65 -0.13 -11.40
C ALA A 115 -5.83 -0.86 -12.47
N GLU A 116 -6.36 -1.89 -13.05
CA GLU A 116 -5.61 -2.64 -14.10
C GLU A 116 -6.55 -3.51 -14.92
N TYR A 117 -6.10 -4.00 -16.04
CA TYR A 117 -6.97 -4.88 -16.85
C TYR A 117 -6.91 -6.28 -16.23
N ALA A 118 -8.02 -6.94 -16.09
CA ALA A 118 -8.02 -8.30 -15.45
C ALA A 118 -6.95 -9.22 -16.08
N LYS A 119 -5.94 -9.59 -15.30
CA LYS A 119 -4.89 -10.49 -15.82
C LYS A 119 -5.48 -11.87 -16.15
N SER A 120 -6.64 -12.18 -15.61
CA SER A 120 -7.28 -13.49 -15.90
C SER A 120 -8.81 -13.37 -15.75
N ASN A 121 -9.50 -14.48 -15.74
CA ASN A 121 -11.00 -14.41 -15.61
C ASN A 121 -11.49 -15.16 -14.37
N ARG A 122 -10.61 -15.49 -13.46
CA ARG A 122 -11.06 -16.22 -12.23
C ARG A 122 -11.20 -15.25 -11.04
N SER A 123 -10.98 -13.97 -11.25
CA SER A 123 -11.16 -13.01 -10.12
C SER A 123 -12.66 -12.76 -9.95
N THR A 124 -13.06 -12.08 -8.91
CA THR A 124 -14.52 -11.85 -8.71
C THR A 124 -14.78 -10.48 -8.08
N CYS A 125 -15.67 -9.70 -8.67
CA CYS A 125 -16.01 -8.40 -8.08
C CYS A 125 -16.61 -8.61 -6.68
N LYS A 126 -16.00 -8.03 -5.67
CA LYS A 126 -16.52 -8.21 -4.28
C LYS A 126 -17.71 -7.28 -3.97
N GLY A 127 -18.39 -6.78 -4.98
CA GLY A 127 -19.55 -5.87 -4.76
C GLY A 127 -20.80 -6.61 -5.24
N CYS A 128 -20.72 -7.25 -6.37
CA CYS A 128 -21.88 -8.03 -6.89
C CYS A 128 -21.54 -9.54 -6.97
N MET A 129 -20.34 -9.93 -6.54
CA MET A 129 -19.92 -11.36 -6.58
C MET A 129 -19.94 -11.97 -7.99
N GLU A 130 -20.05 -11.16 -9.02
CA GLU A 130 -20.03 -11.71 -10.40
C GLU A 130 -18.59 -11.78 -10.88
N LYS A 131 -18.24 -12.78 -11.65
CA LYS A 131 -16.83 -12.93 -12.10
C LYS A 131 -16.42 -11.79 -13.04
N ILE A 132 -15.18 -11.37 -12.96
CA ILE A 132 -14.67 -10.32 -13.87
C ILE A 132 -14.00 -11.03 -15.06
N GLU A 133 -14.31 -10.63 -16.27
CA GLU A 133 -13.70 -11.31 -17.45
C GLU A 133 -12.27 -10.81 -17.69
N LYS A 134 -11.39 -11.70 -18.10
CA LYS A 134 -9.98 -11.28 -18.43
C LYS A 134 -9.97 -10.10 -19.43
N GLY A 135 -9.15 -9.11 -19.18
CA GLY A 135 -9.09 -7.94 -20.12
C GLY A 135 -9.98 -6.81 -19.60
N GLN A 136 -11.05 -7.14 -18.89
CA GLN A 136 -11.96 -6.08 -18.38
C GLN A 136 -11.25 -5.21 -17.32
N VAL A 137 -11.51 -3.92 -17.36
CA VAL A 137 -10.89 -3.01 -16.36
C VAL A 137 -11.47 -3.30 -14.98
N ARG A 138 -10.63 -3.40 -13.99
CA ARG A 138 -11.13 -3.67 -12.61
C ARG A 138 -10.41 -2.77 -11.61
N LEU A 139 -11.05 -2.46 -10.52
CA LEU A 139 -10.41 -1.60 -9.49
C LEU A 139 -10.29 -2.39 -8.19
N SER A 140 -9.43 -1.97 -7.26
CA SER A 140 -9.32 -2.75 -6.02
C SER A 140 -8.88 -1.93 -4.81
N LYS A 141 -9.39 -2.31 -3.67
CA LYS A 141 -9.02 -1.64 -2.40
C LYS A 141 -8.16 -2.61 -1.59
N LYS A 142 -6.87 -2.44 -1.64
CA LYS A 142 -5.95 -3.36 -0.89
C LYS A 142 -6.38 -3.52 0.57
N MET A 143 -6.32 -4.73 1.07
CA MET A 143 -6.71 -4.98 2.48
C MET A 143 -5.96 -6.23 2.99
N VAL A 144 -5.61 -6.25 4.25
CA VAL A 144 -4.87 -7.43 4.79
C VAL A 144 -5.83 -8.38 5.50
N ASP A 145 -5.58 -9.66 5.40
CA ASP A 145 -6.46 -10.65 6.07
C ASP A 145 -5.76 -11.18 7.32
N PRO A 146 -6.44 -11.13 8.44
CA PRO A 146 -5.85 -11.61 9.71
C PRO A 146 -5.65 -13.12 9.66
N GLU A 147 -6.34 -13.80 8.78
CA GLU A 147 -6.20 -15.27 8.67
C GLU A 147 -4.97 -15.60 7.79
N LYS A 148 -4.62 -14.72 6.90
CA LYS A 148 -3.44 -14.97 6.03
C LYS A 148 -2.50 -13.75 6.10
N PRO A 149 -1.82 -13.63 7.21
CA PRO A 149 -0.90 -12.48 7.41
C PRO A 149 0.35 -12.59 6.53
N GLN A 150 0.75 -13.78 6.15
CA GLN A 150 1.96 -13.91 5.28
C GLN A 150 1.71 -13.24 3.92
N LEU A 151 0.48 -13.08 3.53
CA LEU A 151 0.17 -12.44 2.22
C LEU A 151 0.37 -10.92 2.31
N GLY A 152 -0.21 -10.30 3.31
CA GLY A 152 -0.05 -8.83 3.47
C GLY A 152 -1.21 -8.12 2.76
N MET A 153 -0.95 -6.98 2.17
CA MET A 153 -2.03 -6.23 1.48
C MET A 153 -2.50 -6.96 0.22
N ILE A 154 -3.65 -7.58 0.27
CA ILE A 154 -4.15 -8.29 -0.94
C ILE A 154 -5.20 -7.43 -1.64
N ASP A 155 -5.26 -7.50 -2.93
CA ASP A 155 -6.26 -6.69 -3.68
C ASP A 155 -7.68 -7.25 -3.57
N ARG A 156 -8.62 -6.40 -3.27
CA ARG A 156 -10.06 -6.80 -3.24
C ARG A 156 -10.62 -6.19 -4.52
N TRP A 157 -10.86 -7.00 -5.52
CA TRP A 157 -11.30 -6.42 -6.84
C TRP A 157 -12.78 -6.10 -6.95
N TYR A 158 -13.08 -5.24 -7.88
CA TYR A 158 -14.48 -4.80 -8.12
C TYR A 158 -14.60 -4.26 -9.55
N HIS A 159 -15.78 -4.22 -10.08
CA HIS A 159 -15.98 -3.57 -11.40
C HIS A 159 -15.89 -2.07 -11.11
N PRO A 160 -15.44 -1.27 -12.03
CA PRO A 160 -15.33 0.19 -11.75
C PRO A 160 -16.69 0.75 -11.26
N GLY A 161 -17.77 0.37 -11.88
CA GLY A 161 -19.11 0.86 -11.44
C GLY A 161 -19.37 0.36 -10.01
N CYS A 162 -19.23 -0.93 -9.78
CA CYS A 162 -19.47 -1.48 -8.40
C CYS A 162 -18.55 -0.76 -7.38
N PHE A 163 -17.31 -0.52 -7.74
CA PHE A 163 -16.36 0.16 -6.82
C PHE A 163 -16.88 1.56 -6.48
N VAL A 164 -17.33 2.29 -7.47
CA VAL A 164 -17.82 3.67 -7.22
C VAL A 164 -19.04 3.63 -6.29
N LYS A 165 -19.91 2.66 -6.45
CA LYS A 165 -21.12 2.59 -5.57
C LYS A 165 -20.72 2.47 -4.09
N ASN A 166 -19.64 1.78 -3.82
CA ASN A 166 -19.17 1.63 -2.39
C ASN A 166 -17.93 2.49 -2.10
N ARG A 167 -17.76 3.60 -2.80
CA ARG A 167 -16.56 4.46 -2.57
C ARG A 167 -16.41 4.84 -1.09
N GLU A 168 -17.48 5.11 -0.42
CA GLU A 168 -17.40 5.51 1.02
C GLU A 168 -16.87 4.37 1.90
N GLU A 169 -17.53 3.24 1.88
CA GLU A 169 -17.09 2.10 2.73
C GLU A 169 -15.70 1.61 2.32
N LEU A 170 -15.34 1.78 1.07
CA LEU A 170 -13.98 1.32 0.63
C LEU A 170 -12.89 2.34 1.01
N GLY A 171 -13.26 3.43 1.66
CA GLY A 171 -12.24 4.44 2.08
C GLY A 171 -11.74 5.27 0.89
N PHE A 172 -12.50 5.35 -0.18
CA PHE A 172 -12.04 6.18 -1.34
C PHE A 172 -12.59 7.59 -1.19
N ARG A 173 -11.95 8.39 -0.36
CA ARG A 173 -12.43 9.79 -0.10
C ARG A 173 -12.79 10.54 -1.40
N PRO A 174 -13.60 11.57 -1.26
CA PRO A 174 -14.05 12.36 -2.44
C PRO A 174 -12.94 13.26 -3.00
N GLU A 175 -11.87 13.46 -2.26
CA GLU A 175 -10.75 14.31 -2.78
C GLU A 175 -9.87 13.49 -3.73
N TYR A 176 -9.98 12.18 -3.68
CA TYR A 176 -9.16 11.32 -4.57
C TYR A 176 -9.72 11.30 -5.98
N SER A 177 -8.85 11.23 -6.96
CA SER A 177 -9.30 11.19 -8.38
C SER A 177 -8.79 9.90 -9.03
N ALA A 178 -9.32 9.55 -10.17
CA ALA A 178 -8.88 8.28 -10.85
C ALA A 178 -7.37 8.27 -11.10
N SER A 179 -6.80 9.42 -11.34
CA SER A 179 -5.32 9.49 -11.63
C SER A 179 -4.46 9.02 -10.44
N GLN A 180 -5.04 8.89 -9.27
CA GLN A 180 -4.23 8.45 -8.08
C GLN A 180 -4.22 6.92 -7.92
N LEU A 181 -4.99 6.20 -8.70
CA LEU A 181 -5.02 4.71 -8.55
C LEU A 181 -3.69 4.09 -8.99
N LYS A 182 -3.17 3.17 -8.22
CA LYS A 182 -1.88 2.51 -8.60
C LYS A 182 -2.08 1.72 -9.90
N GLY A 183 -1.36 2.06 -10.94
CA GLY A 183 -1.50 1.32 -12.24
C GLY A 183 -2.27 2.18 -13.27
N PHE A 184 -2.82 3.29 -12.84
CA PHE A 184 -3.61 4.16 -13.79
C PHE A 184 -2.82 4.47 -15.07
N SER A 185 -1.63 4.96 -14.90
CA SER A 185 -0.78 5.34 -16.08
C SER A 185 -0.67 4.25 -17.16
N LEU A 186 -0.85 2.99 -16.81
CA LEU A 186 -0.71 1.89 -17.84
C LEU A 186 -2.02 1.62 -18.60
N LEU A 187 -3.04 2.41 -18.39
CA LEU A 187 -4.33 2.17 -19.08
C LEU A 187 -4.41 2.99 -20.38
N ALA A 188 -5.08 2.47 -21.37
CA ALA A 188 -5.23 3.22 -22.65
C ALA A 188 -5.96 4.54 -22.37
N THR A 189 -5.68 5.57 -23.15
CA THR A 189 -6.36 6.90 -22.92
C THR A 189 -7.87 6.74 -22.73
N GLU A 190 -8.52 5.99 -23.58
CA GLU A 190 -10.00 5.79 -23.45
C GLU A 190 -10.37 5.27 -22.06
N ASP A 191 -9.69 4.26 -21.60
CA ASP A 191 -9.98 3.70 -20.24
C ASP A 191 -9.70 4.73 -19.15
N LYS A 192 -8.64 5.51 -19.31
CA LYS A 192 -8.32 6.54 -18.27
C LYS A 192 -9.41 7.61 -18.21
N GLU A 193 -9.93 8.00 -19.33
CA GLU A 193 -11.01 9.05 -19.35
C GLU A 193 -12.27 8.52 -18.64
N ALA A 194 -12.66 7.31 -18.94
CA ALA A 194 -13.87 6.73 -18.29
C ALA A 194 -13.74 6.76 -16.77
N LEU A 195 -12.57 6.46 -16.26
CA LEU A 195 -12.36 6.47 -14.78
C LEU A 195 -12.41 7.90 -14.26
N LYS A 196 -11.61 8.79 -14.81
CA LYS A 196 -11.63 10.22 -14.36
C LYS A 196 -13.07 10.76 -14.36
N LYS A 197 -13.87 10.24 -15.23
CA LYS A 197 -15.30 10.68 -15.33
C LYS A 197 -16.09 10.27 -14.07
N GLN A 198 -15.92 9.06 -13.61
CA GLN A 198 -16.68 8.60 -12.40
C GLN A 198 -15.96 9.00 -11.11
N LEU A 199 -14.66 9.12 -11.14
CA LEU A 199 -13.92 9.55 -9.93
C LEU A 199 -13.15 10.84 -10.27
N PRO A 200 -13.87 11.94 -10.26
CA PRO A 200 -13.26 13.25 -10.62
C PRO A 200 -12.35 13.77 -9.49
N GLY A 201 -12.76 13.62 -8.26
CA GLY A 201 -11.93 14.11 -7.12
C GLY A 201 -12.10 15.63 -6.99
N VAL A 202 -12.54 16.09 -5.84
CA VAL A 202 -12.73 17.56 -5.65
C VAL A 202 -11.38 18.25 -5.40
N LYS A 203 -10.48 18.17 -6.34
CA LYS A 203 -9.15 18.81 -6.15
C LYS A 203 -8.46 19.01 -7.50
N SER A 204 -8.18 20.23 -7.86
CA SER A 204 -7.51 20.49 -9.17
C SER A 204 -6.03 20.07 -9.10
N GLU A 205 -5.51 19.53 -10.16
CA GLU A 205 -4.08 19.10 -10.16
C GLU A 205 -3.59 18.87 -11.59
N GLY A 206 -4.11 19.60 -12.53
CA GLY A 206 -3.68 19.42 -13.95
C GLY A 206 -4.68 20.11 -14.88
N LYS A 207 -4.19 20.80 -15.89
CA LYS A 207 -5.11 21.48 -16.84
C LYS A 207 -5.41 20.59 -18.04
N ARG A 208 -5.99 21.14 -19.07
CA ARG A 208 -6.32 20.32 -20.28
C ARG A 208 -7.12 19.07 -19.89
N LYS A 209 -8.07 19.22 -18.99
CA LYS A 209 -8.88 18.05 -18.56
C LYS A 209 -10.35 18.24 -18.98
N GLY A 210 -10.80 19.45 -19.08
CA GLY A 210 -12.21 19.71 -19.48
C GLY A 210 -12.28 19.92 -21.00
N ASP A 211 -13.14 19.20 -21.67
CA ASP A 211 -13.24 19.36 -23.14
C ASP A 211 -14.62 18.88 -23.63
N GLU A 212 -14.79 18.75 -24.92
CA GLU A 212 -16.09 18.28 -25.45
C GLU A 212 -15.87 17.26 -26.58
N VAL A 213 -14.95 17.53 -27.47
CA VAL A 213 -14.68 16.57 -28.58
C VAL A 213 -13.26 16.03 -28.48
N ASP A 214 -12.93 15.04 -29.25
CA ASP A 214 -11.56 14.46 -29.20
C ASP A 214 -10.96 14.39 -30.61
ZN ZN C . 18.11 -9.37 3.75
ZN ZN D . -19.43 -5.98 -9.85
N MET A 1 -6.61 -0.13 30.12
CA MET A 1 -5.36 0.42 29.52
C MET A 1 -5.07 -0.27 28.18
N ALA A 2 -5.06 0.48 27.11
CA ALA A 2 -4.79 -0.12 25.77
C ALA A 2 -3.27 -0.09 25.49
N GLU A 3 -2.63 -1.22 25.52
CA GLU A 3 -1.17 -1.25 25.25
C GLU A 3 -0.81 -2.49 24.42
N SER A 4 -1.55 -2.75 23.37
CA SER A 4 -1.26 -3.94 22.53
C SER A 4 -0.62 -3.50 21.21
N SER A 5 0.21 -4.34 20.63
CA SER A 5 0.87 -3.97 19.34
C SER A 5 -0.01 -4.36 18.16
N ASP A 6 -1.03 -3.59 17.90
CA ASP A 6 -1.94 -3.90 16.76
C ASP A 6 -1.32 -3.45 15.44
N LYS A 7 -0.25 -2.71 15.48
CA LYS A 7 0.40 -2.24 14.22
C LYS A 7 0.77 -3.44 13.35
N LEU A 8 0.82 -3.26 12.05
CA LEU A 8 1.14 -4.40 11.15
C LEU A 8 2.67 -4.53 10.98
N TYR A 9 3.42 -3.50 11.26
CA TYR A 9 4.90 -3.61 11.08
C TYR A 9 5.67 -3.21 12.35
N ARG A 10 6.91 -3.63 12.43
CA ARG A 10 7.74 -3.28 13.60
C ARG A 10 9.17 -2.95 13.15
N VAL A 11 9.77 -1.97 13.76
CA VAL A 11 11.16 -1.60 13.39
C VAL A 11 11.97 -1.48 14.68
N GLU A 12 13.18 -1.96 14.69
CA GLU A 12 14.00 -1.88 15.93
C GLU A 12 15.42 -2.35 15.67
N TYR A 13 16.29 -2.10 16.62
CA TYR A 13 17.68 -2.56 16.47
C TYR A 13 17.70 -4.03 16.88
N ALA A 14 18.22 -4.88 16.03
CA ALA A 14 18.23 -6.36 16.29
C ALA A 14 18.56 -6.73 17.74
N LYS A 15 17.62 -7.37 18.42
CA LYS A 15 17.87 -7.79 19.83
C LYS A 15 18.91 -8.92 19.86
N SER A 16 19.08 -9.58 18.74
CA SER A 16 20.10 -10.66 18.65
C SER A 16 20.59 -10.77 17.18
N GLY A 17 21.52 -11.64 16.91
CA GLY A 17 22.04 -11.76 15.52
C GLY A 17 21.63 -13.12 14.95
N ARG A 18 20.63 -13.74 15.54
CA ARG A 18 20.19 -15.09 15.06
C ARG A 18 19.02 -15.01 14.07
N ALA A 19 18.34 -13.90 14.00
CA ALA A 19 17.20 -13.80 13.01
C ALA A 19 17.70 -13.85 11.57
N SER A 20 16.99 -14.52 10.70
CA SER A 20 17.40 -14.61 9.31
C SER A 20 16.45 -13.81 8.42
N CYS A 21 16.99 -13.06 7.52
CA CYS A 21 16.14 -12.22 6.62
C CYS A 21 15.22 -13.09 5.77
N LYS A 22 13.94 -12.80 5.76
CA LYS A 22 12.98 -13.57 4.97
C LYS A 22 13.13 -13.36 3.45
N LYS A 23 13.97 -12.43 3.06
CA LYS A 23 14.15 -12.15 1.61
C LYS A 23 15.46 -12.76 1.07
N CYS A 24 16.59 -12.39 1.63
CA CYS A 24 17.89 -12.93 1.14
C CYS A 24 18.42 -14.11 1.99
N SER A 25 17.76 -14.43 3.09
CA SER A 25 18.18 -15.58 3.97
C SER A 25 19.44 -15.32 4.82
N GLU A 26 20.16 -14.24 4.59
CA GLU A 26 21.37 -13.97 5.43
C GLU A 26 20.96 -13.56 6.84
N SER A 27 21.81 -13.78 7.81
CA SER A 27 21.45 -13.43 9.21
C SER A 27 21.41 -11.91 9.42
N ILE A 28 20.57 -11.47 10.31
CA ILE A 28 20.50 -10.02 10.61
C ILE A 28 21.37 -9.75 11.85
N PRO A 29 22.42 -8.97 11.68
CA PRO A 29 23.37 -8.74 12.80
C PRO A 29 22.74 -7.99 13.98
N LYS A 30 23.11 -8.39 15.18
CA LYS A 30 22.56 -7.75 16.41
C LYS A 30 22.77 -6.22 16.38
N ASP A 31 21.82 -5.47 16.90
CA ASP A 31 21.91 -3.97 16.94
C ASP A 31 21.67 -3.33 15.55
N SER A 32 21.63 -4.10 14.49
CA SER A 32 21.40 -3.50 13.15
C SER A 32 19.93 -3.12 13.01
N LEU A 33 19.63 -2.17 12.15
CA LEU A 33 18.21 -1.77 11.98
C LEU A 33 17.49 -2.81 11.12
N ARG A 34 16.46 -3.41 11.66
CA ARG A 34 15.70 -4.44 10.89
C ARG A 34 14.20 -4.12 10.94
N MET A 35 13.46 -4.60 9.98
CA MET A 35 11.99 -4.33 9.96
C MET A 35 11.23 -5.64 9.77
N ALA A 36 10.02 -5.72 10.25
CA ALA A 36 9.27 -6.98 10.10
C ALA A 36 7.78 -6.73 9.88
N ILE A 37 7.13 -7.64 9.20
CA ILE A 37 5.66 -7.53 9.01
C ILE A 37 4.98 -8.41 10.06
N MET A 38 4.28 -7.81 10.99
CA MET A 38 3.63 -8.60 12.08
C MET A 38 2.68 -9.66 11.51
N VAL A 39 2.50 -10.73 12.22
CA VAL A 39 1.60 -11.83 11.75
C VAL A 39 1.02 -12.57 12.96
N GLN A 40 -0.29 -12.70 13.02
CA GLN A 40 -0.91 -13.42 14.18
C GLN A 40 -0.70 -14.93 14.05
N SER A 41 -0.30 -15.59 15.10
CA SER A 41 -0.07 -17.06 15.03
C SER A 41 -1.32 -17.81 15.53
N PRO A 42 -1.73 -18.81 14.77
CA PRO A 42 -2.92 -19.61 15.16
C PRO A 42 -2.55 -20.70 16.17
N MET A 43 -1.28 -20.83 16.49
CA MET A 43 -0.86 -21.89 17.46
C MET A 43 -0.76 -21.32 18.88
N PHE A 44 -0.74 -20.02 19.02
CA PHE A 44 -0.64 -19.42 20.38
C PHE A 44 -0.93 -17.91 20.32
N ASP A 45 -1.46 -17.35 21.37
CA ASP A 45 -1.75 -15.89 21.37
C ASP A 45 -0.44 -15.11 21.27
N GLY A 46 -0.32 -14.28 20.27
CA GLY A 46 0.93 -13.48 20.10
C GLY A 46 1.21 -13.33 18.61
N LYS A 47 1.96 -12.33 18.22
CA LYS A 47 2.25 -12.13 16.78
C LYS A 47 3.69 -12.52 16.44
N VAL A 48 3.87 -13.23 15.36
CA VAL A 48 5.25 -13.63 14.95
C VAL A 48 5.78 -12.64 13.90
N PRO A 49 6.98 -12.15 14.13
CA PRO A 49 7.55 -11.16 13.20
C PRO A 49 8.36 -11.81 12.09
N HIS A 50 8.10 -11.45 10.87
CA HIS A 50 8.92 -11.95 9.75
C HIS A 50 9.98 -10.87 9.53
N TRP A 51 11.19 -11.07 10.03
CA TRP A 51 12.21 -10.00 9.94
C TRP A 51 12.96 -9.95 8.61
N TYR A 52 13.45 -8.78 8.31
CA TYR A 52 14.21 -8.55 7.05
C TYR A 52 15.26 -7.46 7.31
N HIS A 53 16.36 -7.46 6.60
CA HIS A 53 17.34 -6.35 6.76
C HIS A 53 16.61 -5.10 6.29
N PHE A 54 16.97 -3.95 6.76
CA PHE A 54 16.24 -2.70 6.33
C PHE A 54 15.97 -2.64 4.81
N SER A 55 16.99 -2.82 4.01
CA SER A 55 16.81 -2.75 2.52
C SER A 55 15.94 -3.90 1.98
N CYS A 56 16.19 -5.11 2.41
CA CYS A 56 15.40 -6.28 1.89
C CYS A 56 13.89 -6.09 2.12
N PHE A 57 13.52 -5.51 3.23
CA PHE A 57 12.05 -5.32 3.53
C PHE A 57 11.29 -4.64 2.37
N TRP A 58 11.90 -3.71 1.67
CA TRP A 58 11.19 -2.99 0.60
C TRP A 58 11.27 -3.72 -0.74
N LYS A 59 12.20 -4.63 -0.89
CA LYS A 59 12.35 -5.36 -2.18
C LYS A 59 11.37 -6.54 -2.29
N VAL A 60 10.55 -6.77 -1.29
CA VAL A 60 9.59 -7.91 -1.36
C VAL A 60 8.19 -7.43 -1.76
N GLY A 61 7.89 -6.18 -1.53
CA GLY A 61 6.54 -5.66 -1.89
C GLY A 61 5.92 -4.94 -0.69
N HIS A 62 6.53 -5.02 0.46
CA HIS A 62 5.98 -4.34 1.66
C HIS A 62 5.95 -2.83 1.40
N SER A 63 4.90 -2.15 1.78
CA SER A 63 4.82 -0.69 1.53
C SER A 63 4.29 0.07 2.76
N ILE A 64 4.79 1.24 2.99
CA ILE A 64 4.32 2.05 4.16
C ILE A 64 4.28 3.53 3.77
N ARG A 65 3.12 4.14 3.86
CA ARG A 65 3.02 5.60 3.50
C ARG A 65 3.36 6.45 4.72
N HIS A 66 2.87 6.08 5.86
CA HIS A 66 3.15 6.84 7.12
C HIS A 66 3.77 5.94 8.18
N PRO A 67 5.08 5.92 8.23
CA PRO A 67 5.80 5.05 9.20
C PRO A 67 5.45 5.39 10.68
N ASP A 68 5.46 6.65 11.05
CA ASP A 68 5.12 7.03 12.46
C ASP A 68 3.83 6.35 13.00
N VAL A 69 2.84 6.16 12.17
CA VAL A 69 1.56 5.54 12.66
C VAL A 69 1.41 4.05 12.26
N GLU A 70 2.07 3.61 11.21
CA GLU A 70 1.90 2.18 10.78
C GLU A 70 3.02 1.25 11.29
N VAL A 71 4.12 1.80 11.75
CA VAL A 71 5.23 0.90 12.22
C VAL A 71 5.51 1.07 13.70
N ASP A 72 5.28 0.02 14.48
CA ASP A 72 5.55 0.09 15.94
C ASP A 72 7.05 0.22 16.21
N GLY A 73 7.44 0.99 17.19
CA GLY A 73 8.90 1.15 17.50
C GLY A 73 9.54 2.28 16.68
N PHE A 74 8.81 2.83 15.74
CA PHE A 74 9.40 3.94 14.89
C PHE A 74 9.86 5.11 15.75
N SER A 75 9.03 5.59 16.62
CA SER A 75 9.40 6.76 17.48
C SER A 75 10.61 6.48 18.39
N GLU A 76 10.94 5.22 18.67
CA GLU A 76 12.12 4.94 19.54
C GLU A 76 13.42 4.80 18.73
N LEU A 77 13.37 4.88 17.42
CA LEU A 77 14.60 4.75 16.61
C LEU A 77 15.42 6.04 16.74
N ARG A 78 16.70 5.97 16.46
CA ARG A 78 17.52 7.22 16.50
C ARG A 78 17.01 8.17 15.42
N TRP A 79 17.18 9.44 15.60
CA TRP A 79 16.66 10.44 14.60
C TRP A 79 17.03 10.08 13.16
N ASP A 80 18.29 9.91 12.86
CA ASP A 80 18.69 9.57 11.45
C ASP A 80 17.95 8.34 10.93
N ASP A 81 17.79 7.32 11.73
CA ASP A 81 17.07 6.10 11.27
C ASP A 81 15.59 6.44 11.05
N GLN A 82 15.06 7.35 11.82
CA GLN A 82 13.63 7.75 11.64
C GLN A 82 13.49 8.47 10.29
N GLN A 83 14.49 9.24 9.92
CA GLN A 83 14.43 9.95 8.61
C GLN A 83 14.66 8.95 7.48
N LYS A 84 15.59 8.05 7.67
CA LYS A 84 15.85 7.02 6.61
C LYS A 84 14.59 6.21 6.32
N VAL A 85 13.92 5.76 7.35
CA VAL A 85 12.67 4.99 7.15
C VAL A 85 11.61 5.91 6.52
N LYS A 86 11.52 7.14 6.97
CA LYS A 86 10.51 8.08 6.43
C LYS A 86 10.76 8.33 4.94
N LYS A 87 12.00 8.55 4.56
CA LYS A 87 12.30 8.82 3.13
C LYS A 87 12.16 7.54 2.31
N THR A 88 12.68 6.44 2.81
CA THR A 88 12.56 5.15 2.05
C THR A 88 11.08 4.82 1.83
N ALA A 89 10.26 5.11 2.82
CA ALA A 89 8.80 4.83 2.68
C ALA A 89 8.23 5.68 1.55
N GLU A 90 8.58 6.94 1.51
CA GLU A 90 8.06 7.83 0.44
C GLU A 90 8.54 7.34 -0.94
N ALA A 91 9.83 7.11 -1.08
CA ALA A 91 10.36 6.63 -2.39
C ALA A 91 9.67 5.34 -2.81
N GLY A 92 8.67 5.43 -3.63
CA GLY A 92 7.94 4.20 -4.09
C GLY A 92 8.29 3.91 -5.55
N GLY A 93 7.39 3.29 -6.26
CA GLY A 93 7.67 2.97 -7.69
C GLY A 93 8.68 1.82 -7.78
N VAL A 94 8.65 1.07 -8.85
CA VAL A 94 9.62 -0.05 -8.99
C VAL A 94 11.06 0.48 -9.03
N THR A 95 11.68 0.61 -7.90
CA THR A 95 13.09 1.13 -7.86
C THR A 95 13.17 2.48 -8.56
N GLY A 96 13.11 3.56 -7.83
CA GLY A 96 13.20 4.90 -8.45
C GLY A 96 14.54 5.06 -9.18
N LYS A 97 15.63 4.87 -8.48
CA LYS A 97 16.97 5.00 -9.13
C LYS A 97 17.09 6.36 -9.83
N GLY A 98 17.40 7.39 -9.10
CA GLY A 98 17.53 8.73 -9.72
C GLY A 98 18.75 8.76 -10.65
N GLN A 99 18.79 9.70 -11.56
CA GLN A 99 19.94 9.78 -12.50
C GLN A 99 20.37 11.23 -12.68
N ASP A 100 19.43 12.12 -12.85
CA ASP A 100 19.79 13.56 -13.04
C ASP A 100 20.32 14.14 -11.73
N GLY A 101 19.56 14.06 -10.67
CA GLY A 101 20.01 14.61 -9.36
C GLY A 101 19.33 15.96 -9.11
N ILE A 102 18.03 15.99 -9.14
CA ILE A 102 17.30 17.28 -8.91
C ILE A 102 15.82 17.00 -8.66
N GLY A 103 15.30 17.40 -7.54
CA GLY A 103 13.86 17.16 -7.24
C GLY A 103 13.04 18.37 -7.71
N SER A 104 11.75 18.21 -7.84
CA SER A 104 10.89 19.34 -8.30
C SER A 104 9.43 19.08 -7.95
N LYS A 105 8.83 18.10 -8.58
CA LYS A 105 7.40 17.79 -8.29
C LYS A 105 7.19 16.28 -8.20
N ALA A 106 6.05 15.85 -7.74
CA ALA A 106 5.79 14.39 -7.63
C ALA A 106 4.28 14.12 -7.54
N GLU A 107 3.74 13.40 -8.49
CA GLU A 107 2.27 13.12 -8.46
C GLU A 107 1.92 12.26 -7.23
N LYS A 108 0.72 12.36 -6.75
CA LYS A 108 0.31 11.55 -5.57
C LYS A 108 -0.34 10.24 -6.01
N THR A 109 0.05 9.14 -5.42
CA THR A 109 -0.54 7.83 -5.80
C THR A 109 -0.95 7.04 -4.56
N LEU A 110 -2.19 6.62 -4.48
CA LEU A 110 -2.64 5.83 -3.30
C LEU A 110 -1.92 4.48 -3.24
N GLY A 111 -1.65 3.99 -2.07
CA GLY A 111 -0.94 2.69 -1.96
C GLY A 111 -1.95 1.56 -1.66
N ASP A 112 -3.19 1.89 -1.41
CA ASP A 112 -4.19 0.83 -1.11
C ASP A 112 -5.29 0.78 -2.19
N PHE A 113 -5.12 1.49 -3.27
CA PHE A 113 -6.16 1.48 -4.35
C PHE A 113 -5.48 1.26 -5.71
N ALA A 114 -6.01 0.36 -6.52
CA ALA A 114 -5.35 0.11 -7.84
C ALA A 114 -6.35 -0.11 -8.97
N ALA A 115 -5.89 0.09 -10.18
CA ALA A 115 -6.75 -0.11 -11.38
C ALA A 115 -5.92 -0.83 -12.45
N GLU A 116 -6.46 -1.86 -13.04
CA GLU A 116 -5.69 -2.60 -14.08
C GLU A 116 -6.63 -3.46 -14.91
N TYR A 117 -6.19 -3.95 -16.04
CA TYR A 117 -7.04 -4.83 -16.85
C TYR A 117 -6.98 -6.23 -16.23
N ALA A 118 -8.09 -6.90 -16.10
CA ALA A 118 -8.08 -8.26 -15.47
C ALA A 118 -7.02 -9.18 -16.10
N LYS A 119 -6.01 -9.54 -15.32
CA LYS A 119 -4.96 -10.44 -15.83
C LYS A 119 -5.55 -11.82 -16.17
N SER A 120 -6.71 -12.13 -15.64
CA SER A 120 -7.34 -13.46 -15.93
C SER A 120 -8.85 -13.33 -15.80
N ASN A 121 -9.56 -14.44 -15.79
CA ASN A 121 -11.05 -14.37 -15.67
C ASN A 121 -11.55 -15.13 -14.44
N ARG A 122 -10.67 -15.47 -13.52
CA ARG A 122 -11.12 -16.21 -12.29
C ARG A 122 -11.28 -15.24 -11.11
N SER A 123 -11.06 -13.96 -11.30
CA SER A 123 -11.25 -13.00 -10.18
C SER A 123 -12.75 -12.76 -10.00
N THR A 124 -13.15 -12.08 -8.97
CA THR A 124 -14.62 -11.85 -8.78
C THR A 124 -14.88 -10.49 -8.14
N CYS A 125 -15.77 -9.72 -8.73
CA CYS A 125 -16.11 -8.41 -8.14
C CYS A 125 -16.71 -8.63 -6.75
N LYS A 126 -16.12 -8.05 -5.73
CA LYS A 126 -16.65 -8.23 -4.34
C LYS A 126 -17.85 -7.31 -4.03
N GLY A 127 -18.51 -6.80 -5.05
CA GLY A 127 -19.68 -5.91 -4.82
C GLY A 127 -20.93 -6.63 -5.30
N CYS A 128 -20.84 -7.28 -6.45
CA CYS A 128 -21.99 -8.05 -6.97
C CYS A 128 -21.65 -9.56 -7.06
N MET A 129 -20.45 -9.95 -6.63
CA MET A 129 -20.04 -11.38 -6.67
C MET A 129 -20.04 -11.98 -8.09
N GLU A 130 -20.15 -11.17 -9.11
CA GLU A 130 -20.12 -11.72 -10.50
C GLU A 130 -18.67 -11.79 -10.96
N LYS A 131 -18.32 -12.78 -11.74
CA LYS A 131 -16.90 -12.92 -12.19
C LYS A 131 -16.49 -11.78 -13.12
N ILE A 132 -15.25 -11.36 -13.02
CA ILE A 132 -14.74 -10.30 -13.93
C ILE A 132 -14.06 -11.00 -15.12
N GLU A 133 -14.37 -10.59 -16.33
CA GLU A 133 -13.75 -11.27 -17.50
C GLU A 133 -12.33 -10.77 -17.74
N LYS A 134 -11.44 -11.66 -18.15
CA LYS A 134 -10.04 -11.23 -18.47
C LYS A 134 -10.02 -10.05 -19.46
N GLY A 135 -9.20 -9.06 -19.22
CA GLY A 135 -9.13 -7.88 -20.13
C GLY A 135 -10.03 -6.75 -19.62
N GLN A 136 -11.10 -7.09 -18.92
CA GLN A 136 -12.02 -6.04 -18.40
C GLN A 136 -11.32 -5.16 -17.35
N VAL A 137 -11.57 -3.89 -17.38
CA VAL A 137 -10.96 -2.98 -16.37
C VAL A 137 -11.56 -3.27 -15.00
N ARG A 138 -10.72 -3.36 -14.00
CA ARG A 138 -11.23 -3.64 -12.62
C ARG A 138 -10.51 -2.76 -11.61
N LEU A 139 -11.16 -2.45 -10.53
CA LEU A 139 -10.53 -1.59 -9.49
C LEU A 139 -10.41 -2.39 -8.19
N SER A 140 -9.56 -1.97 -7.27
CA SER A 140 -9.44 -2.75 -6.02
C SER A 140 -9.01 -1.93 -4.81
N LYS A 141 -9.51 -2.32 -3.67
CA LYS A 141 -9.14 -1.66 -2.40
C LYS A 141 -8.27 -2.62 -1.60
N LYS A 142 -6.98 -2.44 -1.63
CA LYS A 142 -6.06 -3.36 -0.90
C LYS A 142 -6.46 -3.51 0.57
N MET A 143 -6.40 -4.71 1.08
CA MET A 143 -6.75 -4.95 2.51
C MET A 143 -5.98 -6.18 3.01
N VAL A 144 -5.68 -6.22 4.28
CA VAL A 144 -4.93 -7.40 4.81
C VAL A 144 -5.88 -8.36 5.52
N ASP A 145 -5.63 -9.64 5.40
CA ASP A 145 -6.50 -10.64 6.07
C ASP A 145 -5.79 -11.17 7.33
N PRO A 146 -6.47 -11.12 8.45
CA PRO A 146 -5.86 -11.59 9.72
C PRO A 146 -5.66 -13.11 9.66
N GLU A 147 -6.35 -13.78 8.78
CA GLU A 147 -6.20 -15.26 8.66
C GLU A 147 -4.99 -15.58 7.77
N LYS A 148 -4.66 -14.68 6.87
CA LYS A 148 -3.49 -14.91 5.97
C LYS A 148 -2.53 -13.72 6.07
N PRO A 149 -1.88 -13.62 7.20
CA PRO A 149 -0.92 -12.50 7.44
C PRO A 149 0.32 -12.59 6.55
N GLN A 150 0.71 -13.76 6.12
CA GLN A 150 1.91 -13.89 5.25
C GLN A 150 1.68 -13.21 3.89
N LEU A 151 0.44 -13.04 3.50
CA LEU A 151 0.16 -12.39 2.18
C LEU A 151 0.31 -10.87 2.28
N GLY A 152 -0.25 -10.28 3.30
CA GLY A 152 -0.15 -8.80 3.46
C GLY A 152 -1.26 -8.12 2.65
N MET A 153 -1.01 -6.91 2.21
CA MET A 153 -2.03 -6.17 1.42
C MET A 153 -2.51 -6.98 0.20
N ILE A 154 -3.73 -7.46 0.25
CA ILE A 154 -4.26 -8.25 -0.91
C ILE A 154 -5.32 -7.41 -1.64
N ASP A 155 -5.39 -7.50 -2.94
CA ASP A 155 -6.39 -6.69 -3.69
C ASP A 155 -7.81 -7.27 -3.58
N ARG A 156 -8.75 -6.41 -3.28
CA ARG A 156 -10.18 -6.81 -3.26
C ARG A 156 -10.74 -6.20 -4.54
N TRP A 157 -10.98 -7.01 -5.55
CA TRP A 157 -11.41 -6.44 -6.87
C TRP A 157 -12.90 -6.11 -6.98
N TYR A 158 -13.19 -5.24 -7.91
CA TYR A 158 -14.59 -4.81 -8.16
C TYR A 158 -14.70 -4.26 -9.58
N HIS A 159 -15.89 -4.21 -10.11
CA HIS A 159 -16.07 -3.57 -11.44
C HIS A 159 -16.00 -2.07 -11.13
N PRO A 160 -15.55 -1.26 -12.05
CA PRO A 160 -15.44 0.20 -11.77
C PRO A 160 -16.79 0.75 -11.29
N GLY A 161 -17.88 0.38 -11.91
CA GLY A 161 -19.22 0.86 -11.47
C GLY A 161 -19.49 0.35 -10.03
N CYS A 162 -19.35 -0.93 -9.82
CA CYS A 162 -19.59 -1.49 -8.45
C CYS A 162 -18.68 -0.78 -7.41
N PHE A 163 -17.43 -0.54 -7.78
CA PHE A 163 -16.49 0.15 -6.85
C PHE A 163 -17.01 1.55 -6.49
N VAL A 164 -17.46 2.28 -7.49
CA VAL A 164 -17.96 3.66 -7.23
C VAL A 164 -19.18 3.60 -6.30
N LYS A 165 -20.05 2.63 -6.48
CA LYS A 165 -21.26 2.56 -5.60
C LYS A 165 -20.87 2.43 -4.12
N ASN A 166 -19.78 1.75 -3.84
CA ASN A 166 -19.33 1.59 -2.42
C ASN A 166 -18.08 2.45 -2.12
N ARG A 167 -17.92 3.56 -2.81
CA ARG A 167 -16.71 4.43 -2.57
C ARG A 167 -16.57 4.79 -1.09
N GLU A 168 -17.65 5.06 -0.43
CA GLU A 168 -17.57 5.45 1.01
C GLU A 168 -17.05 4.32 1.89
N GLU A 169 -17.70 3.19 1.85
CA GLU A 169 -17.26 2.04 2.70
C GLU A 169 -15.88 1.55 2.31
N LEU A 170 -15.50 1.73 1.06
CA LEU A 170 -14.15 1.28 0.62
C LEU A 170 -13.06 2.30 1.02
N GLY A 171 -13.43 3.38 1.65
CA GLY A 171 -12.42 4.39 2.09
C GLY A 171 -11.92 5.22 0.91
N PHE A 172 -12.67 5.32 -0.15
CA PHE A 172 -12.21 6.14 -1.31
C PHE A 172 -12.76 7.57 -1.16
N ARG A 173 -12.13 8.36 -0.34
CA ARG A 173 -12.61 9.76 -0.07
C ARG A 173 -12.96 10.51 -1.37
N PRO A 174 -13.78 11.54 -1.22
CA PRO A 174 -14.23 12.33 -2.40
C PRO A 174 -13.11 13.23 -2.95
N GLU A 175 -12.05 13.44 -2.20
CA GLU A 175 -10.93 14.29 -2.72
C GLU A 175 -10.03 13.47 -3.66
N TYR A 176 -10.15 12.17 -3.62
CA TYR A 176 -9.31 11.31 -4.51
C TYR A 176 -9.87 11.29 -5.93
N SER A 177 -9.01 11.23 -6.90
CA SER A 177 -9.44 11.20 -8.32
C SER A 177 -8.93 9.91 -8.97
N ALA A 178 -9.46 9.56 -10.12
CA ALA A 178 -9.01 8.30 -10.80
C ALA A 178 -7.49 8.29 -11.05
N SER A 179 -6.92 9.44 -11.28
CA SER A 179 -5.45 9.52 -11.57
C SER A 179 -4.60 9.04 -10.38
N GLN A 180 -5.17 8.91 -9.21
CA GLN A 180 -4.37 8.47 -8.02
C GLN A 180 -4.35 6.93 -7.85
N LEU A 181 -5.12 6.22 -8.64
CA LEU A 181 -5.14 4.72 -8.50
C LEU A 181 -3.82 4.11 -8.94
N LYS A 182 -3.29 3.19 -8.17
CA LYS A 182 -2.00 2.54 -8.54
C LYS A 182 -2.19 1.74 -9.85
N GLY A 183 -1.46 2.09 -10.88
CA GLY A 183 -1.60 1.36 -12.19
C GLY A 183 -2.37 2.22 -13.22
N PHE A 184 -2.93 3.33 -12.79
CA PHE A 184 -3.71 4.19 -13.73
C PHE A 184 -2.92 4.53 -15.00
N SER A 185 -1.72 5.01 -14.84
CA SER A 185 -0.87 5.40 -16.02
C SER A 185 -0.76 4.31 -17.09
N LEU A 186 -0.93 3.05 -16.74
CA LEU A 186 -0.80 1.95 -17.78
C LEU A 186 -2.10 1.68 -18.55
N LEU A 187 -3.11 2.46 -18.33
CA LEU A 187 -4.40 2.22 -19.05
C LEU A 187 -4.48 3.06 -20.33
N ALA A 188 -5.15 2.55 -21.33
CA ALA A 188 -5.29 3.30 -22.61
C ALA A 188 -6.02 4.62 -22.33
N THR A 189 -5.75 5.64 -23.10
CA THR A 189 -6.42 6.97 -22.87
C THR A 189 -7.93 6.81 -22.68
N GLU A 190 -8.58 6.06 -23.53
CA GLU A 190 -10.06 5.86 -23.42
C GLU A 190 -10.44 5.33 -22.03
N ASP A 191 -9.75 4.32 -21.57
CA ASP A 191 -10.05 3.76 -20.22
C ASP A 191 -9.78 4.79 -19.13
N LYS A 192 -8.73 5.56 -19.27
CA LYS A 192 -8.41 6.59 -18.24
C LYS A 192 -9.50 7.66 -18.16
N GLU A 193 -10.02 8.05 -19.30
CA GLU A 193 -11.09 9.10 -19.31
C GLU A 193 -12.35 8.57 -18.61
N ALA A 194 -12.74 7.35 -18.91
CA ALA A 194 -13.96 6.77 -18.27
C ALA A 194 -13.83 6.80 -16.75
N LEU A 195 -12.67 6.50 -16.24
CA LEU A 195 -12.47 6.49 -14.76
C LEU A 195 -12.52 7.93 -14.22
N LYS A 196 -11.73 8.82 -14.78
CA LYS A 196 -11.75 10.25 -14.31
C LYS A 196 -13.19 10.77 -14.32
N LYS A 197 -13.99 10.26 -15.20
CA LYS A 197 -15.41 10.71 -15.31
C LYS A 197 -16.21 10.29 -14.05
N GLN A 198 -16.03 9.08 -13.59
CA GLN A 198 -16.79 8.61 -12.39
C GLN A 198 -16.08 9.00 -11.09
N LEU A 199 -14.79 9.13 -11.12
CA LEU A 199 -14.04 9.55 -9.90
C LEU A 199 -13.28 10.85 -10.23
N PRO A 200 -14.01 11.94 -10.22
CA PRO A 200 -13.40 13.26 -10.57
C PRO A 200 -12.50 13.78 -9.44
N GLY A 201 -12.92 13.63 -8.21
CA GLY A 201 -12.08 14.13 -7.08
C GLY A 201 -12.25 15.63 -6.95
N VAL A 202 -13.42 16.09 -6.55
CA VAL A 202 -13.65 17.55 -6.40
C VAL A 202 -14.58 17.81 -5.21
N LYS A 203 -14.05 18.30 -4.12
CA LYS A 203 -14.91 18.58 -2.93
C LYS A 203 -14.13 19.42 -1.92
N SER A 204 -13.59 20.53 -2.34
CA SER A 204 -12.82 21.39 -1.39
C SER A 204 -13.66 22.61 -0.99
N GLU A 205 -14.19 22.61 0.20
CA GLU A 205 -15.02 23.77 0.66
C GLU A 205 -15.24 23.69 2.17
N GLY A 206 -15.64 24.78 2.78
CA GLY A 206 -15.87 24.78 4.25
C GLY A 206 -15.20 26.00 4.88
N LYS A 207 -15.68 26.44 6.00
CA LYS A 207 -15.06 27.62 6.67
C LYS A 207 -15.46 27.66 8.15
N ARG A 208 -14.56 27.32 9.03
CA ARG A 208 -14.87 27.32 10.48
C ARG A 208 -14.04 28.39 11.20
N LYS A 209 -12.74 28.35 11.04
CA LYS A 209 -11.86 29.35 11.71
C LYS A 209 -12.24 30.77 11.27
N GLY A 210 -11.73 31.76 11.94
CA GLY A 210 -12.05 33.17 11.55
C GLY A 210 -13.20 33.68 12.42
N ASP A 211 -12.91 34.49 13.40
CA ASP A 211 -13.98 35.03 14.28
C ASP A 211 -13.44 36.15 15.17
N GLU A 212 -14.03 37.31 15.11
CA GLU A 212 -13.55 38.46 15.95
C GLU A 212 -12.09 38.79 15.61
N VAL A 213 -11.85 39.95 15.04
CA VAL A 213 -10.46 40.34 14.70
C VAL A 213 -10.20 41.81 15.05
N ASP A 214 -11.17 42.66 14.81
CA ASP A 214 -10.97 44.11 15.13
C ASP A 214 -12.33 44.76 15.45
ZN ZN C . 18.25 -9.52 3.77
ZN ZN D . -19.51 -5.99 -9.90
N MET A 1 -0.92 2.08 31.35
CA MET A 1 0.26 2.42 30.50
C MET A 1 -0.01 2.06 29.04
N ALA A 2 0.63 2.73 28.12
CA ALA A 2 0.41 2.44 26.67
C ALA A 2 1.41 1.39 26.19
N GLU A 3 0.93 0.34 25.57
CA GLU A 3 1.85 -0.72 25.06
C GLU A 3 1.11 -1.65 24.09
N SER A 4 0.30 -1.09 23.23
CA SER A 4 -0.45 -1.93 22.26
C SER A 4 0.47 -2.37 21.11
N SER A 5 0.09 -3.39 20.39
CA SER A 5 0.93 -3.86 19.26
C SER A 5 0.06 -4.24 18.06
N ASP A 6 -1.04 -3.56 17.89
CA ASP A 6 -1.95 -3.88 16.75
C ASP A 6 -1.32 -3.40 15.43
N LYS A 7 -0.25 -2.65 15.49
CA LYS A 7 0.40 -2.17 14.23
C LYS A 7 0.78 -3.35 13.35
N LEU A 8 0.83 -3.17 12.06
CA LEU A 8 1.17 -4.31 11.16
C LEU A 8 2.69 -4.42 10.98
N TYR A 9 3.44 -3.39 11.28
CA TYR A 9 4.92 -3.48 11.10
C TYR A 9 5.69 -3.09 12.37
N ARG A 10 6.92 -3.51 12.47
CA ARG A 10 7.75 -3.17 13.65
C ARG A 10 9.17 -2.83 13.20
N VAL A 11 9.77 -1.85 13.82
CA VAL A 11 11.16 -1.47 13.47
C VAL A 11 11.95 -1.36 14.76
N GLU A 12 13.17 -1.84 14.77
CA GLU A 12 13.98 -1.76 16.03
C GLU A 12 15.41 -2.21 15.77
N TYR A 13 16.27 -1.98 16.73
CA TYR A 13 17.67 -2.43 16.57
C TYR A 13 17.69 -3.91 16.97
N ALA A 14 18.21 -4.75 16.11
CA ALA A 14 18.23 -6.23 16.36
C ALA A 14 18.55 -6.60 17.82
N LYS A 15 17.62 -7.26 18.47
CA LYS A 15 17.85 -7.70 19.89
C LYS A 15 18.90 -8.82 19.90
N SER A 16 19.09 -9.47 18.78
CA SER A 16 20.09 -10.56 18.68
C SER A 16 20.59 -10.63 17.23
N GLY A 17 21.54 -11.50 16.96
CA GLY A 17 22.07 -11.60 15.56
C GLY A 17 21.67 -12.96 14.98
N ARG A 18 20.66 -13.59 15.55
CA ARG A 18 20.23 -14.94 15.06
C ARG A 18 19.07 -14.85 14.06
N ALA A 19 18.38 -13.75 14.00
CA ALA A 19 17.25 -13.63 13.00
C ALA A 19 17.77 -13.67 11.56
N SER A 20 17.05 -14.34 10.69
CA SER A 20 17.48 -14.44 9.27
C SER A 20 16.53 -13.61 8.41
N CYS A 21 17.07 -12.85 7.52
CA CYS A 21 16.22 -12.00 6.63
C CYS A 21 15.32 -12.87 5.76
N LYS A 22 14.03 -12.58 5.76
CA LYS A 22 13.08 -13.41 4.95
C LYS A 22 13.24 -13.14 3.43
N LYS A 23 14.07 -12.18 3.06
CA LYS A 23 14.26 -11.88 1.60
C LYS A 23 15.58 -12.49 1.07
N CYS A 24 16.70 -12.11 1.64
CA CYS A 24 18.01 -12.65 1.14
C CYS A 24 18.54 -13.83 1.99
N SER A 25 17.88 -14.17 3.08
CA SER A 25 18.30 -15.34 3.95
C SER A 25 19.55 -15.07 4.81
N GLU A 26 20.26 -13.99 4.60
CA GLU A 26 21.47 -13.71 5.45
C GLU A 26 21.04 -13.32 6.86
N SER A 27 21.89 -13.54 7.83
CA SER A 27 21.53 -13.21 9.24
C SER A 27 21.47 -11.70 9.45
N ILE A 28 20.64 -11.26 10.35
CA ILE A 28 20.54 -9.81 10.66
C ILE A 28 21.42 -9.57 11.91
N PRO A 29 22.46 -8.78 11.75
CA PRO A 29 23.40 -8.55 12.88
C PRO A 29 22.76 -7.82 14.07
N LYS A 30 23.12 -8.21 15.26
CA LYS A 30 22.56 -7.60 16.50
C LYS A 30 22.77 -6.07 16.49
N ASP A 31 21.81 -5.33 17.00
CA ASP A 31 21.89 -3.82 17.05
C ASP A 31 21.67 -3.17 15.68
N SER A 32 21.63 -3.93 14.61
CA SER A 32 21.41 -3.32 13.27
C SER A 32 19.94 -2.95 13.12
N LEU A 33 19.64 -1.99 12.29
CA LEU A 33 18.22 -1.60 12.09
C LEU A 33 17.50 -2.62 11.22
N ARG A 34 16.46 -3.24 11.74
CA ARG A 34 15.73 -4.26 10.97
C ARG A 34 14.23 -3.95 11.01
N MET A 35 13.49 -4.42 10.05
CA MET A 35 12.03 -4.16 10.03
C MET A 35 11.27 -5.47 9.81
N ALA A 36 10.06 -5.56 10.28
CA ALA A 36 9.30 -6.83 10.11
C ALA A 36 7.82 -6.58 9.89
N ILE A 37 7.18 -7.48 9.20
CA ILE A 37 5.71 -7.39 8.99
C ILE A 37 5.03 -8.29 10.04
N MET A 38 4.33 -7.70 10.97
CA MET A 38 3.67 -8.51 12.05
C MET A 38 2.73 -9.55 11.46
N VAL A 39 2.55 -10.65 12.16
CA VAL A 39 1.65 -11.73 11.67
C VAL A 39 1.06 -12.48 12.87
N GLN A 40 -0.23 -12.63 12.93
CA GLN A 40 -0.85 -13.35 14.07
C GLN A 40 -0.64 -14.86 13.93
N SER A 41 -0.24 -15.53 14.97
CA SER A 41 -0.01 -17.00 14.89
C SER A 41 -1.25 -17.77 15.38
N PRO A 42 -1.65 -18.75 14.62
CA PRO A 42 -2.84 -19.56 14.99
C PRO A 42 -2.46 -20.67 15.98
N MET A 43 -1.20 -20.79 16.32
CA MET A 43 -0.79 -21.85 17.27
C MET A 43 -0.69 -21.29 18.70
N PHE A 44 -0.67 -20.00 18.85
CA PHE A 44 -0.59 -19.41 20.22
C PHE A 44 -0.89 -17.90 20.16
N ASP A 45 -1.42 -17.36 21.23
CA ASP A 45 -1.72 -15.90 21.24
C ASP A 45 -0.42 -15.11 21.16
N GLY A 46 -0.30 -14.27 20.16
CA GLY A 46 0.95 -13.47 20.00
C GLY A 46 1.24 -13.30 18.52
N LYS A 47 1.98 -12.28 18.15
CA LYS A 47 2.28 -12.06 16.71
C LYS A 47 3.72 -12.46 16.37
N VAL A 48 3.92 -13.14 15.27
CA VAL A 48 5.30 -13.55 14.87
C VAL A 48 5.83 -12.53 13.85
N PRO A 49 7.01 -12.04 14.08
CA PRO A 49 7.59 -11.03 13.17
C PRO A 49 8.41 -11.67 12.05
N HIS A 50 8.15 -11.30 10.84
CA HIS A 50 8.99 -11.80 9.71
C HIS A 50 10.04 -10.71 9.51
N TRP A 51 11.24 -10.90 10.01
CA TRP A 51 12.27 -9.83 9.94
C TRP A 51 13.02 -9.76 8.61
N TYR A 52 13.51 -8.59 8.33
CA TYR A 52 14.28 -8.33 7.08
C TYR A 52 15.32 -7.25 7.36
N HIS A 53 16.43 -7.25 6.65
CA HIS A 53 17.41 -6.13 6.83
C HIS A 53 16.67 -4.88 6.37
N PHE A 54 17.02 -3.72 6.85
CA PHE A 54 16.28 -2.48 6.43
C PHE A 54 16.02 -2.40 4.91
N SER A 55 17.05 -2.56 4.12
CA SER A 55 16.88 -2.48 2.63
C SER A 55 16.01 -3.63 2.07
N CYS A 56 16.27 -4.85 2.47
CA CYS A 56 15.48 -6.01 1.95
C CYS A 56 13.97 -5.84 2.17
N PHE A 57 13.59 -5.26 3.28
CA PHE A 57 12.13 -5.08 3.58
C PHE A 57 11.37 -4.40 2.43
N TRP A 58 11.99 -3.45 1.73
CA TRP A 58 11.27 -2.72 0.66
C TRP A 58 11.36 -3.45 -0.69
N LYS A 59 12.30 -4.35 -0.83
CA LYS A 59 12.45 -5.07 -2.13
C LYS A 59 11.49 -6.26 -2.26
N VAL A 60 10.66 -6.49 -1.27
CA VAL A 60 9.70 -7.64 -1.34
C VAL A 60 8.30 -7.16 -1.76
N GLY A 61 7.99 -5.91 -1.52
CA GLY A 61 6.63 -5.40 -1.88
C GLY A 61 6.00 -4.70 -0.68
N HIS A 62 6.62 -4.80 0.48
CA HIS A 62 6.05 -4.12 1.69
C HIS A 62 6.03 -2.61 1.45
N SER A 63 4.97 -1.94 1.84
CA SER A 63 4.90 -0.47 1.61
C SER A 63 4.33 0.26 2.83
N ILE A 64 4.81 1.45 3.08
CA ILE A 64 4.30 2.24 4.23
C ILE A 64 4.28 3.73 3.87
N ARG A 65 3.13 4.36 3.94
CA ARG A 65 3.05 5.81 3.60
C ARG A 65 3.38 6.65 4.83
N HIS A 66 2.88 6.25 5.97
CA HIS A 66 3.15 7.01 7.24
C HIS A 66 3.77 6.09 8.29
N PRO A 67 5.09 6.08 8.35
CA PRO A 67 5.80 5.21 9.32
C PRO A 67 5.43 5.52 10.79
N ASP A 68 5.44 6.78 11.18
CA ASP A 68 5.08 7.15 12.58
C ASP A 68 3.80 6.45 13.10
N VAL A 69 2.81 6.27 12.27
CA VAL A 69 1.53 5.63 12.75
C VAL A 69 1.39 4.15 12.33
N GLU A 70 2.07 3.72 11.29
CA GLU A 70 1.90 2.30 10.83
C GLU A 70 3.02 1.37 11.35
N VAL A 71 4.12 1.91 11.81
CA VAL A 71 5.22 1.01 12.27
C VAL A 71 5.49 1.18 13.77
N ASP A 72 5.27 0.12 14.53
CA ASP A 72 5.52 0.17 16.00
C ASP A 72 7.02 0.30 16.28
N GLY A 73 7.41 1.08 17.26
CA GLY A 73 8.87 1.22 17.59
C GLY A 73 9.50 2.37 16.78
N PHE A 74 8.78 2.93 15.84
CA PHE A 74 9.37 4.05 15.01
C PHE A 74 9.82 5.22 15.88
N SER A 75 8.97 5.68 16.76
CA SER A 75 9.34 6.84 17.63
C SER A 75 10.55 6.55 18.55
N GLU A 76 10.88 5.30 18.82
CA GLU A 76 12.05 5.02 19.68
C GLU A 76 13.36 4.89 18.88
N LEU A 77 13.31 4.98 17.58
CA LEU A 77 14.55 4.87 16.77
C LEU A 77 15.37 6.15 16.91
N ARG A 78 16.65 6.10 16.64
CA ARG A 78 17.46 7.35 16.71
C ARG A 78 16.96 8.30 15.62
N TRP A 79 17.12 9.58 15.83
CA TRP A 79 16.60 10.58 14.83
C TRP A 79 16.98 10.24 13.38
N ASP A 80 18.24 10.08 13.09
CA ASP A 80 18.66 9.76 11.69
C ASP A 80 17.92 8.52 11.14
N ASP A 81 17.76 7.50 11.95
CA ASP A 81 17.04 6.28 11.46
C ASP A 81 15.56 6.60 11.24
N GLN A 82 15.03 7.52 12.01
CA GLN A 82 13.60 7.91 11.82
C GLN A 82 13.46 8.64 10.48
N GLN A 83 14.46 9.42 10.12
CA GLN A 83 14.41 10.15 8.82
C GLN A 83 14.64 9.15 7.69
N LYS A 84 15.58 8.25 7.87
CA LYS A 84 15.86 7.23 6.80
C LYS A 84 14.59 6.43 6.51
N VAL A 85 13.92 5.96 7.53
CA VAL A 85 12.67 5.20 7.30
C VAL A 85 11.61 6.11 6.68
N LYS A 86 11.52 7.34 7.15
CA LYS A 86 10.51 8.28 6.59
C LYS A 86 10.77 8.55 5.11
N LYS A 87 12.01 8.77 4.74
CA LYS A 87 12.32 9.06 3.32
C LYS A 87 12.19 7.78 2.48
N THR A 88 12.70 6.67 2.97
CA THR A 88 12.59 5.40 2.20
C THR A 88 11.12 5.06 1.98
N ALA A 89 10.29 5.34 2.96
CA ALA A 89 8.84 5.05 2.81
C ALA A 89 8.27 5.91 1.68
N GLU A 90 8.61 7.19 1.66
CA GLU A 90 8.09 8.08 0.59
C GLU A 90 8.59 7.61 -0.78
N ALA A 91 9.86 7.38 -0.92
CA ALA A 91 10.40 6.91 -2.23
C ALA A 91 9.71 5.61 -2.67
N GLY A 92 9.31 5.54 -3.91
CA GLY A 92 8.63 4.31 -4.40
C GLY A 92 9.38 3.75 -5.62
N GLY A 93 10.68 3.89 -5.63
CA GLY A 93 11.47 3.38 -6.79
C GLY A 93 12.97 3.46 -6.47
N VAL A 94 13.73 2.50 -6.92
CA VAL A 94 15.19 2.52 -6.64
C VAL A 94 15.95 3.10 -7.83
N THR A 95 15.31 3.93 -8.61
CA THR A 95 16.00 4.53 -9.79
C THR A 95 16.60 5.88 -9.42
N GLY A 96 17.47 5.91 -8.45
CA GLY A 96 18.10 7.20 -8.03
C GLY A 96 19.50 6.94 -7.50
N LYS A 97 20.42 7.84 -7.72
CA LYS A 97 21.81 7.65 -7.23
C LYS A 97 22.41 9.01 -6.83
N GLY A 98 22.29 9.37 -5.58
CA GLY A 98 22.86 10.68 -5.13
C GLY A 98 21.73 11.58 -4.63
N GLN A 99 21.40 11.49 -3.36
CA GLN A 99 20.31 12.34 -2.82
C GLN A 99 20.66 13.82 -2.97
N ASP A 100 20.04 14.49 -3.91
CA ASP A 100 20.35 15.94 -4.11
C ASP A 100 19.05 16.74 -4.22
N GLY A 101 17.98 16.25 -3.65
CA GLY A 101 16.69 16.99 -3.72
C GLY A 101 16.23 17.07 -5.17
N ILE A 102 15.18 16.37 -5.51
CA ILE A 102 14.68 16.42 -6.92
C ILE A 102 13.15 16.29 -6.95
N GLY A 103 12.49 17.15 -7.67
CA GLY A 103 11.00 17.07 -7.74
C GLY A 103 10.41 17.33 -6.36
N SER A 104 9.85 18.48 -6.15
CA SER A 104 9.25 18.80 -4.81
C SER A 104 7.97 17.99 -4.61
N LYS A 105 7.64 17.69 -3.38
CA LYS A 105 6.39 16.91 -3.10
C LYS A 105 6.37 15.62 -3.93
N ALA A 106 6.84 14.54 -3.38
CA ALA A 106 6.86 13.25 -4.15
C ALA A 106 5.91 12.24 -3.48
N GLU A 107 4.63 12.48 -3.56
CA GLU A 107 3.66 11.54 -2.94
C GLU A 107 2.23 11.87 -3.39
N LYS A 108 1.54 10.93 -3.98
CA LYS A 108 0.14 11.19 -4.44
C LYS A 108 -0.55 9.88 -4.80
N THR A 109 0.16 8.99 -5.45
CA THR A 109 -0.46 7.68 -5.84
C THR A 109 -0.86 6.90 -4.58
N LEU A 110 -2.10 6.48 -4.50
CA LEU A 110 -2.55 5.71 -3.31
C LEU A 110 -1.84 4.36 -3.26
N GLY A 111 -1.58 3.85 -2.08
CA GLY A 111 -0.88 2.54 -1.97
C GLY A 111 -1.89 1.43 -1.67
N ASP A 112 -3.12 1.76 -1.40
CA ASP A 112 -4.14 0.71 -1.10
C ASP A 112 -5.24 0.66 -2.17
N PHE A 113 -5.08 1.39 -3.25
CA PHE A 113 -6.11 1.38 -4.33
C PHE A 113 -5.43 1.15 -5.68
N ALA A 114 -5.96 0.26 -6.49
CA ALA A 114 -5.31 -0.01 -7.80
C ALA A 114 -6.31 -0.21 -8.95
N ALA A 115 -5.84 -0.01 -10.13
CA ALA A 115 -6.69 -0.19 -11.35
C ALA A 115 -5.87 -0.92 -12.42
N GLU A 116 -6.41 -1.95 -13.01
CA GLU A 116 -5.64 -2.69 -14.05
C GLU A 116 -6.58 -3.55 -14.89
N TYR A 117 -6.13 -4.03 -16.01
CA TYR A 117 -7.00 -4.90 -16.84
C TYR A 117 -6.94 -6.31 -16.22
N ALA A 118 -8.06 -6.97 -16.09
CA ALA A 118 -8.07 -8.33 -15.47
C ALA A 118 -7.01 -9.25 -16.09
N LYS A 119 -6.00 -9.62 -15.32
CA LYS A 119 -4.95 -10.53 -15.83
C LYS A 119 -5.55 -11.90 -16.17
N SER A 120 -6.70 -12.21 -15.64
CA SER A 120 -7.35 -13.52 -15.94
C SER A 120 -8.88 -13.39 -15.81
N ASN A 121 -9.58 -14.49 -15.81
CA ASN A 121 -11.07 -14.42 -15.69
C ASN A 121 -11.58 -15.19 -14.46
N ARG A 122 -10.70 -15.52 -13.54
CA ARG A 122 -11.16 -16.26 -12.32
C ARG A 122 -11.32 -15.31 -11.12
N SER A 123 -11.09 -14.02 -11.32
CA SER A 123 -11.27 -13.06 -10.19
C SER A 123 -12.77 -12.81 -10.02
N THR A 124 -13.19 -12.13 -8.98
CA THR A 124 -14.65 -11.90 -8.80
C THR A 124 -14.90 -10.53 -8.17
N CYS A 125 -15.79 -9.75 -8.75
CA CYS A 125 -16.11 -8.44 -8.17
C CYS A 125 -16.73 -8.66 -6.77
N LYS A 126 -16.13 -8.09 -5.75
CA LYS A 126 -16.66 -8.28 -4.36
C LYS A 126 -17.85 -7.35 -4.06
N GLY A 127 -18.52 -6.83 -5.07
CA GLY A 127 -19.67 -5.93 -4.84
C GLY A 127 -20.93 -6.65 -5.33
N CYS A 128 -20.83 -7.29 -6.48
CA CYS A 128 -22.00 -8.06 -7.01
C CYS A 128 -21.67 -9.56 -7.09
N MET A 129 -20.46 -9.97 -6.66
CA MET A 129 -20.06 -11.41 -6.71
C MET A 129 -20.06 -11.99 -8.13
N GLU A 130 -20.16 -11.18 -9.15
CA GLU A 130 -20.14 -11.72 -10.54
C GLU A 130 -18.69 -11.80 -11.00
N LYS A 131 -18.35 -12.79 -11.78
CA LYS A 131 -16.93 -12.94 -12.22
C LYS A 131 -16.51 -11.80 -13.15
N ILE A 132 -15.26 -11.38 -13.05
CA ILE A 132 -14.74 -10.34 -13.95
C ILE A 132 -14.07 -11.03 -15.14
N GLU A 133 -14.36 -10.63 -16.34
CA GLU A 133 -13.74 -11.30 -17.53
C GLU A 133 -12.32 -10.81 -17.75
N LYS A 134 -11.44 -11.69 -18.17
CA LYS A 134 -10.03 -11.28 -18.48
C LYS A 134 -10.00 -10.10 -19.47
N GLY A 135 -9.17 -9.10 -19.22
CA GLY A 135 -9.10 -7.94 -20.14
C GLY A 135 -9.99 -6.80 -19.61
N GLN A 136 -11.06 -7.13 -18.92
CA GLN A 136 -11.98 -6.08 -18.40
C GLN A 136 -11.28 -5.22 -17.35
N VAL A 137 -11.53 -3.93 -17.37
CA VAL A 137 -10.91 -3.03 -16.36
C VAL A 137 -11.50 -3.32 -14.99
N ARG A 138 -10.68 -3.42 -13.99
CA ARG A 138 -11.19 -3.70 -12.62
C ARG A 138 -10.47 -2.82 -11.61
N LEU A 139 -11.11 -2.52 -10.51
CA LEU A 139 -10.47 -1.66 -9.47
C LEU A 139 -10.37 -2.46 -8.18
N SER A 140 -9.52 -2.04 -7.25
CA SER A 140 -9.41 -2.85 -6.01
C SER A 140 -8.99 -2.02 -4.79
N LYS A 141 -9.49 -2.41 -3.65
CA LYS A 141 -9.12 -1.74 -2.38
C LYS A 141 -8.24 -2.71 -1.58
N LYS A 142 -6.95 -2.50 -1.61
CA LYS A 142 -6.02 -3.42 -0.88
C LYS A 142 -6.42 -3.57 0.59
N MET A 143 -6.36 -4.77 1.10
CA MET A 143 -6.71 -5.02 2.52
C MET A 143 -5.94 -6.24 3.04
N VAL A 144 -5.68 -6.30 4.32
CA VAL A 144 -4.93 -7.47 4.85
C VAL A 144 -5.87 -8.44 5.56
N ASP A 145 -5.61 -9.72 5.44
CA ASP A 145 -6.49 -10.72 6.11
C ASP A 145 -5.78 -11.24 7.37
N PRO A 146 -6.45 -11.18 8.49
CA PRO A 146 -5.85 -11.65 9.76
C PRO A 146 -5.66 -13.17 9.71
N GLU A 147 -6.37 -13.84 8.83
CA GLU A 147 -6.21 -15.32 8.72
C GLU A 147 -5.02 -15.65 7.82
N LYS A 148 -4.67 -14.76 6.94
CA LYS A 148 -3.50 -15.01 6.03
C LYS A 148 -2.53 -13.82 6.11
N PRO A 149 -1.87 -13.70 7.23
CA PRO A 149 -0.92 -12.58 7.45
C PRO A 149 0.32 -12.69 6.55
N GLN A 150 0.68 -13.88 6.14
CA GLN A 150 1.88 -14.03 5.27
C GLN A 150 1.66 -13.35 3.91
N LEU A 151 0.42 -13.17 3.52
CA LEU A 151 0.13 -12.52 2.20
C LEU A 151 0.30 -11.00 2.31
N GLY A 152 -0.27 -10.40 3.32
CA GLY A 152 -0.15 -8.94 3.48
C GLY A 152 -1.26 -8.23 2.70
N MET A 153 -0.98 -7.06 2.20
CA MET A 153 -2.01 -6.30 1.42
C MET A 153 -2.50 -7.11 0.21
N ILE A 154 -3.72 -7.57 0.26
CA ILE A 154 -4.28 -8.36 -0.89
C ILE A 154 -5.33 -7.53 -1.62
N ASP A 155 -5.40 -7.62 -2.93
CA ASP A 155 -6.40 -6.80 -3.67
C ASP A 155 -7.82 -7.37 -3.57
N ARG A 156 -8.76 -6.51 -3.28
CA ARG A 156 -10.19 -6.89 -3.26
C ARG A 156 -10.74 -6.28 -4.55
N TRP A 157 -10.99 -7.08 -5.55
CA TRP A 157 -11.40 -6.50 -6.87
C TRP A 157 -12.89 -6.17 -6.99
N TYR A 158 -13.18 -5.30 -7.91
CA TYR A 158 -14.57 -4.85 -8.16
C TYR A 158 -14.67 -4.29 -9.58
N HIS A 159 -15.87 -4.25 -10.12
CA HIS A 159 -16.04 -3.60 -11.45
C HIS A 159 -15.95 -2.11 -11.14
N PRO A 160 -15.50 -1.29 -12.05
CA PRO A 160 -15.38 0.16 -11.76
C PRO A 160 -16.73 0.73 -11.28
N GLY A 161 -17.81 0.35 -11.92
CA GLY A 161 -19.15 0.85 -11.47
C GLY A 161 -19.43 0.35 -10.05
N CYS A 162 -19.30 -0.95 -9.83
CA CYS A 162 -19.55 -1.51 -8.45
C CYS A 162 -18.64 -0.81 -7.42
N PHE A 163 -17.39 -0.56 -7.78
CA PHE A 163 -16.44 0.11 -6.84
C PHE A 163 -16.96 1.51 -6.50
N VAL A 164 -17.40 2.24 -7.49
CA VAL A 164 -17.88 3.62 -7.23
C VAL A 164 -19.11 3.58 -6.31
N LYS A 165 -19.99 2.62 -6.48
CA LYS A 165 -21.20 2.54 -5.60
C LYS A 165 -20.81 2.41 -4.13
N ASN A 166 -19.74 1.73 -3.85
CA ASN A 166 -19.29 1.55 -2.42
C ASN A 166 -18.04 2.41 -2.12
N ARG A 167 -17.86 3.52 -2.81
CA ARG A 167 -16.65 4.38 -2.57
C ARG A 167 -16.50 4.74 -1.08
N GLU A 168 -17.59 5.01 -0.42
CA GLU A 168 -17.52 5.41 1.03
C GLU A 168 -17.00 4.26 1.90
N GLU A 169 -17.66 3.13 1.86
CA GLU A 169 -17.24 1.99 2.71
C GLU A 169 -15.85 1.50 2.32
N LEU A 170 -15.47 1.67 1.08
CA LEU A 170 -14.12 1.20 0.63
C LEU A 170 -13.03 2.22 1.02
N GLY A 171 -13.40 3.31 1.67
CA GLY A 171 -12.38 4.30 2.12
C GLY A 171 -11.86 5.14 0.94
N PHE A 172 -12.61 5.24 -0.13
CA PHE A 172 -12.14 6.07 -1.29
C PHE A 172 -12.69 7.48 -1.13
N ARG A 173 -12.05 8.27 -0.30
CA ARG A 173 -12.51 9.68 -0.03
C ARG A 173 -12.86 10.44 -1.33
N PRO A 174 -13.68 11.47 -1.19
CA PRO A 174 -14.12 12.27 -2.37
C PRO A 174 -12.99 13.17 -2.91
N GLU A 175 -11.93 13.36 -2.15
CA GLU A 175 -10.81 14.21 -2.66
C GLU A 175 -9.91 13.39 -3.61
N TYR A 176 -10.03 12.08 -3.57
CA TYR A 176 -9.21 11.22 -4.46
C TYR A 176 -9.77 11.21 -5.88
N SER A 177 -8.89 11.15 -6.85
CA SER A 177 -9.32 11.12 -8.28
C SER A 177 -8.82 9.83 -8.92
N ALA A 178 -9.34 9.48 -10.06
CA ALA A 178 -8.90 8.22 -10.76
C ALA A 178 -7.38 8.22 -11.00
N SER A 179 -6.81 9.35 -11.23
CA SER A 179 -5.33 9.42 -11.51
C SER A 179 -4.49 8.94 -10.32
N GLN A 180 -5.06 8.80 -9.15
CA GLN A 180 -4.27 8.36 -7.96
C GLN A 180 -4.26 6.83 -7.80
N LEU A 181 -5.03 6.12 -8.59
CA LEU A 181 -5.06 4.62 -8.45
C LEU A 181 -3.73 4.00 -8.88
N LYS A 182 -3.22 3.07 -8.12
CA LYS A 182 -1.94 2.41 -8.49
C LYS A 182 -2.13 1.62 -9.80
N GLY A 183 -1.40 1.97 -10.84
CA GLY A 183 -1.54 1.25 -12.14
C GLY A 183 -2.29 2.11 -13.17
N PHE A 184 -2.85 3.22 -12.74
CA PHE A 184 -3.62 4.10 -13.68
C PHE A 184 -2.82 4.42 -14.96
N SER A 185 -1.63 4.90 -14.79
CA SER A 185 -0.77 5.29 -15.95
C SER A 185 -0.67 4.19 -17.04
N LEU A 186 -0.84 2.94 -16.69
CA LEU A 186 -0.70 1.85 -17.73
C LEU A 186 -2.01 1.58 -18.50
N LEU A 187 -3.02 2.38 -18.29
CA LEU A 187 -4.31 2.14 -19.00
C LEU A 187 -4.38 2.98 -20.28
N ALA A 188 -5.05 2.46 -21.29
CA ALA A 188 -5.18 3.22 -22.56
C ALA A 188 -5.91 4.55 -22.29
N THR A 189 -5.62 5.58 -23.05
CA THR A 189 -6.28 6.91 -22.83
C THR A 189 -7.81 6.77 -22.64
N GLU A 190 -8.45 6.02 -23.49
CA GLU A 190 -9.94 5.82 -23.38
C GLU A 190 -10.32 5.30 -21.99
N ASP A 191 -9.64 4.28 -21.54
CA ASP A 191 -9.95 3.70 -20.19
C ASP A 191 -9.68 4.74 -19.10
N LYS A 192 -8.61 5.51 -19.23
CA LYS A 192 -8.29 6.53 -18.19
C LYS A 192 -9.38 7.60 -18.12
N GLU A 193 -9.89 8.01 -19.26
CA GLU A 193 -10.95 9.06 -19.27
C GLU A 193 -12.22 8.53 -18.57
N ALA A 194 -12.62 7.32 -18.89
CA ALA A 194 -13.85 6.75 -18.24
C ALA A 194 -13.72 6.77 -16.72
N LEU A 195 -12.55 6.45 -16.21
CA LEU A 195 -12.36 6.45 -14.73
C LEU A 195 -12.41 7.88 -14.19
N LYS A 196 -11.59 8.78 -14.74
CA LYS A 196 -11.62 10.20 -14.28
C LYS A 196 -13.05 10.74 -14.29
N LYS A 197 -13.85 10.23 -15.17
CA LYS A 197 -15.27 10.68 -15.27
C LYS A 197 -16.07 10.27 -14.02
N GLN A 198 -15.91 9.05 -13.56
CA GLN A 198 -16.68 8.59 -12.37
C GLN A 198 -15.97 8.98 -11.07
N LEU A 199 -14.67 9.09 -11.09
CA LEU A 199 -13.93 9.51 -9.86
C LEU A 199 -13.17 10.80 -10.19
N PRO A 200 -13.88 11.89 -10.19
CA PRO A 200 -13.27 13.21 -10.54
C PRO A 200 -12.37 13.72 -9.42
N GLY A 201 -12.79 13.58 -8.19
CA GLY A 201 -11.95 14.08 -7.06
C GLY A 201 -12.10 15.59 -6.94
N VAL A 202 -11.39 16.33 -7.74
CA VAL A 202 -11.48 17.82 -7.68
C VAL A 202 -11.28 18.42 -9.08
N LYS A 203 -10.90 19.66 -9.16
CA LYS A 203 -10.67 20.29 -10.49
C LYS A 203 -9.31 19.87 -11.05
N SER A 204 -9.31 19.02 -12.04
CA SER A 204 -8.02 18.56 -12.64
C SER A 204 -8.25 18.08 -14.08
N GLU A 205 -8.02 18.93 -15.04
CA GLU A 205 -8.21 18.53 -16.46
C GLU A 205 -7.60 19.57 -17.40
N GLY A 206 -6.98 19.13 -18.46
CA GLY A 206 -6.36 20.10 -19.42
C GLY A 206 -4.84 20.00 -19.33
N LYS A 207 -4.32 18.83 -19.07
CA LYS A 207 -2.84 18.67 -18.96
C LYS A 207 -2.39 17.39 -19.66
N ARG A 208 -1.14 17.04 -19.53
CA ARG A 208 -0.63 15.79 -20.19
C ARG A 208 -0.97 15.81 -21.68
N LYS A 209 -0.60 14.77 -22.39
CA LYS A 209 -0.89 14.72 -23.86
C LYS A 209 -1.08 13.27 -24.31
N GLY A 210 -1.08 13.05 -25.60
CA GLY A 210 -1.26 11.66 -26.11
C GLY A 210 0.10 10.96 -26.19
N ASP A 211 0.41 10.17 -25.20
CA ASP A 211 1.72 9.44 -25.20
C ASP A 211 1.74 8.37 -24.12
N GLU A 212 2.01 7.14 -24.48
CA GLU A 212 2.05 6.05 -23.47
C GLU A 212 3.35 5.25 -23.59
N VAL A 213 3.48 4.49 -24.65
CA VAL A 213 4.73 3.68 -24.83
C VAL A 213 5.43 4.08 -26.13
N ASP A 214 6.61 3.57 -26.36
CA ASP A 214 7.35 3.91 -27.62
C ASP A 214 8.45 2.88 -27.88
ZN ZN C . 18.35 -9.25 3.83
ZN ZN D . -19.52 -6.00 -9.95
N MET A 1 9.32 1.39 24.62
CA MET A 1 7.97 1.38 25.27
C MET A 1 6.92 0.90 24.28
N ALA A 2 6.01 0.06 24.71
CA ALA A 2 4.95 -0.43 23.80
C ALA A 2 3.57 -0.14 24.38
N GLU A 3 2.77 0.61 23.68
CA GLU A 3 1.40 0.94 24.19
C GLU A 3 0.36 0.05 23.50
N SER A 4 0.53 -0.22 22.24
CA SER A 4 -0.44 -1.07 21.51
C SER A 4 0.29 -2.10 20.65
N SER A 5 -0.35 -3.21 20.35
CA SER A 5 0.31 -4.24 19.52
C SER A 5 -0.61 -4.63 18.35
N ASP A 6 -1.16 -3.67 17.67
CA ASP A 6 -2.06 -3.98 16.52
C ASP A 6 -1.44 -3.50 15.20
N LYS A 7 -0.38 -2.72 15.27
CA LYS A 7 0.28 -2.23 14.02
C LYS A 7 0.68 -3.42 13.14
N LEU A 8 0.72 -3.24 11.85
CA LEU A 8 1.09 -4.37 10.96
C LEU A 8 2.62 -4.47 10.79
N TYR A 9 3.35 -3.43 11.09
CA TYR A 9 4.83 -3.51 10.92
C TYR A 9 5.58 -3.12 12.19
N ARG A 10 6.82 -3.53 12.30
CA ARG A 10 7.63 -3.19 13.48
C ARG A 10 9.07 -2.84 13.04
N VAL A 11 9.64 -1.86 13.67
CA VAL A 11 11.04 -1.48 13.33
C VAL A 11 11.83 -1.36 14.62
N GLU A 12 13.05 -1.83 14.64
CA GLU A 12 13.85 -1.75 15.90
C GLU A 12 15.29 -2.20 15.65
N TYR A 13 16.14 -1.96 16.60
CA TYR A 13 17.55 -2.40 16.46
C TYR A 13 17.58 -3.89 16.85
N ALA A 14 18.10 -4.72 15.99
CA ALA A 14 18.13 -6.21 16.24
C ALA A 14 18.45 -6.58 17.69
N LYS A 15 17.51 -7.24 18.34
CA LYS A 15 17.75 -7.68 19.75
C LYS A 15 18.80 -8.79 19.78
N SER A 16 18.99 -9.44 18.65
CA SER A 16 20.02 -10.51 18.54
C SER A 16 20.53 -10.59 17.09
N GLY A 17 21.47 -11.44 16.82
CA GLY A 17 22.01 -11.54 15.43
C GLY A 17 21.62 -12.89 14.84
N ARG A 18 20.62 -13.54 15.39
CA ARG A 18 20.20 -14.89 14.90
C ARG A 18 19.04 -14.81 13.89
N ALA A 19 18.35 -13.71 13.84
CA ALA A 19 17.22 -13.59 12.84
C ALA A 19 17.75 -13.62 11.40
N SER A 20 17.03 -14.28 10.51
CA SER A 20 17.49 -14.32 9.10
C SER A 20 16.52 -13.54 8.24
N CYS A 21 17.06 -12.78 7.36
CA CYS A 21 16.22 -11.94 6.46
C CYS A 21 15.32 -12.80 5.58
N LYS A 22 14.04 -12.52 5.57
CA LYS A 22 13.11 -13.28 4.73
C LYS A 22 13.26 -13.06 3.24
N LYS A 23 14.07 -12.11 2.86
CA LYS A 23 14.27 -11.80 1.42
C LYS A 23 15.60 -12.40 0.89
N CYS A 24 16.72 -12.02 1.47
CA CYS A 24 18.03 -12.54 0.99
C CYS A 24 18.56 -13.72 1.83
N SER A 25 17.90 -14.07 2.91
CA SER A 25 18.32 -15.24 3.77
C SER A 25 19.56 -14.96 4.65
N GLU A 26 20.27 -13.88 4.44
CA GLU A 26 21.48 -13.61 5.29
C GLU A 26 21.04 -13.22 6.71
N SER A 27 21.89 -13.44 7.70
CA SER A 27 21.51 -13.11 9.09
C SER A 27 21.45 -11.61 9.32
N ILE A 28 20.59 -11.18 10.21
CA ILE A 28 20.50 -9.73 10.53
C ILE A 28 21.36 -9.49 11.77
N PRO A 29 22.41 -8.69 11.63
CA PRO A 29 23.34 -8.46 12.77
C PRO A 29 22.68 -7.73 13.95
N LYS A 30 23.04 -8.14 15.15
CA LYS A 30 22.47 -7.53 16.39
C LYS A 30 22.67 -6.00 16.38
N ASP A 31 21.70 -5.27 16.90
CA ASP A 31 21.78 -3.77 16.96
C ASP A 31 21.55 -3.10 15.58
N SER A 32 21.52 -3.87 14.51
CA SER A 32 21.30 -3.25 13.18
C SER A 32 19.83 -2.89 13.02
N LEU A 33 19.53 -1.93 12.19
CA LEU A 33 18.11 -1.54 11.98
C LEU A 33 17.40 -2.57 11.11
N ARG A 34 16.37 -3.20 11.62
CA ARG A 34 15.63 -4.22 10.84
C ARG A 34 14.14 -3.91 10.88
N MET A 35 13.41 -4.39 9.90
CA MET A 35 11.94 -4.14 9.87
C MET A 35 11.20 -5.46 9.65
N ALA A 36 9.98 -5.55 10.12
CA ALA A 36 9.24 -6.82 9.93
C ALA A 36 7.76 -6.58 9.71
N ILE A 37 7.13 -7.49 9.00
CA ILE A 37 5.66 -7.41 8.79
C ILE A 37 4.98 -8.31 9.83
N MET A 38 4.28 -7.74 10.76
CA MET A 38 3.62 -8.56 11.82
C MET A 38 2.66 -9.59 11.22
N VAL A 39 2.51 -10.71 11.89
CA VAL A 39 1.59 -11.77 11.40
C VAL A 39 1.03 -12.55 12.59
N GLN A 40 -0.28 -12.69 12.66
CA GLN A 40 -0.88 -13.44 13.81
C GLN A 40 -0.66 -14.94 13.64
N SER A 41 -0.27 -15.61 14.69
CA SER A 41 -0.03 -17.09 14.60
C SER A 41 -1.27 -17.86 15.07
N PRO A 42 -1.67 -18.84 14.30
CA PRO A 42 -2.85 -19.66 14.66
C PRO A 42 -2.47 -20.77 15.66
N MET A 43 -1.22 -20.89 16.00
CA MET A 43 -0.79 -21.96 16.95
C MET A 43 -0.71 -21.42 18.38
N PHE A 44 -0.70 -20.12 18.54
CA PHE A 44 -0.63 -19.53 19.91
C PHE A 44 -0.93 -18.03 19.86
N ASP A 45 -1.48 -17.49 20.92
CA ASP A 45 -1.78 -16.03 20.95
C ASP A 45 -0.48 -15.23 20.87
N GLY A 46 -0.37 -14.39 19.88
CA GLY A 46 0.89 -13.58 19.74
C GLY A 46 1.18 -13.40 18.25
N LYS A 47 1.91 -12.37 17.89
CA LYS A 47 2.21 -12.15 16.45
C LYS A 47 3.66 -12.53 16.13
N VAL A 48 3.86 -13.20 15.03
CA VAL A 48 5.25 -13.60 14.63
C VAL A 48 5.78 -12.57 13.62
N PRO A 49 6.97 -12.07 13.86
CA PRO A 49 7.53 -11.06 12.96
C PRO A 49 8.37 -11.69 11.85
N HIS A 50 8.12 -11.31 10.63
CA HIS A 50 8.97 -11.79 9.52
C HIS A 50 10.01 -10.69 9.32
N TRP A 51 11.21 -10.88 9.82
CA TRP A 51 12.23 -9.80 9.77
C TRP A 51 12.98 -9.73 8.44
N TYR A 52 13.47 -8.55 8.17
CA TYR A 52 14.24 -8.28 6.92
C TYR A 52 15.27 -7.19 7.21
N HIS A 53 16.39 -7.18 6.51
CA HIS A 53 17.35 -6.06 6.70
C HIS A 53 16.60 -4.81 6.24
N PHE A 54 16.96 -3.65 6.73
CA PHE A 54 16.21 -2.40 6.32
C PHE A 54 15.96 -2.32 4.79
N SER A 55 16.99 -2.48 4.00
CA SER A 55 16.82 -2.38 2.51
C SER A 55 15.97 -3.54 1.94
N CYS A 56 16.23 -4.76 2.35
CA CYS A 56 15.46 -5.93 1.80
C CYS A 56 13.94 -5.76 2.02
N PHE A 57 13.54 -5.20 3.13
CA PHE A 57 12.09 -5.03 3.42
C PHE A 57 11.33 -4.35 2.27
N TRP A 58 11.94 -3.38 1.59
CA TRP A 58 11.23 -2.66 0.51
C TRP A 58 11.34 -3.38 -0.83
N LYS A 59 12.27 -4.27 -0.98
CA LYS A 59 12.44 -4.98 -2.28
C LYS A 59 11.48 -6.17 -2.42
N VAL A 60 10.64 -6.41 -1.44
CA VAL A 60 9.69 -7.56 -1.53
C VAL A 60 8.30 -7.08 -1.95
N GLY A 61 7.98 -5.84 -1.70
CA GLY A 61 6.63 -5.33 -2.09
C GLY A 61 5.99 -4.64 -0.87
N HIS A 62 6.60 -4.74 0.29
CA HIS A 62 6.00 -4.08 1.49
C HIS A 62 5.97 -2.57 1.27
N SER A 63 4.90 -1.92 1.65
CA SER A 63 4.83 -0.44 1.42
C SER A 63 4.26 0.28 2.65
N ILE A 64 4.75 1.45 2.91
CA ILE A 64 4.26 2.24 4.08
C ILE A 64 4.20 3.73 3.72
N ARG A 65 3.04 4.33 3.79
CA ARG A 65 2.93 5.78 3.45
C ARG A 65 3.25 6.62 4.69
N HIS A 66 2.74 6.23 5.82
CA HIS A 66 3.01 6.99 7.08
C HIS A 66 3.63 6.06 8.15
N PRO A 67 4.94 6.06 8.22
CA PRO A 67 5.66 5.19 9.19
C PRO A 67 5.29 5.49 10.65
N ASP A 68 5.28 6.76 11.05
CA ASP A 68 4.91 7.11 12.45
C ASP A 68 3.63 6.41 12.96
N VAL A 69 2.64 6.22 12.12
CA VAL A 69 1.37 5.56 12.59
C VAL A 69 1.24 4.09 12.17
N GLU A 70 1.92 3.67 11.12
CA GLU A 70 1.77 2.25 10.67
C GLU A 70 2.89 1.33 11.18
N VAL A 71 3.99 1.88 11.65
CA VAL A 71 5.09 0.99 12.12
C VAL A 71 5.36 1.14 13.62
N ASP A 72 5.14 0.07 14.37
CA ASP A 72 5.37 0.12 15.83
C ASP A 72 6.88 0.26 16.12
N GLY A 73 7.25 1.03 17.12
CA GLY A 73 8.71 1.19 17.45
C GLY A 73 9.34 2.35 16.65
N PHE A 74 8.62 2.91 15.71
CA PHE A 74 9.20 4.03 14.89
C PHE A 74 9.64 5.19 15.77
N SER A 75 8.79 5.64 16.64
CA SER A 75 9.14 6.81 17.52
C SER A 75 10.35 6.53 18.44
N GLU A 76 10.69 5.27 18.70
CA GLU A 76 11.85 4.99 19.58
C GLU A 76 13.17 4.87 18.79
N LEU A 77 13.13 4.97 17.48
CA LEU A 77 14.38 4.87 16.67
C LEU A 77 15.18 6.16 16.82
N ARG A 78 16.46 6.12 16.56
CA ARG A 78 17.27 7.37 16.65
C ARG A 78 16.76 8.34 15.56
N TRP A 79 16.92 9.61 15.77
CA TRP A 79 16.40 10.62 14.78
C TRP A 79 16.77 10.28 13.33
N ASP A 80 18.04 10.12 13.05
CA ASP A 80 18.47 9.81 11.64
C ASP A 80 17.75 8.58 11.08
N ASP A 81 17.58 7.55 11.88
CA ASP A 81 16.88 6.33 11.39
C ASP A 81 15.40 6.65 11.16
N GLN A 82 14.85 7.55 11.93
CA GLN A 82 13.42 7.94 11.74
C GLN A 82 13.28 8.67 10.41
N GLN A 83 14.28 9.45 10.05
CA GLN A 83 14.24 10.19 8.76
C GLN A 83 14.48 9.21 7.61
N LYS A 84 15.42 8.32 7.80
CA LYS A 84 15.72 7.30 6.73
C LYS A 84 14.46 6.48 6.42
N VAL A 85 13.79 6.02 7.44
CA VAL A 85 12.53 5.23 7.21
C VAL A 85 11.48 6.15 6.58
N LYS A 86 11.38 7.37 7.05
CA LYS A 86 10.36 8.31 6.51
C LYS A 86 10.62 8.59 5.03
N LYS A 87 11.86 8.82 4.67
CA LYS A 87 12.18 9.11 3.24
C LYS A 87 12.06 7.85 2.40
N THR A 88 12.58 6.74 2.88
CA THR A 88 12.49 5.47 2.10
C THR A 88 11.01 5.12 1.87
N ALA A 89 10.18 5.39 2.85
CA ALA A 89 8.73 5.09 2.69
C ALA A 89 8.16 5.96 1.57
N GLU A 90 8.50 7.22 1.55
CA GLU A 90 7.97 8.12 0.48
C GLU A 90 8.48 7.66 -0.89
N ALA A 91 9.76 7.44 -1.03
CA ALA A 91 10.31 6.99 -2.34
C ALA A 91 9.63 5.70 -2.78
N GLY A 92 9.97 5.20 -3.95
CA GLY A 92 9.35 3.94 -4.44
C GLY A 92 10.25 2.76 -4.10
N GLY A 93 11.02 2.31 -5.06
CA GLY A 93 11.93 1.15 -4.80
C GLY A 93 12.63 0.75 -6.10
N VAL A 94 12.15 -0.30 -6.73
CA VAL A 94 12.79 -0.74 -8.01
C VAL A 94 11.92 -0.31 -9.20
N THR A 95 10.63 -0.34 -9.04
CA THR A 95 9.73 0.08 -10.17
C THR A 95 9.75 1.60 -10.33
N GLY A 96 9.20 2.10 -11.40
CA GLY A 96 9.18 3.57 -11.62
C GLY A 96 9.37 3.87 -13.10
N LYS A 97 8.30 4.11 -13.81
CA LYS A 97 8.41 4.42 -15.27
C LYS A 97 7.40 5.49 -15.67
N GLY A 98 7.69 6.23 -16.70
CA GLY A 98 6.74 7.30 -17.14
C GLY A 98 7.00 8.58 -16.34
N GLN A 99 7.32 9.66 -17.00
CA GLN A 99 7.57 10.94 -16.27
C GLN A 99 6.88 12.09 -16.98
N ASP A 100 5.73 11.86 -17.54
CA ASP A 100 5.00 12.95 -18.24
C ASP A 100 4.50 14.00 -17.25
N GLY A 101 4.98 15.21 -17.35
CA GLY A 101 4.55 16.28 -16.40
C GLY A 101 5.76 16.82 -15.64
N ILE A 102 6.31 17.91 -16.09
CA ILE A 102 7.50 18.49 -15.39
C ILE A 102 7.18 19.91 -14.90
N GLY A 103 6.83 20.05 -13.65
CA GLY A 103 6.51 21.40 -13.10
C GLY A 103 5.98 21.26 -11.68
N SER A 104 5.08 20.34 -11.47
CA SER A 104 4.52 20.15 -10.10
C SER A 104 5.05 18.85 -9.49
N LYS A 105 4.97 17.76 -10.20
CA LYS A 105 5.47 16.45 -9.67
C LYS A 105 4.90 16.19 -8.27
N ALA A 106 3.68 15.73 -8.20
CA ALA A 106 3.06 15.45 -6.87
C ALA A 106 2.89 13.94 -6.68
N GLU A 107 3.79 13.32 -5.95
CA GLU A 107 3.68 11.85 -5.73
C GLU A 107 2.58 11.55 -4.70
N LYS A 108 1.36 11.44 -5.14
CA LYS A 108 0.25 11.15 -4.20
C LYS A 108 -0.44 9.83 -4.57
N THR A 109 0.27 8.93 -5.20
CA THR A 109 -0.34 7.63 -5.59
C THR A 109 -0.76 6.85 -4.35
N LEU A 110 -2.00 6.44 -4.29
CA LEU A 110 -2.48 5.68 -3.11
C LEU A 110 -1.77 4.32 -3.04
N GLY A 111 -1.53 3.81 -1.86
CA GLY A 111 -0.84 2.50 -1.73
C GLY A 111 -1.86 1.38 -1.45
N ASP A 112 -3.09 1.73 -1.19
CA ASP A 112 -4.12 0.68 -0.91
C ASP A 112 -5.22 0.66 -1.99
N PHE A 113 -5.01 1.36 -3.08
CA PHE A 113 -6.05 1.38 -4.16
C PHE A 113 -5.36 1.15 -5.52
N ALA A 114 -5.88 0.27 -6.33
CA ALA A 114 -5.21 0.00 -7.64
C ALA A 114 -6.21 -0.20 -8.79
N ALA A 115 -5.73 -0.01 -9.98
CA ALA A 115 -6.57 -0.19 -11.19
C ALA A 115 -5.74 -0.92 -12.26
N GLU A 116 -6.27 -1.94 -12.85
CA GLU A 116 -5.51 -2.69 -13.89
C GLU A 116 -6.44 -3.54 -14.73
N TYR A 117 -5.99 -4.03 -15.85
CA TYR A 117 -6.84 -4.90 -16.68
C TYR A 117 -6.80 -6.30 -16.06
N ALA A 118 -7.93 -6.96 -15.95
CA ALA A 118 -7.94 -8.32 -15.32
C ALA A 118 -6.88 -9.25 -15.94
N LYS A 119 -5.88 -9.62 -15.15
CA LYS A 119 -4.83 -10.53 -15.65
C LYS A 119 -5.43 -11.91 -15.99
N SER A 120 -6.59 -12.21 -15.49
CA SER A 120 -7.24 -13.52 -15.78
C SER A 120 -8.77 -13.39 -15.66
N ASN A 121 -9.48 -14.48 -15.67
CA ASN A 121 -10.97 -14.40 -15.57
C ASN A 121 -11.48 -15.17 -14.34
N ARG A 122 -10.62 -15.50 -13.41
CA ARG A 122 -11.09 -16.24 -12.20
C ARG A 122 -11.26 -15.28 -11.01
N SER A 123 -11.03 -14.00 -11.19
CA SER A 123 -11.21 -13.03 -10.07
C SER A 123 -12.71 -12.77 -9.91
N THR A 124 -13.13 -12.10 -8.88
CA THR A 124 -14.59 -11.86 -8.71
C THR A 124 -14.84 -10.49 -8.08
N CYS A 125 -15.72 -9.71 -8.67
CA CYS A 125 -16.05 -8.40 -8.09
C CYS A 125 -16.68 -8.62 -6.70
N LYS A 126 -16.08 -8.05 -5.68
CA LYS A 126 -16.63 -8.23 -4.29
C LYS A 126 -17.82 -7.30 -4.00
N GLY A 127 -18.47 -6.78 -5.01
CA GLY A 127 -19.63 -5.87 -4.80
C GLY A 127 -20.88 -6.59 -5.31
N CYS A 128 -20.78 -7.22 -6.45
CA CYS A 128 -21.94 -7.99 -6.99
C CYS A 128 -21.62 -9.50 -7.07
N MET A 129 -20.42 -9.90 -6.62
CA MET A 129 -20.02 -11.34 -6.67
C MET A 129 -20.02 -11.94 -8.08
N GLU A 130 -20.10 -11.12 -9.11
CA GLU A 130 -20.07 -11.66 -10.50
C GLU A 130 -18.61 -11.75 -10.95
N LYS A 131 -18.26 -12.74 -11.73
CA LYS A 131 -16.85 -12.90 -12.15
C LYS A 131 -16.42 -11.76 -13.07
N ILE A 132 -15.16 -11.35 -12.96
CA ILE A 132 -14.64 -10.30 -13.86
C ILE A 132 -13.95 -11.00 -15.04
N GLU A 133 -14.24 -10.60 -16.25
CA GLU A 133 -13.61 -11.27 -17.43
C GLU A 133 -12.18 -10.79 -17.65
N LYS A 134 -11.30 -11.67 -18.05
CA LYS A 134 -9.88 -11.26 -18.35
C LYS A 134 -9.84 -10.08 -19.34
N GLY A 135 -9.02 -9.09 -19.08
CA GLY A 135 -8.93 -7.93 -20.00
C GLY A 135 -9.82 -6.78 -19.49
N GLN A 136 -10.90 -7.11 -18.81
CA GLN A 136 -11.81 -6.05 -18.29
C GLN A 136 -11.12 -5.20 -17.22
N VAL A 137 -11.36 -3.91 -17.25
CA VAL A 137 -10.75 -3.01 -16.25
C VAL A 137 -11.36 -3.30 -14.87
N ARG A 138 -10.54 -3.40 -13.87
CA ARG A 138 -11.07 -3.68 -12.51
C ARG A 138 -10.35 -2.80 -11.48
N LEU A 139 -11.01 -2.49 -10.40
CA LEU A 139 -10.38 -1.64 -9.34
C LEU A 139 -10.28 -2.44 -8.06
N SER A 140 -9.45 -2.02 -7.12
CA SER A 140 -9.36 -2.82 -5.88
C SER A 140 -8.94 -2.00 -4.67
N LYS A 141 -9.46 -2.40 -3.53
CA LYS A 141 -9.10 -1.74 -2.24
C LYS A 141 -8.24 -2.72 -1.44
N LYS A 142 -6.95 -2.51 -1.45
CA LYS A 142 -6.03 -3.44 -0.72
C LYS A 142 -6.43 -3.58 0.75
N MET A 143 -6.42 -4.79 1.26
CA MET A 143 -6.78 -5.02 2.69
C MET A 143 -6.01 -6.24 3.20
N VAL A 144 -5.78 -6.33 4.48
CA VAL A 144 -5.03 -7.50 5.01
C VAL A 144 -5.99 -8.45 5.73
N ASP A 145 -5.76 -9.74 5.61
CA ASP A 145 -6.64 -10.73 6.28
C ASP A 145 -5.95 -11.26 7.54
N PRO A 146 -6.64 -11.19 8.65
CA PRO A 146 -6.05 -11.67 9.92
C PRO A 146 -5.87 -13.19 9.87
N GLU A 147 -6.57 -13.85 9.00
CA GLU A 147 -6.43 -15.33 8.89
C GLU A 147 -5.22 -15.68 8.00
N LYS A 148 -4.87 -14.80 7.11
CA LYS A 148 -3.69 -15.05 6.22
C LYS A 148 -2.73 -13.87 6.30
N PRO A 149 -2.09 -13.74 7.44
CA PRO A 149 -1.14 -12.62 7.67
C PRO A 149 0.12 -12.74 6.80
N GLN A 150 0.48 -13.92 6.39
CA GLN A 150 1.71 -14.07 5.53
C GLN A 150 1.49 -13.40 4.17
N LEU A 151 0.26 -13.22 3.77
CA LEU A 151 -0.04 -12.58 2.45
C LEU A 151 0.17 -11.07 2.54
N GLY A 152 -0.39 -10.45 3.55
CA GLY A 152 -0.22 -8.98 3.70
C GLY A 152 -1.35 -8.26 2.96
N MET A 153 -1.05 -7.12 2.39
CA MET A 153 -2.10 -6.34 1.65
C MET A 153 -2.58 -7.12 0.41
N ILE A 154 -3.77 -7.66 0.45
CA ILE A 154 -4.30 -8.40 -0.74
C ILE A 154 -5.35 -7.55 -1.45
N ASP A 155 -5.39 -7.61 -2.76
CA ASP A 155 -6.37 -6.79 -3.51
C ASP A 155 -7.79 -7.35 -3.43
N ARG A 156 -8.73 -6.49 -3.14
CA ARG A 156 -10.17 -6.87 -3.13
C ARG A 156 -10.70 -6.26 -4.42
N TRP A 157 -10.95 -7.05 -5.43
CA TRP A 157 -11.35 -6.47 -6.76
C TRP A 157 -12.83 -6.13 -6.88
N TYR A 158 -13.10 -5.26 -7.82
CA TYR A 158 -14.49 -4.82 -8.08
C TYR A 158 -14.59 -4.26 -9.49
N HIS A 159 -15.77 -4.21 -10.05
CA HIS A 159 -15.93 -3.55 -11.37
C HIS A 159 -15.85 -2.06 -11.07
N PRO A 160 -15.37 -1.25 -11.97
CA PRO A 160 -15.25 0.20 -11.68
C PRO A 160 -16.61 0.78 -11.21
N GLY A 161 -17.68 0.41 -11.86
CA GLY A 161 -19.03 0.90 -11.43
C GLY A 161 -19.32 0.40 -10.01
N CYS A 162 -19.19 -0.89 -9.79
CA CYS A 162 -19.45 -1.45 -8.42
C CYS A 162 -18.55 -0.75 -7.38
N PHE A 163 -17.31 -0.51 -7.73
CA PHE A 163 -16.36 0.16 -6.78
C PHE A 163 -16.87 1.56 -6.44
N VAL A 164 -17.30 2.30 -7.44
CA VAL A 164 -17.79 3.68 -7.18
C VAL A 164 -19.03 3.64 -6.27
N LYS A 165 -19.90 2.68 -6.45
CA LYS A 165 -21.13 2.61 -5.58
C LYS A 165 -20.75 2.48 -4.10
N ASN A 166 -19.68 1.79 -3.82
CA ASN A 166 -19.24 1.62 -2.38
C ASN A 166 -17.99 2.47 -2.07
N ARG A 167 -17.80 3.58 -2.76
CA ARG A 167 -16.59 4.42 -2.51
C ARG A 167 -16.45 4.80 -1.02
N GLU A 168 -17.55 5.07 -0.37
CA GLU A 168 -17.48 5.46 1.08
C GLU A 168 -16.98 4.32 1.96
N GLU A 169 -17.65 3.19 1.91
CA GLU A 169 -17.23 2.05 2.77
C GLU A 169 -15.84 1.55 2.38
N LEU A 170 -15.45 1.72 1.15
CA LEU A 170 -14.10 1.25 0.72
C LEU A 170 -13.01 2.26 1.12
N GLY A 171 -13.38 3.35 1.76
CA GLY A 171 -12.35 4.34 2.21
C GLY A 171 -11.83 5.17 1.05
N PHE A 172 -12.57 5.28 -0.03
CA PHE A 172 -12.09 6.11 -1.20
C PHE A 172 -12.63 7.52 -1.04
N ARG A 173 -11.99 8.31 -0.20
CA ARG A 173 -12.46 9.72 0.07
C ARG A 173 -12.79 10.48 -1.24
N PRO A 174 -13.60 11.51 -1.11
CA PRO A 174 -14.03 12.31 -2.29
C PRO A 174 -12.90 13.20 -2.82
N GLU A 175 -11.84 13.40 -2.06
CA GLU A 175 -10.71 14.24 -2.56
C GLU A 175 -9.82 13.41 -3.50
N TYR A 176 -9.94 12.11 -3.46
CA TYR A 176 -9.10 11.25 -4.34
C TYR A 176 -9.65 11.23 -5.77
N SER A 177 -8.77 11.16 -6.72
CA SER A 177 -9.19 11.13 -8.15
C SER A 177 -8.68 9.85 -8.80
N ALA A 178 -9.20 9.50 -9.94
CA ALA A 178 -8.75 8.24 -10.62
C ALA A 178 -7.24 8.22 -10.86
N SER A 179 -6.65 9.36 -11.08
CA SER A 179 -5.17 9.43 -11.34
C SER A 179 -4.33 8.94 -10.15
N GLN A 180 -4.93 8.81 -8.99
CA GLN A 180 -4.15 8.36 -7.80
C GLN A 180 -4.15 6.82 -7.63
N LEU A 181 -4.91 6.11 -8.43
CA LEU A 181 -4.95 4.62 -8.30
C LEU A 181 -3.62 4.00 -8.71
N LYS A 182 -3.13 3.07 -7.95
CA LYS A 182 -1.86 2.42 -8.32
C LYS A 182 -2.02 1.61 -9.61
N GLY A 183 -1.27 1.96 -10.63
CA GLY A 183 -1.39 1.23 -11.94
C GLY A 183 -2.14 2.10 -12.98
N PHE A 184 -2.71 3.21 -12.56
CA PHE A 184 -3.47 4.09 -13.51
C PHE A 184 -2.65 4.40 -14.77
N SER A 185 -1.46 4.89 -14.59
CA SER A 185 -0.59 5.27 -15.75
C SER A 185 -0.47 4.17 -16.83
N LEU A 186 -0.67 2.92 -16.49
CA LEU A 186 -0.52 1.82 -17.52
C LEU A 186 -1.82 1.56 -18.31
N LEU A 187 -2.84 2.36 -18.10
CA LEU A 187 -4.12 2.13 -18.83
C LEU A 187 -4.17 2.97 -20.12
N ALA A 188 -4.83 2.46 -21.12
CA ALA A 188 -4.95 3.22 -22.40
C ALA A 188 -5.67 4.54 -22.13
N THR A 189 -5.37 5.57 -22.89
CA THR A 189 -6.03 6.91 -22.67
C THR A 189 -7.56 6.77 -22.50
N GLU A 190 -8.19 6.02 -23.36
CA GLU A 190 -9.68 5.83 -23.26
C GLU A 190 -10.08 5.31 -21.87
N ASP A 191 -9.41 4.28 -21.42
CA ASP A 191 -9.73 3.72 -20.07
C ASP A 191 -9.46 4.75 -18.97
N LYS A 192 -8.40 5.51 -19.10
CA LYS A 192 -8.08 6.53 -18.06
C LYS A 192 -9.17 7.61 -18.00
N GLU A 193 -9.67 8.02 -19.14
CA GLU A 193 -10.73 9.06 -19.16
C GLU A 193 -12.00 8.56 -18.48
N ALA A 194 -12.40 7.35 -18.79
CA ALA A 194 -13.63 6.77 -18.16
C ALA A 194 -13.52 6.79 -16.63
N LEU A 195 -12.36 6.48 -16.11
CA LEU A 195 -12.18 6.47 -14.63
C LEU A 195 -12.23 7.92 -14.10
N LYS A 196 -11.41 8.79 -14.63
CA LYS A 196 -11.43 10.22 -14.17
C LYS A 196 -12.87 10.77 -14.19
N LYS A 197 -13.65 10.26 -15.09
CA LYS A 197 -15.07 10.72 -15.20
C LYS A 197 -15.89 10.32 -13.96
N GLN A 198 -15.73 9.09 -13.50
CA GLN A 198 -16.52 8.63 -12.32
C GLN A 198 -15.81 9.02 -11.00
N LEU A 199 -14.52 9.13 -11.02
CA LEU A 199 -13.79 9.54 -9.78
C LEU A 199 -13.01 10.83 -10.10
N PRO A 200 -13.72 11.94 -10.11
CA PRO A 200 -13.09 13.24 -10.46
C PRO A 200 -12.18 13.74 -9.33
N GLY A 201 -12.61 13.61 -8.11
CA GLY A 201 -11.77 14.10 -6.97
C GLY A 201 -11.91 15.61 -6.84
N VAL A 202 -10.83 16.31 -6.65
CA VAL A 202 -10.91 17.79 -6.52
C VAL A 202 -11.51 18.41 -7.78
N LYS A 203 -11.42 19.70 -7.94
CA LYS A 203 -11.99 20.36 -9.15
C LYS A 203 -10.94 20.41 -10.27
N SER A 204 -11.37 20.27 -11.49
CA SER A 204 -10.41 20.31 -12.63
C SER A 204 -11.16 20.46 -13.96
N GLU A 205 -11.21 21.64 -14.50
CA GLU A 205 -11.93 21.84 -15.80
C GLU A 205 -11.00 22.47 -16.83
N GLY A 206 -9.75 22.08 -16.84
CA GLY A 206 -8.80 22.66 -17.83
C GLY A 206 -8.50 24.11 -17.45
N LYS A 207 -7.26 24.40 -17.11
CA LYS A 207 -6.90 25.79 -16.73
C LYS A 207 -5.44 26.06 -17.08
N ARG A 208 -5.10 26.04 -18.34
CA ARG A 208 -3.69 26.29 -18.75
C ARG A 208 -3.64 26.68 -20.23
N LYS A 209 -4.05 25.79 -21.09
CA LYS A 209 -4.01 26.10 -22.55
C LYS A 209 -5.25 26.91 -22.96
N GLY A 210 -5.09 28.20 -23.14
CA GLY A 210 -6.25 29.05 -23.53
C GLY A 210 -5.86 29.95 -24.71
N ASP A 211 -5.77 29.39 -25.88
CA ASP A 211 -5.39 30.21 -27.06
C ASP A 211 -6.61 30.47 -27.95
N GLU A 212 -6.42 30.60 -29.23
CA GLU A 212 -7.58 30.85 -30.15
C GLU A 212 -8.33 32.12 -29.72
N VAL A 213 -8.07 33.22 -30.38
CA VAL A 213 -8.76 34.49 -30.01
C VAL A 213 -9.03 35.33 -31.26
N ASP A 214 -10.21 35.90 -31.37
CA ASP A 214 -10.53 36.73 -32.56
C ASP A 214 -11.37 37.95 -32.15
ZN ZN C . 18.33 -9.16 3.67
ZN ZN D . -19.42 -5.94 -9.89
N MET A 1 -1.70 -8.96 30.70
CA MET A 1 -2.40 -8.48 29.47
C MET A 1 -2.24 -6.98 29.30
N ALA A 2 -1.47 -6.55 28.33
CA ALA A 2 -1.27 -5.09 28.12
C ALA A 2 -0.62 -4.84 26.75
N GLU A 3 0.34 -5.65 26.38
CA GLU A 3 1.01 -5.45 25.07
C GLU A 3 0.14 -6.03 23.94
N SER A 4 -0.25 -5.21 23.01
CA SER A 4 -1.11 -5.71 21.89
C SER A 4 -0.41 -5.45 20.55
N SER A 5 0.05 -4.24 20.33
CA SER A 5 0.73 -3.90 19.05
C SER A 5 -0.14 -4.28 17.86
N ASP A 6 -1.17 -3.51 17.59
CA ASP A 6 -2.05 -3.82 16.44
C ASP A 6 -1.42 -3.35 15.12
N LYS A 7 -0.34 -2.61 15.18
CA LYS A 7 0.32 -2.12 13.94
C LYS A 7 0.69 -3.31 13.05
N LEU A 8 0.75 -3.12 11.77
CA LEU A 8 1.10 -4.25 10.86
C LEU A 8 2.62 -4.37 10.69
N TYR A 9 3.37 -3.34 11.00
CA TYR A 9 4.85 -3.44 10.83
C TYR A 9 5.61 -3.04 12.11
N ARG A 10 6.84 -3.47 12.20
CA ARG A 10 7.66 -3.13 13.39
C ARG A 10 9.09 -2.80 12.95
N VAL A 11 9.68 -1.82 13.57
CA VAL A 11 11.08 -1.44 13.22
C VAL A 11 11.88 -1.33 14.51
N GLU A 12 13.08 -1.80 14.53
CA GLU A 12 13.89 -1.72 15.78
C GLU A 12 15.32 -2.19 15.54
N TYR A 13 16.18 -1.95 16.49
CA TYR A 13 17.58 -2.41 16.35
C TYR A 13 17.59 -3.88 16.75
N ALA A 14 18.12 -4.72 15.90
CA ALA A 14 18.12 -6.21 16.15
C ALA A 14 18.44 -6.59 17.61
N LYS A 15 17.51 -7.23 18.27
CA LYS A 15 17.74 -7.67 19.68
C LYS A 15 18.78 -8.79 19.70
N SER A 16 18.98 -9.44 18.59
CA SER A 16 19.98 -10.52 18.48
C SER A 16 20.49 -10.61 17.03
N GLY A 17 21.42 -11.48 16.76
CA GLY A 17 21.96 -11.59 15.38
C GLY A 17 21.56 -12.95 14.80
N ARG A 18 20.55 -13.58 15.36
CA ARG A 18 20.12 -14.93 14.88
C ARG A 18 18.96 -14.84 13.87
N ALA A 19 18.28 -13.73 13.81
CA ALA A 19 17.15 -13.62 12.81
C ALA A 19 17.68 -13.66 11.36
N SER A 20 16.95 -14.33 10.49
CA SER A 20 17.38 -14.43 9.07
C SER A 20 16.44 -13.60 8.21
N CYS A 21 16.98 -12.84 7.32
CA CYS A 21 16.16 -11.99 6.42
C CYS A 21 15.24 -12.86 5.55
N LYS A 22 13.96 -12.58 5.54
CA LYS A 22 13.01 -13.40 4.72
C LYS A 22 13.17 -13.13 3.21
N LYS A 23 14.00 -12.18 2.84
CA LYS A 23 14.20 -11.89 1.38
C LYS A 23 15.52 -12.49 0.86
N CYS A 24 16.64 -12.12 1.44
CA CYS A 24 17.95 -12.66 0.94
C CYS A 24 18.47 -13.84 1.80
N SER A 25 17.81 -14.18 2.88
CA SER A 25 18.21 -15.34 3.76
C SER A 25 19.47 -15.07 4.63
N GLU A 26 20.19 -13.98 4.41
CA GLU A 26 21.39 -13.72 5.25
C GLU A 26 20.96 -13.32 6.67
N SER A 27 21.81 -13.55 7.65
CA SER A 27 21.44 -13.21 9.06
C SER A 27 21.39 -11.69 9.26
N ILE A 28 20.55 -11.26 10.16
CA ILE A 28 20.46 -9.81 10.46
C ILE A 28 21.32 -9.56 11.71
N PRO A 29 22.38 -8.77 11.56
CA PRO A 29 23.31 -8.54 12.70
C PRO A 29 22.67 -7.81 13.87
N LYS A 30 23.03 -8.21 15.07
CA LYS A 30 22.46 -7.58 16.30
C LYS A 30 22.67 -6.06 16.29
N ASP A 31 21.71 -5.32 16.81
CA ASP A 31 21.80 -3.81 16.85
C ASP A 31 21.57 -3.16 15.47
N SER A 32 21.55 -3.92 14.41
CA SER A 32 21.33 -3.31 13.07
C SER A 32 19.86 -2.94 12.90
N LEU A 33 19.56 -1.99 12.07
CA LEU A 33 18.15 -1.58 11.86
C LEU A 33 17.44 -2.61 11.00
N ARG A 34 16.39 -3.22 11.52
CA ARG A 34 15.65 -4.25 10.75
C ARG A 34 14.15 -3.93 10.78
N MET A 35 13.42 -4.40 9.81
CA MET A 35 11.95 -4.14 9.78
C MET A 35 11.20 -5.45 9.57
N ALA A 36 9.98 -5.53 10.04
CA ALA A 36 9.23 -6.80 9.86
C ALA A 36 7.75 -6.54 9.64
N ILE A 37 7.10 -7.45 8.94
CA ILE A 37 5.63 -7.33 8.75
C ILE A 37 4.97 -8.26 9.77
N MET A 38 4.27 -7.71 10.72
CA MET A 38 3.64 -8.55 11.80
C MET A 38 2.57 -9.49 11.25
N VAL A 39 2.51 -10.70 11.79
CA VAL A 39 1.48 -11.68 11.34
C VAL A 39 0.91 -12.41 12.56
N GLN A 40 -0.38 -12.62 12.59
CA GLN A 40 -1.00 -13.32 13.75
C GLN A 40 -0.79 -14.83 13.63
N SER A 41 -0.38 -15.48 14.68
CA SER A 41 -0.14 -16.95 14.62
C SER A 41 -1.39 -17.71 15.09
N PRO A 42 -1.79 -18.70 14.32
CA PRO A 42 -2.99 -19.50 14.68
C PRO A 42 -2.62 -20.61 15.68
N MET A 43 -1.36 -20.74 16.02
CA MET A 43 -0.96 -21.81 16.98
C MET A 43 -0.87 -21.25 18.41
N PHE A 44 -0.86 -19.95 18.55
CA PHE A 44 -0.77 -19.35 19.93
C PHE A 44 -1.05 -17.85 19.87
N ASP A 45 -1.60 -17.31 20.93
CA ASP A 45 -1.90 -15.85 20.94
C ASP A 45 -0.59 -15.05 20.86
N GLY A 46 -0.46 -14.22 19.86
CA GLY A 46 0.80 -13.42 19.72
C GLY A 46 1.09 -13.25 18.23
N LYS A 47 1.85 -12.24 17.87
CA LYS A 47 2.15 -12.01 16.43
C LYS A 47 3.60 -12.41 16.11
N VAL A 48 3.79 -13.08 15.00
CA VAL A 48 5.17 -13.49 14.61
C VAL A 48 5.72 -12.48 13.60
N PRO A 49 6.91 -12.00 13.83
CA PRO A 49 7.49 -11.00 12.93
C PRO A 49 8.31 -11.65 11.81
N HIS A 50 8.06 -11.27 10.59
CA HIS A 50 8.90 -11.76 9.47
C HIS A 50 9.96 -10.67 9.27
N TRP A 51 11.16 -10.88 9.79
CA TRP A 51 12.18 -9.81 9.72
C TRP A 51 12.94 -9.75 8.39
N TYR A 52 13.43 -8.57 8.10
CA TYR A 52 14.21 -8.33 6.85
C TYR A 52 15.25 -7.24 7.13
N HIS A 53 16.37 -7.24 6.43
CA HIS A 53 17.33 -6.13 6.62
C HIS A 53 16.61 -4.88 6.15
N PHE A 54 16.96 -3.72 6.62
CA PHE A 54 16.22 -2.47 6.21
C PHE A 54 15.98 -2.40 4.69
N SER A 55 17.00 -2.56 3.89
CA SER A 55 16.83 -2.49 2.39
C SER A 55 15.97 -3.64 1.84
N CYS A 56 16.22 -4.85 2.25
CA CYS A 56 15.44 -6.02 1.72
C CYS A 56 13.93 -5.83 1.94
N PHE A 57 13.54 -5.26 3.05
CA PHE A 57 12.08 -5.08 3.34
C PHE A 57 11.32 -4.39 2.18
N TRP A 58 11.94 -3.45 1.49
CA TRP A 58 11.23 -2.72 0.41
C TRP A 58 11.34 -3.45 -0.93
N LYS A 59 12.27 -4.35 -1.07
CA LYS A 59 12.43 -5.07 -2.36
C LYS A 59 11.46 -6.25 -2.50
N VAL A 60 10.63 -6.49 -1.51
CA VAL A 60 9.66 -7.63 -1.59
C VAL A 60 8.28 -7.15 -2.02
N GLY A 61 7.96 -5.90 -1.77
CA GLY A 61 6.62 -5.38 -2.15
C GLY A 61 5.98 -4.68 -0.95
N HIS A 62 6.59 -4.77 0.22
CA HIS A 62 6.01 -4.09 1.41
C HIS A 62 5.98 -2.58 1.17
N SER A 63 4.92 -1.92 1.54
CA SER A 63 4.85 -0.44 1.30
C SER A 63 4.30 0.29 2.54
N ILE A 64 4.81 1.48 2.78
CA ILE A 64 4.32 2.27 3.95
C ILE A 64 4.28 3.76 3.58
N ARG A 65 3.13 4.36 3.65
CA ARG A 65 3.02 5.81 3.31
C ARG A 65 3.35 6.66 4.53
N HIS A 66 2.84 6.28 5.67
CA HIS A 66 3.12 7.05 6.93
C HIS A 66 3.73 6.12 7.99
N PRO A 67 5.04 6.11 8.06
CA PRO A 67 5.75 5.24 9.03
C PRO A 67 5.38 5.56 10.50
N ASP A 68 5.38 6.82 10.89
CA ASP A 68 5.03 7.19 12.29
C ASP A 68 3.74 6.50 12.80
N VAL A 69 2.75 6.32 11.97
CA VAL A 69 1.47 5.68 12.45
C VAL A 69 1.33 4.21 12.03
N GLU A 70 2.00 3.77 11.00
CA GLU A 70 1.84 2.34 10.54
C GLU A 70 2.95 1.42 11.06
N VAL A 71 4.05 1.95 11.53
CA VAL A 71 5.16 1.06 12.01
C VAL A 71 5.43 1.22 13.50
N ASP A 72 5.19 0.16 14.26
CA ASP A 72 5.44 0.22 15.72
C ASP A 72 6.95 0.35 16.01
N GLY A 73 7.33 1.12 17.00
CA GLY A 73 8.78 1.28 17.32
C GLY A 73 9.42 2.42 16.51
N PHE A 74 8.71 2.98 15.58
CA PHE A 74 9.29 4.09 14.74
C PHE A 74 9.75 5.26 15.61
N SER A 75 8.90 5.73 16.48
CA SER A 75 9.26 6.88 17.35
C SER A 75 10.47 6.60 18.27
N GLU A 76 10.80 5.34 18.55
CA GLU A 76 11.96 5.06 19.43
C GLU A 76 13.28 4.92 18.63
N LEU A 77 13.23 5.01 17.32
CA LEU A 77 14.48 4.91 16.51
C LEU A 77 15.29 6.18 16.66
N ARG A 78 16.57 6.13 16.40
CA ARG A 78 17.39 7.37 16.47
C ARG A 78 16.89 8.33 15.38
N TRP A 79 17.06 9.61 15.57
CA TRP A 79 16.54 10.61 14.58
C TRP A 79 16.92 10.26 13.13
N ASP A 80 18.19 10.09 12.85
CA ASP A 80 18.61 9.77 11.45
C ASP A 80 17.87 8.53 10.90
N ASP A 81 17.71 7.52 11.70
CA ASP A 81 16.99 6.30 11.21
C ASP A 81 15.51 6.62 10.99
N GLN A 82 14.98 7.54 11.75
CA GLN A 82 13.55 7.94 11.56
C GLN A 82 13.42 8.66 10.22
N GLN A 83 14.42 9.43 9.86
CA GLN A 83 14.38 10.16 8.56
C GLN A 83 14.61 9.17 7.42
N LYS A 84 15.54 8.27 7.61
CA LYS A 84 15.83 7.24 6.55
C LYS A 84 14.57 6.43 6.25
N VAL A 85 13.88 5.98 7.28
CA VAL A 85 12.63 5.21 7.05
C VAL A 85 11.58 6.12 6.42
N LYS A 86 11.50 7.36 6.88
CA LYS A 86 10.48 8.30 6.32
C LYS A 86 10.74 8.56 4.84
N LYS A 87 11.98 8.78 4.48
CA LYS A 87 12.30 9.07 3.05
C LYS A 87 12.17 7.79 2.21
N THR A 88 12.68 6.69 2.71
CA THR A 88 12.58 5.40 1.94
C THR A 88 11.10 5.07 1.72
N ALA A 89 10.27 5.36 2.69
CA ALA A 89 8.81 5.07 2.54
C ALA A 89 8.25 5.93 1.41
N GLU A 90 8.60 7.19 1.38
CA GLU A 90 8.09 8.09 0.31
C GLU A 90 8.59 7.62 -1.06
N ALA A 91 9.87 7.37 -1.19
CA ALA A 91 10.43 6.91 -2.49
C ALA A 91 9.72 5.62 -2.93
N GLY A 92 8.98 5.67 -4.00
CA GLY A 92 8.28 4.45 -4.48
C GLY A 92 8.73 4.11 -5.90
N GLY A 93 8.66 2.85 -6.27
CA GLY A 93 9.09 2.46 -7.64
C GLY A 93 10.60 2.68 -7.79
N VAL A 94 11.22 1.98 -8.71
CA VAL A 94 12.69 2.15 -8.91
C VAL A 94 12.99 2.58 -10.35
N THR A 95 12.10 3.35 -10.93
CA THR A 95 12.32 3.80 -12.33
C THR A 95 12.96 5.20 -12.35
N GLY A 96 14.26 5.27 -12.26
CA GLY A 96 14.95 6.59 -12.25
C GLY A 96 15.61 6.84 -10.90
N LYS A 97 16.90 6.86 -10.85
CA LYS A 97 17.60 7.09 -9.56
C LYS A 97 18.45 8.37 -9.64
N GLY A 98 17.94 9.45 -9.11
CA GLY A 98 18.71 10.74 -9.15
C GLY A 98 17.74 11.91 -9.10
N GLN A 99 18.16 13.01 -8.52
CA GLN A 99 17.26 14.20 -8.45
C GLN A 99 17.99 15.45 -8.95
N ASP A 100 17.29 16.32 -9.62
CA ASP A 100 17.94 17.56 -10.13
C ASP A 100 17.06 18.78 -9.86
N GLY A 101 15.90 18.83 -10.46
CA GLY A 101 14.99 19.99 -10.24
C GLY A 101 13.74 19.84 -11.11
N ILE A 102 12.77 19.11 -10.64
CA ILE A 102 11.52 18.92 -11.44
C ILE A 102 10.79 20.26 -11.60
N GLY A 103 9.60 20.23 -12.12
CA GLY A 103 8.84 21.51 -12.32
C GLY A 103 7.50 21.42 -11.59
N SER A 104 6.50 20.90 -12.23
CA SER A 104 5.16 20.79 -11.58
C SER A 104 5.24 19.85 -10.37
N LYS A 105 4.29 19.93 -9.48
CA LYS A 105 4.30 19.04 -8.29
C LYS A 105 3.09 18.09 -8.32
N ALA A 106 3.18 17.04 -9.09
CA ALA A 106 2.05 16.07 -9.16
C ALA A 106 2.55 14.64 -8.95
N GLU A 107 3.20 14.39 -7.85
CA GLU A 107 3.72 13.02 -7.58
C GLU A 107 2.98 12.40 -6.39
N LYS A 108 1.89 11.74 -6.63
CA LYS A 108 1.11 11.12 -5.51
C LYS A 108 0.44 9.82 -5.99
N THR A 109 0.35 8.86 -5.12
CA THR A 109 -0.30 7.56 -5.50
C THR A 109 -0.71 6.78 -4.24
N LEU A 110 -1.93 6.33 -4.18
CA LEU A 110 -2.37 5.56 -2.99
C LEU A 110 -1.68 4.20 -2.94
N GLY A 111 -1.42 3.70 -1.76
CA GLY A 111 -0.73 2.38 -1.65
C GLY A 111 -1.75 1.28 -1.34
N ASP A 112 -2.99 1.63 -1.10
CA ASP A 112 -4.01 0.59 -0.79
C ASP A 112 -5.11 0.55 -1.87
N PHE A 113 -4.97 1.30 -2.94
CA PHE A 113 -6.00 1.28 -4.01
C PHE A 113 -5.32 1.06 -5.37
N ALA A 114 -5.84 0.18 -6.19
CA ALA A 114 -5.18 -0.07 -7.50
C ALA A 114 -6.17 -0.26 -8.65
N ALA A 115 -5.70 -0.05 -9.85
CA ALA A 115 -6.55 -0.23 -11.05
C ALA A 115 -5.72 -0.95 -12.13
N GLU A 116 -6.25 -1.97 -12.73
CA GLU A 116 -5.49 -2.70 -13.78
C GLU A 116 -6.44 -3.55 -14.62
N TYR A 117 -5.98 -4.03 -15.74
CA TYR A 117 -6.83 -4.90 -16.58
C TYR A 117 -6.78 -6.31 -15.97
N ALA A 118 -7.90 -6.97 -15.86
CA ALA A 118 -7.92 -8.34 -15.24
C ALA A 118 -6.86 -9.25 -15.87
N LYS A 119 -5.86 -9.63 -15.08
CA LYS A 119 -4.81 -10.53 -15.60
C LYS A 119 -5.41 -11.90 -15.96
N SER A 120 -6.57 -12.21 -15.44
CA SER A 120 -7.22 -13.53 -15.75
C SER A 120 -8.74 -13.39 -15.63
N ASN A 121 -9.45 -14.49 -15.64
CA ASN A 121 -10.94 -14.42 -15.53
C ASN A 121 -11.45 -15.19 -14.30
N ARG A 122 -10.58 -15.54 -13.38
CA ARG A 122 -11.05 -16.28 -12.17
C ARG A 122 -11.20 -15.33 -10.97
N SER A 123 -10.98 -14.05 -11.15
CA SER A 123 -11.16 -13.09 -10.02
C SER A 123 -12.66 -12.84 -9.85
N THR A 124 -13.08 -12.17 -8.81
CA THR A 124 -14.53 -11.94 -8.63
C THR A 124 -14.80 -10.57 -7.99
N CYS A 125 -15.67 -9.79 -8.58
CA CYS A 125 -16.00 -8.48 -7.97
C CYS A 125 -16.62 -8.71 -6.59
N LYS A 126 -16.03 -8.15 -5.56
CA LYS A 126 -16.57 -8.34 -4.17
C LYS A 126 -17.76 -7.41 -3.87
N GLY A 127 -18.41 -6.90 -4.88
CA GLY A 127 -19.57 -5.98 -4.65
C GLY A 127 -20.82 -6.70 -5.15
N CYS A 128 -20.73 -7.33 -6.30
CA CYS A 128 -21.89 -8.09 -6.85
C CYS A 128 -21.56 -9.61 -6.94
N MET A 129 -20.37 -10.01 -6.51
CA MET A 129 -19.96 -11.45 -6.57
C MET A 129 -19.97 -12.03 -7.99
N GLU A 130 -20.05 -11.21 -9.00
CA GLU A 130 -20.02 -11.73 -10.39
C GLU A 130 -18.56 -11.81 -10.85
N LYS A 131 -18.23 -12.80 -11.63
CA LYS A 131 -16.80 -12.95 -12.07
C LYS A 131 -16.37 -11.80 -12.98
N ILE A 132 -15.14 -11.39 -12.88
CA ILE A 132 -14.61 -10.34 -13.77
C ILE A 132 -13.92 -11.02 -14.96
N GLU A 133 -14.22 -10.60 -16.17
CA GLU A 133 -13.59 -11.27 -17.35
C GLU A 133 -12.16 -10.78 -17.57
N LYS A 134 -11.29 -11.67 -17.98
CA LYS A 134 -9.87 -11.25 -18.29
C LYS A 134 -9.83 -10.07 -19.26
N GLY A 135 -9.01 -9.07 -19.01
CA GLY A 135 -8.93 -7.90 -19.92
C GLY A 135 -9.82 -6.76 -19.38
N GLN A 136 -10.89 -7.10 -18.70
CA GLN A 136 -11.81 -6.04 -18.18
C GLN A 136 -11.12 -5.19 -17.11
N VAL A 137 -11.36 -3.91 -17.13
CA VAL A 137 -10.75 -3.02 -16.11
C VAL A 137 -11.35 -3.32 -14.74
N ARG A 138 -10.52 -3.43 -13.74
CA ARG A 138 -11.05 -3.72 -12.38
C ARG A 138 -10.32 -2.84 -11.35
N LEU A 139 -10.98 -2.54 -10.26
CA LEU A 139 -10.35 -1.70 -9.20
C LEU A 139 -10.24 -2.51 -7.93
N SER A 140 -9.40 -2.11 -6.99
CA SER A 140 -9.30 -2.91 -5.75
C SER A 140 -8.88 -2.10 -4.53
N LYS A 141 -9.39 -2.49 -3.39
CA LYS A 141 -9.01 -1.84 -2.11
C LYS A 141 -8.15 -2.82 -1.31
N LYS A 142 -6.85 -2.62 -1.33
CA LYS A 142 -5.93 -3.55 -0.60
C LYS A 142 -6.33 -3.69 0.87
N MET A 143 -6.28 -4.90 1.37
CA MET A 143 -6.63 -5.14 2.80
C MET A 143 -5.86 -6.36 3.31
N VAL A 144 -5.61 -6.45 4.59
CA VAL A 144 -4.86 -7.62 5.11
C VAL A 144 -5.81 -8.59 5.82
N ASP A 145 -5.58 -9.86 5.69
CA ASP A 145 -6.46 -10.86 6.36
C ASP A 145 -5.74 -11.40 7.61
N PRO A 146 -6.43 -11.33 8.73
CA PRO A 146 -5.82 -11.82 10.00
C PRO A 146 -5.65 -13.34 9.95
N GLU A 147 -6.36 -14.00 9.07
CA GLU A 147 -6.24 -15.48 8.96
C GLU A 147 -5.02 -15.84 8.09
N LYS A 148 -4.65 -14.96 7.19
CA LYS A 148 -3.47 -15.23 6.32
C LYS A 148 -2.55 -14.01 6.33
N PRO A 149 -1.88 -13.83 7.44
CA PRO A 149 -0.98 -12.66 7.60
C PRO A 149 0.29 -12.81 6.75
N GLN A 150 0.66 -14.01 6.39
CA GLN A 150 1.88 -14.20 5.55
C GLN A 150 1.69 -13.54 4.18
N LEU A 151 0.46 -13.32 3.77
CA LEU A 151 0.21 -12.69 2.44
C LEU A 151 0.33 -11.16 2.56
N GLY A 152 -0.19 -10.59 3.61
CA GLY A 152 -0.10 -9.11 3.78
C GLY A 152 -1.18 -8.43 2.92
N MET A 153 -0.93 -7.22 2.52
CA MET A 153 -1.92 -6.47 1.69
C MET A 153 -2.41 -7.32 0.50
N ILE A 154 -3.67 -7.67 0.49
CA ILE A 154 -4.22 -8.47 -0.64
C ILE A 154 -5.26 -7.64 -1.39
N ASP A 155 -5.31 -7.72 -2.69
CA ASP A 155 -6.30 -6.90 -3.43
C ASP A 155 -7.73 -7.46 -3.34
N ARG A 156 -8.66 -6.60 -3.04
CA ARG A 156 -10.10 -6.98 -3.03
C ARG A 156 -10.64 -6.36 -4.31
N TRP A 157 -10.89 -7.15 -5.33
CA TRP A 157 -11.30 -6.56 -6.64
C TRP A 157 -12.78 -6.22 -6.76
N TYR A 158 -13.06 -5.34 -7.69
CA TYR A 158 -14.45 -4.90 -7.93
C TYR A 158 -14.55 -4.33 -9.36
N HIS A 159 -15.74 -4.27 -9.91
CA HIS A 159 -15.90 -3.61 -11.21
C HIS A 159 -15.81 -2.12 -10.90
N PRO A 160 -15.35 -1.30 -11.81
CA PRO A 160 -15.24 0.15 -11.50
C PRO A 160 -16.59 0.71 -11.03
N GLY A 161 -17.66 0.35 -11.67
CA GLY A 161 -19.01 0.85 -11.22
C GLY A 161 -19.29 0.32 -9.80
N CYS A 162 -19.17 -0.97 -9.60
CA CYS A 162 -19.41 -1.53 -8.23
C CYS A 162 -18.51 -0.85 -7.19
N PHE A 163 -17.27 -0.60 -7.54
CA PHE A 163 -16.31 0.06 -6.59
C PHE A 163 -16.84 1.46 -6.24
N VAL A 164 -17.27 2.21 -7.23
CA VAL A 164 -17.76 3.58 -6.96
C VAL A 164 -18.98 3.53 -6.04
N LYS A 165 -19.86 2.58 -6.23
CA LYS A 165 -21.08 2.49 -5.36
C LYS A 165 -20.69 2.36 -3.88
N ASN A 166 -19.62 1.66 -3.61
CA ASN A 166 -19.18 1.48 -2.17
C ASN A 166 -17.93 2.33 -1.86
N ARG A 167 -17.75 3.45 -2.54
CA ARG A 167 -16.54 4.29 -2.28
C ARG A 167 -16.40 4.66 -0.79
N GLU A 168 -17.48 4.92 -0.14
CA GLU A 168 -17.42 5.30 1.31
C GLU A 168 -16.91 4.15 2.18
N GLU A 169 -17.57 3.03 2.13
CA GLU A 169 -17.15 1.87 2.98
C GLU A 169 -15.76 1.37 2.58
N LEU A 170 -15.37 1.56 1.34
CA LEU A 170 -14.02 1.09 0.90
C LEU A 170 -12.94 2.10 1.31
N GLY A 171 -13.31 3.19 1.96
CA GLY A 171 -12.28 4.18 2.41
C GLY A 171 -11.75 5.02 1.25
N PHE A 172 -12.50 5.13 0.18
CA PHE A 172 -12.03 5.97 -0.97
C PHE A 172 -12.58 7.39 -0.81
N ARG A 173 -11.93 8.17 0.04
CA ARG A 173 -12.40 9.57 0.31
C ARG A 173 -12.75 10.33 -0.98
N PRO A 174 -13.55 11.37 -0.84
CA PRO A 174 -13.99 12.18 -2.01
C PRO A 174 -12.86 13.08 -2.54
N GLU A 175 -11.79 13.26 -1.78
CA GLU A 175 -10.67 14.11 -2.28
C GLU A 175 -9.78 13.30 -3.22
N TYR A 176 -9.90 11.99 -3.20
CA TYR A 176 -9.07 11.14 -4.09
C TYR A 176 -9.62 11.14 -5.52
N SER A 177 -8.74 11.08 -6.48
CA SER A 177 -9.17 11.06 -7.90
C SER A 177 -8.65 9.78 -8.57
N ALA A 178 -9.18 9.44 -9.71
CA ALA A 178 -8.74 8.19 -10.40
C ALA A 178 -7.22 8.17 -10.65
N SER A 179 -6.64 9.32 -10.87
CA SER A 179 -5.16 9.39 -11.13
C SER A 179 -4.33 8.89 -9.94
N GLN A 180 -4.91 8.75 -8.78
CA GLN A 180 -4.12 8.28 -7.59
C GLN A 180 -4.12 6.75 -7.44
N LEU A 181 -4.89 6.05 -8.24
CA LEU A 181 -4.92 4.56 -8.12
C LEU A 181 -3.59 3.94 -8.55
N LYS A 182 -3.09 3.01 -7.79
CA LYS A 182 -1.80 2.33 -8.16
C LYS A 182 -2.00 1.57 -9.48
N GLY A 183 -1.25 1.92 -10.50
CA GLY A 183 -1.39 1.21 -11.82
C GLY A 183 -2.14 2.08 -12.84
N PHE A 184 -2.69 3.18 -12.40
CA PHE A 184 -3.46 4.07 -13.34
C PHE A 184 -2.65 4.40 -14.61
N SER A 185 -1.46 4.88 -14.42
CA SER A 185 -0.59 5.27 -15.59
C SER A 185 -0.48 4.19 -16.68
N LEU A 186 -0.66 2.92 -16.35
CA LEU A 186 -0.52 1.84 -17.39
C LEU A 186 -1.83 1.59 -18.17
N LEU A 187 -2.85 2.38 -17.96
CA LEU A 187 -4.13 2.16 -18.68
C LEU A 187 -4.18 3.00 -19.95
N ALA A 188 -4.85 2.51 -20.97
CA ALA A 188 -4.97 3.27 -22.24
C ALA A 188 -5.70 4.59 -21.95
N THR A 189 -5.41 5.62 -22.71
CA THR A 189 -6.07 6.96 -22.47
C THR A 189 -7.60 6.82 -22.30
N GLU A 190 -8.23 6.07 -23.17
CA GLU A 190 -9.72 5.89 -23.07
C GLU A 190 -10.11 5.34 -21.68
N ASP A 191 -9.43 4.32 -21.23
CA ASP A 191 -9.75 3.75 -19.89
C ASP A 191 -9.48 4.77 -18.78
N LYS A 192 -8.41 5.54 -18.90
CA LYS A 192 -8.10 6.55 -17.85
C LYS A 192 -9.19 7.62 -17.78
N GLU A 193 -9.69 8.04 -18.92
CA GLU A 193 -10.75 9.09 -18.92
C GLU A 193 -12.02 8.56 -18.24
N ALA A 194 -12.42 7.35 -18.56
CA ALA A 194 -13.64 6.78 -17.93
C ALA A 194 -13.53 6.79 -16.41
N LEU A 195 -12.37 6.47 -15.89
CA LEU A 195 -12.18 6.45 -14.42
C LEU A 195 -12.23 7.89 -13.86
N LYS A 196 -11.42 8.77 -14.40
CA LYS A 196 -11.43 10.20 -13.92
C LYS A 196 -12.87 10.74 -13.93
N LYS A 197 -13.67 10.23 -14.83
CA LYS A 197 -15.09 10.69 -14.94
C LYS A 197 -15.89 10.28 -13.69
N GLN A 198 -15.73 9.05 -13.25
CA GLN A 198 -16.51 8.58 -12.06
C GLN A 198 -15.80 8.96 -10.74
N LEU A 199 -14.51 9.07 -10.76
CA LEU A 199 -13.77 9.47 -9.53
C LEU A 199 -13.00 10.77 -9.84
N PRO A 200 -13.72 11.87 -9.85
CA PRO A 200 -13.10 13.17 -10.19
C PRO A 200 -12.18 13.68 -9.07
N GLY A 201 -12.58 13.54 -7.85
CA GLY A 201 -11.74 14.02 -6.72
C GLY A 201 -11.88 15.53 -6.58
N VAL A 202 -11.58 16.27 -7.63
CA VAL A 202 -11.69 17.75 -7.56
C VAL A 202 -13.08 18.16 -7.02
N LYS A 203 -13.16 18.49 -5.77
CA LYS A 203 -14.47 18.90 -5.18
C LYS A 203 -14.29 20.10 -4.25
N SER A 204 -14.95 21.19 -4.55
CA SER A 204 -14.82 22.40 -3.68
C SER A 204 -15.52 22.16 -2.34
N GLU A 205 -16.65 21.51 -2.36
CA GLU A 205 -17.38 21.24 -1.09
C GLU A 205 -17.55 19.73 -0.88
N GLY A 206 -17.97 19.32 0.28
CA GLY A 206 -18.15 17.87 0.55
C GLY A 206 -19.51 17.63 1.19
N LYS A 207 -20.56 17.63 0.40
CA LYS A 207 -21.92 17.40 0.97
C LYS A 207 -22.44 16.03 0.53
N ARG A 208 -23.58 15.63 1.04
CA ARG A 208 -24.14 14.29 0.65
C ARG A 208 -25.67 14.34 0.68
N LYS A 209 -26.29 14.55 -0.45
CA LYS A 209 -27.78 14.60 -0.49
C LYS A 209 -28.37 13.26 -0.07
N GLY A 210 -29.66 13.10 -0.20
CA GLY A 210 -30.30 11.81 0.19
C GLY A 210 -29.99 10.75 -0.86
N ASP A 211 -30.90 10.53 -1.77
CA ASP A 211 -30.69 9.51 -2.84
C ASP A 211 -30.30 8.16 -2.22
N GLU A 212 -31.16 7.58 -1.44
CA GLU A 212 -30.84 6.27 -0.80
C GLU A 212 -30.88 5.16 -1.85
N VAL A 213 -30.07 4.15 -1.68
CA VAL A 213 -30.06 3.03 -2.67
C VAL A 213 -31.18 2.03 -2.35
N ASP A 214 -32.27 2.11 -3.06
CA ASP A 214 -33.40 1.17 -2.81
C ASP A 214 -33.02 -0.25 -3.23
ZN ZN C . 18.28 -9.27 3.61
ZN ZN D . -19.37 -6.02 -9.73
N MET A 1 8.21 -3.95 29.41
CA MET A 1 6.89 -4.65 29.53
C MET A 1 6.15 -4.62 28.19
N ALA A 2 5.68 -5.75 27.75
CA ALA A 2 4.94 -5.79 26.45
C ALA A 2 3.58 -6.46 26.64
N GLU A 3 2.54 -5.68 26.69
CA GLU A 3 1.17 -6.27 26.87
C GLU A 3 0.67 -6.86 25.55
N SER A 4 0.29 -6.03 24.62
CA SER A 4 -0.21 -6.53 23.31
C SER A 4 -0.32 -5.38 22.30
N SER A 5 0.19 -5.59 21.11
CA SER A 5 0.11 -4.51 20.08
C SER A 5 -0.81 -4.93 18.94
N ASP A 6 -1.18 -4.00 18.09
CA ASP A 6 -2.08 -4.35 16.95
C ASP A 6 -1.48 -3.88 15.63
N LYS A 7 -0.41 -3.13 15.66
CA LYS A 7 0.22 -2.65 14.39
C LYS A 7 0.59 -3.85 13.52
N LEU A 8 0.63 -3.66 12.23
CA LEU A 8 0.98 -4.79 11.32
C LEU A 8 2.49 -4.91 11.13
N TYR A 9 3.24 -3.88 11.42
CA TYR A 9 4.72 -3.96 11.22
C TYR A 9 5.50 -3.54 12.48
N ARG A 10 6.73 -3.95 12.56
CA ARG A 10 7.58 -3.59 13.73
C ARG A 10 8.99 -3.24 13.26
N VAL A 11 9.58 -2.25 13.86
CA VAL A 11 10.97 -1.86 13.49
C VAL A 11 11.78 -1.72 14.77
N GLU A 12 13.00 -2.19 14.77
CA GLU A 12 13.82 -2.09 16.00
C GLU A 12 15.25 -2.53 15.75
N TYR A 13 16.12 -2.28 16.67
CA TYR A 13 17.52 -2.72 16.52
C TYR A 13 17.58 -4.19 16.93
N ALA A 14 18.09 -5.04 16.08
CA ALA A 14 18.12 -6.52 16.35
C ALA A 14 18.46 -6.88 17.80
N LYS A 15 17.55 -7.52 18.48
CA LYS A 15 17.80 -7.94 19.90
C LYS A 15 18.86 -9.05 19.92
N SER A 16 19.04 -9.71 18.80
CA SER A 16 20.06 -10.79 18.69
C SER A 16 20.54 -10.88 17.24
N GLY A 17 21.49 -11.75 16.96
CA GLY A 17 22.00 -11.86 15.56
C GLY A 17 21.61 -13.23 15.00
N ARG A 18 20.62 -13.87 15.59
CA ARG A 18 20.19 -15.22 15.12
C ARG A 18 19.02 -15.16 14.14
N ALA A 19 18.32 -14.06 14.08
CA ALA A 19 17.18 -13.97 13.09
C ALA A 19 17.67 -14.02 11.64
N SER A 20 16.95 -14.70 10.79
CA SER A 20 17.36 -14.82 9.37
C SER A 20 16.40 -14.01 8.51
N CYS A 21 16.92 -13.25 7.60
CA CYS A 21 16.05 -12.42 6.71
C CYS A 21 15.14 -13.31 5.87
N LYS A 22 13.85 -13.04 5.87
CA LYS A 22 12.90 -13.88 5.08
C LYS A 22 13.04 -13.62 3.56
N LYS A 23 13.85 -12.67 3.16
CA LYS A 23 14.03 -12.38 1.70
C LYS A 23 15.34 -12.99 1.17
N CYS A 24 16.47 -12.59 1.72
CA CYS A 24 17.77 -13.12 1.21
C CYS A 24 18.33 -14.28 2.07
N SER A 25 17.67 -14.62 3.16
CA SER A 25 18.12 -15.77 4.04
C SER A 25 19.38 -15.48 4.89
N GLU A 26 20.08 -14.39 4.65
CA GLU A 26 21.30 -14.10 5.47
C GLU A 26 20.88 -13.70 6.90
N SER A 27 21.75 -13.89 7.87
CA SER A 27 21.40 -13.55 9.27
C SER A 27 21.34 -12.04 9.47
N ILE A 28 20.49 -11.60 10.37
CA ILE A 28 20.40 -10.15 10.66
C ILE A 28 21.28 -9.87 11.89
N PRO A 29 22.32 -9.07 11.72
CA PRO A 29 23.27 -8.83 12.83
C PRO A 29 22.63 -8.09 14.01
N LYS A 30 23.02 -8.47 15.21
CA LYS A 30 22.47 -7.83 16.44
C LYS A 30 22.66 -6.32 16.42
N ASP A 31 21.70 -5.57 16.93
CA ASP A 31 21.77 -4.05 16.96
C ASP A 31 21.52 -3.43 15.59
N SER A 32 21.48 -4.20 14.53
CA SER A 32 21.23 -3.61 13.18
C SER A 32 19.75 -3.26 13.05
N LEU A 33 19.44 -2.32 12.21
CA LEU A 33 18.01 -1.93 12.02
C LEU A 33 17.29 -2.98 11.17
N ARG A 34 16.27 -3.60 11.72
CA ARG A 34 15.53 -4.64 10.97
C ARG A 34 14.03 -4.34 11.02
N MET A 35 13.29 -4.83 10.07
CA MET A 35 11.82 -4.58 10.06
C MET A 35 11.08 -5.90 9.88
N ALA A 36 9.87 -5.99 10.36
CA ALA A 36 9.12 -7.28 10.22
C ALA A 36 7.64 -7.04 10.01
N ILE A 37 6.99 -7.96 9.33
CA ILE A 37 5.52 -7.85 9.16
C ILE A 37 4.86 -8.76 10.22
N MET A 38 4.17 -8.18 11.17
CA MET A 38 3.53 -8.98 12.25
C MET A 38 2.57 -10.04 11.70
N VAL A 39 2.43 -11.14 12.40
CA VAL A 39 1.53 -12.23 11.96
C VAL A 39 0.95 -12.95 13.19
N GLN A 40 -0.34 -13.14 13.22
CA GLN A 40 -0.96 -13.85 14.39
C GLN A 40 -0.74 -15.36 14.27
N SER A 41 -0.28 -15.99 15.32
CA SER A 41 -0.04 -17.46 15.25
C SER A 41 -1.28 -18.23 15.76
N PRO A 42 -1.67 -19.24 15.02
CA PRO A 42 -2.85 -20.05 15.40
C PRO A 42 -2.45 -21.14 16.41
N MET A 43 -1.19 -21.25 16.73
CA MET A 43 -0.75 -22.30 17.69
C MET A 43 -0.65 -21.72 19.11
N PHE A 44 -0.65 -20.43 19.24
CA PHE A 44 -0.55 -19.81 20.60
C PHE A 44 -0.85 -18.31 20.54
N ASP A 45 -1.38 -17.76 21.59
CA ASP A 45 -1.70 -16.31 21.60
C ASP A 45 -0.40 -15.51 21.48
N GLY A 46 -0.29 -14.67 20.48
CA GLY A 46 0.94 -13.86 20.30
C GLY A 46 1.21 -13.71 18.80
N LYS A 47 1.94 -12.70 18.42
CA LYS A 47 2.21 -12.50 16.96
C LYS A 47 3.67 -12.89 16.63
N VAL A 48 3.86 -13.57 15.52
CA VAL A 48 5.24 -13.97 15.10
C VAL A 48 5.75 -12.96 14.06
N PRO A 49 6.94 -12.45 14.27
CA PRO A 49 7.49 -11.46 13.35
C PRO A 49 8.30 -12.11 12.22
N HIS A 50 8.03 -11.75 11.01
CA HIS A 50 8.86 -12.25 9.88
C HIS A 50 9.89 -11.15 9.65
N TRP A 51 11.11 -11.33 10.14
CA TRP A 51 12.12 -10.25 10.04
C TRP A 51 12.85 -10.19 8.71
N TYR A 52 13.33 -9.02 8.40
CA TYR A 52 14.07 -8.77 7.13
C TYR A 52 15.11 -7.67 7.39
N HIS A 53 16.21 -7.66 6.67
CA HIS A 53 17.17 -6.54 6.83
C HIS A 53 16.42 -5.31 6.36
N PHE A 54 16.77 -4.13 6.82
CA PHE A 54 16.02 -2.90 6.40
C PHE A 54 15.74 -2.85 4.88
N SER A 55 16.75 -3.01 4.07
CA SER A 55 16.56 -2.94 2.58
C SER A 55 15.70 -4.11 2.05
N CYS A 56 15.97 -5.32 2.47
CA CYS A 56 15.19 -6.50 1.97
C CYS A 56 13.68 -6.33 2.20
N PHE A 57 13.31 -5.75 3.31
CA PHE A 57 11.84 -5.58 3.63
C PHE A 57 11.06 -4.92 2.48
N TRP A 58 11.66 -3.97 1.77
CA TRP A 58 10.93 -3.27 0.69
C TRP A 58 11.02 -4.01 -0.64
N LYS A 59 11.96 -4.91 -0.79
CA LYS A 59 12.10 -5.63 -2.09
C LYS A 59 11.15 -6.83 -2.19
N VAL A 60 10.33 -7.06 -1.18
CA VAL A 60 9.39 -8.22 -1.23
C VAL A 60 7.97 -7.75 -1.63
N GLY A 61 7.66 -6.52 -1.39
CA GLY A 61 6.29 -6.02 -1.75
C GLY A 61 5.68 -5.29 -0.55
N HIS A 62 6.30 -5.39 0.61
CA HIS A 62 5.76 -4.68 1.81
C HIS A 62 5.69 -3.18 1.54
N SER A 63 4.64 -2.52 1.94
CA SER A 63 4.55 -1.06 1.68
C SER A 63 3.98 -0.31 2.89
N ILE A 64 4.47 0.87 3.15
CA ILE A 64 3.96 1.66 4.30
C ILE A 64 3.92 3.16 3.93
N ARG A 65 2.77 3.76 3.97
CA ARG A 65 2.69 5.22 3.61
C ARG A 65 3.00 6.08 4.85
N HIS A 66 2.51 5.69 6.00
CA HIS A 66 2.80 6.47 7.24
C HIS A 66 3.44 5.56 8.31
N PRO A 67 4.75 5.57 8.35
CA PRO A 67 5.49 4.71 9.32
C PRO A 67 5.14 5.04 10.79
N ASP A 68 5.14 6.32 11.17
CA ASP A 68 4.80 6.69 12.58
C ASP A 68 3.53 5.99 13.12
N VAL A 69 2.53 5.78 12.30
CA VAL A 69 1.26 5.15 12.80
C VAL A 69 1.13 3.65 12.41
N GLU A 70 1.79 3.22 11.36
CA GLU A 70 1.64 1.79 10.92
C GLU A 70 2.77 0.88 11.43
N VAL A 71 3.87 1.43 11.88
CA VAL A 71 4.99 0.55 12.34
C VAL A 71 5.29 0.73 13.83
N ASP A 72 5.08 -0.31 14.60
CA ASP A 72 5.34 -0.24 16.06
C ASP A 72 6.86 -0.09 16.33
N GLY A 73 7.24 0.70 17.30
CA GLY A 73 8.70 0.86 17.60
C GLY A 73 9.31 2.01 16.77
N PHE A 74 8.57 2.55 15.84
CA PHE A 74 9.14 3.65 14.99
C PHE A 74 9.60 4.84 15.84
N SER A 75 8.76 5.31 16.72
CA SER A 75 9.11 6.48 17.57
C SER A 75 10.34 6.23 18.47
N GLU A 76 10.69 4.97 18.76
CA GLU A 76 11.87 4.72 19.62
C GLU A 76 13.17 4.58 18.80
N LEU A 77 13.10 4.66 17.48
CA LEU A 77 14.34 4.55 16.66
C LEU A 77 15.14 5.85 16.78
N ARG A 78 16.42 5.80 16.50
CA ARG A 78 17.23 7.06 16.54
C ARG A 78 16.69 8.00 15.46
N TRP A 79 16.85 9.28 15.63
CA TRP A 79 16.31 10.27 14.64
C TRP A 79 16.67 9.91 13.19
N ASP A 80 17.93 9.75 12.88
CA ASP A 80 18.33 9.42 11.47
C ASP A 80 17.60 8.17 10.96
N ASP A 81 17.47 7.16 11.78
CA ASP A 81 16.75 5.92 11.31
C ASP A 81 15.27 6.23 11.10
N GLN A 82 14.72 7.16 11.87
CA GLN A 82 13.30 7.53 11.70
C GLN A 82 13.13 8.24 10.36
N GLN A 83 14.12 9.02 9.96
CA GLN A 83 14.05 9.73 8.67
C GLN A 83 14.28 8.73 7.53
N LYS A 84 15.22 7.84 7.72
CA LYS A 84 15.50 6.81 6.66
C LYS A 84 14.23 5.99 6.38
N VAL A 85 13.58 5.54 7.42
CA VAL A 85 12.33 4.74 7.23
C VAL A 85 11.25 5.64 6.60
N LYS A 86 11.17 6.88 7.05
CA LYS A 86 10.14 7.80 6.51
C LYS A 86 10.37 8.05 5.01
N LYS A 87 11.61 8.28 4.63
CA LYS A 87 11.90 8.56 3.20
C LYS A 87 11.77 7.27 2.38
N THR A 88 12.30 6.18 2.88
CA THR A 88 12.19 4.89 2.12
C THR A 88 10.72 4.53 1.93
N ALA A 89 9.90 4.82 2.90
CA ALA A 89 8.44 4.52 2.78
C ALA A 89 7.86 5.36 1.65
N GLU A 90 8.18 6.62 1.61
CA GLU A 90 7.65 7.50 0.53
C GLU A 90 8.13 7.02 -0.84
N ALA A 91 9.41 6.80 -1.00
CA ALA A 91 9.94 6.32 -2.31
C ALA A 91 9.25 5.02 -2.72
N GLY A 92 8.74 4.96 -3.91
CA GLY A 92 8.05 3.72 -4.37
C GLY A 92 9.09 2.70 -4.85
N GLY A 93 9.85 3.04 -5.86
CA GLY A 93 10.88 2.11 -6.37
C GLY A 93 10.26 1.16 -7.41
N VAL A 94 9.27 1.62 -8.12
CA VAL A 94 8.61 0.76 -9.14
C VAL A 94 8.68 1.42 -10.52
N THR A 95 9.86 1.76 -10.97
CA THR A 95 10.00 2.40 -12.30
C THR A 95 10.95 1.61 -13.19
N GLY A 96 12.04 1.13 -12.62
CA GLY A 96 13.02 0.36 -13.42
C GLY A 96 14.30 0.16 -12.61
N LYS A 97 15.44 0.35 -13.24
CA LYS A 97 16.73 0.18 -12.51
C LYS A 97 17.26 1.54 -12.04
N GLY A 98 17.35 2.48 -12.94
CA GLY A 98 17.86 3.83 -12.56
C GLY A 98 16.69 4.79 -12.37
N GLN A 99 16.66 5.87 -13.09
CA GLN A 99 15.54 6.85 -12.95
C GLN A 99 15.37 7.65 -14.24
N ASP A 100 15.56 7.02 -15.37
CA ASP A 100 15.42 7.75 -16.67
C ASP A 100 14.35 7.08 -17.53
N GLY A 101 13.19 7.70 -17.65
CA GLY A 101 12.10 7.10 -18.46
C GLY A 101 10.76 7.65 -17.99
N ILE A 102 9.87 6.78 -17.58
CA ILE A 102 8.53 7.25 -17.10
C ILE A 102 8.03 6.35 -15.96
N GLY A 103 7.43 6.94 -14.96
CA GLY A 103 6.92 6.11 -13.82
C GLY A 103 6.20 7.02 -12.83
N SER A 104 6.76 8.17 -12.55
CA SER A 104 6.10 9.10 -11.58
C SER A 104 5.13 10.04 -12.31
N LYS A 105 4.24 9.48 -13.10
CA LYS A 105 3.27 10.33 -13.85
C LYS A 105 2.30 11.00 -12.87
N ALA A 106 1.44 11.86 -13.36
CA ALA A 106 0.47 12.56 -12.47
C ALA A 106 1.19 13.21 -11.29
N GLU A 107 0.48 13.52 -10.24
CA GLU A 107 1.13 14.16 -9.05
C GLU A 107 1.29 13.15 -7.92
N LYS A 108 0.21 12.79 -7.28
CA LYS A 108 0.29 11.80 -6.16
C LYS A 108 -0.37 10.49 -6.57
N THR A 109 0.04 9.40 -5.97
CA THR A 109 -0.57 8.08 -6.32
C THR A 109 -0.96 7.32 -5.06
N LEU A 110 -2.19 6.89 -4.96
CA LEU A 110 -2.63 6.14 -3.75
C LEU A 110 -1.91 4.80 -3.67
N GLY A 111 -1.62 4.32 -2.49
CA GLY A 111 -0.91 3.02 -2.35
C GLY A 111 -1.91 1.90 -2.02
N ASP A 112 -3.15 2.24 -1.77
CA ASP A 112 -4.15 1.18 -1.43
C ASP A 112 -5.26 1.10 -2.49
N PHE A 113 -5.13 1.83 -3.58
CA PHE A 113 -6.18 1.78 -4.65
C PHE A 113 -5.51 1.53 -6.00
N ALA A 114 -6.02 0.61 -6.79
CA ALA A 114 -5.37 0.35 -8.10
C ALA A 114 -6.38 0.10 -9.23
N ALA A 115 -5.92 0.29 -10.43
CA ALA A 115 -6.78 0.08 -11.64
C ALA A 115 -5.96 -0.67 -12.70
N GLU A 116 -6.49 -1.70 -13.27
CA GLU A 116 -5.73 -2.46 -14.30
C GLU A 116 -6.67 -3.34 -15.11
N TYR A 117 -6.22 -3.83 -16.24
CA TYR A 117 -7.07 -4.73 -17.03
C TYR A 117 -7.01 -6.12 -16.39
N ALA A 118 -8.12 -6.80 -16.25
CA ALA A 118 -8.11 -8.15 -15.60
C ALA A 118 -7.04 -9.07 -16.22
N LYS A 119 -6.03 -9.41 -15.43
CA LYS A 119 -4.98 -10.33 -15.94
C LYS A 119 -5.56 -11.71 -16.26
N SER A 120 -6.71 -12.01 -15.72
CA SER A 120 -7.35 -13.33 -15.99
C SER A 120 -8.87 -13.22 -15.85
N ASN A 121 -9.57 -14.33 -15.83
CA ASN A 121 -11.06 -14.27 -15.70
C ASN A 121 -11.56 -15.01 -14.45
N ARG A 122 -10.67 -15.33 -13.53
CA ARG A 122 -11.11 -16.04 -12.30
C ARG A 122 -11.27 -15.06 -11.12
N SER A 123 -11.05 -13.78 -11.33
CA SER A 123 -11.24 -12.81 -10.22
C SER A 123 -12.74 -12.57 -10.05
N THR A 124 -13.15 -11.88 -9.02
CA THR A 124 -14.61 -11.65 -8.83
C THR A 124 -14.88 -10.28 -8.22
N CYS A 125 -15.77 -9.52 -8.82
CA CYS A 125 -16.11 -8.20 -8.24
C CYS A 125 -16.71 -8.40 -6.84
N LYS A 126 -16.11 -7.82 -5.84
CA LYS A 126 -16.63 -7.97 -4.44
C LYS A 126 -17.83 -7.05 -4.14
N GLY A 127 -18.51 -6.56 -5.16
CA GLY A 127 -19.67 -5.66 -4.94
C GLY A 127 -20.92 -6.40 -5.42
N CYS A 128 -20.82 -7.06 -6.55
CA CYS A 128 -21.99 -7.84 -7.06
C CYS A 128 -21.64 -9.36 -7.12
N MET A 129 -20.43 -9.73 -6.69
CA MET A 129 -20.01 -11.17 -6.71
C MET A 129 -20.03 -11.79 -8.12
N GLU A 130 -20.13 -10.99 -9.15
CA GLU A 130 -20.12 -11.56 -10.53
C GLU A 130 -18.67 -11.63 -11.01
N LYS A 131 -18.32 -12.63 -11.77
CA LYS A 131 -16.91 -12.78 -12.22
C LYS A 131 -16.50 -11.65 -13.17
N ILE A 132 -15.25 -11.21 -13.08
CA ILE A 132 -14.75 -10.18 -14.00
C ILE A 132 -14.08 -10.89 -15.19
N GLU A 133 -14.39 -10.51 -16.40
CA GLU A 133 -13.78 -11.20 -17.57
C GLU A 133 -12.35 -10.69 -17.82
N LYS A 134 -11.46 -11.58 -18.22
CA LYS A 134 -10.06 -11.16 -18.55
C LYS A 134 -10.05 -10.00 -19.56
N GLY A 135 -9.24 -8.99 -19.33
CA GLY A 135 -9.18 -7.84 -20.27
C GLY A 135 -10.07 -6.70 -19.76
N GLN A 136 -11.14 -7.03 -19.06
CA GLN A 136 -12.06 -5.97 -18.55
C GLN A 136 -11.36 -5.09 -17.51
N VAL A 137 -11.61 -3.81 -17.56
CA VAL A 137 -11.01 -2.89 -16.57
C VAL A 137 -11.59 -3.16 -15.18
N ARG A 138 -10.75 -3.24 -14.19
CA ARG A 138 -11.26 -3.49 -12.82
C ARG A 138 -10.53 -2.58 -11.82
N LEU A 139 -11.18 -2.27 -10.73
CA LEU A 139 -10.55 -1.39 -9.70
C LEU A 139 -10.42 -2.17 -8.40
N SER A 140 -9.58 -1.73 -7.48
CA SER A 140 -9.45 -2.50 -6.24
C SER A 140 -9.02 -1.66 -5.04
N LYS A 141 -9.52 -2.03 -3.88
CA LYS A 141 -9.14 -1.34 -2.62
C LYS A 141 -8.25 -2.29 -1.82
N LYS A 142 -6.96 -2.08 -1.85
CA LYS A 142 -6.03 -2.98 -1.12
C LYS A 142 -6.40 -3.10 0.36
N MET A 143 -6.33 -4.29 0.89
CA MET A 143 -6.65 -4.51 2.32
C MET A 143 -5.87 -5.71 2.85
N VAL A 144 -5.60 -5.76 4.12
CA VAL A 144 -4.83 -6.91 4.67
C VAL A 144 -5.76 -7.87 5.42
N ASP A 145 -5.51 -9.15 5.30
CA ASP A 145 -6.38 -10.13 6.00
C ASP A 145 -5.64 -10.64 7.26
N PRO A 146 -6.31 -10.56 8.38
CA PRO A 146 -5.69 -11.01 9.65
C PRO A 146 -5.49 -12.53 9.63
N GLU A 147 -6.20 -13.21 8.77
CA GLU A 147 -6.04 -14.70 8.69
C GLU A 147 -4.84 -15.04 7.80
N LYS A 148 -4.51 -14.18 6.88
CA LYS A 148 -3.34 -14.44 5.99
C LYS A 148 -2.41 -13.23 6.00
N PRO A 149 -1.73 -13.06 7.11
CA PRO A 149 -0.81 -11.90 7.28
C PRO A 149 0.43 -12.03 6.38
N GLN A 150 0.81 -13.23 6.02
CA GLN A 150 2.02 -13.39 5.14
C GLN A 150 1.78 -12.75 3.77
N LEU A 151 0.54 -12.58 3.38
CA LEU A 151 0.24 -11.96 2.06
C LEU A 151 0.39 -10.45 2.14
N GLY A 152 -0.18 -9.84 3.15
CA GLY A 152 -0.07 -8.36 3.28
C GLY A 152 -1.20 -7.67 2.50
N MET A 153 -0.91 -6.52 1.95
CA MET A 153 -1.94 -5.78 1.16
C MET A 153 -2.47 -6.62 -0.01
N ILE A 154 -3.68 -7.09 0.08
CA ILE A 154 -4.24 -7.90 -1.05
C ILE A 154 -5.31 -7.08 -1.78
N ASP A 155 -5.37 -7.19 -3.09
CA ASP A 155 -6.37 -6.40 -3.85
C ASP A 155 -7.80 -6.97 -3.73
N ARG A 156 -8.74 -6.12 -3.43
CA ARG A 156 -10.17 -6.52 -3.40
C ARG A 156 -10.73 -5.93 -4.70
N TRP A 157 -10.97 -6.75 -5.69
CA TRP A 157 -11.41 -6.19 -7.02
C TRP A 157 -12.90 -5.88 -7.13
N TYR A 158 -13.20 -5.02 -8.07
CA TYR A 158 -14.60 -4.60 -8.32
C TYR A 158 -14.72 -4.07 -9.74
N HIS A 159 -15.91 -4.04 -10.28
CA HIS A 159 -16.09 -3.41 -11.60
C HIS A 159 -16.02 -1.91 -11.33
N PRO A 160 -15.57 -1.12 -12.26
CA PRO A 160 -15.48 0.35 -11.99
C PRO A 160 -16.83 0.90 -11.51
N GLY A 161 -17.92 0.51 -12.14
CA GLY A 161 -19.25 1.00 -11.69
C GLY A 161 -19.52 0.51 -10.26
N CYS A 162 -19.37 -0.76 -10.02
CA CYS A 162 -19.60 -1.30 -8.64
C CYS A 162 -18.69 -0.58 -7.62
N PHE A 163 -17.46 -0.33 -7.99
CA PHE A 163 -16.51 0.37 -7.07
C PHE A 163 -17.03 1.77 -6.74
N VAL A 164 -17.49 2.49 -7.74
CA VAL A 164 -17.99 3.86 -7.50
C VAL A 164 -19.20 3.82 -6.58
N LYS A 165 -20.07 2.85 -6.73
CA LYS A 165 -21.28 2.78 -5.85
C LYS A 165 -20.88 2.68 -4.37
N ASN A 166 -19.80 2.01 -4.09
CA ASN A 166 -19.33 1.87 -2.66
C ASN A 166 -18.09 2.74 -2.38
N ARG A 167 -17.94 3.84 -3.08
CA ARG A 167 -16.73 4.70 -2.86
C ARG A 167 -16.58 5.11 -1.39
N GLU A 168 -17.66 5.37 -0.73
CA GLU A 168 -17.58 5.79 0.71
C GLU A 168 -17.05 4.67 1.60
N GLU A 169 -17.70 3.53 1.59
CA GLU A 169 -17.26 2.41 2.46
C GLU A 169 -15.86 1.92 2.05
N LEU A 170 -15.50 2.07 0.80
CA LEU A 170 -14.15 1.62 0.37
C LEU A 170 -13.06 2.65 0.74
N GLY A 171 -13.44 3.74 1.37
CA GLY A 171 -12.42 4.76 1.78
C GLY A 171 -11.92 5.57 0.59
N PHE A 172 -12.67 5.65 -0.47
CA PHE A 172 -12.22 6.46 -1.65
C PHE A 172 -12.79 7.88 -1.51
N ARG A 173 -12.15 8.68 -0.70
CA ARG A 173 -12.63 10.09 -0.45
C ARG A 173 -12.99 10.82 -1.76
N PRO A 174 -13.81 11.85 -1.63
CA PRO A 174 -14.26 12.62 -2.82
C PRO A 174 -13.15 13.52 -3.38
N GLU A 175 -12.09 13.74 -2.64
CA GLU A 175 -10.98 14.59 -3.17
C GLU A 175 -10.09 13.76 -4.11
N TYR A 176 -10.19 12.46 -4.05
CA TYR A 176 -9.36 11.59 -4.92
C TYR A 176 -9.92 11.55 -6.34
N SER A 177 -9.06 11.47 -7.31
CA SER A 177 -9.50 11.41 -8.74
C SER A 177 -8.98 10.12 -9.37
N ALA A 178 -9.51 9.75 -10.50
CA ALA A 178 -9.07 8.48 -11.17
C ALA A 178 -7.55 8.48 -11.43
N SER A 179 -6.98 9.63 -11.68
CA SER A 179 -5.51 9.70 -11.97
C SER A 179 -4.65 9.25 -10.77
N GLN A 180 -5.22 9.12 -9.61
CA GLN A 180 -4.41 8.71 -8.42
C GLN A 180 -4.39 7.17 -8.23
N LEU A 181 -5.16 6.44 -9.00
CA LEU A 181 -5.18 4.96 -8.83
C LEU A 181 -3.85 4.34 -9.27
N LYS A 182 -3.32 3.43 -8.49
CA LYS A 182 -2.04 2.77 -8.86
C LYS A 182 -2.23 1.96 -10.14
N GLY A 183 -1.51 2.29 -11.19
CA GLY A 183 -1.65 1.55 -12.48
C GLY A 183 -2.41 2.39 -13.52
N PHE A 184 -2.98 3.50 -13.11
CA PHE A 184 -3.76 4.36 -14.06
C PHE A 184 -2.98 4.66 -15.34
N SER A 185 -1.78 5.15 -15.18
CA SER A 185 -0.94 5.53 -16.37
C SER A 185 -0.83 4.42 -17.44
N LEU A 186 -0.99 3.16 -17.06
CA LEU A 186 -0.86 2.06 -18.09
C LEU A 186 -2.16 1.76 -18.85
N LEU A 187 -3.18 2.55 -18.64
CA LEU A 187 -4.47 2.30 -19.34
C LEU A 187 -4.55 3.12 -20.64
N ALA A 188 -5.22 2.57 -21.63
CA ALA A 188 -5.37 3.32 -22.91
C ALA A 188 -6.10 4.63 -22.66
N THR A 189 -5.84 5.65 -23.44
CA THR A 189 -6.52 6.98 -23.23
C THR A 189 -8.03 6.83 -23.04
N GLU A 190 -8.67 6.05 -23.88
CA GLU A 190 -10.15 5.85 -23.75
C GLU A 190 -10.52 5.35 -22.35
N ASP A 191 -9.84 4.34 -21.89
CA ASP A 191 -10.12 3.79 -20.53
C ASP A 191 -9.86 4.84 -19.44
N LYS A 192 -8.80 5.62 -19.60
CA LYS A 192 -8.48 6.66 -18.58
C LYS A 192 -9.58 7.73 -18.53
N GLU A 193 -10.10 8.11 -19.66
CA GLU A 193 -11.18 9.15 -19.68
C GLU A 193 -12.44 8.62 -18.98
N ALA A 194 -12.82 7.40 -19.26
CA ALA A 194 -14.04 6.82 -18.61
C ALA A 194 -13.90 6.88 -17.08
N LEU A 195 -12.73 6.59 -16.57
CA LEU A 195 -12.53 6.61 -15.10
C LEU A 195 -12.59 8.05 -14.58
N LYS A 196 -11.78 8.94 -15.15
CA LYS A 196 -11.81 10.37 -14.70
C LYS A 196 -13.25 10.90 -14.71
N LYS A 197 -14.07 10.37 -15.59
CA LYS A 197 -15.49 10.80 -15.69
C LYS A 197 -16.27 10.41 -14.43
N GLN A 198 -16.09 9.19 -13.96
CA GLN A 198 -16.86 8.75 -12.74
C GLN A 198 -16.14 9.17 -11.45
N LEU A 199 -14.84 9.30 -11.48
CA LEU A 199 -14.10 9.73 -10.27
C LEU A 199 -13.34 11.02 -10.62
N PRO A 200 -14.07 12.12 -10.63
CA PRO A 200 -13.47 13.44 -11.02
C PRO A 200 -12.56 13.98 -9.91
N GLY A 201 -12.96 13.85 -8.68
CA GLY A 201 -12.11 14.37 -7.56
C GLY A 201 -12.28 15.89 -7.47
N VAL A 202 -11.77 16.47 -6.41
CA VAL A 202 -11.89 17.96 -6.24
C VAL A 202 -13.35 18.40 -6.36
N LYS A 203 -14.26 17.53 -5.99
CA LYS A 203 -15.71 17.88 -6.07
C LYS A 203 -16.54 16.90 -5.25
N SER A 204 -17.07 17.32 -4.14
CA SER A 204 -17.89 16.40 -3.30
C SER A 204 -19.20 16.07 -4.00
N GLU A 205 -19.37 14.84 -4.41
CA GLU A 205 -20.62 14.44 -5.11
C GLU A 205 -21.60 13.79 -4.12
N GLY A 206 -22.10 14.55 -3.18
CA GLY A 206 -23.06 13.98 -2.20
C GLY A 206 -24.42 14.64 -2.36
N LYS A 207 -24.58 15.83 -1.83
CA LYS A 207 -25.89 16.54 -1.96
C LYS A 207 -26.13 16.92 -3.41
N ARG A 208 -27.26 17.54 -3.69
CA ARG A 208 -27.57 17.95 -5.08
C ARG A 208 -26.83 19.24 -5.43
N LYS A 209 -26.17 19.28 -6.57
CA LYS A 209 -25.43 20.51 -6.97
C LYS A 209 -26.42 21.60 -7.40
N GLY A 210 -26.85 21.58 -8.64
CA GLY A 210 -27.81 22.62 -9.12
C GLY A 210 -27.27 24.02 -8.81
N ASP A 211 -25.97 24.14 -8.70
CA ASP A 211 -25.37 25.48 -8.41
C ASP A 211 -26.02 26.10 -7.16
N GLU A 212 -26.20 25.32 -6.13
CA GLU A 212 -26.83 25.87 -4.88
C GLU A 212 -25.77 26.20 -3.85
N VAL A 213 -24.73 26.89 -4.24
CA VAL A 213 -23.65 27.25 -3.28
C VAL A 213 -24.10 28.44 -2.42
N ASP A 214 -24.98 28.22 -1.48
CA ASP A 214 -25.45 29.34 -0.62
C ASP A 214 -26.24 28.79 0.57
ZN ZN C . 18.11 -9.68 3.85
ZN ZN D . -19.54 -5.82 -10.05
N MET A 1 -5.46 -2.57 30.76
CA MET A 1 -5.38 -1.08 30.81
C MET A 1 -4.11 -0.59 30.12
N ALA A 2 -3.03 -1.33 30.25
CA ALA A 2 -1.76 -0.91 29.59
C ALA A 2 -1.23 -2.02 28.68
N GLU A 3 -0.02 -1.91 28.23
CA GLU A 3 0.56 -2.96 27.34
C GLU A 3 -0.37 -3.22 26.14
N SER A 4 -0.12 -2.57 25.04
CA SER A 4 -0.98 -2.79 23.84
C SER A 4 -0.12 -3.06 22.61
N SER A 5 -0.71 -3.65 21.59
CA SER A 5 0.07 -3.95 20.34
C SER A 5 -0.88 -4.33 19.21
N ASP A 6 -1.15 -3.42 18.32
CA ASP A 6 -2.06 -3.73 17.19
C ASP A 6 -1.47 -3.25 15.85
N LYS A 7 -0.39 -2.50 15.90
CA LYS A 7 0.24 -2.02 14.63
C LYS A 7 0.60 -3.22 13.75
N LEU A 8 0.64 -3.02 12.45
CA LEU A 8 0.98 -4.15 11.55
C LEU A 8 2.50 -4.28 11.35
N TYR A 9 3.25 -3.26 11.64
CA TYR A 9 4.73 -3.35 11.43
C TYR A 9 5.52 -2.97 12.68
N ARG A 10 6.76 -3.40 12.76
CA ARG A 10 7.60 -3.07 13.93
C ARG A 10 9.03 -2.73 13.45
N VAL A 11 9.64 -1.77 14.07
CA VAL A 11 11.02 -1.39 13.69
C VAL A 11 11.85 -1.28 14.97
N GLU A 12 13.06 -1.77 14.96
CA GLU A 12 13.89 -1.70 16.19
C GLU A 12 15.31 -2.17 15.91
N TYR A 13 16.19 -1.94 16.84
CA TYR A 13 17.59 -2.40 16.67
C TYR A 13 17.61 -3.89 17.06
N ALA A 14 18.11 -4.72 16.19
CA ALA A 14 18.12 -6.20 16.44
C ALA A 14 18.46 -6.59 17.89
N LYS A 15 17.54 -7.23 18.56
CA LYS A 15 17.80 -7.68 19.97
C LYS A 15 18.83 -8.81 19.96
N SER A 16 19.00 -9.45 18.84
CA SER A 16 20.00 -10.54 18.70
C SER A 16 20.47 -10.62 17.25
N GLY A 17 21.40 -11.49 16.95
CA GLY A 17 21.91 -11.60 15.55
C GLY A 17 21.49 -12.95 14.97
N ARG A 18 20.49 -13.58 15.56
CA ARG A 18 20.04 -14.92 15.08
C ARG A 18 18.87 -14.82 14.09
N ALA A 19 18.19 -13.72 14.05
CA ALA A 19 17.03 -13.60 13.07
C ALA A 19 17.52 -13.63 11.62
N SER A 20 16.78 -14.28 10.77
CA SER A 20 17.18 -14.38 9.34
C SER A 20 16.22 -13.55 8.50
N CYS A 21 16.76 -12.79 7.60
CA CYS A 21 15.89 -11.93 6.72
C CYS A 21 14.97 -12.79 5.87
N LYS A 22 13.69 -12.51 5.89
CA LYS A 22 12.71 -13.31 5.09
C LYS A 22 12.84 -13.03 3.58
N LYS A 23 13.66 -12.09 3.19
CA LYS A 23 13.84 -11.78 1.73
C LYS A 23 15.14 -12.40 1.17
N CYS A 24 16.28 -12.02 1.72
CA CYS A 24 17.58 -12.58 1.20
C CYS A 24 18.11 -13.76 2.04
N SER A 25 17.46 -14.10 3.14
CA SER A 25 17.90 -15.28 4.00
C SER A 25 19.17 -15.01 4.84
N GLU A 26 19.88 -13.93 4.62
CA GLU A 26 21.11 -13.68 5.44
C GLU A 26 20.71 -13.28 6.86
N SER A 27 21.57 -13.51 7.82
CA SER A 27 21.24 -13.18 9.23
C SER A 27 21.20 -11.67 9.46
N ILE A 28 20.38 -11.24 10.36
CA ILE A 28 20.31 -9.79 10.69
C ILE A 28 21.20 -9.55 11.91
N PRO A 29 22.25 -8.76 11.74
CA PRO A 29 23.22 -8.55 12.86
C PRO A 29 22.59 -7.81 14.05
N LYS A 30 22.98 -8.21 15.24
CA LYS A 30 22.45 -7.59 16.49
C LYS A 30 22.66 -6.07 16.48
N ASP A 31 21.71 -5.33 17.01
CA ASP A 31 21.81 -3.82 17.07
C ASP A 31 21.56 -3.16 15.70
N SER A 32 21.50 -3.92 14.63
CA SER A 32 21.26 -3.30 13.29
C SER A 32 19.79 -2.92 13.17
N LEU A 33 19.47 -1.97 12.34
CA LEU A 33 18.06 -1.55 12.19
C LEU A 33 17.31 -2.58 11.32
N ARG A 34 16.29 -3.19 11.86
CA ARG A 34 15.52 -4.20 11.09
C ARG A 34 14.03 -3.88 11.17
N MET A 35 13.27 -4.35 10.22
CA MET A 35 11.81 -4.08 10.22
C MET A 35 11.05 -5.39 10.01
N ALA A 36 9.84 -5.46 10.51
CA ALA A 36 9.08 -6.73 10.35
C ALA A 36 7.59 -6.47 10.16
N ILE A 37 6.93 -7.36 9.48
CA ILE A 37 5.45 -7.26 9.31
C ILE A 37 4.81 -8.17 10.36
N MET A 38 4.11 -7.60 11.30
CA MET A 38 3.50 -8.43 12.39
C MET A 38 2.42 -9.37 11.87
N VAL A 39 2.33 -10.54 12.45
CA VAL A 39 1.29 -11.53 12.01
C VAL A 39 0.75 -12.26 13.24
N GLN A 40 -0.54 -12.50 13.28
CA GLN A 40 -1.12 -13.21 14.45
C GLN A 40 -0.91 -14.73 14.30
N SER A 41 -0.48 -15.38 15.34
CA SER A 41 -0.25 -16.86 15.27
C SER A 41 -1.49 -17.61 15.76
N PRO A 42 -1.92 -18.59 14.99
CA PRO A 42 -3.10 -19.39 15.38
C PRO A 42 -2.72 -20.50 16.36
N MET A 43 -1.46 -20.64 16.68
CA MET A 43 -1.04 -21.71 17.62
C MET A 43 -0.92 -21.16 19.05
N PHE A 44 -0.89 -19.87 19.21
CA PHE A 44 -0.78 -19.28 20.58
C PHE A 44 -1.05 -17.77 20.53
N ASP A 45 -1.58 -17.23 21.60
CA ASP A 45 -1.86 -15.76 21.63
C ASP A 45 -0.55 -14.98 21.52
N GLY A 46 -0.44 -14.13 20.53
CA GLY A 46 0.81 -13.34 20.35
C GLY A 46 1.09 -13.18 18.87
N LYS A 47 1.82 -12.16 18.49
CA LYS A 47 2.10 -11.96 17.03
C LYS A 47 3.54 -12.36 16.69
N VAL A 48 3.72 -13.01 15.57
CA VAL A 48 5.10 -13.42 15.16
C VAL A 48 5.63 -12.41 14.13
N PRO A 49 6.82 -11.93 14.34
CA PRO A 49 7.39 -10.94 13.43
C PRO A 49 8.19 -11.58 12.30
N HIS A 50 7.91 -11.19 11.08
CA HIS A 50 8.72 -11.69 9.94
C HIS A 50 9.78 -10.60 9.72
N TRP A 51 10.99 -10.82 10.20
CA TRP A 51 12.01 -9.74 10.12
C TRP A 51 12.75 -9.69 8.77
N TYR A 52 13.23 -8.52 8.49
CA TYR A 52 13.98 -8.25 7.22
C TYR A 52 15.03 -7.18 7.48
N HIS A 53 16.13 -7.18 6.76
CA HIS A 53 17.11 -6.08 6.92
C HIS A 53 16.38 -4.82 6.48
N PHE A 54 16.75 -3.66 6.96
CA PHE A 54 16.01 -2.40 6.56
C PHE A 54 15.73 -2.33 5.04
N SER A 55 16.73 -2.49 4.22
CA SER A 55 16.53 -2.40 2.74
C SER A 55 15.65 -3.54 2.19
N CYS A 56 15.90 -4.77 2.59
CA CYS A 56 15.11 -5.92 2.08
C CYS A 56 13.60 -5.74 2.32
N PHE A 57 13.24 -5.17 3.45
CA PHE A 57 11.78 -4.98 3.78
C PHE A 57 11.01 -4.29 2.64
N TRP A 58 11.62 -3.34 1.94
CA TRP A 58 10.89 -2.61 0.88
C TRP A 58 10.95 -3.34 -0.47
N LYS A 59 11.88 -4.24 -0.63
CA LYS A 59 12.00 -4.94 -1.95
C LYS A 59 11.03 -6.13 -2.06
N VAL A 60 10.22 -6.37 -1.05
CA VAL A 60 9.25 -7.51 -1.12
C VAL A 60 7.84 -7.02 -1.48
N GLY A 61 7.55 -5.77 -1.26
CA GLY A 61 6.19 -5.25 -1.58
C GLY A 61 5.59 -4.55 -0.35
N HIS A 62 6.25 -4.61 0.78
CA HIS A 62 5.72 -3.94 1.99
C HIS A 62 5.67 -2.44 1.76
N SER A 63 4.61 -1.78 2.18
CA SER A 63 4.52 -0.31 1.93
C SER A 63 4.01 0.42 3.18
N ILE A 64 4.49 1.61 3.42
CA ILE A 64 4.04 2.40 4.59
C ILE A 64 4.01 3.89 4.24
N ARG A 65 2.87 4.51 4.33
CA ARG A 65 2.78 5.96 3.99
C ARG A 65 3.13 6.80 5.22
N HIS A 66 2.65 6.40 6.36
CA HIS A 66 2.95 7.16 7.62
C HIS A 66 3.58 6.22 8.67
N PRO A 67 4.90 6.21 8.70
CA PRO A 67 5.62 5.33 9.66
C PRO A 67 5.29 5.64 11.14
N ASP A 68 5.31 6.91 11.53
CA ASP A 68 4.98 7.26 12.95
C ASP A 68 3.71 6.58 13.49
N VAL A 69 2.70 6.41 12.67
CA VAL A 69 1.42 5.77 13.17
C VAL A 69 1.27 4.29 12.76
N GLU A 70 1.92 3.86 11.69
CA GLU A 70 1.74 2.44 11.23
C GLU A 70 2.87 1.51 11.73
N VAL A 71 3.97 2.04 12.17
CA VAL A 71 5.08 1.14 12.62
C VAL A 71 5.39 1.29 14.11
N ASP A 72 5.16 0.23 14.87
CA ASP A 72 5.44 0.28 16.33
C ASP A 72 6.95 0.40 16.58
N GLY A 73 7.36 1.16 17.56
CA GLY A 73 8.82 1.30 17.86
C GLY A 73 9.45 2.45 17.04
N PHE A 74 8.72 3.02 16.13
CA PHE A 74 9.29 4.13 15.28
C PHE A 74 9.77 5.29 16.15
N SER A 75 8.94 5.76 17.04
CA SER A 75 9.33 6.92 17.91
C SER A 75 10.56 6.62 18.81
N GLU A 76 10.88 5.37 19.06
CA GLU A 76 12.07 5.07 19.91
C GLU A 76 13.36 4.94 19.08
N LEU A 77 13.28 5.03 17.77
CA LEU A 77 14.52 4.91 16.95
C LEU A 77 15.34 6.19 17.07
N ARG A 78 16.62 6.14 16.78
CA ARG A 78 17.44 7.37 16.84
C ARG A 78 16.92 8.34 15.77
N TRP A 79 17.10 9.62 15.96
CA TRP A 79 16.56 10.63 14.98
C TRP A 79 16.91 10.28 13.53
N ASP A 80 18.17 10.11 13.22
CA ASP A 80 18.56 9.80 11.81
C ASP A 80 17.80 8.57 11.27
N ASP A 81 17.65 7.54 12.07
CA ASP A 81 16.91 6.32 11.59
C ASP A 81 15.43 6.67 11.40
N GLN A 82 14.92 7.58 12.18
CA GLN A 82 13.48 7.98 12.03
C GLN A 82 13.32 8.71 10.69
N GLN A 83 14.33 9.49 10.31
CA GLN A 83 14.26 10.21 9.03
C GLN A 83 14.47 9.23 7.88
N LYS A 84 15.40 8.33 8.03
CA LYS A 84 15.65 7.31 6.97
C LYS A 84 14.38 6.51 6.68
N VAL A 85 13.72 6.05 7.72
CA VAL A 85 12.46 5.28 7.51
C VAL A 85 11.39 6.20 6.92
N LYS A 86 11.32 7.43 7.39
CA LYS A 86 10.30 8.39 6.86
C LYS A 86 10.54 8.66 5.37
N LYS A 87 11.77 8.87 4.98
CA LYS A 87 12.06 9.16 3.55
C LYS A 87 11.90 7.89 2.71
N THR A 88 12.42 6.78 3.19
CA THR A 88 12.29 5.50 2.42
C THR A 88 10.81 5.17 2.22
N ALA A 89 10.00 5.46 3.22
CA ALA A 89 8.54 5.18 3.10
C ALA A 89 7.96 6.05 1.98
N GLU A 90 8.31 7.31 1.96
CA GLU A 90 7.78 8.22 0.90
C GLU A 90 8.25 7.74 -0.49
N ALA A 91 9.53 7.51 -0.64
CA ALA A 91 10.05 7.05 -1.96
C ALA A 91 9.34 5.75 -2.39
N GLY A 92 9.36 5.46 -3.66
CA GLY A 92 8.69 4.22 -4.15
C GLY A 92 9.65 3.46 -5.07
N GLY A 93 10.31 4.15 -5.96
CA GLY A 93 11.25 3.46 -6.90
C GLY A 93 11.24 4.18 -8.24
N VAL A 94 12.40 4.50 -8.76
CA VAL A 94 12.46 5.20 -10.08
C VAL A 94 13.24 4.36 -11.10
N THR A 95 13.04 4.60 -12.36
CA THR A 95 13.77 3.81 -13.40
C THR A 95 14.84 4.67 -14.07
N GLY A 96 15.81 4.05 -14.69
CA GLY A 96 16.90 4.84 -15.35
C GLY A 96 16.59 4.95 -16.84
N LYS A 97 15.62 5.75 -17.20
CA LYS A 97 15.28 5.90 -18.65
C LYS A 97 14.75 7.31 -18.91
N GLY A 98 14.11 7.51 -20.04
CA GLY A 98 13.56 8.87 -20.35
C GLY A 98 12.95 8.85 -21.76
N GLN A 99 11.89 8.11 -21.94
CA GLN A 99 11.25 8.05 -23.28
C GLN A 99 9.74 8.29 -23.16
N ASP A 100 9.33 9.03 -22.17
CA ASP A 100 7.86 9.30 -21.99
C ASP A 100 7.64 10.79 -21.75
N GLY A 101 6.47 11.15 -21.27
CA GLY A 101 6.17 12.58 -21.02
C GLY A 101 5.58 12.75 -19.61
N ILE A 102 6.21 12.15 -18.63
CA ILE A 102 5.70 12.28 -17.23
C ILE A 102 6.76 11.79 -16.24
N GLY A 103 7.10 12.61 -15.28
CA GLY A 103 8.13 12.19 -14.28
C GLY A 103 8.51 13.39 -13.41
N SER A 104 7.59 13.86 -12.61
CA SER A 104 7.89 15.02 -11.73
C SER A 104 8.45 14.55 -10.39
N LYS A 105 9.05 15.43 -9.64
CA LYS A 105 9.61 15.03 -8.31
C LYS A 105 8.56 15.20 -7.21
N ALA A 106 7.56 14.36 -7.19
CA ALA A 106 6.50 14.49 -6.14
C ALA A 106 5.63 13.22 -6.11
N GLU A 107 5.41 12.67 -4.95
CA GLU A 107 4.59 11.43 -4.84
C GLU A 107 3.12 11.75 -5.13
N LYS A 108 2.47 10.96 -5.94
CA LYS A 108 1.04 11.22 -6.26
C LYS A 108 0.35 9.91 -6.69
N THR A 109 0.40 8.90 -5.87
CA THR A 109 -0.25 7.61 -6.22
C THR A 109 -0.62 6.84 -4.96
N LEU A 110 -1.86 6.42 -4.85
CA LEU A 110 -2.29 5.65 -3.64
C LEU A 110 -1.56 4.30 -3.58
N GLY A 111 -1.30 3.80 -2.40
CA GLY A 111 -0.59 2.49 -2.29
C GLY A 111 -1.60 1.37 -1.98
N ASP A 112 -2.82 1.72 -1.66
CA ASP A 112 -3.83 0.66 -1.34
C ASP A 112 -4.97 0.65 -2.38
N PHE A 113 -4.83 1.38 -3.45
CA PHE A 113 -5.89 1.41 -4.50
C PHE A 113 -5.26 1.13 -5.87
N ALA A 114 -5.79 0.23 -6.65
CA ALA A 114 -5.15 -0.04 -7.97
C ALA A 114 -6.17 -0.24 -9.10
N ALA A 115 -5.72 -0.05 -10.30
CA ALA A 115 -6.59 -0.23 -11.50
C ALA A 115 -5.78 -0.97 -12.58
N GLU A 116 -6.33 -1.99 -13.17
CA GLU A 116 -5.58 -2.74 -14.21
C GLU A 116 -6.53 -3.61 -15.03
N TYR A 117 -6.09 -4.09 -16.16
CA TYR A 117 -6.97 -4.97 -16.96
C TYR A 117 -6.90 -6.37 -16.34
N ALA A 118 -8.03 -7.03 -16.21
CA ALA A 118 -8.03 -8.38 -15.57
C ALA A 118 -6.98 -9.31 -16.21
N LYS A 119 -5.96 -9.68 -15.43
CA LYS A 119 -4.92 -10.60 -15.96
C LYS A 119 -5.52 -11.96 -16.29
N SER A 120 -6.68 -12.26 -15.76
CA SER A 120 -7.33 -13.58 -16.04
C SER A 120 -8.84 -13.45 -15.88
N ASN A 121 -9.57 -14.55 -15.88
CA ASN A 121 -11.05 -14.47 -15.74
C ASN A 121 -11.54 -15.23 -14.50
N ARG A 122 -10.66 -15.57 -13.59
CA ARG A 122 -11.11 -16.30 -12.36
C ARG A 122 -11.24 -15.34 -11.17
N SER A 123 -11.01 -14.05 -11.37
CA SER A 123 -11.18 -13.09 -10.24
C SER A 123 -12.67 -12.83 -10.05
N THR A 124 -13.07 -12.15 -9.02
CA THR A 124 -14.53 -11.92 -8.81
C THR A 124 -14.77 -10.55 -8.18
N CYS A 125 -15.67 -9.77 -8.76
CA CYS A 125 -15.98 -8.46 -8.16
C CYS A 125 -16.58 -8.67 -6.77
N LYS A 126 -15.97 -8.10 -5.76
CA LYS A 126 -16.49 -8.27 -4.36
C LYS A 126 -17.67 -7.34 -4.04
N GLY A 127 -18.35 -6.83 -5.05
CA GLY A 127 -19.50 -5.92 -4.82
C GLY A 127 -20.76 -6.65 -5.29
N CYS A 128 -20.68 -7.29 -6.43
CA CYS A 128 -21.86 -8.06 -6.95
C CYS A 128 -21.52 -9.56 -7.03
N MET A 129 -20.33 -9.96 -6.61
CA MET A 129 -19.92 -11.40 -6.66
C MET A 129 -19.95 -12.00 -8.07
N GLU A 130 -20.05 -11.19 -9.10
CA GLU A 130 -20.04 -11.73 -10.49
C GLU A 130 -18.59 -11.82 -10.97
N LYS A 131 -18.27 -12.82 -11.74
CA LYS A 131 -16.85 -12.97 -12.20
C LYS A 131 -16.45 -11.83 -13.14
N ILE A 132 -15.19 -11.41 -13.05
CA ILE A 132 -14.69 -10.37 -13.96
C ILE A 132 -14.02 -11.07 -15.16
N GLU A 133 -14.34 -10.67 -16.36
CA GLU A 133 -13.73 -11.35 -17.55
C GLU A 133 -12.30 -10.86 -17.80
N LYS A 134 -11.45 -11.76 -18.22
CA LYS A 134 -10.03 -11.34 -18.55
C LYS A 134 -10.01 -10.17 -19.54
N GLY A 135 -9.18 -9.17 -19.31
CA GLY A 135 -9.12 -8.00 -20.23
C GLY A 135 -10.00 -6.86 -19.70
N GLN A 136 -11.06 -7.20 -19.00
CA GLN A 136 -11.97 -6.13 -18.47
C GLN A 136 -11.26 -5.27 -17.42
N VAL A 137 -11.49 -3.98 -17.45
CA VAL A 137 -10.87 -3.09 -16.45
C VAL A 137 -11.45 -3.36 -15.07
N ARG A 138 -10.61 -3.46 -14.08
CA ARG A 138 -11.11 -3.73 -12.70
C ARG A 138 -10.37 -2.86 -11.71
N LEU A 139 -11.00 -2.55 -10.61
CA LEU A 139 -10.35 -1.69 -9.57
C LEU A 139 -10.22 -2.48 -8.28
N SER A 140 -9.37 -2.07 -7.37
CA SER A 140 -9.25 -2.86 -6.12
C SER A 140 -8.81 -2.04 -4.91
N LYS A 141 -9.30 -2.42 -3.77
CA LYS A 141 -8.91 -1.77 -2.49
C LYS A 141 -7.99 -2.73 -1.72
N LYS A 142 -6.71 -2.47 -1.74
CA LYS A 142 -5.73 -3.37 -1.04
C LYS A 142 -6.11 -3.55 0.44
N MET A 143 -6.03 -4.75 0.93
CA MET A 143 -6.36 -5.00 2.36
C MET A 143 -5.56 -6.21 2.87
N VAL A 144 -5.30 -6.29 4.14
CA VAL A 144 -4.54 -7.44 4.67
C VAL A 144 -5.46 -8.40 5.41
N ASP A 145 -5.22 -9.68 5.29
CA ASP A 145 -6.08 -10.67 6.00
C ASP A 145 -5.34 -11.20 7.23
N PRO A 146 -5.98 -11.12 8.37
CA PRO A 146 -5.35 -11.59 9.63
C PRO A 146 -5.17 -13.11 9.59
N GLU A 147 -5.91 -13.78 8.73
CA GLU A 147 -5.78 -15.26 8.64
C GLU A 147 -4.60 -15.62 7.72
N LYS A 148 -4.27 -14.75 6.81
CA LYS A 148 -3.12 -15.02 5.88
C LYS A 148 -2.17 -13.82 5.90
N PRO A 149 -1.46 -13.68 6.99
CA PRO A 149 -0.52 -12.54 7.15
C PRO A 149 0.70 -12.68 6.23
N GLN A 150 1.05 -13.89 5.84
CA GLN A 150 2.23 -14.07 4.94
C GLN A 150 1.98 -13.38 3.59
N LEU A 151 0.74 -13.20 3.23
CA LEU A 151 0.41 -12.55 1.92
C LEU A 151 0.64 -11.03 2.02
N GLY A 152 0.08 -10.41 3.02
CA GLY A 152 0.27 -8.93 3.18
C GLY A 152 -0.91 -8.19 2.53
N MET A 153 -0.62 -7.14 1.82
CA MET A 153 -1.69 -6.34 1.16
C MET A 153 -2.26 -7.13 -0.04
N ILE A 154 -3.48 -7.62 0.07
CA ILE A 154 -4.07 -8.39 -1.05
C ILE A 154 -5.13 -7.54 -1.77
N ASP A 155 -5.21 -7.63 -3.06
CA ASP A 155 -6.21 -6.82 -3.80
C ASP A 155 -7.64 -7.38 -3.68
N ARG A 156 -8.57 -6.52 -3.38
CA ARG A 156 -10.00 -6.91 -3.34
C ARG A 156 -10.57 -6.30 -4.62
N TRP A 157 -10.83 -7.10 -5.62
CA TRP A 157 -11.26 -6.52 -6.93
C TRP A 157 -12.74 -6.18 -7.04
N TYR A 158 -13.04 -5.32 -7.97
CA TYR A 158 -14.44 -4.87 -8.20
C TYR A 158 -14.56 -4.32 -9.62
N HIS A 159 -15.75 -4.27 -10.15
CA HIS A 159 -15.94 -3.62 -11.47
C HIS A 159 -15.85 -2.13 -11.17
N PRO A 160 -15.40 -1.32 -12.09
CA PRO A 160 -15.28 0.13 -11.80
C PRO A 160 -16.63 0.70 -11.31
N GLY A 161 -17.72 0.33 -11.94
CA GLY A 161 -19.05 0.83 -11.47
C GLY A 161 -19.31 0.33 -10.05
N CYS A 162 -19.17 -0.96 -9.83
CA CYS A 162 -19.40 -1.51 -8.45
C CYS A 162 -18.49 -0.81 -7.43
N PHE A 163 -17.24 -0.57 -7.80
CA PHE A 163 -16.28 0.10 -6.87
C PHE A 163 -16.79 1.50 -6.53
N VAL A 164 -17.24 2.24 -7.52
CA VAL A 164 -17.73 3.62 -7.26
C VAL A 164 -18.94 3.58 -6.32
N LYS A 165 -19.81 2.61 -6.49
CA LYS A 165 -21.02 2.55 -5.60
C LYS A 165 -20.61 2.43 -4.12
N ASN A 166 -19.54 1.74 -3.86
CA ASN A 166 -19.07 1.58 -2.43
C ASN A 166 -17.82 2.43 -2.15
N ARG A 167 -17.65 3.53 -2.84
CA ARG A 167 -16.43 4.39 -2.61
C ARG A 167 -16.27 4.75 -1.13
N GLU A 168 -17.34 5.03 -0.47
CA GLU A 168 -17.26 5.43 0.98
C GLU A 168 -16.73 4.29 1.85
N GLU A 169 -17.39 3.17 1.82
CA GLU A 169 -16.95 2.02 2.68
C GLU A 169 -15.57 1.51 2.26
N LEU A 170 -15.21 1.69 1.02
CA LEU A 170 -13.87 1.21 0.57
C LEU A 170 -12.77 2.24 0.94
N GLY A 171 -13.12 3.33 1.59
CA GLY A 171 -12.10 4.32 2.01
C GLY A 171 -11.60 5.15 0.83
N PHE A 172 -12.36 5.25 -0.23
CA PHE A 172 -11.91 6.07 -1.40
C PHE A 172 -12.44 7.49 -1.23
N ARG A 173 -11.79 8.28 -0.41
CA ARG A 173 -12.26 9.69 -0.15
C ARG A 173 -12.62 10.44 -1.44
N PRO A 174 -13.43 11.48 -1.30
CA PRO A 174 -13.88 12.27 -2.47
C PRO A 174 -12.76 13.17 -3.03
N GLU A 175 -11.69 13.36 -2.30
CA GLU A 175 -10.57 14.20 -2.82
C GLU A 175 -9.69 13.38 -3.77
N TYR A 176 -9.81 12.08 -3.73
CA TYR A 176 -9.00 11.21 -4.62
C TYR A 176 -9.57 11.19 -6.03
N SER A 177 -8.71 11.12 -7.01
CA SER A 177 -9.17 11.09 -8.43
C SER A 177 -8.66 9.80 -9.09
N ALA A 178 -9.20 9.45 -10.22
CA ALA A 178 -8.77 8.19 -10.91
C ALA A 178 -7.26 8.17 -11.17
N SER A 179 -6.68 9.31 -11.42
CA SER A 179 -5.21 9.38 -11.70
C SER A 179 -4.35 8.90 -10.53
N GLN A 180 -4.92 8.76 -9.35
CA GLN A 180 -4.11 8.32 -8.17
C GLN A 180 -4.11 6.79 -8.01
N LEU A 181 -4.88 6.07 -8.78
CA LEU A 181 -4.92 4.59 -8.64
C LEU A 181 -3.59 3.96 -9.09
N LYS A 182 -3.08 3.04 -8.32
CA LYS A 182 -1.80 2.37 -8.71
C LYS A 182 -2.00 1.58 -10.02
N GLY A 183 -1.28 1.92 -11.05
CA GLY A 183 -1.43 1.19 -12.36
C GLY A 183 -2.21 2.05 -13.38
N PHE A 184 -2.76 3.16 -12.95
CA PHE A 184 -3.54 4.06 -13.89
C PHE A 184 -2.75 4.36 -15.17
N SER A 185 -1.55 4.83 -15.01
CA SER A 185 -0.67 5.18 -16.16
C SER A 185 -0.62 4.12 -17.27
N LEU A 186 -0.81 2.86 -16.92
CA LEU A 186 -0.70 1.75 -17.94
C LEU A 186 -1.99 1.50 -18.71
N LEU A 187 -3.00 2.30 -18.49
CA LEU A 187 -4.29 2.07 -19.19
C LEU A 187 -4.38 2.90 -20.47
N ALA A 188 -5.05 2.39 -21.47
CA ALA A 188 -5.20 3.14 -22.74
C ALA A 188 -5.92 4.46 -22.46
N THR A 189 -5.65 5.49 -23.23
CA THR A 189 -6.31 6.82 -23.01
C THR A 189 -7.83 6.68 -22.80
N GLU A 190 -8.48 5.92 -23.65
CA GLU A 190 -9.96 5.74 -23.52
C GLU A 190 -10.33 5.22 -22.12
N ASP A 191 -9.65 4.20 -21.68
CA ASP A 191 -9.94 3.64 -20.32
C ASP A 191 -9.65 4.68 -19.23
N LYS A 192 -8.59 5.44 -19.38
CA LYS A 192 -8.25 6.46 -18.34
C LYS A 192 -9.34 7.54 -18.27
N GLU A 193 -9.86 7.95 -19.40
CA GLU A 193 -10.93 8.99 -19.40
C GLU A 193 -12.18 8.48 -18.69
N ALA A 194 -12.59 7.27 -18.99
CA ALA A 194 -13.81 6.69 -18.33
C ALA A 194 -13.66 6.72 -16.81
N LEU A 195 -12.49 6.40 -16.31
CA LEU A 195 -12.28 6.41 -14.83
C LEU A 195 -12.32 7.85 -14.30
N LYS A 196 -11.52 8.73 -14.86
CA LYS A 196 -11.53 10.15 -14.40
C LYS A 196 -12.96 10.70 -14.40
N LYS A 197 -13.77 10.18 -15.27
CA LYS A 197 -15.20 10.64 -15.36
C LYS A 197 -15.98 10.24 -14.10
N GLN A 198 -15.81 9.02 -13.64
CA GLN A 198 -16.57 8.56 -12.43
C GLN A 198 -15.84 8.95 -11.14
N LEU A 199 -14.55 9.06 -11.18
CA LEU A 199 -13.79 9.49 -9.96
C LEU A 199 -13.02 10.77 -10.30
N PRO A 200 -13.74 11.87 -10.29
CA PRO A 200 -13.14 13.19 -10.64
C PRO A 200 -12.19 13.69 -9.54
N GLY A 201 -12.59 13.58 -8.30
CA GLY A 201 -11.73 14.06 -7.20
C GLY A 201 -11.86 15.58 -7.07
N VAL A 202 -10.83 16.32 -7.43
CA VAL A 202 -10.91 17.81 -7.32
C VAL A 202 -10.46 18.45 -8.63
N LYS A 203 -10.55 19.75 -8.72
CA LYS A 203 -10.13 20.45 -9.97
C LYS A 203 -9.39 21.75 -9.62
N SER A 204 -9.29 22.66 -10.55
CA SER A 204 -8.59 23.95 -10.27
C SER A 204 -9.59 25.05 -9.94
N GLU A 205 -10.25 24.95 -8.81
CA GLU A 205 -11.25 25.99 -8.43
C GLU A 205 -11.71 25.79 -6.99
N GLY A 206 -12.06 26.83 -6.31
CA GLY A 206 -12.52 26.69 -4.89
C GLY A 206 -13.01 28.04 -4.36
N LYS A 207 -13.53 28.07 -3.16
CA LYS A 207 -14.03 29.35 -2.60
C LYS A 207 -14.27 29.21 -1.09
N ARG A 208 -14.12 30.27 -0.35
CA ARG A 208 -14.34 30.19 1.13
C ARG A 208 -14.37 31.60 1.73
N LYS A 209 -15.45 31.96 2.36
CA LYS A 209 -15.54 33.33 2.97
C LYS A 209 -15.21 33.26 4.46
N GLY A 210 -14.38 34.16 4.94
CA GLY A 210 -14.02 34.15 6.38
C GLY A 210 -13.02 35.27 6.67
N ASP A 211 -13.50 36.46 6.92
CA ASP A 211 -12.58 37.60 7.20
C ASP A 211 -13.37 38.79 7.77
N GLU A 212 -12.72 39.91 7.95
CA GLU A 212 -13.42 41.11 8.50
C GLU A 212 -12.95 42.38 7.77
N VAL A 213 -13.53 43.50 8.09
CA VAL A 213 -13.12 44.77 7.42
C VAL A 213 -12.46 45.71 8.44
N ASP A 214 -11.59 46.57 7.98
CA ASP A 214 -10.91 47.50 8.92
C ASP A 214 -10.65 48.85 8.22
ZN ZN C . 17.98 -9.18 3.89
ZN ZN D . -19.39 -6.01 -9.91
N MET A 1 -7.44 -10.93 27.48
CA MET A 1 -6.04 -11.29 27.78
C MET A 1 -5.14 -10.04 27.69
N ALA A 2 -5.28 -9.28 26.65
CA ALA A 2 -4.44 -8.05 26.50
C ALA A 2 -5.22 -6.96 25.76
N GLU A 3 -4.57 -5.88 25.44
CA GLU A 3 -5.27 -4.78 24.71
C GLU A 3 -4.25 -3.80 24.13
N SER A 4 -3.31 -4.28 23.36
CA SER A 4 -2.28 -3.38 22.77
C SER A 4 -1.54 -4.10 21.63
N SER A 5 -0.49 -3.51 21.13
CA SER A 5 0.28 -4.15 20.01
C SER A 5 -0.65 -4.52 18.87
N ASP A 6 -1.16 -3.55 18.16
CA ASP A 6 -2.08 -3.85 17.02
C ASP A 6 -1.47 -3.37 15.70
N LYS A 7 -0.39 -2.64 15.75
CA LYS A 7 0.25 -2.15 14.49
C LYS A 7 0.59 -3.34 13.59
N LEU A 8 0.66 -3.13 12.30
CA LEU A 8 0.98 -4.26 11.38
C LEU A 8 2.49 -4.39 11.18
N TYR A 9 3.25 -3.37 11.48
CA TYR A 9 4.73 -3.47 11.27
C TYR A 9 5.51 -3.08 12.54
N ARG A 10 6.74 -3.50 12.61
CA ARG A 10 7.59 -3.17 13.78
C ARG A 10 9.02 -2.83 13.31
N VAL A 11 9.62 -1.86 13.92
CA VAL A 11 11.01 -1.48 13.55
C VAL A 11 11.83 -1.37 14.83
N GLU A 12 13.04 -1.85 14.82
CA GLU A 12 13.87 -1.78 16.06
C GLU A 12 15.29 -2.24 15.78
N TYR A 13 16.17 -2.00 16.72
CA TYR A 13 17.57 -2.47 16.55
C TYR A 13 17.59 -3.95 16.94
N ALA A 14 18.10 -4.78 16.07
CA ALA A 14 18.11 -6.27 16.32
C ALA A 14 18.45 -6.65 17.77
N LYS A 15 17.53 -7.30 18.45
CA LYS A 15 17.79 -7.74 19.85
C LYS A 15 18.83 -8.86 19.85
N SER A 16 18.99 -9.51 18.72
CA SER A 16 20.00 -10.60 18.60
C SER A 16 20.48 -10.67 17.14
N GLY A 17 21.42 -11.55 16.85
CA GLY A 17 21.92 -11.65 15.44
C GLY A 17 21.50 -13.01 14.87
N ARG A 18 20.51 -13.64 15.45
CA ARG A 18 20.06 -14.98 14.97
C ARG A 18 18.89 -14.88 13.99
N ALA A 19 18.20 -13.78 13.93
CA ALA A 19 17.06 -13.67 12.96
C ALA A 19 17.55 -13.70 11.51
N SER A 20 16.82 -14.36 10.64
CA SER A 20 17.22 -14.46 9.22
C SER A 20 16.26 -13.63 8.38
N CYS A 21 16.79 -12.86 7.49
CA CYS A 21 15.93 -12.00 6.61
C CYS A 21 15.00 -12.87 5.74
N LYS A 22 13.73 -12.58 5.76
CA LYS A 22 12.76 -13.39 4.97
C LYS A 22 12.89 -13.12 3.46
N LYS A 23 13.72 -12.18 3.07
CA LYS A 23 13.89 -11.87 1.61
C LYS A 23 15.19 -12.48 1.06
N CYS A 24 16.32 -12.11 1.60
CA CYS A 24 17.63 -12.65 1.09
C CYS A 24 18.17 -13.83 1.93
N SER A 25 17.51 -14.18 3.02
CA SER A 25 17.95 -15.34 3.88
C SER A 25 19.22 -15.08 4.73
N GLU A 26 19.93 -14.00 4.51
CA GLU A 26 21.16 -13.73 5.33
C GLU A 26 20.75 -13.34 6.76
N SER A 27 21.61 -13.57 7.72
CA SER A 27 21.27 -13.23 9.13
C SER A 27 21.23 -11.73 9.34
N ILE A 28 20.40 -11.29 10.25
CA ILE A 28 20.32 -9.85 10.57
C ILE A 28 21.21 -9.60 11.80
N PRO A 29 22.26 -8.81 11.64
CA PRO A 29 23.22 -8.59 12.76
C PRO A 29 22.60 -7.86 13.94
N LYS A 30 22.98 -8.27 15.13
CA LYS A 30 22.45 -7.64 16.38
C LYS A 30 22.65 -6.12 16.36
N ASP A 31 21.70 -5.38 16.90
CA ASP A 31 21.79 -3.87 16.95
C ASP A 31 21.55 -3.21 15.59
N SER A 32 21.49 -3.97 14.51
CA SER A 32 21.25 -3.36 13.18
C SER A 32 19.77 -2.98 13.05
N LEU A 33 19.47 -2.03 12.23
CA LEU A 33 18.05 -1.62 12.06
C LEU A 33 17.31 -2.65 11.19
N ARG A 34 16.28 -3.26 11.73
CA ARG A 34 15.52 -4.28 10.97
C ARG A 34 14.03 -3.97 11.04
N MET A 35 13.27 -4.43 10.08
CA MET A 35 11.81 -4.16 10.08
C MET A 35 11.05 -5.48 9.88
N ALA A 36 9.84 -5.55 10.37
CA ALA A 36 9.09 -6.82 10.21
C ALA A 36 7.60 -6.57 10.02
N ILE A 37 6.94 -7.47 9.33
CA ILE A 37 5.46 -7.38 9.16
C ILE A 37 4.83 -8.29 10.23
N MET A 38 4.12 -7.73 11.15
CA MET A 38 3.52 -8.56 12.25
C MET A 38 2.43 -9.50 11.73
N VAL A 39 2.36 -10.68 12.28
CA VAL A 39 1.33 -11.67 11.85
C VAL A 39 0.78 -12.40 13.08
N GLN A 40 -0.51 -12.63 13.12
CA GLN A 40 -1.10 -13.34 14.30
C GLN A 40 -0.89 -14.86 14.15
N SER A 41 -0.45 -15.51 15.20
CA SER A 41 -0.22 -16.98 15.11
C SER A 41 -1.46 -17.75 15.61
N PRO A 42 -1.89 -18.72 14.84
CA PRO A 42 -3.07 -19.52 15.23
C PRO A 42 -2.69 -20.63 16.21
N MET A 43 -1.42 -20.76 16.53
CA MET A 43 -0.99 -21.83 17.48
C MET A 43 -0.88 -21.29 18.91
N PHE A 44 -0.86 -19.99 19.05
CA PHE A 44 -0.75 -19.41 20.43
C PHE A 44 -1.04 -17.90 20.39
N ASP A 45 -1.55 -17.36 21.45
CA ASP A 45 -1.84 -15.89 21.49
C ASP A 45 -0.53 -15.10 21.37
N GLY A 46 -0.43 -14.26 20.39
CA GLY A 46 0.82 -13.47 20.21
C GLY A 46 1.10 -13.30 18.72
N LYS A 47 1.83 -12.29 18.33
CA LYS A 47 2.11 -12.08 16.89
C LYS A 47 3.55 -12.47 16.53
N VAL A 48 3.74 -13.13 15.43
CA VAL A 48 5.11 -13.53 15.01
C VAL A 48 5.64 -12.51 13.99
N PRO A 49 6.84 -12.04 14.20
CA PRO A 49 7.40 -11.04 13.28
C PRO A 49 8.20 -11.68 12.16
N HIS A 50 7.93 -11.29 10.94
CA HIS A 50 8.74 -11.78 9.80
C HIS A 50 9.80 -10.70 9.59
N TRP A 51 11.01 -10.91 10.08
CA TRP A 51 12.03 -9.84 9.98
C TRP A 51 12.77 -9.77 8.64
N TYR A 52 13.25 -8.59 8.35
CA TYR A 52 14.00 -8.34 7.10
C TYR A 52 15.06 -7.26 7.36
N HIS A 53 16.15 -7.25 6.63
CA HIS A 53 17.12 -6.15 6.80
C HIS A 53 16.38 -4.89 6.36
N PHE A 54 16.75 -3.73 6.83
CA PHE A 54 16.01 -2.48 6.43
C PHE A 54 15.73 -2.40 4.92
N SER A 55 16.75 -2.57 4.09
CA SER A 55 16.55 -2.48 2.61
C SER A 55 15.68 -3.63 2.06
N CYS A 56 15.94 -4.85 2.47
CA CYS A 56 15.14 -6.01 1.95
C CYS A 56 13.63 -5.82 2.19
N PHE A 57 13.26 -5.26 3.31
CA PHE A 57 11.81 -5.08 3.64
C PHE A 57 11.03 -4.39 2.49
N TRP A 58 11.64 -3.43 1.80
CA TRP A 58 10.90 -2.71 0.74
C TRP A 58 10.98 -3.43 -0.61
N LYS A 59 11.91 -4.33 -0.77
CA LYS A 59 12.04 -5.04 -2.08
C LYS A 59 11.07 -6.23 -2.20
N VAL A 60 10.26 -6.46 -1.19
CA VAL A 60 9.29 -7.61 -1.25
C VAL A 60 7.89 -7.13 -1.64
N GLY A 61 7.59 -5.89 -1.39
CA GLY A 61 6.23 -5.37 -1.74
C GLY A 61 5.61 -4.67 -0.52
N HIS A 62 6.24 -4.77 0.63
CA HIS A 62 5.68 -4.09 1.84
C HIS A 62 5.67 -2.58 1.61
N SER A 63 4.61 -1.90 1.99
CA SER A 63 4.57 -0.43 1.77
C SER A 63 4.02 0.31 3.00
N ILE A 64 4.54 1.47 3.27
CA ILE A 64 4.06 2.27 4.44
C ILE A 64 4.02 3.75 4.07
N ARG A 65 2.87 4.37 4.17
CA ARG A 65 2.77 5.82 3.83
C ARG A 65 3.12 6.68 5.05
N HIS A 66 2.63 6.29 6.20
CA HIS A 66 2.92 7.04 7.46
C HIS A 66 3.56 6.11 8.51
N PRO A 67 4.87 6.10 8.54
CA PRO A 67 5.61 5.22 9.50
C PRO A 67 5.26 5.54 10.98
N ASP A 68 5.28 6.80 11.37
CA ASP A 68 4.95 7.16 12.78
C ASP A 68 3.67 6.47 13.32
N VAL A 69 2.67 6.29 12.50
CA VAL A 69 1.39 5.66 13.00
C VAL A 69 1.24 4.18 12.59
N GLU A 70 1.89 3.74 11.53
CA GLU A 70 1.72 2.33 11.07
C GLU A 70 2.85 1.39 11.56
N VAL A 71 3.95 1.93 12.01
CA VAL A 71 5.06 1.03 12.45
C VAL A 71 5.36 1.18 13.95
N ASP A 72 5.13 0.12 14.71
CA ASP A 72 5.41 0.18 16.17
C ASP A 72 6.92 0.30 16.42
N GLY A 73 7.33 1.06 17.41
CA GLY A 73 8.79 1.22 17.71
C GLY A 73 9.41 2.37 16.90
N PHE A 74 8.68 2.93 15.98
CA PHE A 74 9.25 4.04 15.13
C PHE A 74 9.73 5.21 16.00
N SER A 75 8.90 5.67 16.89
CA SER A 75 9.28 6.83 17.76
C SER A 75 10.50 6.54 18.66
N GLU A 76 10.83 5.28 18.92
CA GLU A 76 12.01 5.00 19.77
C GLU A 76 13.31 4.85 18.94
N LEU A 77 13.24 4.95 17.64
CA LEU A 77 14.48 4.84 16.81
C LEU A 77 15.29 6.13 16.94
N ARG A 78 16.57 6.07 16.66
CA ARG A 78 17.39 7.31 16.71
C ARG A 78 16.87 8.27 15.64
N TRP A 79 17.05 9.55 15.83
CA TRP A 79 16.51 10.57 14.85
C TRP A 79 16.86 10.21 13.40
N ASP A 80 18.11 10.04 13.08
CA ASP A 80 18.52 9.73 11.68
C ASP A 80 17.76 8.50 11.14
N ASP A 81 17.61 7.47 11.94
CA ASP A 81 16.89 6.26 11.46
C ASP A 81 15.40 6.59 11.26
N GLN A 82 14.89 7.50 12.04
CA GLN A 82 13.45 7.90 11.89
C GLN A 82 13.30 8.64 10.55
N GLN A 83 14.29 9.40 10.18
CA GLN A 83 14.22 10.14 8.88
C GLN A 83 14.44 9.14 7.73
N LYS A 84 15.36 8.25 7.90
CA LYS A 84 15.62 7.23 6.83
C LYS A 84 14.36 6.42 6.55
N VAL A 85 13.70 5.97 7.58
CA VAL A 85 12.44 5.20 7.38
C VAL A 85 11.38 6.12 6.77
N LYS A 86 11.31 7.34 7.24
CA LYS A 86 10.28 8.29 6.71
C LYS A 86 10.51 8.56 5.22
N LYS A 87 11.74 8.78 4.84
CA LYS A 87 12.04 9.06 3.41
C LYS A 87 11.89 7.80 2.56
N THR A 88 12.40 6.70 3.05
CA THR A 88 12.28 5.41 2.28
C THR A 88 10.80 5.08 2.08
N ALA A 89 9.99 5.36 3.07
CA ALA A 89 8.54 5.07 2.94
C ALA A 89 7.95 5.94 1.83
N GLU A 90 8.31 7.20 1.80
CA GLU A 90 7.78 8.11 0.73
C GLU A 90 8.25 7.64 -0.64
N ALA A 91 9.52 7.39 -0.79
CA ALA A 91 10.05 6.92 -2.11
C ALA A 91 9.35 5.64 -2.54
N GLY A 92 8.77 4.92 -1.60
CA GLY A 92 8.07 3.66 -1.96
C GLY A 92 7.01 3.93 -3.03
N GLY A 93 7.29 3.57 -4.26
CA GLY A 93 6.30 3.82 -5.35
C GLY A 93 7.04 3.94 -6.69
N VAL A 94 6.90 2.97 -7.56
CA VAL A 94 7.60 3.03 -8.87
C VAL A 94 6.99 4.13 -9.74
N THR A 95 7.37 5.37 -9.51
CA THR A 95 6.82 6.48 -10.32
C THR A 95 7.95 7.23 -11.04
N GLY A 96 9.05 7.44 -10.35
CA GLY A 96 10.19 8.16 -11.00
C GLY A 96 10.79 7.29 -12.10
N LYS A 97 11.51 7.88 -13.02
CA LYS A 97 12.13 7.09 -14.12
C LYS A 97 13.50 6.58 -13.69
N GLY A 98 14.39 7.46 -13.32
CA GLY A 98 15.76 7.02 -12.90
C GLY A 98 16.40 8.14 -12.07
N GLN A 99 17.02 7.78 -10.97
CA GLN A 99 17.68 8.81 -10.11
C GLN A 99 16.71 9.94 -9.78
N ASP A 100 15.45 9.63 -9.66
CA ASP A 100 14.44 10.68 -9.34
C ASP A 100 14.06 10.61 -7.86
N GLY A 101 14.68 11.41 -7.04
CA GLY A 101 14.35 11.39 -5.58
C GLY A 101 13.04 12.16 -5.34
N ILE A 102 13.14 13.45 -5.15
CA ILE A 102 11.91 14.26 -4.91
C ILE A 102 12.07 15.67 -5.51
N GLY A 103 11.17 16.06 -6.37
CA GLY A 103 11.27 17.41 -6.99
C GLY A 103 9.87 18.02 -7.14
N SER A 104 9.45 18.25 -8.36
CA SER A 104 8.09 18.83 -8.58
C SER A 104 7.12 17.74 -9.05
N LYS A 105 6.18 17.39 -8.22
CA LYS A 105 5.19 16.33 -8.63
C LYS A 105 3.89 16.50 -7.85
N ALA A 106 2.78 16.64 -8.54
CA ALA A 106 1.48 16.81 -7.84
C ALA A 106 0.56 15.61 -8.13
N GLU A 107 0.87 14.48 -7.55
CA GLU A 107 0.02 13.27 -7.79
C GLU A 107 0.36 12.18 -6.78
N LYS A 108 -0.09 12.32 -5.55
CA LYS A 108 0.21 11.29 -4.52
C LYS A 108 -0.47 9.96 -4.88
N THR A 109 0.24 9.09 -5.54
CA THR A 109 -0.37 7.78 -5.92
C THR A 109 -0.78 7.00 -4.66
N LEU A 110 -2.02 6.58 -4.59
CA LEU A 110 -2.48 5.81 -3.40
C LEU A 110 -1.76 4.46 -3.33
N GLY A 111 -1.50 3.96 -2.15
CA GLY A 111 -0.80 2.65 -2.02
C GLY A 111 -1.81 1.54 -1.72
N ASP A 112 -3.06 1.88 -1.48
CA ASP A 112 -4.06 0.83 -1.17
C ASP A 112 -5.16 0.78 -2.25
N PHE A 113 -4.98 1.48 -3.34
CA PHE A 113 -6.02 1.46 -4.43
C PHE A 113 -5.34 1.23 -5.78
N ALA A 114 -5.86 0.33 -6.58
CA ALA A 114 -5.21 0.05 -7.90
C ALA A 114 -6.20 -0.16 -9.03
N ALA A 115 -5.74 0.03 -10.23
CA ALA A 115 -6.59 -0.15 -11.44
C ALA A 115 -5.77 -0.90 -12.50
N GLU A 116 -6.31 -1.93 -13.09
CA GLU A 116 -5.55 -2.68 -14.13
C GLU A 116 -6.49 -3.54 -14.95
N TYR A 117 -6.04 -4.03 -16.08
CA TYR A 117 -6.90 -4.92 -16.89
C TYR A 117 -6.84 -6.31 -16.26
N ALA A 118 -7.97 -6.98 -16.13
CA ALA A 118 -7.97 -8.34 -15.49
C ALA A 118 -6.91 -9.26 -16.12
N LYS A 119 -5.91 -9.63 -15.33
CA LYS A 119 -4.85 -10.53 -15.84
C LYS A 119 -5.45 -11.91 -16.17
N SER A 120 -6.61 -12.21 -15.65
CA SER A 120 -7.26 -13.53 -15.93
C SER A 120 -8.78 -13.40 -15.80
N ASN A 121 -9.49 -14.50 -15.79
CA ASN A 121 -10.97 -14.42 -15.68
C ASN A 121 -11.48 -15.18 -14.43
N ARG A 122 -10.61 -15.51 -13.51
CA ARG A 122 -11.06 -16.24 -12.29
C ARG A 122 -11.22 -15.27 -11.09
N SER A 123 -10.99 -13.99 -11.30
CA SER A 123 -11.17 -13.02 -10.18
C SER A 123 -12.68 -12.76 -10.01
N THR A 124 -13.08 -12.07 -8.98
CA THR A 124 -14.55 -11.85 -8.80
C THR A 124 -14.79 -10.48 -8.17
N CYS A 125 -15.67 -9.70 -8.77
CA CYS A 125 -16.02 -8.39 -8.18
C CYS A 125 -16.62 -8.60 -6.79
N LYS A 126 -16.02 -8.02 -5.78
CA LYS A 126 -16.55 -8.20 -4.38
C LYS A 126 -17.75 -7.26 -4.08
N GLY A 127 -18.42 -6.75 -5.10
CA GLY A 127 -19.57 -5.84 -4.88
C GLY A 127 -20.82 -6.58 -5.38
N CYS A 128 -20.74 -7.22 -6.51
CA CYS A 128 -21.89 -7.99 -7.03
C CYS A 128 -21.56 -9.51 -7.11
N MET A 129 -20.37 -9.90 -6.67
CA MET A 129 -19.96 -11.33 -6.71
C MET A 129 -19.97 -11.94 -8.12
N GLU A 130 -20.06 -11.14 -9.15
CA GLU A 130 -20.03 -11.68 -10.53
C GLU A 130 -18.58 -11.77 -11.00
N LYS A 131 -18.25 -12.77 -11.77
CA LYS A 131 -16.83 -12.92 -12.21
C LYS A 131 -16.40 -11.79 -13.15
N ILE A 132 -15.16 -11.37 -13.04
CA ILE A 132 -14.64 -10.32 -13.96
C ILE A 132 -13.97 -11.03 -15.14
N GLU A 133 -14.26 -10.63 -16.35
CA GLU A 133 -13.64 -11.32 -17.53
C GLU A 133 -12.22 -10.82 -17.77
N LYS A 134 -11.35 -11.72 -18.17
CA LYS A 134 -9.93 -11.30 -18.48
C LYS A 134 -9.90 -10.13 -19.48
N GLY A 135 -9.08 -9.14 -19.24
CA GLY A 135 -9.01 -7.97 -20.17
C GLY A 135 -9.90 -6.83 -19.66
N GLN A 136 -10.97 -7.16 -18.95
CA GLN A 136 -11.89 -6.10 -18.44
C GLN A 136 -11.18 -5.24 -17.39
N VAL A 137 -11.44 -3.95 -17.43
CA VAL A 137 -10.81 -3.03 -16.44
C VAL A 137 -11.41 -3.32 -15.05
N ARG A 138 -10.58 -3.41 -14.05
CA ARG A 138 -11.09 -3.68 -12.69
C ARG A 138 -10.37 -2.79 -11.68
N LEU A 139 -11.02 -2.47 -10.59
CA LEU A 139 -10.38 -1.62 -9.55
C LEU A 139 -10.26 -2.41 -8.25
N SER A 140 -9.42 -1.98 -7.33
CA SER A 140 -9.32 -2.77 -6.08
C SER A 140 -8.89 -1.94 -4.88
N LYS A 141 -9.39 -2.32 -3.74
CA LYS A 141 -9.02 -1.64 -2.46
C LYS A 141 -8.15 -2.60 -1.66
N LYS A 142 -6.87 -2.41 -1.68
CA LYS A 142 -5.94 -3.34 -0.95
C LYS A 142 -6.34 -3.46 0.53
N MET A 143 -6.30 -4.66 1.05
CA MET A 143 -6.65 -4.89 2.48
C MET A 143 -5.90 -6.11 2.99
N VAL A 144 -5.60 -6.16 4.26
CA VAL A 144 -4.86 -7.33 4.82
C VAL A 144 -5.83 -8.28 5.53
N ASP A 145 -5.59 -9.56 5.42
CA ASP A 145 -6.47 -10.54 6.12
C ASP A 145 -5.75 -11.09 7.35
N PRO A 146 -6.41 -11.00 8.48
CA PRO A 146 -5.80 -11.50 9.75
C PRO A 146 -5.63 -13.02 9.70
N GLU A 147 -6.34 -13.68 8.82
CA GLU A 147 -6.20 -15.16 8.71
C GLU A 147 -4.99 -15.51 7.86
N LYS A 148 -4.61 -14.64 6.97
CA LYS A 148 -3.42 -14.91 6.10
C LYS A 148 -2.47 -13.71 6.14
N PRO A 149 -1.82 -13.53 7.27
CA PRO A 149 -0.90 -12.40 7.45
C PRO A 149 0.36 -12.52 6.59
N GLN A 150 0.70 -13.72 6.17
CA GLN A 150 1.91 -13.89 5.32
C GLN A 150 1.71 -13.23 3.95
N LEU A 151 0.48 -13.02 3.56
CA LEU A 151 0.20 -12.39 2.24
C LEU A 151 0.36 -10.87 2.32
N GLY A 152 -0.19 -10.26 3.34
CA GLY A 152 -0.06 -8.78 3.48
C GLY A 152 -1.19 -8.08 2.72
N MET A 153 -0.92 -6.92 2.18
CA MET A 153 -1.96 -6.16 1.42
C MET A 153 -2.43 -6.98 0.21
N ILE A 154 -3.65 -7.46 0.24
CA ILE A 154 -4.18 -8.24 -0.91
C ILE A 154 -5.23 -7.41 -1.66
N ASP A 155 -5.29 -7.52 -2.96
CA ASP A 155 -6.30 -6.72 -3.71
C ASP A 155 -7.72 -7.27 -3.62
N ARG A 156 -8.66 -6.42 -3.32
CA ARG A 156 -10.10 -6.81 -3.30
C ARG A 156 -10.64 -6.20 -4.59
N TRP A 157 -10.90 -7.01 -5.59
CA TRP A 157 -11.30 -6.43 -6.91
C TRP A 157 -12.79 -6.11 -7.03
N TYR A 158 -13.07 -5.24 -7.97
CA TYR A 158 -14.47 -4.80 -8.22
C TYR A 158 -14.58 -4.25 -9.64
N HIS A 159 -15.77 -4.20 -10.18
CA HIS A 159 -15.94 -3.57 -11.50
C HIS A 159 -15.86 -2.07 -11.20
N PRO A 160 -15.39 -1.27 -12.12
CA PRO A 160 -15.28 0.19 -11.85
C PRO A 160 -16.64 0.76 -11.37
N GLY A 161 -17.72 0.38 -12.00
CA GLY A 161 -19.05 0.88 -11.56
C GLY A 161 -19.33 0.38 -10.14
N CYS A 162 -19.20 -0.90 -9.90
CA CYS A 162 -19.45 -1.45 -8.54
C CYS A 162 -18.53 -0.75 -7.51
N PHE A 163 -17.29 -0.50 -7.86
CA PHE A 163 -16.35 0.17 -6.93
C PHE A 163 -16.86 1.58 -6.60
N VAL A 164 -17.30 2.31 -7.59
CA VAL A 164 -17.79 3.69 -7.35
C VAL A 164 -19.01 3.65 -6.42
N LYS A 165 -19.89 2.68 -6.60
CA LYS A 165 -21.10 2.62 -5.71
C LYS A 165 -20.71 2.50 -4.24
N ASN A 166 -19.64 1.82 -3.95
CA ASN A 166 -19.18 1.66 -2.52
C ASN A 166 -17.93 2.51 -2.23
N ARG A 167 -17.76 3.62 -2.92
CA ARG A 167 -16.55 4.47 -2.68
C ARG A 167 -16.40 4.86 -1.21
N GLU A 168 -17.49 5.12 -0.56
CA GLU A 168 -17.42 5.53 0.89
C GLU A 168 -16.90 4.39 1.78
N GLU A 169 -17.56 3.27 1.74
CA GLU A 169 -17.14 2.13 2.60
C GLU A 169 -15.74 1.63 2.21
N LEU A 170 -15.37 1.80 0.96
CA LEU A 170 -14.01 1.33 0.53
C LEU A 170 -12.92 2.35 0.92
N GLY A 171 -13.29 3.44 1.56
CA GLY A 171 -12.27 4.44 1.99
C GLY A 171 -11.76 5.26 0.80
N PHE A 172 -12.50 5.36 -0.26
CA PHE A 172 -12.03 6.17 -1.43
C PHE A 172 -12.58 7.60 -1.28
N ARG A 173 -11.94 8.39 -0.46
CA ARG A 173 -12.42 9.79 -0.20
C ARG A 173 -12.77 10.54 -1.50
N PRO A 174 -13.58 11.58 -1.37
CA PRO A 174 -14.02 12.37 -2.55
C PRO A 174 -12.89 13.25 -3.10
N GLU A 175 -11.83 13.46 -2.35
CA GLU A 175 -10.70 14.31 -2.86
C GLU A 175 -9.81 13.48 -3.80
N TYR A 176 -9.94 12.18 -3.76
CA TYR A 176 -9.10 11.31 -4.64
C TYR A 176 -9.66 11.29 -6.06
N SER A 177 -8.80 11.21 -7.03
CA SER A 177 -9.22 11.17 -8.45
C SER A 177 -8.71 9.88 -9.09
N ALA A 178 -9.24 9.52 -10.23
CA ALA A 178 -8.80 8.26 -10.91
C ALA A 178 -7.29 8.25 -11.16
N SER A 179 -6.71 9.38 -11.40
CA SER A 179 -5.23 9.45 -11.68
C SER A 179 -4.38 8.97 -10.48
N GLN A 180 -4.97 8.86 -9.31
CA GLN A 180 -4.18 8.41 -8.12
C GLN A 180 -4.17 6.89 -7.95
N LEU A 181 -4.94 6.17 -8.73
CA LEU A 181 -4.97 4.68 -8.59
C LEU A 181 -3.63 4.05 -9.01
N LYS A 182 -3.12 3.13 -8.24
CA LYS A 182 -1.84 2.46 -8.61
C LYS A 182 -2.03 1.67 -9.91
N GLY A 183 -1.30 2.01 -10.94
CA GLY A 183 -1.44 1.27 -12.25
C GLY A 183 -2.20 2.13 -13.28
N PHE A 184 -2.75 3.24 -12.87
CA PHE A 184 -3.52 4.12 -13.81
C PHE A 184 -2.73 4.42 -15.08
N SER A 185 -1.53 4.90 -14.92
CA SER A 185 -0.67 5.28 -16.09
C SER A 185 -0.56 4.18 -17.16
N LEU A 186 -0.75 2.92 -16.81
CA LEU A 186 -0.61 1.83 -17.84
C LEU A 186 -1.91 1.55 -18.61
N LEU A 187 -2.94 2.34 -18.40
CA LEU A 187 -4.21 2.11 -19.11
C LEU A 187 -4.28 2.94 -20.41
N ALA A 188 -4.96 2.42 -21.41
CA ALA A 188 -5.09 3.17 -22.69
C ALA A 188 -5.81 4.49 -22.41
N THR A 189 -5.53 5.52 -23.19
CA THR A 189 -6.20 6.86 -22.97
C THR A 189 -7.72 6.71 -22.78
N GLU A 190 -8.35 5.95 -23.63
CA GLU A 190 -9.84 5.75 -23.52
C GLU A 190 -10.22 5.24 -22.13
N ASP A 191 -9.55 4.23 -21.67
CA ASP A 191 -9.85 3.67 -20.32
C ASP A 191 -9.58 4.71 -19.23
N LYS A 192 -8.52 5.48 -19.36
CA LYS A 192 -8.19 6.50 -18.34
C LYS A 192 -9.28 7.58 -18.28
N GLU A 193 -9.79 7.97 -19.42
CA GLU A 193 -10.86 9.02 -19.43
C GLU A 193 -12.12 8.51 -18.74
N ALA A 194 -12.52 7.29 -19.03
CA ALA A 194 -13.75 6.72 -18.39
C ALA A 194 -13.63 6.76 -16.86
N LEU A 195 -12.46 6.45 -16.35
CA LEU A 195 -12.27 6.45 -14.87
C LEU A 195 -12.31 7.89 -14.34
N LYS A 196 -11.50 8.78 -14.90
CA LYS A 196 -11.52 10.21 -14.44
C LYS A 196 -12.95 10.75 -14.45
N LYS A 197 -13.76 10.23 -15.33
CA LYS A 197 -15.18 10.68 -15.45
C LYS A 197 -15.98 10.28 -14.19
N GLN A 198 -15.81 9.06 -13.73
CA GLN A 198 -16.59 8.60 -12.53
C GLN A 198 -15.87 9.01 -11.22
N LEU A 199 -14.57 9.12 -11.25
CA LEU A 199 -13.83 9.55 -10.02
C LEU A 199 -13.06 10.84 -10.36
N PRO A 200 -13.79 11.93 -10.38
CA PRO A 200 -13.17 13.25 -10.74
C PRO A 200 -12.27 13.77 -9.62
N GLY A 201 -12.68 13.63 -8.39
CA GLY A 201 -11.86 14.13 -7.26
C GLY A 201 -12.03 15.65 -7.15
N VAL A 202 -13.16 16.16 -7.51
CA VAL A 202 -13.38 17.64 -7.42
C VAL A 202 -14.69 17.94 -6.69
N LYS A 203 -14.61 18.55 -5.53
CA LYS A 203 -15.85 18.87 -4.77
C LYS A 203 -15.52 19.76 -3.56
N SER A 204 -15.35 21.04 -3.79
CA SER A 204 -15.02 21.95 -2.65
C SER A 204 -15.89 23.21 -2.72
N GLU A 205 -17.13 23.11 -2.32
CA GLU A 205 -18.02 24.30 -2.36
C GLU A 205 -18.41 24.72 -0.94
N GLY A 206 -17.51 24.59 0.00
CA GLY A 206 -17.82 24.98 1.40
C GLY A 206 -17.32 26.40 1.65
N LYS A 207 -17.92 27.37 1.00
CA LYS A 207 -17.49 28.78 1.21
C LYS A 207 -18.66 29.63 1.70
N ARG A 208 -19.36 29.16 2.71
CA ARG A 208 -20.52 29.93 3.25
C ARG A 208 -20.05 31.29 3.78
N LYS A 209 -20.93 32.26 3.80
CA LYS A 209 -20.54 33.61 4.30
C LYS A 209 -21.73 34.28 4.99
N GLY A 210 -22.88 34.23 4.38
CA GLY A 210 -24.09 34.86 5.00
C GLY A 210 -24.14 36.34 4.61
N ASP A 211 -24.59 36.63 3.42
CA ASP A 211 -24.68 38.05 2.98
C ASP A 211 -25.77 38.80 3.75
N GLU A 212 -25.72 40.09 3.80
CA GLU A 212 -26.75 40.87 4.54
C GLU A 212 -27.74 41.50 3.54
N VAL A 213 -28.97 41.05 3.56
CA VAL A 213 -29.98 41.62 2.62
C VAL A 213 -31.38 41.60 3.27
N ASP A 214 -31.99 42.74 3.43
CA ASP A 214 -33.34 42.79 4.05
C ASP A 214 -34.38 42.20 3.09
ZN ZN C . 18.01 -9.26 3.76
ZN ZN D . -19.41 -5.96 -9.97
N MET A 1 1.10 -0.97 27.81
CA MET A 1 1.96 -2.18 27.72
C MET A 1 2.77 -2.15 26.42
N ALA A 2 3.94 -2.75 26.42
CA ALA A 2 4.78 -2.75 25.19
C ALA A 2 5.06 -4.19 24.75
N GLU A 3 4.06 -4.88 24.25
CA GLU A 3 4.26 -6.28 23.81
C GLU A 3 3.14 -6.70 22.87
N SER A 4 1.91 -6.49 23.26
CA SER A 4 0.76 -6.88 22.38
C SER A 4 0.14 -5.65 21.74
N SER A 5 0.59 -5.29 20.57
CA SER A 5 0.02 -4.09 19.88
C SER A 5 -0.89 -4.52 18.72
N ASP A 6 -1.12 -3.63 17.79
CA ASP A 6 -2.00 -3.98 16.62
C ASP A 6 -1.39 -3.50 15.31
N LYS A 7 -0.29 -2.78 15.38
CA LYS A 7 0.35 -2.28 14.12
C LYS A 7 0.73 -3.47 13.23
N LEU A 8 0.80 -3.27 11.95
CA LEU A 8 1.15 -4.39 11.03
C LEU A 8 2.67 -4.52 10.87
N TYR A 9 3.41 -3.49 11.19
CA TYR A 9 4.90 -3.59 11.01
C TYR A 9 5.66 -3.19 12.27
N ARG A 10 6.89 -3.61 12.37
CA ARG A 10 7.72 -3.26 13.55
C ARG A 10 9.15 -2.92 13.10
N VAL A 11 9.73 -1.95 13.72
CA VAL A 11 11.13 -1.56 13.37
C VAL A 11 11.93 -1.44 14.66
N GLU A 12 13.15 -1.91 14.68
CA GLU A 12 13.95 -1.83 15.93
C GLU A 12 15.38 -2.28 15.67
N TYR A 13 16.25 -2.04 16.62
CA TYR A 13 17.65 -2.49 16.49
C TYR A 13 17.67 -3.97 16.88
N ALA A 14 18.20 -4.81 16.03
CA ALA A 14 18.20 -6.30 16.29
C ALA A 14 18.52 -6.66 17.75
N LYS A 15 17.60 -7.30 18.41
CA LYS A 15 17.84 -7.73 19.83
C LYS A 15 18.88 -8.86 19.85
N SER A 16 19.07 -9.51 18.73
CA SER A 16 20.08 -10.60 18.64
C SER A 16 20.58 -10.68 17.18
N GLY A 17 21.53 -11.56 16.91
CA GLY A 17 22.05 -11.66 15.52
C GLY A 17 21.66 -13.03 14.94
N ARG A 18 20.65 -13.66 15.52
CA ARG A 18 20.23 -15.00 15.04
C ARG A 18 19.06 -14.92 14.04
N ALA A 19 18.37 -13.82 13.97
CA ALA A 19 17.24 -13.72 12.97
C ALA A 19 17.76 -13.77 11.53
N SER A 20 17.04 -14.43 10.66
CA SER A 20 17.46 -14.54 9.24
C SER A 20 16.51 -13.72 8.38
N CYS A 21 17.06 -12.96 7.49
CA CYS A 21 16.22 -12.12 6.59
C CYS A 21 15.30 -12.99 5.72
N LYS A 22 14.02 -12.71 5.71
CA LYS A 22 13.08 -13.54 4.90
C LYS A 22 13.23 -13.28 3.40
N LYS A 23 14.06 -12.33 3.02
CA LYS A 23 14.25 -12.03 1.56
C LYS A 23 15.57 -12.64 1.03
N CYS A 24 16.69 -12.26 1.60
CA CYS A 24 18.01 -12.80 1.10
C CYS A 24 18.53 -13.97 1.96
N SER A 25 17.86 -14.32 3.05
CA SER A 25 18.29 -15.48 3.93
C SER A 25 19.54 -15.19 4.79
N GLU A 26 20.25 -14.11 4.57
CA GLU A 26 21.46 -13.83 5.41
C GLU A 26 21.03 -13.43 6.83
N SER A 27 21.88 -13.64 7.81
CA SER A 27 21.51 -13.29 9.21
C SER A 27 21.46 -11.79 9.41
N ILE A 28 20.62 -11.35 10.31
CA ILE A 28 20.53 -9.90 10.61
C ILE A 28 21.40 -9.65 11.86
N PRO A 29 22.45 -8.85 11.70
CA PRO A 29 23.39 -8.62 12.82
C PRO A 29 22.74 -7.88 14.00
N LYS A 30 23.11 -8.28 15.20
CA LYS A 30 22.54 -7.65 16.44
C LYS A 30 22.75 -6.13 16.41
N ASP A 31 21.78 -5.39 16.93
CA ASP A 31 21.87 -3.87 16.97
C ASP A 31 21.64 -3.22 15.59
N SER A 32 21.61 -4.00 14.53
CA SER A 32 21.38 -3.40 13.19
C SER A 32 19.92 -3.02 13.03
N LEU A 33 19.61 -2.07 12.19
CA LEU A 33 18.19 -1.68 12.00
C LEU A 33 17.48 -2.72 11.13
N ARG A 34 16.45 -3.33 11.66
CA ARG A 34 15.71 -4.36 10.88
C ARG A 34 14.21 -4.04 10.92
N MET A 35 13.47 -4.53 9.96
CA MET A 35 12.00 -4.27 9.93
C MET A 35 11.25 -5.58 9.73
N ALA A 36 10.04 -5.67 10.20
CA ALA A 36 9.29 -6.93 10.04
C ALA A 36 7.80 -6.69 9.82
N ILE A 37 7.16 -7.59 9.12
CA ILE A 37 5.68 -7.48 8.93
C ILE A 37 5.02 -8.41 9.95
N MET A 38 4.33 -7.85 10.92
CA MET A 38 3.70 -8.69 11.99
C MET A 38 2.64 -9.64 11.44
N VAL A 39 2.54 -10.81 12.01
CA VAL A 39 1.53 -11.81 11.57
C VAL A 39 0.96 -12.54 12.78
N GLN A 40 -0.32 -12.76 12.82
CA GLN A 40 -0.93 -13.48 13.99
C GLN A 40 -0.70 -14.99 13.86
N SER A 41 -0.29 -15.63 14.91
CA SER A 41 -0.05 -17.10 14.85
C SER A 41 -1.29 -17.87 15.33
N PRO A 42 -1.70 -18.85 14.57
CA PRO A 42 -2.88 -19.67 14.93
C PRO A 42 -2.51 -20.77 15.93
N MET A 43 -1.24 -20.89 16.27
CA MET A 43 -0.84 -21.95 17.24
C MET A 43 -0.75 -21.38 18.66
N PHE A 44 -0.74 -20.08 18.80
CA PHE A 44 -0.65 -19.49 20.17
C PHE A 44 -0.94 -17.98 20.11
N ASP A 45 -1.48 -17.44 21.17
CA ASP A 45 -1.79 -15.97 21.17
C ASP A 45 -0.48 -15.18 21.09
N GLY A 46 -0.36 -14.34 20.09
CA GLY A 46 0.89 -13.54 19.94
C GLY A 46 1.19 -13.38 18.45
N LYS A 47 1.92 -12.37 18.07
CA LYS A 47 2.23 -12.16 16.63
C LYS A 47 3.67 -12.56 16.32
N VAL A 48 3.88 -13.22 15.21
CA VAL A 48 5.28 -13.62 14.82
C VAL A 48 5.81 -12.61 13.80
N PRO A 49 7.00 -12.12 14.03
CA PRO A 49 7.57 -11.13 13.12
C PRO A 49 8.39 -11.77 12.00
N HIS A 50 8.14 -11.41 10.78
CA HIS A 50 8.98 -11.91 9.67
C HIS A 50 10.03 -10.81 9.46
N TRP A 51 11.23 -11.01 9.97
CA TRP A 51 12.26 -9.93 9.89
C TRP A 51 13.01 -9.87 8.56
N TYR A 52 13.50 -8.71 8.27
CA TYR A 52 14.26 -8.46 7.01
C TYR A 52 15.30 -7.37 7.28
N HIS A 53 16.42 -7.37 6.58
CA HIS A 53 17.39 -6.25 6.76
C HIS A 53 16.65 -5.00 6.29
N PHE A 54 17.00 -3.84 6.76
CA PHE A 54 16.26 -2.60 6.34
C PHE A 54 16.01 -2.53 4.82
N SER A 55 17.03 -2.69 4.02
CA SER A 55 16.86 -2.62 2.54
C SER A 55 15.99 -3.77 1.98
N CYS A 56 16.25 -5.00 2.40
CA CYS A 56 15.47 -6.16 1.88
C CYS A 56 13.95 -5.98 2.09
N PHE A 57 13.58 -5.41 3.20
CA PHE A 57 12.11 -5.23 3.50
C PHE A 57 11.34 -4.55 2.34
N TRP A 58 11.96 -3.60 1.65
CA TRP A 58 11.25 -2.89 0.56
C TRP A 58 11.34 -3.62 -0.78
N LYS A 59 12.28 -4.52 -0.91
CA LYS A 59 12.43 -5.25 -2.21
C LYS A 59 11.48 -6.43 -2.34
N VAL A 60 10.65 -6.66 -1.34
CA VAL A 60 9.69 -7.81 -1.40
C VAL A 60 8.29 -7.32 -1.83
N GLY A 61 7.98 -6.08 -1.59
CA GLY A 61 6.64 -5.56 -1.97
C GLY A 61 6.00 -4.86 -0.77
N HIS A 62 6.60 -4.96 0.39
CA HIS A 62 6.03 -4.28 1.59
C HIS A 62 6.02 -2.76 1.35
N SER A 63 4.95 -2.10 1.73
CA SER A 63 4.90 -0.62 1.49
C SER A 63 4.31 0.11 2.70
N ILE A 64 4.78 1.30 2.96
CA ILE A 64 4.27 2.10 4.11
C ILE A 64 4.25 3.59 3.74
N ARG A 65 3.10 4.20 3.79
CA ARG A 65 3.02 5.65 3.44
C ARG A 65 3.34 6.50 4.67
N HIS A 66 2.84 6.12 5.81
CA HIS A 66 3.12 6.88 7.08
C HIS A 66 3.74 5.96 8.14
N PRO A 67 5.05 5.95 8.20
CA PRO A 67 5.76 5.09 9.17
C PRO A 67 5.40 5.41 10.64
N ASP A 68 5.40 6.68 11.03
CA ASP A 68 5.05 7.04 12.43
C ASP A 68 3.77 6.36 12.95
N VAL A 69 2.77 6.17 12.12
CA VAL A 69 1.50 5.53 12.60
C VAL A 69 1.36 4.04 12.19
N GLU A 70 2.03 3.61 11.15
CA GLU A 70 1.87 2.19 10.71
C GLU A 70 2.99 1.26 11.22
N VAL A 71 4.09 1.81 11.68
CA VAL A 71 5.20 0.92 12.16
C VAL A 71 5.47 1.09 13.65
N ASP A 72 5.24 0.03 14.42
CA ASP A 72 5.48 0.09 15.88
C ASP A 72 6.99 0.23 16.15
N GLY A 73 7.38 1.00 17.15
CA GLY A 73 8.84 1.16 17.47
C GLY A 73 9.47 2.31 16.65
N PHE A 74 8.75 2.86 15.72
CA PHE A 74 9.33 3.97 14.88
C PHE A 74 9.78 5.14 15.74
N SER A 75 8.94 5.61 16.61
CA SER A 75 9.30 6.78 17.47
C SER A 75 10.51 6.50 18.39
N GLU A 76 10.84 5.24 18.67
CA GLU A 76 12.01 4.97 19.55
C GLU A 76 13.33 4.83 18.74
N LEU A 77 13.28 4.91 17.44
CA LEU A 77 14.52 4.81 16.63
C LEU A 77 15.33 6.09 16.77
N ARG A 78 16.61 6.04 16.49
CA ARG A 78 17.43 7.28 16.55
C ARG A 78 16.92 8.23 15.47
N TRP A 79 17.08 9.52 15.66
CA TRP A 79 16.56 10.52 14.66
C TRP A 79 16.93 10.16 13.22
N ASP A 80 18.20 10.00 12.93
CA ASP A 80 18.62 9.67 11.53
C ASP A 80 17.88 8.43 10.99
N ASP A 81 17.72 7.41 11.79
CA ASP A 81 17.01 6.19 11.32
C ASP A 81 15.53 6.51 11.08
N GLN A 82 14.99 7.43 11.86
CA GLN A 82 13.56 7.82 11.68
C GLN A 82 13.42 8.54 10.33
N GLN A 83 14.42 9.32 9.96
CA GLN A 83 14.37 10.03 8.66
C GLN A 83 14.61 9.04 7.52
N LYS A 84 15.54 8.15 7.71
CA LYS A 84 15.83 7.12 6.65
C LYS A 84 14.56 6.30 6.35
N VAL A 85 13.89 5.85 7.38
CA VAL A 85 12.63 5.07 7.16
C VAL A 85 11.57 5.98 6.53
N LYS A 86 11.50 7.21 6.99
CA LYS A 86 10.48 8.15 6.44
C LYS A 86 10.73 8.41 4.95
N LYS A 87 11.97 8.64 4.59
CA LYS A 87 12.28 8.91 3.16
C LYS A 87 12.16 7.64 2.33
N THR A 88 12.67 6.54 2.83
CA THR A 88 12.57 5.25 2.06
C THR A 88 11.08 4.91 1.84
N ALA A 89 10.27 5.19 2.81
CA ALA A 89 8.81 4.91 2.67
C ALA A 89 8.24 5.76 1.54
N GLU A 90 8.57 7.02 1.51
CA GLU A 90 8.06 7.92 0.43
C GLU A 90 8.56 7.44 -0.93
N ALA A 91 9.84 7.21 -1.06
CA ALA A 91 10.39 6.74 -2.36
C ALA A 91 9.71 5.45 -2.80
N GLY A 92 8.69 5.55 -3.62
CA GLY A 92 7.98 4.32 -4.08
C GLY A 92 8.34 4.04 -5.54
N GLY A 93 9.61 4.02 -5.85
CA GLY A 93 10.02 3.75 -7.26
C GLY A 93 11.55 3.79 -7.36
N VAL A 94 12.07 4.21 -8.48
CA VAL A 94 13.56 4.27 -8.63
C VAL A 94 14.15 5.30 -7.66
N THR A 95 15.16 4.92 -6.92
CA THR A 95 15.79 5.88 -5.97
C THR A 95 17.32 5.84 -6.09
N GLY A 96 17.93 6.98 -6.21
CA GLY A 96 19.42 7.01 -6.35
C GLY A 96 19.83 8.18 -7.24
N LYS A 97 20.73 9.01 -6.77
CA LYS A 97 21.18 10.18 -7.59
C LYS A 97 19.97 11.06 -7.96
N GLY A 98 20.23 12.26 -8.42
CA GLY A 98 19.12 13.17 -8.80
C GLY A 98 18.56 13.84 -7.54
N GLN A 99 18.96 15.07 -7.29
CA GLN A 99 18.46 15.77 -6.08
C GLN A 99 17.62 16.99 -6.49
N ASP A 100 16.32 16.91 -6.28
CA ASP A 100 15.44 18.05 -6.65
C ASP A 100 15.50 19.15 -5.59
N GLY A 101 14.70 20.17 -5.72
CA GLY A 101 14.71 21.26 -4.71
C GLY A 101 13.76 22.38 -5.16
N ILE A 102 12.59 22.01 -5.65
CA ILE A 102 11.61 23.04 -6.10
C ILE A 102 10.19 22.48 -6.05
N GLY A 103 9.21 23.33 -5.86
CA GLY A 103 7.80 22.84 -5.81
C GLY A 103 7.31 22.54 -7.23
N SER A 104 7.20 21.29 -7.57
CA SER A 104 6.74 20.92 -8.93
C SER A 104 5.36 20.26 -8.85
N LYS A 105 4.90 19.68 -9.94
CA LYS A 105 3.57 19.00 -9.93
C LYS A 105 3.57 17.86 -8.91
N ALA A 106 2.45 17.20 -8.76
CA ALA A 106 2.38 16.07 -7.79
C ALA A 106 1.32 15.05 -8.22
N GLU A 107 1.00 14.12 -7.36
CA GLU A 107 -0.03 13.09 -7.72
C GLU A 107 -0.42 12.29 -6.48
N LYS A 108 0.53 11.97 -5.64
CA LYS A 108 0.22 11.18 -4.40
C LYS A 108 -0.49 9.87 -4.76
N THR A 109 0.18 9.01 -5.47
CA THR A 109 -0.45 7.70 -5.84
C THR A 109 -0.83 6.93 -4.59
N LEU A 110 -2.07 6.51 -4.50
CA LEU A 110 -2.50 5.73 -3.30
C LEU A 110 -1.79 4.38 -3.26
N GLY A 111 -1.51 3.88 -2.08
CA GLY A 111 -0.81 2.56 -1.98
C GLY A 111 -1.82 1.45 -1.67
N ASP A 112 -3.05 1.79 -1.40
CA ASP A 112 -4.05 0.73 -1.08
C ASP A 112 -5.17 0.69 -2.15
N PHE A 113 -5.03 1.43 -3.21
CA PHE A 113 -6.08 1.42 -4.28
C PHE A 113 -5.42 1.19 -5.64
N ALA A 114 -5.94 0.30 -6.45
CA ALA A 114 -5.29 0.04 -7.77
C ALA A 114 -6.30 -0.17 -8.90
N ALA A 115 -5.83 0.03 -10.10
CA ALA A 115 -6.69 -0.15 -11.30
C ALA A 115 -5.87 -0.87 -12.38
N GLU A 116 -6.41 -1.90 -12.97
CA GLU A 116 -5.65 -2.64 -14.01
C GLU A 116 -6.60 -3.50 -14.85
N TYR A 117 -6.14 -3.98 -15.97
CA TYR A 117 -7.01 -4.86 -16.79
C TYR A 117 -6.95 -6.25 -16.18
N ALA A 118 -8.06 -6.92 -16.05
CA ALA A 118 -8.07 -8.29 -15.43
C ALA A 118 -7.01 -9.21 -16.05
N LYS A 119 -6.00 -9.58 -15.27
CA LYS A 119 -4.95 -10.48 -15.80
C LYS A 119 -5.55 -11.85 -16.14
N SER A 120 -6.70 -12.16 -15.61
CA SER A 120 -7.34 -13.47 -15.90
C SER A 120 -8.86 -13.35 -15.76
N ASN A 121 -9.57 -14.46 -15.76
CA ASN A 121 -11.06 -14.39 -15.64
C ASN A 121 -11.56 -15.15 -14.41
N ARG A 122 -10.69 -15.49 -13.50
CA ARG A 122 -11.14 -16.22 -12.27
C ARG A 122 -11.29 -15.27 -11.07
N SER A 123 -11.07 -13.99 -11.27
CA SER A 123 -11.24 -13.03 -10.14
C SER A 123 -12.74 -12.77 -9.97
N THR A 124 -13.16 -12.10 -8.92
CA THR A 124 -14.61 -11.87 -8.73
C THR A 124 -14.87 -10.51 -8.09
N CYS A 125 -15.76 -9.73 -8.68
CA CYS A 125 -16.09 -8.43 -8.08
C CYS A 125 -16.69 -8.65 -6.69
N LYS A 126 -16.08 -8.07 -5.67
CA LYS A 126 -16.61 -8.26 -4.29
C LYS A 126 -17.81 -7.33 -3.97
N GLY A 127 -18.48 -6.82 -4.98
CA GLY A 127 -19.64 -5.92 -4.75
C GLY A 127 -20.89 -6.64 -5.24
N CYS A 128 -20.80 -7.28 -6.38
CA CYS A 128 -21.97 -8.05 -6.92
C CYS A 128 -21.63 -9.57 -6.99
N MET A 129 -20.43 -9.95 -6.57
CA MET A 129 -20.02 -11.38 -6.62
C MET A 129 -20.04 -11.98 -8.04
N GLU A 130 -20.13 -11.17 -9.05
CA GLU A 130 -20.11 -11.71 -10.44
C GLU A 130 -18.66 -11.78 -10.92
N LYS A 131 -18.32 -12.77 -11.69
CA LYS A 131 -16.91 -12.92 -12.15
C LYS A 131 -16.49 -11.77 -13.07
N ILE A 132 -15.24 -11.35 -12.97
CA ILE A 132 -14.73 -10.31 -13.88
C ILE A 132 -14.06 -11.00 -15.07
N GLU A 133 -14.36 -10.59 -16.28
CA GLU A 133 -13.75 -11.27 -17.46
C GLU A 133 -12.32 -10.77 -17.70
N LYS A 134 -11.45 -11.66 -18.11
CA LYS A 134 -10.04 -11.24 -18.43
C LYS A 134 -10.01 -10.05 -19.42
N GLY A 135 -9.19 -9.07 -19.17
CA GLY A 135 -9.12 -7.89 -20.09
C GLY A 135 -10.02 -6.75 -19.57
N GLN A 136 -11.08 -7.09 -18.86
CA GLN A 136 -12.00 -6.04 -18.34
C GLN A 136 -11.30 -5.17 -17.28
N VAL A 137 -11.55 -3.89 -17.30
CA VAL A 137 -10.93 -2.99 -16.31
C VAL A 137 -11.51 -3.28 -14.92
N ARG A 138 -10.69 -3.38 -13.93
CA ARG A 138 -11.19 -3.67 -12.56
C ARG A 138 -10.47 -2.79 -11.55
N LEU A 139 -11.11 -2.49 -10.46
CA LEU A 139 -10.47 -1.63 -9.41
C LEU A 139 -10.35 -2.43 -8.12
N SER A 140 -9.51 -2.01 -7.20
CA SER A 140 -9.39 -2.80 -5.96
C SER A 140 -8.96 -1.99 -4.74
N LYS A 141 -9.45 -2.40 -3.60
CA LYS A 141 -9.05 -1.74 -2.32
C LYS A 141 -8.14 -2.72 -1.56
N LYS A 142 -6.87 -2.48 -1.56
CA LYS A 142 -5.93 -3.40 -0.86
C LYS A 142 -6.29 -3.56 0.63
N MET A 143 -6.27 -4.76 1.11
CA MET A 143 -6.59 -5.00 2.56
C MET A 143 -5.80 -6.21 3.05
N VAL A 144 -5.55 -6.30 4.33
CA VAL A 144 -4.78 -7.46 4.86
C VAL A 144 -5.71 -8.43 5.59
N ASP A 145 -5.48 -9.71 5.45
CA ASP A 145 -6.34 -10.70 6.12
C ASP A 145 -5.61 -11.23 7.38
N PRO A 146 -6.28 -11.18 8.50
CA PRO A 146 -5.67 -11.65 9.77
C PRO A 146 -5.48 -13.17 9.71
N GLU A 147 -6.19 -13.84 8.85
CA GLU A 147 -6.05 -15.32 8.73
C GLU A 147 -4.85 -15.66 7.85
N LYS A 148 -4.51 -14.78 6.94
CA LYS A 148 -3.34 -15.04 6.04
C LYS A 148 -2.41 -13.82 6.09
N PRO A 149 -1.71 -13.70 7.18
CA PRO A 149 -0.79 -12.55 7.37
C PRO A 149 0.45 -12.66 6.47
N GLN A 150 0.83 -13.85 6.08
CA GLN A 150 2.04 -14.01 5.21
C GLN A 150 1.79 -13.34 3.85
N LEU A 151 0.55 -13.15 3.47
CA LEU A 151 0.25 -12.50 2.15
C LEU A 151 0.41 -10.98 2.26
N GLY A 152 -0.15 -10.39 3.28
CA GLY A 152 -0.03 -8.91 3.44
C GLY A 152 -1.15 -8.21 2.68
N MET A 153 -0.86 -7.05 2.15
CA MET A 153 -1.91 -6.29 1.38
C MET A 153 -2.43 -7.11 0.19
N ILE A 154 -3.65 -7.56 0.26
CA ILE A 154 -4.22 -8.34 -0.87
C ILE A 154 -5.28 -7.50 -1.59
N ASP A 155 -5.35 -7.58 -2.89
CA ASP A 155 -6.36 -6.77 -3.64
C ASP A 155 -7.78 -7.33 -3.53
N ARG A 156 -8.71 -6.48 -3.23
CA ARG A 156 -10.15 -6.86 -3.20
C ARG A 156 -10.70 -6.25 -4.49
N TRP A 157 -10.95 -7.05 -5.50
CA TRP A 157 -11.38 -6.47 -6.81
C TRP A 157 -12.86 -6.14 -6.91
N TYR A 158 -13.16 -5.27 -7.85
CA TYR A 158 -14.55 -4.82 -8.09
C TYR A 158 -14.67 -4.28 -9.51
N HIS A 159 -15.86 -4.23 -10.04
CA HIS A 159 -16.03 -3.57 -11.37
C HIS A 159 -15.96 -2.08 -11.05
N PRO A 160 -15.49 -1.26 -11.97
CA PRO A 160 -15.38 0.19 -11.67
C PRO A 160 -16.74 0.74 -11.19
N GLY A 161 -17.82 0.38 -11.83
CA GLY A 161 -19.16 0.87 -11.37
C GLY A 161 -19.43 0.36 -9.95
N CYS A 162 -19.30 -0.93 -9.73
CA CYS A 162 -19.53 -1.49 -8.37
C CYS A 162 -18.62 -0.79 -7.33
N PHE A 163 -17.38 -0.55 -7.69
CA PHE A 163 -16.43 0.13 -6.76
C PHE A 163 -16.95 1.53 -6.41
N VAL A 164 -17.39 2.26 -7.40
CA VAL A 164 -17.89 3.64 -7.13
C VAL A 164 -19.11 3.60 -6.21
N LYS A 165 -19.98 2.63 -6.39
CA LYS A 165 -21.19 2.55 -5.50
C LYS A 165 -20.79 2.42 -4.02
N ASN A 166 -19.71 1.74 -3.75
CA ASN A 166 -19.25 1.57 -2.33
C ASN A 166 -18.01 2.43 -2.02
N ARG A 167 -17.84 3.53 -2.71
CA ARG A 167 -16.63 4.39 -2.47
C ARG A 167 -16.48 4.75 -0.99
N GLU A 168 -17.56 5.02 -0.33
CA GLU A 168 -17.48 5.41 1.12
C GLU A 168 -16.96 4.27 1.99
N GLU A 169 -17.62 3.15 1.95
CA GLU A 169 -17.19 2.00 2.80
C GLU A 169 -15.80 1.51 2.39
N LEU A 170 -15.43 1.68 1.16
CA LEU A 170 -14.08 1.22 0.71
C LEU A 170 -12.98 2.24 1.10
N GLY A 171 -13.36 3.32 1.75
CA GLY A 171 -12.33 4.32 2.20
C GLY A 171 -11.82 5.16 1.01
N PHE A 172 -12.58 5.26 -0.06
CA PHE A 172 -12.12 6.09 -1.21
C PHE A 172 -12.67 7.50 -1.05
N ARG A 173 -12.03 8.30 -0.23
CA ARG A 173 -12.49 9.70 0.05
C ARG A 173 -12.85 10.46 -1.24
N PRO A 174 -13.67 11.49 -1.10
CA PRO A 174 -14.11 12.29 -2.28
C PRO A 174 -12.99 13.18 -2.83
N GLU A 175 -11.93 13.38 -2.08
CA GLU A 175 -10.81 14.23 -2.59
C GLU A 175 -9.91 13.41 -3.54
N TYR A 176 -10.04 12.11 -3.50
CA TYR A 176 -9.21 11.26 -4.40
C TYR A 176 -9.77 11.24 -5.81
N SER A 177 -8.89 11.18 -6.78
CA SER A 177 -9.34 11.15 -8.21
C SER A 177 -8.83 9.86 -8.86
N ALA A 178 -9.36 9.52 -10.00
CA ALA A 178 -8.93 8.26 -10.70
C ALA A 178 -7.41 8.26 -10.94
N SER A 179 -6.83 9.40 -11.18
CA SER A 179 -5.36 9.47 -11.46
C SER A 179 -4.50 8.98 -10.27
N GLN A 180 -5.08 8.85 -9.11
CA GLN A 180 -4.27 8.40 -7.92
C GLN A 180 -4.27 6.87 -7.75
N LEU A 181 -5.04 6.16 -8.55
CA LEU A 181 -5.07 4.66 -8.41
C LEU A 181 -3.73 4.05 -8.86
N LYS A 182 -3.22 3.12 -8.08
CA LYS A 182 -1.94 2.47 -8.47
C LYS A 182 -2.13 1.67 -9.78
N GLY A 183 -1.41 2.02 -10.81
CA GLY A 183 -1.55 1.30 -12.11
C GLY A 183 -2.30 2.16 -13.14
N PHE A 184 -2.86 3.28 -12.71
CA PHE A 184 -3.64 4.16 -13.65
C PHE A 184 -2.84 4.47 -14.92
N SER A 185 -1.66 4.96 -14.76
CA SER A 185 -0.80 5.34 -15.93
C SER A 185 -0.70 4.26 -17.01
N LEU A 186 -0.87 2.99 -16.67
CA LEU A 186 -0.74 1.91 -17.71
C LEU A 186 -2.05 1.65 -18.47
N LEU A 187 -3.06 2.43 -18.25
CA LEU A 187 -4.35 2.20 -18.97
C LEU A 187 -4.43 3.03 -20.24
N ALA A 188 -5.09 2.52 -21.25
CA ALA A 188 -5.24 3.28 -22.52
C ALA A 188 -5.97 4.60 -22.24
N THR A 189 -5.68 5.63 -23.00
CA THR A 189 -6.35 6.96 -22.77
C THR A 189 -7.87 6.82 -22.59
N GLU A 190 -8.51 6.06 -23.44
CA GLU A 190 -10.01 5.87 -23.32
C GLU A 190 -10.37 5.34 -21.93
N ASP A 191 -9.70 4.32 -21.48
CA ASP A 191 -10.00 3.75 -20.13
C ASP A 191 -9.71 4.78 -19.03
N LYS A 192 -8.66 5.56 -19.17
CA LYS A 192 -8.33 6.58 -18.13
C LYS A 192 -9.43 7.64 -18.06
N GLU A 193 -9.93 8.05 -19.19
CA GLU A 193 -11.01 9.09 -19.20
C GLU A 193 -12.27 8.57 -18.51
N ALA A 194 -12.66 7.36 -18.80
CA ALA A 194 -13.90 6.77 -18.17
C ALA A 194 -13.76 6.80 -16.64
N LEU A 195 -12.59 6.49 -16.13
CA LEU A 195 -12.39 6.49 -14.66
C LEU A 195 -12.44 7.93 -14.12
N LYS A 196 -11.64 8.81 -14.67
CA LYS A 196 -11.65 10.23 -14.20
C LYS A 196 -13.09 10.77 -14.20
N LYS A 197 -13.89 10.26 -15.08
CA LYS A 197 -15.32 10.71 -15.18
C LYS A 197 -16.11 10.30 -13.93
N GLN A 198 -15.94 9.08 -13.48
CA GLN A 198 -16.70 8.61 -12.27
C GLN A 198 -15.99 9.00 -10.97
N LEU A 199 -14.69 9.11 -11.01
CA LEU A 199 -13.95 9.53 -9.78
C LEU A 199 -13.19 10.82 -10.11
N PRO A 200 -13.91 11.92 -10.10
CA PRO A 200 -13.30 13.24 -10.45
C PRO A 200 -12.38 13.75 -9.33
N GLY A 201 -12.79 13.61 -8.09
CA GLY A 201 -11.94 14.09 -6.97
C GLY A 201 -12.08 15.61 -6.83
N VAL A 202 -13.18 16.15 -7.31
CA VAL A 202 -13.38 17.62 -7.22
C VAL A 202 -14.87 17.93 -7.06
N LYS A 203 -15.29 18.33 -5.88
CA LYS A 203 -16.74 18.64 -5.67
C LYS A 203 -17.17 19.79 -6.58
N SER A 204 -18.29 19.63 -7.25
CA SER A 204 -18.77 20.72 -8.15
C SER A 204 -19.30 21.91 -7.34
N GLU A 205 -19.91 22.86 -7.98
CA GLU A 205 -20.45 24.04 -7.24
C GLU A 205 -21.90 24.31 -7.65
N GLY A 206 -22.70 23.27 -7.77
CA GLY A 206 -24.12 23.46 -8.17
C GLY A 206 -25.02 23.35 -6.93
N LYS A 207 -25.60 24.43 -6.50
CA LYS A 207 -26.49 24.40 -5.31
C LYS A 207 -27.88 23.88 -5.70
N ARG A 208 -28.39 22.93 -4.97
CA ARG A 208 -29.74 22.39 -5.30
C ARG A 208 -30.80 23.04 -4.39
N LYS A 209 -30.80 24.33 -4.31
CA LYS A 209 -31.80 25.03 -3.44
C LYS A 209 -32.29 26.31 -4.12
N GLY A 210 -32.38 26.32 -5.42
CA GLY A 210 -32.85 27.53 -6.14
C GLY A 210 -34.24 27.28 -6.73
N ASP A 211 -34.55 27.91 -7.82
CA ASP A 211 -35.90 27.71 -8.45
C ASP A 211 -35.73 27.39 -9.93
N GLU A 212 -34.71 26.66 -10.29
CA GLU A 212 -34.50 26.31 -11.72
C GLU A 212 -34.22 24.82 -11.87
N VAL A 213 -33.79 24.39 -13.02
CA VAL A 213 -33.48 22.94 -13.22
C VAL A 213 -32.19 22.56 -12.50
N ASP A 214 -31.09 23.20 -12.85
CA ASP A 214 -29.80 22.89 -12.18
C ASP A 214 -29.82 23.37 -10.73
ZN ZN C . 18.33 -9.38 3.77
ZN ZN D . -19.49 -5.98 -9.84
N MET A 1 2.61 4.92 28.66
CA MET A 1 1.52 5.79 28.13
C MET A 1 1.10 5.32 26.73
N ALA A 2 2.04 5.17 25.84
CA ALA A 2 1.70 4.72 24.46
C ALA A 2 2.06 3.26 24.28
N GLU A 3 1.41 2.38 25.01
CA GLU A 3 1.72 0.93 24.88
C GLU A 3 0.62 0.22 24.08
N SER A 4 0.98 -0.32 22.94
CA SER A 4 -0.04 -1.02 22.10
C SER A 4 0.59 -2.20 21.37
N SER A 5 -0.18 -2.92 20.60
CA SER A 5 0.38 -4.09 19.85
C SER A 5 -0.55 -4.49 18.70
N ASP A 6 -1.09 -3.52 18.01
CA ASP A 6 -2.01 -3.83 16.88
C ASP A 6 -1.40 -3.37 15.55
N LYS A 7 -0.32 -2.63 15.59
CA LYS A 7 0.31 -2.15 14.32
C LYS A 7 0.67 -3.35 13.45
N LEU A 8 0.70 -3.17 12.15
CA LEU A 8 1.03 -4.32 11.26
C LEU A 8 2.54 -4.44 11.07
N TYR A 9 3.30 -3.41 11.35
CA TYR A 9 4.78 -3.52 11.14
C TYR A 9 5.56 -3.12 12.40
N ARG A 10 6.79 -3.55 12.48
CA ARG A 10 7.64 -3.21 13.65
C ARG A 10 9.06 -2.87 13.18
N VAL A 11 9.67 -1.90 13.79
CA VAL A 11 11.07 -1.53 13.43
C VAL A 11 11.88 -1.42 14.71
N GLU A 12 13.08 -1.91 14.70
CA GLU A 12 13.92 -1.82 15.94
C GLU A 12 15.34 -2.29 15.67
N TYR A 13 16.22 -2.05 16.61
CA TYR A 13 17.60 -2.52 16.44
C TYR A 13 17.63 -4.00 16.84
N ALA A 14 18.14 -4.84 15.99
CA ALA A 14 18.14 -6.32 16.24
C ALA A 14 18.48 -6.69 17.69
N LYS A 15 17.55 -7.34 18.37
CA LYS A 15 17.80 -7.77 19.78
C LYS A 15 18.85 -8.89 19.78
N SER A 16 19.01 -9.55 18.66
CA SER A 16 20.02 -10.64 18.55
C SER A 16 20.50 -10.73 17.10
N GLY A 17 21.42 -11.61 16.81
CA GLY A 17 21.93 -11.72 15.41
C GLY A 17 21.52 -13.08 14.83
N ARG A 18 20.52 -13.70 15.43
CA ARG A 18 20.07 -15.05 14.94
C ARG A 18 18.90 -14.96 13.96
N ALA A 19 18.22 -13.85 13.90
CA ALA A 19 17.07 -13.74 12.93
C ALA A 19 17.57 -13.78 11.47
N SER A 20 16.83 -14.45 10.61
CA SER A 20 17.24 -14.55 9.20
C SER A 20 16.28 -13.72 8.34
N CYS A 21 16.82 -12.97 7.44
CA CYS A 21 15.97 -12.12 6.55
C CYS A 21 15.04 -12.98 5.70
N LYS A 22 13.77 -12.70 5.71
CA LYS A 22 12.79 -13.51 4.91
C LYS A 22 12.94 -13.24 3.40
N LYS A 23 13.77 -12.31 3.01
CA LYS A 23 13.94 -12.01 1.56
C LYS A 23 15.24 -12.63 1.01
N CYS A 24 16.37 -12.25 1.56
CA CYS A 24 17.67 -12.80 1.05
C CYS A 24 18.21 -13.98 1.90
N SER A 25 17.55 -14.31 2.99
CA SER A 25 17.98 -15.47 3.86
C SER A 25 19.25 -15.21 4.70
N GLU A 26 19.96 -14.13 4.48
CA GLU A 26 21.19 -13.87 5.30
C GLU A 26 20.78 -13.47 6.73
N SER A 27 21.65 -13.69 7.70
CA SER A 27 21.30 -13.35 9.10
C SER A 27 21.26 -11.84 9.31
N ILE A 28 20.43 -11.39 10.21
CA ILE A 28 20.36 -9.94 10.52
C ILE A 28 21.25 -9.69 11.75
N PRO A 29 22.29 -8.91 11.58
CA PRO A 29 23.26 -8.69 12.70
C PRO A 29 22.63 -7.94 13.89
N LYS A 30 23.01 -8.34 15.08
CA LYS A 30 22.47 -7.71 16.32
C LYS A 30 22.68 -6.19 16.30
N ASP A 31 21.73 -5.44 16.83
CA ASP A 31 21.83 -3.93 16.87
C ASP A 31 21.59 -3.28 15.50
N SER A 32 21.53 -4.05 14.43
CA SER A 32 21.30 -3.44 13.09
C SER A 32 19.82 -3.06 12.96
N LEU A 33 19.52 -2.11 12.12
CA LEU A 33 18.10 -1.70 11.94
C LEU A 33 17.37 -2.74 11.09
N ARG A 34 16.33 -3.34 11.63
CA ARG A 34 15.57 -4.36 10.87
C ARG A 34 14.08 -4.04 10.93
N MET A 35 13.33 -4.51 9.97
CA MET A 35 11.86 -4.25 9.97
C MET A 35 11.10 -5.55 9.78
N ALA A 36 9.88 -5.63 10.27
CA ALA A 36 9.13 -6.89 10.10
C ALA A 36 7.65 -6.63 9.91
N ILE A 37 7.00 -7.54 9.22
CA ILE A 37 5.52 -7.42 9.05
C ILE A 37 4.85 -8.31 10.11
N MET A 38 4.15 -7.72 11.03
CA MET A 38 3.50 -8.51 12.12
C MET A 38 2.55 -9.57 11.55
N VAL A 39 2.38 -10.65 12.27
CA VAL A 39 1.47 -11.73 11.80
C VAL A 39 0.89 -12.47 13.02
N GLN A 40 -0.41 -12.61 13.09
CA GLN A 40 -1.02 -13.32 14.24
C GLN A 40 -0.83 -14.84 14.10
N SER A 41 -0.40 -15.50 15.15
CA SER A 41 -0.19 -16.97 15.05
C SER A 41 -1.43 -17.73 15.57
N PRO A 42 -1.85 -18.72 14.81
CA PRO A 42 -3.03 -19.52 15.22
C PRO A 42 -2.65 -20.62 16.22
N MET A 43 -1.38 -20.76 16.52
CA MET A 43 -0.97 -21.81 17.48
C MET A 43 -0.86 -21.26 18.90
N PHE A 44 -0.83 -19.96 19.05
CA PHE A 44 -0.72 -19.36 20.41
C PHE A 44 -1.01 -17.85 20.35
N ASP A 45 -1.52 -17.30 21.42
CA ASP A 45 -1.80 -15.84 21.43
C ASP A 45 -0.49 -15.05 21.32
N GLY A 46 -0.39 -14.21 20.33
CA GLY A 46 0.87 -13.43 20.15
C GLY A 46 1.14 -13.27 18.65
N LYS A 47 1.88 -12.26 18.28
CA LYS A 47 2.16 -12.05 16.82
C LYS A 47 3.59 -12.47 16.48
N VAL A 48 3.76 -13.14 15.36
CA VAL A 48 5.13 -13.56 14.95
C VAL A 48 5.66 -12.56 13.91
N PRO A 49 6.87 -12.07 14.12
CA PRO A 49 7.43 -11.08 13.21
C PRO A 49 8.24 -11.73 12.08
N HIS A 50 7.96 -11.35 10.87
CA HIS A 50 8.78 -11.86 9.73
C HIS A 50 9.84 -10.77 9.52
N TRP A 51 11.04 -10.98 10.00
CA TRP A 51 12.08 -9.91 9.91
C TRP A 51 12.80 -9.85 8.57
N TYR A 52 13.29 -8.69 8.28
CA TYR A 52 14.05 -8.44 7.01
C TYR A 52 15.10 -7.36 7.27
N HIS A 53 16.20 -7.36 6.56
CA HIS A 53 17.19 -6.26 6.72
C HIS A 53 16.45 -5.00 6.26
N PHE A 54 16.82 -3.84 6.73
CA PHE A 54 16.08 -2.59 6.32
C PHE A 54 15.80 -2.53 4.80
N SER A 55 16.82 -2.70 3.99
CA SER A 55 16.62 -2.62 2.50
C SER A 55 15.75 -3.77 1.96
N CYS A 56 16.00 -4.98 2.38
CA CYS A 56 15.20 -6.15 1.86
C CYS A 56 13.69 -5.96 2.10
N PHE A 57 13.33 -5.39 3.21
CA PHE A 57 11.87 -5.19 3.52
C PHE A 57 11.10 -4.51 2.39
N TRP A 58 11.72 -3.57 1.69
CA TRP A 58 10.99 -2.84 0.61
C TRP A 58 11.06 -3.57 -0.73
N LYS A 59 11.99 -4.47 -0.88
CA LYS A 59 12.12 -5.20 -2.19
C LYS A 59 11.14 -6.38 -2.29
N VAL A 60 10.33 -6.61 -1.28
CA VAL A 60 9.37 -7.75 -1.35
C VAL A 60 7.96 -7.27 -1.73
N GLY A 61 7.66 -6.02 -1.51
CA GLY A 61 6.31 -5.51 -1.85
C GLY A 61 5.70 -4.79 -0.63
N HIS A 62 6.32 -4.88 0.51
CA HIS A 62 5.78 -4.18 1.72
C HIS A 62 5.76 -2.68 1.47
N SER A 63 4.70 -2.01 1.86
CA SER A 63 4.64 -0.54 1.62
C SER A 63 4.10 0.21 2.85
N ILE A 64 4.62 1.38 3.09
CA ILE A 64 4.15 2.18 4.27
C ILE A 64 4.11 3.67 3.89
N ARG A 65 2.96 4.29 3.98
CA ARG A 65 2.86 5.74 3.63
C ARG A 65 3.21 6.58 4.85
N HIS A 66 2.72 6.21 6.00
CA HIS A 66 3.01 6.97 7.25
C HIS A 66 3.64 6.04 8.30
N PRO A 67 4.96 6.03 8.35
CA PRO A 67 5.68 5.15 9.31
C PRO A 67 5.34 5.48 10.79
N ASP A 68 5.36 6.75 11.18
CA ASP A 68 5.03 7.12 12.58
C ASP A 68 3.74 6.44 13.12
N VAL A 69 2.74 6.26 12.31
CA VAL A 69 1.47 5.62 12.80
C VAL A 69 1.31 4.14 12.40
N GLU A 70 1.97 3.71 11.34
CA GLU A 70 1.79 2.29 10.90
C GLU A 70 2.90 1.35 11.40
N VAL A 71 4.01 1.89 11.85
CA VAL A 71 5.13 0.99 12.30
C VAL A 71 5.42 1.15 13.80
N ASP A 72 5.19 0.10 14.56
CA ASP A 72 5.47 0.16 16.02
C ASP A 72 6.98 0.28 16.27
N GLY A 73 7.38 1.05 17.26
CA GLY A 73 8.83 1.20 17.56
C GLY A 73 9.47 2.33 16.74
N PHE A 74 8.75 2.89 15.81
CA PHE A 74 9.32 3.99 14.97
C PHE A 74 9.79 5.17 15.83
N SER A 75 8.97 5.64 16.71
CA SER A 75 9.34 6.81 17.57
C SER A 75 10.57 6.52 18.47
N GLU A 76 10.89 5.26 18.74
CA GLU A 76 12.07 4.98 19.60
C GLU A 76 13.38 4.83 18.78
N LEU A 77 13.30 4.92 17.46
CA LEU A 77 14.54 4.80 16.64
C LEU A 77 15.36 6.07 16.77
N ARG A 78 16.64 6.02 16.48
CA ARG A 78 17.46 7.25 16.53
C ARG A 78 16.94 8.22 15.46
N TRP A 79 17.12 9.50 15.65
CA TRP A 79 16.59 10.50 14.66
C TRP A 79 16.95 10.14 13.21
N ASP A 80 18.21 9.96 12.90
CA ASP A 80 18.60 9.65 11.50
C ASP A 80 17.84 8.41 10.97
N ASP A 81 17.69 7.39 11.77
CA ASP A 81 16.96 6.18 11.29
C ASP A 81 15.48 6.51 11.09
N GLN A 82 14.96 7.43 11.87
CA GLN A 82 13.54 7.83 11.70
C GLN A 82 13.38 8.55 10.36
N GLN A 83 14.38 9.32 9.99
CA GLN A 83 14.32 10.04 8.69
C GLN A 83 14.53 9.05 7.54
N LYS A 84 15.46 8.14 7.72
CA LYS A 84 15.72 7.11 6.66
C LYS A 84 14.44 6.31 6.37
N VAL A 85 13.79 5.87 7.40
CA VAL A 85 12.53 5.10 7.21
C VAL A 85 11.46 6.02 6.60
N LYS A 86 11.39 7.25 7.05
CA LYS A 86 10.37 8.19 6.51
C LYS A 86 10.61 8.46 5.03
N LYS A 87 11.85 8.67 4.64
CA LYS A 87 12.14 8.95 3.21
C LYS A 87 11.99 7.68 2.38
N THR A 88 12.51 6.57 2.87
CA THR A 88 12.38 5.29 2.10
C THR A 88 10.91 4.96 1.91
N ALA A 89 10.09 5.25 2.89
CA ALA A 89 8.63 4.96 2.77
C ALA A 89 8.06 5.83 1.64
N GLU A 90 8.41 7.08 1.61
CA GLU A 90 7.88 7.98 0.53
C GLU A 90 8.35 7.50 -0.84
N ALA A 91 9.62 7.26 -0.99
CA ALA A 91 10.15 6.79 -2.31
C ALA A 91 9.44 5.50 -2.73
N GLY A 92 9.13 4.65 -1.79
CA GLY A 92 8.44 3.37 -2.14
C GLY A 92 6.96 3.65 -2.40
N GLY A 93 6.58 3.72 -3.65
CA GLY A 93 5.15 4.00 -3.98
C GLY A 93 5.07 5.07 -5.07
N VAL A 94 5.71 4.83 -6.19
CA VAL A 94 5.66 5.84 -7.30
C VAL A 94 5.20 5.17 -8.60
N THR A 95 4.64 5.94 -9.50
CA THR A 95 4.18 5.36 -10.79
C THR A 95 4.83 6.07 -11.98
N GLY A 96 5.80 6.91 -11.72
CA GLY A 96 6.47 7.64 -12.84
C GLY A 96 7.91 7.14 -12.98
N LYS A 97 8.46 7.21 -14.16
CA LYS A 97 9.86 6.75 -14.37
C LYS A 97 10.81 7.95 -14.46
N GLY A 98 10.53 8.99 -13.72
CA GLY A 98 11.42 10.19 -13.77
C GLY A 98 12.20 10.31 -12.46
N GLN A 99 13.50 10.26 -12.54
CA GLN A 99 14.33 10.37 -11.30
C GLN A 99 15.52 11.30 -11.54
N ASP A 100 16.20 11.12 -12.64
CA ASP A 100 17.38 12.00 -12.94
C ASP A 100 16.92 13.28 -13.65
N GLY A 101 16.97 14.39 -12.97
CA GLY A 101 16.53 15.67 -13.61
C GLY A 101 15.33 16.24 -12.86
N ILE A 102 14.52 15.38 -12.29
CA ILE A 102 13.32 15.87 -11.54
C ILE A 102 13.05 14.97 -10.33
N GLY A 103 12.44 15.49 -9.31
CA GLY A 103 12.15 14.66 -8.11
C GLY A 103 11.52 15.53 -7.01
N SER A 104 11.16 14.95 -5.90
CA SER A 104 10.54 15.74 -4.80
C SER A 104 9.35 16.55 -5.32
N LYS A 105 8.26 15.90 -5.61
CA LYS A 105 7.07 16.64 -6.12
C LYS A 105 5.79 16.10 -5.47
N ALA A 106 4.67 16.28 -6.11
CA ALA A 106 3.38 15.78 -5.52
C ALA A 106 3.38 14.25 -5.48
N GLU A 107 3.05 13.61 -6.58
CA GLU A 107 3.03 12.11 -6.60
C GLU A 107 2.21 11.57 -5.42
N LYS A 108 0.94 11.81 -5.41
CA LYS A 108 0.09 11.31 -4.28
C LYS A 108 -0.58 9.99 -4.67
N THR A 109 0.15 9.10 -5.30
CA THR A 109 -0.44 7.80 -5.69
C THR A 109 -0.87 7.01 -4.45
N LEU A 110 -2.10 6.59 -4.40
CA LEU A 110 -2.58 5.80 -3.21
C LEU A 110 -1.86 4.45 -3.15
N GLY A 111 -1.61 3.95 -1.97
CA GLY A 111 -0.91 2.65 -1.85
C GLY A 111 -1.92 1.52 -1.57
N ASP A 112 -3.16 1.86 -1.33
CA ASP A 112 -4.18 0.80 -1.05
C ASP A 112 -5.27 0.77 -2.14
N PHE A 113 -5.06 1.46 -3.23
CA PHE A 113 -6.08 1.46 -4.33
C PHE A 113 -5.40 1.24 -5.69
N ALA A 114 -5.91 0.35 -6.50
CA ALA A 114 -5.25 0.09 -7.81
C ALA A 114 -6.25 -0.14 -8.95
N ALA A 115 -5.78 0.06 -10.14
CA ALA A 115 -6.63 -0.13 -11.36
C ALA A 115 -5.80 -0.86 -12.42
N GLU A 116 -6.34 -1.90 -13.01
CA GLU A 116 -5.57 -2.63 -14.05
C GLU A 116 -6.51 -3.50 -14.88
N TYR A 117 -6.05 -3.99 -16.00
CA TYR A 117 -6.91 -4.87 -16.82
C TYR A 117 -6.85 -6.27 -16.20
N ALA A 118 -7.97 -6.94 -16.07
CA ALA A 118 -7.97 -8.29 -15.44
C ALA A 118 -6.91 -9.22 -16.06
N LYS A 119 -5.90 -9.58 -15.27
CA LYS A 119 -4.85 -10.49 -15.78
C LYS A 119 -5.44 -11.86 -16.12
N SER A 120 -6.61 -12.17 -15.59
CA SER A 120 -7.25 -13.48 -15.88
C SER A 120 -8.76 -13.36 -15.75
N ASN A 121 -9.48 -14.46 -15.75
CA ASN A 121 -10.96 -14.40 -15.65
C ASN A 121 -11.47 -15.15 -14.40
N ARG A 122 -10.60 -15.48 -13.48
CA ARG A 122 -11.05 -16.22 -12.26
C ARG A 122 -11.21 -15.25 -11.07
N SER A 123 -10.99 -13.97 -11.27
CA SER A 123 -11.18 -13.01 -10.14
C SER A 123 -12.68 -12.75 -9.98
N THR A 124 -13.09 -12.08 -8.95
CA THR A 124 -14.55 -11.85 -8.77
C THR A 124 -14.81 -10.48 -8.14
N CYS A 125 -15.70 -9.71 -8.74
CA CYS A 125 -16.03 -8.39 -8.14
C CYS A 125 -16.65 -8.61 -6.75
N LYS A 126 -16.06 -8.04 -5.74
CA LYS A 126 -16.59 -8.21 -4.35
C LYS A 126 -17.78 -7.28 -4.05
N GLY A 127 -18.45 -6.77 -5.06
CA GLY A 127 -19.61 -5.87 -4.85
C GLY A 127 -20.85 -6.60 -5.35
N CYS A 128 -20.76 -7.24 -6.48
CA CYS A 128 -21.92 -8.01 -7.02
C CYS A 128 -21.58 -9.52 -7.09
N MET A 129 -20.38 -9.92 -6.65
CA MET A 129 -19.97 -11.36 -6.69
C MET A 129 -19.98 -11.96 -8.10
N GLU A 130 -20.08 -11.15 -9.13
CA GLU A 130 -20.04 -11.70 -10.52
C GLU A 130 -18.59 -11.77 -10.98
N LYS A 131 -18.24 -12.76 -11.74
CA LYS A 131 -16.83 -12.92 -12.18
C LYS A 131 -16.40 -11.77 -13.12
N ILE A 132 -15.16 -11.35 -13.01
CA ILE A 132 -14.65 -10.31 -13.92
C ILE A 132 -13.96 -11.01 -15.11
N GLU A 133 -14.27 -10.61 -16.32
CA GLU A 133 -13.64 -11.28 -17.49
C GLU A 133 -12.21 -10.80 -17.72
N LYS A 134 -11.33 -11.68 -18.12
CA LYS A 134 -9.92 -11.26 -18.44
C LYS A 134 -9.89 -10.09 -19.44
N GLY A 135 -9.07 -9.09 -19.18
CA GLY A 135 -9.00 -7.92 -20.11
C GLY A 135 -9.90 -6.79 -19.60
N GLN A 136 -10.96 -7.12 -18.91
CA GLN A 136 -11.88 -6.06 -18.40
C GLN A 136 -11.18 -5.19 -17.33
N VAL A 137 -11.45 -3.91 -17.37
CA VAL A 137 -10.83 -3.00 -16.37
C VAL A 137 -11.43 -3.29 -14.99
N ARG A 138 -10.60 -3.39 -13.99
CA ARG A 138 -11.12 -3.66 -12.62
C ARG A 138 -10.40 -2.77 -11.61
N LEU A 139 -11.05 -2.46 -10.52
CA LEU A 139 -10.42 -1.60 -9.48
C LEU A 139 -10.31 -2.39 -8.18
N SER A 140 -9.47 -1.97 -7.26
CA SER A 140 -9.36 -2.75 -6.01
C SER A 140 -8.94 -1.93 -4.80
N LYS A 141 -9.45 -2.32 -3.67
CA LYS A 141 -9.09 -1.65 -2.39
C LYS A 141 -8.23 -2.63 -1.58
N LYS A 142 -6.95 -2.45 -1.61
CA LYS A 142 -6.03 -3.38 -0.87
C LYS A 142 -6.44 -3.51 0.61
N MET A 143 -6.43 -4.71 1.11
CA MET A 143 -6.79 -4.95 2.53
C MET A 143 -6.03 -6.17 3.04
N VAL A 144 -5.75 -6.24 4.32
CA VAL A 144 -5.02 -7.41 4.87
C VAL A 144 -5.97 -8.37 5.56
N ASP A 145 -5.71 -9.65 5.45
CA ASP A 145 -6.60 -10.65 6.11
C ASP A 145 -5.90 -11.18 7.37
N PRO A 146 -6.61 -11.12 8.48
CA PRO A 146 -6.02 -11.61 9.76
C PRO A 146 -5.82 -13.13 9.71
N GLU A 147 -6.50 -13.80 8.82
CA GLU A 147 -6.34 -15.27 8.71
C GLU A 147 -5.13 -15.60 7.82
N LYS A 148 -4.77 -14.70 6.94
CA LYS A 148 -3.59 -14.94 6.06
C LYS A 148 -2.63 -13.75 6.16
N PRO A 149 -2.00 -13.63 7.29
CA PRO A 149 -1.05 -12.49 7.53
C PRO A 149 0.21 -12.61 6.67
N GLN A 150 0.58 -13.79 6.25
CA GLN A 150 1.81 -13.93 5.40
C GLN A 150 1.60 -13.25 4.04
N LEU A 151 0.37 -13.08 3.63
CA LEU A 151 0.09 -12.43 2.31
C LEU A 151 0.27 -10.92 2.41
N GLY A 152 -0.31 -10.31 3.41
CA GLY A 152 -0.18 -8.83 3.57
C GLY A 152 -1.33 -8.12 2.84
N MET A 153 -1.06 -6.99 2.27
CA MET A 153 -2.13 -6.23 1.55
C MET A 153 -2.57 -6.98 0.29
N ILE A 154 -3.74 -7.58 0.32
CA ILE A 154 -4.24 -8.30 -0.88
C ILE A 154 -5.29 -7.44 -1.60
N ASP A 155 -5.33 -7.51 -2.90
CA ASP A 155 -6.33 -6.70 -3.65
C ASP A 155 -7.76 -7.27 -3.55
N ARG A 156 -8.69 -6.41 -3.26
CA ARG A 156 -10.12 -6.80 -3.24
C ARG A 156 -10.68 -6.20 -4.53
N TRP A 157 -10.92 -7.00 -5.54
CA TRP A 157 -11.33 -6.43 -6.86
C TRP A 157 -12.82 -6.10 -6.98
N TYR A 158 -13.10 -5.24 -7.92
CA TYR A 158 -14.50 -4.80 -8.16
C TYR A 158 -14.61 -4.25 -9.59
N HIS A 159 -15.79 -4.21 -10.13
CA HIS A 159 -15.97 -3.56 -11.45
C HIS A 159 -15.89 -2.07 -11.15
N PRO A 160 -15.42 -1.26 -12.07
CA PRO A 160 -15.32 0.20 -11.79
C PRO A 160 -16.67 0.76 -11.31
N GLY A 161 -17.76 0.38 -11.95
CA GLY A 161 -19.09 0.88 -11.51
C GLY A 161 -19.37 0.38 -10.09
N CYS A 162 -19.24 -0.91 -9.86
CA CYS A 162 -19.48 -1.46 -8.48
C CYS A 162 -18.58 -0.76 -7.46
N PHE A 163 -17.34 -0.51 -7.81
CA PHE A 163 -16.39 0.17 -6.87
C PHE A 163 -16.92 1.57 -6.53
N VAL A 164 -17.35 2.30 -7.52
CA VAL A 164 -17.85 3.68 -7.28
C VAL A 164 -19.07 3.63 -6.35
N LYS A 165 -19.94 2.67 -6.54
CA LYS A 165 -21.16 2.59 -5.66
C LYS A 165 -20.77 2.48 -4.18
N ASN A 166 -19.70 1.79 -3.90
CA ASN A 166 -19.24 1.63 -2.46
C ASN A 166 -18.00 2.49 -2.17
N ARG A 167 -17.83 3.61 -2.86
CA ARG A 167 -16.63 4.45 -2.61
C ARG A 167 -16.48 4.83 -1.13
N GLU A 168 -17.57 5.10 -0.48
CA GLU A 168 -17.49 5.50 0.97
C GLU A 168 -16.98 4.36 1.84
N GLU A 169 -17.63 3.24 1.81
CA GLU A 169 -17.21 2.10 2.67
C GLU A 169 -15.81 1.60 2.28
N LEU A 170 -15.43 1.77 1.04
CA LEU A 170 -14.08 1.31 0.60
C LEU A 170 -13.00 2.33 1.00
N GLY A 171 -13.37 3.41 1.63
CA GLY A 171 -12.35 4.41 2.08
C GLY A 171 -11.84 5.25 0.89
N PHE A 172 -12.58 5.34 -0.18
CA PHE A 172 -12.12 6.17 -1.34
C PHE A 172 -12.67 7.58 -1.19
N ARG A 173 -12.03 8.37 -0.36
CA ARG A 173 -12.51 9.78 -0.10
C ARG A 173 -12.86 10.53 -1.40
N PRO A 174 -13.67 11.56 -1.27
CA PRO A 174 -14.11 12.35 -2.45
C PRO A 174 -12.98 13.25 -2.99
N GLU A 175 -11.93 13.45 -2.24
CA GLU A 175 -10.80 14.30 -2.75
C GLU A 175 -9.90 13.48 -3.69
N TYR A 176 -10.03 12.18 -3.65
CA TYR A 176 -9.18 11.31 -4.53
C TYR A 176 -9.75 11.29 -5.95
N SER A 177 -8.87 11.22 -6.92
CA SER A 177 -9.29 11.19 -8.34
C SER A 177 -8.79 9.90 -8.99
N ALA A 178 -9.31 9.55 -10.14
CA ALA A 178 -8.87 8.28 -10.81
C ALA A 178 -7.35 8.28 -11.05
N SER A 179 -6.77 9.42 -11.28
CA SER A 179 -5.30 9.49 -11.56
C SER A 179 -4.45 9.01 -10.37
N GLN A 180 -5.03 8.88 -9.20
CA GLN A 180 -4.23 8.44 -8.01
C GLN A 180 -4.23 6.91 -7.84
N LEU A 181 -4.99 6.20 -8.63
CA LEU A 181 -5.02 4.70 -8.49
C LEU A 181 -3.69 4.09 -8.92
N LYS A 182 -3.18 3.16 -8.14
CA LYS A 182 -1.89 2.50 -8.51
C LYS A 182 -2.08 1.71 -9.81
N GLY A 183 -1.34 2.05 -10.84
CA GLY A 183 -1.48 1.32 -12.15
C GLY A 183 -2.23 2.18 -13.18
N PHE A 184 -2.79 3.29 -12.76
CA PHE A 184 -3.57 4.16 -13.71
C PHE A 184 -2.77 4.47 -14.98
N SER A 185 -1.57 4.96 -14.80
CA SER A 185 -0.71 5.35 -15.98
C SER A 185 -0.60 4.25 -17.05
N LEU A 186 -0.78 2.99 -16.71
CA LEU A 186 -0.63 1.90 -17.74
C LEU A 186 -1.94 1.63 -18.51
N LEU A 187 -2.95 2.41 -18.30
CA LEU A 187 -4.24 2.17 -19.02
C LEU A 187 -4.31 3.00 -20.30
N ALA A 188 -4.97 2.49 -21.31
CA ALA A 188 -5.10 3.24 -22.59
C ALA A 188 -5.84 4.56 -22.31
N THR A 189 -5.56 5.58 -23.09
CA THR A 189 -6.22 6.92 -22.86
C THR A 189 -7.74 6.77 -22.69
N GLU A 190 -8.38 6.01 -23.54
CA GLU A 190 -9.87 5.81 -23.43
C GLU A 190 -10.25 5.29 -22.04
N ASP A 191 -9.57 4.28 -21.58
CA ASP A 191 -9.88 3.72 -20.23
C ASP A 191 -9.61 4.76 -19.13
N LYS A 192 -8.55 5.53 -19.27
CA LYS A 192 -8.22 6.55 -18.23
C LYS A 192 -9.32 7.62 -18.18
N GLU A 193 -9.83 8.02 -19.32
CA GLU A 193 -10.90 9.06 -19.33
C GLU A 193 -12.17 8.54 -18.64
N ALA A 194 -12.55 7.33 -18.94
CA ALA A 194 -13.79 6.74 -18.31
C ALA A 194 -13.67 6.79 -16.77
N LEU A 195 -12.50 6.48 -16.26
CA LEU A 195 -12.31 6.48 -14.79
C LEU A 195 -12.36 7.91 -14.26
N LYS A 196 -11.56 8.80 -14.80
CA LYS A 196 -11.57 10.23 -14.34
C LYS A 196 -13.01 10.78 -14.36
N LYS A 197 -13.81 10.25 -15.24
CA LYS A 197 -15.23 10.70 -15.35
C LYS A 197 -16.04 10.29 -14.10
N GLN A 198 -15.87 9.08 -13.64
CA GLN A 198 -16.64 8.62 -12.44
C GLN A 198 -15.94 9.02 -11.14
N LEU A 199 -14.63 9.13 -11.16
CA LEU A 199 -13.90 9.55 -9.94
C LEU A 199 -13.14 10.85 -10.26
N PRO A 200 -13.85 11.95 -10.27
CA PRO A 200 -13.24 13.26 -10.62
C PRO A 200 -12.34 13.78 -9.49
N GLY A 201 -12.77 13.63 -8.26
CA GLY A 201 -11.95 14.12 -7.13
C GLY A 201 -12.11 15.64 -6.99
N VAL A 202 -13.20 16.17 -7.49
CA VAL A 202 -13.43 17.65 -7.39
C VAL A 202 -12.23 18.42 -7.94
N LYS A 203 -12.17 18.63 -9.22
CA LYS A 203 -11.02 19.38 -9.81
C LYS A 203 -11.52 20.64 -10.53
N SER A 204 -12.72 21.06 -10.26
CA SER A 204 -13.25 22.28 -10.95
C SER A 204 -14.53 22.76 -10.25
N GLU A 205 -15.39 21.84 -9.89
CA GLU A 205 -16.66 22.24 -9.21
C GLU A 205 -16.73 21.61 -7.81
N GLY A 206 -17.20 22.34 -6.83
CA GLY A 206 -17.29 21.79 -5.45
C GLY A 206 -16.47 22.66 -4.50
N LYS A 207 -15.87 22.07 -3.50
CA LYS A 207 -15.05 22.85 -2.53
C LYS A 207 -15.87 24.03 -1.98
N ARG A 208 -17.13 23.83 -1.72
CA ARG A 208 -17.97 24.94 -1.18
C ARG A 208 -18.38 24.63 0.27
N LYS A 209 -18.02 25.48 1.18
CA LYS A 209 -18.39 25.24 2.62
C LYS A 209 -18.56 26.58 3.34
N GLY A 210 -19.68 26.76 4.00
CA GLY A 210 -19.91 28.04 4.73
C GLY A 210 -19.65 27.83 6.22
N ASP A 211 -18.61 28.42 6.74
CA ASP A 211 -18.29 28.25 8.19
C ASP A 211 -19.38 28.90 9.04
N GLU A 212 -20.41 28.18 9.37
CA GLU A 212 -21.51 28.75 10.19
C GLU A 212 -21.61 28.03 11.54
N VAL A 213 -21.01 28.58 12.56
CA VAL A 213 -21.07 27.92 13.91
C VAL A 213 -21.29 28.97 14.99
N ASP A 214 -22.00 30.02 14.68
CA ASP A 214 -22.26 31.09 15.69
C ASP A 214 -23.58 31.82 15.36
ZN ZN C . 18.07 -9.41 3.71
ZN ZN D . -19.41 -5.97 -9.92
N MET A 1 5.02 -5.84 28.58
CA MET A 1 5.92 -5.74 27.38
C MET A 1 6.06 -7.12 26.73
N ALA A 2 4.97 -7.69 26.28
CA ALA A 2 5.04 -9.03 25.63
C ALA A 2 4.08 -9.09 24.44
N GLU A 3 2.85 -8.70 24.63
CA GLU A 3 1.87 -8.74 23.51
C GLU A 3 0.97 -7.50 23.55
N SER A 4 1.31 -6.48 22.81
CA SER A 4 0.48 -5.24 22.81
C SER A 4 0.87 -4.35 21.63
N SER A 5 0.54 -4.74 20.43
CA SER A 5 0.91 -3.91 19.24
C SER A 5 0.03 -4.30 18.04
N ASP A 6 -1.07 -3.62 17.87
CA ASP A 6 -1.97 -3.94 16.71
C ASP A 6 -1.35 -3.47 15.40
N LYS A 7 -0.28 -2.73 15.46
CA LYS A 7 0.37 -2.25 14.19
C LYS A 7 0.74 -3.44 13.31
N LEU A 8 0.79 -3.25 12.02
CA LEU A 8 1.14 -4.39 11.12
C LEU A 8 2.65 -4.51 10.95
N TYR A 9 3.40 -3.47 11.24
CA TYR A 9 4.88 -3.57 11.05
C TYR A 9 5.65 -3.17 12.32
N ARG A 10 6.89 -3.59 12.41
CA ARG A 10 7.71 -3.25 13.60
C ARG A 10 9.14 -2.90 13.15
N VAL A 11 9.73 -1.93 13.76
CA VAL A 11 11.13 -1.55 13.41
C VAL A 11 11.92 -1.43 14.70
N GLU A 12 13.14 -1.91 14.70
CA GLU A 12 13.95 -1.82 15.95
C GLU A 12 15.38 -2.28 15.70
N TYR A 13 16.24 -2.04 16.65
CA TYR A 13 17.63 -2.49 16.50
C TYR A 13 17.67 -3.98 16.90
N ALA A 14 18.19 -4.81 16.05
CA ALA A 14 18.20 -6.29 16.31
C ALA A 14 18.53 -6.66 17.76
N LYS A 15 17.60 -7.31 18.42
CA LYS A 15 17.83 -7.75 19.84
C LYS A 15 18.89 -8.87 19.86
N SER A 16 19.07 -9.52 18.73
CA SER A 16 20.08 -10.60 18.63
C SER A 16 20.58 -10.69 17.18
N GLY A 17 21.52 -11.56 16.91
CA GLY A 17 22.04 -11.66 15.51
C GLY A 17 21.65 -13.03 14.93
N ARG A 18 20.64 -13.66 15.51
CA ARG A 18 20.21 -15.01 15.03
C ARG A 18 19.05 -14.92 14.02
N ALA A 19 18.36 -13.82 13.97
CA ALA A 19 17.22 -13.71 12.97
C ALA A 19 17.74 -13.75 11.53
N SER A 20 17.02 -14.42 10.66
CA SER A 20 17.44 -14.52 9.25
C SER A 20 16.49 -13.70 8.38
N CYS A 21 17.03 -12.94 7.49
CA CYS A 21 16.18 -12.09 6.59
C CYS A 21 15.27 -12.96 5.73
N LYS A 22 14.00 -12.69 5.72
CA LYS A 22 13.04 -13.51 4.91
C LYS A 22 13.19 -13.24 3.40
N LYS A 23 14.02 -12.29 3.01
CA LYS A 23 14.20 -12.00 1.56
C LYS A 23 15.52 -12.61 1.03
N CYS A 24 16.64 -12.22 1.60
CA CYS A 24 17.95 -12.77 1.10
C CYS A 24 18.49 -13.94 1.96
N SER A 25 17.82 -14.29 3.04
CA SER A 25 18.25 -15.44 3.91
C SER A 25 19.51 -15.17 4.79
N GLU A 26 20.21 -14.08 4.56
CA GLU A 26 21.42 -13.81 5.40
C GLU A 26 21.00 -13.42 6.82
N SER A 27 21.86 -13.63 7.79
CA SER A 27 21.50 -13.29 9.19
C SER A 27 21.44 -11.78 9.41
N ILE A 28 20.59 -11.35 10.30
CA ILE A 28 20.51 -9.89 10.61
C ILE A 28 21.38 -9.64 11.85
N PRO A 29 22.43 -8.85 11.69
CA PRO A 29 23.37 -8.62 12.82
C PRO A 29 22.74 -7.88 14.00
N LYS A 30 23.09 -8.28 15.20
CA LYS A 30 22.54 -7.65 16.44
C LYS A 30 22.74 -6.13 16.42
N ASP A 31 21.78 -5.39 16.93
CA ASP A 31 21.86 -3.88 16.98
C ASP A 31 21.64 -3.23 15.60
N SER A 32 21.60 -4.00 14.53
CA SER A 32 21.38 -3.39 13.20
C SER A 32 19.90 -3.02 13.05
N LEU A 33 19.60 -2.07 12.21
CA LEU A 33 18.19 -1.67 12.01
C LEU A 33 17.46 -2.70 11.15
N ARG A 34 16.43 -3.33 11.67
CA ARG A 34 15.68 -4.35 10.91
C ARG A 34 14.19 -4.04 10.95
N MET A 35 13.45 -4.50 9.99
CA MET A 35 11.98 -4.25 9.97
C MET A 35 11.24 -5.56 9.76
N ALA A 36 10.01 -5.65 10.24
CA ALA A 36 9.27 -6.91 10.07
C ALA A 36 7.78 -6.67 9.86
N ILE A 37 7.14 -7.57 9.17
CA ILE A 37 5.67 -7.47 8.99
C ILE A 37 4.99 -8.36 10.03
N MET A 38 4.28 -7.77 10.95
CA MET A 38 3.62 -8.58 12.03
C MET A 38 2.69 -9.64 11.44
N VAL A 39 2.51 -10.72 12.15
CA VAL A 39 1.62 -11.81 11.67
C VAL A 39 1.04 -12.57 12.88
N GLN A 40 -0.26 -12.70 12.93
CA GLN A 40 -0.89 -13.43 14.08
C GLN A 40 -0.67 -14.94 13.94
N SER A 41 -0.27 -15.59 14.98
CA SER A 41 -0.04 -17.07 14.91
C SER A 41 -1.28 -17.84 15.40
N PRO A 42 -1.68 -18.82 14.65
CA PRO A 42 -2.87 -19.63 15.02
C PRO A 42 -2.49 -20.73 16.02
N MET A 43 -1.23 -20.85 16.35
CA MET A 43 -0.81 -21.92 17.32
C MET A 43 -0.72 -21.36 18.73
N PHE A 44 -0.71 -20.06 18.88
CA PHE A 44 -0.62 -19.46 20.24
C PHE A 44 -0.91 -17.96 20.19
N ASP A 45 -1.45 -17.41 21.24
CA ASP A 45 -1.74 -15.95 21.26
C ASP A 45 -0.43 -15.16 21.16
N GLY A 46 -0.32 -14.31 20.16
CA GLY A 46 0.93 -13.52 20.01
C GLY A 46 1.22 -13.35 18.52
N LYS A 47 1.96 -12.34 18.14
CA LYS A 47 2.26 -12.13 16.70
C LYS A 47 3.70 -12.53 16.37
N VAL A 48 3.89 -13.21 15.26
CA VAL A 48 5.27 -13.61 14.86
C VAL A 48 5.80 -12.61 13.83
N PRO A 49 6.99 -12.12 14.06
CA PRO A 49 7.56 -11.12 13.15
C PRO A 49 8.38 -11.76 12.03
N HIS A 50 8.12 -11.38 10.81
CA HIS A 50 8.96 -11.89 9.68
C HIS A 50 10.01 -10.79 9.48
N TRP A 51 11.21 -11.00 9.98
CA TRP A 51 12.23 -9.92 9.91
C TRP A 51 12.98 -9.85 8.58
N TYR A 52 13.46 -8.68 8.29
CA TYR A 52 14.23 -8.43 7.03
C TYR A 52 15.28 -7.35 7.30
N HIS A 53 16.38 -7.35 6.60
CA HIS A 53 17.35 -6.23 6.78
C HIS A 53 16.62 -4.98 6.31
N PHE A 54 16.98 -3.82 6.79
CA PHE A 54 16.23 -2.57 6.36
C PHE A 54 15.98 -2.50 4.85
N SER A 55 16.99 -2.67 4.04
CA SER A 55 16.82 -2.59 2.55
C SER A 55 15.95 -3.74 1.99
N CYS A 56 16.21 -4.96 2.42
CA CYS A 56 15.43 -6.13 1.89
C CYS A 56 13.92 -5.94 2.12
N PHE A 57 13.54 -5.37 3.23
CA PHE A 57 12.08 -5.19 3.52
C PHE A 57 11.31 -4.51 2.37
N TRP A 58 11.93 -3.57 1.68
CA TRP A 58 11.21 -2.85 0.60
C TRP A 58 11.30 -3.58 -0.74
N LYS A 59 12.23 -4.48 -0.88
CA LYS A 59 12.39 -5.20 -2.18
C LYS A 59 11.43 -6.38 -2.30
N VAL A 60 10.60 -6.61 -1.32
CA VAL A 60 9.65 -7.77 -1.38
C VAL A 60 8.24 -7.29 -1.78
N GLY A 61 7.93 -6.05 -1.56
CA GLY A 61 6.58 -5.54 -1.92
C GLY A 61 5.95 -4.82 -0.71
N HIS A 62 6.56 -4.92 0.44
CA HIS A 62 6.00 -4.23 1.65
C HIS A 62 5.97 -2.73 1.39
N SER A 63 4.91 -2.06 1.78
CA SER A 63 4.83 -0.59 1.53
C SER A 63 4.28 0.15 2.76
N ILE A 64 4.78 1.33 3.01
CA ILE A 64 4.30 2.13 4.17
C ILE A 64 4.25 3.62 3.80
N ARG A 65 3.10 4.22 3.88
CA ARG A 65 2.99 5.67 3.53
C ARG A 65 3.32 6.53 4.76
N HIS A 66 2.82 6.14 5.89
CA HIS A 66 3.10 6.91 7.15
C HIS A 66 3.72 5.98 8.22
N PRO A 67 5.03 5.98 8.27
CA PRO A 67 5.76 5.11 9.25
C PRO A 67 5.39 5.43 10.72
N ASP A 68 5.39 6.70 11.11
CA ASP A 68 5.04 7.06 12.51
C ASP A 68 3.76 6.37 13.03
N VAL A 69 2.77 6.19 12.19
CA VAL A 69 1.49 5.55 12.68
C VAL A 69 1.36 4.06 12.27
N GLU A 70 2.02 3.63 11.22
CA GLU A 70 1.86 2.21 10.77
C GLU A 70 2.97 1.28 11.29
N VAL A 71 4.08 1.82 11.75
CA VAL A 71 5.19 0.93 12.22
C VAL A 71 5.46 1.10 13.72
N ASP A 72 5.24 0.04 14.48
CA ASP A 72 5.49 0.10 15.94
C ASP A 72 6.99 0.23 16.21
N GLY A 73 7.39 1.01 17.21
CA GLY A 73 8.83 1.16 17.52
C GLY A 73 9.47 2.30 16.71
N PHE A 74 8.75 2.86 15.78
CA PHE A 74 9.33 3.97 14.94
C PHE A 74 9.79 5.14 15.81
N SER A 75 8.94 5.61 16.67
CA SER A 75 9.31 6.77 17.54
C SER A 75 10.52 6.50 18.45
N GLU A 76 10.85 5.24 18.73
CA GLU A 76 12.02 4.97 19.60
C GLU A 76 13.33 4.82 18.80
N LEU A 77 13.28 4.92 17.49
CA LEU A 77 14.52 4.80 16.67
C LEU A 77 15.33 6.09 16.82
N ARG A 78 16.61 6.04 16.54
CA ARG A 78 17.43 7.28 16.61
C ARG A 78 16.93 8.23 15.52
N TRP A 79 17.08 9.52 15.71
CA TRP A 79 16.56 10.52 14.71
C TRP A 79 16.93 10.16 13.27
N ASP A 80 18.20 10.00 12.98
CA ASP A 80 18.62 9.68 11.57
C ASP A 80 17.88 8.45 11.03
N ASP A 81 17.72 7.42 11.84
CA ASP A 81 17.00 6.20 11.36
C ASP A 81 15.52 6.53 11.14
N GLN A 82 14.98 7.44 11.91
CA GLN A 82 13.56 7.83 11.73
C GLN A 82 13.42 8.56 10.38
N GLN A 83 14.41 9.33 10.02
CA GLN A 83 14.36 10.05 8.72
C GLN A 83 14.59 9.06 7.58
N LYS A 84 15.52 8.16 7.76
CA LYS A 84 15.81 7.14 6.71
C LYS A 84 14.54 6.32 6.41
N VAL A 85 13.87 5.87 7.43
CA VAL A 85 12.62 5.10 7.21
C VAL A 85 11.55 6.01 6.60
N LYS A 86 11.48 7.24 7.06
CA LYS A 86 10.46 8.18 6.50
C LYS A 86 10.71 8.44 5.02
N LYS A 87 11.95 8.67 4.65
CA LYS A 87 12.26 8.95 3.22
C LYS A 87 12.12 7.67 2.39
N THR A 88 12.64 6.57 2.88
CA THR A 88 12.53 5.28 2.12
C THR A 88 11.06 4.95 1.90
N ALA A 89 10.23 5.23 2.88
CA ALA A 89 8.78 4.94 2.73
C ALA A 89 8.21 5.80 1.60
N GLU A 90 8.55 7.06 1.57
CA GLU A 90 8.03 7.96 0.49
C GLU A 90 8.52 7.47 -0.88
N ALA A 91 9.80 7.25 -1.01
CA ALA A 91 10.34 6.78 -2.32
C ALA A 91 9.65 5.48 -2.75
N GLY A 92 8.77 5.56 -3.72
CA GLY A 92 8.06 4.34 -4.18
C GLY A 92 8.79 3.76 -5.39
N GLY A 93 9.57 2.72 -5.17
CA GLY A 93 10.31 2.09 -6.31
C GLY A 93 11.57 1.42 -5.77
N VAL A 94 12.42 0.95 -6.65
CA VAL A 94 13.68 0.29 -6.20
C VAL A 94 14.86 0.78 -7.04
N THR A 95 16.00 0.17 -6.88
CA THR A 95 17.20 0.59 -7.66
C THR A 95 17.50 -0.43 -8.77
N GLY A 96 18.61 -0.27 -9.44
CA GLY A 96 18.96 -1.22 -10.53
C GLY A 96 20.24 -0.76 -11.23
N LYS A 97 20.78 -1.56 -12.11
CA LYS A 97 22.02 -1.17 -12.82
C LYS A 97 21.68 -0.53 -14.17
N GLY A 98 21.15 0.66 -14.15
CA GLY A 98 20.79 1.34 -15.43
C GLY A 98 20.28 2.76 -15.13
N GLN A 99 19.21 3.15 -15.76
CA GLN A 99 18.65 4.52 -15.52
C GLN A 99 17.13 4.51 -15.72
N ASP A 100 16.40 4.03 -14.75
CA ASP A 100 14.91 4.00 -14.88
C ASP A 100 14.27 4.47 -13.57
N GLY A 101 13.70 5.65 -13.58
CA GLY A 101 13.05 6.17 -12.34
C GLY A 101 13.70 7.49 -11.94
N ILE A 102 13.76 7.77 -10.67
CA ILE A 102 14.38 9.06 -10.20
C ILE A 102 13.75 10.25 -10.93
N GLY A 103 12.72 10.82 -10.37
CA GLY A 103 12.06 11.99 -11.03
C GLY A 103 10.64 12.15 -10.50
N SER A 104 10.14 13.35 -10.44
CA SER A 104 8.76 13.58 -9.93
C SER A 104 7.76 13.57 -11.08
N LYS A 105 7.74 12.53 -11.87
CA LYS A 105 6.79 12.47 -13.03
C LYS A 105 5.35 12.54 -12.53
N ALA A 106 4.97 11.64 -11.67
CA ALA A 106 3.56 11.66 -11.14
C ALA A 106 3.47 12.58 -9.94
N GLU A 107 2.29 12.76 -9.39
CA GLU A 107 2.13 13.65 -8.21
C GLU A 107 1.87 12.82 -6.95
N LYS A 108 0.70 12.25 -6.84
CA LYS A 108 0.38 11.42 -5.64
C LYS A 108 -0.29 10.11 -6.06
N THR A 109 0.16 9.01 -5.51
CA THR A 109 -0.45 7.70 -5.89
C THR A 109 -0.86 6.93 -4.64
N LEU A 110 -2.08 6.48 -4.58
CA LEU A 110 -2.55 5.73 -3.37
C LEU A 110 -1.84 4.38 -3.30
N GLY A 111 -1.58 3.89 -2.12
CA GLY A 111 -0.87 2.59 -1.98
C GLY A 111 -1.88 1.47 -1.67
N ASP A 112 -3.12 1.81 -1.41
CA ASP A 112 -4.14 0.76 -1.10
C ASP A 112 -5.24 0.71 -2.16
N PHE A 113 -5.10 1.46 -3.23
CA PHE A 113 -6.14 1.44 -4.30
C PHE A 113 -5.47 1.21 -5.66
N ALA A 114 -5.98 0.32 -6.47
CA ALA A 114 -5.33 0.06 -7.78
C ALA A 114 -6.32 -0.15 -8.92
N ALA A 115 -5.85 0.04 -10.12
CA ALA A 115 -6.70 -0.14 -11.33
C ALA A 115 -5.87 -0.87 -12.40
N GLU A 116 -6.40 -1.89 -12.99
CA GLU A 116 -5.63 -2.63 -14.02
C GLU A 116 -6.57 -3.50 -14.86
N TYR A 117 -6.11 -3.98 -15.99
CA TYR A 117 -6.97 -4.86 -16.81
C TYR A 117 -6.91 -6.26 -16.19
N ALA A 118 -8.04 -6.93 -16.07
CA ALA A 118 -8.04 -8.28 -15.44
C ALA A 118 -6.98 -9.21 -16.05
N LYS A 119 -5.98 -9.57 -15.27
CA LYS A 119 -4.93 -10.48 -15.78
C LYS A 119 -5.52 -11.86 -16.13
N SER A 120 -6.68 -12.16 -15.61
CA SER A 120 -7.32 -13.48 -15.91
C SER A 120 -8.84 -13.35 -15.78
N ASN A 121 -9.55 -14.45 -15.78
CA ASN A 121 -11.04 -14.38 -15.67
C ASN A 121 -11.55 -15.15 -14.44
N ARG A 122 -10.68 -15.48 -13.52
CA ARG A 122 -11.13 -16.21 -12.30
C ARG A 122 -11.30 -15.25 -11.11
N SER A 123 -11.07 -13.97 -11.30
CA SER A 123 -11.26 -13.01 -10.18
C SER A 123 -12.76 -12.76 -10.01
N THR A 124 -13.17 -12.09 -8.98
CA THR A 124 -14.64 -11.86 -8.79
C THR A 124 -14.90 -10.49 -8.16
N CYS A 125 -15.78 -9.71 -8.76
CA CYS A 125 -16.12 -8.40 -8.17
C CYS A 125 -16.73 -8.62 -6.78
N LYS A 126 -16.14 -8.05 -5.76
CA LYS A 126 -16.68 -8.23 -4.37
C LYS A 126 -17.87 -7.30 -4.07
N GLY A 127 -18.54 -6.79 -5.09
CA GLY A 127 -19.69 -5.89 -4.87
C GLY A 127 -20.94 -6.61 -5.37
N CYS A 128 -20.85 -7.25 -6.51
CA CYS A 128 -22.02 -8.02 -7.04
C CYS A 128 -21.68 -9.53 -7.12
N MET A 129 -20.48 -9.92 -6.68
CA MET A 129 -20.06 -11.36 -6.73
C MET A 129 -20.07 -11.97 -8.15
N GLU A 130 -20.16 -11.14 -9.17
CA GLU A 130 -20.13 -11.69 -10.56
C GLU A 130 -18.67 -11.77 -11.02
N LYS A 131 -18.33 -12.76 -11.79
CA LYS A 131 -16.91 -12.91 -12.22
C LYS A 131 -16.48 -11.77 -13.16
N ILE A 132 -15.24 -11.35 -13.04
CA ILE A 132 -14.72 -10.30 -13.95
C ILE A 132 -14.04 -11.00 -15.13
N GLU A 133 -14.33 -10.59 -16.35
CA GLU A 133 -13.70 -11.27 -17.52
C GLU A 133 -12.27 -10.77 -17.75
N LYS A 134 -11.40 -11.66 -18.15
CA LYS A 134 -9.99 -11.24 -18.46
C LYS A 134 -9.95 -10.06 -19.45
N GLY A 135 -9.13 -9.06 -19.20
CA GLY A 135 -9.05 -7.90 -20.12
C GLY A 135 -9.96 -6.76 -19.60
N GLN A 136 -11.02 -7.10 -18.91
CA GLN A 136 -11.94 -6.04 -18.40
C GLN A 136 -11.25 -5.17 -17.34
N VAL A 137 -11.50 -3.89 -17.36
CA VAL A 137 -10.88 -2.98 -16.36
C VAL A 137 -11.49 -3.28 -14.98
N ARG A 138 -10.66 -3.37 -13.98
CA ARG A 138 -11.19 -3.66 -12.61
C ARG A 138 -10.47 -2.77 -11.60
N LEU A 139 -11.12 -2.47 -10.51
CA LEU A 139 -10.49 -1.61 -9.47
C LEU A 139 -10.38 -2.41 -8.17
N SER A 140 -9.55 -1.99 -7.24
CA SER A 140 -9.44 -2.78 -6.00
C SER A 140 -9.02 -1.96 -4.79
N LYS A 141 -9.52 -2.35 -3.65
CA LYS A 141 -9.15 -1.69 -2.37
C LYS A 141 -8.26 -2.65 -1.56
N LYS A 142 -6.98 -2.44 -1.58
CA LYS A 142 -6.05 -3.36 -0.85
C LYS A 142 -6.45 -3.51 0.62
N MET A 143 -6.37 -4.71 1.14
CA MET A 143 -6.72 -4.95 2.57
C MET A 143 -5.94 -6.17 3.07
N VAL A 144 -5.66 -6.23 4.35
CA VAL A 144 -4.90 -7.40 4.87
C VAL A 144 -5.83 -8.36 5.62
N ASP A 145 -5.63 -9.64 5.46
CA ASP A 145 -6.51 -10.62 6.17
C ASP A 145 -5.78 -11.13 7.41
N PRO A 146 -6.46 -11.07 8.54
CA PRO A 146 -5.84 -11.55 9.81
C PRO A 146 -5.65 -13.06 9.77
N GLU A 147 -6.37 -13.74 8.91
CA GLU A 147 -6.22 -15.22 8.80
C GLU A 147 -5.04 -15.56 7.89
N LYS A 148 -4.69 -14.67 7.00
CA LYS A 148 -3.54 -14.92 6.07
C LYS A 148 -2.56 -13.74 6.15
N PRO A 149 -1.90 -13.65 7.26
CA PRO A 149 -0.94 -12.53 7.49
C PRO A 149 0.31 -12.65 6.58
N GLN A 150 0.66 -13.83 6.17
CA GLN A 150 1.86 -13.97 5.29
C GLN A 150 1.62 -13.30 3.93
N LEU A 151 0.38 -13.12 3.55
CA LEU A 151 0.08 -12.47 2.23
C LEU A 151 0.27 -10.95 2.32
N GLY A 152 -0.28 -10.34 3.33
CA GLY A 152 -0.15 -8.87 3.48
C GLY A 152 -1.28 -8.16 2.72
N MET A 153 -1.00 -7.01 2.19
CA MET A 153 -2.03 -6.24 1.43
C MET A 153 -2.54 -7.05 0.23
N ILE A 154 -3.76 -7.52 0.29
CA ILE A 154 -4.32 -8.30 -0.85
C ILE A 154 -5.37 -7.47 -1.59
N ASP A 155 -5.43 -7.55 -2.90
CA ASP A 155 -6.42 -6.74 -3.65
C ASP A 155 -7.84 -7.31 -3.56
N ARG A 156 -8.78 -6.45 -3.26
CA ARG A 156 -10.22 -6.85 -3.24
C ARG A 156 -10.77 -6.23 -4.53
N TRP A 157 -11.01 -7.02 -5.54
CA TRP A 157 -11.41 -6.45 -6.86
C TRP A 157 -12.91 -6.12 -6.98
N TYR A 158 -13.18 -5.25 -7.91
CA TYR A 158 -14.58 -4.81 -8.17
C TYR A 158 -14.68 -4.26 -9.60
N HIS A 159 -15.87 -4.21 -10.14
CA HIS A 159 -16.03 -3.56 -11.46
C HIS A 159 -15.96 -2.07 -11.16
N PRO A 160 -15.50 -1.26 -12.07
CA PRO A 160 -15.39 0.20 -11.78
C PRO A 160 -16.74 0.77 -11.31
N GLY A 161 -17.82 0.39 -11.94
CA GLY A 161 -19.16 0.89 -11.50
C GLY A 161 -19.44 0.38 -10.08
N CYS A 162 -19.31 -0.91 -9.86
CA CYS A 162 -19.56 -1.47 -8.49
C CYS A 162 -18.65 -0.77 -7.46
N PHE A 163 -17.41 -0.52 -7.80
CA PHE A 163 -16.46 0.16 -6.86
C PHE A 163 -16.98 1.55 -6.52
N VAL A 164 -17.42 2.29 -7.52
CA VAL A 164 -17.92 3.66 -7.25
C VAL A 164 -19.15 3.62 -6.34
N LYS A 165 -20.02 2.66 -6.53
CA LYS A 165 -21.23 2.58 -5.65
C LYS A 165 -20.84 2.46 -4.17
N ASN A 166 -19.78 1.77 -3.88
CA ASN A 166 -19.32 1.60 -2.46
C ASN A 166 -18.09 2.46 -2.15
N ARG A 167 -17.90 3.57 -2.84
CA ARG A 167 -16.70 4.43 -2.59
C ARG A 167 -16.56 4.79 -1.10
N GLU A 168 -17.64 5.06 -0.46
CA GLU A 168 -17.58 5.46 0.99
C GLU A 168 -17.07 4.32 1.88
N GLU A 169 -17.73 3.19 1.83
CA GLU A 169 -17.30 2.04 2.68
C GLU A 169 -15.91 1.55 2.30
N LEU A 170 -15.53 1.72 1.06
CA LEU A 170 -14.17 1.27 0.62
C LEU A 170 -13.08 2.29 1.02
N GLY A 171 -13.46 3.37 1.66
CA GLY A 171 -12.44 4.37 2.10
C GLY A 171 -11.92 5.20 0.93
N PHE A 172 -12.66 5.30 -0.14
CA PHE A 172 -12.20 6.13 -1.31
C PHE A 172 -12.75 7.54 -1.15
N ARG A 173 -12.11 8.33 -0.31
CA ARG A 173 -12.59 9.74 -0.05
C ARG A 173 -12.92 10.49 -1.35
N PRO A 174 -13.75 11.53 -1.21
CA PRO A 174 -14.18 12.32 -2.39
C PRO A 174 -13.05 13.22 -2.93
N GLU A 175 -11.99 13.41 -2.17
CA GLU A 175 -10.87 14.27 -2.68
C GLU A 175 -9.97 13.45 -3.63
N TYR A 176 -10.09 12.14 -3.58
CA TYR A 176 -9.25 11.28 -4.46
C TYR A 176 -9.81 11.27 -5.89
N SER A 177 -8.93 11.20 -6.85
CA SER A 177 -9.36 11.17 -8.28
C SER A 177 -8.84 9.88 -8.93
N ALA A 178 -9.37 9.53 -10.08
CA ALA A 178 -8.92 8.27 -10.76
C ALA A 178 -7.40 8.26 -10.99
N SER A 179 -6.83 9.41 -11.23
CA SER A 179 -5.35 9.49 -11.50
C SER A 179 -4.51 9.00 -10.31
N GLN A 180 -5.09 8.87 -9.14
CA GLN A 180 -4.30 8.41 -7.95
C GLN A 180 -4.30 6.89 -7.78
N LEU A 181 -5.06 6.17 -8.57
CA LEU A 181 -5.08 4.68 -8.44
C LEU A 181 -3.76 4.06 -8.87
N LYS A 182 -3.25 3.14 -8.09
CA LYS A 182 -1.96 2.47 -8.46
C LYS A 182 -2.14 1.68 -9.77
N GLY A 183 -1.40 2.03 -10.80
CA GLY A 183 -1.55 1.31 -12.10
C GLY A 183 -2.29 2.16 -13.13
N PHE A 184 -2.86 3.28 -12.71
CA PHE A 184 -3.62 4.15 -13.66
C PHE A 184 -2.81 4.47 -14.92
N SER A 185 -1.62 4.95 -14.75
CA SER A 185 -0.77 5.34 -15.91
C SER A 185 -0.65 4.25 -17.00
N LEU A 186 -0.84 2.99 -16.65
CA LEU A 186 -0.68 1.90 -17.68
C LEU A 186 -1.99 1.63 -18.47
N LEU A 187 -3.00 2.42 -18.25
CA LEU A 187 -4.29 2.19 -18.97
C LEU A 187 -4.35 3.02 -20.26
N ALA A 188 -5.01 2.50 -21.27
CA ALA A 188 -5.14 3.26 -22.54
C ALA A 188 -5.87 4.59 -22.27
N THR A 189 -5.59 5.62 -23.04
CA THR A 189 -6.25 6.95 -22.81
C THR A 189 -7.78 6.80 -22.63
N GLU A 190 -8.41 6.05 -23.49
CA GLU A 190 -9.90 5.85 -23.38
C GLU A 190 -10.29 5.33 -22.00
N ASP A 191 -9.61 4.31 -21.54
CA ASP A 191 -9.93 3.74 -20.19
C ASP A 191 -9.65 4.77 -19.09
N LYS A 192 -8.59 5.55 -19.23
CA LYS A 192 -8.27 6.57 -18.19
C LYS A 192 -9.37 7.64 -18.12
N GLU A 193 -9.87 8.04 -19.27
CA GLU A 193 -10.94 9.09 -19.28
C GLU A 193 -12.21 8.56 -18.59
N ALA A 194 -12.60 7.35 -18.90
CA ALA A 194 -13.84 6.77 -18.27
C ALA A 194 -13.71 6.80 -16.74
N LEU A 195 -12.55 6.49 -16.22
CA LEU A 195 -12.36 6.49 -14.75
C LEU A 195 -12.41 7.93 -14.21
N LYS A 196 -11.61 8.82 -14.75
CA LYS A 196 -11.62 10.23 -14.29
C LYS A 196 -13.06 10.78 -14.30
N LYS A 197 -13.86 10.27 -15.20
CA LYS A 197 -15.28 10.71 -15.31
C LYS A 197 -16.09 10.31 -14.06
N GLN A 198 -15.92 9.09 -13.60
CA GLN A 198 -16.69 8.62 -12.41
C GLN A 198 -15.99 9.02 -11.09
N LEU A 199 -14.69 9.13 -11.12
CA LEU A 199 -13.95 9.55 -9.89
C LEU A 199 -13.19 10.84 -10.21
N PRO A 200 -13.91 11.94 -10.22
CA PRO A 200 -13.29 13.25 -10.56
C PRO A 200 -12.38 13.76 -9.44
N GLY A 201 -12.79 13.63 -8.22
CA GLY A 201 -11.94 14.12 -7.09
C GLY A 201 -12.07 15.64 -6.97
N VAL A 202 -11.00 16.33 -6.72
CA VAL A 202 -11.07 17.81 -6.58
C VAL A 202 -10.07 18.47 -7.54
N LYS A 203 -9.90 19.77 -7.42
CA LYS A 203 -8.94 20.50 -8.32
C LYS A 203 -9.37 20.34 -9.78
N SER A 204 -9.00 21.27 -10.62
CA SER A 204 -9.38 21.19 -12.06
C SER A 204 -8.61 22.24 -12.87
N GLU A 205 -8.80 23.50 -12.56
CA GLU A 205 -8.09 24.56 -13.32
C GLU A 205 -6.62 24.64 -12.88
N GLY A 206 -5.96 25.72 -13.19
CA GLY A 206 -4.53 25.86 -12.78
C GLY A 206 -4.14 27.34 -12.78
N LYS A 207 -4.55 28.07 -13.79
CA LYS A 207 -4.19 29.52 -13.84
C LYS A 207 -4.99 30.21 -14.96
N ARG A 208 -6.29 30.00 -14.99
CA ARG A 208 -7.12 30.65 -16.06
C ARG A 208 -6.54 30.36 -17.45
N LYS A 209 -6.78 31.23 -18.40
CA LYS A 209 -6.24 31.01 -19.78
C LYS A 209 -6.73 29.68 -20.34
N GLY A 210 -6.54 29.45 -21.62
CA GLY A 210 -6.99 28.18 -22.23
C GLY A 210 -5.78 27.33 -22.61
N ASP A 211 -5.94 26.42 -23.54
CA ASP A 211 -4.80 25.56 -23.97
C ASP A 211 -4.14 24.89 -22.76
N GLU A 212 -4.63 23.75 -22.34
CA GLU A 212 -4.03 23.06 -21.17
C GLU A 212 -3.54 21.67 -21.57
N VAL A 213 -2.65 21.10 -20.79
CA VAL A 213 -2.12 19.75 -21.14
C VAL A 213 -3.01 18.67 -20.53
N ASP A 214 -3.19 17.57 -21.22
CA ASP A 214 -4.04 16.47 -20.70
C ASP A 214 -3.23 15.19 -20.55
ZN ZN C . 18.30 -9.35 3.77
ZN ZN D . -19.50 -5.97 -9.95
N MET A 1 -3.96 -3.53 29.57
CA MET A 1 -3.83 -2.13 29.06
C MET A 1 -2.37 -1.66 29.18
N ALA A 2 -1.45 -2.43 28.65
CA ALA A 2 -0.02 -2.02 28.72
C ALA A 2 0.36 -1.16 27.52
N GLU A 3 0.31 -1.72 26.33
CA GLU A 3 0.67 -0.95 25.12
C GLU A 3 -0.25 -1.33 23.95
N SER A 4 0.08 -0.91 22.76
CA SER A 4 -0.77 -1.26 21.59
C SER A 4 0.05 -2.06 20.56
N SER A 5 -0.24 -3.33 20.41
CA SER A 5 0.51 -4.16 19.43
C SER A 5 -0.40 -4.57 18.27
N ASP A 6 -1.08 -3.63 17.69
CA ASP A 6 -1.99 -3.95 16.54
C ASP A 6 -1.37 -3.49 15.21
N LYS A 7 -0.28 -2.77 15.26
CA LYS A 7 0.36 -2.30 14.00
C LYS A 7 0.73 -3.49 13.12
N LEU A 8 0.79 -3.30 11.83
CA LEU A 8 1.12 -4.44 10.92
C LEU A 8 2.64 -4.58 10.76
N TYR A 9 3.39 -3.55 11.05
CA TYR A 9 4.88 -3.65 10.87
C TYR A 9 5.65 -3.25 12.14
N ARG A 10 6.88 -3.67 12.23
CA ARG A 10 7.72 -3.32 13.40
C ARG A 10 9.14 -3.00 12.95
N VAL A 11 9.74 -2.03 13.56
CA VAL A 11 11.14 -1.66 13.19
C VAL A 11 11.94 -1.53 14.48
N GLU A 12 13.15 -2.01 14.48
CA GLU A 12 13.97 -1.92 15.73
C GLU A 12 15.40 -2.38 15.48
N TYR A 13 16.26 -2.14 16.42
CA TYR A 13 17.65 -2.61 16.28
C TYR A 13 17.67 -4.08 16.69
N ALA A 14 18.19 -4.93 15.85
CA ALA A 14 18.19 -6.42 16.13
C ALA A 14 18.51 -6.77 17.58
N LYS A 15 17.58 -7.40 18.25
CA LYS A 15 17.82 -7.82 19.66
C LYS A 15 18.86 -8.95 19.70
N SER A 16 19.04 -9.62 18.59
CA SER A 16 20.04 -10.71 18.49
C SER A 16 20.53 -10.81 17.04
N GLY A 17 21.47 -11.69 16.78
CA GLY A 17 21.99 -11.82 15.39
C GLY A 17 21.58 -13.19 14.82
N ARG A 18 20.58 -13.80 15.40
CA ARG A 18 20.14 -15.15 14.94
C ARG A 18 18.97 -15.07 13.94
N ALA A 19 18.29 -13.96 13.86
CA ALA A 19 17.15 -13.86 12.88
C ALA A 19 17.67 -13.92 11.42
N SER A 20 16.94 -14.59 10.57
CA SER A 20 17.36 -14.71 9.15
C SER A 20 16.41 -13.90 8.28
N CYS A 21 16.95 -13.15 7.38
CA CYS A 21 16.11 -12.30 6.49
C CYS A 21 15.19 -13.18 5.62
N LYS A 22 13.90 -12.89 5.63
CA LYS A 22 12.84 -13.72 4.82
C LYS A 22 13.09 -13.47 3.31
N LYS A 23 13.94 -12.53 2.91
CA LYS A 23 14.14 -12.26 1.45
C LYS A 23 15.44 -12.87 0.93
N CYS A 24 16.56 -12.49 1.49
CA CYS A 24 17.84 -13.01 1.02
C CYS A 24 18.40 -14.22 1.86
N SER A 25 17.73 -14.55 2.95
CA SER A 25 18.11 -15.67 3.94
C SER A 25 19.41 -15.42 4.70
N GLU A 26 20.13 -14.34 4.46
CA GLU A 26 21.35 -14.07 5.33
C GLU A 26 20.92 -13.66 6.72
N SER A 27 21.78 -13.86 7.69
CA SER A 27 21.42 -13.51 9.09
C SER A 27 21.38 -11.99 9.28
N ILE A 28 20.54 -11.54 10.17
CA ILE A 28 20.46 -10.08 10.46
C ILE A 28 21.34 -9.83 11.69
N PRO A 29 22.39 -9.05 11.54
CA PRO A 29 23.34 -8.81 12.66
C PRO A 29 22.70 -8.05 13.83
N LYS A 30 23.07 -8.44 15.03
CA LYS A 30 22.52 -7.80 16.27
C LYS A 30 22.73 -6.28 16.23
N ASP A 31 21.77 -5.52 16.73
CA ASP A 31 21.87 -4.02 16.76
C ASP A 31 21.64 -3.37 15.38
N SER A 32 21.60 -4.16 14.33
CA SER A 32 21.38 -3.56 12.98
C SER A 32 19.91 -3.19 12.83
N LEU A 33 19.61 -2.24 11.98
CA LEU A 33 18.19 -1.83 11.78
C LEU A 33 17.46 -2.87 10.93
N ARG A 34 16.43 -3.48 11.47
CA ARG A 34 15.67 -4.50 10.71
C ARG A 34 14.18 -4.19 10.75
N MET A 35 13.44 -4.67 9.80
CA MET A 35 11.97 -4.39 9.78
C MET A 35 11.21 -5.70 9.59
N ALA A 36 10.00 -5.78 10.07
CA ALA A 36 9.24 -7.04 9.92
C ALA A 36 7.75 -6.78 9.70
N ILE A 37 7.11 -7.70 9.02
CA ILE A 37 5.64 -7.60 8.82
C ILE A 37 4.98 -8.50 9.89
N MET A 38 4.26 -7.93 10.81
CA MET A 38 3.65 -8.75 11.90
C MET A 38 2.56 -9.70 11.37
N VAL A 39 2.49 -10.87 11.93
CA VAL A 39 1.46 -11.87 11.51
C VAL A 39 0.90 -12.58 12.75
N GLN A 40 -0.39 -12.78 12.80
CA GLN A 40 -0.99 -13.48 13.98
C GLN A 40 -0.80 -14.99 13.86
N SER A 41 -0.36 -15.64 14.90
CA SER A 41 -0.15 -17.12 14.85
C SER A 41 -1.39 -17.86 15.34
N PRO A 42 -1.81 -18.85 14.60
CA PRO A 42 -3.00 -19.64 14.97
C PRO A 42 -2.64 -20.74 15.99
N MET A 43 -1.38 -20.87 16.31
CA MET A 43 -0.96 -21.92 17.28
C MET A 43 -0.87 -21.35 18.70
N PHE A 44 -0.83 -20.06 18.84
CA PHE A 44 -0.74 -19.44 20.20
C PHE A 44 -1.03 -17.95 20.13
N ASP A 45 -1.55 -17.38 21.18
CA ASP A 45 -1.84 -15.91 21.19
C ASP A 45 -0.54 -15.13 21.08
N GLY A 46 -0.42 -14.31 20.08
CA GLY A 46 0.84 -13.51 19.91
C GLY A 46 1.13 -13.37 18.42
N LYS A 47 1.87 -12.37 18.04
CA LYS A 47 2.17 -12.18 16.58
C LYS A 47 3.61 -12.57 16.26
N VAL A 48 3.81 -13.26 15.16
CA VAL A 48 5.20 -13.67 14.78
C VAL A 48 5.74 -12.66 13.74
N PRO A 49 6.94 -12.18 13.96
CA PRO A 49 7.51 -11.20 13.04
C PRO A 49 8.32 -11.86 11.92
N HIS A 50 8.06 -11.50 10.70
CA HIS A 50 8.90 -12.01 9.58
C HIS A 50 9.95 -10.93 9.36
N TRP A 51 11.16 -11.13 9.87
CA TRP A 51 12.18 -10.06 9.78
C TRP A 51 12.93 -10.03 8.44
N TYR A 52 13.43 -8.86 8.14
CA TYR A 52 14.19 -8.62 6.88
C TYR A 52 15.24 -7.54 7.14
N HIS A 53 16.34 -7.55 6.43
CA HIS A 53 17.32 -6.44 6.60
C HIS A 53 16.59 -5.20 6.11
N PHE A 54 16.96 -4.03 6.57
CA PHE A 54 16.23 -2.78 6.15
C PHE A 54 15.96 -2.73 4.62
N SER A 55 16.99 -2.91 3.82
CA SER A 55 16.81 -2.85 2.33
C SER A 55 15.93 -4.01 1.80
N CYS A 56 16.18 -5.22 2.23
CA CYS A 56 15.39 -6.38 1.71
C CYS A 56 13.88 -6.19 1.94
N PHE A 57 13.50 -5.60 3.04
CA PHE A 57 12.04 -5.41 3.35
C PHE A 57 11.28 -4.73 2.18
N TRP A 58 11.91 -3.80 1.48
CA TRP A 58 11.19 -3.09 0.40
C TRP A 58 11.28 -3.84 -0.94
N LYS A 59 12.21 -4.75 -1.07
CA LYS A 59 12.34 -5.47 -2.36
C LYS A 59 11.38 -6.66 -2.48
N VAL A 60 10.55 -6.89 -1.48
CA VAL A 60 9.58 -8.02 -1.55
C VAL A 60 8.18 -7.54 -1.96
N GLY A 61 7.87 -6.30 -1.71
CA GLY A 61 6.53 -5.78 -2.09
C GLY A 61 5.92 -5.05 -0.89
N HIS A 62 6.54 -5.12 0.26
CA HIS A 62 5.99 -4.42 1.46
C HIS A 62 5.95 -2.92 1.18
N SER A 63 4.89 -2.25 1.58
CA SER A 63 4.82 -0.77 1.31
C SER A 63 4.27 -0.02 2.52
N ILE A 64 4.80 1.15 2.77
CA ILE A 64 4.32 1.97 3.93
C ILE A 64 4.28 3.45 3.53
N ARG A 65 3.14 4.07 3.61
CA ARG A 65 3.03 5.52 3.25
C ARG A 65 3.37 6.38 4.46
N HIS A 66 2.87 6.02 5.61
CA HIS A 66 3.15 6.79 6.85
C HIS A 66 3.77 5.87 7.93
N PRO A 67 5.09 5.86 7.98
CA PRO A 67 5.81 5.00 8.96
C PRO A 67 5.44 5.34 10.42
N ASP A 68 5.46 6.60 10.80
CA ASP A 68 5.11 6.99 12.19
C ASP A 68 3.83 6.31 12.73
N VAL A 69 2.82 6.12 11.91
CA VAL A 69 1.55 5.50 12.40
C VAL A 69 1.40 4.02 12.01
N GLU A 70 2.06 3.57 10.97
CA GLU A 70 1.89 2.13 10.53
C GLU A 70 3.01 1.21 11.06
N VAL A 71 4.11 1.75 11.51
CA VAL A 71 5.21 0.85 11.98
C VAL A 71 5.49 1.04 13.47
N ASP A 72 5.26 -0.01 14.25
CA ASP A 72 5.52 0.06 15.71
C ASP A 72 7.02 0.19 15.98
N GLY A 73 7.42 0.97 16.96
CA GLY A 73 8.87 1.12 17.28
C GLY A 73 9.51 2.25 16.44
N PHE A 74 8.80 2.80 15.51
CA PHE A 74 9.39 3.90 14.66
C PHE A 74 9.86 5.08 15.52
N SER A 75 9.01 5.56 16.38
CA SER A 75 9.38 6.73 17.23
C SER A 75 10.59 6.45 18.15
N GLU A 76 10.92 5.19 18.44
CA GLU A 76 12.08 4.92 19.31
C GLU A 76 13.40 4.76 18.50
N LEU A 77 13.34 4.84 17.20
CA LEU A 77 14.59 4.72 16.38
C LEU A 77 15.41 6.00 16.50
N ARG A 78 16.68 5.93 16.23
CA ARG A 78 17.51 7.17 16.28
C ARG A 78 17.01 8.12 15.18
N TRP A 79 17.17 9.40 15.36
CA TRP A 79 16.66 10.40 14.36
C TRP A 79 17.02 10.03 12.91
N ASP A 80 18.29 9.85 12.61
CA ASP A 80 18.70 9.50 11.22
C ASP A 80 17.94 8.27 10.70
N ASP A 81 17.79 7.26 11.51
CA ASP A 81 17.06 6.04 11.04
C ASP A 81 15.58 6.37 10.82
N GLN A 82 15.06 7.30 11.58
CA GLN A 82 13.63 7.70 11.40
C GLN A 82 13.49 8.40 10.05
N GLN A 83 14.49 9.16 9.67
CA GLN A 83 14.44 9.88 8.36
C GLN A 83 14.66 8.87 7.24
N LYS A 84 15.59 7.97 7.42
CA LYS A 84 15.87 6.94 6.38
C LYS A 84 14.60 6.12 6.09
N VAL A 85 13.92 5.69 7.13
CA VAL A 85 12.66 4.91 6.92
C VAL A 85 11.60 5.83 6.29
N LYS A 86 11.53 7.06 6.74
CA LYS A 86 10.52 8.01 6.18
C LYS A 86 10.77 8.25 4.69
N LYS A 87 12.01 8.46 4.32
CA LYS A 87 12.32 8.72 2.88
C LYS A 87 12.18 7.44 2.06
N THR A 88 12.68 6.34 2.56
CA THR A 88 12.57 5.05 1.82
C THR A 88 11.08 4.72 1.60
N ALA A 89 10.27 5.02 2.58
CA ALA A 89 8.81 4.74 2.44
C ALA A 89 8.24 5.59 1.30
N GLU A 90 8.60 6.84 1.26
CA GLU A 90 8.09 7.73 0.18
C GLU A 90 8.57 7.23 -1.18
N ALA A 91 9.86 6.99 -1.31
CA ALA A 91 10.40 6.49 -2.62
C ALA A 91 9.68 5.21 -3.04
N GLY A 92 10.08 4.63 -4.15
CA GLY A 92 9.41 3.38 -4.60
C GLY A 92 9.96 3.00 -6.00
N GLY A 93 11.25 3.02 -6.17
CA GLY A 93 11.84 2.66 -7.48
C GLY A 93 11.64 3.81 -8.46
N VAL A 94 12.19 3.71 -9.64
CA VAL A 94 12.04 4.80 -10.65
C VAL A 94 12.46 6.15 -10.04
N THR A 95 13.73 6.44 -10.01
CA THR A 95 14.19 7.74 -9.43
C THR A 95 14.95 8.54 -10.49
N GLY A 96 14.85 9.84 -10.43
CA GLY A 96 15.55 10.69 -11.43
C GLY A 96 16.76 11.36 -10.76
N LYS A 97 17.72 11.78 -11.55
CA LYS A 97 18.93 12.43 -10.96
C LYS A 97 18.56 13.81 -10.41
N GLY A 98 19.39 14.36 -9.57
CA GLY A 98 19.10 15.71 -8.99
C GLY A 98 17.91 15.59 -8.02
N GLN A 99 17.77 14.46 -7.39
CA GLN A 99 16.64 14.28 -6.43
C GLN A 99 16.94 13.14 -5.45
N ASP A 100 17.89 13.34 -4.57
CA ASP A 100 18.24 12.27 -3.60
C ASP A 100 17.52 12.52 -2.27
N GLY A 101 16.30 12.05 -2.15
CA GLY A 101 15.54 12.24 -0.88
C GLY A 101 14.05 12.35 -1.19
N ILE A 102 13.58 13.53 -1.50
CA ILE A 102 12.13 13.70 -1.82
C ILE A 102 11.96 14.37 -3.18
N GLY A 103 12.55 15.52 -3.37
CA GLY A 103 12.43 16.22 -4.67
C GLY A 103 11.17 17.08 -4.67
N SER A 104 10.29 16.86 -5.62
CA SER A 104 9.03 17.67 -5.68
C SER A 104 7.89 16.84 -6.27
N LYS A 105 7.72 15.63 -5.80
CA LYS A 105 6.62 14.76 -6.33
C LYS A 105 6.32 13.63 -5.34
N ALA A 106 5.70 13.95 -4.24
CA ALA A 106 5.37 12.89 -3.24
C ALA A 106 3.87 12.87 -2.96
N GLU A 107 3.39 11.83 -2.35
CA GLU A 107 1.93 11.73 -2.04
C GLU A 107 1.10 11.99 -3.31
N LYS A 108 1.38 11.29 -4.36
CA LYS A 108 0.61 11.49 -5.63
C LYS A 108 -0.04 10.17 -6.08
N THR A 109 0.05 9.14 -5.27
CA THR A 109 -0.55 7.84 -5.66
C THR A 109 -0.96 7.05 -4.40
N LEU A 110 -2.19 6.63 -4.33
CA LEU A 110 -2.64 5.85 -3.13
C LEU A 110 -1.92 4.50 -3.08
N GLY A 111 -1.64 4.00 -1.91
CA GLY A 111 -0.95 2.69 -1.79
C GLY A 111 -1.95 1.57 -1.49
N ASP A 112 -3.19 1.90 -1.26
CA ASP A 112 -4.20 0.84 -0.95
C ASP A 112 -5.30 0.78 -2.03
N PHE A 113 -5.15 1.53 -3.09
CA PHE A 113 -6.18 1.50 -4.18
C PHE A 113 -5.50 1.28 -5.53
N ALA A 114 -6.01 0.39 -6.35
CA ALA A 114 -5.35 0.13 -7.66
C ALA A 114 -6.35 -0.08 -8.80
N ALA A 115 -5.87 0.12 -10.00
CA ALA A 115 -6.72 -0.07 -11.21
C ALA A 115 -5.89 -0.79 -12.28
N GLU A 116 -6.42 -1.83 -12.87
CA GLU A 116 -5.65 -2.56 -13.91
C GLU A 116 -6.57 -3.42 -14.75
N TYR A 117 -6.11 -3.90 -15.87
CA TYR A 117 -6.97 -4.79 -16.69
C TYR A 117 -6.90 -6.19 -16.07
N ALA A 118 -8.02 -6.86 -15.96
CA ALA A 118 -8.02 -8.22 -15.32
C ALA A 118 -6.95 -9.13 -15.95
N LYS A 119 -5.94 -9.50 -15.16
CA LYS A 119 -4.88 -10.40 -15.68
C LYS A 119 -5.47 -11.77 -16.01
N SER A 120 -6.62 -12.09 -15.50
CA SER A 120 -7.26 -13.41 -15.80
C SER A 120 -8.78 -13.29 -15.67
N ASN A 121 -9.49 -14.40 -15.68
CA ASN A 121 -10.98 -14.34 -15.57
C ASN A 121 -11.48 -15.10 -14.33
N ARG A 122 -10.61 -15.44 -13.41
CA ARG A 122 -11.06 -16.17 -12.19
C ARG A 122 -11.23 -15.21 -10.99
N SER A 123 -11.01 -13.93 -11.19
CA SER A 123 -11.21 -12.97 -10.06
C SER A 123 -12.71 -12.73 -9.89
N THR A 124 -13.13 -12.06 -8.86
CA THR A 124 -14.59 -11.85 -8.68
C THR A 124 -14.85 -10.47 -8.05
N CYS A 125 -15.74 -9.70 -8.65
CA CYS A 125 -16.09 -8.40 -8.05
C CYS A 125 -16.70 -8.62 -6.65
N LYS A 126 -16.11 -8.05 -5.64
CA LYS A 126 -16.64 -8.23 -4.25
C LYS A 126 -17.85 -7.32 -3.95
N GLY A 127 -18.52 -6.81 -4.96
CA GLY A 127 -19.68 -5.91 -4.74
C GLY A 127 -20.92 -6.64 -5.24
N CYS A 128 -20.82 -7.28 -6.39
CA CYS A 128 -21.98 -8.06 -6.92
C CYS A 128 -21.63 -9.57 -6.99
N MET A 129 -20.42 -9.95 -6.56
CA MET A 129 -20.01 -11.39 -6.61
C MET A 129 -20.01 -11.98 -8.03
N GLU A 130 -20.12 -11.17 -9.05
CA GLU A 130 -20.07 -11.71 -10.44
C GLU A 130 -18.62 -11.77 -10.90
N LYS A 131 -18.27 -12.77 -11.67
CA LYS A 131 -16.84 -12.90 -12.11
C LYS A 131 -16.44 -11.77 -13.03
N ILE A 132 -15.19 -11.33 -12.92
CA ILE A 132 -14.68 -10.29 -13.83
C ILE A 132 -13.99 -10.97 -15.01
N GLU A 133 -14.29 -10.56 -16.22
CA GLU A 133 -13.66 -11.24 -17.40
C GLU A 133 -12.23 -10.74 -17.63
N LYS A 134 -11.35 -11.61 -18.04
CA LYS A 134 -9.94 -11.19 -18.34
C LYS A 134 -9.92 -10.01 -19.34
N GLY A 135 -9.10 -9.01 -19.08
CA GLY A 135 -9.04 -7.84 -20.01
C GLY A 135 -9.94 -6.70 -19.48
N GLN A 136 -11.01 -7.04 -18.79
CA GLN A 136 -11.94 -6.00 -18.28
C GLN A 136 -11.24 -5.13 -17.21
N VAL A 137 -11.51 -3.85 -17.24
CA VAL A 137 -10.89 -2.94 -16.24
C VAL A 137 -11.50 -3.23 -14.86
N ARG A 138 -10.67 -3.33 -13.86
CA ARG A 138 -11.18 -3.62 -12.49
C ARG A 138 -10.48 -2.73 -11.48
N LEU A 139 -11.13 -2.43 -10.39
CA LEU A 139 -10.51 -1.57 -9.34
C LEU A 139 -10.39 -2.37 -8.05
N SER A 140 -9.56 -1.94 -7.12
CA SER A 140 -9.44 -2.74 -5.88
C SER A 140 -9.03 -1.91 -4.66
N LYS A 141 -9.53 -2.31 -3.52
CA LYS A 141 -9.16 -1.63 -2.25
C LYS A 141 -8.29 -2.61 -1.44
N LYS A 142 -7.00 -2.40 -1.47
CA LYS A 142 -6.07 -3.32 -0.72
C LYS A 142 -6.49 -3.48 0.74
N MET A 143 -6.40 -4.68 1.24
CA MET A 143 -6.77 -4.93 2.66
C MET A 143 -6.01 -6.16 3.17
N VAL A 144 -5.69 -6.20 4.44
CA VAL A 144 -4.94 -7.38 4.97
C VAL A 144 -5.89 -8.34 5.68
N ASP A 145 -5.65 -9.62 5.56
CA ASP A 145 -6.52 -10.62 6.24
C ASP A 145 -5.81 -11.15 7.48
N PRO A 146 -6.48 -11.08 8.61
CA PRO A 146 -5.88 -11.56 9.87
C PRO A 146 -5.69 -13.09 9.82
N GLU A 147 -6.39 -13.75 8.94
CA GLU A 147 -6.25 -15.23 8.83
C GLU A 147 -5.03 -15.56 7.96
N LYS A 148 -4.68 -14.69 7.06
CA LYS A 148 -3.50 -14.94 6.19
C LYS A 148 -2.56 -13.73 6.23
N PRO A 149 -1.89 -13.58 7.35
CA PRO A 149 -0.97 -12.43 7.54
C PRO A 149 0.28 -12.54 6.66
N GLN A 150 0.66 -13.74 6.27
CA GLN A 150 1.87 -13.89 5.40
C GLN A 150 1.64 -13.21 4.05
N LEU A 151 0.41 -13.04 3.66
CA LEU A 151 0.12 -12.37 2.35
C LEU A 151 0.29 -10.86 2.47
N GLY A 152 -0.30 -10.26 3.46
CA GLY A 152 -0.17 -8.79 3.64
C GLY A 152 -1.29 -8.08 2.86
N MET A 153 -0.99 -6.94 2.31
CA MET A 153 -1.99 -6.16 1.54
C MET A 153 -2.51 -6.97 0.34
N ILE A 154 -3.73 -7.46 0.40
CA ILE A 154 -4.27 -8.23 -0.75
C ILE A 154 -5.34 -7.40 -1.48
N ASP A 155 -5.40 -7.48 -2.78
CA ASP A 155 -6.40 -6.69 -3.53
C ASP A 155 -7.82 -7.25 -3.43
N ARG A 156 -8.76 -6.40 -3.13
CA ARG A 156 -10.20 -6.81 -3.13
C ARG A 156 -10.75 -6.20 -4.42
N TRP A 157 -10.99 -7.00 -5.42
CA TRP A 157 -11.40 -6.42 -6.74
C TRP A 157 -12.88 -6.09 -6.86
N TYR A 158 -13.18 -5.23 -7.79
CA TYR A 158 -14.57 -4.79 -8.05
C TYR A 158 -14.68 -4.24 -9.47
N HIS A 159 -15.86 -4.20 -10.01
CA HIS A 159 -16.04 -3.55 -11.33
C HIS A 159 -15.97 -2.06 -11.02
N PRO A 160 -15.51 -1.25 -11.94
CA PRO A 160 -15.41 0.21 -11.64
C PRO A 160 -16.77 0.76 -11.17
N GLY A 161 -17.85 0.39 -11.82
CA GLY A 161 -19.19 0.87 -11.38
C GLY A 161 -19.47 0.36 -9.94
N CYS A 162 -19.33 -0.92 -9.73
CA CYS A 162 -19.56 -1.49 -8.36
C CYS A 162 -18.67 -0.78 -7.32
N PHE A 163 -17.43 -0.52 -7.67
CA PHE A 163 -16.49 0.16 -6.73
C PHE A 163 -17.02 1.55 -6.39
N VAL A 164 -17.46 2.28 -7.38
CA VAL A 164 -17.96 3.66 -7.12
C VAL A 164 -19.19 3.60 -6.21
N LYS A 165 -20.06 2.63 -6.39
CA LYS A 165 -21.27 2.55 -5.52
C LYS A 165 -20.88 2.43 -4.04
N ASN A 166 -19.81 1.75 -3.75
CA ASN A 166 -19.35 1.58 -2.32
C ASN A 166 -18.12 2.45 -2.01
N ARG A 167 -17.95 3.56 -2.71
CA ARG A 167 -16.75 4.42 -2.46
C ARG A 167 -16.61 4.79 -0.97
N GLU A 168 -17.70 5.05 -0.32
CA GLU A 168 -17.63 5.45 1.13
C GLU A 168 -17.11 4.31 2.01
N GLU A 169 -17.76 3.18 1.96
CA GLU A 169 -17.33 2.03 2.82
C GLU A 169 -15.93 1.55 2.43
N LEU A 170 -15.55 1.72 1.19
CA LEU A 170 -14.20 1.28 0.75
C LEU A 170 -13.11 2.29 1.15
N GLY A 171 -13.50 3.38 1.80
CA GLY A 171 -12.48 4.38 2.24
C GLY A 171 -11.97 5.22 1.06
N PHE A 172 -12.72 5.31 -0.01
CA PHE A 172 -12.25 6.15 -1.17
C PHE A 172 -12.81 7.57 -1.01
N ARG A 173 -12.18 8.35 -0.18
CA ARG A 173 -12.66 9.75 0.09
C ARG A 173 -13.01 10.51 -1.21
N PRO A 174 -13.83 11.53 -1.08
CA PRO A 174 -14.28 12.33 -2.25
C PRO A 174 -13.16 13.24 -2.79
N GLU A 175 -12.10 13.44 -2.03
CA GLU A 175 -10.98 14.29 -2.53
C GLU A 175 -10.08 13.48 -3.48
N TYR A 176 -10.19 12.18 -3.44
CA TYR A 176 -9.35 11.32 -4.33
C TYR A 176 -9.90 11.31 -5.76
N SER A 177 -9.02 11.25 -6.72
CA SER A 177 -9.45 11.21 -8.14
C SER A 177 -8.93 9.93 -8.79
N ALA A 178 -9.46 9.58 -9.94
CA ALA A 178 -9.00 8.32 -10.62
C ALA A 178 -7.48 8.32 -10.86
N SER A 179 -6.91 9.47 -11.09
CA SER A 179 -5.44 9.56 -11.36
C SER A 179 -4.59 9.07 -10.17
N GLN A 180 -5.17 8.94 -9.01
CA GLN A 180 -4.38 8.50 -7.81
C GLN A 180 -4.36 6.96 -7.65
N LEU A 181 -5.12 6.25 -8.45
CA LEU A 181 -5.14 4.76 -8.31
C LEU A 181 -3.80 4.14 -8.74
N LYS A 182 -3.29 3.23 -7.97
CA LYS A 182 -2.00 2.57 -8.34
C LYS A 182 -2.18 1.78 -9.64
N GLY A 183 -1.45 2.13 -10.68
CA GLY A 183 -1.58 1.41 -11.98
C GLY A 183 -2.33 2.26 -13.01
N PHE A 184 -2.90 3.37 -12.58
CA PHE A 184 -3.67 4.24 -13.54
C PHE A 184 -2.87 4.57 -14.80
N SER A 185 -1.68 5.06 -14.63
CA SER A 185 -0.83 5.45 -15.79
C SER A 185 -0.71 4.36 -16.87
N LEU A 186 -0.88 3.10 -16.53
CA LEU A 186 -0.72 2.01 -17.57
C LEU A 186 -2.03 1.74 -18.34
N LEU A 187 -3.05 2.52 -18.14
CA LEU A 187 -4.33 2.28 -18.85
C LEU A 187 -4.40 3.11 -20.13
N ALA A 188 -5.06 2.60 -21.14
CA ALA A 188 -5.19 3.35 -22.42
C ALA A 188 -5.93 4.67 -22.15
N THR A 189 -5.66 5.70 -22.90
CA THR A 189 -6.33 7.03 -22.68
C THR A 189 -7.85 6.87 -22.51
N GLU A 190 -8.48 6.11 -23.36
CA GLU A 190 -9.98 5.91 -23.26
C GLU A 190 -10.36 5.38 -21.87
N ASP A 191 -9.67 4.36 -21.41
CA ASP A 191 -9.98 3.80 -20.07
C ASP A 191 -9.71 4.83 -18.97
N LYS A 192 -8.65 5.61 -19.10
CA LYS A 192 -8.35 6.63 -18.05
C LYS A 192 -9.44 7.70 -17.99
N GLU A 193 -9.95 8.10 -19.13
CA GLU A 193 -11.03 9.13 -19.14
C GLU A 193 -12.29 8.61 -18.46
N ALA A 194 -12.67 7.40 -18.76
CA ALA A 194 -13.91 6.80 -18.13
C ALA A 194 -13.78 6.83 -16.60
N LEU A 195 -12.62 6.53 -16.09
CA LEU A 195 -12.44 6.52 -14.62
C LEU A 195 -12.49 7.96 -14.08
N LYS A 196 -11.68 8.85 -14.62
CA LYS A 196 -11.71 10.27 -14.15
C LYS A 196 -13.16 10.81 -14.17
N LYS A 197 -13.95 10.29 -15.06
CA LYS A 197 -15.37 10.73 -15.17
C LYS A 197 -16.18 10.31 -13.92
N GLN A 198 -16.00 9.10 -13.46
CA GLN A 198 -16.77 8.63 -12.26
C GLN A 198 -16.08 9.02 -10.96
N LEU A 199 -14.78 9.15 -10.98
CA LEU A 199 -14.04 9.57 -9.75
C LEU A 199 -13.28 10.86 -10.08
N PRO A 200 -14.00 11.96 -10.07
CA PRO A 200 -13.40 13.28 -10.41
C PRO A 200 -12.50 13.79 -9.28
N GLY A 201 -12.92 13.66 -8.06
CA GLY A 201 -12.09 14.15 -6.92
C GLY A 201 -12.25 15.67 -6.79
N VAL A 202 -11.55 16.42 -7.61
CA VAL A 202 -11.66 17.90 -7.54
C VAL A 202 -12.17 18.45 -8.87
N LYS A 203 -11.87 19.68 -9.18
CA LYS A 203 -12.34 20.27 -10.47
C LYS A 203 -11.84 19.43 -11.65
N SER A 204 -12.68 19.16 -12.60
CA SER A 204 -12.25 18.34 -13.78
C SER A 204 -11.15 19.06 -14.54
N GLU A 205 -10.92 18.68 -15.78
CA GLU A 205 -9.85 19.33 -16.58
C GLU A 205 -10.46 20.05 -17.78
N GLY A 206 -9.74 20.99 -18.35
CA GLY A 206 -10.28 21.73 -19.53
C GLY A 206 -9.17 21.92 -20.57
N LYS A 207 -8.85 20.88 -21.29
CA LYS A 207 -7.78 20.99 -22.32
C LYS A 207 -7.98 19.91 -23.41
N ARG A 208 -7.04 19.80 -24.31
CA ARG A 208 -7.17 18.78 -25.39
C ARG A 208 -5.90 17.92 -25.47
N LYS A 209 -5.95 16.84 -26.20
CA LYS A 209 -4.75 15.97 -26.32
C LYS A 209 -4.52 15.56 -27.78
N GLY A 210 -4.16 16.50 -28.62
CA GLY A 210 -3.93 16.18 -30.06
C GLY A 210 -5.23 16.37 -30.84
N ASP A 211 -5.14 16.90 -32.03
CA ASP A 211 -6.37 17.12 -32.84
C ASP A 211 -6.19 16.52 -34.24
N GLU A 212 -6.08 15.22 -34.32
CA GLU A 212 -5.91 14.56 -35.65
C GLU A 212 -6.14 13.06 -35.53
N VAL A 213 -6.46 12.42 -36.62
CA VAL A 213 -6.72 10.94 -36.58
C VAL A 213 -5.41 10.19 -36.32
N ASP A 214 -5.46 8.89 -36.25
CA ASP A 214 -4.21 8.10 -36.00
C ASP A 214 -3.68 7.53 -37.33
ZN ZN C . 18.09 -9.44 3.74
ZN ZN D . -19.50 -5.98 -9.84
N MET A 1 -1.73 -0.64 25.68
CA MET A 1 -0.53 -0.27 24.88
C MET A 1 0.72 -0.97 25.42
N ALA A 2 0.62 -2.24 25.70
CA ALA A 2 1.79 -2.99 26.24
C ALA A 2 1.59 -4.50 26.05
N GLU A 3 2.63 -5.20 25.66
CA GLU A 3 2.51 -6.68 25.45
C GLU A 3 1.33 -7.00 24.53
N SER A 4 0.95 -6.07 23.69
CA SER A 4 -0.18 -6.31 22.75
C SER A 4 -0.28 -5.18 21.73
N SER A 5 0.64 -5.14 20.79
CA SER A 5 0.61 -4.06 19.76
C SER A 5 -0.31 -4.46 18.61
N ASP A 6 -1.02 -3.51 18.05
CA ASP A 6 -1.95 -3.83 16.92
C ASP A 6 -1.33 -3.38 15.59
N LYS A 7 -0.25 -2.63 15.64
CA LYS A 7 0.39 -2.16 14.37
C LYS A 7 0.75 -3.37 13.49
N LEU A 8 0.77 -3.19 12.19
CA LEU A 8 1.11 -4.34 11.30
C LEU A 8 2.62 -4.46 11.11
N TYR A 9 3.38 -3.43 11.39
CA TYR A 9 4.86 -3.54 11.20
C TYR A 9 5.63 -3.14 12.46
N ARG A 10 6.86 -3.56 12.54
CA ARG A 10 7.71 -3.22 13.72
C ARG A 10 9.13 -2.88 13.25
N VAL A 11 9.73 -1.91 13.87
CA VAL A 11 11.12 -1.54 13.50
C VAL A 11 11.94 -1.42 14.78
N GLU A 12 13.15 -1.90 14.77
CA GLU A 12 13.97 -1.81 16.02
C GLU A 12 15.39 -2.28 15.76
N TYR A 13 16.26 -2.04 16.70
CA TYR A 13 17.66 -2.50 16.54
C TYR A 13 17.68 -3.97 16.95
N ALA A 14 18.19 -4.82 16.10
CA ALA A 14 18.20 -6.31 16.36
C ALA A 14 18.53 -6.67 17.81
N LYS A 15 17.60 -7.31 18.49
CA LYS A 15 17.85 -7.74 19.90
C LYS A 15 18.89 -8.86 19.92
N SER A 16 19.07 -9.52 18.80
CA SER A 16 20.08 -10.61 18.69
C SER A 16 20.56 -10.70 17.24
N GLY A 17 21.49 -11.58 16.96
CA GLY A 17 22.01 -11.70 15.57
C GLY A 17 21.60 -13.06 14.99
N ARG A 18 20.60 -13.69 15.59
CA ARG A 18 20.16 -15.03 15.11
C ARG A 18 18.98 -14.95 14.12
N ALA A 19 18.30 -13.84 14.06
CA ALA A 19 17.16 -13.74 13.07
C ALA A 19 17.66 -13.78 11.62
N SER A 20 16.93 -14.45 10.76
CA SER A 20 17.34 -14.56 9.34
C SER A 20 16.39 -13.74 8.49
N CYS A 21 16.93 -12.99 7.59
CA CYS A 21 16.08 -12.14 6.69
C CYS A 21 15.16 -13.01 5.84
N LYS A 22 13.88 -12.73 5.84
CA LYS A 22 12.91 -13.55 5.04
C LYS A 22 13.06 -13.29 3.53
N LYS A 23 13.88 -12.35 3.14
CA LYS A 23 14.06 -12.06 1.68
C LYS A 23 15.38 -12.67 1.14
N CYS A 24 16.51 -12.30 1.70
CA CYS A 24 17.81 -12.85 1.19
C CYS A 24 18.34 -14.02 2.04
N SER A 25 17.68 -14.35 3.14
CA SER A 25 18.11 -15.52 4.02
C SER A 25 19.37 -15.24 4.87
N GLU A 26 20.09 -14.16 4.64
CA GLU A 26 21.30 -13.89 5.47
C GLU A 26 20.89 -13.48 6.88
N SER A 27 21.75 -13.69 7.86
CA SER A 27 21.40 -13.35 9.26
C SER A 27 21.36 -11.84 9.46
N ILE A 28 20.53 -11.39 10.36
CA ILE A 28 20.44 -9.94 10.66
C ILE A 28 21.33 -9.69 11.89
N PRO A 29 22.38 -8.90 11.73
CA PRO A 29 23.34 -8.68 12.85
C PRO A 29 22.70 -7.92 14.03
N LYS A 30 23.08 -8.32 15.22
CA LYS A 30 22.53 -7.69 16.46
C LYS A 30 22.74 -6.16 16.44
N ASP A 31 21.79 -5.41 16.96
CA ASP A 31 21.88 -3.90 16.99
C ASP A 31 21.65 -3.26 15.62
N SER A 32 21.60 -4.03 14.56
CA SER A 32 21.36 -3.43 13.21
C SER A 32 19.90 -3.05 13.08
N LEU A 33 19.59 -2.11 12.23
CA LEU A 33 18.17 -1.70 12.05
C LEU A 33 17.44 -2.74 11.19
N ARG A 34 16.41 -3.34 11.74
CA ARG A 34 15.66 -4.37 10.97
C ARG A 34 14.16 -4.05 11.03
N MET A 35 13.41 -4.52 10.07
CA MET A 35 11.95 -4.26 10.05
C MET A 35 11.18 -5.57 9.86
N ALA A 36 9.98 -5.65 10.35
CA ALA A 36 9.21 -6.92 10.20
C ALA A 36 7.73 -6.66 9.99
N ILE A 37 7.08 -7.56 9.30
CA ILE A 37 5.61 -7.44 9.12
C ILE A 37 4.92 -8.33 10.17
N MET A 38 4.27 -7.73 11.12
CA MET A 38 3.61 -8.53 12.21
C MET A 38 2.66 -9.58 11.63
N VAL A 39 2.47 -10.66 12.35
CA VAL A 39 1.56 -11.75 11.88
C VAL A 39 1.00 -12.50 13.09
N GLN A 40 -0.30 -12.61 13.19
CA GLN A 40 -0.90 -13.34 14.36
C GLN A 40 -0.71 -14.85 14.19
N SER A 41 -0.30 -15.51 15.25
CA SER A 41 -0.08 -16.99 15.16
C SER A 41 -1.32 -17.74 15.68
N PRO A 42 -1.74 -18.73 14.93
CA PRO A 42 -2.92 -19.53 15.32
C PRO A 42 -2.54 -20.63 16.33
N MET A 43 -1.28 -20.76 16.65
CA MET A 43 -0.85 -21.81 17.61
C MET A 43 -0.75 -21.24 19.03
N PHE A 44 -0.72 -19.94 19.16
CA PHE A 44 -0.62 -19.34 20.52
C PHE A 44 -0.91 -17.83 20.46
N ASP A 45 -1.43 -17.28 21.52
CA ASP A 45 -1.73 -15.82 21.54
C ASP A 45 -0.42 -15.03 21.42
N GLY A 46 -0.30 -14.20 20.42
CA GLY A 46 0.95 -13.41 20.24
C GLY A 46 1.21 -13.25 18.74
N LYS A 47 1.98 -12.25 18.37
CA LYS A 47 2.24 -12.04 16.91
C LYS A 47 3.69 -12.43 16.56
N VAL A 48 3.85 -13.16 15.48
CA VAL A 48 5.23 -13.57 15.06
C VAL A 48 5.75 -12.57 14.02
N PRO A 49 6.94 -12.08 14.23
CA PRO A 49 7.51 -11.09 13.30
C PRO A 49 8.31 -11.74 12.18
N HIS A 50 8.05 -11.37 10.96
CA HIS A 50 8.88 -11.88 9.84
C HIS A 50 9.94 -10.80 9.62
N TRP A 51 11.14 -11.00 10.11
CA TRP A 51 12.16 -9.93 10.03
C TRP A 51 12.90 -9.88 8.68
N TYR A 52 13.39 -8.71 8.39
CA TYR A 52 14.15 -8.47 7.13
C TYR A 52 15.20 -7.39 7.39
N HIS A 53 16.31 -7.39 6.67
CA HIS A 53 17.28 -6.28 6.84
C HIS A 53 16.55 -5.03 6.37
N PHE A 54 16.91 -3.87 6.84
CA PHE A 54 16.17 -2.62 6.42
C PHE A 54 15.91 -2.56 4.90
N SER A 55 16.92 -2.73 4.09
CA SER A 55 16.73 -2.66 2.60
C SER A 55 15.86 -3.82 2.06
N CYS A 56 16.12 -5.03 2.48
CA CYS A 56 15.32 -6.19 1.96
C CYS A 56 13.81 -6.01 2.20
N PHE A 57 13.44 -5.43 3.31
CA PHE A 57 11.98 -5.24 3.62
C PHE A 57 11.21 -4.56 2.47
N TRP A 58 11.83 -3.62 1.77
CA TRP A 58 11.10 -2.89 0.69
C TRP A 58 11.18 -3.63 -0.65
N LYS A 59 12.11 -4.54 -0.79
CA LYS A 59 12.26 -5.26 -2.09
C LYS A 59 11.28 -6.45 -2.20
N VAL A 60 10.47 -6.68 -1.20
CA VAL A 60 9.51 -7.83 -1.26
C VAL A 60 8.09 -7.35 -1.62
N GLY A 61 7.80 -6.09 -1.44
CA GLY A 61 6.44 -5.59 -1.77
C GLY A 61 5.84 -4.86 -0.56
N HIS A 62 6.46 -4.95 0.58
CA HIS A 62 5.92 -4.25 1.79
C HIS A 62 5.88 -2.74 1.52
N SER A 63 4.82 -2.08 1.92
CA SER A 63 4.74 -0.61 1.66
C SER A 63 4.22 0.14 2.89
N ILE A 64 4.73 1.32 3.13
CA ILE A 64 4.26 2.13 4.28
C ILE A 64 4.21 3.62 3.91
N ARG A 65 3.06 4.23 4.00
CA ARG A 65 2.95 5.68 3.65
C ARG A 65 3.30 6.53 4.86
N HIS A 66 2.80 6.16 6.01
CA HIS A 66 3.09 6.93 7.26
C HIS A 66 3.72 6.01 8.32
N PRO A 67 5.03 6.00 8.36
CA PRO A 67 5.76 5.13 9.34
C PRO A 67 5.41 5.46 10.81
N ASP A 68 5.41 6.73 11.19
CA ASP A 68 5.07 7.11 12.60
C ASP A 68 3.80 6.41 13.13
N VAL A 69 2.80 6.24 12.30
CA VAL A 69 1.52 5.61 12.81
C VAL A 69 1.38 4.12 12.40
N GLU A 70 2.03 3.68 11.35
CA GLU A 70 1.86 2.25 10.91
C GLU A 70 2.97 1.32 11.42
N VAL A 71 4.08 1.86 11.88
CA VAL A 71 5.19 0.97 12.33
C VAL A 71 5.48 1.14 13.82
N ASP A 72 5.25 0.09 14.60
CA ASP A 72 5.51 0.16 16.06
C ASP A 72 7.02 0.28 16.31
N GLY A 73 7.43 1.05 17.30
CA GLY A 73 8.89 1.21 17.61
C GLY A 73 9.51 2.34 16.79
N PHE A 74 8.79 2.90 15.85
CA PHE A 74 9.37 4.01 15.01
C PHE A 74 9.84 5.18 15.87
N SER A 75 9.00 5.65 16.74
CA SER A 75 9.38 6.82 17.60
C SER A 75 10.59 6.53 18.50
N GLU A 76 10.92 5.28 18.78
CA GLU A 76 12.11 5.00 19.65
C GLU A 76 13.41 4.85 18.84
N LEU A 77 13.34 4.93 17.52
CA LEU A 77 14.58 4.82 16.70
C LEU A 77 15.40 6.10 16.83
N ARG A 78 16.67 6.04 16.55
CA ARG A 78 17.50 7.27 16.60
C ARG A 78 16.98 8.23 15.51
N TRP A 79 17.16 9.52 15.70
CA TRP A 79 16.63 10.51 14.70
C TRP A 79 16.99 10.14 13.25
N ASP A 80 18.25 9.97 12.95
CA ASP A 80 18.65 9.64 11.55
C ASP A 80 17.90 8.42 11.02
N ASP A 81 17.74 7.39 11.83
CA ASP A 81 17.02 6.18 11.36
C ASP A 81 15.54 6.50 11.15
N GLN A 82 15.02 7.43 11.92
CA GLN A 82 13.59 7.82 11.75
C GLN A 82 13.44 8.54 10.40
N GLN A 83 14.44 9.31 10.02
CA GLN A 83 14.37 10.02 8.72
C GLN A 83 14.60 9.03 7.59
N LYS A 84 15.53 8.13 7.77
CA LYS A 84 15.80 7.09 6.71
C LYS A 84 14.53 6.29 6.43
N VAL A 85 13.86 5.84 7.46
CA VAL A 85 12.60 5.07 7.26
C VAL A 85 11.54 5.98 6.64
N LYS A 86 11.47 7.22 7.09
CA LYS A 86 10.45 8.16 6.55
C LYS A 86 10.70 8.41 5.06
N LYS A 87 11.93 8.63 4.68
CA LYS A 87 12.23 8.91 3.25
C LYS A 87 12.09 7.62 2.42
N THR A 88 12.60 6.53 2.91
CA THR A 88 12.48 5.24 2.15
C THR A 88 11.00 4.91 1.95
N ALA A 89 10.18 5.19 2.94
CA ALA A 89 8.72 4.91 2.80
C ALA A 89 8.15 5.77 1.67
N GLU A 90 8.51 7.02 1.63
CA GLU A 90 7.98 7.92 0.56
C GLU A 90 8.46 7.43 -0.82
N ALA A 91 9.73 7.20 -0.97
CA ALA A 91 10.26 6.71 -2.29
C ALA A 91 9.56 5.42 -2.70
N GLY A 92 9.95 4.85 -3.80
CA GLY A 92 9.30 3.59 -4.26
C GLY A 92 10.36 2.67 -4.89
N GLY A 93 10.69 2.90 -6.13
CA GLY A 93 11.71 2.05 -6.81
C GLY A 93 12.90 2.91 -7.22
N VAL A 94 13.02 3.20 -8.49
CA VAL A 94 14.17 4.04 -8.97
C VAL A 94 13.65 5.37 -9.51
N THR A 95 14.46 6.39 -9.50
CA THR A 95 14.02 7.71 -10.02
C THR A 95 15.15 8.36 -10.83
N GLY A 96 16.32 8.43 -10.29
CA GLY A 96 17.46 9.05 -11.02
C GLY A 96 17.88 10.35 -10.32
N LYS A 97 17.80 10.38 -9.01
CA LYS A 97 18.18 11.61 -8.25
C LYS A 97 17.46 12.83 -8.82
N GLY A 98 17.79 14.00 -8.34
CA GLY A 98 17.12 15.24 -8.84
C GLY A 98 15.66 15.24 -8.42
N GLN A 99 15.30 16.11 -7.52
CA GLN A 99 13.87 16.17 -7.05
C GLN A 99 13.45 17.62 -6.81
N ASP A 100 13.94 18.52 -7.61
CA ASP A 100 13.57 19.96 -7.44
C ASP A 100 12.16 20.21 -7.99
N GLY A 101 11.50 21.24 -7.52
CA GLY A 101 10.13 21.54 -8.02
C GLY A 101 9.11 20.89 -7.09
N ILE A 102 9.41 20.80 -5.83
CA ILE A 102 8.45 20.18 -4.86
C ILE A 102 8.03 18.79 -5.35
N GLY A 103 8.96 17.88 -5.45
CA GLY A 103 8.61 16.51 -5.92
C GLY A 103 8.15 16.57 -7.38
N SER A 104 8.10 15.44 -8.03
CA SER A 104 7.66 15.43 -9.46
C SER A 104 7.36 13.99 -9.91
N LYS A 105 7.28 13.76 -11.19
CA LYS A 105 7.00 12.39 -11.72
C LYS A 105 5.71 11.83 -11.09
N ALA A 106 5.82 11.19 -9.95
CA ALA A 106 4.60 10.63 -9.30
C ALA A 106 4.63 10.88 -7.79
N GLU A 107 4.06 11.97 -7.35
CA GLU A 107 4.06 12.28 -5.89
C GLU A 107 2.63 12.29 -5.35
N LYS A 108 1.76 11.52 -5.94
CA LYS A 108 0.35 11.48 -5.46
C LYS A 108 -0.33 10.18 -5.90
N THR A 109 0.17 9.07 -5.44
CA THR A 109 -0.44 7.75 -5.83
C THR A 109 -0.84 6.96 -4.59
N LEU A 110 -2.08 6.54 -4.52
CA LEU A 110 -2.53 5.76 -3.34
C LEU A 110 -1.81 4.41 -3.28
N GLY A 111 -1.55 3.91 -2.10
CA GLY A 111 -0.83 2.60 -1.99
C GLY A 111 -1.84 1.47 -1.71
N ASP A 112 -3.08 1.81 -1.45
CA ASP A 112 -4.10 0.74 -1.16
C ASP A 112 -5.20 0.72 -2.23
N PHE A 113 -5.02 1.41 -3.31
CA PHE A 113 -6.06 1.42 -4.39
C PHE A 113 -5.39 1.19 -5.75
N ALA A 114 -5.92 0.29 -6.56
CA ALA A 114 -5.26 0.04 -7.88
C ALA A 114 -6.28 -0.17 -9.01
N ALA A 115 -5.82 0.03 -10.21
CA ALA A 115 -6.69 -0.16 -11.42
C ALA A 115 -5.87 -0.88 -12.49
N GLU A 116 -6.42 -1.91 -13.08
CA GLU A 116 -5.65 -2.65 -14.14
C GLU A 116 -6.61 -3.51 -14.96
N TYR A 117 -6.15 -3.99 -16.09
CA TYR A 117 -7.03 -4.87 -16.90
C TYR A 117 -6.97 -6.27 -16.29
N ALA A 118 -8.08 -6.94 -16.15
CA ALA A 118 -8.08 -8.30 -15.52
C ALA A 118 -7.02 -9.22 -16.16
N LYS A 119 -6.01 -9.58 -15.38
CA LYS A 119 -4.96 -10.49 -15.91
C LYS A 119 -5.56 -11.87 -16.25
N SER A 120 -6.71 -12.17 -15.71
CA SER A 120 -7.35 -13.49 -16.01
C SER A 120 -8.88 -13.35 -15.86
N ASN A 121 -9.59 -14.46 -15.86
CA ASN A 121 -11.07 -14.40 -15.73
C ASN A 121 -11.57 -15.16 -14.49
N ARG A 122 -10.69 -15.50 -13.58
CA ARG A 122 -11.13 -16.23 -12.35
C ARG A 122 -11.28 -15.28 -11.16
N SER A 123 -11.06 -13.99 -11.35
CA SER A 123 -11.23 -13.03 -10.22
C SER A 123 -12.72 -12.79 -10.04
N THR A 124 -13.13 -12.11 -9.00
CA THR A 124 -14.59 -11.88 -8.80
C THR A 124 -14.84 -10.51 -8.17
N CYS A 125 -15.74 -9.74 -8.75
CA CYS A 125 -16.06 -8.42 -8.16
C CYS A 125 -16.67 -8.66 -6.76
N LYS A 126 -16.06 -8.08 -5.74
CA LYS A 126 -16.58 -8.26 -4.35
C LYS A 126 -17.77 -7.34 -4.03
N GLY A 127 -18.44 -6.82 -5.03
CA GLY A 127 -19.60 -5.92 -4.81
C GLY A 127 -20.86 -6.65 -5.29
N CYS A 128 -20.77 -7.28 -6.43
CA CYS A 128 -21.94 -8.05 -6.95
C CYS A 128 -21.61 -9.57 -7.04
N MET A 129 -20.39 -9.96 -6.61
CA MET A 129 -19.98 -11.39 -6.67
C MET A 129 -20.01 -11.99 -8.09
N GLU A 130 -20.12 -11.17 -9.11
CA GLU A 130 -20.10 -11.71 -10.50
C GLU A 130 -18.64 -11.79 -10.97
N LYS A 131 -18.32 -12.78 -11.75
CA LYS A 131 -16.90 -12.93 -12.21
C LYS A 131 -16.49 -11.79 -13.14
N ILE A 132 -15.24 -11.37 -13.04
CA ILE A 132 -14.74 -10.32 -13.95
C ILE A 132 -14.06 -11.02 -15.15
N GLU A 133 -14.38 -10.60 -16.35
CA GLU A 133 -13.77 -11.28 -17.54
C GLU A 133 -12.34 -10.78 -17.78
N LYS A 134 -11.47 -11.67 -18.20
CA LYS A 134 -10.06 -11.25 -18.53
C LYS A 134 -10.04 -10.07 -19.52
N GLY A 135 -9.21 -9.07 -19.26
CA GLY A 135 -9.15 -7.90 -20.19
C GLY A 135 -10.05 -6.77 -19.65
N GLN A 136 -11.11 -7.11 -18.96
CA GLN A 136 -12.02 -6.06 -18.43
C GLN A 136 -11.31 -5.18 -17.38
N VAL A 137 -11.57 -3.90 -17.39
CA VAL A 137 -10.94 -3.00 -16.40
C VAL A 137 -11.52 -3.29 -15.02
N ARG A 138 -10.69 -3.39 -14.03
CA ARG A 138 -11.19 -3.67 -12.65
C ARG A 138 -10.46 -2.79 -11.65
N LEU A 139 -11.10 -2.49 -10.55
CA LEU A 139 -10.46 -1.63 -9.51
C LEU A 139 -10.33 -2.44 -8.22
N SER A 140 -9.49 -2.02 -7.30
CA SER A 140 -9.36 -2.81 -6.06
C SER A 140 -8.92 -1.99 -4.85
N LYS A 141 -9.43 -2.38 -3.71
CA LYS A 141 -9.05 -1.72 -2.44
C LYS A 141 -8.18 -2.68 -1.64
N LYS A 142 -6.89 -2.49 -1.68
CA LYS A 142 -5.96 -3.41 -0.95
C LYS A 142 -6.36 -3.57 0.52
N MET A 143 -6.30 -4.77 1.02
CA MET A 143 -6.66 -5.03 2.45
C MET A 143 -5.88 -6.24 2.96
N VAL A 144 -5.61 -6.30 4.23
CA VAL A 144 -4.85 -7.47 4.76
C VAL A 144 -5.79 -8.45 5.46
N ASP A 145 -5.52 -9.72 5.33
CA ASP A 145 -6.40 -10.74 5.99
C ASP A 145 -5.69 -11.26 7.25
N PRO A 146 -6.37 -11.22 8.36
CA PRO A 146 -5.78 -11.69 9.63
C PRO A 146 -5.57 -13.20 9.57
N GLU A 147 -6.28 -13.88 8.71
CA GLU A 147 -6.12 -15.36 8.59
C GLU A 147 -4.91 -15.68 7.69
N LYS A 148 -4.58 -14.78 6.80
CA LYS A 148 -3.41 -15.02 5.90
C LYS A 148 -2.45 -13.82 5.99
N PRO A 149 -1.79 -13.71 7.10
CA PRO A 149 -0.84 -12.59 7.34
C PRO A 149 0.40 -12.68 6.45
N GLN A 150 0.77 -13.86 6.03
CA GLN A 150 1.99 -14.00 5.16
C GLN A 150 1.76 -13.32 3.80
N LEU A 151 0.52 -13.13 3.41
CA LEU A 151 0.24 -12.48 2.10
C LEU A 151 0.41 -10.96 2.21
N GLY A 152 -0.16 -10.37 3.22
CA GLY A 152 -0.05 -8.89 3.38
C GLY A 152 -1.17 -8.18 2.63
N MET A 153 -0.91 -7.03 2.10
CA MET A 153 -1.96 -6.27 1.36
C MET A 153 -2.44 -7.06 0.13
N ILE A 154 -3.64 -7.55 0.18
CA ILE A 154 -4.18 -8.33 -0.97
C ILE A 154 -5.25 -7.49 -1.71
N ASP A 155 -5.31 -7.59 -3.00
CA ASP A 155 -6.31 -6.77 -3.75
C ASP A 155 -7.74 -7.34 -3.64
N ARG A 156 -8.66 -6.48 -3.33
CA ARG A 156 -10.11 -6.87 -3.29
C ARG A 156 -10.67 -6.26 -4.58
N TRP A 157 -10.92 -7.06 -5.58
CA TRP A 157 -11.35 -6.48 -6.90
C TRP A 157 -12.83 -6.14 -7.00
N TYR A 158 -13.13 -5.28 -7.93
CA TYR A 158 -14.52 -4.83 -8.17
C TYR A 158 -14.65 -4.28 -9.59
N HIS A 159 -15.84 -4.24 -10.11
CA HIS A 159 -16.02 -3.59 -11.44
C HIS A 159 -15.94 -2.09 -11.13
N PRO A 160 -15.49 -1.27 -12.04
CA PRO A 160 -15.38 0.18 -11.75
C PRO A 160 -16.73 0.74 -11.26
N GLY A 161 -17.82 0.38 -11.89
CA GLY A 161 -19.15 0.86 -11.43
C GLY A 161 -19.42 0.35 -10.01
N CYS A 162 -19.28 -0.93 -9.80
CA CYS A 162 -19.52 -1.49 -8.42
C CYS A 162 -18.59 -0.80 -7.39
N PHE A 163 -17.35 -0.55 -7.76
CA PHE A 163 -16.40 0.13 -6.83
C PHE A 163 -16.92 1.51 -6.48
N VAL A 164 -17.37 2.26 -7.47
CA VAL A 164 -17.86 3.64 -7.20
C VAL A 164 -19.08 3.59 -6.28
N LYS A 165 -19.95 2.62 -6.44
CA LYS A 165 -21.16 2.55 -5.56
C LYS A 165 -20.76 2.42 -4.08
N ASN A 166 -19.68 1.73 -3.81
CA ASN A 166 -19.20 1.56 -2.39
C ASN A 166 -17.96 2.43 -2.09
N ARG A 167 -17.80 3.53 -2.78
CA ARG A 167 -16.58 4.39 -2.55
C ARG A 167 -16.43 4.75 -1.06
N GLU A 168 -17.51 5.02 -0.40
CA GLU A 168 -17.42 5.41 1.05
C GLU A 168 -16.90 4.28 1.92
N GLU A 169 -17.55 3.15 1.88
CA GLU A 169 -17.12 2.00 2.72
C GLU A 169 -15.73 1.50 2.32
N LEU A 170 -15.37 1.68 1.08
CA LEU A 170 -14.02 1.23 0.63
C LEU A 170 -12.93 2.24 1.01
N GLY A 171 -13.29 3.33 1.66
CA GLY A 171 -12.27 4.33 2.09
C GLY A 171 -11.76 5.17 0.91
N PHE A 172 -12.52 5.27 -0.15
CA PHE A 172 -12.06 6.09 -1.31
C PHE A 172 -12.62 7.50 -1.15
N ARG A 173 -11.96 8.30 -0.32
CA ARG A 173 -12.44 9.70 -0.05
C ARG A 173 -12.80 10.46 -1.34
N PRO A 174 -13.61 11.49 -1.19
CA PRO A 174 -14.07 12.29 -2.38
C PRO A 174 -12.94 13.18 -2.92
N GLU A 175 -11.88 13.38 -2.17
CA GLU A 175 -10.76 14.23 -2.69
C GLU A 175 -9.87 13.41 -3.65
N TYR A 176 -10.00 12.11 -3.61
CA TYR A 176 -9.17 11.24 -4.51
C TYR A 176 -9.74 11.23 -5.92
N SER A 177 -8.87 11.18 -6.90
CA SER A 177 -9.31 11.14 -8.32
C SER A 177 -8.81 9.86 -8.97
N ALA A 178 -9.35 9.52 -10.11
CA ALA A 178 -8.91 8.26 -10.81
C ALA A 178 -7.40 8.25 -11.06
N SER A 179 -6.82 9.39 -11.30
CA SER A 179 -5.35 9.46 -11.59
C SER A 179 -4.49 8.98 -10.40
N GLN A 180 -5.06 8.84 -9.23
CA GLN A 180 -4.26 8.39 -8.05
C GLN A 180 -4.25 6.86 -7.89
N LEU A 181 -5.02 6.15 -8.67
CA LEU A 181 -5.04 4.66 -8.54
C LEU A 181 -3.72 4.04 -8.99
N LYS A 182 -3.21 3.12 -8.22
CA LYS A 182 -1.92 2.45 -8.60
C LYS A 182 -2.12 1.67 -9.91
N GLY A 183 -1.39 2.01 -10.95
CA GLY A 183 -1.54 1.30 -12.25
C GLY A 183 -2.31 2.16 -13.28
N PHE A 184 -2.86 3.26 -12.84
CA PHE A 184 -3.64 4.14 -13.77
C PHE A 184 -2.86 4.46 -15.06
N SER A 185 -1.66 4.94 -14.89
CA SER A 185 -0.82 5.33 -16.06
C SER A 185 -0.71 4.24 -17.15
N LEU A 186 -0.89 2.98 -16.82
CA LEU A 186 -0.76 1.89 -17.85
C LEU A 186 -2.07 1.63 -18.61
N LEU A 187 -3.09 2.41 -18.38
CA LEU A 187 -4.38 2.19 -19.09
C LEU A 187 -4.45 3.02 -20.37
N ALA A 188 -5.13 2.51 -21.37
CA ALA A 188 -5.28 3.27 -22.64
C ALA A 188 -6.01 4.58 -22.36
N THR A 189 -5.73 5.61 -23.13
CA THR A 189 -6.40 6.95 -22.90
C THR A 189 -7.91 6.79 -22.70
N GLU A 190 -8.56 6.05 -23.54
CA GLU A 190 -10.05 5.85 -23.43
C GLU A 190 -10.41 5.33 -22.03
N ASP A 191 -9.73 4.31 -21.58
CA ASP A 191 -10.03 3.73 -20.24
C ASP A 191 -9.74 4.77 -19.13
N LYS A 192 -8.69 5.54 -19.28
CA LYS A 192 -8.35 6.56 -18.25
C LYS A 192 -9.45 7.63 -18.17
N GLU A 193 -9.96 8.04 -19.30
CA GLU A 193 -11.03 9.08 -19.30
C GLU A 193 -12.29 8.55 -18.59
N ALA A 194 -12.69 7.34 -18.90
CA ALA A 194 -13.91 6.76 -18.26
C ALA A 194 -13.77 6.79 -16.72
N LEU A 195 -12.61 6.48 -16.22
CA LEU A 195 -12.40 6.48 -14.75
C LEU A 195 -12.45 7.91 -14.21
N LYS A 196 -11.64 8.80 -14.77
CA LYS A 196 -11.66 10.23 -14.30
C LYS A 196 -13.09 10.76 -14.30
N LYS A 197 -13.90 10.25 -15.18
CA LYS A 197 -15.33 10.70 -15.27
C LYS A 197 -16.11 10.28 -14.01
N GLN A 198 -15.94 9.07 -13.56
CA GLN A 198 -16.70 8.59 -12.36
C GLN A 198 -15.98 8.99 -11.05
N LEU A 199 -14.69 9.12 -11.09
CA LEU A 199 -13.93 9.52 -9.87
C LEU A 199 -13.17 10.81 -10.20
N PRO A 200 -13.89 11.91 -10.20
CA PRO A 200 -13.29 13.23 -10.55
C PRO A 200 -12.38 13.75 -9.43
N GLY A 201 -12.79 13.60 -8.20
CA GLY A 201 -11.95 14.09 -7.07
C GLY A 201 -12.13 15.60 -6.93
N VAL A 202 -12.83 16.04 -5.92
CA VAL A 202 -13.04 17.51 -5.74
C VAL A 202 -11.79 18.15 -5.10
N LYS A 203 -11.67 19.44 -5.18
CA LYS A 203 -10.49 20.11 -4.57
C LYS A 203 -10.92 21.33 -3.75
N SER A 204 -10.35 21.52 -2.59
CA SER A 204 -10.73 22.68 -1.74
C SER A 204 -9.51 23.56 -1.46
N GLU A 205 -9.58 24.38 -0.45
CA GLU A 205 -8.42 25.26 -0.12
C GLU A 205 -8.00 25.07 1.34
N GLY A 206 -6.90 24.41 1.57
CA GLY A 206 -6.44 24.19 2.96
C GLY A 206 -5.42 25.26 3.35
N LYS A 207 -5.12 25.39 4.62
CA LYS A 207 -4.13 26.41 5.06
C LYS A 207 -3.23 25.84 6.16
N ARG A 208 -2.26 26.60 6.60
CA ARG A 208 -1.36 26.10 7.67
C ARG A 208 -1.84 26.58 9.04
N LYS A 209 -1.91 27.87 9.24
CA LYS A 209 -2.37 28.42 10.55
C LYS A 209 -1.55 27.83 11.70
N GLY A 210 -1.83 28.23 12.91
CA GLY A 210 -1.07 27.68 14.08
C GLY A 210 0.41 28.01 13.93
N ASP A 211 1.23 27.56 14.83
CA ASP A 211 2.69 27.84 14.74
C ASP A 211 3.47 26.55 14.51
N GLU A 212 3.16 25.52 15.24
CA GLU A 212 3.88 24.22 15.06
C GLU A 212 3.10 23.08 15.71
N VAL A 213 1.80 23.10 15.62
CA VAL A 213 0.98 22.01 16.24
C VAL A 213 0.81 20.85 15.26
N ASP A 214 0.95 21.11 13.99
CA ASP A 214 0.79 20.02 12.99
C ASP A 214 2.09 19.83 12.18
ZN ZN C . 18.19 -9.43 3.84
ZN ZN D . -19.49 -5.98 -9.91
N MET A 1 -4.60 -3.04 24.43
CA MET A 1 -6.08 -2.97 24.22
C MET A 1 -6.42 -1.83 23.25
N ALA A 2 -7.28 -2.09 22.29
CA ALA A 2 -7.66 -1.03 21.31
C ALA A 2 -6.40 -0.52 20.57
N GLU A 3 -5.71 0.44 21.13
CA GLU A 3 -4.50 0.98 20.46
C GLU A 3 -3.23 0.47 21.16
N SER A 4 -2.84 -0.75 20.90
CA SER A 4 -1.62 -1.30 21.54
C SER A 4 -1.22 -2.62 20.89
N SER A 5 0.01 -2.74 20.46
CA SER A 5 0.47 -3.99 19.81
C SER A 5 -0.45 -4.38 18.65
N ASP A 6 -1.10 -3.42 18.05
CA ASP A 6 -2.02 -3.72 16.92
C ASP A 6 -1.41 -3.26 15.59
N LYS A 7 -0.33 -2.51 15.64
CA LYS A 7 0.32 -2.04 14.38
C LYS A 7 0.67 -3.23 13.49
N LEU A 8 0.75 -3.04 12.20
CA LEU A 8 1.09 -4.18 11.31
C LEU A 8 2.61 -4.31 11.11
N TYR A 9 3.36 -3.27 11.40
CA TYR A 9 4.85 -3.38 11.20
C TYR A 9 5.62 -2.99 12.47
N ARG A 10 6.86 -3.43 12.55
CA ARG A 10 7.70 -3.10 13.72
C ARG A 10 9.12 -2.76 13.26
N VAL A 11 9.73 -1.80 13.87
CA VAL A 11 11.13 -1.43 13.51
C VAL A 11 11.94 -1.33 14.78
N GLU A 12 13.16 -1.81 14.78
CA GLU A 12 13.98 -1.73 16.02
C GLU A 12 15.40 -2.21 15.76
N TYR A 13 16.28 -1.98 16.70
CA TYR A 13 17.66 -2.44 16.53
C TYR A 13 17.67 -3.93 16.93
N ALA A 14 18.18 -4.77 16.07
CA ALA A 14 18.18 -6.26 16.32
C ALA A 14 18.51 -6.63 17.77
N LYS A 15 17.59 -7.27 18.44
CA LYS A 15 17.83 -7.71 19.86
C LYS A 15 18.87 -8.84 19.86
N SER A 16 19.04 -9.49 18.74
CA SER A 16 20.04 -10.58 18.63
C SER A 16 20.52 -10.67 17.18
N GLY A 17 21.44 -11.55 16.89
CA GLY A 17 21.96 -11.67 15.49
C GLY A 17 21.54 -13.02 14.91
N ARG A 18 20.54 -13.64 15.50
CA ARG A 18 20.09 -14.99 15.02
C ARG A 18 18.92 -14.88 14.03
N ALA A 19 18.24 -13.77 13.97
CA ALA A 19 17.10 -13.66 12.99
C ALA A 19 17.60 -13.70 11.54
N SER A 20 16.86 -14.35 10.67
CA SER A 20 17.27 -14.46 9.26
C SER A 20 16.32 -13.63 8.41
N CYS A 21 16.86 -12.88 7.51
CA CYS A 21 16.02 -12.02 6.63
C CYS A 21 15.08 -12.88 5.76
N LYS A 22 13.81 -12.58 5.77
CA LYS A 22 12.84 -13.39 4.97
C LYS A 22 12.98 -13.13 3.46
N LYS A 23 13.81 -12.19 3.07
CA LYS A 23 14.00 -11.90 1.62
C LYS A 23 15.30 -12.52 1.07
N CYS A 24 16.43 -12.15 1.63
CA CYS A 24 17.73 -12.70 1.12
C CYS A 24 18.26 -13.88 1.96
N SER A 25 17.60 -14.22 3.05
CA SER A 25 18.02 -15.38 3.93
C SER A 25 19.29 -15.12 4.78
N GLU A 26 20.01 -14.05 4.56
CA GLU A 26 21.23 -13.79 5.38
C GLU A 26 20.81 -13.39 6.81
N SER A 27 21.68 -13.61 7.77
CA SER A 27 21.34 -13.28 9.17
C SER A 27 21.30 -11.76 9.39
N ILE A 28 20.47 -11.32 10.29
CA ILE A 28 20.41 -9.86 10.60
C ILE A 28 21.29 -9.63 11.83
N PRO A 29 22.34 -8.84 11.67
CA PRO A 29 23.30 -8.63 12.80
C PRO A 29 22.67 -7.88 13.98
N LYS A 30 23.05 -8.29 15.17
CA LYS A 30 22.51 -7.65 16.41
C LYS A 30 22.73 -6.13 16.39
N ASP A 31 21.78 -5.38 16.92
CA ASP A 31 21.88 -3.88 16.97
C ASP A 31 21.64 -3.22 15.59
N SER A 32 21.58 -3.99 14.53
CA SER A 32 21.35 -3.37 13.19
C SER A 32 19.88 -2.99 13.06
N LEU A 33 19.59 -2.04 12.22
CA LEU A 33 18.17 -1.62 12.04
C LEU A 33 17.44 -2.66 11.18
N ARG A 34 16.40 -3.26 11.72
CA ARG A 34 15.63 -4.27 10.95
C ARG A 34 14.14 -3.94 11.02
N MET A 35 13.39 -4.41 10.06
CA MET A 35 11.93 -4.13 10.04
C MET A 35 11.16 -5.44 9.85
N ALA A 36 9.95 -5.51 10.34
CA ALA A 36 9.19 -6.77 10.18
C ALA A 36 7.70 -6.52 9.97
N ILE A 37 7.04 -7.41 9.29
CA ILE A 37 5.57 -7.30 9.12
C ILE A 37 4.92 -8.21 10.18
N MET A 38 4.19 -7.64 11.10
CA MET A 38 3.58 -8.46 12.19
C MET A 38 2.50 -9.41 11.66
N VAL A 39 2.41 -10.58 12.25
CA VAL A 39 1.39 -11.56 11.81
C VAL A 39 0.82 -12.30 13.04
N GLN A 40 -0.45 -12.53 13.07
CA GLN A 40 -1.06 -13.23 14.24
C GLN A 40 -0.86 -14.75 14.11
N SER A 41 -0.41 -15.39 15.15
CA SER A 41 -0.20 -16.88 15.07
C SER A 41 -1.44 -17.62 15.57
N PRO A 42 -1.87 -18.60 14.80
CA PRO A 42 -3.06 -19.40 15.20
C PRO A 42 -2.68 -20.50 16.19
N MET A 43 -1.41 -20.64 16.50
CA MET A 43 -0.99 -21.71 17.46
C MET A 43 -0.89 -21.15 18.88
N PHE A 44 -0.87 -19.86 19.03
CA PHE A 44 -0.77 -19.26 20.40
C PHE A 44 -1.05 -17.75 20.34
N ASP A 45 -1.57 -17.21 21.42
CA ASP A 45 -1.86 -15.74 21.43
C ASP A 45 -0.54 -14.95 21.32
N GLY A 46 -0.43 -14.12 20.33
CA GLY A 46 0.83 -13.33 20.17
C GLY A 46 1.11 -13.17 18.66
N LYS A 47 1.85 -12.17 18.29
CA LYS A 47 2.14 -11.96 16.85
C LYS A 47 3.59 -12.36 16.51
N VAL A 48 3.78 -13.02 15.40
CA VAL A 48 5.15 -13.43 14.98
C VAL A 48 5.69 -12.43 13.95
N PRO A 49 6.89 -11.95 14.18
CA PRO A 49 7.46 -10.96 13.26
C PRO A 49 8.27 -11.61 12.14
N HIS A 50 8.00 -11.24 10.92
CA HIS A 50 8.81 -11.74 9.78
C HIS A 50 9.88 -10.66 9.57
N TRP A 51 11.09 -10.87 10.06
CA TRP A 51 12.12 -9.81 9.97
C TRP A 51 12.85 -9.76 8.64
N TYR A 52 13.35 -8.59 8.35
CA TYR A 52 14.10 -8.34 7.08
C TYR A 52 15.16 -7.26 7.34
N HIS A 53 16.26 -7.28 6.64
CA HIS A 53 17.25 -6.17 6.81
C HIS A 53 16.53 -4.91 6.35
N PHE A 54 16.89 -3.75 6.81
CA PHE A 54 16.16 -2.49 6.41
C PHE A 54 15.88 -2.42 4.89
N SER A 55 16.90 -2.59 4.08
CA SER A 55 16.71 -2.52 2.60
C SER A 55 15.83 -3.66 2.04
N CYS A 56 16.08 -4.88 2.45
CA CYS A 56 15.29 -6.04 1.94
C CYS A 56 13.78 -5.84 2.18
N PHE A 57 13.41 -5.26 3.28
CA PHE A 57 11.94 -5.07 3.60
C PHE A 57 11.18 -4.38 2.46
N TRP A 58 11.80 -3.44 1.76
CA TRP A 58 11.08 -2.71 0.69
C TRP A 58 11.15 -3.44 -0.65
N LYS A 59 12.08 -4.35 -0.81
CA LYS A 59 12.21 -5.07 -2.11
C LYS A 59 11.23 -6.25 -2.23
N VAL A 60 10.42 -6.47 -1.22
CA VAL A 60 9.44 -7.61 -1.27
C VAL A 60 8.04 -7.11 -1.66
N GLY A 61 7.76 -5.87 -1.43
CA GLY A 61 6.40 -5.35 -1.78
C GLY A 61 5.78 -4.63 -0.57
N HIS A 62 6.38 -4.75 0.58
CA HIS A 62 5.83 -4.07 1.78
C HIS A 62 5.86 -2.55 1.56
N SER A 63 4.83 -1.85 1.95
CA SER A 63 4.83 -0.37 1.73
C SER A 63 4.13 0.36 2.88
N ILE A 64 4.64 1.50 3.26
CA ILE A 64 4.00 2.29 4.35
C ILE A 64 4.09 3.79 4.02
N ARG A 65 2.97 4.46 4.02
CA ARG A 65 2.97 5.92 3.70
C ARG A 65 3.32 6.75 4.93
N HIS A 66 2.83 6.36 6.07
CA HIS A 66 3.13 7.12 7.34
C HIS A 66 3.75 6.19 8.38
N PRO A 67 5.07 6.17 8.43
CA PRO A 67 5.79 5.29 9.39
C PRO A 67 5.44 5.61 10.87
N ASP A 68 5.47 6.87 11.26
CA ASP A 68 5.13 7.25 12.66
C ASP A 68 3.85 6.56 13.20
N VAL A 69 2.84 6.39 12.38
CA VAL A 69 1.56 5.77 12.87
C VAL A 69 1.41 4.28 12.47
N GLU A 70 2.05 3.84 11.41
CA GLU A 70 1.88 2.42 10.96
C GLU A 70 2.99 1.49 11.46
N VAL A 71 4.10 2.01 11.91
CA VAL A 71 5.20 1.11 12.37
C VAL A 71 5.49 1.27 13.86
N ASP A 72 5.27 0.22 14.62
CA ASP A 72 5.53 0.28 16.09
C ASP A 72 7.04 0.39 16.34
N GLY A 73 7.45 1.15 17.34
CA GLY A 73 8.91 1.30 17.64
C GLY A 73 9.54 2.44 16.82
N PHE A 74 8.82 3.00 15.90
CA PHE A 74 9.40 4.10 15.06
C PHE A 74 9.88 5.28 15.92
N SER A 75 9.05 5.74 16.80
CA SER A 75 9.43 6.91 17.66
C SER A 75 10.65 6.61 18.57
N GLU A 76 10.97 5.36 18.83
CA GLU A 76 12.15 5.07 19.69
C GLU A 76 13.45 4.91 18.88
N LEU A 77 13.38 5.00 17.57
CA LEU A 77 14.62 4.89 16.74
C LEU A 77 15.45 6.15 16.87
N ARG A 78 16.72 6.09 16.59
CA ARG A 78 17.55 7.33 16.65
C ARG A 78 17.04 8.29 15.57
N TRP A 79 17.22 9.57 15.77
CA TRP A 79 16.70 10.57 14.78
C TRP A 79 17.06 10.23 13.32
N ASP A 80 18.31 10.04 13.02
CA ASP A 80 18.72 9.72 11.61
C ASP A 80 17.95 8.49 11.07
N ASP A 81 17.80 7.47 11.88
CA ASP A 81 17.07 6.26 11.41
C ASP A 81 15.59 6.60 11.19
N GLN A 82 15.06 7.52 11.98
CA GLN A 82 13.64 7.93 11.81
C GLN A 82 13.49 8.65 10.47
N GLN A 83 14.50 9.42 10.09
CA GLN A 83 14.44 10.14 8.80
C GLN A 83 14.65 9.15 7.65
N LYS A 84 15.57 8.24 7.83
CA LYS A 84 15.84 7.22 6.76
C LYS A 84 14.57 6.42 6.48
N VAL A 85 13.89 5.97 7.51
CA VAL A 85 12.64 5.21 7.30
C VAL A 85 11.57 6.13 6.69
N LYS A 86 11.51 7.36 7.15
CA LYS A 86 10.50 8.31 6.61
C LYS A 86 10.74 8.57 5.13
N LYS A 87 11.97 8.79 4.75
CA LYS A 87 12.27 9.07 3.31
C LYS A 87 12.12 7.80 2.48
N THR A 88 12.63 6.68 2.96
CA THR A 88 12.50 5.41 2.20
C THR A 88 11.02 5.08 1.99
N ALA A 89 10.21 5.37 2.98
CA ALA A 89 8.75 5.09 2.85
C ALA A 89 8.18 5.97 1.73
N GLU A 90 8.52 7.22 1.71
CA GLU A 90 7.99 8.12 0.64
C GLU A 90 8.46 7.65 -0.73
N ALA A 91 9.74 7.40 -0.88
CA ALA A 91 10.26 6.93 -2.20
C ALA A 91 9.54 5.65 -2.62
N GLY A 92 9.78 5.20 -3.83
CA GLY A 92 9.13 3.95 -4.31
C GLY A 92 10.19 2.94 -4.70
N GLY A 93 11.06 3.29 -5.60
CA GLY A 93 12.14 2.34 -6.02
C GLY A 93 13.23 3.10 -6.76
N VAL A 94 14.07 2.40 -7.48
CA VAL A 94 15.18 3.07 -8.22
C VAL A 94 14.82 3.20 -9.70
N THR A 95 15.11 4.32 -10.30
CA THR A 95 14.79 4.50 -11.76
C THR A 95 15.59 3.51 -12.60
N GLY A 96 15.48 3.61 -13.90
CA GLY A 96 16.23 2.68 -14.79
C GLY A 96 16.92 3.47 -15.90
N LYS A 97 16.33 3.49 -17.07
CA LYS A 97 16.94 4.24 -18.20
C LYS A 97 16.18 5.56 -18.44
N GLY A 98 16.12 6.39 -17.44
CA GLY A 98 15.41 7.70 -17.60
C GLY A 98 14.03 7.60 -16.95
N GLN A 99 13.52 8.71 -16.48
CA GLN A 99 12.17 8.68 -15.83
C GLN A 99 11.07 8.60 -16.90
N ASP A 100 10.52 7.43 -17.09
CA ASP A 100 9.44 7.27 -18.12
C ASP A 100 8.21 8.10 -17.73
N GLY A 101 7.63 8.79 -18.66
CA GLY A 101 6.42 9.61 -18.34
C GLY A 101 6.45 10.89 -19.18
N ILE A 102 5.99 10.82 -20.40
CA ILE A 102 5.98 12.03 -21.27
C ILE A 102 4.92 13.03 -20.79
N GLY A 103 3.86 12.53 -20.19
CA GLY A 103 2.79 13.44 -19.70
C GLY A 103 2.24 12.89 -18.38
N SER A 104 2.26 13.69 -17.34
CA SER A 104 1.73 13.22 -16.03
C SER A 104 1.31 14.42 -15.17
N LYS A 105 0.04 14.52 -14.87
CA LYS A 105 -0.44 15.67 -14.03
C LYS A 105 -0.53 15.26 -12.56
N ALA A 106 -0.87 14.03 -12.30
CA ALA A 106 -0.98 13.57 -10.88
C ALA A 106 0.42 13.35 -10.29
N GLU A 107 0.71 14.00 -9.19
CA GLU A 107 2.06 13.83 -8.56
C GLU A 107 1.94 12.96 -7.30
N LYS A 108 0.90 12.19 -7.19
CA LYS A 108 0.73 11.32 -5.99
C LYS A 108 0.09 9.99 -6.40
N THR A 109 0.25 8.96 -5.61
CA THR A 109 -0.36 7.65 -5.98
C THR A 109 -0.75 6.88 -4.71
N LEU A 110 -1.98 6.43 -4.65
CA LEU A 110 -2.43 5.67 -3.45
C LEU A 110 -1.71 4.32 -3.38
N GLY A 111 -1.45 3.83 -2.20
CA GLY A 111 -0.75 2.53 -2.08
C GLY A 111 -1.75 1.41 -1.77
N ASP A 112 -2.98 1.75 -1.47
CA ASP A 112 -4.00 0.69 -1.15
C ASP A 112 -5.11 0.66 -2.21
N PHE A 113 -4.96 1.39 -3.29
CA PHE A 113 -6.02 1.38 -4.36
C PHE A 113 -5.37 1.15 -5.72
N ALA A 114 -5.89 0.25 -6.53
CA ALA A 114 -5.24 -0.01 -7.84
C ALA A 114 -6.25 -0.22 -8.97
N ALA A 115 -5.80 -0.01 -10.17
CA ALA A 115 -6.66 -0.21 -11.37
C ALA A 115 -5.84 -0.94 -12.45
N GLU A 116 -6.39 -1.96 -13.04
CA GLU A 116 -5.62 -2.70 -14.08
C GLU A 116 -6.58 -3.57 -14.91
N TYR A 117 -6.13 -4.05 -16.03
CA TYR A 117 -6.99 -4.93 -16.84
C TYR A 117 -6.93 -6.33 -16.23
N ALA A 118 -8.05 -7.00 -16.11
CA ALA A 118 -8.04 -8.35 -15.47
C ALA A 118 -6.98 -9.28 -16.10
N LYS A 119 -5.97 -9.65 -15.32
CA LYS A 119 -4.93 -10.55 -15.85
C LYS A 119 -5.52 -11.93 -16.18
N SER A 120 -6.67 -12.23 -15.65
CA SER A 120 -7.32 -13.55 -15.93
C SER A 120 -8.84 -13.42 -15.79
N ASN A 121 -9.54 -14.53 -15.79
CA ASN A 121 -11.04 -14.46 -15.66
C ASN A 121 -11.53 -15.22 -14.42
N ARG A 122 -10.64 -15.56 -13.51
CA ARG A 122 -11.09 -16.29 -12.28
C ARG A 122 -11.25 -15.33 -11.09
N SER A 123 -11.02 -14.04 -11.28
CA SER A 123 -11.20 -13.08 -10.16
C SER A 123 -12.69 -12.83 -9.98
N THR A 124 -13.09 -12.16 -8.94
CA THR A 124 -14.56 -11.93 -8.74
C THR A 124 -14.81 -10.57 -8.11
N CYS A 125 -15.70 -9.79 -8.69
CA CYS A 125 -16.03 -8.49 -8.09
C CYS A 125 -16.63 -8.70 -6.70
N LYS A 126 -16.03 -8.14 -5.68
CA LYS A 126 -16.55 -8.31 -4.30
C LYS A 126 -17.74 -7.38 -3.97
N GLY A 127 -18.42 -6.88 -4.99
CA GLY A 127 -19.57 -5.97 -4.76
C GLY A 127 -20.83 -6.70 -5.24
N CYS A 128 -20.74 -7.33 -6.38
CA CYS A 128 -21.91 -8.11 -6.90
C CYS A 128 -21.57 -9.62 -6.98
N MET A 129 -20.36 -10.01 -6.56
CA MET A 129 -19.96 -11.45 -6.60
C MET A 129 -19.97 -12.05 -8.03
N GLU A 130 -20.08 -11.23 -9.05
CA GLU A 130 -20.07 -11.77 -10.44
C GLU A 130 -18.62 -11.84 -10.91
N LYS A 131 -18.28 -12.85 -11.69
CA LYS A 131 -16.86 -12.99 -12.14
C LYS A 131 -16.46 -11.85 -13.08
N ILE A 132 -15.21 -11.43 -12.98
CA ILE A 132 -14.70 -10.38 -13.90
C ILE A 132 -14.04 -11.07 -15.09
N GLU A 133 -14.34 -10.67 -16.29
CA GLU A 133 -13.73 -11.34 -17.48
C GLU A 133 -12.30 -10.85 -17.72
N LYS A 134 -11.44 -11.74 -18.13
CA LYS A 134 -10.02 -11.32 -18.46
C LYS A 134 -10.00 -10.14 -19.45
N GLY A 135 -9.18 -9.14 -19.20
CA GLY A 135 -9.11 -7.97 -20.13
C GLY A 135 -10.00 -6.84 -19.60
N GLN A 136 -11.07 -7.17 -18.90
CA GLN A 136 -11.98 -6.12 -18.37
C GLN A 136 -11.28 -5.25 -17.32
N VAL A 137 -11.53 -3.97 -17.35
CA VAL A 137 -10.91 -3.06 -16.35
C VAL A 137 -11.49 -3.35 -14.97
N ARG A 138 -10.66 -3.45 -13.98
CA ARG A 138 -11.15 -3.73 -12.61
C ARG A 138 -10.43 -2.85 -11.60
N LEU A 139 -11.07 -2.54 -10.50
CA LEU A 139 -10.43 -1.68 -9.46
C LEU A 139 -10.30 -2.48 -8.17
N SER A 140 -9.45 -2.06 -7.25
CA SER A 140 -9.33 -2.85 -6.01
C SER A 140 -8.90 -2.04 -4.80
N LYS A 141 -9.39 -2.42 -3.65
CA LYS A 141 -9.00 -1.75 -2.39
C LYS A 141 -8.11 -2.71 -1.59
N LYS A 142 -6.83 -2.48 -1.61
CA LYS A 142 -5.88 -3.38 -0.88
C LYS A 142 -6.29 -3.55 0.58
N MET A 143 -6.17 -4.76 1.09
CA MET A 143 -6.54 -5.02 2.51
C MET A 143 -5.79 -6.25 3.01
N VAL A 144 -5.44 -6.29 4.27
CA VAL A 144 -4.69 -7.47 4.80
C VAL A 144 -5.65 -8.42 5.52
N ASP A 145 -5.40 -9.70 5.43
CA ASP A 145 -6.28 -10.69 6.13
C ASP A 145 -5.55 -11.22 7.37
N PRO A 146 -6.21 -11.14 8.50
CA PRO A 146 -5.58 -11.62 9.75
C PRO A 146 -5.41 -13.14 9.72
N GLU A 147 -6.13 -13.80 8.85
CA GLU A 147 -5.99 -15.29 8.74
C GLU A 147 -4.79 -15.64 7.85
N LYS A 148 -4.45 -14.76 6.94
CA LYS A 148 -3.29 -15.03 6.04
C LYS A 148 -2.35 -13.82 6.06
N PRO A 149 -1.65 -13.66 7.16
CA PRO A 149 -0.72 -12.52 7.31
C PRO A 149 0.51 -12.65 6.41
N GLN A 150 0.88 -13.85 6.05
CA GLN A 150 2.08 -14.01 5.16
C GLN A 150 1.83 -13.35 3.80
N LEU A 151 0.58 -13.18 3.45
CA LEU A 151 0.25 -12.54 2.14
C LEU A 151 0.46 -11.03 2.21
N GLY A 152 -0.10 -10.39 3.23
CA GLY A 152 0.06 -8.93 3.37
C GLY A 152 -1.08 -8.21 2.65
N MET A 153 -0.81 -7.08 2.08
CA MET A 153 -1.88 -6.31 1.36
C MET A 153 -2.39 -7.09 0.15
N ILE A 154 -3.59 -7.61 0.23
CA ILE A 154 -4.14 -8.37 -0.93
C ILE A 154 -5.21 -7.53 -1.65
N ASP A 155 -5.28 -7.62 -2.95
CA ASP A 155 -6.28 -6.80 -3.69
C ASP A 155 -7.70 -7.38 -3.58
N ARG A 156 -8.64 -6.52 -3.28
CA ARG A 156 -10.08 -6.91 -3.23
C ARG A 156 -10.64 -6.30 -4.52
N TRP A 157 -10.90 -7.10 -5.53
CA TRP A 157 -11.32 -6.52 -6.84
C TRP A 157 -12.80 -6.20 -6.95
N TYR A 158 -13.11 -5.32 -7.88
CA TYR A 158 -14.50 -4.88 -8.11
C TYR A 158 -14.62 -4.34 -9.53
N HIS A 159 -15.81 -4.29 -10.07
CA HIS A 159 -16.00 -3.63 -11.39
C HIS A 159 -15.91 -2.14 -11.08
N PRO A 160 -15.46 -1.34 -12.00
CA PRO A 160 -15.35 0.12 -11.72
C PRO A 160 -16.70 0.69 -11.23
N GLY A 161 -17.79 0.31 -11.85
CA GLY A 161 -19.12 0.80 -11.40
C GLY A 161 -19.40 0.29 -9.97
N CYS A 162 -19.25 -0.99 -9.75
CA CYS A 162 -19.49 -1.55 -8.38
C CYS A 162 -18.58 -0.85 -7.35
N PHE A 163 -17.33 -0.60 -7.72
CA PHE A 163 -16.38 0.07 -6.79
C PHE A 163 -16.89 1.47 -6.44
N VAL A 164 -17.34 2.21 -7.43
CA VAL A 164 -17.84 3.59 -7.17
C VAL A 164 -19.06 3.54 -6.23
N LYS A 165 -19.92 2.58 -6.41
CA LYS A 165 -21.13 2.50 -5.52
C LYS A 165 -20.72 2.37 -4.04
N ASN A 166 -19.66 1.69 -3.77
CA ASN A 166 -19.18 1.52 -2.35
C ASN A 166 -17.94 2.38 -2.05
N ARG A 167 -17.77 3.49 -2.75
CA ARG A 167 -16.57 4.35 -2.51
C ARG A 167 -16.41 4.71 -1.03
N GLU A 168 -17.48 4.98 -0.37
CA GLU A 168 -17.40 5.38 1.07
C GLU A 168 -16.88 4.24 1.96
N GLU A 169 -17.53 3.11 1.92
CA GLU A 169 -17.10 1.97 2.77
C GLU A 169 -15.71 1.48 2.36
N LEU A 170 -15.34 1.65 1.11
CA LEU A 170 -14.00 1.19 0.66
C LEU A 170 -12.90 2.21 1.05
N GLY A 171 -13.27 3.30 1.70
CA GLY A 171 -12.25 4.30 2.13
C GLY A 171 -11.75 5.13 0.95
N PHE A 172 -12.51 5.23 -0.11
CA PHE A 172 -12.05 6.05 -1.28
C PHE A 172 -12.60 7.47 -1.12
N ARG A 173 -11.96 8.26 -0.30
CA ARG A 173 -12.42 9.66 -0.02
C ARG A 173 -12.79 10.42 -1.32
N PRO A 174 -13.60 11.45 -1.18
CA PRO A 174 -14.05 12.25 -2.35
C PRO A 174 -12.92 13.14 -2.90
N GLU A 175 -11.87 13.34 -2.16
CA GLU A 175 -10.75 14.19 -2.68
C GLU A 175 -9.86 13.38 -3.63
N TYR A 176 -9.98 12.07 -3.59
CA TYR A 176 -9.15 11.22 -4.48
C TYR A 176 -9.73 11.20 -5.90
N SER A 177 -8.85 11.13 -6.88
CA SER A 177 -9.30 11.10 -8.29
C SER A 177 -8.79 9.81 -8.94
N ALA A 178 -9.33 9.46 -10.09
CA ALA A 178 -8.89 8.21 -10.77
C ALA A 178 -7.38 8.20 -11.03
N SER A 179 -6.80 9.35 -11.27
CA SER A 179 -5.33 9.42 -11.56
C SER A 179 -4.47 8.93 -10.37
N GLN A 180 -5.04 8.80 -9.20
CA GLN A 180 -4.23 8.36 -8.02
C GLN A 180 -4.23 6.82 -7.85
N LEU A 181 -5.00 6.11 -8.63
CA LEU A 181 -5.02 4.61 -8.50
C LEU A 181 -3.70 4.00 -8.95
N LYS A 182 -3.17 3.07 -8.18
CA LYS A 182 -1.89 2.41 -8.56
C LYS A 182 -2.10 1.63 -9.86
N GLY A 183 -1.37 1.98 -10.90
CA GLY A 183 -1.52 1.24 -12.21
C GLY A 183 -2.28 2.10 -13.23
N PHE A 184 -2.84 3.22 -12.80
CA PHE A 184 -3.62 4.09 -13.74
C PHE A 184 -2.83 4.41 -15.01
N SER A 185 -1.64 4.90 -14.86
CA SER A 185 -0.79 5.29 -16.04
C SER A 185 -0.69 4.18 -17.11
N LEU A 186 -0.86 2.93 -16.77
CA LEU A 186 -0.73 1.84 -17.80
C LEU A 186 -2.04 1.57 -18.56
N LEU A 187 -3.05 2.36 -18.34
CA LEU A 187 -4.35 2.12 -19.05
C LEU A 187 -4.42 2.95 -20.33
N ALA A 188 -5.10 2.44 -21.33
CA ALA A 188 -5.25 3.20 -22.61
C ALA A 188 -5.98 4.52 -22.32
N THR A 189 -5.70 5.54 -23.09
CA THR A 189 -6.37 6.88 -22.86
C THR A 189 -7.89 6.72 -22.67
N GLU A 190 -8.53 5.97 -23.51
CA GLU A 190 -10.02 5.78 -23.39
C GLU A 190 -10.38 5.25 -22.00
N ASP A 191 -9.70 4.24 -21.55
CA ASP A 191 -10.00 3.67 -20.20
C ASP A 191 -9.72 4.70 -19.10
N LYS A 192 -8.66 5.47 -19.25
CA LYS A 192 -8.33 6.50 -18.22
C LYS A 192 -9.43 7.57 -18.14
N GLU A 193 -9.94 7.97 -19.26
CA GLU A 193 -11.01 9.01 -19.27
C GLU A 193 -12.27 8.49 -18.57
N ALA A 194 -12.67 7.28 -18.87
CA ALA A 194 -13.89 6.69 -18.23
C ALA A 194 -13.74 6.73 -16.70
N LEU A 195 -12.58 6.42 -16.20
CA LEU A 195 -12.38 6.42 -14.72
C LEU A 195 -12.42 7.85 -14.19
N LYS A 196 -11.62 8.74 -14.74
CA LYS A 196 -11.64 10.16 -14.27
C LYS A 196 -13.08 10.70 -14.28
N LYS A 197 -13.89 10.19 -15.15
CA LYS A 197 -15.31 10.63 -15.24
C LYS A 197 -16.10 10.23 -13.99
N GLN A 198 -15.92 9.01 -13.53
CA GLN A 198 -16.68 8.54 -12.33
C GLN A 198 -15.96 8.94 -11.03
N LEU A 199 -14.66 9.05 -11.06
CA LEU A 199 -13.91 9.47 -9.84
C LEU A 199 -13.16 10.77 -10.18
N PRO A 200 -13.88 11.87 -10.18
CA PRO A 200 -13.27 13.18 -10.53
C PRO A 200 -12.34 13.69 -9.42
N GLY A 201 -12.73 13.57 -8.19
CA GLY A 201 -11.87 14.06 -7.07
C GLY A 201 -12.01 15.57 -6.95
N VAL A 202 -10.95 16.29 -7.16
CA VAL A 202 -11.03 17.78 -7.05
C VAL A 202 -10.18 18.43 -8.16
N LYS A 203 -9.94 17.73 -9.23
CA LYS A 203 -9.11 18.30 -10.34
C LYS A 203 -9.16 17.38 -11.56
N SER A 204 -10.34 16.96 -11.95
CA SER A 204 -10.45 16.07 -13.14
C SER A 204 -11.74 16.36 -13.90
N GLU A 205 -12.23 17.56 -13.81
CA GLU A 205 -13.50 17.92 -14.53
C GLU A 205 -13.62 19.43 -14.67
N GLY A 206 -13.48 20.15 -13.58
CA GLY A 206 -13.58 21.64 -13.64
C GLY A 206 -15.06 22.04 -13.70
N LYS A 207 -15.37 23.23 -13.27
CA LYS A 207 -16.79 23.69 -13.30
C LYS A 207 -17.24 23.89 -14.75
N ARG A 208 -18.00 22.96 -15.27
CA ARG A 208 -18.49 23.09 -16.67
C ARG A 208 -19.97 23.47 -16.70
N LYS A 209 -20.39 24.20 -17.69
CA LYS A 209 -21.82 24.60 -17.78
C LYS A 209 -22.53 23.78 -18.86
N GLY A 210 -22.19 23.99 -20.10
CA GLY A 210 -22.84 23.21 -21.19
C GLY A 210 -24.34 23.53 -21.23
N ASP A 211 -24.70 24.70 -21.66
CA ASP A 211 -26.14 25.07 -21.74
C ASP A 211 -26.49 25.64 -23.10
N GLU A 212 -25.71 25.33 -24.11
CA GLU A 212 -25.98 25.86 -25.48
C GLU A 212 -26.17 27.38 -25.44
N VAL A 213 -25.15 28.10 -25.08
CA VAL A 213 -25.26 29.60 -25.02
C VAL A 213 -24.32 30.24 -26.06
N ASP A 214 -24.34 29.74 -27.27
CA ASP A 214 -23.45 30.33 -28.32
C ASP A 214 -23.85 29.78 -29.69
ZN ZN C . 18.13 -9.31 3.78
ZN ZN D . -19.44 -6.05 -9.83
N MET A 1 0.28 4.87 27.25
CA MET A 1 -1.17 4.80 27.59
C MET A 1 -1.75 3.45 27.15
N ALA A 2 -1.37 2.99 25.98
CA ALA A 2 -1.90 1.69 25.49
C ALA A 2 -1.03 0.54 25.99
N GLU A 3 -1.41 -0.68 25.69
CA GLU A 3 -0.59 -1.84 26.16
C GLU A 3 -0.61 -2.94 25.09
N SER A 4 -1.76 -3.24 24.53
CA SER A 4 -1.84 -4.31 23.50
C SER A 4 -1.30 -3.79 22.16
N SER A 5 -0.42 -4.54 21.55
CA SER A 5 0.14 -4.08 20.24
C SER A 5 -0.78 -4.49 19.09
N ASP A 6 -1.10 -3.57 18.21
CA ASP A 6 -2.00 -3.90 17.08
C ASP A 6 -1.40 -3.42 15.75
N LYS A 7 -0.31 -2.67 15.80
CA LYS A 7 0.30 -2.18 14.53
C LYS A 7 0.69 -3.37 13.65
N LEU A 8 0.71 -3.18 12.35
CA LEU A 8 1.06 -4.31 11.46
C LEU A 8 2.58 -4.42 11.27
N TYR A 9 3.34 -3.39 11.56
CA TYR A 9 4.81 -3.48 11.36
C TYR A 9 5.58 -3.09 12.62
N ARG A 10 6.83 -3.51 12.70
CA ARG A 10 7.66 -3.17 13.88
C ARG A 10 9.08 -2.83 13.42
N VAL A 11 9.69 -1.86 14.03
CA VAL A 11 11.07 -1.47 13.67
C VAL A 11 11.89 -1.36 14.95
N GLU A 12 13.10 -1.84 14.94
CA GLU A 12 13.92 -1.76 16.18
C GLU A 12 15.35 -2.22 15.92
N TYR A 13 16.22 -1.98 16.85
CA TYR A 13 17.61 -2.44 16.69
C TYR A 13 17.64 -3.92 17.08
N ALA A 14 18.16 -4.75 16.21
CA ALA A 14 18.18 -6.24 16.47
C ALA A 14 18.52 -6.62 17.91
N LYS A 15 17.59 -7.26 18.58
CA LYS A 15 17.84 -7.70 19.99
C LYS A 15 18.89 -8.83 20.00
N SER A 16 19.06 -9.48 18.86
CA SER A 16 20.08 -10.56 18.75
C SER A 16 20.56 -10.64 17.29
N GLY A 17 21.49 -11.51 17.00
CA GLY A 17 22.01 -11.60 15.61
C GLY A 17 21.60 -12.96 15.02
N ARG A 18 20.61 -13.60 15.61
CA ARG A 18 20.17 -14.94 15.12
C ARG A 18 18.99 -14.85 14.13
N ALA A 19 18.31 -13.74 14.08
CA ALA A 19 17.16 -13.64 13.10
C ALA A 19 17.66 -13.67 11.65
N SER A 20 16.94 -14.33 10.79
CA SER A 20 17.34 -14.43 9.37
C SER A 20 16.39 -13.60 8.51
N CYS A 21 16.92 -12.83 7.62
CA CYS A 21 16.06 -11.98 6.74
C CYS A 21 15.14 -12.85 5.87
N LYS A 22 13.86 -12.57 5.89
CA LYS A 22 12.90 -13.39 5.08
C LYS A 22 13.04 -13.12 3.57
N LYS A 23 13.86 -12.16 3.18
CA LYS A 23 14.05 -11.85 1.73
C LYS A 23 15.35 -12.46 1.18
N CYS A 24 16.48 -12.09 1.74
CA CYS A 24 17.79 -12.62 1.24
C CYS A 24 18.33 -13.80 2.07
N SER A 25 17.67 -14.15 3.16
CA SER A 25 18.10 -15.31 4.03
C SER A 25 19.37 -15.05 4.88
N GLU A 26 20.07 -13.96 4.66
CA GLU A 26 21.29 -13.69 5.49
C GLU A 26 20.88 -13.30 6.91
N SER A 27 21.74 -13.52 7.87
CA SER A 27 21.40 -13.19 9.28
C SER A 27 21.35 -11.68 9.50
N ILE A 28 20.52 -11.26 10.41
CA ILE A 28 20.43 -9.81 10.72
C ILE A 28 21.31 -9.56 11.95
N PRO A 29 22.35 -8.76 11.79
CA PRO A 29 23.31 -8.55 12.92
C PRO A 29 22.68 -7.81 14.11
N LYS A 30 23.06 -8.22 15.29
CA LYS A 30 22.52 -7.60 16.55
C LYS A 30 22.71 -6.08 16.53
N ASP A 31 21.76 -5.33 17.06
CA ASP A 31 21.84 -3.83 17.11
C ASP A 31 21.60 -3.17 15.75
N SER A 32 21.56 -3.93 14.68
CA SER A 32 21.32 -3.31 13.34
C SER A 32 19.84 -2.94 13.21
N LEU A 33 19.54 -1.99 12.38
CA LEU A 33 18.12 -1.59 12.20
C LEU A 33 17.39 -2.62 11.34
N ARG A 34 16.36 -3.24 11.87
CA ARG A 34 15.60 -4.26 11.10
C ARG A 34 14.12 -3.95 11.16
N MET A 35 13.36 -4.42 10.21
CA MET A 35 11.90 -4.16 10.19
C MET A 35 11.14 -5.47 9.99
N ALA A 36 9.93 -5.56 10.48
CA ALA A 36 9.18 -6.83 10.32
C ALA A 36 7.69 -6.57 10.11
N ILE A 37 7.05 -7.47 9.41
CA ILE A 37 5.57 -7.35 9.24
C ILE A 37 4.89 -8.26 10.27
N MET A 38 4.23 -7.68 11.23
CA MET A 38 3.57 -8.50 12.30
C MET A 38 2.62 -9.55 11.73
N VAL A 39 2.45 -10.64 12.43
CA VAL A 39 1.54 -11.72 11.94
C VAL A 39 0.97 -12.48 13.15
N GLN A 40 -0.33 -12.63 13.22
CA GLN A 40 -0.93 -13.37 14.37
C GLN A 40 -0.72 -14.88 14.21
N SER A 41 -0.31 -15.54 15.26
CA SER A 41 -0.08 -17.01 15.16
C SER A 41 -1.31 -17.77 15.67
N PRO A 42 -1.73 -18.75 14.92
CA PRO A 42 -2.92 -19.55 15.31
C PRO A 42 -2.53 -20.67 16.29
N MET A 43 -1.26 -20.81 16.59
CA MET A 43 -0.82 -21.88 17.54
C MET A 43 -0.72 -21.32 18.97
N PHE A 44 -0.72 -20.03 19.12
CA PHE A 44 -0.61 -19.44 20.50
C PHE A 44 -0.90 -17.94 20.45
N ASP A 45 -1.43 -17.39 21.52
CA ASP A 45 -1.73 -15.94 21.55
C ASP A 45 -0.43 -15.14 21.44
N GLY A 46 -0.32 -14.29 20.45
CA GLY A 46 0.93 -13.50 20.29
C GLY A 46 1.20 -13.33 18.79
N LYS A 47 1.94 -12.33 18.40
CA LYS A 47 2.22 -12.12 16.96
C LYS A 47 3.66 -12.48 16.61
N VAL A 48 3.86 -13.19 15.52
CA VAL A 48 5.24 -13.56 15.10
C VAL A 48 5.75 -12.54 14.07
N PRO A 49 6.95 -12.04 14.29
CA PRO A 49 7.50 -11.04 13.38
C PRO A 49 8.31 -11.68 12.25
N HIS A 50 8.04 -11.30 11.04
CA HIS A 50 8.86 -11.79 9.90
C HIS A 50 9.91 -10.69 9.69
N TRP A 51 11.12 -10.90 10.19
CA TRP A 51 12.15 -9.82 10.10
C TRP A 51 12.88 -9.75 8.76
N TYR A 52 13.36 -8.58 8.47
CA TYR A 52 14.12 -8.33 7.22
C TYR A 52 15.16 -7.23 7.48
N HIS A 53 16.27 -7.23 6.77
CA HIS A 53 17.24 -6.12 6.95
C HIS A 53 16.50 -4.87 6.50
N PHE A 54 16.85 -3.71 6.97
CA PHE A 54 16.11 -2.46 6.56
C PHE A 54 15.84 -2.39 5.05
N SER A 55 16.85 -2.54 4.23
CA SER A 55 16.66 -2.46 2.75
C SER A 55 15.80 -3.61 2.20
N CYS A 56 16.06 -4.82 2.60
CA CYS A 56 15.27 -5.99 2.08
C CYS A 56 13.76 -5.81 2.32
N PHE A 57 13.39 -5.24 3.43
CA PHE A 57 11.93 -5.07 3.75
C PHE A 57 11.15 -4.38 2.61
N TRP A 58 11.76 -3.43 1.92
CA TRP A 58 11.03 -2.70 0.85
C TRP A 58 11.11 -3.42 -0.50
N LYS A 59 12.05 -4.33 -0.66
CA LYS A 59 12.18 -5.03 -1.96
C LYS A 59 11.22 -6.22 -2.09
N VAL A 60 10.41 -6.46 -1.09
CA VAL A 60 9.45 -7.61 -1.14
C VAL A 60 8.04 -7.14 -1.52
N GLY A 61 7.74 -5.88 -1.30
CA GLY A 61 6.38 -5.39 -1.64
C GLY A 61 5.77 -4.67 -0.42
N HIS A 62 6.40 -4.78 0.72
CA HIS A 62 5.84 -4.09 1.93
C HIS A 62 5.81 -2.58 1.69
N SER A 63 4.75 -1.92 2.09
CA SER A 63 4.67 -0.45 1.85
C SER A 63 4.13 0.28 3.09
N ILE A 64 4.63 1.46 3.35
CA ILE A 64 4.16 2.26 4.52
C ILE A 64 4.11 3.75 4.15
N ARG A 65 2.95 4.35 4.25
CA ARG A 65 2.84 5.80 3.91
C ARG A 65 3.18 6.65 5.13
N HIS A 66 2.70 6.26 6.28
CA HIS A 66 2.99 7.02 7.54
C HIS A 66 3.62 6.08 8.59
N PRO A 67 4.93 6.09 8.62
CA PRO A 67 5.66 5.21 9.58
C PRO A 67 5.31 5.52 11.06
N ASP A 68 5.32 6.78 11.46
CA ASP A 68 4.99 7.14 12.87
C ASP A 68 3.70 6.44 13.40
N VAL A 69 2.71 6.27 12.58
CA VAL A 69 1.43 5.62 13.07
C VAL A 69 1.30 4.15 12.65
N GLU A 70 1.94 3.72 11.59
CA GLU A 70 1.78 2.30 11.14
C GLU A 70 2.91 1.37 11.63
N VAL A 71 4.01 1.91 12.10
CA VAL A 71 5.13 1.01 12.54
C VAL A 71 5.41 1.17 14.04
N ASP A 72 5.19 0.10 14.80
CA ASP A 72 5.46 0.16 16.26
C ASP A 72 6.97 0.29 16.52
N GLY A 73 7.37 1.06 17.51
CA GLY A 73 8.82 1.21 17.81
C GLY A 73 9.44 2.36 17.00
N PHE A 74 8.72 2.92 16.08
CA PHE A 74 9.29 4.04 15.24
C PHE A 74 9.76 5.21 16.12
N SER A 75 8.92 5.67 17.00
CA SER A 75 9.29 6.83 17.86
C SER A 75 10.51 6.54 18.77
N GLU A 76 10.85 5.28 19.03
CA GLU A 76 12.03 5.00 19.88
C GLU A 76 13.33 4.87 19.07
N LEU A 77 13.27 4.97 17.76
CA LEU A 77 14.50 4.86 16.93
C LEU A 77 15.32 6.14 17.07
N ARG A 78 16.59 6.10 16.79
CA ARG A 78 17.41 7.34 16.85
C ARG A 78 16.89 8.30 15.77
N TRP A 79 17.05 9.58 15.97
CA TRP A 79 16.52 10.58 14.99
C TRP A 79 16.88 10.24 13.54
N ASP A 80 18.15 10.08 13.23
CA ASP A 80 18.54 9.76 11.82
C ASP A 80 17.80 8.53 11.28
N ASP A 81 17.64 7.50 12.08
CA ASP A 81 16.93 6.29 11.60
C ASP A 81 15.44 6.61 11.40
N GLN A 82 14.92 7.52 12.18
CA GLN A 82 13.48 7.92 12.01
C GLN A 82 13.33 8.64 10.68
N GLN A 83 14.32 9.42 10.30
CA GLN A 83 14.26 10.15 9.01
C GLN A 83 14.49 9.16 7.86
N LYS A 84 15.42 8.27 8.03
CA LYS A 84 15.69 7.25 6.96
C LYS A 84 14.42 6.44 6.68
N VAL A 85 13.76 5.99 7.71
CA VAL A 85 12.50 5.20 7.50
C VAL A 85 11.44 6.12 6.88
N LYS A 86 11.36 7.35 7.35
CA LYS A 86 10.34 8.29 6.82
C LYS A 86 10.58 8.56 5.33
N LYS A 87 11.82 8.79 4.95
CA LYS A 87 12.11 9.08 3.52
C LYS A 87 11.97 7.82 2.68
N THR A 88 12.49 6.71 3.16
CA THR A 88 12.37 5.43 2.39
C THR A 88 10.90 5.09 2.19
N ALA A 89 10.08 5.36 3.18
CA ALA A 89 8.62 5.08 3.04
C ALA A 89 8.04 5.94 1.92
N GLU A 90 8.39 7.21 1.90
CA GLU A 90 7.86 8.10 0.83
C GLU A 90 8.33 7.64 -0.54
N ALA A 91 9.62 7.40 -0.69
CA ALA A 91 10.15 6.95 -2.00
C ALA A 91 9.45 5.65 -2.44
N GLY A 92 9.56 5.30 -3.69
CA GLY A 92 8.90 4.05 -4.17
C GLY A 92 9.76 3.41 -5.28
N GLY A 93 9.17 2.52 -6.04
CA GLY A 93 9.96 1.86 -7.13
C GLY A 93 9.82 2.68 -8.41
N VAL A 94 10.60 2.36 -9.41
CA VAL A 94 10.53 3.13 -10.70
C VAL A 94 10.68 4.63 -10.45
N THR A 95 11.65 5.01 -9.64
CA THR A 95 11.85 6.46 -9.34
C THR A 95 12.18 7.23 -10.62
N GLY A 96 12.75 6.55 -11.59
CA GLY A 96 13.10 7.24 -12.87
C GLY A 96 14.57 7.66 -12.84
N LYS A 97 15.30 7.42 -13.90
CA LYS A 97 16.74 7.80 -13.93
C LYS A 97 16.93 9.10 -14.70
N GLY A 98 17.39 10.13 -14.04
CA GLY A 98 17.59 11.44 -14.73
C GLY A 98 18.69 12.23 -14.02
N GLN A 99 18.32 13.00 -13.02
CA GLN A 99 19.33 13.80 -12.28
C GLN A 99 19.48 13.27 -10.84
N ASP A 100 20.10 14.04 -9.99
CA ASP A 100 20.28 13.59 -8.58
C ASP A 100 18.95 13.70 -7.81
N GLY A 101 18.46 14.90 -7.63
CA GLY A 101 17.18 15.07 -6.89
C GLY A 101 16.82 16.56 -6.84
N ILE A 102 17.07 17.28 -7.90
CA ILE A 102 16.75 18.73 -7.92
C ILE A 102 15.82 19.05 -9.10
N GLY A 103 14.56 18.74 -8.98
CA GLY A 103 13.61 19.02 -10.09
C GLY A 103 12.25 19.40 -9.51
N SER A 104 11.18 19.12 -10.22
CA SER A 104 9.83 19.47 -9.71
C SER A 104 8.80 18.46 -10.21
N LYS A 105 8.75 17.30 -9.61
CA LYS A 105 7.77 16.26 -10.06
C LYS A 105 7.26 15.47 -8.85
N ALA A 106 6.27 15.97 -8.17
CA ALA A 106 5.73 15.24 -6.98
C ALA A 106 4.36 14.65 -7.30
N GLU A 107 4.32 13.49 -7.92
CA GLU A 107 3.01 12.88 -8.26
C GLU A 107 2.41 12.17 -7.03
N LYS A 108 1.11 12.11 -6.95
CA LYS A 108 0.47 11.44 -5.78
C LYS A 108 -0.20 10.14 -6.21
N THR A 109 0.23 9.03 -5.67
CA THR A 109 -0.38 7.73 -6.05
C THR A 109 -0.79 6.95 -4.79
N LEU A 110 -2.02 6.53 -4.72
CA LEU A 110 -2.48 5.76 -3.52
C LEU A 110 -1.77 4.40 -3.45
N GLY A 111 -1.50 3.92 -2.27
CA GLY A 111 -0.81 2.61 -2.16
C GLY A 111 -1.82 1.49 -1.85
N ASP A 112 -3.05 1.84 -1.59
CA ASP A 112 -4.07 0.78 -1.28
C ASP A 112 -5.18 0.74 -2.36
N PHE A 113 -5.00 1.44 -3.44
CA PHE A 113 -6.04 1.43 -4.53
C PHE A 113 -5.37 1.19 -5.88
N ALA A 114 -5.89 0.30 -6.69
CA ALA A 114 -5.24 0.03 -8.01
C ALA A 114 -6.25 -0.18 -9.13
N ALA A 115 -5.79 0.01 -10.34
CA ALA A 115 -6.65 -0.18 -11.54
C ALA A 115 -5.84 -0.91 -12.61
N GLU A 116 -6.38 -1.94 -13.20
CA GLU A 116 -5.63 -2.69 -14.23
C GLU A 116 -6.58 -3.55 -15.06
N TYR A 117 -6.13 -4.04 -16.19
CA TYR A 117 -7.00 -4.92 -16.99
C TYR A 117 -6.94 -6.32 -16.37
N ALA A 118 -8.07 -6.99 -16.24
CA ALA A 118 -8.06 -8.34 -15.60
C ALA A 118 -7.01 -9.26 -16.22
N LYS A 119 -6.00 -9.64 -15.45
CA LYS A 119 -4.96 -10.54 -15.96
C LYS A 119 -5.56 -11.92 -16.30
N SER A 120 -6.71 -12.22 -15.76
CA SER A 120 -7.37 -13.53 -16.05
C SER A 120 -8.88 -13.40 -15.90
N ASN A 121 -9.59 -14.50 -15.90
CA ASN A 121 -11.08 -14.43 -15.78
C ASN A 121 -11.59 -15.18 -14.53
N ARG A 122 -10.70 -15.52 -13.61
CA ARG A 122 -11.15 -16.25 -12.40
C ARG A 122 -11.31 -15.28 -11.20
N SER A 123 -11.07 -14.00 -11.41
CA SER A 123 -11.25 -13.03 -10.28
C SER A 123 -12.74 -12.77 -10.10
N THR A 124 -13.14 -12.09 -9.07
CA THR A 124 -14.61 -11.86 -8.87
C THR A 124 -14.85 -10.49 -8.25
N CYS A 125 -15.74 -9.72 -8.83
CA CYS A 125 -16.07 -8.40 -8.24
C CYS A 125 -16.67 -8.61 -6.85
N LYS A 126 -16.07 -8.04 -5.83
CA LYS A 126 -16.59 -8.21 -4.44
C LYS A 126 -17.78 -7.28 -4.14
N GLY A 127 -18.45 -6.77 -5.14
CA GLY A 127 -19.60 -5.86 -4.92
C GLY A 127 -20.86 -6.59 -5.40
N CYS A 128 -20.78 -7.23 -6.54
CA CYS A 128 -21.94 -8.00 -7.06
C CYS A 128 -21.61 -9.51 -7.14
N MET A 129 -20.41 -9.91 -6.70
CA MET A 129 -20.01 -11.35 -6.75
C MET A 129 -20.02 -11.94 -8.17
N GLU A 130 -20.12 -11.14 -9.19
CA GLU A 130 -20.11 -11.69 -10.58
C GLU A 130 -18.65 -11.77 -11.05
N LYS A 131 -18.32 -12.77 -11.82
CA LYS A 131 -16.91 -12.92 -12.27
C LYS A 131 -16.49 -11.79 -13.20
N ILE A 132 -15.25 -11.37 -13.12
CA ILE A 132 -14.73 -10.33 -14.03
C ILE A 132 -14.07 -11.03 -15.22
N GLU A 133 -14.37 -10.63 -16.43
CA GLU A 133 -13.76 -11.31 -17.61
C GLU A 133 -12.33 -10.83 -17.85
N LYS A 134 -11.47 -11.71 -18.26
CA LYS A 134 -10.05 -11.31 -18.58
C LYS A 134 -10.03 -10.13 -19.58
N GLY A 135 -9.20 -9.13 -19.34
CA GLY A 135 -9.12 -7.97 -20.27
C GLY A 135 -10.01 -6.83 -19.75
N GLN A 136 -11.08 -7.16 -19.05
CA GLN A 136 -11.99 -6.10 -18.52
C GLN A 136 -11.28 -5.23 -17.48
N VAL A 137 -11.53 -3.94 -17.51
CA VAL A 137 -10.91 -3.04 -16.52
C VAL A 137 -11.49 -3.31 -15.13
N ARG A 138 -10.66 -3.41 -14.14
CA ARG A 138 -11.16 -3.69 -12.76
C ARG A 138 -10.43 -2.80 -11.77
N LEU A 139 -11.08 -2.49 -10.67
CA LEU A 139 -10.43 -1.63 -9.63
C LEU A 139 -10.31 -2.42 -8.33
N SER A 140 -9.46 -2.00 -7.42
CA SER A 140 -9.35 -2.79 -6.17
C SER A 140 -8.92 -1.97 -4.96
N LYS A 141 -9.42 -2.34 -3.82
CA LYS A 141 -9.03 -1.67 -2.55
C LYS A 141 -8.17 -2.64 -1.74
N LYS A 142 -6.88 -2.46 -1.78
CA LYS A 142 -5.96 -3.38 -1.05
C LYS A 142 -6.35 -3.51 0.43
N MET A 143 -6.31 -4.71 0.94
CA MET A 143 -6.66 -4.94 2.37
C MET A 143 -5.91 -6.17 2.89
N VAL A 144 -5.58 -6.21 4.15
CA VAL A 144 -4.84 -7.39 4.69
C VAL A 144 -5.80 -8.34 5.40
N ASP A 145 -5.56 -9.62 5.30
CA ASP A 145 -6.43 -10.60 5.99
C ASP A 145 -5.72 -11.13 7.23
N PRO A 146 -6.40 -11.07 8.36
CA PRO A 146 -5.79 -11.54 9.63
C PRO A 146 -5.61 -13.06 9.59
N GLU A 147 -6.31 -13.74 8.72
CA GLU A 147 -6.16 -15.21 8.61
C GLU A 147 -4.97 -15.55 7.72
N LYS A 148 -4.62 -14.67 6.82
CA LYS A 148 -3.46 -14.91 5.92
C LYS A 148 -2.49 -13.73 6.00
N PRO A 149 -1.81 -13.63 7.11
CA PRO A 149 -0.86 -12.51 7.34
C PRO A 149 0.38 -12.61 6.44
N GLN A 150 0.76 -13.80 6.03
CA GLN A 150 1.96 -13.93 5.15
C GLN A 150 1.71 -13.27 3.78
N LEU A 151 0.47 -13.08 3.42
CA LEU A 151 0.15 -12.45 2.10
C LEU A 151 0.35 -10.93 2.18
N GLY A 152 -0.20 -10.31 3.18
CA GLY A 152 -0.05 -8.83 3.32
C GLY A 152 -1.19 -8.12 2.59
N MET A 153 -0.92 -6.98 2.01
CA MET A 153 -1.98 -6.22 1.29
C MET A 153 -2.47 -7.01 0.06
N ILE A 154 -3.67 -7.53 0.12
CA ILE A 154 -4.20 -8.30 -1.05
C ILE A 154 -5.25 -7.47 -1.78
N ASP A 155 -5.32 -7.56 -3.08
CA ASP A 155 -6.31 -6.75 -3.83
C ASP A 155 -7.74 -7.30 -3.72
N ARG A 156 -8.68 -6.45 -3.42
CA ARG A 156 -10.11 -6.83 -3.39
C ARG A 156 -10.67 -6.23 -4.67
N TRP A 157 -10.92 -7.03 -5.67
CA TRP A 157 -11.35 -6.46 -6.99
C TRP A 157 -12.83 -6.12 -7.10
N TYR A 158 -13.12 -5.25 -8.03
CA TYR A 158 -14.51 -4.81 -8.27
C TYR A 158 -14.63 -4.27 -9.70
N HIS A 159 -15.82 -4.22 -10.23
CA HIS A 159 -16.01 -3.57 -11.55
C HIS A 159 -15.92 -2.08 -11.26
N PRO A 160 -15.47 -1.27 -12.18
CA PRO A 160 -15.35 0.18 -11.90
C PRO A 160 -16.69 0.76 -11.41
N GLY A 161 -17.78 0.39 -12.04
CA GLY A 161 -19.11 0.88 -11.60
C GLY A 161 -19.38 0.38 -10.16
N CYS A 162 -19.26 -0.91 -9.93
CA CYS A 162 -19.49 -1.45 -8.56
C CYS A 162 -18.57 -0.75 -7.54
N PHE A 163 -17.33 -0.52 -7.90
CA PHE A 163 -16.38 0.16 -6.98
C PHE A 163 -16.89 1.56 -6.63
N VAL A 164 -17.33 2.30 -7.63
CA VAL A 164 -17.82 3.68 -7.37
C VAL A 164 -19.03 3.64 -6.44
N LYS A 165 -19.92 2.68 -6.61
CA LYS A 165 -21.12 2.61 -5.73
C LYS A 165 -20.72 2.49 -4.25
N ASN A 166 -19.65 1.80 -3.97
CA ASN A 166 -19.19 1.64 -2.55
C ASN A 166 -17.94 2.50 -2.25
N ARG A 167 -17.77 3.60 -2.96
CA ARG A 167 -16.56 4.45 -2.72
C ARG A 167 -16.40 4.83 -1.24
N GLU A 168 -17.48 5.10 -0.58
CA GLU A 168 -17.40 5.51 0.87
C GLU A 168 -16.88 4.37 1.75
N GLU A 169 -17.54 3.25 1.72
CA GLU A 169 -17.10 2.10 2.58
C GLU A 169 -15.72 1.60 2.17
N LEU A 170 -15.35 1.76 0.93
CA LEU A 170 -14.00 1.30 0.49
C LEU A 170 -12.91 2.31 0.87
N GLY A 171 -13.28 3.41 1.51
CA GLY A 171 -12.25 4.40 1.94
C GLY A 171 -11.74 5.23 0.74
N PHE A 172 -12.49 5.33 -0.32
CA PHE A 172 -12.03 6.15 -1.48
C PHE A 172 -12.58 7.58 -1.33
N ARG A 173 -11.94 8.36 -0.50
CA ARG A 173 -12.40 9.77 -0.24
C ARG A 173 -12.75 10.52 -1.54
N PRO A 174 -13.57 11.55 -1.40
CA PRO A 174 -14.01 12.35 -2.58
C PRO A 174 -12.88 13.24 -3.14
N GLU A 175 -11.82 13.43 -2.39
CA GLU A 175 -10.70 14.27 -2.91
C GLU A 175 -9.81 13.45 -3.86
N TYR A 176 -9.94 12.15 -3.82
CA TYR A 176 -9.11 11.28 -4.70
C TYR A 176 -9.67 11.26 -6.13
N SER A 177 -8.81 11.19 -7.10
CA SER A 177 -9.26 11.15 -8.51
C SER A 177 -8.75 9.86 -9.16
N ALA A 178 -9.28 9.51 -10.30
CA ALA A 178 -8.85 8.24 -10.98
C ALA A 178 -7.33 8.23 -11.24
N SER A 179 -6.75 9.37 -11.47
CA SER A 179 -5.28 9.44 -11.76
C SER A 179 -4.43 8.95 -10.58
N GLN A 180 -5.01 8.84 -9.40
CA GLN A 180 -4.20 8.39 -8.21
C GLN A 180 -4.20 6.85 -8.05
N LEU A 181 -4.97 6.14 -8.83
CA LEU A 181 -5.01 4.65 -8.68
C LEU A 181 -3.68 4.03 -9.12
N LYS A 182 -3.17 3.10 -8.35
CA LYS A 182 -1.88 2.43 -8.73
C LYS A 182 -2.07 1.64 -10.03
N GLY A 183 -1.35 1.98 -11.07
CA GLY A 183 -1.50 1.25 -12.37
C GLY A 183 -2.27 2.11 -13.40
N PHE A 184 -2.82 3.22 -12.98
CA PHE A 184 -3.59 4.10 -13.92
C PHE A 184 -2.80 4.41 -15.19
N SER A 185 -1.60 4.88 -15.04
CA SER A 185 -0.75 5.27 -16.21
C SER A 185 -0.65 4.17 -17.29
N LEU A 186 -0.84 2.91 -16.94
CA LEU A 186 -0.71 1.82 -17.97
C LEU A 186 -2.02 1.55 -18.73
N LEU A 187 -3.02 2.34 -18.51
CA LEU A 187 -4.32 2.12 -19.22
C LEU A 187 -4.39 2.94 -20.50
N ALA A 188 -5.06 2.42 -21.50
CA ALA A 188 -5.20 3.17 -22.78
C ALA A 188 -5.93 4.50 -22.51
N THR A 189 -5.66 5.52 -23.28
CA THR A 189 -6.31 6.86 -23.06
C THR A 189 -7.83 6.72 -22.87
N GLU A 190 -8.48 5.96 -23.71
CA GLU A 190 -9.96 5.77 -23.59
C GLU A 190 -10.34 5.25 -22.20
N ASP A 191 -9.67 4.24 -21.74
CA ASP A 191 -9.96 3.67 -20.39
C ASP A 191 -9.67 4.71 -19.30
N LYS A 192 -8.61 5.48 -19.44
CA LYS A 192 -8.29 6.50 -18.41
C LYS A 192 -9.37 7.58 -18.34
N GLU A 193 -9.89 7.98 -19.48
CA GLU A 193 -10.95 9.03 -19.48
C GLU A 193 -12.22 8.51 -18.78
N ALA A 194 -12.61 7.29 -19.08
CA ALA A 194 -13.84 6.72 -18.43
C ALA A 194 -13.71 6.76 -16.91
N LEU A 195 -12.54 6.45 -16.40
CA LEU A 195 -12.34 6.45 -14.93
C LEU A 195 -12.37 7.89 -14.39
N LYS A 196 -11.57 8.78 -14.95
CA LYS A 196 -11.58 10.20 -14.49
C LYS A 196 -13.01 10.75 -14.49
N LYS A 197 -13.83 10.23 -15.38
CA LYS A 197 -15.24 10.68 -15.47
C LYS A 197 -16.03 10.28 -14.21
N GLN A 198 -15.86 9.07 -13.75
CA GLN A 198 -16.64 8.61 -12.55
C GLN A 198 -15.92 9.00 -11.26
N LEU A 199 -14.62 9.12 -11.29
CA LEU A 199 -13.87 9.54 -10.07
C LEU A 199 -13.10 10.83 -10.41
N PRO A 200 -13.82 11.92 -10.41
CA PRO A 200 -13.21 13.23 -10.78
C PRO A 200 -12.30 13.76 -9.66
N GLY A 201 -12.71 13.61 -8.43
CA GLY A 201 -11.87 14.12 -7.31
C GLY A 201 -12.02 15.63 -7.19
N VAL A 202 -10.94 16.34 -7.03
CA VAL A 202 -11.02 17.83 -6.91
C VAL A 202 -9.85 18.48 -7.64
N LYS A 203 -10.12 19.46 -8.45
CA LYS A 203 -9.03 20.15 -9.20
C LYS A 203 -8.30 21.14 -8.28
N SER A 204 -7.50 20.63 -7.37
CA SER A 204 -6.75 21.54 -6.44
C SER A 204 -5.66 22.29 -7.20
N GLU A 205 -5.04 23.24 -6.57
CA GLU A 205 -3.96 24.02 -7.24
C GLU A 205 -2.60 23.70 -6.61
N GLY A 206 -1.53 24.01 -7.31
CA GLY A 206 -0.18 23.72 -6.75
C GLY A 206 0.19 24.82 -5.75
N LYS A 207 0.23 26.06 -6.17
CA LYS A 207 0.59 27.16 -5.25
C LYS A 207 1.92 26.87 -4.55
N ARG A 208 2.13 27.42 -3.38
CA ARG A 208 3.42 27.17 -2.65
C ARG A 208 4.61 27.54 -3.53
N LYS A 209 4.98 28.79 -3.55
CA LYS A 209 6.15 29.22 -4.38
C LYS A 209 7.25 29.80 -3.49
N GLY A 210 8.44 29.26 -3.58
CA GLY A 210 9.55 29.79 -2.74
C GLY A 210 10.59 30.48 -3.63
N ASP A 211 11.39 31.33 -3.06
CA ASP A 211 12.42 32.05 -3.87
C ASP A 211 13.43 32.76 -2.96
N GLU A 212 14.63 32.96 -3.43
CA GLU A 212 15.65 33.64 -2.58
C GLU A 212 16.19 34.88 -3.29
N VAL A 213 15.31 35.70 -3.83
CA VAL A 213 15.77 36.93 -4.54
C VAL A 213 15.13 38.17 -3.90
N ASP A 214 13.86 38.12 -3.62
CA ASP A 214 13.18 39.29 -3.00
C ASP A 214 11.81 38.88 -2.45
ZN ZN C . 18.15 -9.23 3.91
ZN ZN D . -19.47 -5.96 -10.01
N MET A 1 -9.39 -2.40 19.22
CA MET A 1 -8.91 -3.10 20.45
C MET A 1 -7.72 -2.35 21.04
N ALA A 2 -7.96 -1.18 21.60
CA ALA A 2 -6.84 -0.40 22.21
C ALA A 2 -5.69 -0.23 21.22
N GLU A 3 -4.58 0.29 21.65
CA GLU A 3 -3.42 0.48 20.74
C GLU A 3 -2.12 0.04 21.42
N SER A 4 -1.77 -1.21 21.28
CA SER A 4 -0.51 -1.69 21.93
C SER A 4 0.38 -2.37 20.88
N SER A 5 -0.10 -3.39 20.24
CA SER A 5 0.71 -4.09 19.21
C SER A 5 -0.16 -4.48 18.00
N ASP A 6 -1.14 -3.68 17.70
CA ASP A 6 -2.03 -4.00 16.54
C ASP A 6 -1.40 -3.51 15.23
N LYS A 7 -0.33 -2.76 15.30
CA LYS A 7 0.33 -2.27 14.06
C LYS A 7 0.72 -3.45 13.17
N LEU A 8 0.78 -3.24 11.88
CA LEU A 8 1.14 -4.36 10.97
C LEU A 8 2.66 -4.48 10.81
N TYR A 9 3.40 -3.44 11.12
CA TYR A 9 4.89 -3.54 10.95
C TYR A 9 5.64 -3.14 12.23
N ARG A 10 6.88 -3.56 12.32
CA ARG A 10 7.70 -3.22 13.51
C ARG A 10 9.12 -2.88 13.06
N VAL A 11 9.71 -1.90 13.69
CA VAL A 11 11.11 -1.51 13.35
C VAL A 11 11.90 -1.39 14.65
N GLU A 12 13.11 -1.87 14.65
CA GLU A 12 13.92 -1.79 15.92
C GLU A 12 15.35 -2.24 15.67
N TYR A 13 16.21 -2.00 16.62
CA TYR A 13 17.61 -2.46 16.48
C TYR A 13 17.64 -3.94 16.87
N ALA A 14 18.16 -4.77 16.01
CA ALA A 14 18.18 -6.25 16.26
C ALA A 14 18.50 -6.63 17.71
N LYS A 15 17.56 -7.28 18.37
CA LYS A 15 17.80 -7.72 19.78
C LYS A 15 18.85 -8.84 19.80
N SER A 16 19.05 -9.49 18.68
CA SER A 16 20.06 -10.57 18.57
C SER A 16 20.56 -10.64 17.12
N GLY A 17 21.51 -11.50 16.85
CA GLY A 17 22.04 -11.60 15.47
C GLY A 17 21.65 -12.96 14.87
N ARG A 18 20.65 -13.61 15.44
CA ARG A 18 20.23 -14.95 14.94
C ARG A 18 19.07 -14.86 13.94
N ALA A 19 18.37 -13.76 13.87
CA ALA A 19 17.25 -13.65 12.87
C ALA A 19 17.77 -13.68 11.43
N SER A 20 17.06 -14.35 10.56
CA SER A 20 17.49 -14.43 9.14
C SER A 20 16.54 -13.61 8.28
N CYS A 21 17.09 -12.85 7.39
CA CYS A 21 16.24 -12.00 6.50
C CYS A 21 15.34 -12.87 5.63
N LYS A 22 14.05 -12.59 5.62
CA LYS A 22 13.12 -13.40 4.80
C LYS A 22 13.27 -13.13 3.28
N LYS A 23 14.10 -12.18 2.91
CA LYS A 23 14.30 -11.87 1.46
C LYS A 23 15.62 -12.48 0.94
N CYS A 24 16.73 -12.09 1.51
CA CYS A 24 18.05 -12.63 1.02
C CYS A 24 18.59 -13.80 1.87
N SER A 25 17.91 -14.16 2.95
CA SER A 25 18.33 -15.33 3.82
C SER A 25 19.59 -15.05 4.69
N GLU A 26 20.30 -13.96 4.49
CA GLU A 26 21.50 -13.69 5.33
C GLU A 26 21.06 -13.31 6.75
N SER A 27 21.91 -13.52 7.73
CA SER A 27 21.54 -13.19 9.12
C SER A 27 21.48 -11.69 9.35
N ILE A 28 20.63 -11.26 10.24
CA ILE A 28 20.53 -9.80 10.56
C ILE A 28 21.40 -9.56 11.80
N PRO A 29 22.44 -8.76 11.67
CA PRO A 29 23.38 -8.54 12.80
C PRO A 29 22.73 -7.81 13.97
N LYS A 30 23.09 -8.22 15.17
CA LYS A 30 22.52 -7.60 16.41
C LYS A 30 22.72 -6.07 16.40
N ASP A 31 21.75 -5.34 16.91
CA ASP A 31 21.83 -3.83 16.98
C ASP A 31 21.62 -3.17 15.60
N SER A 32 21.59 -3.93 14.53
CA SER A 32 21.36 -3.32 13.19
C SER A 32 19.89 -2.95 13.04
N LEU A 33 19.59 -1.99 12.20
CA LEU A 33 18.18 -1.60 12.00
C LEU A 33 17.47 -2.63 11.12
N ARG A 34 16.42 -3.25 11.65
CA ARG A 34 15.69 -4.27 10.86
C ARG A 34 14.20 -3.97 10.90
N MET A 35 13.46 -4.45 9.93
CA MET A 35 12.00 -4.18 9.89
C MET A 35 11.25 -5.50 9.68
N ALA A 36 10.03 -5.59 10.14
CA ALA A 36 9.29 -6.86 9.97
C ALA A 36 7.81 -6.61 9.74
N ILE A 37 7.18 -7.53 9.05
CA ILE A 37 5.70 -7.45 8.85
C ILE A 37 5.06 -8.37 9.90
N MET A 38 4.29 -7.82 10.79
CA MET A 38 3.69 -8.66 11.88
C MET A 38 2.61 -9.61 11.33
N VAL A 39 2.56 -10.81 11.85
CA VAL A 39 1.53 -11.79 11.41
C VAL A 39 0.97 -12.53 12.62
N GLN A 40 -0.32 -12.75 12.66
CA GLN A 40 -0.92 -13.47 13.82
C GLN A 40 -0.69 -14.98 13.68
N SER A 41 -0.29 -15.63 14.74
CA SER A 41 -0.06 -17.10 14.67
C SER A 41 -1.30 -17.88 15.13
N PRO A 42 -1.69 -18.86 14.35
CA PRO A 42 -2.88 -19.68 14.70
C PRO A 42 -2.51 -20.78 15.70
N MET A 43 -1.25 -20.91 16.04
CA MET A 43 -0.84 -21.97 17.00
C MET A 43 -0.76 -21.42 18.42
N PHE A 44 -0.74 -20.12 18.58
CA PHE A 44 -0.66 -19.53 19.95
C PHE A 44 -0.96 -18.03 19.91
N ASP A 45 -1.51 -17.49 20.96
CA ASP A 45 -1.81 -16.03 20.99
C ASP A 45 -0.51 -15.24 20.90
N GLY A 46 -0.38 -14.39 19.92
CA GLY A 46 0.87 -13.59 19.78
C GLY A 46 1.17 -13.41 18.29
N LYS A 47 1.90 -12.40 17.93
CA LYS A 47 2.21 -12.19 16.48
C LYS A 47 3.67 -12.55 16.17
N VAL A 48 3.89 -13.23 15.07
CA VAL A 48 5.27 -13.61 14.68
C VAL A 48 5.82 -12.59 13.67
N PRO A 49 7.01 -12.09 13.91
CA PRO A 49 7.57 -11.09 13.01
C PRO A 49 8.41 -11.72 11.89
N HIS A 50 8.14 -11.34 10.67
CA HIS A 50 9.00 -11.83 9.55
C HIS A 50 10.04 -10.73 9.36
N TRP A 51 11.25 -10.93 9.86
CA TRP A 51 12.26 -9.85 9.81
C TRP A 51 13.02 -9.78 8.48
N TYR A 52 13.50 -8.61 8.20
CA TYR A 52 14.28 -8.34 6.95
C TYR A 52 15.32 -7.26 7.23
N HIS A 53 16.43 -7.25 6.54
CA HIS A 53 17.39 -6.13 6.72
C HIS A 53 16.66 -4.88 6.26
N PHE A 54 17.01 -3.72 6.75
CA PHE A 54 16.26 -2.47 6.33
C PHE A 54 16.01 -2.39 4.81
N SER A 55 17.04 -2.55 4.01
CA SER A 55 16.87 -2.47 2.53
C SER A 55 16.02 -3.61 1.96
N CYS A 56 16.27 -4.83 2.37
CA CYS A 56 15.50 -6.00 1.83
C CYS A 56 13.99 -5.83 2.05
N PHE A 57 13.59 -5.27 3.16
CA PHE A 57 12.13 -5.09 3.45
C PHE A 57 11.37 -4.40 2.30
N TRP A 58 11.99 -3.45 1.61
CA TRP A 58 11.27 -2.73 0.53
C TRP A 58 11.38 -3.45 -0.81
N LYS A 59 12.31 -4.35 -0.95
CA LYS A 59 12.48 -5.06 -2.26
C LYS A 59 11.52 -6.25 -2.39
N VAL A 60 10.69 -6.50 -1.40
CA VAL A 60 9.74 -7.64 -1.49
C VAL A 60 8.33 -7.17 -1.91
N GLY A 61 8.02 -5.93 -1.67
CA GLY A 61 6.66 -5.42 -2.04
C GLY A 61 6.03 -4.72 -0.84
N HIS A 62 6.64 -4.81 0.33
CA HIS A 62 6.06 -4.14 1.52
C HIS A 62 6.02 -2.63 1.29
N SER A 63 4.97 -1.97 1.68
CA SER A 63 4.88 -0.50 1.44
C SER A 63 4.33 0.23 2.67
N ILE A 64 4.82 1.41 2.93
CA ILE A 64 4.33 2.20 4.10
C ILE A 64 4.28 3.69 3.73
N ARG A 65 3.12 4.29 3.81
CA ARG A 65 3.02 5.74 3.46
C ARG A 65 3.33 6.59 4.69
N HIS A 66 2.82 6.21 5.83
CA HIS A 66 3.09 6.96 7.10
C HIS A 66 3.71 6.03 8.16
N PRO A 67 5.03 6.03 8.22
CA PRO A 67 5.74 5.15 9.20
C PRO A 67 5.37 5.46 10.66
N ASP A 68 5.37 6.74 11.06
CA ASP A 68 5.00 7.09 12.46
C ASP A 68 3.72 6.38 12.97
N VAL A 69 2.73 6.21 12.14
CA VAL A 69 1.45 5.56 12.60
C VAL A 69 1.32 4.08 12.19
N GLU A 70 2.00 3.65 11.15
CA GLU A 70 1.84 2.23 10.68
C GLU A 70 2.96 1.31 11.20
N VAL A 71 4.06 1.85 11.67
CA VAL A 71 5.17 0.96 12.14
C VAL A 71 5.44 1.12 13.64
N ASP A 72 5.21 0.05 14.39
CA ASP A 72 5.45 0.10 15.86
C ASP A 72 6.96 0.24 16.14
N GLY A 73 7.34 1.01 17.14
CA GLY A 73 8.79 1.17 17.46
C GLY A 73 9.42 2.32 16.66
N PHE A 74 8.71 2.88 15.72
CA PHE A 74 9.28 4.00 14.90
C PHE A 74 9.74 5.17 15.78
N SER A 75 8.88 5.62 16.65
CA SER A 75 9.24 6.79 17.52
C SER A 75 10.44 6.50 18.44
N GLU A 76 10.78 5.25 18.71
CA GLU A 76 11.95 4.97 19.58
C GLU A 76 13.27 4.83 18.79
N LEU A 77 13.22 4.94 17.48
CA LEU A 77 14.46 4.84 16.68
C LEU A 77 15.27 6.12 16.82
N ARG A 78 16.55 6.08 16.56
CA ARG A 78 17.37 7.32 16.64
C ARG A 78 16.86 8.28 15.56
N TRP A 79 17.02 9.56 15.76
CA TRP A 79 16.50 10.57 14.77
C TRP A 79 16.88 10.23 13.32
N ASP A 80 18.14 10.06 13.03
CA ASP A 80 18.57 9.75 11.62
C ASP A 80 17.84 8.52 11.08
N ASP A 81 17.68 7.49 11.88
CA ASP A 81 16.97 6.27 11.39
C ASP A 81 15.49 6.59 11.16
N GLN A 82 14.95 7.50 11.93
CA GLN A 82 13.52 7.89 11.74
C GLN A 82 13.38 8.62 10.40
N GLN A 83 14.38 9.40 10.04
CA GLN A 83 14.33 10.13 8.75
C GLN A 83 14.58 9.15 7.61
N LYS A 84 15.51 8.25 7.79
CA LYS A 84 15.81 7.23 6.73
C LYS A 84 14.54 6.42 6.41
N VAL A 85 13.86 5.96 7.44
CA VAL A 85 12.62 5.18 7.21
C VAL A 85 11.56 6.10 6.58
N LYS A 86 11.47 7.32 7.05
CA LYS A 86 10.45 8.26 6.50
C LYS A 86 10.72 8.53 5.02
N LYS A 87 11.95 8.76 4.65
CA LYS A 87 12.27 9.05 3.24
C LYS A 87 12.14 7.78 2.39
N THR A 88 12.66 6.68 2.88
CA THR A 88 12.56 5.41 2.10
C THR A 88 11.09 5.06 1.88
N ALA A 89 10.26 5.33 2.85
CA ALA A 89 8.80 5.04 2.70
C ALA A 89 8.24 5.90 1.57
N GLU A 90 8.59 7.16 1.56
CA GLU A 90 8.07 8.06 0.48
C GLU A 90 8.58 7.60 -0.89
N ALA A 91 9.86 7.37 -1.00
CA ALA A 91 10.41 6.91 -2.31
C ALA A 91 9.73 5.61 -2.77
N GLY A 92 9.54 5.45 -4.04
CA GLY A 92 8.88 4.21 -4.56
C GLY A 92 9.92 3.11 -4.74
N GLY A 93 11.06 3.44 -5.27
CA GLY A 93 12.12 2.42 -5.48
C GLY A 93 12.84 2.68 -6.81
N VAL A 94 12.10 2.73 -7.89
CA VAL A 94 12.74 2.98 -9.21
C VAL A 94 12.95 4.49 -9.42
N THR A 95 11.87 5.23 -9.51
CA THR A 95 12.01 6.71 -9.71
C THR A 95 12.58 7.36 -8.45
N GLY A 96 13.28 8.46 -8.61
CA GLY A 96 13.86 9.16 -7.42
C GLY A 96 13.43 10.63 -7.43
N LYS A 97 14.32 11.52 -7.12
CA LYS A 97 13.97 12.97 -7.10
C LYS A 97 15.01 13.78 -7.88
N GLY A 98 15.28 13.39 -9.10
CA GLY A 98 16.28 14.13 -9.92
C GLY A 98 15.77 15.55 -10.19
N GLN A 99 14.96 15.71 -11.20
CA GLN A 99 14.42 17.07 -11.52
C GLN A 99 13.16 17.34 -10.70
N ASP A 100 12.41 18.35 -11.07
CA ASP A 100 11.16 18.67 -10.32
C ASP A 100 10.19 17.49 -10.38
N GLY A 101 10.21 16.64 -9.39
CA GLY A 101 9.28 15.48 -9.38
C GLY A 101 8.25 15.64 -8.27
N ILE A 102 8.68 15.58 -7.04
CA ILE A 102 7.71 15.73 -5.90
C ILE A 102 8.16 16.88 -4.98
N GLY A 103 7.23 17.58 -4.40
CA GLY A 103 7.59 18.71 -3.49
C GLY A 103 6.33 19.46 -3.07
N SER A 104 5.69 20.12 -4.00
CA SER A 104 4.45 20.88 -3.66
C SER A 104 3.29 19.92 -3.44
N LYS A 105 3.33 18.77 -4.05
CA LYS A 105 2.21 17.78 -3.88
C LYS A 105 2.60 16.74 -2.82
N ALA A 106 1.91 16.73 -1.71
CA ALA A 106 2.23 15.74 -0.64
C ALA A 106 2.01 14.32 -1.16
N GLU A 107 0.78 13.89 -1.27
CA GLU A 107 0.49 12.53 -1.78
C GLU A 107 0.25 12.56 -3.29
N LYS A 108 0.54 11.50 -3.97
CA LYS A 108 0.32 11.46 -5.45
C LYS A 108 -0.35 10.16 -5.88
N THR A 109 0.14 9.05 -5.39
CA THR A 109 -0.47 7.74 -5.77
C THR A 109 -0.88 6.96 -4.52
N LEU A 110 -2.12 6.54 -4.44
CA LEU A 110 -2.57 5.78 -3.24
C LEU A 110 -1.86 4.42 -3.18
N GLY A 111 -1.60 3.93 -2.00
CA GLY A 111 -0.90 2.62 -1.88
C GLY A 111 -1.91 1.50 -1.57
N ASP A 112 -3.15 1.85 -1.32
CA ASP A 112 -4.17 0.79 -1.01
C ASP A 112 -5.26 0.73 -2.08
N PHE A 113 -5.11 1.48 -3.16
CA PHE A 113 -6.14 1.45 -4.24
C PHE A 113 -5.46 1.21 -5.59
N ALA A 114 -5.97 0.31 -6.40
CA ALA A 114 -5.30 0.05 -7.71
C ALA A 114 -6.30 -0.17 -8.85
N ALA A 115 -5.82 0.04 -10.04
CA ALA A 115 -6.67 -0.15 -11.25
C ALA A 115 -5.84 -0.88 -12.32
N GLU A 116 -6.37 -1.91 -12.91
CA GLU A 116 -5.60 -2.66 -13.95
C GLU A 116 -6.53 -3.52 -14.78
N TYR A 117 -6.07 -4.00 -15.90
CA TYR A 117 -6.93 -4.89 -16.73
C TYR A 117 -6.88 -6.29 -16.11
N ALA A 118 -8.00 -6.95 -15.99
CA ALA A 118 -8.01 -8.31 -15.35
C ALA A 118 -6.94 -9.23 -15.97
N LYS A 119 -5.94 -9.60 -15.18
CA LYS A 119 -4.88 -10.51 -15.69
C LYS A 119 -5.48 -11.88 -16.03
N SER A 120 -6.64 -12.19 -15.51
CA SER A 120 -7.28 -13.50 -15.81
C SER A 120 -8.80 -13.37 -15.69
N ASN A 121 -9.51 -14.47 -15.69
CA ASN A 121 -11.00 -14.41 -15.58
C ASN A 121 -11.52 -15.16 -14.35
N ARG A 122 -10.64 -15.50 -13.42
CA ARG A 122 -11.12 -16.23 -12.21
C ARG A 122 -11.28 -15.26 -11.01
N SER A 123 -11.06 -13.98 -11.21
CA SER A 123 -11.24 -13.03 -10.09
C SER A 123 -12.74 -12.77 -9.93
N THR A 124 -13.16 -12.09 -8.90
CA THR A 124 -14.63 -11.86 -8.72
C THR A 124 -14.88 -10.49 -8.11
N CYS A 125 -15.77 -9.71 -8.70
CA CYS A 125 -16.10 -8.40 -8.11
C CYS A 125 -16.72 -8.62 -6.73
N LYS A 126 -16.14 -8.05 -5.70
CA LYS A 126 -16.67 -8.22 -4.32
C LYS A 126 -17.87 -7.29 -4.02
N GLY A 127 -18.53 -6.79 -5.04
CA GLY A 127 -19.68 -5.88 -4.83
C GLY A 127 -20.94 -6.61 -5.32
N CYS A 128 -20.84 -7.24 -6.46
CA CYS A 128 -22.00 -8.02 -7.01
C CYS A 128 -21.66 -9.53 -7.08
N MET A 129 -20.46 -9.93 -6.64
CA MET A 129 -20.05 -11.36 -6.68
C MET A 129 -20.06 -11.96 -8.09
N GLU A 130 -20.14 -11.15 -9.11
CA GLU A 130 -20.11 -11.70 -10.51
C GLU A 130 -18.65 -11.77 -10.95
N LYS A 131 -18.30 -12.77 -11.73
CA LYS A 131 -16.88 -12.92 -12.16
C LYS A 131 -16.46 -11.78 -13.09
N ILE A 132 -15.21 -11.36 -12.98
CA ILE A 132 -14.68 -10.32 -13.89
C ILE A 132 -14.00 -11.02 -15.06
N GLU A 133 -14.29 -10.61 -16.28
CA GLU A 133 -13.66 -11.29 -17.45
C GLU A 133 -12.23 -10.80 -17.68
N LYS A 134 -11.36 -11.69 -18.07
CA LYS A 134 -9.94 -11.27 -18.38
C LYS A 134 -9.91 -10.09 -19.36
N GLY A 135 -9.09 -9.09 -19.11
CA GLY A 135 -9.01 -7.93 -20.04
C GLY A 135 -9.90 -6.79 -19.53
N GLN A 136 -10.98 -7.12 -18.84
CA GLN A 136 -11.90 -6.06 -18.33
C GLN A 136 -11.20 -5.20 -17.27
N VAL A 137 -11.46 -3.92 -17.30
CA VAL A 137 -10.84 -3.01 -16.30
C VAL A 137 -11.45 -3.30 -14.92
N ARG A 138 -10.63 -3.40 -13.92
CA ARG A 138 -11.15 -3.67 -12.55
C ARG A 138 -10.44 -2.78 -11.54
N LEU A 139 -11.09 -2.48 -10.45
CA LEU A 139 -10.47 -1.62 -9.40
C LEU A 139 -10.36 -2.42 -8.10
N SER A 140 -9.53 -1.99 -7.18
CA SER A 140 -9.43 -2.79 -5.93
C SER A 140 -9.01 -1.96 -4.72
N LYS A 141 -9.52 -2.35 -3.58
CA LYS A 141 -9.16 -1.67 -2.30
C LYS A 141 -8.27 -2.63 -1.49
N LYS A 142 -6.99 -2.43 -1.52
CA LYS A 142 -6.06 -3.35 -0.78
C LYS A 142 -6.45 -3.49 0.69
N MET A 143 -6.40 -4.69 1.20
CA MET A 143 -6.75 -4.93 2.63
C MET A 143 -5.97 -6.13 3.15
N VAL A 144 -5.74 -6.21 4.42
CA VAL A 144 -4.97 -7.36 4.97
C VAL A 144 -5.92 -8.34 5.68
N ASP A 145 -5.68 -9.61 5.56
CA ASP A 145 -6.54 -10.61 6.24
C ASP A 145 -5.83 -11.13 7.50
N PRO A 146 -6.52 -11.05 8.61
CA PRO A 146 -5.91 -11.53 9.89
C PRO A 146 -5.73 -13.04 9.85
N GLU A 147 -6.43 -13.72 8.98
CA GLU A 147 -6.29 -15.20 8.87
C GLU A 147 -5.08 -15.55 8.00
N LYS A 148 -4.72 -14.68 7.10
CA LYS A 148 -3.54 -14.94 6.22
C LYS A 148 -2.60 -13.72 6.27
N PRO A 149 -1.92 -13.58 7.37
CA PRO A 149 -1.00 -12.43 7.56
C PRO A 149 0.25 -12.56 6.67
N GLN A 150 0.62 -13.76 6.30
CA GLN A 150 1.83 -13.92 5.43
C GLN A 150 1.61 -13.25 4.06
N LEU A 151 0.38 -13.07 3.67
CA LEU A 151 0.10 -12.43 2.35
C LEU A 151 0.26 -10.91 2.45
N GLY A 152 -0.32 -10.30 3.46
CA GLY A 152 -0.19 -8.83 3.61
C GLY A 152 -1.30 -8.12 2.83
N MET A 153 -1.02 -6.97 2.30
CA MET A 153 -2.04 -6.22 1.52
C MET A 153 -2.55 -7.03 0.33
N ILE A 154 -3.77 -7.50 0.38
CA ILE A 154 -4.32 -8.28 -0.76
C ILE A 154 -5.38 -7.46 -1.50
N ASP A 155 -5.43 -7.56 -2.80
CA ASP A 155 -6.42 -6.74 -3.56
C ASP A 155 -7.84 -7.30 -3.47
N ARG A 156 -8.78 -6.44 -3.18
CA ARG A 156 -10.22 -6.83 -3.17
C ARG A 156 -10.76 -6.23 -4.47
N TRP A 157 -11.00 -7.02 -5.47
CA TRP A 157 -11.40 -6.45 -6.79
C TRP A 157 -12.89 -6.12 -6.92
N TYR A 158 -13.17 -5.25 -7.85
CA TYR A 158 -14.56 -4.80 -8.12
C TYR A 158 -14.66 -4.26 -9.53
N HIS A 159 -15.84 -4.21 -10.09
CA HIS A 159 -16.01 -3.57 -11.40
C HIS A 159 -15.93 -2.07 -11.11
N PRO A 160 -15.46 -1.26 -12.02
CA PRO A 160 -15.35 0.20 -11.73
C PRO A 160 -16.71 0.76 -11.27
N GLY A 161 -17.78 0.38 -11.91
CA GLY A 161 -19.13 0.88 -11.47
C GLY A 161 -19.42 0.37 -10.05
N CYS A 162 -19.28 -0.91 -9.83
CA CYS A 162 -19.54 -1.47 -8.46
C CYS A 162 -18.64 -0.77 -7.42
N PHE A 163 -17.39 -0.53 -7.77
CA PHE A 163 -16.45 0.15 -6.82
C PHE A 163 -16.97 1.55 -6.49
N VAL A 164 -17.40 2.28 -7.48
CA VAL A 164 -17.89 3.66 -7.24
C VAL A 164 -19.13 3.62 -6.32
N LYS A 165 -20.00 2.66 -6.50
CA LYS A 165 -21.22 2.59 -5.63
C LYS A 165 -20.84 2.47 -4.15
N ASN A 166 -19.77 1.78 -3.86
CA ASN A 166 -19.33 1.61 -2.43
C ASN A 166 -18.09 2.47 -2.12
N ARG A 167 -17.90 3.59 -2.81
CA ARG A 167 -16.69 4.43 -2.56
C ARG A 167 -16.56 4.81 -1.08
N GLU A 168 -17.65 5.07 -0.43
CA GLU A 168 -17.59 5.47 1.02
C GLU A 168 -17.08 4.33 1.90
N GLU A 169 -17.74 3.21 1.86
CA GLU A 169 -17.31 2.07 2.72
C GLU A 169 -15.92 1.57 2.33
N LEU A 170 -15.53 1.74 1.10
CA LEU A 170 -14.18 1.27 0.67
C LEU A 170 -13.09 2.30 1.07
N GLY A 171 -13.46 3.38 1.70
CA GLY A 171 -12.45 4.38 2.15
C GLY A 171 -11.93 5.21 0.98
N PHE A 172 -12.67 5.31 -0.10
CA PHE A 172 -12.20 6.14 -1.26
C PHE A 172 -12.74 7.55 -1.11
N ARG A 173 -12.11 8.35 -0.28
CA ARG A 173 -12.59 9.75 -0.02
C ARG A 173 -12.92 10.50 -1.32
N PRO A 174 -13.74 11.54 -1.18
CA PRO A 174 -14.17 12.33 -2.37
C PRO A 174 -13.04 13.22 -2.91
N GLU A 175 -11.99 13.43 -2.15
CA GLU A 175 -10.86 14.27 -2.65
C GLU A 175 -9.96 13.45 -3.59
N TYR A 176 -10.08 12.15 -3.55
CA TYR A 176 -9.24 11.28 -4.43
C TYR A 176 -9.79 11.27 -5.86
N SER A 177 -8.91 11.19 -6.81
CA SER A 177 -9.33 11.16 -8.24
C SER A 177 -8.82 9.87 -8.89
N ALA A 178 -9.34 9.53 -10.03
CA ALA A 178 -8.90 8.26 -10.71
C ALA A 178 -7.37 8.24 -10.95
N SER A 179 -6.79 9.40 -11.18
CA SER A 179 -5.31 9.46 -11.44
C SER A 179 -4.48 8.99 -10.24
N GLN A 180 -5.07 8.85 -9.08
CA GLN A 180 -4.28 8.41 -7.88
C GLN A 180 -4.27 6.87 -7.72
N LEU A 181 -5.04 6.16 -8.51
CA LEU A 181 -5.07 4.67 -8.37
C LEU A 181 -3.73 4.05 -8.79
N LYS A 182 -3.22 3.13 -8.02
CA LYS A 182 -1.94 2.46 -8.38
C LYS A 182 -2.12 1.67 -9.69
N GLY A 183 -1.38 2.01 -10.72
CA GLY A 183 -1.51 1.28 -12.02
C GLY A 183 -2.26 2.15 -13.05
N PHE A 184 -2.82 3.26 -12.63
CA PHE A 184 -3.58 4.14 -13.59
C PHE A 184 -2.77 4.45 -14.85
N SER A 185 -1.58 4.93 -14.67
CA SER A 185 -0.72 5.32 -15.84
C SER A 185 -0.61 4.21 -16.92
N LEU A 186 -0.78 2.96 -16.57
CA LEU A 186 -0.64 1.87 -17.60
C LEU A 186 -1.93 1.60 -18.39
N LEU A 187 -2.95 2.39 -18.18
CA LEU A 187 -4.23 2.16 -18.90
C LEU A 187 -4.29 2.99 -20.19
N ALA A 188 -4.95 2.47 -21.20
CA ALA A 188 -5.08 3.23 -22.47
C ALA A 188 -5.81 4.54 -22.21
N THR A 189 -5.52 5.58 -22.98
CA THR A 189 -6.19 6.91 -22.76
C THR A 189 -7.71 6.77 -22.58
N GLU A 190 -8.34 6.01 -23.44
CA GLU A 190 -9.83 5.81 -23.34
C GLU A 190 -10.22 5.29 -21.94
N ASP A 191 -9.55 4.28 -21.49
CA ASP A 191 -9.87 3.71 -20.15
C ASP A 191 -9.59 4.75 -19.04
N LYS A 192 -8.54 5.52 -19.17
CA LYS A 192 -8.22 6.54 -18.13
C LYS A 192 -9.31 7.61 -18.08
N GLU A 193 -9.81 8.02 -19.22
CA GLU A 193 -10.88 9.06 -19.24
C GLU A 193 -12.15 8.54 -18.56
N ALA A 194 -12.54 7.32 -18.86
CA ALA A 194 -13.78 6.75 -18.23
C ALA A 194 -13.66 6.79 -16.71
N LEU A 195 -12.50 6.47 -16.19
CA LEU A 195 -12.32 6.47 -14.71
C LEU A 195 -12.37 7.91 -14.17
N LYS A 196 -11.56 8.79 -14.71
CA LYS A 196 -11.58 10.21 -14.25
C LYS A 196 -13.01 10.76 -14.28
N LYS A 197 -13.81 10.25 -15.17
CA LYS A 197 -15.23 10.69 -15.28
C LYS A 197 -16.04 10.29 -14.03
N GLN A 198 -15.87 9.07 -13.58
CA GLN A 198 -16.66 8.61 -12.38
C GLN A 198 -15.96 9.01 -11.07
N LEU A 199 -14.66 9.12 -11.09
CA LEU A 199 -13.92 9.55 -9.87
C LEU A 199 -13.16 10.83 -10.19
N PRO A 200 -13.88 11.93 -10.20
CA PRO A 200 -13.27 13.25 -10.54
C PRO A 200 -12.37 13.76 -9.42
N GLY A 201 -12.80 13.63 -8.20
CA GLY A 201 -11.96 14.12 -7.06
C GLY A 201 -12.12 15.64 -6.95
N VAL A 202 -13.10 16.21 -7.61
CA VAL A 202 -13.29 17.68 -7.52
C VAL A 202 -14.78 18.02 -7.65
N LYS A 203 -15.39 17.66 -8.74
CA LYS A 203 -16.85 17.96 -8.92
C LYS A 203 -17.61 16.68 -9.27
N SER A 204 -18.76 16.81 -9.87
CA SER A 204 -19.56 15.60 -10.24
C SER A 204 -20.02 15.70 -11.69
N GLU A 205 -20.96 14.87 -12.08
CA GLU A 205 -21.46 14.91 -13.48
C GLU A 205 -22.90 15.40 -13.52
N GLY A 206 -23.50 15.45 -14.69
CA GLY A 206 -24.91 15.92 -14.79
C GLY A 206 -25.22 16.30 -16.23
N LYS A 207 -26.25 15.72 -16.80
CA LYS A 207 -26.61 16.04 -18.21
C LYS A 207 -28.13 16.02 -18.39
N ARG A 208 -28.67 16.99 -19.08
CA ARG A 208 -30.15 17.04 -19.29
C ARG A 208 -30.50 18.03 -20.40
N LYS A 209 -29.96 17.84 -21.57
CA LYS A 209 -30.26 18.78 -22.70
C LYS A 209 -31.64 18.47 -23.28
N GLY A 210 -31.76 17.39 -23.99
CA GLY A 210 -33.09 17.04 -24.59
C GLY A 210 -32.89 15.95 -25.65
N ASP A 211 -33.97 15.50 -26.25
CA ASP A 211 -33.84 14.43 -27.29
C ASP A 211 -34.53 14.87 -28.59
N GLU A 212 -33.78 15.45 -29.50
CA GLU A 212 -34.39 15.90 -30.79
C GLU A 212 -35.58 16.83 -30.52
N VAL A 213 -36.30 17.19 -31.56
CA VAL A 213 -37.47 18.09 -31.36
C VAL A 213 -38.55 17.79 -32.41
N ASP A 214 -38.70 16.53 -32.77
CA ASP A 214 -39.73 16.17 -33.78
C ASP A 214 -40.90 15.45 -33.10
ZN ZN C . 18.37 -9.24 3.72
ZN ZN D . -19.50 -5.97 -9.93
N MET A 1 -2.85 -7.57 32.92
CA MET A 1 -3.38 -6.55 31.97
C MET A 1 -2.24 -5.73 31.36
N ALA A 2 -2.07 -5.79 30.07
CA ALA A 2 -0.98 -5.01 29.42
C ALA A 2 -1.43 -4.50 28.05
N GLU A 3 -0.62 -3.72 27.40
CA GLU A 3 -1.00 -3.18 26.06
C GLU A 3 -0.50 -4.12 24.96
N SER A 4 -1.24 -4.24 23.90
CA SER A 4 -0.81 -5.13 22.78
C SER A 4 -0.43 -4.31 21.56
N SER A 5 0.20 -4.92 20.58
CA SER A 5 0.59 -4.17 19.36
C SER A 5 -0.30 -4.56 18.17
N ASP A 6 -1.10 -3.64 17.71
CA ASP A 6 -2.00 -3.95 16.56
C ASP A 6 -1.36 -3.49 15.24
N LYS A 7 -0.29 -2.75 15.29
CA LYS A 7 0.36 -2.28 14.04
C LYS A 7 0.73 -3.47 13.15
N LEU A 8 0.79 -3.29 11.86
CA LEU A 8 1.12 -4.42 10.96
C LEU A 8 2.64 -4.56 10.79
N TYR A 9 3.40 -3.53 11.09
CA TYR A 9 4.88 -3.63 10.90
C TYR A 9 5.64 -3.22 12.17
N ARG A 10 6.87 -3.65 12.26
CA ARG A 10 7.71 -3.31 13.45
C ARG A 10 9.14 -2.97 12.99
N VAL A 11 9.73 -1.98 13.60
CA VAL A 11 11.12 -1.61 13.25
C VAL A 11 11.93 -1.49 14.54
N GLU A 12 13.14 -1.97 14.55
CA GLU A 12 13.95 -1.89 15.79
C GLU A 12 15.38 -2.35 15.55
N TYR A 13 16.25 -2.11 16.49
CA TYR A 13 17.64 -2.57 16.35
C TYR A 13 17.66 -4.04 16.75
N ALA A 14 18.18 -4.89 15.91
CA ALA A 14 18.19 -6.37 16.17
C ALA A 14 18.51 -6.73 17.63
N LYS A 15 17.58 -7.37 18.29
CA LYS A 15 17.81 -7.80 19.72
C LYS A 15 18.85 -8.92 19.74
N SER A 16 19.04 -9.58 18.62
CA SER A 16 20.04 -10.67 18.53
C SER A 16 20.55 -10.76 17.07
N GLY A 17 21.48 -11.64 16.80
CA GLY A 17 22.01 -11.75 15.41
C GLY A 17 21.61 -13.12 14.84
N ARG A 18 20.60 -13.75 15.42
CA ARG A 18 20.16 -15.09 14.94
C ARG A 18 19.00 -15.01 13.94
N ALA A 19 18.31 -13.90 13.87
CA ALA A 19 17.18 -13.80 12.88
C ALA A 19 17.70 -13.85 11.44
N SER A 20 16.97 -14.53 10.57
CA SER A 20 17.39 -14.63 9.15
C SER A 20 16.45 -13.81 8.29
N CYS A 21 16.99 -13.06 7.39
CA CYS A 21 16.15 -12.21 6.49
C CYS A 21 15.24 -13.09 5.63
N LYS A 22 13.95 -12.80 5.63
CA LYS A 22 12.99 -13.63 4.82
C LYS A 22 13.15 -13.37 3.31
N LYS A 23 13.98 -12.43 2.92
CA LYS A 23 14.18 -12.14 1.46
C LYS A 23 15.49 -12.75 0.94
N CYS A 24 16.61 -12.38 1.51
CA CYS A 24 17.92 -12.92 1.01
C CYS A 24 18.46 -14.09 1.87
N SER A 25 17.78 -14.43 2.96
CA SER A 25 18.20 -15.59 3.84
C SER A 25 19.46 -15.31 4.71
N GLU A 26 20.17 -14.23 4.47
CA GLU A 26 21.38 -13.95 5.31
C GLU A 26 20.96 -13.55 6.72
N SER A 27 21.82 -13.76 7.70
CA SER A 27 21.45 -13.42 9.10
C SER A 27 21.40 -11.90 9.31
N ILE A 28 20.56 -11.46 10.19
CA ILE A 28 20.48 -10.01 10.50
C ILE A 28 21.36 -9.75 11.73
N PRO A 29 22.41 -8.96 11.57
CA PRO A 29 23.35 -8.73 12.70
C PRO A 29 22.70 -7.98 13.88
N LYS A 30 23.08 -8.38 15.08
CA LYS A 30 22.52 -7.74 16.32
C LYS A 30 22.73 -6.23 16.28
N ASP A 31 21.77 -5.46 16.79
CA ASP A 31 21.86 -3.96 16.83
C ASP A 31 21.63 -3.32 15.44
N SER A 32 21.59 -4.09 14.39
CA SER A 32 21.37 -3.50 13.05
C SER A 32 19.90 -3.12 12.90
N LEU A 33 19.60 -2.17 12.05
CA LEU A 33 18.18 -1.77 11.86
C LEU A 33 17.46 -2.81 11.00
N ARG A 34 16.42 -3.42 11.53
CA ARG A 34 15.68 -4.44 10.76
C ARG A 34 14.18 -4.12 10.81
N MET A 35 13.44 -4.60 9.84
CA MET A 35 11.98 -4.33 9.82
C MET A 35 11.21 -5.65 9.63
N ALA A 36 10.00 -5.73 10.10
CA ALA A 36 9.25 -6.99 9.94
C ALA A 36 7.77 -6.74 9.73
N ILE A 37 7.13 -7.65 9.04
CA ILE A 37 5.65 -7.57 8.85
C ILE A 37 5.00 -8.47 9.90
N MET A 38 4.27 -7.90 10.83
CA MET A 38 3.66 -8.72 11.91
C MET A 38 2.58 -9.67 11.38
N VAL A 39 2.52 -10.85 11.93
CA VAL A 39 1.48 -11.84 11.50
C VAL A 39 0.92 -12.57 12.73
N GLN A 40 -0.37 -12.77 12.78
CA GLN A 40 -0.97 -13.47 13.96
C GLN A 40 -0.76 -14.98 13.83
N SER A 41 -0.34 -15.62 14.88
CA SER A 41 -0.12 -17.11 14.82
C SER A 41 -1.36 -17.86 15.31
N PRO A 42 -1.77 -18.85 14.54
CA PRO A 42 -2.96 -19.65 14.91
C PRO A 42 -2.59 -20.75 15.93
N MET A 43 -1.33 -20.88 16.26
CA MET A 43 -0.92 -21.94 17.23
C MET A 43 -0.83 -21.37 18.64
N PHE A 44 -0.80 -20.07 18.79
CA PHE A 44 -0.71 -19.46 20.15
C PHE A 44 -0.99 -17.96 20.09
N ASP A 45 -1.53 -17.41 21.14
CA ASP A 45 -1.82 -15.94 21.15
C ASP A 45 -0.52 -15.16 21.04
N GLY A 46 -0.39 -14.33 20.05
CA GLY A 46 0.86 -13.53 19.89
C GLY A 46 1.16 -13.38 18.39
N LYS A 47 1.90 -12.37 18.02
CA LYS A 47 2.20 -12.16 16.57
C LYS A 47 3.64 -12.56 16.25
N VAL A 48 3.84 -13.25 15.15
CA VAL A 48 5.22 -13.65 14.75
C VAL A 48 5.76 -12.65 13.73
N PRO A 49 6.95 -12.16 13.96
CA PRO A 49 7.53 -11.17 13.04
C PRO A 49 8.35 -11.82 11.93
N HIS A 50 8.09 -11.46 10.71
CA HIS A 50 8.92 -11.96 9.59
C HIS A 50 9.98 -10.88 9.37
N TRP A 51 11.18 -11.08 9.87
CA TRP A 51 12.20 -10.01 9.79
C TRP A 51 12.95 -9.95 8.45
N TYR A 52 13.44 -8.79 8.17
CA TYR A 52 14.21 -8.54 6.91
C TYR A 52 15.25 -7.46 7.18
N HIS A 53 16.36 -7.46 6.47
CA HIS A 53 17.34 -6.36 6.65
C HIS A 53 16.61 -5.10 6.16
N PHE A 54 16.97 -3.94 6.63
CA PHE A 54 16.23 -2.70 6.21
C PHE A 54 15.97 -2.64 4.69
N SER A 55 17.00 -2.81 3.89
CA SER A 55 16.82 -2.74 2.40
C SER A 55 15.95 -3.88 1.85
N CYS A 56 16.21 -5.11 2.28
CA CYS A 56 15.42 -6.27 1.76
C CYS A 56 13.90 -6.08 1.98
N PHE A 57 13.53 -5.51 3.08
CA PHE A 57 12.06 -5.32 3.39
C PHE A 57 11.30 -4.64 2.23
N TRP A 58 11.92 -3.70 1.53
CA TRP A 58 11.21 -2.98 0.44
C TRP A 58 11.30 -3.72 -0.90
N LYS A 59 12.23 -4.63 -1.03
CA LYS A 59 12.38 -5.35 -2.32
C LYS A 59 11.41 -6.54 -2.44
N VAL A 60 10.58 -6.76 -1.45
CA VAL A 60 9.61 -7.91 -1.51
C VAL A 60 8.22 -7.43 -1.93
N GLY A 61 7.91 -6.19 -1.69
CA GLY A 61 6.56 -5.67 -2.07
C GLY A 61 5.93 -4.96 -0.87
N HIS A 62 6.54 -5.04 0.29
CA HIS A 62 5.98 -4.35 1.48
C HIS A 62 5.95 -2.83 1.23
N SER A 63 4.89 -2.17 1.62
CA SER A 63 4.83 -0.70 1.37
C SER A 63 4.29 0.05 2.58
N ILE A 64 4.80 1.23 2.83
CA ILE A 64 4.33 2.03 3.99
C ILE A 64 4.28 3.52 3.61
N ARG A 65 3.13 4.13 3.69
CA ARG A 65 3.02 5.57 3.33
C ARG A 65 3.35 6.44 4.54
N HIS A 66 2.85 6.07 5.69
CA HIS A 66 3.13 6.83 6.95
C HIS A 66 3.75 5.91 8.01
N PRO A 67 5.06 5.91 8.06
CA PRO A 67 5.78 5.04 9.05
C PRO A 67 5.42 5.37 10.52
N ASP A 68 5.42 6.64 10.89
CA ASP A 68 5.07 7.02 12.29
C ASP A 68 3.78 6.33 12.82
N VAL A 69 2.80 6.15 11.99
CA VAL A 69 1.52 5.52 12.48
C VAL A 69 1.37 4.03 12.08
N GLU A 70 2.04 3.59 11.04
CA GLU A 70 1.87 2.16 10.60
C GLU A 70 2.98 1.24 11.11
N VAL A 71 4.09 1.78 11.57
CA VAL A 71 5.19 0.89 12.04
C VAL A 71 5.47 1.05 13.54
N ASP A 72 5.24 0.01 14.31
CA ASP A 72 5.49 0.07 15.77
C ASP A 72 7.00 0.20 16.04
N GLY A 73 7.39 0.98 17.03
CA GLY A 73 8.85 1.12 17.34
C GLY A 73 9.48 2.27 16.52
N PHE A 74 8.77 2.82 15.59
CA PHE A 74 9.35 3.93 14.75
C PHE A 74 9.81 5.10 15.61
N SER A 75 8.97 5.57 16.47
CA SER A 75 9.34 6.74 17.34
C SER A 75 10.54 6.46 18.25
N GLU A 76 10.87 5.20 18.53
CA GLU A 76 12.05 4.93 19.41
C GLU A 76 13.36 4.78 18.61
N LEU A 77 13.30 4.87 17.29
CA LEU A 77 14.54 4.75 16.48
C LEU A 77 15.35 6.03 16.61
N ARG A 78 16.63 5.97 16.34
CA ARG A 78 17.46 7.21 16.40
C ARG A 78 16.96 8.16 15.31
N TRP A 79 17.12 9.45 15.49
CA TRP A 79 16.61 10.44 14.49
C TRP A 79 16.97 10.08 13.04
N ASP A 80 18.24 9.91 12.75
CA ASP A 80 18.65 9.58 11.35
C ASP A 80 17.91 8.35 10.82
N ASP A 81 17.74 7.33 11.63
CA ASP A 81 17.03 6.10 11.15
C ASP A 81 15.55 6.43 10.93
N GLN A 82 15.01 7.35 11.70
CA GLN A 82 13.59 7.76 11.51
C GLN A 82 13.44 8.47 10.17
N GLN A 83 14.45 9.23 9.79
CA GLN A 83 14.40 9.95 8.49
C GLN A 83 14.63 8.95 7.36
N LYS A 84 15.56 8.05 7.55
CA LYS A 84 15.83 7.02 6.50
C LYS A 84 14.57 6.21 6.20
N VAL A 85 13.90 5.77 7.23
CA VAL A 85 12.64 4.99 7.02
C VAL A 85 11.58 5.90 6.39
N LYS A 86 11.50 7.14 6.84
CA LYS A 86 10.49 8.08 6.29
C LYS A 86 10.74 8.33 4.80
N LYS A 87 11.98 8.55 4.43
CA LYS A 87 12.30 8.82 3.00
C LYS A 87 12.16 7.54 2.18
N THR A 88 12.67 6.45 2.67
CA THR A 88 12.56 5.16 1.91
C THR A 88 11.07 4.82 1.70
N ALA A 89 10.25 5.11 2.67
CA ALA A 89 8.80 4.82 2.54
C ALA A 89 8.23 5.67 1.40
N GLU A 90 8.58 6.94 1.36
CA GLU A 90 8.07 7.82 0.28
C GLU A 90 8.56 7.34 -1.08
N ALA A 91 9.84 7.10 -1.21
CA ALA A 91 10.39 6.62 -2.51
C ALA A 91 9.68 5.32 -2.95
N GLY A 92 9.99 4.84 -4.12
CA GLY A 92 9.34 3.58 -4.60
C GLY A 92 9.68 3.36 -6.07
N GLY A 93 10.18 2.20 -6.41
CA GLY A 93 10.54 1.92 -7.82
C GLY A 93 12.03 1.62 -7.93
N VAL A 94 12.80 2.54 -8.42
CA VAL A 94 14.27 2.30 -8.56
C VAL A 94 15.04 3.19 -7.57
N THR A 95 15.86 2.60 -6.74
CA THR A 95 16.63 3.41 -5.74
C THR A 95 17.70 2.54 -5.07
N GLY A 96 17.36 1.33 -4.74
CA GLY A 96 18.35 0.42 -4.08
C GLY A 96 19.24 -0.24 -5.13
N LYS A 97 19.99 -1.24 -4.75
CA LYS A 97 20.87 -1.93 -5.73
C LYS A 97 20.24 -3.26 -6.16
N GLY A 98 19.21 -3.20 -6.96
CA GLY A 98 18.55 -4.46 -7.42
C GLY A 98 18.21 -4.36 -8.90
N GLN A 99 16.99 -4.00 -9.22
CA GLN A 99 16.59 -3.88 -10.65
C GLN A 99 15.32 -3.03 -10.78
N ASP A 100 14.81 -2.88 -11.98
CA ASP A 100 13.57 -2.06 -12.16
C ASP A 100 12.34 -2.96 -12.09
N GLY A 101 11.21 -2.47 -12.53
CA GLY A 101 9.96 -3.29 -12.49
C GLY A 101 8.83 -2.52 -13.14
N ILE A 102 8.60 -1.31 -12.73
CA ILE A 102 7.49 -0.50 -13.33
C ILE A 102 8.06 0.50 -14.34
N GLY A 103 7.23 1.00 -15.23
CA GLY A 103 7.72 1.99 -16.23
C GLY A 103 6.81 3.22 -16.22
N SER A 104 6.61 3.80 -15.08
CA SER A 104 5.74 5.02 -15.00
C SER A 104 6.22 5.94 -13.88
N LYS A 105 6.11 5.51 -12.65
CA LYS A 105 6.57 6.36 -11.50
C LYS A 105 5.87 7.71 -11.53
N ALA A 106 4.86 7.88 -10.73
CA ALA A 106 4.13 9.19 -10.69
C ALA A 106 3.96 9.67 -9.25
N GLU A 107 3.76 10.94 -9.06
CA GLU A 107 3.58 11.48 -7.67
C GLU A 107 2.11 11.40 -7.26
N LYS A 108 1.83 11.60 -5.99
CA LYS A 108 0.41 11.55 -5.53
C LYS A 108 -0.25 10.24 -5.97
N THR A 109 0.06 9.16 -5.30
CA THR A 109 -0.56 7.85 -5.68
C THR A 109 -0.96 7.06 -4.42
N LEU A 110 -2.19 6.64 -4.36
CA LEU A 110 -2.64 5.87 -3.16
C LEU A 110 -1.92 4.51 -3.12
N GLY A 111 -1.64 4.01 -1.94
CA GLY A 111 -0.95 2.70 -1.83
C GLY A 111 -1.96 1.58 -1.52
N ASP A 112 -3.20 1.92 -1.27
CA ASP A 112 -4.21 0.86 -0.97
C ASP A 112 -5.30 0.80 -2.05
N PHE A 113 -5.14 1.52 -3.13
CA PHE A 113 -6.17 1.50 -4.21
C PHE A 113 -5.49 1.27 -5.57
N ALA A 114 -6.00 0.37 -6.38
CA ALA A 114 -5.34 0.11 -7.69
C ALA A 114 -6.33 -0.10 -8.83
N ALA A 115 -5.86 0.10 -10.03
CA ALA A 115 -6.71 -0.10 -11.24
C ALA A 115 -5.88 -0.82 -12.30
N GLU A 116 -6.41 -1.85 -12.90
CA GLU A 116 -5.63 -2.59 -13.94
C GLU A 116 -6.57 -3.45 -14.78
N TYR A 117 -6.10 -3.93 -15.89
CA TYR A 117 -6.97 -4.81 -16.72
C TYR A 117 -6.90 -6.21 -16.09
N ALA A 118 -8.01 -6.89 -15.98
CA ALA A 118 -8.02 -8.25 -15.35
C ALA A 118 -6.94 -9.17 -15.97
N LYS A 119 -5.95 -9.53 -15.19
CA LYS A 119 -4.89 -10.43 -15.69
C LYS A 119 -5.47 -11.81 -16.03
N SER A 120 -6.64 -12.12 -15.51
CA SER A 120 -7.28 -13.44 -15.81
C SER A 120 -8.79 -13.32 -15.68
N ASN A 121 -9.49 -14.42 -15.68
CA ASN A 121 -10.99 -14.36 -15.57
C ASN A 121 -11.49 -15.12 -14.34
N ARG A 122 -10.62 -15.45 -13.42
CA ARG A 122 -11.07 -16.19 -12.20
C ARG A 122 -11.24 -15.23 -11.00
N SER A 123 -11.02 -13.95 -11.20
CA SER A 123 -11.22 -12.99 -10.08
C SER A 123 -12.72 -12.74 -9.91
N THR A 124 -13.14 -12.06 -8.88
CA THR A 124 -14.60 -11.84 -8.69
C THR A 124 -14.86 -10.48 -8.07
N CYS A 125 -15.75 -9.71 -8.66
CA CYS A 125 -16.09 -8.40 -8.07
C CYS A 125 -16.71 -8.62 -6.68
N LYS A 126 -16.12 -8.04 -5.66
CA LYS A 126 -16.65 -8.22 -4.28
C LYS A 126 -17.85 -7.30 -3.97
N GLY A 127 -18.51 -6.80 -4.99
CA GLY A 127 -19.68 -5.90 -4.77
C GLY A 127 -20.93 -6.63 -5.27
N CYS A 128 -20.83 -7.26 -6.41
CA CYS A 128 -21.99 -8.04 -6.94
C CYS A 128 -21.64 -9.55 -7.02
N MET A 129 -20.44 -9.94 -6.58
CA MET A 129 -20.02 -11.38 -6.62
C MET A 129 -20.03 -11.98 -8.05
N GLU A 130 -20.12 -11.16 -9.07
CA GLU A 130 -20.09 -11.70 -10.46
C GLU A 130 -18.63 -11.77 -10.91
N LYS A 131 -18.28 -12.77 -11.69
CA LYS A 131 -16.86 -12.91 -12.12
C LYS A 131 -16.45 -11.77 -13.05
N ILE A 132 -15.20 -11.34 -12.94
CA ILE A 132 -14.69 -10.29 -13.85
C ILE A 132 -14.00 -10.99 -15.03
N GLU A 133 -14.30 -10.58 -16.24
CA GLU A 133 -13.67 -11.26 -17.42
C GLU A 133 -12.24 -10.75 -17.65
N LYS A 134 -11.36 -11.64 -18.05
CA LYS A 134 -9.95 -11.21 -18.36
C LYS A 134 -9.92 -10.03 -19.35
N GLY A 135 -9.10 -9.04 -19.09
CA GLY A 135 -9.03 -7.87 -20.02
C GLY A 135 -9.94 -6.74 -19.50
N GLN A 136 -11.01 -7.07 -18.82
CA GLN A 136 -11.93 -6.02 -18.30
C GLN A 136 -11.24 -5.16 -17.24
N VAL A 137 -11.50 -3.87 -17.27
CA VAL A 137 -10.89 -2.96 -16.26
C VAL A 137 -11.49 -3.25 -14.89
N ARG A 138 -10.66 -3.35 -13.89
CA ARG A 138 -11.19 -3.63 -12.52
C ARG A 138 -10.47 -2.75 -11.50
N LEU A 139 -11.12 -2.44 -10.42
CA LEU A 139 -10.49 -1.58 -9.37
C LEU A 139 -10.38 -2.38 -8.08
N SER A 140 -9.55 -1.95 -7.15
CA SER A 140 -9.44 -2.75 -5.91
C SER A 140 -9.02 -1.93 -4.69
N LYS A 141 -9.53 -2.31 -3.56
CA LYS A 141 -9.17 -1.64 -2.28
C LYS A 141 -8.28 -2.61 -1.47
N LYS A 142 -7.00 -2.41 -1.51
CA LYS A 142 -6.07 -3.32 -0.78
C LYS A 142 -6.44 -3.45 0.69
N MET A 143 -6.41 -4.66 1.21
CA MET A 143 -6.75 -4.89 2.64
C MET A 143 -5.97 -6.10 3.15
N VAL A 144 -5.73 -6.18 4.42
CA VAL A 144 -4.96 -7.35 4.96
C VAL A 144 -5.91 -8.32 5.66
N ASP A 145 -5.64 -9.60 5.55
CA ASP A 145 -6.51 -10.61 6.22
C ASP A 145 -5.80 -11.13 7.48
N PRO A 146 -6.48 -11.07 8.60
CA PRO A 146 -5.89 -11.54 9.87
C PRO A 146 -5.69 -13.06 9.82
N GLU A 147 -6.38 -13.72 8.93
CA GLU A 147 -6.23 -15.21 8.82
C GLU A 147 -5.02 -15.54 7.95
N LYS A 148 -4.67 -14.66 7.05
CA LYS A 148 -3.49 -14.90 6.17
C LYS A 148 -2.55 -13.69 6.24
N PRO A 149 -1.88 -13.56 7.36
CA PRO A 149 -0.97 -12.41 7.57
C PRO A 149 0.29 -12.51 6.70
N GLN A 150 0.65 -13.70 6.28
CA GLN A 150 1.88 -13.84 5.43
C GLN A 150 1.67 -13.17 4.06
N LEU A 151 0.44 -13.00 3.66
CA LEU A 151 0.17 -12.35 2.34
C LEU A 151 0.31 -10.83 2.45
N GLY A 152 -0.27 -10.24 3.46
CA GLY A 152 -0.17 -8.77 3.64
C GLY A 152 -1.28 -8.08 2.83
N MET A 153 -1.00 -6.91 2.33
CA MET A 153 -2.02 -6.15 1.54
C MET A 153 -2.51 -6.97 0.34
N ILE A 154 -3.74 -7.44 0.39
CA ILE A 154 -4.28 -8.22 -0.76
C ILE A 154 -5.34 -7.40 -1.49
N ASP A 155 -5.41 -7.50 -2.80
CA ASP A 155 -6.40 -6.69 -3.55
C ASP A 155 -7.82 -7.26 -3.45
N ARG A 156 -8.76 -6.41 -3.15
CA ARG A 156 -10.20 -6.81 -3.15
C ARG A 156 -10.75 -6.20 -4.44
N TRP A 157 -10.99 -7.00 -5.44
CA TRP A 157 -11.40 -6.42 -6.76
C TRP A 157 -12.89 -6.10 -6.89
N TYR A 158 -13.17 -5.23 -7.81
CA TYR A 158 -14.57 -4.80 -8.08
C TYR A 158 -14.67 -4.25 -9.50
N HIS A 159 -15.86 -4.20 -10.04
CA HIS A 159 -16.04 -3.56 -11.36
C HIS A 159 -15.97 -2.06 -11.06
N PRO A 160 -15.50 -1.25 -11.97
CA PRO A 160 -15.40 0.21 -11.68
C PRO A 160 -16.76 0.77 -11.20
N GLY A 161 -17.83 0.39 -11.85
CA GLY A 161 -19.18 0.88 -11.41
C GLY A 161 -19.45 0.36 -9.99
N CYS A 162 -19.32 -0.92 -9.77
CA CYS A 162 -19.57 -1.48 -8.39
C CYS A 162 -18.66 -0.77 -7.36
N PHE A 163 -17.42 -0.52 -7.72
CA PHE A 163 -16.47 0.16 -6.77
C PHE A 163 -17.01 1.55 -6.43
N VAL A 164 -17.44 2.28 -7.42
CA VAL A 164 -17.94 3.66 -7.16
C VAL A 164 -19.17 3.61 -6.25
N LYS A 165 -20.04 2.64 -6.43
CA LYS A 165 -21.26 2.56 -5.56
C LYS A 165 -20.87 2.44 -4.08
N ASN A 166 -19.80 1.76 -3.79
CA ASN A 166 -19.34 1.59 -2.36
C ASN A 166 -18.10 2.46 -2.06
N ARG A 167 -17.93 3.57 -2.75
CA ARG A 167 -16.73 4.43 -2.50
C ARG A 167 -16.60 4.80 -1.02
N GLU A 168 -17.68 5.06 -0.37
CA GLU A 168 -17.62 5.45 1.08
C GLU A 168 -17.10 4.32 1.96
N GLU A 169 -17.75 3.19 1.92
CA GLU A 169 -17.32 2.05 2.77
C GLU A 169 -15.92 1.56 2.39
N LEU A 170 -15.54 1.73 1.15
CA LEU A 170 -14.19 1.28 0.72
C LEU A 170 -13.11 2.30 1.11
N GLY A 171 -13.49 3.39 1.75
CA GLY A 171 -12.47 4.39 2.19
C GLY A 171 -11.95 5.23 1.02
N PHE A 172 -12.71 5.33 -0.05
CA PHE A 172 -12.23 6.15 -1.22
C PHE A 172 -12.79 7.57 -1.06
N ARG A 173 -12.16 8.36 -0.23
CA ARG A 173 -12.64 9.76 0.04
C ARG A 173 -12.99 10.52 -1.26
N PRO A 174 -13.81 11.54 -1.12
CA PRO A 174 -14.24 12.34 -2.31
C PRO A 174 -13.12 13.24 -2.85
N GLU A 175 -12.06 13.44 -2.09
CA GLU A 175 -10.95 14.30 -2.60
C GLU A 175 -10.04 13.48 -3.54
N TYR A 176 -10.15 12.17 -3.50
CA TYR A 176 -9.32 11.32 -4.38
C TYR A 176 -9.87 11.30 -5.81
N SER A 177 -8.99 11.24 -6.76
CA SER A 177 -9.41 11.20 -8.19
C SER A 177 -8.90 9.92 -8.84
N ALA A 178 -9.42 9.57 -9.99
CA ALA A 178 -8.98 8.31 -10.67
C ALA A 178 -7.46 8.31 -10.91
N SER A 179 -6.88 9.46 -11.14
CA SER A 179 -5.41 9.53 -11.40
C SER A 179 -4.55 9.05 -10.22
N GLN A 180 -5.14 8.91 -9.05
CA GLN A 180 -4.35 8.48 -7.86
C GLN A 180 -4.34 6.95 -7.70
N LEU A 181 -5.10 6.22 -8.49
CA LEU A 181 -5.12 4.74 -8.35
C LEU A 181 -3.79 4.12 -8.79
N LYS A 182 -3.27 3.20 -8.01
CA LYS A 182 -1.99 2.53 -8.37
C LYS A 182 -2.16 1.75 -9.68
N GLY A 183 -1.43 2.10 -10.71
CA GLY A 183 -1.56 1.37 -12.01
C GLY A 183 -2.31 2.23 -13.04
N PHE A 184 -2.88 3.33 -12.63
CA PHE A 184 -3.65 4.21 -13.57
C PHE A 184 -2.85 4.54 -14.84
N SER A 185 -1.67 5.02 -14.66
CA SER A 185 -0.80 5.41 -15.83
C SER A 185 -0.68 4.31 -16.91
N LEU A 186 -0.86 3.06 -16.57
CA LEU A 186 -0.70 1.97 -17.60
C LEU A 186 -2.01 1.69 -18.38
N LEU A 187 -3.03 2.48 -18.17
CA LEU A 187 -4.31 2.24 -18.88
C LEU A 187 -4.38 3.08 -20.18
N ALA A 188 -5.04 2.55 -21.18
CA ALA A 188 -5.18 3.31 -22.46
C ALA A 188 -5.91 4.63 -22.18
N THR A 189 -5.63 5.66 -22.95
CA THR A 189 -6.31 6.98 -22.72
C THR A 189 -7.82 6.83 -22.55
N GLU A 190 -8.46 6.08 -23.40
CA GLU A 190 -9.94 5.87 -23.30
C GLU A 190 -10.32 5.35 -21.91
N ASP A 191 -9.64 4.33 -21.45
CA ASP A 191 -9.95 3.77 -20.11
C ASP A 191 -9.69 4.80 -19.01
N LYS A 192 -8.63 5.58 -19.14
CA LYS A 192 -8.32 6.60 -18.10
C LYS A 192 -9.41 7.66 -18.05
N GLU A 193 -9.92 8.07 -19.18
CA GLU A 193 -11.00 9.11 -19.19
C GLU A 193 -12.26 8.58 -18.51
N ALA A 194 -12.65 7.36 -18.82
CA ALA A 194 -13.88 6.78 -18.18
C ALA A 194 -13.76 6.81 -16.65
N LEU A 195 -12.60 6.51 -16.13
CA LEU A 195 -12.41 6.51 -14.66
C LEU A 195 -12.46 7.94 -14.12
N LYS A 196 -11.66 8.83 -14.67
CA LYS A 196 -11.68 10.26 -14.21
C LYS A 196 -13.13 10.79 -14.22
N LYS A 197 -13.92 10.28 -15.11
CA LYS A 197 -15.35 10.72 -15.22
C LYS A 197 -16.15 10.31 -13.97
N GLN A 198 -15.97 9.09 -13.50
CA GLN A 198 -16.74 8.62 -12.32
C GLN A 198 -16.05 9.02 -11.01
N LEU A 199 -14.75 9.14 -11.03
CA LEU A 199 -14.01 9.57 -9.80
C LEU A 199 -13.25 10.86 -10.13
N PRO A 200 -13.98 11.95 -10.13
CA PRO A 200 -13.38 13.27 -10.48
C PRO A 200 -12.48 13.79 -9.35
N GLY A 201 -12.91 13.64 -8.13
CA GLY A 201 -12.08 14.15 -6.99
C GLY A 201 -12.26 15.66 -6.86
N VAL A 202 -11.36 16.42 -7.43
CA VAL A 202 -11.48 17.90 -7.34
C VAL A 202 -11.58 18.50 -8.75
N LYS A 203 -12.17 17.78 -9.66
CA LYS A 203 -12.31 18.31 -11.05
C LYS A 203 -13.77 18.25 -11.50
N SER A 204 -14.45 19.37 -11.49
CA SER A 204 -15.88 19.38 -11.91
C SER A 204 -16.35 20.82 -12.18
N GLU A 205 -16.52 21.17 -13.42
CA GLU A 205 -16.97 22.55 -13.75
C GLU A 205 -17.55 22.59 -15.17
N GLY A 206 -17.78 23.77 -15.69
CA GLY A 206 -18.35 23.87 -17.07
C GLY A 206 -18.76 25.32 -17.35
N LYS A 207 -19.97 25.53 -17.79
CA LYS A 207 -20.44 26.92 -18.08
C LYS A 207 -21.60 27.29 -17.17
N ARG A 208 -21.44 28.31 -16.38
CA ARG A 208 -22.54 28.73 -15.46
C ARG A 208 -23.29 29.94 -16.04
N LYS A 209 -24.58 29.82 -16.22
CA LYS A 209 -25.37 30.95 -16.79
C LYS A 209 -26.13 31.67 -15.67
N GLY A 210 -25.81 32.91 -15.43
CA GLY A 210 -26.52 33.67 -14.37
C GLY A 210 -26.42 35.17 -14.63
N ASP A 211 -26.26 35.97 -13.61
CA ASP A 211 -26.16 37.44 -13.82
C ASP A 211 -24.74 37.83 -14.23
N GLU A 212 -24.58 38.42 -15.38
CA GLU A 212 -23.22 38.83 -15.85
C GLU A 212 -23.33 39.83 -17.00
N VAL A 213 -24.30 40.70 -16.94
CA VAL A 213 -24.48 41.71 -18.04
C VAL A 213 -25.03 43.02 -17.48
N ASP A 214 -24.37 43.57 -16.48
CA ASP A 214 -24.85 44.85 -15.89
C ASP A 214 -23.76 45.91 -15.98
ZN ZN C . 18.27 -9.50 3.65
ZN ZN D . -19.50 -5.97 -9.87
N MET A 1 8.49 -11.11 26.22
CA MET A 1 7.09 -11.64 26.19
C MET A 1 6.41 -11.29 24.86
N ALA A 2 6.13 -10.03 24.65
CA ALA A 2 5.47 -9.61 23.37
C ALA A 2 5.54 -8.10 23.21
N GLU A 3 6.66 -7.59 22.77
CA GLU A 3 6.79 -6.11 22.57
C GLU A 3 6.24 -5.71 21.21
N SER A 4 4.95 -5.52 21.11
CA SER A 4 4.35 -5.13 19.80
C SER A 4 2.95 -4.53 20.02
N SER A 5 2.17 -4.40 18.98
CA SER A 5 0.80 -3.82 19.13
C SER A 5 -0.08 -4.20 17.94
N ASP A 6 -1.08 -3.42 17.67
CA ASP A 6 -1.98 -3.73 16.52
C ASP A 6 -1.35 -3.26 15.20
N LYS A 7 -0.30 -2.49 15.26
CA LYS A 7 0.36 -2.01 14.01
C LYS A 7 0.75 -3.21 13.13
N LEU A 8 0.79 -3.04 11.84
CA LEU A 8 1.15 -4.18 10.96
C LEU A 8 2.67 -4.29 10.78
N TYR A 9 3.41 -3.25 11.08
CA TYR A 9 4.90 -3.35 10.90
C TYR A 9 5.65 -2.97 12.18
N ARG A 10 6.89 -3.39 12.27
CA ARG A 10 7.71 -3.06 13.47
C ARG A 10 9.14 -2.73 13.02
N VAL A 11 9.74 -1.76 13.65
CA VAL A 11 11.13 -1.38 13.31
C VAL A 11 11.93 -1.28 14.60
N GLU A 12 13.14 -1.77 14.60
CA GLU A 12 13.94 -1.70 15.86
C GLU A 12 15.37 -2.15 15.62
N TYR A 13 16.23 -1.93 16.57
CA TYR A 13 17.63 -2.39 16.42
C TYR A 13 17.64 -3.87 16.81
N ALA A 14 18.17 -4.70 15.94
CA ALA A 14 18.17 -6.19 16.20
C ALA A 14 18.48 -6.58 17.65
N LYS A 15 17.55 -7.22 18.30
CA LYS A 15 17.77 -7.67 19.72
C LYS A 15 18.82 -8.79 19.73
N SER A 16 19.00 -9.44 18.60
CA SER A 16 20.01 -10.53 18.50
C SER A 16 20.52 -10.60 17.05
N GLY A 17 21.45 -11.48 16.77
CA GLY A 17 21.99 -11.58 15.38
C GLY A 17 21.58 -12.93 14.79
N ARG A 18 20.57 -13.56 15.35
CA ARG A 18 20.14 -14.90 14.86
C ARG A 18 18.98 -14.81 13.85
N ALA A 19 18.30 -13.70 13.79
CA ALA A 19 17.17 -13.57 12.80
C ALA A 19 17.69 -13.61 11.36
N SER A 20 16.97 -14.26 10.48
CA SER A 20 17.40 -14.36 9.06
C SER A 20 16.47 -13.52 8.20
N CYS A 21 17.01 -12.75 7.32
CA CYS A 21 16.17 -11.90 6.42
C CYS A 21 15.26 -12.76 5.55
N LYS A 22 13.98 -12.48 5.55
CA LYS A 22 13.03 -13.28 4.72
C LYS A 22 13.18 -13.00 3.21
N LYS A 23 14.03 -12.07 2.84
CA LYS A 23 14.23 -11.75 1.38
C LYS A 23 15.54 -12.36 0.86
N CYS A 24 16.67 -11.99 1.43
CA CYS A 24 17.97 -12.53 0.94
C CYS A 24 18.50 -13.72 1.79
N SER A 25 17.82 -14.07 2.87
CA SER A 25 18.23 -15.24 3.74
C SER A 25 19.49 -14.97 4.61
N GLU A 26 20.20 -13.90 4.41
CA GLU A 26 21.41 -13.64 5.25
C GLU A 26 20.98 -13.25 6.66
N SER A 27 21.83 -13.47 7.64
CA SER A 27 21.46 -13.14 9.05
C SER A 27 21.42 -11.64 9.27
N ILE A 28 20.57 -11.21 10.16
CA ILE A 28 20.49 -9.75 10.49
C ILE A 28 21.36 -9.52 11.73
N PRO A 29 22.41 -8.72 11.58
CA PRO A 29 23.34 -8.52 12.72
C PRO A 29 22.71 -7.78 13.90
N LYS A 30 23.06 -8.20 15.10
CA LYS A 30 22.50 -7.57 16.34
C LYS A 30 22.71 -6.05 16.34
N ASP A 31 21.75 -5.31 16.85
CA ASP A 31 21.84 -3.80 16.91
C ASP A 31 21.63 -3.14 15.54
N SER A 32 21.59 -3.89 14.47
CA SER A 32 21.37 -3.27 13.13
C SER A 32 19.91 -2.90 12.98
N LEU A 33 19.61 -1.94 12.13
CA LEU A 33 18.20 -1.53 11.94
C LEU A 33 17.48 -2.56 11.07
N ARG A 34 16.44 -3.17 11.59
CA ARG A 34 15.69 -4.18 10.80
C ARG A 34 14.19 -3.86 10.84
N MET A 35 13.47 -4.33 9.87
CA MET A 35 12.00 -4.06 9.84
C MET A 35 11.24 -5.37 9.62
N ALA A 36 10.02 -5.45 10.09
CA ALA A 36 9.27 -6.72 9.91
C ALA A 36 7.78 -6.45 9.69
N ILE A 37 7.14 -7.35 8.98
CA ILE A 37 5.67 -7.23 8.79
C ILE A 37 4.98 -8.14 9.83
N MET A 38 4.28 -7.55 10.76
CA MET A 38 3.60 -8.36 11.82
C MET A 38 2.69 -9.43 11.22
N VAL A 39 2.49 -10.50 11.94
CA VAL A 39 1.62 -11.60 11.44
C VAL A 39 1.02 -12.36 12.63
N GLN A 40 -0.29 -12.47 12.68
CA GLN A 40 -0.93 -13.21 13.81
C GLN A 40 -0.72 -14.72 13.66
N SER A 41 -0.32 -15.39 14.71
CA SER A 41 -0.10 -16.86 14.62
C SER A 41 -1.35 -17.62 15.10
N PRO A 42 -1.76 -18.60 14.33
CA PRO A 42 -2.94 -19.40 14.69
C PRO A 42 -2.58 -20.51 15.69
N MET A 43 -1.32 -20.65 16.02
CA MET A 43 -0.91 -21.72 16.98
C MET A 43 -0.82 -21.17 18.41
N PHE A 44 -0.81 -19.87 18.56
CA PHE A 44 -0.72 -19.29 19.93
C PHE A 44 -1.01 -17.78 19.88
N ASP A 45 -1.55 -17.25 20.95
CA ASP A 45 -1.84 -15.78 20.97
C ASP A 45 -0.52 -14.99 20.89
N GLY A 46 -0.40 -14.14 19.90
CA GLY A 46 0.85 -13.36 19.75
C GLY A 46 1.14 -13.17 18.27
N LYS A 47 1.89 -12.16 17.91
CA LYS A 47 2.20 -11.93 16.47
C LYS A 47 3.64 -12.35 16.14
N VAL A 48 3.83 -13.02 15.03
CA VAL A 48 5.21 -13.43 14.63
C VAL A 48 5.74 -12.42 13.61
N PRO A 49 6.94 -11.93 13.85
CA PRO A 49 7.52 -10.93 12.94
C PRO A 49 8.34 -11.57 11.82
N HIS A 50 8.09 -11.18 10.61
CA HIS A 50 8.93 -11.68 9.49
C HIS A 50 9.99 -10.59 9.29
N TRP A 51 11.19 -10.79 9.80
CA TRP A 51 12.22 -9.73 9.74
C TRP A 51 12.97 -9.66 8.41
N TYR A 52 13.47 -8.49 8.13
CA TYR A 52 14.24 -8.23 6.88
C TYR A 52 15.28 -7.15 7.17
N HIS A 53 16.40 -7.15 6.47
CA HIS A 53 17.37 -6.04 6.67
C HIS A 53 16.65 -4.78 6.20
N PHE A 54 17.01 -3.63 6.69
CA PHE A 54 16.27 -2.38 6.28
C PHE A 54 16.02 -2.29 4.76
N SER A 55 17.05 -2.46 3.96
CA SER A 55 16.88 -2.37 2.47
C SER A 55 16.02 -3.51 1.90
N CYS A 56 16.27 -4.74 2.31
CA CYS A 56 15.48 -5.89 1.76
C CYS A 56 13.96 -5.71 1.99
N PHE A 57 13.57 -5.14 3.10
CA PHE A 57 12.12 -4.95 3.40
C PHE A 57 11.36 -4.26 2.24
N TRP A 58 11.99 -3.31 1.56
CA TRP A 58 11.28 -2.57 0.49
C TRP A 58 11.38 -3.30 -0.86
N LYS A 59 12.31 -4.20 -1.00
CA LYS A 59 12.46 -4.91 -2.32
C LYS A 59 11.50 -6.10 -2.45
N VAL A 60 10.66 -6.33 -1.46
CA VAL A 60 9.70 -7.48 -1.54
C VAL A 60 8.31 -7.00 -1.94
N GLY A 61 8.00 -5.74 -1.73
CA GLY A 61 6.65 -5.23 -2.08
C GLY A 61 6.03 -4.52 -0.87
N HIS A 62 6.64 -4.63 0.29
CA HIS A 62 6.07 -3.95 1.49
C HIS A 62 6.04 -2.43 1.25
N SER A 63 4.98 -1.77 1.64
CA SER A 63 4.92 -0.30 1.40
C SER A 63 4.36 0.44 2.63
N ILE A 64 4.86 1.61 2.89
CA ILE A 64 4.38 2.41 4.06
C ILE A 64 4.34 3.89 3.69
N ARG A 65 3.20 4.51 3.78
CA ARG A 65 3.09 5.96 3.44
C ARG A 65 3.42 6.81 4.67
N HIS A 66 2.91 6.42 5.80
CA HIS A 66 3.18 7.17 7.07
C HIS A 66 3.80 6.23 8.14
N PRO A 67 5.11 6.22 8.19
CA PRO A 67 5.82 5.34 9.16
C PRO A 67 5.45 5.65 10.63
N ASP A 68 5.46 6.91 11.03
CA ASP A 68 5.10 7.27 12.44
C ASP A 68 3.81 6.57 12.95
N VAL A 69 2.83 6.40 12.11
CA VAL A 69 1.54 5.77 12.58
C VAL A 69 1.40 4.30 12.16
N GLU A 70 2.07 3.86 11.11
CA GLU A 70 1.90 2.44 10.65
C GLU A 70 3.02 1.51 11.16
N VAL A 71 4.11 2.04 11.63
CA VAL A 71 5.22 1.14 12.10
C VAL A 71 5.49 1.29 13.61
N ASP A 72 5.25 0.23 14.36
CA ASP A 72 5.49 0.27 15.81
C ASP A 72 6.99 0.39 16.10
N GLY A 73 7.38 1.16 17.10
CA GLY A 73 8.84 1.31 17.42
C GLY A 73 9.48 2.45 16.62
N PHE A 74 8.77 3.02 15.69
CA PHE A 74 9.36 4.13 14.87
C PHE A 74 9.82 5.30 15.74
N SER A 75 8.97 5.76 16.62
CA SER A 75 9.34 6.92 17.50
C SER A 75 10.55 6.62 18.41
N GLU A 76 10.87 5.36 18.68
CA GLU A 76 12.04 5.08 19.55
C GLU A 76 13.35 4.93 18.76
N LEU A 77 13.30 5.03 17.45
CA LEU A 77 14.55 4.93 16.64
C LEU A 77 15.37 6.21 16.78
N ARG A 78 16.64 6.15 16.52
CA ARG A 78 17.47 7.39 16.60
C ARG A 78 16.97 8.35 15.52
N TRP A 79 17.13 9.63 15.73
CA TRP A 79 16.63 10.64 14.74
C TRP A 79 17.00 10.31 13.29
N ASP A 80 18.27 10.13 13.01
CA ASP A 80 18.69 9.82 11.59
C ASP A 80 17.95 8.59 11.05
N ASP A 81 17.78 7.56 11.84
CA ASP A 81 17.06 6.35 11.34
C ASP A 81 15.58 6.68 11.12
N GLN A 82 15.05 7.60 11.89
CA GLN A 82 13.63 8.00 11.70
C GLN A 82 13.49 8.73 10.37
N GLN A 83 14.50 9.50 10.01
CA GLN A 83 14.46 10.24 8.72
C GLN A 83 14.69 9.25 7.58
N LYS A 84 15.62 8.35 7.76
CA LYS A 84 15.90 7.34 6.69
C LYS A 84 14.63 6.53 6.38
N VAL A 85 13.95 6.07 7.41
CA VAL A 85 12.69 5.31 7.17
C VAL A 85 11.64 6.23 6.55
N LYS A 86 11.56 7.45 7.02
CA LYS A 86 10.56 8.40 6.48
C LYS A 86 10.82 8.67 4.99
N LYS A 87 12.06 8.90 4.63
CA LYS A 87 12.37 9.19 3.21
C LYS A 87 12.24 7.92 2.36
N THR A 88 12.75 6.81 2.84
CA THR A 88 12.64 5.54 2.07
C THR A 88 11.16 5.21 1.84
N ALA A 89 10.33 5.49 2.82
CA ALA A 89 8.88 5.21 2.67
C ALA A 89 8.31 6.07 1.54
N GLU A 90 8.67 7.33 1.52
CA GLU A 90 8.16 8.24 0.44
C GLU A 90 8.65 7.77 -0.93
N ALA A 91 9.93 7.54 -1.06
CA ALA A 91 10.48 7.07 -2.36
C ALA A 91 9.78 5.79 -2.81
N GLY A 92 9.21 5.79 -3.99
CA GLY A 92 8.51 4.56 -4.49
C GLY A 92 9.51 3.40 -4.57
N GLY A 93 9.62 2.64 -3.51
CA GLY A 93 10.57 1.49 -3.53
C GLY A 93 11.99 2.01 -3.46
N VAL A 94 12.94 1.16 -3.12
CA VAL A 94 14.36 1.61 -3.03
C VAL A 94 14.82 2.15 -4.39
N THR A 95 15.33 3.35 -4.41
CA THR A 95 15.80 3.94 -5.71
C THR A 95 16.86 3.05 -6.34
N GLY A 96 17.40 3.44 -7.47
CA GLY A 96 18.43 2.61 -8.14
C GLY A 96 18.95 3.35 -9.38
N LYS A 97 18.63 2.87 -10.55
CA LYS A 97 19.10 3.54 -11.80
C LYS A 97 18.04 4.54 -12.28
N GLY A 98 17.56 5.38 -11.40
CA GLY A 98 16.52 6.38 -11.81
C GLY A 98 17.19 7.75 -11.99
N GLN A 99 16.40 8.79 -12.04
CA GLN A 99 16.97 10.16 -12.22
C GLN A 99 17.91 10.19 -13.44
N ASP A 100 17.47 9.65 -14.54
CA ASP A 100 18.33 9.65 -15.77
C ASP A 100 17.56 10.25 -16.95
N GLY A 101 18.19 11.11 -17.70
CA GLY A 101 17.50 11.74 -18.86
C GLY A 101 16.31 12.57 -18.38
N ILE A 102 16.40 13.11 -17.19
CA ILE A 102 15.28 13.95 -16.65
C ILE A 102 13.95 13.20 -16.76
N GLY A 103 13.75 12.20 -15.94
CA GLY A 103 12.48 11.42 -16.00
C GLY A 103 11.87 11.35 -14.60
N SER A 104 10.74 10.69 -14.48
CA SER A 104 10.09 10.57 -13.14
C SER A 104 9.90 9.10 -12.78
N LYS A 105 9.01 8.82 -11.85
CA LYS A 105 8.77 7.40 -11.45
C LYS A 105 7.52 7.29 -10.59
N ALA A 106 7.33 8.22 -9.68
CA ALA A 106 6.12 8.17 -8.80
C ALA A 106 5.72 9.59 -8.39
N GLU A 107 4.45 9.83 -8.22
CA GLU A 107 3.98 11.18 -7.80
C GLU A 107 2.50 11.12 -7.39
N LYS A 108 2.22 11.29 -6.13
CA LYS A 108 0.79 11.25 -5.67
C LYS A 108 0.14 9.93 -6.11
N THR A 109 0.22 8.91 -5.30
CA THR A 109 -0.39 7.61 -5.68
C THR A 109 -0.80 6.82 -4.42
N LEU A 110 -2.03 6.41 -4.34
CA LEU A 110 -2.49 5.64 -3.15
C LEU A 110 -1.77 4.29 -3.10
N GLY A 111 -1.51 3.80 -1.91
CA GLY A 111 -0.82 2.49 -1.79
C GLY A 111 -1.82 1.37 -1.47
N ASP A 112 -3.06 1.72 -1.23
CA ASP A 112 -4.07 0.67 -0.91
C ASP A 112 -5.17 0.61 -1.98
N PHE A 113 -5.04 1.36 -3.04
CA PHE A 113 -6.07 1.33 -4.12
C PHE A 113 -5.40 1.10 -5.47
N ALA A 114 -5.91 0.21 -6.28
CA ALA A 114 -5.25 -0.05 -7.60
C ALA A 114 -6.24 -0.26 -8.73
N ALA A 115 -5.77 -0.05 -9.94
CA ALA A 115 -6.62 -0.24 -11.15
C ALA A 115 -5.79 -0.96 -12.20
N GLU A 116 -6.33 -1.99 -12.81
CA GLU A 116 -5.56 -2.73 -13.84
C GLU A 116 -6.50 -3.58 -14.69
N TYR A 117 -6.03 -4.07 -15.81
CA TYR A 117 -6.89 -4.95 -16.64
C TYR A 117 -6.84 -6.35 -16.02
N ALA A 118 -7.96 -7.01 -15.90
CA ALA A 118 -7.97 -8.37 -15.28
C ALA A 118 -6.90 -9.29 -15.89
N LYS A 119 -5.90 -9.66 -15.11
CA LYS A 119 -4.85 -10.57 -15.62
C LYS A 119 -5.44 -11.94 -15.97
N SER A 120 -6.60 -12.25 -15.45
CA SER A 120 -7.25 -13.56 -15.75
C SER A 120 -8.77 -13.44 -15.62
N ASN A 121 -9.47 -14.54 -15.62
CA ASN A 121 -10.96 -14.47 -15.52
C ASN A 121 -11.47 -15.24 -14.29
N ARG A 122 -10.61 -15.58 -13.36
CA ARG A 122 -11.07 -16.31 -12.15
C ARG A 122 -11.23 -15.36 -10.96
N SER A 123 -11.00 -14.07 -11.15
CA SER A 123 -11.19 -13.11 -10.02
C SER A 123 -12.69 -12.86 -9.85
N THR A 124 -13.10 -12.18 -8.82
CA THR A 124 -14.57 -11.96 -8.64
C THR A 124 -14.82 -10.59 -8.00
N CYS A 125 -15.71 -9.81 -8.60
CA CYS A 125 -16.05 -8.50 -8.01
C CYS A 125 -16.67 -8.73 -6.61
N LYS A 126 -16.07 -8.16 -5.59
CA LYS A 126 -16.61 -8.34 -4.21
C LYS A 126 -17.80 -7.41 -3.90
N GLY A 127 -18.46 -6.90 -4.92
CA GLY A 127 -19.63 -6.00 -4.70
C GLY A 127 -20.88 -6.72 -5.20
N CYS A 128 -20.78 -7.35 -6.35
CA CYS A 128 -21.94 -8.12 -6.88
C CYS A 128 -21.60 -9.64 -6.96
N MET A 129 -20.41 -10.03 -6.52
CA MET A 129 -19.99 -11.47 -6.58
C MET A 129 -20.00 -12.06 -7.99
N GLU A 130 -20.08 -11.25 -9.01
CA GLU A 130 -20.06 -11.78 -10.40
C GLU A 130 -18.60 -11.86 -10.86
N LYS A 131 -18.26 -12.86 -11.64
CA LYS A 131 -16.83 -13.00 -12.07
C LYS A 131 -16.41 -11.86 -12.99
N ILE A 132 -15.16 -11.44 -12.89
CA ILE A 132 -14.65 -10.39 -13.79
C ILE A 132 -13.96 -11.08 -14.98
N GLU A 133 -14.26 -10.68 -16.18
CA GLU A 133 -13.63 -11.35 -17.36
C GLU A 133 -12.20 -10.85 -17.59
N LYS A 134 -11.32 -11.74 -18.00
CA LYS A 134 -9.91 -11.33 -18.30
C LYS A 134 -9.88 -10.15 -19.29
N GLY A 135 -9.06 -9.15 -19.03
CA GLY A 135 -8.98 -7.98 -19.95
C GLY A 135 -9.87 -6.85 -19.43
N GLN A 136 -10.95 -7.18 -18.74
CA GLN A 136 -11.87 -6.12 -18.22
C GLN A 136 -11.17 -5.26 -17.17
N VAL A 137 -11.42 -3.97 -17.19
CA VAL A 137 -10.81 -3.08 -16.18
C VAL A 137 -11.41 -3.37 -14.81
N ARG A 138 -10.59 -3.47 -13.81
CA ARG A 138 -11.11 -3.75 -12.44
C ARG A 138 -10.40 -2.87 -11.42
N LEU A 139 -11.05 -2.57 -10.34
CA LEU A 139 -10.41 -1.71 -9.28
C LEU A 139 -10.31 -2.51 -7.99
N SER A 140 -9.48 -2.10 -7.07
CA SER A 140 -9.37 -2.89 -5.82
C SER A 140 -8.95 -2.07 -4.60
N LYS A 141 -9.45 -2.47 -3.46
CA LYS A 141 -9.08 -1.80 -2.19
C LYS A 141 -8.20 -2.77 -1.39
N LYS A 142 -6.92 -2.55 -1.39
CA LYS A 142 -5.99 -3.48 -0.67
C LYS A 142 -6.38 -3.61 0.81
N MET A 143 -6.31 -4.80 1.34
CA MET A 143 -6.66 -5.02 2.77
C MET A 143 -5.95 -6.30 3.27
N VAL A 144 -5.53 -6.32 4.50
CA VAL A 144 -4.83 -7.53 5.01
C VAL A 144 -5.81 -8.44 5.76
N ASP A 145 -5.62 -9.72 5.67
CA ASP A 145 -6.51 -10.67 6.39
C ASP A 145 -5.78 -11.24 7.61
N PRO A 146 -6.41 -11.18 8.75
CA PRO A 146 -5.78 -11.68 10.00
C PRO A 146 -5.62 -13.20 9.94
N GLU A 147 -6.33 -13.85 9.05
CA GLU A 147 -6.21 -15.33 8.94
C GLU A 147 -5.00 -15.69 8.06
N LYS A 148 -4.62 -14.81 7.16
CA LYS A 148 -3.45 -15.10 6.29
C LYS A 148 -2.48 -13.91 6.32
N PRO A 149 -1.88 -13.70 7.46
CA PRO A 149 -0.93 -12.58 7.65
C PRO A 149 0.33 -12.72 6.78
N GLN A 150 0.65 -13.91 6.35
CA GLN A 150 1.88 -14.08 5.50
C GLN A 150 1.67 -13.42 4.13
N LEU A 151 0.44 -13.21 3.73
CA LEU A 151 0.17 -12.57 2.42
C LEU A 151 0.34 -11.05 2.50
N GLY A 152 -0.22 -10.44 3.52
CA GLY A 152 -0.10 -8.96 3.67
C GLY A 152 -1.23 -8.27 2.91
N MET A 153 -0.95 -7.11 2.38
CA MET A 153 -2.00 -6.35 1.62
C MET A 153 -2.49 -7.15 0.42
N ILE A 154 -3.71 -7.64 0.47
CA ILE A 154 -4.24 -8.42 -0.68
C ILE A 154 -5.30 -7.57 -1.42
N ASP A 155 -5.36 -7.67 -2.73
CA ASP A 155 -6.36 -6.86 -3.47
C ASP A 155 -7.78 -7.43 -3.38
N ARG A 156 -8.72 -6.57 -3.08
CA ARG A 156 -10.15 -6.96 -3.07
C ARG A 156 -10.69 -6.34 -4.36
N TRP A 157 -10.93 -7.14 -5.37
CA TRP A 157 -11.34 -6.56 -6.69
C TRP A 157 -12.83 -6.23 -6.81
N TYR A 158 -13.11 -5.35 -7.74
CA TYR A 158 -14.50 -4.91 -8.00
C TYR A 158 -14.61 -4.36 -9.42
N HIS A 159 -15.80 -4.31 -9.96
CA HIS A 159 -15.97 -3.65 -11.28
C HIS A 159 -15.88 -2.16 -10.97
N PRO A 160 -15.41 -1.35 -11.89
CA PRO A 160 -15.31 0.11 -11.60
C PRO A 160 -16.67 0.67 -11.13
N GLY A 161 -17.75 0.29 -11.76
CA GLY A 161 -19.08 0.79 -11.32
C GLY A 161 -19.37 0.28 -9.90
N CYS A 162 -19.24 -1.00 -9.68
CA CYS A 162 -19.49 -1.56 -8.31
C CYS A 162 -18.59 -0.87 -7.27
N PHE A 163 -17.33 -0.63 -7.63
CA PHE A 163 -16.39 0.05 -6.68
C PHE A 163 -16.91 1.45 -6.33
N VAL A 164 -17.35 2.19 -7.33
CA VAL A 164 -17.84 3.56 -7.07
C VAL A 164 -19.07 3.52 -6.16
N LYS A 165 -19.94 2.55 -6.34
CA LYS A 165 -21.16 2.47 -5.47
C LYS A 165 -20.78 2.35 -3.98
N ASN A 166 -19.70 1.66 -3.71
CA ASN A 166 -19.25 1.48 -2.28
C ASN A 166 -18.02 2.34 -1.97
N ARG A 167 -17.84 3.46 -2.66
CA ARG A 167 -16.63 4.31 -2.40
C ARG A 167 -16.50 4.68 -0.92
N GLU A 168 -17.58 4.94 -0.27
CA GLU A 168 -17.51 5.34 1.18
C GLU A 168 -16.99 4.20 2.06
N GLU A 169 -17.66 3.07 2.01
CA GLU A 169 -17.23 1.92 2.87
C GLU A 169 -15.84 1.42 2.48
N LEU A 170 -15.45 1.60 1.24
CA LEU A 170 -14.11 1.14 0.81
C LEU A 170 -13.02 2.16 1.20
N GLY A 171 -13.39 3.25 1.85
CA GLY A 171 -12.37 4.25 2.30
C GLY A 171 -11.85 5.07 1.12
N PHE A 172 -12.60 5.18 0.05
CA PHE A 172 -12.12 6.01 -1.10
C PHE A 172 -12.68 7.43 -0.95
N ARG A 173 -12.04 8.21 -0.12
CA ARG A 173 -12.51 9.62 0.15
C ARG A 173 -12.86 10.38 -1.15
N PRO A 174 -13.67 11.41 -1.00
CA PRO A 174 -14.11 12.20 -2.19
C PRO A 174 -12.97 13.10 -2.72
N GLU A 175 -11.92 13.30 -1.96
CA GLU A 175 -10.79 14.15 -2.47
C GLU A 175 -9.90 13.33 -3.41
N TYR A 176 -10.02 12.03 -3.37
CA TYR A 176 -9.18 11.17 -4.25
C TYR A 176 -9.74 11.16 -5.69
N SER A 177 -8.86 11.09 -6.65
CA SER A 177 -9.28 11.06 -8.08
C SER A 177 -8.76 9.78 -8.73
N ALA A 178 -9.29 9.43 -9.87
CA ALA A 178 -8.85 8.18 -10.55
C ALA A 178 -7.33 8.16 -10.79
N SER A 179 -6.75 9.31 -11.02
CA SER A 179 -5.27 9.38 -11.29
C SER A 179 -4.43 8.90 -10.09
N GLN A 180 -5.01 8.76 -8.94
CA GLN A 180 -4.23 8.31 -7.74
C GLN A 180 -4.22 6.78 -7.58
N LEU A 181 -4.98 6.07 -8.37
CA LEU A 181 -5.01 4.58 -8.24
C LEU A 181 -3.68 3.96 -8.67
N LYS A 182 -3.18 3.03 -7.89
CA LYS A 182 -1.88 2.37 -8.26
C LYS A 182 -2.07 1.58 -9.57
N GLY A 183 -1.33 1.93 -10.60
CA GLY A 183 -1.46 1.21 -11.91
C GLY A 183 -2.22 2.07 -12.94
N PHE A 184 -2.78 3.18 -12.52
CA PHE A 184 -3.54 4.06 -13.47
C PHE A 184 -2.74 4.38 -14.73
N SER A 185 -1.55 4.86 -14.56
CA SER A 185 -0.68 5.25 -15.71
C SER A 185 -0.57 4.15 -16.80
N LEU A 186 -0.75 2.90 -16.45
CA LEU A 186 -0.61 1.81 -17.49
C LEU A 186 -1.91 1.54 -18.27
N LEU A 187 -2.93 2.33 -18.06
CA LEU A 187 -4.21 2.11 -18.79
C LEU A 187 -4.27 2.94 -20.07
N ALA A 188 -4.94 2.43 -21.07
CA ALA A 188 -5.07 3.19 -22.35
C ALA A 188 -5.80 4.51 -22.08
N THR A 189 -5.50 5.54 -22.84
CA THR A 189 -6.17 6.87 -22.61
C THR A 189 -7.69 6.73 -22.44
N GLU A 190 -8.33 5.98 -23.29
CA GLU A 190 -9.82 5.78 -23.19
C GLU A 190 -10.21 5.24 -21.80
N ASP A 191 -9.53 4.23 -21.34
CA ASP A 191 -9.84 3.66 -20.00
C ASP A 191 -9.57 4.69 -18.90
N LYS A 192 -8.51 5.47 -19.03
CA LYS A 192 -8.20 6.48 -17.99
C LYS A 192 -9.29 7.56 -17.93
N GLU A 193 -9.80 7.96 -19.06
CA GLU A 193 -10.86 9.01 -19.08
C GLU A 193 -12.13 8.48 -18.39
N ALA A 194 -12.52 7.27 -18.70
CA ALA A 194 -13.75 6.69 -18.08
C ALA A 194 -13.63 6.72 -16.54
N LEU A 195 -12.47 6.41 -16.03
CA LEU A 195 -12.28 6.40 -14.55
C LEU A 195 -12.33 7.84 -14.01
N LYS A 196 -11.52 8.73 -14.55
CA LYS A 196 -11.54 10.15 -14.08
C LYS A 196 -12.98 10.69 -14.10
N LYS A 197 -13.78 10.17 -14.99
CA LYS A 197 -15.20 10.63 -15.11
C LYS A 197 -16.00 10.22 -13.86
N GLN A 198 -15.84 9.00 -13.40
CA GLN A 198 -16.62 8.53 -12.20
C GLN A 198 -15.91 8.92 -10.90
N LEU A 199 -14.61 9.03 -10.92
CA LEU A 199 -13.88 9.45 -9.69
C LEU A 199 -13.11 10.74 -10.01
N PRO A 200 -13.84 11.84 -10.02
CA PRO A 200 -13.22 13.15 -10.36
C PRO A 200 -12.31 13.66 -9.25
N GLY A 201 -12.71 13.53 -8.02
CA GLY A 201 -11.87 14.03 -6.90
C GLY A 201 -12.02 15.54 -6.78
N VAL A 202 -10.94 16.23 -6.51
CA VAL A 202 -11.01 17.71 -6.37
C VAL A 202 -9.80 18.36 -7.03
N LYS A 203 -9.97 18.89 -8.22
CA LYS A 203 -8.82 19.54 -8.92
C LYS A 203 -9.33 20.44 -10.06
N SER A 204 -8.44 21.09 -10.75
CA SER A 204 -8.87 21.98 -11.87
C SER A 204 -9.56 21.15 -12.97
N GLU A 205 -10.84 21.31 -13.13
CA GLU A 205 -11.57 20.54 -14.18
C GLU A 205 -12.54 21.45 -14.94
N GLY A 206 -12.03 22.26 -15.83
CA GLY A 206 -12.91 23.17 -16.61
C GLY A 206 -13.87 22.35 -17.46
N LYS A 207 -15.15 22.57 -17.30
CA LYS A 207 -16.15 21.81 -18.10
C LYS A 207 -16.47 22.55 -19.40
N ARG A 208 -16.78 23.81 -19.30
CA ARG A 208 -17.11 24.59 -20.53
C ARG A 208 -15.98 25.59 -20.84
N LYS A 209 -14.81 25.39 -20.28
CA LYS A 209 -13.67 26.31 -20.54
C LYS A 209 -14.09 27.76 -20.31
N GLY A 210 -13.25 28.69 -20.70
CA GLY A 210 -13.58 30.13 -20.51
C GLY A 210 -13.71 30.44 -19.02
N ASP A 211 -12.73 31.10 -18.45
CA ASP A 211 -12.79 31.42 -17.00
C ASP A 211 -13.94 32.40 -16.73
N GLU A 212 -14.18 32.72 -15.48
CA GLU A 212 -15.29 33.67 -15.15
C GLU A 212 -14.99 35.05 -15.73
N VAL A 213 -15.75 36.04 -15.33
CA VAL A 213 -15.50 37.42 -15.84
C VAL A 213 -14.12 37.92 -15.41
N ASP A 214 -13.65 38.98 -16.01
CA ASP A 214 -12.31 39.51 -15.63
C ASP A 214 -12.31 39.96 -14.16
ZN ZN C . 18.32 -9.15 3.64
ZN ZN D . -19.44 -6.06 -9.81
N MET A 1 -8.79 -6.20 24.45
CA MET A 1 -8.92 -5.24 25.58
C MET A 1 -7.68 -4.34 25.67
N ALA A 2 -6.55 -4.90 25.99
CA ALA A 2 -5.30 -4.08 26.08
C ALA A 2 -4.69 -3.88 24.69
N GLU A 3 -5.25 -3.00 23.90
CA GLU A 3 -4.72 -2.77 22.53
C GLU A 3 -3.39 -2.02 22.61
N SER A 4 -2.39 -2.47 21.89
CA SER A 4 -1.07 -1.77 21.93
C SER A 4 -0.19 -2.26 20.78
N SER A 5 -0.17 -3.54 20.54
CA SER A 5 0.67 -4.08 19.43
C SER A 5 -0.21 -4.46 18.23
N ASP A 6 -1.18 -3.65 17.92
CA ASP A 6 -2.07 -3.97 16.76
C ASP A 6 -1.46 -3.48 15.44
N LYS A 7 -0.38 -2.73 15.52
CA LYS A 7 0.27 -2.23 14.27
C LYS A 7 0.66 -3.41 13.38
N LEU A 8 0.71 -3.21 12.09
CA LEU A 8 1.07 -4.33 11.18
C LEU A 8 2.59 -4.44 11.01
N TYR A 9 3.33 -3.40 11.32
CA TYR A 9 4.82 -3.49 11.15
C TYR A 9 5.57 -3.10 12.42
N ARG A 10 6.82 -3.51 12.50
CA ARG A 10 7.64 -3.18 13.69
C ARG A 10 9.07 -2.83 13.23
N VAL A 11 9.65 -1.85 13.86
CA VAL A 11 11.05 -1.46 13.52
C VAL A 11 11.85 -1.34 14.80
N GLU A 12 13.06 -1.82 14.81
CA GLU A 12 13.87 -1.74 16.05
C GLU A 12 15.30 -2.18 15.80
N TYR A 13 16.17 -1.95 16.75
CA TYR A 13 17.57 -2.40 16.60
C TYR A 13 17.60 -3.87 16.99
N ALA A 14 18.13 -4.70 16.13
CA ALA A 14 18.14 -6.19 16.38
C ALA A 14 18.47 -6.57 17.82
N LYS A 15 17.55 -7.23 18.48
CA LYS A 15 17.79 -7.67 19.89
C LYS A 15 18.84 -8.79 19.90
N SER A 16 19.03 -9.42 18.78
CA SER A 16 20.04 -10.50 18.67
C SER A 16 20.55 -10.58 17.22
N GLY A 17 21.48 -11.44 16.93
CA GLY A 17 22.01 -11.53 15.54
C GLY A 17 21.63 -12.89 14.96
N ARG A 18 20.62 -13.54 15.53
CA ARG A 18 20.20 -14.88 15.04
C ARG A 18 19.03 -14.80 14.04
N ALA A 19 18.34 -13.69 13.98
CA ALA A 19 17.20 -13.59 12.99
C ALA A 19 17.72 -13.62 11.54
N SER A 20 17.01 -14.28 10.67
CA SER A 20 17.42 -14.37 9.25
C SER A 20 16.47 -13.54 8.39
N CYS A 21 17.01 -12.78 7.50
CA CYS A 21 16.17 -11.93 6.62
C CYS A 21 15.25 -12.80 5.74
N LYS A 22 13.97 -12.52 5.74
CA LYS A 22 13.02 -13.35 4.93
C LYS A 22 13.17 -13.07 3.42
N LYS A 23 13.99 -12.11 3.04
CA LYS A 23 14.18 -11.80 1.59
C LYS A 23 15.49 -12.40 1.06
N CYS A 24 16.63 -12.02 1.63
CA CYS A 24 17.93 -12.55 1.12
C CYS A 24 18.47 -13.73 1.98
N SER A 25 17.81 -14.08 3.05
CA SER A 25 18.24 -15.25 3.92
C SER A 25 19.49 -14.97 4.78
N GLU A 26 20.20 -13.88 4.57
CA GLU A 26 21.41 -13.61 5.42
C GLU A 26 20.97 -13.23 6.84
N SER A 27 21.83 -13.44 7.80
CA SER A 27 21.47 -13.12 9.21
C SER A 27 21.42 -11.61 9.43
N ILE A 28 20.56 -11.18 10.33
CA ILE A 28 20.47 -9.74 10.65
C ILE A 28 21.34 -9.48 11.90
N PRO A 29 22.39 -8.68 11.74
CA PRO A 29 23.34 -8.46 12.87
C PRO A 29 22.69 -7.74 14.06
N LYS A 30 23.05 -8.15 15.25
CA LYS A 30 22.49 -7.52 16.50
C LYS A 30 22.69 -6.01 16.48
N ASP A 31 21.72 -5.27 17.00
CA ASP A 31 21.80 -3.76 17.07
C ASP A 31 21.57 -3.10 15.70
N SER A 32 21.54 -3.87 14.62
CA SER A 32 21.30 -3.25 13.28
C SER A 32 19.84 -2.89 13.14
N LEU A 33 19.53 -1.93 12.31
CA LEU A 33 18.10 -1.54 12.12
C LEU A 33 17.40 -2.57 11.24
N ARG A 34 16.36 -3.20 11.77
CA ARG A 34 15.62 -4.21 10.98
C ARG A 34 14.12 -3.91 11.04
N MET A 35 13.38 -4.38 10.07
CA MET A 35 11.92 -4.12 10.05
C MET A 35 11.17 -5.44 9.83
N ALA A 36 9.95 -5.54 10.30
CA ALA A 36 9.22 -6.81 10.14
C ALA A 36 7.73 -6.57 9.92
N ILE A 37 7.09 -7.46 9.21
CA ILE A 37 5.62 -7.35 9.01
C ILE A 37 4.97 -8.31 10.03
N MET A 38 4.24 -7.76 10.97
CA MET A 38 3.63 -8.62 12.03
C MET A 38 2.56 -9.57 11.48
N VAL A 39 2.49 -10.75 12.04
CA VAL A 39 1.47 -11.75 11.59
C VAL A 39 0.92 -12.50 12.80
N GLN A 40 -0.36 -12.71 12.86
CA GLN A 40 -0.96 -13.44 14.02
C GLN A 40 -0.74 -14.94 13.87
N SER A 41 -0.31 -15.59 14.92
CA SER A 41 -0.08 -17.07 14.84
C SER A 41 -1.31 -17.84 15.31
N PRO A 42 -1.72 -18.82 14.54
CA PRO A 42 -2.89 -19.64 14.90
C PRO A 42 -2.52 -20.75 15.90
N MET A 43 -1.27 -20.87 16.23
CA MET A 43 -0.84 -21.94 17.18
C MET A 43 -0.75 -21.39 18.61
N PHE A 44 -0.75 -20.10 18.76
CA PHE A 44 -0.65 -19.51 20.14
C PHE A 44 -0.96 -18.00 20.09
N ASP A 45 -1.49 -17.48 21.16
CA ASP A 45 -1.80 -16.02 21.19
C ASP A 45 -0.51 -15.21 21.10
N GLY A 46 -0.38 -14.36 20.11
CA GLY A 46 0.86 -13.56 19.97
C GLY A 46 1.16 -13.39 18.48
N LYS A 47 1.88 -12.37 18.11
CA LYS A 47 2.18 -12.14 16.67
C LYS A 47 3.64 -12.51 16.35
N VAL A 48 3.86 -13.19 15.25
CA VAL A 48 5.24 -13.57 14.86
C VAL A 48 5.78 -12.54 13.85
N PRO A 49 6.97 -12.05 14.08
CA PRO A 49 7.53 -11.04 13.17
C PRO A 49 8.35 -11.67 12.06
N HIS A 50 8.09 -11.29 10.84
CA HIS A 50 8.94 -11.78 9.71
C HIS A 50 9.97 -10.68 9.51
N TRP A 51 11.18 -10.88 10.02
CA TRP A 51 12.19 -9.79 9.94
C TRP A 51 12.95 -9.72 8.62
N TYR A 52 13.43 -8.54 8.34
CA TYR A 52 14.19 -8.27 7.08
C TYR A 52 15.23 -7.19 7.37
N HIS A 53 16.33 -7.19 6.66
CA HIS A 53 17.30 -6.06 6.84
C HIS A 53 16.56 -4.81 6.38
N PHE A 54 16.90 -3.65 6.87
CA PHE A 54 16.16 -2.41 6.46
C PHE A 54 15.91 -2.33 4.94
N SER A 55 16.92 -2.48 4.14
CA SER A 55 16.74 -2.39 2.65
C SER A 55 15.89 -3.55 2.09
N CYS A 56 16.15 -4.77 2.49
CA CYS A 56 15.37 -5.93 1.96
C CYS A 56 13.87 -5.76 2.19
N PHE A 57 13.48 -5.20 3.30
CA PHE A 57 12.01 -5.02 3.60
C PHE A 57 11.25 -4.34 2.45
N TRP A 58 11.86 -3.38 1.77
CA TRP A 58 11.14 -2.66 0.69
C TRP A 58 11.23 -3.38 -0.65
N LYS A 59 12.17 -4.28 -0.80
CA LYS A 59 12.33 -4.98 -2.10
C LYS A 59 11.37 -6.18 -2.24
N VAL A 60 10.55 -6.42 -1.25
CA VAL A 60 9.59 -7.58 -1.33
C VAL A 60 8.19 -7.10 -1.74
N GLY A 61 7.88 -5.86 -1.51
CA GLY A 61 6.53 -5.34 -1.88
C GLY A 61 5.89 -4.65 -0.66
N HIS A 62 6.50 -4.75 0.50
CA HIS A 62 5.92 -4.07 1.70
C HIS A 62 5.89 -2.57 1.47
N SER A 63 4.83 -1.91 1.85
CA SER A 63 4.75 -0.43 1.63
C SER A 63 4.19 0.29 2.86
N ILE A 64 4.69 1.47 3.12
CA ILE A 64 4.21 2.25 4.30
C ILE A 64 4.15 3.75 3.93
N ARG A 65 2.99 4.35 4.02
CA ARG A 65 2.88 5.79 3.69
C ARG A 65 3.20 6.64 4.91
N HIS A 66 2.70 6.25 6.06
CA HIS A 66 2.98 7.01 7.32
C HIS A 66 3.60 6.07 8.37
N PRO A 67 4.92 6.08 8.42
CA PRO A 67 5.64 5.21 9.40
C PRO A 67 5.27 5.51 10.87
N ASP A 68 5.28 6.77 11.26
CA ASP A 68 4.92 7.14 12.67
C ASP A 68 3.65 6.43 13.19
N VAL A 69 2.65 6.24 12.36
CA VAL A 69 1.37 5.59 12.83
C VAL A 69 1.24 4.12 12.41
N GLU A 70 1.92 3.69 11.37
CA GLU A 70 1.76 2.27 10.91
C GLU A 70 2.89 1.35 11.41
N VAL A 71 3.98 1.90 11.88
CA VAL A 71 5.09 1.00 12.33
C VAL A 71 5.37 1.16 13.84
N ASP A 72 5.15 0.10 14.59
CA ASP A 72 5.41 0.14 16.06
C ASP A 72 6.90 0.28 16.33
N GLY A 73 7.29 1.05 17.33
CA GLY A 73 8.74 1.21 17.64
C GLY A 73 9.37 2.36 16.84
N PHE A 74 8.65 2.93 15.91
CA PHE A 74 9.22 4.05 15.08
C PHE A 74 9.67 5.21 15.96
N SER A 75 8.83 5.67 16.83
CA SER A 75 9.18 6.83 17.71
C SER A 75 10.41 6.55 18.62
N GLU A 76 10.74 5.29 18.88
CA GLU A 76 11.91 5.02 19.75
C GLU A 76 13.23 4.89 18.95
N LEU A 77 13.17 4.99 17.64
CA LEU A 77 14.42 4.90 16.83
C LEU A 77 15.21 6.18 16.97
N ARG A 78 16.50 6.13 16.70
CA ARG A 78 17.31 7.38 16.77
C ARG A 78 16.79 8.34 15.70
N TRP A 79 16.95 9.62 15.90
CA TRP A 79 16.42 10.62 14.91
C TRP A 79 16.80 10.28 13.46
N ASP A 80 18.06 10.13 13.17
CA ASP A 80 18.48 9.82 11.76
C ASP A 80 17.74 8.58 11.21
N ASP A 81 17.59 7.56 12.01
CA ASP A 81 16.88 6.34 11.51
C ASP A 81 15.41 6.65 11.30
N GLN A 82 14.86 7.56 12.07
CA GLN A 82 13.44 7.95 11.90
C GLN A 82 13.28 8.68 10.56
N GLN A 83 14.28 9.46 10.20
CA GLN A 83 14.22 10.20 8.91
C GLN A 83 14.47 9.21 7.76
N LYS A 84 15.40 8.32 7.94
CA LYS A 84 15.68 7.30 6.86
C LYS A 84 14.42 6.48 6.57
N VAL A 85 13.75 6.02 7.60
CA VAL A 85 12.50 5.24 7.37
C VAL A 85 11.44 6.15 6.75
N LYS A 86 11.35 7.38 7.22
CA LYS A 86 10.33 8.31 6.67
C LYS A 86 10.58 8.59 5.20
N LYS A 87 11.82 8.82 4.83
CA LYS A 87 12.13 9.12 3.40
C LYS A 87 12.00 7.84 2.55
N THR A 88 12.51 6.75 3.04
CA THR A 88 12.42 5.47 2.26
C THR A 88 10.95 5.12 2.05
N ALA A 89 10.12 5.40 3.02
CA ALA A 89 8.66 5.10 2.88
C ALA A 89 8.09 5.96 1.75
N GLU A 90 8.43 7.22 1.74
CA GLU A 90 7.91 8.13 0.67
C GLU A 90 8.41 7.67 -0.70
N ALA A 91 9.69 7.44 -0.83
CA ALA A 91 10.24 6.99 -2.14
C ALA A 91 9.56 5.69 -2.59
N GLY A 92 9.75 4.63 -1.86
CA GLY A 92 9.12 3.34 -2.24
C GLY A 92 10.02 2.59 -3.23
N GLY A 93 10.38 3.22 -4.32
CA GLY A 93 11.25 2.55 -5.32
C GLY A 93 11.37 3.43 -6.57
N VAL A 94 11.59 4.70 -6.38
CA VAL A 94 11.72 5.62 -7.56
C VAL A 94 13.12 5.50 -8.17
N THR A 95 13.22 5.58 -9.47
CA THR A 95 14.55 5.48 -10.12
C THR A 95 14.47 5.96 -11.58
N GLY A 96 15.57 5.92 -12.28
CA GLY A 96 15.56 6.37 -13.70
C GLY A 96 14.69 5.43 -14.53
N LYS A 97 14.67 4.17 -14.19
CA LYS A 97 13.83 3.19 -14.96
C LYS A 97 12.36 3.37 -14.61
N GLY A 98 11.48 3.09 -15.53
CA GLY A 98 10.02 3.25 -15.25
C GLY A 98 9.52 4.57 -15.85
N GLN A 99 10.41 5.54 -16.02
CA GLN A 99 9.99 6.85 -16.59
C GLN A 99 8.80 7.42 -15.81
N ASP A 100 8.31 8.57 -16.22
CA ASP A 100 7.15 9.18 -15.50
C ASP A 100 6.40 10.13 -16.44
N GLY A 101 6.43 9.85 -17.72
CA GLY A 101 5.71 10.74 -18.68
C GLY A 101 6.67 11.79 -19.22
N ILE A 102 6.18 12.95 -19.56
CA ILE A 102 7.07 14.02 -20.10
C ILE A 102 6.85 15.32 -19.32
N GLY A 103 5.69 15.90 -19.44
CA GLY A 103 5.41 17.17 -18.70
C GLY A 103 4.26 16.95 -17.72
N SER A 104 4.13 15.76 -17.21
CA SER A 104 3.03 15.48 -16.24
C SER A 104 3.59 15.15 -14.87
N LYS A 105 3.71 16.13 -14.01
CA LYS A 105 4.26 15.88 -12.65
C LYS A 105 3.23 15.17 -11.77
N ALA A 106 1.97 15.25 -12.15
CA ALA A 106 0.91 14.57 -11.33
C ALA A 106 0.97 15.04 -9.88
N GLU A 107 0.41 14.28 -8.97
CA GLU A 107 0.44 14.68 -7.54
C GLU A 107 1.01 13.55 -6.67
N LYS A 108 0.28 12.48 -6.53
CA LYS A 108 0.77 11.35 -5.70
C LYS A 108 0.12 10.03 -6.15
N THR A 109 0.28 8.99 -5.39
CA THR A 109 -0.34 7.68 -5.79
C THR A 109 -0.75 6.90 -4.53
N LEU A 110 -1.98 6.48 -4.47
CA LEU A 110 -2.45 5.70 -3.27
C LEU A 110 -1.74 4.35 -3.22
N GLY A 111 -1.47 3.86 -2.04
CA GLY A 111 -0.78 2.54 -1.92
C GLY A 111 -1.79 1.43 -1.62
N ASP A 112 -3.04 1.77 -1.38
CA ASP A 112 -4.06 0.71 -1.08
C ASP A 112 -5.16 0.68 -2.16
N PHE A 113 -4.97 1.39 -3.25
CA PHE A 113 -6.00 1.37 -4.32
C PHE A 113 -5.33 1.14 -5.69
N ALA A 114 -5.86 0.25 -6.50
CA ALA A 114 -5.20 -0.01 -7.82
C ALA A 114 -6.20 -0.22 -8.95
N ALA A 115 -5.74 -0.02 -10.15
CA ALA A 115 -6.59 -0.20 -11.35
C ALA A 115 -5.77 -0.94 -12.42
N GLU A 116 -6.31 -1.96 -13.01
CA GLU A 116 -5.55 -2.71 -14.06
C GLU A 116 -6.51 -3.56 -14.89
N TYR A 117 -6.04 -4.04 -16.01
CA TYR A 117 -6.92 -4.92 -16.84
C TYR A 117 -6.87 -6.32 -16.22
N ALA A 118 -7.99 -6.99 -16.09
CA ALA A 118 -8.00 -8.35 -15.46
C ALA A 118 -6.95 -9.27 -16.08
N LYS A 119 -5.95 -9.65 -15.31
CA LYS A 119 -4.89 -10.55 -15.82
C LYS A 119 -5.50 -11.93 -16.16
N SER A 120 -6.66 -12.23 -15.63
CA SER A 120 -7.31 -13.54 -15.93
C SER A 120 -8.83 -13.40 -15.80
N ASN A 121 -9.55 -14.50 -15.80
CA ASN A 121 -11.03 -14.43 -15.68
C ASN A 121 -11.54 -15.17 -14.45
N ARG A 122 -10.67 -15.52 -13.53
CA ARG A 122 -11.14 -16.25 -12.31
C ARG A 122 -11.28 -15.29 -11.11
N SER A 123 -11.05 -14.01 -11.31
CA SER A 123 -11.23 -13.05 -10.18
C SER A 123 -12.73 -12.79 -10.01
N THR A 124 -13.14 -12.11 -8.97
CA THR A 124 -14.60 -11.87 -8.79
C THR A 124 -14.84 -10.50 -8.16
N CYS A 125 -15.72 -9.72 -8.75
CA CYS A 125 -16.05 -8.41 -8.16
C CYS A 125 -16.66 -8.62 -6.76
N LYS A 126 -16.06 -8.05 -5.75
CA LYS A 126 -16.59 -8.24 -4.35
C LYS A 126 -17.79 -7.30 -4.05
N GLY A 127 -18.44 -6.79 -5.06
CA GLY A 127 -19.59 -5.87 -4.84
C GLY A 127 -20.85 -6.59 -5.33
N CYS A 128 -20.76 -7.23 -6.48
CA CYS A 128 -21.93 -7.99 -7.01
C CYS A 128 -21.60 -9.50 -7.09
N MET A 129 -20.40 -9.91 -6.65
CA MET A 129 -20.00 -11.34 -6.70
C MET A 129 -20.02 -11.94 -8.12
N GLU A 130 -20.11 -11.13 -9.14
CA GLU A 130 -20.09 -11.66 -10.53
C GLU A 130 -18.63 -11.75 -10.99
N LYS A 131 -18.30 -12.75 -11.77
CA LYS A 131 -16.88 -12.90 -12.21
C LYS A 131 -16.46 -11.77 -13.14
N ILE A 132 -15.20 -11.36 -13.03
CA ILE A 132 -14.68 -10.32 -13.94
C ILE A 132 -14.01 -11.02 -15.13
N GLU A 133 -14.31 -10.61 -16.34
CA GLU A 133 -13.69 -11.29 -17.52
C GLU A 133 -12.26 -10.81 -17.75
N LYS A 134 -11.39 -11.70 -18.15
CA LYS A 134 -9.98 -11.28 -18.48
C LYS A 134 -9.94 -10.10 -19.46
N GLY A 135 -9.11 -9.12 -19.21
CA GLY A 135 -9.03 -7.95 -20.14
C GLY A 135 -9.92 -6.81 -19.61
N GLN A 136 -10.99 -7.13 -18.92
CA GLN A 136 -11.90 -6.08 -18.40
C GLN A 136 -11.20 -5.21 -17.34
N VAL A 137 -11.44 -3.92 -17.37
CA VAL A 137 -10.82 -3.03 -16.36
C VAL A 137 -11.42 -3.31 -14.99
N ARG A 138 -10.59 -3.42 -13.99
CA ARG A 138 -11.10 -3.69 -12.62
C ARG A 138 -10.37 -2.81 -11.61
N LEU A 139 -11.02 -2.50 -10.52
CA LEU A 139 -10.38 -1.65 -9.48
C LEU A 139 -10.27 -2.44 -8.18
N SER A 140 -9.43 -2.04 -7.26
CA SER A 140 -9.33 -2.84 -6.01
C SER A 140 -8.90 -2.01 -4.81
N LYS A 141 -9.40 -2.39 -3.66
CA LYS A 141 -9.03 -1.73 -2.39
C LYS A 141 -8.16 -2.70 -1.57
N LYS A 142 -6.87 -2.51 -1.60
CA LYS A 142 -5.95 -3.44 -0.86
C LYS A 142 -6.36 -3.58 0.60
N MET A 143 -6.31 -4.79 1.11
CA MET A 143 -6.68 -5.02 2.54
C MET A 143 -5.93 -6.25 3.05
N VAL A 144 -5.62 -6.30 4.32
CA VAL A 144 -4.88 -7.47 4.86
C VAL A 144 -5.84 -8.44 5.56
N ASP A 145 -5.60 -9.71 5.45
CA ASP A 145 -6.47 -10.71 6.13
C ASP A 145 -5.77 -11.24 7.38
N PRO A 146 -6.45 -11.17 8.50
CA PRO A 146 -5.86 -11.66 9.77
C PRO A 146 -5.67 -13.18 9.72
N GLU A 147 -6.38 -13.83 8.84
CA GLU A 147 -6.24 -15.31 8.73
C GLU A 147 -5.02 -15.67 7.87
N LYS A 148 -4.66 -14.79 6.97
CA LYS A 148 -3.47 -15.05 6.11
C LYS A 148 -2.53 -13.84 6.16
N PRO A 149 -1.85 -13.69 7.27
CA PRO A 149 -0.93 -12.54 7.45
C PRO A 149 0.32 -12.68 6.58
N GLN A 150 0.70 -13.86 6.20
CA GLN A 150 1.91 -14.03 5.34
C GLN A 150 1.70 -13.36 3.98
N LEU A 151 0.46 -13.17 3.58
CA LEU A 151 0.19 -12.53 2.26
C LEU A 151 0.34 -11.01 2.36
N GLY A 152 -0.23 -10.42 3.37
CA GLY A 152 -0.11 -8.94 3.54
C GLY A 152 -1.22 -8.24 2.75
N MET A 153 -0.94 -7.07 2.24
CA MET A 153 -1.97 -6.31 1.47
C MET A 153 -2.44 -7.11 0.25
N ILE A 154 -3.67 -7.59 0.28
CA ILE A 154 -4.20 -8.36 -0.89
C ILE A 154 -5.26 -7.52 -1.62
N ASP A 155 -5.33 -7.62 -2.92
CA ASP A 155 -6.32 -6.81 -3.67
C ASP A 155 -7.75 -7.37 -3.57
N ARG A 156 -8.68 -6.49 -3.27
CA ARG A 156 -10.12 -6.88 -3.26
C ARG A 156 -10.67 -6.27 -4.55
N TRP A 157 -10.92 -7.07 -5.55
CA TRP A 157 -11.33 -6.49 -6.87
C TRP A 157 -12.82 -6.15 -6.98
N TYR A 158 -13.10 -5.27 -7.92
CA TYR A 158 -14.49 -4.82 -8.17
C TYR A 158 -14.59 -4.28 -9.59
N HIS A 159 -15.78 -4.21 -10.13
CA HIS A 159 -15.95 -3.56 -11.45
C HIS A 159 -15.86 -2.07 -11.14
N PRO A 160 -15.40 -1.26 -12.06
CA PRO A 160 -15.28 0.19 -11.77
C PRO A 160 -16.63 0.77 -11.29
N GLY A 161 -17.71 0.40 -11.93
CA GLY A 161 -19.04 0.90 -11.48
C GLY A 161 -19.33 0.39 -10.06
N CYS A 162 -19.20 -0.89 -9.83
CA CYS A 162 -19.45 -1.45 -8.47
C CYS A 162 -18.54 -0.75 -7.43
N PHE A 163 -17.29 -0.52 -7.79
CA PHE A 163 -16.34 0.15 -6.85
C PHE A 163 -16.85 1.55 -6.50
N VAL A 164 -17.29 2.29 -7.50
CA VAL A 164 -17.77 3.67 -7.24
C VAL A 164 -19.00 3.64 -6.32
N LYS A 165 -19.87 2.68 -6.49
CA LYS A 165 -21.09 2.61 -5.62
C LYS A 165 -20.69 2.48 -4.14
N ASN A 166 -19.63 1.78 -3.86
CA ASN A 166 -19.17 1.62 -2.44
C ASN A 166 -17.92 2.47 -2.13
N ARG A 167 -17.74 3.58 -2.83
CA ARG A 167 -16.53 4.43 -2.57
C ARG A 167 -16.38 4.80 -1.10
N GLU A 168 -17.47 5.07 -0.44
CA GLU A 168 -17.39 5.46 1.00
C GLU A 168 -16.88 4.31 1.89
N GLU A 169 -17.55 3.20 1.84
CA GLU A 169 -17.12 2.04 2.71
C GLU A 169 -15.74 1.55 2.30
N LEU A 170 -15.36 1.72 1.06
CA LEU A 170 -14.01 1.25 0.62
C LEU A 170 -12.91 2.25 1.02
N GLY A 171 -13.27 3.34 1.66
CA GLY A 171 -12.25 4.33 2.10
C GLY A 171 -11.73 5.17 0.92
N PHE A 172 -12.48 5.27 -0.15
CA PHE A 172 -12.01 6.09 -1.31
C PHE A 172 -12.55 7.52 -1.15
N ARG A 173 -11.91 8.30 -0.32
CA ARG A 173 -12.37 9.71 -0.05
C ARG A 173 -12.71 10.47 -1.35
N PRO A 174 -13.53 11.50 -1.21
CA PRO A 174 -13.96 12.31 -2.39
C PRO A 174 -12.83 13.19 -2.94
N GLU A 175 -11.77 13.39 -2.18
CA GLU A 175 -10.64 14.23 -2.69
C GLU A 175 -9.75 13.41 -3.64
N TYR A 176 -9.88 12.10 -3.60
CA TYR A 176 -9.06 11.23 -4.48
C TYR A 176 -9.61 11.22 -5.91
N SER A 177 -8.74 11.15 -6.87
CA SER A 177 -9.17 11.12 -8.29
C SER A 177 -8.67 9.83 -8.95
N ALA A 178 -9.19 9.48 -10.09
CA ALA A 178 -8.76 8.22 -10.78
C ALA A 178 -7.25 8.21 -11.02
N SER A 179 -6.66 9.35 -11.25
CA SER A 179 -5.18 9.41 -11.52
C SER A 179 -4.34 8.92 -10.33
N GLN A 180 -4.92 8.79 -9.17
CA GLN A 180 -4.12 8.34 -7.98
C GLN A 180 -4.14 6.80 -7.82
N LEU A 181 -4.90 6.10 -8.61
CA LEU A 181 -4.94 4.61 -8.47
C LEU A 181 -3.61 3.99 -8.90
N LYS A 182 -3.11 3.05 -8.13
CA LYS A 182 -1.83 2.38 -8.51
C LYS A 182 -2.02 1.59 -9.81
N GLY A 183 -1.28 1.93 -10.85
CA GLY A 183 -1.43 1.21 -12.15
C GLY A 183 -2.18 2.08 -13.17
N PHE A 184 -2.73 3.19 -12.75
CA PHE A 184 -3.50 4.08 -13.69
C PHE A 184 -2.70 4.39 -14.96
N SER A 185 -1.51 4.86 -14.80
CA SER A 185 -0.64 5.25 -15.97
C SER A 185 -0.54 4.14 -17.05
N LEU A 186 -0.73 2.89 -16.71
CA LEU A 186 -0.60 1.80 -17.74
C LEU A 186 -1.90 1.54 -18.51
N LEU A 187 -2.91 2.33 -18.30
CA LEU A 187 -4.20 2.11 -19.01
C LEU A 187 -4.26 2.94 -20.30
N ALA A 188 -4.93 2.44 -21.30
CA ALA A 188 -5.06 3.20 -22.57
C ALA A 188 -5.78 4.51 -22.30
N THR A 189 -5.49 5.55 -23.07
CA THR A 189 -6.15 6.88 -22.84
C THR A 189 -7.67 6.74 -22.66
N GLU A 190 -8.32 5.99 -23.51
CA GLU A 190 -9.80 5.80 -23.40
C GLU A 190 -10.19 5.29 -22.01
N ASP A 191 -9.52 4.26 -21.56
CA ASP A 191 -9.83 3.70 -20.21
C ASP A 191 -9.55 4.73 -19.11
N LYS A 192 -8.48 5.50 -19.24
CA LYS A 192 -8.15 6.51 -18.20
C LYS A 192 -9.24 7.59 -18.15
N GLU A 193 -9.74 8.00 -19.28
CA GLU A 193 -10.81 9.05 -19.29
C GLU A 193 -12.07 8.54 -18.59
N ALA A 194 -12.48 7.32 -18.90
CA ALA A 194 -13.71 6.76 -18.26
C ALA A 194 -13.59 6.78 -16.73
N LEU A 195 -12.42 6.46 -16.22
CA LEU A 195 -12.22 6.46 -14.75
C LEU A 195 -12.27 7.89 -14.21
N LYS A 196 -11.45 8.78 -14.76
CA LYS A 196 -11.47 10.21 -14.30
C LYS A 196 -12.90 10.75 -14.30
N LYS A 197 -13.71 10.24 -15.19
CA LYS A 197 -15.13 10.70 -15.29
C LYS A 197 -15.93 10.30 -14.05
N GLN A 198 -15.76 9.08 -13.59
CA GLN A 198 -16.54 8.61 -12.39
C GLN A 198 -15.83 9.01 -11.08
N LEU A 199 -14.52 9.12 -11.11
CA LEU A 199 -13.78 9.54 -9.89
C LEU A 199 -13.01 10.82 -10.21
N PRO A 200 -13.72 11.91 -10.23
CA PRO A 200 -13.12 13.23 -10.57
C PRO A 200 -12.22 13.75 -9.46
N GLY A 201 -12.63 13.59 -8.23
CA GLY A 201 -11.80 14.08 -7.09
C GLY A 201 -11.96 15.60 -6.97
N VAL A 202 -13.17 16.09 -7.13
CA VAL A 202 -13.39 17.56 -7.02
C VAL A 202 -13.82 17.93 -5.60
N LYS A 203 -13.21 18.93 -5.01
CA LYS A 203 -13.59 19.33 -3.63
C LYS A 203 -14.89 20.13 -3.65
N SER A 204 -15.22 20.77 -2.56
CA SER A 204 -16.48 21.57 -2.51
C SER A 204 -16.25 22.96 -3.11
N GLU A 205 -16.38 23.10 -4.40
CA GLU A 205 -16.18 24.43 -5.05
C GLU A 205 -14.82 25.02 -4.65
N GLY A 206 -13.81 24.82 -5.45
CA GLY A 206 -12.46 25.36 -5.12
C GLY A 206 -12.36 26.81 -5.61
N LYS A 207 -13.25 27.66 -5.17
CA LYS A 207 -13.21 29.09 -5.61
C LYS A 207 -13.17 29.18 -7.14
N ARG A 208 -14.33 29.34 -7.75
CA ARG A 208 -14.35 29.44 -9.24
C ARG A 208 -14.71 30.87 -9.67
N LYS A 209 -13.78 31.78 -9.56
CA LYS A 209 -14.06 33.19 -9.95
C LYS A 209 -13.20 33.58 -11.15
N GLY A 210 -13.13 32.73 -12.14
CA GLY A 210 -12.30 33.06 -13.34
C GLY A 210 -12.98 34.15 -14.16
N ASP A 211 -12.21 34.99 -14.81
CA ASP A 211 -12.83 36.08 -15.62
C ASP A 211 -13.56 35.50 -16.83
N GLU A 212 -14.18 36.35 -17.61
CA GLU A 212 -14.92 35.84 -18.81
C GLU A 212 -13.96 35.63 -19.98
N VAL A 213 -13.90 34.45 -20.51
CA VAL A 213 -12.97 34.19 -21.65
C VAL A 213 -13.77 33.69 -22.86
N ASP A 214 -13.59 34.34 -23.99
CA ASP A 214 -14.34 33.92 -25.21
C ASP A 214 -13.49 34.18 -26.47
ZN ZN C . 18.26 -9.15 3.82
ZN ZN D . -19.44 -5.95 -9.94
N MET A 1 -7.97 -5.73 20.92
CA MET A 1 -7.86 -5.90 22.40
C MET A 1 -6.86 -7.01 22.73
N ALA A 2 -5.65 -6.88 22.26
CA ALA A 2 -4.63 -7.94 22.54
C ALA A 2 -3.74 -7.50 23.72
N GLU A 3 -2.60 -8.14 23.87
CA GLU A 3 -1.69 -7.76 24.99
C GLU A 3 -0.30 -7.43 24.45
N SER A 4 -0.23 -6.72 23.36
CA SER A 4 1.10 -6.37 22.78
C SER A 4 0.97 -5.14 21.87
N SER A 5 0.43 -5.33 20.68
CA SER A 5 0.28 -4.18 19.75
C SER A 5 -0.64 -4.56 18.59
N ASP A 6 -1.11 -3.60 17.84
CA ASP A 6 -2.01 -3.91 16.69
C ASP A 6 -1.39 -3.42 15.37
N LYS A 7 -0.33 -2.67 15.44
CA LYS A 7 0.32 -2.18 14.19
C LYS A 7 0.71 -3.37 13.30
N LEU A 8 0.76 -3.18 12.01
CA LEU A 8 1.12 -4.31 11.11
C LEU A 8 2.64 -4.42 10.94
N TYR A 9 3.38 -3.38 11.24
CA TYR A 9 4.86 -3.47 11.06
C TYR A 9 5.62 -3.07 12.34
N ARG A 10 6.86 -3.49 12.42
CA ARG A 10 7.68 -3.16 13.62
C ARG A 10 9.10 -2.81 13.17
N VAL A 11 9.69 -1.84 13.80
CA VAL A 11 11.09 -1.45 13.45
C VAL A 11 11.88 -1.34 14.75
N GLU A 12 13.10 -1.82 14.75
CA GLU A 12 13.91 -1.74 16.00
C GLU A 12 15.34 -2.19 15.75
N TYR A 13 16.20 -1.95 16.70
CA TYR A 13 17.59 -2.40 16.55
C TYR A 13 17.63 -3.88 16.94
N ALA A 14 18.15 -4.72 16.08
CA ALA A 14 18.17 -6.20 16.32
C ALA A 14 18.50 -6.58 17.78
N LYS A 15 17.56 -7.23 18.44
CA LYS A 15 17.80 -7.69 19.84
C LYS A 15 18.85 -8.80 19.86
N SER A 16 19.04 -9.44 18.73
CA SER A 16 20.05 -10.52 18.62
C SER A 16 20.56 -10.59 17.17
N GLY A 17 21.50 -11.46 16.89
CA GLY A 17 22.03 -11.56 15.50
C GLY A 17 21.64 -12.91 14.91
N ARG A 18 20.64 -13.55 15.48
CA ARG A 18 20.21 -14.89 14.97
C ARG A 18 19.05 -14.80 13.98
N ALA A 19 18.36 -13.70 13.92
CA ALA A 19 17.22 -13.59 12.93
C ALA A 19 17.74 -13.62 11.48
N SER A 20 17.03 -14.28 10.61
CA SER A 20 17.45 -14.36 9.19
C SER A 20 16.51 -13.54 8.33
N CYS A 21 17.04 -12.78 7.45
CA CYS A 21 16.20 -11.92 6.56
C CYS A 21 15.29 -12.78 5.68
N LYS A 22 14.02 -12.50 5.67
CA LYS A 22 13.10 -13.30 4.87
C LYS A 22 13.22 -13.04 3.35
N LYS A 23 14.04 -12.09 2.98
CA LYS A 23 14.24 -11.78 1.52
C LYS A 23 15.56 -12.39 0.99
N CYS A 24 16.68 -12.00 1.56
CA CYS A 24 17.99 -12.53 1.07
C CYS A 24 18.53 -13.71 1.92
N SER A 25 17.85 -14.07 2.99
CA SER A 25 18.28 -15.23 3.86
C SER A 25 19.54 -14.96 4.73
N GLU A 26 20.24 -13.87 4.52
CA GLU A 26 21.45 -13.60 5.37
C GLU A 26 21.02 -13.22 6.79
N SER A 27 21.87 -13.44 7.76
CA SER A 27 21.50 -13.12 9.16
C SER A 27 21.45 -11.61 9.39
N ILE A 28 20.60 -11.19 10.29
CA ILE A 28 20.50 -9.73 10.61
C ILE A 28 21.38 -9.49 11.85
N PRO A 29 22.42 -8.70 11.71
CA PRO A 29 23.36 -8.48 12.84
C PRO A 29 22.71 -7.75 14.02
N LYS A 30 23.08 -8.16 15.21
CA LYS A 30 22.52 -7.55 16.47
C LYS A 30 22.72 -6.02 16.46
N ASP A 31 21.74 -5.29 16.97
CA ASP A 31 21.82 -3.78 17.03
C ASP A 31 21.60 -3.12 15.66
N SER A 32 21.57 -3.87 14.59
CA SER A 32 21.35 -3.26 13.25
C SER A 32 19.88 -2.89 13.10
N LEU A 33 19.57 -1.93 12.26
CA LEU A 33 18.15 -1.53 12.08
C LEU A 33 17.44 -2.57 11.20
N ARG A 34 16.40 -3.19 11.72
CA ARG A 34 15.66 -4.21 10.94
C ARG A 34 14.17 -3.90 10.99
N MET A 35 13.43 -4.37 10.01
CA MET A 35 11.97 -4.12 9.99
C MET A 35 11.23 -5.43 9.77
N ALA A 36 10.01 -5.52 10.24
CA ALA A 36 9.26 -6.79 10.06
C ALA A 36 7.77 -6.55 9.84
N ILE A 37 7.14 -7.45 9.14
CA ILE A 37 5.66 -7.34 8.94
C ILE A 37 4.99 -8.26 9.98
N MET A 38 4.29 -7.68 10.92
CA MET A 38 3.64 -8.51 11.98
C MET A 38 2.68 -9.55 11.38
N VAL A 39 2.51 -10.64 12.08
CA VAL A 39 1.60 -11.71 11.58
C VAL A 39 1.03 -12.49 12.77
N GLN A 40 -0.27 -12.63 12.84
CA GLN A 40 -0.88 -13.38 13.98
C GLN A 40 -0.66 -14.88 13.82
N SER A 41 -0.26 -15.55 14.87
CA SER A 41 -0.03 -17.03 14.77
C SER A 41 -1.27 -17.80 15.25
N PRO A 42 -1.67 -18.78 14.48
CA PRO A 42 -2.85 -19.59 14.84
C PRO A 42 -2.47 -20.69 15.84
N MET A 43 -1.21 -20.82 16.17
CA MET A 43 -0.80 -21.90 17.12
C MET A 43 -0.71 -21.34 18.55
N PHE A 44 -0.70 -20.05 18.71
CA PHE A 44 -0.61 -19.46 20.08
C PHE A 44 -0.91 -17.96 20.04
N ASP A 45 -1.45 -17.42 21.10
CA ASP A 45 -1.76 -15.97 21.13
C ASP A 45 -0.45 -15.16 21.04
N GLY A 46 -0.34 -14.32 20.06
CA GLY A 46 0.91 -13.51 19.91
C GLY A 46 1.20 -13.34 18.42
N LYS A 47 1.94 -12.32 18.06
CA LYS A 47 2.24 -12.10 16.61
C LYS A 47 3.68 -12.48 16.29
N VAL A 48 3.89 -13.16 15.18
CA VAL A 48 5.27 -13.55 14.77
C VAL A 48 5.80 -12.53 13.75
N PRO A 49 6.98 -12.03 13.99
CA PRO A 49 7.55 -11.02 13.09
C PRO A 49 8.37 -11.66 11.97
N HIS A 50 8.13 -11.27 10.76
CA HIS A 50 8.96 -11.76 9.65
C HIS A 50 10.01 -10.66 9.44
N TRP A 51 11.22 -10.86 9.94
CA TRP A 51 12.23 -9.78 9.88
C TRP A 51 12.98 -9.70 8.55
N TYR A 52 13.47 -8.53 8.27
CA TYR A 52 14.24 -8.27 7.03
C TYR A 52 15.28 -7.18 7.32
N HIS A 53 16.39 -7.17 6.61
CA HIS A 53 17.35 -6.05 6.80
C HIS A 53 16.62 -4.80 6.33
N PHE A 54 16.97 -3.64 6.82
CA PHE A 54 16.22 -2.39 6.41
C PHE A 54 15.97 -2.32 4.89
N SER A 55 16.99 -2.47 4.09
CA SER A 55 16.82 -2.37 2.60
C SER A 55 15.96 -3.53 2.03
N CYS A 56 16.23 -4.75 2.44
CA CYS A 56 15.44 -5.91 1.90
C CYS A 56 13.93 -5.74 2.13
N PHE A 57 13.54 -5.17 3.24
CA PHE A 57 12.08 -5.00 3.55
C PHE A 57 11.31 -4.32 2.40
N TRP A 58 11.93 -3.36 1.71
CA TRP A 58 11.21 -2.63 0.64
C TRP A 58 11.32 -3.35 -0.72
N LYS A 59 12.26 -4.25 -0.86
CA LYS A 59 12.41 -4.96 -2.17
C LYS A 59 11.45 -6.14 -2.30
N VAL A 60 10.62 -6.39 -1.31
CA VAL A 60 9.67 -7.54 -1.40
C VAL A 60 8.27 -7.07 -1.80
N GLY A 61 7.95 -5.82 -1.57
CA GLY A 61 6.60 -5.31 -1.93
C GLY A 61 5.97 -4.62 -0.71
N HIS A 62 6.58 -4.72 0.44
CA HIS A 62 6.00 -4.04 1.64
C HIS A 62 5.97 -2.53 1.41
N SER A 63 4.91 -1.88 1.79
CA SER A 63 4.83 -0.40 1.57
C SER A 63 4.27 0.32 2.79
N ILE A 64 4.77 1.51 3.06
CA ILE A 64 4.27 2.29 4.23
C ILE A 64 4.23 3.78 3.87
N ARG A 65 3.07 4.38 3.95
CA ARG A 65 2.95 5.84 3.61
C ARG A 65 3.28 6.68 4.84
N HIS A 66 2.79 6.28 5.98
CA HIS A 66 3.05 7.04 7.25
C HIS A 66 3.68 6.11 8.30
N PRO A 67 4.99 6.10 8.36
CA PRO A 67 5.71 5.23 9.34
C PRO A 67 5.34 5.54 10.80
N ASP A 68 5.34 6.80 11.20
CA ASP A 68 4.98 7.15 12.61
C ASP A 68 3.70 6.45 13.13
N VAL A 69 2.71 6.27 12.28
CA VAL A 69 1.44 5.62 12.76
C VAL A 69 1.30 4.15 12.33
N GLU A 70 1.97 3.72 11.29
CA GLU A 70 1.82 2.30 10.82
C GLU A 70 2.94 1.38 11.34
N VAL A 71 4.03 1.92 11.80
CA VAL A 71 5.15 1.02 12.27
C VAL A 71 5.42 1.17 13.76
N ASP A 72 5.20 0.11 14.52
CA ASP A 72 5.44 0.15 15.98
C ASP A 72 6.94 0.29 16.27
N GLY A 73 7.33 1.07 17.26
CA GLY A 73 8.78 1.22 17.58
C GLY A 73 9.41 2.37 16.77
N PHE A 74 8.69 2.94 15.85
CA PHE A 74 9.27 4.05 15.02
C PHE A 74 9.72 5.22 15.90
N SER A 75 8.87 5.68 16.78
CA SER A 75 9.23 6.84 17.65
C SER A 75 10.44 6.55 18.57
N GLU A 76 10.78 5.29 18.83
CA GLU A 76 11.95 5.01 19.70
C GLU A 76 13.27 4.88 18.91
N LEU A 77 13.21 4.99 17.59
CA LEU A 77 14.45 4.89 16.79
C LEU A 77 15.27 6.17 16.94
N ARG A 78 16.55 6.13 16.67
CA ARG A 78 17.36 7.37 16.75
C ARG A 78 16.85 8.33 15.67
N TRP A 79 17.01 9.62 15.87
CA TRP A 79 16.49 10.62 14.89
C TRP A 79 16.86 10.28 13.43
N ASP A 80 18.13 10.13 13.14
CA ASP A 80 18.55 9.82 11.74
C ASP A 80 17.81 8.58 11.19
N ASP A 81 17.66 7.56 11.98
CA ASP A 81 16.95 6.34 11.49
C ASP A 81 15.47 6.67 11.26
N GLN A 82 14.92 7.57 12.04
CA GLN A 82 13.49 7.96 11.86
C GLN A 82 13.36 8.69 10.52
N GLN A 83 14.35 9.47 10.17
CA GLN A 83 14.30 10.20 8.88
C GLN A 83 14.54 9.22 7.73
N LYS A 84 15.48 8.32 7.90
CA LYS A 84 15.77 7.31 6.84
C LYS A 84 14.51 6.50 6.53
N VAL A 85 13.83 6.04 7.55
CA VAL A 85 12.58 5.26 7.33
C VAL A 85 11.51 6.17 6.71
N LYS A 86 11.43 7.39 7.18
CA LYS A 86 10.41 8.33 6.63
C LYS A 86 10.67 8.61 5.15
N LYS A 87 11.91 8.85 4.78
CA LYS A 87 12.21 9.14 3.36
C LYS A 87 12.09 7.87 2.51
N THR A 88 12.61 6.77 3.00
CA THR A 88 12.51 5.50 2.22
C THR A 88 11.04 5.15 2.00
N ALA A 89 10.21 5.42 2.97
CA ALA A 89 8.75 5.13 2.82
C ALA A 89 8.19 6.00 1.70
N GLU A 90 8.53 7.26 1.69
CA GLU A 90 8.00 8.16 0.61
C GLU A 90 8.51 7.70 -0.76
N ALA A 91 9.78 7.47 -0.89
CA ALA A 91 10.33 7.02 -2.21
C ALA A 91 9.64 5.72 -2.65
N GLY A 92 9.84 4.66 -1.93
CA GLY A 92 9.19 3.36 -2.31
C GLY A 92 10.12 2.21 -1.93
N GLY A 93 11.40 2.36 -2.14
CA GLY A 93 12.35 1.27 -1.80
C GLY A 93 13.74 1.59 -2.37
N VAL A 94 14.43 2.52 -1.76
CA VAL A 94 15.79 2.89 -2.26
C VAL A 94 15.74 3.23 -3.75
N THR A 95 15.58 4.48 -4.08
CA THR A 95 15.52 4.89 -5.51
C THR A 95 16.70 5.80 -5.86
N GLY A 96 17.88 5.26 -5.95
CA GLY A 96 19.07 6.11 -6.28
C GLY A 96 18.98 6.57 -7.74
N LYS A 97 19.02 5.65 -8.66
CA LYS A 97 18.94 6.04 -10.10
C LYS A 97 17.59 6.71 -10.40
N GLY A 98 17.55 8.02 -10.31
CA GLY A 98 16.27 8.74 -10.58
C GLY A 98 16.02 9.78 -9.49
N GLN A 99 16.62 10.93 -9.61
CA GLN A 99 16.43 11.98 -8.58
C GLN A 99 15.55 13.11 -9.13
N ASP A 100 14.54 13.50 -8.40
CA ASP A 100 13.64 14.60 -8.87
C ASP A 100 13.61 15.73 -7.86
N GLY A 101 13.28 16.93 -8.29
CA GLY A 101 13.23 18.07 -7.34
C GLY A 101 11.85 18.72 -7.41
N ILE A 102 11.76 19.92 -7.93
CA ILE A 102 10.44 20.60 -8.02
C ILE A 102 9.91 20.52 -9.45
N GLY A 103 10.27 19.48 -10.17
CA GLY A 103 9.78 19.34 -11.57
C GLY A 103 8.55 18.42 -11.60
N SER A 104 7.53 18.77 -10.86
CA SER A 104 6.30 17.92 -10.84
C SER A 104 5.13 18.71 -10.23
N LYS A 105 3.93 18.36 -10.59
CA LYS A 105 2.75 19.08 -10.03
C LYS A 105 2.16 18.30 -8.85
N ALA A 106 2.94 18.09 -7.82
CA ALA A 106 2.43 17.34 -6.63
C ALA A 106 1.84 15.99 -7.05
N GLU A 107 2.68 15.09 -7.50
CA GLU A 107 2.18 13.74 -7.92
C GLU A 107 1.91 12.87 -6.70
N LYS A 108 0.77 12.25 -6.63
CA LYS A 108 0.45 11.39 -5.45
C LYS A 108 -0.21 10.09 -5.90
N THR A 109 0.21 8.97 -5.37
CA THR A 109 -0.40 7.66 -5.75
C THR A 109 -0.81 6.89 -4.50
N LEU A 110 -2.05 6.47 -4.44
CA LEU A 110 -2.52 5.71 -3.25
C LEU A 110 -1.81 4.35 -3.18
N GLY A 111 -1.55 3.86 -2.01
CA GLY A 111 -0.86 2.53 -1.88
C GLY A 111 -1.87 1.43 -1.58
N ASP A 112 -3.11 1.78 -1.34
CA ASP A 112 -4.13 0.72 -1.03
C ASP A 112 -5.23 0.67 -2.11
N PHE A 113 -5.06 1.40 -3.20
CA PHE A 113 -6.08 1.39 -4.28
C PHE A 113 -5.40 1.16 -5.63
N ALA A 114 -5.92 0.26 -6.44
CA ALA A 114 -5.25 -0.01 -7.76
C ALA A 114 -6.25 -0.21 -8.90
N ALA A 115 -5.77 -0.01 -10.09
CA ALA A 115 -6.62 -0.19 -11.31
C ALA A 115 -5.79 -0.93 -12.38
N GLU A 116 -6.34 -1.95 -12.97
CA GLU A 116 -5.57 -2.71 -14.00
C GLU A 116 -6.51 -3.56 -14.84
N TYR A 117 -6.04 -4.04 -15.96
CA TYR A 117 -6.91 -4.92 -16.79
C TYR A 117 -6.86 -6.32 -16.17
N ALA A 118 -7.98 -6.99 -16.04
CA ALA A 118 -8.00 -8.34 -15.41
C ALA A 118 -6.93 -9.27 -16.03
N LYS A 119 -5.93 -9.64 -15.25
CA LYS A 119 -4.89 -10.56 -15.75
C LYS A 119 -5.48 -11.92 -16.10
N SER A 120 -6.65 -12.23 -15.57
CA SER A 120 -7.29 -13.54 -15.87
C SER A 120 -8.82 -13.40 -15.75
N ASN A 121 -9.53 -14.50 -15.76
CA ASN A 121 -11.02 -14.43 -15.65
C ASN A 121 -11.53 -15.19 -14.42
N ARG A 122 -10.67 -15.52 -13.49
CA ARG A 122 -11.12 -16.25 -12.27
C ARG A 122 -11.29 -15.30 -11.08
N SER A 123 -11.06 -14.01 -11.27
CA SER A 123 -11.24 -13.05 -10.15
C SER A 123 -12.74 -12.80 -9.99
N THR A 124 -13.16 -12.11 -8.95
CA THR A 124 -14.62 -11.88 -8.78
C THR A 124 -14.87 -10.51 -8.14
N CYS A 125 -15.75 -9.73 -8.74
CA CYS A 125 -16.09 -8.42 -8.15
C CYS A 125 -16.71 -8.63 -6.76
N LYS A 126 -16.11 -8.07 -5.75
CA LYS A 126 -16.65 -8.24 -4.36
C LYS A 126 -17.84 -7.31 -4.06
N GLY A 127 -18.50 -6.79 -5.08
CA GLY A 127 -19.65 -5.88 -4.86
C GLY A 127 -20.90 -6.60 -5.36
N CYS A 128 -20.81 -7.25 -6.50
CA CYS A 128 -21.98 -8.01 -7.04
C CYS A 128 -21.64 -9.53 -7.12
N MET A 129 -20.45 -9.92 -6.67
CA MET A 129 -20.04 -11.36 -6.72
C MET A 129 -20.05 -11.96 -8.14
N GLU A 130 -20.13 -11.14 -9.15
CA GLU A 130 -20.10 -11.69 -10.54
C GLU A 130 -18.64 -11.77 -11.00
N LYS A 131 -18.30 -12.77 -11.77
CA LYS A 131 -16.88 -12.92 -12.21
C LYS A 131 -16.46 -11.79 -13.13
N ILE A 132 -15.21 -11.37 -13.02
CA ILE A 132 -14.69 -10.33 -13.93
C ILE A 132 -14.00 -11.03 -15.11
N GLU A 133 -14.29 -10.62 -16.32
CA GLU A 133 -13.67 -11.30 -17.50
C GLU A 133 -12.24 -10.82 -17.72
N LYS A 134 -11.37 -11.71 -18.13
CA LYS A 134 -9.94 -11.29 -18.44
C LYS A 134 -9.91 -10.11 -19.42
N GLY A 135 -9.08 -9.12 -19.17
CA GLY A 135 -9.00 -7.95 -20.09
C GLY A 135 -9.90 -6.82 -19.58
N GLN A 136 -10.97 -7.14 -18.89
CA GLN A 136 -11.89 -6.08 -18.38
C GLN A 136 -11.18 -5.22 -17.31
N VAL A 137 -11.43 -3.94 -17.35
CA VAL A 137 -10.82 -3.03 -16.34
C VAL A 137 -11.43 -3.32 -14.97
N ARG A 138 -10.60 -3.43 -13.96
CA ARG A 138 -11.13 -3.69 -12.60
C ARG A 138 -10.40 -2.82 -11.58
N LEU A 139 -11.06 -2.51 -10.50
CA LEU A 139 -10.42 -1.65 -9.45
C LEU A 139 -10.32 -2.45 -8.16
N SER A 140 -9.48 -2.03 -7.22
CA SER A 140 -9.38 -2.83 -5.97
C SER A 140 -8.96 -2.01 -4.76
N LYS A 141 -9.48 -2.39 -3.62
CA LYS A 141 -9.11 -1.72 -2.36
C LYS A 141 -8.24 -2.69 -1.54
N LYS A 142 -6.95 -2.51 -1.56
CA LYS A 142 -6.04 -3.43 -0.82
C LYS A 142 -6.44 -3.57 0.65
N MET A 143 -6.40 -4.77 1.16
CA MET A 143 -6.75 -5.00 2.59
C MET A 143 -6.02 -6.24 3.10
N VAL A 144 -5.70 -6.28 4.37
CA VAL A 144 -4.96 -7.47 4.91
C VAL A 144 -5.93 -8.42 5.62
N ASP A 145 -5.70 -9.69 5.50
CA ASP A 145 -6.58 -10.68 6.18
C ASP A 145 -5.88 -11.21 7.44
N PRO A 146 -6.56 -11.14 8.56
CA PRO A 146 -5.97 -11.63 9.82
C PRO A 146 -5.78 -13.15 9.78
N GLU A 147 -6.48 -13.81 8.90
CA GLU A 147 -6.33 -15.30 8.79
C GLU A 147 -5.14 -15.63 7.91
N LYS A 148 -4.77 -14.74 7.02
CA LYS A 148 -3.60 -14.99 6.13
C LYS A 148 -2.64 -13.81 6.21
N PRO A 149 -1.99 -13.68 7.33
CA PRO A 149 -1.03 -12.56 7.56
C PRO A 149 0.22 -12.69 6.67
N GLN A 150 0.57 -13.88 6.27
CA GLN A 150 1.79 -14.04 5.40
C GLN A 150 1.57 -13.36 4.04
N LEU A 151 0.33 -13.18 3.65
CA LEU A 151 0.05 -12.53 2.34
C LEU A 151 0.24 -11.01 2.43
N GLY A 152 -0.34 -10.39 3.42
CA GLY A 152 -0.18 -8.92 3.57
C GLY A 152 -1.31 -8.21 2.82
N MET A 153 -1.02 -7.06 2.26
CA MET A 153 -2.06 -6.29 1.51
C MET A 153 -2.55 -7.09 0.29
N ILE A 154 -3.76 -7.60 0.34
CA ILE A 154 -4.29 -8.36 -0.83
C ILE A 154 -5.34 -7.52 -1.56
N ASP A 155 -5.39 -7.62 -2.86
CA ASP A 155 -6.39 -6.79 -3.62
C ASP A 155 -7.81 -7.35 -3.53
N ARG A 156 -8.74 -6.49 -3.23
CA ARG A 156 -10.18 -6.87 -3.22
C ARG A 156 -10.72 -6.27 -4.51
N TRP A 157 -10.97 -7.06 -5.52
CA TRP A 157 -11.38 -6.48 -6.84
C TRP A 157 -12.85 -6.15 -6.96
N TYR A 158 -13.14 -5.28 -7.90
CA TYR A 158 -14.53 -4.83 -8.16
C TYR A 158 -14.62 -4.29 -9.58
N HIS A 159 -15.81 -4.23 -10.13
CA HIS A 159 -15.97 -3.58 -11.45
C HIS A 159 -15.89 -2.08 -11.14
N PRO A 160 -15.42 -1.28 -12.05
CA PRO A 160 -15.31 0.18 -11.77
C PRO A 160 -16.66 0.75 -11.30
N GLY A 161 -17.74 0.38 -11.94
CA GLY A 161 -19.08 0.88 -11.50
C GLY A 161 -19.37 0.37 -10.08
N CYS A 162 -19.24 -0.92 -9.85
CA CYS A 162 -19.49 -1.47 -8.49
C CYS A 162 -18.59 -0.78 -7.45
N PHE A 163 -17.35 -0.54 -7.80
CA PHE A 163 -16.40 0.13 -6.85
C PHE A 163 -16.92 1.54 -6.51
N VAL A 164 -17.34 2.27 -7.51
CA VAL A 164 -17.83 3.66 -7.26
C VAL A 164 -19.06 3.62 -6.35
N LYS A 165 -19.93 2.66 -6.52
CA LYS A 165 -21.16 2.59 -5.66
C LYS A 165 -20.77 2.46 -4.17
N ASN A 166 -19.71 1.78 -3.89
CA ASN A 166 -19.26 1.61 -2.46
C ASN A 166 -18.01 2.45 -2.15
N ARG A 167 -17.84 3.57 -2.84
CA ARG A 167 -16.62 4.42 -2.59
C ARG A 167 -16.48 4.79 -1.10
N GLU A 168 -17.57 5.05 -0.45
CA GLU A 168 -17.50 5.46 0.99
C GLU A 168 -17.00 4.31 1.88
N GLU A 169 -17.66 3.19 1.84
CA GLU A 169 -17.24 2.04 2.69
C GLU A 169 -15.85 1.54 2.30
N LEU A 170 -15.46 1.71 1.07
CA LEU A 170 -14.11 1.24 0.64
C LEU A 170 -13.02 2.26 1.03
N GLY A 171 -13.38 3.34 1.67
CA GLY A 171 -12.37 4.34 2.12
C GLY A 171 -11.84 5.17 0.93
N PHE A 172 -12.59 5.28 -0.13
CA PHE A 172 -12.11 6.10 -1.29
C PHE A 172 -12.66 7.52 -1.14
N ARG A 173 -12.02 8.30 -0.31
CA ARG A 173 -12.48 9.71 -0.04
C ARG A 173 -12.82 10.47 -1.34
N PRO A 174 -13.63 11.51 -1.21
CA PRO A 174 -14.07 12.30 -2.39
C PRO A 174 -12.94 13.18 -2.93
N GLU A 175 -11.88 13.39 -2.17
CA GLU A 175 -10.75 14.23 -2.68
C GLU A 175 -9.85 13.41 -3.62
N TYR A 176 -9.98 12.10 -3.58
CA TYR A 176 -9.14 11.24 -4.46
C TYR A 176 -9.70 11.23 -5.88
N SER A 177 -8.81 11.15 -6.85
CA SER A 177 -9.25 11.12 -8.27
C SER A 177 -8.74 9.83 -8.92
N ALA A 178 -9.26 9.49 -10.07
CA ALA A 178 -8.82 8.22 -10.75
C ALA A 178 -7.30 8.21 -10.98
N SER A 179 -6.71 9.35 -11.21
CA SER A 179 -5.24 9.41 -11.48
C SER A 179 -4.40 8.93 -10.28
N GLN A 180 -4.98 8.80 -9.11
CA GLN A 180 -4.19 8.35 -7.92
C GLN A 180 -4.20 6.82 -7.77
N LEU A 181 -4.96 6.11 -8.55
CA LEU A 181 -5.00 4.62 -8.42
C LEU A 181 -3.66 3.99 -8.85
N LYS A 182 -3.17 3.06 -8.07
CA LYS A 182 -1.88 2.39 -8.43
C LYS A 182 -2.06 1.61 -9.74
N GLY A 183 -1.33 1.95 -10.77
CA GLY A 183 -1.46 1.23 -12.07
C GLY A 183 -2.20 2.09 -13.11
N PHE A 184 -2.77 3.20 -12.68
CA PHE A 184 -3.53 4.08 -13.64
C PHE A 184 -2.72 4.40 -14.90
N SER A 185 -1.52 4.87 -14.72
CA SER A 185 -0.66 5.26 -15.89
C SER A 185 -0.56 4.16 -16.97
N LEU A 186 -0.73 2.91 -16.63
CA LEU A 186 -0.60 1.81 -17.66
C LEU A 186 -1.90 1.55 -18.44
N LEU A 187 -2.91 2.34 -18.24
CA LEU A 187 -4.19 2.12 -18.95
C LEU A 187 -4.26 2.95 -20.24
N ALA A 188 -4.92 2.43 -21.25
CA ALA A 188 -5.04 3.20 -22.53
C ALA A 188 -5.76 4.51 -22.25
N THR A 189 -5.47 5.54 -23.02
CA THR A 189 -6.14 6.88 -22.80
C THR A 189 -7.66 6.74 -22.62
N GLU A 190 -8.29 5.99 -23.47
CA GLU A 190 -9.79 5.80 -23.38
C GLU A 190 -10.18 5.27 -21.98
N ASP A 191 -9.50 4.25 -21.53
CA ASP A 191 -9.82 3.69 -20.18
C ASP A 191 -9.54 4.72 -19.08
N LYS A 192 -8.48 5.49 -19.21
CA LYS A 192 -8.16 6.51 -18.17
C LYS A 192 -9.25 7.59 -18.11
N GLU A 193 -9.76 7.99 -19.24
CA GLU A 193 -10.82 9.04 -19.26
C GLU A 193 -12.09 8.52 -18.59
N ALA A 194 -12.48 7.31 -18.89
CA ALA A 194 -13.72 6.74 -18.26
C ALA A 194 -13.61 6.77 -16.73
N LEU A 195 -12.44 6.46 -16.21
CA LEU A 195 -12.26 6.45 -14.73
C LEU A 195 -12.30 7.89 -14.20
N LYS A 196 -11.48 8.77 -14.75
CA LYS A 196 -11.51 10.20 -14.28
C LYS A 196 -12.93 10.75 -14.30
N LYS A 197 -13.74 10.24 -15.19
CA LYS A 197 -15.16 10.68 -15.31
C LYS A 197 -15.96 10.28 -14.06
N GLN A 198 -15.80 9.07 -13.60
CA GLN A 198 -16.58 8.60 -12.41
C GLN A 198 -15.88 8.99 -11.09
N LEU A 199 -14.57 9.11 -11.11
CA LEU A 199 -13.84 9.53 -9.89
C LEU A 199 -13.07 10.81 -10.21
N PRO A 200 -13.78 11.91 -10.22
CA PRO A 200 -13.18 13.23 -10.57
C PRO A 200 -12.27 13.74 -9.45
N GLY A 201 -12.69 13.60 -8.21
CA GLY A 201 -11.85 14.09 -7.08
C GLY A 201 -12.01 15.61 -6.96
N VAL A 202 -11.15 16.35 -7.60
CA VAL A 202 -11.25 17.84 -7.53
C VAL A 202 -12.39 18.35 -8.40
N LYS A 203 -12.40 19.61 -8.71
CA LYS A 203 -13.50 20.17 -9.56
C LYS A 203 -12.91 20.78 -10.84
N SER A 204 -13.72 20.97 -11.85
CA SER A 204 -13.20 21.57 -13.12
C SER A 204 -12.82 23.03 -12.89
N GLU A 205 -11.96 23.56 -13.73
CA GLU A 205 -11.54 24.98 -13.57
C GLU A 205 -11.23 25.60 -14.94
N GLY A 206 -10.66 26.76 -14.96
CA GLY A 206 -10.33 27.43 -16.26
C GLY A 206 -9.54 28.71 -15.99
N LYS A 207 -8.25 28.67 -16.18
CA LYS A 207 -7.43 29.90 -15.95
C LYS A 207 -6.98 30.49 -17.28
N ARG A 208 -7.85 30.51 -18.27
CA ARG A 208 -7.47 31.08 -19.58
C ARG A 208 -8.68 31.76 -20.23
N LYS A 209 -8.87 33.03 -19.98
CA LYS A 209 -10.02 33.76 -20.58
C LYS A 209 -9.80 35.27 -20.51
N GLY A 210 -8.86 35.77 -21.26
CA GLY A 210 -8.59 37.24 -21.25
C GLY A 210 -8.39 37.73 -22.68
N ASP A 211 -9.09 37.16 -23.63
CA ASP A 211 -8.93 37.61 -25.04
C ASP A 211 -10.30 38.02 -25.62
N GLU A 212 -11.33 37.28 -25.33
CA GLU A 212 -12.68 37.63 -25.86
C GLU A 212 -13.44 38.47 -24.83
N VAL A 213 -13.20 38.24 -23.57
CA VAL A 213 -13.91 39.03 -22.52
C VAL A 213 -13.20 38.87 -21.17
N ASP A 214 -13.44 39.77 -20.25
CA ASP A 214 -12.78 39.68 -18.92
C ASP A 214 -13.51 38.66 -18.03
ZN ZN C . 18.31 -9.14 3.77
ZN ZN D . -19.47 -5.96 -9.96
N MET A 1 7.67 -11.81 28.22
CA MET A 1 6.42 -11.07 28.61
C MET A 1 6.47 -9.64 28.07
N ALA A 2 6.36 -9.48 26.78
CA ALA A 2 6.40 -8.11 26.19
C ALA A 2 5.02 -7.75 25.62
N GLU A 3 4.65 -6.49 25.69
CA GLU A 3 3.33 -6.08 25.15
C GLU A 3 3.34 -6.11 23.62
N SER A 4 2.26 -6.53 23.01
CA SER A 4 2.22 -6.57 21.52
C SER A 4 1.59 -5.28 20.97
N SER A 5 1.43 -5.21 19.68
CA SER A 5 0.83 -3.98 19.07
C SER A 5 -0.03 -4.36 17.86
N ASP A 6 -1.10 -3.64 17.63
CA ASP A 6 -1.98 -3.95 16.48
C ASP A 6 -1.34 -3.47 15.17
N LYS A 7 -0.27 -2.72 15.25
CA LYS A 7 0.39 -2.23 14.01
C LYS A 7 0.78 -3.41 13.12
N LEU A 8 0.86 -3.20 11.83
CA LEU A 8 1.21 -4.32 10.91
C LEU A 8 2.73 -4.45 10.76
N TYR A 9 3.49 -3.42 11.09
CA TYR A 9 4.97 -3.51 10.92
C TYR A 9 5.72 -3.12 12.19
N ARG A 10 6.96 -3.54 12.30
CA ARG A 10 7.77 -3.20 13.49
C ARG A 10 9.20 -2.86 13.06
N VAL A 11 9.79 -1.89 13.68
CA VAL A 11 11.18 -1.50 13.35
C VAL A 11 11.98 -1.39 14.65
N GLU A 12 13.18 -1.86 14.66
CA GLU A 12 13.99 -1.78 15.91
C GLU A 12 15.42 -2.24 15.67
N TYR A 13 16.27 -2.01 16.63
CA TYR A 13 17.67 -2.46 16.49
C TYR A 13 17.70 -3.94 16.88
N ALA A 14 18.23 -4.78 16.03
CA ALA A 14 18.24 -6.26 16.28
C ALA A 14 18.54 -6.63 17.74
N LYS A 15 17.61 -7.29 18.39
CA LYS A 15 17.83 -7.74 19.80
C LYS A 15 18.88 -8.85 19.82
N SER A 16 19.08 -9.50 18.70
CA SER A 16 20.10 -10.58 18.60
C SER A 16 20.60 -10.66 17.16
N GLY A 17 21.55 -11.53 16.88
CA GLY A 17 22.08 -11.63 15.49
C GLY A 17 21.69 -12.98 14.91
N ARG A 18 20.69 -13.61 15.47
CA ARG A 18 20.26 -14.96 14.97
C ARG A 18 19.11 -14.87 13.96
N ALA A 19 18.42 -13.77 13.90
CA ALA A 19 17.29 -13.65 12.90
C ALA A 19 17.82 -13.69 11.46
N SER A 20 17.11 -14.35 10.58
CA SER A 20 17.54 -14.45 9.16
C SER A 20 16.61 -13.62 8.30
N CYS A 21 17.15 -12.86 7.41
CA CYS A 21 16.32 -12.00 6.52
C CYS A 21 15.41 -12.88 5.63
N LYS A 22 14.13 -12.59 5.62
CA LYS A 22 13.19 -13.41 4.80
C LYS A 22 13.35 -13.13 3.29
N LYS A 23 14.18 -12.19 2.92
CA LYS A 23 14.39 -11.88 1.47
C LYS A 23 15.71 -12.48 0.96
N CYS A 24 16.83 -12.11 1.53
CA CYS A 24 18.14 -12.63 1.04
C CYS A 24 18.67 -13.81 1.89
N SER A 25 17.99 -14.17 2.96
CA SER A 25 18.41 -15.33 3.84
C SER A 25 19.66 -15.06 4.71
N GLU A 26 20.37 -13.97 4.51
CA GLU A 26 21.57 -13.71 5.37
C GLU A 26 21.13 -13.32 6.78
N SER A 27 21.98 -13.54 7.76
CA SER A 27 21.60 -13.21 9.16
C SER A 27 21.55 -11.70 9.39
N ILE A 28 20.70 -11.27 10.27
CA ILE A 28 20.60 -9.82 10.59
C ILE A 28 21.46 -9.58 11.83
N PRO A 29 22.51 -8.78 11.70
CA PRO A 29 23.45 -8.56 12.83
C PRO A 29 22.79 -7.82 14.01
N LYS A 30 23.15 -8.24 15.21
CA LYS A 30 22.57 -7.61 16.45
C LYS A 30 22.78 -6.09 16.44
N ASP A 31 21.81 -5.36 16.95
CA ASP A 31 21.89 -3.85 17.01
C ASP A 31 21.68 -3.19 15.63
N SER A 32 21.65 -3.95 14.56
CA SER A 32 21.44 -3.34 13.23
C SER A 32 19.97 -2.97 13.06
N LEU A 33 19.68 -2.01 12.22
CA LEU A 33 18.26 -1.61 12.02
C LEU A 33 17.55 -2.65 11.14
N ARG A 34 16.51 -3.25 11.66
CA ARG A 34 15.77 -4.28 10.87
C ARG A 34 14.28 -3.97 10.90
N MET A 35 13.55 -4.44 9.93
CA MET A 35 12.07 -4.18 9.90
C MET A 35 11.32 -5.49 9.67
N ALA A 36 10.11 -5.58 10.13
CA ALA A 36 9.36 -6.85 9.96
C ALA A 36 7.88 -6.60 9.73
N ILE A 37 7.24 -7.51 9.03
CA ILE A 37 5.78 -7.41 8.82
C ILE A 37 5.12 -8.34 9.86
N MET A 38 4.35 -7.79 10.76
CA MET A 38 3.74 -8.63 11.84
C MET A 38 2.67 -9.58 11.29
N VAL A 39 2.62 -10.77 11.82
CA VAL A 39 1.59 -11.76 11.37
C VAL A 39 1.02 -12.49 12.58
N GLN A 40 -0.27 -12.71 12.61
CA GLN A 40 -0.89 -13.43 13.76
C GLN A 40 -0.66 -14.93 13.62
N SER A 41 -0.27 -15.59 14.69
CA SER A 41 -0.03 -17.06 14.61
C SER A 41 -1.28 -17.82 15.06
N PRO A 42 -1.67 -18.81 14.29
CA PRO A 42 -2.85 -19.63 14.64
C PRO A 42 -2.49 -20.74 15.62
N MET A 43 -1.24 -20.86 15.98
CA MET A 43 -0.84 -21.93 16.94
C MET A 43 -0.76 -21.38 18.36
N PHE A 44 -0.75 -20.08 18.53
CA PHE A 44 -0.67 -19.50 19.90
C PHE A 44 -0.96 -18.00 19.85
N ASP A 45 -1.51 -17.46 20.90
CA ASP A 45 -1.80 -15.99 20.93
C ASP A 45 -0.51 -15.20 20.85
N GLY A 46 -0.38 -14.35 19.87
CA GLY A 46 0.88 -13.55 19.72
C GLY A 46 1.19 -13.38 18.25
N LYS A 47 1.93 -12.37 17.88
CA LYS A 47 2.24 -12.15 16.44
C LYS A 47 3.69 -12.53 16.13
N VAL A 48 3.92 -13.19 15.03
CA VAL A 48 5.32 -13.58 14.65
C VAL A 48 5.86 -12.55 13.64
N PRO A 49 7.05 -12.07 13.89
CA PRO A 49 7.62 -11.07 12.99
C PRO A 49 8.46 -11.71 11.88
N HIS A 50 8.21 -11.32 10.66
CA HIS A 50 9.06 -11.82 9.54
C HIS A 50 10.11 -10.72 9.35
N TRP A 51 11.31 -10.92 9.87
CA TRP A 51 12.33 -9.84 9.80
C TRP A 51 13.09 -9.78 8.48
N TYR A 52 13.57 -8.60 8.20
CA TYR A 52 14.36 -8.35 6.96
C TYR A 52 15.40 -7.26 7.24
N HIS A 53 16.52 -7.25 6.55
CA HIS A 53 17.48 -6.14 6.74
C HIS A 53 16.75 -4.88 6.28
N PHE A 54 17.10 -3.73 6.76
CA PHE A 54 16.36 -2.48 6.35
C PHE A 54 16.12 -2.40 4.82
N SER A 55 17.15 -2.56 4.03
CA SER A 55 16.98 -2.47 2.54
C SER A 55 16.13 -3.62 1.97
N CYS A 56 16.38 -4.84 2.38
CA CYS A 56 15.60 -6.01 1.84
C CYS A 56 14.10 -5.83 2.05
N PHE A 57 13.69 -5.26 3.16
CA PHE A 57 12.23 -5.09 3.45
C PHE A 57 11.48 -4.40 2.29
N TRP A 58 12.10 -3.45 1.61
CA TRP A 58 11.39 -2.72 0.53
C TRP A 58 11.50 -3.44 -0.82
N LYS A 59 12.44 -4.34 -0.95
CA LYS A 59 12.60 -5.06 -2.25
C LYS A 59 11.64 -6.25 -2.40
N VAL A 60 10.81 -6.48 -1.41
CA VAL A 60 9.85 -7.63 -1.49
C VAL A 60 8.45 -7.15 -1.91
N GLY A 61 8.15 -5.89 -1.69
CA GLY A 61 6.80 -5.38 -2.06
C GLY A 61 6.16 -4.69 -0.86
N HIS A 62 6.75 -4.79 0.30
CA HIS A 62 6.18 -4.12 1.50
C HIS A 62 6.15 -2.60 1.27
N SER A 63 5.08 -1.95 1.64
CA SER A 63 5.01 -0.47 1.41
C SER A 63 4.45 0.26 2.64
N ILE A 64 4.95 1.44 2.90
CA ILE A 64 4.45 2.23 4.06
C ILE A 64 4.40 3.72 3.70
N ARG A 65 3.25 4.33 3.77
CA ARG A 65 3.14 5.77 3.43
C ARG A 65 3.46 6.62 4.66
N HIS A 66 2.95 6.23 5.79
CA HIS A 66 3.21 6.98 7.06
C HIS A 66 3.83 6.06 8.12
N PRO A 67 5.14 6.06 8.18
CA PRO A 67 5.85 5.18 9.17
C PRO A 67 5.46 5.50 10.64
N ASP A 68 5.47 6.76 11.03
CA ASP A 68 5.11 7.11 12.43
C ASP A 68 3.82 6.41 12.94
N VAL A 69 2.83 6.24 12.10
CA VAL A 69 1.56 5.59 12.56
C VAL A 69 1.42 4.12 12.15
N GLU A 70 2.09 3.69 11.11
CA GLU A 70 1.94 2.26 10.65
C GLU A 70 3.05 1.34 11.16
N VAL A 71 4.15 1.88 11.64
CA VAL A 71 5.26 0.98 12.11
C VAL A 71 5.51 1.14 13.61
N ASP A 72 5.28 0.08 14.36
CA ASP A 72 5.52 0.14 15.83
C ASP A 72 7.02 0.26 16.12
N GLY A 73 7.40 1.03 17.12
CA GLY A 73 8.85 1.18 17.45
C GLY A 73 9.50 2.33 16.65
N PHE A 74 8.78 2.89 15.71
CA PHE A 74 9.37 4.01 14.88
C PHE A 74 9.82 5.18 15.77
N SER A 75 8.96 5.64 16.63
CA SER A 75 9.32 6.80 17.52
C SER A 75 10.52 6.52 18.44
N GLU A 76 10.85 5.25 18.71
CA GLU A 76 12.02 4.98 19.58
C GLU A 76 13.34 4.85 18.79
N LEU A 77 13.29 4.94 17.48
CA LEU A 77 14.54 4.84 16.68
C LEU A 77 15.36 6.12 16.84
N ARG A 78 16.64 6.08 16.57
CA ARG A 78 17.46 7.31 16.65
C ARG A 78 16.95 8.28 15.56
N TRP A 79 17.12 9.56 15.77
CA TRP A 79 16.60 10.57 14.78
C TRP A 79 16.99 10.22 13.33
N ASP A 80 18.25 10.06 13.05
CA ASP A 80 18.68 9.74 11.64
C ASP A 80 17.94 8.52 11.10
N ASP A 81 17.79 7.48 11.89
CA ASP A 81 17.07 6.26 11.40
C ASP A 81 15.59 6.59 11.16
N GLN A 82 15.05 7.50 11.93
CA GLN A 82 13.62 7.90 11.74
C GLN A 82 13.49 8.63 10.41
N GLN A 83 14.50 9.41 10.05
CA GLN A 83 14.46 10.13 8.75
C GLN A 83 14.70 9.14 7.61
N LYS A 84 15.63 8.25 7.80
CA LYS A 84 15.93 7.23 6.74
C LYS A 84 14.66 6.42 6.42
N VAL A 85 13.98 5.96 7.44
CA VAL A 85 12.73 5.18 7.21
C VAL A 85 11.67 6.10 6.57
N LYS A 86 11.59 7.32 7.04
CA LYS A 86 10.57 8.27 6.50
C LYS A 86 10.84 8.54 5.01
N LYS A 87 12.08 8.77 4.65
CA LYS A 87 12.40 9.06 3.23
C LYS A 87 12.28 7.79 2.39
N THR A 88 12.80 6.68 2.87
CA THR A 88 12.69 5.40 2.11
C THR A 88 11.22 5.07 1.87
N ALA A 89 10.39 5.34 2.85
CA ALA A 89 8.93 5.05 2.69
C ALA A 89 8.37 5.91 1.55
N GLU A 90 8.72 7.17 1.54
CA GLU A 90 8.21 8.08 0.46
C GLU A 90 8.73 7.62 -0.90
N ALA A 91 10.01 7.38 -1.02
CA ALA A 91 10.58 6.93 -2.32
C ALA A 91 9.89 5.63 -2.78
N GLY A 92 9.55 4.77 -1.85
CA GLY A 92 8.89 3.49 -2.23
C GLY A 92 9.83 2.64 -3.08
N GLY A 93 10.79 2.01 -2.46
CA GLY A 93 11.75 1.16 -3.22
C GLY A 93 13.19 1.65 -2.97
N VAL A 94 14.02 1.59 -3.96
CA VAL A 94 15.43 2.05 -3.78
C VAL A 94 15.45 3.54 -3.43
N THR A 95 16.53 4.01 -2.86
CA THR A 95 16.62 5.45 -2.48
C THR A 95 17.87 6.08 -3.11
N GLY A 96 18.04 5.93 -4.40
CA GLY A 96 19.23 6.53 -5.07
C GLY A 96 18.85 7.85 -5.72
N LYS A 97 19.10 7.98 -7.00
CA LYS A 97 18.74 9.25 -7.71
C LYS A 97 17.35 9.14 -8.32
N GLY A 98 16.93 10.14 -9.05
CA GLY A 98 15.58 10.09 -9.69
C GLY A 98 15.57 10.98 -10.93
N GLN A 99 14.99 10.51 -12.00
CA GLN A 99 14.95 11.33 -13.25
C GLN A 99 13.70 10.98 -14.06
N ASP A 100 13.73 11.21 -15.35
CA ASP A 100 12.54 10.91 -16.21
C ASP A 100 11.28 11.55 -15.62
N GLY A 101 10.14 11.26 -16.19
CA GLY A 101 8.87 11.86 -15.68
C GLY A 101 7.90 10.74 -15.30
N ILE A 102 6.67 10.85 -15.75
CA ILE A 102 5.65 9.80 -15.44
C ILE A 102 5.52 9.61 -13.91
N GLY A 103 4.50 8.91 -13.48
CA GLY A 103 4.31 8.70 -12.01
C GLY A 103 3.46 7.45 -11.79
N SER A 104 4.06 6.41 -11.28
CA SER A 104 3.29 5.15 -11.03
C SER A 104 3.44 4.72 -9.57
N LYS A 105 4.60 4.25 -9.20
CA LYS A 105 4.82 3.80 -7.79
C LYS A 105 5.49 4.92 -6.98
N ALA A 106 5.17 6.15 -7.28
CA ALA A 106 5.79 7.29 -6.53
C ALA A 106 4.72 8.05 -5.74
N GLU A 107 4.96 9.29 -5.44
CA GLU A 107 3.95 10.09 -4.67
C GLU A 107 2.70 10.33 -5.53
N LYS A 108 1.78 11.12 -5.04
CA LYS A 108 0.53 11.39 -5.82
C LYS A 108 -0.12 10.07 -6.25
N THR A 109 0.11 9.02 -5.51
CA THR A 109 -0.50 7.70 -5.88
C THR A 109 -0.89 6.93 -4.61
N LEU A 110 -2.12 6.51 -4.51
CA LEU A 110 -2.57 5.76 -3.31
C LEU A 110 -1.88 4.40 -3.26
N GLY A 111 -1.58 3.90 -2.09
CA GLY A 111 -0.89 2.59 -1.98
C GLY A 111 -1.90 1.48 -1.65
N ASP A 112 -3.13 1.83 -1.37
CA ASP A 112 -4.14 0.79 -1.03
C ASP A 112 -5.25 0.72 -2.09
N PHE A 113 -5.12 1.47 -3.16
CA PHE A 113 -6.17 1.43 -4.23
C PHE A 113 -5.50 1.19 -5.58
N ALA A 114 -6.02 0.30 -6.38
CA ALA A 114 -5.35 0.03 -7.69
C ALA A 114 -6.35 -0.18 -8.83
N ALA A 115 -5.88 0.02 -10.03
CA ALA A 115 -6.73 -0.17 -11.24
C ALA A 115 -5.90 -0.90 -12.31
N GLU A 116 -6.43 -1.93 -12.90
CA GLU A 116 -5.65 -2.67 -13.94
C GLU A 116 -6.60 -3.54 -14.77
N TYR A 117 -6.14 -4.01 -15.89
CA TYR A 117 -6.99 -4.90 -16.72
C TYR A 117 -6.93 -6.30 -16.09
N ALA A 118 -8.05 -6.97 -15.98
CA ALA A 118 -8.06 -8.33 -15.35
C ALA A 118 -6.99 -9.25 -15.96
N LYS A 119 -5.98 -9.61 -15.18
CA LYS A 119 -4.93 -10.52 -15.69
C LYS A 119 -5.52 -11.89 -16.02
N SER A 120 -6.68 -12.20 -15.50
CA SER A 120 -7.32 -13.52 -15.80
C SER A 120 -8.84 -13.39 -15.67
N ASN A 121 -9.55 -14.50 -15.67
CA ASN A 121 -11.03 -14.43 -15.56
C ASN A 121 -11.54 -15.19 -14.33
N ARG A 122 -10.67 -15.52 -13.41
CA ARG A 122 -11.12 -16.26 -12.18
C ARG A 122 -11.29 -15.30 -10.99
N SER A 123 -11.07 -14.02 -11.19
CA SER A 123 -11.26 -13.05 -10.06
C SER A 123 -12.76 -12.81 -9.90
N THR A 124 -13.17 -12.13 -8.88
CA THR A 124 -14.64 -11.90 -8.69
C THR A 124 -14.90 -10.53 -8.06
N CYS A 125 -15.79 -9.76 -8.66
CA CYS A 125 -16.13 -8.45 -8.06
C CYS A 125 -16.75 -8.67 -6.68
N LYS A 126 -16.15 -8.09 -5.66
CA LYS A 126 -16.69 -8.28 -4.27
C LYS A 126 -17.89 -7.35 -3.97
N GLY A 127 -18.55 -6.84 -4.99
CA GLY A 127 -19.71 -5.94 -4.77
C GLY A 127 -20.95 -6.67 -5.27
N CYS A 128 -20.86 -7.31 -6.40
CA CYS A 128 -22.02 -8.08 -6.94
C CYS A 128 -21.68 -9.59 -7.02
N MET A 129 -20.47 -9.99 -6.58
CA MET A 129 -20.07 -11.42 -6.62
C MET A 129 -20.07 -12.02 -8.04
N GLU A 130 -20.16 -11.21 -9.06
CA GLU A 130 -20.13 -11.75 -10.45
C GLU A 130 -18.67 -11.83 -10.90
N LYS A 131 -18.33 -12.82 -11.68
CA LYS A 131 -16.90 -12.97 -12.11
C LYS A 131 -16.49 -11.82 -13.05
N ILE A 132 -15.24 -11.40 -12.93
CA ILE A 132 -14.73 -10.35 -13.84
C ILE A 132 -14.05 -11.05 -15.02
N GLU A 133 -14.34 -10.65 -16.24
CA GLU A 133 -13.71 -11.33 -17.42
C GLU A 133 -12.29 -10.82 -17.65
N LYS A 134 -11.41 -11.71 -18.04
CA LYS A 134 -9.99 -11.29 -18.35
C LYS A 134 -9.96 -10.11 -19.35
N GLY A 135 -9.15 -9.11 -19.10
CA GLY A 135 -9.07 -7.95 -20.02
C GLY A 135 -9.97 -6.82 -19.50
N GLN A 136 -11.04 -7.15 -18.82
CA GLN A 136 -11.96 -6.10 -18.30
C GLN A 136 -11.27 -5.22 -17.24
N VAL A 137 -11.52 -3.94 -17.27
CA VAL A 137 -10.91 -3.03 -16.26
C VAL A 137 -11.51 -3.33 -14.89
N ARG A 138 -10.68 -3.42 -13.89
CA ARG A 138 -11.21 -3.70 -12.52
C ARG A 138 -10.49 -2.82 -11.51
N LEU A 139 -11.14 -2.50 -10.42
CA LEU A 139 -10.52 -1.65 -9.38
C LEU A 139 -10.40 -2.44 -8.08
N SER A 140 -9.57 -2.02 -7.16
CA SER A 140 -9.46 -2.81 -5.91
C SER A 140 -9.05 -1.98 -4.69
N LYS A 141 -9.56 -2.38 -3.56
CA LYS A 141 -9.20 -1.71 -2.28
C LYS A 141 -8.30 -2.65 -1.47
N LYS A 142 -7.02 -2.41 -1.51
CA LYS A 142 -6.06 -3.28 -0.77
C LYS A 142 -6.47 -3.48 0.70
N MET A 143 -6.34 -4.68 1.20
CA MET A 143 -6.69 -4.94 2.62
C MET A 143 -5.89 -6.14 3.13
N VAL A 144 -5.66 -6.23 4.42
CA VAL A 144 -4.88 -7.38 4.95
C VAL A 144 -5.81 -8.34 5.70
N ASP A 145 -5.59 -9.62 5.55
CA ASP A 145 -6.45 -10.61 6.26
C ASP A 145 -5.72 -11.12 7.51
N PRO A 146 -6.39 -11.06 8.63
CA PRO A 146 -5.76 -11.53 9.90
C PRO A 146 -5.58 -13.05 9.86
N GLU A 147 -6.30 -13.72 9.00
CA GLU A 147 -6.15 -15.20 8.90
C GLU A 147 -4.96 -15.55 8.01
N LYS A 148 -4.62 -14.68 7.09
CA LYS A 148 -3.46 -14.95 6.20
C LYS A 148 -2.52 -13.73 6.23
N PRO A 149 -1.82 -13.60 7.33
CA PRO A 149 -0.90 -12.44 7.50
C PRO A 149 0.34 -12.57 6.60
N GLN A 150 0.71 -13.76 6.22
CA GLN A 150 1.92 -13.91 5.35
C GLN A 150 1.68 -13.25 3.99
N LEU A 151 0.44 -13.09 3.60
CA LEU A 151 0.15 -12.45 2.28
C LEU A 151 0.28 -10.94 2.39
N GLY A 152 -0.27 -10.36 3.41
CA GLY A 152 -0.18 -8.88 3.58
C GLY A 152 -1.26 -8.18 2.75
N MET A 153 -0.94 -7.03 2.26
CA MET A 153 -1.91 -6.25 1.42
C MET A 153 -2.47 -7.10 0.27
N ILE A 154 -3.73 -7.50 0.35
CA ILE A 154 -4.31 -8.31 -0.76
C ILE A 154 -5.37 -7.47 -1.49
N ASP A 155 -5.44 -7.58 -2.79
CA ASP A 155 -6.43 -6.76 -3.55
C ASP A 155 -7.85 -7.33 -3.45
N ARG A 156 -8.79 -6.47 -3.16
CA ARG A 156 -10.23 -6.87 -3.14
C ARG A 156 -10.77 -6.26 -4.43
N TRP A 157 -11.02 -7.06 -5.44
CA TRP A 157 -11.44 -6.49 -6.76
C TRP A 157 -12.91 -6.15 -6.89
N TYR A 158 -13.21 -5.29 -7.82
CA TYR A 158 -14.60 -4.85 -8.07
C TYR A 158 -14.70 -4.30 -9.50
N HIS A 159 -15.88 -4.26 -10.04
CA HIS A 159 -16.05 -3.61 -11.37
C HIS A 159 -15.98 -2.11 -11.05
N PRO A 160 -15.52 -1.31 -11.98
CA PRO A 160 -15.41 0.15 -11.68
C PRO A 160 -16.77 0.71 -11.21
N GLY A 161 -17.85 0.33 -11.85
CA GLY A 161 -19.19 0.82 -11.41
C GLY A 161 -19.47 0.32 -9.99
N CYS A 162 -19.33 -0.97 -9.77
CA CYS A 162 -19.58 -1.53 -8.39
C CYS A 162 -18.68 -0.82 -7.36
N PHE A 163 -17.44 -0.57 -7.71
CA PHE A 163 -16.49 0.11 -6.77
C PHE A 163 -17.02 1.51 -6.43
N VAL A 164 -17.46 2.24 -7.43
CA VAL A 164 -17.96 3.61 -7.17
C VAL A 164 -19.19 3.57 -6.26
N LYS A 165 -20.05 2.60 -6.44
CA LYS A 165 -21.27 2.53 -5.57
C LYS A 165 -20.88 2.41 -4.08
N ASN A 166 -19.81 1.72 -3.79
CA ASN A 166 -19.35 1.55 -2.37
C ASN A 166 -18.13 2.41 -2.06
N ARG A 167 -17.94 3.53 -2.75
CA ARG A 167 -16.74 4.38 -2.51
C ARG A 167 -16.60 4.75 -1.02
N GLU A 168 -17.68 5.02 -0.37
CA GLU A 168 -17.62 5.42 1.07
C GLU A 168 -17.11 4.28 1.96
N GLU A 169 -17.76 3.16 1.91
CA GLU A 169 -17.33 2.01 2.77
C GLU A 169 -15.94 1.52 2.38
N LEU A 170 -15.56 1.69 1.14
CA LEU A 170 -14.20 1.24 0.70
C LEU A 170 -13.12 2.25 1.11
N GLY A 171 -13.49 3.34 1.75
CA GLY A 171 -12.48 4.34 2.18
C GLY A 171 -11.97 5.17 1.01
N PHE A 172 -12.71 5.27 -0.06
CA PHE A 172 -12.24 6.10 -1.22
C PHE A 172 -12.79 7.51 -1.06
N ARG A 173 -12.16 8.30 -0.24
CA ARG A 173 -12.63 9.71 0.03
C ARG A 173 -12.99 10.46 -1.27
N PRO A 174 -13.80 11.50 -1.14
CA PRO A 174 -14.23 12.28 -2.32
C PRO A 174 -13.11 13.18 -2.86
N GLU A 175 -12.06 13.38 -2.11
CA GLU A 175 -10.94 14.23 -2.61
C GLU A 175 -10.04 13.42 -3.55
N TYR A 176 -10.15 12.12 -3.51
CA TYR A 176 -9.31 11.25 -4.39
C TYR A 176 -9.86 11.23 -5.82
N SER A 177 -8.99 11.17 -6.78
CA SER A 177 -9.41 11.14 -8.21
C SER A 177 -8.90 9.85 -8.85
N ALA A 178 -9.42 9.50 -10.00
CA ALA A 178 -8.97 8.24 -10.69
C ALA A 178 -7.46 8.23 -10.92
N SER A 179 -6.88 9.37 -11.15
CA SER A 179 -5.40 9.45 -11.42
C SER A 179 -4.56 8.97 -10.23
N GLN A 180 -5.14 8.84 -9.06
CA GLN A 180 -4.35 8.40 -7.87
C GLN A 180 -4.34 6.87 -7.71
N LEU A 181 -5.10 6.15 -8.50
CA LEU A 181 -5.13 4.66 -8.36
C LEU A 181 -3.80 4.05 -8.79
N LYS A 182 -3.29 3.12 -8.00
CA LYS A 182 -2.00 2.46 -8.37
C LYS A 182 -2.18 1.67 -9.68
N GLY A 183 -1.44 2.01 -10.72
CA GLY A 183 -1.57 1.29 -12.02
C GLY A 183 -2.33 2.15 -13.05
N PHE A 184 -2.89 3.26 -12.63
CA PHE A 184 -3.66 4.12 -13.58
C PHE A 184 -2.86 4.45 -14.85
N SER A 185 -1.67 4.93 -14.68
CA SER A 185 -0.81 5.32 -15.84
C SER A 185 -0.69 4.22 -16.91
N LEU A 186 -0.87 2.97 -16.57
CA LEU A 186 -0.72 1.87 -17.61
C LEU A 186 -2.03 1.60 -18.38
N LEU A 187 -3.05 2.39 -18.17
CA LEU A 187 -4.33 2.15 -18.90
C LEU A 187 -4.40 2.98 -20.18
N ALA A 188 -5.06 2.47 -21.18
CA ALA A 188 -5.19 3.22 -22.47
C ALA A 188 -5.92 4.54 -22.19
N THR A 189 -5.64 5.57 -22.95
CA THR A 189 -6.30 6.90 -22.73
C THR A 189 -7.82 6.74 -22.56
N GLU A 190 -8.46 5.99 -23.41
CA GLU A 190 -9.95 5.79 -23.31
C GLU A 190 -10.33 5.27 -21.91
N ASP A 191 -9.66 4.25 -21.46
CA ASP A 191 -9.96 3.69 -20.11
C ASP A 191 -9.69 4.73 -19.01
N LYS A 192 -8.63 5.50 -19.15
CA LYS A 192 -8.32 6.52 -18.11
C LYS A 192 -9.42 7.59 -18.05
N GLU A 193 -9.92 8.00 -19.18
CA GLU A 193 -10.99 9.03 -19.21
C GLU A 193 -12.26 8.51 -18.51
N ALA A 194 -12.65 7.30 -18.83
CA ALA A 194 -13.88 6.71 -18.19
C ALA A 194 -13.77 6.74 -16.66
N LEU A 195 -12.60 6.44 -16.14
CA LEU A 195 -12.41 6.44 -14.66
C LEU A 195 -12.47 7.87 -14.13
N LYS A 196 -11.66 8.76 -14.68
CA LYS A 196 -11.68 10.19 -14.21
C LYS A 196 -13.12 10.73 -14.23
N LYS A 197 -13.91 10.21 -15.12
CA LYS A 197 -15.34 10.66 -15.23
C LYS A 197 -16.14 10.25 -13.98
N GLN A 198 -15.97 9.03 -13.52
CA GLN A 198 -16.74 8.56 -12.33
C GLN A 198 -16.04 8.96 -11.02
N LEU A 199 -14.74 9.08 -11.04
CA LEU A 199 -14.01 9.50 -9.81
C LEU A 199 -13.25 10.79 -10.14
N PRO A 200 -13.97 11.90 -10.13
CA PRO A 200 -13.36 13.21 -10.48
C PRO A 200 -12.45 13.72 -9.36
N GLY A 201 -12.87 13.62 -8.14
CA GLY A 201 -12.02 14.10 -7.02
C GLY A 201 -12.15 15.62 -6.89
N VAL A 202 -13.30 16.08 -6.50
CA VAL A 202 -13.51 17.55 -6.35
C VAL A 202 -12.92 18.05 -5.02
N LYS A 203 -12.72 19.33 -4.89
CA LYS A 203 -12.15 19.86 -3.62
C LYS A 203 -12.94 21.08 -3.15
N SER A 204 -13.30 21.12 -1.89
CA SER A 204 -14.08 22.27 -1.37
C SER A 204 -14.09 22.25 0.16
N GLU A 205 -14.75 21.28 0.74
CA GLU A 205 -14.82 21.19 2.22
C GLU A 205 -13.86 20.11 2.72
N GLY A 206 -12.60 20.44 2.92
CA GLY A 206 -11.62 19.44 3.40
C GLY A 206 -11.34 19.68 4.89
N LYS A 207 -12.28 19.35 5.74
CA LYS A 207 -12.07 19.55 7.20
C LYS A 207 -12.97 18.61 8.01
N ARG A 208 -13.06 18.82 9.29
CA ARG A 208 -13.93 17.92 10.12
C ARG A 208 -15.39 18.09 9.73
N LYS A 209 -15.94 17.12 9.05
CA LYS A 209 -17.37 17.21 8.63
C LYS A 209 -18.28 17.25 9.86
N GLY A 210 -18.11 16.33 10.76
CA GLY A 210 -18.96 16.31 11.99
C GLY A 210 -19.57 14.91 12.17
N ASP A 211 -20.70 14.66 11.57
CA ASP A 211 -21.33 13.31 11.70
C ASP A 211 -20.69 12.32 10.72
N GLU A 212 -21.15 11.10 10.72
CA GLU A 212 -20.58 10.08 9.80
C GLU A 212 -19.04 10.04 9.92
N VAL A 213 -18.55 9.40 10.95
CA VAL A 213 -17.07 9.33 11.13
C VAL A 213 -16.69 8.01 11.83
N ASP A 214 -15.73 7.30 11.31
CA ASP A 214 -15.33 6.01 11.95
C ASP A 214 -13.85 5.74 11.68
ZN ZN C . 18.46 -9.24 3.73
ZN ZN D . -19.52 -6.02 -9.86
N MET A 1 -2.63 -3.45 28.27
CA MET A 1 -1.99 -3.48 29.62
C MET A 1 -0.92 -4.58 29.69
N ALA A 2 -1.16 -5.69 29.05
CA ALA A 2 -0.17 -6.80 29.08
C ALA A 2 0.77 -6.70 27.87
N GLU A 3 1.26 -5.52 27.58
CA GLU A 3 2.18 -5.34 26.41
C GLU A 3 1.53 -5.91 25.14
N SER A 4 0.77 -5.11 24.44
CA SER A 4 0.11 -5.61 23.20
C SER A 4 0.37 -4.63 22.05
N SER A 5 0.53 -5.14 20.85
CA SER A 5 0.78 -4.23 19.68
C SER A 5 -0.12 -4.63 18.51
N ASP A 6 -1.19 -3.90 18.31
CA ASP A 6 -2.11 -4.24 17.18
C ASP A 6 -1.51 -3.77 15.85
N LYS A 7 -0.44 -3.04 15.88
CA LYS A 7 0.18 -2.55 14.61
C LYS A 7 0.53 -3.75 13.71
N LEU A 8 0.56 -3.55 12.42
CA LEU A 8 0.89 -4.68 11.51
C LEU A 8 2.39 -4.81 11.30
N TYR A 9 3.14 -3.78 11.58
CA TYR A 9 4.62 -3.87 11.38
C TYR A 9 5.41 -3.45 12.63
N ARG A 10 6.65 -3.86 12.69
CA ARG A 10 7.51 -3.51 13.86
C ARG A 10 8.92 -3.17 13.38
N VAL A 11 9.52 -2.18 13.98
CA VAL A 11 10.89 -1.79 13.60
C VAL A 11 11.73 -1.66 14.87
N GLU A 12 12.94 -2.13 14.86
CA GLU A 12 13.77 -2.03 16.08
C GLU A 12 15.20 -2.48 15.81
N TYR A 13 16.08 -2.22 16.74
CA TYR A 13 17.48 -2.68 16.56
C TYR A 13 17.52 -4.15 16.97
N ALA A 14 18.04 -4.99 16.11
CA ALA A 14 18.06 -6.48 16.39
C ALA A 14 18.41 -6.83 17.83
N LYS A 15 17.51 -7.48 18.51
CA LYS A 15 17.77 -7.91 19.93
C LYS A 15 18.82 -9.02 19.94
N SER A 16 18.99 -9.68 18.81
CA SER A 16 20.01 -10.76 18.70
C SER A 16 20.48 -10.85 17.24
N GLY A 17 21.42 -11.71 16.95
CA GLY A 17 21.92 -11.83 15.55
C GLY A 17 21.52 -13.19 14.98
N ARG A 18 20.53 -13.83 15.58
CA ARG A 18 20.10 -15.17 15.11
C ARG A 18 18.92 -15.11 14.13
N ALA A 19 18.22 -14.02 14.08
CA ALA A 19 17.07 -13.92 13.11
C ALA A 19 17.55 -13.96 11.65
N SER A 20 16.82 -14.64 10.81
CA SER A 20 17.21 -14.75 9.38
C SER A 20 16.24 -13.93 8.53
N CYS A 21 16.76 -13.18 7.62
CA CYS A 21 15.90 -12.33 6.74
C CYS A 21 14.97 -13.22 5.89
N LYS A 22 13.69 -12.95 5.92
CA LYS A 22 12.72 -13.79 5.13
C LYS A 22 12.85 -13.53 3.61
N LYS A 23 13.67 -12.58 3.21
CA LYS A 23 13.82 -12.28 1.75
C LYS A 23 15.13 -12.88 1.20
N CYS A 24 16.26 -12.50 1.75
CA CYS A 24 17.56 -13.03 1.22
C CYS A 24 18.13 -14.19 2.08
N SER A 25 17.48 -14.54 3.17
CA SER A 25 17.93 -15.69 4.05
C SER A 25 19.20 -15.40 4.89
N GLU A 26 19.89 -14.32 4.64
CA GLU A 26 21.12 -14.03 5.46
C GLU A 26 20.72 -13.62 6.89
N SER A 27 21.59 -13.83 7.84
CA SER A 27 21.26 -13.49 9.24
C SER A 27 21.20 -11.98 9.46
N ILE A 28 20.37 -11.54 10.36
CA ILE A 28 20.28 -10.09 10.66
C ILE A 28 21.18 -9.83 11.89
N PRO A 29 22.21 -9.03 11.70
CA PRO A 29 23.18 -8.79 12.81
C PRO A 29 22.56 -8.05 14.00
N LYS A 30 22.94 -8.44 15.19
CA LYS A 30 22.41 -7.81 16.44
C LYS A 30 22.60 -6.29 16.40
N ASP A 31 21.64 -5.54 16.93
CA ASP A 31 21.72 -4.03 16.97
C ASP A 31 21.45 -3.39 15.59
N SER A 32 21.41 -4.17 14.54
CA SER A 32 21.15 -3.57 13.20
C SER A 32 19.67 -3.21 13.07
N LEU A 33 19.35 -2.26 12.24
CA LEU A 33 17.93 -1.87 12.06
C LEU A 33 17.20 -2.92 11.22
N ARG A 34 16.18 -3.53 11.78
CA ARG A 34 15.42 -4.57 11.02
C ARG A 34 13.93 -4.26 11.10
N MET A 35 13.17 -4.75 10.15
CA MET A 35 11.71 -4.50 10.15
C MET A 35 10.96 -5.83 9.97
N ALA A 36 9.75 -5.92 10.47
CA ALA A 36 9.01 -7.19 10.32
C ALA A 36 7.52 -6.95 10.13
N ILE A 37 6.88 -7.87 9.46
CA ILE A 37 5.39 -7.78 9.30
C ILE A 37 4.75 -8.68 10.37
N MET A 38 4.04 -8.08 11.30
CA MET A 38 3.42 -8.87 12.40
C MET A 38 2.46 -9.94 11.87
N VAL A 39 2.34 -11.04 12.57
CA VAL A 39 1.43 -12.13 12.14
C VAL A 39 0.86 -12.84 13.37
N GLN A 40 -0.44 -13.04 13.42
CA GLN A 40 -1.04 -13.74 14.58
C GLN A 40 -0.83 -15.25 14.45
N SER A 41 -0.36 -15.89 15.49
CA SER A 41 -0.14 -17.36 15.42
C SER A 41 -1.36 -18.13 15.93
N PRO A 42 -1.77 -19.13 15.19
CA PRO A 42 -2.95 -19.93 15.60
C PRO A 42 -2.55 -21.03 16.60
N MET A 43 -1.28 -21.15 16.90
CA MET A 43 -0.84 -22.20 17.86
C MET A 43 -0.72 -21.63 19.28
N PHE A 44 -0.71 -20.33 19.41
CA PHE A 44 -0.59 -19.73 20.77
C PHE A 44 -0.89 -18.23 20.71
N ASP A 45 -1.41 -17.68 21.77
CA ASP A 45 -1.72 -16.21 21.79
C ASP A 45 -0.42 -15.41 21.67
N GLY A 46 -0.33 -14.58 20.66
CA GLY A 46 0.92 -13.78 20.46
C GLY A 46 1.17 -13.62 18.97
N LYS A 47 1.90 -12.61 18.57
CA LYS A 47 2.16 -12.41 17.12
C LYS A 47 3.60 -12.80 16.77
N VAL A 48 3.77 -13.48 15.66
CA VAL A 48 5.15 -13.88 15.22
C VAL A 48 5.65 -12.88 14.18
N PRO A 49 6.84 -12.37 14.38
CA PRO A 49 7.38 -11.38 13.45
C PRO A 49 8.19 -12.03 12.32
N HIS A 50 7.91 -11.66 11.11
CA HIS A 50 8.72 -12.16 9.96
C HIS A 50 9.77 -11.06 9.74
N TRP A 51 10.98 -11.25 10.22
CA TRP A 51 11.99 -10.17 10.12
C TRP A 51 12.71 -10.11 8.78
N TYR A 52 13.18 -8.94 8.46
CA TYR A 52 13.92 -8.68 7.20
C TYR A 52 14.97 -7.60 7.45
N HIS A 53 16.06 -7.59 6.72
CA HIS A 53 17.03 -6.48 6.87
C HIS A 53 16.28 -5.22 6.41
N PHE A 54 16.63 -4.06 6.87
CA PHE A 54 15.87 -2.82 6.46
C PHE A 54 15.59 -2.76 4.95
N SER A 55 16.60 -2.92 4.12
CA SER A 55 16.39 -2.86 2.63
C SER A 55 15.53 -4.02 2.11
N CYS A 56 15.80 -5.24 2.52
CA CYS A 56 15.01 -6.41 2.02
C CYS A 56 13.50 -6.23 2.27
N PHE A 57 13.13 -5.66 3.38
CA PHE A 57 11.68 -5.48 3.72
C PHE A 57 10.89 -4.82 2.57
N TRP A 58 11.49 -3.87 1.87
CA TRP A 58 10.74 -3.16 0.80
C TRP A 58 10.82 -3.90 -0.55
N LYS A 59 11.76 -4.79 -0.70
CA LYS A 59 11.88 -5.52 -2.00
C LYS A 59 10.92 -6.72 -2.10
N VAL A 60 10.13 -6.94 -1.09
CA VAL A 60 9.17 -8.10 -1.14
C VAL A 60 7.76 -7.64 -1.52
N GLY A 61 7.44 -6.41 -1.28
CA GLY A 61 6.07 -5.90 -1.61
C GLY A 61 5.47 -5.18 -0.41
N HIS A 62 6.10 -5.27 0.75
CA HIS A 62 5.55 -4.58 1.94
C HIS A 62 5.50 -3.07 1.69
N SER A 63 4.45 -2.41 2.10
CA SER A 63 4.35 -0.94 1.85
C SER A 63 3.85 -0.20 3.08
N ILE A 64 4.33 0.99 3.30
CA ILE A 64 3.90 1.80 4.47
C ILE A 64 3.81 3.28 4.09
N ARG A 65 2.66 3.87 4.19
CA ARG A 65 2.52 5.32 3.84
C ARG A 65 2.87 6.19 5.04
N HIS A 66 2.40 5.81 6.20
CA HIS A 66 2.69 6.58 7.45
C HIS A 66 3.34 5.66 8.51
N PRO A 67 4.66 5.67 8.53
CA PRO A 67 5.41 4.81 9.50
C PRO A 67 5.07 5.14 10.97
N ASP A 68 5.07 6.41 11.36
CA ASP A 68 4.74 6.78 12.76
C ASP A 68 3.48 6.08 13.31
N VAL A 69 2.47 5.89 12.49
CA VAL A 69 1.20 5.23 13.01
C VAL A 69 1.07 3.75 12.61
N GLU A 70 1.72 3.32 11.56
CA GLU A 70 1.56 1.89 11.12
C GLU A 70 2.69 0.98 11.61
N VAL A 71 3.80 1.53 12.05
CA VAL A 71 4.92 0.65 12.50
C VAL A 71 5.22 0.82 14.00
N ASP A 72 5.02 -0.23 14.77
CA ASP A 72 5.30 -0.17 16.22
C ASP A 72 6.81 -0.02 16.47
N GLY A 73 7.21 0.76 17.44
CA GLY A 73 8.68 0.93 17.73
C GLY A 73 9.28 2.07 16.91
N PHE A 74 8.54 2.62 15.98
CA PHE A 74 9.09 3.73 15.12
C PHE A 74 9.56 4.91 15.97
N SER A 75 8.73 5.38 16.86
CA SER A 75 9.11 6.55 17.72
C SER A 75 10.34 6.28 18.60
N GLU A 76 10.68 5.03 18.89
CA GLU A 76 11.87 4.76 19.73
C GLU A 76 13.17 4.63 18.90
N LEU A 77 13.09 4.72 17.59
CA LEU A 77 14.32 4.61 16.76
C LEU A 77 15.12 5.89 16.87
N ARG A 78 16.40 5.85 16.58
CA ARG A 78 17.20 7.10 16.62
C ARG A 78 16.67 8.05 15.53
N TRP A 79 16.83 9.33 15.72
CA TRP A 79 16.28 10.32 14.74
C TRP A 79 16.62 9.96 13.28
N ASP A 80 17.88 9.80 12.96
CA ASP A 80 18.27 9.48 11.55
C ASP A 80 17.53 8.23 11.04
N ASP A 81 17.39 7.21 11.85
CA ASP A 81 16.68 5.99 11.39
C ASP A 81 15.19 6.30 11.19
N GLN A 82 14.67 7.21 11.97
CA GLN A 82 13.23 7.60 11.81
C GLN A 82 13.06 8.31 10.47
N GLN A 83 14.05 9.09 10.08
CA GLN A 83 13.97 9.81 8.78
C GLN A 83 14.18 8.81 7.64
N LYS A 84 15.13 7.92 7.81
CA LYS A 84 15.39 6.89 6.74
C LYS A 84 14.13 6.07 6.48
N VAL A 85 13.48 5.62 7.53
CA VAL A 85 12.22 4.83 7.34
C VAL A 85 11.15 5.74 6.73
N LYS A 86 11.07 6.96 7.18
CA LYS A 86 10.03 7.90 6.65
C LYS A 86 10.26 8.15 5.15
N LYS A 87 11.49 8.38 4.76
CA LYS A 87 11.76 8.66 3.33
C LYS A 87 11.63 7.37 2.50
N THR A 88 12.15 6.27 2.99
CA THR A 88 12.04 4.99 2.24
C THR A 88 10.56 4.64 2.05
N ALA A 89 9.76 4.93 3.04
CA ALA A 89 8.31 4.62 2.93
C ALA A 89 7.71 5.48 1.80
N GLU A 90 8.04 6.74 1.76
CA GLU A 90 7.50 7.62 0.68
C GLU A 90 7.96 7.13 -0.69
N ALA A 91 9.24 6.91 -0.85
CA ALA A 91 9.76 6.43 -2.17
C ALA A 91 9.06 5.14 -2.58
N GLY A 92 9.11 4.79 -3.84
CA GLY A 92 8.46 3.53 -4.30
C GLY A 92 7.36 3.86 -5.31
N GLY A 93 7.61 4.80 -6.19
CA GLY A 93 6.59 5.17 -7.20
C GLY A 93 7.18 6.19 -8.18
N VAL A 94 7.87 7.17 -7.68
CA VAL A 94 8.47 8.20 -8.58
C VAL A 94 9.56 7.56 -9.45
N THR A 95 9.38 7.60 -10.75
CA THR A 95 10.40 6.99 -11.66
C THR A 95 11.19 8.10 -12.37
N GLY A 96 10.58 8.76 -13.32
CA GLY A 96 11.29 9.84 -14.05
C GLY A 96 10.74 9.94 -15.48
N LYS A 97 11.26 9.16 -16.39
CA LYS A 97 10.77 9.22 -17.80
C LYS A 97 9.84 8.04 -18.07
N GLY A 98 9.16 8.05 -19.18
CA GLY A 98 8.22 6.94 -19.52
C GLY A 98 7.29 7.36 -20.65
N GLN A 99 6.17 7.95 -20.32
CA GLN A 99 5.22 8.39 -21.38
C GLN A 99 5.76 9.62 -22.11
N ASP A 100 6.75 10.27 -21.55
CA ASP A 100 7.33 11.49 -22.22
C ASP A 100 6.22 12.49 -22.57
N GLY A 101 5.71 13.19 -21.60
CA GLY A 101 4.62 14.18 -21.87
C GLY A 101 4.62 15.24 -20.77
N ILE A 102 3.83 16.27 -20.94
CA ILE A 102 3.78 17.35 -19.90
C ILE A 102 2.84 16.93 -18.76
N GLY A 103 2.49 17.86 -17.90
CA GLY A 103 1.59 17.53 -16.77
C GLY A 103 1.79 18.55 -15.64
N SER A 104 1.62 18.13 -14.42
CA SER A 104 1.80 19.06 -13.27
C SER A 104 3.15 18.83 -12.59
N LYS A 105 3.37 19.43 -11.46
CA LYS A 105 4.67 19.24 -10.75
C LYS A 105 4.85 17.77 -10.36
N ALA A 106 3.92 17.22 -9.63
CA ALA A 106 4.03 15.79 -9.21
C ALA A 106 2.65 15.23 -8.87
N GLU A 107 2.21 14.26 -9.61
CA GLU A 107 0.86 13.66 -9.32
C GLU A 107 0.97 12.61 -8.21
N LYS A 108 0.26 12.80 -7.13
CA LYS A 108 0.31 11.83 -6.02
C LYS A 108 -0.36 10.51 -6.42
N THR A 109 0.13 9.40 -5.92
CA THR A 109 -0.47 8.09 -6.29
C THR A 109 -0.86 7.31 -5.02
N LEU A 110 -2.09 6.89 -4.93
CA LEU A 110 -2.55 6.12 -3.73
C LEU A 110 -1.81 4.78 -3.66
N GLY A 111 -1.55 4.30 -2.47
CA GLY A 111 -0.84 3.00 -2.34
C GLY A 111 -1.84 1.88 -2.03
N ASP A 112 -3.08 2.20 -1.77
CA ASP A 112 -4.08 1.14 -1.45
C ASP A 112 -5.19 1.09 -2.52
N PHE A 113 -5.01 1.77 -3.64
CA PHE A 113 -6.05 1.74 -4.70
C PHE A 113 -5.38 1.49 -6.06
N ALA A 114 -5.90 0.57 -6.86
CA ALA A 114 -5.27 0.29 -8.17
C ALA A 114 -6.28 0.06 -9.29
N ALA A 115 -5.83 0.24 -10.50
CA ALA A 115 -6.69 0.03 -11.70
C ALA A 115 -5.88 -0.71 -12.76
N GLU A 116 -6.42 -1.75 -13.33
CA GLU A 116 -5.66 -2.51 -14.37
C GLU A 116 -6.61 -3.39 -15.18
N TYR A 117 -6.17 -3.89 -16.29
CA TYR A 117 -7.04 -4.79 -17.09
C TYR A 117 -6.96 -6.17 -16.45
N ALA A 118 -8.07 -6.84 -16.30
CA ALA A 118 -8.06 -8.19 -15.64
C ALA A 118 -7.00 -9.12 -16.26
N LYS A 119 -5.99 -9.46 -15.49
CA LYS A 119 -4.94 -10.38 -16.01
C LYS A 119 -5.53 -11.76 -16.31
N SER A 120 -6.68 -12.07 -15.77
CA SER A 120 -7.32 -13.39 -16.03
C SER A 120 -8.84 -13.26 -15.88
N ASN A 121 -9.54 -14.37 -15.85
CA ASN A 121 -11.03 -14.31 -15.73
C ASN A 121 -11.51 -15.05 -14.47
N ARG A 122 -10.63 -15.37 -13.56
CA ARG A 122 -11.07 -16.08 -12.32
C ARG A 122 -11.22 -15.10 -11.14
N SER A 123 -11.00 -13.82 -11.36
CA SER A 123 -11.17 -12.84 -10.25
C SER A 123 -12.67 -12.60 -10.07
N THR A 124 -13.08 -11.91 -9.04
CA THR A 124 -14.53 -11.68 -8.83
C THR A 124 -14.79 -10.30 -8.22
N CYS A 125 -15.69 -9.53 -8.82
CA CYS A 125 -16.02 -8.22 -8.24
C CYS A 125 -16.61 -8.42 -6.84
N LYS A 126 -16.00 -7.83 -5.83
CA LYS A 126 -16.52 -7.99 -4.44
C LYS A 126 -17.72 -7.06 -4.13
N GLY A 127 -18.40 -6.57 -5.15
CA GLY A 127 -19.55 -5.67 -4.93
C GLY A 127 -20.81 -6.41 -5.39
N CYS A 128 -20.73 -7.07 -6.52
CA CYS A 128 -21.89 -7.85 -7.03
C CYS A 128 -21.55 -9.36 -7.08
N MET A 129 -20.34 -9.74 -6.66
CA MET A 129 -19.93 -11.18 -6.69
C MET A 129 -19.95 -11.80 -8.10
N GLU A 130 -20.06 -11.01 -9.13
CA GLU A 130 -20.05 -11.56 -10.51
C GLU A 130 -18.60 -11.64 -10.99
N LYS A 131 -18.26 -12.66 -11.74
CA LYS A 131 -16.85 -12.80 -12.21
C LYS A 131 -16.45 -11.68 -13.16
N ILE A 132 -15.20 -11.25 -13.08
CA ILE A 132 -14.71 -10.21 -14.01
C ILE A 132 -14.04 -10.92 -15.19
N GLU A 133 -14.35 -10.54 -16.40
CA GLU A 133 -13.74 -11.23 -17.58
C GLU A 133 -12.32 -10.73 -17.84
N LYS A 134 -11.45 -11.63 -18.24
CA LYS A 134 -10.04 -11.21 -18.58
C LYS A 134 -10.03 -10.05 -19.59
N GLY A 135 -9.21 -9.04 -19.37
CA GLY A 135 -9.16 -7.89 -20.31
C GLY A 135 -10.05 -6.75 -19.80
N GLN A 136 -11.10 -7.08 -19.09
CA GLN A 136 -12.02 -6.01 -18.58
C GLN A 136 -11.32 -5.13 -17.55
N VAL A 137 -11.57 -3.85 -17.59
CA VAL A 137 -10.95 -2.92 -16.60
C VAL A 137 -11.52 -3.19 -15.22
N ARG A 138 -10.69 -3.28 -14.22
CA ARG A 138 -11.19 -3.53 -12.85
C ARG A 138 -10.45 -2.62 -11.86
N LEU A 139 -11.09 -2.31 -10.77
CA LEU A 139 -10.45 -1.42 -9.74
C LEU A 139 -10.32 -2.20 -8.44
N SER A 140 -9.47 -1.76 -7.53
CA SER A 140 -9.34 -2.53 -6.28
C SER A 140 -8.90 -1.69 -5.09
N LYS A 141 -9.40 -2.06 -3.93
CA LYS A 141 -9.03 -1.36 -2.68
C LYS A 141 -8.13 -2.30 -1.86
N LYS A 142 -6.85 -2.11 -1.90
CA LYS A 142 -5.91 -2.99 -1.16
C LYS A 142 -6.31 -3.13 0.31
N MET A 143 -6.25 -4.33 0.83
CA MET A 143 -6.60 -4.56 2.26
C MET A 143 -5.84 -5.77 2.78
N VAL A 144 -5.54 -5.80 4.05
CA VAL A 144 -4.77 -6.96 4.60
C VAL A 144 -5.72 -7.93 5.32
N ASP A 145 -5.45 -9.20 5.24
CA ASP A 145 -6.31 -10.20 5.94
C ASP A 145 -5.60 -10.69 7.20
N PRO A 146 -6.28 -10.62 8.32
CA PRO A 146 -5.67 -11.08 9.58
C PRO A 146 -5.47 -12.59 9.57
N GLU A 147 -6.16 -13.28 8.70
CA GLU A 147 -6.00 -14.77 8.61
C GLU A 147 -4.80 -15.11 7.72
N LYS A 148 -4.46 -14.23 6.81
CA LYS A 148 -3.29 -14.48 5.92
C LYS A 148 -2.36 -13.27 5.96
N PRO A 149 -1.68 -13.11 7.06
CA PRO A 149 -0.76 -11.97 7.24
C PRO A 149 0.49 -12.09 6.35
N GLN A 150 0.90 -13.28 6.01
CA GLN A 150 2.10 -13.43 5.13
C GLN A 150 1.86 -12.79 3.77
N LEU A 151 0.61 -12.62 3.39
CA LEU A 151 0.30 -12.01 2.07
C LEU A 151 0.46 -10.48 2.14
N GLY A 152 -0.11 -9.86 3.13
CA GLY A 152 0.01 -8.38 3.25
C GLY A 152 -1.10 -7.71 2.44
N MET A 153 -0.86 -6.51 1.98
CA MET A 153 -1.91 -5.79 1.19
C MET A 153 -2.37 -6.62 -0.02
N ILE A 154 -3.58 -7.13 0.03
CA ILE A 154 -4.10 -7.92 -1.12
C ILE A 154 -5.17 -7.11 -1.86
N ASP A 155 -5.25 -7.23 -3.15
CA ASP A 155 -6.26 -6.43 -3.90
C ASP A 155 -7.68 -7.00 -3.78
N ARG A 156 -8.62 -6.15 -3.48
CA ARG A 156 -10.05 -6.55 -3.44
C ARG A 156 -10.62 -5.96 -4.73
N TRP A 157 -10.87 -6.77 -5.72
CA TRP A 157 -11.31 -6.23 -7.04
C TRP A 157 -12.80 -5.90 -7.14
N TYR A 158 -13.10 -5.05 -8.09
CA TYR A 158 -14.50 -4.61 -8.33
C TYR A 158 -14.63 -4.10 -9.76
N HIS A 159 -15.82 -4.06 -10.29
CA HIS A 159 -16.01 -3.44 -11.61
C HIS A 159 -15.94 -1.93 -11.34
N PRO A 160 -15.49 -1.14 -12.27
CA PRO A 160 -15.39 0.32 -12.01
C PRO A 160 -16.74 0.89 -11.52
N GLY A 161 -17.83 0.50 -12.13
CA GLY A 161 -19.16 0.99 -11.68
C GLY A 161 -19.42 0.51 -10.25
N CYS A 162 -19.28 -0.78 -10.00
CA CYS A 162 -19.50 -1.31 -8.63
C CYS A 162 -18.59 -0.59 -7.61
N PHE A 163 -17.35 -0.34 -7.99
CA PHE A 163 -16.39 0.35 -7.07
C PHE A 163 -16.91 1.76 -6.75
N VAL A 164 -17.37 2.47 -7.75
CA VAL A 164 -17.87 3.85 -7.52
C VAL A 164 -19.08 3.81 -6.57
N LYS A 165 -19.94 2.84 -6.72
CA LYS A 165 -21.15 2.78 -5.82
C LYS A 165 -20.74 2.68 -4.36
N ASN A 166 -19.66 2.01 -4.08
CA ASN A 166 -19.18 1.86 -2.65
C ASN A 166 -17.95 2.74 -2.37
N ARG A 167 -17.78 3.83 -3.09
CA ARG A 167 -16.58 4.69 -2.87
C ARG A 167 -16.42 5.10 -1.40
N GLU A 168 -17.49 5.37 -0.74
CA GLU A 168 -17.41 5.78 0.70
C GLU A 168 -16.87 4.66 1.60
N GLU A 169 -17.53 3.53 1.58
CA GLU A 169 -17.08 2.40 2.45
C GLU A 169 -15.69 1.91 2.05
N LEU A 170 -15.33 2.06 0.79
CA LEU A 170 -13.98 1.60 0.35
C LEU A 170 -12.90 2.64 0.71
N GLY A 171 -13.26 3.73 1.34
CA GLY A 171 -12.24 4.74 1.75
C GLY A 171 -11.75 5.55 0.56
N PHE A 172 -12.51 5.63 -0.51
CA PHE A 172 -12.06 6.44 -1.69
C PHE A 172 -12.62 7.86 -1.56
N ARG A 173 -11.98 8.66 -0.74
CA ARG A 173 -12.45 10.08 -0.49
C ARG A 173 -12.82 10.80 -1.80
N PRO A 174 -13.64 11.83 -1.67
CA PRO A 174 -14.09 12.60 -2.84
C PRO A 174 -12.98 13.50 -3.43
N GLU A 175 -11.92 13.72 -2.68
CA GLU A 175 -10.80 14.56 -3.23
C GLU A 175 -9.91 13.73 -4.17
N TYR A 176 -10.03 12.42 -4.11
CA TYR A 176 -9.20 11.55 -4.98
C TYR A 176 -9.77 11.52 -6.40
N SER A 177 -8.91 11.44 -7.38
CA SER A 177 -9.36 11.37 -8.80
C SER A 177 -8.85 10.08 -9.43
N ALA A 178 -9.39 9.72 -10.56
CA ALA A 178 -8.95 8.44 -11.23
C ALA A 178 -7.44 8.43 -11.50
N SER A 179 -6.87 9.58 -11.75
CA SER A 179 -5.40 9.65 -12.05
C SER A 179 -4.53 9.19 -10.86
N GLN A 180 -5.10 9.08 -9.68
CA GLN A 180 -4.29 8.65 -8.50
C GLN A 180 -4.27 7.13 -8.31
N LEU A 181 -5.04 6.40 -9.07
CA LEU A 181 -5.06 4.91 -8.91
C LEU A 181 -3.73 4.29 -9.35
N LYS A 182 -3.21 3.38 -8.57
CA LYS A 182 -1.93 2.71 -8.95
C LYS A 182 -2.13 1.90 -10.24
N GLY A 183 -1.41 2.24 -11.28
CA GLY A 183 -1.56 1.49 -12.57
C GLY A 183 -2.33 2.33 -13.61
N PHE A 184 -2.89 3.43 -13.20
CA PHE A 184 -3.68 4.30 -14.14
C PHE A 184 -2.90 4.60 -15.43
N SER A 185 -1.70 5.09 -15.28
CA SER A 185 -0.87 5.47 -16.47
C SER A 185 -0.76 4.35 -17.54
N LEU A 186 -0.94 3.10 -17.17
CA LEU A 186 -0.79 1.99 -18.18
C LEU A 186 -2.11 1.70 -18.94
N LEU A 187 -3.13 2.49 -18.73
CA LEU A 187 -4.43 2.25 -19.42
C LEU A 187 -4.51 3.05 -20.72
N ALA A 188 -5.19 2.51 -21.70
CA ALA A 188 -5.34 3.25 -22.99
C ALA A 188 -6.07 4.57 -22.72
N THR A 189 -5.80 5.59 -23.52
CA THR A 189 -6.48 6.92 -23.30
C THR A 189 -7.99 6.77 -23.10
N GLU A 190 -8.64 6.00 -23.93
CA GLU A 190 -10.13 5.79 -23.80
C GLU A 190 -10.48 5.30 -22.39
N ASP A 191 -9.80 4.29 -21.93
CA ASP A 191 -10.08 3.74 -20.57
C ASP A 191 -9.79 4.80 -19.50
N LYS A 192 -8.75 5.58 -19.66
CA LYS A 192 -8.42 6.62 -18.64
C LYS A 192 -9.51 7.68 -18.58
N GLU A 193 -10.04 8.06 -19.71
CA GLU A 193 -11.11 9.09 -19.73
C GLU A 193 -12.37 8.58 -19.01
N ALA A 194 -12.76 7.36 -19.29
CA ALA A 194 -13.98 6.79 -18.63
C ALA A 194 -13.83 6.85 -17.11
N LEU A 195 -12.65 6.55 -16.61
CA LEU A 195 -12.44 6.58 -15.13
C LEU A 195 -12.50 8.01 -14.62
N LYS A 196 -11.70 8.90 -15.19
CA LYS A 196 -11.73 10.34 -14.75
C LYS A 196 -13.16 10.87 -14.75
N LYS A 197 -13.97 10.33 -15.62
CA LYS A 197 -15.39 10.77 -15.71
C LYS A 197 -16.17 10.38 -14.45
N GLN A 198 -16.00 9.17 -13.98
CA GLN A 198 -16.75 8.72 -12.76
C GLN A 198 -16.03 9.14 -11.47
N LEU A 199 -14.73 9.27 -11.51
CA LEU A 199 -13.98 9.71 -10.30
C LEU A 199 -13.23 11.00 -10.66
N PRO A 200 -13.95 12.09 -10.68
CA PRO A 200 -13.36 13.41 -11.06
C PRO A 200 -12.45 13.95 -9.96
N GLY A 201 -12.85 13.81 -8.73
CA GLY A 201 -12.02 14.34 -7.60
C GLY A 201 -12.20 15.86 -7.51
N VAL A 202 -12.64 16.34 -6.38
CA VAL A 202 -12.84 17.81 -6.22
C VAL A 202 -11.49 18.54 -6.26
N LYS A 203 -10.75 18.51 -5.17
CA LYS A 203 -9.43 19.19 -5.14
C LYS A 203 -8.71 18.88 -3.82
N SER A 204 -7.64 19.58 -3.55
CA SER A 204 -6.88 19.34 -2.28
C SER A 204 -7.44 20.22 -1.16
N GLU A 205 -7.98 21.35 -1.50
CA GLU A 205 -8.55 22.26 -0.46
C GLU A 205 -9.93 22.76 -0.89
N GLY A 206 -10.78 23.07 0.05
CA GLY A 206 -12.14 23.56 -0.30
C GLY A 206 -13.19 22.59 0.22
N LYS A 207 -14.01 23.01 1.14
CA LYS A 207 -15.06 22.10 1.68
C LYS A 207 -16.24 22.02 0.72
N ARG A 208 -16.88 23.13 0.44
CA ARG A 208 -18.04 23.11 -0.49
C ARG A 208 -18.42 24.54 -0.89
N LYS A 209 -18.40 25.46 0.04
CA LYS A 209 -18.76 26.87 -0.28
C LYS A 209 -17.68 27.49 -1.17
N GLY A 210 -16.46 27.51 -0.73
CA GLY A 210 -15.37 28.10 -1.54
C GLY A 210 -14.76 29.30 -0.81
N ASP A 211 -13.49 29.23 -0.49
CA ASP A 211 -12.83 30.35 0.23
C ASP A 211 -11.76 31.00 -0.66
N GLU A 212 -11.87 32.28 -0.91
CA GLU A 212 -10.86 32.98 -1.76
C GLU A 212 -10.70 32.24 -3.10
N VAL A 213 -11.42 32.66 -4.11
CA VAL A 213 -11.31 31.99 -5.43
C VAL A 213 -11.09 33.03 -6.53
N ASP A 214 -10.44 34.12 -6.21
CA ASP A 214 -10.20 35.18 -7.23
C ASP A 214 -8.72 35.20 -7.63
ZN ZN C . 17.94 -9.60 3.86
ZN ZN D . -19.46 -5.83 -10.03
N MET A 1 9.50 -5.19 27.40
CA MET A 1 8.08 -5.11 27.84
C MET A 1 7.17 -5.80 26.83
N ALA A 2 6.95 -5.19 25.69
CA ALA A 2 6.08 -5.80 24.65
C ALA A 2 4.72 -6.20 25.25
N GLU A 3 3.83 -5.25 25.39
CA GLU A 3 2.49 -5.56 25.97
C GLU A 3 1.47 -5.77 24.85
N SER A 4 1.15 -4.71 24.14
CA SER A 4 0.15 -4.84 23.03
C SER A 4 0.64 -4.06 21.81
N SER A 5 0.44 -4.58 20.63
CA SER A 5 0.89 -3.87 19.40
C SER A 5 0.00 -4.25 18.21
N ASP A 6 -1.10 -3.56 18.04
CA ASP A 6 -2.00 -3.88 16.90
C ASP A 6 -1.39 -3.41 15.58
N LYS A 7 -0.33 -2.65 15.63
CA LYS A 7 0.32 -2.17 14.37
C LYS A 7 0.70 -3.35 13.49
N LEU A 8 0.73 -3.17 12.20
CA LEU A 8 1.08 -4.30 11.30
C LEU A 8 2.61 -4.42 11.12
N TYR A 9 3.35 -3.38 11.42
CA TYR A 9 4.83 -3.48 11.23
C TYR A 9 5.60 -3.09 12.49
N ARG A 10 6.84 -3.51 12.58
CA ARG A 10 7.68 -3.17 13.76
C ARG A 10 9.10 -2.83 13.30
N VAL A 11 9.69 -1.85 13.92
CA VAL A 11 11.08 -1.47 13.56
C VAL A 11 11.90 -1.36 14.84
N GLU A 12 13.10 -1.83 14.84
CA GLU A 12 13.93 -1.75 16.08
C GLU A 12 15.35 -2.21 15.82
N TYR A 13 16.22 -1.98 16.77
CA TYR A 13 17.62 -2.44 16.61
C TYR A 13 17.64 -3.92 17.01
N ALA A 14 18.16 -4.75 16.15
CA ALA A 14 18.17 -6.24 16.39
C ALA A 14 18.50 -6.61 17.84
N LYS A 15 17.57 -7.25 18.52
CA LYS A 15 17.82 -7.70 19.92
C LYS A 15 18.87 -8.82 19.93
N SER A 16 19.05 -9.47 18.81
CA SER A 16 20.06 -10.55 18.71
C SER A 16 20.55 -10.63 17.24
N GLY A 17 21.49 -11.51 16.96
CA GLY A 17 22.00 -11.61 15.57
C GLY A 17 21.60 -12.97 14.99
N ARG A 18 20.60 -13.60 15.57
CA ARG A 18 20.17 -14.95 15.08
C ARG A 18 18.99 -14.86 14.09
N ALA A 19 18.31 -13.76 14.03
CA ALA A 19 17.16 -13.64 13.04
C ALA A 19 17.67 -13.68 11.59
N SER A 20 16.95 -14.34 10.73
CA SER A 20 17.36 -14.44 9.31
C SER A 20 16.41 -13.62 8.46
N CYS A 21 16.95 -12.85 7.57
CA CYS A 21 16.10 -12.00 6.67
C CYS A 21 15.18 -12.86 5.80
N LYS A 22 13.90 -12.59 5.81
CA LYS A 22 12.95 -13.41 5.01
C LYS A 22 13.09 -13.13 3.50
N LYS A 23 13.92 -12.18 3.11
CA LYS A 23 14.10 -11.88 1.66
C LYS A 23 15.41 -12.49 1.12
N CYS A 24 16.54 -12.11 1.68
CA CYS A 24 17.84 -12.65 1.17
C CYS A 24 18.38 -13.83 2.02
N SER A 25 17.71 -14.18 3.12
CA SER A 25 18.14 -15.34 3.98
C SER A 25 19.40 -15.07 4.84
N GLU A 26 20.11 -13.99 4.62
CA GLU A 26 21.33 -13.72 5.45
C GLU A 26 20.91 -13.33 6.87
N SER A 27 21.78 -13.55 7.84
CA SER A 27 21.41 -13.21 9.24
C SER A 27 21.37 -11.70 9.47
N ILE A 28 20.53 -11.27 10.36
CA ILE A 28 20.44 -9.82 10.68
C ILE A 28 21.32 -9.57 11.92
N PRO A 29 22.37 -8.77 11.76
CA PRO A 29 23.32 -8.55 12.87
C PRO A 29 22.69 -7.82 14.06
N LYS A 30 23.06 -8.22 15.26
CA LYS A 30 22.51 -7.60 16.50
C LYS A 30 22.72 -6.08 16.49
N ASP A 31 21.75 -5.34 17.01
CA ASP A 31 21.85 -3.83 17.06
C ASP A 31 21.61 -3.17 15.68
N SER A 32 21.56 -3.93 14.62
CA SER A 32 21.33 -3.32 13.28
C SER A 32 19.86 -2.95 13.14
N LEU A 33 19.56 -2.00 12.31
CA LEU A 33 18.13 -1.60 12.12
C LEU A 33 17.42 -2.63 11.26
N ARG A 34 16.38 -3.24 11.79
CA ARG A 34 15.63 -4.27 11.02
C ARG A 34 14.14 -3.95 11.08
N MET A 35 13.39 -4.42 10.11
CA MET A 35 11.92 -4.16 10.09
C MET A 35 11.17 -5.47 9.88
N ALA A 36 9.96 -5.56 10.37
CA ALA A 36 9.21 -6.82 10.21
C ALA A 36 7.71 -6.58 10.00
N ILE A 37 7.07 -7.47 9.30
CA ILE A 37 5.60 -7.36 9.11
C ILE A 37 4.91 -8.26 10.14
N MET A 38 4.25 -7.68 11.10
CA MET A 38 3.57 -8.49 12.16
C MET A 38 2.66 -9.56 11.57
N VAL A 39 2.49 -10.64 12.28
CA VAL A 39 1.61 -11.76 11.81
C VAL A 39 1.01 -12.48 13.01
N GLN A 40 -0.29 -12.64 13.04
CA GLN A 40 -0.92 -13.36 14.20
C GLN A 40 -0.72 -14.87 14.06
N SER A 41 -0.30 -15.52 15.11
CA SER A 41 -0.08 -16.99 15.04
C SER A 41 -1.31 -17.76 15.52
N PRO A 42 -1.70 -18.75 14.76
CA PRO A 42 -2.89 -19.57 15.14
C PRO A 42 -2.51 -20.66 16.13
N MET A 43 -1.25 -20.79 16.47
CA MET A 43 -0.82 -21.86 17.42
C MET A 43 -0.73 -21.30 18.85
N PHE A 44 -0.72 -20.00 18.99
CA PHE A 44 -0.62 -19.41 20.36
C PHE A 44 -0.92 -17.91 20.31
N ASP A 45 -1.45 -17.37 21.37
CA ASP A 45 -1.76 -15.91 21.39
C ASP A 45 -0.45 -15.11 21.29
N GLY A 46 -0.33 -14.28 20.30
CA GLY A 46 0.92 -13.47 20.14
C GLY A 46 1.20 -13.30 18.65
N LYS A 47 1.93 -12.28 18.29
CA LYS A 47 2.22 -12.06 16.83
C LYS A 47 3.66 -12.46 16.50
N VAL A 48 3.85 -13.14 15.40
CA VAL A 48 5.22 -13.55 14.98
C VAL A 48 5.75 -12.54 13.96
N PRO A 49 6.94 -12.03 14.18
CA PRO A 49 7.50 -11.04 13.28
C PRO A 49 8.32 -11.67 12.15
N HIS A 50 8.06 -11.29 10.93
CA HIS A 50 8.93 -11.75 9.77
C HIS A 50 9.94 -10.69 9.60
N TRP A 51 11.14 -10.90 10.10
CA TRP A 51 12.17 -9.83 10.02
C TRP A 51 12.91 -9.76 8.68
N TYR A 52 13.40 -8.60 8.39
CA TYR A 52 14.15 -8.34 7.13
C TYR A 52 15.20 -7.26 7.41
N HIS A 53 16.30 -7.25 6.69
CA HIS A 53 17.28 -6.13 6.87
C HIS A 53 16.53 -4.88 6.41
N PHE A 54 16.90 -3.73 6.89
CA PHE A 54 16.15 -2.47 6.48
C PHE A 54 15.89 -2.41 4.96
N SER A 55 16.90 -2.57 4.15
CA SER A 55 16.72 -2.48 2.66
C SER A 55 15.85 -3.63 2.12
N CYS A 56 16.11 -4.85 2.52
CA CYS A 56 15.33 -6.01 2.00
C CYS A 56 13.81 -5.83 2.23
N PHE A 57 13.44 -5.27 3.34
CA PHE A 57 11.98 -5.09 3.65
C PHE A 57 11.21 -4.41 2.51
N TRP A 58 11.82 -3.45 1.81
CA TRP A 58 11.10 -2.72 0.74
C TRP A 58 11.19 -3.45 -0.60
N LYS A 59 12.12 -4.35 -0.76
CA LYS A 59 12.27 -5.06 -2.06
C LYS A 59 11.30 -6.26 -2.18
N VAL A 60 10.48 -6.49 -1.18
CA VAL A 60 9.52 -7.63 -1.25
C VAL A 60 8.12 -7.14 -1.65
N GLY A 61 7.82 -5.90 -1.41
CA GLY A 61 6.47 -5.37 -1.78
C GLY A 61 5.84 -4.68 -0.56
N HIS A 62 6.46 -4.78 0.59
CA HIS A 62 5.90 -4.10 1.80
C HIS A 62 5.88 -2.60 1.56
N SER A 63 4.82 -1.93 1.95
CA SER A 63 4.75 -0.45 1.72
C SER A 63 4.18 0.28 2.94
N ILE A 64 4.66 1.46 3.20
CA ILE A 64 4.16 2.25 4.36
C ILE A 64 4.14 3.73 4.00
N ARG A 65 2.99 4.35 4.07
CA ARG A 65 2.90 5.81 3.74
C ARG A 65 3.24 6.65 4.97
N HIS A 66 2.75 6.26 6.11
CA HIS A 66 3.03 7.01 7.38
C HIS A 66 3.66 6.09 8.42
N PRO A 67 4.97 6.08 8.47
CA PRO A 67 5.70 5.20 9.44
C PRO A 67 5.34 5.52 10.92
N ASP A 68 5.35 6.79 11.31
CA ASP A 68 5.01 7.15 12.72
C ASP A 68 3.73 6.46 13.24
N VAL A 69 2.73 6.28 12.42
CA VAL A 69 1.45 5.64 12.90
C VAL A 69 1.31 4.16 12.49
N GLU A 70 1.97 3.73 11.44
CA GLU A 70 1.82 2.30 10.98
C GLU A 70 2.93 1.38 11.49
N VAL A 71 4.03 1.92 11.95
CA VAL A 71 5.15 1.02 12.40
C VAL A 71 5.43 1.18 13.90
N ASP A 72 5.20 0.12 14.66
CA ASP A 72 5.46 0.17 16.12
C ASP A 72 6.97 0.31 16.39
N GLY A 73 7.37 1.07 17.38
CA GLY A 73 8.82 1.23 17.69
C GLY A 73 9.46 2.37 16.87
N PHE A 74 8.72 2.93 15.95
CA PHE A 74 9.31 4.04 15.11
C PHE A 74 9.77 5.22 15.99
N SER A 75 8.92 5.68 16.85
CA SER A 75 9.30 6.84 17.73
C SER A 75 10.52 6.56 18.63
N GLU A 76 10.84 5.29 18.90
CA GLU A 76 12.03 5.01 19.76
C GLU A 76 13.32 4.88 18.95
N LEU A 77 13.27 4.98 17.65
CA LEU A 77 14.50 4.87 16.83
C LEU A 77 15.32 6.16 16.96
N ARG A 78 16.60 6.10 16.68
CA ARG A 78 17.42 7.34 16.75
C ARG A 78 16.91 8.30 15.67
N TRP A 79 17.07 9.59 15.86
CA TRP A 79 16.54 10.59 14.88
C TRP A 79 16.91 10.23 13.42
N ASP A 80 18.17 10.07 13.12
CA ASP A 80 18.57 9.75 11.72
C ASP A 80 17.83 8.52 11.18
N ASP A 81 17.68 7.50 11.98
CA ASP A 81 16.96 6.28 11.50
C ASP A 81 15.48 6.60 11.28
N GLN A 82 14.95 7.51 12.06
CA GLN A 82 13.52 7.91 11.89
C GLN A 82 13.37 8.64 10.55
N GLN A 83 14.37 9.42 10.18
CA GLN A 83 14.31 10.14 8.89
C GLN A 83 14.53 9.15 7.74
N LYS A 84 15.46 8.25 7.92
CA LYS A 84 15.74 7.24 6.86
C LYS A 84 14.48 6.43 6.56
N VAL A 85 13.81 5.97 7.59
CA VAL A 85 12.55 5.19 7.38
C VAL A 85 11.49 6.11 6.76
N LYS A 86 11.41 7.33 7.22
CA LYS A 86 10.39 8.28 6.69
C LYS A 86 10.64 8.55 5.20
N LYS A 87 11.88 8.77 4.82
CA LYS A 87 12.18 9.06 3.40
C LYS A 87 12.04 7.79 2.56
N THR A 88 12.55 6.68 3.04
CA THR A 88 12.44 5.40 2.27
C THR A 88 10.96 5.07 2.07
N ALA A 89 10.15 5.34 3.04
CA ALA A 89 8.69 5.06 2.91
C ALA A 89 8.11 5.92 1.79
N GLU A 90 8.45 7.18 1.76
CA GLU A 90 7.93 8.08 0.70
C GLU A 90 8.40 7.62 -0.68
N ALA A 91 9.69 7.39 -0.83
CA ALA A 91 10.23 6.93 -2.14
C ALA A 91 9.53 5.63 -2.58
N GLY A 92 9.92 5.09 -3.69
CA GLY A 92 9.29 3.83 -4.18
C GLY A 92 10.24 3.11 -5.14
N GLY A 93 9.85 1.96 -5.61
CA GLY A 93 10.73 1.21 -6.56
C GLY A 93 10.35 1.55 -8.00
N VAL A 94 9.98 0.56 -8.77
CA VAL A 94 9.58 0.81 -10.18
C VAL A 94 8.08 1.07 -10.28
N THR A 95 7.68 2.27 -10.59
CA THR A 95 6.23 2.58 -10.69
C THR A 95 5.90 3.10 -12.10
N GLY A 96 6.54 2.56 -13.10
CA GLY A 96 6.26 3.03 -14.49
C GLY A 96 6.89 4.41 -14.71
N LYS A 97 6.99 4.85 -15.94
CA LYS A 97 7.60 6.19 -16.20
C LYS A 97 6.50 7.26 -16.24
N GLY A 98 6.82 8.47 -15.86
CA GLY A 98 5.80 9.55 -15.88
C GLY A 98 5.96 10.39 -17.15
N GLN A 99 4.91 11.05 -17.56
CA GLN A 99 4.99 11.88 -18.80
C GLN A 99 4.97 13.37 -18.43
N ASP A 100 3.99 13.80 -17.68
CA ASP A 100 3.90 15.22 -17.29
C ASP A 100 4.83 15.51 -16.11
N GLY A 101 4.74 16.69 -15.54
CA GLY A 101 5.62 17.02 -14.39
C GLY A 101 7.04 17.30 -14.89
N ILE A 102 7.89 17.84 -14.05
CA ILE A 102 9.29 18.12 -14.47
C ILE A 102 10.27 17.75 -13.35
N GLY A 103 10.03 16.64 -12.69
CA GLY A 103 10.95 16.23 -11.59
C GLY A 103 10.89 14.71 -11.43
N SER A 104 11.89 14.14 -10.82
CA SER A 104 11.91 12.64 -10.64
C SER A 104 11.53 12.30 -9.19
N LYS A 105 10.59 13.01 -8.63
CA LYS A 105 10.19 12.72 -7.21
C LYS A 105 8.99 11.76 -7.20
N ALA A 106 8.58 11.34 -6.04
CA ALA A 106 7.41 10.40 -5.95
C ALA A 106 6.12 11.14 -6.31
N GLU A 107 5.43 10.71 -7.33
CA GLU A 107 4.17 11.38 -7.73
C GLU A 107 3.05 11.00 -6.76
N LYS A 108 1.91 11.64 -6.88
CA LYS A 108 0.77 11.32 -5.97
C LYS A 108 0.10 10.01 -6.39
N THR A 109 0.26 8.97 -5.61
CA THR A 109 -0.36 7.67 -5.98
C THR A 109 -0.76 6.90 -4.71
N LEU A 110 -1.99 6.46 -4.63
CA LEU A 110 -2.43 5.71 -3.43
C LEU A 110 -1.74 4.34 -3.39
N GLY A 111 -1.44 3.85 -2.21
CA GLY A 111 -0.76 2.53 -2.10
C GLY A 111 -1.77 1.43 -1.78
N ASP A 112 -3.00 1.78 -1.51
CA ASP A 112 -4.02 0.74 -1.18
C ASP A 112 -5.12 0.67 -2.26
N PHE A 113 -4.99 1.42 -3.33
CA PHE A 113 -6.03 1.39 -4.41
C PHE A 113 -5.37 1.16 -5.77
N ALA A 114 -5.89 0.27 -6.57
CA ALA A 114 -5.24 0.00 -7.89
C ALA A 114 -6.24 -0.20 -9.02
N ALA A 115 -5.79 -0.01 -10.22
CA ALA A 115 -6.65 -0.20 -11.42
C ALA A 115 -5.83 -0.92 -12.49
N GLU A 116 -6.38 -1.95 -13.09
CA GLU A 116 -5.62 -2.70 -14.13
C GLU A 116 -6.57 -3.55 -14.95
N TYR A 117 -6.12 -4.04 -16.08
CA TYR A 117 -6.98 -4.92 -16.89
C TYR A 117 -6.93 -6.32 -16.28
N ALA A 118 -8.05 -6.98 -16.14
CA ALA A 118 -8.05 -8.34 -15.51
C ALA A 118 -7.00 -9.27 -16.14
N LYS A 119 -5.99 -9.64 -15.36
CA LYS A 119 -4.94 -10.55 -15.89
C LYS A 119 -5.54 -11.92 -16.22
N SER A 120 -6.70 -12.22 -15.69
CA SER A 120 -7.34 -13.53 -15.98
C SER A 120 -8.87 -13.40 -15.84
N ASN A 121 -9.58 -14.51 -15.83
CA ASN A 121 -11.07 -14.43 -15.71
C ASN A 121 -11.56 -15.19 -14.47
N ARG A 122 -10.68 -15.53 -13.56
CA ARG A 122 -11.13 -16.26 -12.33
C ARG A 122 -11.28 -15.30 -11.14
N SER A 123 -11.05 -14.01 -11.33
CA SER A 123 -11.23 -13.05 -10.21
C SER A 123 -12.73 -12.80 -10.03
N THR A 124 -13.13 -12.12 -8.99
CA THR A 124 -14.59 -11.89 -8.80
C THR A 124 -14.84 -10.52 -8.16
N CYS A 125 -15.72 -9.75 -8.75
CA CYS A 125 -16.05 -8.43 -8.16
C CYS A 125 -16.66 -8.65 -6.77
N LYS A 126 -16.06 -8.08 -5.74
CA LYS A 126 -16.58 -8.25 -4.36
C LYS A 126 -17.77 -7.33 -4.05
N GLY A 127 -18.44 -6.82 -5.05
CA GLY A 127 -19.59 -5.91 -4.82
C GLY A 127 -20.85 -6.63 -5.31
N CYS A 128 -20.77 -7.27 -6.46
CA CYS A 128 -21.94 -8.03 -6.98
C CYS A 128 -21.60 -9.55 -7.06
N MET A 129 -20.40 -9.95 -6.63
CA MET A 129 -19.99 -11.38 -6.67
C MET A 129 -20.02 -11.98 -8.09
N GLU A 130 -20.11 -11.17 -9.11
CA GLU A 130 -20.09 -11.70 -10.51
C GLU A 130 -18.65 -11.79 -10.98
N LYS A 131 -18.31 -12.79 -11.75
CA LYS A 131 -16.90 -12.94 -12.20
C LYS A 131 -16.48 -11.80 -13.14
N ILE A 132 -15.23 -11.38 -13.04
CA ILE A 132 -14.72 -10.33 -13.95
C ILE A 132 -14.05 -11.04 -15.14
N GLU A 133 -14.35 -10.64 -16.35
CA GLU A 133 -13.74 -11.31 -17.53
C GLU A 133 -12.32 -10.82 -17.77
N LYS A 134 -11.44 -11.71 -18.19
CA LYS A 134 -10.03 -11.29 -18.51
C LYS A 134 -10.01 -10.12 -19.50
N GLY A 135 -9.19 -9.12 -19.26
CA GLY A 135 -9.11 -7.96 -20.18
C GLY A 135 -10.00 -6.82 -19.66
N GLN A 136 -11.07 -7.15 -18.95
CA GLN A 136 -11.98 -6.09 -18.43
C GLN A 136 -11.27 -5.23 -17.38
N VAL A 137 -11.52 -3.94 -17.41
CA VAL A 137 -10.89 -3.04 -16.40
C VAL A 137 -11.48 -3.32 -15.03
N ARG A 138 -10.65 -3.43 -14.03
CA ARG A 138 -11.16 -3.70 -12.66
C ARG A 138 -10.42 -2.82 -11.65
N LEU A 139 -11.07 -2.51 -10.56
CA LEU A 139 -10.42 -1.65 -9.52
C LEU A 139 -10.30 -2.45 -8.23
N SER A 140 -9.46 -2.03 -7.31
CA SER A 140 -9.34 -2.82 -6.06
C SER A 140 -8.91 -2.01 -4.86
N LYS A 141 -9.41 -2.40 -3.71
CA LYS A 141 -9.02 -1.72 -2.44
C LYS A 141 -8.14 -2.70 -1.64
N LYS A 142 -6.85 -2.50 -1.67
CA LYS A 142 -5.92 -3.42 -0.94
C LYS A 142 -6.31 -3.56 0.52
N MET A 143 -6.25 -4.76 1.04
CA MET A 143 -6.59 -5.00 2.47
C MET A 143 -5.83 -6.24 2.98
N VAL A 144 -5.53 -6.27 4.24
CA VAL A 144 -4.77 -7.45 4.77
C VAL A 144 -5.72 -8.41 5.49
N ASP A 145 -5.49 -9.69 5.38
CA ASP A 145 -6.35 -10.68 6.07
C ASP A 145 -5.63 -11.21 7.33
N PRO A 146 -6.29 -11.13 8.45
CA PRO A 146 -5.68 -11.61 9.71
C PRO A 146 -5.50 -13.13 9.66
N GLU A 147 -6.22 -13.80 8.80
CA GLU A 147 -6.07 -15.27 8.69
C GLU A 147 -4.89 -15.63 7.78
N LYS A 148 -4.53 -14.74 6.90
CA LYS A 148 -3.37 -14.99 5.98
C LYS A 148 -2.41 -13.80 6.03
N PRO A 149 -1.73 -13.68 7.15
CA PRO A 149 -0.78 -12.55 7.34
C PRO A 149 0.46 -12.68 6.43
N GLN A 150 0.80 -13.87 6.04
CA GLN A 150 2.00 -14.04 5.15
C GLN A 150 1.75 -13.37 3.79
N LEU A 151 0.52 -13.17 3.42
CA LEU A 151 0.21 -12.53 2.10
C LEU A 151 0.39 -11.01 2.20
N GLY A 152 -0.15 -10.40 3.21
CA GLY A 152 -0.02 -8.92 3.36
C GLY A 152 -1.13 -8.23 2.57
N MET A 153 -0.87 -7.04 2.11
CA MET A 153 -1.92 -6.27 1.34
C MET A 153 -2.42 -7.09 0.13
N ILE A 154 -3.63 -7.58 0.19
CA ILE A 154 -4.18 -8.36 -0.97
C ILE A 154 -5.24 -7.51 -1.69
N ASP A 155 -5.31 -7.61 -2.99
CA ASP A 155 -6.31 -6.79 -3.73
C ASP A 155 -7.74 -7.35 -3.63
N ARG A 156 -8.67 -6.49 -3.32
CA ARG A 156 -10.10 -6.88 -3.29
C ARG A 156 -10.66 -6.27 -4.58
N TRP A 157 -10.92 -7.07 -5.59
CA TRP A 157 -11.34 -6.49 -6.90
C TRP A 157 -12.82 -6.15 -7.01
N TYR A 158 -13.12 -5.28 -7.94
CA TYR A 158 -14.51 -4.84 -8.18
C TYR A 158 -14.62 -4.29 -9.60
N HIS A 159 -15.81 -4.24 -10.13
CA HIS A 159 -16.00 -3.59 -11.46
C HIS A 159 -15.91 -2.10 -11.15
N PRO A 160 -15.45 -1.28 -12.07
CA PRO A 160 -15.34 0.17 -11.78
C PRO A 160 -16.69 0.73 -11.29
N GLY A 161 -17.77 0.36 -11.93
CA GLY A 161 -19.11 0.86 -11.47
C GLY A 161 -19.38 0.35 -10.05
N CYS A 162 -19.25 -0.93 -9.82
CA CYS A 162 -19.49 -1.49 -8.45
C CYS A 162 -18.57 -0.79 -7.43
N PHE A 163 -17.33 -0.55 -7.80
CA PHE A 163 -16.37 0.12 -6.86
C PHE A 163 -16.88 1.52 -6.51
N VAL A 164 -17.33 2.26 -7.50
CA VAL A 164 -17.82 3.64 -7.24
C VAL A 164 -19.03 3.60 -6.31
N LYS A 165 -19.91 2.64 -6.49
CA LYS A 165 -21.12 2.57 -5.60
C LYS A 165 -20.72 2.44 -4.12
N ASN A 166 -19.65 1.75 -3.86
CA ASN A 166 -19.19 1.58 -2.43
C ASN A 166 -17.94 2.44 -2.13
N ARG A 167 -17.77 3.55 -2.82
CA ARG A 167 -16.55 4.40 -2.59
C ARG A 167 -16.40 4.78 -1.10
N GLU A 168 -17.48 5.04 -0.44
CA GLU A 168 -17.40 5.45 1.01
C GLU A 168 -16.88 4.30 1.88
N GLU A 169 -17.54 3.18 1.84
CA GLU A 169 -17.11 2.03 2.70
C GLU A 169 -15.72 1.53 2.30
N LEU A 170 -15.35 1.70 1.05
CA LEU A 170 -14.00 1.24 0.60
C LEU A 170 -12.91 2.26 0.99
N GLY A 171 -13.28 3.34 1.64
CA GLY A 171 -12.24 4.34 2.07
C GLY A 171 -11.73 5.17 0.88
N PHE A 172 -12.49 5.27 -0.18
CA PHE A 172 -12.03 6.10 -1.34
C PHE A 172 -12.57 7.52 -1.19
N ARG A 173 -11.93 8.30 -0.36
CA ARG A 173 -12.40 9.71 -0.10
C ARG A 173 -12.75 10.47 -1.39
N PRO A 174 -13.57 11.50 -1.24
CA PRO A 174 -14.01 12.29 -2.42
C PRO A 174 -12.89 13.18 -2.97
N GLU A 175 -11.83 13.39 -2.23
CA GLU A 175 -10.71 14.23 -2.75
C GLU A 175 -9.81 13.41 -3.69
N TYR A 176 -9.94 12.10 -3.66
CA TYR A 176 -9.11 11.24 -4.55
C TYR A 176 -9.68 11.23 -5.97
N SER A 177 -8.81 11.15 -6.94
CA SER A 177 -9.26 11.12 -8.36
C SER A 177 -8.75 9.83 -9.00
N ALA A 178 -9.28 9.48 -10.15
CA ALA A 178 -8.85 8.22 -10.83
C ALA A 178 -7.34 8.21 -11.09
N SER A 179 -6.75 9.36 -11.32
CA SER A 179 -5.28 9.43 -11.61
C SER A 179 -4.42 8.94 -10.42
N GLN A 180 -5.01 8.80 -9.26
CA GLN A 180 -4.19 8.36 -8.07
C GLN A 180 -4.20 6.83 -7.91
N LEU A 181 -4.96 6.11 -8.69
CA LEU A 181 -5.00 4.63 -8.55
C LEU A 181 -3.68 4.01 -8.99
N LYS A 182 -3.17 3.08 -8.22
CA LYS A 182 -1.88 2.41 -8.61
C LYS A 182 -2.07 1.62 -9.91
N GLY A 183 -1.35 1.97 -10.94
CA GLY A 183 -1.50 1.24 -12.25
C GLY A 183 -2.26 2.10 -13.27
N PHE A 184 -2.81 3.21 -12.85
CA PHE A 184 -3.59 4.10 -13.79
C PHE A 184 -2.80 4.41 -15.06
N SER A 185 -1.60 4.89 -14.90
CA SER A 185 -0.75 5.28 -16.07
C SER A 185 -0.65 4.17 -17.15
N LEU A 186 -0.83 2.92 -16.81
CA LEU A 186 -0.70 1.82 -17.84
C LEU A 186 -2.00 1.56 -18.61
N LEU A 187 -3.02 2.35 -18.39
CA LEU A 187 -4.31 2.12 -19.10
C LEU A 187 -4.39 2.95 -20.38
N ALA A 188 -5.06 2.44 -21.37
CA ALA A 188 -5.20 3.20 -22.66
C ALA A 188 -5.93 4.51 -22.38
N THR A 189 -5.65 5.55 -23.14
CA THR A 189 -6.31 6.88 -22.92
C THR A 189 -7.83 6.74 -22.72
N GLU A 190 -8.47 5.98 -23.57
CA GLU A 190 -9.96 5.79 -23.45
C GLU A 190 -10.33 5.27 -22.06
N ASP A 191 -9.66 4.25 -21.61
CA ASP A 191 -9.95 3.69 -20.26
C ASP A 191 -9.67 4.72 -19.17
N LYS A 192 -8.61 5.49 -19.31
CA LYS A 192 -8.27 6.51 -18.27
C LYS A 192 -9.37 7.59 -18.20
N GLU A 193 -9.89 7.99 -19.33
CA GLU A 193 -10.95 9.04 -19.34
C GLU A 193 -12.21 8.52 -18.64
N ALA A 194 -12.61 7.30 -18.94
CA ALA A 194 -13.84 6.73 -18.29
C ALA A 194 -13.70 6.76 -16.77
N LEU A 195 -12.53 6.45 -16.27
CA LEU A 195 -12.33 6.45 -14.78
C LEU A 195 -12.37 7.88 -14.25
N LYS A 196 -11.57 8.77 -14.80
CA LYS A 196 -11.58 10.19 -14.34
C LYS A 196 -13.02 10.74 -14.34
N LYS A 197 -13.82 10.22 -15.23
CA LYS A 197 -15.25 10.68 -15.32
C LYS A 197 -16.04 10.27 -14.06
N GLN A 198 -15.87 9.05 -13.61
CA GLN A 198 -16.64 8.59 -12.40
C GLN A 198 -15.92 8.98 -11.10
N LEU A 199 -14.62 9.10 -11.14
CA LEU A 199 -13.87 9.51 -9.91
C LEU A 199 -13.10 10.80 -10.25
N PRO A 200 -13.83 11.91 -10.25
CA PRO A 200 -13.21 13.21 -10.60
C PRO A 200 -12.30 13.73 -9.49
N GLY A 201 -12.70 13.59 -8.26
CA GLY A 201 -11.84 14.08 -7.15
C GLY A 201 -12.00 15.60 -7.01
N VAL A 202 -13.18 16.07 -6.71
CA VAL A 202 -13.39 17.53 -6.57
C VAL A 202 -14.35 17.83 -5.41
N LYS A 203 -14.43 19.07 -5.00
CA LYS A 203 -15.34 19.43 -3.88
C LYS A 203 -16.52 20.26 -4.39
N SER A 204 -17.62 20.25 -3.70
CA SER A 204 -18.81 21.03 -4.15
C SER A 204 -18.97 22.28 -3.28
N GLU A 205 -19.55 23.32 -3.82
CA GLU A 205 -19.74 24.57 -3.03
C GLU A 205 -21.23 24.91 -2.92
N GLY A 206 -21.81 25.41 -3.99
CA GLY A 206 -23.27 25.75 -3.95
C GLY A 206 -23.45 27.20 -3.47
N LYS A 207 -23.67 27.39 -2.20
CA LYS A 207 -23.86 28.77 -1.67
C LYS A 207 -22.64 29.65 -1.98
N ARG A 208 -22.83 30.94 -2.01
CA ARG A 208 -21.68 31.86 -2.31
C ARG A 208 -22.08 33.30 -1.99
N LYS A 209 -21.13 34.19 -1.91
CA LYS A 209 -21.45 35.61 -1.61
C LYS A 209 -21.03 36.52 -2.77
N GLY A 210 -21.24 37.80 -2.64
CA GLY A 210 -20.85 38.73 -3.75
C GLY A 210 -22.02 38.88 -4.72
N ASP A 211 -22.73 39.98 -4.63
CA ASP A 211 -23.89 40.19 -5.55
C ASP A 211 -23.92 41.65 -6.03
N GLU A 212 -22.99 42.03 -6.86
CA GLU A 212 -22.98 43.44 -7.36
C GLU A 212 -24.01 43.61 -8.48
N VAL A 213 -25.27 43.70 -8.13
CA VAL A 213 -26.32 43.87 -9.17
C VAL A 213 -27.13 45.15 -8.91
N ASP A 214 -26.45 46.26 -8.77
CA ASP A 214 -27.16 47.54 -8.51
C ASP A 214 -27.59 48.19 -9.83
ZN ZN C . 18.20 -9.25 3.85
ZN ZN D . -19.46 -5.98 -9.92
N MET A 1 0.43 1.39 21.00
CA MET A 1 1.33 1.83 22.10
C MET A 1 1.49 0.71 23.14
N ALA A 2 2.47 -0.13 22.95
CA ALA A 2 2.69 -1.25 23.93
C ALA A 2 1.41 -2.06 24.12
N GLU A 3 1.44 -3.05 24.97
CA GLU A 3 0.21 -3.87 25.22
C GLU A 3 -0.36 -4.38 23.89
N SER A 4 0.14 -5.46 23.38
CA SER A 4 -0.37 -6.01 22.09
C SER A 4 -0.30 -4.96 20.99
N SER A 5 0.72 -4.99 20.17
CA SER A 5 0.85 -3.99 19.08
C SER A 5 -0.02 -4.38 17.89
N ASP A 6 -1.08 -3.65 17.67
CA ASP A 6 -1.98 -3.96 16.50
C ASP A 6 -1.35 -3.49 15.19
N LYS A 7 -0.26 -2.75 15.26
CA LYS A 7 0.40 -2.28 14.01
C LYS A 7 0.77 -3.47 13.12
N LEU A 8 0.84 -3.27 11.84
CA LEU A 8 1.19 -4.39 10.92
C LEU A 8 2.70 -4.52 10.77
N TYR A 9 3.46 -3.50 11.08
CA TYR A 9 4.94 -3.60 10.90
C TYR A 9 5.70 -3.20 12.17
N ARG A 10 6.93 -3.62 12.27
CA ARG A 10 7.76 -3.29 13.45
C ARG A 10 9.19 -2.95 13.01
N VAL A 11 9.78 -1.98 13.62
CA VAL A 11 11.18 -1.60 13.27
C VAL A 11 11.98 -1.48 14.57
N GLU A 12 13.19 -1.96 14.58
CA GLU A 12 13.99 -1.87 15.83
C GLU A 12 15.42 -2.34 15.59
N TYR A 13 16.29 -2.09 16.53
CA TYR A 13 17.67 -2.56 16.39
C TYR A 13 17.70 -4.03 16.80
N ALA A 14 18.23 -4.87 15.95
CA ALA A 14 18.23 -6.36 16.21
C ALA A 14 18.54 -6.73 17.67
N LYS A 15 17.60 -7.37 18.33
CA LYS A 15 17.84 -7.80 19.74
C LYS A 15 18.88 -8.92 19.78
N SER A 16 19.07 -9.58 18.66
CA SER A 16 20.08 -10.67 18.56
C SER A 16 20.59 -10.76 17.11
N GLY A 17 21.52 -11.63 16.84
CA GLY A 17 22.05 -11.75 15.46
C GLY A 17 21.64 -13.11 14.88
N ARG A 18 20.64 -13.74 15.45
CA ARG A 18 20.21 -15.08 14.97
C ARG A 18 19.05 -15.00 13.97
N ALA A 19 18.37 -13.89 13.90
CA ALA A 19 17.23 -13.78 12.91
C ALA A 19 17.76 -13.83 11.46
N SER A 20 17.04 -14.50 10.59
CA SER A 20 17.46 -14.61 9.17
C SER A 20 16.52 -13.79 8.31
N CYS A 21 17.07 -13.03 7.41
CA CYS A 21 16.23 -12.19 6.51
C CYS A 21 15.32 -13.06 5.64
N LYS A 22 14.03 -12.77 5.64
CA LYS A 22 13.09 -13.60 4.83
C LYS A 22 13.24 -13.33 3.32
N LYS A 23 14.08 -12.39 2.93
CA LYS A 23 14.28 -12.10 1.48
C LYS A 23 15.59 -12.71 0.96
N CYS A 24 16.71 -12.33 1.53
CA CYS A 24 18.01 -12.88 1.03
C CYS A 24 18.55 -14.05 1.90
N SER A 25 17.87 -14.39 2.98
CA SER A 25 18.29 -15.55 3.86
C SER A 25 19.55 -15.28 4.72
N GLU A 26 20.26 -14.20 4.50
CA GLU A 26 21.46 -13.92 5.35
C GLU A 26 21.04 -13.53 6.77
N SER A 27 21.89 -13.74 7.74
CA SER A 27 21.52 -13.40 9.15
C SER A 27 21.47 -11.89 9.35
N ILE A 28 20.62 -11.44 10.23
CA ILE A 28 20.54 -9.98 10.54
C ILE A 28 21.41 -9.73 11.78
N PRO A 29 22.46 -8.94 11.63
CA PRO A 29 23.41 -8.71 12.76
C PRO A 29 22.76 -7.96 13.94
N LYS A 30 23.12 -8.36 15.13
CA LYS A 30 22.56 -7.73 16.37
C LYS A 30 22.77 -6.22 16.34
N ASP A 31 21.81 -5.46 16.85
CA ASP A 31 21.90 -3.96 16.89
C ASP A 31 21.68 -3.31 15.52
N SER A 32 21.64 -4.08 14.45
CA SER A 32 21.42 -3.48 13.10
C SER A 32 19.95 -3.10 12.95
N LEU A 33 19.66 -2.15 12.10
CA LEU A 33 18.25 -1.75 11.91
C LEU A 33 17.53 -2.79 11.04
N ARG A 34 16.49 -3.40 11.56
CA ARG A 34 15.74 -4.42 10.80
C ARG A 34 14.24 -4.10 10.83
N MET A 35 13.51 -4.58 9.87
CA MET A 35 12.05 -4.31 9.84
C MET A 35 11.29 -5.62 9.64
N ALA A 36 10.07 -5.70 10.11
CA ALA A 36 9.32 -6.97 9.95
C ALA A 36 7.84 -6.72 9.72
N ILE A 37 7.20 -7.62 9.03
CA ILE A 37 5.73 -7.52 8.84
C ILE A 37 5.07 -8.44 9.88
N MET A 38 4.33 -7.88 10.79
CA MET A 38 3.70 -8.70 11.88
C MET A 38 2.63 -9.65 11.33
N VAL A 39 2.56 -10.84 11.88
CA VAL A 39 1.54 -11.81 11.44
C VAL A 39 0.97 -12.55 12.67
N GLN A 40 -0.31 -12.76 12.70
CA GLN A 40 -0.92 -13.47 13.87
C GLN A 40 -0.71 -14.98 13.74
N SER A 41 -0.29 -15.63 14.80
CA SER A 41 -0.08 -17.11 14.73
C SER A 41 -1.32 -17.87 15.22
N PRO A 42 -1.72 -18.85 14.45
CA PRO A 42 -2.91 -19.66 14.82
C PRO A 42 -2.54 -20.76 15.82
N MET A 43 -1.28 -20.88 16.16
CA MET A 43 -0.88 -21.94 17.13
C MET A 43 -0.80 -21.38 18.55
N PHE A 44 -0.77 -20.08 18.70
CA PHE A 44 -0.69 -19.49 20.06
C PHE A 44 -0.99 -17.98 19.99
N ASP A 45 -1.52 -17.43 21.06
CA ASP A 45 -1.81 -15.97 21.06
C ASP A 45 -0.51 -15.17 20.97
N GLY A 46 -0.38 -14.34 19.99
CA GLY A 46 0.87 -13.55 19.83
C GLY A 46 1.18 -13.39 18.34
N LYS A 47 1.91 -12.37 17.97
CA LYS A 47 2.22 -12.17 16.52
C LYS A 47 3.67 -12.56 16.21
N VAL A 48 3.88 -13.24 15.11
CA VAL A 48 5.27 -13.64 14.73
C VAL A 48 5.81 -12.62 13.70
N PRO A 49 7.00 -12.14 13.94
CA PRO A 49 7.58 -11.15 13.03
C PRO A 49 8.40 -11.80 11.91
N HIS A 50 8.15 -11.43 10.69
CA HIS A 50 8.99 -11.93 9.57
C HIS A 50 10.05 -10.85 9.37
N TRP A 51 11.24 -11.05 9.88
CA TRP A 51 12.27 -9.98 9.80
C TRP A 51 13.02 -9.93 8.48
N TYR A 52 13.52 -8.76 8.18
CA TYR A 52 14.28 -8.51 6.93
C TYR A 52 15.34 -7.43 7.20
N HIS A 53 16.45 -7.44 6.50
CA HIS A 53 17.42 -6.32 6.68
C HIS A 53 16.69 -5.07 6.20
N PHE A 54 17.05 -3.91 6.67
CA PHE A 54 16.32 -2.67 6.25
C PHE A 54 16.06 -2.60 4.73
N SER A 55 17.09 -2.77 3.94
CA SER A 55 16.91 -2.70 2.44
C SER A 55 16.06 -3.85 1.90
N CYS A 56 16.31 -5.07 2.31
CA CYS A 56 15.51 -6.23 1.78
C CYS A 56 14.01 -6.05 2.00
N PHE A 57 13.62 -5.46 3.11
CA PHE A 57 12.16 -5.28 3.41
C PHE A 57 11.40 -4.60 2.25
N TRP A 58 12.02 -3.66 1.56
CA TRP A 58 11.31 -2.93 0.47
C TRP A 58 11.41 -3.67 -0.87
N LYS A 59 12.34 -4.58 -1.00
CA LYS A 59 12.50 -5.30 -2.30
C LYS A 59 11.53 -6.49 -2.43
N VAL A 60 10.70 -6.71 -1.44
CA VAL A 60 9.73 -7.85 -1.49
C VAL A 60 8.34 -7.36 -1.93
N GLY A 61 8.04 -6.12 -1.70
CA GLY A 61 6.69 -5.60 -2.08
C GLY A 61 6.07 -4.89 -0.88
N HIS A 62 6.66 -4.99 0.28
CA HIS A 62 6.08 -4.31 1.48
C HIS A 62 6.07 -2.80 1.24
N SER A 63 5.01 -2.13 1.61
CA SER A 63 4.95 -0.66 1.38
C SER A 63 4.38 0.08 2.59
N ILE A 64 4.86 1.27 2.84
CA ILE A 64 4.36 2.07 3.99
C ILE A 64 4.34 3.56 3.62
N ARG A 65 3.20 4.18 3.68
CA ARG A 65 3.12 5.63 3.33
C ARG A 65 3.44 6.48 4.55
N HIS A 66 2.94 6.10 5.70
CA HIS A 66 3.21 6.87 6.96
C HIS A 66 3.83 5.95 8.02
N PRO A 67 5.14 5.94 8.08
CA PRO A 67 5.85 5.07 9.06
C PRO A 67 5.48 5.40 10.53
N ASP A 68 5.49 6.66 10.91
CA ASP A 68 5.13 7.03 12.31
C ASP A 68 3.85 6.35 12.83
N VAL A 69 2.86 6.17 12.00
CA VAL A 69 1.57 5.54 12.48
C VAL A 69 1.43 4.05 12.08
N GLU A 70 2.10 3.61 11.04
CA GLU A 70 1.95 2.18 10.59
C GLU A 70 3.05 1.26 11.11
N VAL A 71 4.15 1.80 11.57
CA VAL A 71 5.25 0.90 12.04
C VAL A 71 5.53 1.08 13.55
N ASP A 72 5.29 0.02 14.31
CA ASP A 72 5.54 0.08 15.77
C ASP A 72 7.05 0.21 16.05
N GLY A 73 7.43 0.99 17.04
CA GLY A 73 8.89 1.14 17.37
C GLY A 73 9.53 2.28 16.55
N PHE A 74 8.81 2.84 15.61
CA PHE A 74 9.40 3.94 14.77
C PHE A 74 9.86 5.11 15.64
N SER A 75 9.01 5.58 16.51
CA SER A 75 9.38 6.75 17.37
C SER A 75 10.59 6.47 18.29
N GLU A 76 10.91 5.21 18.57
CA GLU A 76 12.08 4.93 19.44
C GLU A 76 13.39 4.78 18.65
N LEU A 77 13.35 4.88 17.34
CA LEU A 77 14.59 4.75 16.53
C LEU A 77 15.40 6.04 16.67
N ARG A 78 16.68 5.98 16.40
CA ARG A 78 17.50 7.22 16.46
C ARG A 78 17.00 8.18 15.37
N TRP A 79 17.18 9.46 15.56
CA TRP A 79 16.66 10.45 14.57
C TRP A 79 17.03 10.09 13.12
N ASP A 80 18.30 9.92 12.83
CA ASP A 80 18.72 9.59 11.43
C ASP A 80 17.98 8.36 10.89
N ASP A 81 17.81 7.34 11.70
CA ASP A 81 17.09 6.12 11.22
C ASP A 81 15.61 6.46 10.99
N GLN A 82 15.08 7.37 11.75
CA GLN A 82 13.66 7.77 11.57
C GLN A 82 13.52 8.49 10.22
N GLN A 83 14.52 9.26 9.85
CA GLN A 83 14.48 9.98 8.56
C GLN A 83 14.72 8.98 7.42
N LYS A 84 15.64 8.08 7.61
CA LYS A 84 15.92 7.05 6.55
C LYS A 84 14.66 6.24 6.26
N VAL A 85 13.97 5.80 7.28
CA VAL A 85 12.72 5.02 7.06
C VAL A 85 11.67 5.94 6.43
N LYS A 86 11.59 7.16 6.89
CA LYS A 86 10.57 8.11 6.33
C LYS A 86 10.84 8.37 4.84
N LYS A 87 12.08 8.58 4.48
CA LYS A 87 12.39 8.86 3.05
C LYS A 87 12.26 7.58 2.22
N THR A 88 12.77 6.47 2.72
CA THR A 88 12.66 5.20 1.96
C THR A 88 11.18 4.86 1.73
N ALA A 89 10.35 5.15 2.71
CA ALA A 89 8.90 4.87 2.56
C ALA A 89 8.34 5.72 1.43
N GLU A 90 8.69 6.98 1.40
CA GLU A 90 8.17 7.88 0.32
C GLU A 90 8.68 7.41 -1.04
N ALA A 91 9.95 7.16 -1.17
CA ALA A 91 10.51 6.69 -2.47
C ALA A 91 9.81 5.40 -2.91
N GLY A 92 10.30 4.77 -3.95
CA GLY A 92 9.66 3.51 -4.43
C GLY A 92 9.21 3.69 -5.88
N GLY A 93 9.72 2.89 -6.77
CA GLY A 93 9.32 3.01 -8.20
C GLY A 93 10.25 2.17 -9.07
N VAL A 94 9.72 1.23 -9.82
CA VAL A 94 10.57 0.37 -10.68
C VAL A 94 11.17 1.21 -11.82
N THR A 95 12.35 1.74 -11.61
CA THR A 95 12.99 2.56 -12.68
C THR A 95 14.51 2.65 -12.45
N GLY A 96 14.91 2.95 -11.25
CA GLY A 96 16.37 3.04 -10.96
C GLY A 96 16.84 4.49 -11.14
N LYS A 97 16.09 5.43 -10.64
CA LYS A 97 16.49 6.86 -10.78
C LYS A 97 16.35 7.59 -9.44
N GLY A 98 15.19 7.51 -8.84
CA GLY A 98 14.98 8.19 -7.53
C GLY A 98 14.08 9.42 -7.73
N GLN A 99 12.93 9.22 -8.31
CA GLN A 99 11.98 10.36 -8.54
C GLN A 99 12.63 11.43 -9.43
N ASP A 100 11.91 11.91 -10.40
CA ASP A 100 12.47 12.96 -11.30
C ASP A 100 12.04 14.35 -10.85
N GLY A 101 11.89 14.54 -9.57
CA GLY A 101 11.46 15.88 -9.05
C GLY A 101 11.34 15.81 -7.52
N ILE A 102 10.48 16.62 -6.96
CA ILE A 102 10.31 16.61 -5.48
C ILE A 102 8.96 15.97 -5.10
N GLY A 103 8.74 15.75 -3.83
CA GLY A 103 7.45 15.13 -3.40
C GLY A 103 6.32 16.15 -3.54
N SER A 104 5.21 15.74 -4.09
CA SER A 104 4.06 16.68 -4.26
C SER A 104 2.96 16.35 -3.25
N LYS A 105 2.43 17.35 -2.59
CA LYS A 105 1.35 17.10 -1.59
C LYS A 105 -0.02 17.19 -2.26
N ALA A 106 -0.14 17.95 -3.32
CA ALA A 106 -1.45 18.06 -4.02
C ALA A 106 -1.79 16.76 -4.75
N GLU A 107 -0.79 16.01 -5.14
CA GLU A 107 -1.06 14.73 -5.85
C GLU A 107 -0.20 13.60 -5.26
N LYS A 108 -0.79 12.46 -5.03
CA LYS A 108 0.00 11.33 -4.46
C LYS A 108 -0.68 9.99 -4.81
N THR A 109 0.05 9.10 -5.44
CA THR A 109 -0.55 7.79 -5.82
C THR A 109 -0.96 7.01 -4.57
N LEU A 110 -2.19 6.58 -4.49
CA LEU A 110 -2.65 5.81 -3.30
C LEU A 110 -1.92 4.47 -3.22
N GLY A 111 -1.67 3.98 -2.05
CA GLY A 111 -0.96 2.68 -1.90
C GLY A 111 -1.96 1.54 -1.64
N ASP A 112 -3.19 1.88 -1.34
CA ASP A 112 -4.19 0.80 -1.06
C ASP A 112 -5.31 0.78 -2.12
N PHE A 113 -5.14 1.51 -3.20
CA PHE A 113 -6.18 1.53 -4.26
C PHE A 113 -5.53 1.29 -5.62
N ALA A 114 -6.04 0.40 -6.42
CA ALA A 114 -5.38 0.13 -7.74
C ALA A 114 -6.38 -0.09 -8.87
N ALA A 115 -5.92 0.11 -10.08
CA ALA A 115 -6.77 -0.09 -11.28
C ALA A 115 -5.95 -0.81 -12.35
N GLU A 116 -6.48 -1.85 -12.93
CA GLU A 116 -5.70 -2.59 -13.97
C GLU A 116 -6.64 -3.46 -14.80
N TYR A 117 -6.18 -3.94 -15.92
CA TYR A 117 -7.04 -4.83 -16.74
C TYR A 117 -6.97 -6.23 -16.12
N ALA A 118 -8.08 -6.91 -15.99
CA ALA A 118 -8.08 -8.26 -15.35
C ALA A 118 -7.01 -9.18 -15.97
N LYS A 119 -6.00 -9.53 -15.19
CA LYS A 119 -4.94 -10.44 -15.71
C LYS A 119 -5.52 -11.82 -16.04
N SER A 120 -6.68 -12.13 -15.52
CA SER A 120 -7.31 -13.45 -15.80
C SER A 120 -8.83 -13.33 -15.67
N ASN A 121 -9.54 -14.45 -15.66
CA ASN A 121 -11.03 -14.38 -15.54
C ASN A 121 -11.52 -15.14 -14.31
N ARG A 122 -10.65 -15.47 -13.39
CA ARG A 122 -11.10 -16.20 -12.16
C ARG A 122 -11.26 -15.24 -10.98
N SER A 123 -11.04 -13.96 -11.17
CA SER A 123 -11.23 -13.00 -10.05
C SER A 123 -12.73 -12.75 -9.88
N THR A 124 -13.14 -12.08 -8.85
CA THR A 124 -14.61 -11.86 -8.66
C THR A 124 -14.87 -10.49 -8.03
N CYS A 125 -15.77 -9.72 -8.62
CA CYS A 125 -16.11 -8.41 -8.03
C CYS A 125 -16.72 -8.63 -6.64
N LYS A 126 -16.12 -8.05 -5.62
CA LYS A 126 -16.65 -8.23 -4.24
C LYS A 126 -17.85 -7.31 -3.93
N GLY A 127 -18.52 -6.81 -4.95
CA GLY A 127 -19.68 -5.91 -4.72
C GLY A 127 -20.93 -6.65 -5.21
N CYS A 128 -20.84 -7.30 -6.35
CA CYS A 128 -22.00 -8.07 -6.89
C CYS A 128 -21.64 -9.58 -6.95
N MET A 129 -20.44 -9.97 -6.52
CA MET A 129 -20.02 -11.40 -6.56
C MET A 129 -20.03 -12.00 -7.98
N GLU A 130 -20.14 -11.20 -9.00
CA GLU A 130 -20.10 -11.74 -10.39
C GLU A 130 -18.65 -11.81 -10.86
N LYS A 131 -18.30 -12.80 -11.63
CA LYS A 131 -16.88 -12.94 -12.07
C LYS A 131 -16.48 -11.80 -13.00
N ILE A 132 -15.23 -11.37 -12.91
CA ILE A 132 -14.72 -10.33 -13.82
C ILE A 132 -14.04 -11.01 -15.00
N GLU A 133 -14.35 -10.62 -16.21
CA GLU A 133 -13.73 -11.30 -17.39
C GLU A 133 -12.30 -10.79 -17.63
N LYS A 134 -11.42 -11.67 -18.03
CA LYS A 134 -10.02 -11.25 -18.35
C LYS A 134 -9.99 -10.07 -19.35
N GLY A 135 -9.18 -9.06 -19.10
CA GLY A 135 -9.12 -7.90 -20.02
C GLY A 135 -10.02 -6.76 -19.51
N GLN A 136 -11.09 -7.11 -18.80
CA GLN A 136 -12.01 -6.06 -18.29
C GLN A 136 -11.32 -5.18 -17.24
N VAL A 137 -11.57 -3.90 -17.27
CA VAL A 137 -10.97 -2.99 -16.28
C VAL A 137 -11.56 -3.28 -14.89
N ARG A 138 -10.73 -3.37 -13.90
CA ARG A 138 -11.24 -3.65 -12.52
C ARG A 138 -10.52 -2.75 -11.52
N LEU A 139 -11.17 -2.45 -10.43
CA LEU A 139 -10.54 -1.59 -9.38
C LEU A 139 -10.42 -2.37 -8.09
N SER A 140 -9.58 -1.95 -7.17
CA SER A 140 -9.46 -2.73 -5.93
C SER A 140 -9.05 -1.90 -4.72
N LYS A 141 -9.56 -2.29 -3.57
CA LYS A 141 -9.20 -1.63 -2.31
C LYS A 141 -8.33 -2.57 -1.48
N LYS A 142 -7.04 -2.34 -1.51
CA LYS A 142 -6.09 -3.22 -0.76
C LYS A 142 -6.57 -3.45 0.69
N MET A 143 -6.38 -4.64 1.19
CA MET A 143 -6.80 -4.94 2.59
C MET A 143 -6.06 -6.18 3.10
N VAL A 144 -5.66 -6.19 4.34
CA VAL A 144 -4.92 -7.37 4.87
C VAL A 144 -5.88 -8.32 5.61
N ASP A 145 -5.65 -9.59 5.51
CA ASP A 145 -6.53 -10.57 6.21
C ASP A 145 -5.82 -11.10 7.46
N PRO A 146 -6.48 -11.04 8.59
CA PRO A 146 -5.87 -11.52 9.85
C PRO A 146 -5.69 -13.04 9.80
N GLU A 147 -6.39 -13.70 8.93
CA GLU A 147 -6.26 -15.18 8.82
C GLU A 147 -5.04 -15.54 7.95
N LYS A 148 -4.69 -14.66 7.04
CA LYS A 148 -3.52 -14.91 6.16
C LYS A 148 -2.57 -13.71 6.21
N PRO A 149 -1.89 -13.58 7.32
CA PRO A 149 -0.96 -12.43 7.50
C PRO A 149 0.27 -12.55 6.59
N GLN A 150 0.65 -13.73 6.20
CA GLN A 150 1.83 -13.89 5.31
C GLN A 150 1.58 -13.18 3.96
N LEU A 151 0.33 -13.07 3.57
CA LEU A 151 0.02 -12.39 2.28
C LEU A 151 0.25 -10.88 2.41
N GLY A 152 -0.36 -10.28 3.38
CA GLY A 152 -0.20 -8.81 3.57
C GLY A 152 -1.30 -8.08 2.82
N MET A 153 -0.97 -6.98 2.21
CA MET A 153 -1.97 -6.18 1.43
C MET A 153 -2.52 -7.00 0.25
N ILE A 154 -3.74 -7.48 0.34
CA ILE A 154 -4.31 -8.26 -0.81
C ILE A 154 -5.36 -7.40 -1.52
N ASP A 155 -5.40 -7.46 -2.82
CA ASP A 155 -6.40 -6.66 -3.58
C ASP A 155 -7.82 -7.23 -3.46
N ARG A 156 -8.76 -6.39 -3.17
CA ARG A 156 -10.19 -6.79 -3.15
C ARG A 156 -10.76 -6.18 -4.44
N TRP A 157 -10.99 -6.99 -5.44
CA TRP A 157 -11.42 -6.42 -6.76
C TRP A 157 -12.90 -6.10 -6.88
N TYR A 158 -13.20 -5.24 -7.81
CA TYR A 158 -14.60 -4.80 -8.06
C TYR A 158 -14.72 -4.26 -9.48
N HIS A 159 -15.91 -4.22 -10.02
CA HIS A 159 -16.09 -3.58 -11.34
C HIS A 159 -16.01 -2.08 -11.04
N PRO A 160 -15.56 -1.28 -11.96
CA PRO A 160 -15.46 0.18 -11.68
C PRO A 160 -16.82 0.74 -11.20
N GLY A 161 -17.89 0.35 -11.83
CA GLY A 161 -19.24 0.84 -11.38
C GLY A 161 -19.52 0.33 -9.96
N CYS A 162 -19.37 -0.95 -9.73
CA CYS A 162 -19.61 -1.51 -8.36
C CYS A 162 -18.70 -0.80 -7.34
N PHE A 163 -17.46 -0.55 -7.70
CA PHE A 163 -16.52 0.14 -6.76
C PHE A 163 -17.05 1.54 -6.42
N VAL A 164 -17.49 2.27 -7.41
CA VAL A 164 -18.00 3.64 -7.16
C VAL A 164 -19.22 3.59 -6.24
N LYS A 165 -20.08 2.62 -6.41
CA LYS A 165 -21.30 2.54 -5.52
C LYS A 165 -20.90 2.42 -4.05
N ASN A 166 -19.83 1.75 -3.77
CA ASN A 166 -19.36 1.58 -2.35
C ASN A 166 -18.13 2.46 -2.04
N ARG A 167 -17.96 3.56 -2.74
CA ARG A 167 -16.76 4.42 -2.50
C ARG A 167 -16.62 4.81 -1.02
N GLU A 168 -17.70 5.07 -0.36
CA GLU A 168 -17.63 5.47 1.09
C GLU A 168 -17.10 4.34 1.97
N GLU A 169 -17.76 3.20 1.93
CA GLU A 169 -17.31 2.06 2.79
C GLU A 169 -15.92 1.57 2.39
N LEU A 170 -15.55 1.75 1.15
CA LEU A 170 -14.19 1.30 0.70
C LEU A 170 -13.11 2.32 1.09
N GLY A 171 -13.49 3.41 1.74
CA GLY A 171 -12.47 4.42 2.17
C GLY A 171 -11.97 5.25 0.99
N PHE A 172 -12.72 5.34 -0.08
CA PHE A 172 -12.26 6.17 -1.25
C PHE A 172 -12.82 7.59 -1.08
N ARG A 173 -12.20 8.38 -0.26
CA ARG A 173 -12.67 9.78 0.00
C ARG A 173 -13.03 10.53 -1.30
N PRO A 174 -13.85 11.55 -1.17
CA PRO A 174 -14.30 12.34 -2.35
C PRO A 174 -13.18 13.24 -2.90
N GLU A 175 -12.13 13.46 -2.14
CA GLU A 175 -11.01 14.31 -2.66
C GLU A 175 -10.12 13.50 -3.60
N TYR A 176 -10.22 12.19 -3.56
CA TYR A 176 -9.38 11.33 -4.44
C TYR A 176 -9.95 11.31 -5.87
N SER A 177 -9.07 11.25 -6.84
CA SER A 177 -9.51 11.21 -8.25
C SER A 177 -8.99 9.92 -8.90
N ALA A 178 -9.51 9.57 -10.04
CA ALA A 178 -9.06 8.31 -10.72
C ALA A 178 -7.55 8.30 -10.97
N SER A 179 -6.98 9.46 -11.21
CA SER A 179 -5.50 9.54 -11.48
C SER A 179 -4.65 9.06 -10.29
N GLN A 180 -5.23 8.93 -9.13
CA GLN A 180 -4.43 8.50 -7.94
C GLN A 180 -4.41 6.97 -7.77
N LEU A 181 -5.17 6.25 -8.56
CA LEU A 181 -5.18 4.75 -8.42
C LEU A 181 -3.85 4.15 -8.85
N LYS A 182 -3.33 3.23 -8.07
CA LYS A 182 -2.04 2.57 -8.45
C LYS A 182 -2.23 1.78 -9.75
N GLY A 183 -1.50 2.13 -10.79
CA GLY A 183 -1.63 1.39 -12.08
C GLY A 183 -2.39 2.24 -13.12
N PHE A 184 -2.96 3.36 -12.70
CA PHE A 184 -3.74 4.22 -13.64
C PHE A 184 -2.95 4.54 -14.91
N SER A 185 -1.75 5.03 -14.75
CA SER A 185 -0.90 5.43 -15.92
C SER A 185 -0.79 4.32 -16.99
N LEU A 186 -0.96 3.07 -16.64
CA LEU A 186 -0.81 1.97 -17.68
C LEU A 186 -2.12 1.69 -18.44
N LEU A 187 -3.14 2.48 -18.23
CA LEU A 187 -4.43 2.23 -18.95
C LEU A 187 -4.50 3.05 -20.23
N ALA A 188 -5.17 2.54 -21.24
CA ALA A 188 -5.31 3.29 -22.51
C ALA A 188 -6.05 4.60 -22.24
N THR A 189 -5.77 5.63 -23.01
CA THR A 189 -6.45 6.96 -22.78
C THR A 189 -7.97 6.80 -22.61
N GLU A 190 -8.60 6.04 -23.45
CA GLU A 190 -10.09 5.83 -23.34
C GLU A 190 -10.46 5.31 -21.94
N ASP A 191 -9.77 4.30 -21.49
CA ASP A 191 -10.07 3.73 -20.14
C ASP A 191 -9.81 4.77 -19.05
N LYS A 192 -8.76 5.56 -19.18
CA LYS A 192 -8.44 6.58 -18.15
C LYS A 192 -9.54 7.64 -18.09
N GLU A 193 -10.05 8.04 -19.22
CA GLU A 193 -11.13 9.08 -19.23
C GLU A 193 -12.39 8.54 -18.55
N ALA A 194 -12.78 7.33 -18.84
CA ALA A 194 -13.99 6.74 -18.20
C ALA A 194 -13.88 6.78 -16.67
N LEU A 195 -12.71 6.48 -16.16
CA LEU A 195 -12.51 6.48 -14.69
C LEU A 195 -12.57 7.92 -14.16
N LYS A 196 -11.76 8.82 -14.71
CA LYS A 196 -11.79 10.25 -14.25
C LYS A 196 -13.24 10.77 -14.25
N LYS A 197 -14.03 10.25 -15.14
CA LYS A 197 -15.46 10.69 -15.25
C LYS A 197 -16.26 10.27 -13.99
N GLN A 198 -16.08 9.06 -13.53
CA GLN A 198 -16.84 8.59 -12.33
C GLN A 198 -16.14 8.99 -11.03
N LEU A 199 -14.84 9.12 -11.05
CA LEU A 199 -14.10 9.55 -9.83
C LEU A 199 -13.35 10.84 -10.16
N PRO A 200 -14.06 11.94 -10.15
CA PRO A 200 -13.45 13.26 -10.51
C PRO A 200 -12.53 13.76 -9.39
N GLY A 201 -12.93 13.65 -8.16
CA GLY A 201 -12.07 14.14 -7.05
C GLY A 201 -12.23 15.66 -6.91
N VAL A 202 -11.26 16.32 -6.35
CA VAL A 202 -11.36 17.80 -6.19
C VAL A 202 -10.29 18.50 -7.02
N LYS A 203 -10.62 19.62 -7.61
CA LYS A 203 -9.62 20.36 -8.44
C LYS A 203 -8.59 21.05 -7.55
N SER A 204 -7.88 22.02 -8.06
CA SER A 204 -6.86 22.73 -7.24
C SER A 204 -7.10 24.24 -7.30
N GLU A 205 -6.09 25.02 -7.02
CA GLU A 205 -6.25 26.50 -7.06
C GLU A 205 -6.64 26.95 -8.47
N GLY A 206 -7.48 27.94 -8.58
CA GLY A 206 -7.90 28.43 -9.92
C GLY A 206 -7.46 29.89 -10.09
N LYS A 207 -6.28 30.10 -10.59
CA LYS A 207 -5.77 31.50 -10.78
C LYS A 207 -5.93 32.31 -9.49
N ARG A 208 -5.09 32.06 -8.53
CA ARG A 208 -5.19 32.81 -7.24
C ARG A 208 -4.08 33.87 -7.16
N LYS A 209 -2.86 33.46 -6.98
CA LYS A 209 -1.74 34.44 -6.89
C LYS A 209 -0.86 34.36 -8.14
N GLY A 210 -1.16 35.14 -9.14
CA GLY A 210 -0.34 35.11 -10.38
C GLY A 210 1.06 35.64 -10.10
N ASP A 211 1.95 34.78 -9.68
CA ASP A 211 3.34 35.24 -9.38
C ASP A 211 4.36 34.25 -9.96
N GLU A 212 5.56 34.69 -10.19
CA GLU A 212 6.60 33.78 -10.76
C GLU A 212 8.00 34.29 -10.41
N VAL A 213 8.19 34.75 -9.20
CA VAL A 213 9.54 35.26 -8.81
C VAL A 213 10.59 34.15 -8.93
N ASP A 214 10.19 32.92 -8.79
CA ASP A 214 11.16 31.79 -8.91
C ASP A 214 10.88 30.99 -10.17
ZN ZN C . 18.36 -9.47 3.69
ZN ZN D . -19.53 -6.01 -9.82
N MET A 1 5.01 2.21 23.89
CA MET A 1 3.98 1.93 24.94
C MET A 1 2.80 2.90 24.80
N ALA A 2 1.88 2.59 23.92
CA ALA A 2 0.70 3.48 23.73
C ALA A 2 -0.51 2.67 23.27
N GLU A 3 -0.32 1.81 22.31
CA GLU A 3 -1.46 0.99 21.80
C GLU A 3 -1.37 -0.44 22.35
N SER A 4 -2.17 -1.33 21.84
CA SER A 4 -2.14 -2.74 22.32
C SER A 4 -1.43 -3.64 21.31
N SER A 5 -0.30 -3.22 20.81
CA SER A 5 0.44 -4.04 19.80
C SER A 5 -0.48 -4.43 18.64
N ASP A 6 -1.04 -3.46 17.98
CA ASP A 6 -1.96 -3.76 16.84
C ASP A 6 -1.34 -3.29 15.52
N LYS A 7 -0.27 -2.54 15.58
CA LYS A 7 0.37 -2.05 14.31
C LYS A 7 0.76 -3.25 13.44
N LEU A 8 0.79 -3.07 12.14
CA LEU A 8 1.14 -4.21 11.25
C LEU A 8 2.66 -4.32 11.07
N TYR A 9 3.41 -3.28 11.37
CA TYR A 9 4.89 -3.39 11.19
C TYR A 9 5.66 -3.00 12.45
N ARG A 10 6.89 -3.43 12.53
CA ARG A 10 7.73 -3.09 13.72
C ARG A 10 9.15 -2.75 13.26
N VAL A 11 9.74 -1.79 13.88
CA VAL A 11 11.14 -1.41 13.54
C VAL A 11 11.95 -1.30 14.82
N GLU A 12 13.16 -1.79 14.82
CA GLU A 12 13.98 -1.71 16.07
C GLU A 12 15.40 -2.17 15.81
N TYR A 13 16.27 -1.94 16.75
CA TYR A 13 17.67 -2.40 16.60
C TYR A 13 17.68 -3.88 16.99
N ALA A 14 18.20 -4.72 16.13
CA ALA A 14 18.21 -6.20 16.38
C ALA A 14 18.53 -6.58 17.83
N LYS A 15 17.61 -7.23 18.49
CA LYS A 15 17.85 -7.68 19.90
C LYS A 15 18.88 -8.80 19.91
N SER A 16 19.07 -9.45 18.78
CA SER A 16 20.08 -10.53 18.67
C SER A 16 20.57 -10.61 17.21
N GLY A 17 21.51 -11.48 16.93
CA GLY A 17 22.03 -11.58 15.53
C GLY A 17 21.63 -12.94 14.95
N ARG A 18 20.62 -13.57 15.52
CA ARG A 18 20.18 -14.91 15.03
C ARG A 18 19.02 -14.82 14.03
N ALA A 19 18.33 -13.71 13.98
CA ALA A 19 17.19 -13.59 12.99
C ALA A 19 17.70 -13.62 11.55
N SER A 20 16.98 -14.28 10.68
CA SER A 20 17.39 -14.38 9.26
C SER A 20 16.45 -13.55 8.40
N CYS A 21 16.99 -12.78 7.51
CA CYS A 21 16.14 -11.92 6.63
C CYS A 21 15.23 -12.79 5.75
N LYS A 22 13.95 -12.50 5.76
CA LYS A 22 12.99 -13.31 4.94
C LYS A 22 13.14 -13.03 3.44
N LYS A 23 13.97 -12.09 3.06
CA LYS A 23 14.16 -11.78 1.61
C LYS A 23 15.47 -12.39 1.07
N CYS A 24 16.60 -12.02 1.63
CA CYS A 24 17.90 -12.56 1.13
C CYS A 24 18.43 -13.74 1.98
N SER A 25 17.76 -14.09 3.05
CA SER A 25 18.19 -15.26 3.93
C SER A 25 19.45 -14.99 4.79
N GLU A 26 20.16 -13.91 4.58
CA GLU A 26 21.37 -13.65 5.41
C GLU A 26 20.95 -13.27 6.84
N SER A 27 21.81 -13.49 7.81
CA SER A 27 21.46 -13.16 9.21
C SER A 27 21.41 -11.66 9.43
N ILE A 28 20.56 -11.22 10.33
CA ILE A 28 20.49 -9.77 10.64
C ILE A 28 21.37 -9.54 11.89
N PRO A 29 22.42 -8.74 11.73
CA PRO A 29 23.37 -8.52 12.86
C PRO A 29 22.73 -7.80 14.05
N LYS A 30 23.09 -8.21 15.24
CA LYS A 30 22.54 -7.58 16.49
C LYS A 30 22.75 -6.06 16.47
N ASP A 31 21.79 -5.32 17.00
CA ASP A 31 21.89 -3.81 17.06
C ASP A 31 21.66 -3.15 15.69
N SER A 32 21.61 -3.91 14.62
CA SER A 32 21.39 -3.29 13.28
C SER A 32 19.92 -2.91 13.14
N LEU A 33 19.62 -1.96 12.30
CA LEU A 33 18.20 -1.55 12.12
C LEU A 33 17.48 -2.58 11.25
N ARG A 34 16.44 -3.19 11.78
CA ARG A 34 15.69 -4.20 11.00
C ARG A 34 14.20 -3.89 11.05
N MET A 35 13.45 -4.35 10.08
CA MET A 35 11.99 -4.09 10.06
C MET A 35 11.22 -5.39 9.86
N ALA A 36 10.01 -5.48 10.33
CA ALA A 36 9.26 -6.74 10.16
C ALA A 36 7.77 -6.49 9.95
N ILE A 37 7.13 -7.38 9.25
CA ILE A 37 5.66 -7.25 9.06
C ILE A 37 4.96 -8.16 10.08
N MET A 38 4.30 -7.59 11.05
CA MET A 38 3.63 -8.40 12.11
C MET A 38 2.69 -9.45 11.51
N VAL A 39 2.49 -10.53 12.22
CA VAL A 39 1.59 -11.61 11.73
C VAL A 39 1.01 -12.38 12.93
N GLN A 40 -0.29 -12.51 12.99
CA GLN A 40 -0.91 -13.24 14.14
C GLN A 40 -0.71 -14.75 13.97
N SER A 41 -0.30 -15.42 15.02
CA SER A 41 -0.08 -16.89 14.92
C SER A 41 -1.32 -17.65 15.42
N PRO A 42 -1.73 -18.64 14.66
CA PRO A 42 -2.92 -19.44 15.03
C PRO A 42 -2.54 -20.56 16.02
N MET A 43 -1.29 -20.68 16.35
CA MET A 43 -0.86 -21.75 17.30
C MET A 43 -0.77 -21.20 18.73
N PHE A 44 -0.75 -19.90 18.89
CA PHE A 44 -0.65 -19.32 20.25
C PHE A 44 -0.94 -17.81 20.20
N ASP A 45 -1.47 -17.27 21.27
CA ASP A 45 -1.77 -15.81 21.30
C ASP A 45 -0.46 -15.02 21.21
N GLY A 46 -0.34 -14.18 20.21
CA GLY A 46 0.91 -13.38 20.05
C GLY A 46 1.20 -13.21 18.57
N LYS A 47 1.94 -12.19 18.20
CA LYS A 47 2.24 -11.97 16.76
C LYS A 47 3.68 -12.38 16.42
N VAL A 48 3.86 -13.05 15.32
CA VAL A 48 5.24 -13.46 14.90
C VAL A 48 5.77 -12.45 13.89
N PRO A 49 6.97 -11.96 14.11
CA PRO A 49 7.54 -10.96 13.21
C PRO A 49 8.35 -11.60 12.08
N HIS A 50 8.09 -11.21 10.87
CA HIS A 50 8.92 -11.71 9.74
C HIS A 50 9.98 -10.62 9.54
N TRP A 51 11.18 -10.82 10.04
CA TRP A 51 12.21 -9.76 9.96
C TRP A 51 12.95 -9.69 8.63
N TYR A 52 13.44 -8.52 8.35
CA TYR A 52 14.21 -8.25 7.10
C TYR A 52 15.26 -7.18 7.38
N HIS A 53 16.36 -7.18 6.67
CA HIS A 53 17.34 -6.06 6.85
C HIS A 53 16.61 -4.81 6.39
N PHE A 54 16.97 -3.66 6.87
CA PHE A 54 16.24 -2.40 6.47
C PHE A 54 15.97 -2.32 4.94
N SER A 55 16.99 -2.48 4.14
CA SER A 55 16.81 -2.40 2.65
C SER A 55 15.94 -3.54 2.09
N CYS A 56 16.19 -4.76 2.50
CA CYS A 56 15.40 -5.92 1.97
C CYS A 56 13.90 -5.74 2.20
N PHE A 57 13.52 -5.17 3.31
CA PHE A 57 12.06 -4.99 3.62
C PHE A 57 11.29 -4.30 2.47
N TRP A 58 11.91 -3.34 1.78
CA TRP A 58 11.19 -2.61 0.71
C TRP A 58 11.28 -3.34 -0.64
N LYS A 59 12.21 -4.24 -0.78
CA LYS A 59 12.36 -4.95 -2.09
C LYS A 59 11.39 -6.14 -2.22
N VAL A 60 10.57 -6.37 -1.22
CA VAL A 60 9.60 -7.51 -1.29
C VAL A 60 8.21 -7.02 -1.69
N GLY A 61 7.90 -5.77 -1.45
CA GLY A 61 6.56 -5.25 -1.82
C GLY A 61 5.94 -4.55 -0.61
N HIS A 62 6.55 -4.65 0.55
CA HIS A 62 5.99 -3.98 1.76
C HIS A 62 5.96 -2.46 1.52
N SER A 63 4.90 -1.80 1.91
CA SER A 63 4.82 -0.33 1.68
C SER A 63 4.28 0.40 2.91
N ILE A 64 4.79 1.59 3.16
CA ILE A 64 4.32 2.37 4.34
C ILE A 64 4.27 3.86 3.97
N ARG A 65 3.12 4.48 4.06
CA ARG A 65 3.01 5.92 3.72
C ARG A 65 3.35 6.76 4.95
N HIS A 66 2.85 6.37 6.09
CA HIS A 66 3.13 7.13 7.35
C HIS A 66 3.76 6.19 8.41
N PRO A 67 5.07 6.18 8.46
CA PRO A 67 5.79 5.31 9.43
C PRO A 67 5.43 5.62 10.90
N ASP A 68 5.44 6.87 11.30
CA ASP A 68 5.09 7.23 12.70
C ASP A 68 3.81 6.54 13.23
N VAL A 69 2.82 6.37 12.39
CA VAL A 69 1.54 5.74 12.87
C VAL A 69 1.40 4.25 12.45
N GLU A 70 2.05 3.83 11.41
CA GLU A 70 1.89 2.41 10.95
C GLU A 70 3.01 1.47 11.45
N VAL A 71 4.10 2.01 11.92
CA VAL A 71 5.22 1.11 12.37
C VAL A 71 5.49 1.26 13.87
N ASP A 72 5.26 0.20 14.62
CA ASP A 72 5.53 0.25 16.09
C ASP A 72 7.03 0.37 16.36
N GLY A 73 7.42 1.14 17.35
CA GLY A 73 8.88 1.29 17.66
C GLY A 73 9.52 2.43 16.86
N PHE A 74 8.79 3.00 15.93
CA PHE A 74 9.38 4.12 15.10
C PHE A 74 9.84 5.28 15.98
N SER A 75 9.00 5.74 16.86
CA SER A 75 9.37 6.90 17.73
C SER A 75 10.59 6.60 18.64
N GLU A 76 10.91 5.35 18.90
CA GLU A 76 12.09 5.06 19.77
C GLU A 76 13.39 4.92 18.96
N LEU A 77 13.34 5.02 17.65
CA LEU A 77 14.58 4.91 16.83
C LEU A 77 15.39 6.20 16.98
N ARG A 78 16.67 6.13 16.71
CA ARG A 78 17.49 7.37 16.77
C ARG A 78 16.98 8.34 15.69
N TRP A 79 17.16 9.62 15.90
CA TRP A 79 16.64 10.63 14.91
C TRP A 79 17.00 10.28 13.46
N ASP A 80 18.27 10.12 13.17
CA ASP A 80 18.67 9.80 11.76
C ASP A 80 17.93 8.57 11.20
N ASP A 81 17.77 7.55 12.02
CA ASP A 81 17.05 6.33 11.52
C ASP A 81 15.57 6.67 11.30
N GLN A 82 15.04 7.58 12.08
CA GLN A 82 13.61 7.97 11.91
C GLN A 82 13.46 8.70 10.57
N GLN A 83 14.47 9.48 10.21
CA GLN A 83 14.42 10.21 8.91
C GLN A 83 14.65 9.23 7.77
N LYS A 84 15.57 8.33 7.94
CA LYS A 84 15.84 7.31 6.88
C LYS A 84 14.57 6.50 6.57
N VAL A 85 13.90 6.04 7.60
CA VAL A 85 12.65 5.28 7.38
C VAL A 85 11.60 6.20 6.76
N LYS A 86 11.52 7.42 7.23
CA LYS A 86 10.50 8.37 6.70
C LYS A 86 10.75 8.64 5.21
N LYS A 87 11.99 8.86 4.84
CA LYS A 87 12.30 9.15 3.41
C LYS A 87 12.15 7.88 2.57
N THR A 88 12.67 6.78 3.06
CA THR A 88 12.55 5.51 2.28
C THR A 88 11.07 5.17 2.06
N ALA A 89 10.26 5.46 3.05
CA ALA A 89 8.79 5.17 2.91
C ALA A 89 8.23 6.04 1.78
N GLU A 90 8.58 7.29 1.76
CA GLU A 90 8.05 8.20 0.69
C GLU A 90 8.55 7.73 -0.68
N ALA A 91 9.83 7.50 -0.82
CA ALA A 91 10.37 7.04 -2.13
C ALA A 91 9.67 5.75 -2.58
N GLY A 92 9.67 5.48 -3.85
CA GLY A 92 9.01 4.23 -4.34
C GLY A 92 9.14 4.14 -5.86
N GLY A 93 10.30 4.46 -6.39
CA GLY A 93 10.49 4.40 -7.87
C GLY A 93 11.91 3.93 -8.18
N VAL A 94 12.82 4.85 -8.39
CA VAL A 94 14.23 4.47 -8.69
C VAL A 94 15.18 5.16 -7.71
N THR A 95 16.04 4.40 -7.08
CA THR A 95 17.00 5.00 -6.10
C THR A 95 18.42 4.97 -6.67
N GLY A 96 19.40 5.14 -5.83
CA GLY A 96 20.81 5.12 -6.32
C GLY A 96 21.41 6.53 -6.21
N LYS A 97 22.71 6.63 -6.20
CA LYS A 97 23.37 7.97 -6.09
C LYS A 97 22.81 8.74 -4.89
N GLY A 98 23.23 8.39 -3.70
CA GLY A 98 22.74 9.10 -2.49
C GLY A 98 21.24 8.82 -2.32
N GLN A 99 20.44 9.85 -2.27
CA GLN A 99 18.97 9.65 -2.11
C GLN A 99 18.28 9.65 -3.47
N ASP A 100 16.99 9.85 -3.49
CA ASP A 100 16.25 9.86 -4.79
C ASP A 100 15.51 11.19 -4.97
N GLY A 101 14.75 11.31 -6.02
CA GLY A 101 14.01 12.58 -6.26
C GLY A 101 14.74 13.42 -7.32
N ILE A 102 14.91 12.87 -8.50
CA ILE A 102 15.61 13.63 -9.57
C ILE A 102 14.65 13.92 -10.73
N GLY A 103 13.38 14.06 -10.43
CA GLY A 103 12.39 14.35 -11.52
C GLY A 103 11.41 15.41 -11.03
N SER A 104 10.25 15.48 -11.62
CA SER A 104 9.24 16.50 -11.20
C SER A 104 7.83 16.02 -11.56
N LYS A 105 7.58 14.75 -11.44
CA LYS A 105 6.22 14.21 -11.77
C LYS A 105 6.03 12.83 -11.15
N ALA A 106 4.85 12.27 -11.27
CA ALA A 106 4.58 10.92 -10.70
C ALA A 106 4.95 10.90 -9.21
N GLU A 107 3.98 11.11 -8.34
CA GLU A 107 4.26 11.10 -6.88
C GLU A 107 2.97 10.88 -6.09
N LYS A 108 1.89 11.50 -6.51
CA LYS A 108 0.61 11.33 -5.78
C LYS A 108 -0.07 10.02 -6.22
N THR A 109 0.21 8.94 -5.53
CA THR A 109 -0.42 7.63 -5.89
C THR A 109 -0.81 6.87 -4.63
N LEU A 110 -2.04 6.43 -4.56
CA LEU A 110 -2.49 5.67 -3.35
C LEU A 110 -1.79 4.31 -3.30
N GLY A 111 -1.51 3.81 -2.13
CA GLY A 111 -0.82 2.49 -2.02
C GLY A 111 -1.84 1.39 -1.70
N ASP A 112 -3.07 1.74 -1.44
CA ASP A 112 -4.09 0.68 -1.12
C ASP A 112 -5.19 0.64 -2.19
N PHE A 113 -5.04 1.37 -3.27
CA PHE A 113 -6.08 1.35 -4.34
C PHE A 113 -5.40 1.12 -5.71
N ALA A 114 -5.93 0.23 -6.51
CA ALA A 114 -5.27 -0.03 -7.82
C ALA A 114 -6.27 -0.23 -8.97
N ALA A 115 -5.80 -0.04 -10.16
CA ALA A 115 -6.67 -0.23 -11.37
C ALA A 115 -5.84 -0.95 -12.43
N GLU A 116 -6.38 -1.98 -13.04
CA GLU A 116 -5.62 -2.73 -14.07
C GLU A 116 -6.57 -3.58 -14.90
N TYR A 117 -6.11 -4.06 -16.03
CA TYR A 117 -6.98 -4.94 -16.85
C TYR A 117 -6.92 -6.34 -16.23
N ALA A 118 -8.04 -7.01 -16.11
CA ALA A 118 -8.04 -8.37 -15.48
C ALA A 118 -6.99 -9.29 -16.10
N LYS A 119 -5.98 -9.67 -15.32
CA LYS A 119 -4.94 -10.57 -15.83
C LYS A 119 -5.53 -11.94 -16.18
N SER A 120 -6.69 -12.24 -15.65
CA SER A 120 -7.33 -13.56 -15.94
C SER A 120 -8.86 -13.43 -15.81
N ASN A 121 -9.57 -14.53 -15.81
CA ASN A 121 -11.06 -14.46 -15.69
C ASN A 121 -11.56 -15.22 -14.46
N ARG A 122 -10.68 -15.56 -13.53
CA ARG A 122 -11.14 -16.29 -12.32
C ARG A 122 -11.30 -15.33 -11.13
N SER A 123 -11.07 -14.04 -11.32
CA SER A 123 -11.25 -13.08 -10.19
C SER A 123 -12.75 -12.83 -10.02
N THR A 124 -13.15 -12.16 -8.99
CA THR A 124 -14.62 -11.92 -8.79
C THR A 124 -14.87 -10.56 -8.16
N CYS A 125 -15.75 -9.78 -8.76
CA CYS A 125 -16.09 -8.47 -8.16
C CYS A 125 -16.70 -8.68 -6.77
N LYS A 126 -16.10 -8.11 -5.75
CA LYS A 126 -16.63 -8.29 -4.36
C LYS A 126 -17.81 -7.36 -4.05
N GLY A 127 -18.48 -6.86 -5.07
CA GLY A 127 -19.64 -5.95 -4.84
C GLY A 127 -20.90 -6.66 -5.33
N CYS A 128 -20.81 -7.31 -6.48
CA CYS A 128 -21.97 -8.08 -7.01
C CYS A 128 -21.63 -9.59 -7.08
N MET A 129 -20.44 -9.99 -6.65
CA MET A 129 -20.03 -11.42 -6.70
C MET A 129 -20.05 -12.02 -8.12
N GLU A 130 -20.14 -11.21 -9.14
CA GLU A 130 -20.11 -11.74 -10.54
C GLU A 130 -18.66 -11.83 -11.00
N LYS A 131 -18.32 -12.82 -11.77
CA LYS A 131 -16.90 -12.98 -12.21
C LYS A 131 -16.49 -11.83 -13.14
N ILE A 132 -15.24 -11.42 -13.04
CA ILE A 132 -14.72 -10.37 -13.95
C ILE A 132 -14.05 -11.06 -15.13
N GLU A 133 -14.34 -10.67 -16.35
CA GLU A 133 -13.72 -11.34 -17.52
C GLU A 133 -12.29 -10.85 -17.76
N LYS A 134 -11.42 -11.73 -18.17
CA LYS A 134 -10.01 -11.32 -18.48
C LYS A 134 -9.99 -10.14 -19.48
N GLY A 135 -9.16 -9.15 -19.22
CA GLY A 135 -9.09 -7.98 -20.14
C GLY A 135 -9.97 -6.84 -19.62
N GLN A 136 -11.05 -7.17 -18.93
CA GLN A 136 -11.96 -6.11 -18.41
C GLN A 136 -11.26 -5.25 -17.36
N VAL A 137 -11.50 -3.97 -17.38
CA VAL A 137 -10.89 -3.06 -16.37
C VAL A 137 -11.48 -3.35 -15.00
N ARG A 138 -10.65 -3.46 -14.00
CA ARG A 138 -11.16 -3.73 -12.63
C ARG A 138 -10.44 -2.85 -11.62
N LEU A 139 -11.08 -2.54 -10.53
CA LEU A 139 -10.45 -1.69 -9.49
C LEU A 139 -10.34 -2.48 -8.19
N SER A 140 -9.50 -2.07 -7.27
CA SER A 140 -9.39 -2.86 -6.02
C SER A 140 -8.95 -2.04 -4.81
N LYS A 141 -9.46 -2.43 -3.67
CA LYS A 141 -9.09 -1.76 -2.40
C LYS A 141 -8.20 -2.73 -1.59
N LYS A 142 -6.91 -2.52 -1.63
CA LYS A 142 -5.99 -3.44 -0.90
C LYS A 142 -6.38 -3.59 0.58
N MET A 143 -6.32 -4.79 1.08
CA MET A 143 -6.68 -5.04 2.51
C MET A 143 -5.91 -6.27 3.02
N VAL A 144 -5.61 -6.31 4.29
CA VAL A 144 -4.86 -7.49 4.82
C VAL A 144 -5.81 -8.45 5.54
N ASP A 145 -5.57 -9.72 5.43
CA ASP A 145 -6.44 -10.72 6.11
C ASP A 145 -5.73 -11.24 7.37
N PRO A 146 -6.40 -11.18 8.49
CA PRO A 146 -5.79 -11.65 9.75
C PRO A 146 -5.61 -13.17 9.71
N GLU A 147 -6.31 -13.84 8.84
CA GLU A 147 -6.18 -15.32 8.73
C GLU A 147 -4.98 -15.67 7.82
N LYS A 148 -4.62 -14.78 6.94
CA LYS A 148 -3.46 -15.04 6.04
C LYS A 148 -2.50 -13.85 6.09
N PRO A 149 -1.84 -13.70 7.22
CA PRO A 149 -0.89 -12.57 7.41
C PRO A 149 0.35 -12.71 6.52
N GLN A 150 0.70 -13.90 6.11
CA GLN A 150 1.91 -14.07 5.25
C GLN A 150 1.69 -13.39 3.89
N LEU A 151 0.46 -13.20 3.49
CA LEU A 151 0.17 -12.55 2.17
C LEU A 151 0.34 -11.03 2.27
N GLY A 152 -0.23 -10.43 3.29
CA GLY A 152 -0.10 -8.96 3.45
C GLY A 152 -1.22 -8.25 2.68
N MET A 153 -0.94 -7.09 2.15
CA MET A 153 -1.97 -6.33 1.38
C MET A 153 -2.48 -7.12 0.19
N ILE A 154 -3.69 -7.61 0.24
CA ILE A 154 -4.24 -8.38 -0.91
C ILE A 154 -5.30 -7.55 -1.63
N ASP A 155 -5.37 -7.64 -2.94
CA ASP A 155 -6.36 -6.82 -3.69
C ASP A 155 -7.79 -7.39 -3.59
N ARG A 156 -8.73 -6.53 -3.28
CA ARG A 156 -10.16 -6.92 -3.26
C ARG A 156 -10.71 -6.31 -4.55
N TRP A 157 -10.96 -7.10 -5.56
CA TRP A 157 -11.37 -6.52 -6.88
C TRP A 157 -12.86 -6.20 -6.99
N TYR A 158 -13.15 -5.33 -7.92
CA TYR A 158 -14.54 -4.88 -8.17
C TYR A 158 -14.65 -4.33 -9.59
N HIS A 159 -15.84 -4.27 -10.13
CA HIS A 159 -16.01 -3.62 -11.45
C HIS A 159 -15.92 -2.13 -11.14
N PRO A 160 -15.46 -1.33 -12.06
CA PRO A 160 -15.35 0.13 -11.77
C PRO A 160 -16.71 0.71 -11.30
N GLY A 161 -17.79 0.33 -11.93
CA GLY A 161 -19.13 0.83 -11.48
C GLY A 161 -19.40 0.32 -10.05
N CYS A 162 -19.27 -0.97 -9.84
CA CYS A 162 -19.52 -1.53 -8.46
C CYS A 162 -18.60 -0.83 -7.43
N PHE A 163 -17.36 -0.59 -7.79
CA PHE A 163 -16.42 0.09 -6.85
C PHE A 163 -16.93 1.49 -6.51
N VAL A 164 -17.37 2.23 -7.50
CA VAL A 164 -17.86 3.61 -7.24
C VAL A 164 -19.08 3.56 -6.32
N LYS A 165 -19.95 2.60 -6.50
CA LYS A 165 -21.17 2.52 -5.62
C LYS A 165 -20.78 2.40 -4.14
N ASN A 166 -19.70 1.71 -3.87
CA ASN A 166 -19.25 1.54 -2.44
C ASN A 166 -18.01 2.40 -2.14
N ARG A 167 -17.83 3.51 -2.82
CA ARG A 167 -16.62 4.36 -2.58
C ARG A 167 -16.47 4.73 -1.10
N GLU A 168 -17.56 5.00 -0.44
CA GLU A 168 -17.48 5.40 1.01
C GLU A 168 -16.96 4.25 1.88
N GLU A 169 -17.62 3.13 1.84
CA GLU A 169 -17.20 1.98 2.69
C GLU A 169 -15.80 1.48 2.30
N LEU A 170 -15.42 1.65 1.06
CA LEU A 170 -14.07 1.19 0.62
C LEU A 170 -12.98 2.21 1.01
N GLY A 171 -13.36 3.29 1.66
CA GLY A 171 -12.34 4.29 2.10
C GLY A 171 -11.82 5.12 0.91
N PHE A 172 -12.57 5.23 -0.15
CA PHE A 172 -12.10 6.05 -1.32
C PHE A 172 -12.65 7.48 -1.16
N ARG A 173 -12.01 8.26 -0.33
CA ARG A 173 -12.48 9.67 -0.06
C ARG A 173 -12.82 10.42 -1.36
N PRO A 174 -13.64 11.45 -1.22
CA PRO A 174 -14.08 12.25 -2.40
C PRO A 174 -12.95 13.14 -2.94
N GLU A 175 -11.89 13.34 -2.19
CA GLU A 175 -10.77 14.19 -2.70
C GLU A 175 -9.88 13.37 -3.65
N TYR A 176 -10.00 12.06 -3.60
CA TYR A 176 -9.16 11.20 -4.50
C TYR A 176 -9.73 11.19 -5.92
N SER A 177 -8.85 11.12 -6.88
CA SER A 177 -9.28 11.09 -8.31
C SER A 177 -8.78 9.79 -8.96
N ALA A 178 -9.32 9.45 -10.10
CA ALA A 178 -8.87 8.19 -10.78
C ALA A 178 -7.35 8.18 -11.04
N SER A 179 -6.77 9.33 -11.26
CA SER A 179 -5.29 9.40 -11.54
C SER A 179 -4.45 8.91 -10.35
N GLN A 180 -5.04 8.78 -9.18
CA GLN A 180 -4.23 8.33 -8.00
C GLN A 180 -4.23 6.79 -7.83
N LEU A 181 -5.00 6.08 -8.63
CA LEU A 181 -5.03 4.60 -8.49
C LEU A 181 -3.71 3.97 -8.92
N LYS A 182 -3.19 3.04 -8.15
CA LYS A 182 -1.91 2.37 -8.52
C LYS A 182 -2.10 1.59 -9.83
N GLY A 183 -1.37 1.94 -10.86
CA GLY A 183 -1.52 1.21 -12.17
C GLY A 183 -2.27 2.07 -13.20
N PHE A 184 -2.82 3.18 -12.77
CA PHE A 184 -3.60 4.06 -13.71
C PHE A 184 -2.80 4.38 -14.99
N SER A 185 -1.61 4.86 -14.82
CA SER A 185 -0.74 5.25 -15.98
C SER A 185 -0.64 4.15 -17.07
N LEU A 186 -0.82 2.90 -16.72
CA LEU A 186 -0.68 1.81 -17.76
C LEU A 186 -1.99 1.54 -18.53
N LEU A 187 -3.01 2.33 -18.31
CA LEU A 187 -4.29 2.10 -19.03
C LEU A 187 -4.35 2.93 -20.31
N ALA A 188 -5.03 2.42 -21.32
CA ALA A 188 -5.16 3.18 -22.59
C ALA A 188 -5.89 4.50 -22.31
N THR A 189 -5.60 5.53 -23.08
CA THR A 189 -6.27 6.86 -22.85
C THR A 189 -7.79 6.72 -22.67
N GLU A 190 -8.43 5.97 -23.52
CA GLU A 190 -9.92 5.78 -23.41
C GLU A 190 -10.30 5.26 -22.02
N ASP A 191 -9.62 4.24 -21.57
CA ASP A 191 -9.93 3.66 -20.22
C ASP A 191 -9.65 4.69 -19.12
N LYS A 192 -8.59 5.47 -19.26
CA LYS A 192 -8.27 6.49 -18.22
C LYS A 192 -9.36 7.56 -18.15
N GLU A 193 -9.86 7.96 -19.29
CA GLU A 193 -10.93 9.01 -19.29
C GLU A 193 -12.19 8.49 -18.60
N ALA A 194 -12.59 7.28 -18.91
CA ALA A 194 -13.82 6.70 -18.27
C ALA A 194 -13.69 6.73 -16.75
N LEU A 195 -12.53 6.42 -16.23
CA LEU A 195 -12.34 6.42 -14.76
C LEU A 195 -12.38 7.85 -14.22
N LYS A 196 -11.57 8.74 -14.77
CA LYS A 196 -11.59 10.17 -14.31
C LYS A 196 -13.03 10.71 -14.31
N LYS A 197 -13.83 10.19 -15.20
CA LYS A 197 -15.25 10.64 -15.30
C LYS A 197 -16.04 10.23 -14.05
N GLN A 198 -15.87 9.02 -13.59
CA GLN A 198 -16.65 8.55 -12.39
C GLN A 198 -15.94 8.95 -11.09
N LEU A 199 -14.64 9.07 -11.12
CA LEU A 199 -13.90 9.48 -9.90
C LEU A 199 -13.13 10.77 -10.22
N PRO A 200 -13.84 11.87 -10.22
CA PRO A 200 -13.24 13.18 -10.57
C PRO A 200 -12.32 13.70 -9.46
N GLY A 201 -12.74 13.56 -8.23
CA GLY A 201 -11.89 14.04 -7.10
C GLY A 201 -12.04 15.56 -6.98
N VAL A 202 -13.08 16.12 -7.56
CA VAL A 202 -13.27 17.60 -7.47
C VAL A 202 -14.59 17.92 -6.76
N LYS A 203 -14.55 18.03 -5.46
CA LYS A 203 -15.80 18.34 -4.70
C LYS A 203 -15.46 18.79 -3.28
N SER A 204 -15.16 20.05 -3.10
CA SER A 204 -14.81 20.56 -1.74
C SER A 204 -15.13 22.05 -1.64
N GLU A 205 -16.35 22.44 -1.94
CA GLU A 205 -16.72 23.88 -1.85
C GLU A 205 -18.24 24.03 -1.79
N GLY A 206 -18.78 24.08 -0.60
CA GLY A 206 -20.26 24.24 -0.46
C GLY A 206 -20.67 25.65 -0.85
N LYS A 207 -21.13 26.44 0.10
CA LYS A 207 -21.54 27.83 -0.21
C LYS A 207 -21.16 28.76 0.94
N ARG A 208 -21.85 28.65 2.06
CA ARG A 208 -21.53 29.52 3.22
C ARG A 208 -21.74 28.76 4.53
N LYS A 209 -21.80 29.45 5.64
CA LYS A 209 -22.00 28.77 6.94
C LYS A 209 -23.30 27.96 6.92
N GLY A 210 -23.55 27.20 7.96
CA GLY A 210 -24.81 26.39 8.01
C GLY A 210 -25.00 25.84 9.41
N ASP A 211 -26.11 25.17 9.65
CA ASP A 211 -26.37 24.60 11.01
C ASP A 211 -27.18 23.31 10.89
N GLU A 212 -27.60 22.76 12.00
CA GLU A 212 -28.40 21.51 11.96
C GLU A 212 -29.88 21.84 11.69
N VAL A 213 -30.72 20.83 11.60
CA VAL A 213 -32.16 21.08 11.35
C VAL A 213 -33.00 20.62 12.55
N ASP A 214 -32.84 21.29 13.67
CA ASP A 214 -33.63 20.89 14.88
C ASP A 214 -34.72 21.92 15.16
ZN ZN C . 18.26 -9.17 3.83
ZN ZN D . -19.49 -6.02 -9.94
N MET A 1 6.72 -7.52 25.64
CA MET A 1 6.36 -7.31 27.07
C MET A 1 4.91 -7.76 27.32
N ALA A 2 4.30 -7.29 28.37
CA ALA A 2 2.90 -7.70 28.68
C ALA A 2 1.98 -7.28 27.52
N GLU A 3 1.01 -8.10 27.19
CA GLU A 3 0.07 -7.76 26.08
C GLU A 3 0.86 -7.44 24.80
N SER A 4 0.16 -7.10 23.75
CA SER A 4 0.86 -6.77 22.47
C SER A 4 0.24 -5.53 21.83
N SER A 5 0.80 -5.07 20.74
CA SER A 5 0.24 -3.87 20.06
C SER A 5 -0.68 -4.29 18.91
N ASP A 6 -1.02 -3.37 18.05
CA ASP A 6 -1.92 -3.71 16.91
C ASP A 6 -1.31 -3.23 15.58
N LYS A 7 -0.20 -2.52 15.62
CA LYS A 7 0.42 -2.04 14.36
C LYS A 7 0.78 -3.24 13.48
N LEU A 8 0.84 -3.04 12.18
CA LEU A 8 1.16 -4.18 11.29
C LEU A 8 2.67 -4.32 11.10
N TYR A 9 3.44 -3.30 11.39
CA TYR A 9 4.92 -3.41 11.20
C TYR A 9 5.70 -3.02 12.46
N ARG A 10 6.93 -3.46 12.54
CA ARG A 10 7.77 -3.13 13.72
C ARG A 10 9.20 -2.80 13.26
N VAL A 11 9.81 -1.83 13.86
CA VAL A 11 11.21 -1.47 13.50
C VAL A 11 12.02 -1.35 14.79
N GLU A 12 13.23 -1.85 14.79
CA GLU A 12 14.05 -1.77 16.03
C GLU A 12 15.47 -2.25 15.76
N TYR A 13 16.35 -2.02 16.70
CA TYR A 13 17.74 -2.49 16.54
C TYR A 13 17.75 -3.97 16.94
N ALA A 14 18.26 -4.81 16.09
CA ALA A 14 18.24 -6.29 16.35
C ALA A 14 18.58 -6.66 17.80
N LYS A 15 17.65 -7.30 18.47
CA LYS A 15 17.89 -7.73 19.89
C LYS A 15 18.93 -8.87 19.90
N SER A 16 19.09 -9.52 18.78
CA SER A 16 20.09 -10.62 18.67
C SER A 16 20.58 -10.72 17.22
N GLY A 17 21.50 -11.59 16.93
CA GLY A 17 22.02 -11.71 15.53
C GLY A 17 21.59 -13.07 14.96
N ARG A 18 20.59 -13.69 15.55
CA ARG A 18 20.14 -15.03 15.07
C ARG A 18 18.96 -14.93 14.08
N ALA A 19 18.30 -13.83 14.02
CA ALA A 19 17.15 -13.71 13.04
C ALA A 19 17.65 -13.75 11.59
N SER A 20 16.92 -14.41 10.72
CA SER A 20 17.34 -14.51 9.31
C SER A 20 16.38 -13.69 8.45
N CYS A 21 16.93 -12.94 7.55
CA CYS A 21 16.08 -12.08 6.67
C CYS A 21 15.15 -12.95 5.80
N LYS A 22 13.88 -12.65 5.81
CA LYS A 22 12.91 -13.46 5.01
C LYS A 22 13.04 -13.20 3.51
N LYS A 23 13.88 -12.27 3.11
CA LYS A 23 14.07 -11.98 1.65
C LYS A 23 15.37 -12.60 1.11
N CYS A 24 16.50 -12.23 1.67
CA CYS A 24 17.79 -12.80 1.16
C CYS A 24 18.33 -13.96 2.02
N SER A 25 17.67 -14.30 3.11
CA SER A 25 18.09 -15.46 3.98
C SER A 25 19.35 -15.20 4.83
N GLU A 26 20.07 -14.12 4.61
CA GLU A 26 21.29 -13.88 5.46
C GLU A 26 20.88 -13.46 6.86
N SER A 27 21.74 -13.69 7.82
CA SER A 27 21.39 -13.35 9.22
C SER A 27 21.36 -11.83 9.44
N ILE A 28 20.53 -11.39 10.33
CA ILE A 28 20.46 -9.94 10.64
C ILE A 28 21.35 -9.69 11.87
N PRO A 29 22.40 -8.91 11.71
CA PRO A 29 23.36 -8.69 12.84
C PRO A 29 22.74 -7.94 14.02
N LYS A 30 23.11 -8.34 15.21
CA LYS A 30 22.57 -7.70 16.45
C LYS A 30 22.79 -6.19 16.42
N ASP A 31 21.85 -5.42 16.95
CA ASP A 31 21.95 -3.92 16.99
C ASP A 31 21.72 -3.27 15.62
N SER A 32 21.66 -4.05 14.55
CA SER A 32 21.43 -3.43 13.21
C SER A 32 19.97 -3.05 13.07
N LEU A 33 19.66 -2.10 12.23
CA LEU A 33 18.25 -1.68 12.05
C LEU A 33 17.51 -2.70 11.19
N ARG A 34 16.48 -3.30 11.73
CA ARG A 34 15.71 -4.32 10.97
C ARG A 34 14.22 -3.99 11.03
N MET A 35 13.47 -4.46 10.07
CA MET A 35 12.00 -4.18 10.05
C MET A 35 11.24 -5.49 9.86
N ALA A 36 10.02 -5.55 10.34
CA ALA A 36 9.25 -6.82 10.19
C ALA A 36 7.77 -6.55 9.99
N ILE A 37 7.11 -7.45 9.29
CA ILE A 37 5.63 -7.31 9.12
C ILE A 37 4.96 -8.22 10.16
N MET A 38 4.30 -7.66 11.12
CA MET A 38 3.67 -8.47 12.20
C MET A 38 2.59 -9.42 11.66
N VAL A 39 2.48 -10.58 12.25
CA VAL A 39 1.44 -11.56 11.81
C VAL A 39 0.89 -12.30 13.04
N GLN A 40 -0.40 -12.51 13.09
CA GLN A 40 -1.00 -13.21 14.27
C GLN A 40 -0.81 -14.73 14.12
N SER A 41 -0.38 -15.38 15.17
CA SER A 41 -0.15 -16.86 15.09
C SER A 41 -1.40 -17.60 15.60
N PRO A 42 -1.84 -18.59 14.84
CA PRO A 42 -3.02 -19.37 15.22
C PRO A 42 -2.65 -20.48 16.22
N MET A 43 -1.39 -20.62 16.54
CA MET A 43 -0.99 -21.68 17.51
C MET A 43 -0.88 -21.13 18.93
N PHE A 44 -0.85 -19.83 19.07
CA PHE A 44 -0.74 -19.23 20.43
C PHE A 44 -1.01 -17.72 20.38
N ASP A 45 -1.53 -17.17 21.44
CA ASP A 45 -1.81 -15.70 21.45
C ASP A 45 -0.50 -14.92 21.35
N GLY A 46 -0.38 -14.09 20.35
CA GLY A 46 0.88 -13.30 20.18
C GLY A 46 1.17 -13.14 18.69
N LYS A 47 1.91 -12.14 18.32
CA LYS A 47 2.21 -11.94 16.86
C LYS A 47 3.65 -12.36 16.53
N VAL A 48 3.82 -13.02 15.42
CA VAL A 48 5.20 -13.45 15.01
C VAL A 48 5.75 -12.45 13.99
N PRO A 49 6.95 -11.98 14.20
CA PRO A 49 7.52 -10.99 13.28
C PRO A 49 8.32 -11.65 12.16
N HIS A 50 8.06 -11.27 10.94
CA HIS A 50 8.88 -11.78 9.82
C HIS A 50 9.94 -10.71 9.60
N TRP A 51 11.14 -10.92 10.09
CA TRP A 51 12.18 -9.85 10.01
C TRP A 51 12.92 -9.80 8.66
N TYR A 52 13.42 -8.64 8.38
CA TYR A 52 14.18 -8.40 7.12
C TYR A 52 15.24 -7.33 7.37
N HIS A 53 16.34 -7.34 6.66
CA HIS A 53 17.33 -6.24 6.82
C HIS A 53 16.60 -4.98 6.36
N PHE A 54 16.97 -3.82 6.83
CA PHE A 54 16.24 -2.56 6.42
C PHE A 54 15.97 -2.50 4.90
N SER A 55 16.99 -2.67 4.09
CA SER A 55 16.80 -2.59 2.60
C SER A 55 15.92 -3.74 2.06
N CYS A 56 16.16 -4.96 2.47
CA CYS A 56 15.37 -6.12 1.96
C CYS A 56 13.86 -5.92 2.20
N PHE A 57 13.49 -5.34 3.30
CA PHE A 57 12.04 -5.14 3.62
C PHE A 57 11.26 -4.45 2.47
N TRP A 58 11.89 -3.52 1.77
CA TRP A 58 11.17 -2.78 0.70
C TRP A 58 11.25 -3.52 -0.65
N LYS A 59 12.17 -4.43 -0.80
CA LYS A 59 12.30 -5.16 -2.10
C LYS A 59 11.32 -6.33 -2.21
N VAL A 60 10.50 -6.55 -1.21
CA VAL A 60 9.53 -7.69 -1.27
C VAL A 60 8.13 -7.19 -1.66
N GLY A 61 7.85 -5.94 -1.43
CA GLY A 61 6.49 -5.41 -1.78
C GLY A 61 5.89 -4.69 -0.58
N HIS A 62 6.51 -4.80 0.57
CA HIS A 62 5.95 -4.10 1.78
C HIS A 62 5.95 -2.60 1.54
N SER A 63 4.89 -1.92 1.92
CA SER A 63 4.84 -0.45 1.68
C SER A 63 4.29 0.29 2.91
N ILE A 64 4.78 1.48 3.14
CA ILE A 64 4.30 2.28 4.31
C ILE A 64 4.30 3.77 3.95
N ARG A 65 3.16 4.40 4.01
CA ARG A 65 3.09 5.86 3.67
C ARG A 65 3.44 6.69 4.89
N HIS A 66 2.94 6.32 6.03
CA HIS A 66 3.23 7.08 7.30
C HIS A 66 3.85 6.15 8.35
N PRO A 67 5.16 6.13 8.40
CA PRO A 67 5.89 5.25 9.37
C PRO A 67 5.53 5.58 10.84
N ASP A 68 5.56 6.84 11.22
CA ASP A 68 5.22 7.22 12.62
C ASP A 68 3.93 6.55 13.16
N VAL A 69 2.93 6.37 12.33
CA VAL A 69 1.65 5.75 12.83
C VAL A 69 1.49 4.26 12.43
N GLU A 70 2.14 3.83 11.38
CA GLU A 70 1.96 2.40 10.93
C GLU A 70 3.08 1.47 11.44
N VAL A 71 4.18 1.99 11.89
CA VAL A 71 5.29 1.09 12.35
C VAL A 71 5.58 1.25 13.84
N ASP A 72 5.34 0.20 14.61
CA ASP A 72 5.61 0.26 16.07
C ASP A 72 7.11 0.37 16.34
N GLY A 73 7.52 1.14 17.31
CA GLY A 73 8.99 1.28 17.63
C GLY A 73 9.62 2.41 16.81
N PHE A 74 8.90 2.99 15.88
CA PHE A 74 9.49 4.09 15.03
C PHE A 74 9.97 5.25 15.89
N SER A 75 9.14 5.73 16.77
CA SER A 75 9.52 6.89 17.64
C SER A 75 10.74 6.59 18.53
N GLU A 76 11.05 5.33 18.81
CA GLU A 76 12.23 5.05 19.67
C GLU A 76 13.53 4.89 18.86
N LEU A 77 13.46 4.98 17.55
CA LEU A 77 14.71 4.85 16.73
C LEU A 77 15.54 6.13 16.86
N ARG A 78 16.81 6.06 16.57
CA ARG A 78 17.64 7.29 16.63
C ARG A 78 17.14 8.26 15.54
N TRP A 79 17.32 9.53 15.73
CA TRP A 79 16.80 10.54 14.74
C TRP A 79 17.16 10.18 13.29
N ASP A 80 18.42 9.99 13.00
CA ASP A 80 18.82 9.67 11.58
C ASP A 80 18.06 8.44 11.05
N ASP A 81 17.89 7.42 11.86
CA ASP A 81 17.16 6.21 11.39
C ASP A 81 15.68 6.55 11.18
N GLN A 82 15.16 7.47 11.95
CA GLN A 82 13.74 7.88 11.78
C GLN A 82 13.59 8.61 10.44
N GLN A 83 14.60 9.36 10.06
CA GLN A 83 14.54 10.09 8.76
C GLN A 83 14.76 9.09 7.63
N LYS A 84 15.67 8.18 7.79
CA LYS A 84 15.94 7.15 6.74
C LYS A 84 14.66 6.36 6.46
N VAL A 85 13.99 5.91 7.49
CA VAL A 85 12.73 5.15 7.28
C VAL A 85 11.68 6.07 6.67
N LYS A 86 11.62 7.30 7.13
CA LYS A 86 10.59 8.26 6.58
C LYS A 86 10.85 8.52 5.09
N LYS A 87 12.09 8.72 4.71
CA LYS A 87 12.38 9.00 3.28
C LYS A 87 12.24 7.72 2.45
N THR A 88 12.73 6.61 2.94
CA THR A 88 12.61 5.33 2.18
C THR A 88 11.13 5.01 1.98
N ALA A 89 10.31 5.30 2.96
CA ALA A 89 8.86 5.04 2.83
C ALA A 89 8.29 5.90 1.70
N GLU A 90 8.64 7.16 1.67
CA GLU A 90 8.12 8.05 0.60
C GLU A 90 8.61 7.57 -0.78
N ALA A 91 9.88 7.32 -0.92
CA ALA A 91 10.41 6.85 -2.23
C ALA A 91 9.70 5.56 -2.65
N GLY A 92 10.17 4.93 -3.70
CA GLY A 92 9.52 3.66 -4.16
C GLY A 92 10.58 2.61 -4.44
N GLY A 93 11.28 2.75 -5.53
CA GLY A 93 12.34 1.74 -5.87
C GLY A 93 13.29 2.33 -6.92
N VAL A 94 13.13 1.95 -8.16
CA VAL A 94 14.02 2.48 -9.23
C VAL A 94 13.75 3.97 -9.44
N THR A 95 14.75 4.80 -9.25
CA THR A 95 14.55 6.26 -9.43
C THR A 95 15.39 6.77 -10.61
N GLY A 96 15.00 7.85 -11.22
CA GLY A 96 15.78 8.39 -12.37
C GLY A 96 15.15 9.70 -12.85
N LYS A 97 14.78 10.56 -11.94
CA LYS A 97 14.17 11.86 -12.33
C LYS A 97 15.09 13.02 -11.96
N GLY A 98 15.30 13.25 -10.69
CA GLY A 98 16.20 14.37 -10.28
C GLY A 98 15.52 15.71 -10.60
N GLN A 99 14.72 16.20 -9.69
CA GLN A 99 14.03 17.50 -9.93
C GLN A 99 14.52 18.55 -8.94
N ASP A 100 13.78 19.62 -8.78
CA ASP A 100 14.18 20.69 -7.82
C ASP A 100 14.32 20.11 -6.41
N GLY A 101 13.24 19.62 -5.86
CA GLY A 101 13.30 19.05 -4.48
C GLY A 101 13.70 17.58 -4.57
N ILE A 102 12.76 16.69 -4.71
CA ILE A 102 13.09 15.24 -4.79
C ILE A 102 12.12 14.54 -5.75
N GLY A 103 12.33 13.27 -6.00
CA GLY A 103 11.42 12.53 -6.93
C GLY A 103 10.02 12.47 -6.31
N SER A 104 9.01 12.33 -7.13
CA SER A 104 7.61 12.26 -6.60
C SER A 104 7.31 13.49 -5.73
N LYS A 105 6.86 14.56 -6.34
CA LYS A 105 6.56 15.79 -5.55
C LYS A 105 5.05 16.09 -5.61
N ALA A 106 4.54 16.33 -6.78
CA ALA A 106 3.08 16.64 -6.90
C ALA A 106 2.31 15.37 -7.27
N GLU A 107 2.87 14.22 -6.99
CA GLU A 107 2.17 12.94 -7.32
C GLU A 107 1.80 12.20 -6.03
N LYS A 108 0.55 11.93 -5.82
CA LYS A 108 0.12 11.21 -4.59
C LYS A 108 -0.57 9.89 -4.94
N THR A 109 0.12 9.02 -5.64
CA THR A 109 -0.50 7.72 -6.02
C THR A 109 -0.88 6.93 -4.76
N LEU A 110 -2.11 6.51 -4.66
CA LEU A 110 -2.54 5.74 -3.46
C LEU A 110 -1.81 4.39 -3.41
N GLY A 111 -1.55 3.89 -2.24
CA GLY A 111 -0.83 2.59 -2.13
C GLY A 111 -1.83 1.46 -1.82
N ASP A 112 -3.06 1.79 -1.52
CA ASP A 112 -4.06 0.73 -1.20
C ASP A 112 -5.19 0.69 -2.25
N PHE A 113 -5.05 1.42 -3.34
CA PHE A 113 -6.10 1.41 -4.40
C PHE A 113 -5.45 1.17 -5.75
N ALA A 114 -5.98 0.27 -6.55
CA ALA A 114 -5.33 0.02 -7.88
C ALA A 114 -6.34 -0.20 -9.01
N ALA A 115 -5.88 0.00 -10.21
CA ALA A 115 -6.75 -0.19 -11.41
C ALA A 115 -5.93 -0.91 -12.49
N GLU A 116 -6.47 -1.95 -13.07
CA GLU A 116 -5.71 -2.68 -14.12
C GLU A 116 -6.65 -3.54 -14.94
N TYR A 117 -6.21 -4.02 -16.07
CA TYR A 117 -7.07 -4.91 -16.88
C TYR A 117 -7.00 -6.31 -16.26
N ALA A 118 -8.12 -6.98 -16.13
CA ALA A 118 -8.11 -8.34 -15.50
C ALA A 118 -7.05 -9.26 -16.13
N LYS A 119 -6.03 -9.62 -15.36
CA LYS A 119 -4.99 -10.53 -15.88
C LYS A 119 -5.58 -11.90 -16.22
N SER A 120 -6.73 -12.21 -15.69
CA SER A 120 -7.37 -13.52 -15.97
C SER A 120 -8.88 -13.41 -15.83
N ASN A 121 -9.59 -14.52 -15.82
CA ASN A 121 -11.08 -14.45 -15.69
C ASN A 121 -11.57 -15.21 -14.46
N ARG A 122 -10.68 -15.55 -13.54
CA ARG A 122 -11.13 -16.28 -12.32
C ARG A 122 -11.29 -15.32 -11.12
N SER A 123 -11.06 -14.04 -11.32
CA SER A 123 -11.24 -13.08 -10.19
C SER A 123 -12.74 -12.83 -10.01
N THR A 124 -13.14 -12.16 -8.97
CA THR A 124 -14.60 -11.94 -8.77
C THR A 124 -14.86 -10.57 -8.14
N CYS A 125 -15.75 -9.81 -8.72
CA CYS A 125 -16.09 -8.49 -8.12
C CYS A 125 -16.69 -8.71 -6.73
N LYS A 126 -16.09 -8.14 -5.71
CA LYS A 126 -16.60 -8.32 -4.32
C LYS A 126 -17.80 -7.40 -4.00
N GLY A 127 -18.48 -6.90 -5.02
CA GLY A 127 -19.64 -6.00 -4.77
C GLY A 127 -20.89 -6.73 -5.26
N CYS A 128 -20.80 -7.36 -6.41
CA CYS A 128 -21.97 -8.14 -6.93
C CYS A 128 -21.62 -9.65 -7.01
N MET A 129 -20.42 -10.04 -6.58
CA MET A 129 -20.00 -11.47 -6.63
C MET A 129 -20.02 -12.07 -8.06
N GLU A 130 -20.13 -11.26 -9.07
CA GLU A 130 -20.12 -11.79 -10.47
C GLU A 130 -18.67 -11.87 -10.94
N LYS A 131 -18.32 -12.86 -11.71
CA LYS A 131 -16.91 -13.00 -12.17
C LYS A 131 -16.50 -11.86 -13.11
N ILE A 132 -15.26 -11.44 -13.02
CA ILE A 132 -14.76 -10.38 -13.93
C ILE A 132 -14.09 -11.07 -15.12
N GLU A 133 -14.40 -10.67 -16.32
CA GLU A 133 -13.79 -11.35 -17.51
C GLU A 133 -12.36 -10.84 -17.75
N LYS A 134 -11.49 -11.73 -18.17
CA LYS A 134 -10.08 -11.30 -18.50
C LYS A 134 -10.07 -10.13 -19.49
N GLY A 135 -9.24 -9.12 -19.24
CA GLY A 135 -9.19 -7.95 -20.16
C GLY A 135 -10.08 -6.82 -19.64
N GLN A 136 -11.14 -7.16 -18.93
CA GLN A 136 -12.06 -6.11 -18.41
C GLN A 136 -11.35 -5.25 -17.35
N VAL A 137 -11.61 -3.96 -17.38
CA VAL A 137 -10.99 -3.05 -16.38
C VAL A 137 -11.57 -3.35 -14.99
N ARG A 138 -10.74 -3.44 -14.01
CA ARG A 138 -11.24 -3.73 -12.63
C ARG A 138 -10.50 -2.84 -11.63
N LEU A 139 -11.14 -2.54 -10.54
CA LEU A 139 -10.51 -1.67 -9.49
C LEU A 139 -10.38 -2.47 -8.20
N SER A 140 -9.54 -2.05 -7.28
CA SER A 140 -9.41 -2.84 -6.04
C SER A 140 -8.98 -2.02 -4.83
N LYS A 141 -9.46 -2.41 -3.69
CA LYS A 141 -9.08 -1.74 -2.42
C LYS A 141 -8.17 -2.70 -1.63
N LYS A 142 -6.89 -2.45 -1.65
CA LYS A 142 -5.92 -3.34 -0.93
C LYS A 142 -6.34 -3.54 0.54
N MET A 143 -6.20 -4.74 1.04
CA MET A 143 -6.57 -5.01 2.46
C MET A 143 -5.76 -6.22 2.96
N VAL A 144 -5.50 -6.28 4.23
CA VAL A 144 -4.72 -7.44 4.77
C VAL A 144 -5.64 -8.41 5.50
N ASP A 145 -5.40 -9.68 5.36
CA ASP A 145 -6.26 -10.69 6.07
C ASP A 145 -5.52 -11.20 7.31
N PRO A 146 -6.17 -11.14 8.43
CA PRO A 146 -5.54 -11.61 9.69
C PRO A 146 -5.36 -13.12 9.65
N GLU A 147 -6.08 -13.80 8.79
CA GLU A 147 -5.93 -15.28 8.68
C GLU A 147 -4.74 -15.62 7.79
N LYS A 148 -4.40 -14.73 6.87
CA LYS A 148 -3.25 -14.99 5.96
C LYS A 148 -2.31 -13.78 6.00
N PRO A 149 -1.60 -13.64 7.10
CA PRO A 149 -0.67 -12.50 7.26
C PRO A 149 0.56 -12.62 6.35
N GLN A 150 0.93 -13.81 5.97
CA GLN A 150 2.11 -13.97 5.08
C GLN A 150 1.86 -13.30 3.73
N LEU A 151 0.63 -13.11 3.36
CA LEU A 151 0.31 -12.47 2.04
C LEU A 151 0.47 -10.95 2.14
N GLY A 152 -0.08 -10.35 3.17
CA GLY A 152 0.05 -8.87 3.32
C GLY A 152 -1.09 -8.18 2.58
N MET A 153 -0.83 -7.02 2.03
CA MET A 153 -1.88 -6.27 1.29
C MET A 153 -2.40 -7.07 0.09
N ILE A 154 -3.62 -7.55 0.17
CA ILE A 154 -4.19 -8.33 -0.97
C ILE A 154 -5.25 -7.50 -1.68
N ASP A 155 -5.34 -7.60 -2.99
CA ASP A 155 -6.34 -6.79 -3.73
C ASP A 155 -7.76 -7.36 -3.61
N ARG A 156 -8.70 -6.51 -3.31
CA ARG A 156 -10.13 -6.91 -3.28
C ARG A 156 -10.70 -6.30 -4.56
N TRP A 157 -10.95 -7.10 -5.56
CA TRP A 157 -11.39 -6.52 -6.88
C TRP A 157 -12.87 -6.20 -6.98
N TYR A 158 -13.17 -5.33 -7.91
CA TYR A 158 -14.57 -4.89 -8.15
C TYR A 158 -14.69 -4.34 -9.57
N HIS A 159 -15.88 -4.30 -10.10
CA HIS A 159 -16.07 -3.65 -11.41
C HIS A 159 -15.99 -2.15 -11.11
N PRO A 160 -15.54 -1.34 -12.03
CA PRO A 160 -15.44 0.11 -11.74
C PRO A 160 -16.79 0.68 -11.25
N GLY A 161 -17.88 0.30 -11.88
CA GLY A 161 -19.21 0.78 -11.42
C GLY A 161 -19.48 0.27 -10.00
N CYS A 162 -19.33 -1.02 -9.77
CA CYS A 162 -19.56 -1.58 -8.40
C CYS A 162 -18.66 -0.87 -7.38
N PHE A 163 -17.41 -0.63 -7.74
CA PHE A 163 -16.47 0.06 -6.81
C PHE A 163 -16.98 1.46 -6.46
N VAL A 164 -17.44 2.19 -7.45
CA VAL A 164 -17.94 3.56 -7.19
C VAL A 164 -19.15 3.51 -6.26
N LYS A 165 -20.01 2.55 -6.43
CA LYS A 165 -21.22 2.47 -5.54
C LYS A 165 -20.82 2.34 -4.07
N ASN A 166 -19.74 1.66 -3.80
CA ASN A 166 -19.27 1.49 -2.38
C ASN A 166 -18.03 2.36 -2.08
N ARG A 167 -17.87 3.47 -2.77
CA ARG A 167 -16.67 4.33 -2.54
C ARG A 167 -16.51 4.70 -1.05
N GLU A 168 -17.58 4.96 -0.39
CA GLU A 168 -17.49 5.36 1.06
C GLU A 168 -16.97 4.22 1.93
N GLU A 169 -17.62 3.09 1.90
CA GLU A 169 -17.19 1.94 2.74
C GLU A 169 -15.79 1.46 2.34
N LEU A 170 -15.43 1.64 1.09
CA LEU A 170 -14.08 1.17 0.64
C LEU A 170 -12.99 2.20 1.03
N GLY A 171 -13.36 3.29 1.67
CA GLY A 171 -12.34 4.28 2.11
C GLY A 171 -11.84 5.12 0.92
N PHE A 172 -12.60 5.23 -0.14
CA PHE A 172 -12.14 6.05 -1.30
C PHE A 172 -12.70 7.47 -1.14
N ARG A 173 -12.06 8.25 -0.32
CA ARG A 173 -12.53 9.66 -0.05
C ARG A 173 -12.90 10.41 -1.34
N PRO A 174 -13.71 11.44 -1.20
CA PRO A 174 -14.17 12.24 -2.37
C PRO A 174 -13.06 13.14 -2.93
N GLU A 175 -11.99 13.34 -2.19
CA GLU A 175 -10.88 14.19 -2.70
C GLU A 175 -9.99 13.38 -3.65
N TYR A 176 -10.10 12.07 -3.62
CA TYR A 176 -9.27 11.22 -4.50
C TYR A 176 -9.83 11.20 -5.93
N SER A 177 -8.97 11.14 -6.90
CA SER A 177 -9.42 11.10 -8.32
C SER A 177 -8.91 9.82 -8.97
N ALA A 178 -9.44 9.48 -10.11
CA ALA A 178 -9.01 8.22 -10.80
C ALA A 178 -7.49 8.21 -11.07
N SER A 179 -6.91 9.36 -11.30
CA SER A 179 -5.44 9.44 -11.58
C SER A 179 -4.58 8.96 -10.41
N GLN A 180 -5.15 8.83 -9.23
CA GLN A 180 -4.34 8.38 -8.05
C GLN A 180 -4.33 6.85 -7.89
N LEU A 181 -5.10 6.13 -8.67
CA LEU A 181 -5.12 4.64 -8.54
C LEU A 181 -3.79 4.03 -8.98
N LYS A 182 -3.27 3.10 -8.21
CA LYS A 182 -1.99 2.45 -8.60
C LYS A 182 -2.19 1.66 -9.91
N GLY A 183 -1.46 2.01 -10.93
CA GLY A 183 -1.61 1.28 -12.25
C GLY A 183 -2.38 2.14 -13.26
N PHE A 184 -2.94 3.24 -12.84
CA PHE A 184 -3.73 4.12 -13.78
C PHE A 184 -2.93 4.44 -15.05
N SER A 185 -1.74 4.93 -14.88
CA SER A 185 -0.90 5.32 -16.06
C SER A 185 -0.79 4.23 -17.15
N LEU A 186 -0.97 2.97 -16.80
CA LEU A 186 -0.83 1.88 -17.84
C LEU A 186 -2.14 1.60 -18.60
N LEU A 187 -3.16 2.39 -18.38
CA LEU A 187 -4.45 2.16 -19.08
C LEU A 187 -4.53 2.99 -20.37
N ALA A 188 -5.20 2.47 -21.37
CA ALA A 188 -5.36 3.23 -22.63
C ALA A 188 -6.09 4.54 -22.35
N THR A 189 -5.81 5.58 -23.12
CA THR A 189 -6.49 6.90 -22.88
C THR A 189 -8.01 6.75 -22.70
N GLU A 190 -8.65 5.99 -23.54
CA GLU A 190 -10.13 5.79 -23.42
C GLU A 190 -10.50 5.26 -22.03
N ASP A 191 -9.82 4.25 -21.58
CA ASP A 191 -10.10 3.68 -20.22
C ASP A 191 -9.82 4.72 -19.13
N LYS A 192 -8.77 5.50 -19.28
CA LYS A 192 -8.44 6.51 -18.24
C LYS A 192 -9.54 7.58 -18.17
N GLU A 193 -10.06 7.98 -19.29
CA GLU A 193 -11.13 9.02 -19.30
C GLU A 193 -12.39 8.49 -18.60
N ALA A 194 -12.78 7.28 -18.90
CA ALA A 194 -14.00 6.69 -18.25
C ALA A 194 -13.86 6.72 -16.73
N LEU A 195 -12.70 6.42 -16.22
CA LEU A 195 -12.49 6.42 -14.75
C LEU A 195 -12.53 7.85 -14.21
N LYS A 196 -11.74 8.75 -14.77
CA LYS A 196 -11.76 10.17 -14.29
C LYS A 196 -13.19 10.70 -14.30
N LYS A 197 -14.00 10.19 -15.17
CA LYS A 197 -15.43 10.63 -15.27
C LYS A 197 -16.22 10.22 -14.02
N GLN A 198 -16.03 9.00 -13.56
CA GLN A 198 -16.79 8.53 -12.35
C GLN A 198 -16.08 8.93 -11.05
N LEU A 199 -14.78 9.05 -11.09
CA LEU A 199 -14.03 9.46 -9.87
C LEU A 199 -13.28 10.76 -10.20
N PRO A 200 -14.00 11.86 -10.19
CA PRO A 200 -13.41 13.18 -10.54
C PRO A 200 -12.48 13.69 -9.43
N GLY A 201 -12.89 13.55 -8.20
CA GLY A 201 -12.04 14.05 -7.08
C GLY A 201 -12.19 15.57 -6.95
N VAL A 202 -11.45 16.32 -7.70
CA VAL A 202 -11.55 17.81 -7.62
C VAL A 202 -12.98 18.25 -7.97
N LYS A 203 -13.58 19.05 -7.13
CA LYS A 203 -14.97 19.52 -7.41
C LYS A 203 -15.31 20.72 -6.53
N SER A 204 -15.41 20.52 -5.24
CA SER A 204 -15.74 21.65 -4.32
C SER A 204 -15.55 21.22 -2.87
N GLU A 205 -15.10 22.11 -2.03
CA GLU A 205 -14.88 21.75 -0.59
C GLU A 205 -15.87 22.52 0.29
N GLY A 206 -17.13 22.46 -0.02
CA GLY A 206 -18.14 23.18 0.80
C GLY A 206 -18.24 24.63 0.33
N LYS A 207 -19.43 25.17 0.27
CA LYS A 207 -19.59 26.58 -0.19
C LYS A 207 -21.01 27.08 0.14
N ARG A 208 -22.01 26.34 -0.24
CA ARG A 208 -23.41 26.78 0.05
C ARG A 208 -23.89 26.19 1.37
N LYS A 209 -24.66 26.93 2.12
CA LYS A 209 -25.16 26.42 3.44
C LYS A 209 -26.65 26.74 3.59
N GLY A 210 -27.50 25.78 3.31
CA GLY A 210 -28.96 26.01 3.43
C GLY A 210 -29.40 25.77 4.88
N ASP A 211 -30.62 26.07 5.20
CA ASP A 211 -31.11 25.85 6.60
C ASP A 211 -31.68 24.44 6.75
N GLU A 212 -31.44 23.80 7.87
CA GLU A 212 -31.97 22.42 8.08
C GLU A 212 -31.57 21.51 6.92
N VAL A 213 -30.29 21.34 6.69
CA VAL A 213 -29.83 20.47 5.57
C VAL A 213 -30.23 19.01 5.85
N ASP A 214 -31.04 18.44 5.01
CA ASP A 214 -31.47 17.03 5.21
C ASP A 214 -32.21 16.51 3.97
ZN ZN C . 18.20 -9.39 3.82
ZN ZN D . -19.51 -6.06 -9.87
N MET A 1 0.43 -8.88 30.24
CA MET A 1 -0.85 -8.14 30.09
C MET A 1 -0.59 -6.63 30.26
N ALA A 2 0.40 -6.10 29.60
CA ALA A 2 0.69 -4.65 29.72
C ALA A 2 0.14 -3.89 28.51
N GLU A 3 0.62 -4.20 27.34
CA GLU A 3 0.11 -3.51 26.12
C GLU A 3 0.43 -4.33 24.87
N SER A 4 -0.50 -4.43 23.96
CA SER A 4 -0.26 -5.21 22.72
C SER A 4 0.05 -4.28 21.55
N SER A 5 0.44 -4.82 20.43
CA SER A 5 0.75 -3.96 19.25
C SER A 5 -0.13 -4.33 18.06
N ASP A 6 -1.04 -3.47 17.70
CA ASP A 6 -1.94 -3.77 16.55
C ASP A 6 -1.31 -3.32 15.23
N LYS A 7 -0.23 -2.58 15.30
CA LYS A 7 0.44 -2.11 14.04
C LYS A 7 0.79 -3.32 13.16
N LEU A 8 0.87 -3.12 11.87
CA LEU A 8 1.20 -4.26 10.97
C LEU A 8 2.72 -4.40 10.81
N TYR A 9 3.49 -3.39 11.12
CA TYR A 9 4.97 -3.50 10.94
C TYR A 9 5.73 -3.10 12.20
N ARG A 10 6.96 -3.53 12.30
CA ARG A 10 7.80 -3.19 13.48
C ARG A 10 9.23 -2.87 13.02
N VAL A 11 9.83 -1.89 13.63
CA VAL A 11 11.23 -1.53 13.27
C VAL A 11 12.03 -1.41 14.56
N GLU A 12 13.24 -1.91 14.57
CA GLU A 12 14.05 -1.82 15.82
C GLU A 12 15.49 -2.30 15.57
N TYR A 13 16.35 -2.06 16.51
CA TYR A 13 17.74 -2.53 16.38
C TYR A 13 17.74 -4.01 16.78
N ALA A 14 18.26 -4.86 15.93
CA ALA A 14 18.26 -6.34 16.20
C ALA A 14 18.58 -6.71 17.65
N LYS A 15 17.64 -7.33 18.32
CA LYS A 15 17.87 -7.77 19.73
C LYS A 15 18.91 -8.90 19.76
N SER A 16 19.09 -9.56 18.64
CA SER A 16 20.09 -10.65 18.55
C SER A 16 20.58 -10.75 17.09
N GLY A 17 21.51 -11.64 16.82
CA GLY A 17 22.04 -11.75 15.44
C GLY A 17 21.63 -13.12 14.87
N ARG A 18 20.62 -13.73 15.44
CA ARG A 18 20.17 -15.08 14.97
C ARG A 18 19.00 -14.99 13.97
N ALA A 19 18.33 -13.88 13.90
CA ALA A 19 17.19 -13.77 12.91
C ALA A 19 17.70 -13.82 11.46
N SER A 20 16.98 -14.48 10.60
CA SER A 20 17.40 -14.60 9.18
C SER A 20 16.46 -13.78 8.32
N CYS A 21 17.01 -13.03 7.42
CA CYS A 21 16.17 -12.17 6.52
C CYS A 21 15.25 -13.04 5.65
N LYS A 22 13.98 -12.75 5.66
CA LYS A 22 13.00 -13.57 4.85
C LYS A 22 13.16 -13.31 3.34
N LYS A 23 14.00 -12.38 2.96
CA LYS A 23 14.19 -12.09 1.49
C LYS A 23 15.50 -12.71 0.97
N CYS A 24 16.62 -12.34 1.53
CA CYS A 24 17.93 -12.90 1.04
C CYS A 24 18.46 -14.08 1.90
N SER A 25 17.78 -14.40 2.98
CA SER A 25 18.20 -15.57 3.86
C SER A 25 19.45 -15.29 4.73
N GLU A 26 20.18 -14.22 4.50
CA GLU A 26 21.39 -13.96 5.34
C GLU A 26 20.97 -13.55 6.76
N SER A 27 21.83 -13.77 7.73
CA SER A 27 21.47 -13.42 9.13
C SER A 27 21.43 -11.90 9.33
N ILE A 28 20.59 -11.45 10.22
CA ILE A 28 20.52 -10.00 10.52
C ILE A 28 21.40 -9.75 11.76
N PRO A 29 22.45 -8.97 11.60
CA PRO A 29 23.41 -8.74 12.73
C PRO A 29 22.77 -7.99 13.90
N LYS A 30 23.13 -8.39 15.10
CA LYS A 30 22.58 -7.74 16.33
C LYS A 30 22.81 -6.23 16.31
N ASP A 31 21.85 -5.46 16.82
CA ASP A 31 21.95 -3.96 16.86
C ASP A 31 21.73 -3.31 15.47
N SER A 32 21.68 -4.08 14.41
CA SER A 32 21.47 -3.49 13.07
C SER A 32 19.99 -3.11 12.92
N LEU A 33 19.70 -2.15 12.07
CA LEU A 33 18.29 -1.74 11.88
C LEU A 33 17.55 -2.78 11.02
N ARG A 34 16.51 -3.37 11.55
CA ARG A 34 15.76 -4.40 10.78
C ARG A 34 14.27 -4.07 10.83
N MET A 35 13.52 -4.54 9.87
CA MET A 35 12.06 -4.26 9.84
C MET A 35 11.29 -5.57 9.65
N ALA A 36 10.07 -5.64 10.12
CA ALA A 36 9.31 -6.90 9.96
C ALA A 36 7.84 -6.64 9.75
N ILE A 37 7.18 -7.54 9.06
CA ILE A 37 5.70 -7.43 8.88
C ILE A 37 5.04 -8.32 9.94
N MET A 38 4.30 -7.75 10.84
CA MET A 38 3.67 -8.56 11.93
C MET A 38 2.58 -9.49 11.38
N VAL A 39 2.49 -10.68 11.92
CA VAL A 39 1.45 -11.63 11.48
C VAL A 39 0.92 -12.41 12.68
N GLN A 40 -0.39 -12.57 12.78
CA GLN A 40 -0.97 -13.29 13.95
C GLN A 40 -0.76 -14.81 13.79
N SER A 41 -0.39 -15.47 14.86
CA SER A 41 -0.17 -16.95 14.78
C SER A 41 -1.42 -17.69 15.29
N PRO A 42 -1.84 -18.67 14.52
CA PRO A 42 -3.03 -19.46 14.90
C PRO A 42 -2.67 -20.57 15.90
N MET A 43 -1.41 -20.70 16.24
CA MET A 43 -1.00 -21.76 17.21
C MET A 43 -0.91 -21.19 18.63
N PHE A 44 -0.89 -19.90 18.78
CA PHE A 44 -0.79 -19.30 20.14
C PHE A 44 -1.06 -17.79 20.08
N ASP A 45 -1.59 -17.23 21.13
CA ASP A 45 -1.87 -15.77 21.14
C ASP A 45 -0.56 -15.00 21.03
N GLY A 46 -0.45 -14.14 20.05
CA GLY A 46 0.82 -13.36 19.87
C GLY A 46 1.12 -13.26 18.39
N LYS A 47 1.82 -12.23 17.97
CA LYS A 47 2.13 -12.09 16.52
C LYS A 47 3.60 -12.43 16.23
N VAL A 48 3.86 -13.18 15.20
CA VAL A 48 5.28 -13.51 14.86
C VAL A 48 5.79 -12.54 13.79
N PRO A 49 6.98 -12.05 13.99
CA PRO A 49 7.56 -11.06 13.07
C PRO A 49 8.37 -11.72 11.96
N HIS A 50 8.12 -11.35 10.73
CA HIS A 50 8.95 -11.87 9.62
C HIS A 50 10.00 -10.79 9.40
N TRP A 51 11.21 -11.00 9.90
CA TRP A 51 12.24 -9.94 9.83
C TRP A 51 12.99 -9.89 8.49
N TYR A 52 13.49 -8.72 8.19
CA TYR A 52 14.25 -8.49 6.93
C TYR A 52 15.31 -7.41 7.20
N HIS A 53 16.42 -7.43 6.50
CA HIS A 53 17.41 -6.33 6.67
C HIS A 53 16.69 -5.07 6.19
N PHE A 54 17.05 -3.91 6.66
CA PHE A 54 16.33 -2.65 6.24
C PHE A 54 16.06 -2.59 4.72
N SER A 55 17.09 -2.77 3.91
CA SER A 55 16.90 -2.70 2.42
C SER A 55 16.03 -3.85 1.88
N CYS A 56 16.28 -5.07 2.30
CA CYS A 56 15.48 -6.23 1.78
C CYS A 56 13.97 -6.03 2.01
N PHE A 57 13.59 -5.46 3.11
CA PHE A 57 12.14 -5.25 3.42
C PHE A 57 11.38 -4.57 2.25
N TRP A 58 12.00 -3.64 1.56
CA TRP A 58 11.29 -2.91 0.47
C TRP A 58 11.38 -3.65 -0.87
N LYS A 59 12.30 -4.56 -1.00
CA LYS A 59 12.45 -5.29 -2.29
C LYS A 59 11.46 -6.46 -2.41
N VAL A 60 10.64 -6.69 -1.42
CA VAL A 60 9.67 -7.82 -1.48
C VAL A 60 8.28 -7.34 -1.89
N GLY A 61 8.00 -6.08 -1.68
CA GLY A 61 6.64 -5.55 -2.05
C GLY A 61 6.02 -4.83 -0.86
N HIS A 62 6.62 -4.91 0.31
CA HIS A 62 6.05 -4.22 1.50
C HIS A 62 6.06 -2.71 1.26
N SER A 63 5.00 -2.03 1.62
CA SER A 63 4.97 -0.56 1.38
C SER A 63 4.43 0.19 2.61
N ILE A 64 4.93 1.37 2.84
CA ILE A 64 4.47 2.18 4.01
C ILE A 64 4.43 3.66 3.62
N ARG A 65 3.28 4.28 3.71
CA ARG A 65 3.18 5.72 3.35
C ARG A 65 3.52 6.57 4.57
N HIS A 66 3.01 6.21 5.72
CA HIS A 66 3.29 6.97 6.98
C HIS A 66 3.91 6.05 8.04
N PRO A 67 5.22 6.03 8.09
CA PRO A 67 5.93 5.16 9.07
C PRO A 67 5.56 5.49 10.54
N ASP A 68 5.58 6.76 10.92
CA ASP A 68 5.24 7.14 12.32
C ASP A 68 3.95 6.46 12.85
N VAL A 69 2.96 6.28 12.02
CA VAL A 69 1.67 5.66 12.51
C VAL A 69 1.52 4.19 12.11
N GLU A 70 2.18 3.73 11.07
CA GLU A 70 2.01 2.31 10.62
C GLU A 70 3.11 1.38 11.14
N VAL A 71 4.21 1.91 11.59
CA VAL A 71 5.32 1.01 12.07
C VAL A 71 5.59 1.17 13.57
N ASP A 72 5.36 0.13 14.34
CA ASP A 72 5.61 0.19 15.79
C ASP A 72 7.12 0.31 16.07
N GLY A 73 7.52 1.09 17.05
CA GLY A 73 8.98 1.23 17.36
C GLY A 73 9.62 2.36 16.55
N PHE A 74 8.91 2.92 15.62
CA PHE A 74 9.49 4.02 14.77
C PHE A 74 9.96 5.19 15.63
N SER A 75 9.13 5.68 16.50
CA SER A 75 9.51 6.84 17.36
C SER A 75 10.72 6.55 18.27
N GLU A 76 11.04 5.29 18.56
CA GLU A 76 12.21 5.00 19.42
C GLU A 76 13.52 4.85 18.62
N LEU A 77 13.46 4.93 17.31
CA LEU A 77 14.70 4.81 16.50
C LEU A 77 15.53 6.09 16.63
N ARG A 78 16.80 6.01 16.36
CA ARG A 78 17.64 7.24 16.41
C ARG A 78 17.13 8.20 15.32
N TRP A 79 17.31 9.48 15.51
CA TRP A 79 16.80 10.48 14.51
C TRP A 79 17.16 10.12 13.06
N ASP A 80 18.44 9.93 12.77
CA ASP A 80 18.84 9.60 11.37
C ASP A 80 18.09 8.37 10.84
N ASP A 81 17.91 7.36 11.65
CA ASP A 81 17.18 6.14 11.17
C ASP A 81 15.71 6.47 10.95
N GLN A 82 15.19 7.41 11.71
CA GLN A 82 13.76 7.81 11.53
C GLN A 82 13.62 8.53 10.18
N GLN A 83 14.64 9.28 9.81
CA GLN A 83 14.59 10.00 8.52
C GLN A 83 14.81 9.00 7.38
N LYS A 84 15.73 8.09 7.57
CA LYS A 84 16.00 7.06 6.51
C LYS A 84 14.73 6.26 6.22
N VAL A 85 14.05 5.83 7.25
CA VAL A 85 12.79 5.06 7.04
C VAL A 85 11.75 5.98 6.41
N LYS A 86 11.67 7.21 6.86
CA LYS A 86 10.67 8.16 6.31
C LYS A 86 10.92 8.41 4.83
N LYS A 87 12.16 8.62 4.45
CA LYS A 87 12.48 8.89 3.02
C LYS A 87 12.33 7.60 2.20
N THR A 88 12.83 6.51 2.69
CA THR A 88 12.71 5.21 1.93
C THR A 88 11.23 4.89 1.72
N ALA A 89 10.40 5.19 2.70
CA ALA A 89 8.95 4.91 2.56
C ALA A 89 8.39 5.77 1.42
N GLU A 90 8.75 7.03 1.39
CA GLU A 90 8.24 7.93 0.31
C GLU A 90 8.75 7.44 -1.06
N ALA A 91 10.02 7.19 -1.18
CA ALA A 91 10.57 6.72 -2.48
C ALA A 91 9.87 5.43 -2.92
N GLY A 92 9.58 5.30 -4.19
CA GLY A 92 8.90 4.07 -4.68
C GLY A 92 9.95 3.03 -5.09
N GLY A 93 10.67 3.30 -6.14
CA GLY A 93 11.72 2.34 -6.59
C GLY A 93 13.08 3.03 -6.58
N VAL A 94 13.57 3.43 -7.74
CA VAL A 94 14.89 4.12 -7.80
C VAL A 94 14.83 5.42 -6.99
N THR A 95 15.97 5.94 -6.61
CA THR A 95 15.99 7.21 -5.82
C THR A 95 16.69 8.31 -6.62
N GLY A 96 16.50 9.55 -6.24
CA GLY A 96 17.15 10.67 -6.97
C GLY A 96 16.56 10.78 -8.38
N LYS A 97 17.36 11.15 -9.34
CA LYS A 97 16.84 11.27 -10.73
C LYS A 97 18.00 11.21 -11.73
N GLY A 98 17.73 11.48 -12.98
CA GLY A 98 18.81 11.44 -14.01
C GLY A 98 18.20 11.45 -15.40
N GLN A 99 18.60 10.53 -16.24
CA GLN A 99 18.05 10.49 -17.63
C GLN A 99 18.04 9.05 -18.16
N ASP A 100 17.53 8.84 -19.34
CA ASP A 100 17.51 7.46 -19.92
C ASP A 100 16.86 6.48 -18.93
N GLY A 101 15.57 6.47 -18.84
CA GLY A 101 14.88 5.54 -17.89
C GLY A 101 13.51 6.12 -17.51
N ILE A 102 13.07 5.87 -16.31
CA ILE A 102 11.75 6.40 -15.88
C ILE A 102 11.71 6.51 -14.35
N GLY A 103 11.38 7.67 -13.84
CA GLY A 103 11.33 7.85 -12.36
C GLY A 103 9.90 7.57 -11.86
N SER A 104 9.34 8.48 -11.12
CA SER A 104 7.96 8.28 -10.60
C SER A 104 7.02 9.37 -11.14
N LYS A 105 7.50 10.22 -12.01
CA LYS A 105 6.64 11.30 -12.58
C LYS A 105 6.24 12.30 -11.49
N ALA A 106 5.42 11.88 -10.55
CA ALA A 106 4.99 12.81 -9.46
C ALA A 106 5.00 12.07 -8.12
N GLU A 107 4.36 12.65 -7.12
CA GLU A 107 4.33 11.99 -5.79
C GLU A 107 2.89 11.94 -5.26
N LYS A 108 1.96 11.50 -6.07
CA LYS A 108 0.54 11.43 -5.61
C LYS A 108 -0.10 10.12 -6.07
N THR A 109 0.02 9.09 -5.28
CA THR A 109 -0.59 7.78 -5.67
C THR A 109 -0.98 6.99 -4.43
N LEU A 110 -2.22 6.56 -4.36
CA LEU A 110 -2.67 5.77 -3.16
C LEU A 110 -1.95 4.43 -3.12
N GLY A 111 -1.68 3.93 -1.95
CA GLY A 111 -0.98 2.62 -1.84
C GLY A 111 -1.97 1.49 -1.54
N ASP A 112 -3.21 1.83 -1.27
CA ASP A 112 -4.22 0.77 -0.97
C ASP A 112 -5.31 0.71 -2.05
N PHE A 113 -5.16 1.44 -3.12
CA PHE A 113 -6.19 1.43 -4.20
C PHE A 113 -5.52 1.20 -5.56
N ALA A 114 -6.04 0.31 -6.37
CA ALA A 114 -5.37 0.05 -7.70
C ALA A 114 -6.37 -0.16 -8.83
N ALA A 115 -5.91 0.05 -10.02
CA ALA A 115 -6.76 -0.14 -11.23
C ALA A 115 -5.93 -0.86 -12.30
N GLU A 116 -6.47 -1.89 -12.90
CA GLU A 116 -5.69 -2.63 -13.94
C GLU A 116 -6.63 -3.50 -14.78
N TYR A 117 -6.17 -3.96 -15.90
CA TYR A 117 -7.03 -4.85 -16.72
C TYR A 117 -6.96 -6.25 -16.11
N ALA A 118 -8.07 -6.93 -15.99
CA ALA A 118 -8.07 -8.29 -15.36
C ALA A 118 -7.00 -9.19 -15.99
N LYS A 119 -6.00 -9.56 -15.20
CA LYS A 119 -4.94 -10.46 -15.72
C LYS A 119 -5.52 -11.84 -16.07
N SER A 120 -6.68 -12.15 -15.54
CA SER A 120 -7.31 -13.47 -15.84
C SER A 120 -8.84 -13.35 -15.71
N ASN A 121 -9.54 -14.46 -15.71
CA ASN A 121 -11.03 -14.41 -15.60
C ASN A 121 -11.52 -15.17 -14.37
N ARG A 122 -10.65 -15.50 -13.45
CA ARG A 122 -11.10 -16.24 -12.23
C ARG A 122 -11.26 -15.28 -11.03
N SER A 123 -11.04 -14.00 -11.22
CA SER A 123 -11.24 -13.05 -10.09
C SER A 123 -12.74 -12.81 -9.93
N THR A 124 -13.15 -12.13 -8.88
CA THR A 124 -14.62 -11.91 -8.70
C THR A 124 -14.88 -10.55 -8.06
N CYS A 125 -15.77 -9.78 -8.65
CA CYS A 125 -16.11 -8.47 -8.05
C CYS A 125 -16.72 -8.70 -6.66
N LYS A 126 -16.13 -8.12 -5.64
CA LYS A 126 -16.66 -8.31 -4.25
C LYS A 126 -17.86 -7.39 -3.95
N GLY A 127 -18.53 -6.89 -4.95
CA GLY A 127 -19.69 -5.99 -4.73
C GLY A 127 -20.94 -6.72 -5.23
N CYS A 128 -20.84 -7.36 -6.37
CA CYS A 128 -22.01 -8.13 -6.91
C CYS A 128 -21.66 -9.64 -6.99
N MET A 129 -20.46 -10.03 -6.56
CA MET A 129 -20.03 -11.47 -6.60
C MET A 129 -20.04 -12.06 -8.02
N GLU A 130 -20.14 -11.24 -9.05
CA GLU A 130 -20.12 -11.78 -10.44
C GLU A 130 -18.65 -11.84 -10.90
N LYS A 131 -18.31 -12.83 -11.68
CA LYS A 131 -16.89 -12.98 -12.12
C LYS A 131 -16.48 -11.83 -13.04
N ILE A 132 -15.24 -11.40 -12.93
CA ILE A 132 -14.73 -10.34 -13.84
C ILE A 132 -14.04 -11.03 -15.03
N GLU A 133 -14.35 -10.63 -16.24
CA GLU A 133 -13.72 -11.30 -17.42
C GLU A 133 -12.29 -10.79 -17.65
N LYS A 134 -11.42 -11.67 -18.07
CA LYS A 134 -10.01 -11.25 -18.38
C LYS A 134 -9.99 -10.06 -19.37
N GLY A 135 -9.18 -9.06 -19.11
CA GLY A 135 -9.11 -7.89 -20.03
C GLY A 135 -10.01 -6.77 -19.51
N GLN A 136 -11.07 -7.10 -18.82
CA GLN A 136 -12.00 -6.06 -18.28
C GLN A 136 -11.31 -5.19 -17.24
N VAL A 137 -11.56 -3.91 -17.26
CA VAL A 137 -10.95 -3.00 -16.25
C VAL A 137 -11.55 -3.31 -14.88
N ARG A 138 -10.72 -3.40 -13.87
CA ARG A 138 -11.23 -3.69 -12.51
C ARG A 138 -10.51 -2.80 -11.49
N LEU A 139 -11.16 -2.50 -10.40
CA LEU A 139 -10.54 -1.64 -9.35
C LEU A 139 -10.41 -2.44 -8.07
N SER A 140 -9.58 -2.02 -7.14
CA SER A 140 -9.46 -2.82 -5.90
C SER A 140 -9.04 -1.99 -4.69
N LYS A 141 -9.55 -2.39 -3.55
CA LYS A 141 -9.19 -1.72 -2.27
C LYS A 141 -8.29 -2.68 -1.47
N LYS A 142 -7.01 -2.45 -1.49
CA LYS A 142 -6.07 -3.35 -0.75
C LYS A 142 -6.48 -3.52 0.71
N MET A 143 -6.38 -4.73 1.21
CA MET A 143 -6.74 -4.99 2.63
C MET A 143 -5.98 -6.22 3.13
N VAL A 144 -5.66 -6.28 4.39
CA VAL A 144 -4.92 -7.48 4.90
C VAL A 144 -5.86 -8.42 5.64
N ASP A 145 -5.63 -9.71 5.51
CA ASP A 145 -6.51 -10.70 6.21
C ASP A 145 -5.80 -11.22 7.45
N PRO A 146 -6.48 -11.18 8.57
CA PRO A 146 -5.88 -11.67 9.84
C PRO A 146 -5.67 -13.19 9.77
N GLU A 147 -6.37 -13.86 8.89
CA GLU A 147 -6.22 -15.34 8.77
C GLU A 147 -4.99 -15.66 7.91
N LYS A 148 -4.65 -14.80 7.00
CA LYS A 148 -3.46 -15.03 6.13
C LYS A 148 -2.54 -13.81 6.18
N PRO A 149 -1.87 -13.66 7.29
CA PRO A 149 -0.98 -12.49 7.48
C PRO A 149 0.31 -12.61 6.62
N GLN A 150 0.66 -13.79 6.20
CA GLN A 150 1.89 -13.94 5.37
C GLN A 150 1.69 -13.28 4.00
N LEU A 151 0.46 -13.09 3.59
CA LEU A 151 0.19 -12.46 2.27
C LEU A 151 0.30 -10.92 2.38
N GLY A 152 -0.26 -10.35 3.41
CA GLY A 152 -0.18 -8.87 3.58
C GLY A 152 -1.27 -8.20 2.73
N MET A 153 -1.02 -6.98 2.33
CA MET A 153 -2.02 -6.24 1.50
C MET A 153 -2.52 -7.07 0.31
N ILE A 154 -3.75 -7.53 0.36
CA ILE A 154 -4.29 -8.32 -0.79
C ILE A 154 -5.35 -7.48 -1.52
N ASP A 155 -5.41 -7.57 -2.82
CA ASP A 155 -6.41 -6.76 -3.57
C ASP A 155 -7.83 -7.33 -3.47
N ARG A 156 -8.77 -6.49 -3.17
CA ARG A 156 -10.20 -6.89 -3.15
C ARG A 156 -10.76 -6.28 -4.44
N TRP A 157 -11.00 -7.08 -5.45
CA TRP A 157 -11.42 -6.50 -6.76
C TRP A 157 -12.91 -6.17 -6.87
N TYR A 158 -13.20 -5.30 -7.80
CA TYR A 158 -14.59 -4.87 -8.05
C TYR A 158 -14.70 -4.32 -9.47
N HIS A 159 -15.90 -4.27 -10.01
CA HIS A 159 -16.08 -3.63 -11.33
C HIS A 159 -16.00 -2.13 -11.02
N PRO A 160 -15.55 -1.31 -11.93
CA PRO A 160 -15.45 0.14 -11.64
C PRO A 160 -16.80 0.70 -11.16
N GLY A 161 -17.88 0.32 -11.80
CA GLY A 161 -19.23 0.80 -11.34
C GLY A 161 -19.51 0.29 -9.93
N CYS A 162 -19.36 -1.00 -9.71
CA CYS A 162 -19.60 -1.56 -8.34
C CYS A 162 -18.70 -0.85 -7.31
N PHE A 163 -17.46 -0.61 -7.66
CA PHE A 163 -16.51 0.07 -6.72
C PHE A 163 -17.04 1.48 -6.37
N VAL A 164 -17.49 2.21 -7.36
CA VAL A 164 -17.99 3.58 -7.11
C VAL A 164 -19.21 3.52 -6.19
N LYS A 165 -20.07 2.55 -6.37
CA LYS A 165 -21.29 2.47 -5.49
C LYS A 165 -20.90 2.35 -4.01
N ASN A 166 -19.82 1.66 -3.73
CA ASN A 166 -19.36 1.50 -2.31
C ASN A 166 -18.13 2.37 -2.00
N ARG A 167 -17.96 3.47 -2.69
CA ARG A 167 -16.76 4.34 -2.44
C ARG A 167 -16.62 4.70 -0.96
N GLU A 168 -17.70 4.96 -0.31
CA GLU A 168 -17.63 5.36 1.15
C GLU A 168 -17.11 4.21 2.02
N GLU A 169 -17.75 3.09 1.98
CA GLU A 169 -17.33 1.94 2.83
C GLU A 169 -15.93 1.46 2.43
N LEU A 170 -15.55 1.63 1.19
CA LEU A 170 -14.20 1.19 0.76
C LEU A 170 -13.11 2.20 1.15
N GLY A 171 -13.49 3.29 1.79
CA GLY A 171 -12.47 4.29 2.23
C GLY A 171 -11.96 5.13 1.06
N PHE A 172 -12.72 5.23 -0.01
CA PHE A 172 -12.26 6.06 -1.17
C PHE A 172 -12.82 7.48 -1.00
N ARG A 173 -12.18 8.26 -0.17
CA ARG A 173 -12.66 9.67 0.10
C ARG A 173 -13.02 10.42 -1.19
N PRO A 174 -13.83 11.45 -1.05
CA PRO A 174 -14.29 12.25 -2.24
C PRO A 174 -13.16 13.15 -2.78
N GLU A 175 -12.11 13.35 -2.02
CA GLU A 175 -10.98 14.22 -2.53
C GLU A 175 -10.10 13.40 -3.48
N TYR A 176 -10.19 12.09 -3.44
CA TYR A 176 -9.36 11.25 -4.33
C TYR A 176 -9.93 11.22 -5.75
N SER A 177 -9.05 11.17 -6.72
CA SER A 177 -9.48 11.14 -8.14
C SER A 177 -8.96 9.86 -8.80
N ALA A 178 -9.48 9.52 -9.94
CA ALA A 178 -9.04 8.26 -10.62
C ALA A 178 -7.51 8.25 -10.87
N SER A 179 -6.94 9.40 -11.10
CA SER A 179 -5.48 9.49 -11.38
C SER A 179 -4.63 9.00 -10.18
N GLN A 180 -5.20 8.87 -9.02
CA GLN A 180 -4.40 8.42 -7.83
C GLN A 180 -4.39 6.89 -7.67
N LEU A 181 -5.15 6.17 -8.47
CA LEU A 181 -5.17 4.68 -8.34
C LEU A 181 -3.84 4.08 -8.77
N LYS A 182 -3.32 3.15 -8.00
CA LYS A 182 -2.03 2.49 -8.37
C LYS A 182 -2.21 1.71 -9.68
N GLY A 183 -1.48 2.07 -10.72
CA GLY A 183 -1.62 1.34 -12.02
C GLY A 183 -2.38 2.20 -13.04
N PHE A 184 -2.94 3.30 -12.62
CA PHE A 184 -3.72 4.18 -13.56
C PHE A 184 -2.92 4.51 -14.83
N SER A 185 -1.73 4.99 -14.66
CA SER A 185 -0.88 5.39 -15.83
C SER A 185 -0.76 4.30 -16.91
N LEU A 186 -0.94 3.04 -16.57
CA LEU A 186 -0.78 1.96 -17.61
C LEU A 186 -2.09 1.68 -18.38
N LEU A 187 -3.11 2.47 -18.17
CA LEU A 187 -4.40 2.23 -18.89
C LEU A 187 -4.47 3.06 -20.17
N ALA A 188 -5.14 2.54 -21.17
CA ALA A 188 -5.28 3.30 -22.44
C ALA A 188 -6.01 4.62 -22.16
N THR A 189 -5.74 5.66 -22.93
CA THR A 189 -6.42 6.98 -22.70
C THR A 189 -7.93 6.82 -22.52
N GLU A 190 -8.56 6.07 -23.37
CA GLU A 190 -10.05 5.86 -23.26
C GLU A 190 -10.43 5.33 -21.87
N ASP A 191 -9.75 4.31 -21.42
CA ASP A 191 -10.05 3.74 -20.08
C ASP A 191 -9.78 4.77 -18.96
N LYS A 192 -8.73 5.55 -19.10
CA LYS A 192 -8.41 6.57 -18.06
C LYS A 192 -9.51 7.64 -18.00
N GLU A 193 -10.02 8.04 -19.13
CA GLU A 193 -11.10 9.08 -19.14
C GLU A 193 -12.36 8.55 -18.45
N ALA A 194 -12.75 7.33 -18.75
CA ALA A 194 -13.97 6.75 -18.12
C ALA A 194 -13.84 6.78 -16.59
N LEU A 195 -12.67 6.47 -16.08
CA LEU A 195 -12.48 6.47 -14.61
C LEU A 195 -12.54 7.89 -14.06
N LYS A 196 -11.74 8.79 -14.61
CA LYS A 196 -11.76 10.22 -14.14
C LYS A 196 -13.20 10.74 -14.16
N LYS A 197 -14.00 10.22 -15.04
CA LYS A 197 -15.44 10.67 -15.15
C LYS A 197 -16.22 10.25 -13.89
N GLN A 198 -16.05 9.03 -13.44
CA GLN A 198 -16.82 8.55 -12.24
C GLN A 198 -16.11 8.95 -10.94
N LEU A 199 -14.81 9.08 -10.96
CA LEU A 199 -14.07 9.50 -9.74
C LEU A 199 -13.32 10.79 -10.06
N PRO A 200 -14.04 11.89 -10.05
CA PRO A 200 -13.44 13.21 -10.39
C PRO A 200 -12.54 13.72 -9.27
N GLY A 201 -12.96 13.58 -8.05
CA GLY A 201 -12.13 14.07 -6.91
C GLY A 201 -12.30 15.59 -6.78
N VAL A 202 -11.46 16.36 -7.44
CA VAL A 202 -11.57 17.83 -7.35
C VAL A 202 -11.72 18.44 -8.75
N LYS A 203 -12.91 18.41 -9.29
CA LYS A 203 -13.13 18.98 -10.64
C LYS A 203 -14.49 19.68 -10.71
N SER A 204 -14.53 20.89 -11.20
CA SER A 204 -15.83 21.61 -11.29
C SER A 204 -15.67 22.87 -12.15
N GLU A 205 -16.52 23.04 -13.12
CA GLU A 205 -16.43 24.25 -14.01
C GLU A 205 -15.00 24.41 -14.55
N GLY A 206 -14.73 23.85 -15.70
CA GLY A 206 -13.36 23.97 -16.29
C GLY A 206 -13.46 24.56 -17.69
N LYS A 207 -13.85 25.81 -17.79
CA LYS A 207 -13.97 26.46 -19.13
C LYS A 207 -14.89 25.64 -20.04
N ARG A 208 -16.13 26.05 -20.18
CA ARG A 208 -17.07 25.30 -21.05
C ARG A 208 -17.02 25.83 -22.48
N LYS A 209 -17.12 27.13 -22.65
CA LYS A 209 -17.08 27.71 -24.02
C LYS A 209 -16.14 28.92 -24.06
N GLY A 210 -16.23 29.72 -25.09
CA GLY A 210 -15.35 30.91 -25.19
C GLY A 210 -15.72 31.71 -26.44
N ASP A 211 -15.06 32.82 -26.67
CA ASP A 211 -15.39 33.65 -27.87
C ASP A 211 -14.17 33.76 -28.78
N GLU A 212 -14.31 34.43 -29.89
CA GLU A 212 -13.16 34.57 -30.84
C GLU A 212 -12.65 36.01 -30.83
N VAL A 213 -11.81 36.35 -29.89
CA VAL A 213 -11.26 37.75 -29.83
C VAL A 213 -10.56 38.10 -31.14
N ASP A 214 -10.07 37.12 -31.84
CA ASP A 214 -9.37 37.40 -33.13
C ASP A 214 -9.22 36.11 -33.94
ZN ZN C . 18.31 -9.48 3.68
ZN ZN D . -19.53 -6.04 -9.83
N MET A 1 -6.27 2.71 27.68
CA MET A 1 -4.79 2.60 27.84
C MET A 1 -4.34 1.15 27.68
N ALA A 2 -4.13 0.71 26.46
CA ALA A 2 -3.70 -0.69 26.23
C ALA A 2 -2.28 -0.73 25.68
N GLU A 3 -1.75 -1.90 25.42
CA GLU A 3 -0.37 -2.00 24.87
C GLU A 3 -0.38 -1.79 23.36
N SER A 4 0.35 -0.83 22.88
CA SER A 4 0.37 -0.57 21.41
C SER A 4 0.97 -1.77 20.67
N SER A 5 0.18 -2.76 20.37
CA SER A 5 0.71 -3.96 19.66
C SER A 5 -0.21 -4.32 18.48
N ASP A 6 -1.16 -3.48 18.16
CA ASP A 6 -2.08 -3.79 17.03
C ASP A 6 -1.47 -3.32 15.71
N LYS A 7 -0.40 -2.55 15.76
CA LYS A 7 0.23 -2.06 14.49
C LYS A 7 0.61 -3.24 13.61
N LEU A 8 0.64 -3.05 12.32
CA LEU A 8 0.99 -4.19 11.41
C LEU A 8 2.51 -4.30 11.22
N TYR A 9 3.26 -3.26 11.52
CA TYR A 9 4.74 -3.35 11.32
C TYR A 9 5.51 -2.97 12.59
N ARG A 10 6.75 -3.39 12.66
CA ARG A 10 7.59 -3.06 13.84
C ARG A 10 9.01 -2.72 13.38
N VAL A 11 9.61 -1.74 14.01
CA VAL A 11 10.99 -1.36 13.64
C VAL A 11 11.81 -1.25 14.93
N GLU A 12 13.02 -1.73 14.91
CA GLU A 12 13.85 -1.67 16.16
C GLU A 12 15.28 -2.11 15.89
N TYR A 13 16.15 -1.88 16.83
CA TYR A 13 17.55 -2.34 16.67
C TYR A 13 17.57 -3.82 17.04
N ALA A 14 18.09 -4.65 16.17
CA ALA A 14 18.10 -6.13 16.42
C ALA A 14 18.44 -6.52 17.86
N LYS A 15 17.51 -7.19 18.53
CA LYS A 15 17.76 -7.63 19.93
C LYS A 15 18.81 -8.75 19.92
N SER A 16 18.99 -9.39 18.80
CA SER A 16 20.00 -10.48 18.68
C SER A 16 20.48 -10.54 17.22
N GLY A 17 21.43 -11.41 16.93
CA GLY A 17 21.94 -11.49 15.52
C GLY A 17 21.53 -12.86 14.93
N ARG A 18 20.53 -13.49 15.51
CA ARG A 18 20.10 -14.83 15.01
C ARG A 18 18.92 -14.73 14.03
N ALA A 19 18.23 -13.64 13.98
CA ALA A 19 17.09 -13.51 13.01
C ALA A 19 17.59 -13.54 11.55
N SER A 20 16.87 -14.20 10.68
CA SER A 20 17.27 -14.28 9.26
C SER A 20 16.32 -13.45 8.42
N CYS A 21 16.85 -12.67 7.53
CA CYS A 21 15.99 -11.82 6.65
C CYS A 21 15.07 -12.69 5.78
N LYS A 22 13.80 -12.40 5.80
CA LYS A 22 12.83 -13.21 4.99
C LYS A 22 12.97 -12.93 3.48
N LYS A 23 13.80 -11.97 3.10
CA LYS A 23 13.97 -11.66 1.64
C LYS A 23 15.29 -12.27 1.09
N CYS A 24 16.41 -11.89 1.66
CA CYS A 24 17.72 -12.42 1.14
C CYS A 24 18.26 -13.61 1.97
N SER A 25 17.61 -13.96 3.06
CA SER A 25 18.03 -15.14 3.92
C SER A 25 19.29 -14.87 4.78
N GLU A 26 20.01 -13.78 4.56
CA GLU A 26 21.23 -13.51 5.39
C GLU A 26 20.81 -13.14 6.82
N SER A 27 21.68 -13.36 7.78
CA SER A 27 21.33 -13.05 9.19
C SER A 27 21.28 -11.54 9.42
N ILE A 28 20.44 -11.11 10.33
CA ILE A 28 20.36 -9.67 10.66
C ILE A 28 21.24 -9.43 11.89
N PRO A 29 22.28 -8.63 11.73
CA PRO A 29 23.24 -8.42 12.85
C PRO A 29 22.61 -7.69 14.06
N LYS A 30 22.99 -8.11 15.23
CA LYS A 30 22.44 -7.50 16.49
C LYS A 30 22.64 -5.98 16.49
N ASP A 31 21.68 -5.24 17.02
CA ASP A 31 21.78 -3.73 17.09
C ASP A 31 21.53 -3.06 15.72
N SER A 32 21.48 -3.82 14.65
CA SER A 32 21.25 -3.19 13.31
C SER A 32 19.77 -2.82 13.18
N LEU A 33 19.46 -1.86 12.35
CA LEU A 33 18.04 -1.46 12.18
C LEU A 33 17.32 -2.48 11.31
N ARG A 34 16.29 -3.10 11.85
CA ARG A 34 15.54 -4.12 11.06
C ARG A 34 14.04 -3.81 11.13
N MET A 35 13.29 -4.28 10.16
CA MET A 35 11.83 -4.01 10.16
C MET A 35 11.07 -5.32 9.94
N ALA A 36 9.87 -5.42 10.43
CA ALA A 36 9.11 -6.69 10.26
C ALA A 36 7.62 -6.44 10.06
N ILE A 37 6.98 -7.33 9.36
CA ILE A 37 5.51 -7.22 9.17
C ILE A 37 4.84 -8.13 10.21
N MET A 38 4.15 -7.55 11.16
CA MET A 38 3.50 -8.36 12.23
C MET A 38 2.55 -9.42 11.65
N VAL A 39 2.38 -10.51 12.35
CA VAL A 39 1.49 -11.59 11.87
C VAL A 39 0.91 -12.37 13.07
N GLN A 40 -0.39 -12.51 13.13
CA GLN A 40 -1.00 -13.25 14.27
C GLN A 40 -0.78 -14.75 14.11
N SER A 41 -0.37 -15.43 15.15
CA SER A 41 -0.14 -16.90 15.05
C SER A 41 -1.37 -17.67 15.55
N PRO A 42 -1.79 -18.65 14.78
CA PRO A 42 -2.97 -19.46 15.15
C PRO A 42 -2.58 -20.58 16.14
N MET A 43 -1.32 -20.70 16.46
CA MET A 43 -0.88 -21.78 17.41
C MET A 43 -0.78 -21.24 18.83
N PHE A 44 -0.77 -19.93 18.99
CA PHE A 44 -0.67 -19.35 20.36
C PHE A 44 -0.96 -17.85 20.32
N ASP A 45 -1.49 -17.31 21.40
CA ASP A 45 -1.80 -15.86 21.43
C ASP A 45 -0.49 -15.06 21.33
N GLY A 46 -0.38 -14.21 20.35
CA GLY A 46 0.86 -13.41 20.19
C GLY A 46 1.13 -13.22 18.68
N LYS A 47 1.88 -12.22 18.32
CA LYS A 47 2.16 -11.98 16.87
C LYS A 47 3.59 -12.36 16.53
N VAL A 48 3.78 -13.05 15.44
CA VAL A 48 5.16 -13.45 15.01
C VAL A 48 5.67 -12.42 13.98
N PRO A 49 6.87 -11.93 14.20
CA PRO A 49 7.43 -10.93 13.29
C PRO A 49 8.24 -11.55 12.17
N HIS A 50 7.97 -11.16 10.94
CA HIS A 50 8.79 -11.65 9.81
C HIS A 50 9.84 -10.56 9.61
N TRP A 51 11.05 -10.76 10.10
CA TRP A 51 12.07 -9.68 10.03
C TRP A 51 12.81 -9.60 8.68
N TYR A 52 13.30 -8.43 8.42
CA TYR A 52 14.04 -8.16 7.15
C TYR A 52 15.10 -7.08 7.43
N HIS A 53 16.20 -7.07 6.71
CA HIS A 53 17.16 -5.96 6.90
C HIS A 53 16.42 -4.70 6.45
N PHE A 54 16.79 -3.54 6.93
CA PHE A 54 16.04 -2.29 6.54
C PHE A 54 15.77 -2.21 5.03
N SER A 55 16.78 -2.36 4.21
CA SER A 55 16.59 -2.27 2.72
C SER A 55 15.73 -3.42 2.17
N CYS A 56 15.99 -4.64 2.56
CA CYS A 56 15.20 -5.80 2.03
C CYS A 56 13.69 -5.62 2.27
N PHE A 57 13.32 -5.06 3.39
CA PHE A 57 11.85 -4.88 3.71
C PHE A 57 11.08 -4.19 2.57
N TRP A 58 11.69 -3.23 1.88
CA TRP A 58 10.97 -2.50 0.81
C TRP A 58 11.04 -3.22 -0.54
N LYS A 59 11.98 -4.11 -0.69
CA LYS A 59 12.12 -4.82 -2.00
C LYS A 59 11.15 -6.00 -2.13
N VAL A 60 10.34 -6.25 -1.13
CA VAL A 60 9.39 -7.39 -1.20
C VAL A 60 7.98 -6.91 -1.57
N GLY A 61 7.68 -5.66 -1.35
CA GLY A 61 6.32 -5.15 -1.68
C GLY A 61 5.71 -4.46 -0.47
N HIS A 62 6.34 -4.57 0.68
CA HIS A 62 5.78 -3.90 1.90
C HIS A 62 5.74 -2.38 1.67
N SER A 63 4.69 -1.74 2.07
CA SER A 63 4.62 -0.25 1.85
C SER A 63 4.05 0.46 3.08
N ILE A 64 4.53 1.65 3.34
CA ILE A 64 4.03 2.43 4.51
C ILE A 64 4.01 3.92 4.16
N ARG A 65 2.86 4.54 4.24
CA ARG A 65 2.77 6.00 3.92
C ARG A 65 3.12 6.83 5.15
N HIS A 66 2.63 6.43 6.29
CA HIS A 66 2.91 7.18 7.57
C HIS A 66 3.54 6.24 8.61
N PRO A 67 4.86 6.24 8.65
CA PRO A 67 5.59 5.35 9.61
C PRO A 67 5.24 5.65 11.08
N ASP A 68 5.25 6.92 11.48
CA ASP A 68 4.90 7.27 12.89
C ASP A 68 3.63 6.56 13.42
N VAL A 69 2.64 6.39 12.60
CA VAL A 69 1.36 5.75 13.09
C VAL A 69 1.22 4.27 12.67
N GLU A 70 1.88 3.85 11.60
CA GLU A 70 1.71 2.42 11.14
C GLU A 70 2.83 1.50 11.64
N VAL A 71 3.93 2.04 12.09
CA VAL A 71 5.05 1.14 12.53
C VAL A 71 5.33 1.28 14.03
N ASP A 72 5.12 0.22 14.78
CA ASP A 72 5.38 0.26 16.24
C ASP A 72 6.89 0.39 16.50
N GLY A 73 7.29 1.15 17.50
CA GLY A 73 8.75 1.30 17.81
C GLY A 73 9.37 2.46 17.00
N PHE A 74 8.65 3.03 16.09
CA PHE A 74 9.21 4.14 15.25
C PHE A 74 9.68 5.31 16.13
N SER A 75 8.85 5.76 17.02
CA SER A 75 9.21 6.92 17.89
C SER A 75 10.44 6.63 18.79
N GLU A 76 10.77 5.37 19.05
CA GLU A 76 11.96 5.09 19.90
C GLU A 76 13.26 4.95 19.08
N LEU A 77 13.19 5.06 17.77
CA LEU A 77 14.43 4.96 16.96
C LEU A 77 15.24 6.24 17.10
N ARG A 78 16.52 6.19 16.82
CA ARG A 78 17.33 7.43 16.88
C ARG A 78 16.81 8.41 15.82
N TRP A 79 16.98 9.68 16.02
CA TRP A 79 16.45 10.70 15.04
C TRP A 79 16.81 10.36 13.59
N ASP A 80 18.07 10.19 13.29
CA ASP A 80 18.47 9.89 11.87
C ASP A 80 17.72 8.67 11.33
N ASP A 81 17.57 7.63 12.12
CA ASP A 81 16.85 6.42 11.63
C ASP A 81 15.37 6.74 11.42
N GLN A 82 14.84 7.65 12.22
CA GLN A 82 13.41 8.05 12.05
C GLN A 82 13.26 8.79 10.71
N GLN A 83 14.25 9.56 10.35
CA GLN A 83 14.19 10.30 9.06
C GLN A 83 14.41 9.32 7.91
N LYS A 84 15.34 8.43 8.07
CA LYS A 84 15.62 7.41 7.00
C LYS A 84 14.35 6.61 6.71
N VAL A 85 13.69 6.14 7.73
CA VAL A 85 12.43 5.36 7.52
C VAL A 85 11.37 6.28 6.91
N LYS A 86 11.29 7.50 7.38
CA LYS A 86 10.27 8.45 6.86
C LYS A 86 10.51 8.74 5.38
N LYS A 87 11.74 8.96 5.00
CA LYS A 87 12.04 9.26 3.57
C LYS A 87 11.90 8.00 2.72
N THR A 88 12.42 6.89 3.20
CA THR A 88 12.30 5.62 2.42
C THR A 88 10.82 5.28 2.21
N ALA A 89 10.01 5.55 3.20
CA ALA A 89 8.55 5.26 3.07
C ALA A 89 7.97 6.14 1.95
N GLU A 90 8.31 7.40 1.94
CA GLU A 90 7.78 8.30 0.87
C GLU A 90 8.25 7.84 -0.50
N ALA A 91 9.54 7.62 -0.66
CA ALA A 91 10.07 7.17 -1.98
C ALA A 91 9.37 5.88 -2.42
N GLY A 92 9.68 5.39 -3.59
CA GLY A 92 9.05 4.13 -4.08
C GLY A 92 9.85 3.56 -5.24
N GLY A 93 9.95 4.30 -6.32
CA GLY A 93 10.71 3.81 -7.50
C GLY A 93 10.08 4.32 -8.78
N VAL A 94 10.18 5.59 -9.05
CA VAL A 94 9.57 6.15 -10.28
C VAL A 94 10.26 5.58 -11.53
N THR A 95 9.52 5.29 -12.56
CA THR A 95 10.13 4.72 -13.79
C THR A 95 9.26 5.05 -15.01
N GLY A 96 9.85 5.11 -16.18
CA GLY A 96 9.06 5.41 -17.40
C GLY A 96 9.98 5.39 -18.62
N LYS A 97 10.27 6.53 -19.19
CA LYS A 97 11.17 6.57 -20.38
C LYS A 97 12.58 6.96 -19.97
N GLY A 98 12.74 8.14 -19.41
CA GLY A 98 14.10 8.59 -19.00
C GLY A 98 14.05 9.07 -17.54
N GLN A 99 15.08 8.80 -16.78
CA GLN A 99 15.10 9.25 -15.36
C GLN A 99 16.23 10.24 -15.12
N ASP A 100 15.91 11.51 -15.08
CA ASP A 100 16.98 12.54 -14.86
C ASP A 100 16.78 13.21 -13.50
N GLY A 101 17.56 12.81 -12.51
CA GLY A 101 17.41 13.43 -11.16
C GLY A 101 17.17 12.33 -10.13
N ILE A 102 16.71 12.70 -8.96
CA ILE A 102 16.43 11.68 -7.91
C ILE A 102 14.97 11.73 -7.49
N GLY A 103 14.11 12.13 -8.39
CA GLY A 103 12.65 12.20 -8.05
C GLY A 103 11.93 13.10 -9.06
N SER A 104 11.51 12.55 -10.17
CA SER A 104 10.82 13.38 -11.19
C SER A 104 9.31 13.10 -11.16
N LYS A 105 8.52 14.04 -10.69
CA LYS A 105 7.05 13.83 -10.64
C LYS A 105 6.72 12.53 -9.89
N ALA A 106 5.58 11.95 -10.16
CA ALA A 106 5.21 10.67 -9.47
C ALA A 106 5.22 10.87 -7.95
N GLU A 107 4.48 11.84 -7.46
CA GLU A 107 4.44 12.08 -5.99
C GLU A 107 2.99 12.13 -5.51
N LYS A 108 2.14 11.33 -6.08
CA LYS A 108 0.70 11.33 -5.66
C LYS A 108 0.04 10.03 -6.10
N THR A 109 0.38 8.93 -5.48
CA THR A 109 -0.22 7.63 -5.87
C THR A 109 -0.63 6.84 -4.62
N LEU A 110 -1.87 6.43 -4.54
CA LEU A 110 -2.34 5.66 -3.36
C LEU A 110 -1.64 4.30 -3.30
N GLY A 111 -1.37 3.81 -2.13
CA GLY A 111 -0.68 2.48 -2.00
C GLY A 111 -1.69 1.38 -1.71
N ASP A 112 -2.94 1.71 -1.46
CA ASP A 112 -3.95 0.66 -1.16
C ASP A 112 -5.05 0.64 -2.23
N PHE A 113 -4.87 1.33 -3.33
CA PHE A 113 -5.91 1.32 -4.40
C PHE A 113 -5.24 1.09 -5.76
N ALA A 114 -5.76 0.20 -6.57
CA ALA A 114 -5.11 -0.07 -7.89
C ALA A 114 -6.13 -0.27 -9.02
N ALA A 115 -5.66 -0.09 -10.22
CA ALA A 115 -6.53 -0.26 -11.42
C ALA A 115 -5.71 -0.99 -12.49
N GLU A 116 -6.26 -2.02 -13.08
CA GLU A 116 -5.50 -2.76 -14.13
C GLU A 116 -6.46 -3.62 -14.95
N TYR A 117 -6.01 -4.11 -16.08
CA TYR A 117 -6.88 -4.99 -16.89
C TYR A 117 -6.84 -6.38 -16.28
N ALA A 118 -7.95 -7.04 -16.14
CA ALA A 118 -7.97 -8.40 -15.51
C ALA A 118 -6.92 -9.33 -16.14
N LYS A 119 -5.91 -9.70 -15.37
CA LYS A 119 -4.87 -10.62 -15.88
C LYS A 119 -5.47 -11.99 -16.22
N SER A 120 -6.64 -12.29 -15.69
CA SER A 120 -7.29 -13.60 -15.97
C SER A 120 -8.81 -13.46 -15.83
N ASN A 121 -9.53 -14.56 -15.83
CA ASN A 121 -11.02 -14.47 -15.71
C ASN A 121 -11.52 -15.23 -14.47
N ARG A 122 -10.64 -15.57 -13.55
CA ARG A 122 -11.10 -16.30 -12.33
C ARG A 122 -11.25 -15.34 -11.14
N SER A 123 -11.01 -14.06 -11.33
CA SER A 123 -11.18 -13.09 -10.20
C SER A 123 -12.68 -12.83 -10.04
N THR A 124 -13.08 -12.15 -8.99
CA THR A 124 -14.54 -11.91 -8.80
C THR A 124 -14.78 -10.54 -8.17
N CYS A 125 -15.66 -9.75 -8.76
CA CYS A 125 -15.99 -8.44 -8.16
C CYS A 125 -16.59 -8.66 -6.78
N LYS A 126 -15.98 -8.08 -5.75
CA LYS A 126 -16.50 -8.26 -4.37
C LYS A 126 -17.69 -7.32 -4.05
N GLY A 127 -18.36 -6.80 -5.07
CA GLY A 127 -19.51 -5.90 -4.84
C GLY A 127 -20.77 -6.60 -5.32
N CYS A 128 -20.68 -7.25 -6.47
CA CYS A 128 -21.86 -8.01 -6.99
C CYS A 128 -21.53 -9.52 -7.07
N MET A 129 -20.33 -9.93 -6.64
CA MET A 129 -19.94 -11.37 -6.68
C MET A 129 -19.96 -11.97 -8.11
N GLU A 130 -20.05 -11.15 -9.13
CA GLU A 130 -20.04 -11.70 -10.52
C GLU A 130 -18.59 -11.79 -10.98
N LYS A 131 -18.26 -12.79 -11.76
CA LYS A 131 -16.85 -12.94 -12.21
C LYS A 131 -16.42 -11.81 -13.15
N ILE A 132 -15.17 -11.40 -13.04
CA ILE A 132 -14.65 -10.36 -13.96
C ILE A 132 -13.98 -11.06 -15.14
N GLU A 133 -14.28 -10.65 -16.35
CA GLU A 133 -13.67 -11.34 -17.54
C GLU A 133 -12.24 -10.85 -17.77
N LYS A 134 -11.38 -11.75 -18.19
CA LYS A 134 -9.96 -11.34 -18.51
C LYS A 134 -9.93 -10.17 -19.50
N GLY A 135 -9.10 -9.18 -19.25
CA GLY A 135 -9.02 -8.01 -20.18
C GLY A 135 -9.91 -6.86 -19.66
N GLN A 136 -10.97 -7.19 -18.96
CA GLN A 136 -11.88 -6.13 -18.43
C GLN A 136 -11.16 -5.27 -17.39
N VAL A 137 -11.41 -3.98 -17.41
CA VAL A 137 -10.78 -3.08 -16.41
C VAL A 137 -11.37 -3.36 -15.03
N ARG A 138 -10.53 -3.47 -14.04
CA ARG A 138 -11.05 -3.74 -12.66
C ARG A 138 -10.32 -2.86 -11.65
N LEU A 139 -10.95 -2.55 -10.56
CA LEU A 139 -10.31 -1.69 -9.53
C LEU A 139 -10.20 -2.49 -8.23
N SER A 140 -9.35 -2.08 -7.32
CA SER A 140 -9.24 -2.88 -6.07
C SER A 140 -8.80 -2.05 -4.86
N LYS A 141 -9.31 -2.43 -3.72
CA LYS A 141 -8.93 -1.76 -2.45
C LYS A 141 -8.07 -2.73 -1.64
N LYS A 142 -6.77 -2.56 -1.68
CA LYS A 142 -5.85 -3.48 -0.94
C LYS A 142 -6.25 -3.62 0.53
N MET A 143 -6.22 -4.82 1.04
CA MET A 143 -6.57 -5.06 2.47
C MET A 143 -5.81 -6.29 2.97
N VAL A 144 -5.53 -6.34 4.24
CA VAL A 144 -4.79 -7.52 4.79
C VAL A 144 -5.75 -8.48 5.49
N ASP A 145 -5.50 -9.76 5.38
CA ASP A 145 -6.39 -10.75 6.05
C ASP A 145 -5.68 -11.29 7.30
N PRO A 146 -6.35 -11.22 8.42
CA PRO A 146 -5.76 -11.71 9.69
C PRO A 146 -5.58 -13.23 9.64
N GLU A 147 -6.28 -13.88 8.75
CA GLU A 147 -6.14 -15.37 8.64
C GLU A 147 -4.94 -15.71 7.76
N LYS A 148 -4.57 -14.82 6.87
CA LYS A 148 -3.41 -15.08 5.97
C LYS A 148 -2.44 -13.89 6.04
N PRO A 149 -1.80 -13.76 7.17
CA PRO A 149 -0.86 -12.63 7.39
C PRO A 149 0.41 -12.76 6.52
N GLN A 150 0.74 -13.95 6.09
CA GLN A 150 1.96 -14.10 5.23
C GLN A 150 1.76 -13.43 3.87
N LEU A 151 0.53 -13.23 3.47
CA LEU A 151 0.26 -12.58 2.15
C LEU A 151 0.43 -11.07 2.26
N GLY A 152 -0.13 -10.47 3.27
CA GLY A 152 0.00 -8.99 3.43
C GLY A 152 -1.13 -8.28 2.66
N MET A 153 -0.84 -7.12 2.14
CA MET A 153 -1.88 -6.36 1.37
C MET A 153 -2.37 -7.16 0.16
N ILE A 154 -3.58 -7.64 0.21
CA ILE A 154 -4.12 -8.41 -0.95
C ILE A 154 -5.17 -7.57 -1.68
N ASP A 155 -5.24 -7.67 -2.98
CA ASP A 155 -6.23 -6.86 -3.74
C ASP A 155 -7.66 -7.41 -3.62
N ARG A 156 -8.58 -6.54 -3.32
CA ARG A 156 -10.03 -6.92 -3.30
C ARG A 156 -10.58 -6.30 -4.58
N TRP A 157 -10.84 -7.11 -5.59
CA TRP A 157 -11.26 -6.53 -6.90
C TRP A 157 -12.73 -6.18 -7.01
N TYR A 158 -13.02 -5.31 -7.95
CA TYR A 158 -14.41 -4.86 -8.19
C TYR A 158 -14.52 -4.31 -9.62
N HIS A 159 -15.71 -4.25 -10.14
CA HIS A 159 -15.88 -3.60 -11.46
C HIS A 159 -15.80 -2.11 -11.15
N PRO A 160 -15.33 -1.30 -12.08
CA PRO A 160 -15.21 0.15 -11.79
C PRO A 160 -16.56 0.73 -11.30
N GLY A 161 -17.64 0.36 -11.94
CA GLY A 161 -18.97 0.87 -11.49
C GLY A 161 -19.26 0.36 -10.06
N CYS A 162 -19.13 -0.93 -9.84
CA CYS A 162 -19.37 -1.48 -8.46
C CYS A 162 -18.45 -0.79 -7.44
N PHE A 163 -17.20 -0.55 -7.80
CA PHE A 163 -16.25 0.12 -6.87
C PHE A 163 -16.75 1.52 -6.53
N VAL A 164 -17.19 2.26 -7.52
CA VAL A 164 -17.67 3.64 -7.26
C VAL A 164 -18.90 3.61 -6.33
N LYS A 165 -19.77 2.65 -6.51
CA LYS A 165 -20.99 2.58 -5.62
C LYS A 165 -20.59 2.46 -4.14
N ASN A 166 -19.52 1.76 -3.87
CA ASN A 166 -19.06 1.60 -2.45
C ASN A 166 -17.80 2.45 -2.15
N ARG A 167 -17.63 3.56 -2.84
CA ARG A 167 -16.41 4.40 -2.61
C ARG A 167 -16.26 4.77 -1.12
N GLU A 168 -17.33 5.05 -0.46
CA GLU A 168 -17.26 5.44 0.98
C GLU A 168 -16.74 4.30 1.86
N GLU A 169 -17.41 3.18 1.83
CA GLU A 169 -16.99 2.03 2.68
C GLU A 169 -15.60 1.53 2.28
N LEU A 170 -15.23 1.69 1.03
CA LEU A 170 -13.88 1.23 0.59
C LEU A 170 -12.78 2.23 0.98
N GLY A 171 -13.14 3.32 1.62
CA GLY A 171 -12.11 4.31 2.05
C GLY A 171 -11.60 5.14 0.87
N PHE A 172 -12.35 5.25 -0.20
CA PHE A 172 -11.88 6.07 -1.36
C PHE A 172 -12.42 7.49 -1.20
N ARG A 173 -11.78 8.27 -0.38
CA ARG A 173 -12.23 9.68 -0.11
C ARG A 173 -12.58 10.44 -1.41
N PRO A 174 -13.39 11.47 -1.26
CA PRO A 174 -13.82 12.27 -2.44
C PRO A 174 -12.69 13.16 -2.99
N GLU A 175 -11.64 13.35 -2.24
CA GLU A 175 -10.51 14.20 -2.75
C GLU A 175 -9.62 13.37 -3.71
N TYR A 176 -9.75 12.06 -3.67
CA TYR A 176 -8.93 11.20 -4.56
C TYR A 176 -9.49 11.19 -5.98
N SER A 177 -8.62 11.11 -6.95
CA SER A 177 -9.06 11.07 -8.37
C SER A 177 -8.57 9.78 -9.02
N ALA A 178 -9.10 9.44 -10.15
CA ALA A 178 -8.68 8.17 -10.85
C ALA A 178 -7.16 8.15 -11.10
N SER A 179 -6.58 9.29 -11.33
CA SER A 179 -5.10 9.35 -11.62
C SER A 179 -4.25 8.86 -10.42
N GLN A 180 -4.83 8.73 -9.26
CA GLN A 180 -4.03 8.28 -8.08
C GLN A 180 -4.04 6.75 -7.91
N LEU A 181 -4.81 6.04 -8.69
CA LEU A 181 -4.85 4.55 -8.56
C LEU A 181 -3.52 3.93 -9.00
N LYS A 182 -3.02 3.00 -8.22
CA LYS A 182 -1.74 2.32 -8.60
C LYS A 182 -1.94 1.54 -9.90
N GLY A 183 -1.21 1.87 -10.94
CA GLY A 183 -1.36 1.14 -12.24
C GLY A 183 -2.12 2.01 -13.27
N PHE A 184 -2.67 3.12 -12.85
CA PHE A 184 -3.44 4.01 -13.79
C PHE A 184 -2.63 4.32 -15.06
N SER A 185 -1.45 4.79 -14.90
CA SER A 185 -0.59 5.17 -16.07
C SER A 185 -0.49 4.07 -17.15
N LEU A 186 -0.68 2.81 -16.81
CA LEU A 186 -0.56 1.72 -17.84
C LEU A 186 -1.86 1.46 -18.61
N LEU A 187 -2.87 2.26 -18.39
CA LEU A 187 -4.16 2.04 -19.10
C LEU A 187 -4.23 2.87 -20.37
N ALA A 188 -4.90 2.36 -21.38
CA ALA A 188 -5.04 3.12 -22.65
C ALA A 188 -5.76 4.44 -22.38
N THR A 189 -5.47 5.47 -23.15
CA THR A 189 -6.13 6.81 -22.93
C THR A 189 -7.64 6.67 -22.73
N GLU A 190 -8.29 5.92 -23.58
CA GLU A 190 -9.79 5.74 -23.46
C GLU A 190 -10.16 5.22 -22.07
N ASP A 191 -9.49 4.20 -21.61
CA ASP A 191 -9.79 3.63 -20.26
C ASP A 191 -9.51 4.67 -19.17
N LYS A 192 -8.44 5.43 -19.31
CA LYS A 192 -8.10 6.46 -18.28
C LYS A 192 -9.19 7.53 -18.21
N GLU A 193 -9.70 7.93 -19.34
CA GLU A 193 -10.76 8.98 -19.35
C GLU A 193 -12.03 8.48 -18.65
N ALA A 194 -12.43 7.26 -18.95
CA ALA A 194 -13.66 6.70 -18.31
C ALA A 194 -13.53 6.74 -16.79
N LEU A 195 -12.36 6.41 -16.27
CA LEU A 195 -12.16 6.41 -14.80
C LEU A 195 -12.20 7.84 -14.26
N LYS A 196 -11.39 8.73 -14.82
CA LYS A 196 -11.39 10.15 -14.35
C LYS A 196 -12.83 10.70 -14.36
N LYS A 197 -13.63 10.20 -15.24
CA LYS A 197 -15.06 10.66 -15.34
C LYS A 197 -15.85 10.26 -14.08
N GLN A 198 -15.69 9.04 -13.62
CA GLN A 198 -16.45 8.58 -12.42
C GLN A 198 -15.74 8.97 -11.13
N LEU A 199 -14.44 9.08 -11.15
CA LEU A 199 -13.70 9.49 -9.94
C LEU A 199 -12.92 10.78 -10.27
N PRO A 200 -13.63 11.88 -10.28
CA PRO A 200 -13.01 13.19 -10.63
C PRO A 200 -12.11 13.71 -9.51
N GLY A 201 -12.52 13.56 -8.28
CA GLY A 201 -11.68 14.06 -7.15
C GLY A 201 -11.85 15.57 -7.03
N VAL A 202 -10.80 16.26 -6.65
CA VAL A 202 -10.88 17.74 -6.50
C VAL A 202 -9.77 18.41 -7.32
N LYS A 203 -9.85 19.70 -7.50
CA LYS A 203 -8.80 20.42 -8.29
C LYS A 203 -7.42 20.19 -7.66
N SER A 204 -6.61 19.38 -8.27
CA SER A 204 -5.25 19.12 -7.71
C SER A 204 -4.33 18.53 -8.79
N GLU A 205 -4.30 19.14 -9.95
CA GLU A 205 -3.43 18.62 -11.04
C GLU A 205 -2.12 19.40 -11.10
N GLY A 206 -2.15 20.66 -10.71
CA GLY A 206 -0.90 21.48 -10.74
C GLY A 206 -0.42 21.62 -12.18
N LYS A 207 0.76 22.15 -12.38
CA LYS A 207 1.28 22.32 -13.76
C LYS A 207 2.62 21.57 -13.92
N ARG A 208 3.68 22.12 -13.40
CA ARG A 208 5.01 21.44 -13.53
C ARG A 208 6.05 22.14 -12.65
N LYS A 209 6.95 21.39 -12.08
CA LYS A 209 8.00 22.03 -11.22
C LYS A 209 9.39 21.81 -11.83
N GLY A 210 10.29 22.72 -11.62
CA GLY A 210 11.66 22.57 -12.19
C GLY A 210 12.61 22.08 -11.10
N ASP A 211 13.17 20.91 -11.27
CA ASP A 211 14.11 20.37 -10.25
C ASP A 211 15.46 21.11 -10.33
N GLU A 212 16.46 20.59 -9.68
CA GLU A 212 17.80 21.26 -9.71
C GLU A 212 18.92 20.21 -9.73
N VAL A 213 20.04 20.54 -10.29
CA VAL A 213 21.17 19.57 -10.34
C VAL A 213 22.41 20.16 -9.66
N ASP A 214 22.57 19.93 -8.39
CA ASP A 214 23.76 20.49 -7.67
C ASP A 214 24.97 19.56 -7.87
ZN ZN C . 18.08 -9.04 3.84
ZN ZN D . -19.37 -5.97 -9.93
N MET A 1 0.18 -9.33 30.14
CA MET A 1 0.11 -7.86 29.91
C MET A 1 1.45 -7.33 29.40
N ALA A 2 1.72 -7.51 28.13
CA ALA A 2 3.02 -7.02 27.57
C ALA A 2 2.76 -5.95 26.51
N GLU A 3 2.09 -4.88 26.88
CA GLU A 3 1.81 -3.79 25.90
C GLU A 3 1.11 -4.36 24.66
N SER A 4 -0.20 -4.34 24.62
CA SER A 4 -0.92 -4.88 23.45
C SER A 4 -0.55 -4.09 22.19
N SER A 5 0.03 -4.73 21.22
CA SER A 5 0.41 -4.01 19.96
C SER A 5 -0.52 -4.41 18.82
N ASP A 6 -1.29 -3.48 18.32
CA ASP A 6 -2.21 -3.79 17.19
C ASP A 6 -1.62 -3.32 15.86
N LYS A 7 -0.54 -2.58 15.89
CA LYS A 7 0.09 -2.10 14.63
C LYS A 7 0.44 -3.29 13.73
N LEU A 8 0.49 -3.08 12.44
CA LEU A 8 0.81 -4.21 11.52
C LEU A 8 2.32 -4.34 11.31
N TYR A 9 3.09 -3.31 11.60
CA TYR A 9 4.56 -3.41 11.38
C TYR A 9 5.36 -3.02 12.63
N ARG A 10 6.60 -3.46 12.69
CA ARG A 10 7.45 -3.12 13.85
C ARG A 10 8.87 -2.78 13.37
N VAL A 11 9.49 -1.83 13.97
CA VAL A 11 10.87 -1.45 13.59
C VAL A 11 11.71 -1.34 14.86
N GLU A 12 12.92 -1.83 14.83
CA GLU A 12 13.76 -1.76 16.06
C GLU A 12 15.18 -2.22 15.77
N TYR A 13 16.07 -1.99 16.69
CA TYR A 13 17.46 -2.46 16.51
C TYR A 13 17.48 -3.94 16.91
N ALA A 14 17.98 -4.78 16.03
CA ALA A 14 17.98 -6.26 16.29
C ALA A 14 18.35 -6.63 17.73
N LYS A 15 17.43 -7.28 18.42
CA LYS A 15 17.70 -7.72 19.83
C LYS A 15 18.74 -8.85 19.82
N SER A 16 18.89 -9.49 18.69
CA SER A 16 19.89 -10.58 18.55
C SER A 16 20.35 -10.67 17.09
N GLY A 17 21.27 -11.55 16.79
CA GLY A 17 21.76 -11.65 15.38
C GLY A 17 21.34 -13.01 14.81
N ARG A 18 20.35 -13.64 15.41
CA ARG A 18 19.89 -14.98 14.94
C ARG A 18 18.70 -14.89 13.97
N ALA A 19 18.03 -13.78 13.92
CA ALA A 19 16.86 -13.66 12.96
C ALA A 19 17.34 -13.70 11.51
N SER A 20 16.60 -14.35 10.65
CA SER A 20 16.99 -14.46 9.22
C SER A 20 16.02 -13.62 8.38
N CYS A 21 16.54 -12.87 7.48
CA CYS A 21 15.68 -12.01 6.61
C CYS A 21 14.74 -12.88 5.77
N LYS A 22 13.47 -12.58 5.80
CA LYS A 22 12.49 -13.39 5.01
C LYS A 22 12.60 -13.13 3.49
N LYS A 23 13.43 -12.18 3.09
CA LYS A 23 13.59 -11.88 1.64
C LYS A 23 14.88 -12.50 1.07
N CYS A 24 16.02 -12.13 1.61
CA CYS A 24 17.32 -12.68 1.08
C CYS A 24 17.86 -13.86 1.92
N SER A 25 17.21 -14.20 3.02
CA SER A 25 17.65 -15.37 3.89
C SER A 25 18.93 -15.11 4.71
N GLU A 26 19.65 -14.02 4.47
CA GLU A 26 20.88 -13.76 5.28
C GLU A 26 20.49 -13.37 6.72
N SER A 27 21.37 -13.59 7.67
CA SER A 27 21.04 -13.25 9.08
C SER A 27 21.00 -11.75 9.30
N ILE A 28 20.19 -11.31 10.21
CA ILE A 28 20.12 -9.85 10.53
C ILE A 28 21.03 -9.62 11.74
N PRO A 29 22.07 -8.83 11.57
CA PRO A 29 23.05 -8.61 12.68
C PRO A 29 22.44 -7.87 13.88
N LYS A 30 22.84 -8.28 15.05
CA LYS A 30 22.31 -7.65 16.31
C LYS A 30 22.53 -6.13 16.28
N ASP A 31 21.59 -5.38 16.84
CA ASP A 31 21.68 -3.87 16.88
C ASP A 31 21.43 -3.22 15.51
N SER A 32 21.36 -3.99 14.44
CA SER A 32 21.10 -3.36 13.11
C SER A 32 19.63 -2.99 13.00
N LEU A 33 19.31 -2.03 12.17
CA LEU A 33 17.90 -1.63 12.01
C LEU A 33 17.15 -2.65 11.16
N ARG A 34 16.12 -3.26 11.71
CA ARG A 34 15.35 -4.27 10.96
C ARG A 34 13.86 -3.95 11.05
N MET A 35 13.09 -4.42 10.10
CA MET A 35 11.62 -4.15 10.11
C MET A 35 10.86 -5.45 9.92
N ALA A 36 9.65 -5.53 10.42
CA ALA A 36 8.89 -6.80 10.28
C ALA A 36 7.41 -6.54 10.10
N ILE A 37 6.74 -7.43 9.42
CA ILE A 37 5.26 -7.31 9.27
C ILE A 37 4.61 -8.23 10.32
N MET A 38 3.94 -7.66 11.28
CA MET A 38 3.33 -8.48 12.38
C MET A 38 2.28 -9.46 11.84
N VAL A 39 2.20 -10.61 12.45
CA VAL A 39 1.19 -11.63 12.03
C VAL A 39 0.61 -12.33 13.27
N GLN A 40 -0.66 -12.61 13.27
CA GLN A 40 -1.26 -13.30 14.45
C GLN A 40 -1.06 -14.81 14.34
N SER A 41 -0.60 -15.45 15.38
CA SER A 41 -0.37 -16.92 15.32
C SER A 41 -1.61 -17.68 15.82
N PRO A 42 -2.03 -18.67 15.06
CA PRO A 42 -3.22 -19.47 15.44
C PRO A 42 -2.82 -20.58 16.44
N MET A 43 -1.56 -20.70 16.74
CA MET A 43 -1.13 -21.78 17.69
C MET A 43 -0.99 -21.22 19.11
N PHE A 44 -0.97 -19.93 19.26
CA PHE A 44 -0.85 -19.32 20.63
C PHE A 44 -1.14 -17.83 20.58
N ASP A 45 -1.65 -17.28 21.66
CA ASP A 45 -1.94 -15.81 21.68
C ASP A 45 -0.63 -15.03 21.56
N GLY A 46 -0.53 -14.19 20.57
CA GLY A 46 0.72 -13.39 20.38
C GLY A 46 0.98 -13.23 18.88
N LYS A 47 1.70 -12.22 18.50
CA LYS A 47 1.97 -12.01 17.04
C LYS A 47 3.41 -12.40 16.68
N VAL A 48 3.59 -13.08 15.58
CA VAL A 48 4.96 -13.47 15.15
C VAL A 48 5.48 -12.46 14.11
N PRO A 49 6.68 -11.98 14.31
CA PRO A 49 7.22 -10.99 13.38
C PRO A 49 8.02 -11.64 12.24
N HIS A 50 7.73 -11.26 11.03
CA HIS A 50 8.59 -11.73 9.89
C HIS A 50 9.60 -10.67 9.66
N TRP A 51 10.81 -10.88 10.13
CA TRP A 51 11.83 -9.82 10.03
C TRP A 51 12.55 -9.76 8.68
N TYR A 52 13.03 -8.59 8.39
CA TYR A 52 13.77 -8.33 7.11
C TYR A 52 14.83 -7.26 7.36
N HIS A 53 15.92 -7.27 6.63
CA HIS A 53 16.90 -6.16 6.79
C HIS A 53 16.16 -4.90 6.34
N PHE A 54 16.54 -3.74 6.81
CA PHE A 54 15.80 -2.49 6.41
C PHE A 54 15.51 -2.41 4.90
N SER A 55 16.50 -2.58 4.08
CA SER A 55 16.28 -2.50 2.59
C SER A 55 15.41 -3.64 2.05
N CYS A 56 15.67 -4.87 2.45
CA CYS A 56 14.86 -6.03 1.95
C CYS A 56 13.35 -5.83 2.21
N PHE A 57 13.00 -5.26 3.33
CA PHE A 57 11.56 -5.07 3.67
C PHE A 57 10.76 -4.38 2.54
N TRP A 58 11.37 -3.44 1.84
CA TRP A 58 10.63 -2.70 0.77
C TRP A 58 10.69 -3.44 -0.57
N LYS A 59 11.61 -4.35 -0.74
CA LYS A 59 11.72 -5.06 -2.05
C LYS A 59 10.75 -6.24 -2.15
N VAL A 60 9.95 -6.48 -1.13
CA VAL A 60 8.99 -7.61 -1.18
C VAL A 60 7.57 -7.12 -1.53
N GLY A 61 7.29 -5.87 -1.31
CA GLY A 61 5.92 -5.36 -1.64
C GLY A 61 5.33 -4.64 -0.41
N HIS A 62 5.95 -4.77 0.72
CA HIS A 62 5.41 -4.09 1.94
C HIS A 62 5.44 -2.58 1.73
N SER A 63 4.41 -1.87 2.13
CA SER A 63 4.40 -0.40 1.92
C SER A 63 3.70 0.33 3.06
N ILE A 64 4.22 1.47 3.45
CA ILE A 64 3.58 2.26 4.54
C ILE A 64 3.68 3.76 4.22
N ARG A 65 2.56 4.44 4.25
CA ARG A 65 2.56 5.90 3.92
C ARG A 65 2.92 6.73 5.16
N HIS A 66 2.44 6.33 6.30
CA HIS A 66 2.76 7.08 7.55
C HIS A 66 3.40 6.16 8.60
N PRO A 67 4.72 6.14 8.62
CA PRO A 67 5.45 5.26 9.58
C PRO A 67 5.13 5.58 11.05
N ASP A 68 5.15 6.84 11.45
CA ASP A 68 4.84 7.21 12.85
C ASP A 68 3.56 6.53 13.41
N VAL A 69 2.55 6.35 12.60
CA VAL A 69 1.28 5.72 13.11
C VAL A 69 1.12 4.25 12.71
N GLU A 70 1.75 3.81 11.64
CA GLU A 70 1.58 2.38 11.20
C GLU A 70 2.70 1.45 11.67
N VAL A 71 3.81 1.98 12.11
CA VAL A 71 4.93 1.08 12.55
C VAL A 71 5.24 1.23 14.04
N ASP A 72 5.02 0.18 14.80
CA ASP A 72 5.32 0.23 16.26
C ASP A 72 6.83 0.35 16.50
N GLY A 73 7.24 1.13 17.47
CA GLY A 73 8.71 1.26 17.76
C GLY A 73 9.33 2.41 16.93
N PHE A 74 8.59 2.97 16.02
CA PHE A 74 9.16 4.08 15.17
C PHE A 74 9.65 5.25 16.03
N SER A 75 8.83 5.72 16.93
CA SER A 75 9.22 6.87 17.79
C SER A 75 10.45 6.58 18.67
N GLU A 76 10.79 5.32 18.93
CA GLU A 76 11.98 5.04 19.78
C GLU A 76 13.26 4.89 18.93
N LEU A 77 13.18 4.99 17.62
CA LEU A 77 14.40 4.87 16.78
C LEU A 77 15.23 6.15 16.91
N ARG A 78 16.50 6.08 16.60
CA ARG A 78 17.32 7.33 16.65
C ARG A 78 16.79 8.29 15.58
N TRP A 79 16.97 9.56 15.77
CA TRP A 79 16.44 10.58 14.79
C TRP A 79 16.76 10.22 13.33
N ASP A 80 18.02 10.04 13.01
CA ASP A 80 18.39 9.73 11.59
C ASP A 80 17.64 8.50 11.07
N ASP A 81 17.49 7.47 11.88
CA ASP A 81 16.76 6.26 11.41
C ASP A 81 15.28 6.60 11.23
N GLN A 82 14.77 7.51 12.01
CA GLN A 82 13.33 7.92 11.87
C GLN A 82 13.16 8.64 10.53
N GLN A 83 14.16 9.41 10.15
CA GLN A 83 14.08 10.14 8.84
C GLN A 83 14.27 9.14 7.70
N LYS A 84 15.21 8.24 7.86
CA LYS A 84 15.45 7.23 6.78
C LYS A 84 14.17 6.42 6.52
N VAL A 85 13.52 5.97 7.56
CA VAL A 85 12.27 5.20 7.37
C VAL A 85 11.19 6.13 6.78
N LYS A 86 11.13 7.35 7.25
CA LYS A 86 10.10 8.30 6.73
C LYS A 86 10.33 8.57 5.24
N LYS A 87 11.56 8.78 4.84
CA LYS A 87 11.84 9.07 3.40
C LYS A 87 11.68 7.80 2.57
N THR A 88 12.19 6.69 3.04
CA THR A 88 12.05 5.41 2.27
C THR A 88 10.56 5.09 2.09
N ALA A 89 9.77 5.37 3.09
CA ALA A 89 8.31 5.09 2.99
C ALA A 89 7.72 5.95 1.87
N GLU A 90 8.06 7.22 1.84
CA GLU A 90 7.51 8.13 0.79
C GLU A 90 7.96 7.65 -0.59
N ALA A 91 9.23 7.40 -0.76
CA ALA A 91 9.74 6.94 -2.08
C ALA A 91 9.03 5.65 -2.50
N GLY A 92 8.71 5.52 -3.76
CA GLY A 92 8.01 4.28 -4.23
C GLY A 92 8.77 3.70 -5.43
N GLY A 93 10.08 3.77 -5.42
CA GLY A 93 10.87 3.22 -6.55
C GLY A 93 12.35 3.59 -6.38
N VAL A 94 13.08 2.80 -5.64
CA VAL A 94 14.52 3.10 -5.42
C VAL A 94 15.38 1.96 -5.95
N THR A 95 15.12 1.50 -7.15
CA THR A 95 15.92 0.39 -7.72
C THR A 95 16.60 0.83 -9.03
N GLY A 96 17.09 2.04 -9.07
CA GLY A 96 17.75 2.53 -10.30
C GLY A 96 19.26 2.28 -10.21
N LYS A 97 19.98 3.13 -9.52
CA LYS A 97 21.46 2.94 -9.39
C LYS A 97 22.10 2.76 -10.77
N GLY A 98 22.48 3.85 -11.40
CA GLY A 98 23.11 3.74 -12.75
C GLY A 98 22.36 4.67 -13.72
N GLN A 99 21.10 4.90 -13.49
CA GLN A 99 20.33 5.78 -14.39
C GLN A 99 19.45 6.74 -13.57
N ASP A 100 18.90 7.75 -14.21
CA ASP A 100 18.05 8.71 -13.47
C ASP A 100 17.16 9.49 -14.45
N GLY A 101 17.72 10.03 -15.49
CA GLY A 101 16.92 10.79 -16.47
C GLY A 101 16.48 12.12 -15.86
N ILE A 102 15.21 12.27 -15.59
CA ILE A 102 14.71 13.54 -14.99
C ILE A 102 13.65 13.24 -13.92
N GLY A 103 13.85 12.20 -13.14
CA GLY A 103 12.87 11.86 -12.08
C GLY A 103 13.21 12.62 -10.79
N SER A 104 12.62 13.77 -10.61
CA SER A 104 12.91 14.56 -9.37
C SER A 104 12.22 13.92 -8.16
N LYS A 105 10.93 13.73 -8.23
CA LYS A 105 10.19 13.11 -7.10
C LYS A 105 8.79 12.68 -7.55
N ALA A 106 7.94 13.62 -7.83
CA ALA A 106 6.56 13.28 -8.28
C ALA A 106 5.89 12.30 -7.29
N GLU A 107 5.37 12.80 -6.22
CA GLU A 107 4.71 11.91 -5.22
C GLU A 107 3.20 12.12 -5.24
N LYS A 108 2.47 11.22 -5.85
CA LYS A 108 0.98 11.37 -5.90
C LYS A 108 0.33 10.06 -6.36
N THR A 109 0.45 9.03 -5.57
CA THR A 109 -0.17 7.72 -5.95
C THR A 109 -0.57 6.93 -4.69
N LEU A 110 -1.80 6.51 -4.61
CA LEU A 110 -2.25 5.74 -3.43
C LEU A 110 -1.54 4.39 -3.37
N GLY A 111 -1.27 3.90 -2.19
CA GLY A 111 -0.57 2.58 -2.07
C GLY A 111 -1.59 1.47 -1.79
N ASP A 112 -2.82 1.81 -1.50
CA ASP A 112 -3.84 0.75 -1.20
C ASP A 112 -4.94 0.74 -2.27
N PHE A 113 -4.75 1.42 -3.38
CA PHE A 113 -5.79 1.43 -4.45
C PHE A 113 -5.14 1.20 -5.82
N ALA A 114 -5.66 0.31 -6.62
CA ALA A 114 -5.02 0.04 -7.95
C ALA A 114 -6.04 -0.18 -9.07
N ALA A 115 -5.59 0.01 -10.27
CA ALA A 115 -6.47 -0.18 -11.46
C ALA A 115 -5.67 -0.92 -12.54
N GLU A 116 -6.22 -1.95 -13.11
CA GLU A 116 -5.46 -2.70 -14.17
C GLU A 116 -6.42 -3.56 -14.97
N TYR A 117 -5.99 -4.05 -16.11
CA TYR A 117 -6.86 -4.94 -16.90
C TYR A 117 -6.80 -6.34 -16.27
N ALA A 118 -7.92 -7.00 -16.14
CA ALA A 118 -7.92 -8.35 -15.49
C ALA A 118 -6.87 -9.28 -16.12
N LYS A 119 -5.85 -9.65 -15.35
CA LYS A 119 -4.80 -10.56 -15.87
C LYS A 119 -5.41 -11.93 -16.20
N SER A 120 -6.56 -12.23 -15.65
CA SER A 120 -7.21 -13.55 -15.93
C SER A 120 -8.73 -13.41 -15.77
N ASN A 121 -9.45 -14.52 -15.76
CA ASN A 121 -10.93 -14.44 -15.62
C ASN A 121 -11.41 -15.20 -14.37
N ARG A 122 -10.53 -15.53 -13.47
CA ARG A 122 -10.97 -16.26 -12.23
C ARG A 122 -11.11 -15.28 -11.04
N SER A 123 -10.88 -14.00 -11.25
CA SER A 123 -11.04 -13.03 -10.13
C SER A 123 -12.54 -12.78 -9.93
N THR A 124 -12.93 -12.10 -8.91
CA THR A 124 -14.39 -11.86 -8.69
C THR A 124 -14.63 -10.49 -8.06
N CYS A 125 -15.52 -9.72 -8.65
CA CYS A 125 -15.85 -8.40 -8.06
C CYS A 125 -16.44 -8.61 -6.66
N LYS A 126 -15.82 -8.03 -5.66
CA LYS A 126 -16.33 -8.20 -4.25
C LYS A 126 -17.52 -7.27 -3.94
N GLY A 127 -18.20 -6.77 -4.94
CA GLY A 127 -19.35 -5.86 -4.70
C GLY A 127 -20.61 -6.58 -5.17
N CYS A 128 -20.54 -7.22 -6.31
CA CYS A 128 -21.72 -8.00 -6.82
C CYS A 128 -21.38 -9.51 -6.90
N MET A 129 -20.17 -9.90 -6.48
CA MET A 129 -19.77 -11.34 -6.52
C MET A 129 -19.81 -11.96 -7.94
N GLU A 130 -19.91 -11.14 -8.96
CA GLU A 130 -19.91 -11.69 -10.34
C GLU A 130 -18.46 -11.78 -10.83
N LYS A 131 -18.14 -12.78 -11.60
CA LYS A 131 -16.73 -12.94 -12.07
C LYS A 131 -16.32 -11.80 -13.01
N ILE A 132 -15.07 -11.38 -12.93
CA ILE A 132 -14.56 -10.34 -13.86
C ILE A 132 -13.91 -11.05 -15.05
N GLU A 133 -14.23 -10.65 -16.25
CA GLU A 133 -13.63 -11.34 -17.44
C GLU A 133 -12.19 -10.85 -17.69
N LYS A 134 -11.33 -11.74 -18.11
CA LYS A 134 -9.93 -11.33 -18.45
C LYS A 134 -9.91 -10.15 -19.45
N GLY A 135 -9.09 -9.16 -19.22
CA GLY A 135 -9.02 -8.00 -20.15
C GLY A 135 -9.90 -6.86 -19.62
N GLN A 136 -10.96 -7.17 -18.90
CA GLN A 136 -11.86 -6.12 -18.38
C GLN A 136 -11.15 -5.25 -17.34
N VAL A 137 -11.40 -3.97 -17.38
CA VAL A 137 -10.76 -3.05 -16.39
C VAL A 137 -11.34 -3.34 -15.00
N ARG A 138 -10.50 -3.43 -14.01
CA ARG A 138 -11.00 -3.70 -12.63
C ARG A 138 -10.26 -2.81 -11.64
N LEU A 139 -10.88 -2.49 -10.54
CA LEU A 139 -10.23 -1.64 -9.51
C LEU A 139 -10.09 -2.42 -8.22
N SER A 140 -9.25 -2.00 -7.31
CA SER A 140 -9.11 -2.78 -6.06
C SER A 140 -8.67 -1.95 -4.86
N LYS A 141 -9.16 -2.34 -3.71
CA LYS A 141 -8.79 -1.66 -2.45
C LYS A 141 -7.93 -2.64 -1.64
N LYS A 142 -6.63 -2.49 -1.70
CA LYS A 142 -5.72 -3.41 -0.97
C LYS A 142 -6.12 -3.55 0.50
N MET A 143 -6.07 -4.75 1.02
CA MET A 143 -6.42 -5.00 2.44
C MET A 143 -5.69 -6.24 2.95
N VAL A 144 -5.32 -6.26 4.20
CA VAL A 144 -4.59 -7.44 4.73
C VAL A 144 -5.56 -8.39 5.45
N ASP A 145 -5.30 -9.67 5.35
CA ASP A 145 -6.19 -10.66 6.03
C ASP A 145 -5.47 -11.19 7.28
N PRO A 146 -6.14 -11.12 8.40
CA PRO A 146 -5.52 -11.60 9.67
C PRO A 146 -5.34 -13.13 9.62
N GLU A 147 -6.06 -13.79 8.75
CA GLU A 147 -5.91 -15.27 8.65
C GLU A 147 -4.71 -15.61 7.77
N LYS A 148 -4.36 -14.72 6.86
CA LYS A 148 -3.20 -14.98 5.96
C LYS A 148 -2.25 -13.78 6.02
N PRO A 149 -1.55 -13.66 7.12
CA PRO A 149 -0.61 -12.52 7.32
C PRO A 149 0.61 -12.63 6.41
N GLN A 150 1.03 -13.81 6.07
CA GLN A 150 2.22 -13.95 5.18
C GLN A 150 1.96 -13.29 3.82
N LEU A 151 0.71 -13.11 3.46
CA LEU A 151 0.39 -12.48 2.15
C LEU A 151 0.61 -10.97 2.22
N GLY A 152 0.06 -10.33 3.22
CA GLY A 152 0.23 -8.86 3.36
C GLY A 152 -0.95 -8.14 2.70
N MET A 153 -0.70 -7.02 2.07
CA MET A 153 -1.81 -6.28 1.42
C MET A 153 -2.29 -6.99 0.15
N ILE A 154 -3.43 -7.64 0.20
CA ILE A 154 -3.93 -8.34 -1.02
C ILE A 154 -4.99 -7.47 -1.70
N ASP A 155 -5.06 -7.55 -3.00
CA ASP A 155 -6.06 -6.73 -3.74
C ASP A 155 -7.48 -7.29 -3.61
N ARG A 156 -8.41 -6.43 -3.31
CA ARG A 156 -9.85 -6.82 -3.26
C ARG A 156 -10.42 -6.22 -4.55
N TRP A 157 -10.68 -7.02 -5.54
CA TRP A 157 -11.12 -6.45 -6.86
C TRP A 157 -12.60 -6.12 -6.95
N TYR A 158 -12.91 -5.26 -7.88
CA TYR A 158 -14.30 -4.81 -8.11
C TYR A 158 -14.43 -4.27 -9.54
N HIS A 159 -15.63 -4.22 -10.06
CA HIS A 159 -15.82 -3.58 -11.38
C HIS A 159 -15.74 -2.08 -11.09
N PRO A 160 -15.28 -1.28 -12.02
CA PRO A 160 -15.16 0.17 -11.73
C PRO A 160 -16.51 0.75 -11.24
N GLY A 161 -17.60 0.37 -11.86
CA GLY A 161 -18.93 0.87 -11.39
C GLY A 161 -19.18 0.37 -9.97
N CYS A 162 -19.06 -0.91 -9.74
CA CYS A 162 -19.28 -1.46 -8.36
C CYS A 162 -18.35 -0.76 -7.34
N PHE A 163 -17.11 -0.52 -7.73
CA PHE A 163 -16.16 0.16 -6.80
C PHE A 163 -16.66 1.56 -6.46
N VAL A 164 -17.11 2.30 -7.45
CA VAL A 164 -17.60 3.68 -7.19
C VAL A 164 -18.81 3.64 -6.26
N LYS A 165 -19.69 2.68 -6.42
CA LYS A 165 -20.89 2.61 -5.52
C LYS A 165 -20.47 2.49 -4.04
N ASN A 166 -19.40 1.81 -3.78
CA ASN A 166 -18.92 1.65 -2.35
C ASN A 166 -17.67 2.50 -2.08
N ARG A 167 -17.51 3.61 -2.78
CA ARG A 167 -16.29 4.46 -2.56
C ARG A 167 -16.13 4.85 -1.09
N GLU A 168 -17.20 5.12 -0.41
CA GLU A 168 -17.10 5.52 1.03
C GLU A 168 -16.58 4.39 1.91
N GLU A 169 -17.24 3.26 1.88
CA GLU A 169 -16.79 2.12 2.75
C GLU A 169 -15.41 1.63 2.33
N LEU A 170 -15.05 1.78 1.08
CA LEU A 170 -13.70 1.32 0.62
C LEU A 170 -12.61 2.34 0.99
N GLY A 171 -12.97 3.43 1.64
CA GLY A 171 -11.94 4.43 2.05
C GLY A 171 -11.44 5.26 0.86
N PHE A 172 -12.20 5.34 -0.20
CA PHE A 172 -11.76 6.17 -1.37
C PHE A 172 -12.30 7.59 -1.21
N ARG A 173 -11.65 8.38 -0.40
CA ARG A 173 -12.11 9.78 -0.13
C ARG A 173 -12.48 10.54 -1.44
N PRO A 174 -13.29 11.57 -1.29
CA PRO A 174 -13.75 12.35 -2.47
C PRO A 174 -12.63 13.25 -3.03
N GLU A 175 -11.56 13.45 -2.30
CA GLU A 175 -10.44 14.29 -2.83
C GLU A 175 -9.57 13.46 -3.79
N TYR A 176 -9.68 12.16 -3.74
CA TYR A 176 -8.87 11.29 -4.63
C TYR A 176 -9.45 11.27 -6.04
N SER A 177 -8.59 11.19 -7.02
CA SER A 177 -9.04 11.15 -8.44
C SER A 177 -8.55 9.86 -9.09
N ALA A 178 -9.10 9.50 -10.22
CA ALA A 178 -8.67 8.24 -10.91
C ALA A 178 -7.16 8.22 -11.17
N SER A 179 -6.58 9.36 -11.42
CA SER A 179 -5.10 9.43 -11.72
C SER A 179 -4.24 8.95 -10.54
N GLN A 180 -4.80 8.83 -9.37
CA GLN A 180 -3.99 8.39 -8.18
C GLN A 180 -3.98 6.86 -8.01
N LEU A 181 -4.76 6.15 -8.78
CA LEU A 181 -4.80 4.66 -8.63
C LEU A 181 -3.47 4.03 -9.08
N LYS A 182 -2.95 3.11 -8.32
CA LYS A 182 -1.68 2.43 -8.70
C LYS A 182 -1.88 1.65 -10.01
N GLY A 183 -1.17 1.98 -11.05
CA GLY A 183 -1.33 1.24 -12.35
C GLY A 183 -2.10 2.10 -13.37
N PHE A 184 -2.65 3.22 -12.95
CA PHE A 184 -3.43 4.09 -13.88
C PHE A 184 -2.65 4.40 -15.16
N SER A 185 -1.46 4.88 -15.02
CA SER A 185 -0.61 5.26 -16.20
C SER A 185 -0.52 4.16 -17.28
N LEU A 186 -0.70 2.90 -16.92
CA LEU A 186 -0.58 1.80 -17.95
C LEU A 186 -1.90 1.53 -18.70
N LEU A 187 -2.91 2.32 -18.47
CA LEU A 187 -4.21 2.09 -19.17
C LEU A 187 -4.29 2.92 -20.45
N ALA A 188 -4.98 2.40 -21.45
CA ALA A 188 -5.13 3.14 -22.73
C ALA A 188 -5.85 4.47 -22.45
N THR A 189 -5.58 5.48 -23.23
CA THR A 189 -6.24 6.82 -23.00
C THR A 189 -7.76 6.69 -22.79
N GLU A 190 -8.42 5.92 -23.63
CA GLU A 190 -9.90 5.73 -23.49
C GLU A 190 -10.26 5.22 -22.09
N ASP A 191 -9.58 4.20 -21.65
CA ASP A 191 -9.86 3.65 -20.29
C ASP A 191 -9.56 4.69 -19.20
N LYS A 192 -8.51 5.46 -19.36
CA LYS A 192 -8.16 6.48 -18.33
C LYS A 192 -9.26 7.55 -18.25
N GLU A 193 -9.79 7.95 -19.39
CA GLU A 193 -10.85 9.00 -19.39
C GLU A 193 -12.11 8.49 -18.67
N ALA A 194 -12.51 7.27 -18.97
CA ALA A 194 -13.73 6.70 -18.30
C ALA A 194 -13.58 6.74 -16.78
N LEU A 195 -12.40 6.43 -16.29
CA LEU A 195 -12.19 6.43 -14.81
C LEU A 195 -12.23 7.88 -14.28
N LYS A 196 -11.42 8.76 -14.85
CA LYS A 196 -11.43 10.19 -14.39
C LYS A 196 -12.87 10.73 -14.39
N LYS A 197 -13.69 10.21 -15.26
CA LYS A 197 -15.11 10.66 -15.34
C LYS A 197 -15.89 10.27 -14.08
N GLN A 198 -15.71 9.05 -13.61
CA GLN A 198 -16.47 8.59 -12.40
C GLN A 198 -15.74 9.00 -11.11
N LEU A 199 -14.43 9.11 -11.15
CA LEU A 199 -13.68 9.53 -9.94
C LEU A 199 -12.92 10.82 -10.29
N PRO A 200 -13.63 11.93 -10.29
CA PRO A 200 -13.02 13.23 -10.65
C PRO A 200 -12.10 13.75 -9.54
N GLY A 201 -12.50 13.60 -8.30
CA GLY A 201 -11.65 14.10 -7.18
C GLY A 201 -11.82 15.61 -7.05
N VAL A 202 -12.56 16.06 -6.08
CA VAL A 202 -12.76 17.53 -5.91
C VAL A 202 -12.86 17.91 -4.44
N LYS A 203 -12.67 19.16 -4.12
CA LYS A 203 -12.76 19.60 -2.69
C LYS A 203 -14.20 19.96 -2.34
N SER A 204 -14.39 20.67 -1.25
CA SER A 204 -15.78 21.06 -0.86
C SER A 204 -16.50 21.73 -2.03
N GLU A 205 -17.82 21.70 -2.02
CA GLU A 205 -18.58 22.34 -3.14
C GLU A 205 -19.00 23.75 -2.74
N GLY A 206 -19.80 23.88 -1.72
CA GLY A 206 -20.25 25.24 -1.29
C GLY A 206 -21.74 25.41 -1.57
N LYS A 207 -22.24 26.62 -1.56
CA LYS A 207 -23.68 26.84 -1.82
C LYS A 207 -23.95 28.34 -2.02
N ARG A 208 -24.64 28.70 -3.07
CA ARG A 208 -24.95 30.14 -3.32
C ARG A 208 -26.36 30.47 -2.85
N LYS A 209 -27.29 29.57 -3.04
CA LYS A 209 -28.69 29.83 -2.61
C LYS A 209 -28.76 29.97 -1.08
N GLY A 210 -28.59 31.16 -0.58
CA GLY A 210 -28.65 31.36 0.90
C GLY A 210 -29.69 32.42 1.25
N ASP A 211 -30.84 32.34 0.63
CA ASP A 211 -31.91 33.36 0.92
C ASP A 211 -32.79 32.88 2.06
N GLU A 212 -32.34 32.99 3.28
CA GLU A 212 -33.17 32.53 4.43
C GLU A 212 -33.30 33.67 5.46
N VAL A 213 -34.07 34.67 5.15
CA VAL A 213 -34.25 35.81 6.11
C VAL A 213 -35.47 36.65 5.71
N ASP A 214 -36.03 37.37 6.64
CA ASP A 214 -37.21 38.21 6.32
C ASP A 214 -36.89 39.69 6.56
ZN ZN C . 17.75 -9.28 3.75
ZN ZN D . -19.28 -5.96 -9.80
N MET A 1 1.89 -7.96 31.68
CA MET A 1 0.59 -8.27 32.36
C MET A 1 -0.58 -7.97 31.42
N ALA A 2 -0.65 -6.77 30.90
CA ALA A 2 -1.76 -6.42 29.98
C ALA A 2 -1.26 -5.46 28.90
N GLU A 3 -0.09 -5.69 28.38
CA GLU A 3 0.45 -4.79 27.32
C GLU A 3 0.39 -5.48 25.95
N SER A 4 -0.28 -4.89 25.01
CA SER A 4 -0.38 -5.51 23.65
C SER A 4 -0.33 -4.43 22.57
N SER A 5 0.34 -4.68 21.48
CA SER A 5 0.41 -3.67 20.38
C SER A 5 -0.55 -4.04 19.26
N ASP A 6 -1.64 -3.33 19.14
CA ASP A 6 -2.62 -3.64 18.06
C ASP A 6 -2.09 -3.18 16.70
N LYS A 7 -1.02 -2.42 16.68
CA LYS A 7 -0.45 -1.96 15.38
C LYS A 7 -0.11 -3.15 14.49
N LEU A 8 -0.15 -3.01 13.19
CA LEU A 8 0.17 -4.16 12.30
C LEU A 8 1.67 -4.25 12.02
N TYR A 9 2.42 -3.21 12.26
CA TYR A 9 3.89 -3.30 11.99
C TYR A 9 4.73 -2.92 13.20
N ARG A 10 5.97 -3.34 13.22
CA ARG A 10 6.88 -3.01 14.35
C ARG A 10 8.27 -2.67 13.81
N VAL A 11 8.91 -1.70 14.40
CA VAL A 11 10.27 -1.33 13.96
C VAL A 11 11.15 -1.22 15.19
N GLU A 12 12.36 -1.70 15.13
CA GLU A 12 13.25 -1.64 16.32
C GLU A 12 14.66 -2.09 15.99
N TYR A 13 15.59 -1.86 16.88
CA TYR A 13 16.96 -2.32 16.64
C TYR A 13 17.01 -3.80 17.02
N ALA A 14 17.48 -4.63 16.13
CA ALA A 14 17.49 -6.12 16.38
C ALA A 14 17.90 -6.51 17.81
N LYS A 15 17.02 -7.15 18.53
CA LYS A 15 17.34 -7.60 19.91
C LYS A 15 18.38 -8.73 19.85
N SER A 16 18.50 -9.37 18.73
CA SER A 16 19.49 -10.46 18.55
C SER A 16 19.90 -10.53 17.07
N GLY A 17 20.82 -11.41 16.73
CA GLY A 17 21.26 -11.50 15.31
C GLY A 17 20.81 -12.86 14.74
N ARG A 18 19.85 -13.49 15.38
CA ARG A 18 19.38 -14.83 14.91
C ARG A 18 18.16 -14.73 13.98
N ALA A 19 17.47 -13.63 13.97
CA ALA A 19 16.28 -13.51 13.06
C ALA A 19 16.69 -13.54 11.58
N SER A 20 15.93 -14.20 10.76
CA SER A 20 16.26 -14.29 9.31
C SER A 20 15.26 -13.46 8.51
N CYS A 21 15.75 -12.69 7.60
CA CYS A 21 14.85 -11.84 6.76
C CYS A 21 13.89 -12.70 5.95
N LYS A 22 12.61 -12.42 6.03
CA LYS A 22 11.61 -13.23 5.28
C LYS A 22 11.66 -12.95 3.76
N LYS A 23 12.47 -12.01 3.33
CA LYS A 23 12.57 -11.70 1.87
C LYS A 23 13.85 -12.30 1.26
N CYS A 24 15.01 -11.93 1.75
CA CYS A 24 16.28 -12.47 1.17
C CYS A 24 16.86 -13.66 1.98
N SER A 25 16.26 -14.01 3.10
CA SER A 25 16.73 -15.18 3.94
C SER A 25 18.04 -14.91 4.73
N GLU A 26 18.74 -13.83 4.48
CA GLU A 26 20.00 -13.56 5.24
C GLU A 26 19.66 -13.18 6.69
N SER A 27 20.58 -13.40 7.60
CA SER A 27 20.30 -13.08 9.02
C SER A 27 20.28 -11.57 9.25
N ILE A 28 19.49 -11.14 10.19
CA ILE A 28 19.43 -9.69 10.52
C ILE A 28 20.38 -9.45 11.71
N PRO A 29 21.42 -8.66 11.49
CA PRO A 29 22.44 -8.44 12.56
C PRO A 29 21.87 -7.71 13.79
N LYS A 30 22.30 -8.12 14.95
CA LYS A 30 21.82 -7.50 16.23
C LYS A 30 22.04 -5.99 16.20
N ASP A 31 21.11 -5.23 16.79
CA ASP A 31 21.21 -3.73 16.84
C ASP A 31 20.89 -3.07 15.48
N SER A 32 20.79 -3.83 14.42
CA SER A 32 20.49 -3.20 13.11
C SER A 32 19.01 -2.83 13.04
N LEU A 33 18.66 -1.88 12.23
CA LEU A 33 17.23 -1.47 12.13
C LEU A 33 16.45 -2.49 11.30
N ARG A 34 15.45 -3.11 11.90
CA ARG A 34 14.66 -4.12 11.16
C ARG A 34 13.17 -3.80 11.30
N MET A 35 12.37 -4.27 10.39
CA MET A 35 10.90 -4.00 10.45
C MET A 35 10.13 -5.31 10.28
N ALA A 36 8.95 -5.40 10.83
CA ALA A 36 8.18 -6.66 10.70
C ALA A 36 6.69 -6.40 10.58
N ILE A 37 6.00 -7.31 9.93
CA ILE A 37 4.52 -7.20 9.85
C ILE A 37 3.94 -8.10 10.94
N MET A 38 3.28 -7.53 11.92
CA MET A 38 2.73 -8.34 13.04
C MET A 38 1.61 -9.28 12.58
N VAL A 39 1.52 -10.44 13.20
CA VAL A 39 0.45 -11.41 12.84
C VAL A 39 -0.04 -12.13 14.09
N GLN A 40 -1.30 -12.45 14.15
CA GLN A 40 -1.84 -13.16 15.34
C GLN A 40 -1.64 -14.67 15.19
N SER A 41 -1.12 -15.31 16.19
CA SER A 41 -0.90 -16.79 16.09
C SER A 41 -2.11 -17.54 16.66
N PRO A 42 -2.58 -18.52 15.90
CA PRO A 42 -3.75 -19.32 16.35
C PRO A 42 -3.32 -20.43 17.32
N MET A 43 -2.04 -20.56 17.57
CA MET A 43 -1.57 -21.63 18.49
C MET A 43 -1.39 -21.09 19.91
N PHE A 44 -1.35 -19.79 20.06
CA PHE A 44 -1.17 -19.20 21.42
C PHE A 44 -1.46 -17.69 21.39
N ASP A 45 -1.92 -17.14 22.49
CA ASP A 45 -2.21 -15.67 22.52
C ASP A 45 -0.91 -14.90 22.35
N GLY A 46 -0.84 -14.05 21.37
CA GLY A 46 0.40 -13.26 21.12
C GLY A 46 0.60 -13.10 19.61
N LYS A 47 1.33 -12.11 19.20
CA LYS A 47 1.55 -11.90 17.74
C LYS A 47 2.96 -12.31 17.32
N VAL A 48 3.09 -12.95 16.18
CA VAL A 48 4.45 -13.37 15.69
C VAL A 48 4.93 -12.36 14.64
N PRO A 49 6.14 -11.88 14.79
CA PRO A 49 6.65 -10.89 13.84
C PRO A 49 7.40 -11.52 12.68
N HIS A 50 7.07 -11.13 11.48
CA HIS A 50 7.84 -11.61 10.28
C HIS A 50 8.87 -10.54 10.04
N TRP A 51 10.11 -10.75 10.46
CA TRP A 51 11.13 -9.68 10.33
C TRP A 51 11.79 -9.60 8.96
N TYR A 52 12.26 -8.43 8.65
CA TYR A 52 12.95 -8.18 7.35
C TYR A 52 14.01 -7.09 7.56
N HIS A 53 15.07 -7.09 6.79
CA HIS A 53 16.07 -5.98 6.92
C HIS A 53 15.30 -4.72 6.51
N PHE A 54 15.69 -3.57 6.97
CA PHE A 54 14.93 -2.31 6.61
C PHE A 54 14.58 -2.23 5.11
N SER A 55 15.55 -2.40 4.25
CA SER A 55 15.28 -2.31 2.77
C SER A 55 14.38 -3.46 2.26
N CYS A 56 14.66 -4.67 2.65
CA CYS A 56 13.84 -5.83 2.16
C CYS A 56 12.34 -5.65 2.48
N PHE A 57 12.03 -5.08 3.62
CA PHE A 57 10.59 -4.90 4.01
C PHE A 57 9.76 -4.21 2.91
N TRP A 58 10.34 -3.26 2.19
CA TRP A 58 9.56 -2.52 1.16
C TRP A 58 9.56 -3.24 -0.18
N LYS A 59 10.48 -4.15 -0.40
CA LYS A 59 10.55 -4.86 -1.71
C LYS A 59 9.57 -6.04 -1.78
N VAL A 60 8.82 -6.28 -0.74
CA VAL A 60 7.86 -7.44 -0.75
C VAL A 60 6.42 -6.96 -1.04
N GLY A 61 6.14 -5.71 -0.80
CA GLY A 61 4.76 -5.20 -1.06
C GLY A 61 4.22 -4.48 0.17
N HIS A 62 4.89 -4.61 1.30
CA HIS A 62 4.41 -3.92 2.53
C HIS A 62 4.38 -2.40 2.30
N SER A 63 3.36 -1.73 2.73
CA SER A 63 3.29 -0.26 2.51
C SER A 63 2.80 0.48 3.76
N ILE A 64 3.34 1.65 4.00
CA ILE A 64 2.91 2.45 5.19
C ILE A 64 2.84 3.94 4.83
N ARG A 65 1.71 4.55 5.00
CA ARG A 65 1.58 6.00 4.66
C ARG A 65 1.98 6.84 5.87
N HIS A 66 1.55 6.46 7.03
CA HIS A 66 1.91 7.20 8.28
C HIS A 66 2.60 6.28 9.29
N PRO A 67 3.91 6.26 9.27
CA PRO A 67 4.69 5.39 10.19
C PRO A 67 4.41 5.69 11.68
N ASP A 68 4.45 6.97 12.08
CA ASP A 68 4.18 7.31 13.50
C ASP A 68 2.94 6.62 14.10
N VAL A 69 1.89 6.45 13.33
CA VAL A 69 0.65 5.81 13.89
C VAL A 69 0.47 4.34 13.48
N GLU A 70 1.07 3.91 12.39
CA GLU A 70 0.88 2.48 11.94
C GLU A 70 2.03 1.56 12.37
N VAL A 71 3.15 2.09 12.77
CA VAL A 71 4.29 1.19 13.16
C VAL A 71 4.65 1.34 14.64
N ASP A 72 4.47 0.28 15.41
CA ASP A 72 4.81 0.32 16.86
C ASP A 72 6.34 0.45 17.03
N GLY A 73 6.78 1.21 18.00
CA GLY A 73 8.26 1.36 18.22
C GLY A 73 8.85 2.51 17.38
N PHE A 74 8.07 3.08 16.50
CA PHE A 74 8.60 4.19 15.64
C PHE A 74 9.12 5.35 16.48
N SER A 75 8.33 5.82 17.41
CA SER A 75 8.75 6.97 18.27
C SER A 75 10.02 6.68 19.09
N GLU A 76 10.36 5.42 19.35
CA GLU A 76 11.59 5.14 20.14
C GLU A 76 12.84 4.99 19.25
N LEU A 77 12.71 5.10 17.94
CA LEU A 77 13.90 4.99 17.05
C LEU A 77 14.72 6.26 17.15
N ARG A 78 15.98 6.21 16.80
CA ARG A 78 16.81 7.45 16.82
C ARG A 78 16.23 8.42 15.78
N TRP A 79 16.41 9.69 15.97
CA TRP A 79 15.83 10.70 15.03
C TRP A 79 16.11 10.37 13.55
N ASP A 80 17.36 10.20 13.17
CA ASP A 80 17.69 9.88 11.74
C ASP A 80 16.91 8.65 11.25
N ASP A 81 16.79 7.63 12.05
CA ASP A 81 16.05 6.41 11.61
C ASP A 81 14.55 6.74 11.48
N GLN A 82 14.08 7.66 12.29
CA GLN A 82 12.64 8.06 12.20
C GLN A 82 12.41 8.79 10.88
N GLN A 83 13.39 9.56 10.46
CA GLN A 83 13.26 10.30 9.16
C GLN A 83 13.42 9.31 8.01
N LYS A 84 14.36 8.41 8.12
CA LYS A 84 14.57 7.40 7.04
C LYS A 84 13.28 6.58 6.82
N VAL A 85 12.67 6.13 7.89
CA VAL A 85 11.41 5.36 7.74
C VAL A 85 10.31 6.28 7.19
N LYS A 86 10.27 7.50 7.66
CA LYS A 86 9.22 8.46 7.19
C LYS A 86 9.39 8.73 5.69
N LYS A 87 10.60 8.95 5.25
CA LYS A 87 10.82 9.25 3.80
C LYS A 87 10.63 7.97 2.97
N THR A 88 11.17 6.87 3.42
CA THR A 88 11.00 5.60 2.65
C THR A 88 9.52 5.25 2.53
N ALA A 89 8.76 5.54 3.55
CA ALA A 89 7.29 5.25 3.50
C ALA A 89 6.66 6.13 2.41
N GLU A 90 7.01 7.38 2.36
CA GLU A 90 6.44 8.28 1.33
C GLU A 90 6.86 7.80 -0.07
N ALA A 91 8.12 7.56 -0.28
CA ALA A 91 8.58 7.09 -1.62
C ALA A 91 7.86 5.81 -2.02
N GLY A 92 7.05 5.86 -3.05
CA GLY A 92 6.30 4.64 -3.49
C GLY A 92 7.30 3.58 -3.96
N GLY A 93 6.83 2.56 -4.62
CA GLY A 93 7.73 1.49 -5.10
C GLY A 93 8.70 2.07 -6.14
N VAL A 94 9.91 1.55 -6.20
CA VAL A 94 10.90 2.07 -7.18
C VAL A 94 10.60 1.51 -8.58
N THR A 95 10.86 2.28 -9.60
CA THR A 95 10.59 1.80 -11.00
C THR A 95 11.90 1.72 -11.78
N GLY A 96 11.92 0.92 -12.82
CA GLY A 96 13.17 0.78 -13.63
C GLY A 96 13.31 -0.66 -14.11
N LYS A 97 14.41 -1.30 -13.80
CA LYS A 97 14.61 -2.70 -14.24
C LYS A 97 14.88 -3.60 -13.03
N GLY A 98 15.93 -3.33 -12.30
CA GLY A 98 16.25 -4.17 -11.11
C GLY A 98 17.32 -3.49 -10.26
N GLN A 99 18.53 -3.46 -10.72
CA GLN A 99 19.63 -2.81 -9.94
C GLN A 99 19.36 -1.31 -9.83
N ASP A 100 19.98 -0.65 -8.89
CA ASP A 100 19.77 0.82 -8.72
C ASP A 100 21.03 1.59 -9.11
N GLY A 101 20.95 2.43 -10.10
CA GLY A 101 22.14 3.21 -10.53
C GLY A 101 22.00 4.66 -10.06
N ILE A 102 21.22 5.45 -10.76
CA ILE A 102 21.05 6.87 -10.36
C ILE A 102 19.78 7.02 -9.51
N GLY A 103 18.77 6.24 -9.79
CA GLY A 103 17.51 6.34 -9.00
C GLY A 103 16.34 6.60 -9.94
N SER A 104 15.15 6.33 -9.50
CA SER A 104 13.96 6.57 -10.37
C SER A 104 12.81 7.18 -9.56
N LYS A 105 12.57 6.68 -8.37
CA LYS A 105 11.47 7.22 -7.53
C LYS A 105 10.14 7.25 -8.30
N ALA A 106 9.17 7.96 -7.82
CA ALA A 106 7.86 8.03 -8.53
C ALA A 106 7.15 9.34 -8.20
N GLU A 107 6.01 9.58 -8.82
CA GLU A 107 5.27 10.84 -8.55
C GLU A 107 4.07 10.55 -7.65
N LYS A 108 3.08 11.42 -7.66
CA LYS A 108 1.88 11.17 -6.80
C LYS A 108 1.20 9.87 -7.20
N THR A 109 1.28 8.87 -6.36
CA THR A 109 0.64 7.57 -6.69
C THR A 109 0.30 6.80 -5.40
N LEU A 110 -0.93 6.40 -5.25
CA LEU A 110 -1.32 5.65 -4.02
C LEU A 110 -0.63 4.28 -4.00
N GLY A 111 -0.29 3.80 -2.84
CA GLY A 111 0.40 2.48 -2.75
C GLY A 111 -0.60 1.38 -2.35
N ASP A 112 -1.81 1.74 -2.03
CA ASP A 112 -2.81 0.70 -1.63
C ASP A 112 -3.98 0.64 -2.64
N PHE A 113 -3.91 1.39 -3.71
CA PHE A 113 -5.00 1.35 -4.72
C PHE A 113 -4.41 1.09 -6.11
N ALA A 114 -4.99 0.19 -6.87
CA ALA A 114 -4.41 -0.10 -8.21
C ALA A 114 -5.47 -0.30 -9.29
N ALA A 115 -5.07 -0.12 -10.51
CA ALA A 115 -5.99 -0.31 -11.66
C ALA A 115 -5.24 -1.06 -12.77
N GLU A 116 -5.83 -2.08 -13.32
CA GLU A 116 -5.13 -2.85 -14.40
C GLU A 116 -6.13 -3.70 -15.17
N TYR A 117 -5.74 -4.20 -16.31
CA TYR A 117 -6.66 -5.08 -17.07
C TYR A 117 -6.59 -6.47 -16.45
N ALA A 118 -7.72 -7.12 -16.25
CA ALA A 118 -7.70 -8.47 -15.61
C ALA A 118 -6.69 -9.42 -16.27
N LYS A 119 -5.65 -9.79 -15.55
CA LYS A 119 -4.64 -10.72 -16.11
C LYS A 119 -5.27 -12.08 -16.40
N SER A 120 -6.41 -12.37 -15.81
CA SER A 120 -7.09 -13.68 -16.06
C SER A 120 -8.59 -13.52 -15.84
N ASN A 121 -9.32 -14.62 -15.79
CA ASN A 121 -10.80 -14.53 -15.59
C ASN A 121 -11.24 -15.27 -14.33
N ARG A 122 -10.33 -15.60 -13.46
CA ARG A 122 -10.72 -16.32 -12.21
C ARG A 122 -10.80 -15.34 -11.01
N SER A 123 -10.57 -14.07 -11.23
CA SER A 123 -10.67 -13.10 -10.11
C SER A 123 -12.15 -12.82 -9.86
N THR A 124 -12.51 -12.13 -8.81
CA THR A 124 -13.95 -11.88 -8.55
C THR A 124 -14.15 -10.50 -7.92
N CYS A 125 -15.05 -9.72 -8.47
CA CYS A 125 -15.33 -8.39 -7.87
C CYS A 125 -15.87 -8.59 -6.45
N LYS A 126 -15.21 -8.01 -5.46
CA LYS A 126 -15.67 -8.18 -4.05
C LYS A 126 -16.83 -7.22 -3.69
N GLY A 127 -17.53 -6.71 -4.67
CA GLY A 127 -18.67 -5.79 -4.38
C GLY A 127 -19.96 -6.50 -4.80
N CYS A 128 -19.94 -7.15 -5.94
CA CYS A 128 -21.14 -7.91 -6.40
C CYS A 128 -20.83 -9.43 -6.49
N MET A 129 -19.61 -9.83 -6.11
CA MET A 129 -19.23 -11.27 -6.17
C MET A 129 -19.33 -11.89 -7.58
N GLU A 130 -19.47 -11.09 -8.60
CA GLU A 130 -19.53 -11.64 -9.98
C GLU A 130 -18.10 -11.74 -10.52
N LYS A 131 -17.82 -12.75 -11.30
CA LYS A 131 -16.43 -12.92 -11.82
C LYS A 131 -16.05 -11.81 -12.79
N ILE A 132 -14.79 -11.39 -12.76
CA ILE A 132 -14.31 -10.37 -13.70
C ILE A 132 -13.70 -11.09 -14.92
N GLU A 133 -14.07 -10.69 -16.11
CA GLU A 133 -13.52 -11.39 -17.32
C GLU A 133 -12.10 -10.91 -17.63
N LYS A 134 -11.26 -11.82 -18.08
CA LYS A 134 -9.87 -11.43 -18.48
C LYS A 134 -9.88 -10.26 -19.48
N GLY A 135 -9.02 -9.27 -19.28
CA GLY A 135 -8.99 -8.11 -20.22
C GLY A 135 -9.83 -6.96 -19.66
N GLN A 136 -10.87 -7.27 -18.91
CA GLN A 136 -11.73 -6.20 -18.35
C GLN A 136 -10.97 -5.33 -17.34
N VAL A 137 -11.20 -4.04 -17.37
CA VAL A 137 -10.51 -3.14 -16.41
C VAL A 137 -11.03 -3.41 -15.00
N ARG A 138 -10.16 -3.51 -14.05
CA ARG A 138 -10.60 -3.77 -12.65
C ARG A 138 -9.81 -2.88 -11.69
N LEU A 139 -10.39 -2.56 -10.56
CA LEU A 139 -9.69 -1.71 -9.56
C LEU A 139 -9.51 -2.49 -8.27
N SER A 140 -8.62 -2.08 -7.40
CA SER A 140 -8.46 -2.86 -6.17
C SER A 140 -7.95 -2.03 -4.98
N LYS A 141 -8.39 -2.40 -3.80
CA LYS A 141 -7.91 -1.72 -2.57
C LYS A 141 -6.99 -2.68 -1.81
N LYS A 142 -5.71 -2.51 -1.94
CA LYS A 142 -4.74 -3.43 -1.27
C LYS A 142 -5.04 -3.55 0.23
N MET A 143 -4.98 -4.75 0.75
CA MET A 143 -5.24 -4.96 2.20
C MET A 143 -4.47 -6.20 2.67
N VAL A 144 -4.08 -6.24 3.91
CA VAL A 144 -3.32 -7.41 4.42
C VAL A 144 -4.24 -8.36 5.20
N ASP A 145 -4.00 -9.63 5.10
CA ASP A 145 -4.85 -10.61 5.84
C ASP A 145 -4.07 -11.14 7.05
N PRO A 146 -4.66 -11.05 8.21
CA PRO A 146 -3.98 -11.53 9.44
C PRO A 146 -3.83 -13.06 9.40
N GLU A 147 -4.59 -13.72 8.57
CA GLU A 147 -4.49 -15.20 8.48
C GLU A 147 -3.34 -15.58 7.54
N LYS A 148 -3.02 -14.72 6.61
CA LYS A 148 -1.90 -15.02 5.67
C LYS A 148 -0.96 -13.80 5.58
N PRO A 149 -0.22 -13.59 6.63
CA PRO A 149 0.71 -12.43 6.68
C PRO A 149 1.90 -12.62 5.74
N GLN A 150 2.26 -13.84 5.42
CA GLN A 150 3.40 -14.05 4.50
C GLN A 150 3.11 -13.40 3.13
N LEU A 151 1.86 -13.17 2.83
CA LEU A 151 1.50 -12.55 1.52
C LEU A 151 1.72 -11.03 1.58
N GLY A 152 1.23 -10.40 2.61
CA GLY A 152 1.41 -8.92 2.74
C GLY A 152 0.20 -8.19 2.15
N MET A 153 0.44 -7.11 1.45
CA MET A 153 -0.70 -6.34 0.86
C MET A 153 -1.29 -7.09 -0.33
N ILE A 154 -2.46 -7.65 -0.18
CA ILE A 154 -3.09 -8.40 -1.30
C ILE A 154 -4.19 -7.55 -1.96
N ASP A 155 -4.34 -7.66 -3.25
CA ASP A 155 -5.36 -6.84 -3.94
C ASP A 155 -6.78 -7.38 -3.76
N ARG A 156 -7.70 -6.51 -3.42
CA ARG A 156 -9.13 -6.87 -3.31
C ARG A 156 -9.74 -6.27 -4.58
N TRP A 157 -10.06 -7.07 -5.56
CA TRP A 157 -10.54 -6.50 -6.86
C TRP A 157 -12.02 -6.14 -6.90
N TYR A 158 -12.35 -5.28 -7.82
CA TYR A 158 -13.74 -4.82 -8.00
C TYR A 158 -13.93 -4.29 -9.42
N HIS A 159 -15.13 -4.22 -9.90
CA HIS A 159 -15.37 -3.58 -11.21
C HIS A 159 -15.25 -2.08 -10.93
N PRO A 160 -14.83 -1.29 -11.88
CA PRO A 160 -14.69 0.17 -11.60
C PRO A 160 -16.00 0.75 -11.06
N GLY A 161 -17.12 0.39 -11.64
CA GLY A 161 -18.43 0.91 -11.12
C GLY A 161 -18.63 0.42 -9.68
N CYS A 162 -18.51 -0.86 -9.45
CA CYS A 162 -18.68 -1.40 -8.06
C CYS A 162 -17.71 -0.71 -7.09
N PHE A 163 -16.48 -0.49 -7.51
CA PHE A 163 -15.47 0.18 -6.64
C PHE A 163 -15.95 1.59 -6.28
N VAL A 164 -16.44 2.33 -7.25
CA VAL A 164 -16.90 3.71 -6.98
C VAL A 164 -18.07 3.69 -5.99
N LYS A 165 -18.96 2.74 -6.12
CA LYS A 165 -20.12 2.70 -5.17
C LYS A 165 -19.66 2.58 -3.71
N ASN A 166 -18.58 1.88 -3.49
CA ASN A 166 -18.05 1.72 -2.08
C ASN A 166 -16.78 2.56 -1.86
N ARG A 167 -16.63 3.66 -2.57
CA ARG A 167 -15.39 4.50 -2.40
C ARG A 167 -15.15 4.88 -0.93
N GLU A 168 -16.20 5.17 -0.22
CA GLU A 168 -16.04 5.58 1.22
C GLU A 168 -15.50 4.44 2.07
N GLU A 169 -16.17 3.32 2.08
CA GLU A 169 -15.71 2.18 2.92
C GLU A 169 -14.36 1.66 2.46
N LEU A 170 -14.04 1.81 1.20
CA LEU A 170 -12.73 1.33 0.69
C LEU A 170 -11.60 2.34 1.01
N GLY A 171 -11.92 3.43 1.66
CA GLY A 171 -10.86 4.42 2.03
C GLY A 171 -10.40 5.23 0.81
N PHE A 172 -11.20 5.33 -0.21
CA PHE A 172 -10.79 6.14 -1.41
C PHE A 172 -11.31 7.57 -1.23
N ARG A 173 -10.62 8.35 -0.44
CA ARG A 173 -11.06 9.77 -0.17
C ARG A 173 -11.46 10.52 -1.45
N PRO A 174 -12.26 11.56 -1.28
CA PRO A 174 -12.74 12.35 -2.43
C PRO A 174 -11.64 13.23 -3.05
N GLU A 175 -10.54 13.42 -2.36
CA GLU A 175 -9.43 14.24 -2.94
C GLU A 175 -8.60 13.40 -3.93
N TYR A 176 -8.74 12.10 -3.87
CA TYR A 176 -7.97 11.21 -4.79
C TYR A 176 -8.60 11.20 -6.18
N SER A 177 -7.79 11.11 -7.20
CA SER A 177 -8.30 11.07 -8.59
C SER A 177 -7.85 9.77 -9.25
N ALA A 178 -8.44 9.42 -10.36
CA ALA A 178 -8.06 8.14 -11.06
C ALA A 178 -6.55 8.10 -11.38
N SER A 179 -5.98 9.24 -11.66
CA SER A 179 -4.52 9.29 -12.01
C SER A 179 -3.61 8.80 -10.87
N GLN A 180 -4.13 8.69 -9.67
CA GLN A 180 -3.28 8.24 -8.53
C GLN A 180 -3.29 6.71 -8.34
N LEU A 181 -4.10 6.00 -9.09
CA LEU A 181 -4.14 4.51 -8.93
C LEU A 181 -2.85 3.87 -9.43
N LYS A 182 -2.31 2.95 -8.67
CA LYS A 182 -1.06 2.25 -9.11
C LYS A 182 -1.33 1.47 -10.40
N GLY A 183 -0.65 1.78 -11.47
CA GLY A 183 -0.88 1.05 -12.76
C GLY A 183 -1.67 1.91 -13.75
N PHE A 184 -2.19 3.03 -13.32
CA PHE A 184 -3.00 3.92 -14.22
C PHE A 184 -2.27 4.21 -15.53
N SER A 185 -1.05 4.67 -15.43
CA SER A 185 -0.27 5.03 -16.66
C SER A 185 -0.22 3.93 -17.73
N LEU A 186 -0.41 2.67 -17.36
CA LEU A 186 -0.34 1.57 -18.39
C LEU A 186 -1.69 1.32 -19.09
N LEU A 187 -2.68 2.12 -18.83
CA LEU A 187 -4.01 1.91 -19.47
C LEU A 187 -4.13 2.73 -20.75
N ALA A 188 -4.86 2.22 -21.72
CA ALA A 188 -5.06 2.97 -22.99
C ALA A 188 -5.75 4.30 -22.69
N THR A 189 -5.49 5.31 -23.48
CA THR A 189 -6.13 6.65 -23.23
C THR A 189 -7.64 6.54 -22.96
N GLU A 190 -8.34 5.79 -23.78
CA GLU A 190 -9.82 5.62 -23.58
C GLU A 190 -10.12 5.11 -22.16
N ASP A 191 -9.44 4.08 -21.74
CA ASP A 191 -9.69 3.53 -20.37
C ASP A 191 -9.33 4.57 -19.29
N LYS A 192 -8.27 5.33 -19.49
CA LYS A 192 -7.88 6.36 -18.49
C LYS A 192 -8.95 7.45 -18.38
N GLU A 193 -9.51 7.85 -19.49
CA GLU A 193 -10.56 8.90 -19.45
C GLU A 193 -11.79 8.41 -18.69
N ALA A 194 -12.22 7.20 -18.96
CA ALA A 194 -13.42 6.64 -18.24
C ALA A 194 -13.22 6.69 -16.73
N LEU A 195 -12.03 6.36 -16.28
CA LEU A 195 -11.75 6.38 -14.82
C LEU A 195 -11.75 7.81 -14.29
N LYS A 196 -10.96 8.69 -14.89
CA LYS A 196 -10.93 10.11 -14.44
C LYS A 196 -12.36 10.67 -14.38
N LYS A 197 -13.22 10.17 -15.21
CA LYS A 197 -14.64 10.64 -15.24
C LYS A 197 -15.37 10.25 -13.95
N GLN A 198 -15.19 9.04 -13.49
CA GLN A 198 -15.90 8.60 -12.24
C GLN A 198 -15.12 8.99 -10.99
N LEU A 199 -13.82 9.09 -11.09
CA LEU A 199 -13.01 9.51 -9.90
C LEU A 199 -12.25 10.79 -10.28
N PRO A 200 -12.96 11.89 -10.26
CA PRO A 200 -12.36 13.19 -10.64
C PRO A 200 -11.38 13.71 -9.58
N GLY A 201 -11.74 13.60 -8.33
CA GLY A 201 -10.84 14.09 -7.25
C GLY A 201 -10.97 15.61 -7.14
N VAL A 202 -11.13 16.12 -5.94
CA VAL A 202 -11.26 17.59 -5.77
C VAL A 202 -9.89 18.21 -5.51
N LYS A 203 -8.91 17.88 -6.30
CA LYS A 203 -7.55 18.44 -6.10
C LYS A 203 -6.70 18.21 -7.34
N SER A 204 -7.21 18.56 -8.50
CA SER A 204 -6.43 18.35 -9.76
C SER A 204 -7.04 19.19 -10.89
N GLU A 205 -6.27 20.09 -11.45
CA GLU A 205 -6.79 20.93 -12.57
C GLU A 205 -5.64 21.53 -13.37
N GLY A 206 -4.52 20.85 -13.41
CA GLY A 206 -3.35 21.37 -14.17
C GLY A 206 -3.18 20.57 -15.46
N LYS A 207 -4.26 20.16 -16.06
CA LYS A 207 -4.17 19.37 -17.32
C LYS A 207 -5.54 19.28 -18.00
N ARG A 208 -5.78 20.11 -18.98
CA ARG A 208 -7.10 20.07 -19.68
C ARG A 208 -7.17 18.86 -20.63
N LYS A 209 -7.38 17.69 -20.09
CA LYS A 209 -7.45 16.48 -20.95
C LYS A 209 -8.80 15.77 -20.76
N GLY A 210 -9.85 16.52 -20.56
CA GLY A 210 -11.19 15.90 -20.36
C GLY A 210 -11.99 15.98 -21.67
N ASP A 211 -13.27 15.71 -21.61
CA ASP A 211 -14.10 15.77 -22.84
C ASP A 211 -13.61 14.75 -23.88
N GLU A 212 -14.42 13.78 -24.20
CA GLU A 212 -14.00 12.75 -25.21
C GLU A 212 -14.84 12.90 -26.49
N VAL A 213 -14.57 12.08 -27.47
CA VAL A 213 -15.33 12.18 -28.75
C VAL A 213 -16.83 11.95 -28.49
N ASP A 214 -17.16 11.23 -27.44
CA ASP A 214 -18.59 10.98 -27.13
C ASP A 214 -19.10 12.02 -26.13
ZN ZN C . 16.80 -9.09 3.84
ZN ZN D . -18.79 -5.92 -9.49
N MET A 1 2.89 -7.38 25.82
CA MET A 1 2.43 -7.42 27.24
C MET A 1 1.26 -6.47 27.45
N ALA A 2 1.41 -5.23 27.05
CA ALA A 2 0.30 -4.25 27.22
C ALA A 2 -0.71 -4.39 26.08
N GLU A 3 -1.62 -3.45 25.96
CA GLU A 3 -2.63 -3.53 24.87
C GLU A 3 -2.22 -2.64 23.69
N SER A 4 -0.95 -2.61 23.38
CA SER A 4 -0.47 -1.76 22.25
C SER A 4 0.37 -2.61 21.28
N SER A 5 -0.26 -3.29 20.37
CA SER A 5 0.50 -4.12 19.40
C SER A 5 -0.39 -4.53 18.22
N ASP A 6 -1.15 -3.59 17.70
CA ASP A 6 -2.05 -3.90 16.56
C ASP A 6 -1.43 -3.43 15.24
N LYS A 7 -0.37 -2.67 15.30
CA LYS A 7 0.29 -2.19 14.04
C LYS A 7 0.68 -3.38 13.17
N LEU A 8 0.71 -3.20 11.88
CA LEU A 8 1.07 -4.34 10.98
C LEU A 8 2.60 -4.45 10.80
N TYR A 9 3.34 -3.42 11.10
CA TYR A 9 4.82 -3.51 10.92
C TYR A 9 5.58 -3.12 12.19
N ARG A 10 6.81 -3.54 12.29
CA ARG A 10 7.64 -3.21 13.47
C ARG A 10 9.07 -2.85 13.03
N VAL A 11 9.66 -1.89 13.65
CA VAL A 11 11.05 -1.50 13.30
C VAL A 11 11.85 -1.39 14.59
N GLU A 12 13.07 -1.86 14.60
CA GLU A 12 13.87 -1.79 15.85
C GLU A 12 15.30 -2.24 15.60
N TYR A 13 16.16 -2.01 16.55
CA TYR A 13 17.56 -2.46 16.40
C TYR A 13 17.59 -3.94 16.80
N ALA A 14 18.12 -4.77 15.94
CA ALA A 14 18.12 -6.26 16.19
C ALA A 14 18.45 -6.63 17.64
N LYS A 15 17.51 -7.29 18.30
CA LYS A 15 17.75 -7.73 19.71
C LYS A 15 18.79 -8.85 19.73
N SER A 16 18.99 -9.50 18.60
CA SER A 16 19.99 -10.59 18.50
C SER A 16 20.50 -10.66 17.05
N GLY A 17 21.44 -11.53 16.77
CA GLY A 17 21.97 -11.63 15.38
C GLY A 17 21.57 -12.99 14.80
N ARG A 18 20.57 -13.62 15.36
CA ARG A 18 20.14 -14.97 14.88
C ARG A 18 18.98 -14.88 13.87
N ALA A 19 18.29 -13.78 13.81
CA ALA A 19 17.15 -13.67 12.82
C ALA A 19 17.67 -13.70 11.37
N SER A 20 16.95 -14.36 10.50
CA SER A 20 17.37 -14.45 9.08
C SER A 20 16.43 -13.63 8.22
N CYS A 21 16.98 -12.87 7.33
CA CYS A 21 16.13 -12.01 6.45
C CYS A 21 15.22 -12.88 5.57
N LYS A 22 13.94 -12.60 5.57
CA LYS A 22 12.98 -13.43 4.76
C LYS A 22 13.13 -13.15 3.24
N LYS A 23 13.97 -12.20 2.87
CA LYS A 23 14.16 -11.89 1.41
C LYS A 23 15.48 -12.50 0.89
N CYS A 24 16.60 -12.12 1.45
CA CYS A 24 17.91 -12.66 0.96
C CYS A 24 18.45 -13.83 1.80
N SER A 25 17.77 -14.19 2.88
CA SER A 25 18.20 -15.35 3.76
C SER A 25 19.45 -15.07 4.63
N GLU A 26 20.16 -13.99 4.42
CA GLU A 26 21.37 -13.73 5.26
C GLU A 26 20.94 -13.33 6.68
N SER A 27 21.79 -13.55 7.65
CA SER A 27 21.42 -13.23 9.05
C SER A 27 21.38 -11.71 9.27
N ILE A 28 20.53 -11.28 10.17
CA ILE A 28 20.44 -9.83 10.48
C ILE A 28 21.32 -9.59 11.72
N PRO A 29 22.36 -8.79 11.58
CA PRO A 29 23.30 -8.57 12.71
C PRO A 29 22.66 -7.84 13.89
N LYS A 30 23.03 -8.24 15.08
CA LYS A 30 22.46 -7.62 16.32
C LYS A 30 22.67 -6.10 16.31
N ASP A 31 21.70 -5.36 16.83
CA ASP A 31 21.79 -3.85 16.89
C ASP A 31 21.56 -3.19 15.50
N SER A 32 21.52 -3.95 14.45
CA SER A 32 21.30 -3.34 13.10
C SER A 32 19.83 -2.97 12.96
N LEU A 33 19.53 -2.02 12.11
CA LEU A 33 18.12 -1.62 11.92
C LEU A 33 17.40 -2.64 11.05
N ARG A 34 16.37 -3.27 11.57
CA ARG A 34 15.62 -4.28 10.80
C ARG A 34 14.12 -3.97 10.84
N MET A 35 13.38 -4.44 9.87
CA MET A 35 11.92 -4.19 9.85
C MET A 35 11.17 -5.50 9.63
N ALA A 36 9.95 -5.58 10.10
CA ALA A 36 9.21 -6.86 9.93
C ALA A 36 7.72 -6.61 9.72
N ILE A 37 7.08 -7.49 9.01
CA ILE A 37 5.60 -7.38 8.82
C ILE A 37 4.91 -8.28 9.85
N MET A 38 4.24 -7.70 10.80
CA MET A 38 3.57 -8.51 11.86
C MET A 38 2.65 -9.58 11.27
N VAL A 39 2.46 -10.66 11.99
CA VAL A 39 1.58 -11.76 11.49
C VAL A 39 0.99 -12.52 12.69
N GLN A 40 -0.31 -12.65 12.74
CA GLN A 40 -0.95 -13.38 13.89
C GLN A 40 -0.73 -14.89 13.73
N SER A 41 -0.33 -15.55 14.79
CA SER A 41 -0.10 -17.02 14.71
C SER A 41 -1.33 -17.79 15.19
N PRO A 42 -1.74 -18.78 14.42
CA PRO A 42 -2.93 -19.58 14.78
C PRO A 42 -2.56 -20.69 15.79
N MET A 43 -1.30 -20.82 16.13
CA MET A 43 -0.89 -21.88 17.09
C MET A 43 -0.79 -21.32 18.52
N PHE A 44 -0.78 -20.02 18.66
CA PHE A 44 -0.68 -19.43 20.03
C PHE A 44 -0.97 -17.94 19.98
N ASP A 45 -1.52 -17.40 21.03
CA ASP A 45 -1.82 -15.93 21.06
C ASP A 45 -0.52 -15.13 20.96
N GLY A 46 -0.40 -14.29 19.98
CA GLY A 46 0.85 -13.50 19.82
C GLY A 46 1.14 -13.32 18.32
N LYS A 47 1.89 -12.32 17.96
CA LYS A 47 2.17 -12.10 16.52
C LYS A 47 3.63 -12.48 16.19
N VAL A 48 3.81 -13.18 15.10
CA VAL A 48 5.19 -13.58 14.69
C VAL A 48 5.72 -12.56 13.66
N PRO A 49 6.92 -12.07 13.89
CA PRO A 49 7.49 -11.07 12.98
C PRO A 49 8.31 -11.71 11.86
N HIS A 50 8.05 -11.33 10.65
CA HIS A 50 8.89 -11.82 9.52
C HIS A 50 9.94 -10.73 9.32
N TRP A 51 11.15 -10.93 9.83
CA TRP A 51 12.17 -9.85 9.76
C TRP A 51 12.92 -9.79 8.43
N TYR A 52 13.40 -8.61 8.15
CA TYR A 52 14.17 -8.36 6.90
C TYR A 52 15.22 -7.27 7.17
N HIS A 53 16.32 -7.26 6.47
CA HIS A 53 17.30 -6.15 6.66
C HIS A 53 16.57 -4.90 6.19
N PHE A 54 16.92 -3.74 6.68
CA PHE A 54 16.18 -2.48 6.26
C PHE A 54 15.92 -2.41 4.75
N SER A 55 16.94 -2.58 3.95
CA SER A 55 16.77 -2.49 2.45
C SER A 55 15.91 -3.64 1.89
N CYS A 56 16.17 -4.87 2.30
CA CYS A 56 15.38 -6.02 1.77
C CYS A 56 13.87 -5.85 1.99
N PHE A 57 13.49 -5.28 3.10
CA PHE A 57 12.02 -5.10 3.41
C PHE A 57 11.26 -4.41 2.25
N TRP A 58 11.88 -3.47 1.56
CA TRP A 58 11.16 -2.74 0.49
C TRP A 58 11.26 -3.47 -0.86
N LYS A 59 12.20 -4.37 -1.00
CA LYS A 59 12.35 -5.07 -2.31
C LYS A 59 11.39 -6.26 -2.44
N VAL A 60 10.56 -6.50 -1.44
CA VAL A 60 9.61 -7.65 -1.53
C VAL A 60 8.20 -7.17 -1.91
N GLY A 61 7.90 -5.93 -1.70
CA GLY A 61 6.54 -5.42 -2.05
C GLY A 61 5.92 -4.71 -0.84
N HIS A 62 6.53 -4.81 0.31
CA HIS A 62 5.97 -4.12 1.51
C HIS A 62 5.93 -2.61 1.26
N SER A 63 4.87 -1.95 1.66
CA SER A 63 4.79 -0.49 1.41
C SER A 63 4.23 0.25 2.63
N ILE A 64 4.73 1.42 2.90
CA ILE A 64 4.23 2.22 4.07
C ILE A 64 4.20 3.70 3.70
N ARG A 65 3.04 4.32 3.77
CA ARG A 65 2.96 5.77 3.42
C ARG A 65 3.27 6.62 4.67
N HIS A 66 2.77 6.23 5.81
CA HIS A 66 3.03 6.99 7.07
C HIS A 66 3.66 6.06 8.13
N PRO A 67 4.97 6.05 8.18
CA PRO A 67 5.69 5.18 9.16
C PRO A 67 5.32 5.49 10.63
N ASP A 68 5.33 6.75 11.02
CA ASP A 68 4.97 7.12 12.42
C ASP A 68 3.69 6.42 12.94
N VAL A 69 2.70 6.24 12.10
CA VAL A 69 1.42 5.60 12.59
C VAL A 69 1.28 4.12 12.17
N GLU A 70 1.95 3.69 11.12
CA GLU A 70 1.79 2.26 10.66
C GLU A 70 2.91 1.34 11.18
N VAL A 71 4.01 1.88 11.65
CA VAL A 71 5.12 0.99 12.11
C VAL A 71 5.39 1.14 13.60
N ASP A 72 5.17 0.09 14.36
CA ASP A 72 5.41 0.13 15.82
C ASP A 72 6.92 0.27 16.11
N GLY A 73 7.30 1.03 17.10
CA GLY A 73 8.75 1.19 17.42
C GLY A 73 9.39 2.34 16.61
N PHE A 74 8.67 2.90 15.68
CA PHE A 74 9.25 4.01 14.85
C PHE A 74 9.72 5.18 15.73
N SER A 75 8.86 5.64 16.60
CA SER A 75 9.22 6.80 17.47
C SER A 75 10.44 6.52 18.39
N GLU A 76 10.76 5.26 18.66
CA GLU A 76 11.94 4.99 19.52
C GLU A 76 13.26 4.85 18.73
N LEU A 77 13.20 4.94 17.41
CA LEU A 77 14.44 4.84 16.61
C LEU A 77 15.26 6.12 16.75
N ARG A 78 16.53 6.07 16.48
CA ARG A 78 17.35 7.32 16.55
C ARG A 78 16.85 8.27 15.46
N TRP A 79 17.01 9.55 15.67
CA TRP A 79 16.49 10.56 14.68
C TRP A 79 16.86 10.21 13.23
N ASP A 80 18.13 10.05 12.94
CA ASP A 80 18.55 9.73 11.53
C ASP A 80 17.81 8.50 10.99
N ASP A 81 17.64 7.47 11.79
CA ASP A 81 16.93 6.26 11.30
C ASP A 81 15.45 6.58 11.07
N GLN A 82 14.92 7.49 11.85
CA GLN A 82 13.49 7.88 11.66
C GLN A 82 13.34 8.61 10.33
N GLN A 83 14.35 9.39 9.97
CA GLN A 83 14.30 10.12 8.67
C GLN A 83 14.53 9.14 7.53
N LYS A 84 15.46 8.24 7.71
CA LYS A 84 15.75 7.21 6.65
C LYS A 84 14.49 6.41 6.34
N VAL A 85 13.81 5.95 7.37
CA VAL A 85 12.55 5.17 7.14
C VAL A 85 11.50 6.09 6.52
N LYS A 86 11.41 7.31 6.99
CA LYS A 86 10.40 8.25 6.44
C LYS A 86 10.66 8.53 4.95
N LYS A 87 11.90 8.76 4.59
CA LYS A 87 12.21 9.04 3.16
C LYS A 87 12.08 7.77 2.32
N THR A 88 12.59 6.67 2.80
CA THR A 88 12.49 5.39 2.04
C THR A 88 11.01 5.05 1.82
N ALA A 89 10.19 5.32 2.79
CA ALA A 89 8.73 5.04 2.65
C ALA A 89 8.16 5.90 1.52
N GLU A 90 8.50 7.16 1.49
CA GLU A 90 7.99 8.07 0.42
C GLU A 90 8.48 7.59 -0.95
N ALA A 91 9.76 7.37 -1.09
CA ALA A 91 10.31 6.90 -2.40
C ALA A 91 9.62 5.61 -2.83
N GLY A 92 9.11 4.84 -1.90
CA GLY A 92 8.43 3.57 -2.26
C GLY A 92 7.19 3.88 -3.11
N GLY A 93 7.04 3.20 -4.21
CA GLY A 93 5.85 3.46 -5.08
C GLY A 93 6.33 3.77 -6.50
N VAL A 94 5.45 4.25 -7.35
CA VAL A 94 5.86 4.58 -8.74
C VAL A 94 6.88 5.72 -8.74
N THR A 95 7.55 5.93 -9.84
CA THR A 95 8.57 7.02 -9.90
C THR A 95 7.88 8.37 -10.10
N GLY A 96 8.64 9.44 -10.13
CA GLY A 96 8.03 10.78 -10.34
C GLY A 96 8.49 11.35 -11.68
N LYS A 97 7.83 10.97 -12.74
CA LYS A 97 8.23 11.49 -14.09
C LYS A 97 7.06 12.25 -14.73
N GLY A 98 7.34 13.25 -15.51
CA GLY A 98 6.25 14.02 -16.17
C GLY A 98 6.45 14.02 -17.68
N GLN A 99 5.45 14.37 -18.43
CA GLN A 99 5.59 14.38 -19.92
C GLN A 99 4.60 15.38 -20.53
N ASP A 100 3.32 15.13 -20.38
CA ASP A 100 2.31 16.07 -20.96
C ASP A 100 1.73 16.97 -19.86
N GLY A 101 1.73 18.25 -20.09
CA GLY A 101 1.18 19.19 -19.05
C GLY A 101 2.28 20.14 -18.59
N ILE A 102 2.70 20.02 -17.35
CA ILE A 102 3.77 20.92 -16.83
C ILE A 102 4.83 20.10 -16.09
N GLY A 103 4.42 19.12 -15.34
CA GLY A 103 5.39 18.29 -14.58
C GLY A 103 4.88 18.06 -13.16
N SER A 104 3.82 17.30 -13.02
CA SER A 104 3.26 17.03 -11.66
C SER A 104 4.18 16.08 -10.89
N LYS A 105 4.81 16.55 -9.85
CA LYS A 105 5.72 15.66 -9.06
C LYS A 105 5.32 15.71 -7.58
N ALA A 106 4.19 15.15 -7.23
CA ALA A 106 3.75 15.17 -5.81
C ALA A 106 3.73 13.74 -5.25
N GLU A 107 3.78 12.74 -6.10
CA GLU A 107 3.76 11.33 -5.62
C GLU A 107 2.55 11.10 -4.70
N LYS A 108 1.38 11.47 -5.15
CA LYS A 108 0.17 11.27 -4.30
C LYS A 108 -0.52 9.94 -4.67
N THR A 109 0.20 9.04 -5.27
CA THR A 109 -0.40 7.73 -5.65
C THR A 109 -0.81 6.95 -4.39
N LEU A 110 -2.05 6.51 -4.34
CA LEU A 110 -2.51 5.75 -3.14
C LEU A 110 -1.81 4.39 -3.08
N GLY A 111 -1.55 3.90 -1.90
CA GLY A 111 -0.86 2.59 -1.78
C GLY A 111 -1.86 1.47 -1.48
N ASP A 112 -3.10 1.82 -1.23
CA ASP A 112 -4.12 0.76 -0.93
C ASP A 112 -5.21 0.72 -2.01
N PHE A 113 -5.04 1.43 -3.09
CA PHE A 113 -6.07 1.43 -4.17
C PHE A 113 -5.39 1.20 -5.54
N ALA A 114 -5.92 0.31 -6.35
CA ALA A 114 -5.25 0.04 -7.65
C ALA A 114 -6.24 -0.16 -8.80
N ALA A 115 -5.77 0.03 -9.99
CA ALA A 115 -6.61 -0.16 -11.21
C ALA A 115 -5.78 -0.88 -12.27
N GLU A 116 -6.32 -1.91 -12.86
CA GLU A 116 -5.55 -2.67 -13.90
C GLU A 116 -6.49 -3.52 -14.73
N TYR A 117 -6.02 -4.00 -15.85
CA TYR A 117 -6.88 -4.89 -16.68
C TYR A 117 -6.82 -6.28 -16.05
N ALA A 118 -7.95 -6.96 -15.94
CA ALA A 118 -7.95 -8.31 -15.31
C ALA A 118 -6.89 -9.23 -15.92
N LYS A 119 -5.89 -9.61 -15.13
CA LYS A 119 -4.83 -10.51 -15.64
C LYS A 119 -5.43 -11.89 -15.98
N SER A 120 -6.59 -12.19 -15.46
CA SER A 120 -7.23 -13.50 -15.75
C SER A 120 -8.75 -13.38 -15.64
N ASN A 121 -9.46 -14.48 -15.64
CA ASN A 121 -10.95 -14.41 -15.53
C ASN A 121 -11.46 -15.17 -14.30
N ARG A 122 -10.59 -15.50 -13.37
CA ARG A 122 -11.06 -16.23 -12.15
C ARG A 122 -11.22 -15.27 -10.96
N SER A 123 -10.99 -13.99 -11.16
CA SER A 123 -11.18 -13.02 -10.03
C SER A 123 -12.69 -12.78 -9.87
N THR A 124 -13.10 -12.10 -8.84
CA THR A 124 -14.56 -11.86 -8.66
C THR A 124 -14.82 -10.50 -8.04
N CYS A 125 -15.70 -9.72 -8.63
CA CYS A 125 -16.04 -8.41 -8.05
C CYS A 125 -16.66 -8.63 -6.66
N LYS A 126 -16.07 -8.05 -5.64
CA LYS A 126 -16.62 -8.23 -4.25
C LYS A 126 -17.81 -7.31 -3.96
N GLY A 127 -18.46 -6.79 -4.97
CA GLY A 127 -19.62 -5.89 -4.76
C GLY A 127 -20.88 -6.61 -5.26
N CYS A 128 -20.77 -7.26 -6.40
CA CYS A 128 -21.94 -8.02 -6.93
C CYS A 128 -21.60 -9.54 -7.01
N MET A 129 -20.40 -9.93 -6.57
CA MET A 129 -19.99 -11.37 -6.60
C MET A 129 -19.99 -11.97 -8.03
N GLU A 130 -20.08 -11.16 -9.05
CA GLU A 130 -20.05 -11.70 -10.44
C GLU A 130 -18.59 -11.78 -10.89
N LYS A 131 -18.25 -12.78 -11.66
CA LYS A 131 -16.83 -12.93 -12.09
C LYS A 131 -16.40 -11.79 -13.03
N ILE A 132 -15.16 -11.37 -12.91
CA ILE A 132 -14.64 -10.32 -13.82
C ILE A 132 -13.95 -11.02 -15.00
N GLU A 133 -14.24 -10.62 -16.21
CA GLU A 133 -13.61 -11.29 -17.39
C GLU A 133 -12.19 -10.80 -17.61
N LYS A 134 -11.31 -11.69 -18.02
CA LYS A 134 -9.90 -11.27 -18.32
C LYS A 134 -9.86 -10.10 -19.31
N GLY A 135 -9.04 -9.10 -19.06
CA GLY A 135 -8.96 -7.93 -19.99
C GLY A 135 -9.85 -6.79 -19.46
N GLN A 136 -10.93 -7.13 -18.78
CA GLN A 136 -11.85 -6.06 -18.27
C GLN A 136 -11.16 -5.21 -17.21
N VAL A 137 -11.40 -3.92 -17.24
CA VAL A 137 -10.80 -3.01 -16.23
C VAL A 137 -11.40 -3.30 -14.87
N ARG A 138 -10.58 -3.40 -13.86
CA ARG A 138 -11.10 -3.68 -12.50
C ARG A 138 -10.38 -2.79 -11.48
N LEU A 139 -11.03 -2.48 -10.40
CA LEU A 139 -10.41 -1.62 -9.34
C LEU A 139 -10.30 -2.42 -8.06
N SER A 140 -9.47 -2.00 -7.12
CA SER A 140 -9.36 -2.79 -5.87
C SER A 140 -8.95 -1.96 -4.67
N LYS A 141 -9.45 -2.35 -3.53
CA LYS A 141 -9.09 -1.69 -2.25
C LYS A 141 -8.22 -2.67 -1.45
N LYS A 142 -6.93 -2.46 -1.46
CA LYS A 142 -6.01 -3.38 -0.72
C LYS A 142 -6.41 -3.53 0.75
N MET A 143 -6.37 -4.73 1.26
CA MET A 143 -6.72 -4.97 2.69
C MET A 143 -5.98 -6.20 3.20
N VAL A 144 -5.67 -6.25 4.46
CA VAL A 144 -4.94 -7.42 5.01
C VAL A 144 -5.90 -8.38 5.72
N ASP A 145 -5.66 -9.66 5.60
CA ASP A 145 -6.54 -10.65 6.28
C ASP A 145 -5.83 -11.18 7.53
N PRO A 146 -6.52 -11.12 8.65
CA PRO A 146 -5.93 -11.59 9.92
C PRO A 146 -5.73 -13.11 9.88
N GLU A 147 -6.43 -13.78 9.00
CA GLU A 147 -6.27 -15.26 8.89
C GLU A 147 -5.08 -15.60 7.99
N LYS A 148 -4.73 -14.71 7.11
CA LYS A 148 -3.56 -14.95 6.20
C LYS A 148 -2.59 -13.76 6.28
N PRO A 149 -1.95 -13.65 7.42
CA PRO A 149 -0.99 -12.54 7.65
C PRO A 149 0.26 -12.65 6.78
N GLN A 150 0.62 -13.82 6.35
CA GLN A 150 1.84 -13.98 5.50
C GLN A 150 1.62 -13.30 4.14
N LEU A 151 0.39 -13.12 3.73
CA LEU A 151 0.12 -12.47 2.41
C LEU A 151 0.29 -10.95 2.51
N GLY A 152 -0.28 -10.34 3.52
CA GLY A 152 -0.15 -8.87 3.67
C GLY A 152 -1.27 -8.15 2.91
N MET A 153 -0.99 -7.01 2.37
CA MET A 153 -2.03 -6.24 1.60
C MET A 153 -2.52 -7.04 0.40
N ILE A 154 -3.73 -7.53 0.44
CA ILE A 154 -4.27 -8.30 -0.71
C ILE A 154 -5.32 -7.47 -1.45
N ASP A 155 -5.37 -7.55 -2.75
CA ASP A 155 -6.36 -6.74 -3.51
C ASP A 155 -7.78 -7.31 -3.42
N ARG A 156 -8.72 -6.44 -3.13
CA ARG A 156 -10.15 -6.84 -3.12
C ARG A 156 -10.69 -6.23 -4.41
N TRP A 157 -10.94 -7.03 -5.41
CA TRP A 157 -11.35 -6.46 -6.73
C TRP A 157 -12.83 -6.12 -6.86
N TYR A 158 -13.11 -5.26 -7.79
CA TYR A 158 -14.50 -4.81 -8.05
C TYR A 158 -14.61 -4.27 -9.47
N HIS A 159 -15.79 -4.22 -10.02
CA HIS A 159 -15.96 -3.57 -11.35
C HIS A 159 -15.87 -2.08 -11.04
N PRO A 160 -15.40 -1.27 -11.96
CA PRO A 160 -15.30 0.19 -11.66
C PRO A 160 -16.66 0.75 -11.20
N GLY A 161 -17.74 0.38 -11.85
CA GLY A 161 -19.07 0.88 -11.41
C GLY A 161 -19.36 0.37 -9.99
N CYS A 162 -19.23 -0.92 -9.76
CA CYS A 162 -19.47 -1.47 -8.39
C CYS A 162 -18.58 -0.77 -7.35
N PHE A 163 -17.33 -0.53 -7.70
CA PHE A 163 -16.39 0.15 -6.76
C PHE A 163 -16.91 1.55 -6.43
N VAL A 164 -17.35 2.29 -7.42
CA VAL A 164 -17.84 3.66 -7.16
C VAL A 164 -19.07 3.62 -6.25
N LYS A 165 -19.94 2.65 -6.43
CA LYS A 165 -21.17 2.58 -5.57
C LYS A 165 -20.78 2.45 -4.08
N ASN A 166 -19.71 1.77 -3.79
CA ASN A 166 -19.26 1.61 -2.37
C ASN A 166 -18.02 2.47 -2.06
N ARG A 167 -17.84 3.57 -2.75
CA ARG A 167 -16.64 4.43 -2.49
C ARG A 167 -16.50 4.80 -1.02
N GLU A 168 -17.58 5.07 -0.37
CA GLU A 168 -17.52 5.47 1.08
C GLU A 168 -17.01 4.33 1.96
N GLU A 169 -17.67 3.20 1.92
CA GLU A 169 -17.24 2.06 2.78
C GLU A 169 -15.85 1.57 2.39
N LEU A 170 -15.47 1.74 1.15
CA LEU A 170 -14.11 1.27 0.72
C LEU A 170 -13.02 2.29 1.13
N GLY A 171 -13.40 3.38 1.76
CA GLY A 171 -12.39 4.38 2.21
C GLY A 171 -11.86 5.21 1.03
N PHE A 172 -12.61 5.31 -0.05
CA PHE A 172 -12.13 6.14 -1.20
C PHE A 172 -12.68 7.55 -1.05
N ARG A 173 -12.05 8.34 -0.22
CA ARG A 173 -12.52 9.74 0.04
C ARG A 173 -12.86 10.50 -1.26
N PRO A 174 -13.68 11.53 -1.13
CA PRO A 174 -14.11 12.33 -2.31
C PRO A 174 -12.98 13.22 -2.85
N GLU A 175 -11.93 13.42 -2.09
CA GLU A 175 -10.80 14.27 -2.60
C GLU A 175 -9.90 13.45 -3.54
N TYR A 176 -10.02 12.14 -3.50
CA TYR A 176 -9.18 11.28 -4.37
C TYR A 176 -9.73 11.26 -5.80
N SER A 177 -8.86 11.20 -6.76
CA SER A 177 -9.28 11.16 -8.18
C SER A 177 -8.76 9.87 -8.83
N ALA A 178 -9.28 9.52 -9.98
CA ALA A 178 -8.83 8.26 -10.66
C ALA A 178 -7.32 8.25 -10.89
N SER A 179 -6.74 9.39 -11.12
CA SER A 179 -5.27 9.46 -11.39
C SER A 179 -4.42 8.99 -10.19
N GLN A 180 -5.01 8.85 -9.03
CA GLN A 180 -4.22 8.41 -7.84
C GLN A 180 -4.22 6.87 -7.67
N LEU A 181 -4.97 6.16 -8.46
CA LEU A 181 -5.01 4.67 -8.32
C LEU A 181 -3.67 4.05 -8.75
N LYS A 182 -3.18 3.12 -7.97
CA LYS A 182 -1.88 2.46 -8.34
C LYS A 182 -2.06 1.67 -9.64
N GLY A 183 -1.33 2.02 -10.67
CA GLY A 183 -1.46 1.29 -11.97
C GLY A 183 -2.20 2.15 -13.00
N PHE A 184 -2.78 3.25 -12.59
CA PHE A 184 -3.53 4.13 -13.54
C PHE A 184 -2.73 4.45 -14.80
N SER A 185 -1.53 4.93 -14.63
CA SER A 185 -0.67 5.31 -15.79
C SER A 185 -0.55 4.22 -16.88
N LEU A 186 -0.74 2.96 -16.53
CA LEU A 186 -0.59 1.87 -17.56
C LEU A 186 -1.90 1.60 -18.34
N LEU A 187 -2.91 2.39 -18.13
CA LEU A 187 -4.19 2.16 -18.85
C LEU A 187 -4.25 2.99 -20.14
N ALA A 188 -4.91 2.47 -21.14
CA ALA A 188 -5.03 3.23 -22.42
C ALA A 188 -5.76 4.55 -22.16
N THR A 189 -5.48 5.57 -22.92
CA THR A 189 -6.15 6.91 -22.71
C THR A 189 -7.67 6.75 -22.53
N GLU A 190 -8.30 6.00 -23.39
CA GLU A 190 -9.80 5.81 -23.29
C GLU A 190 -10.18 5.29 -21.89
N ASP A 191 -9.51 4.27 -21.44
CA ASP A 191 -9.82 3.70 -20.08
C ASP A 191 -9.55 4.74 -18.98
N LYS A 192 -8.49 5.52 -19.12
CA LYS A 192 -8.18 6.54 -18.08
C LYS A 192 -9.27 7.61 -18.03
N GLU A 193 -9.77 8.01 -19.16
CA GLU A 193 -10.83 9.06 -19.18
C GLU A 193 -12.11 8.54 -18.50
N ALA A 194 -12.51 7.33 -18.80
CA ALA A 194 -13.73 6.75 -18.17
C ALA A 194 -13.62 6.78 -16.65
N LEU A 195 -12.46 6.47 -16.12
CA LEU A 195 -12.27 6.47 -14.65
C LEU A 195 -12.33 7.90 -14.12
N LYS A 196 -11.51 8.79 -14.66
CA LYS A 196 -11.53 10.22 -14.19
C LYS A 196 -12.97 10.76 -14.22
N LYS A 197 -13.76 10.25 -15.11
CA LYS A 197 -15.19 10.69 -15.22
C LYS A 197 -15.99 10.29 -13.97
N GLN A 198 -15.83 9.07 -13.51
CA GLN A 198 -16.61 8.60 -12.32
C GLN A 198 -15.90 9.00 -11.01
N LEU A 199 -14.60 9.11 -11.03
CA LEU A 199 -13.87 9.54 -9.80
C LEU A 199 -13.11 10.83 -10.13
N PRO A 200 -13.82 11.93 -10.13
CA PRO A 200 -13.20 13.24 -10.47
C PRO A 200 -12.30 13.75 -9.35
N GLY A 201 -12.72 13.63 -8.12
CA GLY A 201 -11.88 14.11 -6.99
C GLY A 201 -12.04 15.62 -6.86
N VAL A 202 -13.23 16.08 -6.55
CA VAL A 202 -13.45 17.55 -6.41
C VAL A 202 -14.84 17.83 -5.83
N LYS A 203 -15.32 16.95 -4.98
CA LYS A 203 -16.67 17.15 -4.38
C LYS A 203 -16.56 17.97 -3.09
N SER A 204 -17.58 17.94 -2.27
CA SER A 204 -17.55 18.70 -0.98
C SER A 204 -17.20 20.17 -1.24
N GLU A 205 -17.13 20.96 -0.20
CA GLU A 205 -16.79 22.40 -0.39
C GLU A 205 -16.44 23.04 0.96
N GLY A 206 -17.34 23.01 1.90
CA GLY A 206 -17.07 23.61 3.23
C GLY A 206 -18.28 24.44 3.68
N LYS A 207 -18.36 24.76 4.94
CA LYS A 207 -19.51 25.56 5.44
C LYS A 207 -19.15 26.26 6.76
N ARG A 208 -19.09 27.57 6.74
CA ARG A 208 -18.75 28.32 7.99
C ARG A 208 -19.78 29.43 8.23
N LYS A 209 -21.03 29.09 8.30
CA LYS A 209 -22.09 30.12 8.55
C LYS A 209 -22.00 31.24 7.49
N GLY A 210 -21.22 32.26 7.74
CA GLY A 210 -21.10 33.36 6.75
C GLY A 210 -20.11 34.41 7.26
N ASP A 211 -20.31 35.65 6.92
CA ASP A 211 -19.37 36.72 7.38
C ASP A 211 -20.16 37.94 7.88
N GLU A 212 -20.93 38.55 7.02
CA GLU A 212 -21.72 39.75 7.44
C GLU A 212 -22.87 39.98 6.46
N VAL A 213 -22.56 40.22 5.21
CA VAL A 213 -23.64 40.46 4.21
C VAL A 213 -23.95 39.17 3.45
N ASP A 214 -25.21 38.86 3.29
CA ASP A 214 -25.58 37.61 2.56
C ASP A 214 -26.18 37.95 1.20
ZN ZN C . 18.24 -9.26 3.63
ZN ZN D . -19.44 -5.97 -9.86
N MET A 1 7.46 -16.86 23.07
CA MET A 1 7.10 -16.09 24.28
C MET A 1 7.37 -14.60 24.06
N ALA A 2 6.42 -13.89 23.51
CA ALA A 2 6.62 -12.43 23.27
C ALA A 2 5.27 -11.74 23.04
N GLU A 3 5.25 -10.44 23.06
CA GLU A 3 3.96 -9.70 22.85
C GLU A 3 4.15 -8.60 21.81
N SER A 4 3.09 -8.22 21.14
CA SER A 4 3.21 -7.14 20.11
C SER A 4 1.94 -6.28 20.10
N SER A 5 1.90 -5.29 19.25
CA SER A 5 0.70 -4.41 19.19
C SER A 5 -0.21 -4.82 18.03
N ASP A 6 -1.10 -3.97 17.62
CA ASP A 6 -2.01 -4.32 16.49
C ASP A 6 -1.41 -3.88 15.16
N LYS A 7 -0.32 -3.14 15.19
CA LYS A 7 0.32 -2.69 13.91
C LYS A 7 0.67 -3.90 13.04
N LEU A 8 0.71 -3.73 11.75
CA LEU A 8 1.02 -4.87 10.85
C LEU A 8 2.54 -5.01 10.67
N TYR A 9 3.29 -3.98 10.94
CA TYR A 9 4.77 -4.08 10.75
C TYR A 9 5.54 -3.66 12.00
N ARG A 10 6.78 -4.08 12.09
CA ARG A 10 7.62 -3.71 13.26
C ARG A 10 9.04 -3.38 12.79
N VAL A 11 9.64 -2.39 13.39
CA VAL A 11 11.03 -2.01 13.02
C VAL A 11 11.84 -1.87 14.30
N GLU A 12 13.05 -2.35 14.31
CA GLU A 12 13.87 -2.25 15.55
C GLU A 12 15.31 -2.71 15.30
N TYR A 13 16.17 -2.45 16.23
CA TYR A 13 17.56 -2.91 16.09
C TYR A 13 17.60 -4.38 16.52
N ALA A 14 18.11 -5.24 15.68
CA ALA A 14 18.12 -6.71 15.97
C ALA A 14 18.46 -7.05 17.43
N LYS A 15 17.53 -7.68 18.12
CA LYS A 15 17.77 -8.09 19.53
C LYS A 15 18.82 -9.21 19.58
N SER A 16 18.99 -9.88 18.47
CA SER A 16 20.00 -10.98 18.38
C SER A 16 20.50 -11.09 16.93
N GLY A 17 21.43 -11.97 16.67
CA GLY A 17 21.95 -12.10 15.27
C GLY A 17 21.55 -13.48 14.73
N ARG A 18 20.55 -14.09 15.33
CA ARG A 18 20.11 -15.45 14.87
C ARG A 18 18.94 -15.39 13.88
N ALA A 19 18.25 -14.29 13.79
CA ALA A 19 17.11 -14.20 12.81
C ALA A 19 17.62 -14.27 11.36
N SER A 20 16.90 -14.95 10.51
CA SER A 20 17.30 -15.09 9.10
C SER A 20 16.35 -14.29 8.21
N CYS A 21 16.89 -13.54 7.30
CA CYS A 21 16.04 -12.71 6.40
C CYS A 21 15.12 -13.61 5.55
N LYS A 22 13.84 -13.32 5.55
CA LYS A 22 12.88 -14.16 4.77
C LYS A 22 13.02 -13.93 3.25
N LYS A 23 13.85 -12.99 2.85
CA LYS A 23 14.03 -12.72 1.38
C LYS A 23 15.35 -13.34 0.86
N CYS A 24 16.47 -12.96 1.41
CA CYS A 24 17.78 -13.51 0.92
C CYS A 24 18.32 -14.66 1.79
N SER A 25 17.66 -14.99 2.89
CA SER A 25 18.08 -16.13 3.79
C SER A 25 19.35 -15.83 4.64
N GLU A 26 20.06 -14.76 4.39
CA GLU A 26 21.27 -14.47 5.22
C GLU A 26 20.85 -14.03 6.63
N SER A 27 21.71 -14.23 7.59
CA SER A 27 21.36 -13.87 9.00
C SER A 27 21.31 -12.35 9.18
N ILE A 28 20.47 -11.90 10.07
CA ILE A 28 20.39 -10.43 10.34
C ILE A 28 21.27 -10.16 11.57
N PRO A 29 22.32 -9.37 11.40
CA PRO A 29 23.27 -9.12 12.51
C PRO A 29 22.64 -8.35 13.68
N LYS A 30 23.01 -8.73 14.88
CA LYS A 30 22.45 -8.07 16.11
C LYS A 30 22.66 -6.56 16.05
N ASP A 31 21.70 -5.80 16.56
CA ASP A 31 21.79 -4.28 16.57
C ASP A 31 21.55 -3.66 15.19
N SER A 32 21.51 -4.46 14.14
CA SER A 32 21.28 -3.87 12.78
C SER A 32 19.81 -3.51 12.63
N LEU A 33 19.50 -2.57 11.78
CA LEU A 33 18.08 -2.18 11.58
C LEU A 33 17.36 -3.23 10.75
N ARG A 34 16.32 -3.83 11.30
CA ARG A 34 15.58 -4.87 10.55
C ARG A 34 14.08 -4.56 10.60
N MET A 35 13.33 -5.06 9.65
CA MET A 35 11.87 -4.79 9.63
C MET A 35 11.11 -6.11 9.46
N ALA A 36 9.91 -6.18 9.94
CA ALA A 36 9.15 -7.45 9.81
C ALA A 36 7.66 -7.22 9.60
N ILE A 37 7.02 -8.13 8.93
CA ILE A 37 5.54 -8.04 8.76
C ILE A 37 4.89 -8.92 9.85
N MET A 38 4.16 -8.31 10.74
CA MET A 38 3.53 -9.10 11.85
C MET A 38 2.58 -10.17 11.31
N VAL A 39 2.44 -11.25 12.04
CA VAL A 39 1.55 -12.36 11.61
C VAL A 39 0.95 -13.06 12.83
N GLN A 40 -0.34 -13.16 12.91
CA GLN A 40 -0.96 -13.85 14.08
C GLN A 40 -0.78 -15.36 13.96
N SER A 41 -0.33 -16.01 15.01
CA SER A 41 -0.12 -17.49 14.95
C SER A 41 -1.36 -18.23 15.47
N PRO A 42 -1.77 -19.25 14.74
CA PRO A 42 -2.96 -20.03 15.15
C PRO A 42 -2.56 -21.12 16.17
N MET A 43 -1.30 -21.24 16.49
CA MET A 43 -0.87 -22.28 17.46
C MET A 43 -0.77 -21.69 18.88
N PHE A 44 -0.74 -20.38 18.99
CA PHE A 44 -0.65 -19.76 20.34
C PHE A 44 -0.94 -18.26 20.25
N ASP A 45 -1.46 -17.69 21.31
CA ASP A 45 -1.76 -16.23 21.29
C ASP A 45 -0.46 -15.43 21.17
N GLY A 46 -0.34 -14.62 20.15
CA GLY A 46 0.90 -13.83 19.96
C GLY A 46 1.18 -13.70 18.46
N LYS A 47 1.91 -12.69 18.06
CA LYS A 47 2.19 -12.51 16.61
C LYS A 47 3.63 -12.92 16.27
N VAL A 48 3.81 -13.62 15.19
CA VAL A 48 5.17 -14.05 14.76
C VAL A 48 5.70 -13.06 13.71
N PRO A 49 6.89 -12.56 13.92
CA PRO A 49 7.46 -11.58 12.98
C PRO A 49 8.26 -12.25 11.87
N HIS A 50 8.00 -11.91 10.65
CA HIS A 50 8.82 -12.43 9.53
C HIS A 50 9.88 -11.35 9.29
N TRP A 51 11.09 -11.54 9.79
CA TRP A 51 12.10 -10.47 9.69
C TRP A 51 12.85 -10.43 8.35
N TYR A 52 13.33 -9.26 8.03
CA TYR A 52 14.09 -9.05 6.77
C TYR A 52 15.14 -7.95 7.01
N HIS A 53 16.24 -7.97 6.30
CA HIS A 53 17.22 -6.85 6.45
C HIS A 53 16.48 -5.61 5.96
N PHE A 54 16.84 -4.44 6.40
CA PHE A 54 16.09 -3.20 5.97
C PHE A 54 15.83 -3.16 4.44
N SER A 55 16.84 -3.35 3.64
CA SER A 55 16.66 -3.31 2.15
C SER A 55 15.80 -4.47 1.63
N CYS A 56 16.05 -5.68 2.07
CA CYS A 56 15.26 -6.85 1.57
C CYS A 56 13.75 -6.66 1.80
N PHE A 57 13.39 -6.07 2.91
CA PHE A 57 11.92 -5.87 3.21
C PHE A 57 11.15 -5.22 2.05
N TRP A 58 11.76 -4.29 1.33
CA TRP A 58 11.04 -3.59 0.24
C TRP A 58 11.12 -4.35 -1.09
N LYS A 59 12.06 -5.26 -1.21
CA LYS A 59 12.20 -6.00 -2.51
C LYS A 59 11.23 -7.19 -2.59
N VAL A 60 10.41 -7.40 -1.59
CA VAL A 60 9.44 -8.54 -1.63
C VAL A 60 8.04 -8.06 -2.06
N GLY A 61 7.72 -6.83 -1.81
CA GLY A 61 6.38 -6.32 -2.19
C GLY A 61 5.77 -5.55 -1.00
N HIS A 62 6.36 -5.67 0.16
CA HIS A 62 5.81 -4.94 1.35
C HIS A 62 5.77 -3.43 1.06
N SER A 63 4.72 -2.77 1.46
CA SER A 63 4.64 -1.30 1.17
C SER A 63 4.11 -0.53 2.38
N ILE A 64 4.63 0.64 2.61
CA ILE A 64 4.16 1.47 3.76
C ILE A 64 4.11 2.95 3.35
N ARG A 65 2.96 3.56 3.43
CA ARG A 65 2.85 5.00 3.03
C ARG A 65 3.19 5.88 4.23
N HIS A 66 2.69 5.52 5.38
CA HIS A 66 2.97 6.31 6.63
C HIS A 66 3.60 5.41 7.70
N PRO A 67 4.92 5.40 7.75
CA PRO A 67 5.65 4.56 8.75
C PRO A 67 5.28 4.91 10.20
N ASP A 68 5.30 6.19 10.57
CA ASP A 68 4.96 6.58 11.96
C ASP A 68 3.67 5.90 12.51
N VAL A 69 2.68 5.70 11.69
CA VAL A 69 1.41 5.07 12.19
C VAL A 69 1.26 3.59 11.82
N GLU A 70 1.92 3.13 10.77
CA GLU A 70 1.75 1.69 10.36
C GLU A 70 2.88 0.79 10.88
N VAL A 71 3.98 1.33 11.33
CA VAL A 71 5.09 0.44 11.81
C VAL A 71 5.38 0.64 13.30
N ASP A 72 5.16 -0.40 14.09
CA ASP A 72 5.41 -0.31 15.55
C ASP A 72 6.92 -0.17 15.80
N GLY A 73 7.32 0.63 16.78
CA GLY A 73 8.78 0.78 17.08
C GLY A 73 9.40 1.91 16.24
N PHE A 74 8.67 2.45 15.30
CA PHE A 74 9.25 3.55 14.43
C PHE A 74 9.72 4.73 15.27
N SER A 75 8.88 5.21 16.14
CA SER A 75 9.25 6.40 16.98
C SER A 75 10.47 6.13 17.90
N GLU A 76 10.80 4.88 18.20
CA GLU A 76 11.98 4.63 19.06
C GLU A 76 13.28 4.47 18.25
N LEU A 77 13.22 4.53 16.94
CA LEU A 77 14.46 4.40 16.12
C LEU A 77 15.27 5.69 16.23
N ARG A 78 16.54 5.62 15.95
CA ARG A 78 17.36 6.87 15.98
C ARG A 78 16.85 7.80 14.88
N TRP A 79 17.02 9.09 15.04
CA TRP A 79 16.50 10.07 14.03
C TRP A 79 16.85 9.68 12.59
N ASP A 80 18.12 9.51 12.29
CA ASP A 80 18.52 9.15 10.89
C ASP A 80 17.78 7.91 10.39
N ASP A 81 17.63 6.91 11.22
CA ASP A 81 16.90 5.68 10.77
C ASP A 81 15.43 6.00 10.55
N GLN A 82 14.90 6.93 11.29
CA GLN A 82 13.46 7.32 11.12
C GLN A 82 13.32 8.01 9.76
N GLN A 83 14.32 8.77 9.37
CA GLN A 83 14.25 9.47 8.06
C GLN A 83 14.48 8.46 6.94
N LYS A 84 15.41 7.56 7.13
CA LYS A 84 15.68 6.51 6.09
C LYS A 84 14.42 5.71 5.83
N VAL A 85 13.75 5.27 6.87
CA VAL A 85 12.50 4.49 6.68
C VAL A 85 11.43 5.39 6.03
N LYS A 86 11.36 6.63 6.47
CA LYS A 86 10.33 7.56 5.90
C LYS A 86 10.58 7.79 4.41
N LYS A 87 11.82 8.01 4.03
CA LYS A 87 12.11 8.26 2.60
C LYS A 87 11.98 6.96 1.79
N THR A 88 12.49 5.87 2.30
CA THR A 88 12.38 4.57 1.57
C THR A 88 10.91 4.23 1.36
N ALA A 89 10.09 4.53 2.34
CA ALA A 89 8.63 4.24 2.21
C ALA A 89 8.05 5.08 1.07
N GLU A 90 8.39 6.33 1.01
CA GLU A 90 7.87 7.21 -0.07
C GLU A 90 8.34 6.69 -1.44
N ALA A 91 9.62 6.46 -1.59
CA ALA A 91 10.14 5.96 -2.89
C ALA A 91 9.44 4.65 -3.28
N GLY A 92 9.64 4.20 -4.49
CA GLY A 92 8.98 2.94 -4.94
C GLY A 92 10.02 2.03 -5.59
N GLY A 93 10.81 2.56 -6.50
CA GLY A 93 11.83 1.72 -7.17
C GLY A 93 12.12 2.29 -8.56
N VAL A 94 12.99 3.26 -8.65
CA VAL A 94 13.31 3.85 -9.99
C VAL A 94 13.87 2.79 -10.93
N THR A 95 13.56 2.89 -12.19
CA THR A 95 14.06 1.87 -13.17
C THR A 95 14.41 2.55 -14.51
N GLY A 96 15.41 2.07 -15.18
CA GLY A 96 15.80 2.68 -16.49
C GLY A 96 17.30 2.55 -16.69
N LYS A 97 17.74 1.51 -17.36
CA LYS A 97 19.20 1.32 -17.58
C LYS A 97 19.54 1.61 -19.06
N GLY A 98 18.86 2.54 -19.66
CA GLY A 98 19.15 2.86 -21.09
C GLY A 98 17.99 3.68 -21.67
N GLN A 99 18.04 4.97 -21.54
CA GLN A 99 16.95 5.82 -22.08
C GLN A 99 17.51 7.16 -22.57
N ASP A 100 16.67 8.16 -22.69
CA ASP A 100 17.16 9.49 -23.16
C ASP A 100 16.43 10.61 -22.41
N GLY A 101 16.19 10.42 -21.14
CA GLY A 101 15.49 11.48 -20.36
C GLY A 101 14.00 11.11 -20.20
N ILE A 102 13.48 11.25 -19.01
CA ILE A 102 12.04 10.90 -18.80
C ILE A 102 11.28 12.12 -18.23
N GLY A 103 11.69 12.59 -17.08
CA GLY A 103 11.00 13.77 -16.49
C GLY A 103 9.65 13.33 -15.89
N SER A 104 9.67 12.42 -14.96
CA SER A 104 8.40 11.96 -14.34
C SER A 104 8.13 12.72 -13.04
N LYS A 105 7.53 13.87 -13.13
CA LYS A 105 7.24 14.67 -11.89
C LYS A 105 5.83 14.35 -11.38
N ALA A 106 5.69 13.30 -10.62
CA ALA A 106 4.34 12.94 -10.10
C ALA A 106 4.47 12.33 -8.70
N GLU A 107 3.95 12.98 -7.69
CA GLU A 107 4.04 12.44 -6.31
C GLU A 107 2.65 12.33 -5.68
N LYS A 108 1.66 12.06 -6.48
CA LYS A 108 0.27 11.93 -5.94
C LYS A 108 -0.34 10.60 -6.38
N THR A 109 -0.20 9.58 -5.58
CA THR A 109 -0.78 8.25 -5.95
C THR A 109 -1.18 7.48 -4.69
N LEU A 110 -2.39 7.02 -4.62
CA LEU A 110 -2.85 6.26 -3.42
C LEU A 110 -2.10 4.93 -3.33
N GLY A 111 -1.85 4.45 -2.15
CA GLY A 111 -1.12 3.16 -1.99
C GLY A 111 -2.10 2.03 -1.69
N ASP A 112 -3.35 2.35 -1.43
CA ASP A 112 -4.34 1.28 -1.12
C ASP A 112 -5.44 1.20 -2.19
N PHE A 113 -5.31 1.94 -3.27
CA PHE A 113 -6.34 1.91 -4.34
C PHE A 113 -5.67 1.66 -5.69
N ALA A 114 -6.16 0.75 -6.49
CA ALA A 114 -5.48 0.48 -7.79
C ALA A 114 -6.48 0.23 -8.93
N ALA A 115 -6.01 0.42 -10.13
CA ALA A 115 -6.86 0.20 -11.34
C ALA A 115 -6.03 -0.53 -12.39
N GLU A 116 -6.53 -1.58 -12.97
CA GLU A 116 -5.76 -2.33 -13.99
C GLU A 116 -6.68 -3.22 -14.82
N TYR A 117 -6.21 -3.70 -15.93
CA TYR A 117 -7.05 -4.63 -16.73
C TYR A 117 -6.96 -6.01 -16.10
N ALA A 118 -8.07 -6.70 -15.96
CA ALA A 118 -8.05 -8.04 -15.31
C ALA A 118 -6.97 -8.95 -15.91
N LYS A 119 -5.95 -9.29 -15.13
CA LYS A 119 -4.88 -10.19 -15.62
C LYS A 119 -5.45 -11.57 -15.94
N SER A 120 -6.60 -11.89 -15.41
CA SER A 120 -7.22 -13.23 -15.69
C SER A 120 -8.74 -13.13 -15.57
N ASN A 121 -9.42 -14.25 -15.55
CA ASN A 121 -10.92 -14.21 -15.44
C ASN A 121 -11.41 -14.96 -14.19
N ARG A 122 -10.53 -15.26 -13.27
CA ARG A 122 -10.97 -15.99 -12.03
C ARG A 122 -11.15 -15.01 -10.86
N SER A 123 -10.96 -13.72 -11.07
CA SER A 123 -11.16 -12.75 -9.96
C SER A 123 -12.66 -12.53 -9.81
N THR A 124 -13.09 -11.84 -8.78
CA THR A 124 -14.56 -11.65 -8.60
C THR A 124 -14.85 -10.27 -7.99
N CYS A 125 -15.75 -9.52 -8.60
CA CYS A 125 -16.11 -8.21 -8.03
C CYS A 125 -16.73 -8.42 -6.63
N LYS A 126 -16.14 -7.82 -5.62
CA LYS A 126 -16.67 -7.99 -4.23
C LYS A 126 -17.89 -7.08 -3.95
N GLY A 127 -18.55 -6.60 -4.97
CA GLY A 127 -19.73 -5.72 -4.77
C GLY A 127 -20.97 -6.47 -5.25
N CYS A 128 -20.86 -7.13 -6.37
CA CYS A 128 -22.01 -7.93 -6.91
C CYS A 128 -21.63 -9.44 -6.95
N MET A 129 -20.44 -9.80 -6.51
CA MET A 129 -19.99 -11.22 -6.53
C MET A 129 -19.99 -11.85 -7.94
N GLU A 130 -20.10 -11.05 -8.97
CA GLU A 130 -20.05 -11.62 -10.35
C GLU A 130 -18.60 -11.67 -10.82
N LYS A 131 -18.23 -12.67 -11.57
CA LYS A 131 -16.80 -12.80 -12.01
C LYS A 131 -16.41 -11.66 -12.95
N ILE A 132 -15.17 -11.22 -12.85
CA ILE A 132 -14.68 -10.17 -13.78
C ILE A 132 -13.98 -10.87 -14.94
N GLU A 133 -14.29 -10.49 -16.17
CA GLU A 133 -13.64 -11.18 -17.33
C GLU A 133 -12.23 -10.66 -17.57
N LYS A 134 -11.33 -11.53 -17.96
CA LYS A 134 -9.93 -11.09 -18.28
C LYS A 134 -9.93 -9.93 -19.28
N GLY A 135 -9.13 -8.92 -19.05
CA GLY A 135 -9.07 -7.75 -19.99
C GLY A 135 -9.99 -6.63 -19.49
N GLN A 136 -11.06 -6.97 -18.79
CA GLN A 136 -11.99 -5.93 -18.30
C GLN A 136 -11.32 -5.03 -17.25
N VAL A 137 -11.60 -3.75 -17.30
CA VAL A 137 -11.00 -2.82 -16.31
C VAL A 137 -11.59 -3.10 -14.93
N ARG A 138 -10.77 -3.17 -13.93
CA ARG A 138 -11.28 -3.44 -12.55
C ARG A 138 -10.58 -2.52 -11.56
N LEU A 139 -11.23 -2.21 -10.48
CA LEU A 139 -10.62 -1.33 -9.44
C LEU A 139 -10.49 -2.10 -8.13
N SER A 140 -9.66 -1.65 -7.21
CA SER A 140 -9.55 -2.42 -5.96
C SER A 140 -9.14 -1.57 -4.76
N LYS A 141 -9.64 -1.95 -3.61
CA LYS A 141 -9.28 -1.27 -2.35
C LYS A 141 -8.37 -2.21 -1.54
N LYS A 142 -7.10 -1.98 -1.58
CA LYS A 142 -6.14 -2.86 -0.84
C LYS A 142 -6.54 -3.00 0.63
N MET A 143 -6.46 -4.20 1.15
CA MET A 143 -6.80 -4.43 2.58
C MET A 143 -5.97 -5.61 3.11
N VAL A 144 -5.80 -5.69 4.40
CA VAL A 144 -5.00 -6.82 4.95
C VAL A 144 -5.90 -7.81 5.69
N ASP A 145 -5.66 -9.08 5.54
CA ASP A 145 -6.50 -10.09 6.24
C ASP A 145 -5.77 -10.57 7.50
N PRO A 146 -6.45 -10.51 8.63
CA PRO A 146 -5.83 -10.96 9.90
C PRO A 146 -5.61 -12.47 9.87
N GLU A 147 -6.32 -13.17 9.01
CA GLU A 147 -6.14 -14.65 8.93
C GLU A 147 -4.94 -14.99 8.05
N LYS A 148 -4.60 -14.12 7.12
CA LYS A 148 -3.43 -14.37 6.24
C LYS A 148 -2.52 -13.13 6.25
N PRO A 149 -1.85 -12.94 7.36
CA PRO A 149 -0.97 -11.76 7.52
C PRO A 149 0.30 -11.89 6.65
N GLN A 150 0.71 -13.09 6.32
CA GLN A 150 1.93 -13.24 5.46
C GLN A 150 1.70 -12.63 4.08
N LEU A 151 0.45 -12.43 3.70
CA LEU A 151 0.16 -11.84 2.36
C LEU A 151 0.21 -10.30 2.43
N GLY A 152 -0.28 -9.73 3.49
CA GLY A 152 -0.22 -8.25 3.64
C GLY A 152 -1.30 -7.58 2.77
N MET A 153 -1.01 -6.41 2.29
CA MET A 153 -1.97 -5.65 1.43
C MET A 153 -2.52 -6.53 0.29
N ILE A 154 -3.76 -6.95 0.36
CA ILE A 154 -4.33 -7.78 -0.73
C ILE A 154 -5.39 -6.96 -1.48
N ASP A 155 -5.44 -7.06 -2.78
CA ASP A 155 -6.44 -6.28 -3.54
C ASP A 155 -7.86 -6.87 -3.44
N ARG A 156 -8.81 -6.03 -3.16
CA ARG A 156 -10.24 -6.45 -3.13
C ARG A 156 -10.80 -5.86 -4.43
N TRP A 157 -11.03 -6.68 -5.43
CA TRP A 157 -11.45 -6.14 -6.75
C TRP A 157 -12.95 -5.84 -6.88
N TYR A 158 -13.24 -5.00 -7.83
CA TYR A 158 -14.64 -4.58 -8.09
C TYR A 158 -14.76 -4.06 -9.52
N HIS A 159 -15.94 -4.05 -10.06
CA HIS A 159 -16.13 -3.43 -11.39
C HIS A 159 -16.08 -1.92 -11.11
N PRO A 160 -15.63 -1.12 -12.03
CA PRO A 160 -15.56 0.35 -11.77
C PRO A 160 -16.92 0.89 -11.30
N GLY A 161 -18.00 0.49 -11.94
CA GLY A 161 -19.34 0.96 -11.51
C GLY A 161 -19.62 0.47 -10.08
N CYS A 162 -19.46 -0.82 -9.84
CA CYS A 162 -19.70 -1.35 -8.45
C CYS A 162 -18.81 -0.62 -7.43
N PHE A 163 -17.56 -0.35 -7.79
CA PHE A 163 -16.64 0.35 -6.86
C PHE A 163 -17.18 1.75 -6.54
N VAL A 164 -17.63 2.46 -7.55
CA VAL A 164 -18.15 3.83 -7.31
C VAL A 164 -19.39 3.78 -6.39
N LYS A 165 -20.23 2.79 -6.55
CA LYS A 165 -21.45 2.71 -5.68
C LYS A 165 -21.06 2.61 -4.21
N ASN A 166 -19.97 1.96 -3.91
CA ASN A 166 -19.52 1.82 -2.48
C ASN A 166 -18.30 2.71 -2.18
N ARG A 167 -18.14 3.81 -2.89
CA ARG A 167 -16.95 4.69 -2.65
C ARG A 167 -16.82 5.09 -1.18
N GLU A 168 -17.91 5.35 -0.54
CA GLU A 168 -17.85 5.77 0.90
C GLU A 168 -17.31 4.65 1.81
N GLU A 169 -17.95 3.51 1.78
CA GLU A 169 -17.50 2.38 2.65
C GLU A 169 -16.10 1.92 2.27
N LEU A 170 -15.72 2.08 1.03
CA LEU A 170 -14.35 1.64 0.60
C LEU A 170 -13.29 2.68 0.98
N GLY A 171 -13.68 3.78 1.61
CA GLY A 171 -12.69 4.80 2.03
C GLY A 171 -12.18 5.62 0.84
N PHE A 172 -12.93 5.69 -0.23
CA PHE A 172 -12.48 6.51 -1.41
C PHE A 172 -13.06 7.92 -1.27
N ARG A 173 -12.44 8.73 -0.45
CA ARG A 173 -12.94 10.13 -0.22
C ARG A 173 -13.30 10.85 -1.52
N PRO A 174 -14.14 11.88 -1.41
CA PRO A 174 -14.60 12.64 -2.59
C PRO A 174 -13.49 13.55 -3.15
N GLU A 175 -12.43 13.78 -2.39
CA GLU A 175 -11.32 14.65 -2.92
C GLU A 175 -10.41 13.83 -3.84
N TYR A 176 -10.50 12.52 -3.79
CA TYR A 176 -9.65 11.67 -4.66
C TYR A 176 -10.21 11.63 -6.08
N SER A 177 -9.33 11.56 -7.04
CA SER A 177 -9.76 11.49 -8.47
C SER A 177 -9.21 10.21 -9.10
N ALA A 178 -9.73 9.83 -10.23
CA ALA A 178 -9.26 8.57 -10.90
C ALA A 178 -7.75 8.58 -11.14
N SER A 179 -7.19 9.73 -11.39
CA SER A 179 -5.71 9.83 -11.66
C SER A 179 -4.86 9.39 -10.46
N GLN A 180 -5.45 9.26 -9.30
CA GLN A 180 -4.64 8.85 -8.09
C GLN A 180 -4.61 7.32 -7.91
N LEU A 181 -5.35 6.59 -8.68
CA LEU A 181 -5.35 5.10 -8.52
C LEU A 181 -4.01 4.49 -8.95
N LYS A 182 -3.48 3.59 -8.16
CA LYS A 182 -2.18 2.95 -8.52
C LYS A 182 -2.35 2.14 -9.81
N GLY A 183 -1.62 2.48 -10.85
CA GLY A 183 -1.74 1.73 -12.14
C GLY A 183 -2.51 2.56 -13.18
N PHE A 184 -3.10 3.66 -12.78
CA PHE A 184 -3.88 4.51 -13.74
C PHE A 184 -3.08 4.82 -15.01
N SER A 185 -1.90 5.34 -14.85
CA SER A 185 -1.05 5.72 -16.02
C SER A 185 -0.91 4.62 -17.08
N LEU A 186 -1.07 3.35 -16.72
CA LEU A 186 -0.90 2.25 -17.74
C LEU A 186 -2.20 1.95 -18.51
N LEU A 187 -3.24 2.72 -18.31
CA LEU A 187 -4.52 2.45 -19.02
C LEU A 187 -4.59 3.25 -20.32
N ALA A 188 -5.24 2.71 -21.32
CA ALA A 188 -5.39 3.44 -22.60
C ALA A 188 -6.15 4.76 -22.35
N THR A 189 -5.88 5.78 -23.13
CA THR A 189 -6.59 7.10 -22.93
C THR A 189 -8.10 6.92 -22.76
N GLU A 190 -8.72 6.14 -23.59
CA GLU A 190 -10.20 5.92 -23.49
C GLU A 190 -10.57 5.41 -22.09
N ASP A 191 -9.88 4.41 -21.61
CA ASP A 191 -10.18 3.86 -20.26
C ASP A 191 -9.93 4.92 -19.17
N LYS A 192 -8.89 5.71 -19.32
CA LYS A 192 -8.59 6.75 -18.29
C LYS A 192 -9.70 7.80 -18.26
N GLU A 193 -10.21 8.18 -19.40
CA GLU A 193 -11.30 9.20 -19.43
C GLU A 193 -12.56 8.66 -18.73
N ALA A 194 -12.93 7.44 -19.02
CA ALA A 194 -14.15 6.84 -18.38
C ALA A 194 -14.03 6.90 -16.85
N LEU A 195 -12.86 6.62 -16.33
CA LEU A 195 -12.67 6.65 -14.85
C LEU A 195 -12.75 8.10 -14.34
N LYS A 196 -11.95 8.99 -14.90
CA LYS A 196 -12.01 10.42 -14.46
C LYS A 196 -13.46 10.92 -14.48
N LYS A 197 -14.24 10.38 -15.36
CA LYS A 197 -15.68 10.80 -15.48
C LYS A 197 -16.47 10.40 -14.22
N GLN A 198 -16.28 9.19 -13.75
CA GLN A 198 -17.04 8.73 -12.54
C GLN A 198 -16.35 9.16 -11.24
N LEU A 199 -15.04 9.30 -11.26
CA LEU A 199 -14.32 9.75 -10.04
C LEU A 199 -13.59 11.06 -10.38
N PRO A 200 -14.32 12.14 -10.40
CA PRO A 200 -13.73 13.46 -10.75
C PRO A 200 -12.81 14.01 -9.64
N GLY A 201 -13.24 13.89 -8.41
CA GLY A 201 -12.40 14.41 -7.29
C GLY A 201 -12.58 15.92 -7.17
N VAL A 202 -12.13 16.50 -6.10
CA VAL A 202 -12.27 17.98 -5.93
C VAL A 202 -10.99 18.57 -5.34
N LYS A 203 -10.84 19.86 -5.38
CA LYS A 203 -9.62 20.50 -4.82
C LYS A 203 -9.60 20.34 -3.30
N SER A 204 -8.52 20.73 -2.67
CA SER A 204 -8.43 20.60 -1.18
C SER A 204 -7.77 21.84 -0.57
N GLU A 205 -7.58 21.85 0.72
CA GLU A 205 -6.95 23.03 1.37
C GLU A 205 -5.92 22.57 2.42
N GLY A 206 -5.13 23.48 2.92
CA GLY A 206 -4.10 23.09 3.93
C GLY A 206 -4.75 23.04 5.32
N LYS A 207 -4.18 22.30 6.22
CA LYS A 207 -4.75 22.20 7.59
C LYS A 207 -3.63 22.08 8.63
N ARG A 208 -2.71 23.00 8.62
CA ARG A 208 -1.59 22.94 9.61
C ARG A 208 -1.59 24.19 10.49
N LYS A 209 -2.41 24.23 11.50
CA LYS A 209 -2.46 25.43 12.39
C LYS A 209 -1.34 25.34 13.44
N GLY A 210 -0.37 26.22 13.34
CA GLY A 210 0.75 26.19 14.32
C GLY A 210 0.59 27.34 15.32
N ASP A 211 -0.11 27.11 16.40
CA ASP A 211 -0.30 28.19 17.41
C ASP A 211 0.74 28.06 18.52
N GLU A 212 1.69 28.96 18.57
CA GLU A 212 2.73 28.88 19.64
C GLU A 212 2.14 29.22 21.01
N VAL A 213 1.91 28.23 21.83
CA VAL A 213 1.33 28.48 23.19
C VAL A 213 0.05 29.33 23.06
N ASP A 214 -0.77 29.03 22.11
CA ASP A 214 -2.04 29.81 21.94
C ASP A 214 -2.98 29.10 20.96
ZN ZN C . 18.14 -10.04 3.51
ZN ZN D . -19.56 -5.87 -9.87
N MET A 1 -4.27 5.96 20.11
CA MET A 1 -3.94 5.16 21.32
C MET A 1 -2.64 4.38 21.09
N ALA A 2 -1.53 4.94 21.49
CA ALA A 2 -0.23 4.24 21.30
C ALA A 2 0.15 3.47 22.57
N GLU A 3 -0.49 2.35 22.79
CA GLU A 3 -0.18 1.54 24.01
C GLU A 3 -0.74 0.12 23.87
N SER A 4 -0.79 -0.38 22.67
CA SER A 4 -1.32 -1.76 22.46
C SER A 4 -0.54 -2.47 21.36
N SER A 5 -0.55 -3.78 21.35
CA SER A 5 0.20 -4.53 20.31
C SER A 5 -0.75 -4.95 19.17
N ASP A 6 -1.30 -3.99 18.47
CA ASP A 6 -2.24 -4.33 17.36
C ASP A 6 -1.66 -3.87 16.02
N LYS A 7 -0.59 -3.11 16.04
CA LYS A 7 0.01 -2.63 14.75
C LYS A 7 0.35 -3.83 13.86
N LEU A 8 0.43 -3.62 12.57
CA LEU A 8 0.73 -4.75 11.65
C LEU A 8 2.24 -4.89 11.43
N TYR A 9 3.00 -3.86 11.71
CA TYR A 9 4.48 -3.95 11.48
C TYR A 9 5.27 -3.53 12.73
N ARG A 10 6.51 -3.95 12.79
CA ARG A 10 7.38 -3.58 13.94
C ARG A 10 8.79 -3.24 13.44
N VAL A 11 9.38 -2.26 14.04
CA VAL A 11 10.77 -1.88 13.64
C VAL A 11 11.62 -1.74 14.90
N GLU A 12 12.83 -2.21 14.87
CA GLU A 12 13.67 -2.11 16.10
C GLU A 12 15.10 -2.56 15.80
N TYR A 13 15.99 -2.30 16.72
CA TYR A 13 17.38 -2.76 16.54
C TYR A 13 17.42 -4.23 16.95
N ALA A 14 17.93 -5.08 16.09
CA ALA A 14 17.96 -6.55 16.36
C ALA A 14 18.33 -6.91 17.80
N LYS A 15 17.42 -7.56 18.50
CA LYS A 15 17.71 -7.98 19.91
C LYS A 15 18.76 -9.09 19.91
N SER A 16 18.92 -9.75 18.79
CA SER A 16 19.94 -10.83 18.67
C SER A 16 20.38 -10.93 17.20
N GLY A 17 21.32 -11.80 16.90
CA GLY A 17 21.80 -11.92 15.50
C GLY A 17 21.40 -13.27 14.95
N ARG A 18 20.42 -13.91 15.55
CA ARG A 18 19.98 -15.27 15.09
C ARG A 18 18.78 -15.20 14.13
N ALA A 19 18.09 -14.10 14.07
CA ALA A 19 16.93 -14.01 13.12
C ALA A 19 17.40 -14.06 11.66
N SER A 20 16.66 -14.73 10.82
CA SER A 20 17.07 -14.75 9.39
C SER A 20 16.05 -14.03 8.55
N CYS A 21 16.56 -13.28 7.63
CA CYS A 21 15.68 -12.47 6.75
C CYS A 21 14.76 -13.33 5.92
N LYS A 22 13.48 -13.06 5.96
CA LYS A 22 12.50 -13.89 5.19
C LYS A 22 12.61 -13.64 3.68
N LYS A 23 13.42 -12.70 3.25
CA LYS A 23 13.56 -12.42 1.79
C LYS A 23 14.86 -13.01 1.23
N CYS A 24 16.00 -12.63 1.75
CA CYS A 24 17.29 -13.15 1.25
C CYS A 24 17.87 -14.32 2.07
N SER A 25 17.23 -14.66 3.18
CA SER A 25 17.68 -15.80 4.07
C SER A 25 18.97 -15.52 4.88
N GLU A 26 19.67 -14.44 4.64
CA GLU A 26 20.90 -14.18 5.48
C GLU A 26 20.51 -13.75 6.86
N SER A 27 21.40 -13.94 7.80
CA SER A 27 21.08 -13.59 9.21
C SER A 27 21.02 -12.08 9.42
N ILE A 28 20.20 -11.64 10.33
CA ILE A 28 20.12 -10.19 10.62
C ILE A 28 21.03 -9.93 11.83
N PRO A 29 22.06 -9.13 11.65
CA PRO A 29 23.04 -8.89 12.74
C PRO A 29 22.43 -8.14 13.93
N LYS A 30 22.83 -8.53 15.13
CA LYS A 30 22.30 -7.89 16.37
C LYS A 30 22.50 -6.37 16.34
N ASP A 31 21.55 -5.62 16.87
CA ASP A 31 21.63 -4.11 16.90
C ASP A 31 21.35 -3.47 15.53
N SER A 32 21.29 -4.25 14.47
CA SER A 32 21.02 -3.66 13.13
C SER A 32 19.55 -3.30 13.02
N LEU A 33 19.21 -2.36 12.18
CA LEU A 33 17.78 -1.97 12.03
C LEU A 33 17.05 -3.01 11.19
N ARG A 34 16.03 -3.63 11.77
CA ARG A 34 15.27 -4.67 11.02
C ARG A 34 13.77 -4.36 11.11
N MET A 35 13.01 -4.85 10.17
CA MET A 35 11.54 -4.60 10.18
C MET A 35 10.80 -5.92 10.02
N ALA A 36 9.59 -6.01 10.53
CA ALA A 36 8.85 -7.28 10.39
C ALA A 36 7.35 -7.04 10.23
N ILE A 37 6.70 -7.96 9.57
CA ILE A 37 5.22 -7.88 9.44
C ILE A 37 4.63 -8.81 10.50
N MET A 38 3.93 -8.27 11.47
CA MET A 38 3.39 -9.12 12.57
C MET A 38 2.28 -10.05 12.09
N VAL A 39 2.21 -11.22 12.68
CA VAL A 39 1.15 -12.19 12.29
C VAL A 39 0.61 -12.90 13.54
N GLN A 40 -0.66 -13.17 13.57
CA GLN A 40 -1.23 -13.86 14.78
C GLN A 40 -1.03 -15.37 14.65
N SER A 41 -0.51 -15.99 15.69
CA SER A 41 -0.28 -17.46 15.62
C SER A 41 -1.51 -18.23 16.15
N PRO A 42 -1.92 -19.22 15.40
CA PRO A 42 -3.10 -20.03 15.81
C PRO A 42 -2.69 -21.13 16.81
N MET A 43 -1.42 -21.24 17.11
CA MET A 43 -0.97 -22.30 18.07
C MET A 43 -0.85 -21.72 19.48
N PHE A 44 -0.83 -20.43 19.62
CA PHE A 44 -0.70 -19.81 20.97
C PHE A 44 -1.00 -18.31 20.91
N ASP A 45 -1.51 -17.76 21.98
CA ASP A 45 -1.82 -16.29 21.99
C ASP A 45 -0.52 -15.49 21.85
N GLY A 46 -0.44 -14.66 20.85
CA GLY A 46 0.81 -13.86 20.65
C GLY A 46 1.06 -13.72 19.15
N LYS A 47 1.78 -12.71 18.74
CA LYS A 47 2.03 -12.51 17.29
C LYS A 47 3.48 -12.90 16.92
N VAL A 48 3.65 -13.56 15.79
CA VAL A 48 5.02 -13.96 15.36
C VAL A 48 5.52 -12.96 14.31
N PRO A 49 6.72 -12.46 14.50
CA PRO A 49 7.26 -11.46 13.55
C PRO A 49 8.05 -12.12 12.42
N HIS A 50 7.74 -11.75 11.21
CA HIS A 50 8.55 -12.25 10.06
C HIS A 50 9.59 -11.15 9.82
N TRP A 51 10.81 -11.35 10.29
CA TRP A 51 11.82 -10.27 10.17
C TRP A 51 12.53 -10.21 8.82
N TYR A 52 13.00 -9.04 8.51
CA TYR A 52 13.73 -8.80 7.23
C TYR A 52 14.77 -7.70 7.45
N HIS A 53 15.86 -7.70 6.71
CA HIS A 53 16.83 -6.57 6.86
C HIS A 53 16.07 -5.34 6.41
N PHE A 54 16.43 -4.16 6.85
CA PHE A 54 15.68 -2.93 6.45
C PHE A 54 15.37 -2.88 4.94
N SER A 55 16.37 -3.04 4.11
CA SER A 55 16.14 -2.98 2.62
C SER A 55 15.28 -4.14 2.10
N CYS A 56 15.55 -5.35 2.52
CA CYS A 56 14.76 -6.53 2.02
C CYS A 56 13.26 -6.35 2.30
N PHE A 57 12.91 -5.78 3.41
CA PHE A 57 11.45 -5.61 3.76
C PHE A 57 10.64 -4.93 2.62
N TRP A 58 11.24 -3.99 1.90
CA TRP A 58 10.48 -3.28 0.85
C TRP A 58 10.54 -4.02 -0.50
N LYS A 59 11.47 -4.92 -0.66
CA LYS A 59 11.58 -5.65 -1.96
C LYS A 59 10.63 -6.85 -2.05
N VAL A 60 9.85 -7.09 -1.02
CA VAL A 60 8.91 -8.25 -1.04
C VAL A 60 7.48 -7.79 -1.38
N GLY A 61 7.18 -6.54 -1.19
CA GLY A 61 5.80 -6.05 -1.49
C GLY A 61 5.23 -5.30 -0.28
N HIS A 62 5.85 -5.44 0.87
CA HIS A 62 5.34 -4.71 2.08
C HIS A 62 5.27 -3.21 1.80
N SER A 63 4.24 -2.54 2.23
CA SER A 63 4.13 -1.08 1.96
C SER A 63 3.62 -0.33 3.19
N ILE A 64 4.13 0.86 3.42
CA ILE A 64 3.68 1.67 4.59
C ILE A 64 3.60 3.16 4.18
N ARG A 65 2.44 3.75 4.32
CA ARG A 65 2.29 5.19 3.95
C ARG A 65 2.67 6.07 5.14
N HIS A 66 2.21 5.70 6.30
CA HIS A 66 2.52 6.48 7.55
C HIS A 66 3.17 5.57 8.59
N PRO A 67 4.49 5.57 8.61
CA PRO A 67 5.24 4.72 9.57
C PRO A 67 4.91 5.06 11.05
N ASP A 68 4.92 6.31 11.43
CA ASP A 68 4.61 6.70 12.84
C ASP A 68 3.36 6.00 13.40
N VAL A 69 2.33 5.81 12.61
CA VAL A 69 1.07 5.16 13.13
C VAL A 69 0.93 3.67 12.75
N GLU A 70 1.57 3.23 11.68
CA GLU A 70 1.41 1.80 11.24
C GLU A 70 2.55 0.90 11.73
N VAL A 71 3.65 1.44 12.16
CA VAL A 71 4.79 0.56 12.60
C VAL A 71 5.10 0.74 14.09
N ASP A 72 4.91 -0.31 14.86
CA ASP A 72 5.19 -0.23 16.32
C ASP A 72 6.71 -0.09 16.54
N GLY A 73 7.13 0.69 17.52
CA GLY A 73 8.59 0.86 17.79
C GLY A 73 9.19 2.00 16.94
N PHE A 74 8.44 2.54 16.03
CA PHE A 74 8.99 3.65 15.17
C PHE A 74 9.47 4.83 16.01
N SER A 75 8.64 5.30 16.90
CA SER A 75 9.03 6.48 17.75
C SER A 75 10.27 6.21 18.63
N GLU A 76 10.61 4.96 18.90
CA GLU A 76 11.82 4.70 19.74
C GLU A 76 13.10 4.55 18.90
N LEU A 77 13.00 4.64 17.59
CA LEU A 77 14.24 4.53 16.74
C LEU A 77 15.04 5.82 16.84
N ARG A 78 16.30 5.77 16.54
CA ARG A 78 17.11 7.02 16.56
C ARG A 78 16.56 7.96 15.48
N TRP A 79 16.73 9.24 15.66
CA TRP A 79 16.17 10.24 14.68
C TRP A 79 16.50 9.87 13.23
N ASP A 80 17.76 9.71 12.90
CA ASP A 80 18.14 9.38 11.48
C ASP A 80 17.39 8.13 10.98
N ASP A 81 17.26 7.12 11.79
CA ASP A 81 16.53 5.89 11.35
C ASP A 81 15.04 6.20 11.16
N GLN A 82 14.53 7.13 11.94
CA GLN A 82 13.09 7.50 11.80
C GLN A 82 12.91 8.22 10.46
N GLN A 83 13.88 8.99 10.05
CA GLN A 83 13.80 9.70 8.75
C GLN A 83 14.00 8.70 7.61
N LYS A 84 14.94 7.81 7.78
CA LYS A 84 15.20 6.78 6.71
C LYS A 84 13.93 5.96 6.46
N VAL A 85 13.29 5.51 7.51
CA VAL A 85 12.03 4.73 7.34
C VAL A 85 10.95 5.62 6.74
N LYS A 86 10.88 6.85 7.19
CA LYS A 86 9.83 7.79 6.67
C LYS A 86 10.04 8.04 5.17
N LYS A 87 11.27 8.27 4.77
CA LYS A 87 11.53 8.54 3.32
C LYS A 87 11.39 7.25 2.51
N THR A 88 11.92 6.16 2.99
CA THR A 88 11.80 4.87 2.24
C THR A 88 10.33 4.52 2.07
N ALA A 89 9.52 4.81 3.08
CA ALA A 89 8.07 4.51 2.97
C ALA A 89 7.46 5.36 1.86
N GLU A 90 7.80 6.61 1.81
CA GLU A 90 7.25 7.49 0.73
C GLU A 90 7.71 7.00 -0.64
N ALA A 91 8.99 6.77 -0.80
CA ALA A 91 9.50 6.29 -2.11
C ALA A 91 8.80 4.98 -2.51
N GLY A 92 9.11 4.47 -3.67
CA GLY A 92 8.46 3.20 -4.13
C GLY A 92 9.23 2.63 -5.32
N GLY A 93 9.84 1.49 -5.15
CA GLY A 93 10.61 0.88 -6.27
C GLY A 93 10.88 -0.59 -5.96
N VAL A 94 9.95 -1.46 -6.25
CA VAL A 94 10.15 -2.91 -5.98
C VAL A 94 10.41 -3.67 -7.28
N THR A 95 10.01 -3.11 -8.39
CA THR A 95 10.24 -3.80 -9.69
C THR A 95 10.31 -2.78 -10.83
N GLY A 96 10.54 -3.23 -12.04
CA GLY A 96 10.62 -2.27 -13.19
C GLY A 96 9.28 -1.55 -13.35
N LYS A 97 8.21 -2.20 -13.00
CA LYS A 97 6.87 -1.54 -13.14
C LYS A 97 6.19 -1.44 -11.78
N GLY A 98 6.95 -1.20 -10.74
CA GLY A 98 6.35 -1.09 -9.38
C GLY A 98 5.53 0.19 -9.29
N GLN A 99 6.00 1.16 -8.55
CA GLN A 99 5.24 2.44 -8.42
C GLN A 99 5.80 3.49 -9.38
N ASP A 100 5.29 4.69 -9.33
CA ASP A 100 5.78 5.76 -10.25
C ASP A 100 6.94 6.53 -9.59
N GLY A 101 8.10 5.95 -9.57
CA GLY A 101 9.27 6.64 -8.94
C GLY A 101 10.57 6.10 -9.55
N ILE A 102 11.47 6.97 -9.92
CA ILE A 102 12.76 6.51 -10.51
C ILE A 102 13.93 6.76 -9.54
N GLY A 103 13.73 7.64 -8.58
CA GLY A 103 14.82 7.93 -7.61
C GLY A 103 14.69 9.36 -7.10
N SER A 104 14.17 10.25 -7.92
CA SER A 104 14.02 11.66 -7.48
C SER A 104 12.75 12.27 -8.09
N LYS A 105 11.73 11.47 -8.26
CA LYS A 105 10.46 12.00 -8.86
C LYS A 105 9.26 11.45 -8.08
N ALA A 106 8.52 12.32 -7.44
CA ALA A 106 7.33 11.87 -6.66
C ALA A 106 6.04 12.27 -7.39
N GLU A 107 5.10 11.37 -7.48
CA GLU A 107 3.82 11.68 -8.16
C GLU A 107 2.63 11.38 -7.24
N LYS A 108 1.57 12.13 -7.36
CA LYS A 108 0.38 11.90 -6.48
C LYS A 108 -0.29 10.58 -6.86
N THR A 109 0.21 9.48 -6.37
CA THR A 109 -0.41 8.16 -6.71
C THR A 109 -0.76 7.40 -5.42
N LEU A 110 -2.00 6.99 -5.29
CA LEU A 110 -2.42 6.24 -4.07
C LEU A 110 -1.69 4.89 -4.01
N GLY A 111 -1.38 4.43 -2.83
CA GLY A 111 -0.67 3.12 -2.72
C GLY A 111 -1.66 2.01 -2.34
N ASP A 112 -2.89 2.35 -2.05
CA ASP A 112 -3.89 1.30 -1.66
C ASP A 112 -5.01 1.20 -2.71
N PHE A 113 -4.90 1.93 -3.80
CA PHE A 113 -5.96 1.86 -4.85
C PHE A 113 -5.32 1.61 -6.21
N ALA A 114 -5.84 0.69 -6.99
CA ALA A 114 -5.20 0.40 -8.31
C ALA A 114 -6.24 0.15 -9.42
N ALA A 115 -5.80 0.32 -10.63
CA ALA A 115 -6.68 0.10 -11.81
C ALA A 115 -5.87 -0.64 -12.88
N GLU A 116 -6.41 -1.70 -13.44
CA GLU A 116 -5.66 -2.45 -14.48
C GLU A 116 -6.62 -3.34 -15.26
N TYR A 117 -6.18 -3.85 -16.38
CA TYR A 117 -7.05 -4.76 -17.17
C TYR A 117 -6.97 -6.14 -16.51
N ALA A 118 -8.08 -6.82 -16.34
CA ALA A 118 -8.06 -8.16 -15.68
C ALA A 118 -7.00 -9.08 -16.31
N LYS A 119 -5.97 -9.43 -15.53
CA LYS A 119 -4.92 -10.33 -16.05
C LYS A 119 -5.51 -11.72 -16.35
N SER A 120 -6.65 -12.03 -15.78
CA SER A 120 -7.29 -13.35 -16.04
C SER A 120 -8.81 -13.24 -15.87
N ASN A 121 -9.51 -14.35 -15.83
CA ASN A 121 -11.00 -14.29 -15.68
C ASN A 121 -11.46 -15.02 -14.41
N ARG A 122 -10.56 -15.33 -13.50
CA ARG A 122 -10.98 -16.03 -12.26
C ARG A 122 -11.13 -15.05 -11.08
N SER A 123 -10.92 -13.77 -11.31
CA SER A 123 -11.08 -12.77 -10.20
C SER A 123 -12.58 -12.54 -10.01
N THR A 124 -12.97 -11.84 -8.99
CA THR A 124 -14.43 -11.62 -8.77
C THR A 124 -14.69 -10.24 -8.16
N CYS A 125 -15.60 -9.49 -8.75
CA CYS A 125 -15.92 -8.17 -8.18
C CYS A 125 -16.50 -8.36 -6.77
N LYS A 126 -15.89 -7.76 -5.78
CA LYS A 126 -16.38 -7.90 -4.38
C LYS A 126 -17.58 -6.97 -4.07
N GLY A 127 -18.27 -6.50 -5.08
CA GLY A 127 -19.43 -5.60 -4.85
C GLY A 127 -20.69 -6.35 -5.30
N CYS A 128 -20.62 -7.02 -6.42
CA CYS A 128 -21.78 -7.81 -6.91
C CYS A 128 -21.43 -9.32 -6.96
N MET A 129 -20.22 -9.70 -6.54
CA MET A 129 -19.80 -11.12 -6.56
C MET A 129 -19.83 -11.76 -7.96
N GLU A 130 -19.97 -10.98 -9.00
CA GLU A 130 -19.96 -11.55 -10.37
C GLU A 130 -18.53 -11.62 -10.87
N LYS A 131 -18.19 -12.64 -11.63
CA LYS A 131 -16.78 -12.79 -12.10
C LYS A 131 -16.40 -11.66 -13.06
N ILE A 132 -15.15 -11.22 -13.00
CA ILE A 132 -14.67 -10.19 -13.95
C ILE A 132 -14.01 -10.92 -15.14
N GLU A 133 -14.34 -10.54 -16.35
CA GLU A 133 -13.74 -11.24 -17.53
C GLU A 133 -12.32 -10.74 -17.80
N LYS A 134 -11.45 -11.64 -18.21
CA LYS A 134 -10.05 -11.21 -18.57
C LYS A 134 -10.06 -10.05 -19.59
N GLY A 135 -9.24 -9.05 -19.38
CA GLY A 135 -9.20 -7.90 -20.33
C GLY A 135 -10.09 -6.76 -19.81
N GLN A 136 -11.14 -7.08 -19.10
CA GLN A 136 -12.06 -6.03 -18.58
C GLN A 136 -11.34 -5.13 -17.56
N VAL A 137 -11.61 -3.85 -17.62
CA VAL A 137 -10.97 -2.92 -16.66
C VAL A 137 -11.54 -3.17 -15.25
N ARG A 138 -10.68 -3.24 -14.27
CA ARG A 138 -11.16 -3.49 -12.89
C ARG A 138 -10.43 -2.58 -11.91
N LEU A 139 -11.05 -2.25 -10.81
CA LEU A 139 -10.41 -1.36 -9.81
C LEU A 139 -10.25 -2.13 -8.50
N SER A 140 -9.39 -1.68 -7.61
CA SER A 140 -9.24 -2.43 -6.34
C SER A 140 -8.80 -1.58 -5.16
N LYS A 141 -9.28 -1.94 -4.00
CA LYS A 141 -8.89 -1.23 -2.75
C LYS A 141 -7.98 -2.17 -1.95
N LYS A 142 -6.69 -1.97 -2.03
CA LYS A 142 -5.74 -2.86 -1.30
C LYS A 142 -6.09 -2.96 0.19
N MET A 143 -6.02 -4.16 0.72
CA MET A 143 -6.32 -4.36 2.17
C MET A 143 -5.52 -5.55 2.69
N VAL A 144 -5.23 -5.59 3.96
CA VAL A 144 -4.45 -6.73 4.50
C VAL A 144 -5.37 -7.69 5.27
N ASP A 145 -5.11 -8.97 5.17
CA ASP A 145 -5.96 -9.95 5.90
C ASP A 145 -5.20 -10.45 7.14
N PRO A 146 -5.85 -10.35 8.28
CA PRO A 146 -5.20 -10.79 9.55
C PRO A 146 -5.00 -12.31 9.54
N GLU A 147 -5.73 -13.00 8.70
CA GLU A 147 -5.59 -14.49 8.63
C GLU A 147 -4.40 -14.85 7.72
N LYS A 148 -4.08 -13.99 6.80
CA LYS A 148 -2.92 -14.26 5.89
C LYS A 148 -1.99 -13.04 5.86
N PRO A 149 -1.27 -12.86 6.93
CA PRO A 149 -0.34 -11.70 7.05
C PRO A 149 0.86 -11.86 6.12
N GLN A 150 1.24 -13.06 5.79
CA GLN A 150 2.42 -13.25 4.88
C GLN A 150 2.15 -12.62 3.51
N LEU A 151 0.89 -12.42 3.17
CA LEU A 151 0.56 -11.82 1.85
C LEU A 151 0.73 -10.30 1.90
N GLY A 152 0.19 -9.67 2.91
CA GLY A 152 0.31 -8.19 3.01
C GLY A 152 -0.86 -7.52 2.28
N MET A 153 -0.62 -6.36 1.73
CA MET A 153 -1.73 -5.63 1.02
C MET A 153 -2.23 -6.44 -0.19
N ILE A 154 -3.39 -7.03 -0.08
CA ILE A 154 -3.94 -7.81 -1.23
C ILE A 154 -5.02 -6.98 -1.93
N ASP A 155 -5.10 -7.09 -3.23
CA ASP A 155 -6.13 -6.31 -3.97
C ASP A 155 -7.54 -6.87 -3.83
N ARG A 156 -8.47 -6.02 -3.53
CA ARG A 156 -9.90 -6.43 -3.47
C ARG A 156 -10.49 -5.85 -4.76
N TRP A 157 -10.75 -6.68 -5.74
CA TRP A 157 -11.21 -6.14 -7.06
C TRP A 157 -12.70 -5.82 -7.15
N TYR A 158 -13.02 -4.98 -8.09
CA TYR A 158 -14.42 -4.56 -8.32
C TYR A 158 -14.57 -4.05 -9.75
N HIS A 159 -15.77 -4.02 -10.27
CA HIS A 159 -15.99 -3.41 -11.59
C HIS A 159 -15.91 -1.90 -11.33
N PRO A 160 -15.48 -1.11 -12.27
CA PRO A 160 -15.37 0.35 -12.02
C PRO A 160 -16.72 0.91 -11.53
N GLY A 161 -17.82 0.51 -12.13
CA GLY A 161 -19.14 1.00 -11.67
C GLY A 161 -19.40 0.53 -10.22
N CYS A 162 -19.23 -0.75 -9.97
CA CYS A 162 -19.44 -1.28 -8.58
C CYS A 162 -18.52 -0.53 -7.59
N PHE A 163 -17.29 -0.29 -7.98
CA PHE A 163 -16.32 0.42 -7.08
C PHE A 163 -16.84 1.82 -6.76
N VAL A 164 -17.31 2.53 -7.76
CA VAL A 164 -17.82 3.91 -7.53
C VAL A 164 -19.02 3.87 -6.57
N LYS A 165 -19.88 2.89 -6.71
CA LYS A 165 -21.08 2.83 -5.80
C LYS A 165 -20.65 2.75 -4.33
N ASN A 166 -19.57 2.07 -4.06
CA ASN A 166 -19.07 1.96 -2.63
C ASN A 166 -17.84 2.83 -2.38
N ARG A 167 -17.69 3.92 -3.11
CA ARG A 167 -16.48 4.79 -2.91
C ARG A 167 -16.31 5.20 -1.45
N GLU A 168 -17.38 5.48 -0.77
CA GLU A 168 -17.27 5.90 0.66
C GLU A 168 -16.73 4.80 1.55
N GLU A 169 -17.37 3.66 1.56
CA GLU A 169 -16.91 2.54 2.43
C GLU A 169 -15.52 2.06 2.01
N LEU A 170 -15.18 2.20 0.76
CA LEU A 170 -13.83 1.74 0.30
C LEU A 170 -12.74 2.78 0.65
N GLY A 171 -13.11 3.87 1.27
CA GLY A 171 -12.09 4.89 1.67
C GLY A 171 -11.61 5.70 0.45
N PHE A 172 -12.39 5.77 -0.60
CA PHE A 172 -11.96 6.57 -1.80
C PHE A 172 -12.52 7.99 -1.66
N ARG A 173 -11.87 8.80 -0.86
CA ARG A 173 -12.35 10.21 -0.62
C ARG A 173 -12.74 10.93 -1.93
N PRO A 174 -13.56 11.95 -1.79
CA PRO A 174 -14.03 12.72 -2.98
C PRO A 174 -12.93 13.61 -3.58
N GLU A 175 -11.86 13.84 -2.86
CA GLU A 175 -10.76 14.68 -3.42
C GLU A 175 -9.87 13.84 -4.37
N TYR A 176 -9.98 12.54 -4.29
CA TYR A 176 -9.16 11.67 -5.17
C TYR A 176 -9.75 11.61 -6.58
N SER A 177 -8.90 11.53 -7.56
CA SER A 177 -9.36 11.46 -8.97
C SER A 177 -8.86 10.16 -9.61
N ALA A 178 -9.41 9.78 -10.72
CA ALA A 178 -8.97 8.50 -11.39
C ALA A 178 -7.46 8.50 -11.68
N SER A 179 -6.90 9.65 -11.95
CA SER A 179 -5.43 9.72 -12.26
C SER A 179 -4.54 9.28 -11.07
N GLN A 180 -5.11 9.17 -9.90
CA GLN A 180 -4.27 8.76 -8.71
C GLN A 180 -4.25 7.24 -8.51
N LEU A 181 -5.03 6.50 -9.27
CA LEU A 181 -5.05 5.01 -9.09
C LEU A 181 -3.71 4.40 -9.54
N LYS A 182 -3.17 3.49 -8.75
CA LYS A 182 -1.89 2.83 -9.15
C LYS A 182 -2.11 2.01 -10.42
N GLY A 183 -1.39 2.33 -11.48
CA GLY A 183 -1.56 1.58 -12.77
C GLY A 183 -2.35 2.40 -13.79
N PHE A 184 -2.91 3.51 -13.39
CA PHE A 184 -3.71 4.36 -14.33
C PHE A 184 -2.94 4.66 -15.63
N SER A 185 -1.76 5.15 -15.50
CA SER A 185 -0.93 5.52 -16.70
C SER A 185 -0.83 4.40 -17.75
N LEU A 186 -1.00 3.15 -17.37
CA LEU A 186 -0.86 2.03 -18.39
C LEU A 186 -2.18 1.74 -19.12
N LEU A 187 -3.21 2.52 -18.90
CA LEU A 187 -4.51 2.26 -19.58
C LEU A 187 -4.61 3.05 -20.88
N ALA A 188 -5.29 2.51 -21.86
CA ALA A 188 -5.47 3.23 -23.14
C ALA A 188 -6.21 4.55 -22.89
N THR A 189 -5.95 5.57 -23.68
CA THR A 189 -6.63 6.90 -23.48
C THR A 189 -8.14 6.75 -23.26
N GLU A 190 -8.79 5.96 -24.08
CA GLU A 190 -10.27 5.75 -23.93
C GLU A 190 -10.62 5.26 -22.51
N ASP A 191 -9.92 4.27 -22.05
CA ASP A 191 -10.19 3.72 -20.68
C ASP A 191 -9.89 4.78 -19.61
N LYS A 192 -8.85 5.56 -19.80
CA LYS A 192 -8.51 6.62 -18.79
C LYS A 192 -9.61 7.68 -18.73
N GLU A 193 -10.15 8.05 -19.86
CA GLU A 193 -11.23 9.09 -19.87
C GLU A 193 -12.47 8.57 -19.14
N ALA A 194 -12.86 7.35 -19.40
CA ALA A 194 -14.07 6.76 -18.72
C ALA A 194 -13.91 6.83 -17.20
N LEU A 195 -12.72 6.56 -16.70
CA LEU A 195 -12.50 6.59 -15.23
C LEU A 195 -12.55 8.04 -14.74
N LYS A 196 -11.77 8.92 -15.32
CA LYS A 196 -11.79 10.35 -14.89
C LYS A 196 -13.23 10.88 -14.88
N LYS A 197 -14.04 10.33 -15.74
CA LYS A 197 -15.48 10.77 -15.82
C LYS A 197 -16.24 10.39 -14.54
N GLN A 198 -16.05 9.18 -14.05
CA GLN A 198 -16.79 8.74 -12.83
C GLN A 198 -16.05 9.18 -11.56
N LEU A 199 -14.76 9.30 -11.61
CA LEU A 199 -13.99 9.76 -10.41
C LEU A 199 -13.25 11.04 -10.79
N PRO A 200 -13.98 12.14 -10.80
CA PRO A 200 -13.40 13.45 -11.20
C PRO A 200 -12.46 14.00 -10.11
N GLY A 201 -12.84 13.89 -8.87
CA GLY A 201 -11.98 14.42 -7.78
C GLY A 201 -12.14 15.94 -7.69
N VAL A 202 -11.37 16.67 -8.44
CA VAL A 202 -11.47 18.17 -8.41
C VAL A 202 -12.90 18.61 -8.76
N LYS A 203 -13.63 17.80 -9.46
CA LYS A 203 -15.02 18.17 -9.84
C LYS A 203 -15.04 19.53 -10.55
N SER A 204 -16.14 20.22 -10.52
CA SER A 204 -16.21 21.55 -11.20
C SER A 204 -15.53 22.62 -10.33
N GLU A 205 -15.58 23.85 -10.75
CA GLU A 205 -14.93 24.93 -9.95
C GLU A 205 -15.92 26.08 -9.70
N GLY A 206 -15.44 27.18 -9.20
CA GLY A 206 -16.35 28.33 -8.94
C GLY A 206 -15.95 29.51 -9.83
N LYS A 207 -15.35 30.53 -9.25
CA LYS A 207 -14.94 31.71 -10.07
C LYS A 207 -13.67 32.34 -9.47
N ARG A 208 -13.36 33.54 -9.87
CA ARG A 208 -12.13 34.22 -9.33
C ARG A 208 -12.52 35.22 -8.24
N LYS A 209 -13.73 35.72 -8.27
CA LYS A 209 -14.19 36.71 -7.26
C LYS A 209 -13.25 37.94 -7.24
N GLY A 210 -12.15 37.87 -6.53
CA GLY A 210 -11.23 39.04 -6.49
C GLY A 210 -10.36 38.95 -5.23
N ASP A 211 -9.07 38.86 -5.39
CA ASP A 211 -8.17 38.78 -4.20
C ASP A 211 -6.72 39.05 -4.61
N GLU A 212 -6.01 39.83 -3.83
CA GLU A 212 -4.58 40.14 -4.18
C GLU A 212 -4.47 40.64 -5.63
N VAL A 213 -4.95 41.82 -5.88
CA VAL A 213 -4.88 42.38 -7.27
C VAL A 213 -4.08 43.69 -7.29
N ASP A 214 -2.88 43.67 -6.79
CA ASP A 214 -2.05 44.91 -6.77
C ASP A 214 -1.41 45.14 -8.13
ZN ZN C . 17.58 -9.62 3.94
ZN ZN D . -19.38 -5.80 -9.93
N MET A 1 -6.16 -1.03 31.02
CA MET A 1 -5.40 0.25 30.92
C MET A 1 -5.17 0.60 29.45
N ALA A 2 -4.29 -0.09 28.79
CA ALA A 2 -4.03 0.21 27.34
C ALA A 2 -3.24 -0.92 26.70
N GLU A 3 -3.01 -0.85 25.41
CA GLU A 3 -2.26 -1.94 24.72
C GLU A 3 -1.85 -1.48 23.31
N SER A 4 -0.60 -1.66 22.96
CA SER A 4 -0.15 -1.23 21.61
C SER A 4 0.53 -2.40 20.89
N SER A 5 -0.24 -3.33 20.38
CA SER A 5 0.34 -4.50 19.67
C SER A 5 -0.56 -4.92 18.50
N ASP A 6 -1.22 -3.97 17.89
CA ASP A 6 -2.12 -4.32 16.75
C ASP A 6 -1.51 -3.84 15.43
N LYS A 7 -0.43 -3.10 15.49
CA LYS A 7 0.22 -2.60 14.22
C LYS A 7 0.59 -3.79 13.34
N LEU A 8 0.64 -3.59 12.05
CA LEU A 8 0.99 -4.72 11.14
C LEU A 8 2.52 -4.84 10.97
N TYR A 9 3.26 -3.81 11.27
CA TYR A 9 4.73 -3.88 11.08
C TYR A 9 5.50 -3.47 12.34
N ARG A 10 6.74 -3.87 12.43
CA ARG A 10 7.57 -3.51 13.61
C ARG A 10 8.99 -3.16 13.15
N VAL A 11 9.57 -2.18 13.77
CA VAL A 11 10.96 -1.77 13.40
C VAL A 11 11.77 -1.64 14.68
N GLU A 12 12.99 -2.11 14.69
CA GLU A 12 13.81 -2.00 15.94
C GLU A 12 15.24 -2.44 15.68
N TYR A 13 16.10 -2.19 16.62
CA TYR A 13 17.50 -2.63 16.48
C TYR A 13 17.55 -4.10 16.89
N ALA A 14 18.08 -4.94 16.03
CA ALA A 14 18.10 -6.42 16.30
C ALA A 14 18.44 -6.78 17.75
N LYS A 15 17.53 -7.43 18.42
CA LYS A 15 17.77 -7.86 19.83
C LYS A 15 18.83 -8.96 19.86
N SER A 16 19.03 -9.62 18.74
CA SER A 16 20.04 -10.70 18.64
C SER A 16 20.53 -10.78 17.19
N GLY A 17 21.49 -11.64 16.92
CA GLY A 17 22.01 -11.75 15.52
C GLY A 17 21.62 -13.12 14.95
N ARG A 18 20.63 -13.76 15.54
CA ARG A 18 20.21 -15.12 15.06
C ARG A 18 19.04 -15.06 14.07
N ALA A 19 18.35 -13.96 14.00
CA ALA A 19 17.21 -13.87 13.01
C ALA A 19 17.71 -13.91 11.56
N SER A 20 17.00 -14.59 10.70
CA SER A 20 17.41 -14.70 9.28
C SER A 20 16.45 -13.89 8.42
N CYS A 21 16.98 -13.14 7.52
CA CYS A 21 16.13 -12.30 6.63
C CYS A 21 15.22 -13.19 5.77
N LYS A 22 13.93 -12.92 5.77
CA LYS A 22 12.99 -13.76 4.97
C LYS A 22 13.13 -13.50 3.46
N LYS A 23 13.94 -12.55 3.06
CA LYS A 23 14.13 -12.26 1.60
C LYS A 23 15.44 -12.85 1.07
N CYS A 24 16.56 -12.46 1.63
CA CYS A 24 17.88 -12.99 1.13
C CYS A 24 18.43 -14.14 1.99
N SER A 25 17.77 -14.49 3.08
CA SER A 25 18.21 -15.64 3.97
C SER A 25 19.47 -15.34 4.82
N GLU A 26 20.17 -14.26 4.60
CA GLU A 26 21.38 -13.97 5.42
C GLU A 26 20.96 -13.56 6.84
N SER A 27 21.81 -13.76 7.81
CA SER A 27 21.45 -13.42 9.21
C SER A 27 21.38 -11.92 9.42
N ILE A 28 20.54 -11.48 10.31
CA ILE A 28 20.44 -10.02 10.61
C ILE A 28 21.31 -9.76 11.85
N PRO A 29 22.35 -8.95 11.68
CA PRO A 29 23.29 -8.70 12.80
C PRO A 29 22.65 -7.97 13.99
N LYS A 30 23.02 -8.36 15.18
CA LYS A 30 22.46 -7.72 16.41
C LYS A 30 22.65 -6.20 16.39
N ASP A 31 21.68 -5.47 16.90
CA ASP A 31 21.74 -3.96 16.94
C ASP A 31 21.51 -3.32 15.56
N SER A 32 21.47 -4.10 14.50
CA SER A 32 21.24 -3.49 13.16
C SER A 32 19.76 -3.15 13.01
N LEU A 33 19.44 -2.20 12.17
CA LEU A 33 18.02 -1.82 11.98
C LEU A 33 17.31 -2.88 11.12
N ARG A 34 16.29 -3.50 11.66
CA ARG A 34 15.54 -4.53 10.89
C ARG A 34 14.05 -4.24 10.94
N MET A 35 13.31 -4.73 9.99
CA MET A 35 11.85 -4.49 9.97
C MET A 35 11.10 -5.81 9.77
N ALA A 36 9.90 -5.90 10.26
CA ALA A 36 9.16 -7.19 10.10
C ALA A 36 7.67 -6.95 9.89
N ILE A 37 7.03 -7.87 9.19
CA ILE A 37 5.56 -7.77 9.02
C ILE A 37 4.90 -8.70 10.07
N MET A 38 4.21 -8.13 11.01
CA MET A 38 3.59 -8.97 12.10
C MET A 38 2.53 -9.93 11.55
N VAL A 39 2.46 -11.11 12.13
CA VAL A 39 1.44 -12.11 11.70
C VAL A 39 0.90 -12.85 12.92
N GLN A 40 -0.39 -13.09 12.96
CA GLN A 40 -0.97 -13.81 14.13
C GLN A 40 -0.73 -15.32 14.01
N SER A 41 -0.30 -15.96 15.06
CA SER A 41 -0.05 -17.42 15.00
C SER A 41 -1.28 -18.20 15.49
N PRO A 42 -1.68 -19.20 14.73
CA PRO A 42 -2.86 -20.02 15.11
C PRO A 42 -2.46 -21.11 16.11
N MET A 43 -1.21 -21.22 16.45
CA MET A 43 -0.77 -22.27 17.41
C MET A 43 -0.68 -21.70 18.83
N PHE A 44 -0.69 -20.40 18.97
CA PHE A 44 -0.60 -19.80 20.33
C PHE A 44 -0.90 -18.30 20.28
N ASP A 45 -1.44 -17.76 21.33
CA ASP A 45 -1.75 -16.30 21.34
C ASP A 45 -0.46 -15.49 21.23
N GLY A 46 -0.35 -14.65 20.24
CA GLY A 46 0.89 -13.84 20.07
C GLY A 46 1.18 -13.68 18.58
N LYS A 47 1.90 -12.67 18.20
CA LYS A 47 2.19 -12.47 16.74
C LYS A 47 3.65 -12.84 16.42
N VAL A 48 3.86 -13.52 15.32
CA VAL A 48 5.25 -13.90 14.93
C VAL A 48 5.77 -12.89 13.90
N PRO A 49 6.96 -12.39 14.13
CA PRO A 49 7.51 -11.39 13.20
C PRO A 49 8.33 -12.03 12.09
N HIS A 50 8.06 -11.66 10.87
CA HIS A 50 8.90 -12.15 9.74
C HIS A 50 9.94 -11.05 9.53
N TRP A 51 11.14 -11.24 10.02
CA TRP A 51 12.15 -10.15 9.94
C TRP A 51 12.90 -10.09 8.61
N TYR A 52 13.38 -8.91 8.31
CA TYR A 52 14.13 -8.66 7.05
C TYR A 52 15.16 -7.57 7.31
N HIS A 53 16.27 -7.55 6.60
CA HIS A 53 17.22 -6.42 6.77
C HIS A 53 16.47 -5.19 6.30
N PHE A 54 16.82 -4.01 6.76
CA PHE A 54 16.06 -2.78 6.34
C PHE A 54 15.79 -2.73 4.82
N SER A 55 16.82 -2.88 4.02
CA SER A 55 16.62 -2.82 2.53
C SER A 55 15.78 -3.99 1.99
N CYS A 56 16.06 -5.20 2.41
CA CYS A 56 15.28 -6.37 1.89
C CYS A 56 13.76 -6.21 2.12
N PHE A 57 13.39 -5.63 3.23
CA PHE A 57 11.91 -5.47 3.54
C PHE A 57 11.14 -4.80 2.38
N TRP A 58 11.75 -3.85 1.68
CA TRP A 58 11.01 -3.15 0.60
C TRP A 58 11.11 -3.88 -0.74
N LYS A 59 12.06 -4.77 -0.88
CA LYS A 59 12.21 -5.50 -2.18
C LYS A 59 11.26 -6.70 -2.29
N VAL A 60 10.44 -6.94 -1.29
CA VAL A 60 9.48 -8.09 -1.36
C VAL A 60 8.09 -7.63 -1.77
N GLY A 61 7.76 -6.39 -1.53
CA GLY A 61 6.40 -5.90 -1.91
C GLY A 61 5.77 -5.18 -0.70
N HIS A 62 6.38 -5.27 0.45
CA HIS A 62 5.81 -4.59 1.66
C HIS A 62 5.77 -3.08 1.41
N SER A 63 4.70 -2.42 1.77
CA SER A 63 4.63 -0.95 1.54
C SER A 63 4.08 -0.21 2.77
N ILE A 64 4.55 0.99 3.00
CA ILE A 64 4.07 1.78 4.16
C ILE A 64 4.00 3.26 3.78
N ARG A 65 2.84 3.85 3.86
CA ARG A 65 2.71 5.30 3.50
C ARG A 65 3.03 6.16 4.72
N HIS A 66 2.54 5.77 5.87
CA HIS A 66 2.81 6.56 7.13
C HIS A 66 3.45 5.64 8.19
N PRO A 67 4.76 5.64 8.24
CA PRO A 67 5.50 4.79 9.21
C PRO A 67 5.13 5.13 10.69
N ASP A 68 5.13 6.39 11.07
CA ASP A 68 4.78 6.75 12.47
C ASP A 68 3.51 6.05 13.00
N VAL A 69 2.51 5.85 12.17
CA VAL A 69 1.25 5.20 12.67
C VAL A 69 1.12 3.71 12.27
N GLU A 70 1.79 3.28 11.23
CA GLU A 70 1.65 1.85 10.78
C GLU A 70 2.78 0.95 11.30
N VAL A 71 3.87 1.50 11.75
CA VAL A 71 4.99 0.62 12.22
C VAL A 71 5.28 0.81 13.71
N ASP A 72 5.06 -0.25 14.49
CA ASP A 72 5.31 -0.18 15.95
C ASP A 72 6.83 -0.03 16.21
N GLY A 73 7.21 0.76 17.19
CA GLY A 73 8.66 0.93 17.51
C GLY A 73 9.28 2.08 16.69
N PHE A 74 8.54 2.63 15.75
CA PHE A 74 9.11 3.73 14.90
C PHE A 74 9.56 4.92 15.76
N SER A 75 8.71 5.38 16.63
CA SER A 75 9.07 6.55 17.49
C SER A 75 10.28 6.29 18.40
N GLU A 76 10.63 5.04 18.69
CA GLU A 76 11.81 4.78 19.55
C GLU A 76 13.11 4.66 18.75
N LEU A 77 13.06 4.73 17.43
CA LEU A 77 14.30 4.64 16.62
C LEU A 77 15.10 5.93 16.74
N ARG A 78 16.37 5.89 16.47
CA ARG A 78 17.18 7.14 16.52
C ARG A 78 16.65 8.09 15.43
N TRP A 79 16.80 9.38 15.61
CA TRP A 79 16.26 10.36 14.62
C TRP A 79 16.63 10.00 13.17
N ASP A 80 17.90 9.86 12.87
CA ASP A 80 18.32 9.53 11.47
C ASP A 80 17.58 8.28 10.94
N ASP A 81 17.44 7.26 11.75
CA ASP A 81 16.74 6.03 11.28
C ASP A 81 15.25 6.34 11.06
N GLN A 82 14.71 7.25 11.83
CA GLN A 82 13.28 7.62 11.66
C GLN A 82 13.12 8.34 10.31
N GLN A 83 14.11 9.12 9.93
CA GLN A 83 14.04 9.83 8.63
C GLN A 83 14.29 8.84 7.50
N LYS A 84 15.23 7.95 7.68
CA LYS A 84 15.52 6.92 6.63
C LYS A 84 14.26 6.09 6.34
N VAL A 85 13.60 5.64 7.37
CA VAL A 85 12.36 4.85 7.16
C VAL A 85 11.28 5.75 6.53
N LYS A 86 11.19 6.98 6.99
CA LYS A 86 10.16 7.90 6.44
C LYS A 86 10.40 8.17 4.95
N LYS A 87 11.64 8.39 4.57
CA LYS A 87 11.93 8.68 3.14
C LYS A 87 11.82 7.39 2.32
N THR A 88 12.34 6.30 2.82
CA THR A 88 12.25 5.01 2.05
C THR A 88 10.77 4.66 1.85
N ALA A 89 9.95 4.93 2.82
CA ALA A 89 8.50 4.62 2.69
C ALA A 89 7.92 5.46 1.56
N GLU A 90 8.25 6.73 1.52
CA GLU A 90 7.72 7.62 0.44
C GLU A 90 8.22 7.14 -0.92
N ALA A 91 9.49 6.93 -1.06
CA ALA A 91 10.04 6.46 -2.36
C ALA A 91 9.37 5.15 -2.79
N GLY A 92 8.82 4.42 -1.85
CA GLY A 92 8.14 3.14 -2.20
C GLY A 92 7.00 3.40 -3.18
N GLY A 93 6.66 2.44 -3.99
CA GLY A 93 5.56 2.64 -4.98
C GLY A 93 6.10 3.35 -6.21
N VAL A 94 7.00 2.74 -6.92
CA VAL A 94 7.58 3.39 -8.14
C VAL A 94 6.57 3.30 -9.29
N THR A 95 6.06 4.42 -9.73
CA THR A 95 5.08 4.40 -10.85
C THR A 95 4.83 5.82 -11.37
N GLY A 96 5.83 6.67 -11.29
CA GLY A 96 5.65 8.06 -11.77
C GLY A 96 6.81 8.93 -11.26
N LYS A 97 6.53 9.89 -10.42
CA LYS A 97 7.61 10.77 -9.88
C LYS A 97 8.42 11.39 -11.02
N GLY A 98 9.40 12.19 -10.71
CA GLY A 98 10.22 12.83 -11.78
C GLY A 98 9.39 13.90 -12.49
N GLN A 99 9.86 14.38 -13.62
CA GLN A 99 9.10 15.42 -14.37
C GLN A 99 8.00 14.77 -15.22
N ASP A 100 6.85 14.56 -14.64
CA ASP A 100 5.74 13.92 -15.41
C ASP A 100 4.66 14.96 -15.73
N GLY A 101 5.03 16.08 -16.28
CA GLY A 101 4.04 17.14 -16.61
C GLY A 101 3.45 17.71 -15.32
N ILE A 102 2.94 18.91 -15.38
CA ILE A 102 2.37 19.53 -14.15
C ILE A 102 0.87 19.81 -14.37
N GLY A 103 0.05 18.80 -14.28
CA GLY A 103 -1.41 19.00 -14.47
C GLY A 103 -2.19 18.17 -13.44
N SER A 104 -1.67 18.08 -12.24
CA SER A 104 -2.38 17.29 -11.18
C SER A 104 -2.66 15.86 -11.68
N LYS A 105 -1.66 15.19 -12.19
CA LYS A 105 -1.87 13.80 -12.69
C LYS A 105 -1.14 12.80 -11.80
N ALA A 106 -0.03 13.20 -11.23
CA ALA A 106 0.73 12.28 -10.34
C ALA A 106 1.11 12.98 -9.03
N GLU A 107 0.17 13.64 -8.42
CA GLU A 107 0.46 14.34 -7.14
C GLU A 107 0.80 13.34 -6.04
N LYS A 108 -0.12 12.47 -5.72
CA LYS A 108 0.14 11.45 -4.66
C LYS A 108 -0.55 10.12 -5.01
N THR A 109 0.16 9.22 -5.63
CA THR A 109 -0.45 7.91 -6.01
C THR A 109 -0.85 7.14 -4.75
N LEU A 110 -2.09 6.72 -4.67
CA LEU A 110 -2.54 5.96 -3.47
C LEU A 110 -1.83 4.60 -3.40
N GLY A 111 -1.56 4.11 -2.22
CA GLY A 111 -0.86 2.80 -2.10
C GLY A 111 -1.86 1.70 -1.78
N ASP A 112 -3.10 2.04 -1.52
CA ASP A 112 -4.12 0.98 -1.20
C ASP A 112 -5.22 0.92 -2.27
N PHE A 113 -5.06 1.65 -3.36
CA PHE A 113 -6.11 1.62 -4.43
C PHE A 113 -5.43 1.38 -5.79
N ALA A 114 -5.96 0.50 -6.59
CA ALA A 114 -5.29 0.23 -7.90
C ALA A 114 -6.29 0.00 -9.04
N ALA A 115 -5.82 0.19 -10.24
CA ALA A 115 -6.68 -0.01 -11.45
C ALA A 115 -5.85 -0.73 -12.51
N GLU A 116 -6.39 -1.77 -13.09
CA GLU A 116 -5.63 -2.52 -14.13
C GLU A 116 -6.56 -3.39 -14.96
N TYR A 117 -6.10 -3.88 -16.08
CA TYR A 117 -6.96 -4.77 -16.89
C TYR A 117 -6.91 -6.16 -16.27
N ALA A 118 -8.03 -6.83 -16.13
CA ALA A 118 -8.03 -8.18 -15.50
C ALA A 118 -6.97 -9.11 -16.11
N LYS A 119 -5.96 -9.47 -15.32
CA LYS A 119 -4.91 -10.38 -15.83
C LYS A 119 -5.50 -11.76 -16.16
N SER A 120 -6.65 -12.06 -15.64
CA SER A 120 -7.30 -13.38 -15.92
C SER A 120 -8.82 -13.25 -15.79
N ASN A 121 -9.53 -14.35 -15.78
CA ASN A 121 -11.02 -14.29 -15.67
C ASN A 121 -11.52 -15.04 -14.43
N ARG A 122 -10.65 -15.37 -13.50
CA ARG A 122 -11.10 -16.09 -12.28
C ARG A 122 -11.26 -15.12 -11.09
N SER A 123 -11.04 -13.84 -11.29
CA SER A 123 -11.23 -12.87 -10.18
C SER A 123 -12.72 -12.62 -10.02
N THR A 124 -13.13 -11.94 -8.98
CA THR A 124 -14.60 -11.71 -8.80
C THR A 124 -14.85 -10.34 -8.18
N CYS A 125 -15.74 -9.56 -8.77
CA CYS A 125 -16.07 -8.25 -8.18
C CYS A 125 -16.69 -8.46 -6.80
N LYS A 126 -16.09 -7.88 -5.78
CA LYS A 126 -16.63 -8.05 -4.39
C LYS A 126 -17.82 -7.13 -4.09
N GLY A 127 -18.49 -6.62 -5.11
CA GLY A 127 -19.64 -5.71 -4.89
C GLY A 127 -20.89 -6.45 -5.39
N CYS A 128 -20.80 -7.09 -6.52
CA CYS A 128 -21.96 -7.87 -7.05
C CYS A 128 -21.63 -9.38 -7.11
N MET A 129 -20.42 -9.77 -6.67
CA MET A 129 -20.01 -11.21 -6.71
C MET A 129 -20.02 -11.81 -8.13
N GLU A 130 -20.12 -11.01 -9.16
CA GLU A 130 -20.09 -11.57 -10.54
C GLU A 130 -18.64 -11.64 -11.00
N LYS A 131 -18.30 -12.64 -11.77
CA LYS A 131 -16.88 -12.79 -12.21
C LYS A 131 -16.46 -11.66 -13.15
N ILE A 132 -15.21 -11.24 -13.05
CA ILE A 132 -14.70 -10.19 -13.97
C ILE A 132 -14.02 -10.90 -15.14
N GLU A 133 -14.32 -10.50 -16.35
CA GLU A 133 -13.70 -11.19 -17.53
C GLU A 133 -12.27 -10.69 -17.76
N LYS A 134 -11.39 -11.58 -18.17
CA LYS A 134 -9.98 -11.16 -18.48
C LYS A 134 -9.95 -9.99 -19.48
N GLY A 135 -9.13 -9.00 -19.23
CA GLY A 135 -9.06 -7.83 -20.16
C GLY A 135 -9.96 -6.70 -19.65
N GLN A 136 -11.03 -7.02 -18.96
CA GLN A 136 -11.94 -5.97 -18.45
C GLN A 136 -11.24 -5.10 -17.40
N VAL A 137 -11.50 -3.81 -17.44
CA VAL A 137 -10.88 -2.90 -16.44
C VAL A 137 -11.48 -3.18 -15.06
N ARG A 138 -10.65 -3.27 -14.06
CA ARG A 138 -11.16 -3.54 -12.69
C ARG A 138 -10.44 -2.65 -11.69
N LEU A 139 -11.09 -2.33 -10.60
CA LEU A 139 -10.46 -1.47 -9.56
C LEU A 139 -10.34 -2.26 -8.27
N SER A 140 -9.51 -1.83 -7.33
CA SER A 140 -9.39 -2.61 -6.09
C SER A 140 -8.97 -1.78 -4.88
N LYS A 141 -9.48 -2.16 -3.73
CA LYS A 141 -9.10 -1.49 -2.47
C LYS A 141 -8.23 -2.45 -1.66
N LYS A 142 -6.94 -2.25 -1.69
CA LYS A 142 -6.01 -3.18 -0.96
C LYS A 142 -6.39 -3.30 0.53
N MET A 143 -6.34 -4.49 1.05
CA MET A 143 -6.68 -4.71 2.48
C MET A 143 -5.91 -5.94 2.99
N VAL A 144 -5.64 -5.99 4.27
CA VAL A 144 -4.88 -7.16 4.80
C VAL A 144 -5.83 -8.12 5.54
N ASP A 145 -5.59 -9.39 5.41
CA ASP A 145 -6.47 -10.39 6.12
C ASP A 145 -5.75 -10.90 7.36
N PRO A 146 -6.42 -10.83 8.49
CA PRO A 146 -5.81 -11.30 9.76
C PRO A 146 -5.61 -12.82 9.72
N GLU A 147 -6.32 -13.49 8.86
CA GLU A 147 -6.17 -14.98 8.76
C GLU A 147 -4.99 -15.32 7.85
N LYS A 148 -4.62 -14.43 6.98
CA LYS A 148 -3.47 -14.68 6.06
C LYS A 148 -2.51 -13.49 6.13
N PRO A 149 -1.83 -13.37 7.25
CA PRO A 149 -0.89 -12.26 7.47
C PRO A 149 0.36 -12.37 6.57
N GLN A 150 0.71 -13.55 6.14
CA GLN A 150 1.92 -13.71 5.27
C GLN A 150 1.69 -13.03 3.91
N LEU A 151 0.46 -12.86 3.51
CA LEU A 151 0.17 -12.22 2.20
C LEU A 151 0.34 -10.70 2.29
N GLY A 152 -0.25 -10.09 3.29
CA GLY A 152 -0.12 -8.62 3.45
C GLY A 152 -1.24 -7.91 2.67
N MET A 153 -0.94 -6.77 2.12
CA MET A 153 -1.97 -6.01 1.36
C MET A 153 -2.48 -6.83 0.16
N ILE A 154 -3.71 -7.29 0.22
CA ILE A 154 -4.26 -8.09 -0.91
C ILE A 154 -5.31 -7.26 -1.65
N ASP A 155 -5.37 -7.35 -2.96
CA ASP A 155 -6.36 -6.55 -3.72
C ASP A 155 -7.79 -7.11 -3.61
N ARG A 156 -8.73 -6.25 -3.32
CA ARG A 156 -10.16 -6.64 -3.30
C ARG A 156 -10.71 -6.05 -4.59
N TRP A 157 -10.96 -6.85 -5.60
CA TRP A 157 -11.37 -6.28 -6.91
C TRP A 157 -12.86 -5.96 -7.03
N TYR A 158 -13.15 -5.09 -7.97
CA TYR A 158 -14.54 -4.66 -8.23
C TYR A 158 -14.65 -4.12 -9.65
N HIS A 159 -15.84 -4.07 -10.19
CA HIS A 159 -16.01 -3.43 -11.52
C HIS A 159 -15.94 -1.94 -11.22
N PRO A 160 -15.47 -1.13 -12.15
CA PRO A 160 -15.36 0.33 -11.86
C PRO A 160 -16.72 0.89 -11.39
N GLY A 161 -17.80 0.51 -12.02
CA GLY A 161 -19.14 1.01 -11.58
C GLY A 161 -19.42 0.51 -10.16
N CYS A 162 -19.28 -0.78 -9.93
CA CYS A 162 -19.53 -1.33 -8.55
C CYS A 162 -18.62 -0.62 -7.52
N PHE A 163 -17.38 -0.37 -7.88
CA PHE A 163 -16.43 0.32 -6.95
C PHE A 163 -16.95 1.72 -6.61
N VAL A 164 -17.39 2.44 -7.61
CA VAL A 164 -17.89 3.82 -7.36
C VAL A 164 -19.12 3.78 -6.44
N LYS A 165 -19.98 2.82 -6.62
CA LYS A 165 -21.19 2.74 -5.74
C LYS A 165 -20.81 2.63 -4.25
N ASN A 166 -19.73 1.94 -3.98
CA ASN A 166 -19.28 1.79 -2.55
C ASN A 166 -18.04 2.65 -2.25
N ARG A 167 -17.86 3.77 -2.94
CA ARG A 167 -16.65 4.62 -2.70
C ARG A 167 -16.51 5.00 -1.22
N GLU A 168 -17.60 5.27 -0.57
CA GLU A 168 -17.52 5.68 0.87
C GLU A 168 -17.01 4.54 1.75
N GLU A 169 -17.66 3.42 1.72
CA GLU A 169 -17.23 2.28 2.59
C GLU A 169 -15.84 1.78 2.19
N LEU A 170 -15.47 1.94 0.95
CA LEU A 170 -14.11 1.48 0.52
C LEU A 170 -13.03 2.50 0.91
N GLY A 171 -13.39 3.59 1.54
CA GLY A 171 -12.38 4.59 1.97
C GLY A 171 -11.86 5.42 0.78
N PHE A 172 -12.62 5.51 -0.28
CA PHE A 172 -12.15 6.34 -1.45
C PHE A 172 -12.69 7.75 -1.30
N ARG A 173 -12.07 8.54 -0.48
CA ARG A 173 -12.53 9.95 -0.22
C ARG A 173 -12.88 10.69 -1.53
N PRO A 174 -13.70 11.73 -1.39
CA PRO A 174 -14.14 12.51 -2.58
C PRO A 174 -13.02 13.41 -3.13
N GLU A 175 -11.96 13.62 -2.38
CA GLU A 175 -10.84 14.46 -2.89
C GLU A 175 -9.94 13.64 -3.83
N TYR A 176 -10.06 12.33 -3.78
CA TYR A 176 -9.23 11.46 -4.66
C TYR A 176 -9.78 11.44 -6.09
N SER A 177 -8.91 11.37 -7.05
CA SER A 177 -9.34 11.33 -8.48
C SER A 177 -8.83 10.03 -9.12
N ALA A 178 -9.35 9.67 -10.25
CA ALA A 178 -8.91 8.41 -10.93
C ALA A 178 -7.40 8.40 -11.18
N SER A 179 -6.82 9.54 -11.41
CA SER A 179 -5.35 9.62 -11.69
C SER A 179 -4.50 9.14 -10.49
N GLN A 180 -5.07 9.01 -9.33
CA GLN A 180 -4.28 8.58 -8.14
C GLN A 180 -4.27 7.05 -7.96
N LEU A 181 -5.03 6.33 -8.74
CA LEU A 181 -5.06 4.84 -8.60
C LEU A 181 -3.73 4.21 -9.03
N LYS A 182 -3.22 3.30 -8.25
CA LYS A 182 -1.94 2.63 -8.62
C LYS A 182 -2.12 1.84 -9.91
N GLY A 183 -1.39 2.18 -10.95
CA GLY A 183 -1.52 1.45 -12.25
C GLY A 183 -2.29 2.29 -13.29
N PHE A 184 -2.85 3.41 -12.87
CA PHE A 184 -3.62 4.27 -13.82
C PHE A 184 -2.81 4.59 -15.09
N SER A 185 -1.63 5.07 -14.93
CA SER A 185 -0.77 5.45 -16.09
C SER A 185 -0.65 4.35 -17.17
N LEU A 186 -0.84 3.09 -16.82
CA LEU A 186 -0.69 1.99 -17.85
C LEU A 186 -2.00 1.72 -18.62
N LEU A 187 -3.02 2.51 -18.41
CA LEU A 187 -4.31 2.27 -19.12
C LEU A 187 -4.37 3.09 -20.41
N ALA A 188 -5.04 2.57 -21.42
CA ALA A 188 -5.17 3.32 -22.70
C ALA A 188 -5.90 4.65 -22.43
N THR A 189 -5.61 5.66 -23.20
CA THR A 189 -6.29 7.00 -22.98
C THR A 189 -7.80 6.85 -22.80
N GLU A 190 -8.44 6.09 -23.65
CA GLU A 190 -9.93 5.89 -23.54
C GLU A 190 -10.31 5.38 -22.14
N ASP A 191 -9.64 4.37 -21.68
CA ASP A 191 -9.94 3.81 -20.33
C ASP A 191 -9.67 4.85 -19.24
N LYS A 192 -8.61 5.62 -19.38
CA LYS A 192 -8.29 6.65 -18.35
C LYS A 192 -9.38 7.73 -18.29
N GLU A 193 -9.89 8.12 -19.43
CA GLU A 193 -10.96 9.16 -19.45
C GLU A 193 -12.22 8.64 -18.75
N ALA A 194 -12.62 7.43 -19.05
CA ALA A 194 -13.85 6.85 -18.41
C ALA A 194 -13.72 6.89 -16.89
N LEU A 195 -12.55 6.59 -16.37
CA LEU A 195 -12.36 6.60 -14.89
C LEU A 195 -12.41 8.03 -14.37
N LYS A 196 -11.61 8.92 -14.92
CA LYS A 196 -11.62 10.34 -14.47
C LYS A 196 -13.06 10.88 -14.48
N LYS A 197 -13.86 10.37 -15.37
CA LYS A 197 -15.29 10.81 -15.47
C LYS A 197 -16.09 10.41 -14.22
N GLN A 198 -15.91 9.19 -13.75
CA GLN A 198 -16.69 8.73 -12.55
C GLN A 198 -15.98 9.14 -11.25
N LEU A 199 -14.68 9.26 -11.27
CA LEU A 199 -13.94 9.69 -10.05
C LEU A 199 -13.18 10.98 -10.39
N PRO A 200 -13.89 12.08 -10.40
CA PRO A 200 -13.29 13.39 -10.75
C PRO A 200 -12.38 13.91 -9.64
N GLY A 201 -12.79 13.78 -8.41
CA GLY A 201 -11.95 14.27 -7.28
C GLY A 201 -12.11 15.79 -7.17
N VAL A 202 -11.24 16.54 -7.80
CA VAL A 202 -11.34 18.03 -7.72
C VAL A 202 -12.06 18.57 -8.95
N LYS A 203 -12.82 19.63 -8.79
CA LYS A 203 -13.54 20.21 -9.95
C LYS A 203 -13.02 21.63 -10.25
N SER A 204 -13.74 22.37 -11.04
CA SER A 204 -13.28 23.76 -11.37
C SER A 204 -14.50 24.69 -11.53
N GLU A 205 -14.28 25.89 -12.01
CA GLU A 205 -15.41 26.84 -12.19
C GLU A 205 -16.27 26.40 -13.39
N GLY A 206 -17.38 25.77 -13.12
CA GLY A 206 -18.27 25.32 -14.24
C GLY A 206 -19.24 26.44 -14.60
N LYS A 207 -19.74 26.42 -15.81
CA LYS A 207 -20.70 27.48 -16.23
C LYS A 207 -22.12 26.91 -16.34
N ARG A 208 -23.02 27.39 -15.52
CA ARG A 208 -24.41 26.88 -15.56
C ARG A 208 -25.40 28.02 -15.82
N LYS A 209 -25.53 28.93 -14.89
CA LYS A 209 -26.47 30.07 -15.09
C LYS A 209 -26.18 31.18 -14.06
N GLY A 210 -26.29 32.41 -14.46
CA GLY A 210 -26.02 33.53 -13.50
C GLY A 210 -25.99 34.86 -14.27
N ASP A 211 -27.03 35.64 -14.13
CA ASP A 211 -27.07 36.96 -14.84
C ASP A 211 -28.18 37.84 -14.27
N GLU A 212 -28.23 37.98 -12.97
CA GLU A 212 -29.29 38.83 -12.35
C GLU A 212 -28.71 40.19 -11.94
N VAL A 213 -29.56 41.14 -11.65
CA VAL A 213 -29.05 42.48 -11.24
C VAL A 213 -30.01 43.13 -10.24
N ASP A 214 -30.37 42.41 -9.21
CA ASP A 214 -31.30 42.97 -8.19
C ASP A 214 -30.51 43.51 -6.99
ZN ZN C . 18.19 -9.56 3.78
ZN ZN D . -19.47 -5.83 -9.98
N MET A 1 8.50 -7.36 24.68
CA MET A 1 7.10 -7.87 24.57
C MET A 1 6.24 -7.28 25.69
N ALA A 2 5.55 -6.21 25.42
CA ALA A 2 4.69 -5.58 26.47
C ALA A 2 3.43 -4.97 25.83
N GLU A 3 2.51 -4.51 26.63
CA GLU A 3 1.26 -3.90 26.08
C GLU A 3 0.60 -4.84 25.07
N SER A 4 -0.46 -4.41 24.43
CA SER A 4 -1.15 -5.29 23.44
C SER A 4 -0.48 -5.15 22.07
N SER A 5 0.06 -3.99 21.77
CA SER A 5 0.72 -3.78 20.45
C SER A 5 -0.21 -4.19 19.31
N ASP A 6 -1.04 -3.29 18.86
CA ASP A 6 -1.98 -3.62 17.75
C ASP A 6 -1.41 -3.16 16.40
N LYS A 7 -0.31 -2.45 16.41
CA LYS A 7 0.29 -1.99 15.12
C LYS A 7 0.62 -3.20 14.24
N LEU A 8 0.63 -3.03 12.95
CA LEU A 8 0.93 -4.19 12.05
C LEU A 8 2.44 -4.34 11.83
N TYR A 9 3.22 -3.31 12.09
CA TYR A 9 4.69 -3.44 11.84
C TYR A 9 5.51 -3.04 13.08
N ARG A 10 6.74 -3.49 13.12
CA ARG A 10 7.62 -3.15 14.26
C ARG A 10 9.04 -2.84 13.75
N VAL A 11 9.67 -1.87 14.34
CA VAL A 11 11.06 -1.52 13.93
C VAL A 11 11.92 -1.41 15.18
N GLU A 12 13.12 -1.91 15.14
CA GLU A 12 13.99 -1.83 16.35
C GLU A 12 15.39 -2.32 16.03
N TYR A 13 16.30 -2.09 16.95
CA TYR A 13 17.68 -2.57 16.75
C TYR A 13 17.70 -4.04 17.15
N ALA A 14 18.16 -4.90 16.29
CA ALA A 14 18.15 -6.39 16.56
C ALA A 14 18.54 -6.74 18.00
N LYS A 15 17.63 -7.37 18.71
CA LYS A 15 17.92 -7.80 20.11
C LYS A 15 18.94 -8.94 20.10
N SER A 16 19.07 -9.60 18.98
CA SER A 16 20.05 -10.71 18.84
C SER A 16 20.48 -10.81 17.38
N GLY A 17 21.40 -11.71 17.07
CA GLY A 17 21.86 -11.84 15.65
C GLY A 17 21.41 -13.20 15.10
N ARG A 18 20.42 -13.80 15.73
CA ARG A 18 19.94 -15.14 15.27
C ARG A 18 18.74 -15.04 14.33
N ALA A 19 18.08 -13.93 14.28
CA ALA A 19 16.90 -13.80 13.34
C ALA A 19 17.36 -13.87 11.87
N SER A 20 16.58 -14.53 11.04
CA SER A 20 16.94 -14.65 9.60
C SER A 20 15.98 -13.81 8.78
N CYS A 21 16.50 -13.08 7.85
CA CYS A 21 15.63 -12.22 6.99
C CYS A 21 14.66 -13.08 6.17
N LYS A 22 13.39 -12.77 6.22
CA LYS A 22 12.39 -13.58 5.45
C LYS A 22 12.48 -13.33 3.94
N LYS A 23 13.31 -12.40 3.52
CA LYS A 23 13.45 -12.12 2.05
C LYS A 23 14.73 -12.76 1.47
N CYS A 24 15.88 -12.40 1.98
CA CYS A 24 17.15 -12.96 1.44
C CYS A 24 17.71 -14.14 2.28
N SER A 25 17.07 -14.46 3.39
CA SER A 25 17.52 -15.63 4.26
C SER A 25 18.81 -15.36 5.07
N GLU A 26 19.53 -14.30 4.82
CA GLU A 26 20.78 -14.04 5.59
C GLU A 26 20.42 -13.63 7.03
N SER A 27 21.32 -13.85 7.96
CA SER A 27 21.02 -13.50 9.38
C SER A 27 21.00 -11.99 9.58
N ILE A 28 20.20 -11.52 10.51
CA ILE A 28 20.16 -10.07 10.81
C ILE A 28 21.09 -9.82 12.00
N PRO A 29 22.14 -9.06 11.80
CA PRO A 29 23.14 -8.83 12.89
C PRO A 29 22.56 -8.07 14.08
N LYS A 30 22.96 -8.48 15.27
CA LYS A 30 22.47 -7.82 16.52
C LYS A 30 22.70 -6.31 16.48
N ASP A 31 21.78 -5.54 17.02
CA ASP A 31 21.89 -4.03 17.06
C ASP A 31 21.62 -3.39 15.69
N SER A 32 21.52 -4.17 14.63
CA SER A 32 21.26 -3.56 13.30
C SER A 32 19.79 -3.16 13.20
N LEU A 33 19.46 -2.22 12.37
CA LEU A 33 18.05 -1.79 12.23
C LEU A 33 17.28 -2.82 11.41
N ARG A 34 16.26 -3.41 11.98
CA ARG A 34 15.45 -4.42 11.25
C ARG A 34 13.98 -4.08 11.36
N MET A 35 13.19 -4.56 10.43
CA MET A 35 11.72 -4.27 10.47
C MET A 35 10.93 -5.57 10.30
N ALA A 36 9.74 -5.63 10.83
CA ALA A 36 8.97 -6.88 10.70
C ALA A 36 7.48 -6.60 10.55
N ILE A 37 6.78 -7.49 9.88
CA ILE A 37 5.31 -7.36 9.76
C ILE A 37 4.67 -8.26 10.83
N MET A 38 3.99 -7.67 11.78
CA MET A 38 3.40 -8.49 12.89
C MET A 38 2.25 -9.38 12.42
N VAL A 39 2.16 -10.56 12.97
CA VAL A 39 1.05 -11.49 12.61
C VAL A 39 0.57 -12.22 13.87
N GLN A 40 -0.70 -12.45 13.98
CA GLN A 40 -1.23 -13.15 15.18
C GLN A 40 -1.06 -14.66 15.05
N SER A 41 -0.60 -15.32 16.08
CA SER A 41 -0.42 -16.80 15.99
C SER A 41 -1.65 -17.53 16.53
N PRO A 42 -2.10 -18.51 15.79
CA PRO A 42 -3.29 -19.29 16.21
C PRO A 42 -2.91 -20.39 17.21
N MET A 43 -1.63 -20.55 17.50
CA MET A 43 -1.20 -21.61 18.46
C MET A 43 -1.05 -21.04 19.86
N PHE A 44 -0.99 -19.74 20.00
CA PHE A 44 -0.84 -19.13 21.36
C PHE A 44 -1.10 -17.62 21.29
N ASP A 45 -1.59 -17.06 22.37
CA ASP A 45 -1.85 -15.58 22.39
C ASP A 45 -0.52 -14.83 22.22
N GLY A 46 -0.44 -13.99 21.23
CA GLY A 46 0.82 -13.22 21.01
C GLY A 46 1.07 -13.10 19.51
N LYS A 47 1.79 -12.10 19.07
CA LYS A 47 2.04 -11.95 17.61
C LYS A 47 3.48 -12.34 17.26
N VAL A 48 3.66 -13.05 16.17
CA VAL A 48 5.04 -13.44 15.75
C VAL A 48 5.55 -12.47 14.67
N PRO A 49 6.76 -12.00 14.84
CA PRO A 49 7.30 -11.03 13.89
C PRO A 49 8.07 -11.69 12.74
N HIS A 50 7.76 -11.32 11.53
CA HIS A 50 8.54 -11.84 10.38
C HIS A 50 9.60 -10.78 10.12
N TRP A 51 10.83 -10.99 10.57
CA TRP A 51 11.85 -9.94 10.44
C TRP A 51 12.55 -9.90 9.08
N TYR A 52 13.05 -8.75 8.76
CA TYR A 52 13.77 -8.52 7.47
C TYR A 52 14.84 -7.45 7.69
N HIS A 53 15.92 -7.47 6.95
CA HIS A 53 16.92 -6.37 7.07
C HIS A 53 16.19 -5.11 6.62
N PHE A 54 16.58 -3.95 7.07
CA PHE A 54 15.84 -2.69 6.68
C PHE A 54 15.53 -2.64 5.17
N SER A 55 16.51 -2.83 4.32
CA SER A 55 16.27 -2.76 2.85
C SER A 55 15.37 -3.90 2.34
N CYS A 56 15.62 -5.12 2.75
CA CYS A 56 14.79 -6.27 2.27
C CYS A 56 13.29 -6.06 2.55
N PHE A 57 12.97 -5.48 3.67
CA PHE A 57 11.53 -5.26 4.04
C PHE A 57 10.73 -4.58 2.91
N TRP A 58 11.33 -3.65 2.19
CA TRP A 58 10.58 -2.92 1.13
C TRP A 58 10.61 -3.66 -0.21
N LYS A 59 11.52 -4.58 -0.39
CA LYS A 59 11.60 -5.31 -1.69
C LYS A 59 10.61 -6.48 -1.76
N VAL A 60 9.83 -6.69 -0.72
CA VAL A 60 8.85 -7.83 -0.74
C VAL A 60 7.44 -7.32 -1.07
N GLY A 61 7.18 -6.06 -0.87
CA GLY A 61 5.82 -5.53 -1.17
C GLY A 61 5.29 -4.75 0.04
N HIS A 62 5.88 -4.94 1.19
CA HIS A 62 5.41 -4.20 2.41
C HIS A 62 5.39 -2.69 2.12
N SER A 63 4.37 -2.00 2.57
CA SER A 63 4.31 -0.53 2.30
C SER A 63 3.84 0.23 3.53
N ILE A 64 4.36 1.41 3.74
CA ILE A 64 3.96 2.23 4.92
C ILE A 64 3.91 3.71 4.53
N ARG A 65 2.77 4.34 4.67
CA ARG A 65 2.66 5.78 4.32
C ARG A 65 3.06 6.63 5.53
N HIS A 66 2.59 6.27 6.69
CA HIS A 66 2.94 7.04 7.93
C HIS A 66 3.59 6.12 8.97
N PRO A 67 4.90 6.08 8.97
CA PRO A 67 5.65 5.20 9.92
C PRO A 67 5.35 5.55 11.40
N ASP A 68 5.39 6.81 11.78
CA ASP A 68 5.10 7.19 13.19
C ASP A 68 3.84 6.54 13.78
N VAL A 69 2.81 6.36 12.99
CA VAL A 69 1.54 5.76 13.53
C VAL A 69 1.36 4.27 13.15
N GLU A 70 1.97 3.81 12.07
CA GLU A 70 1.76 2.38 11.64
C GLU A 70 2.89 1.45 12.11
N VAL A 71 4.02 1.97 12.53
CA VAL A 71 5.13 1.06 12.95
C VAL A 71 5.47 1.23 14.43
N ASP A 72 5.25 0.19 15.21
CA ASP A 72 5.57 0.25 16.67
C ASP A 72 7.08 0.36 16.88
N GLY A 73 7.52 1.13 17.84
CA GLY A 73 9.00 1.26 18.10
C GLY A 73 9.62 2.39 17.25
N PHE A 74 8.86 2.95 16.34
CA PHE A 74 9.43 4.04 15.48
C PHE A 74 9.95 5.21 16.31
N SER A 75 9.15 5.70 17.22
CA SER A 75 9.57 6.86 18.05
C SER A 75 10.82 6.57 18.92
N GLU A 76 11.13 5.31 19.19
CA GLU A 76 12.34 5.02 20.01
C GLU A 76 13.61 4.84 19.16
N LEU A 77 13.50 4.93 17.85
CA LEU A 77 14.71 4.79 16.99
C LEU A 77 15.55 6.06 17.08
N ARG A 78 16.81 5.98 16.75
CA ARG A 78 17.66 7.21 16.77
C ARG A 78 17.12 8.16 15.70
N TRP A 79 17.32 9.45 15.88
CA TRP A 79 16.78 10.45 14.90
C TRP A 79 17.08 10.07 13.44
N ASP A 80 18.32 9.88 13.09
CA ASP A 80 18.68 9.54 11.67
C ASP A 80 17.89 8.32 11.18
N ASP A 81 17.74 7.31 12.00
CA ASP A 81 16.99 6.10 11.56
C ASP A 81 15.51 6.44 11.40
N GLN A 82 15.03 7.38 12.18
CA GLN A 82 13.59 7.79 12.06
C GLN A 82 13.41 8.51 10.72
N GLN A 83 14.41 9.27 10.30
CA GLN A 83 14.32 9.97 9.00
C GLN A 83 14.48 8.97 7.87
N LYS A 84 15.40 8.06 8.01
CA LYS A 84 15.62 7.02 6.95
C LYS A 84 14.33 6.23 6.71
N VAL A 85 13.70 5.80 7.77
CA VAL A 85 12.42 5.04 7.61
C VAL A 85 11.35 5.97 7.02
N LYS A 86 11.31 7.20 7.48
CA LYS A 86 10.29 8.16 6.96
C LYS A 86 10.48 8.41 5.47
N LYS A 87 11.71 8.61 5.04
CA LYS A 87 11.97 8.87 3.60
C LYS A 87 11.78 7.59 2.79
N THR A 88 12.29 6.48 3.27
CA THR A 88 12.12 5.20 2.51
C THR A 88 10.64 4.88 2.36
N ALA A 89 9.86 5.19 3.37
CA ALA A 89 8.39 4.93 3.29
C ALA A 89 7.79 5.79 2.18
N GLU A 90 8.17 7.04 2.12
CA GLU A 90 7.63 7.94 1.06
C GLU A 90 8.07 7.44 -0.33
N ALA A 91 9.34 7.17 -0.49
CA ALA A 91 9.83 6.69 -1.81
C ALA A 91 9.10 5.41 -2.22
N GLY A 92 9.22 5.01 -3.45
CA GLY A 92 8.54 3.77 -3.92
C GLY A 92 8.90 3.49 -5.38
N GLY A 93 10.14 3.69 -5.74
CA GLY A 93 10.57 3.44 -7.14
C GLY A 93 11.87 2.64 -7.15
N VAL A 94 11.78 1.33 -7.18
CA VAL A 94 13.01 0.50 -7.19
C VAL A 94 13.66 0.54 -8.58
N THR A 95 14.32 1.62 -8.90
CA THR A 95 14.98 1.73 -10.23
C THR A 95 16.33 2.44 -10.11
N GLY A 96 16.33 3.66 -9.62
CA GLY A 96 17.60 4.41 -9.46
C GLY A 96 17.89 4.61 -7.97
N LYS A 97 17.82 3.56 -7.20
CA LYS A 97 18.09 3.68 -5.73
C LYS A 97 17.25 4.81 -5.13
N GLY A 98 16.08 5.05 -5.67
CA GLY A 98 15.22 6.13 -5.11
C GLY A 98 15.02 7.21 -6.18
N GLN A 99 13.92 7.19 -6.86
CA GLN A 99 13.66 8.23 -7.91
C GLN A 99 12.24 8.78 -7.78
N ASP A 100 11.68 8.70 -6.60
CA ASP A 100 10.30 9.23 -6.40
C ASP A 100 10.30 10.41 -5.42
N GLY A 101 11.29 10.47 -4.55
CA GLY A 101 11.34 11.58 -3.57
C GLY A 101 12.81 11.98 -3.35
N ILE A 102 13.38 12.71 -4.27
CA ILE A 102 14.81 13.13 -4.11
C ILE A 102 15.08 14.40 -4.92
N GLY A 103 14.49 15.50 -4.52
CA GLY A 103 14.71 16.77 -5.28
C GLY A 103 13.40 17.21 -5.92
N SER A 104 12.79 16.35 -6.70
CA SER A 104 11.50 16.71 -7.37
C SER A 104 10.36 15.87 -6.80
N LYS A 105 9.60 16.42 -5.89
CA LYS A 105 8.47 15.65 -5.29
C LYS A 105 7.47 15.25 -6.38
N ALA A 106 6.92 14.07 -6.29
CA ALA A 106 5.94 13.62 -7.32
C ALA A 106 5.12 12.44 -6.80
N GLU A 107 4.93 12.37 -5.51
CA GLU A 107 4.14 11.24 -4.92
C GLU A 107 2.65 11.50 -5.11
N LYS A 108 2.13 11.25 -6.29
CA LYS A 108 0.67 11.47 -6.53
C LYS A 108 0.01 10.16 -6.95
N THR A 109 0.26 9.09 -6.23
CA THR A 109 -0.37 7.79 -6.58
C THR A 109 -0.72 7.01 -5.31
N LEU A 110 -1.96 6.60 -5.20
CA LEU A 110 -2.37 5.83 -3.98
C LEU A 110 -1.65 4.47 -3.94
N GLY A 111 -1.35 3.99 -2.76
CA GLY A 111 -0.64 2.69 -2.66
C GLY A 111 -1.63 1.57 -2.31
N ASP A 112 -2.86 1.91 -2.02
CA ASP A 112 -3.87 0.86 -1.66
C ASP A 112 -4.99 0.78 -2.70
N PHE A 113 -4.88 1.52 -3.78
CA PHE A 113 -5.95 1.47 -4.84
C PHE A 113 -5.31 1.23 -6.20
N ALA A 114 -5.84 0.32 -6.99
CA ALA A 114 -5.22 0.06 -8.32
C ALA A 114 -6.25 -0.17 -9.43
N ALA A 115 -5.82 0.03 -10.64
CA ALA A 115 -6.69 -0.17 -11.82
C ALA A 115 -5.90 -0.89 -12.91
N GLU A 116 -6.44 -1.93 -13.48
CA GLU A 116 -5.71 -2.67 -14.54
C GLU A 116 -6.67 -3.55 -15.34
N TYR A 117 -6.23 -4.03 -16.47
CA TYR A 117 -7.12 -4.93 -17.26
C TYR A 117 -7.04 -6.31 -16.64
N ALA A 118 -8.16 -6.99 -16.48
CA ALA A 118 -8.14 -8.35 -15.85
C ALA A 118 -7.09 -9.26 -16.49
N LYS A 119 -6.06 -9.63 -15.73
CA LYS A 119 -5.02 -10.53 -16.27
C LYS A 119 -5.62 -11.91 -16.58
N SER A 120 -6.77 -12.22 -16.03
CA SER A 120 -7.41 -13.53 -16.30
C SER A 120 -8.93 -13.41 -16.13
N ASN A 121 -9.63 -14.52 -16.10
CA ASN A 121 -11.12 -14.45 -15.94
C ASN A 121 -11.58 -15.21 -14.70
N ARG A 122 -10.69 -15.53 -13.79
CA ARG A 122 -11.12 -16.26 -12.56
C ARG A 122 -11.24 -15.29 -11.38
N SER A 123 -11.03 -14.01 -11.57
CA SER A 123 -11.18 -13.05 -10.45
C SER A 123 -12.68 -12.80 -10.25
N THR A 124 -13.06 -12.12 -9.21
CA THR A 124 -14.52 -11.89 -8.97
C THR A 124 -14.77 -10.52 -8.35
N CYS A 125 -15.67 -9.75 -8.92
CA CYS A 125 -15.98 -8.44 -8.33
C CYS A 125 -16.57 -8.65 -6.92
N LYS A 126 -15.94 -8.07 -5.93
CA LYS A 126 -16.44 -8.25 -4.52
C LYS A 126 -17.63 -7.32 -4.19
N GLY A 127 -18.32 -6.82 -5.19
CA GLY A 127 -19.48 -5.92 -4.94
C GLY A 127 -20.74 -6.64 -5.39
N CYS A 128 -20.67 -7.29 -6.54
CA CYS A 128 -21.84 -8.07 -7.03
C CYS A 128 -21.51 -9.59 -7.11
N MET A 129 -20.30 -9.98 -6.70
CA MET A 129 -19.88 -11.40 -6.75
C MET A 129 -19.93 -12.01 -8.17
N GLU A 130 -20.05 -11.20 -9.19
CA GLU A 130 -20.06 -11.75 -10.58
C GLU A 130 -18.62 -11.83 -11.08
N LYS A 131 -18.29 -12.83 -11.86
CA LYS A 131 -16.88 -12.97 -12.33
C LYS A 131 -16.49 -11.84 -13.28
N ILE A 132 -15.24 -11.41 -13.21
CA ILE A 132 -14.76 -10.37 -14.14
C ILE A 132 -14.11 -11.07 -15.34
N GLU A 133 -14.44 -10.68 -16.54
CA GLU A 133 -13.85 -11.35 -17.73
C GLU A 133 -12.43 -10.86 -18.00
N LYS A 134 -11.56 -11.74 -18.43
CA LYS A 134 -10.16 -11.32 -18.78
C LYS A 134 -10.17 -10.15 -19.78
N GLY A 135 -9.34 -9.15 -19.56
CA GLY A 135 -9.30 -7.98 -20.48
C GLY A 135 -10.18 -6.85 -19.95
N GLN A 136 -11.22 -7.18 -19.23
CA GLN A 136 -12.14 -6.13 -18.69
C GLN A 136 -11.42 -5.25 -17.67
N VAL A 137 -11.67 -3.97 -17.69
CA VAL A 137 -11.03 -3.06 -16.71
C VAL A 137 -11.58 -3.34 -15.32
N ARG A 138 -10.73 -3.43 -14.34
CA ARG A 138 -11.21 -3.71 -12.95
C ARG A 138 -10.46 -2.81 -11.96
N LEU A 139 -11.09 -2.50 -10.86
CA LEU A 139 -10.43 -1.64 -9.83
C LEU A 139 -10.27 -2.43 -8.54
N SER A 140 -9.42 -2.00 -7.65
CA SER A 140 -9.27 -2.78 -6.40
C SER A 140 -8.81 -1.95 -5.20
N LYS A 141 -9.29 -2.33 -4.04
CA LYS A 141 -8.89 -1.65 -2.79
C LYS A 141 -7.98 -2.61 -2.00
N LYS A 142 -6.69 -2.42 -2.08
CA LYS A 142 -5.75 -3.34 -1.38
C LYS A 142 -6.05 -3.42 0.12
N MET A 143 -6.00 -4.61 0.66
CA MET A 143 -6.25 -4.80 2.12
C MET A 143 -5.54 -6.06 2.59
N VAL A 144 -5.14 -6.11 3.84
CA VAL A 144 -4.42 -7.31 4.34
C VAL A 144 -5.37 -8.26 5.08
N ASP A 145 -5.10 -9.53 5.02
CA ASP A 145 -5.96 -10.52 5.73
C ASP A 145 -5.21 -11.04 6.96
N PRO A 146 -5.85 -10.97 8.10
CA PRO A 146 -5.20 -11.44 9.34
C PRO A 146 -5.00 -12.96 9.28
N GLU A 147 -5.73 -13.64 8.44
CA GLU A 147 -5.59 -15.11 8.33
C GLU A 147 -4.41 -15.44 7.40
N LYS A 148 -4.11 -14.55 6.48
CA LYS A 148 -2.97 -14.79 5.54
C LYS A 148 -2.02 -13.58 5.60
N PRO A 149 -1.28 -13.50 6.67
CA PRO A 149 -0.34 -12.37 6.86
C PRO A 149 0.88 -12.48 5.93
N GLN A 150 1.25 -13.67 5.53
CA GLN A 150 2.42 -13.82 4.62
C GLN A 150 2.13 -13.15 3.26
N LEU A 151 0.88 -12.98 2.93
CA LEU A 151 0.53 -12.34 1.62
C LEU A 151 0.72 -10.83 1.69
N GLY A 152 0.19 -10.20 2.70
CA GLY A 152 0.34 -8.72 2.82
C GLY A 152 -0.84 -8.03 2.13
N MET A 153 -0.61 -6.88 1.58
CA MET A 153 -1.71 -6.14 0.88
C MET A 153 -2.22 -6.92 -0.33
N ILE A 154 -3.40 -7.46 -0.24
CA ILE A 154 -3.97 -8.24 -1.37
C ILE A 154 -5.05 -7.42 -2.08
N ASP A 155 -5.15 -7.53 -3.38
CA ASP A 155 -6.17 -6.72 -4.11
C ASP A 155 -7.59 -7.29 -3.97
N ARG A 156 -8.52 -6.43 -3.65
CA ARG A 156 -9.95 -6.82 -3.59
C ARG A 156 -10.54 -6.23 -4.87
N TRP A 157 -10.81 -7.03 -5.87
CA TRP A 157 -11.26 -6.46 -7.18
C TRP A 157 -12.75 -6.14 -7.25
N TYR A 158 -13.07 -5.28 -8.18
CA TYR A 158 -14.47 -4.84 -8.40
C TYR A 158 -14.61 -4.30 -9.81
N HIS A 159 -15.81 -4.26 -10.33
CA HIS A 159 -16.02 -3.62 -11.66
C HIS A 159 -15.94 -2.12 -11.36
N PRO A 160 -15.51 -1.31 -12.28
CA PRO A 160 -15.39 0.14 -12.01
C PRO A 160 -16.74 0.71 -11.50
N GLY A 161 -17.83 0.33 -12.10
CA GLY A 161 -19.16 0.82 -11.63
C GLY A 161 -19.40 0.32 -10.20
N CYS A 162 -19.26 -0.96 -9.97
CA CYS A 162 -19.46 -1.52 -8.60
C CYS A 162 -18.54 -0.81 -7.59
N PHE A 163 -17.29 -0.56 -7.97
CA PHE A 163 -16.33 0.12 -7.07
C PHE A 163 -16.85 1.53 -6.71
N VAL A 164 -17.31 2.25 -7.70
CA VAL A 164 -17.80 3.63 -7.44
C VAL A 164 -19.01 3.58 -6.49
N LYS A 165 -19.88 2.61 -6.64
CA LYS A 165 -21.06 2.55 -5.73
C LYS A 165 -20.64 2.43 -4.26
N ASN A 166 -19.56 1.75 -4.00
CA ASN A 166 -19.06 1.59 -2.59
C ASN A 166 -17.81 2.46 -2.32
N ARG A 167 -17.66 3.56 -3.03
CA ARG A 167 -16.44 4.42 -2.81
C ARG A 167 -16.27 4.80 -1.34
N GLU A 168 -17.33 5.07 -0.66
CA GLU A 168 -17.23 5.47 0.79
C GLU A 168 -16.68 4.34 1.66
N GLU A 169 -17.33 3.21 1.64
CA GLU A 169 -16.88 2.07 2.49
C GLU A 169 -15.50 1.58 2.05
N LEU A 170 -15.16 1.75 0.81
CA LEU A 170 -13.81 1.28 0.33
C LEU A 170 -12.72 2.31 0.69
N GLY A 171 -13.08 3.40 1.34
CA GLY A 171 -12.05 4.41 1.74
C GLY A 171 -11.57 5.23 0.56
N PHE A 172 -12.35 5.33 -0.49
CA PHE A 172 -11.92 6.15 -1.68
C PHE A 172 -12.46 7.57 -1.51
N ARG A 173 -11.80 8.35 -0.71
CA ARG A 173 -12.28 9.76 -0.44
C ARG A 173 -12.66 10.51 -1.73
N PRO A 174 -13.48 11.54 -1.58
CA PRO A 174 -13.95 12.32 -2.74
C PRO A 174 -12.84 13.22 -3.32
N GLU A 175 -11.77 13.43 -2.60
CA GLU A 175 -10.65 14.28 -3.14
C GLU A 175 -9.79 13.46 -4.11
N TYR A 176 -9.90 12.15 -4.06
CA TYR A 176 -9.09 11.29 -4.96
C TYR A 176 -9.69 11.26 -6.36
N SER A 177 -8.84 11.20 -7.35
CA SER A 177 -9.30 11.15 -8.76
C SER A 177 -8.80 9.86 -9.42
N ALA A 178 -9.36 9.50 -10.55
CA ALA A 178 -8.94 8.25 -11.24
C ALA A 178 -7.42 8.23 -11.52
N SER A 179 -6.85 9.38 -11.77
CA SER A 179 -5.39 9.46 -12.09
C SER A 179 -4.51 8.98 -10.92
N GLN A 180 -5.05 8.86 -9.74
CA GLN A 180 -4.23 8.42 -8.56
C GLN A 180 -4.22 6.89 -8.39
N LEU A 181 -5.00 6.17 -9.16
CA LEU A 181 -5.02 4.68 -9.01
C LEU A 181 -3.70 4.06 -9.47
N LYS A 182 -3.16 3.14 -8.72
CA LYS A 182 -1.89 2.48 -9.11
C LYS A 182 -2.11 1.68 -10.40
N GLY A 183 -1.40 2.03 -11.46
CA GLY A 183 -1.57 1.29 -12.76
C GLY A 183 -2.36 2.15 -13.77
N PHE A 184 -2.91 3.25 -13.34
CA PHE A 184 -3.71 4.12 -14.27
C PHE A 184 -2.94 4.44 -15.56
N SER A 185 -1.75 4.92 -15.43
CA SER A 185 -0.92 5.30 -16.63
C SER A 185 -0.84 4.20 -17.70
N LEU A 186 -1.01 2.95 -17.35
CA LEU A 186 -0.88 1.85 -18.37
C LEU A 186 -2.21 1.57 -19.11
N LEU A 187 -3.23 2.36 -18.88
CA LEU A 187 -4.53 2.12 -19.56
C LEU A 187 -4.64 2.95 -20.84
N ALA A 188 -5.32 2.43 -21.82
CA ALA A 188 -5.49 3.17 -23.10
C ALA A 188 -6.22 4.49 -22.81
N THR A 189 -5.96 5.52 -23.59
CA THR A 189 -6.63 6.85 -23.36
C THR A 189 -8.14 6.70 -23.14
N GLU A 190 -8.79 5.94 -23.97
CA GLU A 190 -10.29 5.74 -23.82
C GLU A 190 -10.62 5.22 -22.42
N ASP A 191 -9.93 4.21 -21.98
CA ASP A 191 -10.20 3.65 -20.61
C ASP A 191 -9.90 4.69 -19.52
N LYS A 192 -8.85 5.47 -19.70
CA LYS A 192 -8.50 6.50 -18.67
C LYS A 192 -9.59 7.56 -18.59
N GLU A 193 -10.14 7.95 -19.71
CA GLU A 193 -11.21 9.00 -19.69
C GLU A 193 -12.45 8.48 -18.98
N ALA A 194 -12.85 7.27 -19.26
CA ALA A 194 -14.06 6.68 -18.59
C ALA A 194 -13.89 6.72 -17.06
N LEU A 195 -12.72 6.42 -16.59
CA LEU A 195 -12.48 6.43 -15.11
C LEU A 195 -12.53 7.86 -14.58
N LYS A 196 -11.73 8.76 -15.15
CA LYS A 196 -11.74 10.18 -14.69
C LYS A 196 -13.19 10.71 -14.67
N LYS A 197 -14.01 10.19 -15.53
CA LYS A 197 -15.43 10.64 -15.60
C LYS A 197 -16.20 10.23 -14.33
N GLN A 198 -16.01 9.02 -13.87
CA GLN A 198 -16.75 8.55 -12.65
C GLN A 198 -16.02 8.96 -11.37
N LEU A 199 -14.71 9.08 -11.43
CA LEU A 199 -13.94 9.51 -10.22
C LEU A 199 -13.20 10.80 -10.58
N PRO A 200 -13.92 11.90 -10.57
CA PRO A 200 -13.33 13.22 -10.94
C PRO A 200 -12.39 13.74 -9.85
N GLY A 201 -12.78 13.62 -8.61
CA GLY A 201 -11.91 14.12 -7.51
C GLY A 201 -12.06 15.64 -7.40
N VAL A 202 -13.25 16.11 -7.08
CA VAL A 202 -13.47 17.57 -6.96
C VAL A 202 -12.60 18.14 -5.83
N LYS A 203 -12.85 19.37 -5.44
CA LYS A 203 -12.04 19.99 -4.34
C LYS A 203 -10.54 19.87 -4.65
N SER A 204 -9.99 20.83 -5.33
CA SER A 204 -8.54 20.78 -5.66
C SER A 204 -7.84 22.06 -5.21
N GLU A 205 -8.38 23.20 -5.55
CA GLU A 205 -7.75 24.48 -5.15
C GLU A 205 -8.73 25.31 -4.31
N GLY A 206 -9.72 25.88 -4.94
CA GLY A 206 -10.71 26.71 -4.18
C GLY A 206 -10.80 28.11 -4.78
N LYS A 207 -9.88 28.97 -4.43
CA LYS A 207 -9.91 30.35 -4.99
C LYS A 207 -8.51 30.76 -5.45
N ARG A 208 -8.30 32.03 -5.69
CA ARG A 208 -6.95 32.50 -6.14
C ARG A 208 -6.07 32.83 -4.94
N LYS A 209 -5.20 31.93 -4.56
CA LYS A 209 -4.30 32.19 -3.39
C LYS A 209 -2.86 32.36 -3.85
N GLY A 210 -2.58 33.38 -4.63
CA GLY A 210 -1.19 33.61 -5.11
C GLY A 210 -0.65 34.92 -4.56
N ASP A 211 -1.45 35.96 -4.60
CA ASP A 211 -0.99 37.29 -4.08
C ASP A 211 -2.16 38.04 -3.46
N GLU A 212 -2.00 39.32 -3.23
CA GLU A 212 -3.09 40.13 -2.62
C GLU A 212 -3.39 41.34 -3.49
N VAL A 213 -4.09 41.15 -4.58
CA VAL A 213 -4.42 42.30 -5.47
C VAL A 213 -5.86 42.20 -5.96
N ASP A 214 -6.73 43.05 -5.47
CA ASP A 214 -8.15 43.00 -5.90
C ASP A 214 -8.32 43.67 -7.27
ZN ZN C . 17.68 -9.55 4.05
ZN ZN D . -19.44 -6.03 -10.02
N MET A 1 -6.32 -1.71 25.76
CA MET A 1 -5.92 -1.07 27.05
C MET A 1 -4.97 -1.98 27.83
N ALA A 2 -3.95 -2.49 27.18
CA ALA A 2 -2.99 -3.38 27.88
C ALA A 2 -1.73 -3.58 27.03
N GLU A 3 -1.15 -2.51 26.55
CA GLU A 3 0.08 -2.63 25.72
C GLU A 3 -0.15 -3.61 24.55
N SER A 4 -0.87 -3.19 23.55
CA SER A 4 -1.13 -4.09 22.39
C SER A 4 -0.52 -3.49 21.11
N SER A 5 0.36 -4.22 20.48
CA SER A 5 0.99 -3.69 19.22
C SER A 5 0.11 -4.04 18.01
N ASP A 6 -1.02 -3.41 17.89
CA ASP A 6 -1.93 -3.70 16.74
C ASP A 6 -1.30 -3.23 15.43
N LYS A 7 -0.21 -2.50 15.49
CA LYS A 7 0.46 -2.02 14.24
C LYS A 7 0.80 -3.22 13.35
N LEU A 8 0.86 -3.03 12.07
CA LEU A 8 1.18 -4.15 11.15
C LEU A 8 2.71 -4.30 10.98
N TYR A 9 3.48 -3.29 11.28
CA TYR A 9 4.95 -3.40 11.10
C TYR A 9 5.73 -3.02 12.36
N ARG A 10 6.96 -3.46 12.44
CA ARG A 10 7.80 -3.12 13.61
C ARG A 10 9.22 -2.81 13.16
N VAL A 11 9.84 -1.84 13.77
CA VAL A 11 11.24 -1.48 13.41
C VAL A 11 12.05 -1.37 14.70
N GLU A 12 13.25 -1.87 14.69
CA GLU A 12 14.07 -1.79 15.94
C GLU A 12 15.50 -2.27 15.68
N TYR A 13 16.36 -2.04 16.62
CA TYR A 13 17.75 -2.52 16.47
C TYR A 13 17.76 -4.00 16.87
N ALA A 14 18.27 -4.84 16.01
CA ALA A 14 18.26 -6.33 16.27
C ALA A 14 18.59 -6.70 17.73
N LYS A 15 17.65 -7.33 18.39
CA LYS A 15 17.89 -7.78 19.80
C LYS A 15 18.91 -8.90 19.82
N SER A 16 19.09 -9.57 18.70
CA SER A 16 20.09 -10.66 18.59
C SER A 16 20.57 -10.77 17.14
N GLY A 17 21.50 -11.64 16.86
CA GLY A 17 22.01 -11.75 15.46
C GLY A 17 21.59 -13.11 14.89
N ARG A 18 20.58 -13.73 15.47
CA ARG A 18 20.13 -15.07 14.99
C ARG A 18 18.95 -14.97 13.99
N ALA A 19 18.29 -13.86 13.93
CA ALA A 19 17.14 -13.74 12.96
C ALA A 19 17.65 -13.78 11.50
N SER A 20 16.91 -14.44 10.64
CA SER A 20 17.33 -14.55 9.22
C SER A 20 16.38 -13.72 8.36
N CYS A 21 16.94 -12.97 7.46
CA CYS A 21 16.10 -12.11 6.57
C CYS A 21 15.17 -12.96 5.71
N LYS A 22 13.90 -12.67 5.72
CA LYS A 22 12.92 -13.47 4.91
C LYS A 22 13.06 -13.21 3.40
N LYS A 23 13.91 -12.28 3.02
CA LYS A 23 14.09 -11.99 1.56
C LYS A 23 15.40 -12.61 1.02
N CYS A 24 16.53 -12.25 1.58
CA CYS A 24 17.83 -12.81 1.08
C CYS A 24 18.35 -13.99 1.93
N SER A 25 17.68 -14.33 3.02
CA SER A 25 18.10 -15.49 3.89
C SER A 25 19.35 -15.23 4.75
N GLU A 26 20.08 -14.16 4.53
CA GLU A 26 21.31 -13.91 5.36
C GLU A 26 20.89 -13.50 6.78
N SER A 27 21.74 -13.73 7.74
CA SER A 27 21.40 -13.38 9.14
C SER A 27 21.38 -11.87 9.36
N ILE A 28 20.54 -11.42 10.26
CA ILE A 28 20.48 -9.97 10.57
C ILE A 28 21.36 -9.73 11.80
N PRO A 29 22.42 -8.95 11.64
CA PRO A 29 23.38 -8.73 12.76
C PRO A 29 22.75 -7.98 13.94
N LYS A 30 23.12 -8.39 15.13
CA LYS A 30 22.57 -7.76 16.37
C LYS A 30 22.81 -6.24 16.36
N ASP A 31 21.86 -5.48 16.88
CA ASP A 31 21.96 -3.97 16.92
C ASP A 31 21.74 -3.32 15.54
N SER A 32 21.68 -4.09 14.48
CA SER A 32 21.46 -3.47 13.14
C SER A 32 19.99 -3.09 13.00
N LEU A 33 19.70 -2.13 12.16
CA LEU A 33 18.29 -1.71 11.97
C LEU A 33 17.55 -2.74 11.11
N ARG A 34 16.51 -3.33 11.65
CA ARG A 34 15.74 -4.35 10.88
C ARG A 34 14.25 -4.02 10.94
N MET A 35 13.50 -4.48 9.98
CA MET A 35 12.04 -4.19 9.97
C MET A 35 11.26 -5.50 9.77
N ALA A 36 10.05 -5.56 10.25
CA ALA A 36 9.28 -6.82 10.08
C ALA A 36 7.80 -6.55 9.88
N ILE A 37 7.14 -7.44 9.19
CA ILE A 37 5.66 -7.30 9.01
C ILE A 37 4.98 -8.22 10.04
N MET A 38 4.31 -7.66 11.00
CA MET A 38 3.67 -8.48 12.06
C MET A 38 2.59 -9.42 11.52
N VAL A 39 2.49 -10.59 12.08
CA VAL A 39 1.46 -11.57 11.64
C VAL A 39 0.88 -12.30 12.86
N GLN A 40 -0.40 -12.49 12.91
CA GLN A 40 -1.00 -13.20 14.09
C GLN A 40 -0.83 -14.72 13.93
N SER A 41 -0.39 -15.38 14.98
CA SER A 41 -0.20 -16.86 14.90
C SER A 41 -1.45 -17.60 15.41
N PRO A 42 -1.88 -18.58 14.65
CA PRO A 42 -3.07 -19.36 15.04
C PRO A 42 -2.71 -20.47 16.04
N MET A 43 -1.45 -20.62 16.35
CA MET A 43 -1.04 -21.70 17.31
C MET A 43 -0.93 -21.13 18.74
N PHE A 44 -0.91 -19.83 18.88
CA PHE A 44 -0.80 -19.24 20.25
C PHE A 44 -1.08 -17.73 20.19
N ASP A 45 -1.59 -17.18 21.26
CA ASP A 45 -1.86 -15.71 21.27
C ASP A 45 -0.55 -14.94 21.18
N GLY A 46 -0.41 -14.11 20.18
CA GLY A 46 0.84 -13.32 20.02
C GLY A 46 1.14 -13.18 18.52
N LYS A 47 1.86 -12.16 18.15
CA LYS A 47 2.17 -11.96 16.70
C LYS A 47 3.61 -12.37 16.38
N VAL A 48 3.82 -13.04 15.28
CA VAL A 48 5.19 -13.45 14.89
C VAL A 48 5.74 -12.45 13.87
N PRO A 49 6.95 -11.98 14.09
CA PRO A 49 7.53 -11.00 13.18
C PRO A 49 8.33 -11.65 12.05
N HIS A 50 8.07 -11.27 10.83
CA HIS A 50 8.89 -11.76 9.68
C HIS A 50 9.96 -10.71 9.50
N TRP A 51 11.15 -10.92 9.99
CA TRP A 51 12.20 -9.86 9.91
C TRP A 51 12.94 -9.82 8.57
N TYR A 52 13.44 -8.65 8.27
CA TYR A 52 14.21 -8.41 7.02
C TYR A 52 15.27 -7.35 7.28
N HIS A 53 16.37 -7.36 6.57
CA HIS A 53 17.36 -6.26 6.75
C HIS A 53 16.64 -4.99 6.28
N PHE A 54 17.01 -3.85 6.75
CA PHE A 54 16.30 -2.58 6.34
C PHE A 54 16.03 -2.52 4.82
N SER A 55 17.04 -2.70 4.02
CA SER A 55 16.85 -2.62 2.52
C SER A 55 15.97 -3.76 1.98
N CYS A 56 16.21 -4.98 2.39
CA CYS A 56 15.41 -6.13 1.88
C CYS A 56 13.91 -5.93 2.11
N PHE A 57 13.54 -5.35 3.21
CA PHE A 57 12.07 -5.15 3.52
C PHE A 57 11.32 -4.46 2.38
N TRP A 58 11.95 -3.52 1.67
CA TRP A 58 11.23 -2.79 0.60
C TRP A 58 11.30 -3.52 -0.74
N LYS A 59 12.22 -4.44 -0.89
CA LYS A 59 12.35 -5.16 -2.19
C LYS A 59 11.37 -6.33 -2.31
N VAL A 60 10.56 -6.55 -1.31
CA VAL A 60 9.57 -7.68 -1.36
C VAL A 60 8.18 -7.18 -1.77
N GLY A 61 7.90 -5.92 -1.54
CA GLY A 61 6.56 -5.39 -1.91
C GLY A 61 5.95 -4.67 -0.70
N HIS A 62 6.56 -4.78 0.45
CA HIS A 62 6.01 -4.10 1.66
C HIS A 62 6.01 -2.58 1.43
N SER A 63 4.97 -1.90 1.80
CA SER A 63 4.93 -0.42 1.58
C SER A 63 4.36 0.32 2.79
N ILE A 64 4.86 1.50 3.05
CA ILE A 64 4.35 2.30 4.20
C ILE A 64 4.36 3.79 3.83
N ARG A 65 3.22 4.43 3.90
CA ARG A 65 3.16 5.88 3.56
C ARG A 65 3.51 6.72 4.79
N HIS A 66 3.01 6.33 5.94
CA HIS A 66 3.31 7.09 7.19
C HIS A 66 3.92 6.16 8.25
N PRO A 67 5.24 6.13 8.30
CA PRO A 67 5.94 5.26 9.27
C PRO A 67 5.59 5.59 10.74
N ASP A 68 5.62 6.85 11.12
CA ASP A 68 5.28 7.23 12.53
C ASP A 68 3.99 6.55 13.06
N VAL A 69 2.99 6.38 12.24
CA VAL A 69 1.71 5.77 12.73
C VAL A 69 1.55 4.28 12.32
N GLU A 70 2.20 3.84 11.27
CA GLU A 70 2.01 2.42 10.82
C GLU A 70 3.12 1.47 11.34
N VAL A 71 4.23 2.00 11.78
CA VAL A 71 5.33 1.09 12.25
C VAL A 71 5.62 1.26 13.74
N ASP A 72 5.38 0.20 14.51
CA ASP A 72 5.64 0.26 15.97
C ASP A 72 7.15 0.36 16.24
N GLY A 73 7.56 1.14 17.23
CA GLY A 73 9.01 1.27 17.53
C GLY A 73 9.65 2.40 16.71
N PHE A 74 8.94 2.97 15.78
CA PHE A 74 9.54 4.08 14.94
C PHE A 74 10.02 5.24 15.81
N SER A 75 9.18 5.72 16.68
CA SER A 75 9.56 6.88 17.55
C SER A 75 10.78 6.58 18.45
N GLU A 76 11.10 5.31 18.73
CA GLU A 76 12.26 5.02 19.59
C GLU A 76 13.57 4.87 18.78
N LEU A 77 13.51 4.95 17.47
CA LEU A 77 14.75 4.83 16.65
C LEU A 77 15.58 6.10 16.78
N ARG A 78 16.85 6.03 16.50
CA ARG A 78 17.70 7.26 16.56
C ARG A 78 17.19 8.22 15.48
N TRP A 79 17.38 9.50 15.67
CA TRP A 79 16.87 10.51 14.67
C TRP A 79 17.23 10.14 13.23
N ASP A 80 18.49 9.96 12.93
CA ASP A 80 18.89 9.63 11.52
C ASP A 80 18.13 8.40 10.98
N ASP A 81 17.95 7.39 11.79
CA ASP A 81 17.21 6.18 11.32
C ASP A 81 15.74 6.52 11.10
N GLN A 82 15.22 7.45 11.88
CA GLN A 82 13.80 7.86 11.70
C GLN A 82 13.66 8.58 10.36
N GLN A 83 14.67 9.35 9.99
CA GLN A 83 14.62 10.07 8.69
C GLN A 83 14.83 9.07 7.55
N LYS A 84 15.75 8.16 7.73
CA LYS A 84 16.01 7.13 6.67
C LYS A 84 14.74 6.33 6.38
N VAL A 85 14.06 5.90 7.41
CA VAL A 85 12.80 5.14 7.21
C VAL A 85 11.74 6.07 6.59
N LYS A 86 11.69 7.30 7.04
CA LYS A 86 10.67 8.25 6.50
C LYS A 86 10.93 8.51 5.01
N LYS A 87 12.17 8.71 4.64
CA LYS A 87 12.47 8.99 3.20
C LYS A 87 12.32 7.72 2.38
N THR A 88 12.82 6.61 2.86
CA THR A 88 12.68 5.33 2.10
C THR A 88 11.20 5.01 1.89
N ALA A 89 10.39 5.31 2.88
CA ALA A 89 8.93 5.03 2.74
C ALA A 89 8.37 5.91 1.61
N GLU A 90 8.73 7.16 1.58
CA GLU A 90 8.21 8.06 0.51
C GLU A 90 8.71 7.59 -0.86
N ALA A 91 9.98 7.33 -0.99
CA ALA A 91 10.52 6.87 -2.31
C ALA A 91 9.82 5.58 -2.73
N GLY A 92 9.54 5.43 -4.01
CA GLY A 92 8.86 4.21 -4.50
C GLY A 92 9.90 3.19 -4.97
N GLY A 93 9.56 1.93 -4.98
CA GLY A 93 10.52 0.89 -5.44
C GLY A 93 10.13 0.39 -6.83
N VAL A 94 9.52 1.24 -7.61
CA VAL A 94 9.11 0.82 -8.99
C VAL A 94 9.72 1.74 -10.04
N THR A 95 11.02 1.69 -10.21
CA THR A 95 11.67 2.57 -11.22
C THR A 95 12.51 1.74 -12.19
N GLY A 96 12.44 2.04 -13.46
CA GLY A 96 13.23 1.27 -14.46
C GLY A 96 13.01 1.86 -15.85
N LYS A 97 12.07 1.34 -16.59
CA LYS A 97 11.80 1.87 -17.95
C LYS A 97 10.42 2.52 -18.02
N GLY A 98 10.34 3.81 -17.82
CA GLY A 98 9.02 4.49 -17.87
C GLY A 98 8.98 5.43 -19.08
N GLN A 99 8.64 4.91 -20.22
CA GLN A 99 8.57 5.77 -21.44
C GLN A 99 7.11 5.93 -21.91
N ASP A 100 6.22 6.21 -20.99
CA ASP A 100 4.79 6.37 -21.37
C ASP A 100 4.14 7.47 -20.51
N GLY A 101 3.63 8.49 -21.13
CA GLY A 101 2.99 9.60 -20.36
C GLY A 101 4.02 10.67 -20.02
N ILE A 102 3.70 11.55 -19.11
CA ILE A 102 4.68 12.62 -18.73
C ILE A 102 5.27 12.33 -17.35
N GLY A 103 6.54 12.58 -17.18
CA GLY A 103 7.19 12.31 -15.86
C GLY A 103 7.15 13.59 -15.01
N SER A 104 6.08 13.79 -14.29
CA SER A 104 5.98 15.00 -13.43
C SER A 104 6.92 14.89 -12.23
N LYS A 105 6.77 15.74 -11.25
CA LYS A 105 7.66 15.67 -10.05
C LYS A 105 6.83 15.68 -8.78
N ALA A 106 5.70 15.02 -8.79
CA ALA A 106 4.83 14.98 -7.57
C ALA A 106 4.73 13.54 -7.06
N GLU A 107 3.85 13.31 -6.12
CA GLU A 107 3.70 11.93 -5.56
C GLU A 107 2.42 11.84 -4.73
N LYS A 108 1.34 11.41 -5.33
CA LYS A 108 0.06 11.30 -4.58
C LYS A 108 -0.65 9.98 -4.93
N THR A 109 0.05 9.07 -5.55
CA THR A 109 -0.59 7.77 -5.91
C THR A 109 -0.97 6.99 -4.65
N LEU A 110 -2.20 6.56 -4.55
CA LEU A 110 -2.63 5.79 -3.35
C LEU A 110 -1.91 4.44 -3.31
N GLY A 111 -1.62 3.94 -2.14
CA GLY A 111 -0.92 2.63 -2.03
C GLY A 111 -1.92 1.51 -1.72
N ASP A 112 -3.16 1.85 -1.44
CA ASP A 112 -4.17 0.79 -1.12
C ASP A 112 -5.27 0.74 -2.19
N PHE A 113 -5.12 1.46 -3.27
CA PHE A 113 -6.16 1.43 -4.34
C PHE A 113 -5.50 1.21 -5.71
N ALA A 114 -6.02 0.32 -6.50
CA ALA A 114 -5.36 0.06 -7.83
C ALA A 114 -6.37 -0.17 -8.96
N ALA A 115 -5.92 0.04 -10.15
CA ALA A 115 -6.77 -0.17 -11.36
C ALA A 115 -5.95 -0.89 -12.43
N GLU A 116 -6.48 -1.93 -13.02
CA GLU A 116 -5.72 -2.66 -14.06
C GLU A 116 -6.66 -3.53 -14.88
N TYR A 117 -6.22 -4.01 -16.01
CA TYR A 117 -7.07 -4.91 -16.82
C TYR A 117 -7.00 -6.30 -16.20
N ALA A 118 -8.11 -6.98 -16.06
CA ALA A 118 -8.10 -8.34 -15.43
C ALA A 118 -7.03 -9.25 -16.06
N LYS A 119 -6.02 -9.61 -15.28
CA LYS A 119 -4.97 -10.51 -15.80
C LYS A 119 -5.54 -11.89 -16.13
N SER A 120 -6.70 -12.21 -15.60
CA SER A 120 -7.32 -13.52 -15.88
C SER A 120 -8.85 -13.40 -15.74
N ASN A 121 -9.55 -14.52 -15.74
CA ASN A 121 -11.03 -14.47 -15.60
C ASN A 121 -11.53 -15.22 -14.36
N ARG A 122 -10.64 -15.55 -13.45
CA ARG A 122 -11.08 -16.28 -12.22
C ARG A 122 -11.24 -15.32 -11.04
N SER A 123 -11.03 -14.03 -11.23
CA SER A 123 -11.21 -13.08 -10.10
C SER A 123 -12.71 -12.84 -9.93
N THR A 124 -13.12 -12.16 -8.89
CA THR A 124 -14.58 -11.94 -8.70
C THR A 124 -14.85 -10.57 -8.06
N CYS A 125 -15.74 -9.81 -8.65
CA CYS A 125 -16.08 -8.51 -8.06
C CYS A 125 -16.69 -8.72 -6.66
N LYS A 126 -16.08 -8.15 -5.65
CA LYS A 126 -16.61 -8.32 -4.26
C LYS A 126 -17.80 -7.40 -3.95
N GLY A 127 -18.48 -6.91 -4.95
CA GLY A 127 -19.65 -6.01 -4.72
C GLY A 127 -20.89 -6.75 -5.21
N CYS A 128 -20.80 -7.39 -6.35
CA CYS A 128 -21.96 -8.17 -6.87
C CYS A 128 -21.62 -9.68 -6.95
N MET A 129 -20.41 -10.06 -6.53
CA MET A 129 -19.99 -11.50 -6.57
C MET A 129 -20.00 -12.10 -7.99
N GLU A 130 -20.11 -11.29 -9.01
CA GLU A 130 -20.09 -11.83 -10.39
C GLU A 130 -18.65 -11.90 -10.87
N LYS A 131 -18.30 -12.90 -11.63
CA LYS A 131 -16.88 -13.03 -12.10
C LYS A 131 -16.47 -11.89 -13.03
N ILE A 132 -15.23 -11.45 -12.94
CA ILE A 132 -14.74 -10.40 -13.85
C ILE A 132 -14.06 -11.10 -15.04
N GLU A 133 -14.37 -10.71 -16.25
CA GLU A 133 -13.75 -11.37 -17.43
C GLU A 133 -12.33 -10.87 -17.67
N LYS A 134 -11.45 -11.75 -18.09
CA LYS A 134 -10.04 -11.32 -18.41
C LYS A 134 -10.04 -10.15 -19.40
N GLY A 135 -9.22 -9.14 -19.17
CA GLY A 135 -9.17 -7.98 -20.09
C GLY A 135 -10.07 -6.85 -19.57
N GLN A 136 -11.13 -7.18 -18.87
CA GLN A 136 -12.05 -6.15 -18.34
C GLN A 136 -11.35 -5.26 -17.30
N VAL A 137 -11.61 -3.98 -17.32
CA VAL A 137 -11.00 -3.07 -16.34
C VAL A 137 -11.58 -3.35 -14.95
N ARG A 138 -10.74 -3.45 -13.96
CA ARG A 138 -11.25 -3.72 -12.58
C ARG A 138 -10.53 -2.83 -11.57
N LEU A 139 -11.17 -2.53 -10.48
CA LEU A 139 -10.54 -1.67 -9.43
C LEU A 139 -10.40 -2.46 -8.15
N SER A 140 -9.56 -2.03 -7.23
CA SER A 140 -9.44 -2.81 -5.99
C SER A 140 -9.01 -1.99 -4.78
N LYS A 141 -9.50 -2.38 -3.63
CA LYS A 141 -9.12 -1.71 -2.36
C LYS A 141 -8.24 -2.66 -1.56
N LYS A 142 -6.96 -2.46 -1.59
CA LYS A 142 -6.02 -3.37 -0.86
C LYS A 142 -6.41 -3.52 0.61
N MET A 143 -6.33 -4.72 1.12
CA MET A 143 -6.68 -4.97 2.54
C MET A 143 -5.90 -6.18 3.05
N VAL A 144 -5.60 -6.23 4.32
CA VAL A 144 -4.84 -7.39 4.85
C VAL A 144 -5.77 -8.36 5.58
N ASP A 145 -5.52 -9.64 5.46
CA ASP A 145 -6.38 -10.65 6.15
C ASP A 145 -5.65 -11.16 7.40
N PRO A 146 -6.32 -11.09 8.53
CA PRO A 146 -5.71 -11.56 9.79
C PRO A 146 -5.51 -13.08 9.75
N GLU A 147 -6.23 -13.76 8.90
CA GLU A 147 -6.09 -15.24 8.81
C GLU A 147 -4.90 -15.59 7.90
N LYS A 148 -4.52 -14.68 7.05
CA LYS A 148 -3.38 -14.94 6.13
C LYS A 148 -2.44 -13.72 6.15
N PRO A 149 -1.75 -13.56 7.25
CA PRO A 149 -0.83 -12.40 7.40
C PRO A 149 0.44 -12.56 6.57
N GLN A 150 0.69 -13.73 6.04
CA GLN A 150 1.93 -13.93 5.22
C GLN A 150 1.78 -13.28 3.84
N LEU A 151 0.57 -12.97 3.41
CA LEU A 151 0.42 -12.32 2.06
C LEU A 151 0.37 -10.80 2.20
N GLY A 152 -0.10 -10.31 3.31
CA GLY A 152 -0.13 -8.83 3.53
C GLY A 152 -1.21 -8.18 2.67
N MET A 153 -0.95 -6.97 2.22
CA MET A 153 -1.94 -6.22 1.38
C MET A 153 -2.44 -7.06 0.20
N ILE A 154 -3.68 -7.50 0.25
CA ILE A 154 -4.23 -8.29 -0.88
C ILE A 154 -5.28 -7.46 -1.61
N ASP A 155 -5.34 -7.54 -2.91
CA ASP A 155 -6.35 -6.74 -3.65
C ASP A 155 -7.77 -7.31 -3.54
N ARG A 156 -8.71 -6.47 -3.24
CA ARG A 156 -10.15 -6.86 -3.20
C ARG A 156 -10.71 -6.27 -4.49
N TRP A 157 -10.96 -7.07 -5.50
CA TRP A 157 -11.39 -6.50 -6.81
C TRP A 157 -12.87 -6.18 -6.92
N TYR A 158 -13.18 -5.32 -7.85
CA TYR A 158 -14.58 -4.90 -8.09
C TYR A 158 -14.71 -4.35 -9.51
N HIS A 159 -15.89 -4.31 -10.05
CA HIS A 159 -16.08 -3.67 -11.36
C HIS A 159 -16.02 -2.18 -11.07
N PRO A 160 -15.57 -1.37 -11.99
CA PRO A 160 -15.47 0.10 -11.70
C PRO A 160 -16.83 0.65 -11.22
N GLY A 161 -17.91 0.26 -11.85
CA GLY A 161 -19.25 0.75 -11.40
C GLY A 161 -19.51 0.24 -9.96
N CYS A 162 -19.36 -1.05 -9.74
CA CYS A 162 -19.59 -1.61 -8.37
C CYS A 162 -18.68 -0.88 -7.34
N PHE A 163 -17.45 -0.64 -7.71
CA PHE A 163 -16.50 0.05 -6.78
C PHE A 163 -17.03 1.44 -6.43
N VAL A 164 -17.48 2.18 -7.43
CA VAL A 164 -17.99 3.55 -7.16
C VAL A 164 -19.20 3.50 -6.24
N LYS A 165 -20.06 2.52 -6.40
CA LYS A 165 -21.27 2.44 -5.52
C LYS A 165 -20.87 2.32 -4.05
N ASN A 166 -19.79 1.65 -3.77
CA ASN A 166 -19.32 1.50 -2.35
C ASN A 166 -18.09 2.36 -2.06
N ARG A 167 -17.93 3.47 -2.75
CA ARG A 167 -16.72 4.34 -2.52
C ARG A 167 -16.57 4.71 -1.04
N GLU A 168 -17.65 4.97 -0.38
CA GLU A 168 -17.57 5.38 1.07
C GLU A 168 -17.04 4.24 1.95
N GLU A 169 -17.69 3.11 1.91
CA GLU A 169 -17.24 1.97 2.77
C GLU A 169 -15.85 1.49 2.36
N LEU A 170 -15.48 1.65 1.12
CA LEU A 170 -14.12 1.21 0.67
C LEU A 170 -13.05 2.24 1.06
N GLY A 171 -13.42 3.33 1.69
CA GLY A 171 -12.41 4.33 2.12
C GLY A 171 -11.91 5.16 0.94
N PHE A 172 -12.67 5.26 -0.12
CA PHE A 172 -12.22 6.08 -1.29
C PHE A 172 -12.78 7.49 -1.13
N ARG A 173 -12.14 8.29 -0.30
CA ARG A 173 -12.63 9.70 -0.04
C ARG A 173 -12.99 10.45 -1.34
N PRO A 174 -13.82 11.47 -1.20
CA PRO A 174 -14.27 12.25 -2.38
C PRO A 174 -13.16 13.16 -2.93
N GLU A 175 -12.10 13.37 -2.19
CA GLU A 175 -10.99 14.23 -2.71
C GLU A 175 -10.09 13.42 -3.67
N TYR A 176 -10.20 12.11 -3.62
CA TYR A 176 -9.37 11.25 -4.50
C TYR A 176 -9.94 11.23 -5.93
N SER A 177 -9.07 11.17 -6.89
CA SER A 177 -9.51 11.13 -8.32
C SER A 177 -9.00 9.84 -8.97
N ALA A 178 -9.52 9.49 -10.10
CA ALA A 178 -9.08 8.23 -10.79
C ALA A 178 -7.56 8.23 -11.04
N SER A 179 -6.99 9.38 -11.28
CA SER A 179 -5.52 9.46 -11.57
C SER A 179 -4.66 9.00 -10.38
N GLN A 180 -5.23 8.86 -9.22
CA GLN A 180 -4.42 8.43 -8.03
C GLN A 180 -4.40 6.89 -7.86
N LEU A 181 -5.17 6.17 -8.64
CA LEU A 181 -5.18 4.68 -8.51
C LEU A 181 -3.85 4.08 -8.94
N LYS A 182 -3.32 3.15 -8.16
CA LYS A 182 -2.03 2.50 -8.55
C LYS A 182 -2.22 1.71 -9.85
N GLY A 183 -1.50 2.06 -10.89
CA GLY A 183 -1.64 1.32 -12.20
C GLY A 183 -2.41 2.18 -13.22
N PHE A 184 -2.99 3.27 -12.80
CA PHE A 184 -3.77 4.14 -13.74
C PHE A 184 -2.98 4.47 -15.02
N SER A 185 -1.79 4.97 -14.86
CA SER A 185 -0.95 5.36 -16.04
C SER A 185 -0.83 4.26 -17.11
N LEU A 186 -1.00 3.00 -16.76
CA LEU A 186 -0.87 1.91 -17.79
C LEU A 186 -2.17 1.62 -18.55
N LEU A 187 -3.19 2.41 -18.33
CA LEU A 187 -4.48 2.16 -19.04
C LEU A 187 -4.56 2.98 -20.33
N ALA A 188 -5.24 2.47 -21.32
CA ALA A 188 -5.38 3.22 -22.61
C ALA A 188 -6.13 4.53 -22.33
N THR A 189 -5.86 5.56 -23.09
CA THR A 189 -6.53 6.89 -22.87
C THR A 189 -8.05 6.73 -22.68
N GLU A 190 -8.69 5.97 -23.52
CA GLU A 190 -10.18 5.76 -23.39
C GLU A 190 -10.54 5.23 -22.00
N ASP A 191 -9.85 4.22 -21.55
CA ASP A 191 -10.14 3.65 -20.19
C ASP A 191 -9.87 4.70 -19.10
N LYS A 192 -8.82 5.48 -19.25
CA LYS A 192 -8.49 6.50 -18.23
C LYS A 192 -9.60 7.57 -18.15
N GLU A 193 -10.11 7.96 -19.28
CA GLU A 193 -11.20 9.00 -19.29
C GLU A 193 -12.45 8.47 -18.58
N ALA A 194 -12.84 7.25 -18.88
CA ALA A 194 -14.06 6.66 -18.24
C ALA A 194 -13.92 6.70 -16.71
N LEU A 195 -12.75 6.40 -16.21
CA LEU A 195 -12.54 6.40 -14.73
C LEU A 195 -12.60 7.83 -14.20
N LYS A 196 -11.81 8.73 -14.76
CA LYS A 196 -11.84 10.15 -14.29
C LYS A 196 -13.27 10.68 -14.29
N LYS A 197 -14.08 10.16 -15.17
CA LYS A 197 -15.51 10.60 -15.27
C LYS A 197 -16.29 10.19 -14.02
N GLN A 198 -16.11 8.97 -13.55
CA GLN A 198 -16.87 8.50 -12.35
C GLN A 198 -16.16 8.90 -11.05
N LEU A 199 -14.85 9.03 -11.08
CA LEU A 199 -14.11 9.46 -9.86
C LEU A 199 -13.36 10.76 -10.20
N PRO A 200 -14.08 11.85 -10.19
CA PRO A 200 -13.48 13.17 -10.55
C PRO A 200 -12.56 13.69 -9.44
N GLY A 201 -12.97 13.56 -8.20
CA GLY A 201 -12.12 14.05 -7.09
C GLY A 201 -12.29 15.58 -6.96
N VAL A 202 -13.14 16.01 -6.08
CA VAL A 202 -13.36 17.48 -5.88
C VAL A 202 -12.22 18.08 -5.05
N LYS A 203 -12.19 19.38 -4.94
CA LYS A 203 -11.11 20.04 -4.13
C LYS A 203 -9.73 19.54 -4.56
N SER A 204 -9.51 19.42 -5.84
CA SER A 204 -8.18 18.93 -6.32
C SER A 204 -7.89 19.49 -7.72
N GLU A 205 -8.84 19.43 -8.60
CA GLU A 205 -8.62 19.96 -9.98
C GLU A 205 -9.32 21.32 -10.14
N GLY A 206 -9.49 21.77 -11.35
CA GLY A 206 -10.16 23.08 -11.58
C GLY A 206 -11.67 22.92 -11.37
N LYS A 207 -12.40 23.98 -11.58
CA LYS A 207 -13.88 23.90 -11.40
C LYS A 207 -14.57 23.49 -12.70
N ARG A 208 -15.87 23.36 -12.70
CA ARG A 208 -16.59 22.95 -13.94
C ARG A 208 -16.82 24.17 -14.84
N LYS A 209 -17.83 24.14 -15.66
CA LYS A 209 -18.11 25.29 -16.57
C LYS A 209 -18.19 26.59 -15.76
N GLY A 210 -19.00 26.62 -14.74
CA GLY A 210 -19.12 27.86 -13.91
C GLY A 210 -20.59 28.08 -13.53
N ASP A 211 -21.20 27.11 -12.90
CA ASP A 211 -22.63 27.26 -12.50
C ASP A 211 -22.76 27.28 -10.98
N GLU A 212 -23.93 27.56 -10.47
CA GLU A 212 -24.11 27.58 -8.99
C GLU A 212 -24.58 26.21 -8.48
N VAL A 213 -25.87 25.97 -8.47
CA VAL A 213 -26.39 24.65 -8.00
C VAL A 213 -27.90 24.55 -8.23
N ASP A 214 -28.33 24.73 -9.45
CA ASP A 214 -29.79 24.66 -9.74
C ASP A 214 -30.21 23.20 -9.96
ZN ZN C . 18.23 -9.41 3.73
ZN ZN D . -19.50 -6.10 -9.81
N MET A 1 1.38 -6.48 29.97
CA MET A 1 1.61 -5.51 28.86
C MET A 1 2.79 -5.97 28.00
N ALA A 2 2.55 -6.88 27.08
CA ALA A 2 3.65 -7.37 26.21
C ALA A 2 3.89 -6.39 25.06
N GLU A 3 4.56 -6.83 24.02
CA GLU A 3 4.82 -5.92 22.86
C GLU A 3 3.93 -6.31 21.68
N SER A 4 2.76 -6.83 21.95
CA SER A 4 1.84 -7.22 20.84
C SER A 4 0.93 -6.04 20.47
N SER A 5 1.44 -5.10 19.72
CA SER A 5 0.59 -3.93 19.33
C SER A 5 -0.32 -4.30 18.15
N ASP A 6 -1.30 -3.49 17.87
CA ASP A 6 -2.21 -3.78 16.74
C ASP A 6 -1.62 -3.30 15.42
N LYS A 7 -0.56 -2.54 15.47
CA LYS A 7 0.07 -2.04 14.20
C LYS A 7 0.47 -3.23 13.32
N LEU A 8 0.48 -3.05 12.03
CA LEU A 8 0.84 -4.20 11.14
C LEU A 8 2.36 -4.28 10.95
N TYR A 9 3.11 -3.24 11.25
CA TYR A 9 4.59 -3.33 11.06
C TYR A 9 5.36 -2.95 12.32
N ARG A 10 6.60 -3.37 12.39
CA ARG A 10 7.43 -3.04 13.58
C ARG A 10 8.85 -2.69 13.12
N VAL A 11 9.44 -1.72 13.74
CA VAL A 11 10.84 -1.33 13.39
C VAL A 11 11.65 -1.22 14.68
N GLU A 12 12.86 -1.70 14.67
CA GLU A 12 13.67 -1.64 15.91
C GLU A 12 15.11 -2.08 15.65
N TYR A 13 15.97 -1.85 16.59
CA TYR A 13 17.37 -2.31 16.43
C TYR A 13 17.41 -3.79 16.81
N ALA A 14 17.93 -4.62 15.94
CA ALA A 14 17.94 -6.11 16.17
C ALA A 14 18.28 -6.49 17.62
N LYS A 15 17.35 -7.15 18.28
CA LYS A 15 17.61 -7.61 19.68
C LYS A 15 18.66 -8.72 19.68
N SER A 16 18.84 -9.36 18.55
CA SER A 16 19.85 -10.43 18.42
C SER A 16 20.34 -10.50 16.97
N GLY A 17 21.28 -11.36 16.67
CA GLY A 17 21.79 -11.44 15.27
C GLY A 17 21.40 -12.80 14.68
N ARG A 18 20.40 -13.44 15.25
CA ARG A 18 19.97 -14.78 14.75
C ARG A 18 18.80 -14.69 13.76
N ALA A 19 18.11 -13.59 13.71
CA ALA A 19 16.96 -13.47 12.73
C ALA A 19 17.46 -13.48 11.29
N SER A 20 16.74 -14.14 10.42
CA SER A 20 17.13 -14.23 9.02
C SER A 20 16.20 -13.39 8.15
N CYS A 21 16.74 -12.61 7.26
CA CYS A 21 15.88 -11.76 6.38
C CYS A 21 14.96 -12.63 5.51
N LYS A 22 13.69 -12.34 5.52
CA LYS A 22 12.77 -13.14 4.72
C LYS A 22 12.86 -12.86 3.20
N LYS A 23 13.69 -11.91 2.82
CA LYS A 23 13.87 -11.59 1.38
C LYS A 23 15.19 -12.19 0.82
N CYS A 24 16.31 -11.81 1.39
CA CYS A 24 17.62 -12.34 0.88
C CYS A 24 18.16 -13.53 1.71
N SER A 25 17.51 -13.89 2.79
CA SER A 25 17.97 -15.09 3.63
C SER A 25 19.20 -14.80 4.51
N GLU A 26 19.91 -13.70 4.30
CA GLU A 26 21.14 -13.37 5.16
C GLU A 26 20.70 -13.07 6.57
N SER A 27 21.56 -13.30 7.53
CA SER A 27 21.20 -12.99 8.93
C SER A 27 21.15 -11.48 9.17
N ILE A 28 20.31 -11.05 10.08
CA ILE A 28 20.22 -9.61 10.40
C ILE A 28 21.11 -9.37 11.64
N PRO A 29 22.15 -8.57 11.49
CA PRO A 29 23.11 -8.36 12.62
C PRO A 29 22.46 -7.64 13.82
N LYS A 30 22.84 -8.06 15.00
CA LYS A 30 22.29 -7.44 16.26
C LYS A 30 22.48 -5.92 16.25
N ASP A 31 21.53 -5.19 16.79
CA ASP A 31 21.61 -3.68 16.86
C ASP A 31 21.37 -3.02 15.49
N SER A 32 21.33 -3.77 14.41
CA SER A 32 21.09 -3.14 13.09
C SER A 32 19.62 -2.78 12.94
N LEU A 33 19.30 -1.81 12.12
CA LEU A 33 17.89 -1.41 11.95
C LEU A 33 17.16 -2.44 11.07
N ARG A 34 16.14 -3.06 11.60
CA ARG A 34 15.39 -4.08 10.82
C ARG A 34 13.89 -3.77 10.88
N MET A 35 13.15 -4.23 9.91
CA MET A 35 11.68 -3.97 9.90
C MET A 35 10.93 -5.29 9.68
N ALA A 36 9.72 -5.38 10.16
CA ALA A 36 8.97 -6.65 9.99
C ALA A 36 7.49 -6.41 9.78
N ILE A 37 6.84 -7.30 9.08
CA ILE A 37 5.37 -7.19 8.89
C ILE A 37 4.69 -8.10 9.93
N MET A 38 3.99 -7.53 10.88
CA MET A 38 3.33 -8.34 11.93
C MET A 38 2.43 -9.43 11.34
N VAL A 39 2.23 -10.49 12.06
CA VAL A 39 1.37 -11.60 11.56
C VAL A 39 0.79 -12.37 12.76
N GLN A 40 -0.51 -12.51 12.82
CA GLN A 40 -1.14 -13.25 13.96
C GLN A 40 -0.92 -14.75 13.80
N SER A 41 -0.51 -15.43 14.85
CA SER A 41 -0.28 -16.90 14.75
C SER A 41 -1.51 -17.66 15.22
N PRO A 42 -1.92 -18.64 14.45
CA PRO A 42 -3.10 -19.46 14.82
C PRO A 42 -2.71 -20.57 15.80
N MET A 43 -1.45 -20.71 16.11
CA MET A 43 -1.03 -21.78 17.06
C MET A 43 -0.93 -21.23 18.50
N PHE A 44 -0.90 -19.94 18.66
CA PHE A 44 -0.81 -19.37 20.03
C PHE A 44 -1.10 -17.86 20.00
N ASP A 45 -1.63 -17.33 21.07
CA ASP A 45 -1.94 -15.87 21.11
C ASP A 45 -0.63 -15.07 21.01
N GLY A 46 -0.52 -14.21 20.03
CA GLY A 46 0.72 -13.42 19.88
C GLY A 46 0.99 -13.22 18.39
N LYS A 47 1.73 -12.21 18.03
CA LYS A 47 2.01 -11.98 16.58
C LYS A 47 3.45 -12.36 16.23
N VAL A 48 3.64 -13.02 15.12
CA VAL A 48 5.01 -13.43 14.70
C VAL A 48 5.54 -12.41 13.69
N PRO A 49 6.73 -11.91 13.91
CA PRO A 49 7.29 -10.91 13.01
C PRO A 49 8.11 -11.53 11.88
N HIS A 50 7.84 -11.13 10.66
CA HIS A 50 8.67 -11.61 9.53
C HIS A 50 9.72 -10.51 9.33
N TRP A 51 10.92 -10.72 9.83
CA TRP A 51 11.94 -9.64 9.76
C TRP A 51 12.68 -9.56 8.42
N TYR A 52 13.17 -8.38 8.15
CA TYR A 52 13.93 -8.10 6.89
C TYR A 52 14.97 -7.02 7.18
N HIS A 53 16.07 -7.01 6.46
CA HIS A 53 17.03 -5.90 6.65
C HIS A 53 16.30 -4.64 6.20
N PHE A 54 16.65 -3.48 6.70
CA PHE A 54 15.90 -2.23 6.30
C PHE A 54 15.64 -2.15 4.78
N SER A 55 16.65 -2.29 3.98
CA SER A 55 16.46 -2.19 2.49
C SER A 55 15.59 -3.35 1.92
N CYS A 56 15.86 -4.57 2.31
CA CYS A 56 15.08 -5.72 1.78
C CYS A 56 13.57 -5.55 2.02
N PHE A 57 13.19 -5.01 3.13
CA PHE A 57 11.73 -4.82 3.46
C PHE A 57 10.95 -4.13 2.31
N TRP A 58 11.57 -3.17 1.63
CA TRP A 58 10.85 -2.43 0.57
C TRP A 58 10.93 -3.15 -0.79
N LYS A 59 11.87 -4.04 -0.95
CA LYS A 59 12.01 -4.74 -2.27
C LYS A 59 11.05 -5.93 -2.40
N VAL A 60 10.24 -6.19 -1.40
CA VAL A 60 9.28 -7.33 -1.48
C VAL A 60 7.87 -6.84 -1.86
N GLY A 61 7.56 -5.61 -1.62
CA GLY A 61 6.21 -5.09 -1.96
C GLY A 61 5.60 -4.40 -0.74
N HIS A 62 6.20 -4.52 0.42
CA HIS A 62 5.65 -3.85 1.63
C HIS A 62 5.61 -2.35 1.41
N SER A 63 4.54 -1.69 1.79
CA SER A 63 4.47 -0.21 1.57
C SER A 63 3.93 0.51 2.81
N ILE A 64 4.42 1.70 3.07
CA ILE A 64 3.95 2.47 4.25
C ILE A 64 3.89 3.97 3.89
N ARG A 65 2.74 4.56 4.00
CA ARG A 65 2.62 6.01 3.67
C ARG A 65 2.95 6.85 4.91
N HIS A 66 2.46 6.45 6.05
CA HIS A 66 2.74 7.20 7.32
C HIS A 66 3.38 6.26 8.35
N PRO A 67 4.70 6.26 8.40
CA PRO A 67 5.42 5.38 9.36
C PRO A 67 5.06 5.67 10.84
N ASP A 68 5.07 6.93 11.24
CA ASP A 68 4.72 7.28 12.66
C ASP A 68 3.45 6.57 13.18
N VAL A 69 2.46 6.40 12.35
CA VAL A 69 1.18 5.75 12.83
C VAL A 69 1.05 4.28 12.40
N GLU A 70 1.70 3.86 11.34
CA GLU A 70 1.55 2.43 10.87
C GLU A 70 2.67 1.52 11.37
N VAL A 71 3.77 2.05 11.83
CA VAL A 71 4.89 1.16 12.27
C VAL A 71 5.17 1.29 13.78
N ASP A 72 4.95 0.23 14.52
CA ASP A 72 5.20 0.26 15.98
C ASP A 72 6.72 0.40 16.25
N GLY A 73 7.12 1.15 17.25
CA GLY A 73 8.57 1.31 17.56
C GLY A 73 9.20 2.47 16.76
N PHE A 74 8.46 3.04 15.84
CA PHE A 74 9.04 4.16 15.01
C PHE A 74 9.50 5.32 15.90
N SER A 75 8.65 5.78 16.78
CA SER A 75 9.02 6.93 17.66
C SER A 75 10.24 6.64 18.56
N GLU A 76 10.58 5.38 18.82
CA GLU A 76 11.76 5.10 19.68
C GLU A 76 13.07 4.97 18.86
N LEU A 77 13.00 5.08 17.55
CA LEU A 77 14.24 4.98 16.73
C LEU A 77 15.05 6.27 16.88
N ARG A 78 16.33 6.22 16.60
CA ARG A 78 17.14 7.47 16.67
C ARG A 78 16.62 8.45 15.61
N TRP A 79 16.78 9.71 15.82
CA TRP A 79 16.26 10.74 14.84
C TRP A 79 16.61 10.40 13.39
N ASP A 80 17.88 10.24 13.08
CA ASP A 80 18.29 9.94 11.67
C ASP A 80 17.54 8.71 11.12
N ASP A 81 17.39 7.68 11.91
CA ASP A 81 16.68 6.46 11.42
C ASP A 81 15.19 6.79 11.22
N GLN A 82 14.67 7.69 12.00
CA GLN A 82 13.23 8.08 11.83
C GLN A 82 13.07 8.82 10.50
N GLN A 83 14.07 9.61 10.14
CA GLN A 83 14.01 10.35 8.85
C GLN A 83 14.25 9.38 7.70
N LYS A 84 15.17 8.48 7.87
CA LYS A 84 15.45 7.47 6.78
C LYS A 84 14.19 6.66 6.49
N VAL A 85 13.53 6.19 7.51
CA VAL A 85 12.27 5.40 7.29
C VAL A 85 11.20 6.33 6.68
N LYS A 86 11.12 7.55 7.16
CA LYS A 86 10.10 8.50 6.64
C LYS A 86 10.34 8.78 5.15
N LYS A 87 11.58 9.02 4.77
CA LYS A 87 11.87 9.32 3.35
C LYS A 87 11.74 8.05 2.50
N THR A 88 12.26 6.95 2.97
CA THR A 88 12.16 5.67 2.19
C THR A 88 10.68 5.34 1.97
N ALA A 89 9.86 5.60 2.96
CA ALA A 89 8.40 5.30 2.83
C ALA A 89 7.82 6.19 1.71
N GLU A 90 8.16 7.45 1.70
CA GLU A 90 7.63 8.35 0.63
C GLU A 90 8.12 7.90 -0.74
N ALA A 91 9.40 7.68 -0.90
CA ALA A 91 9.93 7.24 -2.22
C ALA A 91 9.23 5.95 -2.66
N GLY A 92 9.12 4.99 -1.78
CA GLY A 92 8.45 3.71 -2.15
C GLY A 92 9.43 2.55 -1.95
N GLY A 93 9.83 1.89 -3.00
CA GLY A 93 10.78 0.76 -2.87
C GLY A 93 11.28 0.35 -4.26
N VAL A 94 11.86 1.26 -4.98
CA VAL A 94 12.37 0.93 -6.35
C VAL A 94 13.67 1.68 -6.62
N THR A 95 14.77 1.18 -6.14
CA THR A 95 16.08 1.87 -6.37
C THR A 95 16.50 1.70 -7.84
N GLY A 96 15.78 2.31 -8.74
CA GLY A 96 16.14 2.18 -10.19
C GLY A 96 17.10 3.31 -10.58
N LYS A 97 16.72 4.11 -11.53
CA LYS A 97 17.62 5.23 -11.96
C LYS A 97 17.05 6.57 -11.48
N GLY A 98 16.97 6.76 -10.19
CA GLY A 98 16.44 8.05 -9.66
C GLY A 98 14.92 8.08 -9.83
N GLN A 99 14.28 6.95 -9.78
CA GLN A 99 12.79 6.92 -9.93
C GLN A 99 12.13 7.66 -8.78
N ASP A 100 11.49 8.76 -9.07
CA ASP A 100 10.81 9.54 -8.00
C ASP A 100 9.39 9.00 -7.75
N GLY A 101 9.23 8.17 -6.75
CA GLY A 101 7.87 7.62 -6.46
C GLY A 101 6.95 8.74 -6.00
N ILE A 102 6.56 8.73 -4.75
CA ILE A 102 5.65 9.80 -4.25
C ILE A 102 6.47 10.92 -3.60
N GLY A 103 6.44 12.09 -4.16
CA GLY A 103 7.21 13.23 -3.58
C GLY A 103 6.25 14.27 -3.01
N SER A 104 6.55 15.53 -3.17
CA SER A 104 5.65 16.59 -2.63
C SER A 104 4.72 17.10 -3.74
N LYS A 105 3.47 16.73 -3.70
CA LYS A 105 2.50 17.19 -4.74
C LYS A 105 3.05 16.89 -6.14
N ALA A 106 3.83 15.85 -6.27
CA ALA A 106 4.39 15.50 -7.61
C ALA A 106 3.65 14.32 -8.22
N GLU A 107 3.67 13.19 -7.55
CA GLU A 107 2.96 11.99 -8.10
C GLU A 107 1.73 11.68 -7.24
N LYS A 108 1.90 11.62 -5.94
CA LYS A 108 0.75 11.31 -5.05
C LYS A 108 0.06 10.01 -5.49
N THR A 109 0.54 8.89 -5.01
CA THR A 109 -0.09 7.60 -5.42
C THR A 109 -0.52 6.81 -4.17
N LEU A 110 -1.76 6.40 -4.11
CA LEU A 110 -2.23 5.62 -2.93
C LEU A 110 -1.54 4.27 -2.87
N GLY A 111 -1.30 3.77 -1.68
CA GLY A 111 -0.61 2.45 -1.57
C GLY A 111 -1.64 1.33 -1.31
N ASP A 112 -2.88 1.68 -1.08
CA ASP A 112 -3.91 0.63 -0.82
C ASP A 112 -5.00 0.64 -1.90
N PHE A 113 -4.75 1.27 -3.02
CA PHE A 113 -5.77 1.32 -4.11
C PHE A 113 -5.09 1.07 -5.47
N ALA A 114 -5.61 0.17 -6.27
CA ALA A 114 -4.94 -0.10 -7.59
C ALA A 114 -5.94 -0.30 -8.73
N ALA A 115 -5.48 -0.11 -9.93
CA ALA A 115 -6.32 -0.28 -11.14
C ALA A 115 -5.50 -1.02 -12.20
N GLU A 116 -6.04 -2.04 -12.80
CA GLU A 116 -5.28 -2.79 -13.84
C GLU A 116 -6.24 -3.64 -14.68
N TYR A 117 -5.77 -4.12 -15.80
CA TYR A 117 -6.65 -4.99 -16.63
C TYR A 117 -6.61 -6.39 -16.01
N ALA A 118 -7.74 -7.05 -15.89
CA ALA A 118 -7.76 -8.41 -15.26
C ALA A 118 -6.71 -9.34 -15.88
N LYS A 119 -5.71 -9.73 -15.09
CA LYS A 119 -4.67 -10.64 -15.60
C LYS A 119 -5.27 -12.01 -15.94
N SER A 120 -6.44 -12.30 -15.43
CA SER A 120 -7.10 -13.60 -15.72
C SER A 120 -8.62 -13.46 -15.60
N ASN A 121 -9.34 -14.56 -15.61
CA ASN A 121 -10.83 -14.46 -15.50
C ASN A 121 -11.36 -15.22 -14.26
N ARG A 122 -10.48 -15.56 -13.34
CA ARG A 122 -10.95 -16.30 -12.12
C ARG A 122 -11.11 -15.33 -10.93
N SER A 123 -10.86 -14.06 -11.12
CA SER A 123 -11.05 -13.10 -9.99
C SER A 123 -12.54 -12.83 -9.84
N THR A 124 -12.95 -12.14 -8.80
CA THR A 124 -14.41 -11.89 -8.61
C THR A 124 -14.65 -10.52 -7.99
N CYS A 125 -15.52 -9.74 -8.58
CA CYS A 125 -15.84 -8.43 -7.99
C CYS A 125 -16.47 -8.64 -6.61
N LYS A 126 -15.86 -8.08 -5.58
CA LYS A 126 -16.41 -8.25 -4.20
C LYS A 126 -17.60 -7.30 -3.89
N GLY A 127 -18.25 -6.79 -4.91
CA GLY A 127 -19.39 -5.87 -4.69
C GLY A 127 -20.65 -6.58 -5.19
N CYS A 128 -20.56 -7.22 -6.33
CA CYS A 128 -21.74 -7.98 -6.87
C CYS A 128 -21.41 -9.49 -6.95
N MET A 129 -20.22 -9.90 -6.51
CA MET A 129 -19.82 -11.34 -6.55
C MET A 129 -19.84 -11.94 -7.98
N GLU A 130 -19.92 -11.13 -8.99
CA GLU A 130 -19.90 -11.67 -10.38
C GLU A 130 -18.44 -11.76 -10.84
N LYS A 131 -18.11 -12.76 -11.61
CA LYS A 131 -16.69 -12.92 -12.06
C LYS A 131 -16.25 -11.79 -12.98
N ILE A 132 -15.00 -11.38 -12.87
CA ILE A 132 -14.47 -10.34 -13.77
C ILE A 132 -13.79 -11.04 -14.95
N GLU A 133 -14.08 -10.63 -16.17
CA GLU A 133 -13.46 -11.32 -17.35
C GLU A 133 -12.02 -10.84 -17.56
N LYS A 134 -11.16 -11.74 -17.97
CA LYS A 134 -9.74 -11.34 -18.28
C LYS A 134 -9.70 -10.16 -19.27
N GLY A 135 -8.86 -9.17 -19.01
CA GLY A 135 -8.77 -8.01 -19.93
C GLY A 135 -9.65 -6.86 -19.41
N GLN A 136 -10.73 -7.18 -18.73
CA GLN A 136 -11.63 -6.11 -18.21
C GLN A 136 -10.93 -5.26 -17.15
N VAL A 137 -11.17 -3.97 -17.18
CA VAL A 137 -10.54 -3.07 -16.17
C VAL A 137 -11.14 -3.36 -14.80
N ARG A 138 -10.33 -3.47 -13.79
CA ARG A 138 -10.85 -3.74 -12.43
C ARG A 138 -10.13 -2.86 -11.41
N LEU A 139 -10.78 -2.55 -10.33
CA LEU A 139 -10.13 -1.70 -9.28
C LEU A 139 -10.04 -2.50 -7.98
N SER A 140 -9.20 -2.10 -7.05
CA SER A 140 -9.11 -2.89 -5.81
C SER A 140 -8.68 -2.08 -4.60
N LYS A 141 -9.21 -2.44 -3.46
CA LYS A 141 -8.85 -1.78 -2.20
C LYS A 141 -8.02 -2.76 -1.37
N LYS A 142 -6.72 -2.61 -1.39
CA LYS A 142 -5.83 -3.55 -0.65
C LYS A 142 -6.24 -3.68 0.82
N MET A 143 -6.23 -4.88 1.33
CA MET A 143 -6.61 -5.11 2.75
C MET A 143 -5.88 -6.35 3.26
N VAL A 144 -5.58 -6.40 4.53
CA VAL A 144 -4.85 -7.59 5.07
C VAL A 144 -5.83 -8.55 5.76
N ASP A 145 -5.60 -9.82 5.65
CA ASP A 145 -6.50 -10.81 6.31
C ASP A 145 -5.82 -11.36 7.57
N PRO A 146 -6.52 -11.28 8.68
CA PRO A 146 -5.95 -11.78 9.95
C PRO A 146 -5.78 -13.30 9.90
N GLU A 147 -6.45 -13.95 8.98
CA GLU A 147 -6.32 -15.43 8.87
C GLU A 147 -5.10 -15.79 8.01
N LYS A 148 -4.72 -14.90 7.11
CA LYS A 148 -3.53 -15.16 6.25
C LYS A 148 -2.57 -13.97 6.33
N PRO A 149 -1.99 -13.79 7.49
CA PRO A 149 -1.06 -12.65 7.71
C PRO A 149 0.25 -12.80 6.92
N GLN A 150 0.59 -13.99 6.47
CA GLN A 150 1.84 -14.15 5.68
C GLN A 150 1.67 -13.49 4.30
N LEU A 151 0.45 -13.28 3.88
CA LEU A 151 0.20 -12.65 2.55
C LEU A 151 0.38 -11.13 2.65
N GLY A 152 -0.19 -10.53 3.65
CA GLY A 152 -0.05 -9.05 3.80
C GLY A 152 -1.17 -8.34 3.03
N MET A 153 -0.89 -7.17 2.53
CA MET A 153 -1.92 -6.41 1.76
C MET A 153 -2.37 -7.19 0.52
N ILE A 154 -3.57 -7.71 0.53
CA ILE A 154 -4.07 -8.46 -0.66
C ILE A 154 -5.10 -7.62 -1.40
N ASP A 155 -5.15 -7.72 -2.70
CA ASP A 155 -6.13 -6.88 -3.46
C ASP A 155 -7.56 -7.43 -3.36
N ARG A 156 -8.49 -6.57 -3.07
CA ARG A 156 -9.93 -6.94 -3.06
C ARG A 156 -10.48 -6.32 -4.35
N TRP A 157 -10.72 -7.12 -5.36
CA TRP A 157 -11.13 -6.53 -6.67
C TRP A 157 -12.60 -6.19 -6.80
N TYR A 158 -12.87 -5.31 -7.73
CA TYR A 158 -14.26 -4.85 -7.99
C TYR A 158 -14.36 -4.30 -9.42
N HIS A 159 -15.54 -4.23 -9.96
CA HIS A 159 -15.70 -3.59 -11.28
C HIS A 159 -15.61 -2.09 -10.98
N PRO A 160 -15.13 -1.29 -11.89
CA PRO A 160 -15.01 0.18 -11.59
C PRO A 160 -16.36 0.75 -11.11
N GLY A 161 -17.44 0.39 -11.76
CA GLY A 161 -18.77 0.90 -11.33
C GLY A 161 -19.06 0.39 -9.91
N CYS A 162 -18.95 -0.89 -9.68
CA CYS A 162 -19.20 -1.45 -8.31
C CYS A 162 -18.29 -0.76 -7.28
N PHE A 163 -17.04 -0.53 -7.63
CA PHE A 163 -16.10 0.13 -6.68
C PHE A 163 -16.59 1.54 -6.34
N VAL A 164 -17.02 2.28 -7.34
CA VAL A 164 -17.50 3.66 -7.08
C VAL A 164 -18.73 3.63 -6.17
N LYS A 165 -19.61 2.67 -6.35
CA LYS A 165 -20.83 2.62 -5.47
C LYS A 165 -20.45 2.48 -3.99
N ASN A 166 -19.39 1.78 -3.71
CA ASN A 166 -18.93 1.62 -2.28
C ASN A 166 -17.68 2.46 -1.97
N ARG A 167 -17.50 3.57 -2.66
CA ARG A 167 -16.28 4.40 -2.41
C ARG A 167 -16.14 4.77 -0.93
N GLU A 168 -17.22 5.05 -0.28
CA GLU A 168 -17.15 5.45 1.18
C GLU A 168 -16.66 4.30 2.05
N GLU A 169 -17.32 3.18 2.01
CA GLU A 169 -16.91 2.03 2.87
C GLU A 169 -15.53 1.52 2.47
N LEU A 170 -15.15 1.68 1.24
CA LEU A 170 -13.79 1.21 0.81
C LEU A 170 -12.69 2.22 1.21
N GLY A 171 -13.05 3.31 1.85
CA GLY A 171 -12.02 4.29 2.29
C GLY A 171 -11.50 5.12 1.12
N PHE A 172 -12.24 5.23 0.05
CA PHE A 172 -11.75 6.05 -1.11
C PHE A 172 -12.28 7.47 -0.96
N ARG A 173 -11.65 8.25 -0.13
CA ARG A 173 -12.09 9.67 0.14
C ARG A 173 -12.43 10.42 -1.16
N PRO A 174 -13.24 11.47 -1.02
CA PRO A 174 -13.66 12.27 -2.21
C PRO A 174 -12.52 13.15 -2.74
N GLU A 175 -11.46 13.34 -1.98
CA GLU A 175 -10.33 14.17 -2.49
C GLU A 175 -9.44 13.34 -3.43
N TYR A 176 -9.58 12.04 -3.39
CA TYR A 176 -8.75 11.17 -4.27
C TYR A 176 -9.30 11.16 -5.70
N SER A 177 -8.43 11.08 -6.66
CA SER A 177 -8.85 11.06 -8.09
C SER A 177 -8.36 9.77 -8.74
N ALA A 178 -8.88 9.42 -9.88
CA ALA A 178 -8.45 8.16 -10.57
C ALA A 178 -6.93 8.14 -10.80
N SER A 179 -6.33 9.28 -11.03
CA SER A 179 -4.86 9.32 -11.30
C SER A 179 -4.02 8.83 -10.10
N GLN A 180 -4.61 8.71 -8.94
CA GLN A 180 -3.83 8.24 -7.75
C GLN A 180 -3.84 6.72 -7.58
N LEU A 181 -4.61 6.01 -8.38
CA LEU A 181 -4.66 4.52 -8.24
C LEU A 181 -3.33 3.88 -8.67
N LYS A 182 -2.84 2.95 -7.89
CA LYS A 182 -1.55 2.28 -8.26
C LYS A 182 -1.75 1.49 -9.57
N GLY A 183 -1.01 1.83 -10.60
CA GLY A 183 -1.15 1.11 -11.91
C GLY A 183 -1.89 1.98 -12.94
N PHE A 184 -2.44 3.08 -12.52
CA PHE A 184 -3.19 3.98 -13.47
C PHE A 184 -2.38 4.29 -14.72
N SER A 185 -1.18 4.75 -14.56
CA SER A 185 -0.32 5.13 -15.72
C SER A 185 -0.22 4.04 -16.80
N LEU A 186 -0.42 2.78 -16.46
CA LEU A 186 -0.28 1.69 -17.49
C LEU A 186 -1.58 1.44 -18.27
N LEU A 187 -2.60 2.24 -18.06
CA LEU A 187 -3.88 2.03 -18.78
C LEU A 187 -3.93 2.86 -20.07
N ALA A 188 -4.60 2.35 -21.08
CA ALA A 188 -4.72 3.11 -22.34
C ALA A 188 -5.44 4.44 -22.08
N THR A 189 -5.13 5.47 -22.84
CA THR A 189 -5.78 6.81 -22.62
C THR A 189 -7.30 6.68 -22.44
N GLU A 190 -7.95 5.93 -23.30
CA GLU A 190 -9.44 5.76 -23.19
C GLU A 190 -9.84 5.24 -21.80
N ASP A 191 -9.17 4.21 -21.35
CA ASP A 191 -9.49 3.65 -20.00
C ASP A 191 -9.21 4.68 -18.90
N LYS A 192 -8.15 5.44 -19.04
CA LYS A 192 -7.82 6.46 -17.99
C LYS A 192 -8.89 7.53 -17.94
N GLU A 193 -9.39 7.95 -19.07
CA GLU A 193 -10.45 9.00 -19.08
C GLU A 193 -11.72 8.50 -18.40
N ALA A 194 -12.13 7.29 -18.71
CA ALA A 194 -13.36 6.72 -18.07
C ALA A 194 -13.25 6.75 -16.56
N LEU A 195 -12.09 6.43 -16.03
CA LEU A 195 -11.91 6.42 -14.56
C LEU A 195 -11.94 7.85 -14.02
N LYS A 196 -11.11 8.74 -14.56
CA LYS A 196 -11.12 10.16 -14.10
C LYS A 196 -12.55 10.72 -14.12
N LYS A 197 -13.35 10.21 -15.01
CA LYS A 197 -14.77 10.68 -15.12
C LYS A 197 -15.58 10.28 -13.87
N GLN A 198 -15.43 9.07 -13.41
CA GLN A 198 -16.21 8.60 -12.22
C GLN A 198 -15.51 8.99 -10.91
N LEU A 199 -14.21 9.09 -10.93
CA LEU A 199 -13.46 9.50 -9.70
C LEU A 199 -12.68 10.78 -10.03
N PRO A 200 -13.40 11.89 -10.04
CA PRO A 200 -12.76 13.19 -10.40
C PRO A 200 -11.87 13.72 -9.25
N GLY A 201 -12.30 13.56 -8.04
CA GLY A 201 -11.49 14.06 -6.89
C GLY A 201 -11.65 15.57 -6.77
N VAL A 202 -12.78 16.02 -6.30
CA VAL A 202 -12.99 17.50 -6.17
C VAL A 202 -14.28 17.77 -5.37
N LYS A 203 -15.32 17.01 -5.61
CA LYS A 203 -16.60 17.23 -4.86
C LYS A 203 -17.48 15.99 -4.97
N SER A 204 -16.98 14.85 -4.57
CA SER A 204 -17.80 13.60 -4.64
C SER A 204 -18.58 13.41 -3.34
N GLU A 205 -19.83 13.80 -3.34
CA GLU A 205 -20.65 13.65 -2.09
C GLU A 205 -21.31 12.26 -2.06
N GLY A 206 -22.20 12.00 -2.98
CA GLY A 206 -22.88 10.68 -3.01
C GLY A 206 -24.25 10.79 -2.34
N LYS A 207 -24.73 9.73 -1.74
CA LYS A 207 -26.06 9.78 -1.08
C LYS A 207 -26.02 9.02 0.25
N ARG A 208 -26.30 9.68 1.34
CA ARG A 208 -26.27 9.00 2.66
C ARG A 208 -27.01 9.84 3.71
N LYS A 209 -27.98 9.26 4.36
CA LYS A 209 -28.76 10.03 5.39
C LYS A 209 -28.00 10.03 6.71
N GLY A 210 -26.82 10.56 6.74
CA GLY A 210 -26.03 10.60 8.01
C GLY A 210 -26.44 11.83 8.82
N ASP A 211 -27.37 11.68 9.72
CA ASP A 211 -27.82 12.83 10.56
C ASP A 211 -28.23 14.01 9.65
N GLU A 212 -28.64 15.10 10.24
CA GLU A 212 -29.06 16.28 9.42
C GLU A 212 -28.59 17.57 10.09
N VAL A 213 -27.50 17.53 10.81
CA VAL A 213 -26.99 18.76 11.49
C VAL A 213 -25.49 18.92 11.23
N ASP A 214 -24.84 19.78 11.98
CA ASP A 214 -23.38 19.99 11.77
C ASP A 214 -22.61 18.70 12.04
ZN ZN C . 17.94 -8.95 3.60
ZN ZN D . -19.21 -5.94 -9.79
N MET A 1 -10.81 -0.18 26.59
CA MET A 1 -9.87 0.15 25.48
C MET A 1 -8.55 -0.59 25.67
N ALA A 2 -7.94 -1.04 24.60
CA ALA A 2 -6.64 -1.76 24.71
C ALA A 2 -5.63 -1.18 23.73
N GLU A 3 -4.36 -1.39 23.98
CA GLU A 3 -3.32 -0.86 23.05
C GLU A 3 -1.96 -1.49 23.37
N SER A 4 -1.69 -2.65 22.84
CA SER A 4 -0.39 -3.31 23.12
C SER A 4 0.48 -3.33 21.84
N SER A 5 -0.03 -3.87 20.78
CA SER A 5 0.75 -3.92 19.51
C SER A 5 -0.15 -4.29 18.33
N ASP A 6 -1.31 -3.70 18.25
CA ASP A 6 -2.24 -4.01 17.13
C ASP A 6 -1.65 -3.53 15.80
N LYS A 7 -0.60 -2.75 15.83
CA LYS A 7 0.01 -2.27 14.57
C LYS A 7 0.41 -3.45 13.68
N LEU A 8 0.42 -3.27 12.39
CA LEU A 8 0.77 -4.41 11.50
C LEU A 8 2.30 -4.51 11.30
N TYR A 9 3.04 -3.48 11.61
CA TYR A 9 4.52 -3.56 11.41
C TYR A 9 5.30 -3.16 12.66
N ARG A 10 6.54 -3.57 12.74
CA ARG A 10 7.38 -3.23 13.91
C ARG A 10 8.80 -2.86 13.43
N VAL A 11 9.39 -1.89 14.05
CA VAL A 11 10.77 -1.49 13.67
C VAL A 11 11.60 -1.37 14.96
N GLU A 12 12.82 -1.84 14.94
CA GLU A 12 13.65 -1.75 16.18
C GLU A 12 15.08 -2.19 15.89
N TYR A 13 15.95 -1.95 16.83
CA TYR A 13 17.35 -2.38 16.66
C TYR A 13 17.40 -3.86 17.04
N ALA A 14 17.92 -4.69 16.18
CA ALA A 14 17.95 -6.18 16.42
C ALA A 14 18.30 -6.56 17.86
N LYS A 15 17.38 -7.22 18.54
CA LYS A 15 17.66 -7.66 19.94
C LYS A 15 18.71 -8.77 19.94
N SER A 16 18.89 -9.41 18.81
CA SER A 16 19.91 -10.49 18.68
C SER A 16 20.39 -10.55 17.22
N GLY A 17 21.33 -11.41 16.93
CA GLY A 17 21.83 -11.50 15.52
C GLY A 17 21.44 -12.87 14.94
N ARG A 18 20.46 -13.51 15.53
CA ARG A 18 20.03 -14.86 15.04
C ARG A 18 18.85 -14.78 14.06
N ALA A 19 18.15 -13.68 14.02
CA ALA A 19 16.99 -13.58 13.05
C ALA A 19 17.49 -13.60 11.59
N SER A 20 16.75 -14.27 10.73
CA SER A 20 17.15 -14.36 9.30
C SER A 20 16.18 -13.54 8.46
N CYS A 21 16.70 -12.77 7.57
CA CYS A 21 15.83 -11.92 6.69
C CYS A 21 14.92 -12.80 5.84
N LYS A 22 13.63 -12.54 5.86
CA LYS A 22 12.68 -13.35 5.06
C LYS A 22 12.80 -13.08 3.55
N LYS A 23 13.61 -12.12 3.15
CA LYS A 23 13.78 -11.80 1.70
C LYS A 23 15.09 -12.40 1.14
N CYS A 24 16.21 -12.01 1.70
CA CYS A 24 17.52 -12.53 1.17
C CYS A 24 18.08 -13.70 2.01
N SER A 25 17.44 -14.07 3.10
CA SER A 25 17.89 -15.23 3.96
C SER A 25 19.15 -14.95 4.81
N GLU A 26 19.85 -13.85 4.58
CA GLU A 26 21.07 -13.57 5.41
C GLU A 26 20.66 -13.19 6.83
N SER A 27 21.54 -13.41 7.79
CA SER A 27 21.19 -13.09 9.20
C SER A 27 21.13 -11.57 9.43
N ILE A 28 20.30 -11.16 10.33
CA ILE A 28 20.19 -9.71 10.66
C ILE A 28 21.09 -9.46 11.89
N PRO A 29 22.13 -8.65 11.72
CA PRO A 29 23.09 -8.42 12.83
C PRO A 29 22.45 -7.70 14.03
N LYS A 30 22.85 -8.11 15.22
CA LYS A 30 22.30 -7.49 16.47
C LYS A 30 22.49 -5.97 16.46
N ASP A 31 21.53 -5.23 17.00
CA ASP A 31 21.60 -3.73 17.05
C ASP A 31 21.34 -3.08 15.68
N SER A 32 21.29 -3.84 14.61
CA SER A 32 21.03 -3.22 13.28
C SER A 32 19.56 -2.87 13.16
N LEU A 33 19.24 -1.91 12.33
CA LEU A 33 17.81 -1.53 12.16
C LEU A 33 17.09 -2.56 11.30
N ARG A 34 16.07 -3.19 11.85
CA ARG A 34 15.32 -4.21 11.08
C ARG A 34 13.82 -3.92 11.16
N MET A 35 13.08 -4.40 10.19
CA MET A 35 11.60 -4.14 10.20
C MET A 35 10.86 -5.48 9.99
N ALA A 36 9.66 -5.57 10.49
CA ALA A 36 8.92 -6.86 10.33
C ALA A 36 7.43 -6.61 10.14
N ILE A 37 6.78 -7.50 9.42
CA ILE A 37 5.32 -7.40 9.24
C ILE A 37 4.63 -8.31 10.27
N MET A 38 3.96 -7.72 11.23
CA MET A 38 3.29 -8.53 12.30
C MET A 38 2.38 -9.61 11.73
N VAL A 39 2.22 -10.69 12.45
CA VAL A 39 1.34 -11.80 11.98
C VAL A 39 0.77 -12.56 13.19
N GLN A 40 -0.51 -12.73 13.24
CA GLN A 40 -1.13 -13.47 14.39
C GLN A 40 -0.90 -14.98 14.24
N SER A 41 -0.46 -15.64 15.28
CA SER A 41 -0.22 -17.10 15.18
C SER A 41 -1.43 -17.89 15.69
N PRO A 42 -1.84 -18.88 14.94
CA PRO A 42 -3.01 -19.70 15.33
C PRO A 42 -2.60 -20.80 16.32
N MET A 43 -1.33 -20.92 16.61
CA MET A 43 -0.88 -21.98 17.56
C MET A 43 -0.77 -21.43 18.98
N PHE A 44 -0.76 -20.13 19.14
CA PHE A 44 -0.66 -19.54 20.51
C PHE A 44 -0.96 -18.04 20.47
N ASP A 45 -1.48 -17.51 21.55
CA ASP A 45 -1.79 -16.05 21.57
C ASP A 45 -0.50 -15.25 21.46
N GLY A 46 -0.41 -14.40 20.47
CA GLY A 46 0.82 -13.59 20.29
C GLY A 46 1.08 -13.41 18.79
N LYS A 47 1.79 -12.38 18.42
CA LYS A 47 2.07 -12.15 16.96
C LYS A 47 3.50 -12.53 16.61
N VAL A 48 3.68 -13.24 15.53
CA VAL A 48 5.06 -13.63 15.10
C VAL A 48 5.58 -12.60 14.08
N PRO A 49 6.76 -12.10 14.31
CA PRO A 49 7.30 -11.09 13.39
C PRO A 49 8.11 -11.72 12.26
N HIS A 50 7.83 -11.34 11.04
CA HIS A 50 8.65 -11.82 9.91
C HIS A 50 9.69 -10.72 9.69
N TRP A 51 10.90 -10.90 10.18
CA TRP A 51 11.92 -9.82 10.08
C TRP A 51 12.64 -9.74 8.75
N TYR A 52 13.11 -8.56 8.46
CA TYR A 52 13.85 -8.28 7.19
C TYR A 52 14.89 -7.19 7.46
N HIS A 53 15.99 -7.17 6.74
CA HIS A 53 16.94 -6.05 6.91
C HIS A 53 16.19 -4.81 6.46
N PHE A 54 16.54 -3.64 6.94
CA PHE A 54 15.78 -2.39 6.54
C PHE A 54 15.49 -2.32 5.02
N SER A 55 16.51 -2.47 4.21
CA SER A 55 16.30 -2.38 2.72
C SER A 55 15.44 -3.54 2.18
N CYS A 56 15.72 -4.76 2.57
CA CYS A 56 14.94 -5.93 2.05
C CYS A 56 13.43 -5.77 2.30
N PHE A 57 13.06 -5.21 3.42
CA PHE A 57 11.61 -5.04 3.76
C PHE A 57 10.81 -4.37 2.61
N TRP A 58 11.40 -3.40 1.92
CA TRP A 58 10.66 -2.68 0.86
C TRP A 58 10.74 -3.40 -0.49
N LYS A 59 11.68 -4.29 -0.65
CA LYS A 59 11.82 -5.00 -1.97
C LYS A 59 10.87 -6.20 -2.08
N VAL A 60 10.04 -6.44 -1.09
CA VAL A 60 9.09 -7.60 -1.16
C VAL A 60 7.69 -7.15 -1.61
N GLY A 61 7.36 -5.91 -1.39
CA GLY A 61 6.00 -5.45 -1.78
C GLY A 61 5.33 -4.73 -0.62
N HIS A 62 5.94 -4.72 0.55
CA HIS A 62 5.31 -4.02 1.68
C HIS A 62 5.08 -2.55 1.31
N SER A 63 4.22 -1.87 2.04
CA SER A 63 3.98 -0.44 1.74
C SER A 63 3.53 0.29 3.01
N ILE A 64 4.09 1.44 3.27
CA ILE A 64 3.68 2.20 4.49
C ILE A 64 3.65 3.71 4.16
N ARG A 65 2.50 4.31 4.27
CA ARG A 65 2.38 5.76 3.96
C ARG A 65 2.72 6.60 5.21
N HIS A 66 2.26 6.18 6.36
CA HIS A 66 2.55 6.93 7.63
C HIS A 66 3.20 6.00 8.66
N PRO A 67 4.52 6.00 8.70
CA PRO A 67 5.27 5.14 9.65
C PRO A 67 4.92 5.45 11.13
N ASP A 68 4.91 6.71 11.53
CA ASP A 68 4.58 7.07 12.94
C ASP A 68 3.32 6.36 13.48
N VAL A 69 2.31 6.16 12.67
CA VAL A 69 1.06 5.51 13.16
C VAL A 69 0.92 4.02 12.75
N GLU A 70 1.58 3.61 11.68
CA GLU A 70 1.43 2.19 11.22
C GLU A 70 2.56 1.27 11.71
N VAL A 71 3.66 1.82 12.17
CA VAL A 71 4.79 0.94 12.60
C VAL A 71 5.09 1.10 14.10
N ASP A 72 4.89 0.03 14.85
CA ASP A 72 5.16 0.07 16.31
C ASP A 72 6.67 0.23 16.57
N GLY A 73 7.07 0.99 17.55
CA GLY A 73 8.53 1.17 17.84
C GLY A 73 9.13 2.32 17.03
N PHE A 74 8.39 2.88 16.12
CA PHE A 74 8.94 4.00 15.28
C PHE A 74 9.40 5.17 16.15
N SER A 75 8.57 5.62 17.03
CA SER A 75 8.93 6.78 17.91
C SER A 75 10.16 6.51 18.79
N GLU A 76 10.52 5.25 19.06
CA GLU A 76 11.71 4.98 19.91
C GLU A 76 13.00 4.86 19.07
N LEU A 77 12.92 4.97 17.77
CA LEU A 77 14.15 4.88 16.94
C LEU A 77 14.95 6.17 17.07
N ARG A 78 16.23 6.14 16.78
CA ARG A 78 17.03 7.39 16.84
C ARG A 78 16.50 8.34 15.78
N TRP A 79 16.65 9.63 15.97
CA TRP A 79 16.10 10.63 15.00
C TRP A 79 16.45 10.29 13.54
N ASP A 80 17.71 10.14 13.22
CA ASP A 80 18.11 9.83 11.81
C ASP A 80 17.37 8.60 11.28
N ASP A 81 17.24 7.57 12.07
CA ASP A 81 16.53 6.33 11.60
C ASP A 81 15.04 6.65 11.40
N GLN A 82 14.52 7.55 12.18
CA GLN A 82 13.07 7.93 12.03
C GLN A 82 12.90 8.67 10.69
N GLN A 83 13.89 9.45 10.32
CA GLN A 83 13.80 10.18 9.02
C GLN A 83 14.03 9.20 7.88
N LYS A 84 14.97 8.31 8.04
CA LYS A 84 15.25 7.30 6.96
C LYS A 84 13.99 6.47 6.68
N VAL A 85 13.35 6.01 7.72
CA VAL A 85 12.09 5.22 7.52
C VAL A 85 11.01 6.13 6.92
N LYS A 86 10.92 7.35 7.39
CA LYS A 86 9.88 8.29 6.86
C LYS A 86 10.12 8.56 5.37
N LYS A 87 11.34 8.80 4.99
CA LYS A 87 11.62 9.10 3.55
C LYS A 87 11.50 7.83 2.72
N THR A 88 12.02 6.72 3.18
CA THR A 88 11.92 5.45 2.41
C THR A 88 10.44 5.10 2.22
N ALA A 89 9.64 5.36 3.21
CA ALA A 89 8.18 5.06 3.09
C ALA A 89 7.59 5.92 1.98
N GLU A 90 7.91 7.19 1.94
CA GLU A 90 7.34 8.08 0.87
C GLU A 90 7.78 7.60 -0.52
N ALA A 91 9.05 7.44 -0.73
CA ALA A 91 9.54 6.98 -2.08
C ALA A 91 8.85 5.68 -2.47
N GLY A 92 8.32 5.62 -3.67
CA GLY A 92 7.63 4.38 -4.13
C GLY A 92 8.26 3.89 -5.43
N GLY A 93 8.05 4.60 -6.50
CA GLY A 93 8.63 4.17 -7.81
C GLY A 93 10.13 4.49 -7.82
N VAL A 94 10.94 3.54 -8.21
CA VAL A 94 12.41 3.78 -8.25
C VAL A 94 12.78 4.60 -9.49
N THR A 95 13.85 5.35 -9.44
CA THR A 95 14.27 6.16 -10.61
C THR A 95 15.44 5.49 -11.33
N GLY A 96 15.58 5.73 -12.60
CA GLY A 96 16.70 5.11 -13.37
C GLY A 96 16.14 4.40 -14.61
N LYS A 97 14.89 4.03 -14.57
CA LYS A 97 14.29 3.33 -15.75
C LYS A 97 14.39 4.22 -17.01
N GLY A 98 13.72 5.34 -17.01
CA GLY A 98 13.78 6.26 -18.18
C GLY A 98 13.21 7.62 -17.80
N GLN A 99 13.74 8.66 -18.38
CA GLN A 99 13.23 10.03 -18.05
C GLN A 99 11.74 10.14 -18.38
N ASP A 100 11.22 11.34 -18.40
CA ASP A 100 9.77 11.52 -18.72
C ASP A 100 9.47 12.99 -19.02
N GLY A 101 8.34 13.26 -19.61
CA GLY A 101 7.98 14.67 -19.93
C GLY A 101 6.54 14.95 -19.51
N ILE A 102 5.62 14.97 -20.45
CA ILE A 102 4.19 15.23 -20.12
C ILE A 102 4.04 16.54 -19.33
N GLY A 103 4.17 16.49 -18.03
CA GLY A 103 4.03 17.74 -17.22
C GLY A 103 3.63 17.37 -15.79
N SER A 104 2.44 16.84 -15.62
CA SER A 104 1.97 16.46 -14.25
C SER A 104 1.99 17.69 -13.32
N LYS A 105 1.31 17.60 -12.20
CA LYS A 105 1.28 18.76 -11.27
C LYS A 105 1.54 18.31 -9.82
N ALA A 106 1.27 17.06 -9.52
CA ALA A 106 1.50 16.57 -8.12
C ALA A 106 1.89 15.09 -8.14
N GLU A 107 2.37 14.59 -7.03
CA GLU A 107 2.77 13.14 -6.98
C GLU A 107 2.27 12.51 -5.68
N LYS A 108 1.15 11.84 -5.73
CA LYS A 108 0.60 11.18 -4.51
C LYS A 108 -0.10 9.87 -4.88
N THR A 109 0.61 8.96 -5.49
CA THR A 109 -0.01 7.67 -5.88
C THR A 109 -0.44 6.89 -4.63
N LEU A 110 -1.68 6.47 -4.57
CA LEU A 110 -2.16 5.70 -3.39
C LEU A 110 -1.45 4.34 -3.32
N GLY A 111 -1.20 3.85 -2.14
CA GLY A 111 -0.52 2.53 -2.02
C GLY A 111 -1.53 1.42 -1.74
N ASP A 112 -2.77 1.76 -1.50
CA ASP A 112 -3.78 0.71 -1.20
C ASP A 112 -4.90 0.71 -2.28
N PHE A 113 -4.68 1.36 -3.39
CA PHE A 113 -5.72 1.39 -4.47
C PHE A 113 -5.05 1.16 -5.83
N ALA A 114 -5.60 0.28 -6.64
CA ALA A 114 -4.95 0.00 -7.96
C ALA A 114 -5.96 -0.20 -9.09
N ALA A 115 -5.51 -0.01 -10.29
CA ALA A 115 -6.38 -0.20 -11.49
C ALA A 115 -5.58 -0.93 -12.56
N GLU A 116 -6.14 -1.96 -13.15
CA GLU A 116 -5.39 -2.71 -14.19
C GLU A 116 -6.36 -3.56 -15.01
N TYR A 117 -5.92 -4.06 -16.14
CA TYR A 117 -6.80 -4.93 -16.94
C TYR A 117 -6.75 -6.33 -16.33
N ALA A 118 -7.88 -6.98 -16.18
CA ALA A 118 -7.89 -8.34 -15.55
C ALA A 118 -6.85 -9.27 -16.18
N LYS A 119 -5.83 -9.65 -15.41
CA LYS A 119 -4.81 -10.57 -15.93
C LYS A 119 -5.42 -11.94 -16.26
N SER A 120 -6.58 -12.23 -15.71
CA SER A 120 -7.24 -13.54 -16.00
C SER A 120 -8.76 -13.38 -15.86
N ASN A 121 -9.48 -14.49 -15.85
CA ASN A 121 -10.97 -14.39 -15.71
C ASN A 121 -11.47 -15.14 -14.47
N ARG A 122 -10.59 -15.49 -13.56
CA ARG A 122 -11.04 -16.21 -12.33
C ARG A 122 -11.18 -15.25 -11.14
N SER A 123 -10.93 -13.96 -11.34
CA SER A 123 -11.10 -13.00 -10.22
C SER A 123 -12.59 -12.73 -10.03
N THR A 124 -12.97 -12.04 -9.00
CA THR A 124 -14.43 -11.80 -8.79
C THR A 124 -14.67 -10.43 -8.17
N CYS A 125 -15.55 -9.64 -8.75
CA CYS A 125 -15.86 -8.32 -8.16
C CYS A 125 -16.46 -8.52 -6.76
N LYS A 126 -15.84 -7.96 -5.75
CA LYS A 126 -16.36 -8.13 -4.35
C LYS A 126 -17.54 -7.18 -4.04
N GLY A 127 -18.21 -6.67 -5.05
CA GLY A 127 -19.36 -5.75 -4.82
C GLY A 127 -20.62 -6.46 -5.29
N CYS A 128 -20.55 -7.10 -6.43
CA CYS A 128 -21.73 -7.86 -6.94
C CYS A 128 -21.41 -9.38 -7.03
N MET A 129 -20.22 -9.78 -6.61
CA MET A 129 -19.82 -11.22 -6.65
C MET A 129 -19.85 -11.83 -8.06
N GLU A 130 -19.95 -11.02 -9.10
CA GLU A 130 -19.95 -11.56 -10.47
C GLU A 130 -18.50 -11.66 -10.96
N LYS A 131 -18.18 -12.67 -11.72
CA LYS A 131 -16.77 -12.84 -12.19
C LYS A 131 -16.34 -11.70 -13.12
N ILE A 132 -15.09 -11.29 -13.04
CA ILE A 132 -14.57 -10.25 -13.95
C ILE A 132 -13.91 -10.96 -15.14
N GLU A 133 -14.22 -10.56 -16.35
CA GLU A 133 -13.62 -11.25 -17.53
C GLU A 133 -12.19 -10.77 -17.79
N LYS A 134 -11.33 -11.68 -18.19
CA LYS A 134 -9.92 -11.28 -18.53
C LYS A 134 -9.88 -10.10 -19.52
N GLY A 135 -9.04 -9.12 -19.29
CA GLY A 135 -8.97 -7.96 -20.22
C GLY A 135 -9.84 -6.80 -19.69
N GLN A 136 -10.91 -7.12 -18.98
CA GLN A 136 -11.81 -6.06 -18.45
C GLN A 136 -11.08 -5.20 -17.41
N VAL A 137 -11.32 -3.90 -17.44
CA VAL A 137 -10.68 -3.00 -16.44
C VAL A 137 -11.26 -3.29 -15.07
N ARG A 138 -10.42 -3.39 -14.07
CA ARG A 138 -10.93 -3.66 -12.70
C ARG A 138 -10.18 -2.78 -11.69
N LEU A 139 -10.81 -2.46 -10.60
CA LEU A 139 -10.17 -1.61 -9.57
C LEU A 139 -10.05 -2.40 -8.27
N SER A 140 -9.19 -1.99 -7.35
CA SER A 140 -9.08 -2.78 -6.11
C SER A 140 -8.63 -1.96 -4.91
N LYS A 141 -9.14 -2.33 -3.77
CA LYS A 141 -8.76 -1.66 -2.50
C LYS A 141 -7.91 -2.65 -1.68
N LYS A 142 -6.61 -2.50 -1.73
CA LYS A 142 -5.71 -3.43 -0.99
C LYS A 142 -6.12 -3.58 0.48
N MET A 143 -6.09 -4.78 0.98
CA MET A 143 -6.47 -5.02 2.40
C MET A 143 -5.73 -6.25 2.92
N VAL A 144 -5.42 -6.30 4.19
CA VAL A 144 -4.69 -7.48 4.72
C VAL A 144 -5.66 -8.44 5.42
N ASP A 145 -5.42 -9.72 5.31
CA ASP A 145 -6.31 -10.71 5.97
C ASP A 145 -5.62 -11.24 7.23
N PRO A 146 -6.31 -11.18 8.35
CA PRO A 146 -5.71 -11.67 9.61
C PRO A 146 -5.53 -13.19 9.57
N GLU A 147 -6.23 -13.86 8.69
CA GLU A 147 -6.09 -15.33 8.57
C GLU A 147 -4.89 -15.67 7.67
N LYS A 148 -4.54 -14.78 6.78
CA LYS A 148 -3.38 -15.03 5.87
C LYS A 148 -2.40 -13.85 5.97
N PRO A 149 -1.76 -13.76 7.10
CA PRO A 149 -0.80 -12.66 7.34
C PRO A 149 0.46 -12.76 6.46
N GLN A 150 0.84 -13.95 6.06
CA GLN A 150 2.05 -14.09 5.20
C GLN A 150 1.83 -13.41 3.84
N LEU A 151 0.59 -13.22 3.45
CA LEU A 151 0.30 -12.56 2.15
C LEU A 151 0.52 -11.05 2.24
N GLY A 152 -0.05 -10.43 3.23
CA GLY A 152 0.11 -8.94 3.38
C GLY A 152 -1.02 -8.22 2.64
N MET A 153 -0.73 -7.08 2.08
CA MET A 153 -1.78 -6.31 1.35
C MET A 153 -2.26 -7.08 0.12
N ILE A 154 -3.45 -7.61 0.16
CA ILE A 154 -3.98 -8.36 -1.01
C ILE A 154 -5.02 -7.51 -1.74
N ASP A 155 -5.09 -7.59 -3.05
CA ASP A 155 -6.08 -6.77 -3.78
C ASP A 155 -7.51 -7.31 -3.66
N ARG A 156 -8.43 -6.44 -3.36
CA ARG A 156 -9.87 -6.82 -3.33
C ARG A 156 -10.42 -6.20 -4.61
N TRP A 157 -10.70 -7.00 -5.62
CA TRP A 157 -11.11 -6.43 -6.93
C TRP A 157 -12.60 -6.07 -7.03
N TYR A 158 -12.88 -5.20 -7.96
CA TYR A 158 -14.27 -4.74 -8.20
C TYR A 158 -14.39 -4.20 -9.62
N HIS A 159 -15.58 -4.14 -10.15
CA HIS A 159 -15.76 -3.49 -11.47
C HIS A 159 -15.66 -2.00 -11.17
N PRO A 160 -15.19 -1.20 -12.09
CA PRO A 160 -15.07 0.26 -11.81
C PRO A 160 -16.41 0.85 -11.32
N GLY A 161 -17.50 0.48 -11.94
CA GLY A 161 -18.83 0.99 -11.49
C GLY A 161 -19.10 0.50 -10.06
N CYS A 162 -18.98 -0.79 -9.83
CA CYS A 162 -19.22 -1.34 -8.45
C CYS A 162 -18.29 -0.65 -7.44
N PHE A 163 -17.04 -0.42 -7.81
CA PHE A 163 -16.08 0.25 -6.88
C PHE A 163 -16.57 1.65 -6.54
N VAL A 164 -17.02 2.38 -7.53
CA VAL A 164 -17.49 3.77 -7.27
C VAL A 164 -18.71 3.74 -6.34
N LYS A 165 -19.59 2.80 -6.51
CA LYS A 165 -20.80 2.73 -5.61
C LYS A 165 -20.39 2.61 -4.14
N ASN A 166 -19.32 1.91 -3.86
CA ASN A 166 -18.85 1.74 -2.44
C ASN A 166 -17.60 2.59 -2.16
N ARG A 167 -17.42 3.70 -2.86
CA ARG A 167 -16.19 4.53 -2.62
C ARG A 167 -16.04 4.91 -1.14
N GLU A 168 -17.10 5.19 -0.47
CA GLU A 168 -17.01 5.59 0.97
C GLU A 168 -16.50 4.45 1.85
N GLU A 169 -17.17 3.33 1.82
CA GLU A 169 -16.75 2.18 2.67
C GLU A 169 -15.37 1.66 2.26
N LEU A 170 -15.00 1.83 1.01
CA LEU A 170 -13.66 1.36 0.56
C LEU A 170 -12.55 2.36 0.94
N GLY A 171 -12.91 3.45 1.58
CA GLY A 171 -11.87 4.44 2.01
C GLY A 171 -11.35 5.27 0.82
N PHE A 172 -12.12 5.36 -0.23
CA PHE A 172 -11.65 6.18 -1.40
C PHE A 172 -12.18 7.61 -1.25
N ARG A 173 -11.53 8.39 -0.43
CA ARG A 173 -11.97 9.80 -0.16
C ARG A 173 -12.33 10.56 -1.47
N PRO A 174 -13.13 11.60 -1.31
CA PRO A 174 -13.57 12.40 -2.49
C PRO A 174 -12.44 13.28 -3.06
N GLU A 175 -11.37 13.47 -2.31
CA GLU A 175 -10.24 14.30 -2.84
C GLU A 175 -9.36 13.47 -3.79
N TYR A 176 -9.50 12.16 -3.75
CA TYR A 176 -8.69 11.28 -4.63
C TYR A 176 -9.26 11.28 -6.06
N SER A 177 -8.40 11.19 -7.03
CA SER A 177 -8.85 11.16 -8.45
C SER A 177 -8.36 9.86 -9.09
N ALA A 178 -8.90 9.52 -10.23
CA ALA A 178 -8.49 8.25 -10.92
C ALA A 178 -6.97 8.22 -11.18
N SER A 179 -6.38 9.36 -11.42
CA SER A 179 -4.91 9.41 -11.71
C SER A 179 -4.06 8.92 -10.53
N GLN A 180 -4.63 8.80 -9.36
CA GLN A 180 -3.82 8.34 -8.17
C GLN A 180 -3.83 6.81 -8.00
N LEU A 181 -4.62 6.11 -8.78
CA LEU A 181 -4.66 4.62 -8.64
C LEU A 181 -3.35 3.98 -9.09
N LYS A 182 -2.84 3.06 -8.32
CA LYS A 182 -1.57 2.36 -8.70
C LYS A 182 -1.78 1.58 -9.99
N GLY A 183 -1.05 1.91 -11.05
CA GLY A 183 -1.22 1.18 -12.34
C GLY A 183 -1.97 2.05 -13.37
N PHE A 184 -2.52 3.17 -12.94
CA PHE A 184 -3.29 4.06 -13.88
C PHE A 184 -2.50 4.35 -15.16
N SER A 185 -1.29 4.82 -15.01
CA SER A 185 -0.45 5.20 -16.19
C SER A 185 -0.36 4.09 -17.26
N LEU A 186 -0.56 2.84 -16.91
CA LEU A 186 -0.43 1.75 -17.95
C LEU A 186 -1.76 1.49 -18.70
N LEU A 187 -2.76 2.30 -18.49
CA LEU A 187 -4.06 2.08 -19.18
C LEU A 187 -4.12 2.90 -20.47
N ALA A 188 -4.81 2.40 -21.46
CA ALA A 188 -4.95 3.15 -22.74
C ALA A 188 -5.66 4.48 -22.47
N THR A 189 -5.36 5.51 -23.23
CA THR A 189 -6.01 6.85 -23.00
C THR A 189 -7.53 6.71 -22.81
N GLU A 190 -8.19 5.98 -23.65
CA GLU A 190 -9.68 5.79 -23.53
C GLU A 190 -10.05 5.28 -22.13
N ASP A 191 -9.38 4.25 -21.67
CA ASP A 191 -9.69 3.69 -20.32
C ASP A 191 -9.38 4.73 -19.23
N LYS A 192 -8.32 5.49 -19.38
CA LYS A 192 -7.97 6.51 -18.35
C LYS A 192 -9.05 7.60 -18.28
N GLU A 193 -9.56 8.00 -19.40
CA GLU A 193 -10.62 9.06 -19.41
C GLU A 193 -11.89 8.55 -18.70
N ALA A 194 -12.30 7.35 -19.00
CA ALA A 194 -13.53 6.78 -18.35
C ALA A 194 -13.39 6.82 -16.83
N LEU A 195 -12.22 6.49 -16.32
CA LEU A 195 -12.01 6.49 -14.85
C LEU A 195 -12.03 7.94 -14.32
N LYS A 196 -11.22 8.81 -14.88
CA LYS A 196 -11.22 10.24 -14.42
C LYS A 196 -12.65 10.79 -14.42
N LYS A 197 -13.47 10.29 -15.30
CA LYS A 197 -14.88 10.75 -15.39
C LYS A 197 -15.67 10.37 -14.13
N GLN A 198 -15.51 9.14 -13.66
CA GLN A 198 -16.28 8.69 -12.46
C GLN A 198 -15.55 9.09 -11.15
N LEU A 199 -14.25 9.18 -11.20
CA LEU A 199 -13.49 9.60 -9.98
C LEU A 199 -12.72 10.87 -10.32
N PRO A 200 -13.41 11.99 -10.32
CA PRO A 200 -12.78 13.29 -10.69
C PRO A 200 -11.87 13.80 -9.57
N GLY A 201 -12.28 13.66 -8.34
CA GLY A 201 -11.44 14.15 -7.21
C GLY A 201 -11.59 15.66 -7.07
N VAL A 202 -11.22 16.39 -8.09
CA VAL A 202 -11.34 17.88 -8.03
C VAL A 202 -12.81 18.29 -8.12
N LYS A 203 -13.33 18.92 -7.09
CA LYS A 203 -14.76 19.33 -7.11
C LYS A 203 -14.99 20.50 -6.14
N SER A 204 -15.94 21.35 -6.44
CA SER A 204 -16.21 22.52 -5.54
C SER A 204 -14.92 23.30 -5.27
N GLU A 205 -14.99 24.31 -4.44
CA GLU A 205 -13.77 25.11 -4.13
C GLU A 205 -13.52 25.13 -2.63
N GLY A 206 -14.36 25.79 -1.88
CA GLY A 206 -14.16 25.85 -0.40
C GLY A 206 -13.97 27.31 0.03
N LYS A 207 -12.96 27.95 -0.49
CA LYS A 207 -12.70 29.38 -0.11
C LYS A 207 -12.64 29.53 1.41
N ARG A 208 -12.51 30.74 1.90
CA ARG A 208 -12.45 30.96 3.37
C ARG A 208 -11.37 30.08 4.00
N LYS A 209 -10.14 30.24 3.58
CA LYS A 209 -9.04 29.42 4.16
C LYS A 209 -7.98 30.31 4.81
N GLY A 210 -7.79 30.19 6.09
CA GLY A 210 -6.78 31.04 6.78
C GLY A 210 -5.37 30.60 6.35
N ASP A 211 -4.36 31.09 7.02
CA ASP A 211 -2.97 30.71 6.67
C ASP A 211 -2.46 29.62 7.60
N GLU A 212 -1.21 29.27 7.49
CA GLU A 212 -0.64 28.20 8.38
C GLU A 212 -0.22 28.81 9.72
N VAL A 213 -0.41 28.09 10.78
CA VAL A 213 -0.03 28.63 12.13
C VAL A 213 0.93 27.66 12.83
N ASP A 214 2.08 27.43 12.25
CA ASP A 214 3.05 26.50 12.87
C ASP A 214 3.64 27.14 14.15
ZN ZN C . 17.87 -9.14 3.87
ZN ZN D . -19.25 -5.84 -9.92
N MET A 1 0.13 -13.26 29.05
CA MET A 1 0.51 -12.29 27.98
C MET A 1 -0.59 -12.23 26.91
N ALA A 2 -1.31 -11.14 26.85
CA ALA A 2 -2.40 -11.02 25.84
C ALA A 2 -1.94 -10.11 24.69
N GLU A 3 -2.87 -9.58 23.93
CA GLU A 3 -2.50 -8.69 22.80
C GLU A 3 -2.40 -7.25 23.28
N SER A 4 -1.26 -6.63 23.10
CA SER A 4 -1.10 -5.21 23.54
C SER A 4 -0.88 -4.30 22.33
N SER A 5 -0.01 -4.68 21.43
CA SER A 5 0.24 -3.84 20.24
C SER A 5 -0.72 -4.24 19.10
N ASP A 6 -1.22 -3.26 18.38
CA ASP A 6 -2.16 -3.57 17.26
C ASP A 6 -1.57 -3.13 15.93
N LYS A 7 -0.50 -2.38 15.94
CA LYS A 7 0.12 -1.92 14.66
C LYS A 7 0.48 -3.12 13.79
N LEU A 8 0.49 -2.97 12.50
CA LEU A 8 0.82 -4.12 11.61
C LEU A 8 2.33 -4.25 11.38
N TYR A 9 3.08 -3.20 11.65
CA TYR A 9 4.56 -3.31 11.43
C TYR A 9 5.36 -2.93 12.68
N ARG A 10 6.58 -3.37 12.73
CA ARG A 10 7.46 -3.03 13.89
C ARG A 10 8.87 -2.71 13.41
N VAL A 11 9.49 -1.74 14.01
CA VAL A 11 10.88 -1.37 13.62
C VAL A 11 11.71 -1.27 14.89
N GLU A 12 12.92 -1.76 14.86
CA GLU A 12 13.77 -1.68 16.08
C GLU A 12 15.19 -2.16 15.80
N TYR A 13 16.08 -1.93 16.72
CA TYR A 13 17.47 -2.40 16.54
C TYR A 13 17.48 -3.87 16.94
N ALA A 14 17.98 -4.72 16.07
CA ALA A 14 17.98 -6.21 16.32
C ALA A 14 18.33 -6.58 17.76
N LYS A 15 17.41 -7.22 18.46
CA LYS A 15 17.69 -7.65 19.86
C LYS A 15 18.72 -8.79 19.85
N SER A 16 18.87 -9.44 18.72
CA SER A 16 19.87 -10.54 18.59
C SER A 16 20.33 -10.62 17.13
N GLY A 17 21.24 -11.50 16.83
CA GLY A 17 21.73 -11.62 15.42
C GLY A 17 21.31 -12.97 14.84
N ARG A 18 20.32 -13.59 15.46
CA ARG A 18 19.85 -14.93 14.97
C ARG A 18 18.66 -14.83 14.00
N ALA A 19 17.99 -13.72 13.96
CA ALA A 19 16.83 -13.60 13.00
C ALA A 19 17.30 -13.65 11.55
N SER A 20 16.56 -14.28 10.70
CA SER A 20 17.01 -14.32 9.34
C SER A 20 15.98 -13.58 8.43
N CYS A 21 16.51 -12.81 7.52
CA CYS A 21 15.66 -11.95 6.63
C CYS A 21 14.70 -12.82 5.80
N LYS A 22 13.42 -12.52 5.85
CA LYS A 22 12.39 -13.30 5.12
C LYS A 22 12.55 -13.06 3.55
N LYS A 23 13.38 -12.13 3.14
CA LYS A 23 13.55 -11.84 1.68
C LYS A 23 14.83 -12.45 1.12
N CYS A 24 15.97 -12.09 1.65
CA CYS A 24 17.27 -12.64 1.12
C CYS A 24 17.81 -13.81 1.96
N SER A 25 17.16 -14.15 3.06
CA SER A 25 17.57 -15.30 3.92
C SER A 25 18.88 -15.06 4.75
N GLU A 26 19.60 -13.98 4.52
CA GLU A 26 20.83 -13.74 5.32
C GLU A 26 20.45 -13.33 6.75
N SER A 27 21.33 -13.56 7.70
CA SER A 27 21.01 -13.22 9.11
C SER A 27 20.97 -11.71 9.33
N ILE A 28 20.16 -11.27 10.25
CA ILE A 28 20.10 -9.82 10.56
C ILE A 28 21.00 -9.57 11.77
N PRO A 29 22.05 -8.79 11.60
CA PRO A 29 23.03 -8.58 12.70
C PRO A 29 22.43 -7.83 13.89
N LYS A 30 22.82 -8.24 15.08
CA LYS A 30 22.30 -7.61 16.34
C LYS A 30 22.52 -6.08 16.31
N ASP A 31 21.58 -5.33 16.85
CA ASP A 31 21.69 -3.82 16.90
C ASP A 31 21.43 -3.17 15.53
N SER A 32 21.35 -3.93 14.47
CA SER A 32 21.10 -3.32 13.14
C SER A 32 19.63 -2.95 13.02
N LEU A 33 19.31 -1.99 12.19
CA LEU A 33 17.90 -1.57 12.04
C LEU A 33 17.15 -2.59 11.20
N ARG A 34 16.12 -3.20 11.75
CA ARG A 34 15.34 -4.21 10.99
C ARG A 34 13.86 -3.89 11.08
N MET A 35 13.09 -4.35 10.14
CA MET A 35 11.62 -4.08 10.15
C MET A 35 10.84 -5.38 9.96
N ALA A 36 9.64 -5.45 10.47
CA ALA A 36 8.88 -6.70 10.32
C ALA A 36 7.39 -6.45 10.14
N ILE A 37 6.72 -7.34 9.47
CA ILE A 37 5.24 -7.22 9.32
C ILE A 37 4.59 -8.12 10.39
N MET A 38 3.98 -7.54 11.39
CA MET A 38 3.38 -8.34 12.49
C MET A 38 2.22 -9.22 12.00
N VAL A 39 2.13 -10.42 12.52
CA VAL A 39 1.01 -11.32 12.12
C VAL A 39 0.55 -12.14 13.34
N GLN A 40 -0.74 -12.26 13.53
CA GLN A 40 -1.25 -13.03 14.70
C GLN A 40 -1.13 -14.53 14.44
N SER A 41 -0.71 -15.28 15.42
CA SER A 41 -0.57 -16.75 15.23
C SER A 41 -1.75 -17.49 15.85
N PRO A 42 -2.21 -18.50 15.15
CA PRO A 42 -3.37 -19.30 15.63
C PRO A 42 -2.94 -20.38 16.64
N MET A 43 -1.67 -20.51 16.88
CA MET A 43 -1.21 -21.56 17.85
C MET A 43 -1.07 -20.99 19.26
N PHE A 44 -1.17 -19.69 19.40
CA PHE A 44 -1.05 -19.08 20.76
C PHE A 44 -1.42 -17.60 20.71
N ASP A 45 -1.65 -17.00 21.84
CA ASP A 45 -2.01 -15.56 21.86
C ASP A 45 -0.72 -14.72 21.74
N GLY A 46 -0.57 -14.00 20.66
CA GLY A 46 0.66 -13.18 20.47
C GLY A 46 0.92 -13.06 18.97
N LYS A 47 1.65 -12.06 18.56
CA LYS A 47 1.92 -11.90 17.10
C LYS A 47 3.37 -12.26 16.76
N VAL A 48 3.57 -12.99 15.68
CA VAL A 48 4.96 -13.36 15.27
C VAL A 48 5.45 -12.38 14.19
N PRO A 49 6.64 -11.90 14.36
CA PRO A 49 7.21 -10.90 13.43
C PRO A 49 7.98 -11.55 12.30
N HIS A 50 7.69 -11.17 11.08
CA HIS A 50 8.49 -11.67 9.93
C HIS A 50 9.56 -10.59 9.70
N TRP A 51 10.77 -10.81 10.17
CA TRP A 51 11.80 -9.75 10.07
C TRP A 51 12.52 -9.69 8.73
N TYR A 52 13.01 -8.52 8.42
CA TYR A 52 13.74 -8.28 7.14
C TYR A 52 14.81 -7.21 7.39
N HIS A 53 15.90 -7.21 6.66
CA HIS A 53 16.88 -6.10 6.81
C HIS A 53 16.15 -4.85 6.37
N PHE A 54 16.53 -3.69 6.84
CA PHE A 54 15.79 -2.44 6.44
C PHE A 54 15.50 -2.37 4.93
N SER A 55 16.49 -2.54 4.10
CA SER A 55 16.27 -2.45 2.62
C SER A 55 15.38 -3.60 2.08
N CYS A 56 15.64 -4.82 2.49
CA CYS A 56 14.83 -5.98 1.98
C CYS A 56 13.33 -5.78 2.24
N PHE A 57 12.98 -5.20 3.37
CA PHE A 57 11.53 -5.01 3.70
C PHE A 57 10.74 -4.31 2.57
N TRP A 58 11.36 -3.37 1.87
CA TRP A 58 10.61 -2.65 0.81
C TRP A 58 10.67 -3.38 -0.54
N LYS A 59 11.59 -4.28 -0.71
CA LYS A 59 11.70 -5.00 -2.01
C LYS A 59 10.72 -6.18 -2.11
N VAL A 60 9.92 -6.41 -1.09
CA VAL A 60 8.97 -7.55 -1.14
C VAL A 60 7.53 -7.08 -1.44
N GLY A 61 7.26 -5.81 -1.28
CA GLY A 61 5.89 -5.31 -1.57
C GLY A 61 5.33 -4.56 -0.35
N HIS A 62 5.95 -4.69 0.79
CA HIS A 62 5.45 -3.97 2.01
C HIS A 62 5.41 -2.48 1.74
N SER A 63 4.38 -1.80 2.17
CA SER A 63 4.30 -0.32 1.92
C SER A 63 3.78 0.42 3.15
N ILE A 64 4.31 1.59 3.40
CA ILE A 64 3.85 2.40 4.58
C ILE A 64 3.82 3.89 4.21
N ARG A 65 2.68 4.51 4.29
CA ARG A 65 2.61 5.97 3.95
C ARG A 65 2.95 6.81 5.18
N HIS A 66 2.47 6.43 6.33
CA HIS A 66 2.79 7.19 7.59
C HIS A 66 3.43 6.25 8.63
N PRO A 67 4.74 6.23 8.66
CA PRO A 67 5.47 5.35 9.61
C PRO A 67 5.15 5.68 11.09
N ASP A 68 5.18 6.94 11.47
CA ASP A 68 4.87 7.31 12.88
C ASP A 68 3.60 6.63 13.45
N VAL A 69 2.59 6.46 12.64
CA VAL A 69 1.31 5.84 13.16
C VAL A 69 1.14 4.35 12.75
N GLU A 70 1.78 3.92 11.68
CA GLU A 70 1.59 2.49 11.23
C GLU A 70 2.72 1.56 11.72
N VAL A 71 3.83 2.09 12.16
CA VAL A 71 4.94 1.18 12.59
C VAL A 71 5.26 1.34 14.08
N ASP A 72 5.04 0.28 14.84
CA ASP A 72 5.33 0.34 16.30
C ASP A 72 6.85 0.45 16.53
N GLY A 73 7.26 1.22 17.52
CA GLY A 73 8.73 1.36 17.80
C GLY A 73 9.35 2.49 16.96
N PHE A 74 8.62 3.07 16.05
CA PHE A 74 9.19 4.16 15.21
C PHE A 74 9.68 5.34 16.06
N SER A 75 8.86 5.81 16.96
CA SER A 75 9.26 6.97 17.81
C SER A 75 10.50 6.67 18.69
N GLU A 76 10.82 5.41 18.95
CA GLU A 76 12.01 5.11 19.79
C GLU A 76 13.31 4.96 18.96
N LEU A 77 13.21 5.06 17.65
CA LEU A 77 14.44 4.94 16.81
C LEU A 77 15.26 6.21 16.93
N ARG A 78 16.53 6.14 16.62
CA ARG A 78 17.36 7.38 16.67
C ARG A 78 16.84 8.34 15.60
N TRP A 79 17.02 9.63 15.78
CA TRP A 79 16.49 10.64 14.81
C TRP A 79 16.81 10.27 13.35
N ASP A 80 18.07 10.10 13.02
CA ASP A 80 18.44 9.78 11.61
C ASP A 80 17.68 8.55 11.09
N ASP A 81 17.53 7.53 11.89
CA ASP A 81 16.79 6.32 11.43
C ASP A 81 15.31 6.66 11.25
N GLN A 82 14.80 7.57 12.03
CA GLN A 82 13.37 7.99 11.89
C GLN A 82 13.20 8.71 10.55
N GLN A 83 14.20 9.47 10.16
CA GLN A 83 14.12 10.20 8.86
C GLN A 83 14.31 9.21 7.73
N LYS A 84 15.24 8.30 7.88
CA LYS A 84 15.49 7.28 6.81
C LYS A 84 14.20 6.48 6.54
N VAL A 85 13.55 6.03 7.59
CA VAL A 85 12.28 5.27 7.40
C VAL A 85 11.22 6.19 6.80
N LYS A 86 11.16 7.43 7.27
CA LYS A 86 10.14 8.38 6.75
C LYS A 86 10.36 8.64 5.25
N LYS A 87 11.59 8.86 4.86
CA LYS A 87 11.87 9.13 3.42
C LYS A 87 11.69 7.86 2.59
N THR A 88 12.21 6.75 3.07
CA THR A 88 12.07 5.48 2.30
C THR A 88 10.58 5.16 2.12
N ALA A 89 9.79 5.44 3.12
CA ALA A 89 8.32 5.17 3.02
C ALA A 89 7.74 6.03 1.90
N GLU A 90 8.11 7.29 1.86
CA GLU A 90 7.58 8.19 0.79
C GLU A 90 8.03 7.70 -0.58
N ALA A 91 9.30 7.44 -0.75
CA ALA A 91 9.81 6.97 -2.07
C ALA A 91 9.09 5.68 -2.49
N GLY A 92 8.21 5.78 -3.45
CA GLY A 92 7.47 4.56 -3.90
C GLY A 92 6.67 4.89 -5.16
N GLY A 93 7.32 4.91 -6.30
CA GLY A 93 6.60 5.23 -7.56
C GLY A 93 7.60 5.62 -8.64
N VAL A 94 8.00 4.69 -9.47
CA VAL A 94 8.98 5.01 -10.55
C VAL A 94 8.25 5.50 -11.80
N THR A 95 8.90 6.32 -12.59
CA THR A 95 8.24 6.83 -13.83
C THR A 95 8.41 5.84 -14.98
N GLY A 96 9.63 5.64 -15.44
CA GLY A 96 9.85 4.69 -16.55
C GLY A 96 9.51 5.35 -17.88
N LYS A 97 8.25 5.61 -18.12
CA LYS A 97 7.84 6.26 -19.40
C LYS A 97 7.67 7.77 -19.20
N GLY A 98 8.68 8.43 -18.69
CA GLY A 98 8.57 9.90 -18.46
C GLY A 98 9.96 10.53 -18.54
N GLN A 99 10.40 10.92 -19.71
CA GLN A 99 11.74 11.53 -19.85
C GLN A 99 11.62 12.99 -20.29
N ASP A 100 10.61 13.30 -21.06
CA ASP A 100 10.42 14.71 -21.53
C ASP A 100 8.93 15.05 -21.60
N GLY A 101 8.51 16.03 -20.85
CA GLY A 101 7.06 16.41 -20.88
C GLY A 101 6.37 15.88 -19.63
N ILE A 102 6.35 16.65 -18.57
CA ILE A 102 5.69 16.19 -17.32
C ILE A 102 4.77 17.29 -16.77
N GLY A 103 3.71 16.92 -16.12
CA GLY A 103 2.77 17.94 -15.56
C GLY A 103 3.09 18.16 -14.07
N SER A 104 2.18 17.80 -13.20
CA SER A 104 2.43 17.99 -11.75
C SER A 104 2.07 16.72 -10.98
N LYS A 105 2.36 15.57 -11.54
CA LYS A 105 2.04 14.29 -10.84
C LYS A 105 3.32 13.66 -10.28
N ALA A 106 3.84 14.21 -9.21
CA ALA A 106 5.08 13.64 -8.61
C ALA A 106 4.79 13.07 -7.21
N GLU A 107 5.22 11.88 -6.94
CA GLU A 107 4.97 11.25 -5.60
C GLU A 107 3.48 11.31 -5.27
N LYS A 108 2.63 11.22 -6.27
CA LYS A 108 1.17 11.25 -6.01
C LYS A 108 0.51 9.95 -6.46
N THR A 109 0.57 8.93 -5.64
CA THR A 109 -0.05 7.62 -6.03
C THR A 109 -0.43 6.83 -4.77
N LEU A 110 -1.67 6.42 -4.67
CA LEU A 110 -2.09 5.64 -3.48
C LEU A 110 -1.38 4.28 -3.45
N GLY A 111 -1.10 3.77 -2.28
CA GLY A 111 -0.40 2.46 -2.20
C GLY A 111 -1.41 1.34 -1.87
N ASP A 112 -2.63 1.69 -1.58
CA ASP A 112 -3.64 0.63 -1.24
C ASP A 112 -4.76 0.59 -2.29
N PHE A 113 -4.63 1.34 -3.36
CA PHE A 113 -5.69 1.33 -4.42
C PHE A 113 -5.04 1.09 -5.79
N ALA A 114 -5.58 0.20 -6.59
CA ALA A 114 -4.96 -0.06 -7.91
C ALA A 114 -5.99 -0.27 -9.03
N ALA A 115 -5.55 -0.08 -10.24
CA ALA A 115 -6.44 -0.26 -11.43
C ALA A 115 -5.64 -1.00 -12.51
N GLU A 116 -6.20 -2.02 -13.09
CA GLU A 116 -5.46 -2.76 -14.15
C GLU A 116 -6.43 -3.62 -14.96
N TYR A 117 -6.00 -4.10 -16.09
CA TYR A 117 -6.89 -4.98 -16.89
C TYR A 117 -6.82 -6.38 -16.27
N ALA A 118 -7.94 -7.04 -16.12
CA ALA A 118 -7.93 -8.40 -15.50
C ALA A 118 -6.89 -9.32 -16.14
N LYS A 119 -5.87 -9.71 -15.38
CA LYS A 119 -4.83 -10.61 -15.93
C LYS A 119 -5.44 -11.98 -16.25
N SER A 120 -6.59 -12.29 -15.69
CA SER A 120 -7.24 -13.59 -15.98
C SER A 120 -8.76 -13.46 -15.81
N ASN A 121 -9.47 -14.57 -15.79
CA ASN A 121 -10.96 -14.48 -15.63
C ASN A 121 -11.43 -15.25 -14.39
N ARG A 122 -10.54 -15.59 -13.49
CA ARG A 122 -10.97 -16.32 -12.26
C ARG A 122 -11.09 -15.36 -11.06
N SER A 123 -10.86 -14.08 -11.26
CA SER A 123 -11.02 -13.11 -10.13
C SER A 123 -12.51 -12.85 -9.92
N THR A 124 -12.89 -12.18 -8.88
CA THR A 124 -14.36 -11.95 -8.66
C THR A 124 -14.59 -10.58 -8.02
N CYS A 125 -15.48 -9.79 -8.59
CA CYS A 125 -15.79 -8.48 -7.99
C CYS A 125 -16.38 -8.70 -6.58
N LYS A 126 -15.75 -8.13 -5.58
CA LYS A 126 -16.25 -8.31 -4.18
C LYS A 126 -17.43 -7.37 -3.84
N GLY A 127 -18.12 -6.86 -4.84
CA GLY A 127 -19.27 -5.96 -4.59
C GLY A 127 -20.53 -6.67 -5.05
N CYS A 128 -20.47 -7.31 -6.19
CA CYS A 128 -21.65 -8.08 -6.69
C CYS A 128 -21.32 -9.59 -6.78
N MET A 129 -20.11 -9.99 -6.37
CA MET A 129 -19.71 -11.42 -6.44
C MET A 129 -19.76 -12.03 -7.85
N GLU A 130 -19.88 -11.21 -8.87
CA GLU A 130 -19.89 -11.76 -10.26
C GLU A 130 -18.44 -11.84 -10.76
N LYS A 131 -18.13 -12.84 -11.54
CA LYS A 131 -16.73 -12.99 -12.02
C LYS A 131 -16.31 -11.85 -12.96
N ILE A 132 -15.07 -11.44 -12.88
CA ILE A 132 -14.58 -10.38 -13.81
C ILE A 132 -13.93 -11.09 -15.01
N GLU A 133 -14.25 -10.68 -16.21
CA GLU A 133 -13.66 -11.36 -17.41
C GLU A 133 -12.25 -10.88 -17.67
N LYS A 134 -11.38 -11.76 -18.11
CA LYS A 134 -9.98 -11.35 -18.45
C LYS A 134 -9.97 -10.18 -19.45
N GLY A 135 -9.14 -9.18 -19.21
CA GLY A 135 -9.07 -8.01 -20.13
C GLY A 135 -9.96 -6.87 -19.59
N GLN A 136 -11.01 -7.21 -18.88
CA GLN A 136 -11.91 -6.14 -18.33
C GLN A 136 -11.18 -5.28 -17.30
N VAL A 137 -11.42 -4.00 -17.32
CA VAL A 137 -10.78 -3.09 -16.33
C VAL A 137 -11.34 -3.38 -14.93
N ARG A 138 -10.49 -3.48 -13.96
CA ARG A 138 -10.97 -3.76 -12.58
C ARG A 138 -10.23 -2.88 -11.58
N LEU A 139 -10.84 -2.57 -10.48
CA LEU A 139 -10.18 -1.72 -9.45
C LEU A 139 -10.03 -2.51 -8.16
N SER A 140 -9.17 -2.10 -7.26
CA SER A 140 -9.04 -2.89 -6.01
C SER A 140 -8.57 -2.07 -4.81
N LYS A 141 -9.06 -2.46 -3.67
CA LYS A 141 -8.65 -1.79 -2.41
C LYS A 141 -7.76 -2.77 -1.63
N LYS A 142 -6.46 -2.60 -1.74
CA LYS A 142 -5.52 -3.53 -1.04
C LYS A 142 -5.86 -3.67 0.45
N MET A 143 -5.83 -4.87 0.94
CA MET A 143 -6.13 -5.11 2.39
C MET A 143 -5.35 -6.33 2.87
N VAL A 144 -5.07 -6.42 4.14
CA VAL A 144 -4.30 -7.59 4.65
C VAL A 144 -5.24 -8.57 5.36
N ASP A 145 -4.98 -9.85 5.24
CA ASP A 145 -5.84 -10.86 5.91
C ASP A 145 -5.10 -11.40 7.13
N PRO A 146 -5.75 -11.33 8.27
CA PRO A 146 -5.12 -11.84 9.53
C PRO A 146 -4.95 -13.35 9.46
N GLU A 147 -5.69 -14.00 8.59
CA GLU A 147 -5.57 -15.48 8.46
C GLU A 147 -4.38 -15.83 7.56
N LYS A 148 -4.03 -14.95 6.67
CA LYS A 148 -2.87 -15.22 5.76
C LYS A 148 -1.96 -14.00 5.75
N PRO A 149 -1.24 -13.83 6.83
CA PRO A 149 -0.33 -12.67 6.96
C PRO A 149 0.90 -12.81 6.06
N GLN A 150 1.32 -13.99 5.75
CA GLN A 150 2.51 -14.17 4.86
C GLN A 150 2.26 -13.50 3.51
N LEU A 151 1.02 -13.27 3.15
CA LEU A 151 0.71 -12.62 1.85
C LEU A 151 0.88 -11.11 1.94
N GLY A 152 0.35 -10.50 2.97
CA GLY A 152 0.49 -9.03 3.13
C GLY A 152 -0.68 -8.32 2.43
N MET A 153 -0.43 -7.15 1.91
CA MET A 153 -1.51 -6.38 1.21
C MET A 153 -2.03 -7.16 0.01
N ILE A 154 -3.23 -7.69 0.10
CA ILE A 154 -3.80 -8.45 -1.04
C ILE A 154 -4.86 -7.60 -1.73
N ASP A 155 -4.96 -7.68 -3.02
CA ASP A 155 -5.97 -6.86 -3.75
C ASP A 155 -7.39 -7.42 -3.61
N ARG A 156 -8.31 -6.56 -3.29
CA ARG A 156 -9.76 -6.94 -3.24
C ARG A 156 -10.33 -6.33 -4.51
N TRP A 157 -10.60 -7.13 -5.51
CA TRP A 157 -11.05 -6.55 -6.82
C TRP A 157 -12.54 -6.22 -6.90
N TYR A 158 -12.84 -5.34 -7.82
CA TYR A 158 -14.25 -4.90 -8.04
C TYR A 158 -14.38 -4.35 -9.45
N HIS A 159 -15.58 -4.29 -9.96
CA HIS A 159 -15.79 -3.64 -11.28
C HIS A 159 -15.70 -2.15 -10.98
N PRO A 160 -15.25 -1.33 -11.91
CA PRO A 160 -15.13 0.12 -11.62
C PRO A 160 -16.47 0.68 -11.11
N GLY A 161 -17.57 0.32 -11.71
CA GLY A 161 -18.89 0.81 -11.24
C GLY A 161 -19.14 0.31 -9.81
N CYS A 162 -19.00 -0.98 -9.58
CA CYS A 162 -19.22 -1.53 -8.21
C CYS A 162 -18.28 -0.84 -7.21
N PHE A 163 -17.04 -0.60 -7.60
CA PHE A 163 -16.07 0.08 -6.67
C PHE A 163 -16.57 1.48 -6.32
N VAL A 164 -17.04 2.21 -7.31
CA VAL A 164 -17.52 3.59 -7.03
C VAL A 164 -18.73 3.55 -6.09
N LYS A 165 -19.60 2.59 -6.25
CA LYS A 165 -20.79 2.52 -5.33
C LYS A 165 -20.36 2.40 -3.86
N ASN A 166 -19.29 1.71 -3.61
CA ASN A 166 -18.79 1.54 -2.19
C ASN A 166 -17.55 2.39 -1.92
N ARG A 167 -17.38 3.50 -2.62
CA ARG A 167 -16.17 4.35 -2.40
C ARG A 167 -15.99 4.72 -0.93
N GLU A 168 -17.05 4.99 -0.25
CA GLU A 168 -16.94 5.39 1.20
C GLU A 168 -16.41 4.25 2.07
N GLU A 169 -17.07 3.12 2.04
CA GLU A 169 -16.62 1.97 2.89
C GLU A 169 -15.25 1.48 2.45
N LEU A 170 -14.90 1.65 1.20
CA LEU A 170 -13.56 1.18 0.73
C LEU A 170 -12.46 2.19 1.10
N GLY A 171 -12.81 3.28 1.76
CA GLY A 171 -11.77 4.28 2.17
C GLY A 171 -11.29 5.11 0.98
N PHE A 172 -12.06 5.20 -0.08
CA PHE A 172 -11.62 6.03 -1.25
C PHE A 172 -12.16 7.45 -1.08
N ARG A 173 -11.49 8.23 -0.26
CA ARG A 173 -11.96 9.65 0.01
C ARG A 173 -12.34 10.40 -1.27
N PRO A 174 -13.14 11.44 -1.11
CA PRO A 174 -13.61 12.23 -2.28
C PRO A 174 -12.49 13.13 -2.85
N GLU A 175 -11.41 13.32 -2.13
CA GLU A 175 -10.31 14.17 -2.66
C GLU A 175 -9.44 13.34 -3.64
N TYR A 176 -9.56 12.03 -3.59
CA TYR A 176 -8.75 11.17 -4.50
C TYR A 176 -9.34 11.16 -5.91
N SER A 177 -8.49 11.09 -6.89
CA SER A 177 -8.97 11.06 -8.31
C SER A 177 -8.47 9.77 -8.96
N ALA A 178 -9.03 9.43 -10.09
CA ALA A 178 -8.61 8.17 -10.79
C ALA A 178 -7.10 8.15 -11.08
N SER A 179 -6.53 9.29 -11.32
CA SER A 179 -5.06 9.35 -11.63
C SER A 179 -4.18 8.86 -10.47
N GLN A 180 -4.73 8.74 -9.28
CA GLN A 180 -3.91 8.29 -8.12
C GLN A 180 -3.90 6.76 -7.95
N LEU A 181 -4.69 6.04 -8.72
CA LEU A 181 -4.73 4.56 -8.58
C LEU A 181 -3.41 3.93 -9.04
N LYS A 182 -2.88 3.00 -8.29
CA LYS A 182 -1.61 2.34 -8.69
C LYS A 182 -1.83 1.55 -9.99
N GLY A 183 -1.13 1.89 -11.05
CA GLY A 183 -1.30 1.16 -12.35
C GLY A 183 -2.08 2.03 -13.36
N PHE A 184 -2.62 3.14 -12.92
CA PHE A 184 -3.42 4.02 -13.84
C PHE A 184 -2.64 4.34 -15.13
N SER A 185 -1.44 4.81 -15.00
CA SER A 185 -0.61 5.20 -16.18
C SER A 185 -0.53 4.10 -17.27
N LEU A 186 -0.71 2.84 -16.91
CA LEU A 186 -0.61 1.75 -17.95
C LEU A 186 -1.93 1.48 -18.69
N LEU A 187 -2.94 2.28 -18.46
CA LEU A 187 -4.24 2.06 -19.14
C LEU A 187 -4.34 2.89 -20.42
N ALA A 188 -5.03 2.37 -21.41
CA ALA A 188 -5.20 3.14 -22.68
C ALA A 188 -5.91 4.45 -22.39
N THR A 189 -5.64 5.49 -23.17
CA THR A 189 -6.30 6.82 -22.92
C THR A 189 -7.81 6.68 -22.70
N GLU A 190 -8.48 5.93 -23.53
CA GLU A 190 -9.96 5.73 -23.39
C GLU A 190 -10.31 5.21 -21.98
N ASP A 191 -9.62 4.20 -21.55
CA ASP A 191 -9.90 3.63 -20.19
C ASP A 191 -9.59 4.66 -19.11
N LYS A 192 -8.54 5.43 -19.27
CA LYS A 192 -8.18 6.45 -18.23
C LYS A 192 -9.27 7.53 -18.15
N GLU A 193 -9.81 7.93 -19.27
CA GLU A 193 -10.87 8.98 -19.25
C GLU A 193 -12.12 8.47 -18.53
N ALA A 194 -12.53 7.25 -18.82
CA ALA A 194 -13.74 6.68 -18.16
C ALA A 194 -13.58 6.71 -16.64
N LEU A 195 -12.40 6.40 -16.15
CA LEU A 195 -12.17 6.39 -14.68
C LEU A 195 -12.20 7.82 -14.14
N LYS A 196 -11.41 8.72 -14.71
CA LYS A 196 -11.40 10.14 -14.24
C LYS A 196 -12.84 10.68 -14.22
N LYS A 197 -13.67 10.17 -15.08
CA LYS A 197 -15.08 10.63 -15.16
C LYS A 197 -15.86 10.22 -13.88
N GLN A 198 -15.68 9.00 -13.43
CA GLN A 198 -16.42 8.54 -12.21
C GLN A 198 -15.68 8.94 -10.93
N LEU A 199 -14.38 9.04 -10.99
CA LEU A 199 -13.61 9.46 -9.78
C LEU A 199 -12.85 10.75 -10.12
N PRO A 200 -13.57 11.85 -10.09
CA PRO A 200 -12.96 13.18 -10.43
C PRO A 200 -12.03 13.67 -9.32
N GLY A 201 -12.43 13.56 -8.09
CA GLY A 201 -11.56 14.03 -6.97
C GLY A 201 -11.72 15.56 -6.82
N VAL A 202 -11.14 16.32 -7.71
CA VAL A 202 -11.27 17.80 -7.62
C VAL A 202 -12.68 18.25 -8.00
N LYS A 203 -12.87 19.52 -8.17
CA LYS A 203 -14.23 20.02 -8.55
C LYS A 203 -14.43 19.91 -10.07
N SER A 204 -15.32 19.05 -10.49
CA SER A 204 -15.56 18.89 -11.95
C SER A 204 -16.96 18.32 -12.20
N GLU A 205 -17.30 18.07 -13.44
CA GLU A 205 -18.66 17.52 -13.74
C GLU A 205 -18.77 16.09 -13.19
N GLY A 206 -19.95 15.52 -13.26
CA GLY A 206 -20.14 14.14 -12.75
C GLY A 206 -20.01 13.13 -13.90
N LYS A 207 -20.79 12.09 -13.87
CA LYS A 207 -20.72 11.07 -14.96
C LYS A 207 -22.05 11.00 -15.71
N ARG A 208 -22.02 10.57 -16.94
CA ARG A 208 -23.28 10.48 -17.73
C ARG A 208 -23.45 9.06 -18.29
N LYS A 209 -24.65 8.72 -18.72
CA LYS A 209 -24.89 7.35 -19.27
C LYS A 209 -24.39 6.28 -18.29
N GLY A 210 -25.26 5.81 -17.43
CA GLY A 210 -24.84 4.77 -16.45
C GLY A 210 -24.55 3.46 -17.20
N ASP A 211 -23.37 3.33 -17.76
CA ASP A 211 -23.03 2.09 -18.50
C ASP A 211 -22.36 1.09 -17.55
N GLU A 212 -22.42 -0.18 -17.88
CA GLU A 212 -21.78 -1.21 -17.01
C GLU A 212 -21.02 -2.22 -17.85
N VAL A 213 -19.79 -2.50 -17.50
CA VAL A 213 -18.98 -3.48 -18.29
C VAL A 213 -19.19 -4.90 -17.73
N ASP A 214 -20.42 -5.30 -17.56
CA ASP A 214 -20.69 -6.67 -17.01
C ASP A 214 -19.91 -6.90 -15.71
ZN ZN C . 17.73 -9.23 3.76
ZN ZN D . -19.22 -6.03 -9.68
N MET A 1 9.84 -10.86 28.41
CA MET A 1 9.59 -9.58 29.12
C MET A 1 9.28 -8.47 28.12
N ALA A 2 8.46 -8.75 27.13
CA ALA A 2 8.12 -7.72 26.13
C ALA A 2 6.68 -7.91 25.63
N GLU A 3 6.01 -6.86 25.27
CA GLU A 3 4.60 -6.99 24.78
C GLU A 3 4.51 -6.49 23.33
N SER A 4 3.37 -6.66 22.72
CA SER A 4 3.19 -6.21 21.31
C SER A 4 2.09 -5.15 21.21
N SER A 5 1.68 -4.80 20.02
CA SER A 5 0.61 -3.78 19.86
C SER A 5 -0.31 -4.16 18.71
N ASP A 6 -1.27 -3.32 18.40
CA ASP A 6 -2.20 -3.62 17.28
C ASP A 6 -1.61 -3.16 15.94
N LYS A 7 -0.55 -2.40 15.97
CA LYS A 7 0.08 -1.92 14.71
C LYS A 7 0.46 -3.12 13.84
N LEU A 8 0.49 -2.96 12.54
CA LEU A 8 0.85 -4.11 11.66
C LEU A 8 2.37 -4.20 11.45
N TYR A 9 3.12 -3.16 11.72
CA TYR A 9 4.59 -3.25 11.51
C TYR A 9 5.38 -2.87 12.76
N ARG A 10 6.61 -3.29 12.83
CA ARG A 10 7.47 -2.97 14.00
C ARG A 10 8.89 -2.63 13.53
N VAL A 11 9.49 -1.66 14.14
CA VAL A 11 10.88 -1.28 13.76
C VAL A 11 11.70 -1.17 15.04
N GLU A 12 12.92 -1.66 15.03
CA GLU A 12 13.75 -1.58 16.25
C GLU A 12 15.18 -2.05 15.97
N TYR A 13 16.06 -1.82 16.90
CA TYR A 13 17.45 -2.28 16.72
C TYR A 13 17.48 -3.75 17.11
N ALA A 14 17.98 -4.59 16.24
CA ALA A 14 18.00 -6.08 16.49
C ALA A 14 18.34 -6.46 17.93
N LYS A 15 17.42 -7.11 18.60
CA LYS A 15 17.68 -7.55 20.01
C LYS A 15 18.73 -8.68 20.00
N SER A 16 18.89 -9.33 18.88
CA SER A 16 19.90 -10.41 18.74
C SER A 16 20.37 -10.49 17.28
N GLY A 17 21.29 -11.36 16.98
CA GLY A 17 21.80 -11.46 15.58
C GLY A 17 21.38 -12.81 15.00
N ARG A 18 20.38 -13.45 15.58
CA ARG A 18 19.94 -14.79 15.10
C ARG A 18 18.75 -14.69 14.12
N ALA A 19 18.08 -13.58 14.08
CA ALA A 19 16.92 -13.46 13.11
C ALA A 19 17.40 -13.50 11.65
N SER A 20 16.67 -14.15 10.80
CA SER A 20 17.06 -14.24 9.36
C SER A 20 16.10 -13.41 8.53
N CYS A 21 16.63 -12.64 7.64
CA CYS A 21 15.77 -11.78 6.76
C CYS A 21 14.84 -12.65 5.91
N LYS A 22 13.56 -12.36 5.94
CA LYS A 22 12.59 -13.18 5.14
C LYS A 22 12.71 -12.89 3.62
N LYS A 23 13.53 -11.95 3.23
CA LYS A 23 13.70 -11.64 1.78
C LYS A 23 15.01 -12.24 1.22
N CYS A 24 16.14 -11.88 1.76
CA CYS A 24 17.44 -12.42 1.24
C CYS A 24 17.98 -13.60 2.07
N SER A 25 17.33 -13.95 3.17
CA SER A 25 17.77 -15.12 4.03
C SER A 25 19.04 -14.85 4.87
N GLU A 26 19.76 -13.77 4.65
CA GLU A 26 20.98 -13.51 5.46
C GLU A 26 20.59 -13.13 6.89
N SER A 27 21.46 -13.35 7.84
CA SER A 27 21.12 -13.02 9.26
C SER A 27 21.08 -11.52 9.48
N ILE A 28 20.25 -11.09 10.40
CA ILE A 28 20.18 -9.63 10.72
C ILE A 28 21.07 -9.40 11.94
N PRO A 29 22.13 -8.61 11.77
CA PRO A 29 23.09 -8.39 12.89
C PRO A 29 22.47 -7.66 14.09
N LYS A 30 22.85 -8.07 15.27
CA LYS A 30 22.33 -7.45 16.53
C LYS A 30 22.53 -5.93 16.51
N ASP A 31 21.59 -5.18 17.05
CA ASP A 31 21.68 -3.68 17.11
C ASP A 31 21.43 -3.02 15.75
N SER A 32 21.36 -3.78 14.68
CA SER A 32 21.12 -3.16 13.35
C SER A 32 19.65 -2.79 13.22
N LEU A 33 19.33 -1.82 12.40
CA LEU A 33 17.91 -1.42 12.24
C LEU A 33 17.17 -2.44 11.37
N ARG A 34 16.14 -3.06 11.92
CA ARG A 34 15.38 -4.07 11.15
C ARG A 34 13.89 -3.76 11.23
N MET A 35 13.13 -4.22 10.27
CA MET A 35 11.66 -3.95 10.28
C MET A 35 10.90 -5.26 10.08
N ALA A 36 9.70 -5.35 10.58
CA ALA A 36 8.94 -6.61 10.41
C ALA A 36 7.45 -6.36 10.23
N ILE A 37 6.80 -7.26 9.56
CA ILE A 37 5.31 -7.16 9.39
C ILE A 37 4.68 -8.06 10.46
N MET A 38 3.98 -7.50 11.41
CA MET A 38 3.38 -8.32 12.50
C MET A 38 2.29 -9.26 11.98
N VAL A 39 2.20 -10.43 12.57
CA VAL A 39 1.16 -11.41 12.14
C VAL A 39 0.61 -12.15 13.37
N GLN A 40 -0.65 -12.42 13.40
CA GLN A 40 -1.24 -13.13 14.57
C GLN A 40 -1.03 -14.64 14.42
N SER A 41 -0.58 -15.30 15.46
CA SER A 41 -0.35 -16.77 15.38
C SER A 41 -1.58 -17.53 15.89
N PRO A 42 -2.02 -18.50 15.12
CA PRO A 42 -3.20 -19.30 15.51
C PRO A 42 -2.81 -20.42 16.49
N MET A 43 -1.55 -20.55 16.80
CA MET A 43 -1.11 -21.63 17.75
C MET A 43 -0.99 -21.07 19.17
N PHE A 44 -0.97 -19.77 19.32
CA PHE A 44 -0.85 -19.18 20.69
C PHE A 44 -1.14 -17.68 20.65
N ASP A 45 -1.65 -17.13 21.72
CA ASP A 45 -1.94 -15.67 21.75
C ASP A 45 -0.63 -14.88 21.63
N GLY A 46 -0.53 -14.03 20.64
CA GLY A 46 0.72 -13.24 20.46
C GLY A 46 0.98 -13.07 18.97
N LYS A 47 1.72 -12.07 18.59
CA LYS A 47 2.00 -11.86 17.14
C LYS A 47 3.44 -12.27 16.78
N VAL A 48 3.61 -12.91 15.65
CA VAL A 48 4.98 -13.32 15.21
C VAL A 48 5.52 -12.31 14.19
N PRO A 49 6.72 -11.83 14.40
CA PRO A 49 7.27 -10.83 13.49
C PRO A 49 8.07 -11.47 12.35
N HIS A 50 7.79 -11.08 11.13
CA HIS A 50 8.60 -11.57 9.99
C HIS A 50 9.65 -10.48 9.77
N TRP A 51 10.86 -10.69 10.26
CA TRP A 51 11.89 -9.62 10.17
C TRP A 51 12.62 -9.55 8.82
N TYR A 52 13.10 -8.38 8.54
CA TYR A 52 13.85 -8.12 7.27
C TYR A 52 14.90 -7.04 7.53
N HIS A 53 15.99 -7.04 6.80
CA HIS A 53 16.97 -5.93 6.98
C HIS A 53 16.23 -4.67 6.53
N PHE A 54 16.60 -3.51 7.01
CA PHE A 54 15.85 -2.26 6.62
C PHE A 54 15.56 -2.17 5.10
N SER A 55 16.57 -2.34 4.28
CA SER A 55 16.37 -2.25 2.80
C SER A 55 15.49 -3.39 2.25
N CYS A 56 15.75 -4.62 2.65
CA CYS A 56 14.95 -5.77 2.12
C CYS A 56 13.45 -5.59 2.38
N PHE A 57 13.08 -5.03 3.50
CA PHE A 57 11.63 -4.85 3.83
C PHE A 57 10.85 -4.15 2.71
N TRP A 58 11.45 -3.20 2.00
CA TRP A 58 10.72 -2.47 0.95
C TRP A 58 10.79 -3.18 -0.41
N LYS A 59 11.72 -4.09 -0.58
CA LYS A 59 11.84 -4.80 -1.88
C LYS A 59 10.87 -5.98 -2.00
N VAL A 60 10.07 -6.23 -0.98
CA VAL A 60 9.12 -7.38 -1.04
C VAL A 60 7.70 -6.91 -1.36
N GLY A 61 7.41 -5.65 -1.19
CA GLY A 61 6.03 -5.16 -1.48
C GLY A 61 5.44 -4.44 -0.27
N HIS A 62 6.06 -4.56 0.87
CA HIS A 62 5.52 -3.86 2.09
C HIS A 62 5.49 -2.35 1.84
N SER A 63 4.46 -1.68 2.28
CA SER A 63 4.37 -0.21 2.04
C SER A 63 3.84 0.52 3.27
N ILE A 64 4.32 1.72 3.51
CA ILE A 64 3.85 2.49 4.69
C ILE A 64 3.83 3.99 4.34
N ARG A 65 2.68 4.61 4.42
CA ARG A 65 2.58 6.06 4.09
C ARG A 65 2.95 6.90 5.32
N HIS A 66 2.46 6.51 6.47
CA HIS A 66 2.77 7.26 7.73
C HIS A 66 3.41 6.32 8.77
N PRO A 67 4.72 6.31 8.80
CA PRO A 67 5.46 5.43 9.76
C PRO A 67 5.11 5.75 11.24
N ASP A 68 5.14 7.01 11.64
CA ASP A 68 4.82 7.36 13.05
C ASP A 68 3.54 6.67 13.59
N VAL A 69 2.53 6.50 12.77
CA VAL A 69 1.26 5.86 13.28
C VAL A 69 1.11 4.38 12.85
N GLU A 70 1.75 3.95 11.80
CA GLU A 70 1.58 2.54 11.34
C GLU A 70 2.71 1.60 11.82
N VAL A 71 3.81 2.13 12.27
CA VAL A 71 4.93 1.23 12.71
C VAL A 71 5.24 1.38 14.20
N ASP A 72 5.02 0.32 14.95
CA ASP A 72 5.30 0.36 16.41
C ASP A 72 6.81 0.49 16.66
N GLY A 73 7.22 1.25 17.65
CA GLY A 73 8.68 1.40 17.94
C GLY A 73 9.30 2.55 17.12
N PHE A 74 8.56 3.12 16.21
CA PHE A 74 9.13 4.23 15.37
C PHE A 74 9.62 5.40 16.24
N SER A 75 8.79 5.86 17.13
CA SER A 75 9.17 7.01 18.00
C SER A 75 10.40 6.73 18.89
N GLU A 76 10.73 5.46 19.15
CA GLU A 76 11.92 5.18 19.99
C GLU A 76 13.21 5.04 19.16
N LEU A 77 13.14 5.15 17.85
CA LEU A 77 14.36 5.04 17.01
C LEU A 77 15.18 6.31 17.15
N ARG A 78 16.45 6.26 16.85
CA ARG A 78 17.28 7.50 16.91
C ARG A 78 16.76 8.47 15.85
N TRP A 79 16.92 9.75 16.04
CA TRP A 79 16.39 10.76 15.07
C TRP A 79 16.73 10.42 13.61
N ASP A 80 17.99 10.25 13.30
CA ASP A 80 18.38 9.93 11.89
C ASP A 80 17.62 8.71 11.35
N ASP A 81 17.48 7.68 12.14
CA ASP A 81 16.74 6.46 11.67
C ASP A 81 15.27 6.80 11.47
N GLN A 82 14.75 7.71 12.26
CA GLN A 82 13.32 8.10 12.11
C GLN A 82 13.15 8.84 10.77
N GLN A 83 14.14 9.61 10.40
CA GLN A 83 14.07 10.35 9.11
C GLN A 83 14.28 9.36 7.96
N LYS A 84 15.21 8.46 8.12
CA LYS A 84 15.47 7.44 7.05
C LYS A 84 14.19 6.64 6.77
N VAL A 85 13.54 6.18 7.80
CA VAL A 85 12.29 5.41 7.60
C VAL A 85 11.21 6.33 7.01
N LYS A 86 11.14 7.56 7.48
CA LYS A 86 10.12 8.51 6.96
C LYS A 86 10.35 8.78 5.47
N LYS A 87 11.57 9.01 5.08
CA LYS A 87 11.86 9.30 3.64
C LYS A 87 11.71 8.04 2.81
N THR A 88 12.22 6.92 3.27
CA THR A 88 12.10 5.65 2.50
C THR A 88 10.62 5.31 2.30
N ALA A 89 9.82 5.59 3.30
CA ALA A 89 8.36 5.31 3.19
C ALA A 89 7.77 6.18 2.07
N GLU A 90 8.12 7.43 2.05
CA GLU A 90 7.58 8.34 0.99
C GLU A 90 8.05 7.86 -0.40
N ALA A 91 9.33 7.62 -0.55
CA ALA A 91 9.85 7.16 -1.88
C ALA A 91 9.13 5.87 -2.30
N GLY A 92 8.42 5.91 -3.40
CA GLY A 92 7.70 4.69 -3.87
C GLY A 92 6.71 5.09 -4.96
N GLY A 93 7.10 4.98 -6.21
CA GLY A 93 6.17 5.35 -7.32
C GLY A 93 6.52 4.53 -8.56
N VAL A 94 5.62 3.69 -8.99
CA VAL A 94 5.90 2.85 -10.21
C VAL A 94 5.93 3.74 -11.46
N THR A 95 6.22 3.16 -12.59
CA THR A 95 6.27 3.97 -13.85
C THR A 95 7.21 5.15 -13.70
N GLY A 96 7.40 5.92 -14.73
CA GLY A 96 8.31 7.09 -14.65
C GLY A 96 9.62 6.79 -15.39
N LYS A 97 9.92 5.54 -15.61
CA LYS A 97 11.17 5.18 -16.33
C LYS A 97 11.25 5.91 -17.67
N GLY A 98 12.43 6.06 -18.21
CA GLY A 98 12.58 6.76 -19.52
C GLY A 98 13.53 7.95 -19.35
N GLN A 99 14.81 7.72 -19.50
CA GLN A 99 15.79 8.85 -19.35
C GLN A 99 15.64 9.83 -20.51
N ASP A 100 15.73 11.10 -20.23
CA ASP A 100 15.60 12.12 -21.31
C ASP A 100 14.32 11.88 -22.13
N GLY A 101 13.27 11.44 -21.49
CA GLY A 101 12.01 11.18 -22.22
C GLY A 101 11.02 12.34 -21.99
N ILE A 102 9.80 12.18 -22.38
CA ILE A 102 8.79 13.26 -22.18
C ILE A 102 8.35 13.30 -20.71
N GLY A 103 8.29 12.17 -20.06
CA GLY A 103 7.87 12.14 -18.63
C GLY A 103 8.86 11.32 -17.82
N SER A 104 9.52 11.93 -16.86
CA SER A 104 10.50 11.19 -16.03
C SER A 104 10.05 11.20 -14.57
N LYS A 105 9.83 12.36 -14.02
CA LYS A 105 9.38 12.44 -12.59
C LYS A 105 7.94 11.94 -12.46
N ALA A 106 7.63 11.26 -11.39
CA ALA A 106 6.24 10.75 -11.21
C ALA A 106 5.44 11.69 -10.30
N GLU A 107 4.22 11.33 -10.00
CA GLU A 107 3.40 12.21 -9.12
C GLU A 107 2.88 11.42 -7.92
N LYS A 108 1.80 11.84 -7.32
CA LYS A 108 1.25 11.11 -6.14
C LYS A 108 0.58 9.81 -6.59
N THR A 109 0.69 8.77 -5.80
CA THR A 109 0.07 7.48 -6.16
C THR A 109 -0.31 6.69 -4.90
N LEU A 110 -1.54 6.28 -4.78
CA LEU A 110 -1.96 5.52 -3.58
C LEU A 110 -1.26 4.15 -3.55
N GLY A 111 -0.97 3.65 -2.38
CA GLY A 111 -0.27 2.33 -2.30
C GLY A 111 -1.28 1.22 -1.96
N ASP A 112 -2.50 1.57 -1.67
CA ASP A 112 -3.51 0.53 -1.32
C ASP A 112 -4.64 0.48 -2.37
N PHE A 113 -4.53 1.23 -3.43
CA PHE A 113 -5.59 1.21 -4.48
C PHE A 113 -4.96 0.98 -5.87
N ALA A 114 -5.51 0.08 -6.66
CA ALA A 114 -4.89 -0.17 -7.99
C ALA A 114 -5.93 -0.37 -9.09
N ALA A 115 -5.51 -0.17 -10.30
CA ALA A 115 -6.40 -0.35 -11.49
C ALA A 115 -5.61 -1.08 -12.59
N GLU A 116 -6.18 -2.10 -13.16
CA GLU A 116 -5.46 -2.84 -14.23
C GLU A 116 -6.44 -3.69 -15.04
N TYR A 117 -6.03 -4.17 -16.18
CA TYR A 117 -6.92 -5.04 -16.97
C TYR A 117 -6.85 -6.45 -16.36
N ALA A 118 -7.98 -7.10 -16.20
CA ALA A 118 -7.98 -8.47 -15.57
C ALA A 118 -6.94 -9.40 -16.24
N LYS A 119 -5.92 -9.78 -15.49
CA LYS A 119 -4.89 -10.69 -16.04
C LYS A 119 -5.51 -12.05 -16.36
N SER A 120 -6.65 -12.35 -15.80
CA SER A 120 -7.31 -13.66 -16.08
C SER A 120 -8.84 -13.52 -15.89
N ASN A 121 -9.55 -14.62 -15.88
CA ASN A 121 -11.04 -14.54 -15.71
C ASN A 121 -11.50 -15.30 -14.46
N ARG A 122 -10.60 -15.64 -13.58
CA ARG A 122 -11.02 -16.37 -12.34
C ARG A 122 -11.13 -15.42 -11.14
N SER A 123 -10.91 -14.14 -11.34
CA SER A 123 -11.05 -13.18 -10.20
C SER A 123 -12.53 -12.92 -9.98
N THR A 124 -12.90 -12.24 -8.93
CA THR A 124 -14.35 -12.00 -8.70
C THR A 124 -14.57 -10.63 -8.05
N CYS A 125 -15.47 -9.85 -8.61
CA CYS A 125 -15.77 -8.53 -8.00
C CYS A 125 -16.34 -8.75 -6.60
N LYS A 126 -15.71 -8.18 -5.59
CA LYS A 126 -16.20 -8.37 -4.18
C LYS A 126 -17.37 -7.43 -3.84
N GLY A 127 -18.06 -6.92 -4.82
CA GLY A 127 -19.20 -5.99 -4.56
C GLY A 127 -20.47 -6.71 -5.02
N CYS A 128 -20.42 -7.35 -6.16
CA CYS A 128 -21.61 -8.10 -6.65
C CYS A 128 -21.29 -9.61 -6.75
N MET A 129 -20.08 -10.02 -6.36
CA MET A 129 -19.70 -11.46 -6.42
C MET A 129 -19.76 -12.05 -7.84
N GLU A 130 -19.87 -11.24 -8.86
CA GLU A 130 -19.90 -11.77 -10.25
C GLU A 130 -18.46 -11.85 -10.76
N LYS A 131 -18.16 -12.86 -11.55
CA LYS A 131 -16.75 -13.02 -12.04
C LYS A 131 -16.36 -11.88 -12.99
N ILE A 132 -15.11 -11.47 -12.92
CA ILE A 132 -14.61 -10.42 -13.84
C ILE A 132 -13.98 -11.12 -15.05
N GLU A 133 -14.31 -10.71 -16.24
CA GLU A 133 -13.74 -11.39 -17.45
C GLU A 133 -12.32 -10.90 -17.73
N LYS A 134 -11.47 -11.80 -18.16
CA LYS A 134 -10.05 -11.39 -18.53
C LYS A 134 -10.05 -10.21 -19.52
N GLY A 135 -9.21 -9.22 -19.29
CA GLY A 135 -9.16 -8.05 -20.21
C GLY A 135 -10.03 -6.91 -19.65
N GLN A 136 -11.07 -7.24 -18.92
CA GLN A 136 -11.96 -6.17 -18.37
C GLN A 136 -11.23 -5.32 -17.34
N VAL A 137 -11.46 -4.03 -17.35
CA VAL A 137 -10.80 -3.14 -16.37
C VAL A 137 -11.36 -3.43 -14.97
N ARG A 138 -10.50 -3.54 -14.00
CA ARG A 138 -10.96 -3.81 -12.61
C ARG A 138 -10.20 -2.94 -11.62
N LEU A 139 -10.81 -2.64 -10.51
CA LEU A 139 -10.14 -1.80 -9.48
C LEU A 139 -9.99 -2.59 -8.20
N SER A 140 -9.11 -2.19 -7.30
CA SER A 140 -8.96 -2.98 -6.07
C SER A 140 -8.49 -2.17 -4.87
N LYS A 141 -8.96 -2.55 -3.71
CA LYS A 141 -8.54 -1.90 -2.45
C LYS A 141 -7.65 -2.87 -1.67
N LYS A 142 -6.36 -2.69 -1.75
CA LYS A 142 -5.42 -3.62 -1.05
C LYS A 142 -5.76 -3.76 0.43
N MET A 143 -5.73 -4.97 0.93
CA MET A 143 -6.03 -5.20 2.37
C MET A 143 -5.28 -6.46 2.85
N VAL A 144 -4.91 -6.49 4.10
CA VAL A 144 -4.17 -7.69 4.61
C VAL A 144 -5.11 -8.63 5.35
N ASP A 145 -4.86 -9.91 5.23
CA ASP A 145 -5.73 -10.90 5.94
C ASP A 145 -4.98 -11.43 7.17
N PRO A 146 -5.61 -11.37 8.31
CA PRO A 146 -4.97 -11.86 9.55
C PRO A 146 -4.80 -13.38 9.50
N GLU A 147 -5.53 -14.04 8.65
CA GLU A 147 -5.41 -15.52 8.54
C GLU A 147 -4.23 -15.88 7.62
N LYS A 148 -3.90 -15.01 6.71
CA LYS A 148 -2.76 -15.27 5.79
C LYS A 148 -1.81 -14.07 5.77
N PRO A 149 -1.11 -13.88 6.86
CA PRO A 149 -0.19 -12.72 6.97
C PRO A 149 1.04 -12.88 6.07
N GLN A 150 1.40 -14.09 5.71
CA GLN A 150 2.59 -14.27 4.82
C GLN A 150 2.32 -13.61 3.45
N LEU A 151 1.08 -13.39 3.13
CA LEU A 151 0.75 -12.75 1.81
C LEU A 151 0.95 -11.23 1.89
N GLY A 152 0.44 -10.62 2.92
CA GLY A 152 0.61 -9.14 3.06
C GLY A 152 -0.58 -8.42 2.41
N MET A 153 -0.34 -7.27 1.83
CA MET A 153 -1.45 -6.52 1.18
C MET A 153 -1.96 -7.27 -0.06
N ILE A 154 -3.14 -7.82 0.02
CA ILE A 154 -3.70 -8.56 -1.14
C ILE A 154 -4.77 -7.71 -1.83
N ASP A 155 -4.89 -7.81 -3.12
CA ASP A 155 -5.90 -6.98 -3.84
C ASP A 155 -7.33 -7.53 -3.69
N ARG A 156 -8.24 -6.67 -3.36
CA ARG A 156 -9.68 -7.04 -3.29
C ARG A 156 -10.26 -6.42 -4.56
N TRP A 157 -10.56 -7.21 -5.57
CA TRP A 157 -11.01 -6.63 -6.86
C TRP A 157 -12.50 -6.28 -6.93
N TYR A 158 -12.81 -5.41 -7.85
CA TYR A 158 -14.20 -4.95 -8.05
C TYR A 158 -14.35 -4.40 -9.47
N HIS A 159 -15.55 -4.34 -9.96
CA HIS A 159 -15.77 -3.68 -11.28
C HIS A 159 -15.67 -2.19 -10.97
N PRO A 160 -15.23 -1.38 -11.90
CA PRO A 160 -15.09 0.08 -11.60
C PRO A 160 -16.42 0.65 -11.08
N GLY A 161 -17.53 0.29 -11.69
CA GLY A 161 -18.85 0.79 -11.19
C GLY A 161 -19.08 0.29 -9.76
N CYS A 162 -18.95 -1.00 -9.54
CA CYS A 162 -19.16 -1.56 -8.17
C CYS A 162 -18.21 -0.87 -7.17
N PHE A 163 -16.98 -0.64 -7.56
CA PHE A 163 -16.00 0.02 -6.66
C PHE A 163 -16.49 1.42 -6.29
N VAL A 164 -16.95 2.17 -7.26
CA VAL A 164 -17.42 3.55 -6.99
C VAL A 164 -18.62 3.50 -6.02
N LYS A 165 -19.50 2.56 -6.18
CA LYS A 165 -20.69 2.48 -5.26
C LYS A 165 -20.25 2.36 -3.79
N ASN A 166 -19.18 1.66 -3.56
CA ASN A 166 -18.67 1.48 -2.14
C ASN A 166 -17.41 2.33 -1.87
N ARG A 167 -17.25 3.44 -2.57
CA ARG A 167 -16.03 4.28 -2.36
C ARG A 167 -15.83 4.64 -0.89
N GLU A 168 -16.88 4.92 -0.19
CA GLU A 168 -16.76 5.30 1.25
C GLU A 168 -16.23 4.16 2.11
N GLU A 169 -16.90 3.04 2.08
CA GLU A 169 -16.45 1.89 2.92
C GLU A 169 -15.08 1.38 2.48
N LEU A 170 -14.74 1.55 1.23
CA LEU A 170 -13.40 1.08 0.74
C LEU A 170 -12.30 2.09 1.10
N GLY A 171 -12.64 3.18 1.76
CA GLY A 171 -11.59 4.16 2.16
C GLY A 171 -11.11 5.00 0.97
N PHE A 172 -11.89 5.11 -0.06
CA PHE A 172 -11.46 5.93 -1.24
C PHE A 172 -11.99 7.36 -1.06
N ARG A 173 -11.31 8.13 -0.25
CA ARG A 173 -11.76 9.55 0.03
C ARG A 173 -12.15 10.31 -1.24
N PRO A 174 -12.95 11.35 -1.07
CA PRO A 174 -13.42 12.15 -2.23
C PRO A 174 -12.30 13.04 -2.81
N GLU A 175 -11.22 13.23 -2.10
CA GLU A 175 -10.11 14.07 -2.64
C GLU A 175 -9.25 13.24 -3.63
N TYR A 176 -9.38 11.94 -3.58
CA TYR A 176 -8.59 11.07 -4.49
C TYR A 176 -9.20 11.07 -5.90
N SER A 177 -8.35 11.00 -6.90
CA SER A 177 -8.84 10.97 -8.30
C SER A 177 -8.36 9.68 -8.97
N ALA A 178 -8.93 9.35 -10.10
CA ALA A 178 -8.52 8.09 -10.80
C ALA A 178 -7.02 8.06 -11.10
N SER A 179 -6.43 9.20 -11.34
CA SER A 179 -4.96 9.26 -11.68
C SER A 179 -4.08 8.76 -10.52
N GLN A 180 -4.63 8.63 -9.33
CA GLN A 180 -3.79 8.17 -8.17
C GLN A 180 -3.80 6.65 -8.01
N LEU A 181 -4.59 5.94 -8.77
CA LEU A 181 -4.64 4.45 -8.65
C LEU A 181 -3.33 3.82 -9.12
N LYS A 182 -2.80 2.88 -8.37
CA LYS A 182 -1.53 2.21 -8.79
C LYS A 182 -1.78 1.43 -10.09
N GLY A 183 -1.07 1.77 -11.15
CA GLY A 183 -1.26 1.05 -12.45
C GLY A 183 -2.04 1.93 -13.45
N PHE A 184 -2.58 3.04 -13.00
CA PHE A 184 -3.38 3.93 -13.92
C PHE A 184 -2.62 4.24 -15.21
N SER A 185 -1.41 4.71 -15.08
CA SER A 185 -0.59 5.10 -16.28
C SER A 185 -0.53 4.00 -17.37
N LEU A 186 -0.71 2.75 -17.02
CA LEU A 186 -0.61 1.67 -18.06
C LEU A 186 -1.94 1.40 -18.79
N LEU A 187 -2.95 2.21 -18.54
CA LEU A 187 -4.26 1.98 -19.22
C LEU A 187 -4.36 2.82 -20.49
N ALA A 188 -5.06 2.32 -21.47
CA ALA A 188 -5.23 3.09 -22.74
C ALA A 188 -5.94 4.41 -22.44
N THR A 189 -5.67 5.44 -23.21
CA THR A 189 -6.32 6.78 -22.95
C THR A 189 -7.83 6.64 -22.73
N GLU A 190 -8.51 5.89 -23.56
CA GLU A 190 -10.00 5.71 -23.40
C GLU A 190 -10.33 5.19 -21.99
N ASP A 191 -9.65 4.16 -21.57
CA ASP A 191 -9.92 3.59 -20.21
C ASP A 191 -9.60 4.63 -19.12
N LYS A 192 -8.53 5.38 -19.29
CA LYS A 192 -8.17 6.40 -18.26
C LYS A 192 -9.25 7.48 -18.16
N GLU A 193 -9.79 7.89 -19.27
CA GLU A 193 -10.85 8.95 -19.23
C GLU A 193 -12.09 8.44 -18.51
N ALA A 194 -12.51 7.23 -18.80
CA ALA A 194 -13.72 6.66 -18.13
C ALA A 194 -13.55 6.68 -16.61
N LEU A 195 -12.37 6.36 -16.13
CA LEU A 195 -12.12 6.35 -14.67
C LEU A 195 -12.14 7.78 -14.13
N LYS A 196 -11.34 8.67 -14.69
CA LYS A 196 -11.33 10.09 -14.23
C LYS A 196 -12.76 10.64 -14.19
N LYS A 197 -13.60 10.14 -15.04
CA LYS A 197 -15.03 10.60 -15.10
C LYS A 197 -15.78 10.19 -13.83
N GLN A 198 -15.61 8.98 -13.38
CA GLN A 198 -16.35 8.51 -12.16
C GLN A 198 -15.59 8.89 -10.88
N LEU A 199 -14.29 9.00 -10.95
CA LEU A 199 -13.51 9.41 -9.74
C LEU A 199 -12.74 10.69 -10.09
N PRO A 200 -13.45 11.79 -10.07
CA PRO A 200 -12.86 13.10 -10.44
C PRO A 200 -11.91 13.61 -9.35
N GLY A 201 -12.29 13.47 -8.11
CA GLY A 201 -11.41 13.96 -7.00
C GLY A 201 -11.56 15.48 -6.87
N VAL A 202 -12.45 15.92 -6.02
CA VAL A 202 -12.64 17.40 -5.85
C VAL A 202 -11.33 18.07 -5.46
N LYS A 203 -11.13 19.28 -5.89
CA LYS A 203 -9.86 19.99 -5.55
C LYS A 203 -10.17 21.39 -5.00
N SER A 204 -11.33 21.58 -4.43
CA SER A 204 -11.70 22.91 -3.88
C SER A 204 -11.49 22.93 -2.36
N GLU A 205 -11.68 21.81 -1.72
CA GLU A 205 -11.48 21.76 -0.24
C GLU A 205 -10.40 20.74 0.12
N GLY A 206 -9.71 20.96 1.21
CA GLY A 206 -8.64 20.01 1.62
C GLY A 206 -8.20 20.30 3.05
N LYS A 207 -7.40 19.45 3.64
CA LYS A 207 -6.96 19.68 5.03
C LYS A 207 -5.45 19.43 5.15
N ARG A 208 -4.70 20.46 5.42
CA ARG A 208 -3.22 20.29 5.55
C ARG A 208 -2.85 19.88 6.97
N LYS A 209 -1.89 19.01 7.13
CA LYS A 209 -1.49 18.57 8.49
C LYS A 209 0.03 18.57 8.63
N GLY A 210 0.61 19.70 8.93
CA GLY A 210 2.09 19.76 9.08
C GLY A 210 2.45 20.68 10.24
N ASP A 211 2.29 20.21 11.45
CA ASP A 211 2.62 21.06 12.64
C ASP A 211 4.13 21.01 12.93
N GLU A 212 4.65 21.99 13.61
CA GLU A 212 6.11 22.00 13.92
C GLU A 212 6.94 21.79 12.66
N VAL A 213 6.57 22.47 11.59
CA VAL A 213 7.34 22.32 10.32
C VAL A 213 7.46 20.84 9.93
N ASP A 214 6.56 20.36 9.11
CA ASP A 214 6.61 18.93 8.69
C ASP A 214 7.69 18.73 7.63
ZN ZN C . 17.84 -9.04 3.93
ZN ZN D . -19.19 -6.06 -9.65
N MET A 1 -8.88 3.24 22.82
CA MET A 1 -7.60 3.50 23.55
C MET A 1 -7.46 2.52 24.73
N ALA A 2 -6.83 1.40 24.51
CA ALA A 2 -6.65 0.42 25.62
C ALA A 2 -5.48 -0.52 25.31
N GLU A 3 -5.54 -1.20 24.20
CA GLU A 3 -4.42 -2.14 23.85
C GLU A 3 -3.28 -1.37 23.18
N SER A 4 -2.06 -1.67 23.54
CA SER A 4 -0.90 -0.96 22.93
C SER A 4 -0.17 -1.89 21.96
N SER A 5 -0.84 -2.89 21.46
CA SER A 5 -0.18 -3.83 20.51
C SER A 5 -1.15 -4.20 19.38
N ASP A 6 -1.05 -3.53 18.26
CA ASP A 6 -1.97 -3.83 17.13
C ASP A 6 -1.37 -3.36 15.80
N LYS A 7 -0.30 -2.61 15.85
CA LYS A 7 0.34 -2.13 14.57
C LYS A 7 0.70 -3.33 13.69
N LEU A 8 0.73 -3.14 12.41
CA LEU A 8 1.06 -4.28 11.50
C LEU A 8 2.58 -4.39 11.30
N TYR A 9 3.34 -3.37 11.59
CA TYR A 9 4.81 -3.46 11.38
C TYR A 9 5.59 -3.07 12.64
N ARG A 10 6.83 -3.50 12.72
CA ARG A 10 7.68 -3.17 13.89
C ARG A 10 9.10 -2.83 13.42
N VAL A 11 9.70 -1.86 14.04
CA VAL A 11 11.09 -1.48 13.68
C VAL A 11 11.91 -1.36 14.95
N GLU A 12 13.12 -1.85 14.95
CA GLU A 12 13.95 -1.77 16.18
C GLU A 12 15.37 -2.23 15.91
N TYR A 13 16.25 -2.00 16.85
CA TYR A 13 17.64 -2.47 16.68
C TYR A 13 17.67 -3.94 17.07
N ALA A 14 18.18 -4.78 16.21
CA ALA A 14 18.19 -6.26 16.46
C ALA A 14 18.52 -6.64 17.91
N LYS A 15 17.60 -7.28 18.58
CA LYS A 15 17.86 -7.73 19.99
C LYS A 15 18.90 -8.85 20.00
N SER A 16 19.07 -9.50 18.87
CA SER A 16 20.08 -10.59 18.75
C SER A 16 20.56 -10.67 17.29
N GLY A 17 21.49 -11.54 17.00
CA GLY A 17 22.00 -11.64 15.61
C GLY A 17 21.59 -13.00 15.03
N ARG A 18 20.59 -13.63 15.61
CA ARG A 18 20.13 -14.98 15.12
C ARG A 18 18.97 -14.88 14.14
N ALA A 19 18.28 -13.77 14.09
CA ALA A 19 17.13 -13.66 13.11
C ALA A 19 17.64 -13.70 11.66
N SER A 20 16.90 -14.36 10.80
CA SER A 20 17.31 -14.46 9.38
C SER A 20 16.35 -13.63 8.53
N CYS A 21 16.88 -12.87 7.63
CA CYS A 21 16.03 -12.01 6.75
C CYS A 21 15.10 -12.88 5.89
N LYS A 22 13.82 -12.59 5.91
CA LYS A 22 12.86 -13.41 5.10
C LYS A 22 12.99 -13.14 3.60
N LYS A 23 13.82 -12.20 3.20
CA LYS A 23 13.99 -11.89 1.74
C LYS A 23 15.30 -12.50 1.20
N CYS A 24 16.43 -12.13 1.75
CA CYS A 24 17.73 -12.67 1.24
C CYS A 24 18.27 -13.85 2.08
N SER A 25 17.61 -14.20 3.18
CA SER A 25 18.01 -15.33 4.05
C SER A 25 19.32 -15.09 4.89
N GLU A 26 20.03 -14.00 4.66
CA GLU A 26 21.30 -13.68 5.47
C GLU A 26 20.85 -13.35 6.91
N SER A 27 21.72 -13.58 7.88
CA SER A 27 21.42 -13.23 9.36
C SER A 27 21.32 -11.73 9.51
N ILE A 28 20.48 -11.30 10.41
CA ILE A 28 20.40 -9.85 10.71
C ILE A 28 21.30 -9.60 11.95
N PRO A 29 22.34 -8.82 11.79
CA PRO A 29 23.30 -8.59 12.90
C PRO A 29 22.68 -7.86 14.10
N LYS A 30 23.06 -8.26 15.29
CA LYS A 30 22.52 -7.63 16.53
C LYS A 30 22.73 -6.12 16.52
N ASP A 31 21.78 -5.37 17.05
CA ASP A 31 21.86 -3.86 17.10
C ASP A 31 21.63 -3.20 15.73
N SER A 32 21.57 -3.97 14.67
CA SER A 32 21.33 -3.35 13.32
C SER A 32 19.86 -2.98 13.19
N LEU A 33 19.55 -2.03 12.36
CA LEU A 33 18.13 -1.62 12.18
C LEU A 33 17.40 -2.65 11.32
N ARG A 34 16.36 -3.27 11.87
CA ARG A 34 15.61 -4.28 11.10
C ARG A 34 14.12 -3.97 11.17
N MET A 35 13.36 -4.43 10.21
CA MET A 35 11.90 -4.17 10.20
C MET A 35 11.14 -5.47 10.00
N ALA A 36 9.92 -5.56 10.49
CA ALA A 36 9.17 -6.83 10.33
C ALA A 36 7.69 -6.57 10.14
N ILE A 37 7.03 -7.47 9.45
CA ILE A 37 5.55 -7.35 9.28
C ILE A 37 4.88 -8.25 10.32
N MET A 38 4.23 -7.67 11.29
CA MET A 38 3.57 -8.48 12.37
C MET A 38 2.61 -9.52 11.79
N VAL A 39 2.44 -10.61 12.49
CA VAL A 39 1.53 -11.68 12.02
C VAL A 39 0.95 -12.44 13.23
N GLN A 40 -0.34 -12.59 13.29
CA GLN A 40 -0.96 -13.31 14.44
C GLN A 40 -0.75 -14.83 14.29
N SER A 41 -0.33 -15.49 15.34
CA SER A 41 -0.11 -16.96 15.25
C SER A 41 -1.34 -17.72 15.75
N PRO A 42 -1.76 -18.70 14.99
CA PRO A 42 -2.94 -19.51 15.38
C PRO A 42 -2.56 -20.62 16.37
N MET A 43 -1.30 -20.74 16.69
CA MET A 43 -0.88 -21.83 17.64
C MET A 43 -0.76 -21.26 19.07
N PHE A 44 -0.74 -19.96 19.21
CA PHE A 44 -0.63 -19.37 20.58
C PHE A 44 -0.91 -17.87 20.53
N ASP A 45 -1.44 -17.33 21.60
CA ASP A 45 -1.73 -15.86 21.62
C ASP A 45 -0.42 -15.07 21.51
N GLY A 46 -0.32 -14.23 20.52
CA GLY A 46 0.93 -13.43 20.35
C GLY A 46 1.20 -13.27 18.86
N LYS A 47 1.94 -12.25 18.48
CA LYS A 47 2.21 -12.04 17.02
C LYS A 47 3.65 -12.44 16.68
N VAL A 48 3.84 -13.12 15.58
CA VAL A 48 5.21 -13.53 15.14
C VAL A 48 5.73 -12.51 14.11
N PRO A 49 6.93 -12.03 14.33
CA PRO A 49 7.49 -11.04 13.41
C PRO A 49 8.29 -11.68 12.29
N HIS A 50 8.02 -11.29 11.07
CA HIS A 50 8.84 -11.79 9.93
C HIS A 50 9.89 -10.70 9.72
N TRP A 51 11.10 -10.91 10.20
CA TRP A 51 12.13 -9.83 10.12
C TRP A 51 12.85 -9.78 8.78
N TYR A 52 13.34 -8.60 8.49
CA TYR A 52 14.10 -8.35 7.23
C TYR A 52 15.15 -7.27 7.49
N HIS A 53 16.24 -7.27 6.78
CA HIS A 53 17.22 -6.16 6.94
C HIS A 53 16.49 -4.90 6.49
N PHE A 54 16.85 -3.74 6.96
CA PHE A 54 16.11 -2.49 6.56
C PHE A 54 15.84 -2.42 5.05
N SER A 55 16.85 -2.58 4.23
CA SER A 55 16.65 -2.50 2.74
C SER A 55 15.78 -3.65 2.20
N CYS A 56 16.04 -4.86 2.60
CA CYS A 56 15.24 -6.03 2.08
C CYS A 56 13.74 -5.84 2.32
N PHE A 57 13.37 -5.28 3.44
CA PHE A 57 11.91 -5.09 3.76
C PHE A 57 11.13 -4.41 2.62
N TRP A 58 11.75 -3.45 1.92
CA TRP A 58 11.02 -2.72 0.85
C TRP A 58 11.09 -3.45 -0.49
N LYS A 59 12.02 -4.36 -0.65
CA LYS A 59 12.15 -5.07 -1.95
C LYS A 59 11.18 -6.26 -2.07
N VAL A 60 10.37 -6.49 -1.06
CA VAL A 60 9.41 -7.63 -1.11
C VAL A 60 8.00 -7.14 -1.50
N GLY A 61 7.70 -5.89 -1.27
CA GLY A 61 6.35 -5.38 -1.61
C GLY A 61 5.74 -4.67 -0.40
N HIS A 62 6.36 -4.77 0.76
CA HIS A 62 5.81 -4.10 1.97
C HIS A 62 5.79 -2.58 1.72
N SER A 63 4.74 -1.91 2.12
CA SER A 63 4.69 -0.44 1.90
C SER A 63 4.12 0.29 3.12
N ILE A 64 4.62 1.48 3.38
CA ILE A 64 4.12 2.27 4.54
C ILE A 64 4.10 3.75 4.17
N ARG A 65 2.95 4.37 4.26
CA ARG A 65 2.86 5.82 3.91
C ARG A 65 3.21 6.67 5.14
N HIS A 66 2.72 6.27 6.28
CA HIS A 66 3.02 7.04 7.55
C HIS A 66 3.65 6.10 8.60
N PRO A 67 4.97 6.09 8.63
CA PRO A 67 5.70 5.21 9.59
C PRO A 67 5.35 5.54 11.06
N ASP A 68 5.37 6.80 11.46
CA ASP A 68 5.03 7.16 12.87
C ASP A 68 3.75 6.47 13.41
N VAL A 69 2.75 6.29 12.58
CA VAL A 69 1.48 5.66 13.09
C VAL A 69 1.32 4.18 12.67
N GLU A 70 1.98 3.74 11.61
CA GLU A 70 1.81 2.32 11.17
C GLU A 70 2.93 1.39 11.66
N VAL A 71 4.04 1.93 12.11
CA VAL A 71 5.15 1.02 12.56
C VAL A 71 5.44 1.19 14.05
N ASP A 72 5.22 0.13 14.82
CA ASP A 72 5.49 0.18 16.28
C ASP A 72 7.00 0.31 16.53
N GLY A 73 7.41 1.08 17.52
CA GLY A 73 8.86 1.23 17.82
C GLY A 73 9.49 2.37 17.00
N PHE A 74 8.76 2.93 16.08
CA PHE A 74 9.34 4.04 15.25
C PHE A 74 9.81 5.22 16.10
N SER A 75 8.98 5.68 16.99
CA SER A 75 9.35 6.84 17.86
C SER A 75 10.58 6.55 18.75
N GLU A 76 10.91 5.29 19.02
CA GLU A 76 12.09 5.01 19.87
C GLU A 76 13.39 4.87 19.06
N LEU A 77 13.32 4.97 17.74
CA LEU A 77 14.56 4.85 16.92
C LEU A 77 15.37 6.14 17.05
N ARG A 78 16.64 6.07 16.77
CA ARG A 78 17.47 7.32 16.83
C ARG A 78 16.95 8.28 15.75
N TRP A 79 17.12 9.56 15.95
CA TRP A 79 16.60 10.56 14.96
C TRP A 79 16.94 10.22 13.50
N ASP A 80 18.20 10.04 13.20
CA ASP A 80 18.61 9.73 11.79
C ASP A 80 17.85 8.50 11.25
N ASP A 81 17.70 7.47 12.05
CA ASP A 81 16.96 6.26 11.57
C ASP A 81 15.48 6.59 11.37
N GLN A 82 14.97 7.50 12.16
CA GLN A 82 13.54 7.90 12.00
C GLN A 82 13.38 8.63 10.66
N GLN A 83 14.38 9.40 10.28
CA GLN A 83 14.31 10.13 8.98
C GLN A 83 14.53 9.14 7.83
N LYS A 84 15.46 8.24 8.00
CA LYS A 84 15.73 7.22 6.94
C LYS A 84 14.46 6.42 6.66
N VAL A 85 13.79 5.96 7.69
CA VAL A 85 12.54 5.19 7.48
C VAL A 85 11.47 6.10 6.87
N LYS A 86 11.40 7.33 7.35
CA LYS A 86 10.37 8.28 6.81
C LYS A 86 10.62 8.55 5.33
N LYS A 87 11.85 8.77 4.94
CA LYS A 87 12.14 9.06 3.51
C LYS A 87 12.00 7.78 2.67
N THR A 88 12.50 6.67 3.15
CA THR A 88 12.39 5.40 2.38
C THR A 88 10.90 5.06 2.19
N ALA A 89 10.09 5.34 3.17
CA ALA A 89 8.64 5.07 3.05
C ALA A 89 8.06 5.92 1.93
N GLU A 90 8.40 7.19 1.90
CA GLU A 90 7.88 8.09 0.83
C GLU A 90 8.34 7.62 -0.54
N ALA A 91 9.63 7.39 -0.69
CA ALA A 91 10.15 6.93 -2.01
C ALA A 91 9.45 5.63 -2.44
N GLY A 92 8.46 5.73 -3.29
CA GLY A 92 7.73 4.52 -3.76
C GLY A 92 7.88 4.37 -5.27
N GLY A 93 9.09 4.29 -5.76
CA GLY A 93 9.30 4.15 -7.22
C GLY A 93 9.90 2.78 -7.52
N VAL A 94 9.42 2.12 -8.55
CA VAL A 94 9.96 0.77 -8.88
C VAL A 94 10.74 0.84 -10.20
N THR A 95 10.10 1.22 -11.27
CA THR A 95 10.81 1.31 -12.58
C THR A 95 9.95 2.06 -13.60
N GLY A 96 10.54 2.48 -14.70
CA GLY A 96 9.75 3.21 -15.73
C GLY A 96 10.39 2.99 -17.11
N LYS A 97 9.59 2.75 -18.11
CA LYS A 97 10.14 2.52 -19.47
C LYS A 97 10.44 3.86 -20.15
N GLY A 98 11.28 4.67 -19.58
CA GLY A 98 11.61 5.99 -20.19
C GLY A 98 10.37 6.89 -20.16
N GLN A 99 10.49 8.10 -20.64
CA GLN A 99 9.33 9.02 -20.64
C GLN A 99 9.62 10.24 -21.53
N ASP A 100 8.68 11.14 -21.65
CA ASP A 100 8.90 12.35 -22.49
C ASP A 100 8.50 13.61 -21.72
N GLY A 101 9.37 14.59 -21.68
CA GLY A 101 9.04 15.85 -20.94
C GLY A 101 9.82 15.90 -19.63
N ILE A 102 10.08 17.07 -19.12
CA ILE A 102 10.84 17.19 -17.84
C ILE A 102 10.02 16.59 -16.70
N GLY A 103 10.66 15.91 -15.78
CA GLY A 103 9.92 15.31 -14.64
C GLY A 103 10.28 16.05 -13.35
N SER A 104 9.46 15.93 -12.34
CA SER A 104 9.75 16.64 -11.05
C SER A 104 10.62 15.77 -10.16
N LYS A 105 10.07 14.75 -9.57
CA LYS A 105 10.88 13.85 -8.68
C LYS A 105 10.07 12.61 -8.31
N ALA A 106 8.97 12.79 -7.62
CA ALA A 106 8.13 11.62 -7.23
C ALA A 106 6.67 12.04 -7.06
N GLU A 107 5.76 11.21 -7.49
CA GLU A 107 4.31 11.56 -7.35
C GLU A 107 3.72 10.90 -6.10
N LYS A 108 2.46 11.13 -5.83
CA LYS A 108 1.83 10.51 -4.63
C LYS A 108 1.29 9.12 -4.98
N THR A 109 0.20 9.08 -5.71
CA THR A 109 -0.41 7.77 -6.10
C THR A 109 -0.80 6.97 -4.85
N LEU A 110 -2.03 6.56 -4.75
CA LEU A 110 -2.48 5.79 -3.57
C LEU A 110 -1.76 4.44 -3.51
N GLY A 111 -1.49 3.94 -2.32
CA GLY A 111 -0.78 2.63 -2.21
C GLY A 111 -1.78 1.51 -1.92
N ASP A 112 -3.03 1.85 -1.64
CA ASP A 112 -4.03 0.78 -1.33
C ASP A 112 -5.14 0.74 -2.40
N PHE A 113 -4.97 1.45 -3.48
CA PHE A 113 -6.02 1.44 -4.56
C PHE A 113 -5.36 1.21 -5.91
N ALA A 114 -5.90 0.31 -6.72
CA ALA A 114 -5.24 0.04 -8.04
C ALA A 114 -6.25 -0.18 -9.17
N ALA A 115 -5.80 0.02 -10.37
CA ALA A 115 -6.67 -0.18 -11.57
C ALA A 115 -5.85 -0.91 -12.64
N GLU A 116 -6.40 -1.94 -13.22
CA GLU A 116 -5.64 -2.69 -14.27
C GLU A 116 -6.60 -3.55 -15.09
N TYR A 117 -6.15 -4.04 -16.21
CA TYR A 117 -7.02 -4.93 -17.02
C TYR A 117 -6.96 -6.31 -16.39
N ALA A 118 -8.08 -6.98 -16.25
CA ALA A 118 -8.07 -8.35 -15.62
C ALA A 118 -7.02 -9.27 -16.24
N LYS A 119 -6.00 -9.63 -15.47
CA LYS A 119 -4.95 -10.54 -15.99
C LYS A 119 -5.55 -11.92 -16.33
N SER A 120 -6.71 -12.22 -15.78
CA SER A 120 -7.35 -13.53 -16.06
C SER A 120 -8.87 -13.40 -15.92
N ASN A 121 -9.59 -14.51 -15.90
CA ASN A 121 -11.07 -14.44 -15.77
C ASN A 121 -11.56 -15.20 -14.53
N ARG A 122 -10.68 -15.53 -13.62
CA ARG A 122 -11.12 -16.25 -12.39
C ARG A 122 -11.26 -15.29 -11.20
N SER A 123 -11.04 -14.01 -11.40
CA SER A 123 -11.21 -13.04 -10.27
C SER A 123 -12.71 -12.79 -10.10
N THR A 124 -13.11 -12.11 -9.05
CA THR A 124 -14.57 -11.88 -8.86
C THR A 124 -14.82 -10.51 -8.23
N CYS A 125 -15.71 -9.73 -8.82
CA CYS A 125 -16.04 -8.42 -8.22
C CYS A 125 -16.64 -8.63 -6.83
N LYS A 126 -16.03 -8.06 -5.81
CA LYS A 126 -16.55 -8.23 -4.43
C LYS A 126 -17.73 -7.30 -4.11
N GLY A 127 -18.42 -6.79 -5.12
CA GLY A 127 -19.58 -5.89 -4.88
C GLY A 127 -20.83 -6.62 -5.37
N CYS A 128 -20.75 -7.27 -6.50
CA CYS A 128 -21.92 -8.04 -7.02
C CYS A 128 -21.58 -9.55 -7.09
N MET A 129 -20.38 -9.94 -6.67
CA MET A 129 -19.97 -11.38 -6.71
C MET A 129 -19.99 -11.98 -8.13
N GLU A 130 -20.09 -11.18 -9.15
CA GLU A 130 -20.08 -11.72 -10.54
C GLU A 130 -18.63 -11.80 -11.02
N LYS A 131 -18.30 -12.80 -11.79
CA LYS A 131 -16.88 -12.95 -12.25
C LYS A 131 -16.48 -11.82 -13.18
N ILE A 132 -15.23 -11.40 -13.10
CA ILE A 132 -14.73 -10.35 -14.01
C ILE A 132 -14.06 -11.05 -15.20
N GLU A 133 -14.37 -10.65 -16.41
CA GLU A 133 -13.76 -11.34 -17.60
C GLU A 133 -12.34 -10.85 -17.85
N LYS A 134 -11.47 -11.73 -18.26
CA LYS A 134 -10.05 -11.31 -18.59
C LYS A 134 -10.04 -10.15 -19.59
N GLY A 135 -9.22 -9.15 -19.35
CA GLY A 135 -9.15 -7.98 -20.27
C GLY A 135 -10.05 -6.84 -19.75
N GLN A 136 -11.11 -7.17 -19.05
CA GLN A 136 -12.01 -6.12 -18.53
C GLN A 136 -11.31 -5.24 -17.49
N VAL A 137 -11.56 -3.96 -17.51
CA VAL A 137 -10.93 -3.06 -16.52
C VAL A 137 -11.51 -3.33 -15.14
N ARG A 138 -10.68 -3.43 -14.15
CA ARG A 138 -11.18 -3.70 -12.77
C ARG A 138 -10.44 -2.81 -11.77
N LEU A 139 -11.08 -2.49 -10.68
CA LEU A 139 -10.43 -1.64 -9.64
C LEU A 139 -10.30 -2.43 -8.34
N SER A 140 -9.46 -2.00 -7.43
CA SER A 140 -9.34 -2.78 -6.18
C SER A 140 -8.89 -1.96 -4.98
N LYS A 141 -9.38 -2.35 -3.83
CA LYS A 141 -9.00 -1.68 -2.56
C LYS A 141 -8.13 -2.64 -1.77
N LYS A 142 -6.83 -2.45 -1.81
CA LYS A 142 -5.91 -3.37 -1.09
C LYS A 142 -6.29 -3.52 0.38
N MET A 143 -6.23 -4.71 0.90
CA MET A 143 -6.57 -4.96 2.33
C MET A 143 -5.81 -6.18 2.83
N VAL A 144 -5.49 -6.23 4.09
CA VAL A 144 -4.74 -7.40 4.63
C VAL A 144 -5.69 -8.36 5.35
N ASP A 145 -5.45 -9.63 5.23
CA ASP A 145 -6.32 -10.63 5.92
C ASP A 145 -5.60 -11.16 7.16
N PRO A 146 -6.26 -11.10 8.29
CA PRO A 146 -5.65 -11.57 9.55
C PRO A 146 -5.45 -13.09 9.50
N GLU A 147 -6.16 -13.76 8.64
CA GLU A 147 -6.00 -15.24 8.53
C GLU A 147 -4.81 -15.57 7.62
N LYS A 148 -4.47 -14.69 6.73
CA LYS A 148 -3.31 -14.92 5.81
C LYS A 148 -2.36 -13.72 5.89
N PRO A 149 -1.69 -13.61 7.00
CA PRO A 149 -0.74 -12.49 7.21
C PRO A 149 0.50 -12.60 6.32
N GLN A 150 0.87 -13.78 5.92
CA GLN A 150 2.08 -13.93 5.03
C GLN A 150 1.83 -13.26 3.67
N LEU A 151 0.60 -13.07 3.29
CA LEU A 151 0.31 -12.42 1.98
C LEU A 151 0.47 -10.91 2.08
N GLY A 152 -0.10 -10.31 3.09
CA GLY A 152 0.03 -8.83 3.24
C GLY A 152 -1.10 -8.12 2.49
N MET A 153 -0.83 -6.97 1.95
CA MET A 153 -1.87 -6.21 1.20
C MET A 153 -2.38 -7.01 -0.01
N ILE A 154 -3.58 -7.51 0.05
CA ILE A 154 -4.13 -8.29 -1.09
C ILE A 154 -5.20 -7.45 -1.81
N ASP A 155 -5.27 -7.55 -3.11
CA ASP A 155 -6.28 -6.74 -3.85
C ASP A 155 -7.70 -7.30 -3.74
N ARG A 156 -8.63 -6.44 -3.43
CA ARG A 156 -10.08 -6.83 -3.39
C ARG A 156 -10.64 -6.23 -4.68
N TRP A 157 -10.89 -7.03 -5.68
CA TRP A 157 -11.32 -6.47 -7.00
C TRP A 157 -12.81 -6.14 -7.10
N TYR A 158 -13.11 -5.27 -8.04
CA TYR A 158 -14.50 -4.83 -8.27
C TYR A 158 -14.62 -4.29 -9.69
N HIS A 159 -15.82 -4.24 -10.22
CA HIS A 159 -16.01 -3.60 -11.54
C HIS A 159 -15.93 -2.10 -11.24
N PRO A 160 -15.47 -1.29 -12.17
CA PRO A 160 -15.37 0.16 -11.88
C PRO A 160 -16.71 0.73 -11.40
N GLY A 161 -17.80 0.35 -12.03
CA GLY A 161 -19.13 0.85 -11.56
C GLY A 161 -19.39 0.34 -10.14
N CYS A 162 -19.26 -0.94 -9.91
CA CYS A 162 -19.49 -1.49 -8.53
C CYS A 162 -18.57 -0.78 -7.52
N PHE A 163 -17.33 -0.54 -7.88
CA PHE A 163 -16.37 0.14 -6.96
C PHE A 163 -16.89 1.55 -6.62
N VAL A 164 -17.34 2.27 -7.62
CA VAL A 164 -17.83 3.65 -7.36
C VAL A 164 -19.05 3.61 -6.42
N LYS A 165 -19.92 2.65 -6.59
CA LYS A 165 -21.12 2.57 -5.70
C LYS A 165 -20.71 2.46 -4.22
N ASN A 166 -19.64 1.77 -3.95
CA ASN A 166 -19.17 1.61 -2.52
C ASN A 166 -17.93 2.47 -2.24
N ARG A 167 -17.76 3.58 -2.94
CA ARG A 167 -16.55 4.43 -2.70
C ARG A 167 -16.39 4.82 -1.23
N GLU A 168 -17.47 5.09 -0.56
CA GLU A 168 -17.38 5.49 0.89
C GLU A 168 -16.86 4.35 1.76
N GLU A 169 -17.51 3.22 1.73
CA GLU A 169 -17.08 2.08 2.59
C GLU A 169 -15.68 1.59 2.18
N LEU A 170 -15.32 1.75 0.93
CA LEU A 170 -13.97 1.29 0.48
C LEU A 170 -12.89 2.31 0.86
N GLY A 171 -13.25 3.40 1.50
CA GLY A 171 -12.22 4.40 1.93
C GLY A 171 -11.72 5.23 0.73
N PHE A 172 -12.48 5.33 -0.32
CA PHE A 172 -12.03 6.15 -1.49
C PHE A 172 -12.58 7.56 -1.33
N ARG A 173 -11.93 8.36 -0.52
CA ARG A 173 -12.40 9.76 -0.26
C ARG A 173 -12.76 10.51 -1.56
N PRO A 174 -13.58 11.54 -1.41
CA PRO A 174 -14.02 12.33 -2.59
C PRO A 174 -12.91 13.23 -3.14
N GLU A 175 -11.85 13.43 -2.41
CA GLU A 175 -10.73 14.28 -2.94
C GLU A 175 -9.84 13.45 -3.89
N TYR A 176 -9.96 12.15 -3.83
CA TYR A 176 -9.14 11.29 -4.72
C TYR A 176 -9.70 11.27 -6.15
N SER A 177 -8.85 11.19 -7.12
CA SER A 177 -9.29 11.15 -8.54
C SER A 177 -8.79 9.86 -9.18
N ALA A 178 -9.32 9.51 -10.33
CA ALA A 178 -8.89 8.24 -11.01
C ALA A 178 -7.38 8.23 -11.27
N SER A 179 -6.80 9.38 -11.52
CA SER A 179 -5.33 9.45 -11.81
C SER A 179 -4.47 8.97 -10.62
N GLN A 180 -5.04 8.84 -9.45
CA GLN A 180 -4.22 8.40 -8.26
C GLN A 180 -4.22 6.87 -8.09
N LEU A 181 -5.00 6.15 -8.87
CA LEU A 181 -5.03 4.66 -8.72
C LEU A 181 -3.70 4.04 -9.17
N LYS A 182 -3.17 3.12 -8.39
CA LYS A 182 -1.89 2.46 -8.78
C LYS A 182 -2.09 1.67 -10.08
N GLY A 183 -1.38 2.00 -11.12
CA GLY A 183 -1.52 1.26 -12.43
C GLY A 183 -2.29 2.12 -13.44
N PHE A 184 -2.85 3.23 -13.03
CA PHE A 184 -3.63 4.11 -13.96
C PHE A 184 -2.85 4.42 -15.24
N SER A 185 -1.65 4.90 -15.09
CA SER A 185 -0.81 5.29 -16.27
C SER A 185 -0.71 4.18 -17.35
N LEU A 186 -0.88 2.93 -17.00
CA LEU A 186 -0.75 1.84 -18.02
C LEU A 186 -2.07 1.55 -18.78
N LEU A 187 -3.09 2.35 -18.56
CA LEU A 187 -4.37 2.12 -19.27
C LEU A 187 -4.45 2.94 -20.54
N ALA A 188 -5.13 2.42 -21.54
CA ALA A 188 -5.28 3.17 -22.82
C ALA A 188 -6.01 4.49 -22.54
N THR A 189 -5.73 5.52 -23.32
CA THR A 189 -6.40 6.86 -23.09
C THR A 189 -7.92 6.70 -22.89
N GLU A 190 -8.56 5.95 -23.74
CA GLU A 190 -10.06 5.75 -23.61
C GLU A 190 -10.42 5.23 -22.21
N ASP A 191 -9.73 4.21 -21.76
CA ASP A 191 -10.02 3.65 -20.41
C ASP A 191 -9.74 4.70 -19.32
N LYS A 192 -8.68 5.47 -19.46
CA LYS A 192 -8.36 6.50 -18.43
C LYS A 192 -9.45 7.57 -18.37
N GLU A 193 -9.97 7.97 -19.49
CA GLU A 193 -11.04 9.01 -19.51
C GLU A 193 -12.29 8.49 -18.80
N ALA A 194 -12.68 7.27 -19.09
CA ALA A 194 -13.91 6.70 -18.44
C ALA A 194 -13.77 6.74 -16.91
N LEU A 195 -12.60 6.43 -16.41
CA LEU A 195 -12.39 6.43 -14.93
C LEU A 195 -12.43 7.87 -14.41
N LYS A 196 -11.63 8.76 -14.97
CA LYS A 196 -11.64 10.18 -14.51
C LYS A 196 -13.08 10.73 -14.51
N LYS A 197 -13.89 10.21 -15.39
CA LYS A 197 -15.31 10.65 -15.48
C LYS A 197 -16.10 10.26 -14.21
N GLN A 198 -15.92 9.04 -13.75
CA GLN A 198 -16.69 8.57 -12.54
C GLN A 198 -15.97 8.98 -11.25
N LEU A 199 -14.66 9.10 -11.29
CA LEU A 199 -13.91 9.51 -10.07
C LEU A 199 -13.15 10.81 -10.42
N PRO A 200 -13.87 11.91 -10.41
CA PRO A 200 -13.27 13.22 -10.76
C PRO A 200 -12.36 13.74 -9.65
N GLY A 201 -12.77 13.60 -8.41
CA GLY A 201 -11.92 14.10 -7.29
C GLY A 201 -12.09 15.62 -7.17
N VAL A 202 -11.40 16.36 -7.98
CA VAL A 202 -11.52 17.85 -7.91
C VAL A 202 -11.95 18.41 -9.27
N LYS A 203 -12.35 19.65 -9.31
CA LYS A 203 -12.79 20.25 -10.61
C LYS A 203 -11.61 20.92 -11.32
N SER A 204 -11.86 21.62 -12.38
CA SER A 204 -10.75 22.30 -13.13
C SER A 204 -10.90 23.82 -13.03
N GLU A 205 -9.82 24.52 -12.85
CA GLU A 205 -9.88 26.00 -12.75
C GLU A 205 -10.27 26.62 -14.11
N GLY A 206 -10.07 27.89 -14.27
CA GLY A 206 -10.42 28.55 -15.56
C GLY A 206 -11.04 29.92 -15.29
N LYS A 207 -10.23 30.92 -15.11
CA LYS A 207 -10.77 32.29 -14.84
C LYS A 207 -9.69 33.35 -15.09
N ARG A 208 -9.96 34.29 -15.95
CA ARG A 208 -8.95 35.36 -16.24
C ARG A 208 -7.60 34.74 -16.59
N LYS A 209 -7.39 34.46 -17.85
CA LYS A 209 -6.09 33.85 -18.28
C LYS A 209 -5.41 34.73 -19.32
N GLY A 210 -5.20 35.98 -19.01
CA GLY A 210 -4.53 36.90 -19.99
C GLY A 210 -5.46 38.08 -20.29
N ASP A 211 -5.10 38.89 -21.24
CA ASP A 211 -5.96 40.07 -21.59
C ASP A 211 -6.97 39.69 -22.68
N GLU A 212 -7.95 38.90 -22.32
CA GLU A 212 -8.98 38.49 -23.33
C GLU A 212 -8.31 37.89 -24.57
N VAL A 213 -7.31 37.07 -24.38
CA VAL A 213 -6.62 36.45 -25.55
C VAL A 213 -6.77 34.92 -25.50
N ASP A 214 -7.86 34.44 -24.98
CA ASP A 214 -8.07 32.96 -24.90
C ASP A 214 -9.15 32.53 -25.90
ZN ZN C . 18.12 -9.28 3.91
ZN ZN D . -19.46 -5.99 -9.98
N MET A 1 -3.77 -9.32 31.80
CA MET A 1 -3.85 -9.57 30.32
C MET A 1 -4.21 -8.26 29.59
N ALA A 2 -3.80 -7.14 30.13
CA ALA A 2 -4.11 -5.84 29.46
C ALA A 2 -2.82 -5.15 29.02
N GLU A 3 -2.04 -5.81 28.19
CA GLU A 3 -0.77 -5.20 27.71
C GLU A 3 -0.32 -5.87 26.41
N SER A 4 -0.63 -5.27 25.29
CA SER A 4 -0.22 -5.88 23.99
C SER A 4 -0.12 -4.80 22.90
N SER A 5 -0.33 -5.16 21.66
CA SER A 5 -0.24 -4.15 20.56
C SER A 5 -1.21 -4.52 19.43
N ASP A 6 -1.35 -3.68 18.45
CA ASP A 6 -2.28 -3.98 17.32
C ASP A 6 -1.68 -3.49 16.00
N LYS A 7 -0.63 -2.71 16.04
CA LYS A 7 -0.02 -2.20 14.77
C LYS A 7 0.36 -3.39 13.88
N LEU A 8 0.38 -3.20 12.59
CA LEU A 8 0.73 -4.34 11.68
C LEU A 8 2.25 -4.42 11.47
N TYR A 9 2.98 -3.37 11.76
CA TYR A 9 4.46 -3.44 11.55
C TYR A 9 5.24 -3.05 12.81
N ARG A 10 6.49 -3.46 12.87
CA ARG A 10 7.33 -3.13 14.05
C ARG A 10 8.75 -2.76 13.57
N VAL A 11 9.34 -1.79 14.20
CA VAL A 11 10.72 -1.39 13.82
C VAL A 11 11.54 -1.28 15.09
N GLU A 12 12.77 -1.73 15.08
CA GLU A 12 13.60 -1.67 16.31
C GLU A 12 15.03 -2.10 16.02
N TYR A 13 15.90 -1.86 16.96
CA TYR A 13 17.30 -2.30 16.78
C TYR A 13 17.36 -3.78 17.15
N ALA A 14 17.88 -4.59 16.27
CA ALA A 14 17.91 -6.08 16.50
C ALA A 14 18.27 -6.48 17.95
N LYS A 15 17.36 -7.15 18.61
CA LYS A 15 17.63 -7.60 20.01
C LYS A 15 18.69 -8.71 19.99
N SER A 16 18.87 -9.34 18.85
CA SER A 16 19.88 -10.41 18.71
C SER A 16 20.36 -10.46 17.25
N GLY A 17 21.30 -11.31 16.95
CA GLY A 17 21.81 -11.39 15.54
C GLY A 17 21.41 -12.75 14.95
N ARG A 18 20.43 -13.40 15.53
CA ARG A 18 20.00 -14.75 15.03
C ARG A 18 18.82 -14.66 14.06
N ALA A 19 18.12 -13.56 14.02
CA ALA A 19 16.96 -13.46 13.05
C ALA A 19 17.45 -13.46 11.60
N SER A 20 16.73 -14.13 10.73
CA SER A 20 17.12 -14.19 9.30
C SER A 20 16.15 -13.37 8.47
N CYS A 21 16.66 -12.59 7.59
CA CYS A 21 15.79 -11.74 6.72
C CYS A 21 14.88 -12.61 5.86
N LYS A 22 13.59 -12.34 5.88
CA LYS A 22 12.63 -13.16 5.08
C LYS A 22 12.75 -12.86 3.57
N LYS A 23 13.55 -11.91 3.19
CA LYS A 23 13.72 -11.58 1.74
C LYS A 23 15.03 -12.16 1.17
N CYS A 24 16.16 -11.78 1.72
CA CYS A 24 17.47 -12.29 1.19
C CYS A 24 18.03 -13.47 2.02
N SER A 25 17.38 -13.84 3.10
CA SER A 25 17.84 -15.01 3.96
C SER A 25 19.12 -14.73 4.80
N GLU A 26 19.81 -13.64 4.59
CA GLU A 26 21.02 -13.36 5.40
C GLU A 26 20.62 -13.00 6.84
N SER A 27 21.50 -13.22 7.79
CA SER A 27 21.16 -12.91 9.21
C SER A 27 21.09 -11.41 9.45
N ILE A 28 20.26 -11.00 10.37
CA ILE A 28 20.16 -9.55 10.70
C ILE A 28 21.05 -9.31 11.92
N PRO A 29 22.08 -8.50 11.77
CA PRO A 29 23.05 -8.28 12.88
C PRO A 29 22.41 -7.57 14.08
N LYS A 30 22.81 -7.99 15.27
CA LYS A 30 22.27 -7.39 16.53
C LYS A 30 22.45 -5.87 16.53
N ASP A 31 21.49 -5.14 17.08
CA ASP A 31 21.55 -3.63 17.15
C ASP A 31 21.30 -2.96 15.79
N SER A 32 21.25 -3.71 14.72
CA SER A 32 20.99 -3.08 13.38
C SER A 32 19.51 -2.73 13.27
N LEU A 33 19.18 -1.77 12.45
CA LEU A 33 17.75 -1.39 12.30
C LEU A 33 17.03 -2.42 11.42
N ARG A 34 16.02 -3.06 11.96
CA ARG A 34 15.27 -4.07 11.19
C ARG A 34 13.77 -3.78 11.27
N MET A 35 13.02 -4.25 10.31
CA MET A 35 11.55 -4.01 10.31
C MET A 35 10.81 -5.33 10.09
N ALA A 36 9.60 -5.44 10.59
CA ALA A 36 8.87 -6.71 10.42
C ALA A 36 7.38 -6.48 10.23
N ILE A 37 6.74 -7.37 9.53
CA ILE A 37 5.26 -7.27 9.37
C ILE A 37 4.60 -8.20 10.41
N MET A 38 3.94 -7.63 11.38
CA MET A 38 3.31 -8.46 12.46
C MET A 38 2.37 -9.52 11.88
N VAL A 39 2.21 -10.62 12.58
CA VAL A 39 1.33 -11.71 12.10
C VAL A 39 0.76 -12.49 13.31
N GLN A 40 -0.53 -12.67 13.36
CA GLN A 40 -1.13 -13.42 14.51
C GLN A 40 -0.90 -14.92 14.34
N SER A 41 -0.45 -15.59 15.37
CA SER A 41 -0.21 -17.05 15.27
C SER A 41 -1.42 -17.84 15.77
N PRO A 42 -1.84 -18.81 14.99
CA PRO A 42 -3.00 -19.64 15.37
C PRO A 42 -2.59 -20.77 16.33
N MET A 43 -1.33 -20.86 16.66
CA MET A 43 -0.87 -21.94 17.59
C MET A 43 -0.75 -21.42 19.02
N PHE A 44 -0.76 -20.12 19.19
CA PHE A 44 -0.65 -19.54 20.57
C PHE A 44 -0.96 -18.05 20.54
N ASP A 45 -1.49 -17.52 21.62
CA ASP A 45 -1.80 -16.07 21.66
C ASP A 45 -0.51 -15.26 21.55
N GLY A 46 -0.42 -14.40 20.58
CA GLY A 46 0.81 -13.58 20.40
C GLY A 46 1.07 -13.39 18.91
N LYS A 47 1.79 -12.36 18.54
CA LYS A 47 2.05 -12.13 17.08
C LYS A 47 3.49 -12.50 16.72
N VAL A 48 3.67 -13.16 15.60
CA VAL A 48 5.05 -13.54 15.16
C VAL A 48 5.54 -12.52 14.15
N PRO A 49 6.73 -12.01 14.36
CA PRO A 49 7.27 -10.99 13.45
C PRO A 49 8.07 -11.60 12.31
N HIS A 50 7.79 -11.21 11.10
CA HIS A 50 8.61 -11.68 9.95
C HIS A 50 9.65 -10.57 9.75
N TRP A 51 10.87 -10.76 10.23
CA TRP A 51 11.87 -9.67 10.14
C TRP A 51 12.59 -9.58 8.80
N TYR A 52 13.06 -8.40 8.53
CA TYR A 52 13.80 -8.11 7.27
C TYR A 52 14.83 -7.02 7.54
N HIS A 53 15.93 -6.99 6.81
CA HIS A 53 16.89 -5.86 6.99
C HIS A 53 16.12 -4.62 6.56
N PHE A 54 16.47 -3.45 7.04
CA PHE A 54 15.71 -2.21 6.66
C PHE A 54 15.42 -2.12 5.15
N SER A 55 16.43 -2.26 4.33
CA SER A 55 16.22 -2.16 2.84
C SER A 55 15.37 -3.31 2.28
N CYS A 56 15.65 -4.54 2.67
CA CYS A 56 14.87 -5.70 2.15
C CYS A 56 13.36 -5.54 2.40
N PHE A 57 12.99 -5.00 3.52
CA PHE A 57 11.53 -4.84 3.86
C PHE A 57 10.74 -4.14 2.73
N TRP A 58 11.33 -3.18 2.04
CA TRP A 58 10.58 -2.45 0.99
C TRP A 58 10.67 -3.16 -0.36
N LYS A 59 11.61 -4.04 -0.54
CA LYS A 59 11.74 -4.74 -1.85
C LYS A 59 10.79 -5.94 -1.98
N VAL A 60 9.98 -6.19 -0.98
CA VAL A 60 9.03 -7.35 -1.06
C VAL A 60 7.62 -6.89 -1.43
N GLY A 61 7.30 -5.65 -1.16
CA GLY A 61 5.92 -5.16 -1.48
C GLY A 61 5.33 -4.45 -0.25
N HIS A 62 5.96 -4.58 0.89
CA HIS A 62 5.42 -3.91 2.12
C HIS A 62 5.36 -2.40 1.88
N SER A 63 4.30 -1.75 2.32
CA SER A 63 4.20 -0.28 2.10
C SER A 63 3.64 0.42 3.33
N ILE A 64 4.13 1.61 3.61
CA ILE A 64 3.62 2.37 4.79
C ILE A 64 3.57 3.86 4.44
N ARG A 65 2.42 4.47 4.54
CA ARG A 65 2.31 5.92 4.22
C ARG A 65 2.65 6.75 5.45
N HIS A 66 2.18 6.33 6.60
CA HIS A 66 2.46 7.08 7.87
C HIS A 66 3.12 6.14 8.90
N PRO A 67 4.44 6.16 8.93
CA PRO A 67 5.19 5.28 9.88
C PRO A 67 4.85 5.57 11.36
N ASP A 68 4.84 6.83 11.77
CA ASP A 68 4.51 7.16 13.19
C ASP A 68 3.25 6.44 13.72
N VAL A 69 2.24 6.27 12.90
CA VAL A 69 0.98 5.60 13.40
C VAL A 69 0.85 4.13 12.97
N GLU A 70 1.51 3.71 11.90
CA GLU A 70 1.36 2.29 11.43
C GLU A 70 2.50 1.38 11.90
N VAL A 71 3.60 1.92 12.36
CA VAL A 71 4.73 1.04 12.78
C VAL A 71 5.03 1.19 14.27
N ASP A 72 4.83 0.12 15.03
CA ASP A 72 5.11 0.15 16.48
C ASP A 72 6.63 0.29 16.73
N GLY A 73 7.01 1.06 17.73
CA GLY A 73 8.48 1.22 18.02
C GLY A 73 9.07 2.39 17.22
N PHE A 74 8.33 2.96 16.31
CA PHE A 74 8.88 4.09 15.48
C PHE A 74 9.34 5.25 16.36
N SER A 75 8.51 5.69 17.26
CA SER A 75 8.87 6.84 18.13
C SER A 75 10.11 6.56 19.02
N GLU A 76 10.46 5.30 19.27
CA GLU A 76 11.65 5.04 20.11
C GLU A 76 12.94 4.93 19.28
N LEU A 77 12.87 5.04 17.98
CA LEU A 77 14.10 4.96 17.14
C LEU A 77 14.90 6.25 17.28
N ARG A 78 16.17 6.22 16.99
CA ARG A 78 16.97 7.47 17.06
C ARG A 78 16.42 8.44 15.99
N TRP A 79 16.58 9.72 16.21
CA TRP A 79 16.03 10.73 15.25
C TRP A 79 16.37 10.41 13.78
N ASP A 80 17.64 10.26 13.46
CA ASP A 80 18.03 9.97 12.05
C ASP A 80 17.29 8.74 11.50
N ASP A 81 17.16 7.70 12.30
CA ASP A 81 16.46 6.48 11.80
C ASP A 81 14.97 6.78 11.61
N GLN A 82 14.44 7.68 12.41
CA GLN A 82 13.00 8.06 12.25
C GLN A 82 12.82 8.80 10.93
N GLN A 83 13.79 9.59 10.56
CA GLN A 83 13.72 10.34 9.28
C GLN A 83 13.94 9.38 8.12
N LYS A 84 14.89 8.49 8.27
CA LYS A 84 15.17 7.49 7.18
C LYS A 84 13.91 6.66 6.90
N VAL A 85 13.26 6.18 7.93
CA VAL A 85 12.01 5.39 7.72
C VAL A 85 10.93 6.30 7.13
N LYS A 86 10.84 7.53 7.61
CA LYS A 86 9.79 8.46 7.11
C LYS A 86 10.02 8.75 5.62
N LYS A 87 11.25 9.00 5.23
CA LYS A 87 11.53 9.31 3.81
C LYS A 87 11.40 8.04 2.95
N THR A 88 11.93 6.94 3.41
CA THR A 88 11.83 5.67 2.63
C THR A 88 10.35 5.31 2.43
N ALA A 89 9.54 5.57 3.42
CA ALA A 89 8.09 5.26 3.31
C ALA A 89 7.49 6.14 2.20
N GLU A 90 7.82 7.40 2.19
CA GLU A 90 7.26 8.31 1.14
C GLU A 90 7.73 7.86 -0.25
N ALA A 91 9.01 7.65 -0.42
CA ALA A 91 9.53 7.22 -1.75
C ALA A 91 8.85 5.92 -2.19
N GLY A 92 8.58 5.78 -3.46
CA GLY A 92 7.93 4.54 -3.95
C GLY A 92 8.99 3.50 -4.33
N GLY A 93 10.09 3.95 -4.88
CA GLY A 93 11.16 2.98 -5.26
C GLY A 93 12.52 3.55 -4.84
N VAL A 94 13.30 2.76 -4.12
CA VAL A 94 14.63 3.25 -3.67
C VAL A 94 15.65 3.14 -4.81
N THR A 95 15.40 2.28 -5.76
CA THR A 95 16.35 2.13 -6.91
C THR A 95 16.50 3.45 -7.66
N GLY A 96 15.43 3.93 -8.23
CA GLY A 96 15.51 5.23 -8.97
C GLY A 96 16.44 5.08 -10.17
N LYS A 97 16.46 6.05 -11.04
CA LYS A 97 17.35 5.98 -12.24
C LYS A 97 18.63 6.78 -12.00
N GLY A 98 18.54 7.83 -11.23
CA GLY A 98 19.75 8.66 -10.95
C GLY A 98 19.36 10.14 -10.98
N GLN A 99 19.58 10.80 -12.09
CA GLN A 99 19.22 12.25 -12.19
C GLN A 99 18.07 12.46 -13.17
N ASP A 100 16.89 12.74 -12.67
CA ASP A 100 15.72 12.94 -13.57
C ASP A 100 15.56 11.75 -14.53
N GLY A 101 14.59 11.82 -15.40
CA GLY A 101 14.37 10.69 -16.36
C GLY A 101 13.27 11.06 -17.34
N ILE A 102 12.18 10.34 -17.32
CA ILE A 102 11.05 10.65 -18.26
C ILE A 102 9.82 11.11 -17.47
N GLY A 103 9.49 10.42 -16.41
CA GLY A 103 8.30 10.81 -15.60
C GLY A 103 8.73 11.06 -14.15
N SER A 104 7.96 11.83 -13.42
CA SER A 104 8.32 12.11 -11.99
C SER A 104 8.10 10.86 -11.14
N LYS A 105 8.83 10.72 -10.07
CA LYS A 105 8.66 9.53 -9.19
C LYS A 105 7.28 9.56 -8.51
N ALA A 106 6.90 8.48 -7.88
CA ALA A 106 5.56 8.45 -7.21
C ALA A 106 5.50 9.52 -6.12
N GLU A 107 4.61 10.47 -6.26
CA GLU A 107 4.49 11.55 -5.23
C GLU A 107 3.10 11.52 -4.58
N LYS A 108 2.10 11.12 -5.32
CA LYS A 108 0.73 11.08 -4.75
C LYS A 108 0.03 9.75 -5.08
N THR A 109 0.74 8.82 -5.68
CA THR A 109 0.12 7.52 -6.03
C THR A 109 -0.32 6.79 -4.76
N LEU A 110 -1.52 6.28 -4.75
CA LEU A 110 -2.00 5.54 -3.54
C LEU A 110 -1.32 4.17 -3.46
N GLY A 111 -1.05 3.70 -2.28
CA GLY A 111 -0.38 2.38 -2.15
C GLY A 111 -1.41 1.27 -1.87
N ASP A 112 -2.65 1.64 -1.60
CA ASP A 112 -3.70 0.61 -1.32
C ASP A 112 -4.79 0.61 -2.39
N PHE A 113 -4.59 1.31 -3.48
CA PHE A 113 -5.63 1.34 -4.55
C PHE A 113 -4.98 1.11 -5.92
N ALA A 114 -5.53 0.23 -6.73
CA ALA A 114 -4.88 -0.05 -8.05
C ALA A 114 -5.91 -0.25 -9.17
N ALA A 115 -5.45 -0.06 -10.37
CA ALA A 115 -6.32 -0.25 -11.57
C ALA A 115 -5.52 -0.99 -12.64
N GLU A 116 -6.09 -2.02 -13.22
CA GLU A 116 -5.35 -2.78 -14.27
C GLU A 116 -6.31 -3.63 -15.08
N TYR A 117 -5.88 -4.12 -16.21
CA TYR A 117 -6.77 -4.99 -17.01
C TYR A 117 -6.72 -6.39 -16.39
N ALA A 118 -7.86 -7.05 -16.24
CA ALA A 118 -7.87 -8.39 -15.61
C ALA A 118 -6.83 -9.34 -16.23
N LYS A 119 -5.82 -9.72 -15.47
CA LYS A 119 -4.79 -10.65 -15.98
C LYS A 119 -5.42 -12.01 -16.31
N SER A 120 -6.57 -12.30 -15.77
CA SER A 120 -7.24 -13.60 -16.04
C SER A 120 -8.76 -13.45 -15.90
N ASN A 121 -9.49 -14.53 -15.88
CA ASN A 121 -10.98 -14.45 -15.75
C ASN A 121 -11.47 -15.19 -14.50
N ARG A 122 -10.59 -15.53 -13.59
CA ARG A 122 -11.04 -16.25 -12.36
C ARG A 122 -11.17 -15.28 -11.18
N SER A 123 -10.93 -14.00 -11.38
CA SER A 123 -11.09 -13.03 -10.25
C SER A 123 -12.58 -12.76 -10.07
N THR A 124 -12.96 -12.07 -9.03
CA THR A 124 -14.42 -11.81 -8.83
C THR A 124 -14.64 -10.43 -8.20
N CYS A 125 -15.52 -9.64 -8.79
CA CYS A 125 -15.83 -8.33 -8.21
C CYS A 125 -16.43 -8.53 -6.80
N LYS A 126 -15.80 -7.95 -5.79
CA LYS A 126 -16.32 -8.12 -4.40
C LYS A 126 -17.50 -7.17 -4.08
N GLY A 127 -18.17 -6.66 -5.09
CA GLY A 127 -19.30 -5.73 -4.86
C GLY A 127 -20.57 -6.43 -5.33
N CYS A 128 -20.51 -7.08 -6.47
CA CYS A 128 -21.69 -7.84 -6.99
C CYS A 128 -21.38 -9.36 -7.05
N MET A 129 -20.18 -9.77 -6.63
CA MET A 129 -19.80 -11.21 -6.68
C MET A 129 -19.84 -11.82 -8.09
N GLU A 130 -19.93 -11.01 -9.11
CA GLU A 130 -19.93 -11.56 -10.50
C GLU A 130 -18.49 -11.66 -10.98
N LYS A 131 -18.17 -12.67 -11.75
CA LYS A 131 -16.76 -12.84 -12.21
C LYS A 131 -16.33 -11.72 -13.15
N ILE A 132 -15.08 -11.32 -13.07
CA ILE A 132 -14.55 -10.28 -13.99
C ILE A 132 -13.90 -11.00 -15.18
N GLU A 133 -14.21 -10.60 -16.38
CA GLU A 133 -13.61 -11.29 -17.57
C GLU A 133 -12.18 -10.82 -17.82
N LYS A 134 -11.33 -11.73 -18.23
CA LYS A 134 -9.91 -11.34 -18.57
C LYS A 134 -9.88 -10.16 -19.57
N GLY A 135 -9.04 -9.18 -19.33
CA GLY A 135 -8.95 -8.02 -20.27
C GLY A 135 -9.83 -6.86 -19.74
N GLN A 136 -10.89 -7.17 -19.04
CA GLN A 136 -11.78 -6.10 -18.51
C GLN A 136 -11.05 -5.24 -17.47
N VAL A 137 -11.29 -3.95 -17.50
CA VAL A 137 -10.64 -3.05 -16.51
C VAL A 137 -11.23 -3.33 -15.13
N ARG A 138 -10.39 -3.43 -14.13
CA ARG A 138 -10.89 -3.70 -12.76
C ARG A 138 -10.14 -2.81 -11.76
N LEU A 139 -10.77 -2.49 -10.67
CA LEU A 139 -10.11 -1.64 -9.63
C LEU A 139 -9.99 -2.43 -8.34
N SER A 140 -9.13 -2.02 -7.43
CA SER A 140 -9.02 -2.81 -6.18
C SER A 140 -8.56 -1.99 -4.98
N LYS A 141 -9.07 -2.37 -3.83
CA LYS A 141 -8.68 -1.71 -2.57
C LYS A 141 -7.83 -2.70 -1.76
N LYS A 142 -6.53 -2.56 -1.81
CA LYS A 142 -5.63 -3.50 -1.08
C LYS A 142 -6.05 -3.65 0.39
N MET A 143 -6.01 -4.86 0.89
CA MET A 143 -6.38 -5.11 2.31
C MET A 143 -5.66 -6.36 2.82
N VAL A 144 -5.29 -6.38 4.07
CA VAL A 144 -4.59 -7.58 4.62
C VAL A 144 -5.57 -8.52 5.32
N ASP A 145 -5.33 -9.79 5.23
CA ASP A 145 -6.23 -10.77 5.91
C ASP A 145 -5.54 -11.31 7.16
N PRO A 146 -6.20 -11.23 8.28
CA PRO A 146 -5.62 -11.72 9.55
C PRO A 146 -5.45 -13.24 9.50
N GLU A 147 -6.17 -13.89 8.63
CA GLU A 147 -6.05 -15.38 8.51
C GLU A 147 -4.85 -15.74 7.63
N LYS A 148 -4.49 -14.87 6.73
CA LYS A 148 -3.32 -15.14 5.83
C LYS A 148 -2.35 -13.96 5.89
N PRO A 149 -1.70 -13.84 7.02
CA PRO A 149 -0.73 -12.72 7.24
C PRO A 149 0.51 -12.86 6.34
N GLN A 150 0.88 -14.05 5.96
CA GLN A 150 2.09 -14.21 5.10
C GLN A 150 1.86 -13.53 3.74
N LEU A 151 0.63 -13.35 3.35
CA LEU A 151 0.33 -12.70 2.03
C LEU A 151 0.58 -11.19 2.13
N GLY A 152 0.00 -10.54 3.09
CA GLY A 152 0.20 -9.08 3.25
C GLY A 152 -0.95 -8.32 2.60
N MET A 153 -0.64 -7.26 1.92
CA MET A 153 -1.69 -6.43 1.24
C MET A 153 -2.23 -7.18 0.01
N ILE A 154 -3.40 -7.75 0.08
CA ILE A 154 -3.95 -8.46 -1.10
C ILE A 154 -4.99 -7.57 -1.81
N ASP A 155 -5.04 -7.63 -3.10
CA ASP A 155 -6.02 -6.80 -3.85
C ASP A 155 -7.46 -7.34 -3.73
N ARG A 156 -8.38 -6.47 -3.43
CA ARG A 156 -9.82 -6.83 -3.38
C ARG A 156 -10.38 -6.22 -4.67
N TRP A 157 -10.65 -7.02 -5.67
CA TRP A 157 -11.08 -6.45 -6.98
C TRP A 157 -12.55 -6.09 -7.08
N TYR A 158 -12.84 -5.22 -8.01
CA TYR A 158 -14.22 -4.76 -8.25
C TYR A 158 -14.34 -4.22 -9.67
N HIS A 159 -15.54 -4.15 -10.20
CA HIS A 159 -15.72 -3.51 -11.52
C HIS A 159 -15.61 -2.01 -11.23
N PRO A 160 -15.15 -1.22 -12.15
CA PRO A 160 -15.01 0.24 -11.87
C PRO A 160 -16.35 0.83 -11.39
N GLY A 161 -17.44 0.48 -12.01
CA GLY A 161 -18.77 0.99 -11.55
C GLY A 161 -19.04 0.50 -10.12
N CYS A 162 -18.91 -0.79 -9.89
CA CYS A 162 -19.15 -1.34 -8.51
C CYS A 162 -18.23 -0.65 -7.49
N PHE A 163 -16.98 -0.42 -7.87
CA PHE A 163 -16.01 0.24 -6.94
C PHE A 163 -16.50 1.65 -6.61
N VAL A 164 -16.94 2.39 -7.60
CA VAL A 164 -17.41 3.78 -7.35
C VAL A 164 -18.63 3.76 -6.41
N LYS A 165 -19.51 2.81 -6.57
CA LYS A 165 -20.72 2.76 -5.68
C LYS A 165 -20.31 2.64 -4.20
N ASN A 166 -19.25 1.94 -3.93
CA ASN A 166 -18.78 1.77 -2.50
C ASN A 166 -17.51 2.61 -2.22
N ARG A 167 -17.33 3.71 -2.93
CA ARG A 167 -16.11 4.55 -2.69
C ARG A 167 -15.93 4.92 -1.22
N GLU A 168 -17.00 5.21 -0.55
CA GLU A 168 -16.91 5.62 0.89
C GLU A 168 -16.40 4.47 1.77
N GLU A 169 -17.07 3.35 1.74
CA GLU A 169 -16.66 2.21 2.60
C GLU A 169 -15.28 1.69 2.19
N LEU A 170 -14.92 1.85 0.94
CA LEU A 170 -13.58 1.36 0.49
C LEU A 170 -12.47 2.36 0.86
N GLY A 171 -12.81 3.46 1.51
CA GLY A 171 -11.77 4.44 1.93
C GLY A 171 -11.26 5.26 0.74
N PHE A 172 -12.02 5.37 -0.33
CA PHE A 172 -11.55 6.18 -1.49
C PHE A 172 -12.08 7.61 -1.34
N ARG A 173 -11.41 8.39 -0.52
CA ARG A 173 -11.85 9.80 -0.26
C ARG A 173 -12.21 10.55 -1.56
N PRO A 174 -13.01 11.61 -1.42
CA PRO A 174 -13.44 12.40 -2.59
C PRO A 174 -12.32 13.27 -3.16
N GLU A 175 -11.24 13.46 -2.42
CA GLU A 175 -10.11 14.28 -2.95
C GLU A 175 -9.24 13.45 -3.90
N TYR A 176 -9.38 12.13 -3.85
CA TYR A 176 -8.58 11.26 -4.74
C TYR A 176 -9.16 11.25 -6.16
N SER A 177 -8.29 11.16 -7.14
CA SER A 177 -8.74 11.12 -8.56
C SER A 177 -8.27 9.82 -9.20
N ALA A 178 -8.81 9.48 -10.34
CA ALA A 178 -8.40 8.21 -11.01
C ALA A 178 -6.89 8.17 -11.29
N SER A 179 -6.29 9.30 -11.53
CA SER A 179 -4.82 9.35 -11.83
C SER A 179 -3.96 8.86 -10.64
N GLN A 180 -4.53 8.74 -9.47
CA GLN A 180 -3.72 8.29 -8.28
C GLN A 180 -3.75 6.77 -8.11
N LEU A 181 -4.54 6.05 -8.88
CA LEU A 181 -4.59 4.56 -8.73
C LEU A 181 -3.27 3.92 -9.18
N LYS A 182 -2.77 2.99 -8.42
CA LYS A 182 -1.50 2.30 -8.80
C LYS A 182 -1.71 1.52 -10.09
N GLY A 183 -0.99 1.84 -11.14
CA GLY A 183 -1.16 1.11 -12.44
C GLY A 183 -1.91 1.98 -13.46
N PHE A 184 -2.45 3.09 -13.04
CA PHE A 184 -3.21 3.98 -13.98
C PHE A 184 -2.42 4.28 -15.26
N SER A 185 -1.22 4.74 -15.11
CA SER A 185 -0.37 5.11 -16.29
C SER A 185 -0.29 4.00 -17.36
N LEU A 186 -0.49 2.75 -17.01
CA LEU A 186 -0.39 1.65 -18.04
C LEU A 186 -1.70 1.40 -18.80
N LEU A 187 -2.71 2.21 -18.57
CA LEU A 187 -4.00 1.99 -19.27
C LEU A 187 -4.07 2.82 -20.55
N ALA A 188 -4.76 2.31 -21.55
CA ALA A 188 -4.90 3.06 -22.83
C ALA A 188 -5.60 4.40 -22.56
N THR A 189 -5.31 5.42 -23.33
CA THR A 189 -5.95 6.76 -23.10
C THR A 189 -7.47 6.64 -22.90
N GLU A 190 -8.14 5.89 -23.75
CA GLU A 190 -9.62 5.72 -23.61
C GLU A 190 -9.99 5.21 -22.21
N ASP A 191 -9.33 4.19 -21.76
CA ASP A 191 -9.63 3.63 -20.40
C ASP A 191 -9.32 4.67 -19.32
N LYS A 192 -8.25 5.42 -19.48
CA LYS A 192 -7.90 6.45 -18.45
C LYS A 192 -8.98 7.54 -18.37
N GLU A 193 -9.49 7.94 -19.50
CA GLU A 193 -10.54 9.00 -19.51
C GLU A 193 -11.81 8.51 -18.80
N ALA A 194 -12.22 7.29 -19.09
CA ALA A 194 -13.45 6.74 -18.44
C ALA A 194 -13.31 6.78 -16.91
N LEU A 195 -12.14 6.45 -16.41
CA LEU A 195 -11.93 6.46 -14.94
C LEU A 195 -11.95 7.90 -14.41
N LYS A 196 -11.14 8.77 -14.97
CA LYS A 196 -11.12 10.19 -14.52
C LYS A 196 -12.55 10.76 -14.52
N LYS A 197 -13.37 10.25 -15.38
CA LYS A 197 -14.79 10.72 -15.47
C LYS A 197 -15.57 10.34 -14.21
N GLN A 198 -15.43 9.12 -13.75
CA GLN A 198 -16.19 8.68 -12.54
C GLN A 198 -15.46 9.06 -11.25
N LEU A 199 -14.16 9.17 -11.29
CA LEU A 199 -13.39 9.58 -10.08
C LEU A 199 -12.61 10.85 -10.42
N PRO A 200 -13.30 11.96 -10.41
CA PRO A 200 -12.66 13.26 -10.77
C PRO A 200 -11.73 13.75 -9.66
N GLY A 201 -12.13 13.62 -8.42
CA GLY A 201 -11.26 14.09 -7.30
C GLY A 201 -11.39 15.61 -7.16
N VAL A 202 -10.30 16.29 -6.94
CA VAL A 202 -10.37 17.77 -6.79
C VAL A 202 -9.35 18.44 -7.73
N LYS A 203 -8.16 17.90 -7.80
CA LYS A 203 -7.13 18.50 -8.69
C LYS A 203 -7.04 17.71 -10.00
N SER A 204 -7.90 18.01 -10.94
CA SER A 204 -7.87 17.28 -12.25
C SER A 204 -7.03 18.05 -13.27
N GLU A 205 -7.21 17.76 -14.54
CA GLU A 205 -6.43 18.47 -15.58
C GLU A 205 -7.20 18.47 -16.91
N GLY A 206 -8.49 18.65 -16.86
CA GLY A 206 -9.29 18.66 -18.12
C GLY A 206 -9.73 17.23 -18.44
N LYS A 207 -10.68 17.09 -19.34
CA LYS A 207 -11.16 15.72 -19.71
C LYS A 207 -11.99 15.78 -20.99
N ARG A 208 -11.36 15.62 -22.13
CA ARG A 208 -12.11 15.67 -23.42
C ARG A 208 -12.47 14.25 -23.87
N LYS A 209 -13.70 14.04 -24.25
CA LYS A 209 -14.12 12.67 -24.70
C LYS A 209 -13.65 12.44 -26.14
N GLY A 210 -13.86 11.25 -26.65
CA GLY A 210 -13.43 10.95 -28.05
C GLY A 210 -14.66 10.71 -28.93
N ASP A 211 -14.93 9.48 -29.28
CA ASP A 211 -16.11 9.18 -30.12
C ASP A 211 -17.39 9.26 -29.30
N GLU A 212 -17.94 10.44 -29.16
CA GLU A 212 -19.20 10.59 -28.36
C GLU A 212 -20.41 10.48 -29.28
N VAL A 213 -20.38 11.12 -30.42
CA VAL A 213 -21.53 11.05 -31.36
C VAL A 213 -21.07 10.54 -32.72
N ASP A 214 -21.97 9.94 -33.47
CA ASP A 214 -21.58 9.41 -34.82
C ASP A 214 -22.84 9.13 -35.65
ZN ZN C . 17.80 -8.92 3.91
ZN ZN D . -19.21 -5.84 -9.95
N MET A 1 3.23 6.66 23.67
CA MET A 1 2.24 5.58 23.95
C MET A 1 2.97 4.24 24.12
N ALA A 2 2.79 3.60 25.24
CA ALA A 2 3.47 2.28 25.46
C ALA A 2 2.46 1.15 25.29
N GLU A 3 1.52 1.29 24.41
CA GLU A 3 0.51 0.21 24.20
C GLU A 3 0.24 0.03 22.70
N SER A 4 1.26 -0.28 21.95
CA SER A 4 1.07 -0.47 20.48
C SER A 4 1.29 -1.94 20.10
N SER A 5 0.23 -2.65 19.81
CA SER A 5 0.39 -4.10 19.44
C SER A 5 -0.56 -4.45 18.30
N ASP A 6 -1.02 -3.47 17.55
CA ASP A 6 -1.94 -3.76 16.42
C ASP A 6 -1.30 -3.32 15.09
N LYS A 7 -0.25 -2.55 15.13
CA LYS A 7 0.41 -2.10 13.87
C LYS A 7 0.78 -3.32 13.02
N LEU A 8 0.85 -3.16 11.73
CA LEU A 8 1.20 -4.33 10.86
C LEU A 8 2.72 -4.46 10.70
N TYR A 9 3.48 -3.43 11.00
CA TYR A 9 4.96 -3.55 10.82
C TYR A 9 5.73 -3.15 12.09
N ARG A 10 6.96 -3.57 12.19
CA ARG A 10 7.78 -3.23 13.38
C ARG A 10 9.22 -2.91 12.92
N VAL A 11 9.81 -1.93 13.53
CA VAL A 11 11.21 -1.56 13.18
C VAL A 11 12.01 -1.44 14.47
N GLU A 12 13.22 -1.93 14.49
CA GLU A 12 14.03 -1.84 15.74
C GLU A 12 15.46 -2.31 15.48
N TYR A 13 16.32 -2.07 16.43
CA TYR A 13 17.71 -2.54 16.30
C TYR A 13 17.72 -4.01 16.71
N ALA A 14 18.24 -4.87 15.86
CA ALA A 14 18.24 -6.35 16.13
C ALA A 14 18.56 -6.70 17.59
N LYS A 15 17.62 -7.34 18.26
CA LYS A 15 17.85 -7.76 19.67
C LYS A 15 18.88 -8.89 19.70
N SER A 16 19.07 -9.56 18.59
CA SER A 16 20.07 -10.65 18.50
C SER A 16 20.57 -10.75 17.06
N GLY A 17 21.50 -11.64 16.79
CA GLY A 17 22.03 -11.76 15.39
C GLY A 17 21.62 -13.12 14.84
N ARG A 18 20.61 -13.74 15.41
CA ARG A 18 20.17 -15.09 14.93
C ARG A 18 19.01 -15.00 13.94
N ALA A 19 18.34 -13.89 13.86
CA ALA A 19 17.20 -13.78 12.86
C ALA A 19 17.71 -13.84 11.43
N SER A 20 16.99 -14.50 10.56
CA SER A 20 17.42 -14.63 9.14
C SER A 20 16.48 -13.81 8.27
N CYS A 21 17.03 -13.06 7.37
CA CYS A 21 16.20 -12.21 6.46
C CYS A 21 15.27 -13.08 5.61
N LYS A 22 14.00 -12.79 5.59
CA LYS A 22 13.04 -13.61 4.79
C LYS A 22 13.19 -13.36 3.28
N LYS A 23 14.04 -12.43 2.89
CA LYS A 23 14.23 -12.14 1.44
C LYS A 23 15.54 -12.77 0.91
N CYS A 24 16.67 -12.39 1.48
CA CYS A 24 17.97 -12.95 0.99
C CYS A 24 18.50 -14.12 1.86
N SER A 25 17.82 -14.45 2.94
CA SER A 25 18.23 -15.60 3.83
C SER A 25 19.49 -15.32 4.69
N GLU A 26 20.20 -14.26 4.46
CA GLU A 26 21.41 -13.99 5.30
C GLU A 26 20.99 -13.58 6.72
N SER A 27 21.85 -13.78 7.69
CA SER A 27 21.49 -13.44 9.09
C SER A 27 21.44 -11.92 9.30
N ILE A 28 20.61 -11.47 10.18
CA ILE A 28 20.53 -10.01 10.47
C ILE A 28 21.40 -9.76 11.72
N PRO A 29 22.45 -8.98 11.55
CA PRO A 29 23.40 -8.75 12.69
C PRO A 29 22.76 -8.00 13.86
N LYS A 30 23.12 -8.39 15.06
CA LYS A 30 22.56 -7.74 16.29
C LYS A 30 22.79 -6.22 16.26
N ASP A 31 21.83 -5.47 16.76
CA ASP A 31 21.92 -3.96 16.79
C ASP A 31 21.70 -3.32 15.42
N SER A 32 21.66 -4.10 14.36
CA SER A 32 21.44 -3.50 13.01
C SER A 32 19.98 -3.12 12.86
N LEU A 33 19.69 -2.17 12.00
CA LEU A 33 18.27 -1.76 11.80
C LEU A 33 17.55 -2.80 10.94
N ARG A 34 16.51 -3.40 11.48
CA ARG A 34 15.76 -4.42 10.71
C ARG A 34 14.26 -4.09 10.75
N MET A 35 13.52 -4.57 9.79
CA MET A 35 12.06 -4.30 9.77
C MET A 35 11.29 -5.61 9.56
N ALA A 36 10.08 -5.68 10.04
CA ALA A 36 9.32 -6.94 9.87
C ALA A 36 7.83 -6.68 9.65
N ILE A 37 7.20 -7.58 8.94
CA ILE A 37 5.72 -7.46 8.71
C ILE A 37 5.01 -8.34 9.76
N MET A 38 4.32 -7.73 10.67
CA MET A 38 3.63 -8.50 11.75
C MET A 38 2.66 -9.54 11.17
N VAL A 39 2.45 -10.62 11.88
CA VAL A 39 1.53 -11.68 11.40
C VAL A 39 0.97 -12.45 12.61
N GLN A 40 -0.32 -12.56 12.71
CA GLN A 40 -0.93 -13.29 13.87
C GLN A 40 -0.73 -14.80 13.71
N SER A 41 -0.34 -15.47 14.76
CA SER A 41 -0.13 -16.94 14.68
C SER A 41 -1.37 -17.69 15.19
N PRO A 42 -1.79 -18.68 14.44
CA PRO A 42 -2.98 -19.47 14.83
C PRO A 42 -2.61 -20.57 15.84
N MET A 43 -1.36 -20.70 16.17
CA MET A 43 -0.95 -21.76 17.14
C MET A 43 -0.84 -21.19 18.56
N PHE A 44 -0.82 -19.89 18.69
CA PHE A 44 -0.71 -19.29 20.05
C PHE A 44 -0.99 -17.79 19.99
N ASP A 45 -1.52 -17.22 21.04
CA ASP A 45 -1.80 -15.75 21.04
C ASP A 45 -0.49 -14.97 20.94
N GLY A 46 -0.37 -14.14 19.94
CA GLY A 46 0.89 -13.36 19.78
C GLY A 46 1.18 -13.22 18.28
N LYS A 47 1.91 -12.20 17.90
CA LYS A 47 2.21 -12.01 16.45
C LYS A 47 3.65 -12.42 16.13
N VAL A 48 3.85 -13.14 15.06
CA VAL A 48 5.23 -13.56 14.67
C VAL A 48 5.79 -12.56 13.66
N PRO A 49 6.98 -12.09 13.90
CA PRO A 49 7.56 -11.10 12.99
C PRO A 49 8.38 -11.76 11.88
N HIS A 50 8.13 -11.39 10.65
CA HIS A 50 8.94 -11.89 9.51
C HIS A 50 10.02 -10.83 9.32
N TRP A 51 11.22 -11.04 9.84
CA TRP A 51 12.25 -9.97 9.76
C TRP A 51 13.01 -9.93 8.42
N TYR A 52 13.50 -8.76 8.13
CA TYR A 52 14.27 -8.53 6.86
C TYR A 52 15.32 -7.45 7.13
N HIS A 53 16.44 -7.47 6.43
CA HIS A 53 17.43 -6.36 6.60
C HIS A 53 16.69 -5.10 6.12
N PHE A 54 17.05 -3.94 6.59
CA PHE A 54 16.33 -2.69 6.16
C PHE A 54 16.08 -2.64 4.64
N SER A 55 17.10 -2.81 3.84
CA SER A 55 16.92 -2.75 2.35
C SER A 55 16.05 -3.90 1.80
N CYS A 56 16.30 -5.12 2.23
CA CYS A 56 15.51 -6.27 1.71
C CYS A 56 14.00 -6.09 1.93
N PHE A 57 13.62 -5.50 3.03
CA PHE A 57 12.15 -5.30 3.33
C PHE A 57 11.40 -4.63 2.17
N TRP A 58 12.03 -3.69 1.47
CA TRP A 58 11.31 -2.98 0.38
C TRP A 58 11.41 -3.72 -0.96
N LYS A 59 12.33 -4.63 -1.08
CA LYS A 59 12.48 -5.36 -2.38
C LYS A 59 11.50 -6.54 -2.50
N VAL A 60 10.65 -6.74 -1.53
CA VAL A 60 9.66 -7.87 -1.60
C VAL A 60 8.30 -7.39 -2.11
N GLY A 61 7.95 -6.16 -1.87
CA GLY A 61 6.63 -5.66 -2.32
C GLY A 61 5.95 -4.90 -1.18
N HIS A 62 6.52 -4.92 0.00
CA HIS A 62 5.89 -4.17 1.12
C HIS A 62 5.73 -2.71 0.72
N SER A 63 4.89 -1.98 1.41
CA SER A 63 4.73 -0.54 1.08
C SER A 63 4.15 0.22 2.28
N ILE A 64 4.79 1.31 2.66
CA ILE A 64 4.26 2.11 3.79
C ILE A 64 4.28 3.60 3.43
N ARG A 65 3.16 4.27 3.54
CA ARG A 65 3.13 5.71 3.19
C ARG A 65 3.47 6.54 4.43
N HIS A 66 3.00 6.15 5.57
CA HIS A 66 3.28 6.91 6.83
C HIS A 66 3.89 5.99 7.90
N PRO A 67 5.20 5.98 7.96
CA PRO A 67 5.92 5.11 8.94
C PRO A 67 5.54 5.45 10.41
N ASP A 68 5.56 6.72 10.79
CA ASP A 68 5.21 7.09 12.18
C ASP A 68 3.92 6.42 12.71
N VAL A 69 2.93 6.24 11.88
CA VAL A 69 1.65 5.61 12.37
C VAL A 69 1.49 4.13 11.97
N GLU A 70 2.16 3.69 10.92
CA GLU A 70 1.99 2.26 10.49
C GLU A 70 3.10 1.33 11.01
N VAL A 71 4.20 1.86 11.47
CA VAL A 71 5.30 0.96 11.95
C VAL A 71 5.57 1.14 13.44
N ASP A 72 5.34 0.09 14.22
CA ASP A 72 5.58 0.16 15.68
C ASP A 72 7.09 0.28 15.95
N GLY A 73 7.49 1.06 16.94
CA GLY A 73 8.94 1.21 17.26
C GLY A 73 9.58 2.34 16.44
N PHE A 74 8.88 2.89 15.49
CA PHE A 74 9.46 3.99 14.65
C PHE A 74 9.93 5.16 15.51
N SER A 75 9.09 5.65 16.38
CA SER A 75 9.46 6.82 17.24
C SER A 75 10.67 6.54 18.16
N GLU A 76 10.99 5.27 18.44
CA GLU A 76 12.16 5.00 19.31
C GLU A 76 13.46 4.84 18.52
N LEU A 77 13.42 4.92 17.21
CA LEU A 77 14.66 4.79 16.39
C LEU A 77 15.49 6.07 16.53
N ARG A 78 16.76 6.00 16.27
CA ARG A 78 17.59 7.24 16.32
C ARG A 78 17.09 8.19 15.22
N TRP A 79 17.27 9.47 15.40
CA TRP A 79 16.76 10.47 14.40
C TRP A 79 17.13 10.10 12.95
N ASP A 80 18.40 9.92 12.66
CA ASP A 80 18.81 9.58 11.26
C ASP A 80 18.06 8.35 10.74
N ASP A 81 17.89 7.33 11.55
CA ASP A 81 17.16 6.12 11.08
C ASP A 81 15.68 6.45 10.85
N GLN A 82 15.16 7.38 11.61
CA GLN A 82 13.73 7.78 11.42
C GLN A 82 13.60 8.49 10.07
N GLN A 83 14.61 9.26 9.70
CA GLN A 83 14.57 9.97 8.40
C GLN A 83 14.79 8.96 7.27
N LYS A 84 15.72 8.07 7.46
CA LYS A 84 15.99 7.03 6.41
C LYS A 84 14.72 6.23 6.11
N VAL A 85 14.04 5.79 7.15
CA VAL A 85 12.77 5.01 6.93
C VAL A 85 11.73 5.93 6.29
N LYS A 86 11.66 7.16 6.74
CA LYS A 86 10.65 8.11 6.18
C LYS A 86 10.91 8.36 4.70
N LYS A 87 12.15 8.57 4.33
CA LYS A 87 12.47 8.83 2.90
C LYS A 87 12.33 7.56 2.08
N THR A 88 12.83 6.45 2.58
CA THR A 88 12.71 5.16 1.83
C THR A 88 11.23 4.84 1.61
N ALA A 89 10.41 5.14 2.58
CA ALA A 89 8.95 4.86 2.44
C ALA A 89 8.39 5.71 1.30
N GLU A 90 8.73 6.98 1.25
CA GLU A 90 8.20 7.86 0.16
C GLU A 90 8.65 7.34 -1.22
N ALA A 91 9.93 7.18 -1.41
CA ALA A 91 10.43 6.68 -2.74
C ALA A 91 9.71 5.39 -3.13
N GLY A 92 9.53 4.49 -2.20
CA GLY A 92 8.84 3.20 -2.52
C GLY A 92 9.70 2.39 -3.48
N GLY A 93 9.92 1.13 -3.17
CA GLY A 93 10.75 0.28 -4.06
C GLY A 93 9.84 -0.58 -4.94
N VAL A 94 9.09 0.04 -5.82
CA VAL A 94 8.18 -0.75 -6.70
C VAL A 94 8.39 -0.33 -8.17
N THR A 95 9.60 -0.02 -8.54
CA THR A 95 9.88 0.39 -9.94
C THR A 95 10.94 -0.52 -10.56
N GLY A 96 12.07 -0.65 -9.92
CA GLY A 96 13.15 -1.53 -10.47
C GLY A 96 14.08 -0.70 -11.35
N LYS A 97 15.27 -1.17 -11.58
CA LYS A 97 16.23 -0.41 -12.44
C LYS A 97 16.77 -1.32 -13.56
N GLY A 98 17.65 -0.79 -14.38
CA GLY A 98 18.21 -1.62 -15.48
C GLY A 98 17.32 -1.49 -16.73
N GLN A 99 16.22 -2.19 -16.75
CA GLN A 99 15.31 -2.11 -17.93
C GLN A 99 14.05 -1.33 -17.57
N ASP A 100 14.12 -0.03 -17.61
CA ASP A 100 12.92 0.79 -17.26
C ASP A 100 12.91 2.09 -18.08
N GLY A 101 11.76 2.62 -18.37
CA GLY A 101 11.69 3.87 -19.18
C GLY A 101 11.41 5.05 -18.23
N ILE A 102 12.12 5.13 -17.14
CA ILE A 102 11.90 6.26 -16.17
C ILE A 102 10.43 6.35 -15.80
N GLY A 103 9.95 5.44 -15.00
CA GLY A 103 8.52 5.47 -14.58
C GLY A 103 8.41 6.01 -13.15
N SER A 104 8.98 7.15 -12.89
CA SER A 104 8.91 7.73 -11.51
C SER A 104 7.53 8.31 -11.26
N LYS A 105 7.05 8.21 -10.05
CA LYS A 105 5.70 8.77 -9.73
C LYS A 105 5.83 10.12 -9.04
N ALA A 106 5.73 11.19 -9.78
CA ALA A 106 5.85 12.54 -9.16
C ALA A 106 4.53 12.95 -8.51
N GLU A 107 3.44 12.46 -9.03
CA GLU A 107 2.10 12.82 -8.44
C GLU A 107 1.78 11.91 -7.26
N LYS A 108 0.83 12.29 -6.45
CA LYS A 108 0.46 11.44 -5.28
C LYS A 108 -0.11 10.10 -5.76
N THR A 109 0.00 9.07 -4.96
CA THR A 109 -0.54 7.75 -5.37
C THR A 109 -0.97 6.95 -4.14
N LEU A 110 -2.21 6.53 -4.10
CA LEU A 110 -2.68 5.73 -2.93
C LEU A 110 -1.96 4.39 -2.86
N GLY A 111 -1.74 3.88 -1.69
CA GLY A 111 -1.02 2.58 -1.56
C GLY A 111 -2.02 1.44 -1.32
N ASP A 112 -3.26 1.76 -1.05
CA ASP A 112 -4.28 0.68 -0.80
C ASP A 112 -5.37 0.69 -1.88
N PHE A 113 -5.15 1.35 -2.98
CA PHE A 113 -6.17 1.39 -4.08
C PHE A 113 -5.49 1.17 -5.44
N ALA A 114 -6.00 0.28 -6.26
CA ALA A 114 -5.33 0.03 -7.56
C ALA A 114 -6.33 -0.17 -8.71
N ALA A 115 -5.85 0.04 -9.90
CA ALA A 115 -6.70 -0.15 -11.11
C ALA A 115 -5.87 -0.86 -12.19
N GLU A 116 -6.39 -1.89 -12.79
CA GLU A 116 -5.62 -2.62 -13.83
C GLU A 116 -6.56 -3.47 -14.68
N TYR A 117 -6.10 -3.95 -15.80
CA TYR A 117 -6.95 -4.83 -16.63
C TYR A 117 -6.88 -6.23 -16.02
N ALA A 118 -8.00 -6.91 -15.92
CA ALA A 118 -8.01 -8.27 -15.29
C ALA A 118 -6.94 -9.18 -15.92
N LYS A 119 -5.94 -9.55 -15.13
CA LYS A 119 -4.88 -10.45 -15.64
C LYS A 119 -5.46 -11.82 -15.99
N SER A 120 -6.63 -12.14 -15.48
CA SER A 120 -7.26 -13.46 -15.79
C SER A 120 -8.79 -13.33 -15.66
N ASN A 121 -9.49 -14.43 -15.68
CA ASN A 121 -10.98 -14.37 -15.57
C ASN A 121 -11.49 -15.15 -14.34
N ARG A 122 -10.62 -15.49 -13.41
CA ARG A 122 -11.08 -16.23 -12.21
C ARG A 122 -11.25 -15.27 -11.00
N SER A 123 -11.03 -13.99 -11.19
CA SER A 123 -11.22 -13.04 -10.06
C SER A 123 -12.73 -12.80 -9.90
N THR A 124 -13.14 -12.13 -8.87
CA THR A 124 -14.60 -11.91 -8.68
C THR A 124 -14.87 -10.54 -8.04
N CYS A 125 -15.76 -9.76 -8.63
CA CYS A 125 -16.10 -8.47 -8.03
C CYS A 125 -16.72 -8.69 -6.65
N LYS A 126 -16.13 -8.13 -5.62
CA LYS A 126 -16.67 -8.31 -4.23
C LYS A 126 -17.87 -7.39 -3.93
N GLY A 127 -18.53 -6.88 -4.94
CA GLY A 127 -19.69 -5.99 -4.72
C GLY A 127 -20.94 -6.71 -5.23
N CYS A 128 -20.84 -7.34 -6.37
CA CYS A 128 -21.99 -8.11 -6.91
C CYS A 128 -21.65 -9.62 -7.01
N MET A 129 -20.45 -10.02 -6.56
CA MET A 129 -20.04 -11.44 -6.62
C MET A 129 -20.04 -12.04 -8.04
N GLU A 130 -20.13 -11.21 -9.06
CA GLU A 130 -20.09 -11.75 -10.45
C GLU A 130 -18.63 -11.81 -10.91
N LYS A 131 -18.28 -12.80 -11.69
CA LYS A 131 -16.86 -12.94 -12.12
C LYS A 131 -16.44 -11.80 -13.04
N ILE A 132 -15.20 -11.37 -12.93
CA ILE A 132 -14.68 -10.31 -13.82
C ILE A 132 -13.99 -11.00 -15.01
N GLU A 133 -14.28 -10.58 -16.22
CA GLU A 133 -13.66 -11.26 -17.40
C GLU A 133 -12.23 -10.75 -17.62
N LYS A 134 -11.35 -11.64 -18.03
CA LYS A 134 -9.93 -11.20 -18.34
C LYS A 134 -9.91 -10.02 -19.31
N GLY A 135 -9.08 -9.03 -19.05
CA GLY A 135 -9.01 -7.85 -19.96
C GLY A 135 -9.92 -6.72 -19.44
N GLN A 136 -10.99 -7.06 -18.76
CA GLN A 136 -11.91 -6.01 -18.24
C GLN A 136 -11.23 -5.15 -17.17
N VAL A 137 -11.47 -3.87 -17.19
CA VAL A 137 -10.87 -2.97 -16.17
C VAL A 137 -11.47 -3.27 -14.80
N ARG A 138 -10.65 -3.38 -13.80
CA ARG A 138 -11.17 -3.67 -12.43
C ARG A 138 -10.46 -2.79 -11.42
N LEU A 139 -11.12 -2.49 -10.33
CA LEU A 139 -10.49 -1.64 -9.27
C LEU A 139 -10.38 -2.45 -7.98
N SER A 140 -9.55 -2.03 -7.05
CA SER A 140 -9.45 -2.83 -5.81
C SER A 140 -9.03 -2.02 -4.59
N LYS A 141 -9.54 -2.42 -3.46
CA LYS A 141 -9.19 -1.76 -2.18
C LYS A 141 -8.31 -2.74 -1.38
N LYS A 142 -7.02 -2.54 -1.39
CA LYS A 142 -6.11 -3.46 -0.66
C LYS A 142 -6.50 -3.62 0.81
N MET A 143 -6.50 -4.83 1.29
CA MET A 143 -6.85 -5.07 2.72
C MET A 143 -6.05 -6.27 3.24
N VAL A 144 -5.88 -6.39 4.53
CA VAL A 144 -5.10 -7.54 5.07
C VAL A 144 -6.05 -8.54 5.74
N ASP A 145 -5.77 -9.80 5.61
CA ASP A 145 -6.64 -10.83 6.24
C ASP A 145 -5.96 -11.35 7.51
N PRO A 146 -6.67 -11.31 8.61
CA PRO A 146 -6.10 -11.78 9.90
C PRO A 146 -5.88 -13.30 9.84
N GLU A 147 -6.55 -13.98 8.95
CA GLU A 147 -6.39 -15.45 8.83
C GLU A 147 -5.19 -15.78 7.93
N LYS A 148 -4.81 -14.85 7.09
CA LYS A 148 -3.64 -15.09 6.19
C LYS A 148 -2.68 -13.90 6.28
N PRO A 149 -2.08 -13.75 7.43
CA PRO A 149 -1.14 -12.62 7.67
C PRO A 149 0.14 -12.73 6.84
N GLN A 150 0.48 -13.91 6.38
CA GLN A 150 1.72 -14.05 5.55
C GLN A 150 1.55 -13.37 4.19
N LEU A 151 0.32 -13.18 3.77
CA LEU A 151 0.08 -12.51 2.45
C LEU A 151 0.21 -11.00 2.57
N GLY A 152 -0.39 -10.43 3.59
CA GLY A 152 -0.31 -8.95 3.78
C GLY A 152 -1.39 -8.25 2.96
N MET A 153 -1.08 -7.08 2.46
CA MET A 153 -2.08 -6.31 1.65
C MET A 153 -2.56 -7.13 0.45
N ILE A 154 -3.79 -7.57 0.48
CA ILE A 154 -4.33 -8.36 -0.68
C ILE A 154 -5.38 -7.52 -1.42
N ASP A 155 -5.42 -7.61 -2.73
CA ASP A 155 -6.42 -6.79 -3.47
C ASP A 155 -7.84 -7.37 -3.39
N ARG A 156 -8.78 -6.51 -3.09
CA ARG A 156 -10.22 -6.91 -3.09
C ARG A 156 -10.76 -6.29 -4.37
N TRP A 157 -11.00 -7.09 -5.38
CA TRP A 157 -11.41 -6.50 -6.70
C TRP A 157 -12.89 -6.17 -6.83
N TYR A 158 -13.18 -5.30 -7.75
CA TYR A 158 -14.57 -4.87 -8.01
C TYR A 158 -14.68 -4.30 -9.43
N HIS A 159 -15.86 -4.26 -9.97
CA HIS A 159 -16.02 -3.59 -11.29
C HIS A 159 -15.95 -2.10 -10.97
N PRO A 160 -15.49 -1.28 -11.88
CA PRO A 160 -15.39 0.17 -11.58
C PRO A 160 -16.75 0.73 -11.11
N GLY A 161 -17.82 0.35 -11.75
CA GLY A 161 -19.17 0.83 -11.31
C GLY A 161 -19.45 0.32 -9.89
N CYS A 162 -19.31 -0.96 -9.68
CA CYS A 162 -19.57 -1.53 -8.32
C CYS A 162 -18.67 -0.84 -7.28
N PHE A 163 -17.42 -0.59 -7.62
CA PHE A 163 -16.48 0.08 -6.67
C PHE A 163 -17.00 1.48 -6.32
N VAL A 164 -17.44 2.22 -7.31
CA VAL A 164 -17.95 3.59 -7.04
C VAL A 164 -19.17 3.53 -6.13
N LYS A 165 -20.04 2.57 -6.32
CA LYS A 165 -21.26 2.48 -5.46
C LYS A 165 -20.87 2.35 -3.97
N ASN A 166 -19.81 1.67 -3.69
CA ASN A 166 -19.35 1.49 -2.26
C ASN A 166 -18.13 2.35 -1.95
N ARG A 167 -17.95 3.47 -2.63
CA ARG A 167 -16.74 4.32 -2.37
C ARG A 167 -16.61 4.68 -0.88
N GLU A 168 -17.69 4.94 -0.23
CA GLU A 168 -17.62 5.33 1.22
C GLU A 168 -17.12 4.18 2.09
N GLU A 169 -17.78 3.06 2.04
CA GLU A 169 -17.34 1.90 2.88
C GLU A 169 -15.95 1.42 2.50
N LEU A 170 -15.56 1.60 1.26
CA LEU A 170 -14.21 1.15 0.83
C LEU A 170 -13.12 2.17 1.23
N GLY A 171 -13.51 3.25 1.88
CA GLY A 171 -12.49 4.25 2.34
C GLY A 171 -11.97 5.09 1.17
N PHE A 172 -12.71 5.20 0.09
CA PHE A 172 -12.24 6.04 -1.05
C PHE A 172 -12.79 7.45 -0.89
N ARG A 173 -12.17 8.24 -0.06
CA ARG A 173 -12.64 9.63 0.22
C ARG A 173 -12.99 10.40 -1.08
N PRO A 174 -13.81 11.43 -0.94
CA PRO A 174 -14.25 12.23 -2.12
C PRO A 174 -13.11 13.13 -2.64
N GLU A 175 -12.07 13.33 -1.88
CA GLU A 175 -10.95 14.18 -2.38
C GLU A 175 -10.04 13.37 -3.33
N TYR A 176 -10.16 12.07 -3.30
CA TYR A 176 -9.31 11.22 -4.18
C TYR A 176 -9.86 11.22 -5.61
N SER A 177 -8.98 11.16 -6.57
CA SER A 177 -9.40 11.13 -7.99
C SER A 177 -8.90 9.85 -8.65
N ALA A 178 -9.41 9.51 -9.80
CA ALA A 178 -8.96 8.26 -10.49
C ALA A 178 -7.44 8.25 -10.73
N SER A 179 -6.87 9.41 -10.94
CA SER A 179 -5.38 9.48 -11.21
C SER A 179 -4.55 8.99 -10.02
N GLN A 180 -5.14 8.85 -8.86
CA GLN A 180 -4.34 8.40 -7.67
C GLN A 180 -4.33 6.87 -7.51
N LEU A 181 -5.09 6.16 -8.32
CA LEU A 181 -5.12 4.66 -8.18
C LEU A 181 -3.77 4.06 -8.62
N LYS A 182 -3.27 3.12 -7.85
CA LYS A 182 -1.98 2.46 -8.22
C LYS A 182 -2.16 1.69 -9.53
N GLY A 183 -1.42 2.04 -10.56
CA GLY A 183 -1.55 1.33 -11.87
C GLY A 183 -2.30 2.19 -12.90
N PHE A 184 -2.87 3.30 -12.47
CA PHE A 184 -3.64 4.17 -13.41
C PHE A 184 -2.83 4.51 -14.68
N SER A 185 -1.64 4.99 -14.49
CA SER A 185 -0.78 5.40 -15.66
C SER A 185 -0.66 4.30 -16.74
N LEU A 186 -0.84 3.04 -16.42
CA LEU A 186 -0.69 1.96 -17.45
C LEU A 186 -1.99 1.70 -18.23
N LEU A 187 -3.00 2.48 -18.02
CA LEU A 187 -4.29 2.25 -18.75
C LEU A 187 -4.34 3.09 -20.02
N ALA A 188 -5.00 2.57 -21.03
CA ALA A 188 -5.14 3.35 -22.30
C ALA A 188 -5.87 4.66 -22.02
N THR A 189 -5.58 5.70 -22.78
CA THR A 189 -6.27 7.02 -22.55
C THR A 189 -7.78 6.87 -22.38
N GLU A 190 -8.41 6.12 -23.24
CA GLU A 190 -9.90 5.92 -23.14
C GLU A 190 -10.29 5.38 -21.76
N ASP A 191 -9.61 4.36 -21.31
CA ASP A 191 -9.92 3.78 -19.96
C ASP A 191 -9.65 4.81 -18.85
N LYS A 192 -8.60 5.59 -18.98
CA LYS A 192 -8.28 6.61 -17.94
C LYS A 192 -9.38 7.67 -17.86
N GLU A 193 -9.89 8.08 -19.00
CA GLU A 193 -10.96 9.12 -19.01
C GLU A 193 -12.23 8.58 -18.33
N ALA A 194 -12.61 7.38 -18.65
CA ALA A 194 -13.84 6.79 -18.03
C ALA A 194 -13.73 6.81 -16.50
N LEU A 195 -12.56 6.51 -15.98
CA LEU A 195 -12.38 6.49 -14.50
C LEU A 195 -12.44 7.92 -13.95
N LYS A 196 -11.63 8.82 -14.49
CA LYS A 196 -11.66 10.24 -14.02
C LYS A 196 -13.10 10.77 -14.03
N LYS A 197 -13.89 10.26 -14.93
CA LYS A 197 -15.31 10.71 -15.04
C LYS A 197 -16.12 10.28 -13.80
N GLN A 198 -15.95 9.06 -13.34
CA GLN A 198 -16.73 8.58 -12.15
C GLN A 198 -16.03 8.98 -10.85
N LEU A 199 -14.73 9.10 -10.86
CA LEU A 199 -14.00 9.51 -9.62
C LEU A 199 -13.23 10.81 -9.94
N PRO A 200 -13.96 11.91 -9.95
CA PRO A 200 -13.35 13.22 -10.29
C PRO A 200 -12.46 13.73 -9.15
N GLY A 201 -12.89 13.56 -7.92
CA GLY A 201 -12.08 14.05 -6.78
C GLY A 201 -12.26 15.57 -6.64
N VAL A 202 -13.45 16.04 -6.85
CA VAL A 202 -13.70 17.52 -6.73
C VAL A 202 -15.21 17.80 -6.72
N LYS A 203 -15.89 17.39 -5.68
CA LYS A 203 -17.36 17.64 -5.60
C LYS A 203 -17.64 19.02 -5.00
N SER A 204 -18.86 19.29 -4.64
CA SER A 204 -19.20 20.61 -4.05
C SER A 204 -18.54 20.74 -2.67
N GLU A 205 -18.94 19.95 -1.71
CA GLU A 205 -18.35 20.03 -0.35
C GLU A 205 -18.41 21.47 0.18
N GLY A 206 -19.48 21.81 0.87
CA GLY A 206 -19.61 23.19 1.41
C GLY A 206 -20.79 23.25 2.39
N LYS A 207 -21.06 24.41 2.94
CA LYS A 207 -22.19 24.53 3.89
C LYS A 207 -22.98 25.82 3.61
N ARG A 208 -24.19 25.88 4.08
CA ARG A 208 -25.03 27.10 3.83
C ARG A 208 -25.21 27.88 5.13
N LYS A 209 -25.24 29.18 5.05
CA LYS A 209 -25.42 30.01 6.29
C LYS A 209 -26.90 30.31 6.51
N GLY A 210 -27.20 31.24 7.39
CA GLY A 210 -28.62 31.59 7.64
C GLY A 210 -28.73 32.34 8.97
N ASP A 211 -29.78 33.12 9.14
CA ASP A 211 -29.94 33.88 10.41
C ASP A 211 -31.41 33.90 10.82
N GLU A 212 -31.78 33.07 11.77
CA GLU A 212 -33.20 33.04 12.22
C GLU A 212 -33.60 34.39 12.81
N VAL A 213 -34.75 34.46 13.43
CA VAL A 213 -35.20 35.75 14.03
C VAL A 213 -35.63 35.53 15.48
N ASP A 214 -35.55 36.57 16.29
CA ASP A 214 -35.95 36.42 17.72
C ASP A 214 -36.44 37.77 18.26
ZN ZN C . 18.34 -9.52 3.62
ZN ZN D . -19.48 -6.02 -9.81
N MET A 1 0.74 7.99 26.49
CA MET A 1 1.20 6.66 26.94
C MET A 1 0.20 5.58 26.53
N ALA A 2 -0.32 5.66 25.34
CA ALA A 2 -1.31 4.63 24.88
C ALA A 2 -0.71 3.81 23.74
N GLU A 3 0.47 3.28 23.93
CA GLU A 3 1.11 2.47 22.86
C GLU A 3 0.28 1.20 22.59
N SER A 4 0.52 0.54 21.50
CA SER A 4 -0.24 -0.70 21.18
C SER A 4 0.55 -1.59 20.22
N SER A 5 0.23 -2.85 20.16
CA SER A 5 0.97 -3.77 19.24
C SER A 5 0.09 -4.14 18.04
N ASP A 6 -1.09 -3.59 17.94
CA ASP A 6 -1.99 -3.91 16.80
C ASP A 6 -1.36 -3.43 15.48
N LYS A 7 -0.28 -2.69 15.54
CA LYS A 7 0.37 -2.21 14.28
C LYS A 7 0.73 -3.40 13.39
N LEU A 8 0.80 -3.20 12.11
CA LEU A 8 1.13 -4.33 11.19
C LEU A 8 2.66 -4.46 11.03
N TYR A 9 3.41 -3.43 11.33
CA TYR A 9 4.89 -3.53 11.14
C TYR A 9 5.66 -3.14 12.41
N ARG A 10 6.90 -3.56 12.50
CA ARG A 10 7.72 -3.22 13.67
C ARG A 10 9.15 -2.88 13.22
N VAL A 11 9.75 -1.90 13.84
CA VAL A 11 11.14 -1.53 13.48
C VAL A 11 11.95 -1.41 14.77
N GLU A 12 13.15 -1.89 14.77
CA GLU A 12 13.98 -1.80 16.02
C GLU A 12 15.40 -2.26 15.76
N TYR A 13 16.27 -2.03 16.71
CA TYR A 13 17.66 -2.49 16.56
C TYR A 13 17.68 -3.96 16.96
N ALA A 14 18.20 -4.80 16.10
CA ALA A 14 18.22 -6.29 16.36
C ALA A 14 18.54 -6.65 17.81
N LYS A 15 17.61 -7.30 18.47
CA LYS A 15 17.85 -7.73 19.89
C LYS A 15 18.90 -8.86 19.91
N SER A 16 19.08 -9.51 18.79
CA SER A 16 20.09 -10.60 18.69
C SER A 16 20.57 -10.69 17.23
N GLY A 17 21.52 -11.55 16.96
CA GLY A 17 22.04 -11.67 15.56
C GLY A 17 21.64 -13.03 14.99
N ARG A 18 20.63 -13.66 15.57
CA ARG A 18 20.20 -15.00 15.08
C ARG A 18 19.03 -14.92 14.08
N ALA A 19 18.35 -13.81 14.02
CA ALA A 19 17.21 -13.70 13.04
C ALA A 19 17.72 -13.74 11.58
N SER A 20 17.00 -14.41 10.73
CA SER A 20 17.42 -14.50 9.31
C SER A 20 16.47 -13.70 8.44
N CYS A 21 17.01 -12.94 7.55
CA CYS A 21 16.25 -12.09 6.59
C CYS A 21 15.25 -12.96 5.78
N LYS A 22 13.95 -12.67 5.79
CA LYS A 22 12.92 -13.45 4.96
C LYS A 22 13.16 -13.23 3.47
N LYS A 23 13.99 -12.29 3.09
CA LYS A 23 14.17 -12.00 1.63
C LYS A 23 15.49 -12.60 1.10
N CYS A 24 16.61 -12.22 1.66
CA CYS A 24 17.92 -12.77 1.16
C CYS A 24 18.46 -13.94 2.02
N SER A 25 17.78 -14.28 3.10
CA SER A 25 18.21 -15.44 3.97
C SER A 25 19.47 -15.17 4.84
N GLU A 26 20.17 -14.08 4.61
CA GLU A 26 21.38 -13.77 5.46
C GLU A 26 20.97 -13.42 6.87
N SER A 27 21.83 -13.64 7.84
CA SER A 27 21.47 -13.30 9.24
C SER A 27 21.42 -11.78 9.46
N ILE A 28 20.59 -11.35 10.35
CA ILE A 28 20.51 -9.89 10.66
C ILE A 28 21.38 -9.64 11.90
N PRO A 29 22.42 -8.85 11.73
CA PRO A 29 23.37 -8.63 12.86
C PRO A 29 22.73 -7.89 14.05
N LYS A 30 23.10 -8.29 15.24
CA LYS A 30 22.54 -7.66 16.48
C LYS A 30 22.76 -6.14 16.46
N ASP A 31 21.80 -5.39 16.98
CA ASP A 31 21.89 -3.88 17.02
C ASP A 31 21.66 -3.23 15.65
N SER A 32 21.61 -4.00 14.58
CA SER A 32 21.39 -3.39 13.25
C SER A 32 19.92 -3.02 13.09
N LEU A 33 19.62 -2.07 12.25
CA LEU A 33 18.19 -1.66 12.06
C LEU A 33 17.47 -2.70 11.20
N ARG A 34 16.44 -3.31 11.74
CA ARG A 34 15.70 -4.33 10.97
C ARG A 34 14.20 -4.02 11.01
N MET A 35 13.45 -4.50 10.05
CA MET A 35 11.98 -4.23 10.03
C MET A 35 11.23 -5.55 9.83
N ALA A 36 10.02 -5.63 10.31
CA ALA A 36 9.27 -6.89 10.14
C ALA A 36 7.78 -6.64 9.93
N ILE A 37 7.13 -7.54 9.24
CA ILE A 37 5.65 -7.43 9.06
C ILE A 37 4.99 -8.35 10.09
N MET A 38 4.30 -7.79 11.04
CA MET A 38 3.67 -8.63 12.11
C MET A 38 2.61 -9.58 11.56
N VAL A 39 2.52 -10.75 12.13
CA VAL A 39 1.48 -11.73 11.69
C VAL A 39 0.92 -12.47 12.92
N GLN A 40 -0.36 -12.69 12.96
CA GLN A 40 -0.96 -13.41 14.13
C GLN A 40 -0.75 -14.91 13.99
N SER A 41 -0.32 -15.56 15.05
CA SER A 41 -0.09 -17.04 14.97
C SER A 41 -1.34 -17.80 15.46
N PRO A 42 -1.75 -18.78 14.70
CA PRO A 42 -2.94 -19.59 15.07
C PRO A 42 -2.56 -20.69 16.07
N MET A 43 -1.31 -20.82 16.40
CA MET A 43 -0.89 -21.89 17.36
C MET A 43 -0.80 -21.32 18.79
N PHE A 44 -0.78 -20.02 18.93
CA PHE A 44 -0.69 -19.44 20.30
C PHE A 44 -0.97 -17.94 20.24
N ASP A 45 -1.50 -17.38 21.31
CA ASP A 45 -1.79 -15.92 21.32
C ASP A 45 -0.48 -15.14 21.22
N GLY A 46 -0.37 -14.29 20.23
CA GLY A 46 0.89 -13.49 20.07
C GLY A 46 1.18 -13.34 18.57
N LYS A 47 1.91 -12.32 18.20
CA LYS A 47 2.22 -12.12 16.76
C LYS A 47 3.65 -12.51 16.44
N VAL A 48 3.86 -13.17 15.32
CA VAL A 48 5.24 -13.58 14.92
C VAL A 48 5.79 -12.57 13.91
N PRO A 49 6.98 -12.08 14.14
CA PRO A 49 7.55 -11.09 13.23
C PRO A 49 8.37 -11.73 12.11
N HIS A 50 8.11 -11.36 10.89
CA HIS A 50 8.94 -11.86 9.76
C HIS A 50 9.99 -10.78 9.56
N TRP A 51 11.19 -10.97 10.06
CA TRP A 51 12.22 -9.90 9.98
C TRP A 51 12.96 -9.85 8.64
N TYR A 52 13.45 -8.67 8.35
CA TYR A 52 14.22 -8.41 7.09
C TYR A 52 15.27 -7.34 7.36
N HIS A 53 16.37 -7.34 6.66
CA HIS A 53 17.35 -6.22 6.83
C HIS A 53 16.61 -4.97 6.36
N PHE A 54 16.97 -3.81 6.84
CA PHE A 54 16.23 -2.56 6.42
C PHE A 54 15.97 -2.50 4.91
N SER A 55 16.99 -2.66 4.10
CA SER A 55 16.80 -2.59 2.61
C SER A 55 15.93 -3.73 2.06
N CYS A 56 16.19 -4.95 2.47
CA CYS A 56 15.41 -6.11 1.95
C CYS A 56 13.90 -5.94 2.18
N PHE A 57 13.52 -5.36 3.30
CA PHE A 57 12.06 -5.18 3.59
C PHE A 57 11.29 -4.50 2.44
N TRP A 58 11.91 -3.55 1.75
CA TRP A 58 11.19 -2.83 0.67
C TRP A 58 11.28 -3.56 -0.67
N LYS A 59 12.21 -4.46 -0.81
CA LYS A 59 12.36 -5.18 -2.12
C LYS A 59 11.39 -6.37 -2.23
N VAL A 60 10.57 -6.60 -1.25
CA VAL A 60 9.61 -7.74 -1.31
C VAL A 60 8.20 -7.27 -1.71
N GLY A 61 7.90 -6.02 -1.49
CA GLY A 61 6.55 -5.52 -1.85
C GLY A 61 5.91 -4.80 -0.65
N HIS A 62 6.54 -4.89 0.51
CA HIS A 62 5.96 -4.20 1.71
C HIS A 62 5.95 -2.69 1.48
N SER A 63 4.89 -2.03 1.84
CA SER A 63 4.84 -0.55 1.62
C SER A 63 4.28 0.18 2.83
N ILE A 64 4.79 1.37 3.10
CA ILE A 64 4.30 2.16 4.26
C ILE A 64 4.25 3.65 3.88
N ARG A 65 3.10 4.27 3.97
CA ARG A 65 3.00 5.71 3.62
C ARG A 65 3.33 6.56 4.84
N HIS A 66 2.83 6.18 5.98
CA HIS A 66 3.12 6.94 7.24
C HIS A 66 3.74 6.02 8.30
N PRO A 67 5.05 6.01 8.36
CA PRO A 67 5.77 5.14 9.32
C PRO A 67 5.41 5.46 10.80
N ASP A 68 5.42 6.73 11.19
CA ASP A 68 5.08 7.09 12.59
C ASP A 68 3.79 6.40 13.12
N VAL A 69 2.80 6.23 12.28
CA VAL A 69 1.53 5.59 12.78
C VAL A 69 1.38 4.11 12.37
N GLU A 70 2.04 3.67 11.31
CA GLU A 70 1.87 2.25 10.87
C GLU A 70 3.00 1.32 11.38
N VAL A 71 4.09 1.86 11.84
CA VAL A 71 5.20 0.96 12.31
C VAL A 71 5.49 1.13 13.80
N ASP A 72 5.26 0.07 14.57
CA ASP A 72 5.51 0.14 16.02
C ASP A 72 7.02 0.27 16.29
N GLY A 73 7.42 1.03 17.28
CA GLY A 73 8.87 1.19 17.61
C GLY A 73 9.50 2.33 16.78
N PHE A 74 8.78 2.89 15.85
CA PHE A 74 9.36 4.00 15.02
C PHE A 74 9.82 5.18 15.88
N SER A 75 8.98 5.65 16.75
CA SER A 75 9.35 6.81 17.61
C SER A 75 10.57 6.52 18.52
N GLU A 76 10.90 5.27 18.80
CA GLU A 76 12.06 4.98 19.67
C GLU A 76 13.37 4.84 18.86
N LEU A 77 13.32 4.93 17.54
CA LEU A 77 14.56 4.82 16.74
C LEU A 77 15.38 6.10 16.87
N ARG A 78 16.65 6.05 16.60
CA ARG A 78 17.47 7.29 16.66
C ARG A 78 16.96 8.25 15.57
N TRP A 79 17.14 9.53 15.76
CA TRP A 79 16.61 10.53 14.77
C TRP A 79 16.97 10.18 13.32
N ASP A 80 18.24 10.00 13.03
CA ASP A 80 18.65 9.68 11.62
C ASP A 80 17.91 8.45 11.08
N ASP A 81 17.75 7.43 11.89
CA ASP A 81 17.03 6.21 11.41
C ASP A 81 15.54 6.54 11.19
N GLN A 82 15.02 7.45 11.97
CA GLN A 82 13.59 7.85 11.79
C GLN A 82 13.44 8.57 10.44
N GLN A 83 14.44 9.34 10.08
CA GLN A 83 14.39 10.06 8.78
C GLN A 83 14.62 9.07 7.64
N LYS A 84 15.55 8.17 7.82
CA LYS A 84 15.82 7.15 6.76
C LYS A 84 14.56 6.34 6.47
N VAL A 85 13.89 5.89 7.49
CA VAL A 85 12.63 5.11 7.28
C VAL A 85 11.57 6.03 6.65
N LYS A 86 11.50 7.26 7.11
CA LYS A 86 10.48 8.20 6.58
C LYS A 86 10.72 8.46 5.09
N LYS A 87 11.96 8.68 4.71
CA LYS A 87 12.27 8.96 3.28
C LYS A 87 12.14 7.69 2.45
N THR A 88 12.65 6.58 2.94
CA THR A 88 12.54 5.31 2.18
C THR A 88 11.06 4.97 1.96
N ALA A 89 10.24 5.25 2.94
CA ALA A 89 8.78 4.97 2.81
C ALA A 89 8.21 5.82 1.67
N GLU A 90 8.56 7.08 1.64
CA GLU A 90 8.05 7.98 0.57
C GLU A 90 8.53 7.50 -0.80
N ALA A 91 9.82 7.26 -0.93
CA ALA A 91 10.36 6.80 -2.25
C ALA A 91 9.67 5.51 -2.68
N GLY A 92 8.85 5.57 -3.70
CA GLY A 92 8.14 4.36 -4.17
C GLY A 92 8.30 4.22 -5.68
N GLY A 93 8.45 3.02 -6.18
CA GLY A 93 8.60 2.82 -7.64
C GLY A 93 9.12 1.40 -7.92
N VAL A 94 8.25 0.52 -8.34
CA VAL A 94 8.69 -0.87 -8.62
C VAL A 94 8.03 -1.38 -9.92
N THR A 95 6.75 -1.20 -10.04
CA THR A 95 6.06 -1.66 -11.28
C THR A 95 4.98 -0.65 -11.69
N GLY A 96 5.35 0.31 -12.50
CA GLY A 96 4.36 1.33 -12.95
C GLY A 96 5.00 2.28 -13.95
N LYS A 97 4.85 2.02 -15.22
CA LYS A 97 5.46 2.90 -16.26
C LYS A 97 6.95 3.07 -16.01
N GLY A 98 7.76 2.23 -16.59
CA GLY A 98 9.23 2.33 -16.38
C GLY A 98 9.97 1.72 -17.59
N GLN A 99 10.06 2.44 -18.67
CA GLN A 99 10.76 1.92 -19.87
C GLN A 99 11.39 3.06 -20.68
N ASP A 100 11.63 4.18 -20.05
CA ASP A 100 12.24 5.32 -20.78
C ASP A 100 12.68 6.41 -19.78
N GLY A 101 13.61 6.09 -18.91
CA GLY A 101 14.07 7.10 -17.92
C GLY A 101 13.10 7.15 -16.75
N ILE A 102 13.34 8.02 -15.81
CA ILE A 102 12.42 8.13 -14.63
C ILE A 102 11.84 9.55 -14.53
N GLY A 103 11.45 10.12 -15.65
CA GLY A 103 10.88 11.49 -15.61
C GLY A 103 9.37 11.42 -15.80
N SER A 104 8.65 11.12 -14.76
CA SER A 104 7.16 11.04 -14.87
C SER A 104 6.52 12.33 -14.34
N LYS A 105 5.43 12.74 -14.93
CA LYS A 105 4.76 13.99 -14.47
C LYS A 105 3.31 13.69 -14.06
N ALA A 106 3.09 13.36 -12.81
CA ALA A 106 1.71 13.05 -12.35
C ALA A 106 1.54 13.44 -10.88
N GLU A 107 0.37 13.29 -10.34
CA GLU A 107 0.14 13.65 -8.91
C GLU A 107 0.55 12.48 -8.00
N LYS A 108 0.20 12.55 -6.75
CA LYS A 108 0.56 11.44 -5.82
C LYS A 108 -0.08 10.13 -6.26
N THR A 109 0.14 9.07 -5.53
CA THR A 109 -0.47 7.76 -5.91
C THR A 109 -0.86 6.98 -4.66
N LEU A 110 -2.10 6.55 -4.57
CA LEU A 110 -2.55 5.77 -3.38
C LEU A 110 -1.83 4.42 -3.33
N GLY A 111 -1.57 3.93 -2.15
CA GLY A 111 -0.86 2.61 -2.04
C GLY A 111 -1.86 1.50 -1.73
N ASP A 112 -3.09 1.83 -1.47
CA ASP A 112 -4.11 0.78 -1.15
C ASP A 112 -5.22 0.73 -2.22
N PHE A 113 -5.05 1.44 -3.31
CA PHE A 113 -6.10 1.43 -4.38
C PHE A 113 -5.43 1.21 -5.74
N ALA A 114 -5.96 0.32 -6.55
CA ALA A 114 -5.31 0.05 -7.87
C ALA A 114 -6.31 -0.16 -9.00
N ALA A 115 -5.85 0.04 -10.20
CA ALA A 115 -6.71 -0.15 -11.40
C ALA A 115 -5.89 -0.88 -12.47
N GLU A 116 -6.43 -1.91 -13.06
CA GLU A 116 -5.68 -2.64 -14.11
C GLU A 116 -6.62 -3.52 -14.94
N TYR A 117 -6.17 -4.00 -16.06
CA TYR A 117 -7.03 -4.88 -16.88
C TYR A 117 -6.97 -6.28 -16.26
N ALA A 118 -8.09 -6.94 -16.13
CA ALA A 118 -8.08 -8.30 -15.49
C ALA A 118 -7.03 -9.22 -16.12
N LYS A 119 -6.02 -9.60 -15.34
CA LYS A 119 -4.96 -10.50 -15.86
C LYS A 119 -5.56 -11.87 -16.20
N SER A 120 -6.72 -12.18 -15.67
CA SER A 120 -7.35 -13.49 -15.95
C SER A 120 -8.88 -13.37 -15.82
N ASN A 121 -9.58 -14.47 -15.81
CA ASN A 121 -11.08 -14.41 -15.69
C ASN A 121 -11.57 -15.17 -14.45
N ARG A 122 -10.70 -15.50 -13.54
CA ARG A 122 -11.14 -16.23 -12.32
C ARG A 122 -11.29 -15.27 -11.12
N SER A 123 -11.07 -13.99 -11.32
CA SER A 123 -11.25 -13.03 -10.19
C SER A 123 -12.75 -12.78 -10.02
N THR A 124 -13.15 -12.10 -8.98
CA THR A 124 -14.61 -11.87 -8.78
C THR A 124 -14.88 -10.51 -8.16
N CYS A 125 -15.76 -9.73 -8.74
CA CYS A 125 -16.09 -8.43 -8.15
C CYS A 125 -16.70 -8.64 -6.76
N LYS A 126 -16.10 -8.07 -5.74
CA LYS A 126 -16.62 -8.24 -4.35
C LYS A 126 -17.82 -7.32 -4.04
N GLY A 127 -18.49 -6.81 -5.05
CA GLY A 127 -19.65 -5.91 -4.81
C GLY A 127 -20.90 -6.64 -5.31
N CYS A 128 -20.81 -7.27 -6.45
CA CYS A 128 -21.98 -8.05 -6.97
C CYS A 128 -21.63 -9.56 -7.05
N MET A 129 -20.43 -9.95 -6.62
CA MET A 129 -20.02 -11.39 -6.67
C MET A 129 -20.04 -11.98 -8.09
N GLU A 130 -20.14 -11.18 -9.11
CA GLU A 130 -20.12 -11.72 -10.50
C GLU A 130 -18.67 -11.79 -10.97
N LYS A 131 -18.33 -12.79 -11.75
CA LYS A 131 -16.92 -12.93 -12.19
C LYS A 131 -16.50 -11.80 -13.13
N ILE A 132 -15.26 -11.37 -13.03
CA ILE A 132 -14.75 -10.32 -13.93
C ILE A 132 -14.07 -11.02 -15.12
N GLU A 133 -14.38 -10.62 -16.33
CA GLU A 133 -13.76 -11.30 -17.51
C GLU A 133 -12.34 -10.80 -17.76
N LYS A 134 -11.45 -11.69 -18.17
CA LYS A 134 -10.05 -11.26 -18.48
C LYS A 134 -10.03 -10.08 -19.48
N GLY A 135 -9.20 -9.09 -19.24
CA GLY A 135 -9.13 -7.92 -20.16
C GLY A 135 -10.04 -6.79 -19.64
N GLN A 136 -11.10 -7.12 -18.94
CA GLN A 136 -12.01 -6.07 -18.42
C GLN A 136 -11.32 -5.20 -17.36
N VAL A 137 -11.57 -3.92 -17.39
CA VAL A 137 -10.95 -3.01 -16.40
C VAL A 137 -11.53 -3.30 -15.01
N ARG A 138 -10.70 -3.40 -14.02
CA ARG A 138 -11.21 -3.67 -12.65
C ARG A 138 -10.49 -2.79 -11.64
N LEU A 139 -11.12 -2.49 -10.55
CA LEU A 139 -10.49 -1.62 -9.50
C LEU A 139 -10.37 -2.42 -8.21
N SER A 140 -9.53 -1.99 -7.29
CA SER A 140 -9.41 -2.78 -6.05
C SER A 140 -8.98 -1.97 -4.84
N LYS A 141 -9.46 -2.36 -3.69
CA LYS A 141 -9.07 -1.70 -2.42
C LYS A 141 -8.19 -2.67 -1.63
N LYS A 142 -6.90 -2.46 -1.65
CA LYS A 142 -5.97 -3.38 -0.93
C LYS A 142 -6.35 -3.53 0.55
N MET A 143 -6.31 -4.73 1.05
CA MET A 143 -6.65 -4.96 2.48
C MET A 143 -5.89 -6.19 2.99
N VAL A 144 -5.58 -6.24 4.25
CA VAL A 144 -4.83 -7.41 4.79
C VAL A 144 -5.78 -8.38 5.50
N ASP A 145 -5.52 -9.66 5.39
CA ASP A 145 -6.39 -10.66 6.08
C ASP A 145 -5.67 -11.18 7.32
N PRO A 146 -6.34 -11.11 8.45
CA PRO A 146 -5.73 -11.59 9.71
C PRO A 146 -5.55 -13.11 9.66
N GLU A 147 -6.24 -13.78 8.79
CA GLU A 147 -6.10 -15.26 8.68
C GLU A 147 -4.89 -15.60 7.81
N LYS A 148 -4.55 -14.72 6.90
CA LYS A 148 -3.37 -14.97 6.02
C LYS A 148 -2.43 -13.75 6.07
N PRO A 149 -1.74 -13.63 7.17
CA PRO A 149 -0.82 -12.49 7.36
C PRO A 149 0.43 -12.59 6.46
N GLN A 150 0.81 -13.78 6.07
CA GLN A 150 2.01 -13.93 5.19
C GLN A 150 1.76 -13.26 3.83
N LEU A 151 0.53 -13.08 3.46
CA LEU A 151 0.24 -12.43 2.14
C LEU A 151 0.39 -10.92 2.23
N GLY A 152 -0.16 -10.31 3.25
CA GLY A 152 -0.04 -8.84 3.40
C GLY A 152 -1.19 -8.14 2.65
N MET A 153 -0.91 -6.99 2.11
CA MET A 153 -1.98 -6.23 1.37
C MET A 153 -2.46 -7.03 0.16
N ILE A 154 -3.67 -7.52 0.21
CA ILE A 154 -4.22 -8.29 -0.95
C ILE A 154 -5.28 -7.46 -1.67
N ASP A 155 -5.36 -7.55 -2.96
CA ASP A 155 -6.36 -6.74 -3.71
C ASP A 155 -7.79 -7.31 -3.60
N ARG A 156 -8.72 -6.45 -3.30
CA ARG A 156 -10.16 -6.84 -3.27
C ARG A 156 -10.72 -6.24 -4.57
N TRP A 157 -10.97 -7.04 -5.57
CA TRP A 157 -11.38 -6.47 -6.88
C TRP A 157 -12.87 -6.14 -7.00
N TYR A 158 -13.16 -5.27 -7.92
CA TYR A 158 -14.56 -4.83 -8.17
C TYR A 158 -14.68 -4.28 -9.59
N HIS A 159 -15.87 -4.22 -10.13
CA HIS A 159 -16.05 -3.58 -11.45
C HIS A 159 -15.98 -2.09 -11.14
N PRO A 160 -15.51 -1.28 -12.07
CA PRO A 160 -15.40 0.18 -11.78
C PRO A 160 -16.75 0.74 -11.29
N GLY A 161 -17.85 0.37 -11.92
CA GLY A 161 -19.18 0.86 -11.47
C GLY A 161 -19.46 0.35 -10.04
N CYS A 162 -19.31 -0.94 -9.82
CA CYS A 162 -19.55 -1.49 -8.45
C CYS A 162 -18.64 -0.79 -7.42
N PHE A 163 -17.40 -0.54 -7.79
CA PHE A 163 -16.45 0.14 -6.85
C PHE A 163 -16.96 1.54 -6.50
N VAL A 164 -17.41 2.27 -7.50
CA VAL A 164 -17.91 3.65 -7.24
C VAL A 164 -19.12 3.60 -6.32
N LYS A 165 -19.99 2.63 -6.49
CA LYS A 165 -21.21 2.56 -5.60
C LYS A 165 -20.81 2.44 -4.13
N ASN A 166 -19.73 1.75 -3.85
CA ASN A 166 -19.26 1.59 -2.42
C ASN A 166 -18.03 2.45 -2.13
N ARG A 167 -17.86 3.56 -2.82
CA ARG A 167 -16.65 4.41 -2.58
C ARG A 167 -16.50 4.79 -1.10
N GLU A 168 -17.57 5.05 -0.44
CA GLU A 168 -17.50 5.45 1.01
C GLU A 168 -16.98 4.31 1.89
N GLU A 169 -17.64 3.18 1.85
CA GLU A 169 -17.20 2.04 2.70
C GLU A 169 -15.80 1.55 2.30
N LEU A 170 -15.44 1.72 1.05
CA LEU A 170 -14.09 1.26 0.61
C LEU A 170 -13.00 2.27 1.00
N GLY A 171 -13.37 3.37 1.64
CA GLY A 171 -12.34 4.36 2.07
C GLY A 171 -11.84 5.20 0.90
N PHE A 172 -12.60 5.29 -0.17
CA PHE A 172 -12.14 6.12 -1.33
C PHE A 172 -12.69 7.54 -1.18
N ARG A 173 -12.05 8.33 -0.35
CA ARG A 173 -12.52 9.73 -0.08
C ARG A 173 -12.88 10.49 -1.38
N PRO A 174 -13.69 11.52 -1.24
CA PRO A 174 -14.13 12.31 -2.42
C PRO A 174 -13.02 13.21 -2.97
N GLU A 175 -11.96 13.41 -2.23
CA GLU A 175 -10.84 14.26 -2.73
C GLU A 175 -9.94 13.44 -3.68
N TYR A 176 -10.06 12.14 -3.65
CA TYR A 176 -9.23 11.28 -4.53
C TYR A 176 -9.79 11.26 -5.95
N SER A 177 -8.92 11.19 -6.93
CA SER A 177 -9.36 11.16 -8.35
C SER A 177 -8.86 9.87 -8.99
N ALA A 178 -9.39 9.52 -10.14
CA ALA A 178 -8.95 8.26 -10.82
C ALA A 178 -7.43 8.25 -11.08
N SER A 179 -6.86 9.40 -11.31
CA SER A 179 -5.39 9.47 -11.59
C SER A 179 -4.53 8.98 -10.41
N GLN A 180 -5.10 8.86 -9.24
CA GLN A 180 -4.31 8.42 -8.05
C GLN A 180 -4.29 6.88 -7.89
N LEU A 181 -5.06 6.17 -8.67
CA LEU A 181 -5.09 4.68 -8.53
C LEU A 181 -3.76 4.06 -8.97
N LYS A 182 -3.24 3.14 -8.21
CA LYS A 182 -1.95 2.48 -8.58
C LYS A 182 -2.16 1.68 -9.88
N GLY A 183 -1.43 2.03 -10.92
CA GLY A 183 -1.57 1.31 -12.23
C GLY A 183 -2.33 2.17 -13.25
N PHE A 184 -2.89 3.27 -12.82
CA PHE A 184 -3.67 4.14 -13.77
C PHE A 184 -2.88 4.46 -15.03
N SER A 185 -1.68 4.95 -14.87
CA SER A 185 -0.83 5.34 -16.05
C SER A 185 -0.72 4.23 -17.13
N LEU A 186 -0.90 2.98 -16.79
CA LEU A 186 -0.76 1.89 -17.82
C LEU A 186 -2.07 1.62 -18.58
N LEU A 187 -3.09 2.41 -18.37
CA LEU A 187 -4.38 2.18 -19.07
C LEU A 187 -4.45 3.01 -20.36
N ALA A 188 -5.12 2.49 -21.36
CA ALA A 188 -5.26 3.25 -22.63
C ALA A 188 -6.00 4.57 -22.35
N THR A 189 -5.72 5.59 -23.13
CA THR A 189 -6.39 6.93 -22.90
C THR A 189 -7.91 6.77 -22.71
N GLU A 190 -8.54 6.02 -23.55
CA GLU A 190 -10.03 5.83 -23.44
C GLU A 190 -10.41 5.29 -22.05
N ASP A 191 -9.72 4.28 -21.59
CA ASP A 191 -10.02 3.71 -20.24
C ASP A 191 -9.74 4.76 -19.15
N LYS A 192 -8.69 5.52 -19.29
CA LYS A 192 -8.36 6.54 -18.25
C LYS A 192 -9.45 7.61 -18.19
N GLU A 193 -9.97 8.02 -19.32
CA GLU A 193 -11.05 9.06 -19.33
C GLU A 193 -12.30 8.54 -18.63
N ALA A 194 -12.69 7.32 -18.93
CA ALA A 194 -13.92 6.75 -18.29
C ALA A 194 -13.79 6.77 -16.76
N LEU A 195 -12.62 6.47 -16.25
CA LEU A 195 -12.42 6.47 -14.78
C LEU A 195 -12.47 7.91 -14.24
N LYS A 196 -11.66 8.79 -14.79
CA LYS A 196 -11.69 10.22 -14.33
C LYS A 196 -13.13 10.75 -14.34
N LYS A 197 -13.93 10.24 -15.22
CA LYS A 197 -15.35 10.68 -15.31
C LYS A 197 -16.14 10.28 -14.06
N GLN A 198 -15.97 9.06 -13.61
CA GLN A 198 -16.74 8.60 -12.40
C GLN A 198 -16.02 8.99 -11.10
N LEU A 199 -14.71 9.11 -11.13
CA LEU A 199 -13.98 9.53 -9.92
C LEU A 199 -13.22 10.82 -10.24
N PRO A 200 -13.94 11.92 -10.24
CA PRO A 200 -13.33 13.24 -10.59
C PRO A 200 -12.43 13.75 -9.46
N GLY A 201 -12.84 13.60 -8.24
CA GLY A 201 -12.00 14.09 -7.11
C GLY A 201 -12.16 15.61 -6.98
N VAL A 202 -11.54 16.20 -5.99
CA VAL A 202 -11.66 17.68 -5.81
C VAL A 202 -13.13 18.10 -5.77
N LYS A 203 -13.93 17.42 -5.00
CA LYS A 203 -15.37 17.78 -4.92
C LYS A 203 -15.77 18.09 -3.47
N SER A 204 -15.37 19.23 -2.98
CA SER A 204 -15.72 19.60 -1.57
C SER A 204 -17.16 20.08 -1.49
N GLU A 205 -17.63 20.76 -2.52
CA GLU A 205 -19.03 21.26 -2.51
C GLU A 205 -19.63 21.16 -3.91
N GLY A 206 -20.90 21.49 -4.04
CA GLY A 206 -21.55 21.42 -5.38
C GLY A 206 -21.62 22.82 -5.99
N LYS A 207 -22.26 23.73 -5.30
CA LYS A 207 -22.37 25.12 -5.84
C LYS A 207 -21.07 25.89 -5.62
N ARG A 208 -20.10 25.67 -6.46
CA ARG A 208 -18.80 26.39 -6.31
C ARG A 208 -18.88 27.78 -6.94
N LYS A 209 -17.96 28.65 -6.60
CA LYS A 209 -17.98 30.02 -7.18
C LYS A 209 -16.61 30.69 -7.03
N GLY A 210 -16.39 31.77 -7.72
CA GLY A 210 -15.08 32.47 -7.62
C GLY A 210 -14.96 33.50 -8.74
N ASP A 211 -15.74 34.54 -8.68
CA ASP A 211 -15.67 35.59 -9.74
C ASP A 211 -15.84 36.99 -9.12
N GLU A 212 -14.92 37.38 -8.27
CA GLU A 212 -15.02 38.72 -7.64
C GLU A 212 -14.15 39.74 -8.39
N VAL A 213 -13.15 39.27 -9.09
CA VAL A 213 -12.26 40.21 -9.84
C VAL A 213 -13.08 41.04 -10.84
N ASP A 214 -13.20 42.31 -10.61
CA ASP A 214 -13.98 43.18 -11.54
C ASP A 214 -13.13 43.55 -12.75
ZN ZN C . 18.46 -9.31 3.73
ZN ZN D . -19.48 -6.00 -9.87
N MET A 1 -0.94 -0.52 32.10
CA MET A 1 -0.46 -1.57 31.14
C MET A 1 -1.52 -1.83 30.06
N ALA A 2 -1.92 -0.81 29.36
CA ALA A 2 -2.96 -0.98 28.29
C ALA A 2 -2.31 -0.86 26.91
N GLU A 3 -1.32 -1.67 26.63
CA GLU A 3 -0.65 -1.60 25.30
C GLU A 3 -1.24 -2.64 24.36
N SER A 4 -1.38 -2.32 23.10
CA SER A 4 -1.95 -3.30 22.13
C SER A 4 -1.16 -3.26 20.82
N SER A 5 -0.47 -4.32 20.49
CA SER A 5 0.32 -4.35 19.23
C SER A 5 -0.58 -4.77 18.06
N ASP A 6 -1.27 -3.84 17.47
CA ASP A 6 -2.16 -4.18 16.32
C ASP A 6 -1.53 -3.72 15.00
N LYS A 7 -0.48 -2.95 15.05
CA LYS A 7 0.17 -2.47 13.79
C LYS A 7 0.57 -3.67 12.93
N LEU A 8 0.61 -3.50 11.63
CA LEU A 8 0.98 -4.63 10.74
C LEU A 8 2.50 -4.74 10.58
N TYR A 9 3.23 -3.71 10.88
CA TYR A 9 4.72 -3.79 10.71
C TYR A 9 5.47 -3.37 11.97
N ARG A 10 6.71 -3.77 12.07
CA ARG A 10 7.53 -3.41 13.26
C ARG A 10 8.96 -3.06 12.81
N VAL A 11 9.53 -2.07 13.43
CA VAL A 11 10.92 -1.68 13.08
C VAL A 11 11.72 -1.54 14.37
N GLU A 12 12.94 -2.00 14.39
CA GLU A 12 13.74 -1.89 15.64
C GLU A 12 15.17 -2.35 15.41
N TYR A 13 16.03 -2.08 16.35
CA TYR A 13 17.43 -2.52 16.21
C TYR A 13 17.47 -4.00 16.63
N ALA A 14 18.01 -4.84 15.79
CA ALA A 14 18.03 -6.33 16.06
C ALA A 14 18.35 -6.67 17.52
N LYS A 15 17.42 -7.32 18.19
CA LYS A 15 17.66 -7.74 19.61
C LYS A 15 18.72 -8.85 19.64
N SER A 16 18.92 -9.51 18.53
CA SER A 16 19.94 -10.59 18.44
C SER A 16 20.45 -10.68 17.00
N GLY A 17 21.40 -11.54 16.74
CA GLY A 17 21.93 -11.65 15.35
C GLY A 17 21.55 -13.02 14.78
N ARG A 18 20.56 -13.66 15.36
CA ARG A 18 20.14 -15.03 14.88
C ARG A 18 18.99 -14.96 13.88
N ALA A 19 18.28 -13.87 13.79
CA ALA A 19 17.16 -13.78 12.80
C ALA A 19 17.67 -13.83 11.35
N SER A 20 16.97 -14.51 10.50
CA SER A 20 17.40 -14.63 9.08
C SER A 20 16.45 -13.83 8.20
N CYS A 21 16.98 -13.07 7.30
CA CYS A 21 16.14 -12.24 6.40
C CYS A 21 15.24 -13.14 5.53
N LYS A 22 13.97 -12.86 5.51
CA LYS A 22 13.08 -13.66 4.66
C LYS A 22 13.19 -13.45 3.19
N LYS A 23 13.99 -12.50 2.80
CA LYS A 23 14.19 -12.21 1.35
C LYS A 23 15.52 -12.81 0.84
N CYS A 24 16.63 -12.41 1.41
CA CYS A 24 17.95 -12.94 0.92
C CYS A 24 18.49 -14.10 1.79
N SER A 25 17.82 -14.45 2.88
CA SER A 25 18.26 -15.59 3.77
C SER A 25 19.50 -15.29 4.63
N GLU A 26 20.20 -14.21 4.41
CA GLU A 26 21.40 -13.92 5.25
C GLU A 26 20.97 -13.51 6.66
N SER A 27 21.81 -13.70 7.64
CA SER A 27 21.44 -13.35 9.04
C SER A 27 21.37 -11.85 9.24
N ILE A 28 20.52 -11.40 10.12
CA ILE A 28 20.42 -9.95 10.42
C ILE A 28 21.28 -9.68 11.66
N PRO A 29 22.31 -8.88 11.50
CA PRO A 29 23.25 -8.63 12.63
C PRO A 29 22.60 -7.89 13.80
N LYS A 30 22.95 -8.27 15.00
CA LYS A 30 22.38 -7.63 16.23
C LYS A 30 22.57 -6.12 16.20
N ASP A 31 21.60 -5.37 16.70
CA ASP A 31 21.67 -3.86 16.73
C ASP A 31 21.44 -3.23 15.35
N SER A 32 21.41 -4.01 14.29
CA SER A 32 21.20 -3.42 12.94
C SER A 32 19.72 -3.07 12.78
N LEU A 33 19.42 -2.13 11.93
CA LEU A 33 17.99 -1.74 11.72
C LEU A 33 17.29 -2.79 10.86
N ARG A 34 16.26 -3.41 11.39
CA ARG A 34 15.53 -4.45 10.63
C ARG A 34 14.03 -4.15 10.66
N MET A 35 13.30 -4.65 9.69
CA MET A 35 11.84 -4.41 9.67
C MET A 35 11.10 -5.73 9.46
N ALA A 36 9.88 -5.83 9.94
CA ALA A 36 9.15 -7.11 9.78
C ALA A 36 7.66 -6.87 9.55
N ILE A 37 7.03 -7.78 8.86
CA ILE A 37 5.56 -7.69 8.65
C ILE A 37 4.89 -8.58 9.70
N MET A 38 4.19 -8.00 10.63
CA MET A 38 3.53 -8.80 11.72
C MET A 38 2.59 -9.86 11.13
N VAL A 39 2.42 -10.95 11.83
CA VAL A 39 1.54 -12.04 11.35
C VAL A 39 0.97 -12.80 12.56
N GLN A 40 -0.33 -12.95 12.63
CA GLN A 40 -0.94 -13.67 13.79
C GLN A 40 -0.71 -15.18 13.65
N SER A 41 -0.32 -15.83 14.71
CA SER A 41 -0.07 -17.30 14.63
C SER A 41 -1.31 -18.07 15.14
N PRO A 42 -1.70 -19.08 14.39
CA PRO A 42 -2.88 -19.89 14.76
C PRO A 42 -2.49 -20.98 15.78
N MET A 43 -1.23 -21.08 16.11
CA MET A 43 -0.80 -22.14 17.09
C MET A 43 -0.73 -21.57 18.50
N PHE A 44 -0.72 -20.27 18.63
CA PHE A 44 -0.65 -19.65 19.99
C PHE A 44 -0.96 -18.16 19.93
N ASP A 45 -1.50 -17.60 20.98
CA ASP A 45 -1.82 -16.14 20.97
C ASP A 45 -0.53 -15.34 20.87
N GLY A 46 -0.41 -14.50 19.87
CA GLY A 46 0.84 -13.70 19.71
C GLY A 46 1.13 -13.54 18.22
N LYS A 47 1.85 -12.52 17.85
CA LYS A 47 2.15 -12.31 16.40
C LYS A 47 3.60 -12.69 16.08
N VAL A 48 3.81 -13.40 15.00
CA VAL A 48 5.18 -13.80 14.60
C VAL A 48 5.71 -12.80 13.57
N PRO A 49 6.89 -12.28 13.80
CA PRO A 49 7.46 -11.29 12.89
C PRO A 49 8.30 -11.93 11.78
N HIS A 50 8.04 -11.57 10.56
CA HIS A 50 8.88 -12.06 9.45
C HIS A 50 9.93 -10.97 9.23
N TRP A 51 11.13 -11.15 9.74
CA TRP A 51 12.15 -10.07 9.66
C TRP A 51 12.90 -10.01 8.34
N TYR A 52 13.37 -8.84 8.03
CA TYR A 52 14.14 -8.60 6.78
C TYR A 52 15.18 -7.49 7.05
N HIS A 53 16.29 -7.48 6.35
CA HIS A 53 17.24 -6.36 6.52
C HIS A 53 16.50 -5.12 6.04
N PHE A 54 16.84 -3.96 6.51
CA PHE A 54 16.09 -2.72 6.07
C PHE A 54 15.84 -2.67 4.55
N SER A 55 16.86 -2.83 3.75
CA SER A 55 16.69 -2.78 2.27
C SER A 55 15.85 -3.93 1.72
N CYS A 56 16.12 -5.15 2.14
CA CYS A 56 15.35 -6.33 1.63
C CYS A 56 13.84 -6.16 1.84
N PHE A 57 13.44 -5.59 2.94
CA PHE A 57 11.98 -5.41 3.23
C PHE A 57 11.21 -4.75 2.07
N TRP A 58 11.82 -3.80 1.37
CA TRP A 58 11.10 -3.10 0.28
C TRP A 58 11.21 -3.85 -1.06
N LYS A 59 12.16 -4.74 -1.18
CA LYS A 59 12.33 -5.47 -2.48
C LYS A 59 11.37 -6.67 -2.59
N VAL A 60 10.54 -6.89 -1.61
CA VAL A 60 9.58 -8.05 -1.68
C VAL A 60 8.20 -7.58 -2.12
N GLY A 61 7.87 -6.34 -1.88
CA GLY A 61 6.52 -5.83 -2.27
C GLY A 61 5.88 -5.10 -1.08
N HIS A 62 6.46 -5.22 0.09
CA HIS A 62 5.86 -4.52 1.28
C HIS A 62 5.85 -3.01 1.03
N SER A 63 4.78 -2.35 1.38
CA SER A 63 4.72 -0.87 1.14
C SER A 63 4.14 -0.14 2.34
N ILE A 64 4.61 1.05 2.60
CA ILE A 64 4.10 1.85 3.74
C ILE A 64 4.04 3.33 3.37
N ARG A 65 2.88 3.92 3.43
CA ARG A 65 2.76 5.37 3.07
C ARG A 65 3.09 6.23 4.29
N HIS A 66 2.59 5.85 5.43
CA HIS A 66 2.85 6.63 6.69
C HIS A 66 3.47 5.72 7.76
N PRO A 67 4.79 5.73 7.82
CA PRO A 67 5.51 4.87 8.81
C PRO A 67 5.13 5.21 10.27
N ASP A 68 5.12 6.48 10.65
CA ASP A 68 4.76 6.86 12.04
C ASP A 68 3.48 6.16 12.56
N VAL A 69 2.50 5.95 11.74
CA VAL A 69 1.23 5.30 12.21
C VAL A 69 1.11 3.82 11.82
N GLU A 70 1.77 3.38 10.78
CA GLU A 70 1.64 1.95 10.34
C GLU A 70 2.77 1.05 10.88
N VAL A 71 3.85 1.60 11.34
CA VAL A 71 4.97 0.73 11.82
C VAL A 71 5.23 0.91 13.32
N ASP A 72 5.01 -0.14 14.09
CA ASP A 72 5.26 -0.06 15.56
C ASP A 72 6.76 0.09 15.83
N GLY A 73 7.13 0.88 16.82
CA GLY A 73 8.58 1.05 17.15
C GLY A 73 9.21 2.19 16.32
N PHE A 74 8.49 2.73 15.38
CA PHE A 74 9.07 3.84 14.54
C PHE A 74 9.51 5.03 15.39
N SER A 75 8.65 5.49 16.26
CA SER A 75 8.99 6.66 17.11
C SER A 75 10.20 6.41 18.03
N GLU A 76 10.55 5.16 18.33
CA GLU A 76 11.72 4.90 19.21
C GLU A 76 13.03 4.77 18.41
N LEU A 77 12.99 4.85 17.10
CA LEU A 77 14.24 4.75 16.29
C LEU A 77 15.04 6.04 16.43
N ARG A 78 16.31 5.99 16.16
CA ARG A 78 17.12 7.25 16.21
C ARG A 78 16.61 8.19 15.13
N TRP A 79 16.76 9.47 15.30
CA TRP A 79 16.23 10.46 14.29
C TRP A 79 16.61 10.10 12.85
N ASP A 80 17.88 9.94 12.56
CA ASP A 80 18.31 9.61 11.17
C ASP A 80 17.59 8.36 10.64
N ASP A 81 17.43 7.34 11.46
CA ASP A 81 16.73 6.11 10.98
C ASP A 81 15.25 6.41 10.75
N GLN A 82 14.70 7.34 11.50
CA GLN A 82 13.27 7.71 11.31
C GLN A 82 13.13 8.42 9.96
N GLN A 83 14.12 9.20 9.59
CA GLN A 83 14.07 9.91 8.29
C GLN A 83 14.31 8.90 7.16
N LYS A 84 15.26 8.02 7.36
CA LYS A 84 15.56 6.99 6.31
C LYS A 84 14.31 6.16 6.01
N VAL A 85 13.63 5.71 7.04
CA VAL A 85 12.39 4.91 6.82
C VAL A 85 11.32 5.81 6.19
N LYS A 86 11.22 7.05 6.63
CA LYS A 86 10.20 7.97 6.06
C LYS A 86 10.46 8.22 4.58
N LYS A 87 11.70 8.46 4.22
CA LYS A 87 12.01 8.72 2.78
C LYS A 87 11.90 7.44 1.97
N THR A 88 12.42 6.34 2.47
CA THR A 88 12.33 5.06 1.72
C THR A 88 10.86 4.70 1.49
N ALA A 89 10.03 4.99 2.47
CA ALA A 89 8.58 4.67 2.31
C ALA A 89 8.00 5.52 1.18
N GLU A 90 8.33 6.79 1.14
CA GLU A 90 7.81 7.67 0.05
C GLU A 90 8.30 7.17 -1.32
N ALA A 91 9.59 6.99 -1.45
CA ALA A 91 10.14 6.51 -2.76
C ALA A 91 9.48 5.19 -3.16
N GLY A 92 9.85 4.11 -2.54
CA GLY A 92 9.25 2.80 -2.88
C GLY A 92 10.34 1.73 -2.92
N GLY A 93 10.82 1.39 -4.09
CA GLY A 93 11.88 0.35 -4.20
C GLY A 93 12.53 0.43 -5.58
N VAL A 94 12.76 1.62 -6.07
CA VAL A 94 13.40 1.77 -7.41
C VAL A 94 14.92 1.67 -7.28
N THR A 95 15.55 0.91 -8.14
CA THR A 95 17.03 0.77 -8.08
C THR A 95 17.66 1.10 -9.43
N GLY A 96 17.39 2.27 -9.94
CA GLY A 96 17.96 2.66 -11.26
C GLY A 96 17.62 4.12 -11.57
N LYS A 97 18.06 4.63 -12.69
CA LYS A 97 17.76 6.04 -13.04
C LYS A 97 17.79 6.23 -14.55
N GLY A 98 16.72 6.72 -15.13
CA GLY A 98 16.69 6.92 -16.61
C GLY A 98 15.31 6.58 -17.15
N GLN A 99 15.24 5.97 -18.31
CA GLN A 99 13.91 5.60 -18.89
C GLN A 99 12.98 6.82 -18.93
N ASP A 100 11.71 6.58 -19.07
CA ASP A 100 10.74 7.73 -19.12
C ASP A 100 10.78 8.50 -17.79
N GLY A 101 9.98 9.52 -17.68
CA GLY A 101 9.95 10.32 -16.41
C GLY A 101 8.54 10.82 -16.14
N ILE A 102 8.41 12.00 -15.60
CA ILE A 102 7.05 12.54 -15.30
C ILE A 102 6.90 13.95 -15.90
N GLY A 103 5.75 14.54 -15.75
CA GLY A 103 5.54 15.91 -16.31
C GLY A 103 5.62 16.94 -15.18
N SER A 104 4.55 17.64 -14.93
CA SER A 104 4.57 18.65 -13.84
C SER A 104 3.92 18.09 -12.57
N LYS A 105 4.09 16.82 -12.32
CA LYS A 105 3.47 16.20 -11.11
C LYS A 105 4.54 15.97 -10.04
N ALA A 106 4.18 16.06 -8.79
CA ALA A 106 5.18 15.84 -7.71
C ALA A 106 5.17 14.37 -7.27
N GLU A 107 4.22 13.99 -6.43
CA GLU A 107 4.15 12.58 -5.96
C GLU A 107 2.87 12.35 -5.15
N LYS A 108 1.92 11.65 -5.69
CA LYS A 108 0.66 11.39 -4.95
C LYS A 108 0.01 10.09 -5.42
N THR A 109 0.35 8.99 -4.80
CA THR A 109 -0.24 7.68 -5.21
C THR A 109 -0.68 6.89 -3.99
N LEU A 110 -1.92 6.47 -3.95
CA LEU A 110 -2.41 5.68 -2.78
C LEU A 110 -1.70 4.32 -2.74
N GLY A 111 -1.45 3.81 -1.55
CA GLY A 111 -0.77 2.50 -1.44
C GLY A 111 -1.79 1.38 -1.20
N ASP A 112 -3.03 1.72 -0.96
CA ASP A 112 -4.06 0.66 -0.71
C ASP A 112 -5.15 0.68 -1.80
N PHE A 113 -4.93 1.36 -2.88
CA PHE A 113 -5.96 1.41 -3.97
C PHE A 113 -5.27 1.20 -5.34
N ALA A 114 -5.79 0.32 -6.17
CA ALA A 114 -5.12 0.07 -7.48
C ALA A 114 -6.12 -0.12 -8.63
N ALA A 115 -5.64 0.08 -9.82
CA ALA A 115 -6.49 -0.10 -11.03
C ALA A 115 -5.66 -0.82 -12.10
N GLU A 116 -6.20 -1.83 -12.71
CA GLU A 116 -5.43 -2.57 -13.75
C GLU A 116 -6.37 -3.42 -14.60
N TYR A 117 -5.91 -3.89 -15.72
CA TYR A 117 -6.77 -4.76 -16.55
C TYR A 117 -6.73 -6.17 -15.94
N ALA A 118 -7.86 -6.83 -15.84
CA ALA A 118 -7.87 -8.19 -15.22
C ALA A 118 -6.82 -9.11 -15.84
N LYS A 119 -5.82 -9.50 -15.06
CA LYS A 119 -4.77 -10.41 -15.57
C LYS A 119 -5.36 -11.77 -15.93
N SER A 120 -6.53 -12.07 -15.42
CA SER A 120 -7.18 -13.39 -15.73
C SER A 120 -8.70 -13.25 -15.60
N ASN A 121 -9.42 -14.35 -15.62
CA ASN A 121 -10.91 -14.27 -15.51
C ASN A 121 -11.42 -15.04 -14.29
N ARG A 122 -10.56 -15.39 -13.36
CA ARG A 122 -11.03 -16.13 -12.15
C ARG A 122 -11.19 -15.18 -10.96
N SER A 123 -10.95 -13.90 -11.13
CA SER A 123 -11.14 -12.94 -10.00
C SER A 123 -12.64 -12.68 -9.84
N THR A 124 -13.05 -12.02 -8.80
CA THR A 124 -14.51 -11.79 -8.62
C THR A 124 -14.76 -10.41 -7.98
N CYS A 125 -15.64 -9.63 -8.57
CA CYS A 125 -15.97 -8.32 -7.97
C CYS A 125 -16.59 -8.55 -6.59
N LYS A 126 -16.00 -7.99 -5.56
CA LYS A 126 -16.54 -8.18 -4.18
C LYS A 126 -17.73 -7.25 -3.87
N GLY A 127 -18.39 -6.72 -4.88
CA GLY A 127 -19.54 -5.82 -4.66
C GLY A 127 -20.80 -6.53 -5.17
N CYS A 128 -20.69 -7.16 -6.32
CA CYS A 128 -21.87 -7.91 -6.86
C CYS A 128 -21.53 -9.43 -6.95
N MET A 129 -20.34 -9.83 -6.51
CA MET A 129 -19.94 -11.27 -6.57
C MET A 129 -19.94 -11.86 -7.99
N GLU A 130 -20.03 -11.03 -9.01
CA GLU A 130 -19.99 -11.56 -10.41
C GLU A 130 -18.53 -11.65 -10.86
N LYS A 131 -18.20 -12.63 -11.64
CA LYS A 131 -16.77 -12.79 -12.06
C LYS A 131 -16.34 -11.65 -12.99
N ILE A 132 -15.09 -11.23 -12.87
CA ILE A 132 -14.56 -10.18 -13.76
C ILE A 132 -13.88 -10.87 -14.95
N GLU A 133 -14.17 -10.45 -16.16
CA GLU A 133 -13.54 -11.12 -17.34
C GLU A 133 -12.11 -10.63 -17.56
N LYS A 134 -11.24 -11.52 -17.97
CA LYS A 134 -9.82 -11.11 -18.27
C LYS A 134 -9.78 -9.92 -19.25
N GLY A 135 -8.95 -8.94 -18.98
CA GLY A 135 -8.86 -7.76 -19.89
C GLY A 135 -9.76 -6.62 -19.37
N GLN A 136 -10.84 -6.95 -18.69
CA GLN A 136 -11.75 -5.90 -18.17
C GLN A 136 -11.06 -5.04 -17.10
N VAL A 137 -11.29 -3.76 -17.12
CA VAL A 137 -10.68 -2.87 -16.10
C VAL A 137 -11.28 -3.17 -14.73
N ARG A 138 -10.47 -3.29 -13.73
CA ARG A 138 -11.00 -3.57 -12.36
C ARG A 138 -10.27 -2.69 -11.34
N LEU A 139 -10.93 -2.39 -10.25
CA LEU A 139 -10.30 -1.55 -9.19
C LEU A 139 -10.19 -2.36 -7.90
N SER A 140 -9.36 -1.96 -6.97
CA SER A 140 -9.27 -2.76 -5.74
C SER A 140 -8.84 -1.96 -4.51
N LYS A 141 -9.36 -2.36 -3.38
CA LYS A 141 -9.00 -1.72 -2.10
C LYS A 141 -8.15 -2.71 -1.29
N LYS A 142 -6.86 -2.56 -1.31
CA LYS A 142 -5.97 -3.51 -0.58
C LYS A 142 -6.40 -3.67 0.88
N MET A 143 -6.36 -4.88 1.37
CA MET A 143 -6.74 -5.13 2.79
C MET A 143 -5.99 -6.36 3.30
N VAL A 144 -5.74 -6.45 4.57
CA VAL A 144 -5.01 -7.63 5.11
C VAL A 144 -5.98 -8.60 5.78
N ASP A 145 -5.73 -9.88 5.64
CA ASP A 145 -6.62 -10.88 6.28
C ASP A 145 -5.95 -11.43 7.54
N PRO A 146 -6.66 -11.39 8.64
CA PRO A 146 -6.08 -11.89 9.91
C PRO A 146 -5.89 -13.40 9.85
N GLU A 147 -6.57 -14.06 8.95
CA GLU A 147 -6.42 -15.54 8.81
C GLU A 147 -5.21 -15.86 7.93
N LYS A 148 -4.85 -14.95 7.05
CA LYS A 148 -3.68 -15.18 6.16
C LYS A 148 -2.71 -14.01 6.29
N PRO A 149 -2.08 -13.92 7.43
CA PRO A 149 -1.12 -12.82 7.71
C PRO A 149 0.14 -12.91 6.85
N GLN A 150 0.51 -14.09 6.42
CA GLN A 150 1.75 -14.22 5.58
C GLN A 150 1.56 -13.51 4.23
N LEU A 151 0.34 -13.32 3.80
CA LEU A 151 0.10 -12.65 2.49
C LEU A 151 0.23 -11.13 2.65
N GLY A 152 -0.38 -10.58 3.65
CA GLY A 152 -0.31 -9.10 3.86
C GLY A 152 -1.30 -8.40 2.94
N MET A 153 -1.02 -7.18 2.61
CA MET A 153 -1.93 -6.37 1.71
C MET A 153 -2.44 -7.20 0.52
N ILE A 154 -3.69 -7.60 0.54
CA ILE A 154 -4.23 -8.38 -0.61
C ILE A 154 -5.26 -7.52 -1.35
N ASP A 155 -5.29 -7.58 -2.66
CA ASP A 155 -6.28 -6.76 -3.40
C ASP A 155 -7.71 -7.31 -3.32
N ARG A 156 -8.64 -6.45 -3.02
CA ARG A 156 -10.08 -6.84 -3.01
C ARG A 156 -10.62 -6.21 -4.30
N TRP A 157 -10.86 -7.00 -5.32
CA TRP A 157 -11.26 -6.41 -6.64
C TRP A 157 -12.74 -6.07 -6.75
N TYR A 158 -13.02 -5.19 -7.68
CA TYR A 158 -14.41 -4.73 -7.93
C TYR A 158 -14.50 -4.17 -9.36
N HIS A 159 -15.69 -4.11 -9.90
CA HIS A 159 -15.85 -3.45 -11.22
C HIS A 159 -15.76 -1.96 -10.90
N PRO A 160 -15.29 -1.14 -11.81
CA PRO A 160 -15.18 0.31 -11.50
C PRO A 160 -16.53 0.88 -11.03
N GLY A 161 -17.61 0.52 -11.68
CA GLY A 161 -18.94 1.01 -11.24
C GLY A 161 -19.23 0.49 -9.83
N CYS A 162 -19.12 -0.79 -9.61
CA CYS A 162 -19.37 -1.36 -8.25
C CYS A 162 -18.46 -0.68 -7.20
N PHE A 163 -17.21 -0.43 -7.55
CA PHE A 163 -16.27 0.22 -6.60
C PHE A 163 -16.78 1.63 -6.25
N VAL A 164 -17.21 2.37 -7.23
CA VAL A 164 -17.70 3.76 -6.97
C VAL A 164 -18.93 3.70 -6.05
N LYS A 165 -19.80 2.74 -6.25
CA LYS A 165 -21.02 2.67 -5.38
C LYS A 165 -20.65 2.53 -3.90
N ASN A 166 -19.58 1.84 -3.61
CA ASN A 166 -19.13 1.66 -2.19
C ASN A 166 -17.89 2.51 -1.87
N ARG A 167 -17.71 3.61 -2.55
CA ARG A 167 -16.49 4.47 -2.28
C ARG A 167 -16.36 4.82 -0.81
N GLU A 168 -17.44 5.08 -0.16
CA GLU A 168 -17.38 5.47 1.30
C GLU A 168 -16.87 4.32 2.17
N GLU A 169 -17.54 3.20 2.12
CA GLU A 169 -17.12 2.04 2.96
C GLU A 169 -15.74 1.54 2.57
N LEU A 170 -15.35 1.72 1.34
CA LEU A 170 -14.00 1.26 0.90
C LEU A 170 -12.90 2.27 1.31
N GLY A 171 -13.27 3.35 1.96
CA GLY A 171 -12.25 4.34 2.42
C GLY A 171 -11.72 5.18 1.25
N PHE A 172 -12.46 5.29 0.18
CA PHE A 172 -11.98 6.13 -0.97
C PHE A 172 -12.53 7.55 -0.81
N ARG A 173 -11.89 8.32 0.03
CA ARG A 173 -12.36 9.72 0.31
C ARG A 173 -12.69 10.49 -0.99
N PRO A 174 -13.49 11.53 -0.84
CA PRO A 174 -13.92 12.34 -2.02
C PRO A 174 -12.79 13.23 -2.54
N GLU A 175 -11.73 13.42 -1.78
CA GLU A 175 -10.60 14.26 -2.28
C GLU A 175 -9.71 13.45 -3.22
N TYR A 176 -9.83 12.15 -3.20
CA TYR A 176 -9.00 11.29 -4.08
C TYR A 176 -9.54 11.30 -5.51
N SER A 177 -8.67 11.22 -6.47
CA SER A 177 -9.09 11.20 -7.90
C SER A 177 -8.58 9.92 -8.55
N ALA A 178 -9.10 9.59 -9.70
CA ALA A 178 -8.67 8.33 -10.39
C ALA A 178 -7.15 8.31 -10.63
N SER A 179 -6.56 9.46 -10.84
CA SER A 179 -5.08 9.52 -11.11
C SER A 179 -4.25 9.03 -9.92
N GLN A 180 -4.84 8.89 -8.76
CA GLN A 180 -4.05 8.43 -7.57
C GLN A 180 -4.06 6.89 -7.42
N LEU A 181 -4.82 6.19 -8.22
CA LEU A 181 -4.86 4.70 -8.09
C LEU A 181 -3.52 4.07 -8.53
N LYS A 182 -3.03 3.14 -7.75
CA LYS A 182 -1.75 2.47 -8.13
C LYS A 182 -1.93 1.70 -9.44
N GLY A 183 -1.19 2.04 -10.46
CA GLY A 183 -1.32 1.33 -11.78
C GLY A 183 -2.06 2.20 -12.81
N PHE A 184 -2.63 3.31 -12.38
CA PHE A 184 -3.38 4.20 -13.32
C PHE A 184 -2.58 4.53 -14.58
N SER A 185 -1.38 5.00 -14.40
CA SER A 185 -0.51 5.39 -15.56
C SER A 185 -0.40 4.31 -16.64
N LEU A 186 -0.59 3.05 -16.32
CA LEU A 186 -0.44 1.96 -17.36
C LEU A 186 -1.74 1.71 -18.14
N LEU A 187 -2.76 2.50 -17.93
CA LEU A 187 -4.04 2.29 -18.65
C LEU A 187 -4.09 3.13 -19.93
N ALA A 188 -4.76 2.63 -20.94
CA ALA A 188 -4.88 3.40 -22.22
C ALA A 188 -5.60 4.72 -21.93
N THR A 189 -5.30 5.75 -22.69
CA THR A 189 -5.97 7.09 -22.45
C THR A 189 -7.49 6.95 -22.29
N GLU A 190 -8.13 6.21 -23.15
CA GLU A 190 -9.62 6.02 -23.06
C GLU A 190 -10.01 5.49 -21.67
N ASP A 191 -9.34 4.46 -21.21
CA ASP A 191 -9.66 3.89 -19.88
C ASP A 191 -9.39 4.91 -18.77
N LYS A 192 -8.32 5.68 -18.90
CA LYS A 192 -8.00 6.68 -17.83
C LYS A 192 -9.09 7.76 -17.78
N GLU A 193 -9.58 8.17 -18.91
CA GLU A 193 -10.66 9.23 -18.92
C GLU A 193 -11.92 8.71 -18.24
N ALA A 194 -12.32 7.51 -18.56
CA ALA A 194 -13.56 6.93 -17.94
C ALA A 194 -13.45 6.94 -16.40
N LEU A 195 -12.29 6.62 -15.89
CA LEU A 195 -12.10 6.60 -14.42
C LEU A 195 -12.14 8.04 -13.86
N LYS A 196 -11.33 8.92 -14.40
CA LYS A 196 -11.35 10.34 -13.92
C LYS A 196 -12.78 10.89 -13.94
N LYS A 197 -13.57 10.40 -14.83
CA LYS A 197 -14.99 10.85 -14.94
C LYS A 197 -15.80 10.43 -13.70
N GLN A 198 -15.65 9.21 -13.26
CA GLN A 198 -16.43 8.74 -12.07
C GLN A 198 -15.73 9.12 -10.75
N LEU A 199 -14.43 9.23 -10.77
CA LEU A 199 -13.69 9.64 -9.53
C LEU A 199 -12.92 10.92 -9.85
N PRO A 200 -13.62 12.02 -9.82
CA PRO A 200 -12.99 13.34 -10.15
C PRO A 200 -12.07 13.82 -9.01
N GLY A 201 -12.51 13.67 -7.78
CA GLY A 201 -11.68 14.13 -6.64
C GLY A 201 -11.83 15.65 -6.46
N VAL A 202 -12.99 16.17 -6.78
CA VAL A 202 -13.22 17.64 -6.64
C VAL A 202 -14.67 17.91 -6.23
N LYS A 203 -15.60 17.20 -6.79
CA LYS A 203 -17.04 17.41 -6.44
C LYS A 203 -17.44 18.86 -6.71
N SER A 204 -16.91 19.45 -7.76
CA SER A 204 -17.25 20.87 -8.08
C SER A 204 -16.78 21.21 -9.49
N GLU A 205 -17.68 21.41 -10.40
CA GLU A 205 -17.27 21.77 -11.80
C GLU A 205 -16.48 23.08 -11.80
N GLY A 206 -16.04 23.50 -12.96
CA GLY A 206 -15.26 24.77 -13.04
C GLY A 206 -16.20 25.95 -13.29
N LYS A 207 -16.01 27.03 -12.60
CA LYS A 207 -16.90 28.22 -12.80
C LYS A 207 -16.48 28.99 -14.05
N ARG A 208 -15.22 29.33 -14.15
CA ARG A 208 -14.75 30.08 -15.35
C ARG A 208 -13.22 30.03 -15.45
N LYS A 209 -12.70 29.31 -16.40
CA LYS A 209 -11.22 29.22 -16.54
C LYS A 209 -10.65 30.56 -17.05
N GLY A 210 -10.05 31.32 -16.17
CA GLY A 210 -9.48 32.62 -16.60
C GLY A 210 -10.10 33.75 -15.76
N ASP A 211 -10.23 33.55 -14.49
CA ASP A 211 -10.82 34.61 -13.62
C ASP A 211 -9.80 35.07 -12.56
N GLU A 212 -8.55 35.10 -12.91
CA GLU A 212 -7.51 35.53 -11.95
C GLU A 212 -7.77 36.97 -11.48
N VAL A 213 -7.65 37.24 -10.21
CA VAL A 213 -7.88 38.62 -9.71
C VAL A 213 -6.68 39.09 -8.89
N ASP A 214 -6.15 38.24 -8.06
CA ASP A 214 -4.97 38.64 -7.23
C ASP A 214 -3.69 38.05 -7.82
ZN ZN C . 18.24 -9.52 3.56
ZN ZN D . -19.33 -5.85 -9.74
N MET A 1 -10.03 -7.08 21.60
CA MET A 1 -9.79 -7.38 23.04
C MET A 1 -8.43 -8.07 23.21
N ALA A 2 -7.41 -7.33 23.56
CA ALA A 2 -6.07 -7.95 23.75
C ALA A 2 -5.16 -7.01 24.54
N GLU A 3 -4.16 -7.54 25.18
CA GLU A 3 -3.23 -6.68 25.97
C GLU A 3 -1.92 -6.47 25.22
N SER A 4 -1.97 -6.44 23.92
CA SER A 4 -0.72 -6.24 23.12
C SER A 4 -0.90 -5.10 22.12
N SER A 5 0.05 -4.90 21.25
CA SER A 5 -0.07 -3.80 20.26
C SER A 5 -0.99 -4.22 19.11
N ASP A 6 -1.07 -3.42 18.07
CA ASP A 6 -1.96 -3.77 16.92
C ASP A 6 -1.36 -3.27 15.61
N LYS A 7 -0.27 -2.55 15.66
CA LYS A 7 0.36 -2.05 14.40
C LYS A 7 0.74 -3.24 13.51
N LEU A 8 0.81 -3.04 12.23
CA LEU A 8 1.16 -4.16 11.31
C LEU A 8 2.68 -4.31 11.15
N TYR A 9 3.45 -3.29 11.50
CA TYR A 9 4.93 -3.41 11.31
C TYR A 9 5.70 -3.02 12.56
N ARG A 10 6.93 -3.45 12.64
CA ARG A 10 7.78 -3.13 13.82
C ARG A 10 9.20 -2.79 13.37
N VAL A 11 9.80 -1.82 13.98
CA VAL A 11 11.20 -1.45 13.63
C VAL A 11 12.01 -1.35 14.91
N GLU A 12 13.22 -1.84 14.90
CA GLU A 12 14.04 -1.77 16.15
C GLU A 12 15.46 -2.24 15.88
N TYR A 13 16.33 -2.01 16.82
CA TYR A 13 17.72 -2.48 16.66
C TYR A 13 17.74 -3.95 17.05
N ALA A 14 18.26 -4.80 16.19
CA ALA A 14 18.26 -6.28 16.43
C ALA A 14 18.59 -6.66 17.88
N LYS A 15 17.65 -7.30 18.55
CA LYS A 15 17.90 -7.75 19.97
C LYS A 15 18.94 -8.88 19.96
N SER A 16 19.10 -9.53 18.83
CA SER A 16 20.11 -10.62 18.72
C SER A 16 20.59 -10.71 17.27
N GLY A 17 21.53 -11.58 16.97
CA GLY A 17 22.05 -11.68 15.58
C GLY A 17 21.63 -13.03 15.00
N ARG A 18 20.63 -13.66 15.58
CA ARG A 18 20.18 -14.99 15.08
C ARG A 18 19.01 -14.89 14.09
N ALA A 19 18.33 -13.79 14.05
CA ALA A 19 17.19 -13.67 13.06
C ALA A 19 17.69 -13.70 11.62
N SER A 20 16.96 -14.35 10.74
CA SER A 20 17.37 -14.46 9.33
C SER A 20 16.42 -13.62 8.47
N CYS A 21 16.96 -12.86 7.58
CA CYS A 21 16.12 -12.00 6.70
C CYS A 21 15.20 -12.85 5.83
N LYS A 22 13.91 -12.56 5.84
CA LYS A 22 12.95 -13.37 5.03
C LYS A 22 13.09 -13.09 3.52
N LYS A 23 13.92 -12.15 3.14
CA LYS A 23 14.11 -11.84 1.69
C LYS A 23 15.42 -12.47 1.15
N CYS A 24 16.55 -12.09 1.70
CA CYS A 24 17.84 -12.64 1.19
C CYS A 24 18.37 -13.82 2.04
N SER A 25 17.71 -14.18 3.13
CA SER A 25 18.14 -15.35 3.99
C SER A 25 19.40 -15.08 4.84
N GLU A 26 20.12 -14.01 4.63
CA GLU A 26 21.33 -13.75 5.46
C GLU A 26 20.92 -13.37 6.88
N SER A 27 21.79 -13.58 7.85
CA SER A 27 21.44 -13.26 9.25
C SER A 27 21.40 -11.75 9.48
N ILE A 28 20.56 -11.31 10.38
CA ILE A 28 20.49 -9.86 10.70
C ILE A 28 21.37 -9.63 11.93
N PRO A 29 22.42 -8.84 11.78
CA PRO A 29 23.38 -8.63 12.90
C PRO A 29 22.75 -7.89 14.09
N LYS A 30 23.12 -8.30 15.28
CA LYS A 30 22.59 -7.68 16.53
C LYS A 30 22.80 -6.16 16.51
N ASP A 31 21.84 -5.41 17.04
CA ASP A 31 21.94 -3.90 17.10
C ASP A 31 21.71 -3.24 15.72
N SER A 32 21.66 -4.00 14.66
CA SER A 32 21.43 -3.39 13.32
C SER A 32 19.96 -3.00 13.18
N LEU A 33 19.66 -2.04 12.35
CA LEU A 33 18.25 -1.63 12.18
C LEU A 33 17.51 -2.65 11.31
N ARG A 34 16.48 -3.26 11.85
CA ARG A 34 15.71 -4.27 11.07
C ARG A 34 14.22 -3.95 11.13
N MET A 35 13.47 -4.41 10.16
CA MET A 35 12.01 -4.13 10.16
C MET A 35 11.24 -5.44 9.94
N ALA A 36 10.04 -5.52 10.43
CA ALA A 36 9.26 -6.78 10.26
C ALA A 36 7.79 -6.52 10.06
N ILE A 37 7.14 -7.40 9.34
CA ILE A 37 5.66 -7.27 9.14
C ILE A 37 4.98 -8.19 10.18
N MET A 38 4.25 -7.62 11.08
CA MET A 38 3.61 -8.45 12.16
C MET A 38 2.55 -9.41 11.60
N VAL A 39 2.45 -10.57 12.20
CA VAL A 39 1.43 -11.57 11.74
C VAL A 39 0.87 -12.31 12.96
N GLN A 40 -0.41 -12.52 13.01
CA GLN A 40 -1.01 -13.24 14.18
C GLN A 40 -0.80 -14.75 14.03
N SER A 41 -0.38 -15.40 15.08
CA SER A 41 -0.15 -16.88 14.99
C SER A 41 -1.39 -17.64 15.49
N PRO A 42 -1.81 -18.62 14.72
CA PRO A 42 -3.00 -19.42 15.10
C PRO A 42 -2.62 -20.53 16.08
N MET A 43 -1.37 -20.67 16.40
CA MET A 43 -0.94 -21.74 17.35
C MET A 43 -0.84 -21.20 18.78
N PHE A 44 -0.81 -19.90 18.93
CA PHE A 44 -0.70 -19.31 20.30
C PHE A 44 -0.99 -17.81 20.25
N ASP A 45 -1.51 -17.27 21.33
CA ASP A 45 -1.80 -15.80 21.35
C ASP A 45 -0.49 -15.02 21.26
N GLY A 46 -0.37 -14.16 20.27
CA GLY A 46 0.89 -13.37 20.11
C GLY A 46 1.19 -13.22 18.62
N LYS A 47 1.89 -12.18 18.24
CA LYS A 47 2.19 -11.99 16.80
C LYS A 47 3.63 -12.38 16.48
N VAL A 48 3.84 -13.06 15.38
CA VAL A 48 5.22 -13.47 14.99
C VAL A 48 5.78 -12.45 13.99
N PRO A 49 6.98 -11.99 14.22
CA PRO A 49 7.55 -10.99 13.32
C PRO A 49 8.35 -11.63 12.20
N HIS A 50 8.09 -11.25 10.98
CA HIS A 50 8.91 -11.75 9.84
C HIS A 50 9.98 -10.66 9.64
N TRP A 51 11.18 -10.87 10.13
CA TRP A 51 12.21 -9.80 10.05
C TRP A 51 12.95 -9.75 8.72
N TYR A 52 13.44 -8.57 8.43
CA TYR A 52 14.20 -8.32 7.17
C TYR A 52 15.26 -7.25 7.45
N HIS A 53 16.36 -7.25 6.74
CA HIS A 53 17.34 -6.15 6.92
C HIS A 53 16.61 -4.88 6.45
N PHE A 54 16.98 -3.72 6.94
CA PHE A 54 16.24 -2.47 6.53
C PHE A 54 15.98 -2.40 5.02
N SER A 55 16.99 -2.56 4.21
CA SER A 55 16.81 -2.47 2.72
C SER A 55 15.93 -3.61 2.17
N CYS A 56 16.18 -4.84 2.57
CA CYS A 56 15.39 -5.99 2.04
C CYS A 56 13.87 -5.80 2.28
N PHE A 57 13.51 -5.23 3.39
CA PHE A 57 12.04 -5.04 3.71
C PHE A 57 11.28 -4.35 2.57
N TRP A 58 11.90 -3.40 1.88
CA TRP A 58 11.18 -2.66 0.81
C TRP A 58 11.26 -3.39 -0.55
N LYS A 59 12.19 -4.29 -0.69
CA LYS A 59 12.32 -5.01 -2.00
C LYS A 59 11.34 -6.18 -2.13
N VAL A 60 10.50 -6.41 -1.15
CA VAL A 60 9.53 -7.55 -1.24
C VAL A 60 8.14 -7.08 -1.69
N GLY A 61 7.82 -5.83 -1.47
CA GLY A 61 6.48 -5.33 -1.88
C GLY A 61 5.81 -4.59 -0.73
N HIS A 62 6.39 -4.62 0.45
CA HIS A 62 5.76 -3.89 1.58
C HIS A 62 5.60 -2.42 1.20
N SER A 63 4.77 -1.70 1.92
CA SER A 63 4.61 -0.26 1.61
C SER A 63 4.03 0.50 2.81
N ILE A 64 4.67 1.56 3.21
CA ILE A 64 4.13 2.36 4.35
C ILE A 64 4.16 3.85 4.01
N ARG A 65 3.05 4.51 4.15
CA ARG A 65 3.00 5.97 3.82
C ARG A 65 3.36 6.78 5.06
N HIS A 66 2.90 6.37 6.22
CA HIS A 66 3.20 7.12 7.48
C HIS A 66 3.82 6.18 8.53
N PRO A 67 5.14 6.16 8.58
CA PRO A 67 5.86 5.28 9.54
C PRO A 67 5.50 5.60 11.01
N ASP A 68 5.52 6.86 11.41
CA ASP A 68 5.18 7.22 12.82
C ASP A 68 3.90 6.53 13.35
N VAL A 69 2.90 6.36 12.52
CA VAL A 69 1.62 5.74 13.01
C VAL A 69 1.47 4.26 12.59
N GLU A 70 2.12 3.82 11.54
CA GLU A 70 1.95 2.40 11.08
C GLU A 70 3.06 1.47 11.58
N VAL A 71 4.17 1.99 12.04
CA VAL A 71 5.28 1.09 12.48
C VAL A 71 5.56 1.25 13.99
N ASP A 72 5.33 0.18 14.75
CA ASP A 72 5.60 0.22 16.20
C ASP A 72 7.10 0.34 16.47
N GLY A 73 7.51 1.11 17.46
CA GLY A 73 8.97 1.25 17.77
C GLY A 73 9.60 2.39 16.96
N PHE A 74 8.88 2.97 16.03
CA PHE A 74 9.46 4.08 15.20
C PHE A 74 9.94 5.24 16.08
N SER A 75 9.11 5.71 16.95
CA SER A 75 9.48 6.86 17.82
C SER A 75 10.70 6.57 18.72
N GLU A 76 11.03 5.30 18.99
CA GLU A 76 12.20 5.01 19.84
C GLU A 76 13.50 4.86 19.03
N LEU A 77 13.44 4.97 17.72
CA LEU A 77 14.68 4.85 16.91
C LEU A 77 15.50 6.13 17.05
N ARG A 78 16.78 6.06 16.77
CA ARG A 78 17.60 7.30 16.83
C ARG A 78 17.09 8.27 15.76
N TRP A 79 17.27 9.54 15.95
CA TRP A 79 16.75 10.55 14.97
C TRP A 79 17.10 10.21 13.51
N ASP A 80 18.37 10.04 13.22
CA ASP A 80 18.77 9.72 11.80
C ASP A 80 18.02 8.49 11.26
N ASP A 81 17.85 7.47 12.06
CA ASP A 81 17.12 6.26 11.58
C ASP A 81 15.64 6.60 11.37
N GLN A 82 15.12 7.51 12.15
CA GLN A 82 13.70 7.92 11.98
C GLN A 82 13.55 8.65 10.65
N GLN A 83 14.55 9.42 10.28
CA GLN A 83 14.51 10.15 8.98
C GLN A 83 14.72 9.16 7.84
N LYS A 84 15.65 8.26 8.01
CA LYS A 84 15.91 7.24 6.94
C LYS A 84 14.64 6.43 6.64
N VAL A 85 13.96 5.99 7.68
CA VAL A 85 12.70 5.22 7.46
C VAL A 85 11.65 6.15 6.85
N LYS A 86 11.58 7.37 7.32
CA LYS A 86 10.56 8.33 6.79
C LYS A 86 10.81 8.59 5.30
N LYS A 87 12.04 8.81 4.93
CA LYS A 87 12.35 9.10 3.49
C LYS A 87 12.21 7.83 2.65
N THR A 88 12.70 6.72 3.13
CA THR A 88 12.58 5.45 2.36
C THR A 88 11.10 5.13 2.15
N ALA A 89 10.29 5.41 3.14
CA ALA A 89 8.84 5.13 3.00
C ALA A 89 8.26 6.00 1.89
N GLU A 90 8.60 7.26 1.86
CA GLU A 90 8.06 8.17 0.78
C GLU A 90 8.49 7.68 -0.61
N ALA A 91 9.78 7.49 -0.80
CA ALA A 91 10.27 7.03 -2.13
C ALA A 91 9.55 5.74 -2.55
N GLY A 92 9.87 5.22 -3.71
CA GLY A 92 9.20 3.97 -4.17
C GLY A 92 9.43 3.80 -5.68
N GLY A 93 8.61 4.42 -6.48
CA GLY A 93 8.77 4.30 -7.96
C GLY A 93 10.06 5.02 -8.39
N VAL A 94 9.92 6.10 -9.12
CA VAL A 94 11.12 6.85 -9.58
C VAL A 94 11.63 7.77 -8.47
N THR A 95 12.91 7.94 -8.35
CA THR A 95 13.47 8.82 -7.29
C THR A 95 13.74 10.23 -7.85
N GLY A 96 13.13 11.24 -7.29
CA GLY A 96 13.36 12.62 -7.78
C GLY A 96 12.11 13.11 -8.54
N LYS A 97 10.96 12.64 -8.16
CA LYS A 97 9.71 13.07 -8.86
C LYS A 97 8.51 12.99 -7.90
N GLY A 98 8.75 13.15 -6.62
CA GLY A 98 7.64 13.08 -5.64
C GLY A 98 7.91 14.06 -4.50
N GLN A 99 7.27 15.20 -4.51
CA GLN A 99 7.49 16.20 -3.42
C GLN A 99 6.20 16.97 -3.13
N ASP A 100 5.23 16.33 -2.53
CA ASP A 100 3.95 17.02 -2.22
C ASP A 100 3.27 16.36 -1.02
N GLY A 101 3.76 16.61 0.16
CA GLY A 101 3.14 15.99 1.37
C GLY A 101 3.72 16.64 2.62
N ILE A 102 3.32 17.85 2.93
CA ILE A 102 3.84 18.54 4.14
C ILE A 102 2.74 18.69 5.18
N GLY A 103 1.52 18.83 4.75
CA GLY A 103 0.39 18.98 5.71
C GLY A 103 -0.26 17.62 5.95
N SER A 104 -1.52 17.49 5.65
CA SER A 104 -2.22 16.19 5.86
C SER A 104 -3.20 15.92 4.71
N LYS A 105 -2.73 15.98 3.49
CA LYS A 105 -3.65 15.72 2.34
C LYS A 105 -3.08 14.59 1.47
N ALA A 106 -3.63 14.42 0.29
CA ALA A 106 -3.13 13.34 -0.61
C ALA A 106 -1.68 13.60 -1.00
N GLU A 107 -1.14 12.82 -1.90
CA GLU A 107 0.28 13.02 -2.33
C GLU A 107 0.39 12.90 -3.85
N LYS A 108 0.12 11.74 -4.38
CA LYS A 108 0.22 11.55 -5.87
C LYS A 108 -0.46 10.24 -6.28
N THR A 109 0.04 9.13 -5.79
CA THR A 109 -0.56 7.82 -6.16
C THR A 109 -0.94 7.05 -4.90
N LEU A 110 -2.17 6.61 -4.80
CA LEU A 110 -2.61 5.85 -3.59
C LEU A 110 -1.89 4.50 -3.54
N GLY A 111 -1.60 4.02 -2.35
CA GLY A 111 -0.89 2.71 -2.24
C GLY A 111 -1.90 1.60 -1.90
N ASP A 112 -3.13 1.93 -1.64
CA ASP A 112 -4.14 0.88 -1.30
C ASP A 112 -5.24 0.79 -2.38
N PHE A 113 -5.11 1.53 -3.45
CA PHE A 113 -6.15 1.48 -4.53
C PHE A 113 -5.48 1.24 -5.89
N ALA A 114 -6.00 0.33 -6.68
CA ALA A 114 -5.35 0.06 -8.00
C ALA A 114 -6.36 -0.17 -9.12
N ALA A 115 -5.91 0.03 -10.32
CA ALA A 115 -6.77 -0.17 -11.53
C ALA A 115 -5.96 -0.91 -12.60
N GLU A 116 -6.49 -1.94 -13.17
CA GLU A 116 -5.74 -2.69 -14.22
C GLU A 116 -6.68 -3.56 -15.04
N TYR A 117 -6.22 -4.05 -16.15
CA TYR A 117 -7.10 -4.95 -16.96
C TYR A 117 -7.02 -6.34 -16.34
N ALA A 118 -8.14 -7.01 -16.19
CA ALA A 118 -8.13 -8.36 -15.54
C ALA A 118 -7.07 -9.28 -16.17
N LYS A 119 -6.05 -9.64 -15.40
CA LYS A 119 -5.00 -10.55 -15.91
C LYS A 119 -5.59 -11.92 -16.24
N SER A 120 -6.75 -12.23 -15.70
CA SER A 120 -7.38 -13.55 -15.99
C SER A 120 -8.90 -13.44 -15.84
N ASN A 121 -9.60 -14.55 -15.81
CA ASN A 121 -11.10 -14.48 -15.69
C ASN A 121 -11.58 -15.23 -14.44
N ARG A 122 -10.69 -15.56 -13.53
CA ARG A 122 -11.13 -16.28 -12.30
C ARG A 122 -11.29 -15.32 -11.11
N SER A 123 -11.07 -14.03 -11.31
CA SER A 123 -11.25 -13.06 -10.19
C SER A 123 -12.75 -12.82 -10.02
N THR A 124 -13.15 -12.14 -8.98
CA THR A 124 -14.61 -11.92 -8.79
C THR A 124 -14.87 -10.54 -8.16
N CYS A 125 -15.77 -9.78 -8.75
CA CYS A 125 -16.11 -8.46 -8.17
C CYS A 125 -16.70 -8.67 -6.76
N LYS A 126 -16.10 -8.09 -5.76
CA LYS A 126 -16.61 -8.27 -4.36
C LYS A 126 -17.81 -7.34 -4.05
N GLY A 127 -18.49 -6.85 -5.07
CA GLY A 127 -19.65 -5.94 -4.83
C GLY A 127 -20.90 -6.68 -5.31
N CYS A 128 -20.82 -7.33 -6.45
CA CYS A 128 -21.97 -8.11 -6.96
C CYS A 128 -21.63 -9.62 -7.03
N MET A 129 -20.43 -10.00 -6.61
CA MET A 129 -20.02 -11.44 -6.65
C MET A 129 -20.04 -12.04 -8.06
N GLU A 130 -20.14 -11.24 -9.08
CA GLU A 130 -20.12 -11.79 -10.47
C GLU A 130 -18.67 -11.86 -10.94
N LYS A 131 -18.34 -12.87 -11.72
CA LYS A 131 -16.92 -13.01 -12.17
C LYS A 131 -16.52 -11.87 -13.12
N ILE A 132 -15.28 -11.44 -13.02
CA ILE A 132 -14.78 -10.40 -13.94
C ILE A 132 -14.11 -11.10 -15.13
N GLU A 133 -14.42 -10.71 -16.35
CA GLU A 133 -13.80 -11.40 -17.53
C GLU A 133 -12.38 -10.89 -17.77
N LYS A 134 -11.50 -11.78 -18.18
CA LYS A 134 -10.10 -11.37 -18.52
C LYS A 134 -10.09 -10.18 -19.52
N GLY A 135 -9.27 -9.19 -19.27
CA GLY A 135 -9.21 -8.03 -20.22
C GLY A 135 -10.10 -6.89 -19.70
N GLN A 136 -11.17 -7.22 -18.99
CA GLN A 136 -12.08 -6.16 -18.47
C GLN A 136 -11.38 -5.29 -17.43
N VAL A 137 -11.64 -4.00 -17.46
CA VAL A 137 -11.02 -3.09 -16.47
C VAL A 137 -11.60 -3.37 -15.08
N ARG A 138 -10.76 -3.47 -14.10
CA ARG A 138 -11.26 -3.72 -12.72
C ARG A 138 -10.53 -2.83 -11.72
N LEU A 139 -11.17 -2.53 -10.63
CA LEU A 139 -10.54 -1.65 -9.59
C LEU A 139 -10.40 -2.44 -8.30
N SER A 140 -9.55 -2.01 -7.39
CA SER A 140 -9.43 -2.79 -6.13
C SER A 140 -9.00 -1.95 -4.94
N LYS A 141 -9.48 -2.33 -3.78
CA LYS A 141 -9.11 -1.65 -2.52
C LYS A 141 -8.21 -2.60 -1.72
N LYS A 142 -6.93 -2.40 -1.78
CA LYS A 142 -5.99 -3.30 -1.04
C LYS A 142 -6.36 -3.44 0.44
N MET A 143 -6.30 -4.63 0.95
CA MET A 143 -6.63 -4.85 2.39
C MET A 143 -5.85 -6.07 2.90
N VAL A 144 -5.56 -6.11 4.17
CA VAL A 144 -4.79 -7.27 4.72
C VAL A 144 -5.72 -8.23 5.44
N ASP A 145 -5.46 -9.52 5.33
CA ASP A 145 -6.32 -10.51 6.02
C ASP A 145 -5.60 -11.02 7.27
N PRO A 146 -6.26 -10.96 8.40
CA PRO A 146 -5.64 -11.42 9.67
C PRO A 146 -5.43 -12.94 9.63
N GLU A 147 -6.15 -13.62 8.77
CA GLU A 147 -6.00 -15.10 8.67
C GLU A 147 -4.79 -15.44 7.78
N LYS A 148 -4.47 -14.56 6.86
CA LYS A 148 -3.30 -14.81 5.97
C LYS A 148 -2.36 -13.60 6.01
N PRO A 149 -1.66 -13.47 7.11
CA PRO A 149 -0.74 -12.31 7.30
C PRO A 149 0.50 -12.43 6.39
N GLN A 150 0.87 -13.61 6.01
CA GLN A 150 2.07 -13.77 5.12
C GLN A 150 1.82 -13.12 3.75
N LEU A 151 0.58 -12.93 3.39
CA LEU A 151 0.27 -12.30 2.06
C LEU A 151 0.42 -10.79 2.13
N GLY A 152 -0.11 -10.17 3.16
CA GLY A 152 0.00 -8.69 3.28
C GLY A 152 -1.14 -8.01 2.52
N MET A 153 -0.91 -6.83 2.02
CA MET A 153 -1.98 -6.10 1.27
C MET A 153 -2.47 -6.92 0.07
N ILE A 154 -3.66 -7.43 0.13
CA ILE A 154 -4.20 -8.22 -1.01
C ILE A 154 -5.27 -7.40 -1.75
N ASP A 155 -5.34 -7.51 -3.04
CA ASP A 155 -6.35 -6.71 -3.79
C ASP A 155 -7.77 -7.28 -3.67
N ARG A 156 -8.71 -6.43 -3.37
CA ARG A 156 -10.14 -6.83 -3.32
C ARG A 156 -10.71 -6.23 -4.62
N TRP A 157 -10.96 -7.04 -5.62
CA TRP A 157 -11.39 -6.48 -6.94
C TRP A 157 -12.88 -6.16 -7.04
N TYR A 158 -13.19 -5.29 -7.98
CA TYR A 158 -14.58 -4.86 -8.22
C TYR A 158 -14.71 -4.33 -9.64
N HIS A 159 -15.91 -4.29 -10.17
CA HIS A 159 -16.09 -3.65 -11.50
C HIS A 159 -16.02 -2.15 -11.20
N PRO A 160 -15.57 -1.35 -12.13
CA PRO A 160 -15.47 0.12 -11.85
C PRO A 160 -16.82 0.68 -11.36
N GLY A 161 -17.90 0.29 -11.99
CA GLY A 161 -19.25 0.78 -11.53
C GLY A 161 -19.51 0.28 -10.10
N CYS A 162 -19.36 -1.00 -9.87
CA CYS A 162 -19.59 -1.55 -8.49
C CYS A 162 -18.67 -0.84 -7.47
N PHE A 163 -17.43 -0.59 -7.85
CA PHE A 163 -16.48 0.10 -6.93
C PHE A 163 -17.01 1.50 -6.59
N VAL A 164 -17.47 2.23 -7.58
CA VAL A 164 -17.96 3.60 -7.33
C VAL A 164 -19.18 3.55 -6.40
N LYS A 165 -20.04 2.59 -6.56
CA LYS A 165 -21.25 2.51 -5.67
C LYS A 165 -20.84 2.40 -4.19
N ASN A 166 -19.76 1.72 -3.92
CA ASN A 166 -19.29 1.56 -2.49
C ASN A 166 -18.05 2.44 -2.21
N ARG A 167 -17.89 3.54 -2.91
CA ARG A 167 -16.68 4.40 -2.68
C ARG A 167 -16.53 4.79 -1.21
N GLU A 168 -17.61 5.06 -0.54
CA GLU A 168 -17.51 5.47 0.90
C GLU A 168 -16.99 4.34 1.78
N GLU A 169 -17.64 3.20 1.75
CA GLU A 169 -17.19 2.06 2.61
C GLU A 169 -15.81 1.58 2.21
N LEU A 170 -15.44 1.74 0.97
CA LEU A 170 -14.09 1.29 0.52
C LEU A 170 -13.01 2.32 0.89
N GLY A 171 -13.38 3.40 1.52
CA GLY A 171 -12.36 4.41 1.95
C GLY A 171 -11.86 5.24 0.75
N PHE A 172 -12.62 5.33 -0.31
CA PHE A 172 -12.17 6.14 -1.48
C PHE A 172 -12.73 7.56 -1.33
N ARG A 173 -12.09 8.36 -0.51
CA ARG A 173 -12.56 9.77 -0.24
C ARG A 173 -12.93 10.51 -1.55
N PRO A 174 -13.75 11.54 -1.40
CA PRO A 174 -14.20 12.32 -2.59
C PRO A 174 -13.09 13.21 -3.15
N GLU A 175 -12.03 13.43 -2.41
CA GLU A 175 -10.91 14.28 -2.94
C GLU A 175 -10.02 13.45 -3.89
N TYR A 176 -10.13 12.15 -3.84
CA TYR A 176 -9.30 11.29 -4.72
C TYR A 176 -9.88 11.26 -6.14
N SER A 177 -9.01 11.19 -7.12
CA SER A 177 -9.46 11.14 -8.54
C SER A 177 -8.95 9.85 -9.18
N ALA A 178 -9.49 9.49 -10.31
CA ALA A 178 -9.04 8.22 -11.00
C ALA A 178 -7.53 8.23 -11.25
N SER A 179 -6.96 9.38 -11.50
CA SER A 179 -5.49 9.45 -11.79
C SER A 179 -4.62 8.98 -10.60
N GLN A 180 -5.20 8.86 -9.43
CA GLN A 180 -4.38 8.43 -8.25
C GLN A 180 -4.37 6.89 -8.07
N LEU A 181 -5.13 6.17 -8.85
CA LEU A 181 -5.16 4.68 -8.70
C LEU A 181 -3.83 4.06 -9.14
N LYS A 182 -3.30 3.15 -8.36
CA LYS A 182 -2.02 2.48 -8.74
C LYS A 182 -2.22 1.69 -10.04
N GLY A 183 -1.49 2.03 -11.09
CA GLY A 183 -1.64 1.29 -12.39
C GLY A 183 -2.42 2.14 -13.41
N PHE A 184 -2.97 3.25 -12.99
CA PHE A 184 -3.76 4.12 -13.94
C PHE A 184 -2.97 4.43 -15.21
N SER A 185 -1.78 4.91 -15.06
CA SER A 185 -0.94 5.30 -16.24
C SER A 185 -0.83 4.20 -17.31
N LEU A 186 -1.00 2.94 -16.95
CA LEU A 186 -0.86 1.84 -17.98
C LEU A 186 -2.17 1.56 -18.74
N LEU A 187 -3.20 2.35 -18.52
CA LEU A 187 -4.49 2.10 -19.23
C LEU A 187 -4.57 2.92 -20.52
N ALA A 188 -5.25 2.39 -21.50
CA ALA A 188 -5.40 3.14 -22.79
C ALA A 188 -6.13 4.47 -22.52
N THR A 189 -5.86 5.48 -23.29
CA THR A 189 -6.54 6.82 -23.08
C THR A 189 -8.05 6.66 -22.87
N GLU A 190 -8.69 5.89 -23.71
CA GLU A 190 -10.19 5.69 -23.59
C GLU A 190 -10.54 5.18 -22.18
N ASP A 191 -9.85 4.17 -21.73
CA ASP A 191 -10.14 3.61 -20.38
C ASP A 191 -9.87 4.66 -19.29
N LYS A 192 -8.81 5.44 -19.44
CA LYS A 192 -8.48 6.47 -18.42
C LYS A 192 -9.58 7.53 -18.35
N GLU A 193 -10.11 7.92 -19.48
CA GLU A 193 -11.18 8.96 -19.49
C GLU A 193 -12.44 8.44 -18.79
N ALA A 194 -12.83 7.22 -19.07
CA ALA A 194 -14.04 6.64 -18.42
C ALA A 194 -13.90 6.68 -16.90
N LEU A 195 -12.74 6.38 -16.39
CA LEU A 195 -12.53 6.39 -14.92
C LEU A 195 -12.58 7.83 -14.39
N LYS A 196 -11.78 8.72 -14.95
CA LYS A 196 -11.80 10.15 -14.50
C LYS A 196 -13.24 10.68 -14.51
N LYS A 197 -14.05 10.15 -15.38
CA LYS A 197 -15.48 10.59 -15.47
C LYS A 197 -16.26 10.19 -14.21
N GLN A 198 -16.08 8.98 -13.75
CA GLN A 198 -16.84 8.52 -12.54
C GLN A 198 -16.12 8.93 -11.24
N LEU A 199 -14.82 9.05 -11.28
CA LEU A 199 -14.07 9.49 -10.06
C LEU A 199 -13.31 10.78 -10.41
N PRO A 200 -14.05 11.87 -10.42
CA PRO A 200 -13.46 13.19 -10.78
C PRO A 200 -12.55 13.73 -9.67
N GLY A 201 -12.95 13.59 -8.44
CA GLY A 201 -12.11 14.10 -7.33
C GLY A 201 -12.28 15.62 -7.22
N VAL A 202 -11.45 16.27 -6.45
CA VAL A 202 -11.57 17.76 -6.33
C VAL A 202 -10.18 18.38 -6.13
N LYS A 203 -10.12 19.66 -5.91
CA LYS A 203 -8.79 20.32 -5.71
C LYS A 203 -8.97 21.74 -5.15
N SER A 204 -7.89 22.39 -4.81
CA SER A 204 -8.00 23.78 -4.26
C SER A 204 -6.83 24.63 -4.74
N GLU A 205 -6.76 25.86 -4.31
CA GLU A 205 -5.62 26.73 -4.74
C GLU A 205 -4.29 26.17 -4.24
N GLY A 206 -3.20 26.83 -4.54
CA GLY A 206 -1.87 26.33 -4.08
C GLY A 206 -0.78 27.31 -4.52
N LYS A 207 -0.30 28.11 -3.60
CA LYS A 207 0.77 29.09 -3.96
C LYS A 207 1.59 29.45 -2.72
N ARG A 208 2.34 28.51 -2.21
CA ARG A 208 3.17 28.79 -1.00
C ARG A 208 4.58 28.20 -1.17
N LYS A 209 5.04 28.09 -2.38
CA LYS A 209 6.39 27.54 -2.62
C LYS A 209 7.19 28.44 -3.57
N GLY A 210 8.27 27.95 -4.11
CA GLY A 210 9.08 28.78 -5.05
C GLY A 210 10.40 28.08 -5.35
N ASP A 211 10.34 26.88 -5.88
CA ASP A 211 11.60 26.13 -6.19
C ASP A 211 11.76 26.00 -7.71
N GLU A 212 12.82 26.57 -8.25
CA GLU A 212 13.04 26.47 -9.72
C GLU A 212 14.45 25.98 -10.01
N VAL A 213 14.65 25.34 -11.14
CA VAL A 213 16.01 24.83 -11.48
C VAL A 213 16.27 24.98 -12.98
N ASP A 214 16.34 26.19 -13.47
CA ASP A 214 16.59 26.41 -14.92
C ASP A 214 15.59 25.60 -15.77
ZN ZN C . 18.23 -9.25 3.88
ZN ZN D . -19.53 -6.06 -9.94
N MET A 1 -2.85 -6.19 21.79
CA MET A 1 -4.11 -5.60 22.33
C MET A 1 -3.86 -5.01 23.73
N ALA A 2 -2.70 -4.48 23.96
CA ALA A 2 -2.39 -3.90 25.30
C ALA A 2 -1.51 -2.66 25.15
N GLU A 3 -0.26 -2.84 24.85
CA GLU A 3 0.65 -1.67 24.69
C GLU A 3 0.73 -1.26 23.21
N SER A 4 -0.38 -0.91 22.62
CA SER A 4 -0.38 -0.52 21.18
C SER A 4 0.31 -1.58 20.32
N SER A 5 0.03 -2.83 20.59
CA SER A 5 0.68 -3.92 19.79
C SER A 5 -0.22 -4.33 18.61
N ASP A 6 -1.24 -3.56 18.33
CA ASP A 6 -2.14 -3.89 17.19
C ASP A 6 -1.54 -3.40 15.86
N LYS A 7 -0.46 -2.67 15.91
CA LYS A 7 0.17 -2.17 14.64
C LYS A 7 0.54 -3.35 13.74
N LEU A 8 0.58 -3.15 12.46
CA LEU A 8 0.92 -4.28 11.55
C LEU A 8 2.44 -4.39 11.35
N TYR A 9 3.19 -3.37 11.65
CA TYR A 9 4.67 -3.45 11.44
C TYR A 9 5.45 -3.06 12.70
N ARG A 10 6.69 -3.48 12.77
CA ARG A 10 7.54 -3.15 13.94
C ARG A 10 8.96 -2.80 13.47
N VAL A 11 9.55 -1.82 14.09
CA VAL A 11 10.94 -1.44 13.72
C VAL A 11 11.76 -1.33 15.00
N GLU A 12 12.97 -1.80 14.99
CA GLU A 12 13.80 -1.72 16.22
C GLU A 12 15.23 -2.19 15.95
N TYR A 13 16.11 -1.94 16.88
CA TYR A 13 17.50 -2.40 16.72
C TYR A 13 17.54 -3.88 17.10
N ALA A 14 18.05 -4.71 16.23
CA ALA A 14 18.06 -6.20 16.48
C ALA A 14 18.41 -6.57 17.92
N LYS A 15 17.49 -7.23 18.60
CA LYS A 15 17.75 -7.67 20.01
C LYS A 15 18.80 -8.79 20.00
N SER A 16 18.97 -9.43 18.87
CA SER A 16 19.98 -10.52 18.75
C SER A 16 20.46 -10.59 17.29
N GLY A 17 21.40 -11.46 16.99
CA GLY A 17 21.90 -11.55 15.59
C GLY A 17 21.50 -12.90 15.01
N ARG A 18 20.51 -13.55 15.59
CA ARG A 18 20.07 -14.90 15.11
C ARG A 18 18.89 -14.80 14.13
N ALA A 19 18.20 -13.71 14.08
CA ALA A 19 17.05 -13.59 13.11
C ALA A 19 17.55 -13.62 11.66
N SER A 20 16.81 -14.28 10.79
CA SER A 20 17.21 -14.37 9.37
C SER A 20 16.25 -13.54 8.53
N CYS A 21 16.78 -12.78 7.63
CA CYS A 21 15.92 -11.93 6.76
C CYS A 21 15.00 -12.79 5.90
N LYS A 22 13.72 -12.51 5.91
CA LYS A 22 12.75 -13.34 5.11
C LYS A 22 12.88 -13.06 3.60
N LYS A 23 13.70 -12.11 3.21
CA LYS A 23 13.87 -11.80 1.75
C LYS A 23 15.17 -12.40 1.20
N CYS A 24 16.31 -12.03 1.75
CA CYS A 24 17.61 -12.56 1.24
C CYS A 24 18.16 -13.73 2.07
N SER A 25 17.51 -14.09 3.17
CA SER A 25 17.95 -15.25 4.03
C SER A 25 19.22 -14.98 4.88
N GLU A 26 19.93 -13.89 4.65
CA GLU A 26 21.14 -13.63 5.48
C GLU A 26 20.73 -13.24 6.91
N SER A 27 21.60 -13.46 7.86
CA SER A 27 21.26 -13.13 9.27
C SER A 27 21.21 -11.63 9.50
N ILE A 28 20.38 -11.20 10.41
CA ILE A 28 20.30 -9.75 10.73
C ILE A 28 21.19 -9.50 11.96
N PRO A 29 22.23 -8.71 11.79
CA PRO A 29 23.19 -8.49 12.90
C PRO A 29 22.56 -7.76 14.10
N LYS A 30 22.96 -8.16 15.29
CA LYS A 30 22.41 -7.55 16.54
C LYS A 30 22.61 -6.03 16.53
N ASP A 31 21.66 -5.29 17.06
CA ASP A 31 21.73 -3.77 17.11
C ASP A 31 21.49 -3.12 15.75
N SER A 32 21.44 -3.87 14.68
CA SER A 32 21.19 -3.26 13.35
C SER A 32 19.72 -2.90 13.22
N LEU A 33 19.40 -1.94 12.39
CA LEU A 33 17.97 -1.54 12.22
C LEU A 33 17.25 -2.57 11.36
N ARG A 34 16.22 -3.19 11.90
CA ARG A 34 15.46 -4.21 11.13
C ARG A 34 13.97 -3.90 11.20
N MET A 35 13.22 -4.37 10.25
CA MET A 35 11.76 -4.11 10.25
C MET A 35 11.01 -5.43 10.04
N ALA A 36 9.79 -5.52 10.53
CA ALA A 36 9.04 -6.78 10.37
C ALA A 36 7.55 -6.54 10.18
N ILE A 37 6.91 -7.44 9.49
CA ILE A 37 5.43 -7.35 9.32
C ILE A 37 4.80 -8.27 10.38
N MET A 38 4.09 -7.70 11.32
CA MET A 38 3.48 -8.53 12.41
C MET A 38 2.40 -9.48 11.88
N VAL A 39 2.33 -10.66 12.45
CA VAL A 39 1.30 -11.65 12.03
C VAL A 39 0.76 -12.40 13.25
N GLN A 40 -0.53 -12.65 13.28
CA GLN A 40 -1.11 -13.37 14.45
C GLN A 40 -0.89 -14.88 14.30
N SER A 41 -0.45 -15.53 15.35
CA SER A 41 -0.21 -17.00 15.27
C SER A 41 -1.44 -17.77 15.76
N PRO A 42 -1.86 -18.75 14.99
CA PRO A 42 -3.04 -19.56 15.37
C PRO A 42 -2.64 -20.67 16.36
N MET A 43 -1.39 -20.80 16.67
CA MET A 43 -0.95 -21.86 17.62
C MET A 43 -0.84 -21.32 19.05
N PHE A 44 -0.83 -20.01 19.21
CA PHE A 44 -0.72 -19.43 20.57
C PHE A 44 -1.02 -17.93 20.53
N ASP A 45 -1.54 -17.39 21.61
CA ASP A 45 -1.84 -15.92 21.63
C ASP A 45 -0.53 -15.13 21.52
N GLY A 46 -0.43 -14.29 20.53
CA GLY A 46 0.82 -13.47 20.36
C GLY A 46 1.09 -13.31 18.87
N LYS A 47 1.82 -12.30 18.49
CA LYS A 47 2.11 -12.08 17.05
C LYS A 47 3.54 -12.47 16.70
N VAL A 48 3.74 -13.12 15.57
CA VAL A 48 5.11 -13.52 15.16
C VAL A 48 5.64 -12.51 14.14
N PRO A 49 6.83 -12.02 14.36
CA PRO A 49 7.39 -11.02 13.44
C PRO A 49 8.19 -11.64 12.31
N HIS A 50 7.91 -11.26 11.10
CA HIS A 50 8.73 -11.75 9.95
C HIS A 50 9.78 -10.66 9.74
N TRP A 51 10.99 -10.85 10.23
CA TRP A 51 12.00 -9.78 10.14
C TRP A 51 12.73 -9.71 8.79
N TYR A 52 13.22 -8.53 8.52
CA TYR A 52 13.96 -8.28 7.25
C TYR A 52 15.01 -7.18 7.51
N HIS A 53 16.11 -7.18 6.79
CA HIS A 53 17.08 -6.06 6.96
C HIS A 53 16.34 -4.81 6.51
N PHE A 54 16.70 -3.65 7.00
CA PHE A 54 15.94 -2.40 6.60
C PHE A 54 15.67 -2.33 5.08
N SER A 55 16.68 -2.48 4.26
CA SER A 55 16.47 -2.39 2.78
C SER A 55 15.61 -3.54 2.23
N CYS A 56 15.88 -4.76 2.64
CA CYS A 56 15.09 -5.93 2.10
C CYS A 56 13.57 -5.75 2.36
N PHE A 57 13.21 -5.19 3.47
CA PHE A 57 11.75 -5.01 3.80
C PHE A 57 10.97 -4.33 2.67
N TRP A 58 11.58 -3.37 1.97
CA TRP A 58 10.84 -2.64 0.91
C TRP A 58 10.92 -3.36 -0.45
N LYS A 59 11.85 -4.26 -0.61
CA LYS A 59 11.98 -4.97 -1.92
C LYS A 59 11.02 -6.16 -2.03
N VAL A 60 10.21 -6.41 -1.03
CA VAL A 60 9.26 -7.55 -1.09
C VAL A 60 7.85 -7.08 -1.45
N GLY A 61 7.55 -5.83 -1.23
CA GLY A 61 6.19 -5.32 -1.56
C GLY A 61 5.58 -4.63 -0.34
N HIS A 62 6.20 -4.74 0.80
CA HIS A 62 5.65 -4.05 2.01
C HIS A 62 5.61 -2.55 1.78
N SER A 63 4.56 -1.88 2.19
CA SER A 63 4.50 -0.41 1.96
C SER A 63 3.94 0.32 3.19
N ILE A 64 4.41 1.51 3.45
CA ILE A 64 3.91 2.29 4.61
C ILE A 64 3.89 3.78 4.26
N ARG A 65 2.74 4.40 4.34
CA ARG A 65 2.65 5.85 4.00
C ARG A 65 3.00 6.69 5.23
N HIS A 66 2.52 6.29 6.39
CA HIS A 66 2.81 7.05 7.65
C HIS A 66 3.45 6.12 8.69
N PRO A 67 4.76 6.11 8.72
CA PRO A 67 5.50 5.24 9.69
C PRO A 67 5.15 5.55 11.16
N ASP A 68 5.16 6.81 11.56
CA ASP A 68 4.83 7.17 12.97
C ASP A 68 3.56 6.47 13.50
N VAL A 69 2.55 6.29 12.68
CA VAL A 69 1.29 5.65 13.18
C VAL A 69 1.15 4.16 12.76
N GLU A 70 1.80 3.74 11.71
CA GLU A 70 1.64 2.32 11.25
C GLU A 70 2.76 1.39 11.74
N VAL A 71 3.86 1.93 12.19
CA VAL A 71 4.98 1.04 12.64
C VAL A 71 5.28 1.20 14.13
N ASP A 72 5.06 0.13 14.89
CA ASP A 72 5.33 0.18 16.35
C ASP A 72 6.85 0.31 16.60
N GLY A 73 7.25 1.08 17.59
CA GLY A 73 8.71 1.24 17.88
C GLY A 73 9.33 2.39 17.07
N PHE A 74 8.59 2.95 16.15
CA PHE A 74 9.16 4.07 15.32
C PHE A 74 9.63 5.23 16.19
N SER A 75 8.80 5.70 17.07
CA SER A 75 9.17 6.86 17.94
C SER A 75 10.39 6.57 18.83
N GLU A 76 10.73 5.31 19.10
CA GLU A 76 11.92 5.03 19.95
C GLU A 76 13.22 4.90 19.13
N LEU A 77 13.14 4.99 17.81
CA LEU A 77 14.37 4.90 16.99
C LEU A 77 15.19 6.18 17.12
N ARG A 78 16.46 6.13 16.83
CA ARG A 78 17.28 7.38 16.89
C ARG A 78 16.75 8.34 15.82
N TRP A 79 16.92 9.62 16.02
CA TRP A 79 16.38 10.63 15.04
C TRP A 79 16.73 10.29 13.58
N ASP A 80 17.99 10.12 13.27
CA ASP A 80 18.39 9.82 11.85
C ASP A 80 17.64 8.58 11.32
N ASP A 81 17.49 7.55 12.11
CA ASP A 81 16.77 6.34 11.64
C ASP A 81 15.28 6.66 11.44
N GLN A 82 14.76 7.57 12.22
CA GLN A 82 13.33 7.96 12.07
C GLN A 82 13.17 8.69 10.73
N GLN A 83 14.16 9.47 10.36
CA GLN A 83 14.08 10.20 9.06
C GLN A 83 14.30 9.22 7.92
N LYS A 84 15.24 8.32 8.08
CA LYS A 84 15.51 7.31 7.01
C LYS A 84 14.25 6.50 6.73
N VAL A 85 13.58 6.03 7.76
CA VAL A 85 12.33 5.25 7.56
C VAL A 85 11.26 6.17 6.95
N LYS A 86 11.18 7.39 7.42
CA LYS A 86 10.16 8.33 6.90
C LYS A 86 10.39 8.61 5.41
N LYS A 87 11.62 8.84 5.02
CA LYS A 87 11.91 9.13 3.59
C LYS A 87 11.76 7.86 2.75
N THR A 88 12.29 6.76 3.23
CA THR A 88 12.17 5.48 2.45
C THR A 88 10.69 5.14 2.25
N ALA A 89 9.89 5.42 3.25
CA ALA A 89 8.42 5.12 3.12
C ALA A 89 7.84 5.99 2.01
N GLU A 90 8.18 7.25 1.99
CA GLU A 90 7.65 8.15 0.92
C GLU A 90 8.12 7.68 -0.46
N ALA A 91 9.40 7.45 -0.60
CA ALA A 91 9.93 7.00 -1.92
C ALA A 91 9.24 5.71 -2.35
N GLY A 92 8.98 5.56 -3.63
CA GLY A 92 8.30 4.32 -4.10
C GLY A 92 7.10 4.68 -4.98
N GLY A 93 6.08 3.87 -4.97
CA GLY A 93 4.87 4.17 -5.80
C GLY A 93 5.08 3.59 -7.21
N VAL A 94 5.46 4.42 -8.14
CA VAL A 94 5.67 3.93 -9.54
C VAL A 94 7.10 3.41 -9.69
N THR A 95 7.30 2.13 -9.53
CA THR A 95 8.68 1.57 -9.65
C THR A 95 8.77 0.65 -10.88
N GLY A 96 8.34 -0.59 -10.75
CA GLY A 96 8.41 -1.53 -11.91
C GLY A 96 9.84 -1.62 -12.43
N LYS A 97 10.01 -1.52 -13.72
CA LYS A 97 11.39 -1.59 -14.30
C LYS A 97 11.79 -0.24 -14.87
N GLY A 98 10.86 0.47 -15.45
CA GLY A 98 11.19 1.80 -16.03
C GLY A 98 10.74 1.85 -17.50
N GLN A 99 9.55 2.34 -17.73
CA GLN A 99 9.05 2.41 -19.15
C GLN A 99 9.51 3.71 -19.80
N ASP A 100 9.08 4.83 -19.29
CA ASP A 100 9.50 6.13 -19.89
C ASP A 100 10.47 6.86 -18.95
N GLY A 101 10.08 7.05 -17.72
CA GLY A 101 10.97 7.74 -16.75
C GLY A 101 10.50 9.18 -16.55
N ILE A 102 9.20 9.40 -16.56
CA ILE A 102 8.68 10.78 -16.37
C ILE A 102 7.94 10.88 -15.03
N GLY A 103 7.25 11.98 -14.81
CA GLY A 103 6.52 12.14 -13.53
C GLY A 103 6.28 13.63 -13.27
N SER A 104 7.30 14.43 -13.34
CA SER A 104 7.15 15.90 -13.11
C SER A 104 6.40 16.15 -11.79
N LYS A 105 5.83 17.32 -11.65
CA LYS A 105 5.08 17.64 -10.40
C LYS A 105 3.58 17.75 -10.68
N ALA A 106 2.88 16.65 -10.67
CA ALA A 106 1.41 16.69 -10.95
C ALA A 106 0.63 16.24 -9.71
N GLU A 107 0.73 14.99 -9.35
CA GLU A 107 -0.01 14.50 -8.15
C GLU A 107 0.75 13.33 -7.51
N LYS A 108 0.08 12.55 -6.69
CA LYS A 108 0.76 11.39 -6.04
C LYS A 108 0.09 10.09 -6.47
N THR A 109 0.42 9.00 -5.82
CA THR A 109 -0.19 7.69 -6.19
C THR A 109 -0.58 6.91 -4.93
N LEU A 110 -1.81 6.50 -4.83
CA LEU A 110 -2.26 5.74 -3.62
C LEU A 110 -1.54 4.38 -3.57
N GLY A 111 -1.25 3.88 -2.41
CA GLY A 111 -0.55 2.58 -2.30
C GLY A 111 -1.56 1.46 -1.97
N ASP A 112 -2.79 1.81 -1.69
CA ASP A 112 -3.80 0.74 -1.37
C ASP A 112 -4.92 0.71 -2.41
N PHE A 113 -4.77 1.43 -3.51
CA PHE A 113 -5.83 1.41 -4.57
C PHE A 113 -5.18 1.17 -5.94
N ALA A 114 -5.72 0.28 -6.73
CA ALA A 114 -5.10 0.01 -8.05
C ALA A 114 -6.12 -0.21 -9.17
N ALA A 115 -5.67 -0.02 -10.39
CA ALA A 115 -6.56 -0.21 -11.57
C ALA A 115 -5.75 -0.94 -12.65
N GLU A 116 -6.31 -1.98 -13.23
CA GLU A 116 -5.57 -2.73 -14.28
C GLU A 116 -6.53 -3.58 -15.09
N TYR A 117 -6.10 -4.07 -16.22
CA TYR A 117 -6.99 -4.95 -17.01
C TYR A 117 -6.92 -6.35 -16.39
N ALA A 118 -8.03 -7.02 -16.24
CA ALA A 118 -8.04 -8.37 -15.60
C ALA A 118 -6.99 -9.30 -16.24
N LYS A 119 -5.97 -9.67 -15.47
CA LYS A 119 -4.93 -10.59 -16.00
C LYS A 119 -5.54 -11.95 -16.33
N SER A 120 -6.69 -12.26 -15.78
CA SER A 120 -7.35 -13.56 -16.06
C SER A 120 -8.87 -13.43 -15.89
N ASN A 121 -9.57 -14.53 -15.88
CA ASN A 121 -11.06 -14.46 -15.73
C ASN A 121 -11.55 -15.20 -14.48
N ARG A 122 -10.65 -15.54 -13.57
CA ARG A 122 -11.09 -16.26 -12.34
C ARG A 122 -11.22 -15.30 -11.15
N SER A 123 -10.99 -14.02 -11.36
CA SER A 123 -11.15 -13.05 -10.24
C SER A 123 -12.64 -12.79 -10.04
N THR A 124 -13.03 -12.11 -9.00
CA THR A 124 -14.49 -11.88 -8.79
C THR A 124 -14.72 -10.50 -8.16
N CYS A 125 -15.62 -9.72 -8.73
CA CYS A 125 -15.94 -8.41 -8.14
C CYS A 125 -16.53 -8.62 -6.74
N LYS A 126 -15.90 -8.04 -5.73
CA LYS A 126 -16.41 -8.21 -4.33
C LYS A 126 -17.59 -7.28 -4.01
N GLY A 127 -18.27 -6.77 -5.01
CA GLY A 127 -19.42 -5.86 -4.77
C GLY A 127 -20.69 -6.58 -5.24
N CYS A 128 -20.62 -7.22 -6.38
CA CYS A 128 -21.79 -8.00 -6.88
C CYS A 128 -21.47 -9.51 -6.95
N MET A 129 -20.26 -9.91 -6.54
CA MET A 129 -19.86 -11.35 -6.59
C MET A 129 -19.90 -11.94 -8.01
N GLU A 130 -20.01 -11.14 -9.03
CA GLU A 130 -20.01 -11.69 -10.42
C GLU A 130 -18.57 -11.78 -10.90
N LYS A 131 -18.25 -12.78 -11.68
CA LYS A 131 -16.84 -12.93 -12.15
C LYS A 131 -16.44 -11.80 -13.10
N ILE A 132 -15.19 -11.38 -13.02
CA ILE A 132 -14.69 -10.34 -13.94
C ILE A 132 -14.03 -11.05 -15.13
N GLU A 133 -14.36 -10.65 -16.34
CA GLU A 133 -13.75 -11.33 -17.53
C GLU A 133 -12.34 -10.85 -17.79
N LYS A 134 -11.48 -11.74 -18.21
CA LYS A 134 -10.06 -11.33 -18.56
C LYS A 134 -10.05 -10.16 -19.56
N GLY A 135 -9.22 -9.16 -19.32
CA GLY A 135 -9.16 -8.00 -20.26
C GLY A 135 -10.03 -6.86 -19.73
N GLN A 136 -11.10 -7.18 -19.01
CA GLN A 136 -11.99 -6.12 -18.48
C GLN A 136 -11.27 -5.26 -17.44
N VAL A 137 -11.51 -3.97 -17.47
CA VAL A 137 -10.87 -3.06 -16.48
C VAL A 137 -11.44 -3.34 -15.10
N ARG A 138 -10.60 -3.44 -14.11
CA ARG A 138 -11.09 -3.71 -12.73
C ARG A 138 -10.34 -2.82 -11.73
N LEU A 139 -10.97 -2.51 -10.64
CA LEU A 139 -10.31 -1.65 -9.61
C LEU A 139 -10.17 -2.45 -8.31
N SER A 140 -9.32 -2.02 -7.40
CA SER A 140 -9.19 -2.80 -6.16
C SER A 140 -8.73 -1.98 -4.96
N LYS A 141 -9.21 -2.37 -3.81
CA LYS A 141 -8.81 -1.69 -2.55
C LYS A 141 -7.92 -2.66 -1.75
N LYS A 142 -6.63 -2.47 -1.82
CA LYS A 142 -5.69 -3.38 -1.10
C LYS A 142 -6.08 -3.54 0.38
N MET A 143 -6.00 -4.74 0.88
CA MET A 143 -6.34 -4.98 2.33
C MET A 143 -5.57 -6.20 2.82
N VAL A 144 -5.25 -6.24 4.08
CA VAL A 144 -4.50 -7.42 4.61
C VAL A 144 -5.44 -8.38 5.35
N ASP A 145 -5.19 -9.65 5.22
CA ASP A 145 -6.05 -10.65 5.92
C ASP A 145 -5.33 -11.17 7.16
N PRO A 146 -5.99 -11.11 8.30
CA PRO A 146 -5.36 -11.58 9.56
C PRO A 146 -5.17 -13.10 9.51
N GLU A 147 -5.89 -13.77 8.65
CA GLU A 147 -5.76 -15.25 8.55
C GLU A 147 -4.57 -15.58 7.64
N LYS A 148 -4.24 -14.71 6.73
CA LYS A 148 -3.08 -14.96 5.81
C LYS A 148 -2.13 -13.76 5.86
N PRO A 149 -1.42 -13.67 6.96
CA PRO A 149 -0.47 -12.53 7.15
C PRO A 149 0.74 -12.64 6.22
N GLN A 150 1.13 -13.83 5.84
CA GLN A 150 2.31 -13.98 4.94
C GLN A 150 2.05 -13.30 3.59
N LEU A 151 0.81 -13.13 3.22
CA LEU A 151 0.48 -12.48 1.91
C LEU A 151 0.67 -10.96 2.00
N GLY A 152 0.12 -10.34 3.01
CA GLY A 152 0.28 -8.87 3.16
C GLY A 152 -0.88 -8.15 2.44
N MET A 153 -0.61 -7.02 1.87
CA MET A 153 -1.68 -6.25 1.16
C MET A 153 -2.20 -7.05 -0.05
N ILE A 154 -3.39 -7.56 0.04
CA ILE A 154 -3.96 -8.32 -1.12
C ILE A 154 -5.03 -7.48 -1.82
N ASP A 155 -5.11 -7.58 -3.12
CA ASP A 155 -6.13 -6.77 -3.85
C ASP A 155 -7.55 -7.33 -3.73
N ARG A 156 -8.47 -6.47 -3.42
CA ARG A 156 -9.91 -6.85 -3.36
C ARG A 156 -10.48 -6.24 -4.64
N TRP A 157 -10.76 -7.04 -5.64
CA TRP A 157 -11.20 -6.48 -6.95
C TRP A 157 -12.69 -6.13 -7.04
N TYR A 158 -12.98 -5.27 -7.98
CA TYR A 158 -14.38 -4.82 -8.20
C TYR A 158 -14.51 -4.28 -9.62
N HIS A 159 -15.72 -4.23 -10.14
CA HIS A 159 -15.91 -3.59 -11.45
C HIS A 159 -15.82 -2.09 -11.16
N PRO A 160 -15.37 -1.29 -12.09
CA PRO A 160 -15.25 0.18 -11.81
C PRO A 160 -16.59 0.75 -11.31
N GLY A 161 -17.69 0.38 -11.92
CA GLY A 161 -19.01 0.87 -11.45
C GLY A 161 -19.26 0.38 -10.02
N CYS A 162 -19.13 -0.91 -9.79
CA CYS A 162 -19.35 -1.46 -8.42
C CYS A 162 -18.42 -0.76 -7.41
N PHE A 163 -17.18 -0.52 -7.79
CA PHE A 163 -16.21 0.15 -6.87
C PHE A 163 -16.72 1.56 -6.52
N VAL A 164 -17.18 2.29 -7.52
CA VAL A 164 -17.65 3.67 -7.25
C VAL A 164 -18.86 3.64 -6.30
N LYS A 165 -19.74 2.68 -6.46
CA LYS A 165 -20.94 2.62 -5.56
C LYS A 165 -20.52 2.50 -4.09
N ASN A 166 -19.45 1.80 -3.82
CA ASN A 166 -18.96 1.64 -2.41
C ASN A 166 -17.71 2.50 -2.14
N ARG A 167 -17.54 3.60 -2.84
CA ARG A 167 -16.32 4.45 -2.62
C ARG A 167 -16.15 4.83 -1.14
N GLU A 168 -17.22 5.10 -0.47
CA GLU A 168 -17.11 5.51 0.97
C GLU A 168 -16.58 4.37 1.85
N GLU A 169 -17.25 3.25 1.83
CA GLU A 169 -16.81 2.10 2.68
C GLU A 169 -15.43 1.60 2.26
N LEU A 170 -15.08 1.77 1.01
CA LEU A 170 -13.74 1.30 0.55
C LEU A 170 -12.63 2.31 0.91
N GLY A 171 -12.99 3.41 1.56
CA GLY A 171 -11.95 4.39 1.97
C GLY A 171 -11.46 5.23 0.77
N PHE A 172 -12.23 5.32 -0.28
CA PHE A 172 -11.78 6.14 -1.45
C PHE A 172 -12.33 7.56 -1.29
N ARG A 173 -11.67 8.35 -0.47
CA ARG A 173 -12.13 9.76 -0.21
C ARG A 173 -12.50 10.51 -1.50
N PRO A 174 -13.30 11.55 -1.35
CA PRO A 174 -13.76 12.34 -2.53
C PRO A 174 -12.64 13.22 -3.09
N GLU A 175 -11.57 13.42 -2.37
CA GLU A 175 -10.46 14.26 -2.91
C GLU A 175 -9.59 13.43 -3.87
N TYR A 176 -9.70 12.13 -3.82
CA TYR A 176 -8.89 11.26 -4.72
C TYR A 176 -9.48 11.24 -6.12
N SER A 177 -8.63 11.17 -7.11
CA SER A 177 -9.09 11.13 -8.52
C SER A 177 -8.59 9.84 -9.17
N ALA A 178 -9.15 9.48 -10.31
CA ALA A 178 -8.73 8.22 -10.99
C ALA A 178 -7.21 8.20 -11.26
N SER A 179 -6.63 9.34 -11.51
CA SER A 179 -5.17 9.40 -11.82
C SER A 179 -4.30 8.92 -10.64
N GLN A 180 -4.86 8.80 -9.47
CA GLN A 180 -4.04 8.36 -8.29
C GLN A 180 -4.04 6.83 -8.13
N LEU A 181 -4.82 6.12 -8.89
CA LEU A 181 -4.85 4.63 -8.75
C LEU A 181 -3.54 4.00 -9.20
N LYS A 182 -3.02 3.07 -8.44
CA LYS A 182 -1.74 2.40 -8.84
C LYS A 182 -1.96 1.61 -10.12
N GLY A 183 -1.25 1.94 -11.18
CA GLY A 183 -1.42 1.21 -12.47
C GLY A 183 -2.19 2.07 -13.49
N PHE A 184 -2.73 3.18 -13.06
CA PHE A 184 -3.51 4.06 -14.00
C PHE A 184 -2.74 4.37 -15.28
N SER A 185 -1.55 4.84 -15.15
CA SER A 185 -0.71 5.22 -16.33
C SER A 185 -0.63 4.12 -17.41
N LEU A 186 -0.80 2.87 -17.05
CA LEU A 186 -0.69 1.77 -18.08
C LEU A 186 -2.01 1.51 -18.83
N LEU A 187 -3.02 2.30 -18.60
CA LEU A 187 -4.32 2.07 -19.29
C LEU A 187 -4.40 2.90 -20.57
N ALA A 188 -5.10 2.38 -21.56
CA ALA A 188 -5.25 3.13 -22.84
C ALA A 188 -5.97 4.46 -22.55
N THR A 189 -5.70 5.47 -23.33
CA THR A 189 -6.36 6.82 -23.10
C THR A 189 -7.87 6.68 -22.89
N GLU A 190 -8.53 5.91 -23.73
CA GLU A 190 -10.01 5.73 -23.58
C GLU A 190 -10.37 5.21 -22.18
N ASP A 191 -9.69 4.20 -21.74
CA ASP A 191 -9.98 3.64 -20.38
C ASP A 191 -9.67 4.68 -19.29
N LYS A 192 -8.62 5.44 -19.45
CA LYS A 192 -8.26 6.47 -18.42
C LYS A 192 -9.35 7.55 -18.35
N GLU A 193 -9.88 7.95 -19.47
CA GLU A 193 -10.94 8.99 -19.46
C GLU A 193 -12.19 8.48 -18.74
N ALA A 194 -12.60 7.27 -19.04
CA ALA A 194 -13.82 6.70 -18.38
C ALA A 194 -13.66 6.74 -16.85
N LEU A 195 -12.49 6.43 -16.36
CA LEU A 195 -12.27 6.43 -14.89
C LEU A 195 -12.30 7.87 -14.35
N LYS A 196 -11.50 8.75 -14.93
CA LYS A 196 -11.50 10.17 -14.47
C LYS A 196 -12.94 10.73 -14.45
N LYS A 197 -13.76 10.21 -15.32
CA LYS A 197 -15.18 10.67 -15.40
C LYS A 197 -15.96 10.27 -14.13
N GLN A 198 -15.78 9.05 -13.68
CA GLN A 198 -16.54 8.59 -12.46
C GLN A 198 -15.80 8.99 -11.17
N LEU A 199 -14.50 9.11 -11.22
CA LEU A 199 -13.73 9.52 -10.01
C LEU A 199 -12.97 10.80 -10.36
N PRO A 200 -13.68 11.91 -10.35
CA PRO A 200 -13.08 13.22 -10.71
C PRO A 200 -12.15 13.74 -9.61
N GLY A 201 -12.55 13.60 -8.37
CA GLY A 201 -11.69 14.10 -7.25
C GLY A 201 -11.84 15.62 -7.13
N VAL A 202 -11.19 16.36 -7.99
CA VAL A 202 -11.30 17.84 -7.92
C VAL A 202 -12.70 18.29 -8.35
N LYS A 203 -13.42 18.95 -7.47
CA LYS A 203 -14.80 19.41 -7.83
C LYS A 203 -14.93 20.91 -7.57
N SER A 204 -16.14 21.41 -7.53
CA SER A 204 -16.35 22.86 -7.29
C SER A 204 -15.73 23.28 -5.95
N GLU A 205 -14.72 24.11 -5.98
CA GLU A 205 -14.08 24.55 -4.70
C GLU A 205 -14.06 26.08 -4.62
N GLY A 206 -13.82 26.61 -3.46
CA GLY A 206 -13.78 28.09 -3.30
C GLY A 206 -14.86 28.53 -2.31
N LYS A 207 -14.50 29.28 -1.32
CA LYS A 207 -15.50 29.74 -0.30
C LYS A 207 -15.92 31.19 -0.60
N ARG A 208 -17.17 31.51 -0.41
CA ARG A 208 -17.62 32.90 -0.67
C ARG A 208 -17.21 33.82 0.49
N LYS A 209 -17.09 33.28 1.67
CA LYS A 209 -16.70 34.12 2.84
C LYS A 209 -15.17 34.25 2.90
N GLY A 210 -14.69 35.37 3.37
CA GLY A 210 -13.21 35.56 3.46
C GLY A 210 -12.91 36.93 4.07
N ASP A 211 -11.97 36.99 4.99
CA ASP A 211 -11.62 38.29 5.63
C ASP A 211 -12.88 38.99 6.16
N GLU A 212 -13.22 38.76 7.40
CA GLU A 212 -14.44 39.41 7.97
C GLU A 212 -14.03 40.58 8.89
N VAL A 213 -13.00 40.40 9.67
CA VAL A 213 -12.55 41.49 10.58
C VAL A 213 -11.18 42.01 10.14
N ASP A 214 -10.86 43.24 10.47
CA ASP A 214 -9.54 43.80 10.07
C ASP A 214 -8.41 43.05 10.79
ZN ZN C . 17.99 -9.17 3.93
ZN ZN D . -19.35 -5.97 -9.86
N MET A 1 -5.31 -8.76 24.12
CA MET A 1 -6.64 -8.08 24.12
C MET A 1 -6.56 -6.77 24.92
N ALA A 2 -5.64 -5.90 24.58
CA ALA A 2 -5.52 -4.62 25.33
C ALA A 2 -4.77 -3.59 24.48
N GLU A 3 -4.92 -3.66 23.18
CA GLU A 3 -4.22 -2.68 22.28
C GLU A 3 -2.71 -2.67 22.60
N SER A 4 -2.12 -3.81 22.79
CA SER A 4 -0.67 -3.86 23.10
C SER A 4 0.15 -3.72 21.81
N SER A 5 -0.30 -4.30 20.74
CA SER A 5 0.44 -4.20 19.45
C SER A 5 -0.46 -4.58 18.28
N ASP A 6 -0.98 -3.61 17.58
CA ASP A 6 -1.88 -3.92 16.42
C ASP A 6 -1.22 -3.47 15.11
N LYS A 7 -0.14 -2.73 15.18
CA LYS A 7 0.53 -2.26 13.93
C LYS A 7 0.88 -3.47 13.05
N LEU A 8 0.96 -3.26 11.76
CA LEU A 8 1.29 -4.39 10.85
C LEU A 8 2.81 -4.54 10.69
N TYR A 9 3.56 -3.52 10.99
CA TYR A 9 5.05 -3.63 10.83
C TYR A 9 5.81 -3.23 12.10
N ARG A 10 7.04 -3.66 12.20
CA ARG A 10 7.87 -3.31 13.38
C ARG A 10 9.29 -2.99 12.93
N VAL A 11 9.89 -2.01 13.54
CA VAL A 11 11.29 -1.65 13.19
C VAL A 11 12.09 -1.52 14.48
N GLU A 12 13.30 -2.01 14.51
CA GLU A 12 14.10 -1.91 15.76
C GLU A 12 15.53 -2.40 15.52
N TYR A 13 16.39 -2.15 16.47
CA TYR A 13 17.78 -2.62 16.33
C TYR A 13 17.79 -4.10 16.75
N ALA A 14 18.31 -4.94 15.91
CA ALA A 14 18.31 -6.43 16.17
C ALA A 14 18.62 -6.79 17.64
N LYS A 15 17.69 -7.42 18.30
CA LYS A 15 17.92 -7.84 19.72
C LYS A 15 18.95 -8.97 19.75
N SER A 16 19.13 -9.63 18.64
CA SER A 16 20.14 -10.73 18.56
C SER A 16 20.64 -10.83 17.11
N GLY A 17 21.58 -11.71 16.84
CA GLY A 17 22.11 -11.84 15.46
C GLY A 17 21.70 -13.20 14.90
N ARG A 18 20.69 -13.81 15.47
CA ARG A 18 20.25 -15.17 15.00
C ARG A 18 19.09 -15.09 13.99
N ALA A 19 18.41 -13.97 13.91
CA ALA A 19 17.28 -13.87 12.92
C ALA A 19 17.81 -13.93 11.47
N SER A 20 17.09 -14.60 10.61
CA SER A 20 17.51 -14.72 9.19
C SER A 20 16.57 -13.89 8.31
N CYS A 21 17.13 -13.15 7.42
CA CYS A 21 16.30 -12.30 6.51
C CYS A 21 15.38 -13.18 5.64
N LYS A 22 14.10 -12.88 5.64
CA LYS A 22 13.14 -13.70 4.83
C LYS A 22 13.30 -13.46 3.32
N LYS A 23 14.15 -12.53 2.92
CA LYS A 23 14.35 -12.23 1.47
C LYS A 23 15.66 -12.87 0.96
N CYS A 24 16.78 -12.49 1.52
CA CYS A 24 18.10 -13.04 1.04
C CYS A 24 18.61 -14.21 1.91
N SER A 25 17.93 -14.54 2.99
CA SER A 25 18.34 -15.69 3.88
C SER A 25 19.60 -15.43 4.75
N GLU A 26 20.32 -14.35 4.52
CA GLU A 26 21.53 -14.08 5.36
C GLU A 26 21.10 -13.67 6.78
N SER A 27 21.94 -13.88 7.76
CA SER A 27 21.58 -13.53 9.15
C SER A 27 21.54 -12.01 9.35
N ILE A 28 20.70 -11.56 10.24
CA ILE A 28 20.62 -10.11 10.53
C ILE A 28 21.49 -9.85 11.77
N PRO A 29 22.54 -9.07 11.62
CA PRO A 29 23.48 -8.84 12.75
C PRO A 29 22.84 -8.08 13.91
N LYS A 30 23.20 -8.46 15.12
CA LYS A 30 22.63 -7.82 16.35
C LYS A 30 22.85 -6.31 16.31
N ASP A 31 21.90 -5.55 16.82
CA ASP A 31 22.00 -4.04 16.84
C ASP A 31 21.78 -3.40 15.47
N SER A 32 21.74 -4.18 14.41
CA SER A 32 21.53 -3.58 13.05
C SER A 32 20.06 -3.20 12.89
N LEU A 33 19.78 -2.26 12.04
CA LEU A 33 18.35 -1.85 11.84
C LEU A 33 17.63 -2.88 10.98
N ARG A 34 16.60 -3.48 11.51
CA ARG A 34 15.85 -4.50 10.74
C ARG A 34 14.35 -4.18 10.78
N MET A 35 13.61 -4.66 9.82
CA MET A 35 12.15 -4.39 9.77
C MET A 35 11.38 -5.69 9.58
N ALA A 36 10.17 -5.77 10.06
CA ALA A 36 9.41 -7.03 9.90
C ALA A 36 7.93 -6.77 9.67
N ILE A 37 7.29 -7.68 8.99
CA ILE A 37 5.81 -7.59 8.77
C ILE A 37 5.15 -8.49 9.84
N MET A 38 4.42 -7.91 10.74
CA MET A 38 3.80 -8.72 11.83
C MET A 38 2.71 -9.66 11.30
N VAL A 39 2.64 -10.86 11.84
CA VAL A 39 1.59 -11.82 11.40
C VAL A 39 1.03 -12.55 12.63
N GLN A 40 -0.26 -12.75 12.68
CA GLN A 40 -0.87 -13.45 13.86
C GLN A 40 -0.65 -14.96 13.73
N SER A 41 -0.26 -15.61 14.79
CA SER A 41 -0.04 -17.08 14.74
C SER A 41 -1.29 -17.83 15.22
N PRO A 42 -1.70 -18.82 14.45
CA PRO A 42 -2.89 -19.61 14.83
C PRO A 42 -2.54 -20.72 15.84
N MET A 43 -1.29 -20.85 16.18
CA MET A 43 -0.89 -21.91 17.15
C MET A 43 -0.79 -21.33 18.57
N PHE A 44 -0.77 -20.03 18.71
CA PHE A 44 -0.68 -19.43 20.07
C PHE A 44 -0.96 -17.92 20.00
N ASP A 45 -1.50 -17.36 21.05
CA ASP A 45 -1.78 -15.89 21.05
C ASP A 45 -0.46 -15.12 20.96
N GLY A 46 -0.34 -14.28 19.96
CA GLY A 46 0.93 -13.50 19.80
C GLY A 46 1.23 -13.36 18.32
N LYS A 47 1.96 -12.35 17.94
CA LYS A 47 2.28 -12.15 16.49
C LYS A 47 3.73 -12.54 16.18
N VAL A 48 3.92 -13.24 15.09
CA VAL A 48 5.32 -13.65 14.71
C VAL A 48 5.86 -12.65 13.69
N PRO A 49 7.06 -12.16 13.92
CA PRO A 49 7.64 -11.19 13.01
C PRO A 49 8.46 -11.84 11.90
N HIS A 50 8.22 -11.48 10.68
CA HIS A 50 9.06 -12.00 9.56
C HIS A 50 10.12 -10.92 9.35
N TRP A 51 11.30 -11.12 9.86
CA TRP A 51 12.35 -10.06 9.78
C TRP A 51 13.10 -10.02 8.45
N TYR A 52 13.60 -8.85 8.16
CA TYR A 52 14.37 -8.62 6.90
C TYR A 52 15.43 -7.54 7.16
N HIS A 53 16.54 -7.56 6.47
CA HIS A 53 17.52 -6.45 6.64
C HIS A 53 16.80 -5.20 6.15
N PHE A 54 17.16 -4.03 6.62
CA PHE A 54 16.43 -2.78 6.19
C PHE A 54 16.19 -2.73 4.67
N SER A 55 17.20 -2.91 3.87
CA SER A 55 17.04 -2.85 2.38
C SER A 55 16.17 -4.00 1.83
N CYS A 56 16.41 -5.22 2.26
CA CYS A 56 15.62 -6.37 1.75
C CYS A 56 14.11 -6.18 1.96
N PHE A 57 13.73 -5.60 3.06
CA PHE A 57 12.27 -5.39 3.35
C PHE A 57 11.51 -4.72 2.19
N TRP A 58 12.14 -3.79 1.49
CA TRP A 58 11.44 -3.07 0.40
C TRP A 58 11.54 -3.81 -0.94
N LYS A 59 12.46 -4.73 -1.06
CA LYS A 59 12.61 -5.46 -2.35
C LYS A 59 11.64 -6.64 -2.47
N VAL A 60 10.80 -6.85 -1.48
CA VAL A 60 9.82 -7.99 -1.54
C VAL A 60 8.44 -7.49 -1.99
N GLY A 61 8.14 -6.24 -1.75
CA GLY A 61 6.80 -5.72 -2.14
C GLY A 61 6.17 -5.01 -0.94
N HIS A 62 6.78 -5.08 0.21
CA HIS A 62 6.21 -4.39 1.40
C HIS A 62 6.19 -2.88 1.15
N SER A 63 5.13 -2.21 1.51
CA SER A 63 5.07 -0.73 1.27
C SER A 63 4.53 0.01 2.49
N ILE A 64 5.04 1.20 2.73
CA ILE A 64 4.56 2.00 3.89
C ILE A 64 4.53 3.49 3.50
N ARG A 65 3.38 4.10 3.57
CA ARG A 65 3.28 5.55 3.20
C ARG A 65 3.61 6.42 4.42
N HIS A 66 3.10 6.05 5.56
CA HIS A 66 3.38 6.82 6.81
C HIS A 66 3.99 5.91 7.88
N PRO A 67 5.30 5.89 7.94
CA PRO A 67 6.01 5.02 8.94
C PRO A 67 5.64 5.35 10.40
N ASP A 68 5.65 6.63 10.77
CA ASP A 68 5.30 7.01 12.17
C ASP A 68 4.01 6.33 12.69
N VAL A 69 3.02 6.15 11.86
CA VAL A 69 1.73 5.53 12.34
C VAL A 69 1.58 4.05 11.95
N GLU A 70 2.25 3.60 10.91
CA GLU A 70 2.08 2.17 10.47
C GLU A 70 3.19 1.24 11.00
N VAL A 71 4.29 1.77 11.46
CA VAL A 71 5.38 0.88 11.95
C VAL A 71 5.65 1.06 13.44
N ASP A 72 5.41 0.01 14.22
CA ASP A 72 5.65 0.08 15.68
C ASP A 72 7.16 0.20 15.96
N GLY A 73 7.55 0.97 16.95
CA GLY A 73 9.01 1.12 17.26
C GLY A 73 9.65 2.26 16.44
N PHE A 74 8.95 2.82 15.50
CA PHE A 74 9.55 3.91 14.66
C PHE A 74 10.01 5.09 15.52
N SER A 75 9.16 5.57 16.37
CA SER A 75 9.53 6.74 17.23
C SER A 75 10.74 6.45 18.15
N GLU A 76 11.05 5.19 18.45
CA GLU A 76 12.21 4.92 19.33
C GLU A 76 13.53 4.76 18.53
N LEU A 77 13.49 4.84 17.22
CA LEU A 77 14.73 4.71 16.42
C LEU A 77 15.55 5.99 16.54
N ARG A 78 16.83 5.92 16.29
CA ARG A 78 17.66 7.15 16.34
C ARG A 78 17.16 8.11 15.24
N TRP A 79 17.34 9.39 15.43
CA TRP A 79 16.84 10.38 14.41
C TRP A 79 17.21 10.01 12.97
N ASP A 80 18.47 9.84 12.69
CA ASP A 80 18.89 9.50 11.29
C ASP A 80 18.14 8.26 10.76
N ASP A 81 17.97 7.26 11.57
CA ASP A 81 17.25 6.03 11.10
C ASP A 81 15.77 6.37 10.87
N GLN A 82 15.24 7.29 11.62
CA GLN A 82 13.82 7.70 11.43
C GLN A 82 13.69 8.40 10.08
N GLN A 83 14.69 9.17 9.71
CA GLN A 83 14.66 9.88 8.41
C GLN A 83 14.89 8.88 7.28
N LYS A 84 15.81 7.97 7.47
CA LYS A 84 16.09 6.93 6.43
C LYS A 84 14.82 6.14 6.13
N VAL A 85 14.14 5.69 7.15
CA VAL A 85 12.88 4.93 6.94
C VAL A 85 11.83 5.84 6.31
N LYS A 86 11.76 7.08 6.75
CA LYS A 86 10.75 8.02 6.19
C LYS A 86 11.02 8.27 4.70
N LYS A 87 12.26 8.48 4.34
CA LYS A 87 12.57 8.74 2.91
C LYS A 87 12.44 7.45 2.09
N THR A 88 12.94 6.36 2.58
CA THR A 88 12.83 5.07 1.84
C THR A 88 11.35 4.74 1.61
N ALA A 89 10.52 5.04 2.59
CA ALA A 89 9.06 4.76 2.44
C ALA A 89 8.51 5.61 1.30
N GLU A 90 8.87 6.87 1.26
CA GLU A 90 8.36 7.77 0.18
C GLU A 90 8.86 7.27 -1.18
N ALA A 91 10.14 7.03 -1.31
CA ALA A 91 10.69 6.55 -2.61
C ALA A 91 9.99 5.25 -3.03
N GLY A 92 8.99 5.35 -3.85
CA GLY A 92 8.27 4.12 -4.31
C GLY A 92 8.72 3.77 -5.73
N GLY A 93 9.62 2.84 -5.86
CA GLY A 93 10.10 2.44 -7.22
C GLY A 93 11.51 3.01 -7.45
N VAL A 94 11.82 4.11 -6.83
CA VAL A 94 13.17 4.71 -7.02
C VAL A 94 14.06 4.42 -5.80
N THR A 95 14.43 3.18 -5.62
CA THR A 95 15.29 2.81 -4.46
C THR A 95 16.62 3.54 -4.55
N GLY A 96 17.09 3.80 -5.74
CA GLY A 96 18.40 4.51 -5.91
C GLY A 96 18.15 6.01 -6.04
N LYS A 97 19.12 6.74 -6.52
CA LYS A 97 18.95 8.21 -6.68
C LYS A 97 19.89 8.74 -7.76
N GLY A 98 19.42 9.66 -8.57
CA GLY A 98 20.29 10.21 -9.65
C GLY A 98 19.58 11.40 -10.30
N GLN A 99 20.19 12.56 -10.27
CA GLN A 99 19.57 13.76 -10.90
C GLN A 99 18.14 13.96 -10.38
N ASP A 100 17.43 14.91 -10.91
CA ASP A 100 16.03 15.15 -10.44
C ASP A 100 15.03 14.51 -11.41
N GLY A 101 13.82 14.33 -10.98
CA GLY A 101 12.80 13.70 -11.87
C GLY A 101 12.67 12.22 -11.53
N ILE A 102 11.50 11.66 -11.71
CA ILE A 102 11.30 10.21 -11.40
C ILE A 102 11.76 9.90 -9.97
N GLY A 103 10.99 10.31 -9.00
CA GLY A 103 11.38 10.05 -7.58
C GLY A 103 10.31 10.58 -6.63
N SER A 104 9.07 10.25 -6.89
CA SER A 104 7.95 10.74 -6.02
C SER A 104 8.05 12.25 -5.83
N LYS A 105 7.51 12.76 -4.75
CA LYS A 105 7.56 14.23 -4.48
C LYS A 105 6.98 15.00 -5.68
N ALA A 106 6.03 14.42 -6.37
CA ALA A 106 5.43 15.11 -7.54
C ALA A 106 3.99 14.61 -7.76
N GLU A 107 3.85 13.42 -8.28
CA GLU A 107 2.48 12.87 -8.52
C GLU A 107 2.00 12.07 -7.30
N LYS A 108 0.79 12.28 -6.88
CA LYS A 108 0.27 11.53 -5.69
C LYS A 108 -0.37 10.21 -6.14
N THR A 109 -0.13 9.16 -5.42
CA THR A 109 -0.71 7.84 -5.80
C THR A 109 -1.11 7.05 -4.54
N LEU A 110 -2.34 6.62 -4.47
CA LEU A 110 -2.79 5.85 -3.27
C LEU A 110 -2.05 4.51 -3.21
N GLY A 111 -1.80 4.01 -2.03
CA GLY A 111 -1.08 2.70 -1.91
C GLY A 111 -2.07 1.58 -1.60
N ASP A 112 -3.31 1.91 -1.31
CA ASP A 112 -4.32 0.85 -0.99
C ASP A 112 -5.42 0.80 -2.05
N PHE A 113 -5.28 1.53 -3.13
CA PHE A 113 -6.33 1.50 -4.20
C PHE A 113 -5.66 1.29 -5.56
N ALA A 114 -6.17 0.39 -6.37
CA ALA A 114 -5.50 0.14 -7.67
C ALA A 114 -6.50 -0.08 -8.82
N ALA A 115 -6.03 0.12 -10.02
CA ALA A 115 -6.87 -0.07 -11.23
C ALA A 115 -6.04 -0.79 -12.29
N GLU A 116 -6.56 -1.83 -12.89
CA GLU A 116 -5.78 -2.56 -13.93
C GLU A 116 -6.70 -3.42 -14.77
N TYR A 117 -6.24 -3.90 -15.89
CA TYR A 117 -7.09 -4.79 -16.71
C TYR A 117 -7.02 -6.19 -16.09
N ALA A 118 -8.13 -6.87 -15.98
CA ALA A 118 -8.12 -8.23 -15.35
C ALA A 118 -7.05 -9.13 -15.97
N LYS A 119 -6.04 -9.51 -15.18
CA LYS A 119 -4.97 -10.39 -15.69
C LYS A 119 -5.55 -11.78 -16.03
N SER A 120 -6.71 -12.09 -15.51
CA SER A 120 -7.34 -13.41 -15.81
C SER A 120 -8.87 -13.31 -15.69
N ASN A 121 -9.56 -14.41 -15.69
CA ASN A 121 -11.05 -14.36 -15.59
C ASN A 121 -11.55 -15.13 -14.35
N ARG A 122 -10.68 -15.46 -13.43
CA ARG A 122 -11.13 -16.19 -12.21
C ARG A 122 -11.31 -15.24 -11.01
N SER A 123 -11.09 -13.95 -11.21
CA SER A 123 -11.29 -12.99 -10.08
C SER A 123 -12.79 -12.77 -9.93
N THR A 124 -13.22 -12.09 -8.89
CA THR A 124 -14.69 -11.88 -8.71
C THR A 124 -14.96 -10.52 -8.08
N CYS A 125 -15.85 -9.75 -8.68
CA CYS A 125 -16.21 -8.44 -8.08
C CYS A 125 -16.82 -8.67 -6.69
N LYS A 126 -16.23 -8.09 -5.67
CA LYS A 126 -16.76 -8.27 -4.29
C LYS A 126 -17.97 -7.36 -3.98
N GLY A 127 -18.64 -6.86 -5.00
CA GLY A 127 -19.81 -5.96 -4.78
C GLY A 127 -21.05 -6.70 -5.28
N CYS A 128 -20.95 -7.34 -6.42
CA CYS A 128 -22.10 -8.12 -6.97
C CYS A 128 -21.74 -9.63 -7.05
N MET A 129 -20.54 -10.01 -6.60
CA MET A 129 -20.11 -11.44 -6.64
C MET A 129 -20.12 -12.04 -8.06
N GLU A 130 -20.21 -11.23 -9.08
CA GLU A 130 -20.17 -11.77 -10.48
C GLU A 130 -18.71 -11.83 -10.93
N LYS A 131 -18.36 -12.82 -11.71
CA LYS A 131 -16.94 -12.95 -12.14
C LYS A 131 -16.52 -11.81 -13.07
N ILE A 132 -15.29 -11.37 -12.95
CA ILE A 132 -14.78 -10.32 -13.86
C ILE A 132 -14.09 -11.00 -15.04
N GLU A 133 -14.39 -10.61 -16.25
CA GLU A 133 -13.75 -11.28 -17.43
C GLU A 133 -12.32 -10.76 -17.66
N LYS A 134 -11.44 -11.64 -18.06
CA LYS A 134 -10.03 -11.21 -18.37
C LYS A 134 -10.01 -10.03 -19.36
N GLY A 135 -9.20 -9.02 -19.10
CA GLY A 135 -9.13 -7.85 -20.02
C GLY A 135 -10.05 -6.73 -19.51
N GLN A 136 -11.12 -7.07 -18.82
CA GLN A 136 -12.05 -6.03 -18.30
C GLN A 136 -11.36 -5.16 -17.24
N VAL A 137 -11.62 -3.87 -17.28
CA VAL A 137 -11.02 -2.97 -16.27
C VAL A 137 -11.63 -3.27 -14.89
N ARG A 138 -10.80 -3.35 -13.89
CA ARG A 138 -11.32 -3.64 -12.52
C ARG A 138 -10.61 -2.75 -11.51
N LEU A 139 -11.26 -2.45 -10.42
CA LEU A 139 -10.65 -1.58 -9.37
C LEU A 139 -10.53 -2.38 -8.08
N SER A 140 -9.70 -1.96 -7.15
CA SER A 140 -9.59 -2.75 -5.90
C SER A 140 -9.18 -1.92 -4.69
N LYS A 141 -9.68 -2.32 -3.55
CA LYS A 141 -9.33 -1.64 -2.27
C LYS A 141 -8.43 -2.57 -1.46
N LYS A 142 -7.15 -2.33 -1.48
CA LYS A 142 -6.18 -3.20 -0.74
C LYS A 142 -6.63 -3.42 0.71
N MET A 143 -6.45 -4.60 1.22
CA MET A 143 -6.86 -4.90 2.62
C MET A 143 -6.04 -6.09 3.14
N VAL A 144 -5.81 -6.16 4.43
CA VAL A 144 -5.02 -7.30 4.97
C VAL A 144 -5.95 -8.28 5.70
N ASP A 145 -5.70 -9.55 5.57
CA ASP A 145 -6.55 -10.57 6.25
C ASP A 145 -5.83 -11.07 7.51
N PRO A 146 -6.50 -11.01 8.63
CA PRO A 146 -5.89 -11.48 9.89
C PRO A 146 -5.69 -12.99 9.85
N GLU A 147 -6.40 -13.67 8.99
CA GLU A 147 -6.25 -15.16 8.89
C GLU A 147 -5.04 -15.50 8.00
N LYS A 148 -4.71 -14.62 7.09
CA LYS A 148 -3.53 -14.86 6.20
C LYS A 148 -2.59 -13.65 6.25
N PRO A 149 -1.90 -13.52 7.35
CA PRO A 149 -0.97 -12.38 7.53
C PRO A 149 0.25 -12.48 6.62
N GLN A 150 0.66 -13.67 6.26
CA GLN A 150 1.85 -13.81 5.36
C GLN A 150 1.59 -13.12 4.00
N LEU A 151 0.34 -13.01 3.63
CA LEU A 151 0.00 -12.35 2.33
C LEU A 151 0.19 -10.83 2.44
N GLY A 152 -0.41 -10.24 3.43
CA GLY A 152 -0.29 -8.76 3.61
C GLY A 152 -1.36 -8.05 2.80
N MET A 153 -1.04 -6.91 2.26
CA MET A 153 -2.03 -6.13 1.45
C MET A 153 -2.58 -6.98 0.29
N ILE A 154 -3.83 -7.39 0.36
CA ILE A 154 -4.40 -8.20 -0.76
C ILE A 154 -5.47 -7.37 -1.49
N ASP A 155 -5.53 -7.48 -2.79
CA ASP A 155 -6.53 -6.67 -3.54
C ASP A 155 -7.95 -7.25 -3.45
N ARG A 156 -8.90 -6.40 -3.16
CA ARG A 156 -10.33 -6.81 -3.15
C ARG A 156 -10.88 -6.21 -4.44
N TRP A 157 -11.11 -7.01 -5.44
CA TRP A 157 -11.52 -6.44 -6.77
C TRP A 157 -13.01 -6.12 -6.89
N TYR A 158 -13.30 -5.26 -7.83
CA TYR A 158 -14.70 -4.83 -8.08
C TYR A 158 -14.82 -4.28 -9.50
N HIS A 159 -16.00 -4.24 -10.05
CA HIS A 159 -16.17 -3.59 -11.37
C HIS A 159 -16.11 -2.09 -11.06
N PRO A 160 -15.65 -1.29 -11.97
CA PRO A 160 -15.56 0.17 -11.68
C PRO A 160 -16.92 0.72 -11.21
N GLY A 161 -18.00 0.34 -11.85
CA GLY A 161 -19.35 0.82 -11.42
C GLY A 161 -19.62 0.30 -10.00
N CYS A 162 -19.47 -0.99 -9.77
CA CYS A 162 -19.71 -1.54 -8.40
C CYS A 162 -18.82 -0.83 -7.37
N PHE A 163 -17.58 -0.58 -7.72
CA PHE A 163 -16.65 0.11 -6.77
C PHE A 163 -17.18 1.50 -6.43
N VAL A 164 -17.63 2.24 -7.43
CA VAL A 164 -18.13 3.61 -7.17
C VAL A 164 -19.36 3.54 -6.25
N LYS A 165 -20.22 2.58 -6.44
CA LYS A 165 -21.44 2.49 -5.57
C LYS A 165 -21.06 2.37 -4.08
N ASN A 166 -19.98 1.69 -3.80
CA ASN A 166 -19.53 1.53 -2.38
C ASN A 166 -18.29 2.40 -2.05
N ARG A 167 -18.13 3.52 -2.75
CA ARG A 167 -16.94 4.37 -2.50
C ARG A 167 -16.80 4.75 -1.01
N GLU A 168 -17.89 5.01 -0.37
CA GLU A 168 -17.83 5.41 1.08
C GLU A 168 -17.31 4.27 1.96
N GLU A 169 -17.95 3.14 1.92
CA GLU A 169 -17.51 1.99 2.78
C GLU A 169 -16.11 1.51 2.39
N LEU A 170 -15.73 1.69 1.15
CA LEU A 170 -14.38 1.24 0.71
C LEU A 170 -13.29 2.27 1.11
N GLY A 171 -13.68 3.35 1.76
CA GLY A 171 -12.68 4.36 2.20
C GLY A 171 -12.16 5.21 1.02
N PHE A 172 -12.91 5.30 -0.05
CA PHE A 172 -12.45 6.13 -1.20
C PHE A 172 -13.01 7.54 -1.05
N ARG A 173 -12.39 8.33 -0.22
CA ARG A 173 -12.88 9.74 0.05
C ARG A 173 -13.23 10.49 -1.26
N PRO A 174 -14.05 11.51 -1.11
CA PRO A 174 -14.49 12.31 -2.30
C PRO A 174 -13.38 13.21 -2.84
N GLU A 175 -12.33 13.42 -2.08
CA GLU A 175 -11.22 14.28 -2.58
C GLU A 175 -10.30 13.47 -3.52
N TYR A 176 -10.41 12.17 -3.48
CA TYR A 176 -9.57 11.32 -4.36
C TYR A 176 -10.11 11.30 -5.80
N SER A 177 -9.23 11.24 -6.76
CA SER A 177 -9.66 11.20 -8.18
C SER A 177 -9.13 9.92 -8.82
N ALA A 178 -9.64 9.57 -9.98
CA ALA A 178 -9.19 8.32 -10.66
C ALA A 178 -7.67 8.33 -10.90
N SER A 179 -7.10 9.47 -11.12
CA SER A 179 -5.63 9.56 -11.40
C SER A 179 -4.78 9.09 -10.20
N GLN A 180 -5.37 8.94 -9.03
CA GLN A 180 -4.57 8.51 -7.84
C GLN A 180 -4.56 6.98 -7.68
N LEU A 181 -5.30 6.26 -8.47
CA LEU A 181 -5.31 4.76 -8.34
C LEU A 181 -3.98 4.17 -8.76
N LYS A 182 -3.46 3.23 -7.99
CA LYS A 182 -2.16 2.60 -8.36
C LYS A 182 -2.33 1.81 -9.66
N GLY A 183 -1.61 2.16 -10.69
CA GLY A 183 -1.73 1.43 -12.00
C GLY A 183 -2.49 2.28 -13.03
N PHE A 184 -3.07 3.39 -12.61
CA PHE A 184 -3.83 4.26 -13.56
C PHE A 184 -3.03 4.59 -14.82
N SER A 185 -1.85 5.08 -14.64
CA SER A 185 -0.99 5.48 -15.81
C SER A 185 -0.87 4.38 -16.89
N LEU A 186 -1.04 3.12 -16.55
CA LEU A 186 -0.87 2.04 -17.59
C LEU A 186 -2.18 1.75 -18.36
N LEU A 187 -3.21 2.53 -18.15
CA LEU A 187 -4.48 2.29 -18.88
C LEU A 187 -4.55 3.12 -20.16
N ALA A 188 -5.21 2.60 -21.16
CA ALA A 188 -5.35 3.35 -22.44
C ALA A 188 -6.09 4.66 -22.17
N THR A 189 -5.82 5.70 -22.94
CA THR A 189 -6.50 7.02 -22.71
C THR A 189 -8.02 6.86 -22.54
N GLU A 190 -8.64 6.10 -23.39
CA GLU A 190 -10.13 5.89 -23.29
C GLU A 190 -10.51 5.36 -21.90
N ASP A 191 -9.83 4.35 -21.45
CA ASP A 191 -10.13 3.77 -20.10
C ASP A 191 -9.87 4.81 -18.99
N LYS A 192 -8.83 5.60 -19.13
CA LYS A 192 -8.51 6.63 -18.09
C LYS A 192 -9.62 7.68 -18.03
N GLU A 193 -10.13 8.08 -19.16
CA GLU A 193 -11.21 9.11 -19.18
C GLU A 193 -12.47 8.58 -18.50
N ALA A 194 -12.85 7.36 -18.80
CA ALA A 194 -14.07 6.76 -18.17
C ALA A 194 -13.96 6.80 -16.65
N LEU A 195 -12.79 6.50 -16.13
CA LEU A 195 -12.60 6.50 -14.65
C LEU A 195 -12.67 7.93 -14.12
N LYS A 196 -11.87 8.83 -14.65
CA LYS A 196 -11.91 10.26 -14.19
C LYS A 196 -13.35 10.78 -14.21
N LYS A 197 -14.14 10.25 -15.10
CA LYS A 197 -15.58 10.69 -15.21
C LYS A 197 -16.37 10.27 -13.96
N GLN A 198 -16.19 9.06 -13.50
CA GLN A 198 -16.96 8.58 -12.31
C GLN A 198 -16.26 8.98 -11.00
N LEU A 199 -14.97 9.11 -11.02
CA LEU A 199 -14.24 9.54 -9.79
C LEU A 199 -13.49 10.84 -10.11
N PRO A 200 -14.22 11.93 -10.12
CA PRO A 200 -13.62 13.25 -10.46
C PRO A 200 -12.70 13.76 -9.34
N GLY A 201 -13.12 13.64 -8.12
CA GLY A 201 -12.27 14.13 -6.98
C GLY A 201 -12.42 15.65 -6.86
N VAL A 202 -12.63 16.14 -5.66
CA VAL A 202 -12.79 17.61 -5.47
C VAL A 202 -12.73 17.95 -3.97
N LYS A 203 -12.10 19.04 -3.63
CA LYS A 203 -12.00 19.42 -2.18
C LYS A 203 -13.41 19.59 -1.59
N SER A 204 -13.93 18.56 -0.96
CA SER A 204 -15.29 18.67 -0.36
C SER A 204 -15.20 18.58 1.16
N GLU A 205 -14.37 19.40 1.76
CA GLU A 205 -14.24 19.38 3.25
C GLU A 205 -15.17 20.42 3.87
N GLY A 206 -15.23 20.47 5.18
CA GLY A 206 -16.11 21.46 5.85
C GLY A 206 -16.49 20.96 7.25
N LYS A 207 -15.61 21.12 8.20
CA LYS A 207 -15.91 20.65 9.58
C LYS A 207 -15.73 21.80 10.58
N ARG A 208 -16.55 21.83 11.61
CA ARG A 208 -16.43 22.92 12.61
C ARG A 208 -16.44 24.30 11.94
N LYS A 209 -17.60 24.76 11.52
CA LYS A 209 -17.67 26.09 10.85
C LYS A 209 -17.64 27.22 11.89
N GLY A 210 -16.50 27.84 12.07
CA GLY A 210 -16.40 28.94 13.07
C GLY A 210 -15.65 30.12 12.44
N ASP A 211 -16.04 30.52 11.26
CA ASP A 211 -15.35 31.67 10.60
C ASP A 211 -15.65 32.96 11.35
N GLU A 212 -14.77 33.36 12.23
CA GLU A 212 -15.01 34.63 13.00
C GLU A 212 -13.71 35.43 13.11
N VAL A 213 -13.67 36.40 13.99
CA VAL A 213 -12.44 37.22 14.14
C VAL A 213 -11.76 36.90 15.48
N ASP A 214 -12.53 36.80 16.53
CA ASP A 214 -11.95 36.50 17.87
C ASP A 214 -13.02 35.96 18.82
ZN ZN C . 18.45 -9.61 3.68
ZN ZN D . -19.62 -6.04 -9.88
N MET A 1 -8.49 -10.32 28.95
CA MET A 1 -7.36 -11.12 29.49
C MET A 1 -6.25 -11.26 28.45
N ALA A 2 -6.16 -10.31 27.54
CA ALA A 2 -5.09 -10.38 26.49
C ALA A 2 -4.99 -9.05 25.75
N GLU A 3 -3.86 -8.41 25.82
CA GLU A 3 -3.68 -7.11 25.11
C GLU A 3 -2.31 -7.05 24.45
N SER A 4 -2.21 -6.44 23.30
CA SER A 4 -0.90 -6.36 22.60
C SER A 4 -0.94 -5.31 21.49
N SER A 5 0.17 -5.07 20.85
CA SER A 5 0.22 -4.05 19.75
C SER A 5 -0.72 -4.46 18.62
N ASP A 6 -1.00 -3.56 17.71
CA ASP A 6 -1.91 -3.88 16.58
C ASP A 6 -1.30 -3.42 15.25
N LYS A 7 -0.22 -2.68 15.29
CA LYS A 7 0.41 -2.22 14.02
C LYS A 7 0.79 -3.41 13.16
N LEU A 8 0.85 -3.24 11.87
CA LEU A 8 1.21 -4.39 10.99
C LEU A 8 2.72 -4.51 10.81
N TYR A 9 3.48 -3.48 11.09
CA TYR A 9 4.96 -3.59 10.90
C TYR A 9 5.72 -3.18 12.17
N ARG A 10 6.96 -3.62 12.26
CA ARG A 10 7.79 -3.27 13.44
C ARG A 10 9.21 -2.95 12.98
N VAL A 11 9.81 -1.98 13.60
CA VAL A 11 11.21 -1.60 13.24
C VAL A 11 12.02 -1.48 14.53
N GLU A 12 13.22 -1.97 14.55
CA GLU A 12 14.04 -1.88 15.78
C GLU A 12 15.46 -2.35 15.54
N TYR A 13 16.32 -2.12 16.48
CA TYR A 13 17.72 -2.58 16.34
C TYR A 13 17.73 -4.06 16.75
N ALA A 14 18.26 -4.91 15.90
CA ALA A 14 18.26 -6.39 16.17
C ALA A 14 18.57 -6.75 17.62
N LYS A 15 17.63 -7.38 18.29
CA LYS A 15 17.87 -7.81 19.71
C LYS A 15 18.91 -8.94 19.73
N SER A 16 19.09 -9.60 18.62
CA SER A 16 20.09 -10.69 18.52
C SER A 16 20.59 -10.80 17.07
N GLY A 17 21.52 -11.67 16.80
CA GLY A 17 22.04 -11.79 15.41
C GLY A 17 21.64 -13.16 14.84
N ARG A 18 20.63 -13.78 15.42
CA ARG A 18 20.19 -15.12 14.95
C ARG A 18 19.03 -15.03 13.95
N ALA A 19 18.35 -13.93 13.88
CA ALA A 19 17.21 -13.82 12.89
C ALA A 19 17.72 -13.87 11.44
N SER A 20 17.00 -14.54 10.58
CA SER A 20 17.42 -14.66 9.16
C SER A 20 16.47 -13.83 8.30
N CYS A 21 17.03 -13.08 7.40
CA CYS A 21 16.19 -12.23 6.49
C CYS A 21 15.27 -13.10 5.63
N LYS A 22 13.99 -12.82 5.63
CA LYS A 22 13.02 -13.63 4.83
C LYS A 22 13.18 -13.38 3.31
N LYS A 23 14.01 -12.44 2.92
CA LYS A 23 14.21 -12.15 1.47
C LYS A 23 15.52 -12.78 0.94
N CYS A 24 16.65 -12.41 1.50
CA CYS A 24 17.95 -12.95 1.01
C CYS A 24 18.48 -14.12 1.87
N SER A 25 17.81 -14.46 2.96
CA SER A 25 18.22 -15.62 3.84
C SER A 25 19.49 -15.34 4.71
N GLU A 26 20.19 -14.27 4.48
CA GLU A 26 21.41 -14.00 5.31
C GLU A 26 20.99 -13.59 6.73
N SER A 27 21.84 -13.81 7.70
CA SER A 27 21.48 -13.46 9.11
C SER A 27 21.44 -11.94 9.31
N ILE A 28 20.60 -11.49 10.20
CA ILE A 28 20.53 -10.04 10.50
C ILE A 28 21.40 -9.79 11.74
N PRO A 29 22.45 -9.01 11.58
CA PRO A 29 23.41 -8.78 12.70
C PRO A 29 22.77 -8.02 13.87
N LYS A 30 23.13 -8.41 15.08
CA LYS A 30 22.57 -7.78 16.31
C LYS A 30 22.79 -6.26 16.28
N ASP A 31 21.83 -5.50 16.79
CA ASP A 31 21.93 -3.99 16.83
C ASP A 31 21.71 -3.35 15.44
N SER A 32 21.66 -4.13 14.38
CA SER A 32 21.45 -3.53 13.04
C SER A 32 19.98 -3.14 12.89
N LEU A 33 19.68 -2.21 12.04
CA LEU A 33 18.27 -1.80 11.84
C LEU A 33 17.54 -2.82 10.99
N ARG A 34 16.50 -3.43 11.52
CA ARG A 34 15.75 -4.45 10.76
C ARG A 34 14.25 -4.12 10.80
N MET A 35 13.52 -4.60 9.84
CA MET A 35 12.05 -4.33 9.82
C MET A 35 11.28 -5.64 9.62
N ALA A 36 10.07 -5.71 10.09
CA ALA A 36 9.31 -6.98 9.94
C ALA A 36 7.83 -6.71 9.72
N ILE A 37 7.18 -7.63 9.04
CA ILE A 37 5.70 -7.53 8.85
C ILE A 37 5.06 -8.44 9.92
N MET A 38 4.33 -7.87 10.83
CA MET A 38 3.72 -8.68 11.92
C MET A 38 2.61 -9.60 11.41
N VAL A 39 2.56 -10.80 11.92
CA VAL A 39 1.51 -11.77 11.50
C VAL A 39 0.98 -12.51 12.74
N GLN A 40 -0.31 -12.67 12.85
CA GLN A 40 -0.86 -13.39 14.05
C GLN A 40 -0.70 -14.90 13.88
N SER A 41 -0.29 -15.58 14.91
CA SER A 41 -0.10 -17.05 14.82
C SER A 41 -1.36 -17.79 15.32
N PRO A 42 -1.76 -18.80 14.57
CA PRO A 42 -2.95 -19.59 14.96
C PRO A 42 -2.58 -20.68 15.97
N MET A 43 -1.32 -20.81 16.30
CA MET A 43 -0.91 -21.87 17.27
C MET A 43 -0.81 -21.29 18.69
N PHE A 44 -0.79 -20.00 18.83
CA PHE A 44 -0.69 -19.39 20.18
C PHE A 44 -0.97 -17.89 20.12
N ASP A 45 -1.50 -17.33 21.17
CA ASP A 45 -1.79 -15.86 21.18
C ASP A 45 -0.48 -15.08 21.08
N GLY A 46 -0.36 -14.25 20.08
CA GLY A 46 0.90 -13.47 19.91
C GLY A 46 1.18 -13.31 18.41
N LYS A 47 1.95 -12.32 18.05
CA LYS A 47 2.25 -12.11 16.60
C LYS A 47 3.68 -12.52 16.27
N VAL A 48 3.88 -13.21 15.18
CA VAL A 48 5.26 -13.61 14.77
C VAL A 48 5.79 -12.61 13.74
N PRO A 49 6.99 -12.13 13.96
CA PRO A 49 7.57 -11.14 13.04
C PRO A 49 8.38 -11.80 11.92
N HIS A 50 8.13 -11.43 10.70
CA HIS A 50 8.96 -11.95 9.58
C HIS A 50 10.02 -10.86 9.37
N TRP A 51 11.22 -11.07 9.88
CA TRP A 51 12.25 -10.00 9.80
C TRP A 51 13.00 -9.95 8.46
N TYR A 52 13.50 -8.79 8.16
CA TYR A 52 14.26 -8.55 6.91
C TYR A 52 15.32 -7.47 7.17
N HIS A 53 16.42 -7.49 6.47
CA HIS A 53 17.41 -6.38 6.64
C HIS A 53 16.67 -5.12 6.16
N PHE A 54 17.04 -3.96 6.63
CA PHE A 54 16.31 -2.71 6.21
C PHE A 54 16.06 -2.66 4.69
N SER A 55 17.08 -2.83 3.88
CA SER A 55 16.89 -2.77 2.40
C SER A 55 16.02 -3.91 1.85
N CYS A 56 16.28 -5.13 2.27
CA CYS A 56 15.48 -6.30 1.76
C CYS A 56 13.97 -6.10 1.98
N PHE A 57 13.59 -5.51 3.08
CA PHE A 57 12.13 -5.32 3.38
C PHE A 57 11.37 -4.64 2.22
N TRP A 58 11.99 -3.71 1.52
CA TRP A 58 11.28 -2.98 0.44
C TRP A 58 11.38 -3.72 -0.90
N LYS A 59 12.31 -4.63 -1.03
CA LYS A 59 12.45 -5.36 -2.33
C LYS A 59 11.47 -6.54 -2.44
N VAL A 60 10.65 -6.77 -1.45
CA VAL A 60 9.68 -7.91 -1.50
C VAL A 60 8.28 -7.43 -1.91
N GLY A 61 7.99 -6.17 -1.70
CA GLY A 61 6.63 -5.66 -2.07
C GLY A 61 6.00 -4.94 -0.86
N HIS A 62 6.60 -5.04 0.30
CA HIS A 62 6.03 -4.36 1.50
C HIS A 62 6.05 -2.84 1.27
N SER A 63 5.01 -2.14 1.61
CA SER A 63 4.99 -0.67 1.39
C SER A 63 4.38 0.07 2.58
N ILE A 64 4.87 1.25 2.85
CA ILE A 64 4.33 2.06 3.99
C ILE A 64 4.34 3.54 3.61
N ARG A 65 3.20 4.18 3.66
CA ARG A 65 3.14 5.63 3.30
C ARG A 65 3.48 6.49 4.54
N HIS A 66 2.96 6.11 5.67
CA HIS A 66 3.25 6.88 6.93
C HIS A 66 3.87 5.96 7.99
N PRO A 67 5.18 5.94 8.05
CA PRO A 67 5.89 5.07 9.03
C PRO A 67 5.53 5.41 10.50
N ASP A 68 5.55 6.67 10.88
CA ASP A 68 5.20 7.06 12.28
C ASP A 68 3.91 6.37 12.81
N VAL A 69 2.92 6.19 11.97
CA VAL A 69 1.64 5.57 12.46
C VAL A 69 1.49 4.08 12.06
N GLU A 70 2.15 3.63 11.02
CA GLU A 70 1.98 2.21 10.58
C GLU A 70 3.09 1.28 11.10
N VAL A 71 4.19 1.82 11.56
CA VAL A 71 5.29 0.92 12.02
C VAL A 71 5.57 1.10 13.53
N ASP A 72 5.34 0.05 14.29
CA ASP A 72 5.58 0.11 15.76
C ASP A 72 7.10 0.23 16.03
N GLY A 73 7.49 1.01 17.02
CA GLY A 73 8.95 1.15 17.33
C GLY A 73 9.58 2.28 16.51
N PHE A 74 8.87 2.85 15.57
CA PHE A 74 9.46 3.94 14.73
C PHE A 74 9.93 5.12 15.59
N SER A 75 9.09 5.60 16.46
CA SER A 75 9.46 6.77 17.32
C SER A 75 10.67 6.48 18.24
N GLU A 76 10.99 5.22 18.52
CA GLU A 76 12.16 4.95 19.39
C GLU A 76 13.47 4.79 18.58
N LEU A 77 13.42 4.87 17.27
CA LEU A 77 14.66 4.75 16.47
C LEU A 77 15.49 6.02 16.59
N ARG A 78 16.76 5.96 16.32
CA ARG A 78 17.58 7.20 16.38
C ARG A 78 17.09 8.15 15.28
N TRP A 79 17.26 9.44 15.47
CA TRP A 79 16.75 10.43 14.47
C TRP A 79 17.12 10.07 13.03
N ASP A 80 18.38 9.89 12.73
CA ASP A 80 18.79 9.55 11.33
C ASP A 80 18.05 8.31 10.80
N ASP A 81 17.87 7.30 11.61
CA ASP A 81 17.15 6.09 11.13
C ASP A 81 15.67 6.42 10.92
N GLN A 82 15.14 7.35 11.68
CA GLN A 82 13.72 7.75 11.50
C GLN A 82 13.58 8.46 10.14
N GLN A 83 14.58 9.22 9.77
CA GLN A 83 14.54 9.94 8.47
C GLN A 83 14.77 8.95 7.34
N LYS A 84 15.69 8.04 7.53
CA LYS A 84 15.97 7.01 6.48
C LYS A 84 14.69 6.20 6.18
N VAL A 85 14.02 5.76 7.22
CA VAL A 85 12.76 4.99 7.01
C VAL A 85 11.70 5.91 6.37
N LYS A 86 11.63 7.14 6.82
CA LYS A 86 10.61 8.08 6.27
C LYS A 86 10.88 8.34 4.78
N LYS A 87 12.12 8.55 4.42
CA LYS A 87 12.43 8.81 2.98
C LYS A 87 12.29 7.54 2.16
N THR A 88 12.80 6.44 2.66
CA THR A 88 12.68 5.15 1.90
C THR A 88 11.19 4.82 1.69
N ALA A 89 10.37 5.11 2.66
CA ALA A 89 8.92 4.83 2.52
C ALA A 89 8.36 5.69 1.38
N GLU A 90 8.71 6.95 1.35
CA GLU A 90 8.20 7.84 0.27
C GLU A 90 8.67 7.35 -1.10
N ALA A 91 9.96 7.10 -1.23
CA ALA A 91 10.50 6.62 -2.54
C ALA A 91 9.80 5.32 -2.96
N GLY A 92 10.12 4.22 -2.32
CA GLY A 92 9.47 2.93 -2.68
C GLY A 92 10.41 2.14 -3.61
N GLY A 93 11.10 2.82 -4.47
CA GLY A 93 12.03 2.11 -5.40
C GLY A 93 12.83 3.14 -6.22
N VAL A 94 13.53 4.01 -5.55
CA VAL A 94 14.33 5.05 -6.28
C VAL A 94 15.69 5.24 -5.59
N THR A 95 16.74 4.80 -6.21
CA THR A 95 18.10 4.96 -5.61
C THR A 95 18.94 5.94 -6.41
N GLY A 96 18.68 6.04 -7.70
CA GLY A 96 19.48 6.98 -8.55
C GLY A 96 19.24 6.64 -10.03
N LYS A 97 19.01 5.39 -10.33
CA LYS A 97 18.78 4.99 -11.74
C LYS A 97 17.59 5.76 -12.33
N GLY A 98 17.55 5.93 -13.62
CA GLY A 98 16.41 6.66 -14.25
C GLY A 98 15.74 5.76 -15.28
N GLN A 99 15.65 4.49 -15.00
CA GLN A 99 15.00 3.55 -15.96
C GLN A 99 14.75 2.19 -15.29
N ASP A 100 15.67 1.72 -14.48
CA ASP A 100 15.48 0.42 -13.80
C ASP A 100 14.32 0.51 -12.79
N GLY A 101 13.11 0.41 -13.26
CA GLY A 101 11.94 0.49 -12.34
C GLY A 101 11.54 1.96 -12.16
N ILE A 102 10.27 2.26 -12.30
CA ILE A 102 9.81 3.66 -12.13
C ILE A 102 9.69 4.01 -10.64
N GLY A 103 8.81 3.35 -9.95
CA GLY A 103 8.64 3.63 -8.49
C GLY A 103 7.87 4.94 -8.31
N SER A 104 6.68 4.86 -7.76
CA SER A 104 5.87 6.10 -7.55
C SER A 104 5.75 6.89 -8.86
N LYS A 105 5.15 8.04 -8.82
CA LYS A 105 5.01 8.87 -10.06
C LYS A 105 5.17 10.36 -9.73
N ALA A 106 5.16 11.20 -10.73
CA ALA A 106 5.30 12.66 -10.49
C ALA A 106 4.16 13.16 -9.59
N GLU A 107 3.01 12.56 -9.69
CA GLU A 107 1.86 13.00 -8.85
C GLU A 107 1.65 12.03 -7.68
N LYS A 108 0.82 12.38 -6.74
CA LYS A 108 0.59 11.48 -5.57
C LYS A 108 -0.07 10.18 -6.04
N THR A 109 -0.03 9.15 -5.22
CA THR A 109 -0.65 7.86 -5.61
C THR A 109 -1.06 7.07 -4.37
N LEU A 110 -2.29 6.63 -4.31
CA LEU A 110 -2.75 5.86 -3.12
C LEU A 110 -2.02 4.51 -3.06
N GLY A 111 -1.78 4.01 -1.88
CA GLY A 111 -1.06 2.70 -1.75
C GLY A 111 -2.07 1.57 -1.49
N ASP A 112 -3.31 1.90 -1.23
CA ASP A 112 -4.32 0.83 -0.95
C ASP A 112 -5.42 0.80 -2.04
N PHE A 113 -5.23 1.50 -3.12
CA PHE A 113 -6.25 1.50 -4.21
C PHE A 113 -5.57 1.27 -5.57
N ALA A 114 -6.08 0.37 -6.38
CA ALA A 114 -5.40 0.10 -7.68
C ALA A 114 -6.39 -0.10 -8.83
N ALA A 115 -5.92 0.09 -10.03
CA ALA A 115 -6.76 -0.10 -11.24
C ALA A 115 -5.93 -0.81 -12.30
N GLU A 116 -6.45 -1.86 -12.90
CA GLU A 116 -5.68 -2.59 -13.93
C GLU A 116 -6.61 -3.45 -14.78
N TYR A 117 -6.13 -3.93 -15.90
CA TYR A 117 -6.99 -4.82 -16.72
C TYR A 117 -6.92 -6.22 -16.10
N ALA A 118 -8.05 -6.89 -15.99
CA ALA A 118 -8.04 -8.25 -15.35
C ALA A 118 -6.97 -9.16 -15.97
N LYS A 119 -5.97 -9.53 -15.18
CA LYS A 119 -4.90 -10.43 -15.69
C LYS A 119 -5.48 -11.81 -16.04
N SER A 120 -6.65 -12.12 -15.52
CA SER A 120 -7.28 -13.43 -15.81
C SER A 120 -8.80 -13.32 -15.69
N ASN A 121 -9.51 -14.43 -15.70
CA ASN A 121 -10.99 -14.37 -15.60
C ASN A 121 -11.50 -15.13 -14.37
N ARG A 122 -10.63 -15.46 -13.44
CA ARG A 122 -11.10 -16.20 -12.22
C ARG A 122 -11.27 -15.24 -11.04
N SER A 123 -11.05 -13.95 -11.22
CA SER A 123 -11.25 -13.00 -10.10
C SER A 123 -12.76 -12.76 -9.95
N THR A 124 -13.18 -12.08 -8.91
CA THR A 124 -14.64 -11.87 -8.74
C THR A 124 -14.91 -10.49 -8.11
N CYS A 125 -15.79 -9.73 -8.70
CA CYS A 125 -16.14 -8.42 -8.12
C CYS A 125 -16.77 -8.65 -6.73
N LYS A 126 -16.18 -8.07 -5.70
CA LYS A 126 -16.71 -8.25 -4.32
C LYS A 126 -17.92 -7.33 -4.03
N GLY A 127 -18.58 -6.83 -5.05
CA GLY A 127 -19.75 -5.93 -4.82
C GLY A 127 -20.98 -6.66 -5.33
N CYS A 128 -20.88 -7.30 -6.47
CA CYS A 128 -22.05 -8.08 -7.01
C CYS A 128 -21.69 -9.59 -7.08
N MET A 129 -20.49 -9.98 -6.64
CA MET A 129 -20.07 -11.41 -6.69
C MET A 129 -20.07 -12.00 -8.11
N GLU A 130 -20.16 -11.19 -9.13
CA GLU A 130 -20.12 -11.73 -10.52
C GLU A 130 -18.66 -11.80 -10.97
N LYS A 131 -18.30 -12.79 -11.74
CA LYS A 131 -16.89 -12.93 -12.17
C LYS A 131 -16.47 -11.79 -13.10
N ILE A 132 -15.22 -11.36 -12.98
CA ILE A 132 -14.71 -10.31 -13.88
C ILE A 132 -14.02 -11.00 -15.07
N GLU A 133 -14.31 -10.59 -16.28
CA GLU A 133 -13.68 -11.27 -17.45
C GLU A 133 -12.25 -10.76 -17.68
N LYS A 134 -11.37 -11.64 -18.07
CA LYS A 134 -9.95 -11.22 -18.39
C LYS A 134 -9.93 -10.04 -19.37
N GLY A 135 -9.11 -9.04 -19.11
CA GLY A 135 -9.04 -7.87 -20.03
C GLY A 135 -9.94 -6.74 -19.52
N GLN A 136 -11.02 -7.08 -18.84
CA GLN A 136 -11.95 -6.03 -18.33
C GLN A 136 -11.26 -5.16 -17.26
N VAL A 137 -11.52 -3.88 -17.29
CA VAL A 137 -10.91 -2.96 -16.28
C VAL A 137 -11.52 -3.26 -14.91
N ARG A 138 -10.70 -3.36 -13.90
CA ARG A 138 -11.22 -3.65 -12.54
C ARG A 138 -10.51 -2.75 -11.52
N LEU A 139 -11.17 -2.45 -10.43
CA LEU A 139 -10.55 -1.59 -9.38
C LEU A 139 -10.44 -2.39 -8.10
N SER A 140 -9.62 -1.97 -7.16
CA SER A 140 -9.51 -2.76 -5.91
C SER A 140 -9.10 -1.93 -4.70
N LYS A 141 -9.62 -2.33 -3.57
CA LYS A 141 -9.27 -1.67 -2.29
C LYS A 141 -8.37 -2.61 -1.48
N LYS A 142 -7.10 -2.34 -1.46
CA LYS A 142 -6.15 -3.21 -0.72
C LYS A 142 -6.60 -3.44 0.73
N MET A 143 -6.49 -4.65 1.20
CA MET A 143 -6.91 -4.96 2.61
C MET A 143 -6.10 -6.13 3.14
N VAL A 144 -5.90 -6.22 4.43
CA VAL A 144 -5.12 -7.35 4.99
C VAL A 144 -6.05 -8.34 5.68
N ASP A 145 -5.79 -9.61 5.54
CA ASP A 145 -6.66 -10.63 6.21
C ASP A 145 -5.96 -11.15 7.47
N PRO A 146 -6.65 -11.09 8.58
CA PRO A 146 -6.05 -11.57 9.84
C PRO A 146 -5.85 -13.10 9.79
N GLU A 147 -6.58 -13.76 8.93
CA GLU A 147 -6.42 -15.24 8.81
C GLU A 147 -5.17 -15.57 7.97
N LYS A 148 -4.80 -14.69 7.08
CA LYS A 148 -3.59 -14.94 6.24
C LYS A 148 -2.68 -13.72 6.29
N PRO A 149 -2.00 -13.56 7.40
CA PRO A 149 -1.10 -12.39 7.59
C PRO A 149 0.16 -12.51 6.72
N GLN A 150 0.53 -13.70 6.33
CA GLN A 150 1.75 -13.85 5.48
C GLN A 150 1.55 -13.18 4.12
N LEU A 151 0.32 -13.01 3.70
CA LEU A 151 0.05 -12.37 2.38
C LEU A 151 0.16 -10.84 2.50
N GLY A 152 -0.41 -10.28 3.53
CA GLY A 152 -0.33 -8.81 3.71
C GLY A 152 -1.40 -8.12 2.85
N MET A 153 -1.11 -6.93 2.40
CA MET A 153 -2.08 -6.17 1.55
C MET A 153 -2.58 -7.02 0.38
N ILE A 154 -3.83 -7.42 0.39
CA ILE A 154 -4.37 -8.23 -0.74
C ILE A 154 -5.43 -7.41 -1.49
N ASP A 155 -5.48 -7.51 -2.79
CA ASP A 155 -6.47 -6.70 -3.55
C ASP A 155 -7.90 -7.27 -3.46
N ARG A 156 -8.83 -6.42 -3.17
CA ARG A 156 -10.27 -6.82 -3.16
C ARG A 156 -10.82 -6.21 -4.45
N TRP A 157 -11.05 -7.01 -5.46
CA TRP A 157 -11.46 -6.43 -6.78
C TRP A 157 -12.95 -6.12 -6.92
N TYR A 158 -13.23 -5.25 -7.85
CA TYR A 158 -14.63 -4.81 -8.11
C TYR A 158 -14.73 -4.27 -9.53
N HIS A 159 -15.91 -4.22 -10.08
CA HIS A 159 -16.08 -3.58 -11.40
C HIS A 159 -16.01 -2.08 -11.10
N PRO A 160 -15.55 -1.26 -12.00
CA PRO A 160 -15.46 0.19 -11.72
C PRO A 160 -16.81 0.74 -11.25
N GLY A 161 -17.89 0.37 -11.89
CA GLY A 161 -19.24 0.85 -11.46
C GLY A 161 -19.51 0.34 -10.04
N CYS A 162 -19.38 -0.95 -9.81
CA CYS A 162 -19.63 -1.51 -8.45
C CYS A 162 -18.73 -0.80 -7.40
N PHE A 163 -17.49 -0.55 -7.75
CA PHE A 163 -16.55 0.13 -6.81
C PHE A 163 -17.08 1.52 -6.46
N VAL A 164 -17.52 2.26 -7.46
CA VAL A 164 -18.03 3.64 -7.20
C VAL A 164 -19.25 3.58 -6.30
N LYS A 165 -20.11 2.61 -6.48
CA LYS A 165 -21.34 2.53 -5.61
C LYS A 165 -20.96 2.40 -4.14
N ASN A 166 -19.88 1.73 -3.84
CA ASN A 166 -19.44 1.56 -2.41
C ASN A 166 -18.21 2.43 -2.10
N ARG A 167 -18.03 3.54 -2.78
CA ARG A 167 -16.83 4.40 -2.53
C ARG A 167 -16.70 4.77 -1.05
N GLU A 168 -17.79 5.03 -0.41
CA GLU A 168 -17.73 5.43 1.04
C GLU A 168 -17.21 4.29 1.93
N GLU A 169 -17.86 3.16 1.88
CA GLU A 169 -17.43 2.02 2.74
C GLU A 169 -16.04 1.53 2.35
N LEU A 170 -15.65 1.70 1.12
CA LEU A 170 -14.30 1.25 0.69
C LEU A 170 -13.21 2.28 1.09
N GLY A 171 -13.59 3.36 1.73
CA GLY A 171 -12.58 4.37 2.17
C GLY A 171 -12.07 5.20 1.01
N PHE A 172 -12.81 5.31 -0.07
CA PHE A 172 -12.34 6.13 -1.23
C PHE A 172 -12.90 7.54 -1.08
N ARG A 173 -12.28 8.34 -0.24
CA ARG A 173 -12.76 9.75 0.02
C ARG A 173 -13.10 10.50 -1.27
N PRO A 174 -13.93 11.53 -1.14
CA PRO A 174 -14.36 12.31 -2.32
C PRO A 174 -13.23 13.22 -2.86
N GLU A 175 -12.19 13.43 -2.10
CA GLU A 175 -11.06 14.28 -2.60
C GLU A 175 -10.16 13.46 -3.54
N TYR A 176 -10.26 12.16 -3.50
CA TYR A 176 -9.42 11.31 -4.38
C TYR A 176 -9.96 11.29 -5.81
N SER A 177 -9.10 11.23 -6.77
CA SER A 177 -9.52 11.19 -8.20
C SER A 177 -8.98 9.91 -8.84
N ALA A 178 -9.50 9.56 -9.99
CA ALA A 178 -9.05 8.30 -10.67
C ALA A 178 -7.53 8.30 -10.90
N SER A 179 -6.96 9.45 -11.13
CA SER A 179 -5.48 9.54 -11.39
C SER A 179 -4.64 9.05 -10.19
N GLN A 180 -5.23 8.91 -9.03
CA GLN A 180 -4.44 8.47 -7.84
C GLN A 180 -4.43 6.94 -7.68
N LEU A 181 -5.18 6.23 -8.47
CA LEU A 181 -5.20 4.73 -8.33
C LEU A 181 -3.86 4.12 -8.76
N LYS A 182 -3.35 3.20 -7.98
CA LYS A 182 -2.05 2.55 -8.35
C LYS A 182 -2.23 1.76 -9.65
N GLY A 183 -1.49 2.10 -10.68
CA GLY A 183 -1.61 1.38 -11.99
C GLY A 183 -2.37 2.24 -13.03
N PHE A 184 -2.93 3.34 -12.60
CA PHE A 184 -3.71 4.22 -13.55
C PHE A 184 -2.90 4.54 -14.81
N SER A 185 -1.72 5.03 -14.63
CA SER A 185 -0.85 5.42 -15.80
C SER A 185 -0.73 4.33 -16.88
N LEU A 186 -0.90 3.07 -16.53
CA LEU A 186 -0.74 1.98 -17.57
C LEU A 186 -2.04 1.71 -18.35
N LEU A 187 -3.06 2.49 -18.15
CA LEU A 187 -4.35 2.25 -18.87
C LEU A 187 -4.41 3.08 -20.16
N ALA A 188 -5.05 2.56 -21.17
CA ALA A 188 -5.20 3.33 -22.44
C ALA A 188 -5.92 4.64 -22.17
N THR A 189 -5.64 5.67 -22.94
CA THR A 189 -6.33 7.00 -22.71
C THR A 189 -7.85 6.84 -22.55
N GLU A 190 -8.47 6.08 -23.40
CA GLU A 190 -9.96 5.87 -23.30
C GLU A 190 -10.35 5.35 -21.91
N ASP A 191 -9.67 4.34 -21.46
CA ASP A 191 -9.98 3.77 -20.11
C ASP A 191 -9.72 4.80 -19.01
N LYS A 192 -8.67 5.58 -19.13
CA LYS A 192 -8.36 6.60 -18.10
C LYS A 192 -9.46 7.66 -18.04
N GLU A 193 -9.96 8.07 -19.18
CA GLU A 193 -11.04 9.10 -19.19
C GLU A 193 -12.30 8.58 -18.51
N ALA A 194 -12.69 7.36 -18.82
CA ALA A 194 -13.92 6.77 -18.20
C ALA A 194 -13.81 6.80 -16.67
N LEU A 195 -12.64 6.50 -16.15
CA LEU A 195 -12.46 6.50 -14.67
C LEU A 195 -12.52 7.94 -14.14
N LYS A 196 -11.71 8.83 -14.67
CA LYS A 196 -11.74 10.25 -14.21
C LYS A 196 -13.18 10.78 -14.23
N LYS A 197 -13.98 10.27 -15.13
CA LYS A 197 -15.40 10.71 -15.24
C LYS A 197 -16.21 10.29 -14.00
N GLN A 198 -16.04 9.08 -13.53
CA GLN A 198 -16.81 8.60 -12.34
C GLN A 198 -16.13 9.00 -11.04
N LEU A 199 -14.81 9.12 -11.05
CA LEU A 199 -14.09 9.54 -9.81
C LEU A 199 -13.34 10.84 -10.15
N PRO A 200 -14.06 11.93 -10.15
CA PRO A 200 -13.46 13.25 -10.50
C PRO A 200 -12.56 13.78 -9.37
N GLY A 201 -12.99 13.63 -8.14
CA GLY A 201 -12.17 14.13 -7.01
C GLY A 201 -12.34 15.65 -6.87
N VAL A 202 -13.41 16.19 -7.42
CA VAL A 202 -13.62 17.66 -7.33
C VAL A 202 -15.02 17.96 -6.79
N LYS A 203 -16.01 17.20 -7.19
CA LYS A 203 -17.39 17.45 -6.69
C LYS A 203 -18.13 16.12 -6.50
N SER A 204 -19.32 16.17 -5.95
CA SER A 204 -20.10 14.92 -5.74
C SER A 204 -21.57 15.16 -6.08
N GLU A 205 -22.41 14.19 -5.81
CA GLU A 205 -23.87 14.35 -6.11
C GLU A 205 -24.72 13.69 -5.02
N GLY A 206 -24.13 13.42 -3.87
CA GLY A 206 -24.92 12.77 -2.77
C GLY A 206 -25.46 11.42 -3.25
N LYS A 207 -24.81 10.35 -2.87
CA LYS A 207 -25.28 8.99 -3.30
C LYS A 207 -26.30 8.46 -2.30
N ARG A 208 -26.50 7.17 -2.28
CA ARG A 208 -27.49 6.56 -1.34
C ARG A 208 -28.86 7.24 -1.48
N LYS A 209 -29.73 6.67 -2.27
CA LYS A 209 -31.07 7.28 -2.47
C LYS A 209 -32.10 6.58 -1.55
N GLY A 210 -32.33 5.32 -1.75
CA GLY A 210 -33.30 4.59 -0.90
C GLY A 210 -32.76 4.47 0.52
N ASP A 211 -33.49 3.82 1.39
CA ASP A 211 -33.01 3.67 2.80
C ASP A 211 -32.39 2.29 3.00
N GLU A 212 -33.14 1.24 2.74
CA GLU A 212 -32.59 -0.13 2.93
C GLU A 212 -33.48 -1.15 2.21
N VAL A 213 -34.70 -1.29 2.64
CA VAL A 213 -35.63 -2.27 1.98
C VAL A 213 -37.08 -1.96 2.35
N ASP A 214 -37.99 -2.16 1.44
CA ASP A 214 -39.42 -1.88 1.74
C ASP A 214 -40.31 -2.97 1.13
ZN ZN C . 18.32 -9.53 3.65
ZN ZN D . -19.54 -6.00 -9.92
N MET A 1 0.00 -8.24 29.89
CA MET A 1 -1.37 -7.90 30.35
C MET A 1 -1.74 -6.48 29.91
N ALA A 2 -0.97 -5.50 30.29
CA ALA A 2 -1.27 -4.10 29.89
C ALA A 2 -0.35 -3.67 28.73
N GLU A 3 -0.21 -4.50 27.74
CA GLU A 3 0.67 -4.14 26.58
C GLU A 3 -0.17 -3.95 25.31
N SER A 4 -0.15 -2.76 24.75
CA SER A 4 -0.94 -2.52 23.52
C SER A 4 -0.09 -2.78 22.27
N SER A 5 -0.47 -3.72 21.46
CA SER A 5 0.32 -4.02 20.23
C SER A 5 -0.62 -4.42 19.09
N ASP A 6 -1.08 -3.45 18.34
CA ASP A 6 -2.00 -3.77 17.20
C ASP A 6 -1.41 -3.29 15.86
N LYS A 7 -0.32 -2.56 15.91
CA LYS A 7 0.31 -2.07 14.64
C LYS A 7 0.66 -3.27 13.75
N LEU A 8 0.67 -3.08 12.46
CA LEU A 8 1.00 -4.22 11.55
C LEU A 8 2.52 -4.34 11.34
N TYR A 9 3.27 -3.30 11.63
CA TYR A 9 4.76 -3.41 11.42
C TYR A 9 5.54 -3.02 12.69
N ARG A 10 6.77 -3.45 12.75
CA ARG A 10 7.62 -3.11 13.93
C ARG A 10 9.05 -2.77 13.45
N VAL A 11 9.64 -1.81 14.07
CA VAL A 11 11.03 -1.43 13.70
C VAL A 11 11.86 -1.32 14.97
N GLU A 12 13.07 -1.81 14.96
CA GLU A 12 13.89 -1.73 16.20
C GLU A 12 15.33 -2.20 15.91
N TYR A 13 16.20 -1.97 16.85
CA TYR A 13 17.59 -2.43 16.68
C TYR A 13 17.62 -3.91 17.07
N ALA A 14 18.13 -4.74 16.20
CA ALA A 14 18.14 -6.23 16.44
C ALA A 14 18.48 -6.61 17.89
N LYS A 15 17.56 -7.26 18.57
CA LYS A 15 17.82 -7.70 19.97
C LYS A 15 18.87 -8.83 19.96
N SER A 16 19.02 -9.48 18.84
CA SER A 16 20.03 -10.56 18.71
C SER A 16 20.50 -10.64 17.25
N GLY A 17 21.43 -11.51 16.95
CA GLY A 17 21.95 -11.61 15.55
C GLY A 17 21.53 -12.96 14.97
N ARG A 18 20.53 -13.59 15.55
CA ARG A 18 20.09 -14.93 15.07
C ARG A 18 18.91 -14.84 14.09
N ALA A 19 18.22 -13.74 14.04
CA ALA A 19 17.07 -13.61 13.07
C ALA A 19 17.56 -13.64 11.62
N SER A 20 16.83 -14.30 10.75
CA SER A 20 17.23 -14.39 9.33
C SER A 20 16.27 -13.56 8.48
N CYS A 21 16.80 -12.80 7.60
CA CYS A 21 15.95 -11.94 6.72
C CYS A 21 15.01 -12.80 5.86
N LYS A 22 13.73 -12.52 5.88
CA LYS A 22 12.76 -13.33 5.08
C LYS A 22 12.89 -13.05 3.58
N LYS A 23 13.72 -12.11 3.18
CA LYS A 23 13.89 -11.80 1.72
C LYS A 23 15.19 -12.41 1.17
N CYS A 24 16.33 -12.03 1.71
CA CYS A 24 17.62 -12.58 1.19
C CYS A 24 18.17 -13.76 2.04
N SER A 25 17.51 -14.11 3.12
CA SER A 25 17.95 -15.28 3.98
C SER A 25 19.22 -15.01 4.83
N GLU A 26 19.93 -13.93 4.61
CA GLU A 26 21.15 -13.67 5.43
C GLU A 26 20.76 -13.29 6.86
N SER A 27 21.62 -13.51 7.82
CA SER A 27 21.29 -13.18 9.22
C SER A 27 21.24 -11.67 9.45
N ILE A 28 20.41 -11.24 10.36
CA ILE A 28 20.33 -9.79 10.68
C ILE A 28 21.24 -9.55 11.91
N PRO A 29 22.28 -8.77 11.74
CA PRO A 29 23.25 -8.55 12.86
C PRO A 29 22.62 -7.82 14.06
N LYS A 30 23.00 -8.23 15.24
CA LYS A 30 22.47 -7.60 16.50
C LYS A 30 22.68 -6.09 16.48
N ASP A 31 21.72 -5.34 17.02
CA ASP A 31 21.82 -3.83 17.08
C ASP A 31 21.58 -3.17 15.71
N SER A 32 21.51 -3.93 14.64
CA SER A 32 21.27 -3.31 13.31
C SER A 32 19.80 -2.94 13.18
N LEU A 33 19.49 -1.97 12.36
CA LEU A 33 18.07 -1.57 12.19
C LEU A 33 17.34 -2.60 11.33
N ARG A 34 16.31 -3.21 11.87
CA ARG A 34 15.55 -4.22 11.10
C ARG A 34 14.05 -3.91 11.17
N MET A 35 13.29 -4.38 10.22
CA MET A 35 11.83 -4.10 10.21
C MET A 35 11.07 -5.41 10.01
N ALA A 36 9.86 -5.50 10.50
CA ALA A 36 9.10 -6.76 10.35
C ALA A 36 7.61 -6.50 10.15
N ILE A 37 6.96 -7.40 9.46
CA ILE A 37 5.49 -7.28 9.29
C ILE A 37 4.81 -8.18 10.34
N MET A 38 4.17 -7.60 11.32
CA MET A 38 3.53 -8.40 12.40
C MET A 38 2.57 -9.45 11.82
N VAL A 39 2.39 -10.53 12.53
CA VAL A 39 1.48 -11.61 12.06
C VAL A 39 0.90 -12.36 13.26
N GLN A 40 -0.40 -12.53 13.31
CA GLN A 40 -1.01 -13.25 14.47
C GLN A 40 -0.80 -14.76 14.32
N SER A 41 -0.39 -15.42 15.37
CA SER A 41 -0.16 -16.89 15.30
C SER A 41 -1.39 -17.66 15.80
N PRO A 42 -1.80 -18.64 15.03
CA PRO A 42 -2.98 -19.45 15.40
C PRO A 42 -2.60 -20.56 16.39
N MET A 43 -1.34 -20.70 16.71
CA MET A 43 -0.91 -21.76 17.66
C MET A 43 -0.79 -21.21 19.08
N PHE A 44 -0.77 -19.91 19.24
CA PHE A 44 -0.65 -19.32 20.60
C PHE A 44 -0.94 -17.82 20.56
N ASP A 45 -1.46 -17.27 21.63
CA ASP A 45 -1.75 -15.82 21.66
C ASP A 45 -0.45 -15.03 21.54
N GLY A 46 -0.34 -14.19 20.55
CA GLY A 46 0.91 -13.39 20.38
C GLY A 46 1.18 -13.21 18.88
N LYS A 47 1.92 -12.21 18.51
CA LYS A 47 2.19 -11.99 17.06
C LYS A 47 3.63 -12.37 16.70
N VAL A 48 3.79 -13.08 15.60
CA VAL A 48 5.16 -13.48 15.16
C VAL A 48 5.67 -12.47 14.13
N PRO A 49 6.87 -11.98 14.32
CA PRO A 49 7.42 -10.98 13.42
C PRO A 49 8.23 -11.62 12.28
N HIS A 50 7.94 -11.23 11.06
CA HIS A 50 8.77 -11.73 9.92
C HIS A 50 9.81 -10.64 9.71
N TRP A 51 11.02 -10.85 10.20
CA TRP A 51 12.05 -9.77 10.10
C TRP A 51 12.78 -9.71 8.76
N TYR A 52 13.27 -8.53 8.48
CA TYR A 52 14.01 -8.27 7.21
C TYR A 52 15.07 -7.20 7.48
N HIS A 53 16.16 -7.20 6.76
CA HIS A 53 17.14 -6.09 6.93
C HIS A 53 16.41 -4.82 6.48
N PHE A 54 16.77 -3.67 6.96
CA PHE A 54 16.03 -2.42 6.56
C PHE A 54 15.74 -2.34 5.05
N SER A 55 16.75 -2.50 4.24
CA SER A 55 16.55 -2.41 2.75
C SER A 55 15.68 -3.56 2.20
N CYS A 56 15.94 -4.78 2.60
CA CYS A 56 15.13 -5.93 2.07
C CYS A 56 13.63 -5.75 2.33
N PHE A 57 13.27 -5.19 3.45
CA PHE A 57 11.82 -5.00 3.78
C PHE A 57 11.03 -4.31 2.63
N TRP A 58 11.64 -3.36 1.94
CA TRP A 58 10.92 -2.62 0.88
C TRP A 58 10.99 -3.35 -0.47
N LYS A 59 11.92 -4.25 -0.64
CA LYS A 59 12.03 -4.96 -1.95
C LYS A 59 11.07 -6.15 -2.06
N VAL A 60 10.26 -6.38 -1.05
CA VAL A 60 9.31 -7.53 -1.11
C VAL A 60 7.89 -7.04 -1.47
N GLY A 61 7.59 -5.79 -1.25
CA GLY A 61 6.24 -5.28 -1.58
C GLY A 61 5.64 -4.57 -0.36
N HIS A 62 6.27 -4.68 0.78
CA HIS A 62 5.73 -3.99 2.00
C HIS A 62 5.69 -2.49 1.76
N SER A 63 4.64 -1.83 2.17
CA SER A 63 4.56 -0.35 1.94
C SER A 63 4.04 0.38 3.17
N ILE A 64 4.55 1.56 3.43
CA ILE A 64 4.08 2.35 4.60
C ILE A 64 4.04 3.84 4.23
N ARG A 65 2.89 4.45 4.34
CA ARG A 65 2.79 5.91 4.00
C ARG A 65 3.13 6.75 5.23
N HIS A 66 2.65 6.36 6.38
CA HIS A 66 2.94 7.11 7.64
C HIS A 66 3.58 6.17 8.68
N PRO A 67 4.90 6.16 8.71
CA PRO A 67 5.63 5.28 9.67
C PRO A 67 5.29 5.60 11.14
N ASP A 68 5.31 6.86 11.54
CA ASP A 68 4.98 7.22 12.95
C ASP A 68 3.70 6.53 13.49
N VAL A 69 2.69 6.35 12.68
CA VAL A 69 1.42 5.71 13.17
C VAL A 69 1.27 4.23 12.76
N GLU A 70 1.92 3.81 11.69
CA GLU A 70 1.74 2.38 11.24
C GLU A 70 2.86 1.46 11.73
N VAL A 71 3.97 1.99 12.18
CA VAL A 71 5.09 1.09 12.61
C VAL A 71 5.39 1.23 14.12
N ASP A 72 5.17 0.18 14.87
CA ASP A 72 5.45 0.22 16.33
C ASP A 72 6.96 0.34 16.58
N GLY A 73 7.37 1.12 17.57
CA GLY A 73 8.83 1.25 17.86
C GLY A 73 9.45 2.41 17.05
N PHE A 74 8.72 2.98 16.13
CA PHE A 74 9.28 4.09 15.29
C PHE A 74 9.76 5.25 16.16
N SER A 75 8.94 5.71 17.05
CA SER A 75 9.32 6.87 17.93
C SER A 75 10.54 6.58 18.82
N GLU A 76 10.88 5.31 19.08
CA GLU A 76 12.06 5.03 19.93
C GLU A 76 13.35 4.89 19.09
N LEU A 77 13.28 4.99 17.79
CA LEU A 77 14.51 4.89 16.96
C LEU A 77 15.33 6.17 17.10
N ARG A 78 16.60 6.11 16.80
CA ARG A 78 17.43 7.34 16.86
C ARG A 78 16.90 8.32 15.79
N TRP A 79 17.08 9.59 15.99
CA TRP A 79 16.54 10.60 15.01
C TRP A 79 16.89 10.26 13.56
N ASP A 80 18.15 10.09 13.24
CA ASP A 80 18.54 9.78 11.83
C ASP A 80 17.79 8.56 11.30
N ASP A 81 17.64 7.53 12.09
CA ASP A 81 16.91 6.32 11.61
C ASP A 81 15.43 6.65 11.41
N GLN A 82 14.91 7.56 12.20
CA GLN A 82 13.49 7.95 12.05
C GLN A 82 13.32 8.69 10.71
N GLN A 83 14.32 9.46 10.34
CA GLN A 83 14.24 10.19 9.05
C GLN A 83 14.46 9.21 7.90
N LYS A 84 15.39 8.30 8.06
CA LYS A 84 15.65 7.29 6.99
C LYS A 84 14.37 6.49 6.70
N VAL A 85 13.72 6.03 7.74
CA VAL A 85 12.46 5.25 7.54
C VAL A 85 11.39 6.18 6.93
N LYS A 86 11.32 7.40 7.40
CA LYS A 86 10.30 8.35 6.88
C LYS A 86 10.54 8.63 5.39
N LYS A 87 11.76 8.85 5.00
CA LYS A 87 12.05 9.14 3.57
C LYS A 87 11.90 7.87 2.73
N THR A 88 12.42 6.76 3.21
CA THR A 88 12.30 5.49 2.43
C THR A 88 10.81 5.16 2.24
N ALA A 89 10.00 5.44 3.22
CA ALA A 89 8.54 5.15 3.11
C ALA A 89 7.97 6.02 1.99
N GLU A 90 8.31 7.28 1.97
CA GLU A 90 7.79 8.19 0.91
C GLU A 90 8.25 7.72 -0.47
N ALA A 91 9.52 7.49 -0.64
CA ALA A 91 10.05 7.03 -1.96
C ALA A 91 9.34 5.74 -2.39
N GLY A 92 9.28 4.76 -1.52
CA GLY A 92 8.61 3.47 -1.87
C GLY A 92 9.53 2.64 -2.77
N GLY A 93 9.77 3.11 -3.97
CA GLY A 93 10.66 2.35 -4.89
C GLY A 93 10.98 3.21 -6.12
N VAL A 94 10.06 3.30 -7.05
CA VAL A 94 10.30 4.13 -8.27
C VAL A 94 9.08 5.03 -8.54
N THR A 95 8.38 5.41 -7.51
CA THR A 95 7.19 6.30 -7.70
C THR A 95 7.16 7.38 -6.63
N GLY A 96 6.35 8.39 -6.81
CA GLY A 96 6.27 9.49 -5.80
C GLY A 96 7.47 10.41 -5.95
N LYS A 97 8.65 9.92 -5.64
CA LYS A 97 9.87 10.77 -5.77
C LYS A 97 10.16 11.05 -7.24
N GLY A 98 11.36 11.50 -7.53
CA GLY A 98 11.71 11.80 -8.96
C GLY A 98 10.98 13.05 -9.42
N GLN A 99 11.70 14.05 -9.85
CA GLN A 99 11.05 15.30 -10.31
C GLN A 99 11.59 15.72 -11.69
N ASP A 100 12.89 15.63 -11.86
CA ASP A 100 13.49 16.01 -13.18
C ASP A 100 13.00 15.06 -14.28
N GLY A 101 12.29 15.58 -15.24
CA GLY A 101 11.79 14.71 -16.34
C GLY A 101 10.27 14.54 -16.21
N ILE A 102 9.81 14.30 -15.00
CA ILE A 102 8.33 14.13 -14.79
C ILE A 102 7.68 15.49 -14.54
N GLY A 103 6.68 15.83 -15.30
CA GLY A 103 6.00 17.14 -15.10
C GLY A 103 4.60 17.09 -15.72
N SER A 104 3.73 17.96 -15.29
CA SER A 104 2.33 17.98 -15.86
C SER A 104 1.70 16.58 -15.77
N LYS A 105 2.11 15.80 -14.81
CA LYS A 105 1.54 14.43 -14.67
C LYS A 105 1.04 14.21 -13.23
N ALA A 106 0.78 12.98 -12.87
CA ALA A 106 0.30 12.69 -11.48
C ALA A 106 1.47 12.78 -10.50
N GLU A 107 1.28 13.43 -9.39
CA GLU A 107 2.37 13.55 -8.39
C GLU A 107 2.03 12.76 -7.11
N LYS A 108 0.87 12.15 -7.07
CA LYS A 108 0.48 11.37 -5.85
C LYS A 108 -0.21 10.07 -6.26
N THR A 109 0.32 8.95 -5.85
CA THR A 109 -0.30 7.65 -6.21
C THR A 109 -0.70 6.88 -4.94
N LEU A 110 -1.93 6.45 -4.86
CA LEU A 110 -2.39 5.70 -3.66
C LEU A 110 -1.68 4.35 -3.59
N GLY A 111 -1.41 3.86 -2.41
CA GLY A 111 -0.71 2.55 -2.27
C GLY A 111 -1.73 1.44 -1.95
N ASP A 112 -2.96 1.79 -1.66
CA ASP A 112 -3.97 0.74 -1.34
C ASP A 112 -5.08 0.69 -2.40
N PHE A 113 -4.94 1.44 -3.47
CA PHE A 113 -6.00 1.42 -4.53
C PHE A 113 -5.34 1.18 -5.89
N ALA A 114 -5.86 0.29 -6.68
CA ALA A 114 -5.21 0.01 -8.01
C ALA A 114 -6.22 -0.20 -9.13
N ALA A 115 -5.76 -0.01 -10.34
CA ALA A 115 -6.62 -0.20 -11.54
C ALA A 115 -5.80 -0.93 -12.61
N GLU A 116 -6.35 -1.97 -13.19
CA GLU A 116 -5.59 -2.71 -14.23
C GLU A 116 -6.55 -3.58 -15.06
N TYR A 117 -6.10 -4.06 -16.18
CA TYR A 117 -6.97 -4.95 -16.98
C TYR A 117 -6.91 -6.34 -16.36
N ALA A 118 -8.03 -7.01 -16.24
CA ALA A 118 -8.03 -8.37 -15.59
C ALA A 118 -6.98 -9.29 -16.21
N LYS A 119 -5.96 -9.66 -15.43
CA LYS A 119 -4.92 -10.57 -15.95
C LYS A 119 -5.52 -11.95 -16.28
N SER A 120 -6.68 -12.24 -15.74
CA SER A 120 -7.32 -13.56 -16.03
C SER A 120 -8.85 -13.43 -15.89
N ASN A 121 -9.56 -14.53 -15.88
CA ASN A 121 -11.04 -14.46 -15.76
C ASN A 121 -11.55 -15.21 -14.51
N ARG A 122 -10.67 -15.54 -13.59
CA ARG A 122 -11.12 -16.27 -12.37
C ARG A 122 -11.27 -15.30 -11.18
N SER A 123 -11.04 -14.02 -11.39
CA SER A 123 -11.21 -13.05 -10.26
C SER A 123 -12.70 -12.79 -10.09
N THR A 124 -13.11 -12.11 -9.05
CA THR A 124 -14.57 -11.88 -8.86
C THR A 124 -14.82 -10.51 -8.23
N CYS A 125 -15.70 -9.73 -8.83
CA CYS A 125 -16.03 -8.41 -8.23
C CYS A 125 -16.64 -8.62 -6.84
N LYS A 126 -16.03 -8.05 -5.83
CA LYS A 126 -16.55 -8.22 -4.43
C LYS A 126 -17.74 -7.29 -4.13
N GLY A 127 -18.42 -6.78 -5.14
CA GLY A 127 -19.57 -5.87 -4.91
C GLY A 127 -20.82 -6.60 -5.39
N CYS A 128 -20.74 -7.25 -6.54
CA CYS A 128 -21.91 -8.01 -7.06
C CYS A 128 -21.58 -9.53 -7.12
N MET A 129 -20.38 -9.93 -6.70
CA MET A 129 -19.97 -11.36 -6.74
C MET A 129 -19.99 -11.96 -8.15
N GLU A 130 -20.09 -11.16 -9.17
CA GLU A 130 -20.07 -11.70 -10.57
C GLU A 130 -18.62 -11.79 -11.03
N LYS A 131 -18.29 -12.79 -11.81
CA LYS A 131 -16.88 -12.94 -12.26
C LYS A 131 -16.46 -11.81 -13.20
N ILE A 132 -15.21 -11.39 -13.10
CA ILE A 132 -14.70 -10.36 -14.02
C ILE A 132 -14.03 -11.06 -15.21
N GLU A 133 -14.34 -10.65 -16.41
CA GLU A 133 -13.72 -11.35 -17.60
C GLU A 133 -12.30 -10.85 -17.84
N LYS A 134 -11.42 -11.75 -18.25
CA LYS A 134 -10.01 -11.33 -18.58
C LYS A 134 -9.99 -10.16 -19.57
N GLY A 135 -9.16 -9.17 -19.33
CA GLY A 135 -9.09 -8.00 -20.26
C GLY A 135 -9.98 -6.86 -19.74
N GLN A 136 -11.04 -7.18 -19.04
CA GLN A 136 -11.95 -6.12 -18.52
C GLN A 136 -11.25 -5.26 -17.47
N VAL A 137 -11.50 -3.98 -17.51
CA VAL A 137 -10.87 -3.06 -16.51
C VAL A 137 -11.46 -3.35 -15.13
N ARG A 138 -10.63 -3.44 -14.13
CA ARG A 138 -11.13 -3.72 -12.76
C ARG A 138 -10.40 -2.83 -11.76
N LEU A 139 -11.04 -2.50 -10.67
CA LEU A 139 -10.40 -1.64 -9.62
C LEU A 139 -10.28 -2.44 -8.33
N SER A 140 -9.43 -2.01 -7.42
CA SER A 140 -9.32 -2.80 -6.16
C SER A 140 -8.88 -1.97 -4.96
N LYS A 141 -9.38 -2.36 -3.81
CA LYS A 141 -8.99 -1.69 -2.55
C LYS A 141 -8.11 -2.66 -1.75
N LYS A 142 -6.81 -2.46 -1.80
CA LYS A 142 -5.88 -3.37 -1.07
C LYS A 142 -6.26 -3.50 0.40
N MET A 143 -6.22 -4.71 0.92
CA MET A 143 -6.55 -4.93 2.35
C MET A 143 -5.76 -6.14 2.87
N VAL A 144 -5.51 -6.21 4.15
CA VAL A 144 -4.74 -7.37 4.69
C VAL A 144 -5.68 -8.33 5.42
N ASP A 145 -5.44 -9.60 5.29
CA ASP A 145 -6.31 -10.59 5.99
C ASP A 145 -5.59 -11.12 7.24
N PRO A 146 -6.24 -11.03 8.37
CA PRO A 146 -5.61 -11.50 9.63
C PRO A 146 -5.44 -13.03 9.60
N GLU A 147 -6.17 -13.69 8.73
CA GLU A 147 -6.03 -15.17 8.63
C GLU A 147 -4.86 -15.53 7.73
N LYS A 148 -4.51 -14.66 6.81
CA LYS A 148 -3.37 -14.92 5.90
C LYS A 148 -2.39 -13.74 5.94
N PRO A 149 -1.72 -13.61 7.05
CA PRO A 149 -0.76 -12.49 7.25
C PRO A 149 0.48 -12.63 6.34
N GLN A 150 0.83 -13.82 5.93
CA GLN A 150 2.02 -13.99 5.05
C GLN A 150 1.78 -13.32 3.69
N LEU A 151 0.54 -13.12 3.32
CA LEU A 151 0.25 -12.48 2.00
C LEU A 151 0.43 -10.97 2.09
N GLY A 152 -0.13 -10.35 3.09
CA GLY A 152 0.02 -8.87 3.25
C GLY A 152 -1.11 -8.16 2.49
N MET A 153 -0.82 -7.01 1.95
CA MET A 153 -1.87 -6.25 1.20
C MET A 153 -2.38 -7.06 0.01
N ILE A 154 -3.61 -7.53 0.09
CA ILE A 154 -4.18 -8.32 -1.04
C ILE A 154 -5.23 -7.48 -1.76
N ASP A 155 -5.29 -7.57 -3.07
CA ASP A 155 -6.29 -6.76 -3.82
C ASP A 155 -7.71 -7.32 -3.71
N ARG A 156 -8.64 -6.46 -3.41
CA ARG A 156 -10.09 -6.84 -3.38
C ARG A 156 -10.64 -6.24 -4.66
N TRP A 157 -10.90 -7.05 -5.67
CA TRP A 157 -11.31 -6.47 -6.98
C TRP A 157 -12.80 -6.13 -7.09
N TYR A 158 -13.09 -5.27 -8.03
CA TYR A 158 -14.49 -4.82 -8.28
C TYR A 158 -14.60 -4.29 -9.70
N HIS A 159 -15.79 -4.23 -10.23
CA HIS A 159 -15.97 -3.60 -11.56
C HIS A 159 -15.89 -2.09 -11.25
N PRO A 160 -15.43 -1.30 -12.18
CA PRO A 160 -15.31 0.17 -11.90
C PRO A 160 -16.66 0.73 -11.41
N GLY A 161 -17.75 0.36 -12.04
CA GLY A 161 -19.08 0.87 -11.60
C GLY A 161 -19.35 0.36 -10.16
N CYS A 162 -19.22 -0.92 -9.93
CA CYS A 162 -19.46 -1.47 -8.56
C CYS A 162 -18.54 -0.77 -7.54
N PHE A 163 -17.29 -0.53 -7.91
CA PHE A 163 -16.35 0.15 -6.98
C PHE A 163 -16.85 1.55 -6.64
N VAL A 164 -17.30 2.28 -7.63
CA VAL A 164 -17.79 3.67 -7.38
C VAL A 164 -19.01 3.63 -6.45
N LYS A 165 -19.88 2.66 -6.62
CA LYS A 165 -21.10 2.60 -5.73
C LYS A 165 -20.69 2.48 -4.25
N ASN A 166 -19.62 1.79 -3.98
CA ASN A 166 -19.16 1.63 -2.56
C ASN A 166 -17.91 2.49 -2.26
N ARG A 167 -17.74 3.59 -2.96
CA ARG A 167 -16.52 4.45 -2.72
C ARG A 167 -16.37 4.83 -1.25
N GLU A 168 -17.45 5.10 -0.59
CA GLU A 168 -17.37 5.50 0.86
C GLU A 168 -16.85 4.37 1.74
N GLU A 169 -17.51 3.24 1.71
CA GLU A 169 -17.08 2.10 2.57
C GLU A 169 -15.69 1.59 2.16
N LEU A 170 -15.32 1.76 0.92
CA LEU A 170 -13.98 1.30 0.48
C LEU A 170 -12.89 2.31 0.86
N GLY A 171 -13.24 3.40 1.50
CA GLY A 171 -12.22 4.40 1.93
C GLY A 171 -11.71 5.22 0.74
N PHE A 172 -12.47 5.32 -0.32
CA PHE A 172 -12.00 6.14 -1.49
C PHE A 172 -12.55 7.56 -1.34
N ARG A 173 -11.90 8.35 -0.52
CA ARG A 173 -12.37 9.77 -0.26
C ARG A 173 -12.73 10.51 -1.56
N PRO A 174 -13.54 11.55 -1.42
CA PRO A 174 -13.97 12.33 -2.61
C PRO A 174 -12.85 13.23 -3.15
N GLU A 175 -11.80 13.42 -2.41
CA GLU A 175 -10.67 14.27 -2.93
C GLU A 175 -9.79 13.44 -3.88
N TYR A 176 -9.90 12.13 -3.83
CA TYR A 176 -9.08 11.27 -4.72
C TYR A 176 -9.65 11.25 -6.14
N SER A 177 -8.79 11.17 -7.11
CA SER A 177 -9.22 11.13 -8.53
C SER A 177 -8.71 9.84 -9.17
N ALA A 178 -9.25 9.49 -10.31
CA ALA A 178 -8.82 8.22 -11.00
C ALA A 178 -7.30 8.21 -11.25
N SER A 179 -6.72 9.35 -11.49
CA SER A 179 -5.25 9.42 -11.77
C SER A 179 -4.40 8.94 -10.59
N GLN A 180 -4.97 8.82 -9.41
CA GLN A 180 -4.17 8.38 -8.23
C GLN A 180 -4.16 6.85 -8.06
N LEU A 181 -4.94 6.12 -8.84
CA LEU A 181 -4.97 4.63 -8.69
C LEU A 181 -3.65 4.01 -9.12
N LYS A 182 -3.14 3.09 -8.35
CA LYS A 182 -1.86 2.42 -8.73
C LYS A 182 -2.05 1.63 -10.04
N GLY A 183 -1.32 1.96 -11.07
CA GLY A 183 -1.47 1.22 -12.37
C GLY A 183 -2.23 2.08 -13.40
N PHE A 184 -2.79 3.19 -12.98
CA PHE A 184 -3.56 4.08 -13.93
C PHE A 184 -2.77 4.39 -15.20
N SER A 185 -1.57 4.86 -15.04
CA SER A 185 -0.72 5.25 -16.22
C SER A 185 -0.62 4.14 -17.29
N LEU A 186 -0.80 2.88 -16.94
CA LEU A 186 -0.67 1.79 -17.97
C LEU A 186 -1.98 1.52 -18.73
N LEU A 187 -2.99 2.31 -18.52
CA LEU A 187 -4.29 2.08 -19.22
C LEU A 187 -4.36 2.91 -20.51
N ALA A 188 -5.03 2.39 -21.51
CA ALA A 188 -5.17 3.14 -22.79
C ALA A 188 -5.90 4.46 -22.52
N THR A 189 -5.61 5.48 -23.29
CA THR A 189 -6.27 6.82 -23.07
C THR A 189 -7.80 6.68 -22.88
N GLU A 190 -8.44 5.92 -23.73
CA GLU A 190 -9.93 5.73 -23.60
C GLU A 190 -10.31 5.22 -22.21
N ASP A 191 -9.63 4.20 -21.75
CA ASP A 191 -9.92 3.64 -20.39
C ASP A 191 -9.64 4.68 -19.30
N LYS A 192 -8.58 5.45 -19.46
CA LYS A 192 -8.25 6.48 -18.42
C LYS A 192 -9.34 7.55 -18.35
N GLU A 193 -9.85 7.94 -19.49
CA GLU A 193 -10.92 8.99 -19.50
C GLU A 193 -12.18 8.48 -18.80
N ALA A 194 -12.58 7.27 -19.10
CA ALA A 194 -13.81 6.70 -18.44
C ALA A 194 -13.67 6.74 -16.92
N LEU A 195 -12.51 6.42 -16.41
CA LEU A 195 -12.30 6.43 -14.94
C LEU A 195 -12.34 7.86 -14.41
N LYS A 196 -11.54 8.75 -14.97
CA LYS A 196 -11.55 10.17 -14.51
C LYS A 196 -12.98 10.72 -14.51
N LYS A 197 -13.79 10.20 -15.39
CA LYS A 197 -15.22 10.66 -15.49
C LYS A 197 -16.01 10.26 -14.23
N GLN A 198 -15.84 9.04 -13.77
CA GLN A 198 -16.61 8.58 -12.57
C GLN A 198 -15.89 8.99 -11.27
N LEU A 199 -14.59 9.09 -11.30
CA LEU A 199 -13.84 9.52 -10.08
C LEU A 199 -13.08 10.81 -10.42
N PRO A 200 -13.79 11.91 -10.42
CA PRO A 200 -13.18 13.22 -10.78
C PRO A 200 -12.24 13.72 -9.68
N GLY A 201 -12.64 13.63 -8.44
CA GLY A 201 -11.77 14.11 -7.33
C GLY A 201 -11.91 15.63 -7.22
N VAL A 202 -12.78 16.09 -6.34
CA VAL A 202 -12.97 17.56 -6.18
C VAL A 202 -11.63 18.25 -5.88
N LYS A 203 -11.22 19.16 -6.73
CA LYS A 203 -9.92 19.86 -6.51
C LYS A 203 -10.10 21.36 -6.69
N SER A 204 -10.65 21.77 -7.80
CA SER A 204 -10.85 23.23 -8.05
C SER A 204 -11.75 23.45 -9.27
N GLU A 205 -12.71 24.33 -9.17
CA GLU A 205 -13.62 24.59 -10.33
C GLU A 205 -12.82 25.10 -11.53
N GLY A 206 -12.31 26.31 -11.45
CA GLY A 206 -11.52 26.85 -12.59
C GLY A 206 -10.08 27.11 -12.13
N LYS A 207 -9.12 26.75 -12.94
CA LYS A 207 -7.69 26.97 -12.56
C LYS A 207 -7.17 28.26 -13.19
N ARG A 208 -7.61 28.57 -14.38
CA ARG A 208 -7.12 29.81 -15.06
C ARG A 208 -8.12 30.25 -16.14
N LYS A 209 -9.38 30.37 -15.79
CA LYS A 209 -10.39 30.80 -16.79
C LYS A 209 -10.36 32.33 -16.97
N GLY A 210 -9.35 32.84 -17.62
CA GLY A 210 -9.27 34.31 -17.83
C GLY A 210 -8.74 34.61 -19.23
N ASP A 211 -8.86 33.68 -20.14
CA ASP A 211 -8.37 33.91 -21.53
C ASP A 211 -6.91 34.39 -21.52
N GLU A 212 -5.99 33.52 -21.21
CA GLU A 212 -4.55 33.92 -21.18
C GLU A 212 -3.67 32.75 -21.61
N VAL A 213 -3.58 32.50 -22.88
CA VAL A 213 -2.72 31.36 -23.36
C VAL A 213 -1.25 31.67 -23.08
N ASP A 214 -0.48 30.66 -22.74
CA ASP A 214 0.97 30.88 -22.46
C ASP A 214 1.79 29.72 -23.01
ZN ZN C . 18.02 -9.19 3.89
ZN ZN D . -19.44 -5.98 -10.02
N MET A 1 4.64 -0.22 22.68
CA MET A 1 5.11 -1.22 23.67
C MET A 1 4.26 -1.13 24.95
N ALA A 2 3.65 -2.22 25.34
CA ALA A 2 2.81 -2.22 26.58
C ALA A 2 1.76 -1.09 26.51
N GLU A 3 1.04 -1.01 25.42
CA GLU A 3 0.01 0.07 25.29
C GLU A 3 -0.96 -0.26 24.15
N SER A 4 -0.46 -0.78 23.06
CA SER A 4 -1.35 -1.12 21.92
C SER A 4 -0.60 -1.96 20.88
N SER A 5 -0.53 -3.25 21.08
CA SER A 5 0.20 -4.11 20.11
C SER A 5 -0.74 -4.49 18.95
N ASP A 6 -1.26 -3.52 18.26
CA ASP A 6 -2.19 -3.81 17.12
C ASP A 6 -1.58 -3.33 15.80
N LYS A 7 -0.51 -2.57 15.86
CA LYS A 7 0.12 -2.07 14.59
C LYS A 7 0.49 -3.25 13.69
N LEU A 8 0.54 -3.04 12.40
CA LEU A 8 0.89 -4.17 11.49
C LEU A 8 2.41 -4.28 11.28
N TYR A 9 3.16 -3.24 11.59
CA TYR A 9 4.63 -3.34 11.38
C TYR A 9 5.42 -2.96 12.63
N ARG A 10 6.66 -3.38 12.70
CA ARG A 10 7.51 -3.06 13.87
C ARG A 10 8.93 -2.71 13.41
N VAL A 11 9.53 -1.74 14.02
CA VAL A 11 10.92 -1.36 13.66
C VAL A 11 11.74 -1.26 14.94
N GLU A 12 12.96 -1.74 14.92
CA GLU A 12 13.78 -1.68 16.16
C GLU A 12 15.21 -2.13 15.87
N TYR A 13 16.09 -1.90 16.80
CA TYR A 13 17.48 -2.36 16.63
C TYR A 13 17.51 -3.84 17.00
N ALA A 14 18.02 -4.66 16.13
CA ALA A 14 18.03 -6.16 16.37
C ALA A 14 18.38 -6.55 17.80
N LYS A 15 17.46 -7.21 18.47
CA LYS A 15 17.72 -7.66 19.88
C LYS A 15 18.77 -8.79 19.86
N SER A 16 18.94 -9.42 18.73
CA SER A 16 19.94 -10.51 18.60
C SER A 16 20.41 -10.57 17.13
N GLY A 17 21.35 -11.43 16.83
CA GLY A 17 21.86 -11.52 15.43
C GLY A 17 21.45 -12.88 14.84
N ARG A 18 20.45 -13.51 15.41
CA ARG A 18 20.01 -14.86 14.92
C ARG A 18 18.83 -14.75 13.95
N ALA A 19 18.15 -13.65 13.91
CA ALA A 19 16.99 -13.53 12.94
C ALA A 19 17.48 -13.54 11.49
N SER A 20 16.75 -14.20 10.62
CA SER A 20 17.21 -14.20 9.23
C SER A 20 16.18 -13.44 8.35
N CYS A 21 16.70 -12.67 7.46
CA CYS A 21 15.84 -11.82 6.59
C CYS A 21 14.92 -12.66 5.73
N LYS A 22 13.64 -12.38 5.76
CA LYS A 22 12.67 -13.19 4.96
C LYS A 22 12.80 -12.90 3.44
N LYS A 23 13.62 -11.95 3.06
CA LYS A 23 13.79 -11.62 1.61
C LYS A 23 15.09 -12.24 1.05
N CYS A 24 16.23 -11.86 1.60
CA CYS A 24 17.53 -12.40 1.07
C CYS A 24 18.07 -13.58 1.90
N SER A 25 17.42 -13.94 3.00
CA SER A 25 17.86 -15.12 3.85
C SER A 25 19.13 -14.85 4.69
N GLU A 26 19.84 -13.77 4.47
CA GLU A 26 21.07 -13.51 5.29
C GLU A 26 20.66 -13.14 6.73
N SER A 27 21.53 -13.36 7.68
CA SER A 27 21.19 -13.05 9.09
C SER A 27 21.15 -11.54 9.33
N ILE A 28 20.32 -11.12 10.24
CA ILE A 28 20.24 -9.67 10.58
C ILE A 28 21.14 -9.44 11.81
N PRO A 29 22.18 -8.65 11.65
CA PRO A 29 23.14 -8.44 12.76
C PRO A 29 22.52 -7.72 13.96
N LYS A 30 22.91 -8.13 15.15
CA LYS A 30 22.37 -7.53 16.40
C LYS A 30 22.58 -6.01 16.40
N ASP A 31 21.63 -5.26 16.94
CA ASP A 31 21.71 -3.76 17.02
C ASP A 31 21.46 -3.09 15.64
N SER A 32 21.40 -3.84 14.57
CA SER A 32 21.16 -3.21 13.24
C SER A 32 19.68 -2.84 13.13
N LEU A 33 19.37 -1.87 12.30
CA LEU A 33 17.96 -1.47 12.14
C LEU A 33 17.22 -2.49 11.27
N ARG A 34 16.19 -3.11 11.81
CA ARG A 34 15.43 -4.12 11.04
C ARG A 34 13.94 -3.81 11.11
N MET A 35 13.18 -4.27 10.16
CA MET A 35 11.71 -4.01 10.15
C MET A 35 10.96 -5.31 9.95
N ALA A 36 9.75 -5.41 10.44
CA ALA A 36 8.99 -6.67 10.26
C ALA A 36 7.50 -6.42 10.08
N ILE A 37 6.85 -7.31 9.39
CA ILE A 37 5.37 -7.20 9.22
C ILE A 37 4.72 -8.14 10.25
N MET A 38 4.05 -7.59 11.22
CA MET A 38 3.44 -8.44 12.29
C MET A 38 2.37 -9.39 11.75
N VAL A 39 2.28 -10.57 12.32
CA VAL A 39 1.26 -11.55 11.87
C VAL A 39 0.72 -12.32 13.09
N GLN A 40 -0.57 -12.54 13.16
CA GLN A 40 -1.14 -13.27 14.32
C GLN A 40 -0.91 -14.78 14.15
N SER A 41 -0.51 -15.45 15.20
CA SER A 41 -0.26 -16.92 15.09
C SER A 41 -1.49 -17.70 15.59
N PRO A 42 -1.91 -18.67 14.81
CA PRO A 42 -3.09 -19.48 15.18
C PRO A 42 -2.70 -20.60 16.16
N MET A 43 -1.43 -20.72 16.47
CA MET A 43 -1.00 -21.81 17.41
C MET A 43 -0.90 -21.26 18.84
N PHE A 44 -0.87 -19.97 19.00
CA PHE A 44 -0.77 -19.39 20.38
C PHE A 44 -1.07 -17.89 20.35
N ASP A 45 -1.59 -17.35 21.42
CA ASP A 45 -1.89 -15.90 21.47
C ASP A 45 -0.58 -15.10 21.37
N GLY A 46 -0.48 -14.24 20.38
CA GLY A 46 0.77 -13.44 20.22
C GLY A 46 1.04 -13.26 18.73
N LYS A 47 1.78 -12.25 18.36
CA LYS A 47 2.05 -12.02 16.91
C LYS A 47 3.49 -12.40 16.56
N VAL A 48 3.69 -13.04 15.44
CA VAL A 48 5.05 -13.44 15.01
C VAL A 48 5.58 -12.41 13.99
N PRO A 49 6.78 -11.93 14.21
CA PRO A 49 7.33 -10.91 13.30
C PRO A 49 8.13 -11.55 12.16
N HIS A 50 7.86 -11.15 10.95
CA HIS A 50 8.66 -11.64 9.81
C HIS A 50 9.73 -10.54 9.60
N TRP A 51 10.93 -10.75 10.09
CA TRP A 51 11.95 -9.67 10.01
C TRP A 51 12.68 -9.60 8.66
N TYR A 52 13.16 -8.42 8.39
CA TYR A 52 13.91 -8.15 7.13
C TYR A 52 14.96 -7.07 7.39
N HIS A 53 16.06 -7.06 6.67
CA HIS A 53 17.03 -5.95 6.85
C HIS A 53 16.29 -4.68 6.41
N PHE A 54 16.65 -3.53 6.90
CA PHE A 54 15.91 -2.29 6.52
C PHE A 54 15.63 -2.19 5.00
N SER A 55 16.63 -2.34 4.18
CA SER A 55 16.43 -2.24 2.69
C SER A 55 15.56 -3.38 2.14
N CYS A 56 15.83 -4.61 2.53
CA CYS A 56 15.03 -5.77 2.00
C CYS A 56 13.52 -5.59 2.25
N PHE A 57 13.15 -5.04 3.38
CA PHE A 57 11.70 -4.85 3.71
C PHE A 57 10.92 -4.16 2.58
N TRP A 58 11.52 -3.20 1.88
CA TRP A 58 10.79 -2.46 0.84
C TRP A 58 10.86 -3.18 -0.52
N LYS A 59 11.79 -4.07 -0.70
CA LYS A 59 11.92 -4.77 -2.01
C LYS A 59 10.95 -5.95 -2.14
N VAL A 60 10.15 -6.20 -1.13
CA VAL A 60 9.19 -7.34 -1.19
C VAL A 60 7.78 -6.86 -1.56
N GLY A 61 7.48 -5.62 -1.32
CA GLY A 61 6.11 -5.10 -1.66
C GLY A 61 5.50 -4.42 -0.43
N HIS A 62 6.12 -4.55 0.72
CA HIS A 62 5.57 -3.88 1.93
C HIS A 62 5.59 -2.37 1.73
N SER A 63 4.55 -1.68 2.15
CA SER A 63 4.54 -0.20 1.95
C SER A 63 3.83 0.51 3.10
N ILE A 64 4.34 1.65 3.49
CA ILE A 64 3.69 2.42 4.60
C ILE A 64 3.77 3.92 4.30
N ARG A 65 2.65 4.59 4.31
CA ARG A 65 2.63 6.06 4.01
C ARG A 65 2.98 6.87 5.26
N HIS A 66 2.50 6.46 6.39
CA HIS A 66 2.80 7.20 7.67
C HIS A 66 3.44 6.27 8.69
N PRO A 67 4.76 6.25 8.73
CA PRO A 67 5.49 5.37 9.68
C PRO A 67 5.15 5.67 11.17
N ASP A 68 5.16 6.93 11.57
CA ASP A 68 4.83 7.27 12.98
C ASP A 68 3.57 6.58 13.52
N VAL A 69 2.56 6.41 12.70
CA VAL A 69 1.29 5.76 13.19
C VAL A 69 1.14 4.29 12.76
N GLU A 70 1.78 3.86 11.70
CA GLU A 70 1.61 2.45 11.24
C GLU A 70 2.74 1.52 11.71
N VAL A 71 3.85 2.05 12.16
CA VAL A 71 4.96 1.15 12.60
C VAL A 71 5.26 1.29 14.09
N ASP A 72 5.05 0.22 14.85
CA ASP A 72 5.32 0.26 16.30
C ASP A 72 6.84 0.39 16.55
N GLY A 73 7.24 1.15 17.55
CA GLY A 73 8.70 1.29 17.85
C GLY A 73 9.32 2.45 17.04
N PHE A 74 8.59 3.02 16.13
CA PHE A 74 9.15 4.15 15.30
C PHE A 74 9.64 5.30 16.17
N SER A 75 8.80 5.75 17.07
CA SER A 75 9.18 6.90 17.94
C SER A 75 10.41 6.61 18.84
N GLU A 76 10.74 5.35 19.08
CA GLU A 76 11.92 5.05 19.93
C GLU A 76 13.23 4.93 19.10
N LEU A 77 13.15 5.04 17.79
CA LEU A 77 14.38 4.94 16.96
C LEU A 77 15.20 6.22 17.10
N ARG A 78 16.47 6.17 16.81
CA ARG A 78 17.29 7.41 16.89
C ARG A 78 16.76 8.39 15.81
N TRP A 79 16.93 9.66 16.03
CA TRP A 79 16.39 10.68 15.06
C TRP A 79 16.74 10.35 13.60
N ASP A 80 18.00 10.18 13.28
CA ASP A 80 18.40 9.88 11.87
C ASP A 80 17.64 8.66 11.32
N ASP A 81 17.49 7.62 12.12
CA ASP A 81 16.77 6.41 11.63
C ASP A 81 15.29 6.74 11.43
N GLN A 82 14.76 7.65 12.23
CA GLN A 82 13.33 8.04 12.08
C GLN A 82 13.17 8.79 10.75
N GLN A 83 14.16 9.57 10.38
CA GLN A 83 14.10 10.31 9.09
C GLN A 83 14.31 9.34 7.93
N LYS A 84 15.24 8.43 8.09
CA LYS A 84 15.51 7.42 7.01
C LYS A 84 14.23 6.62 6.72
N VAL A 85 13.58 6.15 7.75
CA VAL A 85 12.32 5.38 7.54
C VAL A 85 11.25 6.30 6.95
N LYS A 86 11.18 7.52 7.43
CA LYS A 86 10.15 8.47 6.91
C LYS A 86 10.38 8.76 5.42
N LYS A 87 11.61 8.99 5.04
CA LYS A 87 11.90 9.29 3.61
C LYS A 87 11.75 8.03 2.75
N THR A 88 12.27 6.92 3.23
CA THR A 88 12.15 5.64 2.44
C THR A 88 10.67 5.31 2.25
N ALA A 89 9.87 5.58 3.24
CA ALA A 89 8.40 5.29 3.11
C ALA A 89 7.82 6.17 2.01
N GLU A 90 8.15 7.44 2.01
CA GLU A 90 7.60 8.35 0.95
C GLU A 90 8.08 7.89 -0.43
N ALA A 91 9.35 7.66 -0.59
CA ALA A 91 9.87 7.22 -1.92
C ALA A 91 9.17 5.93 -2.36
N GLY A 92 9.37 5.52 -3.58
CA GLY A 92 8.72 4.27 -4.07
C GLY A 92 7.57 4.63 -5.03
N GLY A 93 7.77 5.63 -5.86
CA GLY A 93 6.70 6.02 -6.80
C GLY A 93 7.32 6.47 -8.13
N VAL A 94 6.62 6.31 -9.22
CA VAL A 94 7.17 6.73 -10.53
C VAL A 94 7.07 8.25 -10.69
N THR A 95 8.20 8.91 -10.80
CA THR A 95 8.18 10.40 -10.95
C THR A 95 9.27 10.85 -11.93
N GLY A 96 10.49 10.44 -11.67
CA GLY A 96 11.61 10.85 -12.57
C GLY A 96 12.76 11.41 -11.75
N LYS A 97 13.31 10.61 -10.86
CA LYS A 97 14.44 11.08 -10.01
C LYS A 97 15.69 11.27 -10.87
N GLY A 98 16.10 12.49 -11.10
CA GLY A 98 17.31 12.73 -11.93
C GLY A 98 17.38 14.21 -12.31
N GLN A 99 16.24 14.83 -12.51
CA GLN A 99 16.23 16.28 -12.88
C GLN A 99 16.67 17.14 -11.69
N ASP A 100 17.46 18.14 -11.93
CA ASP A 100 17.91 19.02 -10.81
C ASP A 100 17.26 20.40 -10.93
N GLY A 101 15.99 20.44 -11.18
CA GLY A 101 15.29 21.76 -11.31
C GLY A 101 14.65 22.13 -9.97
N ILE A 102 13.39 21.86 -9.80
CA ILE A 102 12.70 22.19 -8.52
C ILE A 102 12.64 20.97 -7.62
N GLY A 103 13.00 21.14 -6.37
CA GLY A 103 12.97 19.98 -5.42
C GLY A 103 11.63 19.94 -4.71
N SER A 104 10.65 19.31 -5.29
CA SER A 104 9.31 19.23 -4.65
C SER A 104 9.17 17.94 -3.84
N LYS A 105 9.48 16.82 -4.46
CA LYS A 105 9.37 15.51 -3.73
C LYS A 105 7.98 15.35 -3.12
N ALA A 106 7.07 14.73 -3.83
CA ALA A 106 5.69 14.54 -3.29
C ALA A 106 5.10 13.22 -3.79
N GLU A 107 4.48 12.49 -2.91
CA GLU A 107 3.88 11.18 -3.32
C GLU A 107 2.35 11.27 -3.27
N LYS A 108 1.69 11.17 -4.39
CA LYS A 108 0.20 11.24 -4.40
C LYS A 108 -0.41 9.89 -4.78
N THR A 109 0.36 9.04 -5.41
CA THR A 109 -0.18 7.71 -5.80
C THR A 109 -0.63 6.93 -4.56
N LEU A 110 -1.86 6.50 -4.53
CA LEU A 110 -2.35 5.73 -3.34
C LEU A 110 -1.64 4.38 -3.27
N GLY A 111 -1.39 3.89 -2.08
CA GLY A 111 -0.69 2.58 -1.95
C GLY A 111 -1.71 1.46 -1.68
N ASP A 112 -2.95 1.80 -1.44
CA ASP A 112 -3.97 0.74 -1.16
C ASP A 112 -5.06 0.72 -2.24
N PHE A 113 -4.84 1.38 -3.35
CA PHE A 113 -5.87 1.39 -4.44
C PHE A 113 -5.19 1.16 -5.81
N ALA A 114 -5.71 0.26 -6.61
CA ALA A 114 -5.07 -0.01 -7.92
C ALA A 114 -6.07 -0.23 -9.06
N ALA A 115 -5.61 -0.04 -10.26
CA ALA A 115 -6.47 -0.24 -11.46
C ALA A 115 -5.65 -0.97 -12.53
N GLU A 116 -6.20 -2.01 -13.11
CA GLU A 116 -5.44 -2.76 -14.15
C GLU A 116 -6.40 -3.61 -14.97
N TYR A 117 -5.95 -4.11 -16.09
CA TYR A 117 -6.83 -4.99 -16.90
C TYR A 117 -6.76 -6.39 -16.27
N ALA A 118 -7.90 -7.05 -16.14
CA ALA A 118 -7.91 -8.40 -15.50
C ALA A 118 -6.85 -9.34 -16.12
N LYS A 119 -5.84 -9.71 -15.34
CA LYS A 119 -4.80 -10.62 -15.84
C LYS A 119 -5.40 -11.99 -16.17
N SER A 120 -6.56 -12.29 -15.63
CA SER A 120 -7.21 -13.60 -15.92
C SER A 120 -8.74 -13.47 -15.78
N ASN A 121 -9.45 -14.56 -15.77
CA ASN A 121 -10.95 -14.48 -15.65
C ASN A 121 -11.44 -15.22 -14.41
N ARG A 122 -10.58 -15.56 -13.49
CA ARG A 122 -11.03 -16.28 -12.26
C ARG A 122 -11.17 -15.30 -11.07
N SER A 123 -10.94 -14.03 -11.28
CA SER A 123 -11.12 -13.06 -10.16
C SER A 123 -12.61 -12.80 -10.00
N THR A 124 -13.01 -12.11 -8.96
CA THR A 124 -14.48 -11.87 -8.77
C THR A 124 -14.72 -10.49 -8.15
N CYS A 125 -15.60 -9.72 -8.74
CA CYS A 125 -15.92 -8.39 -8.16
C CYS A 125 -16.53 -8.60 -6.76
N LYS A 126 -15.92 -8.04 -5.75
CA LYS A 126 -16.45 -8.20 -4.36
C LYS A 126 -17.64 -7.25 -4.05
N GLY A 127 -18.30 -6.75 -5.06
CA GLY A 127 -19.46 -5.83 -4.84
C GLY A 127 -20.71 -6.55 -5.33
N CYS A 128 -20.62 -7.21 -6.47
CA CYS A 128 -21.80 -7.98 -6.99
C CYS A 128 -21.47 -9.48 -7.05
N MET A 129 -20.27 -9.89 -6.62
CA MET A 129 -19.88 -11.32 -6.66
C MET A 129 -19.90 -11.93 -8.07
N GLU A 130 -19.99 -11.13 -9.10
CA GLU A 130 -19.97 -11.68 -10.48
C GLU A 130 -18.52 -11.77 -10.96
N LYS A 131 -18.18 -12.77 -11.72
CA LYS A 131 -16.77 -12.94 -12.17
C LYS A 131 -16.35 -11.81 -13.11
N ILE A 132 -15.10 -11.39 -13.01
CA ILE A 132 -14.58 -10.36 -13.93
C ILE A 132 -13.91 -11.07 -15.11
N GLU A 133 -14.21 -10.67 -16.33
CA GLU A 133 -13.60 -11.36 -17.50
C GLU A 133 -12.17 -10.88 -17.74
N LYS A 134 -11.30 -11.78 -18.15
CA LYS A 134 -9.89 -11.37 -18.48
C LYS A 134 -9.86 -10.20 -19.47
N GLY A 135 -9.03 -9.20 -19.23
CA GLY A 135 -8.95 -8.05 -20.17
C GLY A 135 -9.84 -6.90 -19.65
N GLN A 136 -10.90 -7.22 -18.95
CA GLN A 136 -11.81 -6.15 -18.44
C GLN A 136 -11.11 -5.28 -17.39
N VAL A 137 -11.35 -4.00 -17.43
CA VAL A 137 -10.72 -3.09 -16.44
C VAL A 137 -11.31 -3.37 -15.05
N ARG A 138 -10.48 -3.46 -14.06
CA ARG A 138 -10.99 -3.73 -12.68
C ARG A 138 -10.26 -2.84 -11.68
N LEU A 139 -10.90 -2.52 -10.59
CA LEU A 139 -10.26 -1.67 -9.55
C LEU A 139 -10.14 -2.45 -8.25
N SER A 140 -9.30 -2.02 -7.34
CA SER A 140 -9.19 -2.81 -6.09
C SER A 140 -8.75 -1.98 -4.89
N LYS A 141 -9.26 -2.36 -3.74
CA LYS A 141 -8.89 -1.69 -2.48
C LYS A 141 -8.03 -2.66 -1.66
N LYS A 142 -6.74 -2.50 -1.70
CA LYS A 142 -5.83 -3.42 -0.96
C LYS A 142 -6.26 -3.56 0.51
N MET A 143 -6.24 -4.78 1.02
CA MET A 143 -6.62 -5.01 2.43
C MET A 143 -5.89 -6.25 2.96
N VAL A 144 -5.55 -6.27 4.22
CA VAL A 144 -4.83 -7.45 4.78
C VAL A 144 -5.81 -8.41 5.46
N ASP A 145 -5.54 -9.68 5.38
CA ASP A 145 -6.43 -10.67 6.03
C ASP A 145 -5.74 -11.21 7.29
N PRO A 146 -6.44 -11.15 8.41
CA PRO A 146 -5.86 -11.63 9.68
C PRO A 146 -5.68 -13.15 9.64
N GLU A 147 -6.37 -13.81 8.74
CA GLU A 147 -6.23 -15.30 8.63
C GLU A 147 -4.98 -15.64 7.80
N LYS A 148 -4.62 -14.76 6.90
CA LYS A 148 -3.41 -15.02 6.05
C LYS A 148 -2.48 -13.80 6.10
N PRO A 149 -1.81 -13.65 7.22
CA PRO A 149 -0.92 -12.49 7.40
C PRO A 149 0.35 -12.62 6.54
N GLN A 150 0.73 -13.82 6.18
CA GLN A 150 1.96 -13.98 5.33
C GLN A 150 1.75 -13.31 3.97
N LEU A 151 0.53 -13.13 3.56
CA LEU A 151 0.26 -12.48 2.25
C LEU A 151 0.44 -10.96 2.34
N GLY A 152 -0.14 -10.35 3.34
CA GLY A 152 0.01 -8.88 3.50
C GLY A 152 -1.14 -8.17 2.78
N MET A 153 -0.87 -7.04 2.18
CA MET A 153 -1.93 -6.29 1.46
C MET A 153 -2.40 -7.06 0.21
N ILE A 154 -3.58 -7.60 0.25
CA ILE A 154 -4.08 -8.35 -0.95
C ILE A 154 -5.13 -7.50 -1.68
N ASP A 155 -5.18 -7.58 -2.98
CA ASP A 155 -6.18 -6.77 -3.72
C ASP A 155 -7.60 -7.32 -3.62
N ARG A 156 -8.54 -6.46 -3.32
CA ARG A 156 -9.98 -6.84 -3.29
C ARG A 156 -10.52 -6.23 -4.58
N TRP A 157 -10.78 -7.04 -5.59
CA TRP A 157 -11.19 -6.47 -6.91
C TRP A 157 -12.68 -6.13 -7.02
N TYR A 158 -12.96 -5.27 -7.96
CA TYR A 158 -14.36 -4.82 -8.20
C TYR A 158 -14.46 -4.28 -9.62
N HIS A 159 -15.66 -4.22 -10.16
CA HIS A 159 -15.83 -3.59 -11.49
C HIS A 159 -15.74 -2.09 -11.19
N PRO A 160 -15.28 -1.29 -12.12
CA PRO A 160 -15.16 0.17 -11.84
C PRO A 160 -16.50 0.74 -11.36
N GLY A 161 -17.59 0.37 -11.99
CA GLY A 161 -18.92 0.88 -11.54
C GLY A 161 -19.20 0.38 -10.11
N CYS A 162 -19.07 -0.90 -9.88
CA CYS A 162 -19.32 -1.44 -8.51
C CYS A 162 -18.40 -0.74 -7.48
N PHE A 163 -17.16 -0.52 -7.85
CA PHE A 163 -16.20 0.17 -6.92
C PHE A 163 -16.71 1.57 -6.59
N VAL A 164 -17.15 2.30 -7.58
CA VAL A 164 -17.64 3.68 -7.33
C VAL A 164 -18.85 3.66 -6.41
N LYS A 165 -19.74 2.70 -6.57
CA LYS A 165 -20.94 2.64 -5.69
C LYS A 165 -20.54 2.52 -4.21
N ASN A 166 -19.48 1.83 -3.93
CA ASN A 166 -19.01 1.67 -2.51
C ASN A 166 -17.77 2.52 -2.22
N ARG A 167 -17.59 3.63 -2.92
CA ARG A 167 -16.37 4.47 -2.68
C ARG A 167 -16.23 4.86 -1.21
N GLU A 168 -17.30 5.14 -0.55
CA GLU A 168 -17.21 5.54 0.90
C GLU A 168 -16.71 4.41 1.79
N GLU A 169 -17.37 3.29 1.76
CA GLU A 169 -16.94 2.14 2.61
C GLU A 169 -15.56 1.63 2.22
N LEU A 170 -15.18 1.80 0.97
CA LEU A 170 -13.84 1.33 0.54
C LEU A 170 -12.74 2.34 0.92
N GLY A 171 -13.10 3.43 1.55
CA GLY A 171 -12.08 4.43 1.98
C GLY A 171 -11.56 5.25 0.79
N PHE A 172 -12.32 5.34 -0.28
CA PHE A 172 -11.85 6.16 -1.45
C PHE A 172 -12.38 7.58 -1.30
N ARG A 173 -11.74 8.37 -0.48
CA ARG A 173 -12.20 9.78 -0.22
C ARG A 173 -12.54 10.53 -1.52
N PRO A 174 -13.36 11.57 -1.39
CA PRO A 174 -13.79 12.35 -2.57
C PRO A 174 -12.66 13.23 -3.13
N GLU A 175 -11.60 13.44 -2.38
CA GLU A 175 -10.48 14.28 -2.90
C GLU A 175 -9.59 13.44 -3.85
N TYR A 176 -9.71 12.13 -3.80
CA TYR A 176 -8.90 11.26 -4.68
C TYR A 176 -9.46 11.24 -6.10
N SER A 177 -8.59 11.16 -7.07
CA SER A 177 -9.03 11.12 -8.48
C SER A 177 -8.53 9.82 -9.13
N ALA A 178 -9.07 9.47 -10.26
CA ALA A 178 -8.64 8.20 -10.94
C ALA A 178 -7.12 8.18 -11.19
N SER A 179 -6.53 9.32 -11.44
CA SER A 179 -5.06 9.38 -11.72
C SER A 179 -4.21 8.90 -10.53
N GLN A 180 -4.79 8.78 -9.36
CA GLN A 180 -3.99 8.34 -8.17
C GLN A 180 -3.99 6.81 -8.00
N LEU A 181 -4.77 6.09 -8.77
CA LEU A 181 -4.81 4.60 -8.62
C LEU A 181 -3.49 3.97 -9.06
N LYS A 182 -2.97 3.05 -8.27
CA LYS A 182 -1.69 2.38 -8.65
C LYS A 182 -1.89 1.58 -9.95
N GLY A 183 -1.16 1.91 -11.00
CA GLY A 183 -1.31 1.17 -12.28
C GLY A 183 -2.07 2.03 -13.32
N PHE A 184 -2.61 3.15 -12.90
CA PHE A 184 -3.39 4.02 -13.85
C PHE A 184 -2.59 4.33 -15.13
N SER A 185 -1.39 4.80 -14.97
CA SER A 185 -0.54 5.17 -16.15
C SER A 185 -0.43 4.07 -17.21
N LEU A 186 -0.63 2.81 -16.86
CA LEU A 186 -0.50 1.72 -17.89
C LEU A 186 -1.81 1.45 -18.65
N LEU A 187 -2.82 2.25 -18.44
CA LEU A 187 -4.11 2.02 -19.14
C LEU A 187 -4.17 2.84 -20.44
N ALA A 188 -4.85 2.32 -21.44
CA ALA A 188 -4.98 3.07 -22.72
C ALA A 188 -5.70 4.40 -22.45
N THR A 189 -5.41 5.42 -23.23
CA THR A 189 -6.08 6.76 -23.00
C THR A 189 -7.59 6.62 -22.82
N GLU A 190 -8.24 5.87 -23.66
CA GLU A 190 -9.73 5.68 -23.54
C GLU A 190 -10.11 5.17 -22.14
N ASP A 191 -9.44 4.15 -21.68
CA ASP A 191 -9.74 3.60 -20.33
C ASP A 191 -9.46 4.64 -19.24
N LYS A 192 -8.39 5.40 -19.39
CA LYS A 192 -8.06 6.43 -18.36
C LYS A 192 -9.14 7.51 -18.30
N GLU A 193 -9.65 7.90 -19.44
CA GLU A 193 -10.72 8.96 -19.46
C GLU A 193 -11.98 8.45 -18.75
N ALA A 194 -12.38 7.24 -19.04
CA ALA A 194 -13.61 6.68 -18.40
C ALA A 194 -13.48 6.71 -16.88
N LEU A 195 -12.31 6.40 -16.36
CA LEU A 195 -12.12 6.41 -14.88
C LEU A 195 -12.16 7.85 -14.36
N LYS A 196 -11.34 8.73 -14.92
CA LYS A 196 -11.35 10.16 -14.47
C LYS A 196 -12.79 10.71 -14.48
N LYS A 197 -13.59 10.19 -15.36
CA LYS A 197 -15.02 10.64 -15.46
C LYS A 197 -15.81 10.25 -14.20
N GLN A 198 -15.65 9.04 -13.73
CA GLN A 198 -16.42 8.59 -12.53
C GLN A 198 -15.70 8.99 -11.24
N LEU A 199 -14.40 9.09 -11.26
CA LEU A 199 -13.65 9.52 -10.04
C LEU A 199 -12.88 10.81 -10.38
N PRO A 200 -13.59 11.91 -10.40
CA PRO A 200 -12.97 13.21 -10.76
C PRO A 200 -12.08 13.74 -9.64
N GLY A 201 -12.50 13.58 -8.40
CA GLY A 201 -11.68 14.07 -7.27
C GLY A 201 -11.86 15.60 -7.15
N VAL A 202 -11.48 16.33 -8.15
CA VAL A 202 -11.65 17.82 -8.10
C VAL A 202 -12.88 18.22 -8.92
N LYS A 203 -14.03 18.24 -8.30
CA LYS A 203 -15.27 18.62 -9.05
C LYS A 203 -15.74 20.02 -8.64
N SER A 204 -15.39 20.47 -7.46
CA SER A 204 -15.82 21.83 -7.02
C SER A 204 -15.38 22.88 -8.04
N GLU A 205 -14.23 22.71 -8.62
CA GLU A 205 -13.74 23.69 -9.63
C GLU A 205 -13.63 23.04 -11.01
N GLY A 206 -13.17 23.75 -11.99
CA GLY A 206 -13.04 23.18 -13.35
C GLY A 206 -11.56 22.97 -13.69
N LYS A 207 -10.93 23.95 -14.28
CA LYS A 207 -9.49 23.82 -14.63
C LYS A 207 -8.67 24.84 -13.84
N ARG A 208 -8.46 24.60 -12.57
CA ARG A 208 -7.67 25.55 -11.73
C ARG A 208 -8.21 26.98 -11.89
N LYS A 209 -9.49 27.11 -12.12
CA LYS A 209 -10.08 28.47 -12.28
C LYS A 209 -10.69 28.93 -10.96
N GLY A 210 -10.98 30.21 -10.84
CA GLY A 210 -11.59 30.72 -9.57
C GLY A 210 -12.91 31.43 -9.89
N ASP A 211 -12.83 32.66 -10.31
CA ASP A 211 -14.09 33.41 -10.63
C ASP A 211 -13.91 34.21 -11.93
N GLU A 212 -14.72 33.96 -12.92
CA GLU A 212 -14.60 34.72 -14.20
C GLU A 212 -15.89 35.50 -14.47
N VAL A 213 -16.28 36.34 -13.55
CA VAL A 213 -17.53 37.15 -13.76
C VAL A 213 -18.70 36.23 -14.10
N ASP A 214 -19.40 35.74 -13.12
CA ASP A 214 -20.56 34.84 -13.39
C ASP A 214 -21.71 35.62 -14.02
ZN ZN C . 17.93 -9.03 3.78
ZN ZN D . -19.31 -5.96 -9.94
N MET A 1 -3.89 -9.23 23.73
CA MET A 1 -4.47 -8.82 25.04
C MET A 1 -4.32 -7.30 25.21
N ALA A 2 -3.12 -6.83 25.41
CA ALA A 2 -2.90 -5.36 25.59
C ALA A 2 -1.41 -5.03 25.52
N GLU A 3 -0.58 -5.88 26.10
CA GLU A 3 0.90 -5.61 26.07
C GLU A 3 1.38 -5.46 24.63
N SER A 4 1.04 -6.39 23.78
CA SER A 4 1.48 -6.30 22.36
C SER A 4 0.95 -5.02 21.71
N SER A 5 0.98 -4.94 20.40
CA SER A 5 0.46 -3.72 19.72
C SER A 5 -0.47 -4.12 18.57
N ASP A 6 -0.82 -3.17 17.73
CA ASP A 6 -1.74 -3.48 16.59
C ASP A 6 -1.11 -3.05 15.26
N LYS A 7 -0.02 -2.31 15.31
CA LYS A 7 0.63 -1.86 14.04
C LYS A 7 0.99 -3.08 13.18
N LEU A 8 1.03 -2.92 11.88
CA LEU A 8 1.35 -4.10 11.02
C LEU A 8 2.86 -4.24 10.83
N TYR A 9 3.64 -3.22 11.11
CA TYR A 9 5.12 -3.35 10.93
C TYR A 9 5.89 -2.97 12.19
N ARG A 10 7.12 -3.42 12.29
CA ARG A 10 7.95 -3.08 13.47
C ARG A 10 9.39 -2.78 13.01
N VAL A 11 10.02 -1.82 13.63
CA VAL A 11 11.41 -1.48 13.27
C VAL A 11 12.22 -1.37 14.55
N GLU A 12 13.42 -1.89 14.57
CA GLU A 12 14.24 -1.81 15.81
C GLU A 12 15.65 -2.31 15.56
N TYR A 13 16.52 -2.08 16.50
CA TYR A 13 17.90 -2.58 16.36
C TYR A 13 17.89 -4.05 16.77
N ALA A 14 18.39 -4.92 15.92
CA ALA A 14 18.36 -6.39 16.19
C ALA A 14 18.68 -6.76 17.64
N LYS A 15 17.74 -7.37 18.31
CA LYS A 15 17.96 -7.81 19.73
C LYS A 15 18.98 -8.96 19.76
N SER A 16 19.15 -9.62 18.64
CA SER A 16 20.13 -10.73 18.55
C SER A 16 20.62 -10.84 17.10
N GLY A 17 21.54 -11.74 16.83
CA GLY A 17 22.06 -11.87 15.43
C GLY A 17 21.63 -13.22 14.87
N ARG A 18 20.61 -13.82 15.45
CA ARG A 18 20.15 -15.17 14.98
C ARG A 18 18.98 -15.06 13.97
N ALA A 19 18.32 -13.94 13.90
CA ALA A 19 17.18 -13.81 12.92
C ALA A 19 17.70 -13.87 11.47
N SER A 20 16.96 -14.52 10.60
CA SER A 20 17.37 -14.65 9.19
C SER A 20 16.44 -13.81 8.32
N CYS A 21 17.00 -13.08 7.42
CA CYS A 21 16.19 -12.22 6.52
C CYS A 21 15.25 -13.06 5.66
N LYS A 22 13.98 -12.75 5.66
CA LYS A 22 13.00 -13.55 4.85
C LYS A 22 13.16 -13.30 3.34
N LYS A 23 14.01 -12.38 2.95
CA LYS A 23 14.21 -12.10 1.49
C LYS A 23 15.51 -12.75 0.97
N CYS A 24 16.65 -12.39 1.53
CA CYS A 24 17.93 -12.97 1.03
C CYS A 24 18.43 -14.15 1.90
N SER A 25 17.76 -14.46 2.99
CA SER A 25 18.15 -15.62 3.87
C SER A 25 19.42 -15.38 4.73
N GLU A 26 20.16 -14.32 4.51
CA GLU A 26 21.38 -14.07 5.34
C GLU A 26 20.96 -13.66 6.76
N SER A 27 21.81 -13.88 7.73
CA SER A 27 21.46 -13.53 9.13
C SER A 27 21.45 -12.02 9.33
N ILE A 28 20.62 -11.55 10.22
CA ILE A 28 20.57 -10.10 10.52
C ILE A 28 21.46 -9.86 11.75
N PRO A 29 22.52 -9.10 11.60
CA PRO A 29 23.47 -8.88 12.72
C PRO A 29 22.84 -8.12 13.89
N LYS A 30 23.20 -8.52 15.09
CA LYS A 30 22.66 -7.86 16.33
C LYS A 30 22.91 -6.36 16.29
N ASP A 31 21.96 -5.57 16.81
CA ASP A 31 22.10 -4.07 16.84
C ASP A 31 21.88 -3.42 15.46
N SER A 32 21.82 -4.20 14.40
CA SER A 32 21.61 -3.59 13.06
C SER A 32 20.15 -3.19 12.90
N LEU A 33 19.87 -2.24 12.06
CA LEU A 33 18.47 -1.80 11.87
C LEU A 33 17.72 -2.83 11.01
N ARG A 34 16.67 -3.41 11.54
CA ARG A 34 15.89 -4.42 10.78
C ARG A 34 14.41 -4.06 10.82
N MET A 35 13.66 -4.53 9.86
CA MET A 35 12.20 -4.23 9.84
C MET A 35 11.41 -5.53 9.64
N ALA A 36 10.20 -5.57 10.12
CA ALA A 36 9.42 -6.82 9.96
C ALA A 36 7.93 -6.54 9.74
N ILE A 37 7.25 -7.42 9.06
CA ILE A 37 5.78 -7.26 8.88
C ILE A 37 5.08 -8.13 9.94
N MET A 38 4.40 -7.52 10.86
CA MET A 38 3.71 -8.30 11.94
C MET A 38 2.77 -9.36 11.35
N VAL A 39 2.55 -10.41 12.09
CA VAL A 39 1.65 -11.50 11.61
C VAL A 39 1.04 -12.22 12.82
N GLN A 40 -0.26 -12.32 12.88
CA GLN A 40 -0.91 -13.02 14.02
C GLN A 40 -0.74 -14.54 13.90
N SER A 41 -0.36 -15.19 14.95
CA SER A 41 -0.16 -16.68 14.89
C SER A 41 -1.42 -17.40 15.39
N PRO A 42 -1.86 -18.39 14.64
CA PRO A 42 -3.06 -19.15 15.02
C PRO A 42 -2.71 -20.26 16.03
N MET A 43 -1.45 -20.42 16.37
CA MET A 43 -1.06 -21.48 17.33
C MET A 43 -0.96 -20.91 18.75
N PHE A 44 -0.89 -19.61 18.88
CA PHE A 44 -0.79 -18.99 20.23
C PHE A 44 -1.05 -17.49 20.17
N ASP A 45 -1.57 -16.92 21.23
CA ASP A 45 -1.84 -15.45 21.23
C ASP A 45 -0.51 -14.69 21.13
N GLY A 46 -0.36 -13.88 20.13
CA GLY A 46 0.91 -13.11 19.96
C GLY A 46 1.20 -12.96 18.47
N LYS A 47 1.96 -11.99 18.09
CA LYS A 47 2.27 -11.79 16.65
C LYS A 47 3.70 -12.25 16.32
N VAL A 48 3.87 -12.92 15.20
CA VAL A 48 5.23 -13.38 14.79
C VAL A 48 5.80 -12.39 13.76
N PRO A 49 7.00 -11.93 13.99
CA PRO A 49 7.60 -10.95 13.08
C PRO A 49 8.40 -11.63 11.96
N HIS A 50 8.14 -11.25 10.74
CA HIS A 50 8.97 -11.78 9.61
C HIS A 50 10.05 -10.73 9.41
N TRP A 51 11.24 -10.95 9.91
CA TRP A 51 12.29 -9.90 9.82
C TRP A 51 13.05 -9.88 8.49
N TYR A 52 13.56 -8.72 8.19
CA TYR A 52 14.33 -8.50 6.94
C TYR A 52 15.41 -7.43 7.19
N HIS A 53 16.51 -7.46 6.49
CA HIS A 53 17.51 -6.37 6.66
C HIS A 53 16.81 -5.10 6.18
N PHE A 54 17.19 -3.96 6.65
CA PHE A 54 16.49 -2.69 6.22
C PHE A 54 16.23 -2.62 4.70
N SER A 55 17.24 -2.83 3.90
CA SER A 55 17.07 -2.76 2.42
C SER A 55 16.18 -3.89 1.87
N CYS A 56 16.40 -5.12 2.29
CA CYS A 56 15.58 -6.26 1.78
C CYS A 56 14.07 -6.04 2.00
N PHE A 57 13.71 -5.45 3.10
CA PHE A 57 12.25 -5.23 3.41
C PHE A 57 11.50 -4.54 2.25
N TRP A 58 12.15 -3.61 1.55
CA TRP A 58 11.45 -2.87 0.47
C TRP A 58 11.53 -3.62 -0.88
N LYS A 59 12.44 -4.54 -1.01
CA LYS A 59 12.56 -5.28 -2.30
C LYS A 59 11.57 -6.44 -2.41
N VAL A 60 10.74 -6.65 -1.42
CA VAL A 60 9.75 -7.77 -1.48
C VAL A 60 8.36 -7.25 -1.90
N GLY A 61 8.08 -6.00 -1.67
CA GLY A 61 6.75 -5.46 -2.04
C GLY A 61 6.13 -4.72 -0.84
N HIS A 62 6.75 -4.81 0.32
CA HIS A 62 6.21 -4.11 1.51
C HIS A 62 6.21 -2.59 1.25
N SER A 63 5.16 -1.91 1.63
CA SER A 63 5.12 -0.43 1.38
C SER A 63 4.61 0.33 2.60
N ILE A 64 5.14 1.50 2.83
CA ILE A 64 4.70 2.32 4.00
C ILE A 64 4.68 3.80 3.61
N ARG A 65 3.54 4.44 3.69
CA ARG A 65 3.46 5.88 3.33
C ARG A 65 3.81 6.74 4.56
N HIS A 66 3.31 6.38 5.70
CA HIS A 66 3.61 7.14 6.95
C HIS A 66 4.21 6.21 8.01
N PRO A 67 5.52 6.16 8.08
CA PRO A 67 6.22 5.28 9.05
C PRO A 67 5.86 5.62 10.52
N ASP A 68 5.90 6.89 10.90
CA ASP A 68 5.56 7.28 12.30
C ASP A 68 4.26 6.63 12.83
N VAL A 69 3.27 6.46 12.00
CA VAL A 69 1.97 5.85 12.49
C VAL A 69 1.80 4.38 12.09
N GLU A 70 2.44 3.92 11.04
CA GLU A 70 2.25 2.50 10.61
C GLU A 70 3.35 1.55 11.13
N VAL A 71 4.45 2.06 11.58
CA VAL A 71 5.55 1.15 12.06
C VAL A 71 5.82 1.31 13.55
N ASP A 72 5.56 0.27 14.32
CA ASP A 72 5.82 0.34 15.79
C ASP A 72 7.33 0.43 16.05
N GLY A 73 7.75 1.20 17.04
CA GLY A 73 9.19 1.32 17.36
C GLY A 73 9.86 2.44 16.54
N PHE A 74 9.16 3.01 15.60
CA PHE A 74 9.77 4.09 14.75
C PHE A 74 10.25 5.26 15.61
N SER A 75 9.42 5.75 16.48
CA SER A 75 9.81 6.92 17.33
C SER A 75 11.03 6.61 18.25
N GLU A 76 11.32 5.34 18.54
CA GLU A 76 12.48 5.05 19.40
C GLU A 76 13.80 4.87 18.60
N LEU A 77 13.74 4.95 17.29
CA LEU A 77 14.98 4.80 16.48
C LEU A 77 15.82 6.06 16.61
N ARG A 78 17.10 5.98 16.34
CA ARG A 78 17.96 7.19 16.38
C ARG A 78 17.47 8.16 15.29
N TRP A 79 17.66 9.44 15.48
CA TRP A 79 17.17 10.45 14.48
C TRP A 79 17.53 10.07 13.03
N ASP A 80 18.79 9.87 12.74
CA ASP A 80 19.19 9.53 11.34
C ASP A 80 18.43 8.31 10.81
N ASP A 81 18.23 7.30 11.62
CA ASP A 81 17.49 6.09 11.15
C ASP A 81 16.02 6.46 10.93
N GLN A 82 15.51 7.39 11.68
CA GLN A 82 14.09 7.81 11.51
C GLN A 82 13.96 8.53 10.16
N GLN A 83 14.98 9.27 9.78
CA GLN A 83 14.95 10.00 8.49
C GLN A 83 15.15 8.98 7.35
N LYS A 84 16.06 8.07 7.54
CA LYS A 84 16.31 7.03 6.49
C LYS A 84 15.03 6.25 6.20
N VAL A 85 14.35 5.82 7.23
CA VAL A 85 13.08 5.07 7.02
C VAL A 85 12.04 6.01 6.39
N LYS A 86 11.99 7.24 6.84
CA LYS A 86 11.00 8.20 6.28
C LYS A 86 11.26 8.46 4.80
N LYS A 87 12.50 8.64 4.43
CA LYS A 87 12.81 8.90 2.99
C LYS A 87 12.64 7.62 2.17
N THR A 88 13.13 6.52 2.67
CA THR A 88 12.99 5.23 1.92
C THR A 88 11.51 4.93 1.71
N ALA A 89 10.69 5.24 2.68
CA ALA A 89 9.22 4.99 2.54
C ALA A 89 8.68 5.86 1.40
N GLU A 90 9.06 7.11 1.36
CA GLU A 90 8.56 8.00 0.28
C GLU A 90 9.04 7.50 -1.10
N ALA A 91 10.32 7.24 -1.22
CA ALA A 91 10.85 6.75 -2.53
C ALA A 91 10.11 5.47 -2.96
N GLY A 92 9.40 5.52 -4.05
CA GLY A 92 8.66 4.31 -4.51
C GLY A 92 9.64 3.18 -4.84
N GLY A 93 10.01 2.41 -3.85
CA GLY A 93 10.96 1.29 -4.11
C GLY A 93 12.25 1.83 -4.74
N VAL A 94 12.85 1.07 -5.63
CA VAL A 94 14.11 1.53 -6.30
C VAL A 94 15.13 1.96 -5.25
N THR A 95 15.70 1.02 -4.54
CA THR A 95 16.71 1.38 -3.50
C THR A 95 18.12 1.34 -4.10
N GLY A 96 19.12 1.22 -3.27
CA GLY A 96 20.52 1.18 -3.80
C GLY A 96 20.83 2.49 -4.53
N LYS A 97 20.77 3.59 -3.84
CA LYS A 97 21.05 4.90 -4.50
C LYS A 97 22.37 5.47 -3.96
N GLY A 98 23.41 4.68 -3.91
CA GLY A 98 24.72 5.18 -3.41
C GLY A 98 25.61 5.56 -4.58
N GLN A 99 25.46 4.90 -5.70
CA GLN A 99 26.29 5.23 -6.89
C GLN A 99 25.49 5.05 -8.18
N ASP A 100 24.39 5.73 -8.30
CA ASP A 100 23.55 5.59 -9.53
C ASP A 100 22.69 6.85 -9.73
N GLY A 101 21.94 6.89 -10.80
CA GLY A 101 21.09 8.08 -11.06
C GLY A 101 19.62 7.67 -10.98
N ILE A 102 18.79 8.53 -10.43
CA ILE A 102 17.34 8.19 -10.32
C ILE A 102 16.59 8.64 -11.57
N GLY A 103 16.54 9.93 -11.80
CA GLY A 103 15.83 10.44 -13.01
C GLY A 103 14.38 10.81 -12.63
N SER A 104 13.55 9.83 -12.41
CA SER A 104 12.13 10.12 -12.04
C SER A 104 11.99 10.20 -10.52
N LYS A 105 10.86 10.67 -10.06
CA LYS A 105 10.65 10.77 -8.58
C LYS A 105 9.33 10.13 -8.19
N ALA A 106 8.80 10.48 -7.04
CA ALA A 106 7.50 9.90 -6.60
C ALA A 106 6.33 10.70 -7.19
N GLU A 107 5.14 10.37 -6.79
CA GLU A 107 3.94 11.10 -7.34
C GLU A 107 2.70 10.77 -6.50
N LYS A 108 1.70 11.61 -6.55
CA LYS A 108 0.46 11.33 -5.77
C LYS A 108 -0.18 10.01 -6.21
N THR A 109 -0.12 9.01 -5.38
CA THR A 109 -0.72 7.69 -5.75
C THR A 109 -1.12 6.92 -4.49
N LEU A 110 -2.34 6.46 -4.43
CA LEU A 110 -2.79 5.69 -3.24
C LEU A 110 -2.04 4.36 -3.15
N GLY A 111 -1.81 3.88 -1.95
CA GLY A 111 -1.08 2.59 -1.80
C GLY A 111 -2.06 1.45 -1.51
N ASP A 112 -3.31 1.77 -1.27
CA ASP A 112 -4.31 0.69 -0.97
C ASP A 112 -5.41 0.64 -2.03
N PHE A 113 -5.30 1.40 -3.08
CA PHE A 113 -6.35 1.38 -4.16
C PHE A 113 -5.66 1.16 -5.51
N ALA A 114 -6.17 0.26 -6.32
CA ALA A 114 -5.50 0.01 -7.64
C ALA A 114 -6.49 -0.21 -8.77
N ALA A 115 -6.03 0.01 -9.97
CA ALA A 115 -6.88 -0.19 -11.19
C ALA A 115 -6.04 -0.90 -12.26
N GLU A 116 -6.56 -1.93 -12.85
CA GLU A 116 -5.79 -2.65 -13.90
C GLU A 116 -6.71 -3.51 -14.74
N TYR A 117 -6.24 -3.98 -15.86
CA TYR A 117 -7.09 -4.87 -16.69
C TYR A 117 -7.02 -6.27 -16.08
N ALA A 118 -8.13 -6.96 -15.97
CA ALA A 118 -8.12 -8.32 -15.34
C ALA A 118 -7.05 -9.22 -15.96
N LYS A 119 -6.04 -9.59 -15.19
CA LYS A 119 -4.97 -10.47 -15.70
C LYS A 119 -5.55 -11.86 -16.05
N SER A 120 -6.71 -12.18 -15.53
CA SER A 120 -7.34 -13.50 -15.83
C SER A 120 -8.86 -13.39 -15.70
N ASN A 121 -9.55 -14.50 -15.72
CA ASN A 121 -11.04 -14.45 -15.61
C ASN A 121 -11.54 -15.23 -14.38
N ARG A 122 -10.67 -15.56 -13.46
CA ARG A 122 -11.11 -16.31 -12.24
C ARG A 122 -11.29 -15.35 -11.04
N SER A 123 -11.09 -14.06 -11.23
CA SER A 123 -11.28 -13.11 -10.10
C SER A 123 -12.78 -12.89 -9.94
N THR A 124 -13.21 -12.22 -8.90
CA THR A 124 -14.68 -12.01 -8.71
C THR A 124 -14.95 -10.65 -8.07
N CYS A 125 -15.84 -9.88 -8.67
CA CYS A 125 -16.19 -8.57 -8.06
C CYS A 125 -16.81 -8.81 -6.68
N LYS A 126 -16.22 -8.24 -5.65
CA LYS A 126 -16.75 -8.43 -4.27
C LYS A 126 -17.96 -7.52 -3.97
N GLY A 127 -18.63 -7.01 -4.98
CA GLY A 127 -19.80 -6.12 -4.75
C GLY A 127 -21.04 -6.86 -5.25
N CYS A 128 -20.93 -7.50 -6.40
CA CYS A 128 -22.08 -8.27 -6.94
C CYS A 128 -21.73 -9.78 -7.03
N MET A 129 -20.52 -10.17 -6.59
CA MET A 129 -20.10 -11.60 -6.64
C MET A 129 -20.10 -12.19 -8.07
N GLU A 130 -20.20 -11.37 -9.08
CA GLU A 130 -20.16 -11.90 -10.47
C GLU A 130 -18.71 -11.95 -10.94
N LYS A 131 -18.35 -12.95 -11.71
CA LYS A 131 -16.93 -13.07 -12.15
C LYS A 131 -16.52 -11.91 -13.07
N ILE A 132 -15.28 -11.49 -12.96
CA ILE A 132 -14.78 -10.42 -13.86
C ILE A 132 -14.08 -11.11 -15.04
N GLU A 133 -14.38 -10.70 -16.25
CA GLU A 133 -13.74 -11.36 -17.43
C GLU A 133 -12.32 -10.84 -17.66
N LYS A 134 -11.44 -11.72 -18.07
CA LYS A 134 -10.03 -11.29 -18.38
C LYS A 134 -10.01 -10.10 -19.36
N GLY A 135 -9.21 -9.10 -19.10
CA GLY A 135 -9.14 -7.92 -20.01
C GLY A 135 -10.05 -6.80 -19.50
N GLN A 136 -11.12 -7.15 -18.80
CA GLN A 136 -12.05 -6.10 -18.28
C GLN A 136 -11.37 -5.24 -17.22
N VAL A 137 -11.63 -3.96 -17.24
CA VAL A 137 -11.03 -3.05 -16.23
C VAL A 137 -11.63 -3.36 -14.86
N ARG A 138 -10.81 -3.45 -13.85
CA ARG A 138 -11.33 -3.75 -12.49
C ARG A 138 -10.61 -2.86 -11.47
N LEU A 139 -11.27 -2.57 -10.38
CA LEU A 139 -10.65 -1.70 -9.32
C LEU A 139 -10.53 -2.51 -8.04
N SER A 140 -9.70 -2.09 -7.11
CA SER A 140 -9.58 -2.89 -5.88
C SER A 140 -9.18 -2.07 -4.65
N LYS A 141 -9.67 -2.48 -3.51
CA LYS A 141 -9.30 -1.81 -2.23
C LYS A 141 -8.39 -2.76 -1.43
N LYS A 142 -7.11 -2.50 -1.44
CA LYS A 142 -6.15 -3.38 -0.70
C LYS A 142 -6.57 -3.58 0.76
N MET A 143 -6.40 -4.77 1.27
CA MET A 143 -6.77 -5.04 2.69
C MET A 143 -6.01 -6.28 3.18
N VAL A 144 -5.64 -6.33 4.44
CA VAL A 144 -4.89 -7.52 4.95
C VAL A 144 -5.84 -8.45 5.70
N ASP A 145 -5.63 -9.74 5.57
CA ASP A 145 -6.49 -10.71 6.28
C ASP A 145 -5.76 -11.24 7.52
N PRO A 146 -6.41 -11.19 8.65
CA PRO A 146 -5.79 -11.67 9.91
C PRO A 146 -5.59 -13.19 9.86
N GLU A 147 -6.29 -13.85 8.99
CA GLU A 147 -6.14 -15.33 8.88
C GLU A 147 -4.96 -15.66 7.97
N LYS A 148 -4.61 -14.77 7.08
CA LYS A 148 -3.46 -15.01 6.17
C LYS A 148 -2.50 -13.81 6.21
N PRO A 149 -1.84 -13.66 7.33
CA PRO A 149 -0.91 -12.53 7.52
C PRO A 149 0.34 -12.65 6.63
N GLN A 150 0.69 -13.83 6.21
CA GLN A 150 1.90 -13.99 5.34
C GLN A 150 1.66 -13.32 3.97
N LEU A 151 0.43 -13.13 3.60
CA LEU A 151 0.13 -12.50 2.28
C LEU A 151 0.27 -10.97 2.39
N GLY A 152 -0.29 -10.39 3.41
CA GLY A 152 -0.19 -8.91 3.57
C GLY A 152 -1.31 -8.21 2.80
N MET A 153 -1.04 -7.06 2.28
CA MET A 153 -2.07 -6.30 1.51
C MET A 153 -2.58 -7.12 0.31
N ILE A 154 -3.82 -7.58 0.38
CA ILE A 154 -4.38 -8.37 -0.76
C ILE A 154 -5.45 -7.54 -1.49
N ASP A 155 -5.51 -7.63 -2.79
CA ASP A 155 -6.52 -6.82 -3.54
C ASP A 155 -7.94 -7.40 -3.45
N ARG A 156 -8.88 -6.56 -3.15
CA ARG A 156 -10.32 -6.97 -3.14
C ARG A 156 -10.86 -6.36 -4.41
N TRP A 157 -11.10 -7.16 -5.44
CA TRP A 157 -11.51 -6.58 -6.74
C TRP A 157 -13.00 -6.27 -6.87
N TYR A 158 -13.31 -5.39 -7.80
CA TYR A 158 -14.70 -4.97 -8.05
C TYR A 158 -14.82 -4.41 -9.47
N HIS A 159 -16.00 -4.37 -10.01
CA HIS A 159 -16.17 -3.71 -11.33
C HIS A 159 -16.12 -2.22 -11.01
N PRO A 160 -15.66 -1.40 -11.92
CA PRO A 160 -15.56 0.05 -11.62
C PRO A 160 -16.93 0.60 -11.15
N GLY A 161 -18.01 0.22 -11.79
CA GLY A 161 -19.35 0.68 -11.35
C GLY A 161 -19.63 0.17 -9.93
N CYS A 162 -19.48 -1.12 -9.71
CA CYS A 162 -19.71 -1.69 -8.35
C CYS A 162 -18.83 -0.97 -7.31
N PHE A 163 -17.57 -0.72 -7.66
CA PHE A 163 -16.64 -0.03 -6.71
C PHE A 163 -17.18 1.35 -6.36
N VAL A 164 -17.63 2.09 -7.35
CA VAL A 164 -18.14 3.46 -7.09
C VAL A 164 -19.37 3.39 -6.17
N LYS A 165 -20.22 2.43 -6.36
CA LYS A 165 -21.45 2.33 -5.49
C LYS A 165 -21.05 2.20 -4.00
N ASN A 166 -19.98 1.52 -3.72
CA ASN A 166 -19.52 1.36 -2.30
C ASN A 166 -18.29 2.22 -1.98
N ARG A 167 -18.13 3.34 -2.67
CA ARG A 167 -16.93 4.20 -2.42
C ARG A 167 -16.79 4.57 -0.94
N GLU A 168 -17.88 4.83 -0.28
CA GLU A 168 -17.82 5.21 1.18
C GLU A 168 -17.30 4.07 2.05
N GLU A 169 -17.94 2.94 1.99
CA GLU A 169 -17.50 1.79 2.85
C GLU A 169 -16.10 1.32 2.44
N LEU A 170 -15.72 1.51 1.21
CA LEU A 170 -14.36 1.06 0.78
C LEU A 170 -13.29 2.10 1.18
N GLY A 171 -13.68 3.16 1.82
CA GLY A 171 -12.67 4.18 2.28
C GLY A 171 -12.16 5.02 1.11
N PHE A 172 -12.91 5.12 0.03
CA PHE A 172 -12.45 5.96 -1.12
C PHE A 172 -13.02 7.37 -0.96
N ARG A 173 -12.40 8.16 -0.12
CA ARG A 173 -12.88 9.56 0.15
C ARG A 173 -13.23 10.32 -1.14
N PRO A 174 -14.06 11.34 -1.00
CA PRO A 174 -14.50 12.13 -2.17
C PRO A 174 -13.40 13.05 -2.71
N GLU A 175 -12.34 13.25 -1.95
CA GLU A 175 -11.23 14.12 -2.45
C GLU A 175 -10.31 13.32 -3.40
N TYR A 176 -10.42 12.01 -3.37
CA TYR A 176 -9.57 11.17 -4.25
C TYR A 176 -10.13 11.16 -5.69
N SER A 177 -9.25 11.11 -6.65
CA SER A 177 -9.67 11.07 -8.07
C SER A 177 -9.15 9.80 -8.73
N ALA A 178 -9.66 9.45 -9.87
CA ALA A 178 -9.21 8.20 -10.57
C ALA A 178 -7.69 8.21 -10.80
N SER A 179 -7.12 9.36 -11.03
CA SER A 179 -5.65 9.46 -11.30
C SER A 179 -4.80 8.97 -10.11
N GLN A 180 -5.39 8.83 -8.94
CA GLN A 180 -4.58 8.38 -7.75
C GLN A 180 -4.57 6.85 -7.60
N LEU A 181 -5.32 6.14 -8.39
CA LEU A 181 -5.33 4.64 -8.26
C LEU A 181 -3.98 4.04 -8.70
N LYS A 182 -3.47 3.11 -7.93
CA LYS A 182 -2.21 2.42 -8.24
C LYS A 182 -2.35 1.69 -9.60
N GLY A 183 -1.61 2.05 -10.64
CA GLY A 183 -1.74 1.33 -11.96
C GLY A 183 -2.50 2.19 -12.98
N PHE A 184 -3.08 3.29 -12.55
CA PHE A 184 -3.85 4.16 -13.49
C PHE A 184 -3.06 4.50 -14.75
N SER A 185 -1.87 4.99 -14.58
CA SER A 185 -1.02 5.40 -15.75
C SER A 185 -0.89 4.31 -16.82
N LEU A 186 -1.05 3.04 -16.50
CA LEU A 186 -0.89 1.97 -17.53
C LEU A 186 -2.20 1.68 -18.32
N LEU A 187 -3.22 2.46 -18.10
CA LEU A 187 -4.50 2.22 -18.82
C LEU A 187 -4.58 3.06 -20.10
N ALA A 188 -5.23 2.54 -21.11
CA ALA A 188 -5.37 3.31 -22.39
C ALA A 188 -6.11 4.61 -22.09
N THR A 189 -5.85 5.65 -22.86
CA THR A 189 -6.53 6.97 -22.63
C THR A 189 -8.05 6.81 -22.45
N GLU A 190 -8.67 6.06 -23.32
CA GLU A 190 -10.16 5.84 -23.21
C GLU A 190 -10.53 5.30 -21.82
N ASP A 191 -9.85 4.29 -21.37
CA ASP A 191 -10.15 3.70 -20.02
C ASP A 191 -9.90 4.74 -18.92
N LYS A 192 -8.85 5.53 -19.05
CA LYS A 192 -8.54 6.55 -18.00
C LYS A 192 -9.64 7.60 -17.94
N GLU A 193 -10.15 8.01 -19.07
CA GLU A 193 -11.24 9.04 -19.08
C GLU A 193 -12.50 8.50 -18.40
N ALA A 194 -12.87 7.29 -18.71
CA ALA A 194 -14.09 6.69 -18.08
C ALA A 194 -13.98 6.71 -16.55
N LEU A 195 -12.81 6.41 -16.04
CA LEU A 195 -12.63 6.40 -14.56
C LEU A 195 -12.70 7.83 -14.01
N LYS A 196 -11.89 8.73 -14.55
CA LYS A 196 -11.93 10.15 -14.08
C LYS A 196 -13.37 10.67 -14.10
N LYS A 197 -14.17 10.15 -14.99
CA LYS A 197 -15.60 10.59 -15.09
C LYS A 197 -16.40 10.16 -13.85
N GLN A 198 -16.21 8.94 -13.40
CA GLN A 198 -16.98 8.46 -12.21
C GLN A 198 -16.28 8.86 -10.90
N LEU A 199 -14.98 8.99 -10.92
CA LEU A 199 -14.25 9.41 -9.68
C LEU A 199 -13.51 10.71 -10.00
N PRO A 200 -14.24 11.80 -10.00
CA PRO A 200 -13.64 13.12 -10.33
C PRO A 200 -12.73 13.64 -9.21
N GLY A 201 -13.15 13.50 -7.98
CA GLY A 201 -12.29 13.99 -6.85
C GLY A 201 -12.45 15.51 -6.73
N VAL A 202 -11.93 16.25 -7.67
CA VAL A 202 -12.05 17.74 -7.60
C VAL A 202 -12.22 18.32 -9.00
N LYS A 203 -12.73 19.52 -9.09
CA LYS A 203 -12.93 20.14 -10.43
C LYS A 203 -11.58 20.33 -11.14
N SER A 204 -11.20 19.38 -11.96
CA SER A 204 -9.90 19.48 -12.68
C SER A 204 -10.02 18.88 -14.09
N GLU A 205 -10.30 19.68 -15.07
CA GLU A 205 -10.43 19.17 -16.46
C GLU A 205 -9.27 19.68 -17.32
N GLY A 206 -8.05 19.41 -16.93
CA GLY A 206 -6.89 19.88 -17.73
C GLY A 206 -5.65 19.96 -16.83
N LYS A 207 -4.53 19.53 -17.32
CA LYS A 207 -3.28 19.58 -16.50
C LYS A 207 -2.05 19.54 -17.40
N ARG A 208 -1.05 20.33 -17.10
CA ARG A 208 0.18 20.34 -17.93
C ARG A 208 0.99 19.07 -17.70
N LYS A 209 1.35 18.38 -18.75
CA LYS A 209 2.15 17.13 -18.59
C LYS A 209 3.64 17.43 -18.79
N GLY A 210 4.45 16.40 -18.88
CA GLY A 210 5.91 16.62 -19.07
C GLY A 210 6.66 15.31 -18.89
N ASP A 211 6.54 14.70 -17.74
CA ASP A 211 7.24 13.41 -17.48
C ASP A 211 6.55 12.28 -18.26
N GLU A 212 5.25 12.35 -18.40
CA GLU A 212 4.52 11.29 -19.15
C GLU A 212 4.95 11.28 -20.61
N VAL A 213 5.75 10.32 -21.00
CA VAL A 213 6.21 10.26 -22.42
C VAL A 213 6.52 8.80 -22.81
N ASP A 214 5.52 7.95 -22.78
CA ASP A 214 5.77 6.53 -23.15
C ASP A 214 5.19 6.24 -24.54
ZN ZN C . 18.36 -9.56 3.67
ZN ZN D . -19.60 -6.18 -9.82
N MET A 1 -10.17 -9.60 23.60
CA MET A 1 -8.98 -9.99 24.42
C MET A 1 -7.70 -9.47 23.77
N ALA A 2 -7.22 -8.34 24.21
CA ALA A 2 -5.97 -7.77 23.62
C ALA A 2 -4.77 -8.10 24.51
N GLU A 3 -3.58 -8.08 23.94
CA GLU A 3 -2.37 -8.39 24.75
C GLU A 3 -1.14 -7.71 24.14
N SER A 4 -0.93 -7.89 22.87
CA SER A 4 0.26 -7.26 22.20
C SER A 4 -0.19 -6.01 21.44
N SER A 5 0.71 -5.43 20.69
CA SER A 5 0.34 -4.20 19.90
C SER A 5 -0.56 -4.58 18.72
N ASP A 6 -1.27 -3.63 18.19
CA ASP A 6 -2.18 -3.93 17.03
C ASP A 6 -1.56 -3.43 15.73
N LYS A 7 -0.52 -2.64 15.80
CA LYS A 7 0.11 -2.13 14.54
C LYS A 7 0.52 -3.30 13.65
N LEU A 8 0.56 -3.11 12.35
CA LEU A 8 0.94 -4.24 11.46
C LEU A 8 2.46 -4.30 11.27
N TYR A 9 3.19 -3.25 11.59
CA TYR A 9 4.66 -3.32 11.39
C TYR A 9 5.43 -2.94 12.67
N ARG A 10 6.67 -3.35 12.75
CA ARG A 10 7.50 -3.02 13.94
C ARG A 10 8.92 -2.65 13.48
N VAL A 11 9.49 -1.68 14.13
CA VAL A 11 10.88 -1.27 13.78
C VAL A 11 11.69 -1.17 15.07
N GLU A 12 12.91 -1.63 15.06
CA GLU A 12 13.72 -1.56 16.31
C GLU A 12 15.15 -1.99 16.04
N TYR A 13 16.01 -1.76 17.00
CA TYR A 13 17.42 -2.20 16.83
C TYR A 13 17.47 -3.68 17.19
N ALA A 14 18.00 -4.49 16.32
CA ALA A 14 18.04 -5.98 16.54
C ALA A 14 18.37 -6.38 17.98
N LYS A 15 17.45 -7.06 18.63
CA LYS A 15 17.69 -7.53 20.04
C LYS A 15 18.76 -8.63 20.02
N SER A 16 18.96 -9.26 18.89
CA SER A 16 19.98 -10.32 18.76
C SER A 16 20.47 -10.36 17.30
N GLY A 17 21.43 -11.21 17.01
CA GLY A 17 21.95 -11.27 15.61
C GLY A 17 21.57 -12.63 14.99
N ARG A 18 20.58 -13.29 15.55
CA ARG A 18 20.17 -14.63 15.04
C ARG A 18 18.99 -14.55 14.05
N ALA A 19 18.29 -13.44 14.01
CA ALA A 19 17.15 -13.33 13.03
C ALA A 19 17.67 -13.33 11.58
N SER A 20 16.96 -13.98 10.71
CA SER A 20 17.37 -14.04 9.28
C SER A 20 16.40 -13.22 8.44
N CYS A 21 16.94 -12.43 7.57
CA CYS A 21 16.07 -11.57 6.69
C CYS A 21 15.18 -12.43 5.81
N LYS A 22 13.90 -12.17 5.82
CA LYS A 22 12.94 -12.95 5.01
C LYS A 22 13.09 -12.68 3.48
N LYS A 23 13.90 -11.72 3.12
CA LYS A 23 14.09 -11.38 1.67
C LYS A 23 15.40 -11.95 1.13
N CYS A 24 16.53 -11.57 1.70
CA CYS A 24 17.84 -12.08 1.18
C CYS A 24 18.39 -13.27 2.01
N SER A 25 17.73 -13.64 3.08
CA SER A 25 18.18 -14.82 3.93
C SER A 25 19.43 -14.54 4.79
N GLU A 26 20.12 -13.45 4.61
CA GLU A 26 21.34 -13.18 5.44
C GLU A 26 20.91 -12.83 6.87
N SER A 27 21.77 -13.05 7.84
CA SER A 27 21.41 -12.76 9.25
C SER A 27 21.33 -11.25 9.51
N ILE A 28 20.49 -10.85 10.41
CA ILE A 28 20.38 -9.40 10.75
C ILE A 28 21.25 -9.17 12.00
N PRO A 29 22.29 -8.36 11.86
CA PRO A 29 23.23 -8.15 12.99
C PRO A 29 22.58 -7.44 14.19
N LYS A 30 22.95 -7.87 15.38
CA LYS A 30 22.40 -7.28 16.63
C LYS A 30 22.58 -5.76 16.65
N ASP A 31 21.60 -5.04 17.18
CA ASP A 31 21.67 -3.53 17.26
C ASP A 31 21.43 -2.85 15.91
N SER A 32 21.40 -3.60 14.82
CA SER A 32 21.16 -2.96 13.50
C SER A 32 19.68 -2.61 13.36
N LEU A 33 19.37 -1.63 12.54
CA LEU A 33 17.93 -1.25 12.37
C LEU A 33 17.23 -2.28 11.48
N ARG A 34 16.21 -2.92 12.00
CA ARG A 34 15.48 -3.93 11.20
C ARG A 34 13.98 -3.65 11.26
N MET A 35 13.24 -4.10 10.28
CA MET A 35 11.77 -3.87 10.26
C MET A 35 11.04 -5.19 10.03
N ALA A 36 9.82 -5.30 10.51
CA ALA A 36 9.09 -6.58 10.31
C ALA A 36 7.61 -6.34 10.11
N ILE A 37 6.98 -7.24 9.39
CA ILE A 37 5.50 -7.14 9.20
C ILE A 37 4.83 -8.09 10.21
N MET A 38 4.16 -7.53 11.18
CA MET A 38 3.50 -8.38 12.23
C MET A 38 2.57 -9.44 11.61
N VAL A 39 2.41 -10.53 12.31
CA VAL A 39 1.53 -11.63 11.79
C VAL A 39 0.96 -12.42 12.98
N GLN A 40 -0.34 -12.58 13.04
CA GLN A 40 -0.95 -13.34 14.17
C GLN A 40 -0.73 -14.84 13.99
N SER A 41 -0.29 -15.52 15.02
CA SER A 41 -0.05 -16.99 14.89
C SER A 41 -1.28 -17.78 15.38
N PRO A 42 -1.67 -18.76 14.61
CA PRO A 42 -2.83 -19.59 14.96
C PRO A 42 -2.44 -20.71 15.94
N MET A 43 -1.17 -20.83 16.26
CA MET A 43 -0.73 -21.91 17.19
C MET A 43 -0.65 -21.38 18.63
N PHE A 44 -0.66 -20.08 18.80
CA PHE A 44 -0.58 -19.51 20.18
C PHE A 44 -0.90 -18.02 20.17
N ASP A 45 -1.43 -17.51 21.24
CA ASP A 45 -1.76 -16.06 21.28
C ASP A 45 -0.48 -15.23 21.21
N GLY A 46 -0.37 -14.37 20.23
CA GLY A 46 0.87 -13.55 20.10
C GLY A 46 1.15 -13.35 18.60
N LYS A 47 1.88 -12.31 18.27
CA LYS A 47 2.18 -12.06 16.82
C LYS A 47 3.63 -12.43 16.48
N VAL A 48 3.83 -13.08 15.36
CA VAL A 48 5.21 -13.46 14.94
C VAL A 48 5.72 -12.41 13.94
N PRO A 49 6.90 -11.91 14.18
CA PRO A 49 7.46 -10.88 13.29
C PRO A 49 8.28 -11.49 12.15
N HIS A 50 8.01 -11.08 10.94
CA HIS A 50 8.85 -11.54 9.80
C HIS A 50 9.89 -10.43 9.62
N TRP A 51 11.09 -10.62 10.12
CA TRP A 51 12.10 -9.53 10.07
C TRP A 51 12.84 -9.43 8.74
N TYR A 52 13.31 -8.24 8.47
CA TYR A 52 14.07 -7.95 7.22
C TYR A 52 15.10 -6.85 7.52
N HIS A 53 16.21 -6.82 6.81
CA HIS A 53 17.16 -5.70 7.02
C HIS A 53 16.40 -4.45 6.58
N PHE A 54 16.74 -3.29 7.08
CA PHE A 54 15.99 -2.04 6.70
C PHE A 54 15.73 -1.94 5.19
N SER A 55 16.75 -2.07 4.38
CA SER A 55 16.56 -1.96 2.89
C SER A 55 15.72 -3.11 2.31
N CYS A 56 15.99 -4.34 2.69
CA CYS A 56 15.23 -5.49 2.14
C CYS A 56 13.71 -5.35 2.37
N PHE A 57 13.33 -4.81 3.50
CA PHE A 57 11.86 -4.65 3.81
C PHE A 57 11.08 -3.95 2.67
N TRP A 58 11.68 -2.99 2.00
CA TRP A 58 10.95 -2.24 0.95
C TRP A 58 11.06 -2.95 -0.42
N LYS A 59 12.00 -3.82 -0.59
CA LYS A 59 12.16 -4.51 -1.90
C LYS A 59 11.21 -5.71 -2.05
N VAL A 60 10.40 -5.98 -1.06
CA VAL A 60 9.46 -7.15 -1.14
C VAL A 60 8.04 -6.68 -1.51
N GLY A 61 7.73 -5.43 -1.30
CA GLY A 61 6.36 -4.94 -1.63
C GLY A 61 5.74 -4.26 -0.40
N HIS A 62 6.36 -4.39 0.74
CA HIS A 62 5.78 -3.73 1.97
C HIS A 62 5.73 -2.22 1.75
N SER A 63 4.66 -1.58 2.16
CA SER A 63 4.55 -0.11 1.95
C SER A 63 3.99 0.60 3.18
N ILE A 64 4.48 1.77 3.47
CA ILE A 64 3.98 2.53 4.66
C ILE A 64 3.91 4.03 4.32
N ARG A 65 2.75 4.62 4.41
CA ARG A 65 2.61 6.08 4.11
C ARG A 65 2.94 6.90 5.34
N HIS A 66 2.45 6.49 6.48
CA HIS A 66 2.71 7.22 7.75
C HIS A 66 3.36 6.28 8.79
N PRO A 67 4.67 6.29 8.84
CA PRO A 67 5.40 5.41 9.80
C PRO A 67 5.03 5.69 11.27
N ASP A 68 5.03 6.94 11.69
CA ASP A 68 4.68 7.27 13.10
C ASP A 68 3.40 6.55 13.62
N VAL A 69 2.41 6.37 12.78
CA VAL A 69 1.15 5.71 13.25
C VAL A 69 1.03 4.23 12.81
N GLU A 70 1.70 3.83 11.74
CA GLU A 70 1.56 2.42 11.27
C GLU A 70 2.69 1.50 11.75
N VAL A 71 3.78 2.04 12.22
CA VAL A 71 4.91 1.15 12.67
C VAL A 71 5.18 1.28 14.17
N ASP A 72 4.98 0.21 14.90
CA ASP A 72 5.23 0.24 16.37
C ASP A 72 6.73 0.38 16.64
N GLY A 73 7.12 1.13 17.65
CA GLY A 73 8.57 1.30 17.97
C GLY A 73 9.18 2.47 17.18
N PHE A 74 8.45 3.05 16.26
CA PHE A 74 9.01 4.19 15.45
C PHE A 74 9.46 5.35 16.35
N SER A 75 8.61 5.77 17.23
CA SER A 75 8.95 6.93 18.13
C SER A 75 10.17 6.64 19.03
N GLU A 76 10.52 5.38 19.27
CA GLU A 76 11.70 5.10 20.14
C GLU A 76 13.02 5.00 19.32
N LEU A 77 12.95 5.12 18.01
CA LEU A 77 14.20 5.05 17.20
C LEU A 77 14.98 6.34 17.36
N ARG A 78 16.27 6.31 17.09
CA ARG A 78 17.07 7.56 17.18
C ARG A 78 16.54 8.54 16.12
N TRP A 79 16.69 9.82 16.34
CA TRP A 79 16.15 10.84 15.37
C TRP A 79 16.52 10.53 13.92
N ASP A 80 17.79 10.39 13.62
CA ASP A 80 18.21 10.11 12.21
C ASP A 80 17.47 8.88 11.64
N ASP A 81 17.33 7.83 12.42
CA ASP A 81 16.63 6.61 11.91
C ASP A 81 15.15 6.92 11.70
N GLN A 82 14.61 7.81 12.49
CA GLN A 82 13.18 8.19 12.33
C GLN A 82 13.01 8.94 11.00
N GLN A 83 14.00 9.74 10.65
CA GLN A 83 13.94 10.49 9.37
C GLN A 83 14.18 9.53 8.21
N LYS A 84 15.12 8.64 8.37
CA LYS A 84 15.42 7.65 7.29
C LYS A 84 14.17 6.83 6.97
N VAL A 85 13.51 6.34 7.99
CA VAL A 85 12.26 5.55 7.75
C VAL A 85 11.18 6.46 7.15
N LYS A 86 11.09 7.67 7.65
CA LYS A 86 10.05 8.62 7.12
C LYS A 86 10.30 8.92 5.64
N LYS A 87 11.53 9.17 5.27
CA LYS A 87 11.83 9.49 3.85
C LYS A 87 11.72 8.23 2.99
N THR A 88 12.25 7.12 3.45
CA THR A 88 12.16 5.87 2.66
C THR A 88 10.68 5.51 2.43
N ALA A 89 9.86 5.76 3.42
CA ALA A 89 8.41 5.45 3.27
C ALA A 89 7.83 6.33 2.16
N GLU A 90 8.15 7.59 2.17
CA GLU A 90 7.61 8.51 1.12
C GLU A 90 8.11 8.07 -0.27
N ALA A 91 9.39 7.86 -0.41
CA ALA A 91 9.95 7.44 -1.73
C ALA A 91 9.28 6.14 -2.19
N GLY A 92 9.74 5.57 -3.27
CA GLY A 92 9.14 4.31 -3.77
C GLY A 92 8.31 4.60 -5.03
N GLY A 93 7.05 4.92 -4.86
CA GLY A 93 6.20 5.20 -6.05
C GLY A 93 6.42 6.65 -6.50
N VAL A 94 7.60 6.96 -6.96
CA VAL A 94 7.89 8.35 -7.42
C VAL A 94 9.06 8.36 -8.40
N THR A 95 8.83 8.80 -9.61
CA THR A 95 9.94 8.83 -10.61
C THR A 95 9.73 9.97 -11.60
N GLY A 96 9.21 11.08 -11.15
CA GLY A 96 8.98 12.23 -12.07
C GLY A 96 9.73 13.46 -11.56
N LYS A 97 10.84 13.25 -10.90
CA LYS A 97 11.62 14.41 -10.36
C LYS A 97 13.04 14.39 -10.94
N GLY A 98 13.22 14.97 -12.10
CA GLY A 98 14.58 14.99 -12.72
C GLY A 98 14.50 15.64 -14.10
N GLN A 99 13.85 14.99 -15.04
CA GLN A 99 13.74 15.57 -16.40
C GLN A 99 12.27 15.68 -16.81
N ASP A 100 11.89 16.76 -17.45
CA ASP A 100 10.47 16.92 -17.88
C ASP A 100 10.18 16.06 -19.10
N GLY A 101 9.20 15.21 -19.02
CA GLY A 101 8.87 14.33 -20.18
C GLY A 101 8.01 15.11 -21.17
N ILE A 102 6.82 14.65 -21.44
CA ILE A 102 5.93 15.36 -22.40
C ILE A 102 5.28 16.56 -21.73
N GLY A 103 4.43 16.33 -20.76
CA GLY A 103 3.76 17.46 -20.06
C GLY A 103 2.67 16.92 -19.13
N SER A 104 2.96 15.88 -18.41
CA SER A 104 1.94 15.30 -17.47
C SER A 104 2.55 15.10 -16.08
N LYS A 105 1.73 14.87 -15.10
CA LYS A 105 2.25 14.66 -13.72
C LYS A 105 1.16 14.09 -12.82
N ALA A 106 1.41 12.96 -12.20
CA ALA A 106 0.39 12.35 -11.30
C ALA A 106 1.07 11.66 -10.12
N GLU A 107 1.57 12.41 -9.18
CA GLU A 107 2.25 11.79 -8.01
C GLU A 107 1.21 11.40 -6.94
N LYS A 108 1.61 11.32 -5.70
CA LYS A 108 0.65 10.94 -4.62
C LYS A 108 -0.05 9.62 -4.97
N THR A 109 0.63 8.73 -5.63
CA THR A 109 0.01 7.43 -6.00
C THR A 109 -0.41 6.66 -4.74
N LEU A 110 -1.65 6.24 -4.68
CA LEU A 110 -2.13 5.48 -3.49
C LEU A 110 -1.44 4.12 -3.41
N GLY A 111 -1.19 3.64 -2.22
CA GLY A 111 -0.52 2.32 -2.08
C GLY A 111 -1.55 1.22 -1.78
N ASP A 112 -2.78 1.58 -1.52
CA ASP A 112 -3.80 0.56 -1.21
C ASP A 112 -4.91 0.52 -2.27
N PHE A 113 -4.75 1.25 -3.35
CA PHE A 113 -5.79 1.25 -4.43
C PHE A 113 -5.12 1.01 -5.78
N ALA A 114 -5.65 0.12 -6.59
CA ALA A 114 -5.01 -0.16 -7.90
C ALA A 114 -6.00 -0.36 -9.04
N ALA A 115 -5.54 -0.16 -10.23
CA ALA A 115 -6.39 -0.33 -11.44
C ALA A 115 -5.59 -1.08 -12.51
N GLU A 116 -6.14 -2.09 -13.10
CA GLU A 116 -5.39 -2.85 -14.14
C GLU A 116 -6.35 -3.69 -14.98
N TYR A 117 -5.90 -4.19 -16.10
CA TYR A 117 -6.78 -5.05 -16.92
C TYR A 117 -6.75 -6.45 -16.30
N ALA A 118 -7.89 -7.09 -16.18
CA ALA A 118 -7.92 -8.45 -15.54
C ALA A 118 -6.88 -9.40 -16.17
N LYS A 119 -5.87 -9.78 -15.39
CA LYS A 119 -4.84 -10.71 -15.90
C LYS A 119 -5.46 -12.07 -16.24
N SER A 120 -6.63 -12.35 -15.72
CA SER A 120 -7.29 -13.66 -16.00
C SER A 120 -8.82 -13.50 -15.87
N ASN A 121 -9.55 -14.59 -15.88
CA ASN A 121 -11.03 -14.49 -15.76
C ASN A 121 -11.55 -15.24 -14.52
N ARG A 122 -10.68 -15.59 -13.60
CA ARG A 122 -11.15 -16.32 -12.38
C ARG A 122 -11.29 -15.36 -11.19
N SER A 123 -11.03 -14.08 -11.38
CA SER A 123 -11.20 -13.11 -10.25
C SER A 123 -12.70 -12.83 -10.09
N THR A 124 -13.10 -12.15 -9.05
CA THR A 124 -14.55 -11.89 -8.86
C THR A 124 -14.78 -10.51 -8.23
N CYS A 125 -15.65 -9.73 -8.82
CA CYS A 125 -15.96 -8.41 -8.24
C CYS A 125 -16.58 -8.61 -6.84
N LYS A 126 -15.96 -8.06 -5.82
CA LYS A 126 -16.50 -8.22 -4.44
C LYS A 126 -17.67 -7.28 -4.13
N GLY A 127 -18.33 -6.75 -5.14
CA GLY A 127 -19.47 -5.82 -4.91
C GLY A 127 -20.73 -6.53 -5.41
N CYS A 128 -20.66 -7.17 -6.55
CA CYS A 128 -21.84 -7.91 -7.07
C CYS A 128 -21.53 -9.43 -7.16
N MET A 129 -20.33 -9.85 -6.72
CA MET A 129 -19.95 -11.29 -6.77
C MET A 129 -19.98 -11.89 -8.19
N GLU A 130 -20.05 -11.07 -9.21
CA GLU A 130 -20.04 -11.61 -10.60
C GLU A 130 -18.58 -11.72 -11.06
N LYS A 131 -18.27 -12.73 -11.83
CA LYS A 131 -16.85 -12.90 -12.28
C LYS A 131 -16.41 -11.77 -13.21
N ILE A 132 -15.16 -11.37 -13.10
CA ILE A 132 -14.62 -10.34 -14.01
C ILE A 132 -13.96 -11.05 -15.20
N GLU A 133 -14.26 -10.64 -16.41
CA GLU A 133 -13.65 -11.33 -17.59
C GLU A 133 -12.21 -10.86 -17.82
N LYS A 134 -11.35 -11.77 -18.23
CA LYS A 134 -9.92 -11.37 -18.55
C LYS A 134 -9.89 -10.20 -19.54
N GLY A 135 -9.04 -9.22 -19.29
CA GLY A 135 -8.94 -8.05 -20.22
C GLY A 135 -9.82 -6.90 -19.69
N GLN A 136 -10.89 -7.21 -19.00
CA GLN A 136 -11.78 -6.13 -18.48
C GLN A 136 -11.07 -5.28 -17.43
N VAL A 137 -11.30 -4.00 -17.45
CA VAL A 137 -10.67 -3.11 -16.45
C VAL A 137 -11.26 -3.38 -15.07
N ARG A 138 -10.44 -3.50 -14.08
CA ARG A 138 -10.96 -3.76 -12.70
C ARG A 138 -10.22 -2.89 -11.70
N LEU A 139 -10.86 -2.57 -10.60
CA LEU A 139 -10.21 -1.73 -9.56
C LEU A 139 -10.11 -2.53 -8.27
N SER A 140 -9.26 -2.12 -7.34
CA SER A 140 -9.16 -2.92 -6.10
C SER A 140 -8.72 -2.11 -4.89
N LYS A 141 -9.23 -2.48 -3.74
CA LYS A 141 -8.84 -1.81 -2.47
C LYS A 141 -7.98 -2.79 -1.67
N LYS A 142 -6.69 -2.61 -1.70
CA LYS A 142 -5.77 -3.53 -0.96
C LYS A 142 -6.17 -3.68 0.52
N MET A 143 -6.13 -4.87 1.03
CA MET A 143 -6.49 -5.10 2.45
C MET A 143 -5.74 -6.33 2.96
N VAL A 144 -5.47 -6.39 4.24
CA VAL A 144 -4.73 -7.57 4.80
C VAL A 144 -5.70 -8.52 5.52
N ASP A 145 -5.47 -9.80 5.40
CA ASP A 145 -6.37 -10.78 6.08
C ASP A 145 -5.66 -11.32 7.33
N PRO A 146 -6.33 -11.23 8.45
CA PRO A 146 -5.73 -11.71 9.72
C PRO A 146 -5.57 -13.23 9.69
N GLU A 147 -6.29 -13.88 8.81
CA GLU A 147 -6.18 -15.37 8.71
C GLU A 147 -4.99 -15.74 7.82
N LYS A 148 -4.61 -14.87 6.92
CA LYS A 148 -3.46 -15.15 6.03
C LYS A 148 -2.48 -13.97 6.06
N PRO A 149 -1.82 -13.82 7.18
CA PRO A 149 -0.86 -12.70 7.36
C PRO A 149 0.40 -12.87 6.49
N GLN A 150 0.71 -14.06 6.07
CA GLN A 150 1.92 -14.26 5.21
C GLN A 150 1.72 -13.59 3.85
N LEU A 151 0.48 -13.37 3.46
CA LEU A 151 0.21 -12.73 2.13
C LEU A 151 0.40 -11.21 2.22
N GLY A 152 -0.13 -10.61 3.25
CA GLY A 152 0.02 -9.13 3.40
C GLY A 152 -1.10 -8.41 2.64
N MET A 153 -0.81 -7.27 2.09
CA MET A 153 -1.84 -6.50 1.34
C MET A 153 -2.35 -7.29 0.14
N ILE A 154 -3.58 -7.74 0.18
CA ILE A 154 -4.14 -8.52 -0.96
C ILE A 154 -5.17 -7.67 -1.70
N ASP A 155 -5.23 -7.76 -3.01
CA ASP A 155 -6.21 -6.93 -3.75
C ASP A 155 -7.64 -7.47 -3.65
N ARG A 156 -8.56 -6.59 -3.35
CA ARG A 156 -10.01 -6.96 -3.33
C ARG A 156 -10.54 -6.34 -4.62
N TRP A 157 -10.81 -7.14 -5.63
CA TRP A 157 -11.22 -6.55 -6.94
C TRP A 157 -12.69 -6.19 -7.06
N TYR A 158 -12.96 -5.32 -8.00
CA TYR A 158 -14.35 -4.85 -8.24
C TYR A 158 -14.45 -4.29 -9.67
N HIS A 159 -15.63 -4.22 -10.20
CA HIS A 159 -15.80 -3.57 -11.52
C HIS A 159 -15.69 -2.08 -11.22
N PRO A 160 -15.22 -1.27 -12.13
CA PRO A 160 -15.08 0.18 -11.85
C PRO A 160 -16.42 0.76 -11.37
N GLY A 161 -17.50 0.42 -12.01
CA GLY A 161 -18.84 0.93 -11.56
C GLY A 161 -19.12 0.43 -10.13
N CYS A 162 -19.01 -0.86 -9.92
CA CYS A 162 -19.26 -1.41 -8.54
C CYS A 162 -18.35 -0.73 -7.51
N PHE A 163 -17.10 -0.51 -7.86
CA PHE A 163 -16.14 0.15 -6.93
C PHE A 163 -16.63 1.57 -6.58
N VAL A 164 -17.05 2.31 -7.58
CA VAL A 164 -17.52 3.70 -7.32
C VAL A 164 -18.75 3.67 -6.40
N LYS A 165 -19.64 2.73 -6.58
CA LYS A 165 -20.85 2.68 -5.70
C LYS A 165 -20.46 2.54 -4.22
N ASN A 166 -19.40 1.84 -3.94
CA ASN A 166 -18.95 1.66 -2.51
C ASN A 166 -17.69 2.49 -2.21
N ARG A 167 -17.49 3.61 -2.90
CA ARG A 167 -16.27 4.43 -2.66
C ARG A 167 -16.12 4.80 -1.18
N GLU A 168 -17.19 5.08 -0.52
CA GLU A 168 -17.11 5.48 0.92
C GLU A 168 -16.62 4.33 1.80
N GLU A 169 -17.30 3.22 1.77
CA GLU A 169 -16.89 2.06 2.62
C GLU A 169 -15.51 1.54 2.22
N LEU A 170 -15.13 1.71 0.98
CA LEU A 170 -13.78 1.22 0.54
C LEU A 170 -12.68 2.22 0.93
N GLY A 171 -13.02 3.31 1.58
CA GLY A 171 -11.99 4.29 2.01
C GLY A 171 -11.46 5.11 0.84
N PHE A 172 -12.20 5.23 -0.23
CA PHE A 172 -11.73 6.05 -1.39
C PHE A 172 -12.25 7.48 -1.24
N ARG A 173 -11.59 8.25 -0.41
CA ARG A 173 -12.04 9.67 -0.15
C ARG A 173 -12.37 10.43 -1.44
N PRO A 174 -13.18 11.48 -1.31
CA PRO A 174 -13.60 12.27 -2.48
C PRO A 174 -12.45 13.14 -3.03
N GLU A 175 -11.39 13.32 -2.27
CA GLU A 175 -10.26 14.16 -2.78
C GLU A 175 -9.37 13.31 -3.73
N TYR A 176 -9.52 12.02 -3.70
CA TYR A 176 -8.70 11.14 -4.57
C TYR A 176 -9.26 11.14 -6.00
N SER A 177 -8.39 11.06 -6.97
CA SER A 177 -8.83 11.02 -8.39
C SER A 177 -8.34 9.73 -9.04
N ALA A 178 -8.87 9.39 -10.18
CA ALA A 178 -8.45 8.12 -10.87
C ALA A 178 -6.94 8.09 -11.12
N SER A 179 -6.34 9.22 -11.34
CA SER A 179 -4.87 9.27 -11.62
C SER A 179 -4.03 8.76 -10.43
N GLN A 180 -4.61 8.65 -9.27
CA GLN A 180 -3.82 8.18 -8.07
C GLN A 180 -3.85 6.65 -7.91
N LEU A 181 -4.62 5.95 -8.70
CA LEU A 181 -4.68 4.46 -8.56
C LEU A 181 -3.36 3.82 -8.99
N LYS A 182 -2.87 2.88 -8.22
CA LYS A 182 -1.60 2.20 -8.59
C LYS A 182 -1.80 1.41 -9.90
N GLY A 183 -1.07 1.74 -10.94
CA GLY A 183 -1.22 1.01 -12.25
C GLY A 183 -1.96 1.90 -13.27
N PHE A 184 -2.50 3.01 -12.85
CA PHE A 184 -3.25 3.90 -13.78
C PHE A 184 -2.45 4.20 -15.06
N SER A 185 -1.24 4.66 -14.89
CA SER A 185 -0.38 5.04 -16.06
C SER A 185 -0.30 3.94 -17.15
N LEU A 186 -0.50 2.68 -16.80
CA LEU A 186 -0.38 1.59 -17.83
C LEU A 186 -1.69 1.35 -18.60
N LEU A 187 -2.69 2.16 -18.39
CA LEU A 187 -3.98 1.94 -19.11
C LEU A 187 -4.03 2.78 -20.39
N ALA A 188 -4.71 2.28 -21.39
CA ALA A 188 -4.83 3.04 -22.67
C ALA A 188 -5.54 4.37 -22.39
N THR A 189 -5.23 5.39 -23.16
CA THR A 189 -5.87 6.74 -22.93
C THR A 189 -7.40 6.62 -22.76
N GLU A 190 -8.05 5.88 -23.60
CA GLU A 190 -9.54 5.71 -23.49
C GLU A 190 -9.93 5.19 -22.09
N ASP A 191 -9.27 4.17 -21.64
CA ASP A 191 -9.59 3.61 -20.29
C ASP A 191 -9.30 4.63 -19.20
N LYS A 192 -8.22 5.39 -19.34
CA LYS A 192 -7.88 6.40 -18.30
C LYS A 192 -8.95 7.50 -18.23
N GLU A 193 -9.45 7.90 -19.37
CA GLU A 193 -10.50 8.97 -19.38
C GLU A 193 -11.77 8.48 -18.69
N ALA A 194 -12.19 7.26 -18.99
CA ALA A 194 -13.42 6.71 -18.35
C ALA A 194 -13.30 6.74 -16.82
N LEU A 195 -12.14 6.41 -16.31
CA LEU A 195 -11.95 6.41 -14.84
C LEU A 195 -11.97 7.85 -14.30
N LYS A 196 -11.15 8.72 -14.85
CA LYS A 196 -11.13 10.14 -14.39
C LYS A 196 -12.56 10.71 -14.39
N LYS A 197 -13.37 10.21 -15.28
CA LYS A 197 -14.79 10.68 -15.39
C LYS A 197 -15.60 10.29 -14.13
N GLN A 198 -15.44 9.07 -13.67
CA GLN A 198 -16.22 8.62 -12.47
C GLN A 198 -15.51 9.00 -11.17
N LEU A 199 -14.21 9.09 -11.20
CA LEU A 199 -13.46 9.50 -9.98
C LEU A 199 -12.67 10.77 -10.30
N PRO A 200 -13.37 11.88 -10.32
CA PRO A 200 -12.74 13.19 -10.68
C PRO A 200 -11.81 13.70 -9.57
N GLY A 201 -12.23 13.56 -8.33
CA GLY A 201 -11.36 14.04 -7.21
C GLY A 201 -11.49 15.56 -7.10
N VAL A 202 -12.50 16.14 -7.71
CA VAL A 202 -12.66 17.62 -7.63
C VAL A 202 -13.72 17.99 -6.59
N LYS A 203 -13.80 19.24 -6.23
CA LYS A 203 -14.81 19.67 -5.21
C LYS A 203 -15.77 20.69 -5.82
N SER A 204 -16.20 20.46 -7.03
CA SER A 204 -17.14 21.41 -7.69
C SER A 204 -18.59 21.02 -7.39
N GLU A 205 -19.52 21.92 -7.57
CA GLU A 205 -20.94 21.60 -7.29
C GLU A 205 -21.81 22.00 -8.49
N GLY A 206 -21.26 21.96 -9.68
CA GLY A 206 -22.06 22.32 -10.88
C GLY A 206 -21.53 23.64 -11.45
N LYS A 207 -20.45 23.60 -12.18
CA LYS A 207 -19.88 24.84 -12.77
C LYS A 207 -20.36 25.01 -14.22
N ARG A 208 -20.29 23.97 -15.00
CA ARG A 208 -20.74 24.07 -16.42
C ARG A 208 -20.87 22.67 -17.02
N LYS A 209 -21.77 22.50 -17.96
CA LYS A 209 -21.95 21.16 -18.59
C LYS A 209 -22.62 21.32 -19.97
N GLY A 210 -21.88 21.08 -21.02
CA GLY A 210 -22.47 21.22 -22.38
C GLY A 210 -22.39 22.67 -22.84
N ASP A 211 -22.95 23.57 -22.08
CA ASP A 211 -22.91 25.03 -22.47
C ASP A 211 -23.43 25.21 -23.89
N GLU A 212 -24.71 25.49 -24.04
CA GLU A 212 -25.28 25.69 -25.41
C GLU A 212 -24.99 27.11 -25.90
N VAL A 213 -23.79 27.35 -26.38
CA VAL A 213 -23.43 28.71 -26.89
C VAL A 213 -23.65 29.76 -25.80
N ASP A 214 -23.16 30.95 -26.00
CA ASP A 214 -23.34 32.02 -24.98
C ASP A 214 -24.54 32.90 -25.35
ZN ZN C . 18.14 -8.73 3.93
ZN ZN D . -19.31 -5.90 -10.01
N MET A 1 4.72 1.45 26.06
CA MET A 1 3.76 1.20 27.16
C MET A 1 3.55 -0.30 27.36
N ALA A 2 3.60 -1.06 26.29
CA ALA A 2 3.40 -2.54 26.41
C ALA A 2 3.83 -3.23 25.12
N GLU A 3 4.34 -4.43 25.21
CA GLU A 3 4.79 -5.16 23.99
C GLU A 3 3.56 -5.64 23.20
N SER A 4 3.78 -6.22 22.04
CA SER A 4 2.64 -6.71 21.21
C SER A 4 1.60 -5.60 21.01
N SER A 5 1.72 -4.85 19.94
CA SER A 5 0.76 -3.75 19.69
C SER A 5 -0.15 -4.10 18.50
N ASP A 6 -1.26 -3.43 18.38
CA ASP A 6 -2.19 -3.72 17.25
C ASP A 6 -1.58 -3.24 15.91
N LYS A 7 -0.52 -2.48 15.97
CA LYS A 7 0.11 -1.99 14.70
C LYS A 7 0.47 -3.17 13.80
N LEU A 8 0.51 -2.97 12.51
CA LEU A 8 0.85 -4.10 11.60
C LEU A 8 2.36 -4.22 11.39
N TYR A 9 3.11 -3.19 11.68
CA TYR A 9 4.60 -3.29 11.47
C TYR A 9 5.39 -2.91 12.72
N ARG A 10 6.62 -3.34 12.78
CA ARG A 10 7.48 -3.01 13.95
C ARG A 10 8.89 -2.68 13.47
N VAL A 11 9.51 -1.72 14.09
CA VAL A 11 10.90 -1.34 13.72
C VAL A 11 11.73 -1.24 14.98
N GLU A 12 12.93 -1.73 14.95
CA GLU A 12 13.77 -1.67 16.19
C GLU A 12 15.20 -2.13 15.90
N TYR A 13 16.08 -1.90 16.83
CA TYR A 13 17.48 -2.36 16.65
C TYR A 13 17.50 -3.85 17.02
N ALA A 14 18.00 -4.68 16.14
CA ALA A 14 18.01 -6.17 16.37
C ALA A 14 18.36 -6.56 17.81
N LYS A 15 17.45 -7.22 18.48
CA LYS A 15 17.71 -7.67 19.89
C LYS A 15 18.75 -8.80 19.87
N SER A 16 18.91 -9.43 18.73
CA SER A 16 19.91 -10.52 18.59
C SER A 16 20.39 -10.58 17.13
N GLY A 17 21.31 -11.46 16.81
CA GLY A 17 21.80 -11.54 15.41
C GLY A 17 21.38 -12.89 14.82
N ARG A 18 20.39 -13.53 15.41
CA ARG A 18 19.94 -14.87 14.91
C ARG A 18 18.76 -14.76 13.93
N ALA A 19 18.07 -13.65 13.91
CA ALA A 19 16.91 -13.52 12.95
C ALA A 19 17.40 -13.54 11.49
N SER A 20 16.65 -14.19 10.62
CA SER A 20 17.04 -14.28 9.20
C SER A 20 16.08 -13.44 8.37
N CYS A 21 16.61 -12.66 7.48
CA CYS A 21 15.75 -11.79 6.61
C CYS A 21 14.81 -12.64 5.76
N LYS A 22 13.53 -12.37 5.79
CA LYS A 22 12.55 -13.17 4.98
C LYS A 22 12.67 -12.87 3.48
N LYS A 23 13.50 -11.93 3.09
CA LYS A 23 13.66 -11.61 1.64
C LYS A 23 14.96 -12.22 1.07
N CYS A 24 16.10 -11.85 1.62
CA CYS A 24 17.39 -12.39 1.08
C CYS A 24 17.94 -13.57 1.90
N SER A 25 17.29 -13.93 3.00
CA SER A 25 17.72 -15.11 3.84
C SER A 25 19.01 -14.85 4.68
N GLU A 26 19.72 -13.77 4.46
CA GLU A 26 20.95 -13.52 5.28
C GLU A 26 20.55 -13.15 6.71
N SER A 27 21.43 -13.38 7.66
CA SER A 27 21.10 -13.06 9.08
C SER A 27 21.07 -11.56 9.32
N ILE A 28 20.25 -11.13 10.24
CA ILE A 28 20.17 -9.68 10.57
C ILE A 28 21.07 -9.46 11.79
N PRO A 29 22.12 -8.66 11.63
CA PRO A 29 23.09 -8.46 12.74
C PRO A 29 22.48 -7.74 13.94
N LYS A 30 22.87 -8.16 15.13
CA LYS A 30 22.34 -7.54 16.38
C LYS A 30 22.55 -6.02 16.39
N ASP A 31 21.61 -5.28 16.94
CA ASP A 31 21.70 -3.77 17.01
C ASP A 31 21.44 -3.10 15.64
N SER A 32 21.38 -3.86 14.57
CA SER A 32 21.12 -3.22 13.24
C SER A 32 19.66 -2.85 13.13
N LEU A 33 19.34 -1.88 12.31
CA LEU A 33 17.93 -1.47 12.16
C LEU A 33 17.18 -2.49 11.29
N ARG A 34 16.15 -3.11 11.83
CA ARG A 34 15.38 -4.12 11.06
C ARG A 34 13.89 -3.79 11.15
N MET A 35 13.13 -4.25 10.19
CA MET A 35 11.66 -3.98 10.21
C MET A 35 10.91 -5.28 10.00
N ALA A 36 9.69 -5.38 10.50
CA ALA A 36 8.93 -6.64 10.33
C ALA A 36 7.45 -6.39 10.15
N ILE A 37 6.78 -7.27 9.46
CA ILE A 37 5.31 -7.15 9.31
C ILE A 37 4.65 -8.08 10.35
N MET A 38 3.99 -7.53 11.32
CA MET A 38 3.38 -8.36 12.40
C MET A 38 2.30 -9.32 11.86
N VAL A 39 2.21 -10.49 12.44
CA VAL A 39 1.18 -11.47 12.00
C VAL A 39 0.62 -12.22 13.22
N GLN A 40 -0.66 -12.47 13.25
CA GLN A 40 -1.25 -13.19 14.41
C GLN A 40 -1.04 -14.70 14.25
N SER A 41 -0.60 -15.36 15.29
CA SER A 41 -0.36 -16.83 15.20
C SER A 41 -1.59 -17.59 15.70
N PRO A 42 -2.02 -18.57 14.92
CA PRO A 42 -3.20 -19.38 15.31
C PRO A 42 -2.82 -20.49 16.29
N MET A 43 -1.55 -20.64 16.58
CA MET A 43 -1.12 -21.71 17.52
C MET A 43 -1.00 -21.17 18.95
N PHE A 44 -0.97 -19.88 19.12
CA PHE A 44 -0.86 -19.30 20.49
C PHE A 44 -1.14 -17.80 20.47
N ASP A 45 -1.64 -17.26 21.55
CA ASP A 45 -1.93 -15.81 21.60
C ASP A 45 -0.63 -15.02 21.48
N GLY A 46 -0.53 -14.16 20.51
CA GLY A 46 0.72 -13.36 20.32
C GLY A 46 0.98 -13.18 18.83
N LYS A 47 1.72 -12.18 18.45
CA LYS A 47 1.99 -11.96 17.00
C LYS A 47 3.43 -12.34 16.65
N VAL A 48 3.62 -13.00 15.53
CA VAL A 48 5.00 -13.39 15.11
C VAL A 48 5.53 -12.36 14.08
N PRO A 49 6.71 -11.88 14.28
CA PRO A 49 7.28 -10.88 13.38
C PRO A 49 8.06 -11.51 12.23
N HIS A 50 7.77 -11.11 11.02
CA HIS A 50 8.59 -11.59 9.87
C HIS A 50 9.64 -10.51 9.66
N TRP A 51 10.85 -10.72 10.14
CA TRP A 51 11.88 -9.65 10.05
C TRP A 51 12.60 -9.57 8.70
N TYR A 52 13.08 -8.40 8.42
CA TYR A 52 13.82 -8.13 7.16
C TYR A 52 14.88 -7.06 7.42
N HIS A 53 15.97 -7.05 6.69
CA HIS A 53 16.95 -5.94 6.86
C HIS A 53 16.22 -4.68 6.44
N PHE A 54 16.58 -3.53 6.92
CA PHE A 54 15.84 -2.27 6.54
C PHE A 54 15.55 -2.18 5.03
N SER A 55 16.55 -2.33 4.20
CA SER A 55 16.34 -2.23 2.71
C SER A 55 15.47 -3.37 2.16
N CYS A 56 15.73 -4.59 2.55
CA CYS A 56 14.92 -5.76 2.03
C CYS A 56 13.41 -5.57 2.29
N PHE A 57 13.06 -5.01 3.41
CA PHE A 57 11.61 -4.83 3.76
C PHE A 57 10.82 -4.12 2.63
N TRP A 58 11.43 -3.17 1.94
CA TRP A 58 10.69 -2.43 0.89
C TRP A 58 10.75 -3.14 -0.47
N LYS A 59 11.67 -4.04 -0.65
CA LYS A 59 11.79 -4.73 -1.97
C LYS A 59 10.82 -5.91 -2.09
N VAL A 60 10.03 -6.17 -1.07
CA VAL A 60 9.07 -7.31 -1.13
C VAL A 60 7.66 -6.83 -1.48
N GLY A 61 7.36 -5.57 -1.26
CA GLY A 61 6.00 -5.06 -1.57
C GLY A 61 5.41 -4.36 -0.35
N HIS A 62 6.03 -4.48 0.80
CA HIS A 62 5.50 -3.81 2.02
C HIS A 62 5.47 -2.30 1.79
N SER A 63 4.44 -1.62 2.24
CA SER A 63 4.37 -0.15 2.01
C SER A 63 3.81 0.57 3.24
N ILE A 64 4.32 1.74 3.52
CA ILE A 64 3.82 2.52 4.68
C ILE A 64 3.81 4.02 4.33
N ARG A 65 2.67 4.65 4.45
CA ARG A 65 2.58 6.10 4.13
C ARG A 65 2.94 6.93 5.36
N HIS A 66 2.47 6.52 6.51
CA HIS A 66 2.78 7.27 7.77
C HIS A 66 3.42 6.32 8.81
N PRO A 67 4.74 6.31 8.83
CA PRO A 67 5.47 5.42 9.77
C PRO A 67 5.14 5.72 11.25
N ASP A 68 5.17 6.98 11.66
CA ASP A 68 4.85 7.32 13.08
C ASP A 68 3.57 6.63 13.62
N VAL A 69 2.56 6.47 12.81
CA VAL A 69 1.29 5.82 13.31
C VAL A 69 1.13 4.35 12.89
N GLU A 70 1.77 3.92 11.81
CA GLU A 70 1.60 2.51 11.34
C GLU A 70 2.72 1.58 11.82
N VAL A 71 3.83 2.10 12.26
CA VAL A 71 4.95 1.20 12.70
C VAL A 71 5.26 1.34 14.19
N ASP A 72 5.04 0.27 14.94
CA ASP A 72 5.32 0.30 16.39
C ASP A 72 6.84 0.42 16.63
N GLY A 73 7.25 1.18 17.63
CA GLY A 73 8.71 1.32 17.92
C GLY A 73 9.33 2.47 17.11
N PHE A 74 8.60 3.05 16.20
CA PHE A 74 9.17 4.17 15.37
C PHE A 74 9.65 5.33 16.25
N SER A 75 8.83 5.79 17.14
CA SER A 75 9.22 6.93 18.01
C SER A 75 10.45 6.63 18.89
N GLU A 76 10.77 5.37 19.14
CA GLU A 76 11.97 5.07 19.98
C GLU A 76 13.26 4.93 19.15
N LEU A 77 13.18 5.05 17.84
CA LEU A 77 14.40 4.95 17.00
C LEU A 77 15.22 6.23 17.14
N ARG A 78 16.49 6.17 16.84
CA ARG A 78 17.32 7.41 16.90
C ARG A 78 16.79 8.38 15.85
N TRP A 79 16.97 9.66 16.06
CA TRP A 79 16.43 10.68 15.09
C TRP A 79 16.77 10.35 13.62
N ASP A 80 18.02 10.19 13.31
CA ASP A 80 18.41 9.88 11.89
C ASP A 80 17.65 8.66 11.34
N ASP A 81 17.50 7.62 12.13
CA ASP A 81 16.77 6.41 11.66
C ASP A 81 15.28 6.75 11.47
N GLN A 82 14.77 7.66 12.27
CA GLN A 82 13.34 8.06 12.12
C GLN A 82 13.17 8.80 10.80
N GLN A 83 14.16 9.58 10.42
CA GLN A 83 14.09 10.32 9.13
C GLN A 83 14.29 9.35 7.98
N LYS A 84 15.22 8.45 8.13
CA LYS A 84 15.48 7.43 7.04
C LYS A 84 14.21 6.64 6.77
N VAL A 85 13.55 6.17 7.79
CA VAL A 85 12.29 5.40 7.59
C VAL A 85 11.22 6.34 7.01
N LYS A 86 11.16 7.55 7.49
CA LYS A 86 10.13 8.51 6.98
C LYS A 86 10.36 8.79 5.50
N LYS A 87 11.58 9.02 5.10
CA LYS A 87 11.86 9.32 3.67
C LYS A 87 11.71 8.06 2.82
N THR A 88 12.22 6.95 3.28
CA THR A 88 12.09 5.68 2.50
C THR A 88 10.61 5.35 2.31
N ALA A 89 9.81 5.62 3.31
CA ALA A 89 8.35 5.33 3.19
C ALA A 89 7.76 6.21 2.09
N GLU A 90 8.10 7.48 2.07
CA GLU A 90 7.57 8.40 1.02
C GLU A 90 8.03 7.94 -0.36
N ALA A 91 9.30 7.70 -0.52
CA ALA A 91 9.82 7.25 -1.85
C ALA A 91 9.12 5.96 -2.29
N GLY A 92 9.52 5.39 -3.40
CA GLY A 92 8.88 4.14 -3.87
C GLY A 92 9.40 3.80 -5.28
N GLY A 93 8.98 2.70 -5.83
CA GLY A 93 9.44 2.31 -7.19
C GLY A 93 10.66 1.38 -7.07
N VAL A 94 10.43 0.13 -6.74
CA VAL A 94 11.57 -0.83 -6.62
C VAL A 94 11.99 -1.33 -7.99
N THR A 95 13.27 -1.52 -8.20
CA THR A 95 13.76 -2.01 -9.53
C THR A 95 13.22 -1.13 -10.66
N GLY A 96 13.78 0.04 -10.82
CA GLY A 96 13.30 0.95 -11.91
C GLY A 96 14.41 1.13 -12.95
N LYS A 97 14.16 1.91 -13.97
CA LYS A 97 15.20 2.13 -15.01
C LYS A 97 16.10 3.29 -14.63
N GLY A 98 15.57 4.49 -14.61
CA GLY A 98 16.40 5.67 -14.24
C GLY A 98 16.53 5.75 -12.72
N GLN A 99 17.33 6.65 -12.22
CA GLN A 99 17.50 6.77 -10.74
C GLN A 99 16.30 7.53 -10.14
N ASP A 100 16.05 8.72 -10.61
CA ASP A 100 14.90 9.50 -10.07
C ASP A 100 14.00 9.99 -11.20
N GLY A 101 13.04 10.83 -10.91
CA GLY A 101 12.14 11.35 -11.98
C GLY A 101 10.70 10.94 -11.68
N ILE A 102 10.02 11.68 -10.84
CA ILE A 102 8.61 11.33 -10.50
C ILE A 102 7.74 11.39 -11.75
N GLY A 103 8.11 12.21 -12.71
CA GLY A 103 7.30 12.30 -13.96
C GLY A 103 7.07 13.77 -14.31
N SER A 104 6.06 14.06 -15.09
CA SER A 104 5.79 15.47 -15.47
C SER A 104 4.38 15.86 -15.05
N LYS A 105 3.39 15.18 -15.54
CA LYS A 105 1.97 15.51 -15.17
C LYS A 105 1.47 14.55 -14.08
N ALA A 106 1.99 14.67 -12.89
CA ALA A 106 1.54 13.77 -11.79
C ALA A 106 1.58 14.50 -10.45
N GLU A 107 1.22 13.85 -9.39
CA GLU A 107 1.23 14.51 -8.04
C GLU A 107 1.46 13.48 -6.95
N LYS A 108 0.79 12.36 -7.01
CA LYS A 108 0.97 11.31 -5.96
C LYS A 108 0.36 9.98 -6.42
N THR A 109 0.47 8.97 -5.61
CA THR A 109 -0.10 7.64 -5.99
C THR A 109 -0.54 6.88 -4.74
N LEU A 110 -1.77 6.45 -4.70
CA LEU A 110 -2.26 5.69 -3.51
C LEU A 110 -1.53 4.35 -3.42
N GLY A 111 -1.30 3.87 -2.22
CA GLY A 111 -0.59 2.56 -2.07
C GLY A 111 -1.59 1.43 -1.79
N ASP A 112 -2.83 1.77 -1.53
CA ASP A 112 -3.85 0.71 -1.24
C ASP A 112 -4.95 0.69 -2.30
N PHE A 113 -4.75 1.36 -3.41
CA PHE A 113 -5.80 1.37 -4.48
C PHE A 113 -5.14 1.15 -5.85
N ALA A 114 -5.68 0.25 -6.65
CA ALA A 114 -5.03 -0.03 -7.97
C ALA A 114 -6.05 -0.24 -9.10
N ALA A 115 -5.59 -0.06 -10.30
CA ALA A 115 -6.46 -0.25 -11.49
C ALA A 115 -5.65 -0.99 -12.57
N GLU A 116 -6.20 -2.02 -13.14
CA GLU A 116 -5.45 -2.78 -14.19
C GLU A 116 -6.40 -3.64 -15.00
N TYR A 117 -5.96 -4.14 -16.13
CA TYR A 117 -6.83 -5.02 -16.92
C TYR A 117 -6.78 -6.42 -16.30
N ALA A 118 -7.90 -7.07 -16.15
CA ALA A 118 -7.90 -8.43 -15.51
C ALA A 118 -6.86 -9.36 -16.13
N LYS A 119 -5.84 -9.73 -15.36
CA LYS A 119 -4.80 -10.65 -15.87
C LYS A 119 -5.40 -12.02 -16.19
N SER A 120 -6.56 -12.31 -15.66
CA SER A 120 -7.21 -13.63 -15.93
C SER A 120 -8.73 -13.49 -15.78
N ASN A 121 -9.45 -14.59 -15.77
CA ASN A 121 -10.93 -14.52 -15.64
C ASN A 121 -11.43 -15.26 -14.39
N ARG A 122 -10.55 -15.59 -13.48
CA ARG A 122 -10.99 -16.31 -12.24
C ARG A 122 -11.14 -15.34 -11.06
N SER A 123 -10.91 -14.06 -11.26
CA SER A 123 -11.07 -13.08 -10.15
C SER A 123 -12.57 -12.83 -9.97
N THR A 124 -12.97 -12.14 -8.93
CA THR A 124 -14.43 -11.90 -8.73
C THR A 124 -14.67 -10.52 -8.12
N CYS A 125 -15.56 -9.75 -8.70
CA CYS A 125 -15.88 -8.43 -8.12
C CYS A 125 -16.48 -8.63 -6.73
N LYS A 126 -15.87 -8.06 -5.71
CA LYS A 126 -16.39 -8.22 -4.32
C LYS A 126 -17.57 -7.28 -4.01
N GLY A 127 -18.24 -6.78 -5.03
CA GLY A 127 -19.40 -5.86 -4.80
C GLY A 127 -20.65 -6.59 -5.27
N CYS A 128 -20.58 -7.24 -6.42
CA CYS A 128 -21.75 -8.00 -6.93
C CYS A 128 -21.43 -9.52 -6.99
N MET A 129 -20.22 -9.92 -6.56
CA MET A 129 -19.82 -11.36 -6.59
C MET A 129 -19.84 -11.97 -8.02
N GLU A 130 -19.94 -11.17 -9.04
CA GLU A 130 -19.93 -11.71 -10.43
C GLU A 130 -18.48 -11.81 -10.90
N LYS A 131 -18.16 -12.81 -11.67
CA LYS A 131 -16.75 -12.98 -12.12
C LYS A 131 -16.33 -11.85 -13.07
N ILE A 132 -15.08 -11.43 -12.98
CA ILE A 132 -14.58 -10.39 -13.90
C ILE A 132 -13.90 -11.11 -15.09
N GLU A 133 -14.22 -10.71 -16.30
CA GLU A 133 -13.61 -11.40 -17.48
C GLU A 133 -12.18 -10.92 -17.73
N LYS A 134 -11.32 -11.81 -18.13
CA LYS A 134 -9.90 -11.41 -18.46
C LYS A 134 -9.88 -10.24 -19.47
N GLY A 135 -9.05 -9.25 -19.24
CA GLY A 135 -8.98 -8.09 -20.18
C GLY A 135 -9.86 -6.94 -19.65
N GLN A 136 -10.92 -7.26 -18.95
CA GLN A 136 -11.83 -6.19 -18.43
C GLN A 136 -11.12 -5.32 -17.39
N VAL A 137 -11.36 -4.04 -17.43
CA VAL A 137 -10.73 -3.13 -16.44
C VAL A 137 -11.32 -3.40 -15.06
N ARG A 138 -10.48 -3.49 -14.06
CA ARG A 138 -10.99 -3.76 -12.69
C ARG A 138 -10.24 -2.87 -11.69
N LEU A 139 -10.88 -2.55 -10.60
CA LEU A 139 -10.24 -1.68 -9.56
C LEU A 139 -10.11 -2.46 -8.27
N SER A 140 -9.26 -2.04 -7.35
CA SER A 140 -9.14 -2.82 -6.11
C SER A 140 -8.70 -2.00 -4.90
N LYS A 141 -9.19 -2.37 -3.76
CA LYS A 141 -8.81 -1.70 -2.49
C LYS A 141 -7.95 -2.68 -1.68
N LYS A 142 -6.66 -2.51 -1.72
CA LYS A 142 -5.74 -3.44 -0.99
C LYS A 142 -6.14 -3.56 0.49
N MET A 143 -6.12 -4.76 1.01
CA MET A 143 -6.47 -4.97 2.45
C MET A 143 -5.73 -6.20 2.96
N VAL A 144 -5.40 -6.24 4.23
CA VAL A 144 -4.67 -7.41 4.77
C VAL A 144 -5.63 -8.37 5.48
N ASP A 145 -5.39 -9.65 5.38
CA ASP A 145 -6.27 -10.64 6.06
C ASP A 145 -5.57 -11.16 7.32
N PRO A 146 -6.24 -11.08 8.44
CA PRO A 146 -5.64 -11.55 9.71
C PRO A 146 -5.46 -13.07 9.68
N GLU A 147 -6.17 -13.74 8.79
CA GLU A 147 -6.03 -15.22 8.71
C GLU A 147 -4.83 -15.59 7.83
N LYS A 148 -4.47 -14.72 6.92
CA LYS A 148 -3.30 -14.98 6.04
C LYS A 148 -2.35 -13.77 6.07
N PRO A 149 -1.68 -13.62 7.17
CA PRO A 149 -0.76 -12.47 7.35
C PRO A 149 0.51 -12.62 6.47
N GLN A 150 0.87 -13.82 6.11
CA GLN A 150 2.08 -13.99 5.25
C GLN A 150 1.87 -13.33 3.89
N LEU A 151 0.64 -13.12 3.50
CA LEU A 151 0.35 -12.49 2.18
C LEU A 151 0.55 -10.97 2.27
N GLY A 152 -0.03 -10.35 3.26
CA GLY A 152 0.12 -8.87 3.40
C GLY A 152 -1.01 -8.16 2.67
N MET A 153 -0.74 -7.02 2.10
CA MET A 153 -1.80 -6.26 1.37
C MET A 153 -2.28 -7.04 0.14
N ILE A 154 -3.48 -7.57 0.19
CA ILE A 154 -4.00 -8.33 -0.97
C ILE A 154 -5.05 -7.49 -1.70
N ASP A 155 -5.11 -7.59 -3.00
CA ASP A 155 -6.11 -6.77 -3.75
C ASP A 155 -7.54 -7.34 -3.63
N ARG A 156 -8.47 -6.47 -3.33
CA ARG A 156 -9.90 -6.85 -3.30
C ARG A 156 -10.46 -6.25 -4.58
N TRP A 157 -10.72 -7.06 -5.58
CA TRP A 157 -11.15 -6.49 -6.90
C TRP A 157 -12.64 -6.16 -7.00
N TYR A 158 -12.92 -5.29 -7.94
CA TYR A 158 -14.32 -4.85 -8.18
C TYR A 158 -14.44 -4.31 -9.61
N HIS A 159 -15.63 -4.25 -10.14
CA HIS A 159 -15.81 -3.62 -11.47
C HIS A 159 -15.73 -2.12 -11.17
N PRO A 160 -15.27 -1.32 -12.10
CA PRO A 160 -15.15 0.14 -11.83
C PRO A 160 -16.49 0.71 -11.34
N GLY A 161 -17.58 0.34 -11.96
CA GLY A 161 -18.92 0.83 -11.51
C GLY A 161 -19.18 0.34 -10.08
N CYS A 162 -19.06 -0.94 -9.85
CA CYS A 162 -19.28 -1.48 -8.47
C CYS A 162 -18.36 -0.78 -7.45
N PHE A 163 -17.12 -0.54 -7.83
CA PHE A 163 -16.16 0.13 -6.90
C PHE A 163 -16.67 1.54 -6.57
N VAL A 164 -17.12 2.27 -7.56
CA VAL A 164 -17.61 3.65 -7.31
C VAL A 164 -18.82 3.63 -6.38
N LYS A 165 -19.70 2.66 -6.53
CA LYS A 165 -20.90 2.60 -5.65
C LYS A 165 -20.49 2.49 -4.18
N ASN A 166 -19.43 1.80 -3.90
CA ASN A 166 -18.95 1.65 -2.48
C ASN A 166 -17.71 2.50 -2.18
N ARG A 167 -17.53 3.60 -2.90
CA ARG A 167 -16.32 4.45 -2.67
C ARG A 167 -16.15 4.84 -1.19
N GLU A 168 -17.23 5.12 -0.53
CA GLU A 168 -17.15 5.53 0.91
C GLU A 168 -16.63 4.39 1.80
N GLU A 169 -17.29 3.27 1.78
CA GLU A 169 -16.86 2.13 2.63
C GLU A 169 -15.47 1.63 2.23
N LEU A 170 -15.11 1.78 0.98
CA LEU A 170 -13.76 1.32 0.54
C LEU A 170 -12.66 2.33 0.91
N GLY A 171 -13.02 3.42 1.55
CA GLY A 171 -11.99 4.42 1.97
C GLY A 171 -11.49 5.24 0.78
N PHE A 172 -12.24 5.34 -0.28
CA PHE A 172 -11.79 6.14 -1.46
C PHE A 172 -12.33 7.57 -1.31
N ARG A 173 -11.67 8.36 -0.49
CA ARG A 173 -12.14 9.78 -0.23
C ARG A 173 -12.50 10.51 -1.54
N PRO A 174 -13.31 11.55 -1.41
CA PRO A 174 -13.75 12.34 -2.59
C PRO A 174 -12.63 13.22 -3.15
N GLU A 175 -11.56 13.42 -2.41
CA GLU A 175 -10.44 14.26 -2.94
C GLU A 175 -9.56 13.43 -3.89
N TYR A 176 -9.68 12.13 -3.83
CA TYR A 176 -8.87 11.25 -4.72
C TYR A 176 -9.44 11.23 -6.14
N SER A 177 -8.57 11.15 -7.11
CA SER A 177 -9.02 11.11 -8.53
C SER A 177 -8.52 9.80 -9.17
N ALA A 178 -9.06 9.45 -10.30
CA ALA A 178 -8.64 8.17 -10.98
C ALA A 178 -7.12 8.16 -11.24
N SER A 179 -6.54 9.30 -11.49
CA SER A 179 -5.06 9.36 -11.78
C SER A 179 -4.21 8.88 -10.59
N GLN A 180 -4.78 8.76 -9.42
CA GLN A 180 -3.97 8.33 -8.23
C GLN A 180 -3.98 6.80 -8.06
N LEU A 181 -4.75 6.08 -8.82
CA LEU A 181 -4.79 4.59 -8.68
C LEU A 181 -3.47 3.96 -9.11
N LYS A 182 -2.95 3.05 -8.34
CA LYS A 182 -1.67 2.36 -8.71
C LYS A 182 -1.87 1.57 -10.02
N GLY A 183 -1.15 1.91 -11.06
CA GLY A 183 -1.31 1.16 -12.36
C GLY A 183 -2.07 2.02 -13.39
N PHE A 184 -2.62 3.14 -12.97
CA PHE A 184 -3.39 4.00 -13.91
C PHE A 184 -2.61 4.31 -15.20
N SER A 185 -1.41 4.78 -15.04
CA SER A 185 -0.56 5.16 -16.22
C SER A 185 -0.46 4.05 -17.29
N LEU A 186 -0.66 2.79 -16.93
CA LEU A 186 -0.53 1.70 -17.96
C LEU A 186 -1.84 1.42 -18.71
N LEU A 187 -2.85 2.22 -18.50
CA LEU A 187 -4.15 1.99 -19.20
C LEU A 187 -4.22 2.81 -20.49
N ALA A 188 -4.90 2.29 -21.48
CA ALA A 188 -5.04 3.03 -22.77
C ALA A 188 -5.76 4.36 -22.50
N THR A 189 -5.48 5.38 -23.28
CA THR A 189 -6.14 6.72 -23.06
C THR A 189 -7.66 6.58 -22.85
N GLU A 190 -8.31 5.82 -23.70
CA GLU A 190 -9.80 5.64 -23.58
C GLU A 190 -10.17 5.13 -22.16
N ASP A 191 -9.49 4.11 -21.71
CA ASP A 191 -9.79 3.56 -20.35
C ASP A 191 -9.50 4.61 -19.27
N LYS A 192 -8.44 5.37 -19.42
CA LYS A 192 -8.10 6.40 -18.40
C LYS A 192 -9.18 7.47 -18.34
N GLU A 193 -9.70 7.86 -19.47
CA GLU A 193 -10.76 8.91 -19.48
C GLU A 193 -12.03 8.41 -18.77
N ALA A 194 -12.43 7.20 -19.06
CA ALA A 194 -13.66 6.63 -18.41
C ALA A 194 -13.51 6.67 -16.87
N LEU A 195 -12.34 6.36 -16.37
CA LEU A 195 -12.14 6.38 -14.90
C LEU A 195 -12.18 7.81 -14.38
N LYS A 196 -11.37 8.69 -14.94
CA LYS A 196 -11.38 10.12 -14.49
C LYS A 196 -12.81 10.67 -14.50
N LYS A 197 -13.62 10.16 -15.37
CA LYS A 197 -15.04 10.61 -15.46
C LYS A 197 -15.83 10.21 -14.20
N GLN A 198 -15.66 9.00 -13.73
CA GLN A 198 -16.42 8.55 -12.52
C GLN A 198 -15.71 8.96 -11.23
N LEU A 199 -14.40 9.06 -11.26
CA LEU A 199 -13.65 9.49 -10.06
C LEU A 199 -12.88 10.78 -10.40
N PRO A 200 -13.59 11.88 -10.41
CA PRO A 200 -12.98 13.18 -10.79
C PRO A 200 -12.05 13.70 -9.68
N GLY A 201 -12.45 13.57 -8.44
CA GLY A 201 -11.59 14.07 -7.33
C GLY A 201 -11.75 15.58 -7.21
N VAL A 202 -10.66 16.31 -7.22
CA VAL A 202 -10.76 17.80 -7.10
C VAL A 202 -9.97 18.46 -8.24
N LYS A 203 -10.61 19.32 -8.98
CA LYS A 203 -9.92 20.01 -10.11
C LYS A 203 -10.59 21.35 -10.41
N SER A 204 -9.82 22.35 -10.77
CA SER A 204 -10.42 23.67 -11.08
C SER A 204 -10.90 23.72 -12.53
N GLU A 205 -12.12 24.12 -12.74
CA GLU A 205 -12.66 24.19 -14.14
C GLU A 205 -13.31 25.55 -14.38
N GLY A 206 -13.07 26.12 -15.54
CA GLY A 206 -13.66 27.45 -15.86
C GLY A 206 -12.92 28.54 -15.07
N LYS A 207 -11.78 28.95 -15.54
CA LYS A 207 -11.00 30.00 -14.84
C LYS A 207 -11.25 31.37 -15.47
N ARG A 208 -10.41 32.33 -15.22
CA ARG A 208 -10.59 33.68 -15.81
C ARG A 208 -10.64 33.59 -17.34
N LYS A 209 -11.81 33.49 -17.90
CA LYS A 209 -11.92 33.39 -19.39
C LYS A 209 -11.73 34.78 -20.02
N GLY A 210 -10.61 34.98 -20.68
CA GLY A 210 -10.36 36.30 -21.31
C GLY A 210 -9.34 36.13 -22.45
N ASP A 211 -9.49 36.87 -23.51
CA ASP A 211 -8.54 36.75 -24.66
C ASP A 211 -7.26 37.55 -24.36
N GLU A 212 -6.13 37.03 -24.74
CA GLU A 212 -4.85 37.76 -24.49
C GLU A 212 -4.61 38.82 -25.56
N VAL A 213 -5.34 39.90 -25.52
CA VAL A 213 -5.15 40.97 -26.54
C VAL A 213 -4.98 42.33 -25.85
N ASP A 214 -3.86 42.98 -26.07
CA ASP A 214 -3.62 44.32 -25.44
C ASP A 214 -3.83 44.22 -23.92
ZN ZN C . 17.81 -9.02 3.78
ZN ZN D . -19.27 -6.00 -9.89
N MET A 1 5.81 -11.10 30.45
CA MET A 1 7.09 -10.50 29.96
C MET A 1 7.07 -10.40 28.44
N ALA A 2 5.99 -9.92 27.88
CA ALA A 2 5.91 -9.80 26.38
C ALA A 2 5.02 -8.62 26.01
N GLU A 3 5.50 -7.76 25.14
CA GLU A 3 4.69 -6.59 24.72
C GLU A 3 3.80 -6.95 23.52
N SER A 4 2.95 -6.06 23.11
CA SER A 4 2.05 -6.35 21.96
C SER A 4 1.50 -5.05 21.37
N SER A 5 1.20 -5.05 20.09
CA SER A 5 0.65 -3.82 19.46
C SER A 5 -0.23 -4.18 18.26
N ASP A 6 -1.35 -3.51 18.12
CA ASP A 6 -2.26 -3.81 16.98
C ASP A 6 -1.65 -3.33 15.66
N LYS A 7 -0.58 -2.57 15.71
CA LYS A 7 0.04 -2.07 14.46
C LYS A 7 0.42 -3.25 13.56
N LEU A 8 0.47 -3.06 12.27
CA LEU A 8 0.82 -4.18 11.36
C LEU A 8 2.34 -4.28 11.16
N TYR A 9 3.08 -3.25 11.46
CA TYR A 9 4.56 -3.34 11.26
C TYR A 9 5.33 -2.95 12.52
N ARG A 10 6.58 -3.37 12.59
CA ARG A 10 7.42 -3.04 13.77
C ARG A 10 8.83 -2.68 13.31
N VAL A 11 9.43 -1.72 13.95
CA VAL A 11 10.82 -1.33 13.58
C VAL A 11 11.63 -1.22 14.86
N GLU A 12 12.85 -1.70 14.84
CA GLU A 12 13.68 -1.63 16.09
C GLU A 12 15.11 -2.08 15.82
N TYR A 13 15.97 -1.85 16.76
CA TYR A 13 17.37 -2.29 16.59
C TYR A 13 17.41 -3.78 16.96
N ALA A 14 17.92 -4.60 16.09
CA ALA A 14 17.95 -6.09 16.33
C ALA A 14 18.28 -6.48 17.77
N LYS A 15 17.37 -7.14 18.44
CA LYS A 15 17.62 -7.59 19.84
C LYS A 15 18.66 -8.71 19.83
N SER A 16 18.85 -9.35 18.69
CA SER A 16 19.86 -10.42 18.57
C SER A 16 20.35 -10.49 17.11
N GLY A 17 21.28 -11.34 16.81
CA GLY A 17 21.80 -11.44 15.41
C GLY A 17 21.40 -12.78 14.82
N ARG A 18 20.41 -13.43 15.40
CA ARG A 18 19.97 -14.77 14.89
C ARG A 18 18.79 -14.67 13.91
N ALA A 19 18.10 -13.58 13.87
CA ALA A 19 16.95 -13.45 12.89
C ALA A 19 17.45 -13.47 11.44
N SER A 20 16.73 -14.13 10.57
CA SER A 20 17.13 -14.21 9.15
C SER A 20 16.18 -13.38 8.31
N CYS A 21 16.71 -12.61 7.42
CA CYS A 21 15.85 -11.74 6.54
C CYS A 21 14.93 -12.60 5.68
N LYS A 22 13.64 -12.33 5.69
CA LYS A 22 12.69 -13.15 4.88
C LYS A 22 12.83 -12.85 3.37
N LYS A 23 13.64 -11.90 2.99
CA LYS A 23 13.82 -11.58 1.55
C LYS A 23 15.13 -12.18 0.99
N CYS A 24 16.26 -11.80 1.55
CA CYS A 24 17.56 -12.33 1.03
C CYS A 24 18.11 -13.52 1.86
N SER A 25 17.46 -13.87 2.95
CA SER A 25 17.89 -15.04 3.80
C SER A 25 19.16 -14.78 4.66
N GLU A 26 19.86 -13.68 4.44
CA GLU A 26 21.08 -13.43 5.28
C GLU A 26 20.66 -13.06 6.71
N SER A 27 21.54 -13.28 7.66
CA SER A 27 21.19 -12.97 9.08
C SER A 27 21.13 -11.46 9.31
N ILE A 28 20.29 -11.04 10.22
CA ILE A 28 20.21 -9.59 10.56
C ILE A 28 21.09 -9.36 11.79
N PRO A 29 22.13 -8.55 11.63
CA PRO A 29 23.09 -8.34 12.75
C PRO A 29 22.45 -7.62 13.95
N LYS A 30 22.83 -8.04 15.14
CA LYS A 30 22.28 -7.43 16.40
C LYS A 30 22.48 -5.91 16.39
N ASP A 31 21.52 -5.18 16.93
CA ASP A 31 21.60 -3.67 17.00
C ASP A 31 21.36 -3.00 15.64
N SER A 32 21.32 -3.75 14.56
CA SER A 32 21.07 -3.12 13.23
C SER A 32 19.60 -2.76 13.10
N LEU A 33 19.29 -1.80 12.28
CA LEU A 33 17.86 -1.40 12.11
C LEU A 33 17.14 -2.43 11.24
N ARG A 34 16.11 -3.05 11.76
CA ARG A 34 15.36 -4.06 10.99
C ARG A 34 13.87 -3.76 11.05
N MET A 35 13.12 -4.23 10.09
CA MET A 35 11.65 -3.97 10.08
C MET A 35 10.90 -5.29 9.86
N ALA A 36 9.69 -5.37 10.35
CA ALA A 36 8.95 -6.64 10.18
C ALA A 36 7.46 -6.40 9.98
N ILE A 37 6.82 -7.30 9.29
CA ILE A 37 5.35 -7.22 9.12
C ILE A 37 4.71 -8.14 10.17
N MET A 38 3.97 -7.58 11.10
CA MET A 38 3.37 -8.41 12.19
C MET A 38 2.32 -9.39 11.66
N VAL A 39 2.23 -10.56 12.24
CA VAL A 39 1.23 -11.56 11.81
C VAL A 39 0.67 -12.30 13.03
N GLN A 40 -0.61 -12.57 13.03
CA GLN A 40 -1.22 -13.28 14.20
C GLN A 40 -1.00 -14.80 14.04
N SER A 41 -0.52 -15.45 15.07
CA SER A 41 -0.30 -16.92 14.98
C SER A 41 -1.54 -17.69 15.46
N PRO A 42 -1.94 -18.67 14.69
CA PRO A 42 -3.12 -19.48 15.05
C PRO A 42 -2.74 -20.60 16.04
N MET A 43 -1.49 -20.72 16.37
CA MET A 43 -1.06 -21.81 17.31
C MET A 43 -0.95 -21.26 18.74
N PHE A 44 -0.93 -19.96 18.90
CA PHE A 44 -0.83 -19.38 20.27
C PHE A 44 -1.12 -17.88 20.24
N ASP A 45 -1.66 -17.35 21.30
CA ASP A 45 -1.96 -15.89 21.35
C ASP A 45 -0.66 -15.09 21.25
N GLY A 46 -0.54 -14.24 20.26
CA GLY A 46 0.70 -13.44 20.10
C GLY A 46 0.96 -13.25 18.61
N LYS A 47 1.71 -12.24 18.26
CA LYS A 47 2.00 -12.00 16.80
C LYS A 47 3.44 -12.39 16.46
N VAL A 48 3.63 -13.03 15.33
CA VAL A 48 5.01 -13.42 14.90
C VAL A 48 5.54 -12.40 13.89
N PRO A 49 6.73 -11.91 14.11
CA PRO A 49 7.28 -10.90 13.21
C PRO A 49 8.10 -11.53 12.07
N HIS A 50 7.82 -11.13 10.86
CA HIS A 50 8.64 -11.62 9.72
C HIS A 50 9.69 -10.52 9.52
N TRP A 51 10.90 -10.71 10.00
CA TRP A 51 11.92 -9.64 9.93
C TRP A 51 12.65 -9.55 8.59
N TYR A 52 13.13 -8.37 8.32
CA TYR A 52 13.88 -8.11 7.06
C TYR A 52 14.92 -7.01 7.34
N HIS A 53 16.03 -7.00 6.62
CA HIS A 53 17.00 -5.88 6.81
C HIS A 53 16.25 -4.63 6.37
N PHE A 54 16.61 -3.47 6.86
CA PHE A 54 15.86 -2.22 6.47
C PHE A 54 15.58 -2.13 4.95
N SER A 55 16.60 -2.28 4.13
CA SER A 55 16.40 -2.18 2.65
C SER A 55 15.54 -3.33 2.09
N CYS A 56 15.80 -4.55 2.48
CA CYS A 56 15.02 -5.70 1.95
C CYS A 56 13.51 -5.54 2.18
N PHE A 57 13.14 -4.99 3.31
CA PHE A 57 11.68 -4.81 3.63
C PHE A 57 10.90 -4.13 2.50
N TRP A 58 11.50 -3.17 1.81
CA TRP A 58 10.77 -2.42 0.75
C TRP A 58 10.86 -3.14 -0.61
N LYS A 59 11.79 -4.03 -0.77
CA LYS A 59 11.94 -4.73 -2.08
C LYS A 59 10.98 -5.92 -2.21
N VAL A 60 10.17 -6.18 -1.21
CA VAL A 60 9.22 -7.33 -1.28
C VAL A 60 7.80 -6.86 -1.64
N GLY A 61 7.49 -5.61 -1.42
CA GLY A 61 6.12 -5.12 -1.74
C GLY A 61 5.52 -4.43 -0.52
N HIS A 62 6.14 -4.53 0.62
CA HIS A 62 5.60 -3.86 1.84
C HIS A 62 5.55 -2.35 1.62
N SER A 63 4.49 -1.70 2.03
CA SER A 63 4.42 -0.22 1.81
C SER A 63 3.86 0.49 3.04
N ILE A 64 4.33 1.68 3.30
CA ILE A 64 3.83 2.45 4.47
C ILE A 64 3.80 3.95 4.12
N ARG A 65 2.65 4.57 4.21
CA ARG A 65 2.56 6.02 3.89
C ARG A 65 2.90 6.86 5.13
N HIS A 66 2.41 6.44 6.26
CA HIS A 66 2.70 7.20 7.54
C HIS A 66 3.33 6.26 8.57
N PRO A 67 4.66 6.26 8.62
CA PRO A 67 5.38 5.37 9.57
C PRO A 67 5.02 5.68 11.05
N ASP A 68 5.04 6.94 11.45
CA ASP A 68 4.70 7.28 12.86
C ASP A 68 3.43 6.57 13.40
N VAL A 69 2.42 6.40 12.57
CA VAL A 69 1.15 5.75 13.06
C VAL A 69 1.02 4.26 12.63
N GLU A 70 1.67 3.85 11.56
CA GLU A 70 1.52 2.44 11.09
C GLU A 70 2.64 1.51 11.58
N VAL A 71 3.74 2.05 12.05
CA VAL A 71 4.86 1.15 12.49
C VAL A 71 5.15 1.30 13.98
N ASP A 72 4.94 0.23 14.73
CA ASP A 72 5.21 0.27 16.19
C ASP A 72 6.71 0.40 16.45
N GLY A 73 7.11 1.16 17.45
CA GLY A 73 8.57 1.31 17.76
C GLY A 73 9.19 2.47 16.95
N PHE A 74 8.46 3.05 16.03
CA PHE A 74 9.02 4.17 15.21
C PHE A 74 9.49 5.33 16.08
N SER A 75 8.65 5.78 16.97
CA SER A 75 9.02 6.93 17.86
C SER A 75 10.23 6.64 18.75
N GLU A 76 10.58 5.38 19.00
CA GLU A 76 11.76 5.10 19.86
C GLU A 76 13.07 4.98 19.04
N LEU A 77 13.00 5.09 17.73
CA LEU A 77 14.23 4.99 16.90
C LEU A 77 15.04 6.28 17.05
N ARG A 78 16.31 6.23 16.77
CA ARG A 78 17.13 7.48 16.84
C ARG A 78 16.60 8.45 15.78
N TRP A 79 16.76 9.73 15.99
CA TRP A 79 16.23 10.74 15.02
C TRP A 79 16.58 10.41 13.55
N ASP A 80 17.85 10.26 13.25
CA ASP A 80 18.25 9.96 11.83
C ASP A 80 17.50 8.73 11.28
N ASP A 81 17.36 7.69 12.08
CA ASP A 81 16.65 6.47 11.59
C ASP A 81 15.16 6.80 11.38
N GLN A 82 14.63 7.70 12.17
CA GLN A 82 13.20 8.09 12.01
C GLN A 82 13.04 8.83 10.68
N GLN A 83 14.04 9.62 10.32
CA GLN A 83 13.96 10.36 9.03
C GLN A 83 14.19 9.38 7.87
N LYS A 84 15.13 8.49 8.03
CA LYS A 84 15.41 7.48 6.96
C LYS A 84 14.14 6.66 6.66
N VAL A 85 13.48 6.20 7.68
CA VAL A 85 12.22 5.42 7.47
C VAL A 85 11.15 6.34 6.87
N LYS A 86 11.07 7.56 7.35
CA LYS A 86 10.05 8.50 6.83
C LYS A 86 10.28 8.79 5.34
N LYS A 87 11.51 9.03 4.96
CA LYS A 87 11.81 9.33 3.54
C LYS A 87 11.67 8.07 2.68
N THR A 88 12.19 6.96 3.16
CA THR A 88 12.09 5.69 2.37
C THR A 88 10.61 5.34 2.16
N ALA A 89 9.80 5.61 3.15
CA ALA A 89 8.34 5.32 3.02
C ALA A 89 7.76 6.19 1.91
N GLU A 90 8.09 7.46 1.90
CA GLU A 90 7.56 8.36 0.84
C GLU A 90 8.04 7.91 -0.54
N ALA A 91 9.32 7.67 -0.68
CA ALA A 91 9.85 7.22 -2.00
C ALA A 91 9.16 5.93 -2.45
N GLY A 92 8.19 6.03 -3.33
CA GLY A 92 7.48 4.82 -3.80
C GLY A 92 8.13 4.31 -5.09
N GLY A 93 7.59 4.67 -6.22
CA GLY A 93 8.18 4.21 -7.50
C GLY A 93 9.26 5.20 -7.96
N VAL A 94 10.31 5.32 -7.20
CA VAL A 94 11.40 6.28 -7.58
C VAL A 94 12.68 5.51 -7.89
N THR A 95 12.83 4.32 -7.35
CA THR A 95 14.07 3.53 -7.61
C THR A 95 13.75 2.34 -8.52
N GLY A 96 14.72 1.86 -9.24
CA GLY A 96 14.48 0.70 -10.16
C GLY A 96 15.77 0.34 -10.89
N LYS A 97 15.94 0.86 -12.08
CA LYS A 97 17.17 0.54 -12.86
C LYS A 97 17.85 1.84 -13.33
N GLY A 98 17.12 2.67 -14.04
CA GLY A 98 17.71 3.95 -14.52
C GLY A 98 16.62 4.80 -15.16
N GLN A 99 16.59 4.86 -16.47
CA GLN A 99 15.55 5.67 -17.17
C GLN A 99 15.55 7.11 -16.64
N ASP A 100 16.30 7.98 -17.26
CA ASP A 100 16.35 9.39 -16.80
C ASP A 100 15.10 10.15 -17.26
N GLY A 101 14.08 10.18 -16.45
CA GLY A 101 12.83 10.90 -16.85
C GLY A 101 13.11 12.40 -16.92
N ILE A 102 12.08 13.20 -16.98
CA ILE A 102 12.28 14.68 -17.06
C ILE A 102 10.94 15.41 -16.85
N GLY A 103 9.88 14.89 -17.39
CA GLY A 103 8.55 15.55 -17.22
C GLY A 103 8.18 15.58 -15.74
N SER A 104 7.76 14.46 -15.21
CA SER A 104 7.38 14.42 -13.76
C SER A 104 6.37 15.52 -13.43
N LYS A 105 5.10 15.24 -13.60
CA LYS A 105 4.06 16.28 -13.30
C LYS A 105 3.32 15.92 -12.01
N ALA A 106 3.07 14.65 -11.80
CA ALA A 106 2.35 14.23 -10.56
C ALA A 106 3.16 13.17 -9.81
N GLU A 107 3.23 13.29 -8.52
CA GLU A 107 4.01 12.29 -7.72
C GLU A 107 3.15 11.76 -6.57
N LYS A 108 1.85 11.76 -6.73
CA LYS A 108 0.96 11.25 -5.64
C LYS A 108 0.28 9.96 -6.08
N THR A 109 0.64 8.86 -5.48
CA THR A 109 0.00 7.56 -5.86
C THR A 109 -0.40 6.78 -4.61
N LEU A 110 -1.63 6.37 -4.52
CA LEU A 110 -2.09 5.60 -3.33
C LEU A 110 -1.39 4.24 -3.28
N GLY A 111 -1.12 3.74 -2.10
CA GLY A 111 -0.43 2.43 -1.99
C GLY A 111 -1.45 1.32 -1.70
N ASP A 112 -2.69 1.66 -1.42
CA ASP A 112 -3.71 0.62 -1.11
C ASP A 112 -4.82 0.59 -2.18
N PHE A 113 -4.65 1.31 -3.26
CA PHE A 113 -5.68 1.32 -4.34
C PHE A 113 -5.03 1.08 -5.70
N ALA A 114 -5.56 0.19 -6.50
CA ALA A 114 -4.92 -0.08 -7.82
C ALA A 114 -5.94 -0.29 -8.94
N ALA A 115 -5.49 -0.10 -10.15
CA ALA A 115 -6.36 -0.28 -11.35
C ALA A 115 -5.56 -1.02 -12.42
N GLU A 116 -6.12 -2.04 -13.01
CA GLU A 116 -5.38 -2.80 -14.06
C GLU A 116 -6.34 -3.65 -14.87
N TYR A 117 -5.91 -4.14 -16.00
CA TYR A 117 -6.79 -5.02 -16.80
C TYR A 117 -6.73 -6.42 -16.18
N ALA A 118 -7.86 -7.07 -16.04
CA ALA A 118 -7.87 -8.43 -15.40
C ALA A 118 -6.83 -9.36 -16.03
N LYS A 119 -5.81 -9.74 -15.27
CA LYS A 119 -4.77 -10.66 -15.79
C LYS A 119 -5.38 -12.03 -16.13
N SER A 120 -6.54 -12.31 -15.58
CA SER A 120 -7.20 -13.63 -15.86
C SER A 120 -8.72 -13.48 -15.71
N ASN A 121 -9.44 -14.58 -15.70
CA ASN A 121 -10.92 -14.50 -15.55
C ASN A 121 -11.42 -15.24 -14.31
N ARG A 122 -10.54 -15.58 -13.41
CA ARG A 122 -10.99 -16.31 -12.18
C ARG A 122 -11.11 -15.35 -10.98
N SER A 123 -10.88 -14.06 -11.19
CA SER A 123 -11.04 -13.10 -10.05
C SER A 123 -12.52 -12.83 -9.87
N THR A 124 -12.92 -12.16 -8.83
CA THR A 124 -14.37 -11.91 -8.62
C THR A 124 -14.61 -10.53 -7.99
N CYS A 125 -15.49 -9.75 -8.57
CA CYS A 125 -15.81 -8.44 -7.98
C CYS A 125 -16.40 -8.64 -6.58
N LYS A 126 -15.78 -8.08 -5.57
CA LYS A 126 -16.30 -8.25 -4.17
C LYS A 126 -17.47 -7.30 -3.86
N GLY A 127 -18.15 -6.80 -4.86
CA GLY A 127 -19.29 -5.88 -4.61
C GLY A 127 -20.56 -6.59 -5.09
N CYS A 128 -20.49 -7.23 -6.23
CA CYS A 128 -21.66 -7.99 -6.74
C CYS A 128 -21.35 -9.51 -6.82
N MET A 129 -20.15 -9.91 -6.41
CA MET A 129 -19.75 -11.35 -6.45
C MET A 129 -19.79 -11.96 -7.88
N GLU A 130 -19.89 -11.15 -8.89
CA GLU A 130 -19.89 -11.69 -10.28
C GLU A 130 -18.44 -11.79 -10.77
N LYS A 131 -18.12 -12.79 -11.54
CA LYS A 131 -16.72 -12.94 -12.00
C LYS A 131 -16.30 -11.82 -12.94
N ILE A 132 -15.05 -11.41 -12.85
CA ILE A 132 -14.54 -10.37 -13.78
C ILE A 132 -13.88 -11.07 -14.97
N GLU A 133 -14.19 -10.67 -16.17
CA GLU A 133 -13.59 -11.36 -17.37
C GLU A 133 -12.17 -10.88 -17.62
N LYS A 134 -11.31 -11.78 -18.03
CA LYS A 134 -9.90 -11.37 -18.38
C LYS A 134 -9.87 -10.19 -19.38
N GLY A 135 -9.03 -9.21 -19.13
CA GLY A 135 -8.97 -8.04 -20.06
C GLY A 135 -9.84 -6.90 -19.52
N GLN A 136 -10.90 -7.22 -18.82
CA GLN A 136 -11.80 -6.15 -18.29
C GLN A 136 -11.08 -5.28 -17.25
N VAL A 137 -11.32 -4.00 -17.27
CA VAL A 137 -10.67 -3.10 -16.29
C VAL A 137 -11.25 -3.38 -14.90
N ARG A 138 -10.41 -3.49 -13.91
CA ARG A 138 -10.91 -3.76 -12.53
C ARG A 138 -10.17 -2.87 -11.53
N LEU A 139 -10.80 -2.56 -10.43
CA LEU A 139 -10.14 -1.70 -9.40
C LEU A 139 -10.01 -2.51 -8.11
N SER A 140 -9.15 -2.08 -7.20
CA SER A 140 -9.03 -2.88 -5.96
C SER A 140 -8.58 -2.06 -4.75
N LYS A 141 -9.09 -2.43 -3.61
CA LYS A 141 -8.70 -1.77 -2.34
C LYS A 141 -7.83 -2.73 -1.54
N LYS A 142 -6.55 -2.58 -1.60
CA LYS A 142 -5.62 -3.51 -0.88
C LYS A 142 -6.02 -3.64 0.59
N MET A 143 -5.97 -4.85 1.10
CA MET A 143 -6.34 -5.10 2.53
C MET A 143 -5.58 -6.33 3.03
N VAL A 144 -5.28 -6.39 4.29
CA VAL A 144 -4.54 -7.57 4.82
C VAL A 144 -5.50 -8.53 5.53
N ASP A 145 -5.25 -9.80 5.42
CA ASP A 145 -6.14 -10.79 6.11
C ASP A 145 -5.43 -11.34 7.35
N PRO A 146 -6.08 -11.26 8.47
CA PRO A 146 -5.48 -11.75 9.74
C PRO A 146 -5.31 -13.27 9.69
N GLU A 147 -6.02 -13.93 8.82
CA GLU A 147 -5.90 -15.41 8.71
C GLU A 147 -4.71 -15.76 7.81
N LYS A 148 -4.35 -14.89 6.90
CA LYS A 148 -3.19 -15.16 6.00
C LYS A 148 -2.25 -13.96 6.02
N PRO A 149 -1.58 -13.79 7.12
CA PRO A 149 -0.66 -12.63 7.27
C PRO A 149 0.60 -12.80 6.41
N GLN A 150 0.98 -14.00 6.07
CA GLN A 150 2.20 -14.17 5.22
C GLN A 150 1.98 -13.52 3.85
N LEU A 151 0.74 -13.30 3.48
CA LEU A 151 0.45 -12.67 2.15
C LEU A 151 0.66 -11.15 2.24
N GLY A 152 0.11 -10.52 3.25
CA GLY A 152 0.27 -9.05 3.39
C GLY A 152 -0.89 -8.34 2.71
N MET A 153 -0.63 -7.20 2.13
CA MET A 153 -1.71 -6.42 1.45
C MET A 153 -2.20 -7.15 0.20
N ILE A 154 -3.35 -7.77 0.27
CA ILE A 154 -3.89 -8.49 -0.92
C ILE A 154 -4.95 -7.62 -1.61
N ASP A 155 -5.02 -7.68 -2.91
CA ASP A 155 -6.01 -6.86 -3.64
C ASP A 155 -7.44 -7.41 -3.52
N ARG A 156 -8.36 -6.55 -3.21
CA ARG A 156 -9.80 -6.92 -3.17
C ARG A 156 -10.36 -6.30 -4.45
N TRP A 157 -10.64 -7.10 -5.45
CA TRP A 157 -11.06 -6.53 -6.76
C TRP A 157 -12.54 -6.18 -6.86
N TYR A 158 -12.84 -5.31 -7.80
CA TYR A 158 -14.23 -4.86 -8.02
C TYR A 158 -14.35 -4.31 -9.44
N HIS A 159 -15.55 -4.26 -9.96
CA HIS A 159 -15.73 -3.60 -11.28
C HIS A 159 -15.64 -2.11 -10.99
N PRO A 160 -15.19 -1.31 -11.90
CA PRO A 160 -15.06 0.15 -11.63
C PRO A 160 -16.40 0.72 -11.13
N GLY A 161 -17.49 0.36 -11.75
CA GLY A 161 -18.82 0.87 -11.29
C GLY A 161 -19.08 0.37 -9.86
N CYS A 162 -18.96 -0.92 -9.63
CA CYS A 162 -19.18 -1.47 -8.26
C CYS A 162 -18.25 -0.78 -7.24
N PHE A 163 -17.01 -0.54 -7.61
CA PHE A 163 -16.05 0.12 -6.69
C PHE A 163 -16.54 1.53 -6.35
N VAL A 164 -17.00 2.27 -7.34
CA VAL A 164 -17.47 3.65 -7.07
C VAL A 164 -18.67 3.62 -6.13
N LYS A 165 -19.56 2.66 -6.30
CA LYS A 165 -20.77 2.61 -5.40
C LYS A 165 -20.35 2.48 -3.93
N ASN A 166 -19.29 1.79 -3.66
CA ASN A 166 -18.81 1.62 -2.24
C ASN A 166 -17.55 2.46 -1.96
N ARG A 167 -17.38 3.57 -2.65
CA ARG A 167 -16.16 4.41 -2.43
C ARG A 167 -15.99 4.79 -0.96
N GLU A 168 -17.06 5.06 -0.28
CA GLU A 168 -16.96 5.46 1.16
C GLU A 168 -16.45 4.32 2.04
N GLU A 169 -17.11 3.20 2.01
CA GLU A 169 -16.69 2.06 2.86
C GLU A 169 -15.31 1.55 2.44
N LEU A 170 -14.94 1.71 1.20
CA LEU A 170 -13.60 1.24 0.75
C LEU A 170 -12.49 2.25 1.11
N GLY A 171 -12.84 3.34 1.76
CA GLY A 171 -11.81 4.33 2.18
C GLY A 171 -11.30 5.15 0.99
N PHE A 172 -12.07 5.26 -0.06
CA PHE A 172 -11.62 6.08 -1.23
C PHE A 172 -12.14 7.50 -1.07
N ARG A 173 -11.49 8.28 -0.26
CA ARG A 173 -11.94 9.69 0.01
C ARG A 173 -12.30 10.44 -1.28
N PRO A 174 -13.11 11.50 -1.13
CA PRO A 174 -13.55 12.28 -2.31
C PRO A 174 -12.43 13.16 -2.87
N GLU A 175 -11.36 13.35 -2.14
CA GLU A 175 -10.23 14.19 -2.67
C GLU A 175 -9.36 13.37 -3.62
N TYR A 176 -9.50 12.06 -3.58
CA TYR A 176 -8.68 11.18 -4.47
C TYR A 176 -9.26 11.18 -5.89
N SER A 177 -8.40 11.10 -6.87
CA SER A 177 -8.86 11.06 -8.28
C SER A 177 -8.37 9.77 -8.93
N ALA A 178 -8.91 9.42 -10.07
CA ALA A 178 -8.50 8.16 -10.76
C ALA A 178 -6.98 8.13 -11.03
N SER A 179 -6.39 9.27 -11.26
CA SER A 179 -4.92 9.32 -11.57
C SER A 179 -4.06 8.83 -10.38
N GLN A 180 -4.63 8.72 -9.21
CA GLN A 180 -3.82 8.26 -8.03
C GLN A 180 -3.83 6.73 -7.86
N LEU A 181 -4.61 6.02 -8.64
CA LEU A 181 -4.66 4.54 -8.50
C LEU A 181 -3.34 3.90 -8.95
N LYS A 182 -2.82 2.98 -8.18
CA LYS A 182 -1.55 2.30 -8.57
C LYS A 182 -1.76 1.51 -9.88
N GLY A 183 -1.04 1.84 -10.92
CA GLY A 183 -1.21 1.11 -12.21
C GLY A 183 -1.97 1.98 -13.24
N PHE A 184 -2.52 3.09 -12.81
CA PHE A 184 -3.29 3.98 -13.75
C PHE A 184 -2.51 4.28 -15.03
N SER A 185 -1.31 4.76 -14.87
CA SER A 185 -0.46 5.13 -16.06
C SER A 185 -0.38 4.03 -17.14
N LEU A 186 -0.57 2.77 -16.78
CA LEU A 186 -0.45 1.68 -17.82
C LEU A 186 -1.77 1.42 -18.57
N LEU A 187 -2.78 2.22 -18.35
CA LEU A 187 -4.08 2.00 -19.04
C LEU A 187 -4.16 2.83 -20.33
N ALA A 188 -4.84 2.32 -21.32
CA ALA A 188 -4.99 3.08 -22.60
C ALA A 188 -5.70 4.40 -22.32
N THR A 189 -5.42 5.43 -23.08
CA THR A 189 -6.07 6.77 -22.85
C THR A 189 -7.59 6.63 -22.65
N GLU A 190 -8.24 5.88 -23.49
CA GLU A 190 -9.73 5.70 -23.36
C GLU A 190 -10.10 5.19 -21.96
N ASP A 191 -9.43 4.16 -21.51
CA ASP A 191 -9.72 3.60 -20.16
C ASP A 191 -9.41 4.64 -19.06
N LYS A 192 -8.36 5.40 -19.23
CA LYS A 192 -8.01 6.43 -18.19
C LYS A 192 -9.08 7.51 -18.12
N GLU A 193 -9.60 7.90 -19.24
CA GLU A 193 -10.67 8.96 -19.24
C GLU A 193 -11.92 8.46 -18.53
N ALA A 194 -12.34 7.25 -18.83
CA ALA A 194 -13.55 6.68 -18.17
C ALA A 194 -13.41 6.72 -16.64
N LEU A 195 -12.24 6.40 -16.15
CA LEU A 195 -12.03 6.40 -14.67
C LEU A 195 -12.05 7.84 -14.14
N LYS A 196 -11.25 8.72 -14.70
CA LYS A 196 -11.25 10.13 -14.24
C LYS A 196 -12.67 10.69 -14.23
N LYS A 197 -13.49 10.18 -15.10
CA LYS A 197 -14.92 10.65 -15.20
C LYS A 197 -15.70 10.25 -13.93
N GLN A 198 -15.53 9.03 -13.47
CA GLN A 198 -16.29 8.58 -12.26
C GLN A 198 -15.56 8.97 -10.96
N LEU A 199 -14.26 9.07 -11.01
CA LEU A 199 -13.50 9.49 -9.80
C LEU A 199 -12.73 10.77 -10.14
N PRO A 200 -13.43 11.88 -10.14
CA PRO A 200 -12.81 13.18 -10.49
C PRO A 200 -11.88 13.69 -9.38
N GLY A 201 -12.29 13.57 -8.14
CA GLY A 201 -11.43 14.05 -7.02
C GLY A 201 -11.58 15.58 -6.89
N VAL A 202 -11.05 16.32 -7.84
CA VAL A 202 -11.17 17.80 -7.75
C VAL A 202 -11.57 18.38 -9.11
N LYS A 203 -12.63 17.90 -9.69
CA LYS A 203 -13.07 18.42 -11.02
C LYS A 203 -14.51 18.95 -10.91
N SER A 204 -14.92 19.36 -9.74
CA SER A 204 -16.30 19.90 -9.58
C SER A 204 -16.44 20.57 -8.21
N GLU A 205 -15.87 21.74 -8.05
CA GLU A 205 -15.96 22.45 -6.74
C GLU A 205 -17.33 23.13 -6.61
N GLY A 206 -17.87 23.61 -7.71
CA GLY A 206 -19.20 24.29 -7.65
C GLY A 206 -20.01 23.95 -8.89
N LYS A 207 -21.31 23.95 -8.79
CA LYS A 207 -22.16 23.62 -9.97
C LYS A 207 -22.95 24.86 -10.41
N ARG A 208 -22.46 25.57 -11.39
CA ARG A 208 -23.17 26.80 -11.85
C ARG A 208 -23.87 26.52 -13.19
N LYS A 209 -23.13 26.10 -14.18
CA LYS A 209 -23.75 25.82 -15.52
C LYS A 209 -24.53 27.04 -16.01
N GLY A 210 -25.13 26.95 -17.16
CA GLY A 210 -25.92 28.10 -17.69
C GLY A 210 -25.75 28.17 -19.21
N ASP A 211 -26.79 27.88 -19.95
CA ASP A 211 -26.69 27.93 -21.44
C ASP A 211 -27.79 28.83 -22.00
N GLU A 212 -27.89 28.90 -23.31
CA GLU A 212 -28.94 29.76 -23.92
C GLU A 212 -29.85 28.91 -24.83
N VAL A 213 -30.61 29.54 -25.68
CA VAL A 213 -31.52 28.77 -26.59
C VAL A 213 -30.98 28.81 -28.03
N ASP A 214 -30.21 29.81 -28.36
CA ASP A 214 -29.66 29.90 -29.75
C ASP A 214 -28.45 28.97 -29.90
ZN ZN C . 17.92 -8.96 3.74
ZN ZN D . -19.20 -5.97 -9.70
N MET A 1 5.86 -3.78 23.38
CA MET A 1 5.45 -3.40 24.76
C MET A 1 4.69 -2.07 24.75
N ALA A 2 3.40 -2.13 24.58
CA ALA A 2 2.58 -0.88 24.55
C ALA A 2 1.12 -1.19 24.85
N GLU A 3 0.24 -0.27 24.57
CA GLU A 3 -1.21 -0.52 24.83
C GLU A 3 -1.97 -0.75 23.52
N SER A 4 -1.26 -1.01 22.45
CA SER A 4 -1.94 -1.25 21.14
C SER A 4 -1.60 -2.63 20.61
N SER A 5 -0.36 -2.88 20.29
CA SER A 5 0.04 -4.22 19.76
C SER A 5 -0.86 -4.63 18.60
N ASP A 6 -1.24 -3.68 17.78
CA ASP A 6 -2.14 -4.01 16.63
C ASP A 6 -1.52 -3.52 15.31
N LYS A 7 -0.45 -2.77 15.38
CA LYS A 7 0.19 -2.27 14.13
C LYS A 7 0.57 -3.45 13.24
N LEU A 8 0.61 -3.25 11.94
CA LEU A 8 0.96 -4.38 11.03
C LEU A 8 2.48 -4.49 10.85
N TYR A 9 3.23 -3.46 11.16
CA TYR A 9 4.70 -3.55 10.97
C TYR A 9 5.47 -3.14 12.24
N ARG A 10 6.71 -3.56 12.33
CA ARG A 10 7.54 -3.22 13.51
C ARG A 10 8.96 -2.86 13.07
N VAL A 11 9.54 -1.89 13.68
CA VAL A 11 10.94 -1.50 13.34
C VAL A 11 11.74 -1.38 14.62
N GLU A 12 12.95 -1.86 14.63
CA GLU A 12 13.77 -1.77 15.88
C GLU A 12 15.21 -2.23 15.62
N TYR A 13 16.06 -1.99 16.56
CA TYR A 13 17.46 -2.43 16.41
C TYR A 13 17.50 -3.91 16.80
N ALA A 14 18.02 -4.74 15.93
CA ALA A 14 18.05 -6.22 16.19
C ALA A 14 18.37 -6.60 17.63
N LYS A 15 17.45 -7.26 18.29
CA LYS A 15 17.69 -7.71 19.70
C LYS A 15 18.74 -8.82 19.71
N SER A 16 18.93 -9.46 18.59
CA SER A 16 19.97 -10.52 18.48
C SER A 16 20.46 -10.61 17.03
N GLY A 17 21.38 -11.47 16.74
CA GLY A 17 21.80 -11.53 15.30
C GLY A 17 21.52 -12.92 14.75
N ARG A 18 20.53 -13.57 15.34
CA ARG A 18 20.10 -14.92 14.84
C ARG A 18 18.94 -14.83 13.83
N ALA A 19 18.25 -13.73 13.78
CA ALA A 19 17.11 -13.62 12.79
C ALA A 19 17.62 -13.64 11.34
N SER A 20 16.90 -14.31 10.48
CA SER A 20 17.32 -14.40 9.06
C SER A 20 16.37 -13.58 8.20
N CYS A 21 16.90 -12.81 7.31
CA CYS A 21 16.06 -11.96 6.42
C CYS A 21 15.15 -12.83 5.55
N LYS A 22 13.86 -12.56 5.56
CA LYS A 22 12.91 -13.38 4.74
C LYS A 22 13.06 -13.10 3.23
N LYS A 23 13.88 -12.15 2.86
CA LYS A 23 14.07 -11.84 1.41
C LYS A 23 15.39 -12.43 0.87
N CYS A 24 16.51 -12.05 1.43
CA CYS A 24 17.82 -12.58 0.94
C CYS A 24 18.36 -13.75 1.77
N SER A 25 17.70 -14.11 2.86
CA SER A 25 18.13 -15.27 3.72
C SER A 25 19.38 -15.00 4.59
N GLU A 26 20.09 -13.91 4.38
CA GLU A 26 21.30 -13.63 5.22
C GLU A 26 20.88 -13.26 6.64
N SER A 27 21.73 -13.47 7.61
CA SER A 27 21.32 -13.15 8.98
C SER A 27 21.31 -11.63 9.23
N ILE A 28 20.47 -11.22 10.14
CA ILE A 28 20.38 -9.77 10.46
C ILE A 28 21.24 -9.52 11.69
N PRO A 29 22.28 -8.72 11.55
CA PRO A 29 23.23 -8.49 12.68
C PRO A 29 22.58 -7.76 13.86
N LYS A 30 22.95 -8.18 15.06
CA LYS A 30 22.40 -7.55 16.31
C LYS A 30 22.59 -6.03 16.29
N ASP A 31 21.62 -5.30 16.81
CA ASP A 31 21.70 -3.79 16.86
C ASP A 31 21.46 -3.14 15.50
N SER A 32 21.43 -3.90 14.43
CA SER A 32 21.20 -3.27 13.10
C SER A 32 19.72 -2.91 12.95
N LEU A 33 19.42 -1.96 12.12
CA LEU A 33 18.00 -1.57 11.93
C LEU A 33 17.28 -2.60 11.06
N ARG A 34 16.25 -3.22 11.58
CA ARG A 34 15.51 -4.25 10.81
C ARG A 34 14.02 -3.95 10.85
N MET A 35 13.27 -4.42 9.89
CA MET A 35 11.81 -4.16 9.87
C MET A 35 11.07 -5.49 9.66
N ALA A 36 9.85 -5.58 10.12
CA ALA A 36 9.11 -6.86 9.95
C ALA A 36 7.63 -6.61 9.74
N ILE A 37 6.99 -7.51 9.04
CA ILE A 37 5.51 -7.39 8.85
C ILE A 37 4.83 -8.31 9.88
N MET A 38 4.15 -7.74 10.84
CA MET A 38 3.48 -8.56 11.90
C MET A 38 2.57 -9.63 11.30
N VAL A 39 2.39 -10.71 12.01
CA VAL A 39 1.51 -11.80 11.52
C VAL A 39 0.93 -12.58 12.72
N GLN A 40 -0.36 -12.72 12.78
CA GLN A 40 -0.99 -13.46 13.91
C GLN A 40 -0.76 -14.97 13.75
N SER A 41 -0.36 -15.63 14.81
CA SER A 41 -0.12 -17.10 14.71
C SER A 41 -1.35 -17.88 15.20
N PRO A 42 -1.76 -18.87 14.44
CA PRO A 42 -2.93 -19.68 14.80
C PRO A 42 -2.55 -20.79 15.79
N MET A 43 -1.29 -20.91 16.12
CA MET A 43 -0.86 -21.97 17.07
C MET A 43 -0.77 -21.43 18.50
N PHE A 44 -0.77 -20.13 18.65
CA PHE A 44 -0.68 -19.54 20.03
C PHE A 44 -0.98 -18.04 19.98
N ASP A 45 -1.52 -17.51 21.04
CA ASP A 45 -1.83 -16.04 21.07
C ASP A 45 -0.52 -15.25 20.98
N GLY A 46 -0.41 -14.39 20.00
CA GLY A 46 0.83 -13.58 19.84
C GLY A 46 1.12 -13.42 18.35
N LYS A 47 1.84 -12.39 17.99
CA LYS A 47 2.14 -12.17 16.55
C LYS A 47 3.58 -12.56 16.21
N VAL A 48 3.77 -13.22 15.09
CA VAL A 48 5.15 -13.62 14.68
C VAL A 48 5.68 -12.60 13.67
N PRO A 49 6.87 -12.10 13.90
CA PRO A 49 7.43 -11.09 13.00
C PRO A 49 8.26 -11.71 11.88
N HIS A 50 7.99 -11.34 10.66
CA HIS A 50 8.83 -11.82 9.53
C HIS A 50 9.88 -10.72 9.33
N TRP A 51 11.08 -10.91 9.83
CA TRP A 51 12.08 -9.83 9.76
C TRP A 51 12.83 -9.75 8.43
N TYR A 52 13.32 -8.58 8.15
CA TYR A 52 14.07 -8.32 6.90
C TYR A 52 15.11 -7.23 7.18
N HIS A 53 16.22 -7.21 6.46
CA HIS A 53 17.18 -6.08 6.65
C HIS A 53 16.45 -4.84 6.20
N PHE A 54 16.78 -3.68 6.68
CA PHE A 54 16.04 -2.43 6.27
C PHE A 54 15.78 -2.36 4.75
N SER A 55 16.80 -2.50 3.95
CA SER A 55 16.62 -2.42 2.47
C SER A 55 15.76 -3.58 1.91
N CYS A 56 16.03 -4.79 2.31
CA CYS A 56 15.25 -5.96 1.77
C CYS A 56 13.74 -5.79 2.01
N PHE A 57 13.35 -5.23 3.12
CA PHE A 57 11.90 -5.06 3.43
C PHE A 57 11.12 -4.37 2.27
N TRP A 58 11.73 -3.42 1.59
CA TRP A 58 11.00 -2.69 0.52
C TRP A 58 11.11 -3.41 -0.83
N LYS A 59 12.05 -4.30 -0.98
CA LYS A 59 12.20 -5.01 -2.29
C LYS A 59 11.24 -6.22 -2.42
N VAL A 60 10.42 -6.45 -1.43
CA VAL A 60 9.47 -7.60 -1.50
C VAL A 60 8.07 -7.13 -1.90
N GLY A 61 7.76 -5.89 -1.66
CA GLY A 61 6.41 -5.39 -2.02
C GLY A 61 5.77 -4.68 -0.81
N HIS A 62 6.40 -4.78 0.35
CA HIS A 62 5.83 -4.11 1.55
C HIS A 62 5.77 -2.60 1.31
N SER A 63 4.71 -1.95 1.72
CA SER A 63 4.61 -0.48 1.47
C SER A 63 4.08 0.25 2.70
N ILE A 64 4.57 1.44 2.96
CA ILE A 64 4.11 2.23 4.13
C ILE A 64 4.02 3.72 3.77
N ARG A 65 2.86 4.30 3.86
CA ARG A 65 2.74 5.75 3.52
C ARG A 65 3.07 6.60 4.75
N HIS A 66 2.57 6.20 5.89
CA HIS A 66 2.85 6.95 7.16
C HIS A 66 3.48 6.03 8.20
N PRO A 67 4.80 6.03 8.27
CA PRO A 67 5.52 5.15 9.23
C PRO A 67 5.15 5.47 10.70
N ASP A 68 5.15 6.73 11.09
CA ASP A 68 4.80 7.08 12.50
C ASP A 68 3.52 6.37 13.03
N VAL A 69 2.54 6.19 12.20
CA VAL A 69 1.26 5.54 12.68
C VAL A 69 1.13 4.06 12.25
N GLU A 70 1.80 3.64 11.20
CA GLU A 70 1.64 2.22 10.74
C GLU A 70 2.77 1.30 11.25
N VAL A 71 3.86 1.84 11.71
CA VAL A 71 4.98 0.96 12.17
C VAL A 71 5.26 1.11 13.67
N ASP A 72 5.04 0.05 14.42
CA ASP A 72 5.29 0.10 15.88
C ASP A 72 6.80 0.23 16.15
N GLY A 73 7.18 1.01 17.15
CA GLY A 73 8.63 1.17 17.48
C GLY A 73 9.25 2.32 16.66
N PHE A 74 8.54 2.88 15.74
CA PHE A 74 9.11 4.00 14.91
C PHE A 74 9.56 5.16 15.79
N SER A 75 8.71 5.62 16.66
CA SER A 75 9.07 6.78 17.54
C SER A 75 10.29 6.50 18.45
N GLU A 76 10.62 5.25 18.71
CA GLU A 76 11.80 4.97 19.58
C GLU A 76 13.11 4.84 18.77
N LEU A 77 13.06 4.95 17.46
CA LEU A 77 14.30 4.85 16.65
C LEU A 77 15.10 6.14 16.79
N ARG A 78 16.38 6.09 16.52
CA ARG A 78 17.20 7.34 16.59
C ARG A 78 16.68 8.30 15.51
N TRP A 79 16.83 9.59 15.72
CA TRP A 79 16.30 10.59 14.73
C TRP A 79 16.67 10.25 13.27
N ASP A 80 17.94 10.09 12.99
CA ASP A 80 18.35 9.78 11.58
C ASP A 80 17.62 8.55 11.03
N ASP A 81 17.47 7.52 11.83
CA ASP A 81 16.76 6.30 11.34
C ASP A 81 15.28 6.63 11.11
N GLN A 82 14.74 7.52 11.90
CA GLN A 82 13.31 7.91 11.73
C GLN A 82 13.16 8.64 10.39
N GLN A 83 14.15 9.42 10.02
CA GLN A 83 14.09 10.16 8.74
C GLN A 83 14.33 9.18 7.58
N LYS A 84 15.27 8.28 7.76
CA LYS A 84 15.55 7.27 6.69
C LYS A 84 14.30 6.45 6.38
N VAL A 85 13.63 5.98 7.41
CA VAL A 85 12.38 5.21 7.19
C VAL A 85 11.31 6.11 6.58
N LYS A 86 11.23 7.34 7.05
CA LYS A 86 10.20 8.28 6.51
C LYS A 86 10.45 8.56 5.02
N LYS A 87 11.68 8.79 4.65
CA LYS A 87 11.99 9.08 3.22
C LYS A 87 11.86 7.81 2.38
N THR A 88 12.38 6.71 2.86
CA THR A 88 12.28 5.44 2.09
C THR A 88 10.81 5.08 1.87
N ALA A 89 9.99 5.36 2.86
CA ALA A 89 8.53 5.06 2.71
C ALA A 89 7.95 5.92 1.58
N GLU A 90 8.29 7.18 1.57
CA GLU A 90 7.76 8.09 0.50
C GLU A 90 8.26 7.63 -0.88
N ALA A 91 9.54 7.42 -1.01
CA ALA A 91 10.09 6.96 -2.33
C ALA A 91 9.40 5.66 -2.76
N GLY A 92 9.70 5.19 -3.95
CA GLY A 92 9.07 3.93 -4.43
C GLY A 92 9.97 3.25 -5.46
N GLY A 93 9.66 2.03 -5.82
CA GLY A 93 10.51 1.32 -6.82
C GLY A 93 9.73 1.17 -8.13
N VAL A 94 10.34 0.55 -9.12
CA VAL A 94 9.64 0.37 -10.44
C VAL A 94 9.10 1.72 -10.94
N THR A 95 9.86 2.42 -11.73
CA THR A 95 9.39 3.73 -12.26
C THR A 95 10.08 4.05 -13.59
N GLY A 96 10.12 5.30 -13.97
CA GLY A 96 10.78 5.66 -15.25
C GLY A 96 10.40 7.10 -15.63
N LYS A 97 9.22 7.52 -15.27
CA LYS A 97 8.79 8.92 -15.61
C LYS A 97 9.73 9.94 -14.94
N GLY A 98 9.93 11.06 -15.56
CA GLY A 98 10.83 12.09 -14.96
C GLY A 98 10.48 13.47 -15.54
N GLN A 99 9.27 13.93 -15.30
CA GLN A 99 8.87 15.26 -15.83
C GLN A 99 7.60 15.76 -15.13
N ASP A 100 7.28 17.02 -15.26
CA ASP A 100 6.07 17.57 -14.60
C ASP A 100 6.07 17.24 -13.10
N GLY A 101 6.58 18.12 -12.29
CA GLY A 101 6.62 17.85 -10.82
C GLY A 101 6.22 19.11 -10.05
N ILE A 102 7.16 19.73 -9.39
CA ILE A 102 6.84 20.97 -8.62
C ILE A 102 5.67 20.73 -7.67
N GLY A 103 5.48 19.52 -7.25
CA GLY A 103 4.36 19.20 -6.31
C GLY A 103 4.89 19.17 -4.87
N SER A 104 4.16 19.75 -3.95
CA SER A 104 4.61 19.76 -2.53
C SER A 104 4.10 18.52 -1.80
N LYS A 105 4.40 18.38 -0.54
CA LYS A 105 3.93 17.20 0.23
C LYS A 105 2.40 17.19 0.29
N ALA A 106 1.75 16.62 -0.69
CA ALA A 106 0.26 16.59 -0.69
C ALA A 106 -0.24 15.18 -0.97
N GLU A 107 0.32 14.53 -1.98
CA GLU A 107 -0.13 13.15 -2.31
C GLU A 107 0.89 12.47 -3.23
N LYS A 108 0.97 11.17 -3.18
CA LYS A 108 1.94 10.44 -4.05
C LYS A 108 1.40 9.06 -4.41
N THR A 109 0.33 9.02 -5.17
CA THR A 109 -0.28 7.71 -5.57
C THR A 109 -0.71 6.93 -4.33
N LEU A 110 -1.96 6.53 -4.27
CA LEU A 110 -2.44 5.75 -3.10
C LEU A 110 -1.72 4.40 -3.03
N GLY A 111 -1.49 3.91 -1.84
CA GLY A 111 -0.79 2.59 -1.71
C GLY A 111 -1.81 1.47 -1.44
N ASP A 112 -3.04 1.82 -1.20
CA ASP A 112 -4.07 0.76 -0.92
C ASP A 112 -5.15 0.73 -2.00
N PHE A 113 -4.95 1.44 -3.09
CA PHE A 113 -5.97 1.44 -4.19
C PHE A 113 -5.29 1.21 -5.54
N ALA A 114 -5.81 0.32 -6.36
CA ALA A 114 -5.13 0.05 -7.66
C ALA A 114 -6.13 -0.17 -8.81
N ALA A 115 -5.65 0.04 -10.00
CA ALA A 115 -6.50 -0.16 -11.22
C ALA A 115 -5.67 -0.89 -12.28
N GLU A 116 -6.20 -1.92 -12.87
CA GLU A 116 -5.44 -2.66 -13.90
C GLU A 116 -6.37 -3.53 -14.74
N TYR A 117 -5.91 -4.01 -15.86
CA TYR A 117 -6.77 -4.90 -16.68
C TYR A 117 -6.72 -6.30 -16.06
N ALA A 118 -7.85 -6.96 -15.94
CA ALA A 118 -7.86 -8.32 -15.30
C ALA A 118 -6.80 -9.24 -15.91
N LYS A 119 -5.80 -9.62 -15.12
CA LYS A 119 -4.75 -10.52 -15.63
C LYS A 119 -5.35 -11.90 -15.96
N SER A 120 -6.52 -12.20 -15.44
CA SER A 120 -7.16 -13.51 -15.74
C SER A 120 -8.68 -13.38 -15.62
N ASN A 121 -9.39 -14.48 -15.62
CA ASN A 121 -10.88 -14.40 -15.51
C ASN A 121 -11.40 -15.15 -14.28
N ARG A 122 -10.54 -15.49 -13.35
CA ARG A 122 -11.00 -16.21 -12.15
C ARG A 122 -11.17 -15.25 -10.95
N SER A 123 -10.94 -13.97 -11.14
CA SER A 123 -11.12 -13.01 -10.02
C SER A 123 -12.62 -12.75 -9.87
N THR A 124 -13.04 -12.07 -8.85
CA THR A 124 -14.50 -11.82 -8.66
C THR A 124 -14.76 -10.45 -8.05
N CYS A 125 -15.64 -9.68 -8.64
CA CYS A 125 -15.97 -8.36 -8.06
C CYS A 125 -16.59 -8.57 -6.67
N LYS A 126 -16.00 -8.00 -5.65
CA LYS A 126 -16.54 -8.17 -4.26
C LYS A 126 -17.73 -7.24 -3.97
N GLY A 127 -18.39 -6.73 -4.99
CA GLY A 127 -19.54 -5.82 -4.78
C GLY A 127 -20.79 -6.54 -5.28
N CYS A 128 -20.70 -7.18 -6.42
CA CYS A 128 -21.86 -7.95 -6.96
C CYS A 128 -21.53 -9.47 -7.03
N MET A 129 -20.34 -9.86 -6.58
CA MET A 129 -19.93 -11.31 -6.62
C MET A 129 -19.93 -11.90 -8.04
N GLU A 130 -20.01 -11.10 -9.06
CA GLU A 130 -19.98 -11.64 -10.45
C GLU A 130 -18.52 -11.73 -10.91
N LYS A 131 -18.18 -12.73 -11.67
CA LYS A 131 -16.76 -12.89 -12.10
C LYS A 131 -16.33 -11.75 -13.03
N ILE A 132 -15.08 -11.34 -12.91
CA ILE A 132 -14.55 -10.30 -13.83
C ILE A 132 -13.87 -10.99 -15.00
N GLU A 133 -14.15 -10.59 -16.22
CA GLU A 133 -13.53 -11.28 -17.39
C GLU A 133 -12.10 -10.79 -17.61
N LYS A 134 -11.23 -11.69 -18.01
CA LYS A 134 -9.80 -11.27 -18.32
C LYS A 134 -9.76 -10.11 -19.31
N GLY A 135 -8.94 -9.11 -19.05
CA GLY A 135 -8.85 -7.94 -19.98
C GLY A 135 -9.75 -6.80 -19.47
N GLN A 136 -10.82 -7.13 -18.78
CA GLN A 136 -11.74 -6.07 -18.28
C GLN A 136 -11.05 -5.20 -17.22
N VAL A 137 -11.29 -3.91 -17.26
CA VAL A 137 -10.68 -3.01 -16.25
C VAL A 137 -11.29 -3.29 -14.88
N ARG A 138 -10.47 -3.39 -13.87
CA ARG A 138 -11.00 -3.66 -12.51
C ARG A 138 -10.28 -2.77 -11.49
N LEU A 139 -10.93 -2.46 -10.41
CA LEU A 139 -10.31 -1.60 -9.36
C LEU A 139 -10.20 -2.39 -8.06
N SER A 140 -9.37 -1.97 -7.14
CA SER A 140 -9.27 -2.76 -5.89
C SER A 140 -8.85 -1.94 -4.68
N LYS A 141 -9.37 -2.32 -3.54
CA LYS A 141 -9.01 -1.66 -2.27
C LYS A 141 -8.16 -2.63 -1.44
N LYS A 142 -6.87 -2.46 -1.46
CA LYS A 142 -5.97 -3.39 -0.72
C LYS A 142 -6.40 -3.53 0.76
N MET A 143 -6.35 -4.74 1.26
CA MET A 143 -6.74 -4.97 2.68
C MET A 143 -6.00 -6.20 3.20
N VAL A 144 -5.69 -6.25 4.47
CA VAL A 144 -4.96 -7.44 5.02
C VAL A 144 -5.94 -8.39 5.71
N ASP A 145 -5.69 -9.67 5.60
CA ASP A 145 -6.59 -10.65 6.27
C ASP A 145 -5.90 -11.18 7.53
N PRO A 146 -6.60 -11.12 8.64
CA PRO A 146 -6.02 -11.60 9.92
C PRO A 146 -5.83 -13.12 9.87
N GLU A 147 -6.52 -13.79 8.98
CA GLU A 147 -6.37 -15.27 8.87
C GLU A 147 -5.16 -15.61 7.99
N LYS A 148 -4.80 -14.71 7.11
CA LYS A 148 -3.63 -14.95 6.21
C LYS A 148 -2.66 -13.77 6.31
N PRO A 149 -2.03 -13.67 7.45
CA PRO A 149 -1.06 -12.57 7.70
C PRO A 149 0.18 -12.67 6.82
N GLN A 150 0.58 -13.85 6.43
CA GLN A 150 1.80 -13.98 5.57
C GLN A 150 1.58 -13.30 4.20
N LEU A 151 0.34 -13.15 3.80
CA LEU A 151 0.06 -12.49 2.49
C LEU A 151 0.27 -10.98 2.58
N GLY A 152 -0.32 -10.36 3.57
CA GLY A 152 -0.16 -8.89 3.73
C GLY A 152 -1.28 -8.16 2.96
N MET A 153 -0.97 -7.02 2.41
CA MET A 153 -2.00 -6.25 1.66
C MET A 153 -2.49 -7.03 0.43
N ILE A 154 -3.69 -7.55 0.47
CA ILE A 154 -4.21 -8.31 -0.70
C ILE A 154 -5.26 -7.46 -1.44
N ASP A 155 -5.29 -7.54 -2.75
CA ASP A 155 -6.27 -6.73 -3.50
C ASP A 155 -7.71 -7.28 -3.42
N ARG A 156 -8.64 -6.42 -3.12
CA ARG A 156 -10.08 -6.81 -3.12
C ARG A 156 -10.62 -6.20 -4.41
N TRP A 157 -10.86 -6.99 -5.42
CA TRP A 157 -11.26 -6.43 -6.74
C TRP A 157 -12.75 -6.09 -6.87
N TYR A 158 -13.02 -5.23 -7.81
CA TYR A 158 -14.41 -4.78 -8.07
C TYR A 158 -14.51 -4.23 -9.49
N HIS A 159 -15.68 -4.18 -10.04
CA HIS A 159 -15.84 -3.54 -11.37
C HIS A 159 -15.76 -2.04 -11.06
N PRO A 160 -15.29 -1.24 -11.98
CA PRO A 160 -15.17 0.22 -11.70
C PRO A 160 -16.53 0.80 -11.23
N GLY A 161 -17.61 0.42 -11.88
CA GLY A 161 -18.96 0.92 -11.44
C GLY A 161 -19.25 0.42 -10.02
N CYS A 162 -19.11 -0.86 -9.79
CA CYS A 162 -19.37 -1.41 -8.42
C CYS A 162 -18.47 -0.72 -7.38
N PHE A 163 -17.22 -0.48 -7.73
CA PHE A 163 -16.28 0.20 -6.79
C PHE A 163 -16.80 1.60 -6.46
N VAL A 164 -17.23 2.34 -7.45
CA VAL A 164 -17.72 3.71 -7.20
C VAL A 164 -18.94 3.68 -6.29
N LYS A 165 -19.82 2.72 -6.48
CA LYS A 165 -21.04 2.65 -5.60
C LYS A 165 -20.67 2.53 -4.13
N ASN A 166 -19.60 1.84 -3.84
CA ASN A 166 -19.14 1.68 -2.40
C ASN A 166 -17.91 2.53 -2.09
N ARG A 167 -17.73 3.64 -2.79
CA ARG A 167 -16.52 4.48 -2.53
C ARG A 167 -16.38 4.86 -1.06
N GLU A 168 -17.47 5.13 -0.41
CA GLU A 168 -17.41 5.54 1.04
C GLU A 168 -16.90 4.40 1.92
N GLU A 169 -17.56 3.28 1.89
CA GLU A 169 -17.15 2.14 2.74
C GLU A 169 -15.76 1.63 2.36
N LEU A 170 -15.37 1.80 1.13
CA LEU A 170 -14.01 1.32 0.70
C LEU A 170 -12.92 2.34 1.10
N GLY A 171 -13.29 3.43 1.73
CA GLY A 171 -12.27 4.43 2.18
C GLY A 171 -11.74 5.25 1.01
N PHE A 172 -12.49 5.36 -0.07
CA PHE A 172 -12.00 6.17 -1.24
C PHE A 172 -12.55 7.60 -1.09
N ARG A 173 -11.92 8.38 -0.26
CA ARG A 173 -12.38 9.80 0.00
C ARG A 173 -12.72 10.54 -1.31
N PRO A 174 -13.54 11.58 -1.18
CA PRO A 174 -13.96 12.37 -2.36
C PRO A 174 -12.83 13.26 -2.89
N GLU A 175 -11.78 13.46 -2.14
CA GLU A 175 -10.64 14.30 -2.64
C GLU A 175 -9.75 13.48 -3.58
N TYR A 176 -9.87 12.17 -3.54
CA TYR A 176 -9.03 11.30 -4.41
C TYR A 176 -9.58 11.29 -5.84
N SER A 177 -8.70 11.21 -6.80
CA SER A 177 -9.12 11.17 -8.23
C SER A 177 -8.61 9.89 -8.87
N ALA A 178 -9.13 9.53 -10.01
CA ALA A 178 -8.69 8.27 -10.68
C ALA A 178 -7.17 8.25 -10.92
N SER A 179 -6.58 9.39 -11.15
CA SER A 179 -5.10 9.45 -11.42
C SER A 179 -4.26 8.97 -10.21
N GLN A 180 -4.86 8.85 -9.06
CA GLN A 180 -4.08 8.40 -7.86
C GLN A 180 -4.08 6.87 -7.69
N LEU A 181 -4.83 6.16 -8.48
CA LEU A 181 -4.88 4.67 -8.33
C LEU A 181 -3.55 4.04 -8.76
N LYS A 182 -3.04 3.12 -7.98
CA LYS A 182 -1.79 2.46 -8.35
C LYS A 182 -1.95 1.66 -9.65
N GLY A 183 -1.20 1.99 -10.67
CA GLY A 183 -1.33 1.26 -11.98
C GLY A 183 -2.07 2.13 -13.01
N PHE A 184 -2.63 3.23 -12.60
CA PHE A 184 -3.39 4.11 -13.55
C PHE A 184 -2.59 4.42 -14.82
N SER A 185 -1.39 4.90 -14.64
CA SER A 185 -0.52 5.28 -15.80
C SER A 185 -0.41 4.18 -16.88
N LEU A 186 -0.60 2.92 -16.53
CA LEU A 186 -0.45 1.83 -17.55
C LEU A 186 -1.75 1.56 -18.35
N LEU A 187 -2.77 2.36 -18.14
CA LEU A 187 -4.05 2.12 -18.86
C LEU A 187 -4.10 2.96 -20.15
N ALA A 188 -4.76 2.44 -21.17
CA ALA A 188 -4.89 3.19 -22.44
C ALA A 188 -5.61 4.52 -22.18
N THR A 189 -5.32 5.54 -22.95
CA THR A 189 -5.98 6.88 -22.72
C THR A 189 -7.50 6.74 -22.56
N GLU A 190 -8.14 5.99 -23.41
CA GLU A 190 -9.62 5.79 -23.31
C GLU A 190 -10.02 5.28 -21.92
N ASP A 191 -9.36 4.26 -21.46
CA ASP A 191 -9.67 3.70 -20.11
C ASP A 191 -9.40 4.74 -19.01
N LYS A 192 -8.34 5.51 -19.14
CA LYS A 192 -8.02 6.53 -18.11
C LYS A 192 -9.11 7.60 -18.06
N GLU A 193 -9.60 8.01 -19.20
CA GLU A 193 -10.66 9.06 -19.22
C GLU A 193 -11.95 8.54 -18.54
N ALA A 194 -12.34 7.33 -18.84
CA ALA A 194 -13.57 6.75 -18.21
C ALA A 194 -13.45 6.79 -16.68
N LEU A 195 -12.30 6.48 -16.16
CA LEU A 195 -12.12 6.48 -14.69
C LEU A 195 -12.17 7.92 -14.15
N LYS A 196 -11.35 8.81 -14.70
CA LYS A 196 -11.37 10.23 -14.24
C LYS A 196 -12.81 10.78 -14.27
N LYS A 197 -13.60 10.26 -15.16
CA LYS A 197 -15.01 10.72 -15.27
C LYS A 197 -15.83 10.31 -14.03
N GLN A 198 -15.67 9.10 -13.56
CA GLN A 198 -16.45 8.64 -12.37
C GLN A 198 -15.75 9.04 -11.06
N LEU A 199 -14.45 9.15 -11.07
CA LEU A 199 -13.72 9.57 -9.85
C LEU A 199 -12.95 10.86 -10.17
N PRO A 200 -13.66 11.96 -10.18
CA PRO A 200 -13.03 13.27 -10.52
C PRO A 200 -12.13 13.78 -9.39
N GLY A 201 -12.57 13.65 -8.17
CA GLY A 201 -11.73 14.13 -7.03
C GLY A 201 -11.88 15.65 -6.90
N VAL A 202 -10.79 16.36 -6.84
CA VAL A 202 -10.87 17.85 -6.72
C VAL A 202 -10.40 18.51 -8.01
N LYS A 203 -11.05 18.22 -9.11
CA LYS A 203 -10.63 18.82 -10.41
C LYS A 203 -11.85 19.40 -11.13
N SER A 204 -12.88 18.60 -11.29
CA SER A 204 -14.12 19.09 -11.98
C SER A 204 -13.78 19.54 -13.41
N GLU A 205 -14.77 19.69 -14.24
CA GLU A 205 -14.51 20.12 -15.65
C GLU A 205 -15.72 20.90 -16.19
N GLY A 206 -16.90 20.36 -16.02
CA GLY A 206 -18.11 21.07 -16.53
C GLY A 206 -18.56 20.43 -17.84
N LYS A 207 -17.83 20.65 -18.90
CA LYS A 207 -18.22 20.06 -20.22
C LYS A 207 -17.02 20.08 -21.18
N ARG A 208 -17.28 19.98 -22.46
CA ARG A 208 -16.16 19.98 -23.44
C ARG A 208 -15.85 21.42 -23.88
N LYS A 209 -14.59 21.75 -24.02
CA LYS A 209 -14.22 23.13 -24.44
C LYS A 209 -14.34 23.27 -25.96
N GLY A 210 -13.97 22.25 -26.70
CA GLY A 210 -14.06 22.32 -28.18
C GLY A 210 -12.69 22.01 -28.80
N ASP A 211 -12.65 21.12 -29.74
CA ASP A 211 -11.35 20.77 -30.38
C ASP A 211 -11.57 20.19 -31.78
N GLU A 212 -10.54 20.12 -32.58
CA GLU A 212 -10.71 19.57 -33.96
C GLU A 212 -10.46 18.06 -33.95
N VAL A 213 -11.48 17.29 -34.20
CA VAL A 213 -11.33 15.80 -34.21
C VAL A 213 -10.27 15.39 -35.24
N ASP A 214 -10.15 16.13 -36.31
CA ASP A 214 -9.13 15.78 -37.35
C ASP A 214 -7.73 16.14 -36.86
ZN ZN C . 18.15 -9.21 3.62
ZN ZN D . -19.32 -5.93 -9.85
N MET A 1 4.55 5.24 28.52
CA MET A 1 4.01 3.89 28.16
C MET A 1 2.89 4.03 27.13
N ALA A 2 3.20 3.89 25.87
CA ALA A 2 2.16 4.01 24.82
C ALA A 2 2.48 3.08 23.65
N GLU A 3 2.61 1.81 23.90
CA GLU A 3 2.92 0.85 22.79
C GLU A 3 1.65 0.19 22.28
N SER A 4 1.68 -0.38 21.11
CA SER A 4 0.48 -1.04 20.55
C SER A 4 0.80 -2.48 20.14
N SER A 5 -0.14 -3.38 20.28
CA SER A 5 0.12 -4.79 19.89
C SER A 5 -0.80 -5.21 18.75
N ASP A 6 -1.28 -4.27 17.98
CA ASP A 6 -2.17 -4.61 16.84
C ASP A 6 -1.57 -4.14 15.52
N LYS A 7 -0.50 -3.38 15.56
CA LYS A 7 0.13 -2.89 14.30
C LYS A 7 0.50 -4.08 13.41
N LEU A 8 0.56 -3.87 12.12
CA LEU A 8 0.91 -5.00 11.21
C LEU A 8 2.43 -5.11 11.03
N TYR A 9 3.17 -4.07 11.32
CA TYR A 9 4.65 -4.14 11.13
C TYR A 9 5.41 -3.72 12.39
N ARG A 10 6.66 -4.12 12.47
CA ARG A 10 7.49 -3.75 13.64
C ARG A 10 8.91 -3.38 13.18
N VAL A 11 9.49 -2.39 13.78
CA VAL A 11 10.87 -1.99 13.42
C VAL A 11 11.68 -1.85 14.70
N GLU A 12 12.90 -2.31 14.70
CA GLU A 12 13.72 -2.20 15.94
C GLU A 12 15.16 -2.63 15.68
N TYR A 13 16.02 -2.37 16.62
CA TYR A 13 17.42 -2.80 16.47
C TYR A 13 17.48 -4.28 16.88
N ALA A 14 18.02 -5.12 16.02
CA ALA A 14 18.05 -6.60 16.29
C ALA A 14 18.39 -6.95 17.74
N LYS A 15 17.48 -7.61 18.42
CA LYS A 15 17.73 -8.02 19.83
C LYS A 15 18.81 -9.13 19.85
N SER A 16 18.99 -9.79 18.74
CA SER A 16 20.02 -10.85 18.63
C SER A 16 20.51 -10.94 17.18
N GLY A 17 21.46 -11.80 16.90
CA GLY A 17 21.97 -11.91 15.51
C GLY A 17 21.60 -13.28 14.94
N ARG A 18 20.61 -13.92 15.53
CA ARG A 18 20.19 -15.28 15.06
C ARG A 18 19.03 -15.22 14.07
N ALA A 19 18.31 -14.13 14.00
CA ALA A 19 17.17 -14.05 13.02
C ALA A 19 17.68 -14.09 11.57
N SER A 20 16.97 -14.78 10.71
CA SER A 20 17.37 -14.89 9.29
C SER A 20 16.41 -14.09 8.44
N CYS A 21 16.92 -13.32 7.53
CA CYS A 21 16.06 -12.50 6.64
C CYS A 21 15.16 -13.39 5.78
N LYS A 22 13.87 -13.13 5.79
CA LYS A 22 12.93 -13.98 4.99
C LYS A 22 13.06 -13.72 3.48
N LYS A 23 13.87 -12.76 3.08
CA LYS A 23 14.05 -12.47 1.63
C LYS A 23 15.37 -13.06 1.08
N CYS A 24 16.48 -12.66 1.64
CA CYS A 24 17.80 -13.18 1.14
C CYS A 24 18.36 -14.34 2.00
N SER A 25 17.70 -14.68 3.09
CA SER A 25 18.16 -15.83 3.97
C SER A 25 19.42 -15.52 4.82
N GLU A 26 20.10 -14.43 4.59
CA GLU A 26 21.32 -14.14 5.41
C GLU A 26 20.90 -13.73 6.83
N SER A 27 21.76 -13.93 7.80
CA SER A 27 21.41 -13.59 9.20
C SER A 27 21.33 -12.07 9.40
N ILE A 28 20.48 -11.65 10.30
CA ILE A 28 20.38 -10.19 10.60
C ILE A 28 21.25 -9.92 11.83
N PRO A 29 22.29 -9.11 11.67
CA PRO A 29 23.24 -8.85 12.78
C PRO A 29 22.59 -8.12 13.96
N LYS A 30 22.97 -8.50 15.15
CA LYS A 30 22.41 -7.88 16.40
C LYS A 30 22.59 -6.35 16.37
N ASP A 31 21.63 -5.62 16.88
CA ASP A 31 21.68 -4.11 16.92
C ASP A 31 21.43 -3.48 15.54
N SER A 32 21.40 -4.25 14.48
CA SER A 32 21.15 -3.66 13.14
C SER A 32 19.67 -3.32 12.99
N LEU A 33 19.35 -2.37 12.15
CA LEU A 33 17.92 -2.01 11.97
C LEU A 33 17.22 -3.06 11.11
N ARG A 34 16.19 -3.69 11.66
CA ARG A 34 15.45 -4.73 10.90
C ARG A 34 13.96 -4.44 10.96
N MET A 35 13.22 -4.94 10.00
CA MET A 35 11.75 -4.70 9.98
C MET A 35 11.02 -6.03 9.80
N ALA A 36 9.81 -6.13 10.28
CA ALA A 36 9.08 -7.42 10.13
C ALA A 36 7.59 -7.19 9.93
N ILE A 37 6.96 -8.12 9.25
CA ILE A 37 5.48 -8.06 9.06
C ILE A 37 4.85 -8.96 10.13
N MET A 38 4.10 -8.39 11.03
CA MET A 38 3.49 -9.21 12.13
C MET A 38 2.51 -10.26 11.58
N VAL A 39 2.44 -11.39 12.24
CA VAL A 39 1.51 -12.47 11.80
C VAL A 39 0.94 -13.18 13.04
N GLN A 40 -0.35 -13.39 13.06
CA GLN A 40 -0.96 -14.09 14.24
C GLN A 40 -0.74 -15.60 14.11
N SER A 41 -0.27 -16.23 15.16
CA SER A 41 -0.02 -17.70 15.09
C SER A 41 -1.25 -18.48 15.60
N PRO A 42 -1.63 -19.48 14.85
CA PRO A 42 -2.80 -20.31 15.23
C PRO A 42 -2.40 -21.40 16.24
N MET A 43 -1.13 -21.51 16.56
CA MET A 43 -0.69 -22.56 17.52
C MET A 43 -0.59 -21.98 18.94
N PHE A 44 -0.61 -20.69 19.07
CA PHE A 44 -0.52 -20.08 20.44
C PHE A 44 -0.84 -18.58 20.38
N ASP A 45 -1.37 -18.04 21.44
CA ASP A 45 -1.70 -16.58 21.44
C ASP A 45 -0.41 -15.77 21.33
N GLY A 46 -0.31 -14.94 20.34
CA GLY A 46 0.93 -14.12 20.15
C GLY A 46 1.20 -13.96 18.66
N LYS A 47 1.91 -12.93 18.28
CA LYS A 47 2.20 -12.72 16.83
C LYS A 47 3.64 -13.09 16.49
N VAL A 48 3.84 -13.77 15.40
CA VAL A 48 5.23 -14.16 14.98
C VAL A 48 5.74 -13.13 13.95
N PRO A 49 6.93 -12.62 14.17
CA PRO A 49 7.47 -11.62 13.25
C PRO A 49 8.29 -12.26 12.14
N HIS A 50 8.02 -11.89 10.91
CA HIS A 50 8.85 -12.39 9.78
C HIS A 50 9.89 -11.28 9.56
N TRP A 51 11.09 -11.46 10.06
CA TRP A 51 12.10 -10.36 9.97
C TRP A 51 12.84 -10.30 8.63
N TYR A 52 13.30 -9.12 8.33
CA TYR A 52 14.04 -8.87 7.06
C TYR A 52 15.08 -7.76 7.32
N HIS A 53 16.18 -7.75 6.60
CA HIS A 53 17.13 -6.61 6.77
C HIS A 53 16.37 -5.38 6.30
N PHE A 54 16.70 -4.21 6.76
CA PHE A 54 15.94 -2.97 6.34
C PHE A 54 15.68 -2.93 4.82
N SER A 55 16.69 -3.08 4.02
CA SER A 55 16.51 -3.01 2.53
C SER A 55 15.65 -4.19 1.98
N CYS A 56 15.93 -5.39 2.41
CA CYS A 56 15.17 -6.58 1.90
C CYS A 56 13.66 -6.43 2.13
N PHE A 57 13.27 -5.85 3.24
CA PHE A 57 11.81 -5.69 3.56
C PHE A 57 11.02 -5.03 2.40
N TRP A 58 11.62 -4.08 1.70
CA TRP A 58 10.88 -3.38 0.62
C TRP A 58 10.98 -4.12 -0.72
N LYS A 59 11.93 -5.00 -0.86
CA LYS A 59 12.07 -5.73 -2.16
C LYS A 59 11.13 -6.94 -2.27
N VAL A 60 10.32 -7.17 -1.27
CA VAL A 60 9.37 -8.33 -1.32
C VAL A 60 7.96 -7.88 -1.74
N GLY A 61 7.62 -6.65 -1.49
CA GLY A 61 6.27 -6.15 -1.86
C GLY A 61 5.65 -5.44 -0.65
N HIS A 62 6.26 -5.52 0.50
CA HIS A 62 5.69 -4.84 1.70
C HIS A 62 5.63 -3.34 1.45
N SER A 63 4.58 -2.68 1.85
CA SER A 63 4.47 -1.22 1.61
C SER A 63 3.91 -0.49 2.82
N ILE A 64 4.37 0.72 3.05
CA ILE A 64 3.86 1.51 4.21
C ILE A 64 3.80 2.99 3.84
N ARG A 65 2.64 3.59 3.89
CA ARG A 65 2.53 5.04 3.54
C ARG A 65 2.86 5.89 4.76
N HIS A 66 2.38 5.51 5.91
CA HIS A 66 2.65 6.28 7.17
C HIS A 66 3.30 5.38 8.23
N PRO A 67 4.61 5.40 8.27
CA PRO A 67 5.35 4.54 9.25
C PRO A 67 4.99 4.87 10.71
N ASP A 68 4.98 6.14 11.10
CA ASP A 68 4.64 6.51 12.50
C ASP A 68 3.37 5.80 13.03
N VAL A 69 2.38 5.60 12.21
CA VAL A 69 1.11 4.93 12.71
C VAL A 69 0.99 3.45 12.31
N GLU A 70 1.66 3.02 11.27
CA GLU A 70 1.53 1.58 10.82
C GLU A 70 2.67 0.69 11.34
N VAL A 71 3.75 1.25 11.79
CA VAL A 71 4.88 0.38 12.25
C VAL A 71 5.17 0.56 13.75
N ASP A 72 4.96 -0.49 14.52
CA ASP A 72 5.23 -0.43 15.98
C ASP A 72 6.73 -0.26 16.24
N GLY A 73 7.11 0.53 17.22
CA GLY A 73 8.57 0.71 17.53
C GLY A 73 9.18 1.86 16.70
N PHE A 74 8.44 2.40 15.77
CA PHE A 74 8.99 3.51 14.92
C PHE A 74 9.44 4.70 15.77
N SER A 75 8.59 5.15 16.65
CA SER A 75 8.95 6.33 17.51
C SER A 75 10.17 6.08 18.41
N GLU A 76 10.52 4.83 18.69
CA GLU A 76 11.70 4.58 19.55
C GLU A 76 13.01 4.46 18.74
N LEU A 77 12.94 4.54 17.43
CA LEU A 77 14.19 4.44 16.61
C LEU A 77 14.98 5.74 16.73
N ARG A 78 16.25 5.71 16.45
CA ARG A 78 17.05 6.97 16.50
C ARG A 78 16.52 7.91 15.41
N TRP A 79 16.66 9.20 15.59
CA TRP A 79 16.11 10.18 14.59
C TRP A 79 16.48 9.81 13.14
N ASP A 80 17.75 9.68 12.85
CA ASP A 80 18.15 9.35 11.45
C ASP A 80 17.44 8.10 10.92
N ASP A 81 17.30 7.07 11.73
CA ASP A 81 16.60 5.84 11.27
C ASP A 81 15.11 6.14 11.06
N GLN A 82 14.56 7.05 11.82
CA GLN A 82 13.13 7.42 11.65
C GLN A 82 12.97 8.12 10.30
N GLN A 83 13.95 8.91 9.91
CA GLN A 83 13.87 9.64 8.62
C GLN A 83 14.11 8.63 7.49
N LYS A 84 15.06 7.76 7.67
CA LYS A 84 15.35 6.72 6.61
C LYS A 84 14.10 5.89 6.33
N VAL A 85 13.45 5.43 7.37
CA VAL A 85 12.21 4.63 7.17
C VAL A 85 11.12 5.53 6.54
N LYS A 86 11.02 6.75 6.99
CA LYS A 86 9.98 7.67 6.45
C LYS A 86 10.22 7.93 4.96
N LYS A 87 11.45 8.18 4.57
CA LYS A 87 11.75 8.45 3.14
C LYS A 87 11.63 7.16 2.32
N THR A 88 12.17 6.08 2.82
CA THR A 88 12.07 4.79 2.06
C THR A 88 10.60 4.42 1.86
N ALA A 89 9.79 4.70 2.84
CA ALA A 89 8.33 4.38 2.71
C ALA A 89 7.74 5.22 1.58
N GLU A 90 8.05 6.49 1.55
CA GLU A 90 7.51 7.37 0.47
C GLU A 90 8.00 6.89 -0.90
N ALA A 91 9.28 6.68 -1.05
CA ALA A 91 9.82 6.22 -2.36
C ALA A 91 9.14 4.91 -2.77
N GLY A 92 8.37 4.94 -3.83
CA GLY A 92 7.67 3.71 -4.29
C GLY A 92 7.18 3.91 -5.73
N GLY A 93 6.37 3.01 -6.22
CA GLY A 93 5.85 3.17 -7.61
C GLY A 93 5.43 1.78 -8.14
N VAL A 94 6.27 1.16 -8.92
CA VAL A 94 5.92 -0.18 -9.46
C VAL A 94 6.74 -1.27 -8.77
N THR A 95 6.11 -2.07 -7.94
CA THR A 95 6.85 -3.14 -7.23
C THR A 95 7.27 -4.23 -8.22
N GLY A 96 6.32 -4.95 -8.77
CA GLY A 96 6.67 -6.02 -9.74
C GLY A 96 7.44 -7.14 -9.03
N LYS A 97 7.08 -8.38 -9.27
CA LYS A 97 7.79 -9.50 -8.61
C LYS A 97 9.23 -9.59 -9.13
N GLY A 98 10.15 -8.99 -8.42
CA GLY A 98 11.57 -9.03 -8.87
C GLY A 98 12.46 -8.41 -7.79
N GLN A 99 12.85 -7.17 -7.98
CA GLN A 99 13.72 -6.50 -6.96
C GLN A 99 13.70 -4.99 -7.17
N ASP A 100 13.27 -4.25 -6.18
CA ASP A 100 13.23 -2.77 -6.32
C ASP A 100 14.43 -2.14 -5.61
N GLY A 101 15.10 -1.23 -6.26
CA GLY A 101 16.28 -0.58 -5.62
C GLY A 101 15.93 0.86 -5.24
N ILE A 102 16.49 1.82 -5.93
CA ILE A 102 16.19 3.25 -5.61
C ILE A 102 15.42 3.90 -6.77
N GLY A 103 15.51 3.34 -7.94
CA GLY A 103 14.78 3.93 -9.11
C GLY A 103 13.27 3.86 -8.86
N SER A 104 12.73 4.83 -8.18
CA SER A 104 11.26 4.84 -7.90
C SER A 104 10.84 6.17 -7.28
N LYS A 105 9.58 6.50 -7.37
CA LYS A 105 9.09 7.79 -6.80
C LYS A 105 7.57 7.83 -6.77
N ALA A 106 6.99 8.44 -5.77
CA ALA A 106 5.50 8.51 -5.69
C ALA A 106 5.08 9.53 -4.63
N GLU A 107 3.88 10.03 -4.72
CA GLU A 107 3.41 11.03 -3.72
C GLU A 107 1.88 11.19 -3.82
N LYS A 108 1.39 11.65 -4.93
CA LYS A 108 -0.08 11.82 -5.09
C LYS A 108 -0.74 10.47 -5.41
N THR A 109 -0.03 9.60 -6.06
CA THR A 109 -0.61 8.26 -6.40
C THR A 109 -1.00 7.51 -5.14
N LEU A 110 -2.23 7.08 -5.04
CA LEU A 110 -2.67 6.34 -3.83
C LEU A 110 -1.93 4.99 -3.74
N GLY A 111 -1.66 4.52 -2.55
CA GLY A 111 -0.94 3.24 -2.39
C GLY A 111 -1.93 2.11 -2.07
N ASP A 112 -3.17 2.43 -1.81
CA ASP A 112 -4.16 1.37 -1.47
C ASP A 112 -5.28 1.28 -2.53
N PHE A 113 -5.12 1.99 -3.62
CA PHE A 113 -6.17 1.93 -4.69
C PHE A 113 -5.51 1.67 -6.05
N ALA A 114 -6.02 0.75 -6.84
CA ALA A 114 -5.37 0.47 -8.15
C ALA A 114 -6.38 0.22 -9.27
N ALA A 115 -5.93 0.39 -10.48
CA ALA A 115 -6.79 0.16 -11.67
C ALA A 115 -5.96 -0.58 -12.73
N GLU A 116 -6.49 -1.63 -13.29
CA GLU A 116 -5.73 -2.39 -14.32
C GLU A 116 -6.67 -3.27 -15.12
N TYR A 117 -6.21 -3.78 -16.24
CA TYR A 117 -7.07 -4.69 -17.03
C TYR A 117 -7.00 -6.08 -16.38
N ALA A 118 -8.10 -6.75 -16.23
CA ALA A 118 -8.09 -8.10 -15.56
C ALA A 118 -7.02 -9.02 -16.17
N LYS A 119 -6.00 -9.36 -15.39
CA LYS A 119 -4.94 -10.27 -15.89
C LYS A 119 -5.53 -11.65 -16.20
N SER A 120 -6.68 -11.96 -15.65
CA SER A 120 -7.31 -13.29 -15.90
C SER A 120 -8.83 -13.18 -15.77
N ASN A 121 -9.53 -14.29 -15.73
CA ASN A 121 -11.01 -14.24 -15.61
C ASN A 121 -11.50 -14.97 -14.35
N ARG A 122 -10.62 -15.28 -13.42
CA ARG A 122 -11.06 -15.98 -12.18
C ARG A 122 -11.21 -14.99 -11.01
N SER A 123 -11.00 -13.71 -11.24
CA SER A 123 -11.19 -12.73 -10.13
C SER A 123 -12.69 -12.49 -9.96
N THR A 124 -13.10 -11.78 -8.94
CA THR A 124 -14.56 -11.58 -8.74
C THR A 124 -14.83 -10.19 -8.15
N CYS A 125 -15.73 -9.44 -8.75
CA CYS A 125 -16.07 -8.12 -8.18
C CYS A 125 -16.67 -8.32 -6.79
N LYS A 126 -16.07 -7.71 -5.78
CA LYS A 126 -16.59 -7.86 -4.39
C LYS A 126 -17.79 -6.94 -4.10
N GLY A 127 -18.46 -6.46 -5.11
CA GLY A 127 -19.64 -5.57 -4.90
C GLY A 127 -20.88 -6.32 -5.37
N CYS A 128 -20.79 -6.99 -6.50
CA CYS A 128 -21.95 -7.78 -7.00
C CYS A 128 -21.60 -9.29 -7.04
N MET A 129 -20.39 -9.66 -6.61
CA MET A 129 -19.97 -11.09 -6.62
C MET A 129 -19.98 -11.73 -8.02
N GLU A 130 -20.09 -10.93 -9.07
CA GLU A 130 -20.08 -11.51 -10.44
C GLU A 130 -18.62 -11.58 -10.92
N LYS A 131 -18.27 -12.60 -11.67
CA LYS A 131 -16.86 -12.74 -12.13
C LYS A 131 -16.46 -11.62 -13.08
N ILE A 132 -15.22 -11.18 -13.00
CA ILE A 132 -14.73 -10.15 -13.93
C ILE A 132 -14.05 -10.86 -15.11
N GLU A 133 -14.36 -10.49 -16.33
CA GLU A 133 -13.74 -11.20 -17.50
C GLU A 133 -12.32 -10.69 -17.75
N LYS A 134 -11.44 -11.58 -18.14
CA LYS A 134 -10.03 -11.15 -18.49
C LYS A 134 -10.03 -10.00 -19.50
N GLY A 135 -9.22 -8.98 -19.28
CA GLY A 135 -9.17 -7.84 -20.23
C GLY A 135 -10.07 -6.71 -19.73
N GLN A 136 -11.13 -7.03 -19.03
CA GLN A 136 -12.05 -5.97 -18.52
C GLN A 136 -11.36 -5.07 -17.50
N VAL A 137 -11.62 -3.79 -17.55
CA VAL A 137 -11.01 -2.86 -16.58
C VAL A 137 -11.58 -3.12 -15.19
N ARG A 138 -10.75 -3.18 -14.19
CA ARG A 138 -11.25 -3.44 -12.81
C ARG A 138 -10.54 -2.52 -11.83
N LEU A 139 -11.17 -2.19 -10.75
CA LEU A 139 -10.54 -1.30 -9.72
C LEU A 139 -10.40 -2.07 -8.42
N SER A 140 -9.56 -1.62 -7.51
CA SER A 140 -9.44 -2.38 -6.24
C SER A 140 -9.01 -1.52 -5.06
N LYS A 141 -9.50 -1.88 -3.90
CA LYS A 141 -9.12 -1.18 -2.65
C LYS A 141 -8.22 -2.10 -1.83
N LYS A 142 -6.94 -1.89 -1.87
CA LYS A 142 -5.99 -2.77 -1.13
C LYS A 142 -6.38 -2.89 0.35
N MET A 143 -6.30 -4.08 0.89
CA MET A 143 -6.64 -4.30 2.32
C MET A 143 -5.83 -5.48 2.86
N VAL A 144 -5.59 -5.52 4.14
CA VAL A 144 -4.80 -6.65 4.72
C VAL A 144 -5.73 -7.61 5.45
N ASP A 145 -5.46 -8.89 5.35
CA ASP A 145 -6.31 -9.89 6.05
C ASP A 145 -5.58 -10.38 7.31
N PRO A 146 -6.25 -10.29 8.44
CA PRO A 146 -5.64 -10.72 9.71
C PRO A 146 -5.44 -12.24 9.71
N GLU A 147 -6.13 -12.94 8.85
CA GLU A 147 -5.97 -14.41 8.78
C GLU A 147 -4.77 -14.77 7.91
N LYS A 148 -4.42 -13.92 6.99
CA LYS A 148 -3.25 -14.18 6.11
C LYS A 148 -2.33 -12.96 6.10
N PRO A 149 -1.66 -12.75 7.22
CA PRO A 149 -0.76 -11.57 7.36
C PRO A 149 0.50 -11.73 6.49
N GLN A 150 0.85 -12.92 6.11
CA GLN A 150 2.07 -13.11 5.25
C GLN A 150 1.85 -12.47 3.87
N LEU A 151 0.62 -12.31 3.47
CA LEU A 151 0.33 -11.71 2.13
C LEU A 151 0.44 -10.18 2.21
N GLY A 152 -0.13 -9.59 3.23
CA GLY A 152 -0.07 -8.11 3.37
C GLY A 152 -1.15 -7.45 2.52
N MET A 153 -0.88 -6.28 2.01
CA MET A 153 -1.87 -5.55 1.18
C MET A 153 -2.39 -6.43 0.02
N ILE A 154 -3.62 -6.85 0.09
CA ILE A 154 -4.19 -7.68 -1.02
C ILE A 154 -5.26 -6.89 -1.77
N ASP A 155 -5.32 -7.02 -3.07
CA ASP A 155 -6.34 -6.24 -3.82
C ASP A 155 -7.75 -6.82 -3.70
N ARG A 156 -8.70 -5.96 -3.42
CA ARG A 156 -10.13 -6.37 -3.38
C ARG A 156 -10.70 -5.80 -4.67
N TRP A 157 -10.95 -6.62 -5.67
CA TRP A 157 -11.38 -6.08 -6.99
C TRP A 157 -12.87 -5.77 -7.10
N TYR A 158 -13.18 -4.93 -8.05
CA TYR A 158 -14.58 -4.51 -8.30
C TYR A 158 -14.70 -4.00 -9.73
N HIS A 159 -15.89 -3.97 -10.26
CA HIS A 159 -16.09 -3.36 -11.59
C HIS A 159 -16.03 -1.86 -11.33
N PRO A 160 -15.58 -1.06 -12.27
CA PRO A 160 -15.49 0.40 -12.01
C PRO A 160 -16.84 0.95 -11.54
N GLY A 161 -17.92 0.56 -12.16
CA GLY A 161 -19.26 1.04 -11.72
C GLY A 161 -19.52 0.57 -10.27
N CYS A 162 -19.37 -0.71 -10.02
CA CYS A 162 -19.60 -1.24 -8.64
C CYS A 162 -18.69 -0.50 -7.63
N PHE A 163 -17.46 -0.25 -8.00
CA PHE A 163 -16.51 0.45 -7.09
C PHE A 163 -17.04 1.87 -6.78
N VAL A 164 -17.50 2.57 -7.79
CA VAL A 164 -18.00 3.95 -7.55
C VAL A 164 -19.22 3.91 -6.63
N LYS A 165 -20.08 2.93 -6.77
CA LYS A 165 -21.29 2.86 -5.88
C LYS A 165 -20.88 2.78 -4.41
N ASN A 166 -19.80 2.12 -4.12
CA ASN A 166 -19.32 1.99 -2.69
C ASN A 166 -18.09 2.86 -2.42
N ARG A 167 -17.94 3.96 -3.14
CA ARG A 167 -16.74 4.83 -2.92
C ARG A 167 -16.59 5.24 -1.46
N GLU A 168 -17.67 5.51 -0.80
CA GLU A 168 -17.59 5.95 0.64
C GLU A 168 -17.05 4.83 1.54
N GLU A 169 -17.70 3.70 1.54
CA GLU A 169 -17.24 2.58 2.41
C GLU A 169 -15.86 2.09 2.02
N LEU A 170 -15.48 2.24 0.77
CA LEU A 170 -14.13 1.79 0.34
C LEU A 170 -13.05 2.82 0.69
N GLY A 171 -13.44 3.92 1.31
CA GLY A 171 -12.42 4.94 1.72
C GLY A 171 -11.92 5.76 0.51
N PHE A 172 -12.68 5.82 -0.56
CA PHE A 172 -12.24 6.62 -1.73
C PHE A 172 -12.80 8.03 -1.61
N ARG A 173 -12.17 8.85 -0.81
CA ARG A 173 -12.65 10.26 -0.57
C ARG A 173 -13.02 10.97 -1.88
N PRO A 174 -13.85 12.00 -1.76
CA PRO A 174 -14.30 12.76 -2.95
C PRO A 174 -13.19 13.66 -3.53
N GLU A 175 -12.13 13.88 -2.79
CA GLU A 175 -11.03 14.74 -3.33
C GLU A 175 -10.13 13.90 -4.26
N TYR A 176 -10.23 12.59 -4.19
CA TYR A 176 -9.39 11.72 -5.07
C TYR A 176 -9.97 11.67 -6.49
N SER A 177 -9.10 11.59 -7.46
CA SER A 177 -9.55 11.52 -8.87
C SER A 177 -9.02 10.21 -9.50
N ALA A 178 -9.56 9.84 -10.62
CA ALA A 178 -9.11 8.57 -11.29
C ALA A 178 -7.60 8.56 -11.54
N SER A 179 -7.03 9.71 -11.80
CA SER A 179 -5.55 9.80 -12.09
C SER A 179 -4.69 9.35 -10.90
N GLN A 180 -5.26 9.24 -9.73
CA GLN A 180 -4.46 8.83 -8.54
C GLN A 180 -4.43 7.30 -8.33
N LEU A 181 -5.19 6.56 -9.09
CA LEU A 181 -5.20 5.08 -8.92
C LEU A 181 -3.87 4.46 -9.36
N LYS A 182 -3.34 3.56 -8.56
CA LYS A 182 -2.05 2.90 -8.93
C LYS A 182 -2.24 2.09 -10.21
N GLY A 183 -1.51 2.41 -11.26
CA GLY A 183 -1.66 1.65 -12.55
C GLY A 183 -2.43 2.48 -13.60
N PHE A 184 -3.01 3.59 -13.18
CA PHE A 184 -3.79 4.43 -14.15
C PHE A 184 -3.01 4.73 -15.42
N SER A 185 -1.82 5.23 -15.28
CA SER A 185 -0.98 5.60 -16.47
C SER A 185 -0.87 4.48 -17.52
N LEU A 186 -1.03 3.23 -17.15
CA LEU A 186 -0.88 2.12 -18.16
C LEU A 186 -2.19 1.81 -18.91
N LEU A 187 -3.22 2.59 -18.71
CA LEU A 187 -4.50 2.33 -19.41
C LEU A 187 -4.59 3.13 -20.71
N ALA A 188 -5.26 2.59 -21.69
CA ALA A 188 -5.41 3.30 -22.99
C ALA A 188 -6.15 4.62 -22.74
N THR A 189 -5.89 5.63 -23.54
CA THR A 189 -6.58 6.96 -23.34
C THR A 189 -8.09 6.80 -23.13
N GLU A 190 -8.72 6.02 -23.97
CA GLU A 190 -10.21 5.81 -23.84
C GLU A 190 -10.58 5.32 -22.43
N ASP A 191 -9.88 4.31 -21.96
CA ASP A 191 -10.17 3.79 -20.59
C ASP A 191 -9.90 4.86 -19.52
N LYS A 192 -8.85 5.63 -19.69
CA LYS A 192 -8.53 6.68 -18.67
C LYS A 192 -9.63 7.74 -18.64
N GLU A 193 -10.16 8.11 -19.77
CA GLU A 193 -11.24 9.14 -19.80
C GLU A 193 -12.49 8.63 -19.08
N ALA A 194 -12.88 7.40 -19.36
CA ALA A 194 -14.09 6.82 -18.70
C ALA A 194 -13.95 6.88 -17.17
N LEU A 195 -12.78 6.61 -16.66
CA LEU A 195 -12.57 6.65 -15.18
C LEU A 195 -12.63 8.09 -14.68
N LYS A 196 -11.84 8.98 -15.26
CA LYS A 196 -11.88 10.41 -14.83
C LYS A 196 -13.32 10.94 -14.84
N LYS A 197 -14.12 10.39 -15.71
CA LYS A 197 -15.56 10.82 -15.81
C LYS A 197 -16.33 10.43 -14.54
N GLN A 198 -16.15 9.23 -14.05
CA GLN A 198 -16.90 8.78 -12.84
C GLN A 198 -16.18 9.22 -11.55
N LEU A 199 -14.89 9.34 -11.59
CA LEU A 199 -14.14 9.81 -10.38
C LEU A 199 -13.39 11.09 -10.75
N PRO A 200 -14.13 12.19 -10.79
CA PRO A 200 -13.54 13.50 -11.17
C PRO A 200 -12.63 14.05 -10.07
N GLY A 201 -13.04 13.93 -8.84
CA GLY A 201 -12.19 14.47 -7.73
C GLY A 201 -12.37 15.98 -7.65
N VAL A 202 -11.61 16.72 -8.39
CA VAL A 202 -11.72 18.21 -8.36
C VAL A 202 -13.12 18.64 -8.82
N LYS A 203 -13.29 19.88 -9.17
CA LYS A 203 -14.63 20.36 -9.61
C LYS A 203 -14.83 20.09 -11.10
N SER A 204 -15.86 19.39 -11.46
CA SER A 204 -16.11 19.10 -12.91
C SER A 204 -17.59 19.27 -13.23
N GLU A 205 -17.94 19.22 -14.50
CA GLU A 205 -19.37 19.38 -14.88
C GLU A 205 -20.08 18.02 -14.89
N GLY A 206 -21.39 18.02 -14.83
CA GLY A 206 -22.13 16.73 -14.83
C GLY A 206 -23.63 17.02 -14.70
N LYS A 207 -24.07 17.43 -13.54
CA LYS A 207 -25.53 17.72 -13.34
C LYS A 207 -26.38 16.54 -13.79
N ARG A 208 -27.67 16.72 -13.84
CA ARG A 208 -28.57 15.61 -14.28
C ARG A 208 -29.93 16.17 -14.72
N LYS A 209 -30.47 15.64 -15.78
CA LYS A 209 -31.80 16.15 -16.26
C LYS A 209 -32.91 15.18 -15.86
N GLY A 210 -34.12 15.45 -16.26
CA GLY A 210 -35.26 14.56 -15.90
C GLY A 210 -36.03 14.18 -17.16
N ASP A 211 -36.86 13.17 -17.08
CA ASP A 211 -37.65 12.75 -18.27
C ASP A 211 -38.84 11.88 -17.84
N GLU A 212 -39.84 11.80 -18.66
CA GLU A 212 -41.04 10.97 -18.30
C GLU A 212 -41.88 10.67 -19.55
N VAL A 213 -42.34 9.47 -19.69
CA VAL A 213 -43.17 9.11 -20.87
C VAL A 213 -44.11 7.94 -20.55
N ASP A 214 -45.05 8.15 -19.67
CA ASP A 214 -46.00 7.06 -19.29
C ASP A 214 -45.23 5.81 -18.85
ZN ZN C . 18.10 -9.75 3.78
ZN ZN D . -19.51 -5.77 -9.99
N MET A 1 -11.04 -3.08 21.86
CA MET A 1 -10.55 -3.07 23.27
C MET A 1 -9.37 -4.06 23.41
N ALA A 2 -8.52 -4.11 22.43
CA ALA A 2 -7.36 -5.05 22.51
C ALA A 2 -6.22 -4.41 23.32
N GLU A 3 -6.00 -3.13 23.15
CA GLU A 3 -4.91 -2.44 23.91
C GLU A 3 -3.59 -3.19 23.74
N SER A 4 -3.32 -3.69 22.56
CA SER A 4 -2.04 -4.44 22.33
C SER A 4 -1.43 -4.00 21.01
N SER A 5 -0.30 -4.57 20.65
CA SER A 5 0.35 -4.20 19.36
C SER A 5 -0.55 -4.58 18.18
N ASP A 6 -1.15 -3.61 17.55
CA ASP A 6 -2.04 -3.91 16.39
C ASP A 6 -1.41 -3.42 15.08
N LYS A 7 -0.34 -2.65 15.17
CA LYS A 7 0.32 -2.15 13.92
C LYS A 7 0.72 -3.33 13.03
N LEU A 8 0.75 -3.13 11.74
CA LEU A 8 1.13 -4.26 10.83
C LEU A 8 2.65 -4.36 10.67
N TYR A 9 3.38 -3.32 10.99
CA TYR A 9 4.87 -3.40 10.82
C TYR A 9 5.61 -3.02 12.11
N ARG A 10 6.84 -3.44 12.21
CA ARG A 10 7.66 -3.10 13.41
C ARG A 10 9.09 -2.75 12.98
N VAL A 11 9.67 -1.79 13.62
CA VAL A 11 11.06 -1.39 13.29
C VAL A 11 11.84 -1.29 14.59
N GLU A 12 13.06 -1.76 14.60
CA GLU A 12 13.86 -1.68 15.86
C GLU A 12 15.29 -2.13 15.62
N TYR A 13 16.14 -1.91 16.58
CA TYR A 13 17.54 -2.35 16.45
C TYR A 13 17.57 -3.83 16.82
N ALA A 14 18.11 -4.65 15.97
CA ALA A 14 18.13 -6.14 16.20
C ALA A 14 18.44 -6.53 17.65
N LYS A 15 17.51 -7.19 18.29
CA LYS A 15 17.73 -7.65 19.70
C LYS A 15 18.78 -8.76 19.72
N SER A 16 18.99 -9.40 18.59
CA SER A 16 20.00 -10.47 18.48
C SER A 16 20.52 -10.53 17.03
N GLY A 17 21.46 -11.40 16.76
CA GLY A 17 22.01 -11.49 15.37
C GLY A 17 21.62 -12.83 14.76
N ARG A 18 20.62 -13.48 15.33
CA ARG A 18 20.20 -14.82 14.81
C ARG A 18 19.05 -14.73 13.80
N ALA A 19 18.36 -13.63 13.74
CA ALA A 19 17.23 -13.51 12.74
C ALA A 19 17.76 -13.53 11.31
N SER A 20 17.06 -14.19 10.41
CA SER A 20 17.50 -14.26 9.00
C SER A 20 16.55 -13.43 8.14
N CYS A 21 17.10 -12.66 7.26
CA CYS A 21 16.27 -11.80 6.37
C CYS A 21 15.37 -12.66 5.48
N LYS A 22 14.09 -12.40 5.47
CA LYS A 22 13.14 -13.21 4.63
C LYS A 22 13.32 -12.92 3.14
N LYS A 23 14.14 -11.96 2.77
CA LYS A 23 14.35 -11.63 1.33
C LYS A 23 15.68 -12.24 0.80
N CYS A 24 16.79 -11.86 1.39
CA CYS A 24 18.11 -12.38 0.90
C CYS A 24 18.63 -13.56 1.75
N SER A 25 17.95 -13.93 2.81
CA SER A 25 18.37 -15.10 3.68
C SER A 25 19.62 -14.83 4.55
N GLU A 26 20.33 -13.74 4.37
CA GLU A 26 21.53 -13.47 5.22
C GLU A 26 21.08 -13.10 6.64
N SER A 27 21.93 -13.33 7.62
CA SER A 27 21.54 -13.02 9.02
C SER A 27 21.48 -11.51 9.26
N ILE A 28 20.63 -11.09 10.15
CA ILE A 28 20.53 -9.65 10.48
C ILE A 28 21.39 -9.40 11.73
N PRO A 29 22.43 -8.61 11.60
CA PRO A 29 23.36 -8.39 12.74
C PRO A 29 22.69 -7.67 13.93
N LYS A 30 23.05 -8.08 15.12
CA LYS A 30 22.47 -7.48 16.37
C LYS A 30 22.67 -5.96 16.37
N ASP A 31 21.70 -5.23 16.88
CA ASP A 31 21.77 -3.72 16.95
C ASP A 31 21.56 -3.04 15.59
N SER A 32 21.54 -3.80 14.51
CA SER A 32 21.33 -3.17 13.18
C SER A 32 19.85 -2.81 13.00
N LEU A 33 19.56 -1.85 12.18
CA LEU A 33 18.14 -1.45 11.98
C LEU A 33 17.44 -2.48 11.09
N ARG A 34 16.40 -3.11 11.60
CA ARG A 34 15.67 -4.12 10.80
C ARG A 34 14.17 -3.81 10.84
N MET A 35 13.45 -4.28 9.85
CA MET A 35 11.99 -4.03 9.82
C MET A 35 11.24 -5.35 9.57
N ALA A 36 10.02 -5.44 10.04
CA ALA A 36 9.28 -6.72 9.84
C ALA A 36 7.79 -6.48 9.61
N ILE A 37 7.16 -7.36 8.89
CA ILE A 37 5.69 -7.25 8.70
C ILE A 37 5.00 -8.17 9.71
N MET A 38 4.32 -7.61 10.66
CA MET A 38 3.65 -8.45 11.71
C MET A 38 2.72 -9.50 11.09
N VAL A 39 2.55 -10.60 11.77
CA VAL A 39 1.68 -11.69 11.27
C VAL A 39 1.08 -12.46 12.46
N GLN A 40 -0.22 -12.60 12.49
CA GLN A 40 -0.86 -13.35 13.62
C GLN A 40 -0.65 -14.86 13.46
N SER A 41 -0.24 -15.53 14.51
CA SER A 41 -0.01 -17.01 14.41
C SER A 41 -1.24 -17.77 14.88
N PRO A 42 -1.65 -18.75 14.11
CA PRO A 42 -2.83 -19.56 14.47
C PRO A 42 -2.46 -20.68 15.46
N MET A 43 -1.20 -20.81 15.78
CA MET A 43 -0.79 -21.89 16.74
C MET A 43 -0.70 -21.34 18.17
N PHE A 44 -0.71 -20.05 18.33
CA PHE A 44 -0.63 -19.47 19.70
C PHE A 44 -0.92 -17.97 19.67
N ASP A 45 -1.48 -17.45 20.73
CA ASP A 45 -1.79 -15.99 20.76
C ASP A 45 -0.49 -15.19 20.69
N GLY A 46 -0.37 -14.33 19.71
CA GLY A 46 0.88 -13.52 19.58
C GLY A 46 1.18 -13.33 18.09
N LYS A 47 1.93 -12.31 17.75
CA LYS A 47 2.23 -12.07 16.31
C LYS A 47 3.68 -12.45 15.98
N VAL A 48 3.88 -13.12 14.88
CA VAL A 48 5.26 -13.52 14.46
C VAL A 48 5.80 -12.49 13.47
N PRO A 49 6.98 -11.98 13.73
CA PRO A 49 7.55 -10.98 12.83
C PRO A 49 8.39 -11.59 11.71
N HIS A 50 8.14 -11.20 10.50
CA HIS A 50 9.00 -11.68 9.38
C HIS A 50 10.04 -10.58 9.21
N TRP A 51 11.24 -10.78 9.72
CA TRP A 51 12.26 -9.70 9.67
C TRP A 51 13.03 -9.61 8.35
N TYR A 52 13.51 -8.43 8.09
CA TYR A 52 14.29 -8.16 6.84
C TYR A 52 15.32 -7.07 7.15
N HIS A 53 16.44 -7.05 6.46
CA HIS A 53 17.40 -5.94 6.66
C HIS A 53 16.67 -4.68 6.20
N PHE A 54 17.01 -3.53 6.70
CA PHE A 54 16.26 -2.28 6.30
C PHE A 54 16.03 -2.19 4.77
N SER A 55 17.06 -2.34 3.98
CA SER A 55 16.90 -2.24 2.49
C SER A 55 16.05 -3.39 1.91
N CYS A 56 16.31 -4.61 2.31
CA CYS A 56 15.54 -5.77 1.75
C CYS A 56 14.02 -5.60 1.96
N PHE A 57 13.62 -5.05 3.07
CA PHE A 57 12.16 -4.87 3.36
C PHE A 57 11.40 -4.19 2.21
N TRP A 58 12.02 -3.23 1.54
CA TRP A 58 11.31 -2.49 0.47
C TRP A 58 11.43 -3.20 -0.90
N LYS A 59 12.37 -4.09 -1.03
CA LYS A 59 12.54 -4.79 -2.34
C LYS A 59 11.59 -5.98 -2.49
N VAL A 60 10.75 -6.24 -1.51
CA VAL A 60 9.79 -7.38 -1.61
C VAL A 60 8.39 -6.92 -2.03
N GLY A 61 8.08 -5.68 -1.79
CA GLY A 61 6.73 -5.16 -2.16
C GLY A 61 6.09 -4.47 -0.95
N HIS A 62 6.70 -4.59 0.21
CA HIS A 62 6.11 -3.92 1.41
C HIS A 62 6.07 -2.41 1.18
N SER A 63 5.00 -1.76 1.58
CA SER A 63 4.90 -0.28 1.36
C SER A 63 4.36 0.43 2.59
N ILE A 64 4.84 1.62 2.83
CA ILE A 64 4.36 2.40 4.02
C ILE A 64 4.30 3.89 3.65
N ARG A 65 3.13 4.49 3.75
CA ARG A 65 3.01 5.94 3.42
C ARG A 65 3.32 6.77 4.66
N HIS A 66 2.81 6.37 5.78
CA HIS A 66 3.07 7.12 7.06
C HIS A 66 3.68 6.19 8.11
N PRO A 67 5.00 6.18 8.19
CA PRO A 67 5.71 5.30 9.16
C PRO A 67 5.32 5.60 10.62
N ASP A 68 5.32 6.86 11.03
CA ASP A 68 4.95 7.21 12.44
C ASP A 68 3.67 6.50 12.93
N VAL A 69 2.68 6.33 12.09
CA VAL A 69 1.40 5.67 12.55
C VAL A 69 1.28 4.20 12.12
N GLU A 70 1.96 3.78 11.07
CA GLU A 70 1.81 2.35 10.60
C GLU A 70 2.93 1.44 11.11
N VAL A 71 4.02 1.98 11.59
CA VAL A 71 5.13 1.08 12.06
C VAL A 71 5.38 1.22 13.57
N ASP A 72 5.15 0.15 14.30
CA ASP A 72 5.38 0.19 15.77
C ASP A 72 6.90 0.33 16.07
N GLY A 73 7.26 1.09 17.07
CA GLY A 73 8.71 1.25 17.41
C GLY A 73 9.35 2.41 16.62
N PHE A 74 8.63 2.98 15.69
CA PHE A 74 9.22 4.10 14.87
C PHE A 74 9.66 5.26 15.76
N SER A 75 8.80 5.71 16.64
CA SER A 75 9.15 6.86 17.53
C SER A 75 10.36 6.57 18.44
N GLU A 76 10.68 5.32 18.71
CA GLU A 76 11.85 5.03 19.59
C GLU A 76 13.17 4.91 18.80
N LEU A 77 13.14 5.02 17.49
CA LEU A 77 14.39 4.93 16.69
C LEU A 77 15.19 6.22 16.85
N ARG A 78 16.47 6.17 16.61
CA ARG A 78 17.28 7.42 16.70
C ARG A 78 16.78 8.39 15.62
N TRP A 79 16.93 9.67 15.83
CA TRP A 79 16.42 10.69 14.85
C TRP A 79 16.82 10.36 13.40
N ASP A 80 18.09 10.20 13.12
CA ASP A 80 18.51 9.90 11.71
C ASP A 80 17.79 8.68 11.15
N ASP A 81 17.62 7.64 11.93
CA ASP A 81 16.93 6.42 11.43
C ASP A 81 15.44 6.74 11.19
N GLN A 82 14.89 7.64 11.97
CA GLN A 82 13.46 8.02 11.78
C GLN A 82 13.34 8.77 10.44
N GLN A 83 14.33 9.55 10.10
CA GLN A 83 14.29 10.30 8.81
C GLN A 83 14.55 9.33 7.67
N LYS A 84 15.48 8.43 7.84
CA LYS A 84 15.78 7.42 6.77
C LYS A 84 14.52 6.61 6.45
N VAL A 85 13.84 6.14 7.46
CA VAL A 85 12.60 5.35 7.22
C VAL A 85 11.53 6.28 6.59
N LYS A 86 11.45 7.50 7.07
CA LYS A 86 10.42 8.44 6.53
C LYS A 86 10.70 8.72 5.05
N LYS A 87 11.94 8.97 4.69
CA LYS A 87 12.26 9.27 3.27
C LYS A 87 12.15 8.01 2.42
N THR A 88 12.67 6.90 2.90
CA THR A 88 12.57 5.63 2.12
C THR A 88 11.10 5.28 1.88
N ALA A 89 10.26 5.55 2.85
CA ALA A 89 8.81 5.25 2.68
C ALA A 89 8.25 6.12 1.55
N GLU A 90 8.59 7.38 1.55
CA GLU A 90 8.08 8.30 0.48
C GLU A 90 8.59 7.84 -0.89
N ALA A 91 9.87 7.63 -1.02
CA ALA A 91 10.44 7.18 -2.33
C ALA A 91 9.76 5.89 -2.79
N GLY A 92 9.00 5.95 -3.84
CA GLY A 92 8.30 4.73 -4.34
C GLY A 92 8.64 4.51 -5.83
N GLY A 93 9.84 4.86 -6.22
CA GLY A 93 10.22 4.69 -7.65
C GLY A 93 11.72 4.41 -7.74
N VAL A 94 12.53 5.19 -7.08
CA VAL A 94 14.00 4.97 -7.13
C VAL A 94 14.50 4.38 -5.80
N THR A 95 14.73 3.10 -5.77
CA THR A 95 15.22 2.46 -4.51
C THR A 95 16.69 2.04 -4.66
N GLY A 96 16.99 1.28 -5.68
CA GLY A 96 18.40 0.84 -5.89
C GLY A 96 19.24 2.00 -6.41
N LYS A 97 19.82 1.85 -7.57
CA LYS A 97 20.65 2.95 -8.14
C LYS A 97 19.92 3.61 -9.32
N GLY A 98 18.62 3.59 -9.31
CA GLY A 98 17.85 4.21 -10.42
C GLY A 98 17.96 3.33 -11.67
N GLN A 99 16.95 2.56 -11.95
CA GLN A 99 17.00 1.67 -13.16
C GLN A 99 17.06 2.52 -14.43
N ASP A 100 16.27 3.56 -14.51
CA ASP A 100 16.28 4.44 -15.71
C ASP A 100 15.70 5.81 -15.38
N GLY A 101 15.84 6.24 -14.16
CA GLY A 101 15.30 7.58 -13.77
C GLY A 101 13.77 7.56 -13.86
N ILE A 102 13.11 8.33 -13.04
CA ILE A 102 11.62 8.36 -13.07
C ILE A 102 11.10 9.58 -12.30
N GLY A 103 11.56 10.74 -12.65
CA GLY A 103 11.09 11.98 -11.95
C GLY A 103 10.05 12.69 -12.80
N SER A 104 8.80 12.37 -12.62
CA SER A 104 7.72 13.02 -13.43
C SER A 104 7.25 14.30 -12.73
N LYS A 105 6.07 14.76 -13.06
CA LYS A 105 5.56 16.00 -12.42
C LYS A 105 5.16 15.73 -10.96
N ALA A 106 4.19 14.88 -10.76
CA ALA A 106 3.76 14.56 -9.36
C ALA A 106 3.86 13.05 -9.11
N GLU A 107 4.26 12.66 -7.92
CA GLU A 107 4.38 11.20 -7.62
C GLU A 107 3.28 10.77 -6.65
N LYS A 108 2.19 11.50 -6.61
CA LYS A 108 1.09 11.14 -5.68
C LYS A 108 0.42 9.83 -6.13
N THR A 109 0.28 8.89 -5.24
CA THR A 109 -0.37 7.60 -5.62
C THR A 109 -0.78 6.82 -4.36
N LEU A 110 -2.01 6.38 -4.30
CA LEU A 110 -2.48 5.62 -3.10
C LEU A 110 -1.78 4.27 -3.04
N GLY A 111 -1.51 3.79 -1.86
CA GLY A 111 -0.83 2.46 -1.73
C GLY A 111 -1.84 1.36 -1.43
N ASP A 112 -3.08 1.71 -1.16
CA ASP A 112 -4.10 0.67 -0.85
C ASP A 112 -5.19 0.60 -1.94
N PHE A 113 -5.05 1.37 -2.99
CA PHE A 113 -6.08 1.34 -4.08
C PHE A 113 -5.39 1.11 -5.43
N ALA A 114 -5.90 0.22 -6.24
CA ALA A 114 -5.22 -0.05 -7.54
C ALA A 114 -6.21 -0.25 -8.70
N ALA A 115 -5.72 -0.06 -9.89
CA ALA A 115 -6.56 -0.23 -11.11
C ALA A 115 -5.73 -0.96 -12.16
N GLU A 116 -6.26 -1.99 -12.77
CA GLU A 116 -5.49 -2.74 -13.79
C GLU A 116 -6.42 -3.59 -14.64
N TYR A 117 -5.95 -4.07 -15.76
CA TYR A 117 -6.81 -4.95 -16.59
C TYR A 117 -6.77 -6.35 -15.97
N ALA A 118 -7.89 -7.01 -15.87
CA ALA A 118 -7.91 -8.38 -15.23
C ALA A 118 -6.84 -9.30 -15.85
N LYS A 119 -5.85 -9.67 -15.05
CA LYS A 119 -4.80 -10.59 -15.55
C LYS A 119 -5.39 -11.96 -15.90
N SER A 120 -6.56 -12.26 -15.39
CA SER A 120 -7.21 -13.56 -15.70
C SER A 120 -8.74 -13.43 -15.59
N ASN A 121 -9.45 -14.53 -15.60
CA ASN A 121 -10.93 -14.45 -15.51
C ASN A 121 -11.46 -15.21 -14.28
N ARG A 122 -10.60 -15.56 -13.34
CA ARG A 122 -11.08 -16.28 -12.13
C ARG A 122 -11.25 -15.32 -10.94
N SER A 123 -11.02 -14.04 -11.14
CA SER A 123 -11.21 -13.08 -10.01
C SER A 123 -12.71 -12.83 -9.86
N THR A 124 -13.13 -12.15 -8.82
CA THR A 124 -14.60 -11.91 -8.67
C THR A 124 -14.85 -10.54 -8.03
N CYS A 125 -15.72 -9.76 -8.63
CA CYS A 125 -16.05 -8.45 -8.05
C CYS A 125 -16.69 -8.66 -6.67
N LYS A 126 -16.10 -8.10 -5.63
CA LYS A 126 -16.65 -8.27 -4.26
C LYS A 126 -17.85 -7.34 -3.96
N GLY A 127 -18.50 -6.83 -4.98
CA GLY A 127 -19.66 -5.92 -4.78
C GLY A 127 -20.91 -6.64 -5.29
N CYS A 128 -20.80 -7.28 -6.43
CA CYS A 128 -21.96 -8.04 -6.98
C CYS A 128 -21.62 -9.56 -7.06
N MET A 129 -20.44 -9.95 -6.60
CA MET A 129 -20.03 -11.39 -6.65
C MET A 129 -20.03 -11.99 -8.07
N GLU A 130 -20.10 -11.18 -9.09
CA GLU A 130 -20.06 -11.71 -10.48
C GLU A 130 -18.61 -11.80 -10.92
N LYS A 131 -18.26 -12.80 -11.69
CA LYS A 131 -16.83 -12.95 -12.11
C LYS A 131 -16.39 -11.82 -13.03
N ILE A 132 -15.14 -11.40 -12.91
CA ILE A 132 -14.62 -10.35 -13.81
C ILE A 132 -13.92 -11.04 -14.99
N GLU A 133 -14.20 -10.64 -16.21
CA GLU A 133 -13.57 -11.32 -17.38
C GLU A 133 -12.13 -10.83 -17.59
N LYS A 134 -11.26 -11.73 -17.98
CA LYS A 134 -9.84 -11.32 -18.28
C LYS A 134 -9.80 -10.13 -19.27
N GLY A 135 -8.97 -9.15 -19.00
CA GLY A 135 -8.87 -7.97 -19.92
C GLY A 135 -9.76 -6.84 -19.41
N GLN A 136 -10.85 -7.17 -18.74
CA GLN A 136 -11.76 -6.10 -18.23
C GLN A 136 -11.08 -5.24 -17.16
N VAL A 137 -11.33 -3.95 -17.19
CA VAL A 137 -10.71 -3.06 -16.17
C VAL A 137 -11.33 -3.34 -14.81
N ARG A 138 -10.52 -3.45 -13.80
CA ARG A 138 -11.06 -3.72 -12.44
C ARG A 138 -10.34 -2.85 -11.42
N LEU A 139 -11.01 -2.54 -10.34
CA LEU A 139 -10.38 -1.69 -9.28
C LEU A 139 -10.29 -2.49 -7.98
N SER A 140 -9.46 -2.08 -7.05
CA SER A 140 -9.38 -2.87 -5.81
C SER A 140 -8.96 -2.06 -4.59
N LYS A 141 -9.48 -2.44 -3.45
CA LYS A 141 -9.12 -1.77 -2.17
C LYS A 141 -8.24 -2.73 -1.36
N LYS A 142 -6.96 -2.54 -1.38
CA LYS A 142 -6.04 -3.46 -0.64
C LYS A 142 -6.43 -3.60 0.83
N MET A 143 -6.37 -4.80 1.34
CA MET A 143 -6.73 -5.04 2.77
C MET A 143 -5.98 -6.27 3.28
N VAL A 144 -5.68 -6.33 4.55
CA VAL A 144 -4.94 -7.51 5.08
C VAL A 144 -5.90 -8.46 5.81
N ASP A 145 -5.70 -9.74 5.68
CA ASP A 145 -6.58 -10.72 6.37
C ASP A 145 -5.87 -11.24 7.63
N PRO A 146 -6.55 -11.17 8.75
CA PRO A 146 -5.95 -11.65 10.01
C PRO A 146 -5.77 -13.17 9.97
N GLU A 147 -6.48 -13.84 9.10
CA GLU A 147 -6.35 -15.33 8.99
C GLU A 147 -5.16 -15.68 8.10
N LYS A 148 -4.78 -14.79 7.22
CA LYS A 148 -3.63 -15.06 6.32
C LYS A 148 -2.65 -13.87 6.37
N PRO A 149 -2.00 -13.74 7.49
CA PRO A 149 -1.04 -12.62 7.69
C PRO A 149 0.21 -12.76 6.80
N GLN A 150 0.57 -13.95 6.42
CA GLN A 150 1.77 -14.12 5.56
C GLN A 150 1.55 -13.44 4.19
N LEU A 151 0.32 -13.24 3.80
CA LEU A 151 0.04 -12.59 2.49
C LEU A 151 0.23 -11.08 2.58
N GLY A 152 -0.35 -10.46 3.59
CA GLY A 152 -0.20 -8.99 3.74
C GLY A 152 -1.32 -8.28 2.97
N MET A 153 -1.02 -7.13 2.43
CA MET A 153 -2.04 -6.36 1.66
C MET A 153 -2.56 -7.16 0.46
N ILE A 154 -3.77 -7.64 0.52
CA ILE A 154 -4.33 -8.42 -0.62
C ILE A 154 -5.37 -7.57 -1.36
N ASP A 155 -5.42 -7.67 -2.66
CA ASP A 155 -6.40 -6.85 -3.42
C ASP A 155 -7.83 -7.40 -3.34
N ARG A 156 -8.76 -6.54 -3.06
CA ARG A 156 -10.20 -6.92 -3.06
C ARG A 156 -10.73 -6.31 -4.36
N TRP A 157 -10.97 -7.11 -5.37
CA TRP A 157 -11.36 -6.53 -6.69
C TRP A 157 -12.84 -6.19 -6.82
N TYR A 158 -13.12 -5.31 -7.76
CA TYR A 158 -14.50 -4.86 -8.02
C TYR A 158 -14.59 -4.31 -9.45
N HIS A 159 -15.77 -4.25 -10.00
CA HIS A 159 -15.92 -3.60 -11.33
C HIS A 159 -15.83 -2.11 -11.02
N PRO A 160 -15.36 -1.30 -11.93
CA PRO A 160 -15.24 0.15 -11.63
C PRO A 160 -16.60 0.72 -11.17
N GLY A 161 -17.67 0.36 -11.83
CA GLY A 161 -19.02 0.86 -11.40
C GLY A 161 -19.31 0.35 -9.99
N CYS A 162 -19.19 -0.94 -9.76
CA CYS A 162 -19.46 -1.50 -8.40
C CYS A 162 -18.56 -0.80 -7.35
N PHE A 163 -17.31 -0.56 -7.69
CA PHE A 163 -16.38 0.10 -6.73
C PHE A 163 -16.89 1.51 -6.40
N VAL A 164 -17.32 2.25 -7.39
CA VAL A 164 -17.80 3.63 -7.15
C VAL A 164 -19.04 3.59 -6.24
N LYS A 165 -19.92 2.62 -6.43
CA LYS A 165 -21.14 2.56 -5.57
C LYS A 165 -20.77 2.43 -4.09
N ASN A 166 -19.71 1.74 -3.80
CA ASN A 166 -19.27 1.57 -2.36
C ASN A 166 -18.03 2.42 -2.03
N ARG A 167 -17.84 3.53 -2.73
CA ARG A 167 -16.63 4.37 -2.46
C ARG A 167 -16.50 4.74 -0.98
N GLU A 168 -17.59 5.01 -0.34
CA GLU A 168 -17.54 5.41 1.11
C GLU A 168 -17.04 4.26 2.00
N GLU A 169 -17.71 3.14 1.94
CA GLU A 169 -17.29 1.99 2.80
C GLU A 169 -15.90 1.50 2.43
N LEU A 170 -15.50 1.66 1.19
CA LEU A 170 -14.15 1.20 0.77
C LEU A 170 -13.06 2.21 1.18
N GLY A 171 -13.44 3.30 1.82
CA GLY A 171 -12.41 4.29 2.28
C GLY A 171 -11.88 5.12 1.11
N PHE A 172 -12.62 5.23 0.02
CA PHE A 172 -12.13 6.06 -1.13
C PHE A 172 -12.67 7.47 -0.98
N ARG A 173 -12.04 8.25 -0.14
CA ARG A 173 -12.51 9.67 0.13
C ARG A 173 -12.84 10.42 -1.18
N PRO A 174 -13.65 11.46 -1.05
CA PRO A 174 -14.07 12.26 -2.23
C PRO A 174 -12.94 13.15 -2.76
N GLU A 175 -11.88 13.34 -2.00
CA GLU A 175 -10.75 14.18 -2.48
C GLU A 175 -9.85 13.36 -3.42
N TYR A 176 -9.97 12.06 -3.38
CA TYR A 176 -9.13 11.20 -4.26
C TYR A 176 -9.67 11.19 -5.70
N SER A 177 -8.79 11.11 -6.65
CA SER A 177 -9.20 11.09 -8.07
C SER A 177 -8.68 9.79 -8.72
N ALA A 178 -9.19 9.45 -9.87
CA ALA A 178 -8.75 8.19 -10.54
C ALA A 178 -7.23 8.17 -10.77
N SER A 179 -6.65 9.31 -10.99
CA SER A 179 -5.16 9.37 -11.25
C SER A 179 -4.33 8.89 -10.04
N GLN A 180 -4.93 8.76 -8.89
CA GLN A 180 -4.16 8.31 -7.69
C GLN A 180 -4.16 6.77 -7.53
N LEU A 181 -4.91 6.07 -8.33
CA LEU A 181 -4.96 4.58 -8.19
C LEU A 181 -3.63 3.95 -8.62
N LYS A 182 -3.13 3.02 -7.83
CA LYS A 182 -1.84 2.35 -8.18
C LYS A 182 -2.02 1.57 -9.49
N GLY A 183 -1.27 1.91 -10.52
CA GLY A 183 -1.39 1.18 -11.82
C GLY A 183 -2.13 2.05 -12.86
N PHE A 184 -2.69 3.16 -12.45
CA PHE A 184 -3.44 4.04 -13.40
C PHE A 184 -2.62 4.36 -14.66
N SER A 185 -1.43 4.83 -14.47
CA SER A 185 -0.56 5.22 -15.63
C SER A 185 -0.44 4.12 -16.71
N LEU A 186 -0.63 2.87 -16.37
CA LEU A 186 -0.48 1.78 -17.40
C LEU A 186 -1.77 1.51 -18.19
N LEU A 187 -2.79 2.31 -17.99
CA LEU A 187 -4.07 2.08 -18.73
C LEU A 187 -4.11 2.92 -20.00
N ALA A 188 -4.77 2.42 -21.02
CA ALA A 188 -4.88 3.18 -22.30
C ALA A 188 -5.61 4.49 -22.04
N THR A 189 -5.31 5.52 -22.80
CA THR A 189 -5.97 6.86 -22.58
C THR A 189 -7.49 6.71 -22.42
N GLU A 190 -8.13 5.97 -23.28
CA GLU A 190 -9.61 5.78 -23.19
C GLU A 190 -10.02 5.26 -21.81
N ASP A 191 -9.36 4.24 -21.35
CA ASP A 191 -9.67 3.67 -20.00
C ASP A 191 -9.41 4.70 -18.90
N LYS A 192 -8.35 5.47 -19.02
CA LYS A 192 -8.03 6.49 -17.97
C LYS A 192 -9.13 7.56 -17.93
N GLU A 193 -9.62 7.97 -19.06
CA GLU A 193 -10.68 9.02 -19.09
C GLU A 193 -11.95 8.51 -18.42
N ALA A 194 -12.35 7.29 -18.72
CA ALA A 194 -13.59 6.72 -18.11
C ALA A 194 -13.49 6.75 -16.58
N LEU A 195 -12.33 6.43 -16.05
CA LEU A 195 -12.16 6.43 -14.57
C LEU A 195 -12.20 7.86 -14.04
N LYS A 196 -11.39 8.75 -14.57
CA LYS A 196 -11.41 10.16 -14.10
C LYS A 196 -12.84 10.72 -14.14
N LYS A 197 -13.63 10.21 -15.03
CA LYS A 197 -15.05 10.67 -15.16
C LYS A 197 -15.87 10.26 -13.91
N GLN A 198 -15.72 9.04 -13.46
CA GLN A 198 -16.50 8.58 -12.27
C GLN A 198 -15.81 8.96 -10.96
N LEU A 199 -14.51 9.08 -10.97
CA LEU A 199 -13.78 9.49 -9.73
C LEU A 199 -13.01 10.77 -10.04
N PRO A 200 -13.72 11.88 -10.06
CA PRO A 200 -13.10 13.20 -10.39
C PRO A 200 -12.20 13.70 -9.26
N GLY A 201 -12.63 13.58 -8.04
CA GLY A 201 -11.79 14.06 -6.90
C GLY A 201 -11.93 15.58 -6.79
N VAL A 202 -11.07 16.32 -7.44
CA VAL A 202 -11.16 17.80 -7.37
C VAL A 202 -11.17 18.41 -8.78
N LYS A 203 -12.01 19.37 -9.02
CA LYS A 203 -12.06 20.00 -10.37
C LYS A 203 -11.80 21.51 -10.26
N SER A 204 -11.49 22.14 -11.37
CA SER A 204 -11.22 23.61 -11.33
C SER A 204 -12.53 24.40 -11.46
N GLU A 205 -12.76 25.34 -10.59
CA GLU A 205 -14.01 26.14 -10.67
C GLU A 205 -14.09 26.88 -12.00
N GLY A 206 -14.91 27.90 -12.08
CA GLY A 206 -15.04 28.67 -13.34
C GLY A 206 -15.99 29.85 -13.13
N LYS A 207 -15.88 30.52 -12.02
CA LYS A 207 -16.79 31.68 -11.74
C LYS A 207 -16.09 32.71 -10.85
N ARG A 208 -14.89 33.10 -11.20
CA ARG A 208 -14.16 34.10 -10.37
C ARG A 208 -14.45 35.51 -10.87
N LYS A 209 -15.32 36.22 -10.18
CA LYS A 209 -15.66 37.61 -10.61
C LYS A 209 -14.83 38.63 -9.82
N GLY A 210 -14.32 38.24 -8.69
CA GLY A 210 -13.50 39.19 -7.87
C GLY A 210 -12.31 39.68 -8.70
N ASP A 211 -12.39 40.88 -9.21
CA ASP A 211 -11.26 41.43 -10.03
C ASP A 211 -11.10 42.93 -9.77
N GLU A 212 -9.88 43.40 -9.70
CA GLU A 212 -9.64 44.85 -9.45
C GLU A 212 -10.42 45.33 -8.22
N VAL A 213 -9.83 45.23 -7.06
CA VAL A 213 -10.54 45.66 -5.82
C VAL A 213 -10.43 47.19 -5.66
N ASP A 214 -9.24 47.70 -5.48
CA ASP A 214 -9.08 49.17 -5.33
C ASP A 214 -9.10 49.86 -6.70
ZN ZN C . 18.39 -9.01 3.62
ZN ZN D . -19.42 -5.99 -9.86
N MET A 1 -5.83 0.11 29.36
CA MET A 1 -4.57 0.26 30.14
C MET A 1 -3.37 -0.24 29.32
N ALA A 2 -3.52 -1.35 28.66
CA ALA A 2 -2.39 -1.90 27.85
C ALA A 2 -2.31 -1.15 26.50
N GLU A 3 -1.21 -1.30 25.81
CA GLU A 3 -1.07 -0.60 24.49
C GLU A 3 -1.09 -1.63 23.35
N SER A 4 -0.67 -2.83 23.61
CA SER A 4 -0.66 -3.88 22.56
C SER A 4 0.05 -3.38 21.30
N SER A 5 0.07 -4.17 20.25
CA SER A 5 0.74 -3.74 18.99
C SER A 5 -0.12 -4.10 17.78
N ASP A 6 -1.25 -3.47 17.64
CA ASP A 6 -2.13 -3.78 16.47
C ASP A 6 -1.52 -3.27 15.16
N LYS A 7 -0.45 -2.51 15.25
CA LYS A 7 0.19 -1.99 14.00
C LYS A 7 0.61 -3.15 13.11
N LEU A 8 0.63 -2.96 11.82
CA LEU A 8 1.03 -4.09 10.92
C LEU A 8 2.55 -4.16 10.75
N TYR A 9 3.28 -3.12 11.07
CA TYR A 9 4.77 -3.19 10.91
C TYR A 9 5.50 -2.83 12.19
N ARG A 10 6.74 -3.24 12.28
CA ARG A 10 7.56 -2.93 13.47
C ARG A 10 8.99 -2.57 13.04
N VAL A 11 9.57 -1.61 13.70
CA VAL A 11 10.96 -1.21 13.37
C VAL A 11 11.74 -1.12 14.66
N GLU A 12 12.97 -1.59 14.67
CA GLU A 12 13.76 -1.54 15.93
C GLU A 12 15.20 -1.98 15.68
N TYR A 13 16.05 -1.76 16.64
CA TYR A 13 17.45 -2.21 16.49
C TYR A 13 17.49 -3.69 16.85
N ALA A 14 18.02 -4.50 15.98
CA ALA A 14 18.04 -5.99 16.19
C ALA A 14 18.35 -6.40 17.64
N LYS A 15 17.42 -7.08 18.27
CA LYS A 15 17.65 -7.55 19.68
C LYS A 15 18.71 -8.66 19.68
N SER A 16 18.90 -9.28 18.54
CA SER A 16 19.92 -10.35 18.41
C SER A 16 20.43 -10.40 16.96
N GLY A 17 21.38 -11.25 16.67
CA GLY A 17 21.92 -11.32 15.28
C GLY A 17 21.54 -12.67 14.66
N ARG A 18 20.52 -13.32 15.21
CA ARG A 18 20.11 -14.65 14.69
C ARG A 18 18.96 -14.55 13.68
N ALA A 19 18.26 -13.44 13.63
CA ALA A 19 17.13 -13.32 12.64
C ALA A 19 17.66 -13.31 11.20
N SER A 20 16.95 -13.96 10.31
CA SER A 20 17.39 -14.02 8.89
C SER A 20 16.44 -13.18 8.04
N CYS A 21 16.99 -12.39 7.17
CA CYS A 21 16.15 -11.52 6.30
C CYS A 21 15.25 -12.37 5.40
N LYS A 22 13.97 -12.10 5.40
CA LYS A 22 13.02 -12.88 4.55
C LYS A 22 13.19 -12.59 3.06
N LYS A 23 14.02 -11.63 2.70
CA LYS A 23 14.22 -11.29 1.26
C LYS A 23 15.54 -11.88 0.72
N CYS A 24 16.66 -11.51 1.31
CA CYS A 24 17.97 -12.03 0.81
C CYS A 24 18.51 -13.22 1.64
N SER A 25 17.83 -13.60 2.70
CA SER A 25 18.25 -14.78 3.55
C SER A 25 19.50 -14.53 4.44
N GLU A 26 20.21 -13.43 4.26
CA GLU A 26 21.41 -13.17 5.11
C GLU A 26 20.97 -12.82 6.54
N SER A 27 21.81 -13.06 7.50
CA SER A 27 21.44 -12.77 8.92
C SER A 27 21.38 -11.26 9.18
N ILE A 28 20.52 -10.86 10.07
CA ILE A 28 20.42 -9.42 10.42
C ILE A 28 21.28 -9.20 11.68
N PRO A 29 22.32 -8.39 11.55
CA PRO A 29 23.26 -8.18 12.70
C PRO A 29 22.60 -7.49 13.89
N LYS A 30 22.96 -7.92 15.08
CA LYS A 30 22.38 -7.33 16.33
C LYS A 30 22.58 -5.80 16.35
N ASP A 31 21.61 -5.08 16.88
CA ASP A 31 21.69 -3.57 16.97
C ASP A 31 21.46 -2.89 15.61
N SER A 32 21.44 -3.63 14.52
CA SER A 32 21.23 -2.98 13.20
C SER A 32 19.76 -2.62 13.05
N LEU A 33 19.45 -1.65 12.23
CA LEU A 33 18.04 -1.25 12.03
C LEU A 33 17.33 -2.26 11.13
N ARG A 34 16.29 -2.90 11.64
CA ARG A 34 15.56 -3.91 10.83
C ARG A 34 14.06 -3.60 10.87
N MET A 35 13.33 -4.05 9.89
CA MET A 35 11.87 -3.80 9.85
C MET A 35 11.13 -5.12 9.60
N ALA A 36 9.90 -5.22 10.06
CA ALA A 36 9.16 -6.48 9.86
C ALA A 36 7.69 -6.24 9.64
N ILE A 37 7.05 -7.12 8.91
CA ILE A 37 5.58 -7.01 8.71
C ILE A 37 4.89 -7.96 9.71
N MET A 38 4.22 -7.41 10.68
CA MET A 38 3.56 -8.26 11.72
C MET A 38 2.61 -9.28 11.09
N VAL A 39 2.45 -10.40 11.74
CA VAL A 39 1.54 -11.46 11.23
C VAL A 39 0.97 -12.26 12.41
N GLN A 40 -0.32 -12.43 12.45
CA GLN A 40 -0.95 -13.20 13.57
C GLN A 40 -0.71 -14.69 13.39
N SER A 41 -0.34 -15.37 14.44
CA SER A 41 -0.09 -16.84 14.33
C SER A 41 -1.33 -17.64 14.77
N PRO A 42 -1.73 -18.60 13.97
CA PRO A 42 -2.91 -19.42 14.31
C PRO A 42 -2.53 -20.55 15.28
N MET A 43 -1.28 -20.68 15.62
CA MET A 43 -0.86 -21.77 16.55
C MET A 43 -0.78 -21.25 18.00
N PHE A 44 -0.77 -19.95 18.18
CA PHE A 44 -0.71 -19.39 19.56
C PHE A 44 -1.01 -17.89 19.54
N ASP A 45 -1.56 -17.39 20.61
CA ASP A 45 -1.86 -15.92 20.67
C ASP A 45 -0.56 -15.12 20.61
N GLY A 46 -0.45 -14.25 19.64
CA GLY A 46 0.80 -13.44 19.50
C GLY A 46 1.09 -13.22 18.02
N LYS A 47 1.84 -12.20 17.70
CA LYS A 47 2.14 -11.94 16.25
C LYS A 47 3.59 -12.32 15.91
N VAL A 48 3.78 -12.97 14.80
CA VAL A 48 5.16 -13.36 14.38
C VAL A 48 5.70 -12.30 13.41
N PRO A 49 6.89 -11.81 13.68
CA PRO A 49 7.45 -10.79 12.80
C PRO A 49 8.29 -11.39 11.67
N HIS A 50 8.04 -10.98 10.47
CA HIS A 50 8.88 -11.43 9.34
C HIS A 50 9.93 -10.34 9.17
N TRP A 51 11.13 -10.55 9.68
CA TRP A 51 12.15 -9.47 9.64
C TRP A 51 12.92 -9.36 8.31
N TYR A 52 13.39 -8.18 8.06
CA TYR A 52 14.17 -7.88 6.83
C TYR A 52 15.21 -6.80 7.13
N HIS A 53 16.32 -6.77 6.44
CA HIS A 53 17.28 -5.66 6.66
C HIS A 53 16.55 -4.40 6.22
N PHE A 54 16.88 -3.25 6.73
CA PHE A 54 16.14 -2.00 6.34
C PHE A 54 15.90 -1.89 4.83
N SER A 55 16.92 -2.02 4.03
CA SER A 55 16.76 -1.90 2.54
C SER A 55 15.91 -3.04 1.94
N CYS A 56 16.17 -4.27 2.33
CA CYS A 56 15.40 -5.43 1.76
C CYS A 56 13.88 -5.26 1.98
N PHE A 57 13.49 -4.73 3.10
CA PHE A 57 12.02 -4.57 3.40
C PHE A 57 11.27 -3.85 2.26
N TRP A 58 11.88 -2.89 1.59
CA TRP A 58 11.17 -2.13 0.52
C TRP A 58 11.29 -2.83 -0.83
N LYS A 59 12.23 -3.72 -0.99
CA LYS A 59 12.39 -4.40 -2.31
C LYS A 59 11.43 -5.59 -2.47
N VAL A 60 10.60 -5.86 -1.50
CA VAL A 60 9.66 -7.01 -1.62
C VAL A 60 8.25 -6.52 -2.00
N GLY A 61 7.94 -5.28 -1.77
CA GLY A 61 6.59 -4.77 -2.11
C GLY A 61 5.95 -4.10 -0.88
N HIS A 62 6.56 -4.21 0.27
CA HIS A 62 5.98 -3.56 1.48
C HIS A 62 5.94 -2.05 1.28
N SER A 63 4.86 -1.41 1.67
CA SER A 63 4.77 0.06 1.47
C SER A 63 4.21 0.77 2.70
N ILE A 64 4.70 1.94 3.00
CA ILE A 64 4.20 2.70 4.18
C ILE A 64 4.15 4.19 3.85
N ARG A 65 2.98 4.79 3.93
CA ARG A 65 2.87 6.25 3.62
C ARG A 65 3.19 7.07 4.87
N HIS A 66 2.68 6.65 5.99
CA HIS A 66 2.94 7.38 7.29
C HIS A 66 3.56 6.43 8.32
N PRO A 67 4.87 6.43 8.38
CA PRO A 67 5.59 5.54 9.35
C PRO A 67 5.21 5.82 10.82
N ASP A 68 5.20 7.07 11.24
CA ASP A 68 4.84 7.39 12.65
C ASP A 68 3.56 6.68 13.14
N VAL A 69 2.57 6.52 12.30
CA VAL A 69 1.29 5.85 12.75
C VAL A 69 1.16 4.38 12.30
N GLU A 70 1.85 3.98 11.25
CA GLU A 70 1.70 2.57 10.76
C GLU A 70 2.82 1.65 11.25
N VAL A 71 3.91 2.17 11.74
CA VAL A 71 5.02 1.28 12.19
C VAL A 71 5.28 1.39 13.70
N ASP A 72 5.05 0.32 14.42
CA ASP A 72 5.29 0.34 15.89
C ASP A 72 6.79 0.47 16.18
N GLY A 73 7.17 1.22 17.20
CA GLY A 73 8.62 1.37 17.53
C GLY A 73 9.26 2.55 16.76
N PHE A 74 8.54 3.12 15.84
CA PHE A 74 9.12 4.26 15.04
C PHE A 74 9.56 5.40 15.94
N SER A 75 8.70 5.85 16.82
CA SER A 75 9.06 6.99 17.72
C SER A 75 10.26 6.69 18.64
N GLU A 76 10.60 5.42 18.88
CA GLU A 76 11.77 5.14 19.75
C GLU A 76 13.08 5.02 18.96
N LEU A 77 13.04 5.15 17.64
CA LEU A 77 14.30 5.08 16.85
C LEU A 77 15.09 6.36 17.03
N ARG A 78 16.38 6.32 16.76
CA ARG A 78 17.18 7.56 16.88
C ARG A 78 16.68 8.55 15.81
N TRP A 79 16.84 9.83 16.04
CA TRP A 79 16.32 10.85 15.07
C TRP A 79 16.70 10.54 13.62
N ASP A 80 17.97 10.39 13.33
CA ASP A 80 18.40 10.11 11.93
C ASP A 80 17.67 8.89 11.34
N ASP A 81 17.51 7.84 12.12
CA ASP A 81 16.81 6.64 11.60
C ASP A 81 15.32 6.95 11.37
N GLN A 82 14.78 7.84 12.16
CA GLN A 82 13.35 8.24 11.98
C GLN A 82 13.22 8.99 10.66
N GLN A 83 14.22 9.78 10.32
CA GLN A 83 14.17 10.54 9.04
C GLN A 83 14.42 9.59 7.88
N LYS A 84 15.35 8.69 8.04
CA LYS A 84 15.66 7.70 6.96
C LYS A 84 14.40 6.88 6.63
N VAL A 85 13.72 6.40 7.63
CA VAL A 85 12.47 5.63 7.38
C VAL A 85 11.41 6.55 6.77
N LYS A 86 11.32 7.76 7.27
CA LYS A 86 10.30 8.71 6.74
C LYS A 86 10.57 9.02 5.27
N LYS A 87 11.81 9.26 4.91
CA LYS A 87 12.12 9.58 3.50
C LYS A 87 12.01 8.33 2.62
N THR A 88 12.52 7.22 3.08
CA THR A 88 12.43 5.96 2.28
C THR A 88 10.96 5.61 2.04
N ALA A 89 10.13 5.87 3.02
CA ALA A 89 8.67 5.58 2.85
C ALA A 89 8.11 6.46 1.75
N GLU A 90 8.44 7.73 1.76
CA GLU A 90 7.92 8.65 0.70
C GLU A 90 8.43 8.21 -0.67
N ALA A 91 9.71 8.00 -0.81
CA ALA A 91 10.26 7.57 -2.13
C ALA A 91 9.59 6.29 -2.60
N GLY A 92 9.04 5.52 -1.69
CA GLY A 92 8.37 4.25 -2.09
C GLY A 92 7.23 4.54 -3.07
N GLY A 93 7.08 3.73 -4.07
CA GLY A 93 5.99 3.96 -5.07
C GLY A 93 6.18 3.00 -6.26
N VAL A 94 5.97 3.48 -7.45
CA VAL A 94 6.13 2.61 -8.65
C VAL A 94 7.43 2.96 -9.38
N THR A 95 8.56 2.75 -8.75
CA THR A 95 9.85 3.07 -9.41
C THR A 95 10.83 1.90 -9.22
N GLY A 96 12.09 2.11 -9.51
CA GLY A 96 13.08 1.02 -9.35
C GLY A 96 14.50 1.57 -9.52
N LYS A 97 14.99 2.27 -8.54
CA LYS A 97 16.37 2.84 -8.62
C LYS A 97 16.52 3.73 -9.86
N GLY A 98 16.81 3.15 -10.99
CA GLY A 98 16.97 3.96 -12.24
C GLY A 98 16.56 3.13 -13.44
N GLN A 99 17.49 2.83 -14.32
CA GLN A 99 17.16 2.02 -15.53
C GLN A 99 16.06 2.70 -16.36
N ASP A 100 14.82 2.47 -16.03
CA ASP A 100 13.71 3.11 -16.79
C ASP A 100 12.69 3.72 -15.83
N GLY A 101 13.15 4.23 -14.72
CA GLY A 101 12.22 4.86 -13.73
C GLY A 101 12.60 6.33 -13.53
N ILE A 102 12.54 7.11 -14.57
CA ILE A 102 12.89 8.56 -14.44
C ILE A 102 11.62 9.41 -14.43
N GLY A 103 11.66 10.55 -13.80
CA GLY A 103 10.45 11.42 -13.76
C GLY A 103 9.86 11.41 -12.35
N SER A 104 10.69 11.33 -11.35
CA SER A 104 10.18 11.30 -9.95
C SER A 104 9.89 12.73 -9.46
N LYS A 105 8.66 13.17 -9.60
CA LYS A 105 8.31 14.56 -9.16
C LYS A 105 7.24 14.49 -8.05
N ALA A 106 6.46 15.52 -7.91
CA ALA A 106 5.41 15.53 -6.86
C ALA A 106 4.21 14.69 -7.29
N GLU A 107 4.41 13.42 -7.56
CA GLU A 107 3.28 12.56 -7.99
C GLU A 107 2.77 11.74 -6.80
N LYS A 108 1.51 11.87 -6.47
CA LYS A 108 0.96 11.12 -5.32
C LYS A 108 0.27 9.83 -5.79
N THR A 109 0.47 8.75 -5.08
CA THR A 109 -0.17 7.46 -5.46
C THR A 109 -0.61 6.69 -4.22
N LEU A 110 -1.84 6.27 -4.16
CA LEU A 110 -2.33 5.52 -2.97
C LEU A 110 -1.64 4.15 -2.90
N GLY A 111 -1.40 3.66 -1.72
CA GLY A 111 -0.73 2.34 -1.58
C GLY A 111 -1.75 1.23 -1.29
N ASP A 112 -2.99 1.60 -1.05
CA ASP A 112 -4.03 0.56 -0.75
C ASP A 112 -5.10 0.51 -1.85
N PHE A 113 -4.92 1.26 -2.92
CA PHE A 113 -5.94 1.24 -4.01
C PHE A 113 -5.24 1.00 -5.36
N ALA A 114 -5.75 0.11 -6.17
CA ALA A 114 -5.07 -0.16 -7.47
C ALA A 114 -6.05 -0.37 -8.63
N ALA A 115 -5.56 -0.17 -9.82
CA ALA A 115 -6.39 -0.34 -11.04
C ALA A 115 -5.55 -1.08 -12.09
N GLU A 116 -6.09 -2.10 -12.69
CA GLU A 116 -5.32 -2.85 -13.72
C GLU A 116 -6.25 -3.69 -14.58
N TYR A 117 -5.78 -4.18 -15.69
CA TYR A 117 -6.64 -5.05 -16.53
C TYR A 117 -6.61 -6.45 -15.91
N ALA A 118 -7.74 -7.11 -15.81
CA ALA A 118 -7.78 -8.47 -15.18
C ALA A 118 -6.72 -9.40 -15.78
N LYS A 119 -5.73 -9.79 -14.98
CA LYS A 119 -4.68 -10.70 -15.47
C LYS A 119 -5.29 -12.07 -15.82
N SER A 120 -6.46 -12.36 -15.32
CA SER A 120 -7.11 -13.67 -15.63
C SER A 120 -8.64 -13.52 -15.53
N ASN A 121 -9.35 -14.61 -15.55
CA ASN A 121 -10.85 -14.52 -15.46
C ASN A 121 -11.39 -15.28 -14.23
N ARG A 122 -10.53 -15.62 -13.30
CA ARG A 122 -11.02 -16.35 -12.09
C ARG A 122 -11.19 -15.39 -10.90
N SER A 123 -10.94 -14.11 -11.08
CA SER A 123 -11.14 -13.15 -9.96
C SER A 123 -12.64 -12.88 -9.83
N THR A 124 -13.06 -12.20 -8.80
CA THR A 124 -14.52 -11.95 -8.64
C THR A 124 -14.78 -10.58 -8.02
N CYS A 125 -15.64 -9.79 -8.62
CA CYS A 125 -15.97 -8.48 -8.03
C CYS A 125 -16.61 -8.69 -6.65
N LYS A 126 -16.02 -8.13 -5.63
CA LYS A 126 -16.59 -8.30 -4.25
C LYS A 126 -17.77 -7.35 -3.96
N GLY A 127 -18.41 -6.84 -4.99
CA GLY A 127 -19.57 -5.92 -4.79
C GLY A 127 -20.81 -6.63 -5.30
N CYS A 128 -20.70 -7.26 -6.45
CA CYS A 128 -21.87 -8.02 -7.00
C CYS A 128 -21.55 -9.53 -7.08
N MET A 129 -20.37 -9.94 -6.62
CA MET A 129 -19.98 -11.39 -6.66
C MET A 129 -19.97 -11.99 -8.08
N GLU A 130 -20.02 -11.17 -9.10
CA GLU A 130 -19.98 -11.71 -10.49
C GLU A 130 -18.52 -11.81 -10.93
N LYS A 131 -18.17 -12.80 -11.68
CA LYS A 131 -16.75 -12.97 -12.10
C LYS A 131 -16.30 -11.84 -13.03
N ILE A 132 -15.05 -11.43 -12.90
CA ILE A 132 -14.50 -10.39 -13.80
C ILE A 132 -13.82 -11.10 -14.96
N GLU A 133 -14.07 -10.69 -16.18
CA GLU A 133 -13.45 -11.37 -17.34
C GLU A 133 -12.00 -10.90 -17.55
N LYS A 134 -11.14 -11.80 -17.94
CA LYS A 134 -9.71 -11.40 -18.23
C LYS A 134 -9.65 -10.22 -19.21
N GLY A 135 -8.82 -9.24 -18.95
CA GLY A 135 -8.71 -8.07 -19.87
C GLY A 135 -9.60 -6.92 -19.37
N GLN A 136 -10.68 -7.23 -18.70
CA GLN A 136 -11.59 -6.17 -18.19
C GLN A 136 -10.92 -5.32 -17.12
N VAL A 137 -11.15 -4.03 -17.15
CA VAL A 137 -10.53 -3.13 -16.14
C VAL A 137 -11.17 -3.41 -14.77
N ARG A 138 -10.36 -3.53 -13.76
CA ARG A 138 -10.90 -3.80 -12.40
C ARG A 138 -10.19 -2.93 -11.37
N LEU A 139 -10.85 -2.61 -10.30
CA LEU A 139 -10.22 -1.76 -9.24
C LEU A 139 -10.15 -2.57 -7.94
N SER A 140 -9.32 -2.15 -7.00
CA SER A 140 -9.25 -2.94 -5.76
C SER A 140 -8.84 -2.14 -4.53
N LYS A 141 -9.37 -2.51 -3.41
CA LYS A 141 -9.02 -1.83 -2.13
C LYS A 141 -8.17 -2.81 -1.30
N LYS A 142 -6.88 -2.64 -1.31
CA LYS A 142 -5.98 -3.56 -0.56
C LYS A 142 -6.41 -3.69 0.91
N MET A 143 -6.38 -4.89 1.42
CA MET A 143 -6.76 -5.13 2.84
C MET A 143 -6.04 -6.38 3.36
N VAL A 144 -5.73 -6.41 4.62
CA VAL A 144 -5.01 -7.61 5.17
C VAL A 144 -5.99 -8.54 5.88
N ASP A 145 -5.78 -9.82 5.77
CA ASP A 145 -6.69 -10.79 6.46
C ASP A 145 -6.00 -11.33 7.71
N PRO A 146 -6.69 -11.25 8.83
CA PRO A 146 -6.10 -11.73 10.11
C PRO A 146 -5.95 -13.25 10.07
N GLU A 147 -6.65 -13.91 9.18
CA GLU A 147 -6.54 -15.40 9.08
C GLU A 147 -5.33 -15.77 8.22
N LYS A 148 -4.91 -14.89 7.35
CA LYS A 148 -3.73 -15.19 6.48
C LYS A 148 -2.78 -14.00 6.49
N PRO A 149 -2.16 -13.78 7.62
CA PRO A 149 -1.22 -12.64 7.76
C PRO A 149 0.07 -12.85 6.96
N GLN A 150 0.37 -14.06 6.58
CA GLN A 150 1.61 -14.28 5.76
C GLN A 150 1.45 -13.61 4.39
N LEU A 151 0.23 -13.37 3.98
CA LEU A 151 -0.01 -12.72 2.65
C LEU A 151 0.19 -11.21 2.75
N GLY A 152 -0.41 -10.59 3.74
CA GLY A 152 -0.25 -9.12 3.90
C GLY A 152 -1.35 -8.39 3.13
N MET A 153 -1.04 -7.26 2.57
CA MET A 153 -2.06 -6.48 1.80
C MET A 153 -2.55 -7.27 0.58
N ILE A 154 -3.76 -7.77 0.63
CA ILE A 154 -4.29 -8.53 -0.53
C ILE A 154 -5.32 -7.68 -1.29
N ASP A 155 -5.35 -7.77 -2.59
CA ASP A 155 -6.32 -6.94 -3.35
C ASP A 155 -7.75 -7.49 -3.28
N ARG A 156 -8.69 -6.62 -3.00
CA ARG A 156 -10.13 -7.00 -3.01
C ARG A 156 -10.65 -6.37 -4.31
N TRP A 157 -10.88 -7.17 -5.33
CA TRP A 157 -11.26 -6.60 -6.65
C TRP A 157 -12.74 -6.24 -6.79
N TYR A 158 -12.99 -5.37 -7.74
CA TYR A 158 -14.38 -4.90 -8.01
C TYR A 158 -14.46 -4.35 -9.43
N HIS A 159 -15.63 -4.29 -9.99
CA HIS A 159 -15.77 -3.63 -11.32
C HIS A 159 -15.67 -2.15 -11.01
N PRO A 160 -15.18 -1.34 -11.92
CA PRO A 160 -15.06 0.12 -11.62
C PRO A 160 -16.42 0.70 -11.17
N GLY A 161 -17.49 0.34 -11.83
CA GLY A 161 -18.83 0.85 -11.41
C GLY A 161 -19.14 0.35 -10.00
N CYS A 162 -19.03 -0.95 -9.77
CA CYS A 162 -19.31 -1.50 -8.40
C CYS A 162 -18.41 -0.81 -7.36
N PHE A 163 -17.16 -0.58 -7.69
CA PHE A 163 -16.23 0.08 -6.73
C PHE A 163 -16.73 1.49 -6.39
N VAL A 164 -17.13 2.23 -7.39
CA VAL A 164 -17.62 3.61 -7.15
C VAL A 164 -18.86 3.58 -6.25
N LYS A 165 -19.74 2.63 -6.45
CA LYS A 165 -20.98 2.57 -5.59
C LYS A 165 -20.62 2.44 -4.11
N ASN A 166 -19.56 1.74 -3.80
CA ASN A 166 -19.13 1.57 -2.37
C ASN A 166 -17.89 2.41 -2.05
N ARG A 167 -17.68 3.51 -2.73
CA ARG A 167 -16.47 4.35 -2.46
C ARG A 167 -16.35 4.73 -0.97
N GLU A 168 -17.44 5.00 -0.34
CA GLU A 168 -17.39 5.39 1.11
C GLU A 168 -16.91 4.25 2.00
N GLU A 169 -17.58 3.13 1.94
CA GLU A 169 -17.18 1.98 2.80
C GLU A 169 -15.79 1.47 2.44
N LEU A 170 -15.38 1.64 1.20
CA LEU A 170 -14.03 1.16 0.79
C LEU A 170 -12.94 2.17 1.21
N GLY A 171 -13.31 3.26 1.84
CA GLY A 171 -12.28 4.24 2.30
C GLY A 171 -11.73 5.06 1.14
N PHE A 172 -12.46 5.18 0.06
CA PHE A 172 -11.96 5.99 -1.10
C PHE A 172 -12.49 7.42 -0.96
N ARG A 173 -11.87 8.20 -0.11
CA ARG A 173 -12.32 9.61 0.15
C ARG A 173 -12.63 10.37 -1.15
N PRO A 174 -13.44 11.42 -1.04
CA PRO A 174 -13.84 12.22 -2.22
C PRO A 174 -12.69 13.10 -2.74
N GLU A 175 -11.65 13.28 -1.97
CA GLU A 175 -10.51 14.11 -2.45
C GLU A 175 -9.60 13.28 -3.38
N TYR A 176 -9.74 11.98 -3.35
CA TYR A 176 -8.90 11.11 -4.22
C TYR A 176 -9.43 11.11 -5.64
N SER A 177 -8.54 11.03 -6.60
CA SER A 177 -8.94 11.00 -8.03
C SER A 177 -8.44 9.71 -8.67
N ALA A 178 -8.95 9.36 -9.82
CA ALA A 178 -8.51 8.11 -10.50
C ALA A 178 -6.99 8.07 -10.71
N SER A 179 -6.40 9.21 -10.93
CA SER A 179 -4.91 9.26 -11.18
C SER A 179 -4.09 8.77 -9.97
N GLN A 180 -4.70 8.64 -8.81
CA GLN A 180 -3.93 8.18 -7.62
C GLN A 180 -3.95 6.66 -7.45
N LEU A 181 -4.70 5.95 -8.26
CA LEU A 181 -4.76 4.46 -8.12
C LEU A 181 -3.43 3.82 -8.53
N LYS A 182 -2.95 2.89 -7.75
CA LYS A 182 -1.66 2.20 -8.09
C LYS A 182 -1.84 1.42 -9.41
N GLY A 183 -1.08 1.76 -10.43
CA GLY A 183 -1.20 1.04 -11.74
C GLY A 183 -1.92 1.91 -12.77
N PHE A 184 -2.48 3.03 -12.36
CA PHE A 184 -3.22 3.91 -13.32
C PHE A 184 -2.39 4.22 -14.57
N SER A 185 -1.20 4.69 -14.38
CA SER A 185 -0.31 5.07 -15.54
C SER A 185 -0.19 3.97 -16.61
N LEU A 186 -0.40 2.71 -16.28
CA LEU A 186 -0.25 1.62 -17.30
C LEU A 186 -1.54 1.37 -18.10
N LEU A 187 -2.56 2.18 -17.91
CA LEU A 187 -3.83 1.95 -18.65
C LEU A 187 -3.86 2.79 -19.93
N ALA A 188 -4.51 2.28 -20.95
CA ALA A 188 -4.61 3.05 -22.23
C ALA A 188 -5.32 4.38 -21.97
N THR A 189 -5.02 5.41 -22.72
CA THR A 189 -5.67 6.74 -22.52
C THR A 189 -7.20 6.61 -22.36
N GLU A 190 -7.82 5.87 -23.23
CA GLU A 190 -9.32 5.69 -23.15
C GLU A 190 -9.73 5.17 -21.76
N ASP A 191 -9.08 4.14 -21.30
CA ASP A 191 -9.42 3.59 -19.95
C ASP A 191 -9.15 4.61 -18.85
N LYS A 192 -8.09 5.38 -18.96
CA LYS A 192 -7.77 6.39 -17.92
C LYS A 192 -8.84 7.47 -17.88
N GLU A 193 -9.33 7.89 -19.02
CA GLU A 193 -10.38 8.95 -19.05
C GLU A 193 -11.66 8.44 -18.39
N ALA A 194 -12.07 7.23 -18.70
CA ALA A 194 -13.32 6.67 -18.09
C ALA A 194 -13.22 6.69 -16.56
N LEU A 195 -12.07 6.37 -16.03
CA LEU A 195 -11.90 6.37 -14.54
C LEU A 195 -11.94 7.80 -14.01
N LYS A 196 -11.12 8.68 -14.54
CA LYS A 196 -11.13 10.10 -14.08
C LYS A 196 -12.55 10.67 -14.11
N LYS A 197 -13.35 10.16 -15.01
CA LYS A 197 -14.77 10.63 -15.14
C LYS A 197 -15.59 10.23 -13.91
N GLN A 198 -15.44 9.01 -13.45
CA GLN A 198 -16.25 8.56 -12.27
C GLN A 198 -15.56 8.94 -10.95
N LEU A 199 -14.25 9.04 -10.95
CA LEU A 199 -13.53 9.45 -9.71
C LEU A 199 -12.75 10.72 -10.02
N PRO A 200 -13.46 11.84 -10.05
CA PRO A 200 -12.83 13.14 -10.40
C PRO A 200 -11.93 13.64 -9.27
N GLY A 201 -12.36 13.53 -8.05
CA GLY A 201 -11.53 14.01 -6.91
C GLY A 201 -11.67 15.53 -6.79
N VAL A 202 -10.58 16.25 -6.92
CA VAL A 202 -10.65 17.73 -6.82
C VAL A 202 -11.47 18.30 -8.00
N LYS A 203 -12.77 18.26 -7.90
CA LYS A 203 -13.62 18.79 -9.00
C LYS A 203 -14.89 19.45 -8.44
N SER A 204 -15.63 18.73 -7.64
CA SER A 204 -16.87 19.31 -7.06
C SER A 204 -16.79 19.34 -5.53
N GLU A 205 -16.81 20.50 -4.94
CA GLU A 205 -16.73 20.60 -3.47
C GLU A 205 -18.05 20.16 -2.84
N GLY A 206 -18.30 20.54 -1.61
CA GLY A 206 -19.58 20.13 -0.96
C GLY A 206 -20.76 20.78 -1.68
N LYS A 207 -21.58 20.00 -2.32
CA LYS A 207 -22.75 20.57 -3.05
C LYS A 207 -23.64 21.37 -2.10
N ARG A 208 -24.49 22.20 -2.63
CA ARG A 208 -25.39 23.02 -1.75
C ARG A 208 -26.64 22.22 -1.40
N LYS A 209 -26.67 21.62 -0.25
CA LYS A 209 -27.87 20.83 0.17
C LYS A 209 -28.96 21.76 0.72
N GLY A 210 -28.56 22.86 1.29
CA GLY A 210 -29.57 23.81 1.84
C GLY A 210 -29.00 24.49 3.10
N ASP A 211 -29.70 25.47 3.61
CA ASP A 211 -29.21 26.17 4.84
C ASP A 211 -30.20 26.00 5.98
N GLU A 212 -29.92 25.11 6.90
CA GLU A 212 -30.87 24.91 8.04
C GLU A 212 -30.71 26.05 9.06
N VAL A 213 -31.72 26.87 9.20
CA VAL A 213 -31.64 27.99 10.18
C VAL A 213 -32.35 27.60 11.48
N ASP A 214 -33.62 27.29 11.40
CA ASP A 214 -34.38 26.91 12.63
C ASP A 214 -35.71 26.26 12.25
ZN ZN C . 18.27 -8.69 3.57
ZN ZN D . -19.29 -5.99 -9.88
N MET A 1 -9.63 -2.82 27.06
CA MET A 1 -9.34 -4.03 27.90
C MET A 1 -7.83 -4.17 28.13
N ALA A 2 -7.04 -3.92 27.12
CA ALA A 2 -5.56 -4.04 27.28
C ALA A 2 -4.85 -3.12 26.29
N GLU A 3 -3.59 -3.39 26.01
CA GLU A 3 -2.84 -2.54 25.05
C GLU A 3 -1.71 -3.34 24.40
N SER A 4 -1.81 -3.58 23.12
CA SER A 4 -0.75 -4.36 22.42
C SER A 4 -0.28 -3.62 21.16
N SER A 5 0.57 -4.23 20.38
CA SER A 5 1.06 -3.56 19.14
C SER A 5 0.18 -3.95 17.95
N ASP A 6 -0.92 -3.27 17.77
CA ASP A 6 -1.82 -3.60 16.63
C ASP A 6 -1.18 -3.17 15.29
N LYS A 7 -0.09 -2.46 15.34
CA LYS A 7 0.57 -2.00 14.08
C LYS A 7 0.91 -3.21 13.21
N LEU A 8 1.00 -3.04 11.93
CA LEU A 8 1.32 -4.19 11.03
C LEU A 8 2.83 -4.36 10.87
N TYR A 9 3.62 -3.35 11.17
CA TYR A 9 5.09 -3.48 10.97
C TYR A 9 5.87 -3.08 12.24
N ARG A 10 7.10 -3.53 12.32
CA ARG A 10 7.94 -3.18 13.50
C ARG A 10 9.38 -2.89 13.03
N VAL A 11 9.99 -1.92 13.64
CA VAL A 11 11.39 -1.58 13.27
C VAL A 11 12.21 -1.45 14.56
N GLU A 12 13.40 -1.96 14.57
CA GLU A 12 14.22 -1.87 15.81
C GLU A 12 15.64 -2.37 15.55
N TYR A 13 16.51 -2.13 16.49
CA TYR A 13 17.90 -2.62 16.35
C TYR A 13 17.90 -4.09 16.77
N ALA A 14 18.39 -4.95 15.92
CA ALA A 14 18.37 -6.43 16.21
C ALA A 14 18.69 -6.79 17.66
N LYS A 15 17.75 -7.40 18.34
CA LYS A 15 17.99 -7.82 19.76
C LYS A 15 19.01 -8.97 19.79
N SER A 16 19.17 -9.64 18.67
CA SER A 16 20.16 -10.76 18.59
C SER A 16 20.65 -10.87 17.14
N GLY A 17 21.57 -11.77 16.87
CA GLY A 17 22.08 -11.91 15.48
C GLY A 17 21.64 -13.26 14.92
N ARG A 18 20.64 -13.86 15.51
CA ARG A 18 20.17 -15.21 15.04
C ARG A 18 19.01 -15.11 14.06
N ALA A 19 18.34 -13.99 13.97
CA ALA A 19 17.20 -13.88 12.99
C ALA A 19 17.71 -13.95 11.54
N SER A 20 16.98 -14.61 10.69
CA SER A 20 17.38 -14.75 9.28
C SER A 20 16.44 -13.92 8.41
N CYS A 21 17.00 -13.19 7.50
CA CYS A 21 16.17 -12.33 6.59
C CYS A 21 15.23 -13.20 5.74
N LYS A 22 13.96 -12.89 5.75
CA LYS A 22 12.97 -13.67 4.97
C LYS A 22 13.13 -13.46 3.44
N LYS A 23 13.99 -12.54 3.03
CA LYS A 23 14.18 -12.27 1.58
C LYS A 23 15.47 -12.91 1.04
N CYS A 24 16.60 -12.55 1.60
CA CYS A 24 17.91 -13.12 1.11
C CYS A 24 18.42 -14.30 1.97
N SER A 25 17.74 -14.61 3.08
CA SER A 25 18.15 -15.76 3.99
C SER A 25 19.41 -15.50 4.82
N GLU A 26 20.14 -14.45 4.58
CA GLU A 26 21.37 -14.19 5.40
C GLU A 26 20.96 -13.77 6.82
N SER A 27 21.81 -13.98 7.79
CA SER A 27 21.46 -13.62 9.19
C SER A 27 21.45 -12.09 9.38
N ILE A 28 20.62 -11.63 10.27
CA ILE A 28 20.56 -10.18 10.55
C ILE A 28 21.45 -9.92 11.79
N PRO A 29 22.51 -9.15 11.62
CA PRO A 29 23.47 -8.93 12.73
C PRO A 29 22.85 -8.16 13.91
N LYS A 30 23.21 -8.55 15.10
CA LYS A 30 22.67 -7.89 16.33
C LYS A 30 22.92 -6.38 16.29
N ASP A 31 21.97 -5.60 16.80
CA ASP A 31 22.10 -4.10 16.82
C ASP A 31 21.88 -3.46 15.44
N SER A 32 21.80 -4.25 14.39
CA SER A 32 21.60 -3.65 13.04
C SER A 32 20.13 -3.26 12.89
N LEU A 33 19.84 -2.31 12.03
CA LEU A 33 18.43 -1.88 11.85
C LEU A 33 17.69 -2.91 11.00
N ARG A 34 16.64 -3.49 11.54
CA ARG A 34 15.87 -4.51 10.79
C ARG A 34 14.38 -4.15 10.84
N MET A 35 13.62 -4.64 9.88
CA MET A 35 12.17 -4.34 9.86
C MET A 35 11.39 -5.64 9.68
N ALA A 36 10.17 -5.69 10.17
CA ALA A 36 9.39 -6.94 10.02
C ALA A 36 7.91 -6.66 9.81
N ILE A 37 7.24 -7.56 9.14
CA ILE A 37 5.76 -7.42 8.98
C ILE A 37 5.10 -8.30 10.04
N MET A 38 4.36 -7.71 10.94
CA MET A 38 3.74 -8.52 12.03
C MET A 38 2.63 -9.43 11.49
N VAL A 39 2.51 -10.61 12.06
CA VAL A 39 1.45 -11.54 11.62
C VAL A 39 0.90 -12.30 12.84
N GLN A 40 -0.39 -12.44 12.92
CA GLN A 40 -1.00 -13.16 14.09
C GLN A 40 -0.79 -14.66 13.97
N SER A 41 -0.46 -15.31 15.05
CA SER A 41 -0.25 -16.79 15.00
C SER A 41 -1.50 -17.53 15.51
N PRO A 42 -1.94 -18.49 14.75
CA PRO A 42 -3.15 -19.26 15.14
C PRO A 42 -2.80 -20.37 16.14
N MET A 43 -1.54 -20.51 16.50
CA MET A 43 -1.15 -21.57 17.46
C MET A 43 -1.03 -21.00 18.89
N PHE A 44 -1.00 -19.70 19.01
CA PHE A 44 -0.88 -19.09 20.37
C PHE A 44 -1.13 -17.58 20.29
N ASP A 45 -1.66 -17.01 21.33
CA ASP A 45 -1.92 -15.53 21.33
C ASP A 45 -0.58 -14.78 21.21
N GLY A 46 -0.45 -13.95 20.22
CA GLY A 46 0.81 -13.20 20.04
C GLY A 46 1.13 -13.11 18.54
N LYS A 47 1.85 -12.11 18.13
CA LYS A 47 2.17 -11.97 16.67
C LYS A 47 3.62 -12.34 16.39
N VAL A 48 3.88 -13.09 15.33
CA VAL A 48 5.28 -13.45 15.00
C VAL A 48 5.81 -12.50 13.91
N PRO A 49 7.01 -12.03 14.10
CA PRO A 49 7.60 -11.06 13.17
C PRO A 49 8.41 -11.74 12.06
N HIS A 50 8.14 -11.38 10.83
CA HIS A 50 8.96 -11.91 9.71
C HIS A 50 10.03 -10.84 9.49
N TRP A 51 11.24 -11.07 9.98
CA TRP A 51 12.29 -10.02 9.89
C TRP A 51 13.03 -9.99 8.55
N TYR A 52 13.54 -8.83 8.25
CA TYR A 52 14.30 -8.62 6.98
C TYR A 52 15.38 -7.55 7.23
N HIS A 53 16.48 -7.59 6.53
CA HIS A 53 17.48 -6.50 6.68
C HIS A 53 16.77 -5.24 6.20
N PHE A 54 17.15 -4.07 6.65
CA PHE A 54 16.43 -2.81 6.22
C PHE A 54 16.17 -2.76 4.70
N SER A 55 17.19 -2.96 3.89
CA SER A 55 17.00 -2.91 2.40
C SER A 55 16.11 -4.05 1.88
N CYS A 56 16.35 -5.26 2.31
CA CYS A 56 15.54 -6.42 1.81
C CYS A 56 14.02 -6.21 2.03
N PHE A 57 13.67 -5.61 3.13
CA PHE A 57 12.21 -5.39 3.44
C PHE A 57 11.45 -4.70 2.28
N TRP A 58 12.09 -3.78 1.57
CA TRP A 58 11.38 -3.06 0.48
C TRP A 58 11.45 -3.82 -0.85
N LYS A 59 12.36 -4.74 -0.98
CA LYS A 59 12.49 -5.49 -2.27
C LYS A 59 11.50 -6.65 -2.37
N VAL A 60 10.68 -6.85 -1.37
CA VAL A 60 9.69 -7.97 -1.41
C VAL A 60 8.30 -7.48 -1.83
N GLY A 61 8.02 -6.22 -1.60
CA GLY A 61 6.69 -5.68 -1.99
C GLY A 61 6.08 -4.94 -0.79
N HIS A 62 6.68 -5.03 0.36
CA HIS A 62 6.13 -4.31 1.56
C HIS A 62 6.15 -2.80 1.29
N SER A 63 5.11 -2.10 1.65
CA SER A 63 5.08 -0.64 1.39
C SER A 63 4.54 0.14 2.60
N ILE A 64 5.08 1.30 2.84
CA ILE A 64 4.60 2.12 3.99
C ILE A 64 4.60 3.61 3.61
N ARG A 65 3.46 4.24 3.66
CA ARG A 65 3.42 5.70 3.30
C ARG A 65 3.74 6.55 4.53
N HIS A 66 3.23 6.20 5.67
CA HIS A 66 3.53 6.97 6.93
C HIS A 66 4.13 6.05 7.99
N PRO A 67 5.45 6.02 8.04
CA PRO A 67 6.16 5.15 9.03
C PRO A 67 5.80 5.50 10.50
N ASP A 68 5.84 6.77 10.87
CA ASP A 68 5.51 7.17 12.26
C ASP A 68 4.21 6.51 12.81
N VAL A 69 3.20 6.33 11.98
CA VAL A 69 1.91 5.74 12.48
C VAL A 69 1.74 4.25 12.10
N GLU A 70 2.39 3.78 11.05
CA GLU A 70 2.20 2.36 10.62
C GLU A 70 3.30 1.41 11.15
N VAL A 71 4.41 1.93 11.59
CA VAL A 71 5.50 1.02 12.07
C VAL A 71 5.79 1.21 13.57
N ASP A 72 5.54 0.17 14.34
CA ASP A 72 5.80 0.24 15.80
C ASP A 72 7.31 0.35 16.07
N GLY A 73 7.72 1.13 17.04
CA GLY A 73 9.19 1.26 17.35
C GLY A 73 9.84 2.37 16.52
N PHE A 74 9.12 2.93 15.58
CA PHE A 74 9.73 4.01 14.72
C PHE A 74 10.22 5.19 15.57
N SER A 75 9.38 5.69 16.44
CA SER A 75 9.78 6.86 17.29
C SER A 75 11.00 6.56 18.20
N GLU A 76 11.30 5.30 18.49
CA GLU A 76 12.46 5.01 19.36
C GLU A 76 13.77 4.83 18.55
N LEU A 77 13.71 4.90 17.23
CA LEU A 77 14.95 4.75 16.42
C LEU A 77 15.79 6.02 16.53
N ARG A 78 17.07 5.93 16.27
CA ARG A 78 17.91 7.16 16.30
C ARG A 78 17.42 8.11 15.20
N TRP A 79 17.61 9.39 15.38
CA TRP A 79 17.11 10.39 14.37
C TRP A 79 17.47 10.01 12.93
N ASP A 80 18.72 9.81 12.63
CA ASP A 80 19.12 9.45 11.23
C ASP A 80 18.35 8.23 10.71
N ASP A 81 18.18 7.22 11.53
CA ASP A 81 17.43 6.01 11.07
C ASP A 81 15.96 6.36 10.86
N GLN A 82 15.45 7.31 11.62
CA GLN A 82 14.03 7.73 11.43
C GLN A 82 13.89 8.43 10.08
N GLN A 83 14.91 9.17 9.69
CA GLN A 83 14.86 9.88 8.39
C GLN A 83 15.08 8.87 7.26
N LYS A 84 15.98 7.95 7.46
CA LYS A 84 16.24 6.91 6.41
C LYS A 84 14.96 6.12 6.14
N VAL A 85 14.28 5.69 7.17
CA VAL A 85 13.01 4.94 6.97
C VAL A 85 11.96 5.87 6.34
N LYS A 86 11.91 7.11 6.77
CA LYS A 86 10.91 8.06 6.22
C LYS A 86 11.17 8.30 4.73
N LYS A 87 12.40 8.49 4.35
CA LYS A 87 12.71 8.75 2.92
C LYS A 87 12.55 7.45 2.10
N THR A 88 13.04 6.35 2.61
CA THR A 88 12.89 5.06 1.87
C THR A 88 11.41 4.75 1.66
N ALA A 89 10.60 5.07 2.64
CA ALA A 89 9.13 4.81 2.51
C ALA A 89 8.59 5.66 1.37
N GLU A 90 8.97 6.91 1.31
CA GLU A 90 8.49 7.81 0.21
C GLU A 90 8.98 7.28 -1.15
N ALA A 91 10.25 7.02 -1.27
CA ALA A 91 10.78 6.51 -2.58
C ALA A 91 10.05 5.22 -2.98
N GLY A 92 10.13 4.87 -4.23
CA GLY A 92 9.45 3.62 -4.70
C GLY A 92 9.00 3.80 -6.15
N GLY A 93 8.52 2.76 -6.77
CA GLY A 93 8.07 2.85 -8.18
C GLY A 93 7.77 1.46 -8.72
N VAL A 94 6.96 1.37 -9.75
CA VAL A 94 6.64 0.04 -10.34
C VAL A 94 7.40 -0.17 -11.64
N THR A 95 7.08 0.58 -12.66
CA THR A 95 7.79 0.43 -13.97
C THR A 95 8.12 1.80 -14.56
N GLY A 96 9.30 1.95 -15.10
CA GLY A 96 9.68 3.26 -15.68
C GLY A 96 10.43 3.05 -17.00
N LYS A 97 11.36 2.13 -17.01
CA LYS A 97 12.14 1.86 -18.27
C LYS A 97 12.72 3.16 -18.84
N GLY A 98 13.80 3.63 -18.28
CA GLY A 98 14.41 4.89 -18.78
C GLY A 98 14.93 5.73 -17.60
N GLN A 99 15.05 7.02 -17.79
CA GLN A 99 15.55 7.89 -16.69
C GLN A 99 16.90 7.39 -16.17
N ASP A 100 17.52 8.13 -15.28
CA ASP A 100 18.84 7.70 -14.73
C ASP A 100 19.24 8.60 -13.56
N GLY A 101 18.76 8.30 -12.38
CA GLY A 101 19.12 9.13 -11.19
C GLY A 101 17.98 9.08 -10.17
N ILE A 102 17.27 10.16 -10.01
CA ILE A 102 16.14 10.18 -9.04
C ILE A 102 14.88 9.59 -9.67
N GLY A 103 14.00 9.04 -8.88
CA GLY A 103 12.75 8.45 -9.44
C GLY A 103 11.62 8.57 -8.41
N SER A 104 11.47 9.72 -7.80
CA SER A 104 10.40 9.90 -6.80
C SER A 104 10.25 11.39 -6.44
N LYS A 105 9.06 11.80 -6.08
CA LYS A 105 8.85 13.24 -5.74
C LYS A 105 7.54 13.41 -4.95
N ALA A 106 6.44 13.01 -5.53
CA ALA A 106 5.13 13.16 -4.82
C ALA A 106 4.50 11.78 -4.61
N GLU A 107 3.89 11.57 -3.48
CA GLU A 107 3.24 10.24 -3.20
C GLU A 107 1.73 10.37 -3.29
N LYS A 108 1.25 11.17 -4.22
CA LYS A 108 -0.23 11.34 -4.37
C LYS A 108 -0.89 10.00 -4.72
N THR A 109 -0.16 9.13 -5.37
CA THR A 109 -0.75 7.81 -5.75
C THR A 109 -1.12 7.01 -4.49
N LEU A 110 -2.36 6.59 -4.40
CA LEU A 110 -2.78 5.80 -3.20
C LEU A 110 -2.06 4.45 -3.17
N GLY A 111 -1.77 3.95 -2.00
CA GLY A 111 -1.07 2.64 -1.90
C GLY A 111 -2.06 1.52 -1.59
N ASP A 112 -3.30 1.85 -1.34
CA ASP A 112 -4.31 0.78 -1.01
C ASP A 112 -5.41 0.72 -2.10
N PHE A 113 -5.27 1.45 -3.17
CA PHE A 113 -6.31 1.41 -4.24
C PHE A 113 -5.65 1.21 -5.61
N ALA A 114 -6.16 0.32 -6.41
CA ALA A 114 -5.51 0.08 -7.74
C ALA A 114 -6.51 -0.14 -8.87
N ALA A 115 -6.05 0.07 -10.06
CA ALA A 115 -6.90 -0.13 -11.28
C ALA A 115 -6.07 -0.83 -12.35
N GLU A 116 -6.60 -1.87 -12.95
CA GLU A 116 -5.82 -2.60 -14.00
C GLU A 116 -6.76 -3.46 -14.83
N TYR A 117 -6.30 -3.93 -15.95
CA TYR A 117 -7.15 -4.82 -16.77
C TYR A 117 -7.07 -6.23 -16.16
N ALA A 118 -8.18 -6.91 -16.05
CA ALA A 118 -8.17 -8.27 -15.42
C ALA A 118 -7.10 -9.17 -16.05
N LYS A 119 -6.08 -9.53 -15.27
CA LYS A 119 -5.02 -10.42 -15.80
C LYS A 119 -5.59 -11.80 -16.13
N SER A 120 -6.75 -12.13 -15.61
CA SER A 120 -7.38 -13.45 -15.91
C SER A 120 -8.89 -13.34 -15.77
N ASN A 121 -9.60 -14.45 -15.77
CA ASN A 121 -11.08 -14.40 -15.65
C ASN A 121 -11.57 -15.18 -14.42
N ARG A 122 -10.69 -15.51 -13.50
CA ARG A 122 -11.13 -16.25 -12.28
C ARG A 122 -11.30 -15.30 -11.09
N SER A 123 -11.09 -14.01 -11.28
CA SER A 123 -11.28 -13.06 -10.14
C SER A 123 -12.78 -12.83 -9.97
N THR A 124 -13.20 -12.17 -8.93
CA THR A 124 -14.66 -11.96 -8.74
C THR A 124 -14.94 -10.60 -8.10
N CYS A 125 -15.84 -9.82 -8.69
CA CYS A 125 -16.19 -8.53 -8.08
C CYS A 125 -16.80 -8.76 -6.69
N LYS A 126 -16.20 -8.19 -5.67
CA LYS A 126 -16.72 -8.38 -4.28
C LYS A 126 -17.93 -7.47 -3.97
N GLY A 127 -18.61 -6.96 -4.98
CA GLY A 127 -19.78 -6.08 -4.75
C GLY A 127 -21.02 -6.82 -5.24
N CYS A 128 -20.92 -7.45 -6.39
CA CYS A 128 -22.08 -8.23 -6.92
C CYS A 128 -21.72 -9.73 -7.00
N MET A 129 -20.51 -10.12 -6.57
CA MET A 129 -20.09 -11.55 -6.63
C MET A 129 -20.10 -12.14 -8.05
N GLU A 130 -20.20 -11.32 -9.07
CA GLU A 130 -20.17 -11.86 -10.46
C GLU A 130 -18.72 -11.91 -10.92
N LYS A 131 -18.36 -12.90 -11.71
CA LYS A 131 -16.94 -13.03 -12.15
C LYS A 131 -16.54 -11.87 -13.08
N ILE A 132 -15.30 -11.44 -12.97
CA ILE A 132 -14.81 -10.38 -13.88
C ILE A 132 -14.12 -11.06 -15.07
N GLU A 133 -14.43 -10.66 -16.28
CA GLU A 133 -13.81 -11.32 -17.47
C GLU A 133 -12.39 -10.81 -17.70
N LYS A 134 -11.50 -11.68 -18.12
CA LYS A 134 -10.09 -11.24 -18.44
C LYS A 134 -10.08 -10.06 -19.42
N GLY A 135 -9.27 -9.05 -19.16
CA GLY A 135 -9.21 -7.88 -20.08
C GLY A 135 -10.12 -6.76 -19.55
N GLN A 136 -11.19 -7.11 -18.86
CA GLN A 136 -12.11 -6.06 -18.33
C GLN A 136 -11.43 -5.20 -17.27
N VAL A 137 -11.69 -3.92 -17.29
CA VAL A 137 -11.09 -3.00 -16.29
C VAL A 137 -11.68 -3.31 -14.90
N ARG A 138 -10.85 -3.41 -13.91
CA ARG A 138 -11.35 -3.70 -12.54
C ARG A 138 -10.64 -2.81 -11.53
N LEU A 139 -11.29 -2.51 -10.44
CA LEU A 139 -10.66 -1.65 -9.39
C LEU A 139 -10.53 -2.46 -8.10
N SER A 140 -9.70 -2.03 -7.18
CA SER A 140 -9.57 -2.83 -5.94
C SER A 140 -9.15 -2.01 -4.73
N LYS A 141 -9.63 -2.42 -3.58
CA LYS A 141 -9.25 -1.76 -2.30
C LYS A 141 -8.35 -2.72 -1.51
N LYS A 142 -7.07 -2.49 -1.54
CA LYS A 142 -6.12 -3.41 -0.82
C LYS A 142 -6.52 -3.57 0.65
N MET A 143 -6.43 -4.76 1.16
CA MET A 143 -6.76 -5.02 2.58
C MET A 143 -5.95 -6.22 3.09
N VAL A 144 -5.71 -6.31 4.36
CA VAL A 144 -4.92 -7.46 4.88
C VAL A 144 -5.83 -8.46 5.61
N ASP A 145 -5.58 -9.72 5.46
CA ASP A 145 -6.43 -10.75 6.14
C ASP A 145 -5.71 -11.26 7.39
N PRO A 146 -6.40 -11.21 8.51
CA PRO A 146 -5.79 -11.68 9.77
C PRO A 146 -5.57 -13.20 9.73
N GLU A 147 -6.27 -13.88 8.86
CA GLU A 147 -6.10 -15.35 8.74
C GLU A 147 -4.88 -15.67 7.87
N LYS A 148 -4.57 -14.82 6.94
CA LYS A 148 -3.39 -15.04 6.06
C LYS A 148 -2.48 -13.81 6.11
N PRO A 149 -1.79 -13.66 7.21
CA PRO A 149 -0.91 -12.49 7.39
C PRO A 149 0.36 -12.58 6.53
N GLN A 150 0.74 -13.76 6.12
CA GLN A 150 1.97 -13.88 5.28
C GLN A 150 1.73 -13.25 3.89
N LEU A 151 0.50 -13.04 3.52
CA LEU A 151 0.19 -12.42 2.20
C LEU A 151 0.31 -10.90 2.29
N GLY A 152 -0.23 -10.32 3.33
CA GLY A 152 -0.15 -8.84 3.49
C GLY A 152 -1.27 -8.17 2.69
N MET A 153 -1.01 -6.98 2.22
CA MET A 153 -2.03 -6.23 1.42
C MET A 153 -2.54 -7.06 0.23
N ILE A 154 -3.76 -7.49 0.28
CA ILE A 154 -4.32 -8.29 -0.86
C ILE A 154 -5.40 -7.46 -1.58
N ASP A 155 -5.47 -7.56 -2.88
CA ASP A 155 -6.48 -6.75 -3.62
C ASP A 155 -7.90 -7.34 -3.53
N ARG A 156 -8.85 -6.49 -3.21
CA ARG A 156 -10.28 -6.90 -3.19
C ARG A 156 -10.84 -6.29 -4.48
N TRP A 157 -11.07 -7.09 -5.49
CA TRP A 157 -11.51 -6.52 -6.79
C TRP A 157 -13.00 -6.20 -6.91
N TYR A 158 -13.30 -5.34 -7.83
CA TYR A 158 -14.70 -4.91 -8.08
C TYR A 158 -14.82 -4.36 -9.50
N HIS A 159 -16.01 -4.32 -10.03
CA HIS A 159 -16.20 -3.67 -11.35
C HIS A 159 -16.14 -2.17 -11.04
N PRO A 160 -15.69 -1.36 -11.95
CA PRO A 160 -15.60 0.10 -11.66
C PRO A 160 -16.96 0.64 -11.18
N GLY A 161 -18.03 0.26 -11.81
CA GLY A 161 -19.37 0.73 -11.35
C GLY A 161 -19.65 0.22 -9.93
N CYS A 162 -19.50 -1.07 -9.72
CA CYS A 162 -19.73 -1.64 -8.35
C CYS A 162 -18.82 -0.93 -7.32
N PHE A 163 -17.58 -0.66 -7.68
CA PHE A 163 -16.64 0.02 -6.74
C PHE A 163 -17.18 1.41 -6.38
N VAL A 164 -17.63 2.14 -7.37
CA VAL A 164 -18.14 3.51 -7.11
C VAL A 164 -19.37 3.44 -6.19
N LYS A 165 -20.23 2.46 -6.36
CA LYS A 165 -21.44 2.37 -5.49
C LYS A 165 -21.04 2.25 -4.01
N ASN A 166 -19.96 1.58 -3.73
CA ASN A 166 -19.49 1.40 -2.30
C ASN A 166 -18.26 2.28 -2.00
N ARG A 167 -18.11 3.40 -2.69
CA ARG A 167 -16.91 4.26 -2.45
C ARG A 167 -16.76 4.64 -0.96
N GLU A 168 -17.85 4.88 -0.31
CA GLU A 168 -17.78 5.28 1.15
C GLU A 168 -17.24 4.14 2.02
N GLU A 169 -17.89 3.00 1.98
CA GLU A 169 -17.44 1.85 2.82
C GLU A 169 -16.04 1.38 2.42
N LEU A 170 -15.67 1.57 1.18
CA LEU A 170 -14.32 1.12 0.73
C LEU A 170 -13.24 2.16 1.13
N GLY A 171 -13.62 3.23 1.78
CA GLY A 171 -12.62 4.24 2.22
C GLY A 171 -12.11 5.09 1.05
N PHE A 172 -12.87 5.18 -0.02
CA PHE A 172 -12.42 6.03 -1.18
C PHE A 172 -12.98 7.44 -1.01
N ARG A 173 -12.35 8.22 -0.19
CA ARG A 173 -12.84 9.62 0.09
C ARG A 173 -13.21 10.38 -1.20
N PRO A 174 -14.04 11.41 -1.06
CA PRO A 174 -14.49 12.20 -2.22
C PRO A 174 -13.38 13.11 -2.78
N GLU A 175 -12.32 13.32 -2.03
CA GLU A 175 -11.21 14.19 -2.54
C GLU A 175 -10.31 13.38 -3.49
N TYR A 176 -10.41 12.08 -3.45
CA TYR A 176 -9.57 11.23 -4.34
C TYR A 176 -10.14 11.22 -5.76
N SER A 177 -9.26 11.16 -6.74
CA SER A 177 -9.70 11.13 -8.16
C SER A 177 -9.18 9.85 -8.82
N ALA A 178 -9.70 9.51 -9.96
CA ALA A 178 -9.24 8.25 -10.65
C ALA A 178 -7.73 8.27 -10.90
N SER A 179 -7.16 9.43 -11.13
CA SER A 179 -5.69 9.52 -11.41
C SER A 179 -4.84 9.04 -10.23
N GLN A 180 -5.40 8.89 -9.06
CA GLN A 180 -4.60 8.45 -7.87
C GLN A 180 -4.57 6.92 -7.72
N LEU A 181 -5.33 6.20 -8.50
CA LEU A 181 -5.34 4.71 -8.37
C LEU A 181 -4.00 4.11 -8.81
N LYS A 182 -3.48 3.19 -8.05
CA LYS A 182 -2.18 2.55 -8.43
C LYS A 182 -2.37 1.76 -9.73
N GLY A 183 -1.64 2.12 -10.77
CA GLY A 183 -1.77 1.40 -12.08
C GLY A 183 -2.55 2.25 -13.11
N PHE A 184 -3.12 3.35 -12.67
CA PHE A 184 -3.91 4.22 -13.61
C PHE A 184 -3.11 4.56 -14.87
N SER A 185 -1.93 5.06 -14.71
CA SER A 185 -1.08 5.46 -15.88
C SER A 185 -0.96 4.37 -16.97
N LEU A 186 -1.12 3.11 -16.63
CA LEU A 186 -0.96 2.02 -17.66
C LEU A 186 -2.27 1.74 -18.44
N LEU A 187 -3.30 2.52 -18.22
CA LEU A 187 -4.58 2.27 -18.93
C LEU A 187 -4.67 3.10 -20.21
N ALA A 188 -5.33 2.59 -21.22
CA ALA A 188 -5.48 3.35 -22.48
C ALA A 188 -6.22 4.66 -22.20
N THR A 189 -5.95 5.69 -22.96
CA THR A 189 -6.64 7.02 -22.73
C THR A 189 -8.16 6.85 -22.55
N GLU A 190 -8.79 6.09 -23.40
CA GLU A 190 -10.28 5.87 -23.29
C GLU A 190 -10.64 5.35 -21.89
N ASP A 191 -9.95 4.33 -21.45
CA ASP A 191 -10.25 3.75 -20.10
C ASP A 191 -9.98 4.78 -18.99
N LYS A 192 -8.93 5.57 -19.13
CA LYS A 192 -8.62 6.60 -18.09
C LYS A 192 -9.73 7.64 -18.02
N GLU A 193 -10.25 8.05 -19.15
CA GLU A 193 -11.33 9.08 -19.15
C GLU A 193 -12.58 8.53 -18.47
N ALA A 194 -12.97 7.32 -18.77
CA ALA A 194 -14.18 6.71 -18.14
C ALA A 194 -14.05 6.75 -16.61
N LEU A 195 -12.88 6.45 -16.10
CA LEU A 195 -12.68 6.45 -14.62
C LEU A 195 -12.75 7.87 -14.08
N LYS A 196 -11.95 8.78 -14.63
CA LYS A 196 -11.99 10.20 -14.15
C LYS A 196 -13.44 10.72 -14.16
N LYS A 197 -14.24 10.20 -15.04
CA LYS A 197 -15.66 10.63 -15.14
C LYS A 197 -16.45 10.20 -13.89
N GLN A 198 -16.27 8.98 -13.44
CA GLN A 198 -17.03 8.50 -12.24
C GLN A 198 -16.32 8.90 -10.94
N LEU A 199 -15.02 9.04 -10.97
CA LEU A 199 -14.28 9.46 -9.75
C LEU A 199 -13.54 10.76 -10.06
N PRO A 200 -14.27 11.85 -10.05
CA PRO A 200 -13.68 13.18 -10.38
C PRO A 200 -12.77 13.69 -9.27
N GLY A 201 -13.17 13.54 -8.04
CA GLY A 201 -12.33 14.03 -6.91
C GLY A 201 -12.51 15.54 -6.76
N VAL A 202 -13.49 15.96 -6.00
CA VAL A 202 -13.72 17.42 -5.81
C VAL A 202 -13.29 17.86 -4.41
N LYS A 203 -12.81 19.06 -4.27
CA LYS A 203 -12.37 19.54 -2.93
C LYS A 203 -13.55 20.15 -2.17
N SER A 204 -14.36 19.33 -1.54
CA SER A 204 -15.53 19.86 -0.79
C SER A 204 -15.43 19.47 0.69
N GLU A 205 -16.45 19.74 1.46
CA GLU A 205 -16.41 19.40 2.91
C GLU A 205 -17.83 19.21 3.45
N GLY A 206 -18.68 18.58 2.69
CA GLY A 206 -20.09 18.36 3.15
C GLY A 206 -21.02 19.33 2.44
N LYS A 207 -22.29 19.29 2.75
CA LYS A 207 -23.25 20.22 2.08
C LYS A 207 -23.78 21.24 3.09
N ARG A 208 -24.52 20.78 4.08
CA ARG A 208 -25.07 21.72 5.09
C ARG A 208 -25.66 20.94 6.27
N LYS A 209 -25.09 19.81 6.58
CA LYS A 209 -25.62 19.01 7.72
C LYS A 209 -25.49 19.79 9.03
N GLY A 210 -24.52 20.65 9.12
CA GLY A 210 -24.34 21.44 10.37
C GLY A 210 -22.88 21.89 10.49
N ASP A 211 -22.29 22.35 9.41
CA ASP A 211 -20.88 22.80 9.47
C ASP A 211 -20.77 24.15 10.17
N GLU A 212 -19.57 24.64 10.39
CA GLU A 212 -19.41 25.96 11.08
C GLU A 212 -17.97 26.45 10.93
N VAL A 213 -17.02 25.57 11.07
CA VAL A 213 -15.58 25.98 10.94
C VAL A 213 -15.07 25.66 9.54
N ASP A 214 -15.60 24.65 8.91
CA ASP A 214 -15.14 24.29 7.54
C ASP A 214 -16.27 24.49 6.54
ZN ZN C . 18.33 -9.68 3.72
ZN ZN D . -19.62 -6.12 -9.84
N MET A 1 -3.81 -6.67 31.16
CA MET A 1 -4.71 -7.63 30.46
C MET A 1 -5.61 -6.87 29.46
N ALA A 2 -5.02 -6.05 28.64
CA ALA A 2 -5.84 -5.28 27.64
C ALA A 2 -5.28 -5.49 26.24
N GLU A 3 -4.04 -5.13 26.02
CA GLU A 3 -3.44 -5.30 24.66
C GLU A 3 -1.91 -5.16 24.74
N SER A 4 -1.24 -5.29 23.63
CA SER A 4 0.24 -5.18 23.63
C SER A 4 0.71 -4.35 22.43
N SER A 5 0.26 -4.71 21.26
CA SER A 5 0.68 -3.95 20.03
C SER A 5 -0.23 -4.32 18.85
N ASP A 6 -1.28 -3.58 18.64
CA ASP A 6 -2.21 -3.88 17.51
C ASP A 6 -1.62 -3.38 16.19
N LYS A 7 -0.54 -2.64 16.24
CA LYS A 7 0.07 -2.12 14.98
C LYS A 7 0.45 -3.30 14.07
N LEU A 8 0.46 -3.09 12.78
CA LEU A 8 0.80 -4.21 11.86
C LEU A 8 2.32 -4.31 11.65
N TYR A 9 3.06 -3.27 11.95
CA TYR A 9 4.54 -3.36 11.73
C TYR A 9 5.32 -2.98 12.99
N ARG A 10 6.57 -3.39 13.05
CA ARG A 10 7.41 -3.06 14.22
C ARG A 10 8.83 -2.70 13.74
N VAL A 11 9.43 -1.73 14.37
CA VAL A 11 10.81 -1.34 13.99
C VAL A 11 11.64 -1.24 15.26
N GLU A 12 12.86 -1.70 15.24
CA GLU A 12 13.70 -1.64 16.47
C GLU A 12 15.13 -2.08 16.17
N TYR A 13 16.01 -1.85 17.11
CA TYR A 13 17.40 -2.30 16.93
C TYR A 13 17.45 -3.78 17.29
N ALA A 14 17.96 -4.60 16.40
CA ALA A 14 17.99 -6.09 16.64
C ALA A 14 18.34 -6.48 18.07
N LYS A 15 17.44 -7.15 18.74
CA LYS A 15 17.71 -7.61 20.14
C LYS A 15 18.76 -8.72 20.11
N SER A 16 18.93 -9.35 18.97
CA SER A 16 19.95 -10.43 18.82
C SER A 16 20.42 -10.48 17.36
N GLY A 17 21.35 -11.33 17.05
CA GLY A 17 21.85 -11.40 15.65
C GLY A 17 21.45 -12.76 15.05
N ARG A 18 20.47 -13.41 15.63
CA ARG A 18 20.04 -14.75 15.13
C ARG A 18 18.84 -14.66 14.16
N ALA A 19 18.15 -13.56 14.13
CA ALA A 19 16.99 -13.44 13.16
C ALA A 19 17.47 -13.45 11.71
N SER A 20 16.74 -14.10 10.84
CA SER A 20 17.13 -14.17 9.41
C SER A 20 16.15 -13.34 8.59
N CYS A 21 16.67 -12.55 7.70
CA CYS A 21 15.80 -11.69 6.84
C CYS A 21 14.88 -12.56 5.98
N LYS A 22 13.59 -12.29 6.01
CA LYS A 22 12.63 -13.10 5.20
C LYS A 22 12.75 -12.80 3.70
N LYS A 23 13.56 -11.83 3.31
CA LYS A 23 13.72 -11.51 1.86
C LYS A 23 15.02 -12.09 1.29
N CYS A 24 16.15 -11.72 1.85
CA CYS A 24 17.46 -12.24 1.30
C CYS A 24 18.02 -13.42 2.13
N SER A 25 17.38 -13.80 3.22
CA SER A 25 17.83 -14.97 4.06
C SER A 25 19.10 -14.70 4.89
N GLU A 26 19.80 -13.61 4.69
CA GLU A 26 21.03 -13.34 5.50
C GLU A 26 20.63 -12.98 6.94
N SER A 27 21.51 -13.21 7.88
CA SER A 27 21.17 -12.91 9.30
C SER A 27 21.12 -11.40 9.55
N ILE A 28 20.29 -10.99 10.47
CA ILE A 28 20.20 -9.54 10.81
C ILE A 28 21.09 -9.31 12.04
N PRO A 29 22.13 -8.51 11.88
CA PRO A 29 23.10 -8.29 12.99
C PRO A 29 22.47 -7.59 14.20
N LYS A 30 22.87 -8.01 15.38
CA LYS A 30 22.34 -7.41 16.64
C LYS A 30 22.53 -5.89 16.65
N ASP A 31 21.57 -5.16 17.20
CA ASP A 31 21.65 -3.66 17.28
C ASP A 31 21.39 -2.97 15.92
N SER A 32 21.33 -3.72 14.84
CA SER A 32 21.07 -3.09 13.51
C SER A 32 19.59 -2.73 13.41
N LEU A 33 19.26 -1.76 12.59
CA LEU A 33 17.84 -1.37 12.44
C LEU A 33 17.11 -2.40 11.57
N ARG A 34 16.10 -3.03 12.11
CA ARG A 34 15.34 -4.04 11.33
C ARG A 34 13.85 -3.74 11.42
N MET A 35 13.08 -4.20 10.46
CA MET A 35 11.62 -3.96 10.47
C MET A 35 10.87 -5.27 10.26
N ALA A 36 9.67 -5.37 10.76
CA ALA A 36 8.92 -6.64 10.58
C ALA A 36 7.43 -6.40 10.41
N ILE A 37 6.77 -7.29 9.71
CA ILE A 37 5.30 -7.19 9.56
C ILE A 37 4.65 -8.12 10.59
N MET A 38 3.98 -7.56 11.57
CA MET A 38 3.34 -8.39 12.64
C MET A 38 2.41 -9.46 12.05
N VAL A 39 2.24 -10.53 12.76
CA VAL A 39 1.35 -11.63 12.28
C VAL A 39 0.77 -12.39 13.48
N GLN A 40 -0.52 -12.57 13.53
CA GLN A 40 -1.12 -13.32 14.67
C GLN A 40 -0.91 -14.82 14.49
N SER A 41 -0.46 -15.50 15.51
CA SER A 41 -0.23 -16.96 15.39
C SER A 41 -1.45 -17.75 15.90
N PRO A 42 -1.86 -18.72 15.13
CA PRO A 42 -3.02 -19.55 15.52
C PRO A 42 -2.61 -20.67 16.49
N MET A 43 -1.34 -20.79 16.79
CA MET A 43 -0.87 -21.86 17.71
C MET A 43 -0.86 -21.36 19.16
N PHE A 44 -0.84 -20.07 19.36
CA PHE A 44 -0.83 -19.52 20.75
C PHE A 44 -1.06 -18.00 20.71
N ASP A 45 -1.56 -17.45 21.78
CA ASP A 45 -1.80 -15.97 21.81
C ASP A 45 -0.48 -15.22 21.68
N GLY A 46 -0.40 -14.29 20.76
CA GLY A 46 0.86 -13.51 20.57
C GLY A 46 1.10 -13.33 19.06
N LYS A 47 1.81 -12.30 18.70
CA LYS A 47 2.08 -12.07 17.25
C LYS A 47 3.52 -12.43 16.88
N VAL A 48 3.70 -13.09 15.76
CA VAL A 48 5.07 -13.47 15.32
C VAL A 48 5.58 -12.44 14.30
N PRO A 49 6.77 -11.94 14.51
CA PRO A 49 7.31 -10.93 13.60
C PRO A 49 8.11 -11.54 12.45
N HIS A 50 7.82 -11.13 11.24
CA HIS A 50 8.63 -11.60 10.10
C HIS A 50 9.68 -10.50 9.89
N TRP A 51 10.89 -10.70 10.37
CA TRP A 51 11.90 -9.62 10.29
C TRP A 51 12.62 -9.53 8.94
N TYR A 52 13.09 -8.35 8.67
CA TYR A 52 13.83 -8.06 7.40
C TYR A 52 14.87 -6.97 7.68
N HIS A 53 15.97 -6.94 6.95
CA HIS A 53 16.93 -5.82 7.12
C HIS A 53 16.18 -4.57 6.70
N PHE A 54 16.53 -3.41 7.19
CA PHE A 54 15.77 -2.16 6.82
C PHE A 54 15.49 -2.07 5.31
N SER A 55 16.49 -2.21 4.48
CA SER A 55 16.28 -2.11 2.99
C SER A 55 15.42 -3.26 2.43
N CYS A 56 15.69 -4.47 2.82
CA CYS A 56 14.90 -5.64 2.29
C CYS A 56 13.39 -5.47 2.55
N PHE A 57 13.03 -4.93 3.67
CA PHE A 57 11.57 -4.76 4.01
C PHE A 57 10.78 -4.07 2.89
N TRP A 58 11.37 -3.10 2.21
CA TRP A 58 10.63 -2.36 1.16
C TRP A 58 10.70 -3.06 -0.20
N LYS A 59 11.63 -3.96 -0.38
CA LYS A 59 11.76 -4.64 -1.70
C LYS A 59 10.80 -5.83 -1.83
N VAL A 60 10.01 -6.11 -0.82
CA VAL A 60 9.07 -7.26 -0.89
C VAL A 60 7.64 -6.80 -1.20
N GLY A 61 7.35 -5.54 -1.02
CA GLY A 61 5.97 -5.05 -1.30
C GLY A 61 5.39 -4.34 -0.07
N HIS A 62 6.00 -4.49 1.07
CA HIS A 62 5.47 -3.82 2.29
C HIS A 62 5.42 -2.30 2.06
N SER A 63 4.37 -1.66 2.50
CA SER A 63 4.28 -0.18 2.28
C SER A 63 3.74 0.53 3.53
N ILE A 64 4.24 1.71 3.80
CA ILE A 64 3.77 2.48 4.99
C ILE A 64 3.69 3.98 4.64
N ARG A 65 2.55 4.58 4.77
CA ARG A 65 2.42 6.03 4.45
C ARG A 65 2.76 6.86 5.68
N HIS A 66 2.29 6.45 6.82
CA HIS A 66 2.58 7.19 8.09
C HIS A 66 3.24 6.25 9.12
N PRO A 67 4.56 6.26 9.15
CA PRO A 67 5.30 5.36 10.09
C PRO A 67 4.97 5.66 11.56
N ASP A 68 4.98 6.92 11.98
CA ASP A 68 4.65 7.25 13.40
C ASP A 68 3.39 6.54 13.94
N VAL A 69 2.37 6.36 13.13
CA VAL A 69 1.11 5.70 13.63
C VAL A 69 0.98 4.23 13.19
N GLU A 70 1.63 3.82 12.11
CA GLU A 70 1.46 2.41 11.65
C GLU A 70 2.61 1.48 12.11
N VAL A 71 3.70 2.02 12.56
CA VAL A 71 4.84 1.13 12.98
C VAL A 71 5.14 1.26 14.48
N ASP A 72 4.94 0.19 15.22
CA ASP A 72 5.22 0.22 16.68
C ASP A 72 6.74 0.35 16.92
N GLY A 73 7.14 1.11 17.92
CA GLY A 73 8.60 1.27 18.21
C GLY A 73 9.20 2.43 17.41
N PHE A 74 8.46 3.01 16.50
CA PHE A 74 9.01 4.14 15.68
C PHE A 74 9.48 5.30 16.56
N SER A 75 8.65 5.74 17.46
CA SER A 75 9.03 6.89 18.34
C SER A 75 10.26 6.60 19.21
N GLU A 76 10.61 5.34 19.46
CA GLU A 76 11.80 5.05 20.30
C GLU A 76 13.09 4.95 19.47
N LEU A 77 13.01 5.06 18.16
CA LEU A 77 14.24 4.98 17.32
C LEU A 77 15.04 6.26 17.46
N ARG A 78 16.31 6.23 17.16
CA ARG A 78 17.12 7.48 17.23
C ARG A 78 16.58 8.45 16.18
N TRP A 79 16.74 9.72 16.40
CA TRP A 79 16.19 10.75 15.44
C TRP A 79 16.53 10.43 13.97
N ASP A 80 17.79 10.27 13.66
CA ASP A 80 18.18 9.99 12.23
C ASP A 80 17.43 8.76 11.68
N ASP A 81 17.30 7.72 12.47
CA ASP A 81 16.58 6.50 11.97
C ASP A 81 15.09 6.83 11.80
N GLN A 82 14.57 7.72 12.60
CA GLN A 82 13.13 8.10 12.45
C GLN A 82 12.96 8.85 11.13
N GLN A 83 13.94 9.63 10.76
CA GLN A 83 13.86 10.39 9.48
C GLN A 83 14.08 9.42 8.32
N LYS A 84 15.02 8.53 8.45
CA LYS A 84 15.28 7.52 7.37
C LYS A 84 14.02 6.71 7.08
N VAL A 85 13.37 6.23 8.12
CA VAL A 85 12.12 5.45 7.91
C VAL A 85 11.04 6.37 7.33
N LYS A 86 10.96 7.59 7.82
CA LYS A 86 9.92 8.53 7.31
C LYS A 86 10.15 8.83 5.83
N LYS A 87 11.37 9.07 5.44
CA LYS A 87 11.64 9.39 4.00
C LYS A 87 11.50 8.12 3.15
N THR A 88 12.03 7.01 3.60
CA THR A 88 11.92 5.75 2.82
C THR A 88 10.44 5.40 2.62
N ALA A 89 9.64 5.66 3.62
CA ALA A 89 8.19 5.36 3.50
C ALA A 89 7.58 6.23 2.41
N GLU A 90 7.92 7.51 2.40
CA GLU A 90 7.38 8.41 1.35
C GLU A 90 7.85 7.97 -0.03
N ALA A 91 9.13 7.74 -0.20
CA ALA A 91 9.64 7.31 -1.53
C ALA A 91 8.95 6.02 -1.98
N GLY A 92 8.64 5.91 -3.24
CA GLY A 92 7.97 4.68 -3.74
C GLY A 92 8.97 3.52 -3.79
N GLY A 93 9.82 3.50 -4.78
CA GLY A 93 10.83 2.41 -4.88
C GLY A 93 11.61 2.55 -6.19
N VAL A 94 12.91 2.68 -6.10
CA VAL A 94 13.74 2.82 -7.33
C VAL A 94 13.19 3.94 -8.23
N THR A 95 13.69 5.14 -8.07
CA THR A 95 13.19 6.28 -8.90
C THR A 95 14.36 7.17 -9.33
N GLY A 96 15.55 6.62 -9.40
CA GLY A 96 16.72 7.43 -9.81
C GLY A 96 16.95 8.56 -8.79
N LYS A 97 17.19 9.76 -9.26
CA LYS A 97 17.42 10.90 -8.32
C LYS A 97 17.01 12.22 -8.99
N GLY A 98 15.81 12.67 -8.77
CA GLY A 98 15.36 13.94 -9.39
C GLY A 98 14.26 13.66 -10.41
N GLN A 99 14.32 12.53 -11.06
CA GLN A 99 13.27 12.19 -12.07
C GLN A 99 12.16 11.35 -11.43
N ASP A 100 11.01 11.93 -11.24
CA ASP A 100 9.89 11.17 -10.61
C ASP A 100 8.76 10.96 -11.63
N GLY A 101 8.52 11.93 -12.46
CA GLY A 101 7.43 11.79 -13.47
C GLY A 101 7.48 12.98 -14.45
N ILE A 102 7.07 12.76 -15.67
CA ILE A 102 7.09 13.87 -16.67
C ILE A 102 5.87 14.78 -16.48
N GLY A 103 5.90 15.95 -17.05
CA GLY A 103 4.75 16.88 -16.91
C GLY A 103 4.81 17.56 -15.54
N SER A 104 3.84 17.32 -14.70
CA SER A 104 3.84 17.96 -13.34
C SER A 104 4.94 17.35 -12.47
N LYS A 105 5.19 17.92 -11.33
CA LYS A 105 6.26 17.39 -10.44
C LYS A 105 5.70 16.25 -9.58
N ALA A 106 6.55 15.57 -8.85
CA ALA A 106 6.07 14.44 -7.99
C ALA A 106 5.28 13.42 -8.82
N GLU A 107 4.82 12.37 -8.20
CA GLU A 107 4.05 11.35 -8.96
C GLU A 107 2.64 11.21 -8.38
N LYS A 108 2.50 11.34 -7.09
CA LYS A 108 1.15 11.23 -6.45
C LYS A 108 0.47 9.92 -6.88
N THR A 109 0.65 8.87 -6.12
CA THR A 109 0.02 7.56 -6.47
C THR A 109 -0.37 6.81 -5.20
N LEU A 110 -1.60 6.38 -5.10
CA LEU A 110 -2.05 5.63 -3.90
C LEU A 110 -1.33 4.28 -3.84
N GLY A 111 -1.07 3.79 -2.65
CA GLY A 111 -0.38 2.48 -2.52
C GLY A 111 -1.40 1.38 -2.19
N ASP A 112 -2.62 1.74 -1.91
CA ASP A 112 -3.65 0.70 -1.57
C ASP A 112 -4.77 0.66 -2.61
N PHE A 113 -4.63 1.39 -3.69
CA PHE A 113 -5.69 1.38 -4.76
C PHE A 113 -5.05 1.13 -6.12
N ALA A 114 -5.60 0.24 -6.90
CA ALA A 114 -4.97 -0.05 -8.23
C ALA A 114 -6.00 -0.26 -9.34
N ALA A 115 -5.56 -0.09 -10.55
CA ALA A 115 -6.45 -0.27 -11.74
C ALA A 115 -5.65 -1.01 -12.82
N GLU A 116 -6.22 -2.05 -13.39
CA GLU A 116 -5.48 -2.81 -14.44
C GLU A 116 -6.45 -3.67 -15.24
N TYR A 117 -6.02 -4.17 -16.36
CA TYR A 117 -6.92 -5.05 -17.16
C TYR A 117 -6.86 -6.44 -16.53
N ALA A 118 -7.98 -7.10 -16.37
CA ALA A 118 -7.99 -8.44 -15.72
C ALA A 118 -6.95 -9.39 -16.36
N LYS A 119 -5.93 -9.76 -15.59
CA LYS A 119 -4.90 -10.68 -16.13
C LYS A 119 -5.52 -12.04 -16.43
N SER A 120 -6.68 -12.34 -15.88
CA SER A 120 -7.34 -13.65 -16.15
C SER A 120 -8.85 -13.50 -15.98
N ASN A 121 -9.58 -14.60 -15.95
CA ASN A 121 -11.06 -14.51 -15.81
C ASN A 121 -11.55 -15.24 -14.55
N ARG A 122 -10.66 -15.59 -13.65
CA ARG A 122 -11.10 -16.30 -12.41
C ARG A 122 -11.22 -15.32 -11.23
N SER A 123 -10.98 -14.05 -11.44
CA SER A 123 -11.13 -13.07 -10.32
C SER A 123 -12.62 -12.80 -10.12
N THR A 124 -13.00 -12.10 -9.08
CA THR A 124 -14.45 -11.86 -8.87
C THR A 124 -14.68 -10.49 -8.25
N CYS A 125 -15.57 -9.71 -8.83
CA CYS A 125 -15.87 -8.38 -8.24
C CYS A 125 -16.46 -8.58 -6.84
N LYS A 126 -15.83 -8.01 -5.83
CA LYS A 126 -16.33 -8.16 -4.43
C LYS A 126 -17.51 -7.22 -4.11
N GLY A 127 -18.19 -6.70 -5.12
CA GLY A 127 -19.33 -5.78 -4.87
C GLY A 127 -20.60 -6.50 -5.33
N CYS A 128 -20.54 -7.16 -6.47
CA CYS A 128 -21.73 -7.91 -6.97
C CYS A 128 -21.40 -9.43 -7.04
N MET A 129 -20.21 -9.84 -6.62
CA MET A 129 -19.81 -11.28 -6.66
C MET A 129 -19.86 -11.90 -8.08
N GLU A 130 -19.97 -11.09 -9.11
CA GLU A 130 -19.99 -11.65 -10.48
C GLU A 130 -18.54 -11.74 -10.98
N LYS A 131 -18.23 -12.76 -11.75
CA LYS A 131 -16.83 -12.93 -12.23
C LYS A 131 -16.41 -11.79 -13.18
N ILE A 132 -15.16 -11.39 -13.11
CA ILE A 132 -14.65 -10.37 -14.03
C ILE A 132 -14.00 -11.08 -15.23
N GLU A 133 -14.33 -10.68 -16.43
CA GLU A 133 -13.74 -11.38 -17.62
C GLU A 133 -12.31 -10.90 -17.89
N LYS A 134 -11.46 -11.81 -18.30
CA LYS A 134 -10.05 -11.41 -18.66
C LYS A 134 -10.03 -10.24 -19.66
N GLY A 135 -9.19 -9.25 -19.44
CA GLY A 135 -9.13 -8.10 -20.38
C GLY A 135 -9.99 -6.94 -19.84
N GLN A 136 -11.05 -7.26 -19.13
CA GLN A 136 -11.95 -6.19 -18.60
C GLN A 136 -11.21 -5.32 -17.57
N VAL A 137 -11.45 -4.03 -17.60
CA VAL A 137 -10.80 -3.12 -16.63
C VAL A 137 -11.36 -3.39 -15.23
N ARG A 138 -10.52 -3.49 -14.25
CA ARG A 138 -11.00 -3.74 -12.87
C ARG A 138 -10.25 -2.86 -11.88
N LEU A 139 -10.87 -2.54 -10.78
CA LEU A 139 -10.20 -1.67 -9.75
C LEU A 139 -10.06 -2.46 -8.46
N SER A 140 -9.20 -2.04 -7.56
CA SER A 140 -9.07 -2.82 -6.30
C SER A 140 -8.61 -1.99 -5.12
N LYS A 141 -9.10 -2.36 -3.96
CA LYS A 141 -8.69 -1.68 -2.71
C LYS A 141 -7.81 -2.65 -1.91
N LYS A 142 -6.52 -2.48 -1.97
CA LYS A 142 -5.60 -3.40 -1.25
C LYS A 142 -5.98 -3.54 0.23
N MET A 143 -5.90 -4.73 0.75
CA MET A 143 -6.25 -4.96 2.18
C MET A 143 -5.49 -6.19 2.70
N VAL A 144 -5.15 -6.22 3.95
CA VAL A 144 -4.40 -7.40 4.48
C VAL A 144 -5.36 -8.34 5.23
N ASP A 145 -5.13 -9.62 5.13
CA ASP A 145 -6.01 -10.59 5.83
C ASP A 145 -5.28 -11.12 7.07
N PRO A 146 -5.92 -11.03 8.21
CA PRO A 146 -5.29 -11.50 9.47
C PRO A 146 -5.13 -13.02 9.43
N GLU A 147 -5.86 -13.70 8.58
CA GLU A 147 -5.75 -15.18 8.49
C GLU A 147 -4.56 -15.55 7.57
N LYS A 148 -4.23 -14.68 6.66
CA LYS A 148 -3.09 -14.96 5.73
C LYS A 148 -2.12 -13.77 5.75
N PRO A 149 -1.42 -13.63 6.84
CA PRO A 149 -0.46 -12.50 7.00
C PRO A 149 0.76 -12.66 6.08
N GLN A 150 1.13 -13.86 5.73
CA GLN A 150 2.31 -14.05 4.83
C GLN A 150 2.05 -13.40 3.46
N LEU A 151 0.81 -13.18 3.12
CA LEU A 151 0.48 -12.55 1.80
C LEU A 151 0.69 -11.03 1.86
N GLY A 152 0.18 -10.39 2.88
CA GLY A 152 0.35 -8.92 3.00
C GLY A 152 -0.82 -8.21 2.30
N MET A 153 -0.55 -7.06 1.73
CA MET A 153 -1.63 -6.30 1.03
C MET A 153 -2.15 -7.08 -0.18
N ILE A 154 -3.34 -7.60 -0.10
CA ILE A 154 -3.90 -8.36 -1.24
C ILE A 154 -4.96 -7.52 -1.95
N ASP A 155 -5.04 -7.61 -3.25
CA ASP A 155 -6.04 -6.79 -3.99
C ASP A 155 -7.47 -7.33 -3.85
N ARG A 156 -8.38 -6.46 -3.54
CA ARG A 156 -9.83 -6.84 -3.49
C ARG A 156 -10.40 -6.24 -4.77
N TRP A 157 -10.68 -7.04 -5.76
CA TRP A 157 -11.12 -6.48 -7.08
C TRP A 157 -12.60 -6.13 -7.16
N TYR A 158 -12.90 -5.27 -8.10
CA TYR A 158 -14.29 -4.81 -8.32
C TYR A 158 -14.42 -4.27 -9.75
N HIS A 159 -15.63 -4.21 -10.26
CA HIS A 159 -15.82 -3.58 -11.59
C HIS A 159 -15.72 -2.08 -11.30
N PRO A 160 -15.27 -1.29 -12.24
CA PRO A 160 -15.13 0.18 -11.96
C PRO A 160 -16.47 0.75 -11.46
N GLY A 161 -17.57 0.39 -12.06
CA GLY A 161 -18.89 0.90 -11.60
C GLY A 161 -19.14 0.41 -10.17
N CYS A 162 -19.01 -0.87 -9.93
CA CYS A 162 -19.24 -1.41 -8.55
C CYS A 162 -18.30 -0.71 -7.54
N PHE A 163 -17.06 -0.49 -7.93
CA PHE A 163 -16.09 0.19 -7.03
C PHE A 163 -16.58 1.59 -6.68
N VAL A 164 -17.04 2.34 -7.67
CA VAL A 164 -17.50 3.71 -7.42
C VAL A 164 -18.71 3.69 -6.47
N LYS A 165 -19.59 2.74 -6.62
CA LYS A 165 -20.79 2.69 -5.72
C LYS A 165 -20.37 2.57 -4.25
N ASN A 166 -19.30 1.88 -3.98
CA ASN A 166 -18.81 1.73 -2.56
C ASN A 166 -17.56 2.57 -2.29
N ARG A 167 -17.38 3.67 -3.01
CA ARG A 167 -16.16 4.51 -2.79
C ARG A 167 -15.98 4.90 -1.32
N GLU A 168 -17.04 5.18 -0.65
CA GLU A 168 -16.93 5.59 0.80
C GLU A 168 -16.42 4.46 1.68
N GLU A 169 -17.09 3.34 1.66
CA GLU A 169 -16.65 2.19 2.52
C GLU A 169 -15.28 1.68 2.10
N LEU A 170 -14.93 1.84 0.85
CA LEU A 170 -13.59 1.35 0.38
C LEU A 170 -12.48 2.37 0.74
N GLY A 171 -12.82 3.46 1.39
CA GLY A 171 -11.78 4.45 1.79
C GLY A 171 -11.28 5.27 0.59
N PHE A 172 -12.05 5.36 -0.46
CA PHE A 172 -11.60 6.17 -1.64
C PHE A 172 -12.13 7.60 -1.49
N ARG A 173 -11.47 8.38 -0.68
CA ARG A 173 -11.91 9.81 -0.42
C ARG A 173 -12.29 10.55 -1.73
N PRO A 174 -13.09 11.59 -1.58
CA PRO A 174 -13.54 12.38 -2.75
C PRO A 174 -12.42 13.26 -3.33
N GLU A 175 -11.34 13.45 -2.61
CA GLU A 175 -10.22 14.28 -3.14
C GLU A 175 -9.36 13.44 -4.11
N TYR A 176 -9.49 12.13 -4.05
CA TYR A 176 -8.69 11.25 -4.95
C TYR A 176 -9.27 11.24 -6.35
N SER A 177 -8.43 11.15 -7.35
CA SER A 177 -8.89 11.10 -8.75
C SER A 177 -8.41 9.80 -9.40
N ALA A 178 -8.96 9.45 -10.52
CA ALA A 178 -8.55 8.17 -11.21
C ALA A 178 -7.05 8.14 -11.48
N SER A 179 -6.46 9.28 -11.74
CA SER A 179 -4.99 9.33 -12.06
C SER A 179 -4.12 8.85 -10.88
N GLN A 180 -4.67 8.74 -9.69
CA GLN A 180 -3.86 8.30 -8.51
C GLN A 180 -3.87 6.76 -8.34
N LEU A 181 -4.66 6.05 -9.10
CA LEU A 181 -4.71 4.57 -8.94
C LEU A 181 -3.39 3.92 -9.40
N LYS A 182 -2.87 3.01 -8.63
CA LYS A 182 -1.61 2.32 -9.02
C LYS A 182 -1.83 1.52 -10.31
N GLY A 183 -1.11 1.84 -11.37
CA GLY A 183 -1.29 1.11 -12.67
C GLY A 183 -2.07 1.97 -13.69
N PHE A 184 -2.59 3.09 -13.26
CA PHE A 184 -3.38 3.96 -14.19
C PHE A 184 -2.60 4.25 -15.49
N SER A 185 -1.40 4.73 -15.35
CA SER A 185 -0.57 5.10 -16.54
C SER A 185 -0.49 3.98 -17.61
N LEU A 186 -0.68 2.73 -17.25
CA LEU A 186 -0.58 1.63 -18.28
C LEU A 186 -1.90 1.37 -19.01
N LEU A 187 -2.90 2.17 -18.79
CA LEU A 187 -4.21 1.95 -19.47
C LEU A 187 -4.30 2.77 -20.76
N ALA A 188 -4.99 2.25 -21.75
CA ALA A 188 -5.14 2.99 -23.03
C ALA A 188 -5.85 4.33 -22.75
N THR A 189 -5.57 5.35 -23.53
CA THR A 189 -6.23 6.69 -23.31
C THR A 189 -7.74 6.56 -23.10
N GLU A 190 -8.40 5.80 -23.92
CA GLU A 190 -9.89 5.62 -23.78
C GLU A 190 -10.25 5.12 -22.37
N ASP A 191 -9.57 4.10 -21.92
CA ASP A 191 -9.85 3.55 -20.56
C ASP A 191 -9.54 4.59 -19.48
N LYS A 192 -8.47 5.35 -19.65
CA LYS A 192 -8.12 6.38 -18.63
C LYS A 192 -9.20 7.47 -18.55
N GLU A 193 -9.72 7.86 -19.68
CA GLU A 193 -10.79 8.92 -19.67
C GLU A 193 -12.04 8.42 -18.96
N ALA A 194 -12.45 7.21 -19.23
CA ALA A 194 -13.68 6.65 -18.57
C ALA A 194 -13.51 6.69 -17.05
N LEU A 195 -12.35 6.37 -16.56
CA LEU A 195 -12.12 6.39 -15.08
C LEU A 195 -12.13 7.83 -14.56
N LYS A 196 -11.33 8.70 -15.14
CA LYS A 196 -11.32 10.13 -14.68
C LYS A 196 -12.75 10.69 -14.67
N LYS A 197 -13.58 10.18 -15.53
CA LYS A 197 -15.01 10.64 -15.61
C LYS A 197 -15.78 10.25 -14.34
N GLN A 198 -15.61 9.05 -13.87
CA GLN A 198 -16.36 8.60 -12.65
C GLN A 198 -15.62 9.00 -11.37
N LEU A 199 -14.32 9.09 -11.42
CA LEU A 199 -13.55 9.53 -10.22
C LEU A 199 -12.77 10.80 -10.58
N PRO A 200 -13.48 11.91 -10.57
CA PRO A 200 -12.86 13.21 -10.95
C PRO A 200 -11.91 13.72 -9.86
N GLY A 201 -12.29 13.62 -8.62
CA GLY A 201 -11.42 14.10 -7.52
C GLY A 201 -11.54 15.62 -7.41
N VAL A 202 -12.08 16.11 -6.31
CA VAL A 202 -12.23 17.58 -6.14
C VAL A 202 -10.85 18.25 -6.05
N LYS A 203 -10.81 19.47 -5.59
CA LYS A 203 -9.49 20.17 -5.48
C LYS A 203 -9.38 20.88 -4.13
N SER A 204 -8.22 21.41 -3.83
CA SER A 204 -8.03 22.11 -2.52
C SER A 204 -7.63 23.57 -2.76
N GLU A 205 -7.39 24.31 -1.71
CA GLU A 205 -7.00 25.74 -1.86
C GLU A 205 -5.64 25.99 -1.20
N GLY A 206 -5.17 27.21 -1.24
CA GLY A 206 -3.86 27.53 -0.61
C GLY A 206 -2.74 27.34 -1.65
N LYS A 207 -1.55 27.07 -1.20
CA LYS A 207 -0.40 26.89 -2.15
C LYS A 207 -0.14 28.18 -2.94
N ARG A 208 1.09 28.61 -3.00
CA ARG A 208 1.43 29.85 -3.76
C ARG A 208 0.58 31.02 -3.25
N LYS A 209 0.86 32.21 -3.73
CA LYS A 209 0.08 33.40 -3.28
C LYS A 209 -0.09 34.39 -4.43
N GLY A 210 1.00 34.99 -4.87
CA GLY A 210 0.91 35.97 -6.00
C GLY A 210 1.32 37.34 -5.49
N ASP A 211 2.48 37.45 -4.88
CA ASP A 211 2.93 38.78 -4.36
C ASP A 211 3.94 39.40 -5.33
N GLU A 212 4.71 40.35 -4.86
CA GLU A 212 5.71 41.00 -5.75
C GLU A 212 7.12 40.50 -5.42
N VAL A 213 7.47 40.49 -4.16
CA VAL A 213 8.83 40.00 -3.78
C VAL A 213 8.71 38.77 -2.87
N ASP A 214 8.15 38.93 -1.71
CA ASP A 214 8.00 37.77 -0.77
C ASP A 214 6.97 38.09 0.31
ZN ZN C . 17.83 -8.88 4.03
ZN ZN D . -19.28 -5.92 -9.97
N MET A 1 3.34 -0.05 26.96
CA MET A 1 4.69 -0.70 27.05
C MET A 1 4.77 -1.87 26.07
N ALA A 2 4.04 -2.93 26.33
CA ALA A 2 4.08 -4.11 25.42
C ALA A 2 2.92 -5.07 25.75
N GLU A 3 1.79 -4.54 26.11
CA GLU A 3 0.63 -5.42 26.45
C GLU A 3 -0.47 -5.26 25.40
N SER A 4 -0.57 -4.10 24.80
CA SER A 4 -1.64 -3.87 23.78
C SER A 4 -1.00 -3.43 22.46
N SER A 5 -0.46 -4.36 21.70
CA SER A 5 0.17 -3.99 20.41
C SER A 5 -0.73 -4.43 19.24
N ASP A 6 -1.44 -3.50 18.66
CA ASP A 6 -2.33 -3.86 17.52
C ASP A 6 -1.76 -3.34 16.19
N LYS A 7 -0.70 -2.56 16.24
CA LYS A 7 -0.10 -2.05 14.98
C LYS A 7 0.31 -3.21 14.09
N LEU A 8 0.30 -3.02 12.79
CA LEU A 8 0.68 -4.15 11.88
C LEU A 8 2.20 -4.21 11.68
N TYR A 9 2.93 -3.16 11.97
CA TYR A 9 4.41 -3.24 11.76
C TYR A 9 5.20 -2.86 13.02
N ARG A 10 6.44 -3.27 13.07
CA ARG A 10 7.29 -2.95 14.24
C ARG A 10 8.70 -2.57 13.77
N VAL A 11 9.30 -1.61 14.39
CA VAL A 11 10.68 -1.20 14.03
C VAL A 11 11.51 -1.11 15.29
N GLU A 12 12.73 -1.57 15.27
CA GLU A 12 13.57 -1.51 16.49
C GLU A 12 14.99 -1.95 16.20
N TYR A 13 15.87 -1.72 17.13
CA TYR A 13 17.28 -2.16 16.94
C TYR A 13 17.33 -3.63 17.30
N ALA A 14 17.84 -4.45 16.41
CA ALA A 14 17.87 -5.94 16.63
C ALA A 14 18.23 -6.35 18.07
N LYS A 15 17.32 -7.02 18.73
CA LYS A 15 17.60 -7.48 20.13
C LYS A 15 18.67 -8.60 20.10
N SER A 16 18.83 -9.21 18.95
CA SER A 16 19.85 -10.29 18.80
C SER A 16 20.31 -10.33 17.34
N GLY A 17 21.26 -11.18 17.02
CA GLY A 17 21.76 -11.25 15.61
C GLY A 17 21.36 -12.59 15.00
N ARG A 18 20.38 -13.24 15.58
CA ARG A 18 19.95 -14.59 15.07
C ARG A 18 18.76 -14.49 14.11
N ALA A 19 18.06 -13.40 14.09
CA ALA A 19 16.90 -13.28 13.12
C ALA A 19 17.39 -13.27 11.67
N SER A 20 16.66 -13.93 10.80
CA SER A 20 17.04 -13.99 9.37
C SER A 20 16.06 -13.15 8.55
N CYS A 21 16.57 -12.36 7.67
CA CYS A 21 15.70 -11.50 6.81
C CYS A 21 14.78 -12.37 5.95
N LYS A 22 13.50 -12.10 5.99
CA LYS A 22 12.53 -12.91 5.17
C LYS A 22 12.65 -12.60 3.67
N LYS A 23 13.46 -11.64 3.29
CA LYS A 23 13.62 -11.30 1.84
C LYS A 23 14.92 -11.87 1.26
N CYS A 24 16.06 -11.50 1.81
CA CYS A 24 17.36 -12.01 1.26
C CYS A 24 17.92 -13.20 2.08
N SER A 25 17.29 -13.58 3.17
CA SER A 25 17.74 -14.76 4.01
C SER A 25 19.01 -14.49 4.85
N GLU A 26 19.71 -13.39 4.64
CA GLU A 26 20.93 -13.13 5.46
C GLU A 26 20.53 -12.78 6.89
N SER A 27 21.41 -13.00 7.85
CA SER A 27 21.08 -12.71 9.26
C SER A 27 21.02 -11.20 9.52
N ILE A 28 20.19 -10.80 10.44
CA ILE A 28 20.09 -9.36 10.78
C ILE A 28 20.99 -9.13 12.01
N PRO A 29 22.02 -8.32 11.86
CA PRO A 29 23.00 -8.11 12.97
C PRO A 29 22.37 -7.41 14.19
N LYS A 30 22.76 -7.84 15.36
CA LYS A 30 22.23 -7.25 16.63
C LYS A 30 22.41 -5.73 16.64
N ASP A 31 21.46 -5.00 17.20
CA ASP A 31 21.52 -3.50 17.28
C ASP A 31 21.26 -2.82 15.93
N SER A 32 21.20 -3.56 14.85
CA SER A 32 20.94 -2.91 13.53
C SER A 32 19.47 -2.56 13.42
N LEU A 33 19.13 -1.59 12.61
CA LEU A 33 17.71 -1.21 12.47
C LEU A 33 16.98 -2.22 11.59
N ARG A 34 15.96 -2.86 12.12
CA ARG A 34 15.21 -3.87 11.34
C ARG A 34 13.71 -3.58 11.43
N MET A 35 12.96 -4.04 10.47
CA MET A 35 11.49 -3.80 10.49
C MET A 35 10.75 -5.12 10.27
N ALA A 36 9.55 -5.23 10.77
CA ALA A 36 8.80 -6.50 10.58
C ALA A 36 7.32 -6.27 10.41
N ILE A 37 6.67 -7.16 9.71
CA ILE A 37 5.19 -7.06 9.55
C ILE A 37 4.55 -8.01 10.57
N MET A 38 3.90 -7.47 11.56
CA MET A 38 3.29 -8.34 12.64
C MET A 38 2.22 -9.29 12.08
N VAL A 39 2.15 -10.47 12.63
CA VAL A 39 1.13 -11.46 12.18
C VAL A 39 0.62 -12.26 13.39
N GLN A 40 -0.67 -12.50 13.44
CA GLN A 40 -1.23 -13.27 14.60
C GLN A 40 -0.99 -14.76 14.42
N SER A 41 -0.56 -15.43 15.46
CA SER A 41 -0.30 -16.90 15.34
C SER A 41 -1.51 -17.70 15.83
N PRO A 42 -1.92 -18.66 15.05
CA PRO A 42 -3.09 -19.49 15.42
C PRO A 42 -2.68 -20.61 16.40
N MET A 43 -1.41 -20.74 16.69
CA MET A 43 -0.96 -21.81 17.62
C MET A 43 -0.87 -21.29 19.05
N PHE A 44 -0.84 -19.99 19.23
CA PHE A 44 -0.74 -19.43 20.60
C PHE A 44 -1.06 -17.93 20.59
N ASP A 45 -1.57 -17.42 21.68
CA ASP A 45 -1.90 -15.96 21.73
C ASP A 45 -0.61 -15.15 21.64
N GLY A 46 -0.51 -14.29 20.66
CA GLY A 46 0.73 -13.47 20.50
C GLY A 46 0.98 -13.26 19.00
N LYS A 47 1.70 -12.24 18.65
CA LYS A 47 1.97 -11.98 17.20
C LYS A 47 3.42 -12.34 16.83
N VAL A 48 3.60 -13.00 15.71
CA VAL A 48 4.98 -13.37 15.28
C VAL A 48 5.48 -12.32 14.27
N PRO A 49 6.68 -11.83 14.48
CA PRO A 49 7.22 -10.80 13.58
C PRO A 49 8.02 -11.41 12.43
N HIS A 50 7.72 -11.00 11.23
CA HIS A 50 8.55 -11.46 10.07
C HIS A 50 9.58 -10.35 9.87
N TRP A 51 10.79 -10.55 10.34
CA TRP A 51 11.80 -9.46 10.27
C TRP A 51 12.52 -9.36 8.93
N TYR A 52 12.98 -8.17 8.66
CA TYR A 52 13.72 -7.88 7.39
C TYR A 52 14.76 -6.79 7.67
N HIS A 53 15.85 -6.76 6.94
CA HIS A 53 16.81 -5.63 7.12
C HIS A 53 16.05 -4.37 6.71
N PHE A 54 16.40 -3.22 7.21
CA PHE A 54 15.64 -1.98 6.84
C PHE A 54 15.35 -1.87 5.33
N SER A 55 16.35 -2.01 4.50
CA SER A 55 16.14 -1.89 3.02
C SER A 55 15.28 -3.04 2.45
N CYS A 56 15.56 -4.27 2.83
CA CYS A 56 14.77 -5.42 2.28
C CYS A 56 13.27 -5.27 2.56
N PHE A 57 12.90 -4.73 3.69
CA PHE A 57 11.45 -4.58 4.03
C PHE A 57 10.65 -3.87 2.91
N TRP A 58 11.24 -2.89 2.23
CA TRP A 58 10.49 -2.15 1.19
C TRP A 58 10.56 -2.85 -0.18
N LYS A 59 11.49 -3.74 -0.37
CA LYS A 59 11.63 -4.42 -1.69
C LYS A 59 10.67 -5.62 -1.82
N VAL A 60 9.89 -5.90 -0.81
CA VAL A 60 8.95 -7.06 -0.89
C VAL A 60 7.53 -6.60 -1.21
N GLY A 61 7.23 -5.35 -1.00
CA GLY A 61 5.85 -4.86 -1.30
C GLY A 61 5.25 -4.17 -0.06
N HIS A 62 5.88 -4.30 1.08
CA HIS A 62 5.34 -3.64 2.31
C HIS A 62 5.28 -2.12 2.09
N SER A 63 4.22 -1.49 2.52
CA SER A 63 4.12 -0.01 2.31
C SER A 63 3.60 0.68 3.58
N ILE A 64 4.08 1.87 3.82
CA ILE A 64 3.64 2.64 5.02
C ILE A 64 3.54 4.14 4.68
N ARG A 65 2.39 4.72 4.83
CA ARG A 65 2.23 6.17 4.52
C ARG A 65 2.58 7.00 5.75
N HIS A 66 2.12 6.58 6.90
CA HIS A 66 2.41 7.32 8.17
C HIS A 66 3.07 6.37 9.20
N PRO A 67 4.39 6.38 9.22
CA PRO A 67 5.15 5.50 10.16
C PRO A 67 4.81 5.78 11.64
N ASP A 68 4.81 7.03 12.06
CA ASP A 68 4.48 7.36 13.48
C ASP A 68 3.22 6.64 14.01
N VAL A 69 2.21 6.46 13.20
CA VAL A 69 0.95 5.79 13.70
C VAL A 69 0.82 4.32 13.25
N GLU A 70 1.47 3.92 12.18
CA GLU A 70 1.31 2.51 11.70
C GLU A 70 2.46 1.59 12.16
N VAL A 71 3.55 2.13 12.61
CA VAL A 71 4.68 1.24 13.03
C VAL A 71 4.99 1.37 14.53
N ASP A 72 4.80 0.29 15.26
CA ASP A 72 5.08 0.31 16.72
C ASP A 72 6.59 0.45 16.96
N GLY A 73 6.99 1.21 17.97
CA GLY A 73 8.45 1.36 18.25
C GLY A 73 9.06 2.54 17.46
N PHE A 74 8.30 3.12 16.55
CA PHE A 74 8.85 4.26 15.74
C PHE A 74 9.32 5.42 16.62
N SER A 75 8.49 5.84 17.53
CA SER A 75 8.87 7.00 18.41
C SER A 75 10.10 6.70 19.29
N GLU A 76 10.45 5.44 19.52
CA GLU A 76 11.64 5.16 20.36
C GLU A 76 12.94 5.05 19.53
N LEU A 77 12.85 5.18 18.22
CA LEU A 77 14.08 5.11 17.38
C LEU A 77 14.88 6.39 17.54
N ARG A 78 16.15 6.36 17.23
CA ARG A 78 16.95 7.61 17.31
C ARG A 78 16.41 8.60 16.26
N TRP A 79 16.57 9.87 16.48
CA TRP A 79 16.01 10.89 15.53
C TRP A 79 16.35 10.58 14.06
N ASP A 80 17.61 10.44 13.74
CA ASP A 80 18.00 10.16 12.32
C ASP A 80 17.26 8.93 11.76
N ASP A 81 17.13 7.89 12.54
CA ASP A 81 16.41 6.67 12.05
C ASP A 81 14.93 6.98 11.87
N GLN A 82 14.41 7.87 12.67
CA GLN A 82 12.96 8.25 12.53
C GLN A 82 12.78 9.00 11.22
N GLN A 83 13.77 9.80 10.85
CA GLN A 83 13.68 10.56 9.57
C GLN A 83 13.89 9.60 8.40
N LYS A 84 14.84 8.71 8.54
CA LYS A 84 15.11 7.71 7.45
C LYS A 84 13.85 6.90 7.16
N VAL A 85 13.20 6.41 8.18
CA VAL A 85 11.96 5.62 7.98
C VAL A 85 10.87 6.54 7.41
N LYS A 86 10.78 7.75 7.90
CA LYS A 86 9.73 8.69 7.39
C LYS A 86 9.96 9.00 5.91
N LYS A 87 11.19 9.24 5.52
CA LYS A 87 11.46 9.57 4.09
C LYS A 87 11.33 8.32 3.23
N THR A 88 11.86 7.21 3.67
CA THR A 88 11.75 5.95 2.88
C THR A 88 10.28 5.60 2.69
N ALA A 89 9.46 5.84 3.69
CA ALA A 89 8.01 5.53 3.58
C ALA A 89 7.41 6.42 2.48
N GLU A 90 7.74 7.68 2.48
CA GLU A 90 7.20 8.60 1.44
C GLU A 90 7.66 8.16 0.04
N ALA A 91 8.94 7.96 -0.12
CA ALA A 91 9.47 7.53 -1.45
C ALA A 91 8.79 6.23 -1.89
N GLY A 92 9.08 5.14 -1.23
CA GLY A 92 8.46 3.84 -1.61
C GLY A 92 9.48 2.98 -2.36
N GLY A 93 9.39 2.95 -3.66
CA GLY A 93 10.36 2.14 -4.46
C GLY A 93 9.75 1.80 -5.82
N VAL A 94 9.79 2.73 -6.75
CA VAL A 94 9.21 2.47 -8.09
C VAL A 94 10.25 2.79 -9.18
N THR A 95 9.85 2.72 -10.43
CA THR A 95 10.81 3.02 -11.53
C THR A 95 10.39 4.30 -12.26
N GLY A 96 11.35 5.05 -12.74
CA GLY A 96 11.01 6.32 -13.46
C GLY A 96 12.30 6.97 -13.96
N LYS A 97 12.27 7.53 -15.14
CA LYS A 97 13.48 8.18 -15.69
C LYS A 97 13.12 9.52 -16.33
N GLY A 98 13.59 10.61 -15.80
CA GLY A 98 13.27 11.94 -16.37
C GLY A 98 14.42 12.39 -17.29
N GLN A 99 14.28 13.54 -17.91
CA GLN A 99 15.35 14.04 -18.80
C GLN A 99 16.06 15.24 -18.17
N ASP A 100 15.33 16.23 -17.76
CA ASP A 100 15.95 17.43 -17.13
C ASP A 100 15.84 17.34 -15.60
N GLY A 101 16.46 18.25 -14.91
CA GLY A 101 16.40 18.23 -13.42
C GLY A 101 14.96 18.47 -12.96
N ILE A 102 14.34 17.49 -12.36
CA ILE A 102 12.93 17.66 -11.89
C ILE A 102 12.84 17.44 -10.38
N GLY A 103 11.69 17.64 -9.81
CA GLY A 103 11.54 17.44 -8.34
C GLY A 103 10.34 16.53 -8.07
N SER A 104 9.37 17.00 -7.35
CA SER A 104 8.17 16.16 -7.04
C SER A 104 6.90 16.86 -7.53
N LYS A 105 6.96 17.50 -8.67
CA LYS A 105 5.76 18.21 -9.20
C LYS A 105 4.92 17.24 -10.04
N ALA A 106 4.34 16.24 -9.42
CA ALA A 106 3.50 15.27 -10.18
C ALA A 106 2.44 14.65 -9.26
N GLU A 107 1.42 14.07 -9.83
CA GLU A 107 0.36 13.45 -8.99
C GLU A 107 0.92 12.24 -8.24
N LYS A 108 0.82 12.24 -6.94
CA LYS A 108 1.35 11.10 -6.14
C LYS A 108 0.65 9.80 -6.57
N THR A 109 0.90 8.72 -5.87
CA THR A 109 0.25 7.43 -6.24
C THR A 109 -0.15 6.66 -4.98
N LEU A 110 -1.39 6.26 -4.89
CA LEU A 110 -1.85 5.50 -3.68
C LEU A 110 -1.16 4.14 -3.63
N GLY A 111 -0.88 3.64 -2.45
CA GLY A 111 -0.21 2.33 -2.33
C GLY A 111 -1.24 1.22 -2.01
N ASP A 112 -2.47 1.59 -1.74
CA ASP A 112 -3.50 0.56 -1.41
C ASP A 112 -4.61 0.53 -2.47
N PHE A 113 -4.44 1.23 -3.56
CA PHE A 113 -5.49 1.23 -4.63
C PHE A 113 -4.83 0.98 -6.00
N ALA A 114 -5.39 0.09 -6.80
CA ALA A 114 -4.76 -0.20 -8.12
C ALA A 114 -5.79 -0.39 -9.24
N ALA A 115 -5.35 -0.21 -10.44
CA ALA A 115 -6.23 -0.37 -11.63
C ALA A 115 -5.44 -1.12 -12.71
N GLU A 116 -6.02 -2.15 -13.29
CA GLU A 116 -5.30 -2.91 -14.34
C GLU A 116 -6.27 -3.76 -15.15
N TYR A 117 -5.85 -4.25 -16.28
CA TYR A 117 -6.75 -5.11 -17.08
C TYR A 117 -6.71 -6.52 -16.45
N ALA A 118 -7.85 -7.15 -16.31
CA ALA A 118 -7.86 -8.51 -15.66
C ALA A 118 -6.83 -9.46 -16.31
N LYS A 119 -5.82 -9.85 -15.55
CA LYS A 119 -4.80 -10.78 -16.07
C LYS A 119 -5.44 -12.14 -16.40
N SER A 120 -6.59 -12.42 -15.85
CA SER A 120 -7.27 -13.72 -16.12
C SER A 120 -8.79 -13.56 -15.96
N ASN A 121 -9.52 -14.64 -15.94
CA ASN A 121 -11.00 -14.54 -15.79
C ASN A 121 -11.50 -15.28 -14.54
N ARG A 122 -10.61 -15.63 -13.63
CA ARG A 122 -11.06 -16.35 -12.40
C ARG A 122 -11.17 -15.39 -11.21
N SER A 123 -10.92 -14.11 -11.41
CA SER A 123 -11.05 -13.14 -10.30
C SER A 123 -12.54 -12.85 -10.10
N THR A 124 -12.91 -12.16 -9.06
CA THR A 124 -14.36 -11.90 -8.83
C THR A 124 -14.58 -10.52 -8.20
N CYS A 125 -15.45 -9.73 -8.78
CA CYS A 125 -15.75 -8.40 -8.19
C CYS A 125 -16.33 -8.60 -6.78
N LYS A 126 -15.70 -8.04 -5.77
CA LYS A 126 -16.20 -8.21 -4.38
C LYS A 126 -17.37 -7.25 -4.04
N GLY A 127 -18.05 -6.74 -5.05
CA GLY A 127 -19.18 -5.80 -4.81
C GLY A 127 -20.45 -6.50 -5.27
N CYS A 128 -20.40 -7.15 -6.41
CA CYS A 128 -21.59 -7.89 -6.92
C CYS A 128 -21.29 -9.41 -6.99
N MET A 129 -20.09 -9.83 -6.58
CA MET A 129 -19.72 -11.28 -6.63
C MET A 129 -19.78 -11.89 -8.04
N GLU A 130 -19.88 -11.07 -9.07
CA GLU A 130 -19.89 -11.62 -10.45
C GLU A 130 -18.45 -11.73 -10.95
N LYS A 131 -18.15 -12.74 -11.72
CA LYS A 131 -16.75 -12.92 -12.20
C LYS A 131 -16.32 -11.79 -13.14
N ILE A 132 -15.06 -11.39 -13.07
CA ILE A 132 -14.55 -10.36 -13.99
C ILE A 132 -13.90 -11.08 -15.19
N GLU A 133 -14.22 -10.68 -16.39
CA GLU A 133 -13.65 -11.37 -17.58
C GLU A 133 -12.21 -10.91 -17.84
N LYS A 134 -11.37 -11.82 -18.27
CA LYS A 134 -9.95 -11.43 -18.62
C LYS A 134 -9.92 -10.26 -19.61
N GLY A 135 -9.07 -9.29 -19.38
CA GLY A 135 -8.99 -8.12 -20.32
C GLY A 135 -9.85 -6.97 -19.78
N GLN A 136 -10.91 -7.27 -19.06
CA GLN A 136 -11.79 -6.19 -18.52
C GLN A 136 -11.05 -5.34 -17.50
N VAL A 137 -11.27 -4.04 -17.52
CA VAL A 137 -10.61 -3.15 -16.54
C VAL A 137 -11.18 -3.43 -15.14
N ARG A 138 -10.34 -3.54 -14.16
CA ARG A 138 -10.83 -3.80 -12.78
C ARG A 138 -10.06 -2.93 -11.79
N LEU A 139 -10.67 -2.60 -10.69
CA LEU A 139 -10.01 -1.75 -9.66
C LEU A 139 -9.87 -2.55 -8.37
N SER A 140 -9.02 -2.15 -7.46
CA SER A 140 -8.89 -2.94 -6.22
C SER A 140 -8.42 -2.12 -5.02
N LYS A 141 -8.92 -2.48 -3.87
CA LYS A 141 -8.52 -1.80 -2.61
C LYS A 141 -7.65 -2.78 -1.80
N LYS A 142 -6.36 -2.60 -1.85
CA LYS A 142 -5.43 -3.52 -1.12
C LYS A 142 -5.84 -3.68 0.34
N MET A 143 -5.78 -4.89 0.84
CA MET A 143 -6.14 -5.13 2.27
C MET A 143 -5.38 -6.35 2.79
N VAL A 144 -5.11 -6.40 4.06
CA VAL A 144 -4.35 -7.57 4.61
C VAL A 144 -5.31 -8.52 5.33
N ASP A 145 -5.07 -9.81 5.21
CA ASP A 145 -5.95 -10.80 5.89
C ASP A 145 -5.24 -11.32 7.15
N PRO A 146 -5.90 -11.23 8.27
CA PRO A 146 -5.29 -11.70 9.54
C PRO A 146 -5.15 -13.23 9.51
N GLU A 147 -5.87 -13.89 8.64
CA GLU A 147 -5.76 -15.37 8.54
C GLU A 147 -4.57 -15.75 7.66
N LYS A 148 -4.19 -14.89 6.77
CA LYS A 148 -3.03 -15.18 5.87
C LYS A 148 -2.07 -13.98 5.87
N PRO A 149 -1.39 -13.81 6.98
CA PRO A 149 -0.46 -12.66 7.10
C PRO A 149 0.80 -12.85 6.23
N GLN A 150 1.11 -14.05 5.84
CA GLN A 150 2.32 -14.25 4.98
C GLN A 150 2.10 -13.60 3.61
N LEU A 151 0.87 -13.36 3.23
CA LEU A 151 0.59 -12.73 1.91
C LEU A 151 0.80 -11.22 1.98
N GLY A 152 0.29 -10.58 3.00
CA GLY A 152 0.46 -9.10 3.12
C GLY A 152 -0.73 -8.38 2.49
N MET A 153 -0.49 -7.28 1.85
CA MET A 153 -1.61 -6.51 1.21
C MET A 153 -2.09 -7.24 -0.06
N ILE A 154 -3.25 -7.85 0.00
CA ILE A 154 -3.77 -8.56 -1.20
C ILE A 154 -4.82 -7.70 -1.89
N ASP A 155 -4.90 -7.78 -3.19
CA ASP A 155 -5.90 -6.95 -3.93
C ASP A 155 -7.34 -7.48 -3.79
N ARG A 156 -8.24 -6.60 -3.47
CA ARG A 156 -9.69 -6.96 -3.42
C ARG A 156 -10.25 -6.34 -4.70
N TRP A 157 -10.54 -7.15 -5.69
CA TRP A 157 -10.97 -6.56 -7.01
C TRP A 157 -12.45 -6.20 -7.09
N TYR A 158 -12.74 -5.33 -8.03
CA TYR A 158 -14.13 -4.85 -8.24
C TYR A 158 -14.25 -4.31 -9.67
N HIS A 159 -15.46 -4.23 -10.18
CA HIS A 159 -15.64 -3.59 -11.50
C HIS A 159 -15.52 -2.09 -11.21
N PRO A 160 -15.07 -1.30 -12.13
CA PRO A 160 -14.92 0.16 -11.85
C PRO A 160 -16.25 0.75 -11.34
N GLY A 161 -17.35 0.40 -11.96
CA GLY A 161 -18.66 0.93 -11.48
C GLY A 161 -18.92 0.43 -10.06
N CYS A 162 -18.81 -0.86 -9.83
CA CYS A 162 -19.04 -1.40 -8.45
C CYS A 162 -18.09 -0.71 -7.45
N PHE A 163 -16.85 -0.51 -7.82
CA PHE A 163 -15.87 0.16 -6.91
C PHE A 163 -16.35 1.57 -6.56
N VAL A 164 -16.79 2.31 -7.56
CA VAL A 164 -17.25 3.70 -7.29
C VAL A 164 -18.45 3.68 -6.35
N LYS A 165 -19.35 2.74 -6.49
CA LYS A 165 -20.56 2.69 -5.60
C LYS A 165 -20.13 2.57 -4.12
N ASN A 166 -19.06 1.86 -3.87
CA ASN A 166 -18.58 1.69 -2.45
C ASN A 166 -17.31 2.52 -2.17
N ARG A 167 -17.13 3.62 -2.87
CA ARG A 167 -15.89 4.45 -2.66
C ARG A 167 -15.71 4.82 -1.18
N GLU A 168 -16.77 5.12 -0.50
CA GLU A 168 -16.66 5.52 0.94
C GLU A 168 -16.15 4.38 1.82
N GLU A 169 -16.84 3.26 1.79
CA GLU A 169 -16.41 2.11 2.64
C GLU A 169 -15.04 1.58 2.22
N LEU A 170 -14.69 1.74 0.97
CA LEU A 170 -13.36 1.25 0.50
C LEU A 170 -12.24 2.25 0.87
N GLY A 171 -12.57 3.34 1.51
CA GLY A 171 -11.52 4.31 1.92
C GLY A 171 -11.01 5.14 0.73
N PHE A 172 -11.78 5.25 -0.32
CA PHE A 172 -11.32 6.05 -1.50
C PHE A 172 -11.84 7.49 -1.34
N ARG A 173 -11.16 8.27 -0.52
CA ARG A 173 -11.59 9.68 -0.25
C ARG A 173 -11.96 10.44 -1.55
N PRO A 174 -12.75 11.49 -1.40
CA PRO A 174 -13.19 12.29 -2.56
C PRO A 174 -12.06 13.15 -3.14
N GLU A 175 -10.98 13.33 -2.41
CA GLU A 175 -9.85 14.15 -2.95
C GLU A 175 -8.99 13.31 -3.91
N TYR A 176 -9.15 12.01 -3.86
CA TYR A 176 -8.35 11.13 -4.76
C TYR A 176 -8.94 11.12 -6.17
N SER A 177 -8.09 11.04 -7.16
CA SER A 177 -8.55 11.00 -8.57
C SER A 177 -8.08 9.70 -9.23
N ALA A 178 -8.65 9.36 -10.36
CA ALA A 178 -8.25 8.08 -11.05
C ALA A 178 -6.74 8.03 -11.32
N SER A 179 -6.13 9.17 -11.57
CA SER A 179 -4.67 9.20 -11.87
C SER A 179 -3.81 8.71 -10.71
N GLN A 180 -4.37 8.60 -9.53
CA GLN A 180 -3.55 8.14 -8.36
C GLN A 180 -3.58 6.60 -8.18
N LEU A 181 -4.37 5.91 -8.95
CA LEU A 181 -4.44 4.42 -8.80
C LEU A 181 -3.14 3.77 -9.27
N LYS A 182 -2.62 2.83 -8.50
CA LYS A 182 -1.36 2.13 -8.90
C LYS A 182 -1.59 1.35 -10.20
N GLY A 183 -0.88 1.68 -11.25
CA GLY A 183 -1.06 0.95 -12.55
C GLY A 183 -1.82 1.82 -13.57
N PHE A 184 -2.35 2.94 -13.13
CA PHE A 184 -3.12 3.84 -14.06
C PHE A 184 -2.34 4.13 -15.35
N SER A 185 -1.13 4.58 -15.21
CA SER A 185 -0.29 4.95 -16.39
C SER A 185 -0.23 3.85 -17.47
N LEU A 186 -0.44 2.60 -17.13
CA LEU A 186 -0.34 1.49 -18.16
C LEU A 186 -1.67 1.25 -18.89
N LEU A 187 -2.67 2.07 -18.67
CA LEU A 187 -3.97 1.86 -19.35
C LEU A 187 -4.04 2.69 -20.63
N ALA A 188 -4.75 2.19 -21.62
CA ALA A 188 -4.89 2.94 -22.90
C ALA A 188 -5.58 4.27 -22.61
N THR A 189 -5.30 5.30 -23.39
CA THR A 189 -5.93 6.65 -23.16
C THR A 189 -7.44 6.54 -22.94
N GLU A 190 -8.12 5.79 -23.78
CA GLU A 190 -9.61 5.62 -23.63
C GLU A 190 -9.97 5.12 -22.23
N ASP A 191 -9.31 4.08 -21.79
CA ASP A 191 -9.60 3.53 -20.43
C ASP A 191 -9.27 4.57 -19.34
N LYS A 192 -8.21 5.32 -19.51
CA LYS A 192 -7.83 6.33 -18.47
C LYS A 192 -8.90 7.43 -18.40
N GLU A 193 -9.43 7.84 -19.52
CA GLU A 193 -10.47 8.90 -19.52
C GLU A 193 -11.73 8.42 -18.79
N ALA A 194 -12.16 7.21 -19.08
CA ALA A 194 -13.39 6.66 -18.42
C ALA A 194 -13.23 6.69 -16.89
N LEU A 195 -12.06 6.36 -16.40
CA LEU A 195 -11.83 6.37 -14.93
C LEU A 195 -11.83 7.80 -14.40
N LYS A 196 -11.02 8.67 -14.97
CA LYS A 196 -11.00 10.10 -14.51
C LYS A 196 -12.42 10.66 -14.49
N LYS A 197 -13.26 10.17 -15.36
CA LYS A 197 -14.67 10.65 -15.43
C LYS A 197 -15.45 10.27 -14.17
N GLN A 198 -15.29 9.04 -13.71
CA GLN A 198 -16.05 8.60 -12.49
C GLN A 198 -15.30 8.99 -11.21
N LEU A 199 -14.00 9.07 -11.25
CA LEU A 199 -13.23 9.48 -10.05
C LEU A 199 -12.45 10.75 -10.41
N PRO A 200 -13.14 11.86 -10.42
CA PRO A 200 -12.51 13.16 -10.80
C PRO A 200 -11.59 13.68 -9.69
N GLY A 201 -11.98 13.53 -8.46
CA GLY A 201 -11.12 14.03 -7.35
C GLY A 201 -11.26 15.55 -7.24
N VAL A 202 -10.75 16.28 -8.20
CA VAL A 202 -10.85 17.77 -8.15
C VAL A 202 -12.24 18.21 -8.59
N LYS A 203 -12.64 19.41 -8.24
CA LYS A 203 -13.98 19.92 -8.64
C LYS A 203 -13.84 21.18 -9.49
N SER A 204 -14.40 21.19 -10.67
CA SER A 204 -14.30 22.40 -11.54
C SER A 204 -15.67 23.08 -11.64
N GLU A 205 -16.73 22.33 -11.53
CA GLU A 205 -18.09 22.93 -11.63
C GLU A 205 -19.01 22.33 -10.58
N GLY A 206 -20.30 22.45 -10.76
CA GLY A 206 -21.27 21.89 -9.78
C GLY A 206 -22.63 22.57 -9.94
N LYS A 207 -23.42 22.13 -10.88
CA LYS A 207 -24.75 22.75 -11.09
C LYS A 207 -25.75 21.71 -11.63
N ARG A 208 -25.37 21.00 -12.66
CA ARG A 208 -26.29 19.97 -13.22
C ARG A 208 -26.57 18.87 -12.18
N LYS A 209 -27.40 17.92 -12.51
CA LYS A 209 -27.71 16.83 -11.55
C LYS A 209 -27.87 15.50 -12.28
N GLY A 210 -26.86 14.68 -12.25
CA GLY A 210 -26.95 13.35 -12.94
C GLY A 210 -25.87 13.27 -14.02
N ASP A 211 -25.20 12.15 -14.12
CA ASP A 211 -24.12 11.99 -15.15
C ASP A 211 -23.11 13.12 -15.03
N GLU A 212 -22.93 13.65 -13.85
CA GLU A 212 -21.94 14.76 -13.67
C GLU A 212 -20.61 14.20 -13.14
N VAL A 213 -20.66 13.30 -12.20
CA VAL A 213 -19.41 12.73 -11.64
C VAL A 213 -19.57 11.22 -11.44
N ASP A 214 -20.13 10.53 -12.40
CA ASP A 214 -20.30 9.06 -12.25
C ASP A 214 -19.74 8.34 -13.47
ZN ZN C . 17.71 -8.66 4.02
ZN ZN D . -19.14 -5.90 -9.92
N MET A 1 -1.05 2.53 28.52
CA MET A 1 0.05 1.53 28.65
C MET A 1 -0.41 0.17 28.15
N ALA A 2 -1.04 0.12 27.01
CA ALA A 2 -1.52 -1.18 26.46
C ALA A 2 -0.33 -2.10 26.18
N GLU A 3 -0.26 -3.21 26.87
CA GLU A 3 0.87 -4.16 26.65
C GLU A 3 0.85 -4.68 25.21
N SER A 4 -0.20 -5.37 24.83
CA SER A 4 -0.28 -5.91 23.44
C SER A 4 -0.29 -4.75 22.43
N SER A 5 0.14 -5.01 21.23
CA SER A 5 0.15 -3.93 20.18
C SER A 5 -0.79 -4.29 19.04
N ASP A 6 -1.05 -3.38 18.15
CA ASP A 6 -1.95 -3.67 17.01
C ASP A 6 -1.34 -3.19 15.69
N LYS A 7 -0.26 -2.44 15.75
CA LYS A 7 0.38 -1.95 14.50
C LYS A 7 0.75 -3.14 13.60
N LEU A 8 0.80 -2.93 12.31
CA LEU A 8 1.14 -4.06 11.40
C LEU A 8 2.65 -4.18 11.21
N TYR A 9 3.41 -3.16 11.52
CA TYR A 9 4.89 -3.28 11.32
C TYR A 9 5.67 -2.89 12.59
N ARG A 10 6.91 -3.33 12.66
CA ARG A 10 7.75 -3.01 13.85
C ARG A 10 9.18 -2.68 13.38
N VAL A 11 9.78 -1.72 14.01
CA VAL A 11 11.17 -1.35 13.65
C VAL A 11 11.99 -1.25 14.93
N GLU A 12 13.20 -1.75 14.92
CA GLU A 12 14.02 -1.68 16.16
C GLU A 12 15.44 -2.15 15.89
N TYR A 13 16.31 -1.93 16.83
CA TYR A 13 17.70 -2.41 16.67
C TYR A 13 17.73 -3.89 17.05
N ALA A 14 18.23 -4.72 16.17
CA ALA A 14 18.22 -6.20 16.41
C ALA A 14 18.56 -6.60 17.86
N LYS A 15 17.63 -7.25 18.53
CA LYS A 15 17.88 -7.69 19.93
C LYS A 15 18.91 -8.83 19.92
N SER A 16 19.08 -9.47 18.79
CA SER A 16 20.08 -10.57 18.67
C SER A 16 20.57 -10.64 17.21
N GLY A 17 21.50 -11.51 16.91
CA GLY A 17 22.01 -11.60 15.51
C GLY A 17 21.59 -12.95 14.92
N ARG A 18 20.58 -13.58 15.50
CA ARG A 18 20.14 -14.92 15.00
C ARG A 18 18.96 -14.81 14.00
N ALA A 19 18.29 -13.70 13.97
CA ALA A 19 17.14 -13.56 12.99
C ALA A 19 17.64 -13.60 11.54
N SER A 20 16.91 -14.24 10.67
CA SER A 20 17.32 -14.32 9.24
C SER A 20 16.37 -13.48 8.41
N CYS A 21 16.91 -12.72 7.51
CA CYS A 21 16.07 -11.84 6.64
C CYS A 21 15.14 -12.70 5.77
N LYS A 22 13.86 -12.40 5.78
CA LYS A 22 12.89 -13.20 4.97
C LYS A 22 13.03 -12.91 3.47
N LYS A 23 13.87 -11.98 3.09
CA LYS A 23 14.05 -11.66 1.63
C LYS A 23 15.35 -12.27 1.08
N CYS A 24 16.49 -11.91 1.65
CA CYS A 24 17.78 -12.45 1.13
C CYS A 24 18.32 -13.65 1.96
N SER A 25 17.66 -14.00 3.05
CA SER A 25 18.08 -15.18 3.91
C SER A 25 19.34 -14.92 4.76
N GLU A 26 20.06 -13.85 4.55
CA GLU A 26 21.28 -13.60 5.38
C GLU A 26 20.87 -13.21 6.81
N SER A 27 21.73 -13.45 7.77
CA SER A 27 21.39 -13.13 9.18
C SER A 27 21.35 -11.62 9.41
N ILE A 28 20.52 -11.20 10.32
CA ILE A 28 20.45 -9.74 10.65
C ILE A 28 21.34 -9.52 11.89
N PRO A 29 22.39 -8.73 11.73
CA PRO A 29 23.35 -8.53 12.85
C PRO A 29 22.72 -7.80 14.05
N LYS A 30 23.09 -8.23 15.24
CA LYS A 30 22.56 -7.61 16.49
C LYS A 30 22.77 -6.09 16.49
N ASP A 31 21.82 -5.34 17.02
CA ASP A 31 21.92 -3.83 17.09
C ASP A 31 21.69 -3.16 15.72
N SER A 32 21.64 -3.91 14.65
CA SER A 32 21.41 -3.29 13.32
C SER A 32 19.94 -2.90 13.19
N LEU A 33 19.63 -1.94 12.37
CA LEU A 33 18.22 -1.52 12.19
C LEU A 33 17.48 -2.54 11.32
N ARG A 34 16.45 -3.15 11.85
CA ARG A 34 15.69 -4.15 11.06
C ARG A 34 14.19 -3.83 11.13
N MET A 35 13.44 -4.29 10.17
CA MET A 35 11.98 -4.00 10.16
C MET A 35 11.21 -5.31 9.94
N ALA A 36 10.00 -5.39 10.43
CA ALA A 36 9.23 -6.65 10.26
C ALA A 36 7.75 -6.39 10.05
N ILE A 37 7.09 -7.27 9.35
CA ILE A 37 5.62 -7.14 9.17
C ILE A 37 4.95 -8.08 10.19
N MET A 38 4.28 -7.53 11.17
CA MET A 38 3.65 -8.37 12.23
C MET A 38 2.57 -9.30 11.68
N VAL A 39 2.48 -10.47 12.23
CA VAL A 39 1.43 -11.45 11.79
C VAL A 39 0.88 -12.20 13.01
N GLN A 40 -0.41 -12.41 13.05
CA GLN A 40 -1.00 -13.14 14.21
C GLN A 40 -0.80 -14.65 14.06
N SER A 41 -0.38 -15.31 15.09
CA SER A 41 -0.16 -16.79 15.00
C SER A 41 -1.40 -17.55 15.49
N PRO A 42 -1.83 -18.52 14.72
CA PRO A 42 -3.02 -19.32 15.08
C PRO A 42 -2.65 -20.43 16.07
N MET A 43 -1.39 -20.59 16.38
CA MET A 43 -0.96 -21.66 17.33
C MET A 43 -0.87 -21.12 18.76
N PHE A 44 -0.83 -19.82 18.92
CA PHE A 44 -0.73 -19.24 20.29
C PHE A 44 -1.01 -17.74 20.26
N ASP A 45 -1.53 -17.20 21.33
CA ASP A 45 -1.82 -15.74 21.37
C ASP A 45 -0.51 -14.96 21.28
N GLY A 46 -0.38 -14.11 20.29
CA GLY A 46 0.87 -13.32 20.14
C GLY A 46 1.15 -13.13 18.65
N LYS A 47 1.90 -12.14 18.29
CA LYS A 47 2.19 -11.90 16.85
C LYS A 47 3.63 -12.30 16.50
N VAL A 48 3.83 -12.96 15.39
CA VAL A 48 5.20 -13.37 14.97
C VAL A 48 5.74 -12.34 13.96
N PRO A 49 6.93 -11.88 14.18
CA PRO A 49 7.51 -10.87 13.28
C PRO A 49 8.31 -11.51 12.14
N HIS A 50 8.05 -11.12 10.93
CA HIS A 50 8.87 -11.61 9.80
C HIS A 50 9.93 -10.52 9.60
N TRP A 51 11.13 -10.74 10.09
CA TRP A 51 12.16 -9.68 10.02
C TRP A 51 12.91 -9.60 8.68
N TYR A 52 13.39 -8.43 8.41
CA TYR A 52 14.16 -8.17 7.14
C TYR A 52 15.22 -7.10 7.42
N HIS A 53 16.32 -7.10 6.71
CA HIS A 53 17.30 -5.99 6.89
C HIS A 53 16.57 -4.72 6.45
N PHE A 54 16.94 -3.57 6.94
CA PHE A 54 16.21 -2.32 6.55
C PHE A 54 15.94 -2.23 5.03
N SER A 55 16.95 -2.39 4.22
CA SER A 55 16.76 -2.29 2.74
C SER A 55 15.89 -3.43 2.17
N CYS A 56 16.13 -4.65 2.57
CA CYS A 56 15.34 -5.81 2.03
C CYS A 56 13.83 -5.61 2.27
N PHE A 57 13.46 -5.05 3.39
CA PHE A 57 12.00 -4.85 3.71
C PHE A 57 11.23 -4.16 2.57
N TRP A 58 11.85 -3.21 1.88
CA TRP A 58 11.14 -2.46 0.83
C TRP A 58 11.21 -3.17 -0.53
N LYS A 59 12.13 -4.08 -0.69
CA LYS A 59 12.27 -4.78 -2.01
C LYS A 59 11.29 -5.96 -2.13
N VAL A 60 10.48 -6.20 -1.13
CA VAL A 60 9.51 -7.34 -1.20
C VAL A 60 8.10 -6.85 -1.58
N GLY A 61 7.82 -5.59 -1.36
CA GLY A 61 6.46 -5.08 -1.70
C GLY A 61 5.86 -4.38 -0.48
N HIS A 62 6.48 -4.50 0.68
CA HIS A 62 5.93 -3.82 1.89
C HIS A 62 5.91 -2.30 1.67
N SER A 63 4.87 -1.63 2.07
CA SER A 63 4.82 -0.16 1.86
C SER A 63 4.25 0.56 3.08
N ILE A 64 4.74 1.74 3.35
CA ILE A 64 4.24 2.53 4.52
C ILE A 64 4.25 4.02 4.18
N ARG A 65 3.11 4.65 4.26
CA ARG A 65 3.04 6.11 3.94
C ARG A 65 3.38 6.93 5.17
N HIS A 66 2.88 6.54 6.32
CA HIS A 66 3.18 7.28 7.58
C HIS A 66 3.80 6.34 8.62
N PRO A 67 5.11 6.31 8.67
CA PRO A 67 5.84 5.42 9.62
C PRO A 67 5.49 5.73 11.10
N ASP A 68 5.50 6.99 11.51
CA ASP A 68 5.17 7.34 12.92
C ASP A 68 3.89 6.66 13.44
N VAL A 69 2.89 6.49 12.61
CA VAL A 69 1.61 5.86 13.10
C VAL A 69 1.45 4.38 12.68
N GLU A 70 2.10 3.96 11.62
CA GLU A 70 1.93 2.54 11.15
C GLU A 70 3.04 1.60 11.64
N VAL A 71 4.15 2.12 12.10
CA VAL A 71 5.25 1.22 12.54
C VAL A 71 5.54 1.35 14.04
N ASP A 72 5.31 0.29 14.79
CA ASP A 72 5.58 0.32 16.25
C ASP A 72 7.09 0.43 16.51
N GLY A 73 7.49 1.19 17.51
CA GLY A 73 8.96 1.33 17.82
C GLY A 73 9.59 2.48 17.01
N PHE A 74 8.87 3.06 16.10
CA PHE A 74 9.44 4.17 15.27
C PHE A 74 9.93 5.33 16.15
N SER A 75 9.09 5.79 17.04
CA SER A 75 9.48 6.94 17.92
C SER A 75 10.70 6.64 18.81
N GLU A 76 11.02 5.37 19.07
CA GLU A 76 12.19 5.07 19.92
C GLU A 76 13.49 4.92 19.11
N LEU A 77 13.43 5.04 17.80
CA LEU A 77 14.66 4.93 16.98
C LEU A 77 15.49 6.20 17.13
N ARG A 78 16.77 6.14 16.84
CA ARG A 78 17.59 7.37 16.91
C ARG A 78 17.09 8.35 15.84
N TRP A 79 17.27 9.63 16.06
CA TRP A 79 16.75 10.65 15.08
C TRP A 79 17.10 10.31 13.62
N ASP A 80 18.36 10.13 13.32
CA ASP A 80 18.76 9.83 11.90
C ASP A 80 18.01 8.61 11.36
N ASP A 81 17.84 7.58 12.15
CA ASP A 81 17.11 6.37 11.65
C ASP A 81 15.63 6.71 11.46
N GLN A 82 15.12 7.63 12.24
CA GLN A 82 13.69 8.03 12.08
C GLN A 82 13.54 8.78 10.74
N GLN A 83 14.54 9.55 10.38
CA GLN A 83 14.49 10.29 9.09
C GLN A 83 14.70 9.31 7.94
N LYS A 84 15.62 8.40 8.11
CA LYS A 84 15.89 7.39 7.02
C LYS A 84 14.61 6.60 6.72
N VAL A 85 13.95 6.14 7.75
CA VAL A 85 12.69 5.37 7.54
C VAL A 85 11.62 6.30 6.94
N LYS A 86 11.56 7.53 7.41
CA LYS A 86 10.54 8.48 6.89
C LYS A 86 10.79 8.77 5.41
N LYS A 87 12.03 8.99 5.03
CA LYS A 87 12.32 9.28 3.60
C LYS A 87 12.17 8.02 2.75
N THR A 88 12.68 6.91 3.22
CA THR A 88 12.55 5.64 2.44
C THR A 88 11.08 5.31 2.23
N ALA A 89 10.26 5.59 3.22
CA ALA A 89 8.81 5.32 3.09
C ALA A 89 8.23 6.20 1.98
N GLU A 90 8.59 7.46 1.96
CA GLU A 90 8.07 8.38 0.91
C GLU A 90 8.55 7.91 -0.48
N ALA A 91 9.82 7.67 -0.63
CA ALA A 91 10.35 7.21 -1.94
C ALA A 91 9.64 5.93 -2.39
N GLY A 92 8.68 6.05 -3.26
CA GLY A 92 7.94 4.85 -3.74
C GLY A 92 8.93 3.85 -4.37
N GLY A 93 9.57 4.25 -5.43
CA GLY A 93 10.55 3.33 -6.10
C GLY A 93 11.94 3.96 -6.07
N VAL A 94 12.90 3.28 -5.51
CA VAL A 94 14.29 3.84 -5.46
C VAL A 94 15.13 3.31 -6.61
N THR A 95 14.51 3.09 -7.75
CA THR A 95 15.27 2.56 -8.93
C THR A 95 15.28 3.60 -10.05
N GLY A 96 15.24 4.86 -9.70
CA GLY A 96 15.24 5.92 -10.76
C GLY A 96 16.68 6.26 -11.15
N LYS A 97 17.13 7.45 -10.84
CA LYS A 97 18.53 7.83 -11.19
C LYS A 97 18.91 9.13 -10.46
N GLY A 98 18.77 9.15 -9.16
CA GLY A 98 19.13 10.38 -8.39
C GLY A 98 17.93 11.33 -8.35
N GLN A 99 18.08 12.45 -7.70
CA GLN A 99 16.94 13.43 -7.62
C GLN A 99 16.91 14.31 -8.87
N ASP A 100 15.77 14.49 -9.47
CA ASP A 100 15.67 15.35 -10.67
C ASP A 100 14.20 15.61 -11.02
N GLY A 101 13.36 14.62 -10.88
CA GLY A 101 11.91 14.81 -11.21
C GLY A 101 11.18 13.48 -11.05
N ILE A 102 11.81 12.40 -11.42
CA ILE A 102 11.14 11.07 -11.30
C ILE A 102 11.97 10.14 -10.41
N GLY A 103 12.84 10.68 -9.60
CA GLY A 103 13.69 9.83 -8.72
C GLY A 103 13.05 9.73 -7.34
N SER A 104 12.63 10.83 -6.79
CA SER A 104 11.99 10.81 -5.44
C SER A 104 10.47 10.88 -5.58
N LYS A 105 9.79 11.30 -4.55
CA LYS A 105 8.30 11.38 -4.63
C LYS A 105 7.88 12.57 -5.50
N ALA A 106 6.68 12.56 -6.01
CA ALA A 106 6.21 13.68 -6.87
C ALA A 106 4.68 13.64 -7.01
N GLU A 107 4.13 12.47 -7.20
CA GLU A 107 2.65 12.36 -7.35
C GLU A 107 2.04 11.76 -6.08
N LYS A 108 0.74 11.82 -5.96
CA LYS A 108 0.07 11.26 -4.74
C LYS A 108 -0.60 9.93 -5.08
N THR A 109 0.12 9.04 -5.74
CA THR A 109 -0.48 7.73 -6.09
C THR A 109 -0.89 6.97 -4.82
N LEU A 110 -2.11 6.51 -4.77
CA LEU A 110 -2.57 5.75 -3.57
C LEU A 110 -1.85 4.41 -3.48
N GLY A 111 -1.59 3.94 -2.29
CA GLY A 111 -0.88 2.64 -2.14
C GLY A 111 -1.88 1.52 -1.83
N ASP A 112 -3.12 1.85 -1.58
CA ASP A 112 -4.13 0.80 -1.27
C ASP A 112 -5.24 0.75 -2.33
N PHE A 113 -5.08 1.45 -3.42
CA PHE A 113 -6.13 1.42 -4.49
C PHE A 113 -5.45 1.18 -5.84
N ALA A 114 -5.97 0.27 -6.64
CA ALA A 114 -5.31 0.00 -7.96
C ALA A 114 -6.33 -0.22 -9.09
N ALA A 115 -5.86 -0.03 -10.29
CA ALA A 115 -6.71 -0.23 -11.49
C ALA A 115 -5.89 -0.96 -12.55
N GLU A 116 -6.43 -2.00 -13.13
CA GLU A 116 -5.67 -2.75 -14.17
C GLU A 116 -6.61 -3.62 -14.99
N TYR A 117 -6.16 -4.10 -16.12
CA TYR A 117 -7.01 -5.00 -16.93
C TYR A 117 -6.95 -6.40 -16.30
N ALA A 118 -8.07 -7.06 -16.17
CA ALA A 118 -8.07 -8.42 -15.52
C ALA A 118 -7.00 -9.34 -16.14
N LYS A 119 -6.00 -9.70 -15.36
CA LYS A 119 -4.95 -10.60 -15.86
C LYS A 119 -5.54 -11.99 -16.19
N SER A 120 -6.69 -12.29 -15.66
CA SER A 120 -7.33 -13.61 -15.95
C SER A 120 -8.85 -13.48 -15.81
N ASN A 121 -9.56 -14.59 -15.80
CA ASN A 121 -11.05 -14.52 -15.68
C ASN A 121 -11.54 -15.27 -14.44
N ARG A 122 -10.67 -15.60 -13.52
CA ARG A 122 -11.12 -16.33 -12.29
C ARG A 122 -11.27 -15.35 -11.10
N SER A 123 -11.05 -14.07 -11.31
CA SER A 123 -11.24 -13.10 -10.19
C SER A 123 -12.74 -12.85 -10.02
N THR A 124 -13.15 -12.17 -8.99
CA THR A 124 -14.61 -11.95 -8.80
C THR A 124 -14.87 -10.57 -8.18
N CYS A 125 -15.76 -9.80 -8.78
CA CYS A 125 -16.09 -8.49 -8.19
C CYS A 125 -16.70 -8.70 -6.80
N LYS A 126 -16.10 -8.12 -5.79
CA LYS A 126 -16.63 -8.28 -4.39
C LYS A 126 -17.82 -7.35 -4.10
N GLY A 127 -18.49 -6.86 -5.11
CA GLY A 127 -19.66 -5.96 -4.89
C GLY A 127 -20.90 -6.69 -5.37
N CYS A 128 -20.81 -7.33 -6.51
CA CYS A 128 -21.98 -8.11 -7.03
C CYS A 128 -21.64 -9.62 -7.09
N MET A 129 -20.44 -10.01 -6.67
CA MET A 129 -20.02 -11.45 -6.70
C MET A 129 -20.03 -12.06 -8.12
N GLU A 130 -20.13 -11.26 -9.14
CA GLU A 130 -20.11 -11.80 -10.53
C GLU A 130 -18.66 -11.88 -11.00
N LYS A 131 -18.31 -12.89 -11.76
CA LYS A 131 -16.90 -13.04 -12.21
C LYS A 131 -16.49 -11.90 -13.14
N ILE A 132 -15.24 -11.47 -13.05
CA ILE A 132 -14.73 -10.43 -13.96
C ILE A 132 -14.05 -11.14 -15.15
N GLU A 133 -14.36 -10.74 -16.36
CA GLU A 133 -13.73 -11.43 -17.54
C GLU A 133 -12.31 -10.94 -17.78
N LYS A 134 -11.43 -11.83 -18.18
CA LYS A 134 -10.02 -11.40 -18.51
C LYS A 134 -10.00 -10.24 -19.51
N GLY A 135 -9.18 -9.24 -19.26
CA GLY A 135 -9.11 -8.07 -20.19
C GLY A 135 -10.01 -6.93 -19.68
N GLN A 136 -11.07 -7.26 -18.98
CA GLN A 136 -11.99 -6.20 -18.47
C GLN A 136 -11.29 -5.33 -17.42
N VAL A 137 -11.55 -4.04 -17.46
CA VAL A 137 -10.94 -3.13 -16.46
C VAL A 137 -11.52 -3.41 -15.08
N ARG A 138 -10.70 -3.51 -14.09
CA ARG A 138 -11.20 -3.77 -12.72
C ARG A 138 -10.48 -2.88 -11.71
N LEU A 139 -11.12 -2.55 -10.63
CA LEU A 139 -10.49 -1.70 -9.59
C LEU A 139 -10.37 -2.48 -8.29
N SER A 140 -9.53 -2.05 -7.37
CA SER A 140 -9.41 -2.83 -6.12
C SER A 140 -8.99 -2.00 -4.91
N LYS A 141 -9.48 -2.38 -3.77
CA LYS A 141 -9.11 -1.69 -2.51
C LYS A 141 -8.23 -2.65 -1.70
N LYS A 142 -6.95 -2.43 -1.71
CA LYS A 142 -6.01 -3.33 -0.97
C LYS A 142 -6.42 -3.48 0.49
N MET A 143 -6.33 -4.67 1.01
CA MET A 143 -6.70 -4.92 2.44
C MET A 143 -5.95 -6.14 2.96
N VAL A 144 -5.61 -6.15 4.22
CA VAL A 144 -4.86 -7.32 4.78
C VAL A 144 -5.80 -8.27 5.51
N ASP A 145 -5.56 -9.55 5.40
CA ASP A 145 -6.43 -10.54 6.11
C ASP A 145 -5.71 -11.05 7.36
N PRO A 146 -6.37 -10.97 8.48
CA PRO A 146 -5.76 -11.43 9.75
C PRO A 146 -5.57 -12.95 9.72
N GLU A 147 -6.28 -13.64 8.87
CA GLU A 147 -6.14 -15.12 8.78
C GLU A 147 -4.93 -15.47 7.90
N LYS A 148 -4.58 -14.59 6.98
CA LYS A 148 -3.41 -14.86 6.10
C LYS A 148 -2.46 -13.64 6.13
N PRO A 149 -1.78 -13.49 7.23
CA PRO A 149 -0.85 -12.34 7.39
C PRO A 149 0.39 -12.47 6.49
N GLN A 150 0.77 -13.67 6.14
CA GLN A 150 1.97 -13.83 5.27
C GLN A 150 1.73 -13.18 3.89
N LEU A 151 0.49 -13.00 3.52
CA LEU A 151 0.18 -12.37 2.20
C LEU A 151 0.36 -10.86 2.28
N GLY A 152 -0.20 -10.24 3.27
CA GLY A 152 -0.06 -8.75 3.40
C GLY A 152 -1.22 -8.06 2.68
N MET A 153 -0.95 -6.92 2.08
CA MET A 153 -2.02 -6.18 1.35
C MET A 153 -2.51 -6.98 0.14
N ILE A 154 -3.70 -7.51 0.19
CA ILE A 154 -4.23 -8.28 -0.97
C ILE A 154 -5.29 -7.45 -1.69
N ASP A 155 -5.37 -7.56 -3.00
CA ASP A 155 -6.37 -6.77 -3.75
C ASP A 155 -7.80 -7.33 -3.65
N ARG A 156 -8.73 -6.48 -3.35
CA ARG A 156 -10.17 -6.87 -3.32
C ARG A 156 -10.72 -6.27 -4.62
N TRP A 157 -10.97 -7.07 -5.62
CA TRP A 157 -11.39 -6.51 -6.93
C TRP A 157 -12.87 -6.18 -7.05
N TYR A 158 -13.17 -5.33 -7.99
CA TYR A 158 -14.56 -4.88 -8.24
C TYR A 158 -14.68 -4.36 -9.67
N HIS A 159 -15.87 -4.32 -10.20
CA HIS A 159 -16.04 -3.68 -11.53
C HIS A 159 -15.97 -2.17 -11.24
N PRO A 160 -15.51 -1.37 -12.16
CA PRO A 160 -15.41 0.09 -11.88
C PRO A 160 -16.76 0.65 -11.40
N GLY A 161 -17.84 0.27 -12.04
CA GLY A 161 -19.18 0.77 -11.59
C GLY A 161 -19.45 0.26 -10.16
N CYS A 162 -19.31 -1.02 -9.93
CA CYS A 162 -19.55 -1.56 -8.55
C CYS A 162 -18.64 -0.85 -7.53
N PHE A 163 -17.40 -0.61 -7.89
CA PHE A 163 -16.46 0.07 -6.96
C PHE A 163 -16.97 1.48 -6.63
N VAL A 164 -17.42 2.21 -7.63
CA VAL A 164 -17.92 3.59 -7.38
C VAL A 164 -19.14 3.54 -6.45
N LYS A 165 -20.01 2.57 -6.63
CA LYS A 165 -21.22 2.50 -5.74
C LYS A 165 -20.82 2.40 -4.26
N ASN A 166 -19.75 1.71 -3.98
CA ASN A 166 -19.29 1.56 -2.56
C ASN A 166 -18.05 2.42 -2.26
N ARG A 167 -17.88 3.53 -2.96
CA ARG A 167 -16.68 4.39 -2.72
C ARG A 167 -16.53 4.77 -1.25
N GLU A 168 -17.61 5.04 -0.59
CA GLU A 168 -17.53 5.45 0.85
C GLU A 168 -17.01 4.31 1.74
N GLU A 169 -17.66 3.19 1.71
CA GLU A 169 -17.23 2.05 2.57
C GLU A 169 -15.84 1.55 2.17
N LEU A 170 -15.47 1.72 0.93
CA LEU A 170 -14.11 1.26 0.49
C LEU A 170 -13.03 2.29 0.88
N GLY A 171 -13.40 3.37 1.51
CA GLY A 171 -12.38 4.38 1.94
C GLY A 171 -11.87 5.21 0.76
N PHE A 172 -12.63 5.30 -0.31
CA PHE A 172 -12.16 6.11 -1.48
C PHE A 172 -12.72 7.53 -1.34
N ARG A 173 -12.07 8.33 -0.52
CA ARG A 173 -12.55 9.73 -0.26
C ARG A 173 -12.91 10.47 -1.57
N PRO A 174 -13.73 11.51 -1.43
CA PRO A 174 -14.17 12.29 -2.62
C PRO A 174 -13.05 13.18 -3.16
N GLU A 175 -11.99 13.39 -2.42
CA GLU A 175 -10.87 14.24 -2.94
C GLU A 175 -9.97 13.42 -3.88
N TYR A 176 -10.09 12.11 -3.84
CA TYR A 176 -9.26 11.25 -4.71
C TYR A 176 -9.82 11.23 -6.14
N SER A 177 -8.95 11.15 -7.11
CA SER A 177 -9.38 11.09 -8.53
C SER A 177 -8.87 9.81 -9.16
N ALA A 178 -9.40 9.45 -10.30
CA ALA A 178 -8.96 8.18 -10.98
C ALA A 178 -7.45 8.18 -11.23
N SER A 179 -6.87 9.32 -11.48
CA SER A 179 -5.40 9.39 -11.75
C SER A 179 -4.55 8.92 -10.56
N GLN A 180 -5.12 8.79 -9.39
CA GLN A 180 -4.31 8.36 -8.21
C GLN A 180 -4.31 6.84 -8.02
N LEU A 181 -5.08 6.11 -8.80
CA LEU A 181 -5.10 4.62 -8.65
C LEU A 181 -3.77 4.01 -9.09
N LYS A 182 -3.25 3.08 -8.30
CA LYS A 182 -1.97 2.42 -8.67
C LYS A 182 -2.16 1.62 -9.98
N GLY A 183 -1.43 1.96 -11.02
CA GLY A 183 -1.57 1.22 -12.32
C GLY A 183 -2.33 2.07 -13.35
N PHE A 184 -2.89 3.18 -12.93
CA PHE A 184 -3.67 4.06 -13.88
C PHE A 184 -2.87 4.36 -15.16
N SER A 185 -1.68 4.85 -14.99
CA SER A 185 -0.83 5.23 -16.17
C SER A 185 -0.72 4.12 -17.24
N LEU A 186 -0.90 2.87 -16.88
CA LEU A 186 -0.75 1.77 -17.91
C LEU A 186 -2.06 1.49 -18.68
N LEU A 187 -3.08 2.28 -18.47
CA LEU A 187 -4.37 2.03 -19.18
C LEU A 187 -4.44 2.86 -20.46
N ALA A 188 -5.10 2.33 -21.47
CA ALA A 188 -5.25 3.08 -22.74
C ALA A 188 -5.98 4.40 -22.48
N THR A 189 -5.70 5.42 -23.25
CA THR A 189 -6.37 6.76 -23.04
C THR A 189 -7.89 6.61 -22.85
N GLU A 190 -8.53 5.84 -23.70
CA GLU A 190 -10.02 5.65 -23.58
C GLU A 190 -10.39 5.14 -22.18
N ASP A 191 -9.71 4.13 -21.72
CA ASP A 191 -10.01 3.56 -20.36
C ASP A 191 -9.74 4.61 -19.28
N LYS A 192 -8.68 5.38 -19.43
CA LYS A 192 -8.36 6.41 -18.39
C LYS A 192 -9.45 7.48 -18.34
N GLU A 193 -9.97 7.88 -19.47
CA GLU A 193 -11.04 8.91 -19.49
C GLU A 193 -12.30 8.40 -18.80
N ALA A 194 -12.69 7.18 -19.08
CA ALA A 194 -13.92 6.61 -18.44
C ALA A 194 -13.78 6.64 -16.92
N LEU A 195 -12.61 6.35 -16.40
CA LEU A 195 -12.42 6.36 -14.93
C LEU A 195 -12.47 7.80 -14.40
N LYS A 196 -11.67 8.68 -14.96
CA LYS A 196 -11.69 10.11 -14.51
C LYS A 196 -13.13 10.65 -14.52
N LYS A 197 -13.93 10.12 -15.40
CA LYS A 197 -15.36 10.56 -15.51
C LYS A 197 -16.15 10.17 -14.24
N GLN A 198 -15.98 8.95 -13.78
CA GLN A 198 -16.74 8.49 -12.58
C GLN A 198 -16.03 8.90 -11.28
N LEU A 199 -14.73 9.02 -11.30
CA LEU A 199 -13.99 9.45 -10.09
C LEU A 199 -13.23 10.75 -10.43
N PRO A 200 -13.96 11.84 -10.46
CA PRO A 200 -13.36 13.15 -10.82
C PRO A 200 -12.45 13.68 -9.72
N GLY A 201 -12.85 13.55 -8.49
CA GLY A 201 -12.01 14.05 -7.37
C GLY A 201 -12.18 15.57 -7.26
N VAL A 202 -11.09 16.29 -7.11
CA VAL A 202 -11.18 17.77 -7.00
C VAL A 202 -11.82 18.36 -8.26
N LYS A 203 -12.71 19.30 -8.11
CA LYS A 203 -13.36 19.92 -9.30
C LYS A 203 -12.53 21.09 -9.82
N SER A 204 -11.58 20.83 -10.68
CA SER A 204 -10.73 21.93 -11.23
C SER A 204 -11.28 22.39 -12.58
N GLU A 205 -11.25 23.68 -12.82
CA GLU A 205 -11.76 24.21 -14.12
C GLU A 205 -10.61 24.70 -14.99
N GLY A 206 -9.54 25.15 -14.37
CA GLY A 206 -8.38 25.66 -15.16
C GLY A 206 -7.11 24.96 -14.69
N LYS A 207 -6.46 24.23 -15.56
CA LYS A 207 -5.21 23.52 -15.16
C LYS A 207 -4.03 24.00 -16.02
N ARG A 208 -2.90 23.35 -15.89
CA ARG A 208 -1.72 23.77 -16.70
C ARG A 208 -1.27 22.64 -17.63
N LYS A 209 -1.40 21.41 -17.17
CA LYS A 209 -0.98 20.26 -18.02
C LYS A 209 -2.22 19.62 -18.68
N GLY A 210 -2.05 18.47 -19.28
CA GLY A 210 -3.21 17.78 -19.92
C GLY A 210 -2.71 16.54 -20.67
N ASP A 211 -1.57 16.63 -21.30
CA ASP A 211 -1.03 15.45 -22.04
C ASP A 211 0.44 15.24 -21.71
N GLU A 212 1.10 14.37 -22.42
CA GLU A 212 2.55 14.11 -22.13
C GLU A 212 3.29 13.75 -23.43
N VAL A 213 2.86 14.29 -24.54
CA VAL A 213 3.53 13.98 -25.83
C VAL A 213 4.69 14.95 -26.07
N ASP A 214 5.68 14.91 -25.23
CA ASP A 214 6.85 15.83 -25.40
C ASP A 214 7.56 15.54 -26.74
ZN ZN C . 18.18 -9.08 3.83
ZN ZN D . -19.50 -6.07 -9.99
N MET A 1 7.13 1.02 28.26
CA MET A 1 5.92 0.35 28.78
C MET A 1 5.08 -0.21 27.62
N ALA A 2 5.30 -1.46 27.27
CA ALA A 2 4.52 -2.06 26.15
C ALA A 2 3.19 -2.61 26.67
N GLU A 3 2.26 -1.75 26.98
CA GLU A 3 0.94 -2.22 27.49
C GLU A 3 0.22 -3.05 26.43
N SER A 4 0.31 -2.64 25.19
CA SER A 4 -0.37 -3.40 24.10
C SER A 4 0.40 -3.23 22.78
N SER A 5 -0.06 -3.87 21.73
CA SER A 5 0.64 -3.76 20.42
C SER A 5 -0.32 -4.12 19.29
N ASP A 6 -1.03 -3.16 18.76
CA ASP A 6 -1.98 -3.44 17.65
C ASP A 6 -1.39 -2.99 16.31
N LYS A 7 -0.31 -2.24 16.33
CA LYS A 7 0.30 -1.78 15.05
C LYS A 7 0.64 -2.98 14.16
N LEU A 8 0.64 -2.80 12.87
CA LEU A 8 0.94 -3.95 11.97
C LEU A 8 2.45 -4.08 11.73
N TYR A 9 3.23 -3.05 12.01
CA TYR A 9 4.70 -3.18 11.77
C TYR A 9 5.51 -2.80 13.02
N ARG A 10 6.75 -3.25 13.06
CA ARG A 10 7.62 -2.93 14.21
C ARG A 10 9.03 -2.62 13.71
N VAL A 11 9.68 -1.67 14.31
CA VAL A 11 11.06 -1.31 13.92
C VAL A 11 11.91 -1.22 15.17
N GLU A 12 13.12 -1.72 15.13
CA GLU A 12 13.97 -1.66 16.35
C GLU A 12 15.38 -2.16 16.04
N TYR A 13 16.29 -1.94 16.96
CA TYR A 13 17.66 -2.42 16.76
C TYR A 13 17.68 -3.90 17.14
N ALA A 14 18.15 -4.74 16.26
CA ALA A 14 18.14 -6.23 16.50
C ALA A 14 18.51 -6.62 17.94
N LYS A 15 17.59 -7.25 18.63
CA LYS A 15 17.88 -7.71 20.03
C LYS A 15 18.89 -8.85 20.00
N SER A 16 19.03 -9.50 18.87
CA SER A 16 20.01 -10.60 18.72
C SER A 16 20.45 -10.68 17.26
N GLY A 17 21.36 -11.57 16.94
CA GLY A 17 21.83 -11.68 15.52
C GLY A 17 21.39 -13.02 14.95
N ARG A 18 20.39 -13.64 15.56
CA ARG A 18 19.91 -14.97 15.07
C ARG A 18 18.72 -14.85 14.12
N ALA A 19 18.05 -13.73 14.09
CA ALA A 19 16.88 -13.59 13.14
C ALA A 19 17.34 -13.63 11.67
N SER A 20 16.58 -14.27 10.83
CA SER A 20 16.95 -14.37 9.40
C SER A 20 15.99 -13.52 8.58
N CYS A 21 16.51 -12.76 7.68
CA CYS A 21 15.65 -11.90 6.82
C CYS A 21 14.69 -12.74 5.98
N LYS A 22 13.41 -12.43 6.03
CA LYS A 22 12.41 -13.22 5.25
C LYS A 22 12.51 -12.94 3.74
N LYS A 23 13.35 -12.02 3.33
CA LYS A 23 13.47 -11.74 1.92
C LYS A 23 14.77 -12.34 1.29
N CYS A 24 15.93 -11.99 1.81
CA CYS A 24 17.21 -12.54 1.26
C CYS A 24 17.75 -13.74 2.08
N SER A 25 17.11 -14.08 3.19
CA SER A 25 17.56 -15.26 4.03
C SER A 25 18.83 -15.01 4.86
N GLU A 26 19.56 -13.94 4.63
CA GLU A 26 20.80 -13.71 5.43
C GLU A 26 20.44 -13.31 6.86
N SER A 27 21.32 -13.56 7.79
CA SER A 27 21.02 -13.23 9.22
C SER A 27 21.01 -11.71 9.44
N ILE A 28 20.20 -11.27 10.37
CA ILE A 28 20.16 -9.82 10.69
C ILE A 28 21.09 -9.60 11.90
N PRO A 29 22.14 -8.83 11.72
CA PRO A 29 23.13 -8.63 12.81
C PRO A 29 22.55 -7.89 14.02
N LYS A 30 22.95 -8.31 15.19
CA LYS A 30 22.45 -7.68 16.46
C LYS A 30 22.69 -6.16 16.45
N ASP A 31 21.75 -5.41 17.01
CA ASP A 31 21.88 -3.90 17.06
C ASP A 31 21.61 -3.23 15.70
N SER A 32 21.51 -3.99 14.63
CA SER A 32 21.26 -3.36 13.31
C SER A 32 19.79 -2.96 13.22
N LEU A 33 19.48 -2.00 12.39
CA LEU A 33 18.06 -1.56 12.26
C LEU A 33 17.30 -2.58 11.41
N ARG A 34 16.26 -3.17 11.98
CA ARG A 34 15.47 -4.17 11.22
C ARG A 34 13.98 -3.84 11.33
N MET A 35 13.20 -4.29 10.38
CA MET A 35 11.75 -4.00 10.41
C MET A 35 10.95 -5.29 10.23
N ALA A 36 9.75 -5.35 10.75
CA ALA A 36 8.98 -6.61 10.59
C ALA A 36 7.49 -6.33 10.43
N ILE A 37 6.80 -7.20 9.76
CA ILE A 37 5.33 -7.06 9.63
C ILE A 37 4.66 -7.96 10.69
N MET A 38 4.04 -7.37 11.66
CA MET A 38 3.40 -8.17 12.76
C MET A 38 2.41 -9.20 12.20
N VAL A 39 2.22 -10.28 12.92
CA VAL A 39 1.29 -11.35 12.47
C VAL A 39 0.73 -12.09 13.68
N GLN A 40 -0.57 -12.23 13.76
CA GLN A 40 -1.17 -12.94 14.93
C GLN A 40 -0.99 -14.46 14.76
N SER A 41 -0.55 -15.13 15.80
CA SER A 41 -0.36 -16.60 15.70
C SER A 41 -1.60 -17.35 16.24
N PRO A 42 -2.05 -18.32 15.48
CA PRO A 42 -3.24 -19.12 15.89
C PRO A 42 -2.85 -20.23 16.87
N MET A 43 -1.58 -20.37 17.17
CA MET A 43 -1.15 -21.46 18.10
C MET A 43 -1.00 -20.91 19.53
N PHE A 44 -0.96 -19.61 19.68
CA PHE A 44 -0.81 -19.01 21.04
C PHE A 44 -1.08 -17.51 21.01
N ASP A 45 -1.57 -16.96 22.09
CA ASP A 45 -1.83 -15.49 22.11
C ASP A 45 -0.51 -14.73 21.98
N GLY A 46 -0.42 -13.88 20.99
CA GLY A 46 0.84 -13.11 20.79
C GLY A 46 1.08 -12.94 19.29
N LYS A 47 1.84 -11.95 18.90
CA LYS A 47 2.09 -11.73 17.44
C LYS A 47 3.52 -12.15 17.05
N VAL A 48 3.65 -12.83 15.95
CA VAL A 48 5.00 -13.26 15.49
C VAL A 48 5.52 -12.26 14.43
N PRO A 49 6.73 -11.79 14.62
CA PRO A 49 7.29 -10.80 13.69
C PRO A 49 8.05 -11.44 12.54
N HIS A 50 7.76 -11.05 11.33
CA HIS A 50 8.54 -11.57 10.17
C HIS A 50 9.60 -10.49 9.94
N TRP A 51 10.83 -10.72 10.40
CA TRP A 51 11.86 -9.67 10.30
C TRP A 51 12.56 -9.60 8.94
N TYR A 52 13.07 -8.44 8.65
CA TYR A 52 13.79 -8.20 7.36
C TYR A 52 14.87 -7.13 7.60
N HIS A 53 15.95 -7.15 6.87
CA HIS A 53 16.94 -6.05 7.01
C HIS A 53 16.22 -4.78 6.59
N PHE A 54 16.62 -3.64 7.06
CA PHE A 54 15.89 -2.36 6.67
C PHE A 54 15.58 -2.28 5.17
N SER A 55 16.56 -2.46 4.33
CA SER A 55 16.33 -2.37 2.86
C SER A 55 15.43 -3.50 2.32
N CYS A 56 15.68 -4.72 2.70
CA CYS A 56 14.86 -5.87 2.21
C CYS A 56 13.35 -5.65 2.48
N PHE A 57 13.02 -5.09 3.61
CA PHE A 57 11.58 -4.87 3.97
C PHE A 57 10.79 -4.17 2.85
N TRP A 58 11.40 -3.23 2.14
CA TRP A 58 10.64 -2.49 1.10
C TRP A 58 10.69 -3.20 -0.25
N LYS A 59 11.59 -4.11 -0.44
CA LYS A 59 11.63 -4.72 -1.77
C LYS A 59 10.70 -5.99 -1.85
N VAL A 60 9.94 -6.24 -0.80
CA VAL A 60 9.00 -7.41 -0.81
C VAL A 60 7.57 -6.94 -1.12
N GLY A 61 7.30 -5.66 -0.95
CA GLY A 61 5.92 -5.15 -1.24
C GLY A 61 5.37 -4.41 -0.02
N HIS A 62 6.03 -4.52 1.11
CA HIS A 62 5.52 -3.80 2.32
C HIS A 62 5.49 -2.29 2.07
N SER A 63 4.47 -1.61 2.52
CA SER A 63 4.40 -0.13 2.28
C SER A 63 3.90 0.60 3.52
N ILE A 64 4.43 1.77 3.76
CA ILE A 64 3.99 2.58 4.94
C ILE A 64 3.96 4.07 4.59
N ARG A 65 2.83 4.71 4.72
CA ARG A 65 2.75 6.17 4.39
C ARG A 65 3.13 7.00 5.62
N HIS A 66 2.66 6.62 6.78
CA HIS A 66 3.00 7.38 8.03
C HIS A 66 3.64 6.42 9.05
N PRO A 67 4.95 6.39 9.07
CA PRO A 67 5.68 5.49 10.00
C PRO A 67 5.38 5.81 11.50
N ASP A 68 5.43 7.07 11.89
CA ASP A 68 5.14 7.43 13.31
C ASP A 68 3.86 6.76 13.87
N VAL A 69 2.84 6.61 13.07
CA VAL A 69 1.57 5.99 13.60
C VAL A 69 1.37 4.52 13.18
N GLU A 70 1.99 4.08 12.11
CA GLU A 70 1.79 2.66 11.65
C GLU A 70 2.91 1.71 12.12
N VAL A 71 4.03 2.22 12.55
CA VAL A 71 5.14 1.31 12.96
C VAL A 71 5.47 1.44 14.45
N ASP A 72 5.25 0.40 15.20
CA ASP A 72 5.56 0.43 16.66
C ASP A 72 7.08 0.53 16.88
N GLY A 73 7.52 1.29 17.87
CA GLY A 73 8.99 1.42 18.13
C GLY A 73 9.61 2.55 17.31
N PHE A 74 8.87 3.13 16.40
CA PHE A 74 9.45 4.23 15.56
C PHE A 74 9.96 5.39 16.42
N SER A 75 9.16 5.87 17.32
CA SER A 75 9.57 7.01 18.19
C SER A 75 10.81 6.70 19.05
N GLU A 76 11.13 5.43 19.30
CA GLU A 76 12.32 5.12 20.12
C GLU A 76 13.60 4.97 19.27
N LEU A 77 13.50 5.07 17.97
CA LEU A 77 14.72 4.94 17.10
C LEU A 77 15.56 6.21 17.23
N ARG A 78 16.82 6.13 16.91
CA ARG A 78 17.67 7.35 16.95
C ARG A 78 17.14 8.33 15.89
N TRP A 79 17.33 9.61 16.10
CA TRP A 79 16.80 10.63 15.13
C TRP A 79 17.12 10.29 13.66
N ASP A 80 18.36 10.09 13.32
CA ASP A 80 18.72 9.78 11.91
C ASP A 80 17.93 8.57 11.38
N ASP A 81 17.78 7.53 12.18
CA ASP A 81 17.02 6.33 11.72
C ASP A 81 15.54 6.69 11.55
N GLN A 82 15.06 7.61 12.36
CA GLN A 82 13.63 8.03 12.23
C GLN A 82 13.45 8.77 10.89
N GLN A 83 14.45 9.53 10.50
CA GLN A 83 14.37 10.26 9.21
C GLN A 83 14.54 9.28 8.05
N LYS A 84 15.46 8.36 8.20
CA LYS A 84 15.68 7.34 7.13
C LYS A 84 14.39 6.56 6.86
N VAL A 85 13.74 6.11 7.91
CA VAL A 85 12.47 5.36 7.73
C VAL A 85 11.41 6.31 7.15
N LYS A 86 11.37 7.53 7.62
CA LYS A 86 10.35 8.49 7.12
C LYS A 86 10.56 8.77 5.64
N LYS A 87 11.79 8.97 5.22
CA LYS A 87 12.04 9.26 3.78
C LYS A 87 11.85 8.00 2.94
N THR A 88 12.37 6.88 3.40
CA THR A 88 12.20 5.60 2.64
C THR A 88 10.71 5.30 2.47
N ALA A 89 9.93 5.59 3.48
CA ALA A 89 8.47 5.33 3.38
C ALA A 89 7.88 6.21 2.28
N GLU A 90 8.25 7.46 2.24
CA GLU A 90 7.72 8.37 1.19
C GLU A 90 8.16 7.89 -0.20
N ALA A 91 9.43 7.63 -0.37
CA ALA A 91 9.92 7.15 -1.71
C ALA A 91 9.19 5.87 -2.12
N GLY A 92 8.87 5.74 -3.38
CA GLY A 92 8.15 4.53 -3.86
C GLY A 92 8.67 4.14 -5.23
N GLY A 93 7.92 3.34 -5.96
CA GLY A 93 8.38 2.92 -7.32
C GLY A 93 9.46 1.87 -7.19
N VAL A 94 9.11 0.62 -7.33
CA VAL A 94 10.13 -0.47 -7.22
C VAL A 94 11.18 -0.33 -8.33
N THR A 95 10.79 0.21 -9.46
CA THR A 95 11.75 0.38 -10.58
C THR A 95 11.33 1.54 -11.48
N GLY A 96 12.16 2.54 -11.60
CA GLY A 96 11.81 3.71 -12.45
C GLY A 96 13.08 4.47 -12.83
N LYS A 97 14.16 3.76 -13.04
CA LYS A 97 15.44 4.43 -13.41
C LYS A 97 15.78 5.54 -12.41
N GLY A 98 15.67 5.24 -11.14
CA GLY A 98 15.97 6.28 -10.11
C GLY A 98 14.75 7.16 -9.89
N GLN A 99 14.73 8.31 -10.51
CA GLN A 99 13.57 9.23 -10.36
C GLN A 99 13.47 10.19 -11.55
N ASP A 100 12.68 9.86 -12.53
CA ASP A 100 12.55 10.75 -13.71
C ASP A 100 11.44 11.77 -13.48
N GLY A 101 11.76 13.04 -13.57
CA GLY A 101 10.73 14.09 -13.36
C GLY A 101 10.58 14.37 -11.86
N ILE A 102 10.96 15.55 -11.43
CA ILE A 102 10.84 15.89 -9.99
C ILE A 102 9.93 17.11 -9.80
N GLY A 103 8.65 16.93 -9.87
CA GLY A 103 7.72 18.07 -9.70
C GLY A 103 6.72 18.11 -10.87
N SER A 104 5.52 17.66 -10.64
CA SER A 104 4.50 17.66 -11.74
C SER A 104 3.35 18.61 -11.40
N LYS A 105 2.47 18.19 -10.52
CA LYS A 105 1.32 19.07 -10.14
C LYS A 105 0.55 18.46 -8.96
N ALA A 106 1.21 18.31 -7.84
CA ALA A 106 0.53 17.72 -6.64
C ALA A 106 -0.14 16.39 -7.00
N GLU A 107 0.65 15.37 -7.23
CA GLU A 107 0.06 14.05 -7.58
C GLU A 107 0.66 12.95 -6.69
N LYS A 108 -0.17 12.26 -5.95
CA LYS A 108 0.34 11.18 -5.06
C LYS A 108 -0.36 9.85 -5.37
N THR A 109 0.30 8.99 -6.11
CA THR A 109 -0.31 7.67 -6.45
C THR A 109 -0.69 6.91 -5.19
N LEU A 110 -1.93 6.48 -5.09
CA LEU A 110 -2.37 5.74 -3.88
C LEU A 110 -1.65 4.38 -3.81
N GLY A 111 -1.35 3.91 -2.63
CA GLY A 111 -0.65 2.61 -2.51
C GLY A 111 -1.66 1.50 -2.15
N ASP A 112 -2.89 1.85 -1.88
CA ASP A 112 -3.90 0.81 -1.52
C ASP A 112 -5.02 0.73 -2.57
N PHE A 113 -4.90 1.45 -3.66
CA PHE A 113 -5.96 1.41 -4.72
C PHE A 113 -5.30 1.16 -6.07
N ALA A 114 -5.83 0.26 -6.86
CA ALA A 114 -5.18 -0.02 -8.19
C ALA A 114 -6.20 -0.25 -9.30
N ALA A 115 -5.75 -0.06 -10.50
CA ALA A 115 -6.63 -0.26 -11.70
C ALA A 115 -5.81 -0.99 -12.77
N GLU A 116 -6.36 -2.02 -13.36
CA GLU A 116 -5.61 -2.77 -14.40
C GLU A 116 -6.56 -3.64 -15.21
N TYR A 117 -6.12 -4.13 -16.34
CA TYR A 117 -6.99 -5.03 -17.13
C TYR A 117 -6.92 -6.42 -16.51
N ALA A 118 -8.03 -7.09 -16.36
CA ALA A 118 -8.04 -8.45 -15.71
C ALA A 118 -6.97 -9.37 -16.34
N LYS A 119 -5.96 -9.72 -15.57
CA LYS A 119 -4.91 -10.63 -16.09
C LYS A 119 -5.50 -12.02 -16.41
N SER A 120 -6.66 -12.32 -15.87
CA SER A 120 -7.30 -13.64 -16.13
C SER A 120 -8.82 -13.51 -15.98
N ASN A 121 -9.53 -14.61 -15.97
CA ASN A 121 -11.02 -14.54 -15.83
C ASN A 121 -11.51 -15.29 -14.58
N ARG A 122 -10.61 -15.62 -13.67
CA ARG A 122 -11.05 -16.35 -12.44
C ARG A 122 -11.20 -15.37 -11.25
N SER A 123 -10.98 -14.09 -11.46
CA SER A 123 -11.15 -13.13 -10.34
C SER A 123 -12.64 -12.87 -10.16
N THR A 124 -13.04 -12.19 -9.12
CA THR A 124 -14.51 -11.96 -8.91
C THR A 124 -14.76 -10.58 -8.29
N CYS A 125 -15.65 -9.81 -8.88
CA CYS A 125 -15.97 -8.50 -8.29
C CYS A 125 -16.57 -8.70 -6.90
N LYS A 126 -15.96 -8.12 -5.88
CA LYS A 126 -16.47 -8.28 -4.49
C LYS A 126 -17.66 -7.36 -4.18
N GLY A 127 -18.34 -6.87 -5.18
CA GLY A 127 -19.49 -5.96 -4.95
C GLY A 127 -20.75 -6.68 -5.43
N CYS A 128 -20.67 -7.33 -6.56
CA CYS A 128 -21.84 -8.12 -7.07
C CYS A 128 -21.50 -9.63 -7.14
N MET A 129 -20.29 -10.01 -6.72
CA MET A 129 -19.89 -11.46 -6.76
C MET A 129 -19.92 -12.07 -8.16
N GLU A 130 -20.03 -11.26 -9.19
CA GLU A 130 -20.03 -11.81 -10.58
C GLU A 130 -18.58 -11.89 -11.06
N LYS A 131 -18.24 -12.90 -11.83
CA LYS A 131 -16.83 -13.04 -12.29
C LYS A 131 -16.42 -11.91 -13.24
N ILE A 132 -15.17 -11.49 -13.15
CA ILE A 132 -14.67 -10.45 -14.08
C ILE A 132 -14.01 -11.16 -15.27
N GLU A 133 -14.33 -10.76 -16.48
CA GLU A 133 -13.72 -11.45 -17.66
C GLU A 133 -12.29 -10.95 -17.91
N LYS A 134 -11.43 -11.85 -18.32
CA LYS A 134 -10.02 -11.43 -18.67
C LYS A 134 -10.01 -10.26 -19.67
N GLY A 135 -9.18 -9.27 -19.44
CA GLY A 135 -9.13 -8.10 -20.38
C GLY A 135 -10.01 -6.96 -19.85
N GLN A 136 -11.07 -7.29 -19.15
CA GLN A 136 -11.99 -6.23 -18.62
C GLN A 136 -11.28 -5.36 -17.58
N VAL A 137 -11.53 -4.07 -17.62
CA VAL A 137 -10.90 -3.16 -16.63
C VAL A 137 -11.47 -3.44 -15.24
N ARG A 138 -10.64 -3.52 -14.26
CA ARG A 138 -11.13 -3.79 -12.88
C ARG A 138 -10.39 -2.90 -11.88
N LEU A 139 -11.03 -2.58 -10.78
CA LEU A 139 -10.38 -1.71 -9.75
C LEU A 139 -10.24 -2.50 -8.46
N SER A 140 -9.40 -2.07 -7.54
CA SER A 140 -9.27 -2.85 -6.30
C SER A 140 -8.83 -2.02 -5.10
N LYS A 141 -9.33 -2.38 -3.95
CA LYS A 141 -8.95 -1.69 -2.70
C LYS A 141 -8.05 -2.63 -1.87
N LYS A 142 -6.77 -2.39 -1.92
CA LYS A 142 -5.80 -3.25 -1.16
C LYS A 142 -6.26 -3.45 0.29
N MET A 143 -6.05 -4.63 0.82
CA MET A 143 -6.45 -4.91 2.23
C MET A 143 -5.67 -6.12 2.74
N VAL A 144 -5.34 -6.15 4.00
CA VAL A 144 -4.58 -7.31 4.55
C VAL A 144 -5.51 -8.27 5.28
N ASP A 145 -5.26 -9.54 5.20
CA ASP A 145 -6.13 -10.53 5.90
C ASP A 145 -5.39 -11.04 7.14
N PRO A 146 -6.04 -10.95 8.27
CA PRO A 146 -5.42 -11.42 9.54
C PRO A 146 -5.22 -12.94 9.51
N GLU A 147 -5.95 -13.61 8.65
CA GLU A 147 -5.82 -15.09 8.57
C GLU A 147 -4.63 -15.46 7.67
N LYS A 148 -4.29 -14.59 6.75
CA LYS A 148 -3.14 -14.86 5.84
C LYS A 148 -2.19 -13.65 5.83
N PRO A 149 -1.50 -13.48 6.93
CA PRO A 149 -0.57 -12.33 7.07
C PRO A 149 0.67 -12.49 6.17
N GLN A 150 1.02 -13.69 5.80
CA GLN A 150 2.22 -13.88 4.92
C GLN A 150 1.97 -13.23 3.55
N LEU A 151 0.73 -13.03 3.18
CA LEU A 151 0.42 -12.41 1.86
C LEU A 151 0.57 -10.88 1.94
N GLY A 152 0.04 -10.29 2.97
CA GLY A 152 0.16 -8.80 3.11
C GLY A 152 -0.96 -8.12 2.32
N MET A 153 -0.69 -6.96 1.81
CA MET A 153 -1.72 -6.21 1.02
C MET A 153 -2.25 -7.05 -0.14
N ILE A 154 -3.48 -7.50 -0.07
CA ILE A 154 -4.05 -8.30 -1.19
C ILE A 154 -5.12 -7.48 -1.92
N ASP A 155 -5.19 -7.58 -3.22
CA ASP A 155 -6.20 -6.77 -3.96
C ASP A 155 -7.62 -7.34 -3.84
N ARG A 156 -8.56 -6.49 -3.53
CA ARG A 156 -9.99 -6.88 -3.49
C ARG A 156 -10.56 -6.28 -4.78
N TRP A 157 -10.82 -7.09 -5.77
CA TRP A 157 -11.25 -6.53 -7.09
C TRP A 157 -12.74 -6.19 -7.19
N TYR A 158 -13.04 -5.34 -8.13
CA TYR A 158 -14.44 -4.91 -8.36
C TYR A 158 -14.57 -4.36 -9.78
N HIS A 159 -15.76 -4.32 -10.31
CA HIS A 159 -15.95 -3.68 -11.63
C HIS A 159 -15.87 -2.18 -11.35
N PRO A 160 -15.43 -1.38 -12.27
CA PRO A 160 -15.32 0.07 -12.00
C PRO A 160 -16.66 0.64 -11.51
N GLY A 161 -17.75 0.25 -12.13
CA GLY A 161 -19.08 0.75 -11.66
C GLY A 161 -19.35 0.26 -10.24
N CYS A 162 -19.21 -1.03 -10.00
CA CYS A 162 -19.43 -1.57 -8.62
C CYS A 162 -18.51 -0.87 -7.61
N PHE A 163 -17.27 -0.62 -7.99
CA PHE A 163 -16.31 0.07 -7.07
C PHE A 163 -16.82 1.47 -6.73
N VAL A 164 -17.28 2.20 -7.72
CA VAL A 164 -17.78 3.57 -7.47
C VAL A 164 -18.99 3.53 -6.53
N LYS A 165 -19.86 2.57 -6.69
CA LYS A 165 -21.06 2.50 -5.79
C LYS A 165 -20.64 2.39 -4.32
N ASN A 166 -19.58 1.71 -4.05
CA ASN A 166 -19.09 1.57 -2.63
C ASN A 166 -17.85 2.42 -2.34
N ARG A 167 -17.69 3.52 -3.06
CA ARG A 167 -16.48 4.38 -2.83
C ARG A 167 -16.32 4.77 -1.35
N GLU A 168 -17.38 5.04 -0.69
CA GLU A 168 -17.29 5.45 0.75
C GLU A 168 -16.76 4.32 1.63
N GLU A 169 -17.42 3.19 1.61
CA GLU A 169 -16.98 2.05 2.47
C GLU A 169 -15.59 1.56 2.06
N LEU A 170 -15.24 1.72 0.81
CA LEU A 170 -13.88 1.26 0.37
C LEU A 170 -12.79 2.28 0.73
N GLY A 171 -13.15 3.37 1.37
CA GLY A 171 -12.12 4.37 1.78
C GLY A 171 -11.64 5.20 0.59
N PHE A 172 -12.40 5.29 -0.47
CA PHE A 172 -11.95 6.10 -1.64
C PHE A 172 -12.50 7.52 -1.49
N ARG A 173 -11.85 8.32 -0.68
CA ARG A 173 -12.32 9.72 -0.42
C ARG A 173 -12.69 10.46 -1.72
N PRO A 174 -13.51 11.51 -1.58
CA PRO A 174 -13.96 12.29 -2.76
C PRO A 174 -12.85 13.18 -3.33
N GLU A 175 -11.78 13.38 -2.59
CA GLU A 175 -10.67 14.23 -3.12
C GLU A 175 -9.78 13.40 -4.07
N TYR A 176 -9.90 12.10 -4.02
CA TYR A 176 -9.08 11.23 -4.90
C TYR A 176 -9.66 11.20 -6.32
N SER A 177 -8.79 11.13 -7.30
CA SER A 177 -9.25 11.08 -8.72
C SER A 177 -8.75 9.78 -9.37
N ALA A 178 -9.29 9.43 -10.50
CA ALA A 178 -8.85 8.15 -11.17
C ALA A 178 -7.34 8.15 -11.44
N SER A 179 -6.76 9.30 -11.69
CA SER A 179 -5.30 9.36 -11.99
C SER A 179 -4.43 8.89 -10.81
N GLN A 180 -5.00 8.78 -9.63
CA GLN A 180 -4.18 8.34 -8.45
C GLN A 180 -4.17 6.81 -8.28
N LEU A 181 -4.94 6.09 -9.04
CA LEU A 181 -4.98 4.60 -8.89
C LEU A 181 -3.65 3.97 -9.33
N LYS A 182 -3.12 3.06 -8.56
CA LYS A 182 -1.84 2.40 -8.94
C LYS A 182 -2.05 1.59 -10.24
N GLY A 183 -1.33 1.92 -11.29
CA GLY A 183 -1.49 1.20 -12.58
C GLY A 183 -2.26 2.04 -13.61
N PHE A 184 -2.81 3.15 -13.19
CA PHE A 184 -3.60 4.02 -14.13
C PHE A 184 -2.82 4.32 -15.41
N SER A 185 -1.62 4.82 -15.27
CA SER A 185 -0.78 5.19 -16.45
C SER A 185 -0.69 4.09 -17.52
N LEU A 186 -0.86 2.83 -17.16
CA LEU A 186 -0.73 1.74 -18.19
C LEU A 186 -2.05 1.45 -18.94
N LEU A 187 -3.06 2.25 -18.72
CA LEU A 187 -4.36 2.00 -19.42
C LEU A 187 -4.44 2.82 -20.71
N ALA A 188 -5.12 2.29 -21.70
CA ALA A 188 -5.28 3.05 -22.97
C ALA A 188 -6.01 4.37 -22.71
N THR A 189 -5.73 5.39 -23.48
CA THR A 189 -6.40 6.72 -23.26
C THR A 189 -7.91 6.57 -23.05
N GLU A 190 -8.57 5.81 -23.90
CA GLU A 190 -10.06 5.62 -23.76
C GLU A 190 -10.41 5.10 -22.36
N ASP A 191 -9.72 4.09 -21.91
CA ASP A 191 -10.01 3.54 -20.54
C ASP A 191 -9.72 4.58 -19.46
N LYS A 192 -8.67 5.36 -19.62
CA LYS A 192 -8.33 6.38 -18.60
C LYS A 192 -9.42 7.46 -18.53
N GLU A 193 -9.95 7.85 -19.66
CA GLU A 193 -11.03 8.89 -19.67
C GLU A 193 -12.28 8.37 -18.96
N ALA A 194 -12.67 7.15 -19.24
CA ALA A 194 -13.89 6.58 -18.58
C ALA A 194 -13.75 6.62 -17.05
N LEU A 195 -12.57 6.32 -16.56
CA LEU A 195 -12.36 6.34 -15.08
C LEU A 195 -12.40 7.78 -14.56
N LYS A 196 -11.60 8.67 -15.13
CA LYS A 196 -11.62 10.09 -14.68
C LYS A 196 -13.05 10.62 -14.68
N LYS A 197 -13.87 10.11 -15.54
CA LYS A 197 -15.30 10.54 -15.63
C LYS A 197 -16.07 10.15 -14.36
N GLN A 198 -15.90 8.93 -13.90
CA GLN A 198 -16.65 8.49 -12.69
C GLN A 198 -15.92 8.90 -11.40
N LEU A 199 -14.63 9.01 -11.44
CA LEU A 199 -13.87 9.44 -10.23
C LEU A 199 -13.12 10.73 -10.58
N PRO A 200 -13.83 11.82 -10.58
CA PRO A 200 -13.24 13.14 -10.96
C PRO A 200 -12.30 13.66 -9.87
N GLY A 201 -12.69 13.56 -8.62
CA GLY A 201 -11.83 14.07 -7.53
C GLY A 201 -11.97 15.58 -7.43
N VAL A 202 -12.41 16.07 -6.29
CA VAL A 202 -12.58 17.55 -6.12
C VAL A 202 -12.66 17.89 -4.62
N LYS A 203 -13.25 19.01 -4.29
CA LYS A 203 -13.37 19.40 -2.85
C LYS A 203 -11.98 19.50 -2.21
N SER A 204 -11.92 19.59 -0.91
CA SER A 204 -10.59 19.69 -0.22
C SER A 204 -10.47 18.60 0.84
N GLU A 205 -9.30 18.44 1.39
CA GLU A 205 -9.11 17.39 2.44
C GLU A 205 -9.53 17.93 3.81
N GLY A 206 -10.48 17.27 4.43
CA GLY A 206 -10.95 17.73 5.77
C GLY A 206 -9.80 17.67 6.78
N LYS A 207 -9.36 16.48 7.12
CA LYS A 207 -8.24 16.34 8.10
C LYS A 207 -8.53 17.15 9.36
N ARG A 208 -7.54 17.30 10.22
CA ARG A 208 -7.76 18.08 11.47
C ARG A 208 -8.13 19.53 11.14
N LYS A 209 -9.07 20.09 11.84
CA LYS A 209 -9.48 21.49 11.57
C LYS A 209 -9.90 22.19 12.86
N GLY A 210 -10.79 21.59 13.61
CA GLY A 210 -11.25 22.22 14.88
C GLY A 210 -10.26 21.87 16.00
N ASP A 211 -9.06 22.37 15.92
CA ASP A 211 -8.06 22.08 16.98
C ASP A 211 -8.23 23.04 18.16
N GLU A 212 -7.56 22.78 19.25
CA GLU A 212 -7.68 23.68 20.44
C GLU A 212 -6.36 24.41 20.69
N VAL A 213 -5.26 23.83 20.29
CA VAL A 213 -3.94 24.49 20.51
C VAL A 213 -3.87 25.80 19.70
N ASP A 214 -3.18 26.78 20.22
CA ASP A 214 -3.07 28.08 19.49
C ASP A 214 -2.24 27.90 18.21
ZN ZN C . 17.71 -9.19 3.94
ZN ZN D . -19.37 -6.09 -10.02
N MET A 1 -2.16 3.09 27.33
CA MET A 1 -2.03 3.95 26.11
C MET A 1 -1.99 3.08 24.86
N ALA A 2 -0.92 2.36 24.65
CA ALA A 2 -0.82 1.49 23.44
C ALA A 2 0.07 0.28 23.73
N GLU A 3 -0.23 -0.44 24.78
CA GLU A 3 0.59 -1.64 25.12
C GLU A 3 0.00 -2.90 24.50
N SER A 4 -0.87 -2.74 23.52
CA SER A 4 -1.48 -3.94 22.87
C SER A 4 -0.69 -4.33 21.62
N SER A 5 0.18 -3.48 21.16
CA SER A 5 0.99 -3.81 19.94
C SER A 5 0.07 -4.16 18.77
N ASP A 6 -0.91 -3.34 18.49
CA ASP A 6 -1.83 -3.64 17.36
C ASP A 6 -1.23 -3.17 16.04
N LYS A 7 -0.15 -2.44 16.07
CA LYS A 7 0.48 -1.96 14.81
C LYS A 7 0.82 -3.15 13.91
N LEU A 8 0.85 -2.97 12.62
CA LEU A 8 1.17 -4.10 11.71
C LEU A 8 2.69 -4.24 11.50
N TYR A 9 3.45 -3.22 11.79
CA TYR A 9 4.93 -3.33 11.58
C TYR A 9 5.73 -2.95 12.83
N ARG A 10 6.96 -3.39 12.89
CA ARG A 10 7.82 -3.08 14.05
C ARG A 10 9.24 -2.76 13.57
N VAL A 11 9.87 -1.80 14.18
CA VAL A 11 11.25 -1.43 13.81
C VAL A 11 12.09 -1.34 15.07
N GLU A 12 13.29 -1.84 15.06
CA GLU A 12 14.13 -1.77 16.27
C GLU A 12 15.55 -2.26 16.00
N TYR A 13 16.44 -2.04 16.92
CA TYR A 13 17.82 -2.51 16.74
C TYR A 13 17.83 -4.00 17.13
N ALA A 14 18.32 -4.83 16.26
CA ALA A 14 18.31 -6.32 16.50
C ALA A 14 18.66 -6.71 17.96
N LYS A 15 17.74 -7.34 18.63
CA LYS A 15 18.00 -7.79 20.04
C LYS A 15 19.03 -8.93 20.03
N SER A 16 19.18 -9.57 18.90
CA SER A 16 20.16 -10.68 18.77
C SER A 16 20.63 -10.76 17.30
N GLY A 17 21.55 -11.64 17.00
CA GLY A 17 22.04 -11.75 15.60
C GLY A 17 21.60 -13.10 15.03
N ARG A 18 20.60 -13.72 15.62
CA ARG A 18 20.15 -15.06 15.13
C ARG A 18 18.96 -14.95 14.16
N ALA A 19 18.29 -13.83 14.12
CA ALA A 19 17.13 -13.70 13.16
C ALA A 19 17.61 -13.74 11.69
N SER A 20 16.86 -14.39 10.84
CA SER A 20 17.25 -14.49 9.41
C SER A 20 16.30 -13.64 8.57
N CYS A 21 16.83 -12.88 7.68
CA CYS A 21 15.98 -12.02 6.81
C CYS A 21 15.03 -12.87 5.96
N LYS A 22 13.76 -12.57 5.98
CA LYS A 22 12.78 -13.37 5.19
C LYS A 22 12.89 -13.09 3.68
N LYS A 23 13.73 -12.16 3.28
CA LYS A 23 13.90 -11.85 1.83
C LYS A 23 15.19 -12.49 1.26
N CYS A 24 16.32 -12.13 1.80
CA CYS A 24 17.62 -12.69 1.27
C CYS A 24 18.15 -13.87 2.11
N SER A 25 17.50 -14.21 3.21
CA SER A 25 17.92 -15.39 4.06
C SER A 25 19.21 -15.14 4.90
N GLU A 26 19.93 -14.06 4.68
CA GLU A 26 21.16 -13.82 5.49
C GLU A 26 20.78 -13.43 6.92
N SER A 27 21.65 -13.65 7.87
CA SER A 27 21.32 -13.33 9.29
C SER A 27 21.30 -11.81 9.50
N ILE A 28 20.48 -11.37 10.42
CA ILE A 28 20.43 -9.93 10.74
C ILE A 28 21.34 -9.70 11.96
N PRO A 29 22.39 -8.92 11.79
CA PRO A 29 23.36 -8.71 12.90
C PRO A 29 22.76 -7.97 14.09
N LYS A 30 23.15 -8.39 15.27
CA LYS A 30 22.62 -7.75 16.54
C LYS A 30 22.86 -6.24 16.52
N ASP A 31 21.92 -5.48 17.06
CA ASP A 31 22.03 -3.97 17.12
C ASP A 31 21.78 -3.31 15.74
N SER A 32 21.71 -4.07 14.68
CA SER A 32 21.47 -3.45 13.35
C SER A 32 19.99 -3.06 13.23
N LEU A 33 19.69 -2.09 12.40
CA LEU A 33 18.28 -1.67 12.24
C LEU A 33 17.52 -2.68 11.39
N ARG A 34 16.49 -3.28 11.94
CA ARG A 34 15.71 -4.29 11.18
C ARG A 34 14.22 -3.95 11.26
N MET A 35 13.44 -4.41 10.31
CA MET A 35 11.99 -4.13 10.32
C MET A 35 11.21 -5.42 10.12
N ALA A 36 10.01 -5.49 10.63
CA ALA A 36 9.23 -6.75 10.47
C ALA A 36 7.74 -6.47 10.29
N ILE A 37 7.07 -7.37 9.60
CA ILE A 37 5.60 -7.24 9.46
C ILE A 37 4.96 -8.15 10.52
N MET A 38 4.24 -7.59 11.44
CA MET A 38 3.63 -8.42 12.53
C MET A 38 2.53 -9.34 12.03
N VAL A 39 2.49 -10.54 12.55
CA VAL A 39 1.43 -11.51 12.14
C VAL A 39 0.90 -12.23 13.39
N GLN A 40 -0.39 -12.42 13.48
CA GLN A 40 -0.97 -13.13 14.65
C GLN A 40 -0.80 -14.63 14.50
N SER A 41 -0.35 -15.31 15.53
CA SER A 41 -0.16 -16.78 15.44
C SER A 41 -1.41 -17.53 15.95
N PRO A 42 -1.84 -18.50 15.19
CA PRO A 42 -3.04 -19.29 15.58
C PRO A 42 -2.66 -20.40 16.57
N MET A 43 -1.40 -20.56 16.87
CA MET A 43 -0.97 -21.63 17.82
C MET A 43 -0.84 -21.09 19.24
N PHE A 44 -0.80 -19.79 19.39
CA PHE A 44 -0.67 -19.19 20.76
C PHE A 44 -0.94 -17.69 20.72
N ASP A 45 -1.45 -17.15 21.79
CA ASP A 45 -1.73 -15.67 21.83
C ASP A 45 -0.40 -14.90 21.71
N GLY A 46 -0.29 -14.06 20.72
CA GLY A 46 0.96 -13.29 20.53
C GLY A 46 1.23 -13.12 19.03
N LYS A 47 1.97 -12.11 18.66
CA LYS A 47 2.24 -11.90 17.21
C LYS A 47 3.67 -12.31 16.85
N VAL A 48 3.85 -12.98 15.74
CA VAL A 48 5.22 -13.40 15.30
C VAL A 48 5.75 -12.39 14.29
N PRO A 49 6.95 -11.93 14.48
CA PRO A 49 7.52 -10.94 13.56
C PRO A 49 8.30 -11.59 12.42
N HIS A 50 8.03 -11.20 11.21
CA HIS A 50 8.83 -11.71 10.06
C HIS A 50 9.89 -10.64 9.84
N TRP A 51 11.10 -10.85 10.31
CA TRP A 51 12.14 -9.80 10.22
C TRP A 51 12.86 -9.74 8.87
N TYR A 52 13.36 -8.58 8.58
CA TYR A 52 14.11 -8.33 7.31
C TYR A 52 15.17 -7.26 7.57
N HIS A 53 16.27 -7.28 6.84
CA HIS A 53 17.26 -6.18 7.00
C HIS A 53 16.53 -4.91 6.56
N PHE A 54 16.92 -3.76 7.03
CA PHE A 54 16.19 -2.50 6.63
C PHE A 54 15.90 -2.42 5.12
N SER A 55 16.90 -2.59 4.30
CA SER A 55 16.68 -2.50 2.81
C SER A 55 15.80 -3.63 2.27
N CYS A 56 16.05 -4.86 2.68
CA CYS A 56 15.22 -6.01 2.16
C CYS A 56 13.72 -5.80 2.41
N PHE A 57 13.38 -5.24 3.54
CA PHE A 57 11.92 -5.03 3.88
C PHE A 57 11.14 -4.33 2.74
N TRP A 58 11.77 -3.39 2.05
CA TRP A 58 11.04 -2.64 0.98
C TRP A 58 11.08 -3.37 -0.36
N LYS A 59 12.00 -4.29 -0.54
CA LYS A 59 12.11 -5.00 -1.85
C LYS A 59 11.12 -6.17 -1.94
N VAL A 60 10.32 -6.40 -0.94
CA VAL A 60 9.35 -7.53 -0.99
C VAL A 60 7.93 -7.04 -1.34
N GLY A 61 7.66 -5.78 -1.13
CA GLY A 61 6.31 -5.26 -1.45
C GLY A 61 5.72 -4.54 -0.22
N HIS A 62 6.35 -4.66 0.92
CA HIS A 62 5.83 -3.96 2.14
C HIS A 62 5.82 -2.45 1.90
N SER A 63 4.78 -1.77 2.32
CA SER A 63 4.75 -0.29 2.09
C SER A 63 4.20 0.45 3.32
N ILE A 64 4.71 1.62 3.57
CA ILE A 64 4.23 2.41 4.74
C ILE A 64 4.23 3.91 4.39
N ARG A 65 3.10 4.55 4.47
CA ARG A 65 3.03 6.01 4.14
C ARG A 65 3.40 6.83 5.37
N HIS A 66 2.92 6.45 6.52
CA HIS A 66 3.24 7.19 7.78
C HIS A 66 3.87 6.26 8.82
N PRO A 67 5.19 6.23 8.84
CA PRO A 67 5.90 5.34 9.80
C PRO A 67 5.58 5.66 11.28
N ASP A 68 5.61 6.93 11.67
CA ASP A 68 5.31 7.29 13.08
C ASP A 68 4.03 6.61 13.63
N VAL A 69 3.01 6.45 12.83
CA VAL A 69 1.73 5.84 13.33
C VAL A 69 1.56 4.35 12.91
N GLU A 70 2.19 3.92 11.85
CA GLU A 70 2.00 2.49 11.40
C GLU A 70 3.12 1.56 11.87
N VAL A 71 4.23 2.07 12.32
CA VAL A 71 5.34 1.16 12.76
C VAL A 71 5.64 1.31 14.25
N ASP A 72 5.42 0.25 15.01
CA ASP A 72 5.70 0.29 16.47
C ASP A 72 7.22 0.40 16.70
N GLY A 73 7.64 1.16 17.70
CA GLY A 73 9.11 1.29 17.97
C GLY A 73 9.74 2.42 17.15
N PHE A 74 9.01 3.00 16.25
CA PHE A 74 9.59 4.11 15.41
C PHE A 74 10.09 5.27 16.26
N SER A 75 9.27 5.74 17.15
CA SER A 75 9.68 6.89 18.03
C SER A 75 10.90 6.58 18.91
N GLU A 76 11.22 5.32 19.17
CA GLU A 76 12.40 5.02 20.01
C GLU A 76 13.69 4.86 19.18
N LEU A 77 13.61 4.97 17.87
CA LEU A 77 14.83 4.84 17.03
C LEU A 77 15.68 6.11 17.16
N ARG A 78 16.94 6.03 16.86
CA ARG A 78 17.78 7.27 16.91
C ARG A 78 17.26 8.24 15.84
N TRP A 79 17.46 9.51 16.04
CA TRP A 79 16.93 10.53 15.06
C TRP A 79 17.26 10.17 13.61
N ASP A 80 18.52 9.99 13.28
CA ASP A 80 18.90 9.68 11.87
C ASP A 80 18.12 8.46 11.33
N ASP A 81 17.96 7.43 12.14
CA ASP A 81 17.22 6.22 11.66
C ASP A 81 15.74 6.58 11.48
N GLN A 82 15.23 7.50 12.27
CA GLN A 82 13.81 7.91 12.12
C GLN A 82 13.66 8.64 10.78
N GLN A 83 14.65 9.41 10.40
CA GLN A 83 14.58 10.14 9.11
C GLN A 83 14.78 9.15 7.96
N LYS A 84 15.69 8.24 8.11
CA LYS A 84 15.94 7.21 7.05
C LYS A 84 14.65 6.43 6.77
N VAL A 85 14.00 5.98 7.81
CA VAL A 85 12.73 5.23 7.62
C VAL A 85 11.67 6.16 7.02
N LYS A 86 11.62 7.38 7.49
CA LYS A 86 10.60 8.35 6.97
C LYS A 86 10.83 8.62 5.48
N LYS A 87 12.06 8.82 5.08
CA LYS A 87 12.34 9.10 3.65
C LYS A 87 12.17 7.84 2.82
N THR A 88 12.68 6.73 3.28
CA THR A 88 12.53 5.45 2.51
C THR A 88 11.04 5.14 2.34
N ALA A 89 10.24 5.43 3.33
CA ALA A 89 8.78 5.17 3.22
C ALA A 89 8.20 6.04 2.10
N GLU A 90 8.57 7.30 2.08
CA GLU A 90 8.05 8.21 1.02
C GLU A 90 8.50 7.73 -0.37
N ALA A 91 9.76 7.48 -0.52
CA ALA A 91 10.28 7.00 -1.84
C ALA A 91 9.55 5.73 -2.27
N GLY A 92 8.80 5.79 -3.33
CA GLY A 92 8.06 4.57 -3.80
C GLY A 92 7.22 4.94 -5.03
N GLY A 93 7.72 4.64 -6.21
CA GLY A 93 6.95 4.95 -7.45
C GLY A 93 7.89 4.91 -8.65
N VAL A 94 8.83 5.84 -8.71
CA VAL A 94 9.78 5.85 -9.86
C VAL A 94 11.20 5.53 -9.39
N THR A 95 11.45 5.67 -8.11
CA THR A 95 12.82 5.37 -7.59
C THR A 95 13.18 3.89 -7.84
N GLY A 96 14.42 3.62 -8.11
CA GLY A 96 14.83 2.21 -8.37
C GLY A 96 16.06 2.19 -9.30
N LYS A 97 15.89 2.66 -10.50
CA LYS A 97 17.04 2.67 -11.46
C LYS A 97 17.55 4.10 -11.66
N GLY A 98 18.83 4.26 -11.89
CA GLY A 98 19.39 5.63 -12.10
C GLY A 98 18.84 6.22 -13.39
N GLN A 99 17.90 7.13 -13.29
CA GLN A 99 17.33 7.74 -14.52
C GLN A 99 16.76 9.13 -14.20
N ASP A 100 15.62 9.19 -13.56
CA ASP A 100 15.02 10.51 -13.21
C ASP A 100 13.84 10.31 -12.25
N GLY A 101 13.04 11.33 -12.07
CA GLY A 101 11.87 11.21 -11.16
C GLY A 101 10.79 12.22 -11.56
N ILE A 102 10.31 12.14 -12.77
CA ILE A 102 9.26 13.08 -13.23
C ILE A 102 8.00 12.32 -13.64
N GLY A 103 7.01 13.02 -14.14
CA GLY A 103 5.75 12.34 -14.56
C GLY A 103 4.77 13.37 -15.12
N SER A 104 4.13 13.07 -16.20
CA SER A 104 3.15 14.03 -16.79
C SER A 104 1.85 14.02 -15.99
N LYS A 105 1.64 15.01 -15.17
CA LYS A 105 0.39 15.08 -14.35
C LYS A 105 0.18 13.76 -13.58
N ALA A 106 1.25 13.18 -13.09
CA ALA A 106 1.12 11.90 -12.35
C ALA A 106 2.10 11.88 -11.16
N GLU A 107 1.65 12.30 -10.01
CA GLU A 107 2.55 12.30 -8.82
C GLU A 107 1.86 11.61 -7.64
N LYS A 108 0.85 12.22 -7.09
CA LYS A 108 0.13 11.60 -5.93
C LYS A 108 -0.53 10.29 -6.36
N THR A 109 -0.06 9.18 -5.85
CA THR A 109 -0.66 7.87 -6.22
C THR A 109 -1.07 7.09 -4.96
N LEU A 110 -2.30 6.66 -4.89
CA LEU A 110 -2.75 5.89 -3.70
C LEU A 110 -2.03 4.55 -3.63
N GLY A 111 -1.76 4.07 -2.44
CA GLY A 111 -1.05 2.76 -2.32
C GLY A 111 -2.05 1.63 -2.01
N ASP A 112 -3.29 1.96 -1.77
CA ASP A 112 -4.29 0.91 -1.45
C ASP A 112 -5.39 0.84 -2.53
N PHE A 113 -5.23 1.54 -3.62
CA PHE A 113 -6.26 1.51 -4.70
C PHE A 113 -5.58 1.27 -6.05
N ALA A 114 -6.10 0.36 -6.85
CA ALA A 114 -5.44 0.09 -8.16
C ALA A 114 -6.44 -0.14 -9.30
N ALA A 115 -5.97 0.05 -10.50
CA ALA A 115 -6.83 -0.16 -11.70
C ALA A 115 -6.00 -0.89 -12.77
N GLU A 116 -6.54 -1.94 -13.35
CA GLU A 116 -5.77 -2.68 -14.37
C GLU A 116 -6.71 -3.56 -15.20
N TYR A 117 -6.25 -4.05 -16.32
CA TYR A 117 -7.11 -4.94 -17.12
C TYR A 117 -7.04 -6.34 -16.49
N ALA A 118 -8.15 -7.01 -16.36
CA ALA A 118 -8.14 -8.37 -15.71
C ALA A 118 -7.08 -9.29 -16.32
N LYS A 119 -6.07 -9.64 -15.54
CA LYS A 119 -5.02 -10.55 -16.04
C LYS A 119 -5.60 -11.92 -16.37
N SER A 120 -6.76 -12.24 -15.84
CA SER A 120 -7.39 -13.55 -16.12
C SER A 120 -8.92 -13.43 -15.98
N ASN A 121 -9.62 -14.54 -15.97
CA ASN A 121 -11.11 -14.49 -15.85
C ASN A 121 -11.60 -15.23 -14.61
N ARG A 122 -10.72 -15.56 -13.68
CA ARG A 122 -11.18 -16.28 -12.46
C ARG A 122 -11.33 -15.30 -11.27
N SER A 123 -11.12 -14.02 -11.48
CA SER A 123 -11.31 -13.05 -10.37
C SER A 123 -12.81 -12.81 -10.20
N THR A 124 -13.22 -12.12 -9.18
CA THR A 124 -14.68 -11.89 -8.98
C THR A 124 -14.95 -10.52 -8.37
N CYS A 125 -15.84 -9.75 -8.97
CA CYS A 125 -16.18 -8.44 -8.39
C CYS A 125 -16.79 -8.65 -7.00
N LYS A 126 -16.19 -8.06 -5.99
CA LYS A 126 -16.72 -8.23 -4.59
C LYS A 126 -17.91 -7.30 -4.29
N GLY A 127 -18.59 -6.81 -5.31
CA GLY A 127 -19.75 -5.91 -5.09
C GLY A 127 -21.00 -6.65 -5.58
N CYS A 128 -20.91 -7.30 -6.71
CA CYS A 128 -22.07 -8.09 -7.23
C CYS A 128 -21.72 -9.60 -7.29
N MET A 129 -20.52 -9.98 -6.86
CA MET A 129 -20.09 -11.41 -6.89
C MET A 129 -20.11 -12.02 -8.30
N GLU A 130 -20.21 -11.23 -9.34
CA GLU A 130 -20.18 -11.78 -10.72
C GLU A 130 -18.73 -11.85 -11.18
N LYS A 131 -18.38 -12.86 -11.95
CA LYS A 131 -16.96 -13.01 -12.39
C LYS A 131 -16.55 -11.87 -13.33
N ILE A 132 -15.31 -11.44 -13.24
CA ILE A 132 -14.81 -10.40 -14.16
C ILE A 132 -14.12 -11.10 -15.34
N GLU A 133 -14.43 -10.73 -16.55
CA GLU A 133 -13.81 -11.40 -17.72
C GLU A 133 -12.38 -10.91 -17.96
N LYS A 134 -11.50 -11.79 -18.36
CA LYS A 134 -10.09 -11.37 -18.68
C LYS A 134 -10.07 -10.20 -19.68
N GLY A 135 -9.25 -9.20 -19.44
CA GLY A 135 -9.19 -8.04 -20.38
C GLY A 135 -10.09 -6.90 -19.88
N GLN A 136 -11.16 -7.23 -19.18
CA GLN A 136 -12.08 -6.17 -18.67
C GLN A 136 -11.39 -5.29 -17.63
N VAL A 137 -11.64 -4.02 -17.66
CA VAL A 137 -11.03 -3.09 -16.68
C VAL A 137 -11.62 -3.37 -15.29
N ARG A 138 -10.79 -3.46 -14.29
CA ARG A 138 -11.30 -3.72 -12.92
C ARG A 138 -10.58 -2.82 -11.92
N LEU A 139 -11.24 -2.50 -10.84
CA LEU A 139 -10.60 -1.63 -9.80
C LEU A 139 -10.48 -2.41 -8.50
N SER A 140 -9.65 -1.97 -7.58
CA SER A 140 -9.53 -2.75 -6.33
C SER A 140 -9.10 -1.91 -5.13
N LYS A 141 -9.61 -2.29 -3.98
CA LYS A 141 -9.24 -1.60 -2.72
C LYS A 141 -8.36 -2.56 -1.90
N LYS A 142 -7.08 -2.37 -1.96
CA LYS A 142 -6.14 -3.29 -1.22
C LYS A 142 -6.53 -3.41 0.26
N MET A 143 -6.49 -4.61 0.78
CA MET A 143 -6.83 -4.82 2.21
C MET A 143 -6.05 -6.04 2.73
N VAL A 144 -5.79 -6.09 4.00
CA VAL A 144 -5.03 -7.25 4.55
C VAL A 144 -5.96 -8.22 5.27
N ASP A 145 -5.71 -9.50 5.14
CA ASP A 145 -6.58 -10.49 5.84
C ASP A 145 -5.87 -11.00 7.09
N PRO A 146 -6.56 -10.94 8.21
CA PRO A 146 -5.95 -11.41 9.49
C PRO A 146 -5.73 -12.92 9.45
N GLU A 147 -6.42 -13.60 8.57
CA GLU A 147 -6.26 -15.08 8.47
C GLU A 147 -5.07 -15.41 7.56
N LYS A 148 -4.74 -14.51 6.66
CA LYS A 148 -3.59 -14.75 5.74
C LYS A 148 -2.62 -13.56 5.83
N PRO A 149 -1.98 -13.44 6.96
CA PRO A 149 -1.03 -12.32 7.21
C PRO A 149 0.23 -12.42 6.33
N GLN A 150 0.61 -13.59 5.91
CA GLN A 150 1.82 -13.72 5.05
C GLN A 150 1.60 -13.07 3.68
N LEU A 151 0.36 -12.90 3.28
CA LEU A 151 0.08 -12.27 1.96
C LEU A 151 0.23 -10.74 2.04
N GLY A 152 -0.33 -10.14 3.06
CA GLY A 152 -0.22 -8.66 3.21
C GLY A 152 -1.35 -7.97 2.43
N MET A 153 -1.09 -6.82 1.91
CA MET A 153 -2.14 -6.06 1.14
C MET A 153 -2.61 -6.88 -0.07
N ILE A 154 -3.82 -7.38 0.00
CA ILE A 154 -4.35 -8.18 -1.15
C ILE A 154 -5.41 -7.36 -1.89
N ASP A 155 -5.46 -7.46 -3.19
CA ASP A 155 -6.47 -6.67 -3.94
C ASP A 155 -7.89 -7.23 -3.84
N ARG A 156 -8.84 -6.38 -3.54
CA ARG A 156 -10.27 -6.79 -3.51
C ARG A 156 -10.82 -6.20 -4.81
N TRP A 157 -11.06 -7.00 -5.81
CA TRP A 157 -11.49 -6.45 -7.13
C TRP A 157 -12.97 -6.13 -7.25
N TYR A 158 -13.27 -5.27 -8.19
CA TYR A 158 -14.67 -4.84 -8.44
C TYR A 158 -14.78 -4.30 -9.87
N HIS A 159 -15.97 -4.27 -10.41
CA HIS A 159 -16.14 -3.64 -11.74
C HIS A 159 -16.08 -2.14 -11.45
N PRO A 160 -15.63 -1.34 -12.38
CA PRO A 160 -15.52 0.12 -12.10
C PRO A 160 -16.88 0.69 -11.63
N GLY A 161 -17.96 0.30 -12.26
CA GLY A 161 -19.30 0.78 -11.82
C GLY A 161 -19.57 0.29 -10.40
N CYS A 162 -19.42 -0.99 -10.15
CA CYS A 162 -19.67 -1.53 -8.77
C CYS A 162 -18.76 -0.82 -7.75
N PHE A 163 -17.52 -0.57 -8.11
CA PHE A 163 -16.58 0.12 -7.19
C PHE A 163 -17.10 1.52 -6.86
N VAL A 164 -17.55 2.25 -7.86
CA VAL A 164 -18.05 3.63 -7.61
C VAL A 164 -19.28 3.59 -6.69
N LYS A 165 -20.14 2.61 -6.86
CA LYS A 165 -21.36 2.53 -5.98
C LYS A 165 -20.96 2.44 -4.49
N ASN A 166 -19.88 1.75 -4.21
CA ASN A 166 -19.42 1.60 -2.78
C ASN A 166 -18.19 2.48 -2.50
N ARG A 167 -18.02 3.59 -3.20
CA ARG A 167 -16.81 4.45 -2.96
C ARG A 167 -16.67 4.84 -1.49
N GLU A 168 -17.75 5.10 -0.83
CA GLU A 168 -17.68 5.52 0.62
C GLU A 168 -17.16 4.39 1.50
N GLU A 169 -17.81 3.26 1.48
CA GLU A 169 -17.37 2.13 2.34
C GLU A 169 -15.98 1.63 1.95
N LEU A 170 -15.61 1.80 0.71
CA LEU A 170 -14.25 1.34 0.27
C LEU A 170 -13.17 2.37 0.65
N GLY A 171 -13.54 3.46 1.28
CA GLY A 171 -12.53 4.48 1.71
C GLY A 171 -12.02 5.30 0.52
N PHE A 172 -12.77 5.38 -0.55
CA PHE A 172 -12.32 6.19 -1.72
C PHE A 172 -12.87 7.61 -1.58
N ARG A 173 -12.23 8.41 -0.76
CA ARG A 173 -12.72 9.81 -0.51
C ARG A 173 -13.07 10.55 -1.82
N PRO A 174 -13.90 11.58 -1.69
CA PRO A 174 -14.34 12.36 -2.88
C PRO A 174 -13.23 13.26 -3.44
N GLU A 175 -12.16 13.47 -2.68
CA GLU A 175 -11.04 14.32 -3.20
C GLU A 175 -10.14 13.50 -4.15
N TYR A 176 -10.26 12.19 -4.09
CA TYR A 176 -9.43 11.33 -4.97
C TYR A 176 -9.98 11.30 -6.39
N SER A 177 -9.11 11.22 -7.36
CA SER A 177 -9.55 11.16 -8.78
C SER A 177 -9.03 9.87 -9.41
N ALA A 178 -9.56 9.51 -10.55
CA ALA A 178 -9.11 8.25 -11.22
C ALA A 178 -7.59 8.24 -11.46
N SER A 179 -7.02 9.39 -11.71
CA SER A 179 -5.54 9.46 -11.99
C SER A 179 -4.69 9.00 -10.80
N GLN A 180 -5.27 8.88 -9.63
CA GLN A 180 -4.47 8.45 -8.43
C GLN A 180 -4.46 6.92 -8.26
N LEU A 181 -5.22 6.19 -9.03
CA LEU A 181 -5.24 4.70 -8.88
C LEU A 181 -3.90 4.09 -9.30
N LYS A 182 -3.39 3.17 -8.53
CA LYS A 182 -2.10 2.52 -8.89
C LYS A 182 -2.28 1.71 -10.19
N GLY A 183 -1.55 2.05 -11.23
CA GLY A 183 -1.69 1.30 -12.52
C GLY A 183 -2.45 2.16 -13.56
N PHE A 184 -3.02 3.27 -13.15
CA PHE A 184 -3.80 4.13 -14.10
C PHE A 184 -3.00 4.43 -15.38
N SER A 185 -1.81 4.92 -15.22
CA SER A 185 -0.96 5.30 -16.39
C SER A 185 -0.85 4.20 -17.46
N LEU A 186 -1.03 2.94 -17.10
CA LEU A 186 -0.87 1.84 -18.12
C LEU A 186 -2.17 1.56 -18.89
N LEU A 187 -3.19 2.34 -18.69
CA LEU A 187 -4.48 2.09 -19.40
C LEU A 187 -4.56 2.91 -20.68
N ALA A 188 -5.23 2.38 -21.69
CA ALA A 188 -5.36 3.12 -22.97
C ALA A 188 -6.10 4.44 -22.71
N THR A 189 -5.83 5.46 -23.49
CA THR A 189 -6.50 6.79 -23.27
C THR A 189 -8.02 6.63 -23.09
N GLU A 190 -8.66 5.87 -23.94
CA GLU A 190 -10.14 5.66 -23.81
C GLU A 190 -10.52 5.16 -22.41
N ASP A 191 -9.83 4.15 -21.95
CA ASP A 191 -10.13 3.60 -20.60
C ASP A 191 -9.86 4.64 -19.51
N LYS A 192 -8.81 5.42 -19.66
CA LYS A 192 -8.49 6.46 -18.63
C LYS A 192 -9.59 7.52 -18.59
N GLU A 193 -10.11 7.91 -19.71
CA GLU A 193 -11.18 8.94 -19.74
C GLU A 193 -12.44 8.42 -19.04
N ALA A 194 -12.82 7.21 -19.33
CA ALA A 194 -14.05 6.62 -18.68
C ALA A 194 -13.92 6.67 -17.16
N LEU A 195 -12.75 6.38 -16.64
CA LEU A 195 -12.56 6.39 -15.17
C LEU A 195 -12.61 7.83 -14.65
N LYS A 196 -11.82 8.72 -15.21
CA LYS A 196 -11.84 10.15 -14.76
C LYS A 196 -13.28 10.68 -14.77
N LYS A 197 -14.08 10.15 -15.66
CA LYS A 197 -15.51 10.59 -15.76
C LYS A 197 -16.30 10.19 -14.50
N GLN A 198 -16.12 8.98 -14.03
CA GLN A 198 -16.89 8.52 -12.83
C GLN A 198 -16.19 8.94 -11.53
N LEU A 199 -14.89 9.06 -11.56
CA LEU A 199 -14.14 9.50 -10.34
C LEU A 199 -13.39 10.79 -10.68
N PRO A 200 -14.11 11.89 -10.69
CA PRO A 200 -13.51 13.21 -11.05
C PRO A 200 -12.62 13.74 -9.93
N GLY A 201 -13.04 13.62 -8.70
CA GLY A 201 -12.21 14.13 -7.58
C GLY A 201 -12.38 15.64 -7.45
N VAL A 202 -13.61 16.10 -7.26
CA VAL A 202 -13.84 17.56 -7.14
C VAL A 202 -15.08 17.81 -6.27
N LYS A 203 -15.04 18.83 -5.45
CA LYS A 203 -16.21 19.13 -4.57
C LYS A 203 -17.24 19.95 -5.34
N SER A 204 -18.34 20.27 -4.71
CA SER A 204 -19.39 21.08 -5.40
C SER A 204 -19.90 22.20 -4.48
N GLU A 205 -19.06 22.67 -3.60
CA GLU A 205 -19.48 23.76 -2.67
C GLU A 205 -18.50 24.94 -2.76
N GLY A 206 -18.89 26.08 -2.26
CA GLY A 206 -17.99 27.26 -2.31
C GLY A 206 -18.32 28.21 -1.16
N LYS A 207 -17.47 28.27 -0.17
CA LYS A 207 -17.74 29.19 0.99
C LYS A 207 -16.47 29.31 1.86
N ARG A 208 -16.02 30.52 2.09
CA ARG A 208 -14.79 30.71 2.92
C ARG A 208 -15.03 30.16 4.33
N LYS A 209 -14.01 30.15 5.15
CA LYS A 209 -14.17 29.63 6.53
C LYS A 209 -13.64 30.64 7.55
N GLY A 210 -14.43 30.98 8.54
CA GLY A 210 -13.97 31.97 9.56
C GLY A 210 -14.29 31.44 10.96
N ASP A 211 -13.29 30.94 11.65
CA ASP A 211 -13.54 30.41 13.03
C ASP A 211 -12.80 31.26 14.06
N GLU A 212 -13.51 31.72 15.06
CA GLU A 212 -12.86 32.56 16.12
C GLU A 212 -12.09 33.73 15.48
N VAL A 213 -12.73 34.86 15.36
CA VAL A 213 -12.04 36.04 14.75
C VAL A 213 -11.51 36.98 15.84
N ASP A 214 -12.10 36.94 17.00
CA ASP A 214 -11.63 37.82 18.12
C ASP A 214 -12.25 37.38 19.45
ZN ZN C . 18.07 -9.30 3.96
ZN ZN D . -19.60 -6.04 -10.20
N MET A 1 2.29 1.78 27.51
CA MET A 1 3.05 2.07 26.27
C MET A 1 3.07 0.84 25.36
N ALA A 2 2.07 0.00 25.46
CA ALA A 2 2.03 -1.22 24.61
C ALA A 2 0.64 -1.87 24.67
N GLU A 3 -0.38 -1.15 24.28
CA GLU A 3 -1.76 -1.72 24.33
C GLU A 3 -1.98 -2.67 23.13
N SER A 4 -1.50 -3.88 23.23
CA SER A 4 -1.67 -4.86 22.11
C SER A 4 -1.19 -4.26 20.79
N SER A 5 0.01 -4.58 20.38
CA SER A 5 0.56 -4.04 19.10
C SER A 5 -0.38 -4.39 17.94
N ASP A 6 -0.88 -3.41 17.24
CA ASP A 6 -1.80 -3.68 16.09
C ASP A 6 -1.15 -3.25 14.77
N LYS A 7 -0.04 -2.56 14.84
CA LYS A 7 0.64 -2.11 13.58
C LYS A 7 0.97 -3.32 12.71
N LEU A 8 1.06 -3.12 11.42
CA LEU A 8 1.37 -4.27 10.52
C LEU A 8 2.89 -4.44 10.37
N TYR A 9 3.66 -3.42 10.65
CA TYR A 9 5.14 -3.56 10.49
C TYR A 9 5.90 -3.16 11.76
N ARG A 10 7.12 -3.60 11.88
CA ARG A 10 7.95 -3.27 13.06
C ARG A 10 9.39 -2.96 12.62
N VAL A 11 9.99 -1.99 13.23
CA VAL A 11 11.40 -1.66 12.89
C VAL A 11 12.19 -1.53 14.19
N GLU A 12 13.39 -2.04 14.22
CA GLU A 12 14.19 -1.95 15.47
C GLU A 12 15.61 -2.45 15.24
N TYR A 13 16.47 -2.21 16.20
CA TYR A 13 17.86 -2.71 16.07
C TYR A 13 17.85 -4.18 16.49
N ALA A 14 18.36 -5.04 15.65
CA ALA A 14 18.34 -6.52 15.93
C ALA A 14 18.63 -6.87 17.39
N LYS A 15 17.68 -7.49 18.06
CA LYS A 15 17.89 -7.92 19.47
C LYS A 15 18.92 -9.06 19.52
N SER A 16 19.09 -9.73 18.41
CA SER A 16 20.09 -10.83 18.33
C SER A 16 20.60 -10.95 16.89
N GLY A 17 21.52 -11.85 16.63
CA GLY A 17 22.06 -11.99 15.25
C GLY A 17 21.63 -13.35 14.68
N ARG A 18 20.61 -13.95 15.26
CA ARG A 18 20.15 -15.29 14.78
C ARG A 18 19.00 -15.20 13.77
N ALA A 19 18.34 -14.08 13.68
CA ALA A 19 17.22 -13.96 12.68
C ALA A 19 17.75 -14.02 11.24
N SER A 20 17.03 -14.68 10.37
CA SER A 20 17.45 -14.82 8.96
C SER A 20 16.54 -13.99 8.08
N CYS A 21 17.10 -13.26 7.18
CA CYS A 21 16.29 -12.39 6.27
C CYS A 21 15.36 -13.26 5.40
N LYS A 22 14.09 -12.95 5.38
CA LYS A 22 13.13 -13.76 4.57
C LYS A 22 13.31 -13.52 3.06
N LYS A 23 14.16 -12.60 2.67
CA LYS A 23 14.37 -12.32 1.21
C LYS A 23 15.68 -12.97 0.71
N CYS A 24 16.80 -12.60 1.28
CA CYS A 24 18.11 -13.19 0.80
C CYS A 24 18.60 -14.36 1.69
N SER A 25 17.91 -14.67 2.77
CA SER A 25 18.30 -15.83 3.66
C SER A 25 19.55 -15.57 4.53
N GLU A 26 20.29 -14.50 4.31
CA GLU A 26 21.50 -14.25 5.16
C GLU A 26 21.06 -13.83 6.57
N SER A 27 21.90 -14.05 7.55
CA SER A 27 21.53 -13.68 8.94
C SER A 27 21.52 -12.18 9.14
N ILE A 28 20.68 -11.71 10.01
CA ILE A 28 20.62 -10.25 10.31
C ILE A 28 21.48 -10.00 11.55
N PRO A 29 22.55 -9.23 11.40
CA PRO A 29 23.49 -9.01 12.53
C PRO A 29 22.85 -8.24 13.70
N LYS A 30 23.19 -8.64 14.90
CA LYS A 30 22.63 -7.98 16.13
C LYS A 30 22.87 -6.46 16.08
N ASP A 31 21.93 -5.69 16.58
CA ASP A 31 22.05 -4.18 16.61
C ASP A 31 21.85 -3.54 15.22
N SER A 32 21.80 -4.32 14.17
CA SER A 32 21.61 -3.73 12.82
C SER A 32 20.14 -3.33 12.65
N LEU A 33 19.88 -2.38 11.79
CA LEU A 33 18.47 -1.95 11.57
C LEU A 33 17.73 -2.98 10.71
N ARG A 34 16.68 -3.57 11.24
CA ARG A 34 15.92 -4.58 10.47
C ARG A 34 14.44 -4.24 10.50
N MET A 35 13.69 -4.71 9.53
CA MET A 35 12.23 -4.41 9.50
C MET A 35 11.45 -5.71 9.29
N ALA A 36 10.23 -5.76 9.75
CA ALA A 36 9.46 -7.02 9.60
C ALA A 36 7.98 -6.74 9.37
N ILE A 37 7.33 -7.65 8.68
CA ILE A 37 5.85 -7.53 8.48
C ILE A 37 5.18 -8.42 9.53
N MET A 38 4.49 -7.82 10.46
CA MET A 38 3.84 -8.61 11.56
C MET A 38 2.74 -9.54 11.04
N VAL A 39 2.66 -10.73 11.60
CA VAL A 39 1.61 -11.70 11.17
C VAL A 39 1.02 -12.40 12.40
N GLN A 40 -0.27 -12.60 12.41
CA GLN A 40 -0.91 -13.27 13.59
C GLN A 40 -0.72 -14.79 13.49
N SER A 41 -0.34 -15.42 14.57
CA SER A 41 -0.14 -16.89 14.53
C SER A 41 -1.42 -17.62 14.99
N PRO A 42 -1.83 -18.60 14.22
CA PRO A 42 -3.04 -19.38 14.58
C PRO A 42 -2.72 -20.47 15.59
N MET A 43 -1.47 -20.65 15.94
CA MET A 43 -1.08 -21.70 16.93
C MET A 43 -0.99 -21.12 18.35
N PHE A 44 -0.94 -19.82 18.47
CA PHE A 44 -0.86 -19.20 19.83
C PHE A 44 -1.12 -17.69 19.75
N ASP A 45 -1.64 -17.12 20.79
CA ASP A 45 -1.90 -15.65 20.79
C ASP A 45 -0.58 -14.89 20.69
N GLY A 46 -0.43 -14.06 19.69
CA GLY A 46 0.84 -13.30 19.53
C GLY A 46 1.15 -13.18 18.04
N LYS A 47 1.91 -12.18 17.66
CA LYS A 47 2.22 -12.01 16.21
C LYS A 47 3.67 -12.42 15.91
N VAL A 48 3.86 -13.12 14.82
CA VAL A 48 5.25 -13.55 14.44
C VAL A 48 5.81 -12.56 13.40
N PRO A 49 7.01 -12.11 13.63
CA PRO A 49 7.62 -11.14 12.71
C PRO A 49 8.43 -11.82 11.61
N HIS A 50 8.19 -11.45 10.38
CA HIS A 50 9.03 -11.98 9.27
C HIS A 50 10.11 -10.91 9.06
N TRP A 51 11.30 -11.13 9.59
CA TRP A 51 12.35 -10.09 9.51
C TRP A 51 13.12 -10.06 8.19
N TYR A 52 13.63 -8.90 7.88
CA TYR A 52 14.42 -8.69 6.63
C TYR A 52 15.48 -7.62 6.90
N HIS A 53 16.59 -7.65 6.21
CA HIS A 53 17.59 -6.56 6.38
C HIS A 53 16.89 -5.30 5.89
N PHE A 54 17.27 -4.14 6.36
CA PHE A 54 16.56 -2.88 5.92
C PHE A 54 16.32 -2.82 4.39
N SER A 55 17.35 -3.03 3.61
CA SER A 55 17.18 -2.96 2.11
C SER A 55 16.30 -4.11 1.57
N CYS A 56 16.53 -5.32 2.00
CA CYS A 56 15.73 -6.48 1.47
C CYS A 56 14.21 -6.26 1.68
N PHE A 57 13.83 -5.67 2.78
CA PHE A 57 12.37 -5.45 3.07
C PHE A 57 11.64 -4.76 1.90
N TRP A 58 12.28 -3.84 1.20
CA TRP A 58 11.59 -3.12 0.10
C TRP A 58 11.69 -3.87 -1.23
N LYS A 59 12.61 -4.79 -1.35
CA LYS A 59 12.75 -5.53 -2.64
C LYS A 59 11.76 -6.70 -2.76
N VAL A 60 10.93 -6.90 -1.77
CA VAL A 60 9.94 -8.03 -1.83
C VAL A 60 8.57 -7.54 -2.26
N GLY A 61 8.27 -6.29 -2.04
CA GLY A 61 6.93 -5.76 -2.43
C GLY A 61 6.30 -5.02 -1.25
N HIS A 62 6.90 -5.11 -0.08
CA HIS A 62 6.33 -4.40 1.10
C HIS A 62 6.35 -2.89 0.85
N SER A 63 5.30 -2.19 1.19
CA SER A 63 5.28 -0.72 0.95
C SER A 63 4.71 0.04 2.14
N ILE A 64 5.23 1.21 2.40
CA ILE A 64 4.72 2.03 3.54
C ILE A 64 4.75 3.52 3.16
N ARG A 65 3.63 4.17 3.20
CA ARG A 65 3.60 5.62 2.83
C ARG A 65 3.91 6.48 4.05
N HIS A 66 3.36 6.14 5.17
CA HIS A 66 3.63 6.91 6.43
C HIS A 66 4.23 5.99 7.51
N PRO A 67 5.54 5.95 7.58
CA PRO A 67 6.23 5.08 8.58
C PRO A 67 5.86 5.43 10.04
N ASP A 68 5.89 6.70 10.41
CA ASP A 68 5.53 7.09 11.80
C ASP A 68 4.23 6.43 12.32
N VAL A 69 3.24 6.26 11.48
CA VAL A 69 1.95 5.65 11.96
C VAL A 69 1.77 4.18 11.57
N GLU A 70 2.44 3.71 10.53
CA GLU A 70 2.25 2.28 10.10
C GLU A 70 3.34 1.35 10.64
N VAL A 71 4.46 1.87 11.11
CA VAL A 71 5.54 0.96 11.60
C VAL A 71 5.80 1.13 13.10
N ASP A 72 5.54 0.09 13.87
CA ASP A 72 5.77 0.16 15.33
C ASP A 72 7.28 0.27 15.63
N GLY A 73 7.68 1.04 16.61
CA GLY A 73 9.13 1.17 16.94
C GLY A 73 9.80 2.29 16.12
N PHE A 74 9.10 2.85 15.16
CA PHE A 74 9.72 3.93 14.32
C PHE A 74 10.20 5.11 15.18
N SER A 75 9.35 5.61 16.03
CA SER A 75 9.73 6.77 16.90
C SER A 75 10.92 6.48 17.83
N GLU A 76 11.22 5.22 18.12
CA GLU A 76 12.39 4.92 19.01
C GLU A 76 13.70 4.74 18.22
N LEU A 77 13.66 4.82 16.91
CA LEU A 77 14.91 4.67 16.11
C LEU A 77 15.75 5.93 16.24
N ARG A 78 17.03 5.85 15.99
CA ARG A 78 17.87 7.08 16.04
C ARG A 78 17.40 8.03 14.93
N TRP A 79 17.59 9.31 15.12
CA TRP A 79 17.10 10.31 14.10
C TRP A 79 17.49 9.93 12.67
N ASP A 80 18.75 9.73 12.39
CA ASP A 80 19.17 9.38 10.99
C ASP A 80 18.40 8.15 10.46
N ASP A 81 18.21 7.15 11.28
CA ASP A 81 17.48 5.93 10.80
C ASP A 81 16.01 6.29 10.56
N GLN A 82 15.48 7.23 11.31
CA GLN A 82 14.07 7.65 11.11
C GLN A 82 13.96 8.35 9.76
N GLN A 83 14.98 9.10 9.39
CA GLN A 83 14.96 9.81 8.09
C GLN A 83 15.17 8.80 6.96
N LYS A 84 16.09 7.88 7.17
CA LYS A 84 16.36 6.84 6.13
C LYS A 84 15.08 6.05 5.83
N VAL A 85 14.38 5.63 6.84
CA VAL A 85 13.12 4.88 6.63
C VAL A 85 12.09 5.81 5.98
N LYS A 86 12.02 7.04 6.42
CA LYS A 86 11.04 7.99 5.85
C LYS A 86 11.31 8.24 4.37
N LYS A 87 12.56 8.43 4.01
CA LYS A 87 12.89 8.68 2.58
C LYS A 87 12.74 7.40 1.75
N THR A 88 13.22 6.29 2.27
CA THR A 88 13.09 5.00 1.51
C THR A 88 11.61 4.70 1.29
N ALA A 89 10.78 5.01 2.26
CA ALA A 89 9.32 4.75 2.10
C ALA A 89 8.78 5.61 0.95
N GLU A 90 9.16 6.86 0.92
CA GLU A 90 8.67 7.75 -0.18
C GLU A 90 9.17 7.24 -1.54
N ALA A 91 10.45 6.96 -1.65
CA ALA A 91 11.00 6.46 -2.94
C ALA A 91 10.28 5.17 -3.36
N GLY A 92 10.44 4.78 -4.60
CA GLY A 92 9.77 3.54 -5.08
C GLY A 92 10.10 3.31 -6.55
N GLY A 93 9.55 2.29 -7.14
CA GLY A 93 9.85 2.01 -8.58
C GLY A 93 10.82 0.83 -8.69
N VAL A 94 11.41 0.63 -9.84
CA VAL A 94 12.36 -0.49 -10.01
C VAL A 94 13.57 -0.03 -10.84
N THR A 95 14.61 -0.84 -10.89
CA THR A 95 15.82 -0.44 -11.67
C THR A 95 15.50 -0.37 -13.16
N GLY A 96 14.37 -0.92 -13.57
CA GLY A 96 14.01 -0.88 -15.02
C GLY A 96 13.94 0.57 -15.50
N LYS A 97 13.79 0.78 -16.78
CA LYS A 97 13.72 2.18 -17.31
C LYS A 97 12.51 2.89 -16.73
N GLY A 98 12.72 4.03 -16.11
CA GLY A 98 11.57 4.79 -15.52
C GLY A 98 11.97 6.26 -15.34
N GLN A 99 11.42 6.91 -14.35
CA GLN A 99 11.77 8.34 -14.13
C GLN A 99 11.33 8.77 -12.72
N ASP A 100 11.84 8.13 -11.71
CA ASP A 100 11.46 8.50 -10.32
C ASP A 100 12.57 8.10 -9.34
N GLY A 101 12.71 8.82 -8.26
CA GLY A 101 13.77 8.48 -7.27
C GLY A 101 14.66 9.70 -7.02
N ILE A 102 15.16 10.29 -8.07
CA ILE A 102 16.03 11.49 -7.90
C ILE A 102 15.39 12.71 -8.58
N GLY A 103 14.50 13.38 -7.89
CA GLY A 103 13.85 14.58 -8.50
C GLY A 103 13.12 15.37 -7.40
N SER A 104 11.83 15.55 -7.55
CA SER A 104 11.07 16.31 -6.53
C SER A 104 10.42 15.35 -5.52
N LYS A 105 9.88 15.86 -4.44
CA LYS A 105 9.25 14.97 -3.43
C LYS A 105 7.74 15.22 -3.38
N ALA A 106 7.11 15.38 -4.51
CA ALA A 106 5.64 15.63 -4.53
C ALA A 106 4.93 14.51 -5.29
N GLU A 107 4.58 13.45 -4.61
CA GLU A 107 3.88 12.32 -5.28
C GLU A 107 2.37 12.47 -5.13
N LYS A 108 1.61 11.56 -5.68
CA LYS A 108 0.12 11.65 -5.56
C LYS A 108 -0.52 10.32 -5.98
N THR A 109 -0.29 9.28 -5.24
CA THR A 109 -0.88 7.95 -5.59
C THR A 109 -1.26 7.20 -4.31
N LEU A 110 -2.47 6.71 -4.24
CA LEU A 110 -2.89 5.95 -3.01
C LEU A 110 -2.21 4.58 -2.99
N GLY A 111 -1.85 4.10 -1.83
CA GLY A 111 -1.17 2.78 -1.75
C GLY A 111 -2.17 1.67 -1.41
N ASP A 112 -3.42 2.01 -1.17
CA ASP A 112 -4.42 0.96 -0.81
C ASP A 112 -5.48 0.83 -1.91
N PHE A 113 -5.44 1.66 -2.93
CA PHE A 113 -6.46 1.56 -4.03
C PHE A 113 -5.75 1.34 -5.37
N ALA A 114 -6.25 0.44 -6.17
CA ALA A 114 -5.58 0.19 -7.49
C ALA A 114 -6.57 -0.04 -8.63
N ALA A 115 -6.11 0.16 -9.82
CA ALA A 115 -6.96 -0.06 -11.03
C ALA A 115 -6.12 -0.76 -12.10
N GLU A 116 -6.64 -1.80 -12.69
CA GLU A 116 -5.85 -2.52 -13.73
C GLU A 116 -6.77 -3.41 -14.56
N TYR A 117 -6.31 -3.88 -15.68
CA TYR A 117 -7.14 -4.79 -16.50
C TYR A 117 -7.05 -6.18 -15.88
N ALA A 118 -8.15 -6.88 -15.75
CA ALA A 118 -8.12 -8.24 -15.11
C ALA A 118 -7.03 -9.13 -15.74
N LYS A 119 -6.02 -9.48 -14.95
CA LYS A 119 -4.95 -10.35 -15.47
C LYS A 119 -5.50 -11.75 -15.81
N SER A 120 -6.66 -12.09 -15.28
CA SER A 120 -7.28 -13.41 -15.57
C SER A 120 -8.79 -13.32 -15.44
N ASN A 121 -9.47 -14.44 -15.44
CA ASN A 121 -10.96 -14.40 -15.32
C ASN A 121 -11.45 -15.18 -14.08
N ARG A 122 -10.57 -15.49 -13.16
CA ARG A 122 -11.01 -16.23 -11.94
C ARG A 122 -11.18 -15.28 -10.74
N SER A 123 -11.00 -13.99 -10.95
CA SER A 123 -11.20 -13.03 -9.82
C SER A 123 -12.70 -12.81 -9.66
N THR A 124 -13.14 -12.15 -8.63
CA THR A 124 -14.60 -11.95 -8.43
C THR A 124 -14.89 -10.59 -7.80
N CYS A 125 -15.80 -9.84 -8.39
CA CYS A 125 -16.16 -8.54 -7.80
C CYS A 125 -16.77 -8.77 -6.42
N LYS A 126 -16.18 -8.19 -5.40
CA LYS A 126 -16.71 -8.37 -4.00
C LYS A 126 -17.93 -7.47 -3.70
N GLY A 127 -18.60 -6.98 -4.72
CA GLY A 127 -19.78 -6.10 -4.49
C GLY A 127 -21.02 -6.86 -4.99
N CYS A 128 -20.91 -7.50 -6.13
CA CYS A 128 -22.05 -8.31 -6.65
C CYS A 128 -21.67 -9.80 -6.73
N MET A 129 -20.47 -10.17 -6.30
CA MET A 129 -20.02 -11.60 -6.34
C MET A 129 -20.03 -12.19 -7.76
N GLU A 130 -20.14 -11.38 -8.77
CA GLU A 130 -20.10 -11.92 -10.17
C GLU A 130 -18.63 -11.97 -10.63
N LYS A 131 -18.27 -12.96 -11.40
CA LYS A 131 -16.85 -13.07 -11.85
C LYS A 131 -16.46 -11.92 -12.77
N ILE A 132 -15.22 -11.47 -12.68
CA ILE A 132 -14.74 -10.42 -13.58
C ILE A 132 -14.05 -11.09 -14.77
N GLU A 133 -14.35 -10.70 -15.98
CA GLU A 133 -13.72 -11.37 -17.17
C GLU A 133 -12.30 -10.83 -17.40
N LYS A 134 -11.41 -11.70 -17.80
CA LYS A 134 -10.00 -11.25 -18.11
C LYS A 134 -10.01 -10.08 -19.11
N GLY A 135 -9.21 -9.06 -18.86
CA GLY A 135 -9.16 -7.89 -19.79
C GLY A 135 -10.09 -6.78 -19.27
N GLN A 136 -11.15 -7.13 -18.58
CA GLN A 136 -12.09 -6.10 -18.06
C GLN A 136 -11.42 -5.21 -17.00
N VAL A 137 -11.70 -3.94 -17.03
CA VAL A 137 -11.10 -3.02 -16.03
C VAL A 137 -11.69 -3.31 -14.66
N ARG A 138 -10.86 -3.40 -13.66
CA ARG A 138 -11.36 -3.68 -12.29
C ARG A 138 -10.66 -2.78 -11.27
N LEU A 139 -11.32 -2.49 -10.19
CA LEU A 139 -10.71 -1.62 -9.14
C LEU A 139 -10.57 -2.40 -7.85
N SER A 140 -9.75 -1.96 -6.92
CA SER A 140 -9.62 -2.75 -5.68
C SER A 140 -9.21 -1.91 -4.47
N LYS A 141 -9.70 -2.30 -3.33
CA LYS A 141 -9.34 -1.62 -2.06
C LYS A 141 -8.46 -2.57 -1.26
N LYS A 142 -7.17 -2.39 -1.34
CA LYS A 142 -6.22 -3.30 -0.62
C LYS A 142 -6.58 -3.43 0.86
N MET A 143 -6.55 -4.63 1.37
CA MET A 143 -6.88 -4.86 2.81
C MET A 143 -6.03 -6.03 3.33
N VAL A 144 -5.88 -6.14 4.61
CA VAL A 144 -5.06 -7.26 5.16
C VAL A 144 -5.97 -8.27 5.88
N ASP A 145 -5.72 -9.54 5.70
CA ASP A 145 -6.55 -10.56 6.37
C ASP A 145 -5.83 -11.06 7.63
N PRO A 146 -6.53 -11.02 8.75
CA PRO A 146 -5.92 -11.48 10.02
C PRO A 146 -5.69 -12.99 9.98
N GLU A 147 -6.40 -13.68 9.12
CA GLU A 147 -6.23 -15.16 9.02
C GLU A 147 -5.03 -15.47 8.12
N LYS A 148 -4.71 -14.60 7.21
CA LYS A 148 -3.55 -14.85 6.31
C LYS A 148 -2.61 -13.63 6.35
N PRO A 149 -1.93 -13.48 7.45
CA PRO A 149 -1.01 -12.33 7.61
C PRO A 149 0.22 -12.43 6.69
N GLN A 150 0.64 -13.62 6.37
CA GLN A 150 1.82 -13.76 5.46
C GLN A 150 1.57 -13.06 4.12
N LEU A 151 0.32 -12.92 3.75
CA LEU A 151 0.00 -12.25 2.45
C LEU A 151 0.16 -10.74 2.57
N GLY A 152 -0.44 -10.16 3.58
CA GLY A 152 -0.37 -8.69 3.75
C GLY A 152 -1.12 -8.02 2.61
N MET A 153 -1.33 -6.74 2.70
CA MET A 153 -2.05 -5.96 1.63
C MET A 153 -2.59 -6.85 0.48
N ILE A 154 -3.82 -7.30 0.57
CA ILE A 154 -4.38 -8.14 -0.53
C ILE A 154 -5.44 -7.32 -1.28
N ASP A 155 -5.47 -7.41 -2.58
CA ASP A 155 -6.49 -6.62 -3.33
C ASP A 155 -7.90 -7.22 -3.23
N ARG A 156 -8.86 -6.39 -2.93
CA ARG A 156 -10.29 -6.82 -2.91
C ARG A 156 -10.84 -6.22 -4.20
N TRP A 157 -11.07 -7.03 -5.20
CA TRP A 157 -11.51 -6.47 -6.52
C TRP A 157 -12.99 -6.17 -6.64
N TYR A 158 -13.31 -5.31 -7.57
CA TYR A 158 -14.71 -4.92 -7.82
C TYR A 158 -14.83 -4.36 -9.24
N HIS A 159 -16.02 -4.34 -9.79
CA HIS A 159 -16.21 -3.70 -11.10
C HIS A 159 -16.17 -2.21 -10.80
N PRO A 160 -15.73 -1.39 -11.72
CA PRO A 160 -15.66 0.07 -11.44
C PRO A 160 -17.02 0.60 -10.96
N GLY A 161 -18.09 0.20 -11.60
CA GLY A 161 -19.45 0.66 -11.15
C GLY A 161 -19.71 0.15 -9.72
N CYS A 162 -19.55 -1.13 -9.50
CA CYS A 162 -19.77 -1.70 -8.13
C CYS A 162 -18.89 -0.96 -7.09
N PHE A 163 -17.65 -0.69 -7.46
CA PHE A 163 -16.72 0.01 -6.52
C PHE A 163 -17.27 1.39 -6.18
N VAL A 164 -17.73 2.12 -7.17
CA VAL A 164 -18.26 3.49 -6.91
C VAL A 164 -19.48 3.41 -6.00
N LYS A 165 -20.32 2.42 -6.17
CA LYS A 165 -21.54 2.32 -5.29
C LYS A 165 -21.14 2.20 -3.81
N ASN A 166 -20.05 1.55 -3.53
CA ASN A 166 -19.60 1.40 -2.10
C ASN A 166 -18.37 2.29 -1.81
N ARG A 167 -18.23 3.40 -2.50
CA ARG A 167 -17.04 4.29 -2.26
C ARG A 167 -16.90 4.66 -0.78
N GLU A 168 -18.00 4.90 -0.12
CA GLU A 168 -17.93 5.31 1.33
C GLU A 168 -17.39 4.18 2.21
N GLU A 169 -18.01 3.04 2.17
CA GLU A 169 -17.56 1.90 3.03
C GLU A 169 -16.15 1.45 2.63
N LEU A 170 -15.78 1.62 1.39
CA LEU A 170 -14.42 1.20 0.95
C LEU A 170 -13.35 2.24 1.34
N GLY A 171 -13.76 3.32 1.98
CA GLY A 171 -12.76 4.34 2.42
C GLY A 171 -12.26 5.19 1.24
N PHE A 172 -13.01 5.27 0.17
CA PHE A 172 -12.57 6.10 -1.00
C PHE A 172 -13.16 7.50 -0.84
N ARG A 173 -12.54 8.31 -0.01
CA ARG A 173 -13.04 9.71 0.25
C ARG A 173 -13.41 10.45 -1.05
N PRO A 174 -14.25 11.46 -0.91
CA PRO A 174 -14.72 12.25 -2.08
C PRO A 174 -13.61 13.17 -2.64
N GLU A 175 -12.56 13.39 -1.89
CA GLU A 175 -11.46 14.26 -2.40
C GLU A 175 -10.54 13.47 -3.34
N TYR A 176 -10.63 12.16 -3.30
CA TYR A 176 -9.77 11.32 -4.18
C TYR A 176 -10.34 11.29 -5.61
N SER A 177 -9.46 11.24 -6.58
CA SER A 177 -9.89 11.19 -7.99
C SER A 177 -9.35 9.92 -8.65
N ALA A 178 -9.87 9.55 -9.79
CA ALA A 178 -9.39 8.30 -10.46
C ALA A 178 -7.88 8.33 -10.72
N SER A 179 -7.33 9.49 -10.94
CA SER A 179 -5.86 9.60 -11.22
C SER A 179 -5.00 9.14 -10.03
N GLN A 180 -5.58 9.00 -8.86
CA GLN A 180 -4.77 8.57 -7.69
C GLN A 180 -4.72 7.04 -7.51
N LEU A 181 -5.47 6.31 -8.29
CA LEU A 181 -5.46 4.82 -8.15
C LEU A 181 -4.12 4.23 -8.59
N LYS A 182 -3.58 3.32 -7.81
CA LYS A 182 -2.28 2.69 -8.19
C LYS A 182 -2.45 1.90 -9.49
N GLY A 183 -1.72 2.25 -10.53
CA GLY A 183 -1.85 1.52 -11.83
C GLY A 183 -2.62 2.36 -12.86
N PHE A 184 -3.22 3.46 -12.44
CA PHE A 184 -4.01 4.31 -13.39
C PHE A 184 -3.21 4.65 -14.66
N SER A 185 -2.03 5.16 -14.48
CA SER A 185 -1.19 5.57 -15.66
C SER A 185 -1.05 4.48 -16.73
N LEU A 186 -1.20 3.22 -16.39
CA LEU A 186 -1.04 2.12 -17.42
C LEU A 186 -2.33 1.82 -18.19
N LEU A 187 -3.37 2.59 -17.98
CA LEU A 187 -4.65 2.32 -18.70
C LEU A 187 -4.73 3.15 -19.98
N ALA A 188 -5.39 2.61 -20.98
CA ALA A 188 -5.54 3.36 -22.26
C ALA A 188 -6.30 4.67 -21.98
N THR A 189 -6.05 5.70 -22.75
CA THR A 189 -6.75 7.02 -22.53
C THR A 189 -8.27 6.83 -22.34
N GLU A 190 -8.89 6.06 -23.20
CA GLU A 190 -10.36 5.83 -23.09
C GLU A 190 -10.73 5.30 -21.70
N ASP A 191 -10.03 4.30 -21.24
CA ASP A 191 -10.32 3.73 -19.89
C ASP A 191 -10.08 4.77 -18.79
N LYS A 192 -9.04 5.57 -18.93
CA LYS A 192 -8.74 6.60 -17.89
C LYS A 192 -9.86 7.64 -17.83
N GLU A 193 -10.38 8.03 -18.97
CA GLU A 193 -11.47 9.05 -18.99
C GLU A 193 -12.73 8.49 -18.29
N ALA A 194 -13.08 7.27 -18.59
CA ALA A 194 -14.30 6.66 -17.95
C ALA A 194 -14.17 6.70 -16.42
N LEU A 195 -13.00 6.42 -15.91
CA LEU A 195 -12.81 6.43 -14.44
C LEU A 195 -12.89 7.86 -13.90
N LYS A 196 -12.11 8.77 -14.45
CA LYS A 196 -12.16 10.20 -13.99
C LYS A 196 -13.62 10.70 -14.00
N LYS A 197 -14.40 10.16 -14.89
CA LYS A 197 -15.83 10.58 -15.00
C LYS A 197 -16.63 10.15 -13.74
N GLN A 198 -16.42 8.93 -13.28
CA GLN A 198 -17.18 8.46 -12.08
C GLN A 198 -16.48 8.87 -10.78
N LEU A 199 -15.18 9.03 -10.80
CA LEU A 199 -14.46 9.46 -9.58
C LEU A 199 -13.72 10.77 -9.91
N PRO A 200 -14.46 11.85 -9.90
CA PRO A 200 -13.87 13.19 -10.24
C PRO A 200 -12.93 13.70 -9.14
N GLY A 201 -13.35 13.63 -7.91
CA GLY A 201 -12.48 14.13 -6.81
C GLY A 201 -12.66 15.64 -6.66
N VAL A 202 -11.69 16.31 -6.11
CA VAL A 202 -11.80 17.80 -5.95
C VAL A 202 -10.48 18.47 -6.35
N LYS A 203 -9.73 17.87 -7.22
CA LYS A 203 -8.43 18.47 -7.64
C LYS A 203 -8.23 18.26 -9.15
N SER A 204 -7.64 19.23 -9.81
CA SER A 204 -7.41 19.09 -11.28
C SER A 204 -5.98 19.51 -11.63
N GLU A 205 -5.62 19.46 -12.89
CA GLU A 205 -4.25 19.86 -13.31
C GLU A 205 -4.29 21.10 -14.18
N GLY A 206 -5.04 21.06 -15.26
CA GLY A 206 -5.12 22.24 -16.16
C GLY A 206 -3.86 22.33 -17.02
N LYS A 207 -3.67 21.38 -17.90
CA LYS A 207 -2.46 21.40 -18.78
C LYS A 207 -2.61 20.37 -19.91
N ARG A 208 -3.62 20.52 -20.72
CA ARG A 208 -3.82 19.56 -21.84
C ARG A 208 -2.98 19.99 -23.05
N LYS A 209 -2.67 19.06 -23.93
CA LYS A 209 -1.85 19.41 -25.12
C LYS A 209 -2.67 20.27 -26.09
N GLY A 210 -2.29 21.51 -26.25
CA GLY A 210 -3.05 22.42 -27.18
C GLY A 210 -2.95 21.88 -28.61
N ASP A 211 -3.49 22.59 -29.56
CA ASP A 211 -3.42 22.12 -30.97
C ASP A 211 -1.98 22.15 -31.48
N GLU A 212 -1.54 21.09 -32.08
CA GLU A 212 -0.14 21.05 -32.60
C GLU A 212 -0.03 21.90 -33.87
N VAL A 213 -1.06 21.95 -34.66
CA VAL A 213 -1.00 22.77 -35.91
C VAL A 213 -1.24 24.25 -35.59
N ASP A 214 -0.35 24.85 -34.84
CA ASP A 214 -0.52 26.29 -34.50
C ASP A 214 -0.04 27.17 -35.66
ZN ZN C . 18.49 -9.75 3.43
ZN ZN D . -19.61 -6.19 -9.58
N MET A 1 -10.68 -3.03 26.93
CA MET A 1 -10.17 -3.84 25.79
C MET A 1 -8.66 -4.11 25.96
N ALA A 2 -8.16 -5.13 25.33
CA ALA A 2 -6.70 -5.45 25.45
C ALA A 2 -5.92 -4.78 24.33
N GLU A 3 -4.81 -4.17 24.65
CA GLU A 3 -3.99 -3.49 23.59
C GLU A 3 -2.51 -3.83 23.78
N SER A 4 -1.83 -4.15 22.71
CA SER A 4 -0.38 -4.48 22.83
C SER A 4 0.37 -4.03 21.58
N SER A 5 -0.06 -4.47 20.42
CA SER A 5 0.63 -4.05 19.17
C SER A 5 -0.22 -4.43 17.95
N ASP A 6 -1.35 -3.81 17.78
CA ASP A 6 -2.23 -4.13 16.62
C ASP A 6 -1.60 -3.61 15.31
N LYS A 7 -0.56 -2.82 15.40
CA LYS A 7 0.09 -2.29 14.16
C LYS A 7 0.52 -3.46 13.27
N LEU A 8 0.57 -3.25 11.98
CA LEU A 8 0.98 -4.37 11.08
C LEU A 8 2.50 -4.42 10.92
N TYR A 9 3.22 -3.36 11.25
CA TYR A 9 4.70 -3.42 11.09
C TYR A 9 5.43 -3.03 12.38
N ARG A 10 6.68 -3.42 12.47
CA ARG A 10 7.49 -3.09 13.68
C ARG A 10 8.90 -2.70 13.25
N VAL A 11 9.46 -1.73 13.91
CA VAL A 11 10.85 -1.30 13.58
C VAL A 11 11.63 -1.19 14.89
N GLU A 12 12.86 -1.64 14.90
CA GLU A 12 13.65 -1.57 16.16
C GLU A 12 15.09 -1.98 15.92
N TYR A 13 15.94 -1.74 16.88
CA TYR A 13 17.35 -2.17 16.74
C TYR A 13 17.41 -3.65 17.11
N ALA A 14 17.96 -4.45 16.23
CA ALA A 14 18.01 -5.94 16.45
C ALA A 14 18.32 -6.34 17.91
N LYS A 15 17.40 -7.03 18.54
CA LYS A 15 17.63 -7.49 19.94
C LYS A 15 18.71 -8.59 19.94
N SER A 16 18.92 -9.21 18.81
CA SER A 16 19.96 -10.26 18.70
C SER A 16 20.49 -10.30 17.25
N GLY A 17 21.45 -11.14 16.97
CA GLY A 17 22.00 -11.19 15.58
C GLY A 17 21.64 -12.54 14.96
N ARG A 18 20.65 -13.22 15.50
CA ARG A 18 20.26 -14.55 14.98
C ARG A 18 19.10 -14.48 13.97
N ALA A 19 18.39 -13.40 13.92
CA ALA A 19 17.26 -13.29 12.92
C ALA A 19 17.80 -13.28 11.48
N SER A 20 17.11 -13.94 10.59
CA SER A 20 17.55 -14.00 9.17
C SER A 20 16.60 -13.17 8.31
N CYS A 21 17.13 -12.38 7.45
CA CYS A 21 16.28 -11.53 6.57
C CYS A 21 15.40 -12.41 5.66
N LYS A 22 14.11 -12.15 5.65
CA LYS A 22 13.19 -12.99 4.81
C LYS A 22 13.36 -12.67 3.31
N LYS A 23 14.17 -11.70 2.96
CA LYS A 23 14.37 -11.34 1.51
C LYS A 23 15.70 -11.92 0.99
N CYS A 24 16.81 -11.53 1.58
CA CYS A 24 18.15 -12.01 1.09
C CYS A 24 18.70 -13.19 1.92
N SER A 25 18.02 -13.58 2.99
CA SER A 25 18.46 -14.76 3.84
C SER A 25 19.70 -14.47 4.73
N GLU A 26 20.38 -13.36 4.55
CA GLU A 26 21.58 -13.08 5.41
C GLU A 26 21.12 -12.73 6.83
N SER A 27 21.97 -12.95 7.81
CA SER A 27 21.58 -12.66 9.21
C SER A 27 21.49 -11.15 9.47
N ILE A 28 20.62 -10.77 10.35
CA ILE A 28 20.49 -9.33 10.71
C ILE A 28 21.34 -9.09 11.95
N PRO A 29 22.37 -8.26 11.84
CA PRO A 29 23.29 -8.04 12.99
C PRO A 29 22.61 -7.35 14.18
N LYS A 30 22.97 -7.77 15.37
CA LYS A 30 22.38 -7.19 16.62
C LYS A 30 22.55 -5.67 16.64
N ASP A 31 21.56 -4.96 17.16
CA ASP A 31 21.60 -3.46 17.25
C ASP A 31 21.37 -2.77 15.88
N SER A 32 21.37 -3.51 14.80
CA SER A 32 21.15 -2.87 13.47
C SER A 32 19.67 -2.54 13.31
N LEU A 33 19.36 -1.57 12.49
CA LEU A 33 17.93 -1.20 12.29
C LEU A 33 17.25 -2.24 11.38
N ARG A 34 16.23 -2.89 11.88
CA ARG A 34 15.52 -3.91 11.07
C ARG A 34 14.01 -3.65 11.11
N MET A 35 13.30 -4.11 10.12
CA MET A 35 11.83 -3.89 10.08
C MET A 35 11.12 -5.21 9.83
N ALA A 36 9.89 -5.34 10.29
CA ALA A 36 9.18 -6.63 10.08
C ALA A 36 7.70 -6.41 9.85
N ILE A 37 7.08 -7.32 9.12
CA ILE A 37 5.62 -7.26 8.92
C ILE A 37 4.96 -8.19 9.94
N MET A 38 4.20 -7.66 10.85
CA MET A 38 3.54 -8.50 11.89
C MET A 38 2.65 -9.57 11.26
N VAL A 39 2.51 -10.69 11.94
CA VAL A 39 1.65 -11.79 11.40
C VAL A 39 1.07 -12.59 12.58
N GLN A 40 -0.23 -12.74 12.63
CA GLN A 40 -0.85 -13.50 13.75
C GLN A 40 -0.60 -15.01 13.56
N SER A 41 -0.18 -15.68 14.61
CA SER A 41 0.07 -17.15 14.50
C SER A 41 -1.15 -17.95 14.94
N PRO A 42 -1.52 -18.94 14.15
CA PRO A 42 -2.68 -19.78 14.48
C PRO A 42 -2.30 -20.90 15.45
N MET A 43 -1.04 -21.00 15.81
CA MET A 43 -0.62 -22.08 16.75
C MET A 43 -0.55 -21.56 18.19
N PHE A 44 -0.58 -20.26 18.37
CA PHE A 44 -0.52 -19.70 19.75
C PHE A 44 -0.85 -18.20 19.73
N ASP A 45 -1.41 -17.70 20.79
CA ASP A 45 -1.75 -16.25 20.85
C ASP A 45 -0.47 -15.42 20.79
N GLY A 46 -0.36 -14.55 19.82
CA GLY A 46 0.86 -13.71 19.70
C GLY A 46 1.17 -13.50 18.21
N LYS A 47 1.89 -12.46 17.89
CA LYS A 47 2.21 -12.21 16.45
C LYS A 47 3.67 -12.56 16.13
N VAL A 48 3.89 -13.20 15.02
CA VAL A 48 5.29 -13.55 14.63
C VAL A 48 5.81 -12.50 13.64
N PRO A 49 6.98 -11.98 13.89
CA PRO A 49 7.54 -10.95 13.01
C PRO A 49 8.39 -11.54 11.90
N HIS A 50 8.13 -11.14 10.68
CA HIS A 50 9.01 -11.59 9.56
C HIS A 50 10.03 -10.46 9.40
N TRP A 51 11.23 -10.65 9.91
CA TRP A 51 12.23 -9.54 9.88
C TRP A 51 12.98 -9.43 8.56
N TYR A 52 13.45 -8.23 8.31
CA TYR A 52 14.23 -7.93 7.07
C TYR A 52 15.24 -6.83 7.39
N HIS A 53 16.36 -6.78 6.70
CA HIS A 53 17.29 -5.65 6.92
C HIS A 53 16.53 -4.40 6.47
N PHE A 54 16.85 -3.25 6.98
CA PHE A 54 16.08 -2.01 6.59
C PHE A 54 15.84 -1.91 5.06
N SER A 55 16.88 -2.02 4.28
CA SER A 55 16.72 -1.91 2.78
C SER A 55 15.90 -3.07 2.19
N CYS A 56 16.19 -4.30 2.57
CA CYS A 56 15.44 -5.46 2.01
C CYS A 56 13.91 -5.33 2.22
N PHE A 57 13.51 -4.80 3.34
CA PHE A 57 12.04 -4.66 3.62
C PHE A 57 11.27 -3.97 2.47
N TRP A 58 11.87 -2.99 1.81
CA TRP A 58 11.14 -2.25 0.75
C TRP A 58 11.28 -2.95 -0.61
N LYS A 59 12.23 -3.82 -0.77
CA LYS A 59 12.43 -4.51 -2.08
C LYS A 59 11.49 -5.71 -2.25
N VAL A 60 10.67 -6.00 -1.27
CA VAL A 60 9.75 -7.17 -1.38
C VAL A 60 8.33 -6.73 -1.77
N GLY A 61 8.00 -5.48 -1.56
CA GLY A 61 6.63 -5.01 -1.91
C GLY A 61 5.99 -4.34 -0.70
N HIS A 62 6.59 -4.45 0.47
CA HIS A 62 6.00 -3.80 1.68
C HIS A 62 5.91 -2.29 1.45
N SER A 63 4.83 -1.67 1.86
CA SER A 63 4.70 -0.20 1.64
C SER A 63 4.13 0.50 2.89
N ILE A 64 4.60 1.69 3.15
CA ILE A 64 4.10 2.45 4.34
C ILE A 64 4.00 3.94 3.99
N ARG A 65 2.83 4.50 4.09
CA ARG A 65 2.68 5.96 3.78
C ARG A 65 2.97 6.79 5.02
N HIS A 66 2.46 6.37 6.14
CA HIS A 66 2.70 7.11 7.43
C HIS A 66 3.33 6.18 8.48
N PRO A 67 4.64 6.20 8.55
CA PRO A 67 5.37 5.33 9.52
C PRO A 67 4.98 5.59 10.98
N ASP A 68 4.95 6.86 11.40
CA ASP A 68 4.57 7.18 12.81
C ASP A 68 3.29 6.43 13.30
N VAL A 69 2.32 6.25 12.45
CA VAL A 69 1.05 5.56 12.90
C VAL A 69 0.96 4.09 12.44
N GLU A 70 1.64 3.70 11.40
CA GLU A 70 1.53 2.28 10.92
C GLU A 70 2.67 1.38 11.41
N VAL A 71 3.74 1.94 11.91
CA VAL A 71 4.87 1.06 12.37
C VAL A 71 5.12 1.19 13.87
N ASP A 72 4.91 0.11 14.60
CA ASP A 72 5.14 0.14 16.07
C ASP A 72 6.64 0.31 16.37
N GLY A 73 6.99 1.05 17.38
CA GLY A 73 8.44 1.24 17.72
C GLY A 73 9.05 2.42 16.95
N PHE A 74 8.33 2.98 16.03
CA PHE A 74 8.89 4.13 15.22
C PHE A 74 9.31 5.29 16.13
N SER A 75 8.44 5.71 17.00
CA SER A 75 8.76 6.87 17.90
C SER A 75 9.97 6.59 18.83
N GLU A 76 10.33 5.33 19.07
CA GLU A 76 11.50 5.07 19.95
C GLU A 76 12.82 4.98 19.17
N LEU A 77 12.78 5.11 17.86
CA LEU A 77 14.04 5.05 17.06
C LEU A 77 14.82 6.35 17.23
N ARG A 78 16.10 6.34 16.99
CA ARG A 78 16.88 7.59 17.10
C ARG A 78 16.36 8.58 16.03
N TRP A 79 16.50 9.85 16.26
CA TRP A 79 15.96 10.86 15.28
C TRP A 79 16.36 10.56 13.83
N ASP A 80 17.63 10.44 13.55
CA ASP A 80 18.07 10.16 12.14
C ASP A 80 17.37 8.92 11.57
N ASP A 81 17.23 7.88 12.34
CA ASP A 81 16.56 6.65 11.82
C ASP A 81 15.07 6.94 11.58
N GLN A 82 14.50 7.82 12.37
CA GLN A 82 13.06 8.18 12.18
C GLN A 82 12.91 8.94 10.85
N GLN A 83 13.90 9.75 10.52
CA GLN A 83 13.85 10.49 9.24
C GLN A 83 14.13 9.54 8.08
N LYS A 84 15.07 8.66 8.25
CA LYS A 84 15.40 7.67 7.17
C LYS A 84 14.16 6.84 6.83
N VAL A 85 13.49 6.34 7.84
CA VAL A 85 12.26 5.53 7.59
C VAL A 85 11.18 6.44 6.97
N LYS A 86 11.06 7.65 7.46
CA LYS A 86 10.02 8.58 6.92
C LYS A 86 10.29 8.90 5.45
N LYS A 87 11.53 9.15 5.10
CA LYS A 87 11.86 9.49 3.68
C LYS A 87 11.76 8.23 2.82
N THR A 88 12.30 7.13 3.29
CA THR A 88 12.24 5.86 2.48
C THR A 88 10.77 5.49 2.24
N ALA A 89 9.93 5.73 3.21
CA ALA A 89 8.49 5.41 3.04
C ALA A 89 7.91 6.28 1.93
N GLU A 90 8.22 7.55 1.93
CA GLU A 90 7.70 8.46 0.87
C GLU A 90 8.22 8.02 -0.50
N ALA A 91 9.51 7.83 -0.61
CA ALA A 91 10.09 7.42 -1.93
C ALA A 91 9.44 6.11 -2.40
N GLY A 92 9.95 5.53 -3.45
CA GLY A 92 9.36 4.26 -3.98
C GLY A 92 10.33 3.11 -3.74
N GLY A 93 10.68 2.38 -4.76
CA GLY A 93 11.64 1.25 -4.60
C GLY A 93 12.91 1.53 -5.39
N VAL A 94 13.22 0.69 -6.34
CA VAL A 94 14.46 0.91 -7.16
C VAL A 94 14.23 2.02 -8.17
N THR A 95 14.24 3.25 -7.74
CA THR A 95 14.02 4.39 -8.68
C THR A 95 15.03 5.51 -8.39
N GLY A 96 15.06 5.99 -7.18
CA GLY A 96 16.02 7.09 -6.84
C GLY A 96 15.24 8.32 -6.37
N LYS A 97 15.94 9.32 -5.91
CA LYS A 97 15.24 10.54 -5.42
C LYS A 97 14.59 11.27 -6.60
N GLY A 98 15.37 11.69 -7.56
CA GLY A 98 14.80 12.41 -8.73
C GLY A 98 15.84 13.40 -9.27
N GLN A 99 15.90 13.56 -10.58
CA GLN A 99 16.89 14.50 -11.17
C GLN A 99 16.32 15.12 -12.45
N ASP A 100 15.21 15.79 -12.35
CA ASP A 100 14.60 16.41 -13.56
C ASP A 100 14.27 17.89 -13.29
N GLY A 101 13.74 18.18 -12.14
CA GLY A 101 13.39 19.59 -11.81
C GLY A 101 12.18 20.02 -12.64
N ILE A 102 12.42 20.68 -13.74
CA ILE A 102 11.29 21.13 -14.61
C ILE A 102 10.68 19.93 -15.35
N GLY A 103 9.44 19.63 -15.10
CA GLY A 103 8.79 18.48 -15.79
C GLY A 103 7.95 17.69 -14.80
N SER A 104 8.54 17.27 -13.71
CA SER A 104 7.76 16.49 -12.68
C SER A 104 7.05 15.31 -13.33
N LYS A 105 7.66 14.15 -13.31
CA LYS A 105 7.03 12.95 -13.91
C LYS A 105 6.21 12.19 -12.86
N ALA A 106 6.89 11.60 -11.91
CA ALA A 106 6.17 10.84 -10.85
C ALA A 106 5.23 11.76 -10.08
N GLU A 107 4.28 11.20 -9.37
CA GLU A 107 3.33 12.06 -8.58
C GLU A 107 2.79 11.28 -7.38
N LYS A 108 1.73 11.76 -6.78
CA LYS A 108 1.15 11.05 -5.59
C LYS A 108 0.44 9.77 -6.04
N THR A 109 0.68 8.68 -5.36
CA THR A 109 0.01 7.40 -5.73
C THR A 109 -0.41 6.64 -4.48
N LEU A 110 -1.65 6.23 -4.41
CA LEU A 110 -2.13 5.48 -3.21
C LEU A 110 -1.45 4.10 -3.16
N GLY A 111 -1.18 3.60 -1.98
CA GLY A 111 -0.52 2.27 -1.88
C GLY A 111 -1.56 1.18 -1.55
N ASP A 112 -2.79 1.57 -1.30
CA ASP A 112 -3.83 0.53 -0.98
C ASP A 112 -4.92 0.50 -2.06
N PHE A 113 -4.76 1.23 -3.13
CA PHE A 113 -5.78 1.22 -4.22
C PHE A 113 -5.11 0.98 -5.57
N ALA A 114 -5.64 0.09 -6.38
CA ALA A 114 -4.98 -0.19 -7.69
C ALA A 114 -5.98 -0.37 -8.84
N ALA A 115 -5.49 -0.17 -10.03
CA ALA A 115 -6.35 -0.33 -11.25
C ALA A 115 -5.53 -1.07 -12.31
N GLU A 116 -6.09 -2.09 -12.91
CA GLU A 116 -5.34 -2.85 -13.95
C GLU A 116 -6.29 -3.68 -14.79
N TYR A 117 -5.84 -4.16 -15.91
CA TYR A 117 -6.72 -5.02 -16.74
C TYR A 117 -6.69 -6.43 -16.13
N ALA A 118 -7.83 -7.07 -16.02
CA ALA A 118 -7.87 -8.43 -15.39
C ALA A 118 -6.82 -9.37 -16.02
N LYS A 119 -5.83 -9.76 -15.23
CA LYS A 119 -4.80 -10.70 -15.74
C LYS A 119 -5.42 -12.06 -16.09
N SER A 120 -6.59 -12.33 -15.57
CA SER A 120 -7.26 -13.63 -15.87
C SER A 120 -8.78 -13.47 -15.75
N ASN A 121 -9.51 -14.56 -15.77
CA ASN A 121 -11.01 -14.46 -15.66
C ASN A 121 -11.54 -15.21 -14.42
N ARG A 122 -10.67 -15.57 -13.50
CA ARG A 122 -11.16 -16.30 -12.29
C ARG A 122 -11.30 -15.34 -11.09
N SER A 123 -11.03 -14.06 -11.28
CA SER A 123 -11.21 -13.10 -10.15
C SER A 123 -12.70 -12.82 -9.99
N THR A 124 -13.10 -12.14 -8.95
CA THR A 124 -14.56 -11.87 -8.78
C THR A 124 -14.79 -10.50 -8.14
N CYS A 125 -15.65 -9.71 -8.73
CA CYS A 125 -15.96 -8.39 -8.13
C CYS A 125 -16.58 -8.60 -6.75
N LYS A 126 -15.97 -8.05 -5.72
CA LYS A 126 -16.52 -8.22 -4.34
C LYS A 126 -17.70 -7.27 -4.04
N GLY A 127 -18.35 -6.74 -5.05
CA GLY A 127 -19.48 -5.81 -4.83
C GLY A 127 -20.75 -6.50 -5.33
N CYS A 128 -20.67 -7.14 -6.48
CA CYS A 128 -21.84 -7.88 -7.02
C CYS A 128 -21.54 -9.40 -7.11
N MET A 129 -20.35 -9.82 -6.66
CA MET A 129 -19.98 -11.27 -6.72
C MET A 129 -19.99 -11.86 -8.13
N GLU A 130 -20.06 -11.04 -9.16
CA GLU A 130 -20.04 -11.58 -10.55
C GLU A 130 -18.58 -11.68 -11.00
N LYS A 131 -18.26 -12.68 -11.77
CA LYS A 131 -16.84 -12.87 -12.22
C LYS A 131 -16.39 -11.73 -13.13
N ILE A 132 -15.14 -11.33 -13.02
CA ILE A 132 -14.60 -10.30 -13.92
C ILE A 132 -13.93 -11.00 -15.10
N GLU A 133 -14.21 -10.59 -16.31
CA GLU A 133 -13.59 -11.27 -17.49
C GLU A 133 -12.15 -10.81 -17.72
N LYS A 134 -11.29 -11.72 -18.12
CA LYS A 134 -9.87 -11.33 -18.43
C LYS A 134 -9.82 -10.14 -19.41
N GLY A 135 -8.97 -9.18 -19.15
CA GLY A 135 -8.87 -8.00 -20.07
C GLY A 135 -9.74 -6.85 -19.55
N GLN A 136 -10.82 -7.16 -18.87
CA GLN A 136 -11.71 -6.08 -18.35
C GLN A 136 -11.00 -5.25 -17.28
N VAL A 137 -11.22 -3.95 -17.30
CA VAL A 137 -10.59 -3.06 -16.29
C VAL A 137 -11.21 -3.34 -14.92
N ARG A 138 -10.38 -3.47 -13.92
CA ARG A 138 -10.91 -3.74 -12.56
C ARG A 138 -10.18 -2.88 -11.53
N LEU A 139 -10.82 -2.56 -10.45
CA LEU A 139 -10.18 -1.72 -9.39
C LEU A 139 -10.08 -2.53 -8.10
N SER A 140 -9.24 -2.14 -7.17
CA SER A 140 -9.16 -2.94 -5.93
C SER A 140 -8.72 -2.13 -4.71
N LYS A 141 -9.24 -2.50 -3.57
CA LYS A 141 -8.86 -1.84 -2.29
C LYS A 141 -8.02 -2.82 -1.48
N LYS A 142 -6.72 -2.64 -1.50
CA LYS A 142 -5.81 -3.58 -0.76
C LYS A 142 -6.23 -3.71 0.71
N MET A 143 -6.18 -4.92 1.22
CA MET A 143 -6.55 -5.15 2.65
C MET A 143 -5.84 -6.40 3.15
N VAL A 144 -5.49 -6.44 4.41
CA VAL A 144 -4.78 -7.64 4.95
C VAL A 144 -5.75 -8.56 5.68
N ASP A 145 -5.56 -9.86 5.56
CA ASP A 145 -6.46 -10.82 6.26
C ASP A 145 -5.74 -11.36 7.50
N PRO A 146 -6.42 -11.28 8.62
CA PRO A 146 -5.82 -11.77 9.90
C PRO A 146 -5.67 -13.30 9.84
N GLU A 147 -6.39 -13.95 8.98
CA GLU A 147 -6.29 -15.43 8.87
C GLU A 147 -5.10 -15.81 7.98
N LYS A 148 -4.70 -14.92 7.10
CA LYS A 148 -3.54 -15.20 6.21
C LYS A 148 -2.56 -14.02 6.25
N PRO A 149 -1.90 -13.87 7.38
CA PRO A 149 -0.94 -12.75 7.55
C PRO A 149 0.31 -12.92 6.67
N GLN A 150 0.64 -14.13 6.29
CA GLN A 150 1.84 -14.33 5.43
C GLN A 150 1.63 -13.65 4.06
N LEU A 151 0.40 -13.44 3.68
CA LEU A 151 0.13 -12.79 2.36
C LEU A 151 0.35 -11.28 2.45
N GLY A 152 -0.19 -10.65 3.44
CA GLY A 152 -0.02 -9.18 3.59
C GLY A 152 -1.16 -8.46 2.87
N MET A 153 -0.87 -7.31 2.29
CA MET A 153 -1.93 -6.54 1.56
C MET A 153 -2.42 -7.31 0.34
N ILE A 154 -3.62 -7.81 0.38
CA ILE A 154 -4.17 -8.57 -0.80
C ILE A 154 -5.20 -7.72 -1.53
N ASP A 155 -5.26 -7.81 -2.84
CA ASP A 155 -6.24 -6.97 -3.59
C ASP A 155 -7.68 -7.51 -3.50
N ARG A 156 -8.59 -6.63 -3.20
CA ARG A 156 -10.04 -6.99 -3.19
C ARG A 156 -10.56 -6.36 -4.48
N TRP A 157 -10.83 -7.15 -5.49
CA TRP A 157 -11.22 -6.55 -6.81
C TRP A 157 -12.69 -6.19 -6.93
N TYR A 158 -12.96 -5.31 -7.86
CA TYR A 158 -14.34 -4.83 -8.12
C TYR A 158 -14.43 -4.28 -9.54
N HIS A 159 -15.61 -4.20 -10.08
CA HIS A 159 -15.76 -3.54 -11.40
C HIS A 159 -15.65 -2.04 -11.09
N PRO A 160 -15.16 -1.25 -12.00
CA PRO A 160 -15.03 0.21 -11.70
C PRO A 160 -16.37 0.80 -11.23
N GLY A 161 -17.45 0.46 -11.87
CA GLY A 161 -18.77 0.98 -11.44
C GLY A 161 -19.08 0.47 -10.02
N CYS A 162 -18.98 -0.82 -9.80
CA CYS A 162 -19.24 -1.38 -8.43
C CYS A 162 -18.32 -0.71 -7.39
N PHE A 163 -17.07 -0.49 -7.74
CA PHE A 163 -16.11 0.16 -6.79
C PHE A 163 -16.61 1.58 -6.44
N VAL A 164 -17.02 2.32 -7.44
CA VAL A 164 -17.49 3.71 -7.18
C VAL A 164 -18.71 3.69 -6.27
N LYS A 165 -19.61 2.74 -6.46
CA LYS A 165 -20.83 2.70 -5.59
C LYS A 165 -20.45 2.56 -4.10
N ASN A 166 -19.39 1.84 -3.82
CA ASN A 166 -18.95 1.66 -2.39
C ASN A 166 -17.69 2.49 -2.07
N ARG A 167 -17.49 3.60 -2.75
CA ARG A 167 -16.26 4.42 -2.50
C ARG A 167 -16.12 4.79 -1.02
N GLU A 168 -17.20 5.07 -0.37
CA GLU A 168 -17.12 5.46 1.08
C GLU A 168 -16.63 4.31 1.96
N GLU A 169 -17.32 3.19 1.90
CA GLU A 169 -16.93 2.04 2.76
C GLU A 169 -15.55 1.51 2.37
N LEU A 170 -15.15 1.67 1.13
CA LEU A 170 -13.81 1.19 0.70
C LEU A 170 -12.70 2.18 1.11
N GLY A 171 -13.06 3.27 1.74
CA GLY A 171 -12.02 4.25 2.20
C GLY A 171 -11.47 5.07 1.02
N PHE A 172 -12.22 5.20 -0.05
CA PHE A 172 -11.72 6.02 -1.20
C PHE A 172 -12.24 7.45 -1.04
N ARG A 173 -11.59 8.22 -0.20
CA ARG A 173 -12.03 9.63 0.07
C ARG A 173 -12.36 10.40 -1.23
N PRO A 174 -13.15 11.45 -1.09
CA PRO A 174 -13.56 12.26 -2.27
C PRO A 174 -12.41 13.13 -2.80
N GLU A 175 -11.35 13.30 -2.04
CA GLU A 175 -10.21 14.12 -2.54
C GLU A 175 -9.32 13.29 -3.48
N TYR A 176 -9.47 11.99 -3.45
CA TYR A 176 -8.66 11.11 -4.34
C TYR A 176 -9.21 11.12 -5.77
N SER A 177 -8.33 11.03 -6.73
CA SER A 177 -8.75 11.02 -8.15
C SER A 177 -8.27 9.73 -8.80
N ALA A 178 -8.79 9.39 -9.95
CA ALA A 178 -8.38 8.13 -10.65
C ALA A 178 -6.86 8.08 -10.88
N SER A 179 -6.26 9.21 -11.10
CA SER A 179 -4.78 9.25 -11.36
C SER A 179 -3.95 8.74 -10.17
N GLN A 180 -4.54 8.63 -9.01
CA GLN A 180 -3.76 8.15 -7.82
C GLN A 180 -3.79 6.63 -7.66
N LEU A 181 -4.57 5.94 -8.46
CA LEU A 181 -4.63 4.44 -8.33
C LEU A 181 -3.31 3.79 -8.75
N LYS A 182 -2.83 2.85 -7.99
CA LYS A 182 -1.56 2.16 -8.35
C LYS A 182 -1.76 1.38 -9.66
N GLY A 183 -1.02 1.71 -10.69
CA GLY A 183 -1.16 1.00 -12.00
C GLY A 183 -1.89 1.88 -13.03
N PHE A 184 -2.43 3.00 -12.60
CA PHE A 184 -3.17 3.90 -13.55
C PHE A 184 -2.36 4.21 -14.81
N SER A 185 -1.16 4.65 -14.63
CA SER A 185 -0.28 5.03 -15.80
C SER A 185 -0.19 3.94 -16.88
N LEU A 186 -0.40 2.68 -16.55
CA LEU A 186 -0.28 1.59 -17.58
C LEU A 186 -1.59 1.36 -18.36
N LEU A 187 -2.58 2.17 -18.16
CA LEU A 187 -3.87 1.98 -18.88
C LEU A 187 -3.90 2.81 -20.15
N ALA A 188 -4.59 2.32 -21.17
CA ALA A 188 -4.69 3.08 -22.44
C ALA A 188 -5.40 4.41 -22.16
N THR A 189 -5.09 5.44 -22.93
CA THR A 189 -5.72 6.79 -22.69
C THR A 189 -7.24 6.67 -22.52
N GLU A 190 -7.90 5.94 -23.39
CA GLU A 190 -9.39 5.78 -23.28
C GLU A 190 -9.79 5.26 -21.89
N ASP A 191 -9.14 4.22 -21.44
CA ASP A 191 -9.47 3.65 -20.09
C ASP A 191 -9.18 4.68 -19.00
N LYS A 192 -8.10 5.43 -19.12
CA LYS A 192 -7.75 6.43 -18.08
C LYS A 192 -8.83 7.53 -18.01
N GLU A 193 -9.32 7.95 -19.15
CA GLU A 193 -10.36 9.02 -19.16
C GLU A 193 -11.65 8.53 -18.48
N ALA A 194 -12.06 7.32 -18.79
CA ALA A 194 -13.31 6.77 -18.17
C ALA A 194 -13.19 6.79 -16.64
N LEU A 195 -12.04 6.45 -16.12
CA LEU A 195 -11.85 6.43 -14.65
C LEU A 195 -11.87 7.87 -14.10
N LYS A 196 -11.04 8.74 -14.64
CA LYS A 196 -11.03 10.17 -14.17
C LYS A 196 -12.46 10.74 -14.18
N LYS A 197 -13.26 10.25 -15.08
CA LYS A 197 -14.67 10.73 -15.19
C LYS A 197 -15.49 10.34 -13.95
N GLN A 198 -15.35 9.11 -13.49
CA GLN A 198 -16.13 8.66 -12.30
C GLN A 198 -15.43 9.03 -10.99
N LEU A 199 -14.13 9.12 -11.00
CA LEU A 199 -13.38 9.51 -9.78
C LEU A 199 -12.59 10.79 -10.09
N PRO A 200 -13.29 11.90 -10.12
CA PRO A 200 -12.66 13.20 -10.47
C PRO A 200 -11.74 13.70 -9.35
N GLY A 201 -12.16 13.57 -8.12
CA GLY A 201 -11.31 14.05 -6.99
C GLY A 201 -11.43 15.57 -6.87
N VAL A 202 -10.36 16.27 -7.06
CA VAL A 202 -10.42 17.77 -6.96
C VAL A 202 -10.71 18.38 -8.33
N LYS A 203 -11.35 19.51 -8.36
CA LYS A 203 -11.67 20.17 -9.66
C LYS A 203 -12.18 21.60 -9.43
N SER A 204 -11.29 22.55 -9.35
CA SER A 204 -11.72 23.96 -9.11
C SER A 204 -11.00 24.90 -10.09
N GLU A 205 -11.32 26.17 -10.04
CA GLU A 205 -10.66 27.14 -10.95
C GLU A 205 -10.97 28.57 -10.51
N GLY A 206 -10.19 29.11 -9.62
CA GLY A 206 -10.43 30.50 -9.14
C GLY A 206 -9.82 30.68 -7.76
N LYS A 207 -9.43 31.88 -7.42
CA LYS A 207 -8.83 32.12 -6.08
C LYS A 207 -8.87 33.61 -5.75
N ARG A 208 -9.03 33.96 -4.50
CA ARG A 208 -9.08 35.39 -4.12
C ARG A 208 -8.96 35.54 -2.60
N LYS A 209 -8.11 36.43 -2.14
CA LYS A 209 -7.94 36.62 -0.67
C LYS A 209 -8.08 38.10 -0.31
N GLY A 210 -7.33 38.96 -0.95
CA GLY A 210 -7.41 40.42 -0.64
C GLY A 210 -7.62 41.20 -1.94
N ASP A 211 -6.92 40.83 -2.99
CA ASP A 211 -7.07 41.57 -4.28
C ASP A 211 -6.68 43.04 -4.11
N GLU A 212 -6.32 43.69 -5.19
CA GLU A 212 -5.93 45.13 -5.10
C GLU A 212 -4.86 45.34 -4.03
N VAL A 213 -4.58 46.56 -3.68
CA VAL A 213 -3.54 46.83 -2.63
C VAL A 213 -4.03 46.35 -1.27
N ASP A 214 -3.14 46.09 -0.36
CA ASP A 214 -3.56 45.63 1.00
C ASP A 214 -4.00 46.81 1.86
ZN ZN C . 18.36 -8.66 3.85
ZN ZN D . -19.30 -5.87 -9.94
N MET A 1 -2.89 -8.53 30.38
CA MET A 1 -1.76 -8.65 31.34
C MET A 1 -0.44 -8.32 30.66
N ALA A 2 -0.02 -9.14 29.73
CA ALA A 2 1.27 -8.89 29.02
C ALA A 2 1.08 -7.78 27.98
N GLU A 3 2.11 -7.50 27.22
CA GLU A 3 2.00 -6.43 26.18
C GLU A 3 0.96 -6.83 25.13
N SER A 4 0.21 -5.88 24.64
CA SER A 4 -0.83 -6.19 23.61
C SER A 4 -0.92 -5.06 22.59
N SER A 5 0.08 -4.92 21.76
CA SER A 5 0.05 -3.83 20.74
C SER A 5 -0.89 -4.20 19.59
N ASP A 6 -1.02 -3.35 18.61
CA ASP A 6 -1.94 -3.65 17.47
C ASP A 6 -1.35 -3.15 16.16
N LYS A 7 -0.28 -2.40 16.21
CA LYS A 7 0.34 -1.88 14.95
C LYS A 7 0.72 -3.06 14.05
N LEU A 8 0.73 -2.87 12.75
CA LEU A 8 1.08 -3.99 11.85
C LEU A 8 2.59 -4.09 11.64
N TYR A 9 3.35 -3.06 11.95
CA TYR A 9 4.82 -3.16 11.74
C TYR A 9 5.61 -2.78 13.00
N ARG A 10 6.84 -3.22 13.06
CA ARG A 10 7.70 -2.91 14.24
C ARG A 10 9.12 -2.56 13.77
N VAL A 11 9.71 -1.61 14.40
CA VAL A 11 11.11 -1.22 14.04
C VAL A 11 11.93 -1.13 15.31
N GLU A 12 13.14 -1.61 15.30
CA GLU A 12 13.97 -1.57 16.53
C GLU A 12 15.40 -2.03 16.24
N TYR A 13 16.27 -1.81 17.18
CA TYR A 13 17.67 -2.26 17.00
C TYR A 13 17.70 -3.76 17.36
N ALA A 14 18.21 -4.58 16.48
CA ALA A 14 18.21 -6.07 16.69
C ALA A 14 18.56 -6.47 18.14
N LYS A 15 17.64 -7.13 18.79
CA LYS A 15 17.90 -7.61 20.20
C LYS A 15 18.94 -8.73 20.17
N SER A 16 19.10 -9.35 19.02
CA SER A 16 20.11 -10.44 18.89
C SER A 16 20.58 -10.49 17.42
N GLY A 17 21.52 -11.36 17.10
CA GLY A 17 22.01 -11.43 15.70
C GLY A 17 21.60 -12.77 15.10
N ARG A 18 20.61 -13.41 15.67
CA ARG A 18 20.16 -14.75 15.16
C ARG A 18 18.98 -14.64 14.18
N ALA A 19 18.30 -13.53 14.15
CA ALA A 19 17.14 -13.39 13.19
C ALA A 19 17.64 -13.39 11.74
N SER A 20 16.90 -14.04 10.86
CA SER A 20 17.30 -14.10 9.43
C SER A 20 16.34 -13.26 8.61
N CYS A 21 16.87 -12.48 7.72
CA CYS A 21 16.02 -11.60 6.87
C CYS A 21 15.09 -12.44 6.00
N LYS A 22 13.80 -12.16 6.02
CA LYS A 22 12.84 -12.96 5.20
C LYS A 22 12.96 -12.65 3.70
N LYS A 23 13.78 -11.70 3.33
CA LYS A 23 13.95 -11.36 1.87
C LYS A 23 15.26 -11.96 1.31
N CYS A 24 16.39 -11.61 1.87
CA CYS A 24 17.69 -12.14 1.34
C CYS A 24 18.23 -13.33 2.15
N SER A 25 17.58 -13.70 3.24
CA SER A 25 18.02 -14.89 4.08
C SER A 25 19.29 -14.64 4.92
N GLU A 26 20.00 -13.55 4.72
CA GLU A 26 21.22 -13.30 5.55
C GLU A 26 20.82 -12.94 6.98
N SER A 27 21.69 -13.19 7.94
CA SER A 27 21.36 -12.89 9.35
C SER A 27 21.32 -11.38 9.61
N ILE A 28 20.48 -10.97 10.52
CA ILE A 28 20.42 -9.53 10.87
C ILE A 28 21.31 -9.31 12.10
N PRO A 29 22.35 -8.51 11.95
CA PRO A 29 23.31 -8.32 13.07
C PRO A 29 22.69 -7.61 14.28
N LYS A 30 23.08 -8.04 15.46
CA LYS A 30 22.54 -7.44 16.72
C LYS A 30 22.75 -5.92 16.74
N ASP A 31 21.80 -5.18 17.29
CA ASP A 31 21.89 -3.68 17.38
C ASP A 31 21.65 -3.00 16.02
N SER A 32 21.59 -3.73 14.93
CA SER A 32 21.34 -3.10 13.62
C SER A 32 19.87 -2.72 13.50
N LEU A 33 19.56 -1.74 12.69
CA LEU A 33 18.14 -1.32 12.53
C LEU A 33 17.41 -2.34 11.65
N ARG A 34 16.38 -2.96 12.18
CA ARG A 34 15.61 -3.96 11.40
C ARG A 34 14.12 -3.65 11.47
N MET A 35 13.37 -4.10 10.51
CA MET A 35 11.90 -3.83 10.51
C MET A 35 11.14 -5.14 10.28
N ALA A 36 9.93 -5.23 10.78
CA ALA A 36 9.18 -6.49 10.59
C ALA A 36 7.69 -6.22 10.41
N ILE A 37 7.04 -7.11 9.70
CA ILE A 37 5.55 -7.00 9.53
C ILE A 37 4.90 -7.93 10.57
N MET A 38 4.20 -7.37 11.51
CA MET A 38 3.57 -8.20 12.57
C MET A 38 2.61 -9.24 11.98
N VAL A 39 2.44 -10.34 12.66
CA VAL A 39 1.52 -11.40 12.17
C VAL A 39 0.95 -12.19 13.36
N GLN A 40 -0.34 -12.32 13.45
CA GLN A 40 -0.95 -13.07 14.58
C GLN A 40 -0.75 -14.58 14.38
N SER A 41 -0.32 -15.27 15.41
CA SER A 41 -0.10 -16.74 15.29
C SER A 41 -1.34 -17.51 15.79
N PRO A 42 -1.77 -18.47 15.00
CA PRO A 42 -2.96 -19.27 15.38
C PRO A 42 -2.56 -20.42 16.33
N MET A 43 -1.31 -20.54 16.66
CA MET A 43 -0.88 -21.63 17.58
C MET A 43 -0.75 -21.12 19.02
N PHE A 44 -0.73 -19.82 19.20
CA PHE A 44 -0.61 -19.26 20.58
C PHE A 44 -0.89 -17.76 20.57
N ASP A 45 -1.42 -17.24 21.64
CA ASP A 45 -1.71 -15.77 21.70
C ASP A 45 -0.40 -14.99 21.60
N GLY A 46 -0.30 -14.12 20.63
CA GLY A 46 0.96 -13.32 20.47
C GLY A 46 1.22 -13.13 18.98
N LYS A 47 1.95 -12.10 18.62
CA LYS A 47 2.22 -11.87 17.17
C LYS A 47 3.66 -12.24 16.81
N VAL A 48 3.84 -12.91 15.70
CA VAL A 48 5.23 -13.30 15.26
C VAL A 48 5.75 -12.27 14.25
N PRO A 49 6.93 -11.78 14.48
CA PRO A 49 7.50 -10.76 13.59
C PRO A 49 8.29 -11.38 12.44
N HIS A 50 8.01 -10.97 11.23
CA HIS A 50 8.84 -11.44 10.08
C HIS A 50 9.89 -10.36 9.89
N TRP A 51 11.10 -10.57 10.36
CA TRP A 51 12.13 -9.49 10.30
C TRP A 51 12.85 -9.40 8.96
N TYR A 52 13.34 -8.23 8.70
CA TYR A 52 14.08 -7.95 7.43
C TYR A 52 15.14 -6.87 7.72
N HIS A 53 16.23 -6.86 7.00
CA HIS A 53 17.21 -5.75 7.18
C HIS A 53 16.47 -4.48 6.76
N PHE A 54 16.84 -3.33 7.26
CA PHE A 54 16.10 -2.07 6.88
C PHE A 54 15.82 -1.97 5.37
N SER A 55 16.82 -2.11 4.55
CA SER A 55 16.62 -2.00 3.07
C SER A 55 15.75 -3.13 2.51
N CYS A 56 16.01 -4.36 2.88
CA CYS A 56 15.21 -5.51 2.34
C CYS A 56 13.71 -5.33 2.59
N PHE A 57 13.34 -4.79 3.72
CA PHE A 57 11.89 -4.60 4.05
C PHE A 57 11.10 -3.89 2.92
N TRP A 58 11.71 -2.93 2.25
CA TRP A 58 10.98 -2.18 1.21
C TRP A 58 11.05 -2.87 -0.16
N LYS A 59 11.98 -3.77 -0.34
CA LYS A 59 12.11 -4.46 -1.66
C LYS A 59 11.14 -5.64 -1.80
N VAL A 60 10.33 -5.90 -0.80
CA VAL A 60 9.36 -7.04 -0.88
C VAL A 60 7.96 -6.55 -1.27
N GLY A 61 7.65 -5.31 -0.99
CA GLY A 61 6.30 -4.79 -1.31
C GLY A 61 5.70 -4.11 -0.08
N HIS A 62 6.33 -4.22 1.05
CA HIS A 62 5.78 -3.57 2.28
C HIS A 62 5.76 -2.06 2.07
N SER A 63 4.71 -1.40 2.49
CA SER A 63 4.64 0.08 2.29
C SER A 63 4.11 0.78 3.54
N ILE A 64 4.62 1.96 3.81
CA ILE A 64 4.16 2.73 5.01
C ILE A 64 4.11 4.22 4.68
N ARG A 65 2.95 4.83 4.79
CA ARG A 65 2.84 6.28 4.48
C ARG A 65 3.21 7.11 5.72
N HIS A 66 2.72 6.70 6.86
CA HIS A 66 3.02 7.43 8.14
C HIS A 66 3.66 6.48 9.16
N PRO A 67 4.97 6.47 9.20
CA PRO A 67 5.70 5.57 10.13
C PRO A 67 5.36 5.86 11.62
N ASP A 68 5.37 7.11 12.04
CA ASP A 68 5.05 7.44 13.46
C ASP A 68 3.77 6.74 13.99
N VAL A 69 2.77 6.58 13.16
CA VAL A 69 1.50 5.93 13.65
C VAL A 69 1.34 4.47 13.21
N GLU A 70 1.99 4.05 12.14
CA GLU A 70 1.82 2.65 11.65
C GLU A 70 2.94 1.70 12.13
N VAL A 71 4.05 2.23 12.59
CA VAL A 71 5.16 1.32 13.01
C VAL A 71 5.46 1.44 14.51
N ASP A 72 5.24 0.37 15.25
CA ASP A 72 5.52 0.39 16.70
C ASP A 72 7.03 0.51 16.96
N GLY A 73 7.44 1.25 17.96
CA GLY A 73 8.91 1.39 18.26
C GLY A 73 9.52 2.55 17.47
N PHE A 74 8.79 3.14 16.55
CA PHE A 74 9.36 4.27 15.74
C PHE A 74 9.84 5.42 16.64
N SER A 75 9.01 5.86 17.53
CA SER A 75 9.39 7.01 18.42
C SER A 75 10.62 6.69 19.30
N GLU A 76 10.95 5.43 19.54
CA GLU A 76 12.13 5.13 20.38
C GLU A 76 13.44 5.01 19.56
N LEU A 77 13.35 5.13 18.25
CA LEU A 77 14.59 5.04 17.42
C LEU A 77 15.41 6.32 17.57
N ARG A 78 16.68 6.27 17.28
CA ARG A 78 17.50 7.50 17.36
C ARG A 78 16.97 8.49 16.31
N TRP A 79 17.15 9.76 16.53
CA TRP A 79 16.62 10.79 15.58
C TRP A 79 16.97 10.48 14.12
N ASP A 80 18.23 10.32 13.79
CA ASP A 80 18.61 10.03 12.38
C ASP A 80 17.86 8.81 11.81
N ASP A 81 17.71 7.76 12.60
CA ASP A 81 16.99 6.56 12.10
C ASP A 81 15.50 6.90 11.91
N GLN A 82 14.98 7.79 12.71
CA GLN A 82 13.55 8.20 12.56
C GLN A 82 13.39 8.95 11.24
N GLN A 83 14.39 9.73 10.88
CA GLN A 83 14.31 10.49 9.60
C GLN A 83 14.52 9.53 8.43
N LYS A 84 15.46 8.63 8.57
CA LYS A 84 15.72 7.63 7.49
C LYS A 84 14.45 6.82 7.19
N VAL A 85 13.78 6.35 8.22
CA VAL A 85 12.53 5.58 7.99
C VAL A 85 11.46 6.51 7.42
N LYS A 86 11.40 7.73 7.91
CA LYS A 86 10.37 8.69 7.40
C LYS A 86 10.61 8.99 5.92
N LYS A 87 11.83 9.22 5.53
CA LYS A 87 12.12 9.54 4.12
C LYS A 87 11.97 8.28 3.24
N THR A 88 12.48 7.17 3.70
CA THR A 88 12.37 5.91 2.91
C THR A 88 10.88 5.58 2.70
N ALA A 89 10.07 5.84 3.70
CA ALA A 89 8.62 5.55 3.57
C ALA A 89 8.03 6.45 2.48
N GLU A 90 8.39 7.71 2.47
CA GLU A 90 7.86 8.64 1.43
C GLU A 90 8.33 8.19 0.04
N ALA A 91 9.60 7.96 -0.13
CA ALA A 91 10.12 7.53 -1.46
C ALA A 91 9.43 6.24 -1.90
N GLY A 92 9.00 5.43 -0.96
CA GLY A 92 8.32 4.15 -1.33
C GLY A 92 9.36 3.05 -1.50
N GLY A 93 9.14 2.16 -2.42
CA GLY A 93 10.12 1.05 -2.64
C GLY A 93 10.41 0.91 -4.13
N VAL A 94 10.80 1.98 -4.77
CA VAL A 94 11.10 1.92 -6.23
C VAL A 94 12.55 2.34 -6.50
N THR A 95 13.01 2.19 -7.71
CA THR A 95 14.41 2.58 -8.04
C THR A 95 14.47 3.13 -9.47
N GLY A 96 14.86 4.37 -9.62
CA GLY A 96 14.94 4.98 -10.98
C GLY A 96 16.22 4.49 -11.67
N LYS A 97 16.27 3.24 -12.04
CA LYS A 97 17.49 2.71 -12.73
C LYS A 97 17.44 3.04 -14.22
N GLY A 98 18.57 3.19 -14.84
CA GLY A 98 18.61 3.51 -16.29
C GLY A 98 18.72 5.02 -16.48
N GLN A 99 19.46 5.45 -17.46
CA GLN A 99 19.61 6.91 -17.71
C GLN A 99 18.92 7.31 -19.02
N ASP A 100 17.84 8.04 -18.93
CA ASP A 100 17.12 8.46 -20.17
C ASP A 100 17.35 9.95 -20.43
N GLY A 101 16.47 10.58 -21.17
CA GLY A 101 16.63 12.03 -21.46
C GLY A 101 16.49 12.83 -20.16
N ILE A 102 15.52 13.71 -20.09
CA ILE A 102 15.35 14.53 -18.85
C ILE A 102 14.36 13.84 -17.91
N GLY A 103 13.57 12.93 -18.40
CA GLY A 103 12.58 12.22 -17.53
C GLY A 103 11.39 13.14 -17.27
N SER A 104 10.26 12.57 -16.93
CA SER A 104 9.06 13.42 -16.67
C SER A 104 8.59 13.25 -15.22
N LYS A 105 7.67 14.05 -14.79
CA LYS A 105 7.17 13.94 -13.38
C LYS A 105 5.70 13.51 -13.37
N ALA A 106 5.26 12.91 -12.30
CA ALA A 106 3.83 12.47 -12.23
C ALA A 106 3.16 13.05 -10.99
N GLU A 107 1.97 12.62 -10.69
CA GLU A 107 1.25 13.13 -9.49
C GLU A 107 1.35 12.13 -8.34
N LYS A 108 0.44 12.21 -7.39
CA LYS A 108 0.47 11.26 -6.25
C LYS A 108 -0.22 9.95 -6.63
N THR A 109 0.33 8.84 -6.21
CA THR A 109 -0.29 7.52 -6.55
C THR A 109 -0.68 6.77 -5.28
N LEU A 110 -1.92 6.36 -5.17
CA LEU A 110 -2.35 5.62 -3.95
C LEU A 110 -1.65 4.26 -3.89
N GLY A 111 -1.36 3.78 -2.71
CA GLY A 111 -0.67 2.46 -2.59
C GLY A 111 -1.69 1.37 -2.23
N ASP A 112 -2.91 1.74 -1.94
CA ASP A 112 -3.92 0.69 -1.58
C ASP A 112 -5.04 0.62 -2.64
N PHE A 113 -4.94 1.38 -3.69
CA PHE A 113 -6.00 1.34 -4.75
C PHE A 113 -5.34 1.08 -6.11
N ALA A 114 -5.88 0.18 -6.90
CA ALA A 114 -5.23 -0.10 -8.21
C ALA A 114 -6.24 -0.31 -9.34
N ALA A 115 -5.78 -0.13 -10.54
CA ALA A 115 -6.64 -0.32 -11.74
C ALA A 115 -5.84 -1.07 -12.81
N GLU A 116 -6.39 -2.10 -13.38
CA GLU A 116 -5.63 -2.85 -14.42
C GLU A 116 -6.59 -3.71 -15.25
N TYR A 117 -6.14 -4.21 -16.36
CA TYR A 117 -7.01 -5.10 -17.17
C TYR A 117 -6.96 -6.49 -16.54
N ALA A 118 -8.09 -7.15 -16.40
CA ALA A 118 -8.10 -8.50 -15.76
C ALA A 118 -7.05 -9.43 -16.38
N LYS A 119 -6.04 -9.80 -15.60
CA LYS A 119 -5.00 -10.72 -16.12
C LYS A 119 -5.60 -12.09 -16.44
N SER A 120 -6.76 -12.38 -15.90
CA SER A 120 -7.41 -13.70 -16.17
C SER A 120 -8.93 -13.56 -16.04
N ASN A 121 -9.65 -14.66 -16.01
CA ASN A 121 -11.14 -14.57 -15.89
C ASN A 121 -11.63 -15.32 -14.64
N ARG A 122 -10.75 -15.65 -13.72
CA ARG A 122 -11.21 -16.38 -12.50
C ARG A 122 -11.35 -15.40 -11.32
N SER A 123 -11.12 -14.12 -11.52
CA SER A 123 -11.28 -13.15 -10.40
C SER A 123 -12.79 -12.88 -10.22
N THR A 124 -13.18 -12.19 -9.20
CA THR A 124 -14.64 -11.95 -9.00
C THR A 124 -14.88 -10.58 -8.38
N CYS A 125 -15.77 -9.80 -8.97
CA CYS A 125 -16.08 -8.48 -8.38
C CYS A 125 -16.69 -8.68 -6.99
N LYS A 126 -16.08 -8.11 -5.98
CA LYS A 126 -16.60 -8.27 -4.59
C LYS A 126 -17.80 -7.33 -4.29
N GLY A 127 -18.46 -6.83 -5.30
CA GLY A 127 -19.61 -5.91 -5.07
C GLY A 127 -20.87 -6.63 -5.55
N CYS A 128 -20.79 -7.29 -6.69
CA CYS A 128 -21.96 -8.05 -7.21
C CYS A 128 -21.64 -9.57 -7.27
N MET A 129 -20.44 -9.96 -6.85
CA MET A 129 -20.04 -11.41 -6.87
C MET A 129 -20.06 -12.02 -8.28
N GLU A 130 -20.15 -11.21 -9.32
CA GLU A 130 -20.15 -11.76 -10.71
C GLU A 130 -18.69 -11.86 -11.17
N LYS A 131 -18.37 -12.86 -11.94
CA LYS A 131 -16.95 -13.03 -12.39
C LYS A 131 -16.53 -11.90 -13.34
N ILE A 132 -15.28 -11.48 -13.24
CA ILE A 132 -14.77 -10.46 -14.17
C ILE A 132 -14.11 -11.16 -15.35
N GLU A 133 -14.41 -10.77 -16.56
CA GLU A 133 -13.80 -11.46 -17.74
C GLU A 133 -12.37 -10.98 -17.98
N LYS A 134 -11.51 -11.88 -18.39
CA LYS A 134 -10.09 -11.47 -18.72
C LYS A 134 -10.07 -10.30 -19.72
N GLY A 135 -9.24 -9.32 -19.49
CA GLY A 135 -9.16 -8.15 -20.42
C GLY A 135 -10.04 -7.00 -19.91
N GLN A 136 -11.11 -7.32 -19.20
CA GLN A 136 -12.02 -6.26 -18.69
C GLN A 136 -11.30 -5.38 -17.65
N VAL A 137 -11.55 -4.10 -17.68
CA VAL A 137 -10.92 -3.19 -16.70
C VAL A 137 -11.50 -3.46 -15.31
N ARG A 138 -10.67 -3.55 -14.32
CA ARG A 138 -11.17 -3.82 -12.94
C ARG A 138 -10.44 -2.93 -11.94
N LEU A 139 -11.08 -2.61 -10.85
CA LEU A 139 -10.43 -1.74 -9.81
C LEU A 139 -10.31 -2.54 -8.52
N SER A 140 -9.46 -2.11 -7.61
CA SER A 140 -9.35 -2.89 -6.36
C SER A 140 -8.90 -2.06 -5.15
N LYS A 141 -9.40 -2.44 -4.00
CA LYS A 141 -8.99 -1.75 -2.74
C LYS A 141 -8.10 -2.71 -1.94
N LYS A 142 -6.81 -2.51 -1.98
CA LYS A 142 -5.87 -3.42 -1.26
C LYS A 142 -6.25 -3.55 0.22
N MET A 143 -6.16 -4.73 0.75
CA MET A 143 -6.49 -4.95 2.19
C MET A 143 -5.71 -6.16 2.70
N VAL A 144 -5.42 -6.21 3.97
CA VAL A 144 -4.66 -7.37 4.52
C VAL A 144 -5.59 -8.32 5.27
N ASP A 145 -5.38 -9.59 5.16
CA ASP A 145 -6.25 -10.57 5.89
C ASP A 145 -5.50 -11.09 7.12
N PRO A 146 -6.13 -10.99 8.26
CA PRO A 146 -5.49 -11.47 9.52
C PRO A 146 -5.33 -12.99 9.49
N GLU A 147 -6.07 -13.64 8.63
CA GLU A 147 -5.97 -15.13 8.53
C GLU A 147 -4.76 -15.51 7.67
N LYS A 148 -4.41 -14.67 6.73
CA LYS A 148 -3.24 -14.98 5.86
C LYS A 148 -2.29 -13.76 5.83
N PRO A 149 -1.60 -13.57 6.92
CA PRO A 149 -0.67 -12.42 7.04
C PRO A 149 0.56 -12.60 6.13
N GLN A 150 0.89 -13.81 5.76
CA GLN A 150 2.07 -14.02 4.87
C GLN A 150 1.83 -13.35 3.50
N LEU A 151 0.58 -13.16 3.13
CA LEU A 151 0.28 -12.53 1.81
C LEU A 151 0.48 -11.01 1.90
N GLY A 152 -0.06 -10.38 2.89
CA GLY A 152 0.11 -8.91 3.03
C GLY A 152 -1.05 -8.18 2.35
N MET A 153 -0.75 -7.11 1.67
CA MET A 153 -1.82 -6.32 0.96
C MET A 153 -2.38 -7.13 -0.21
N ILE A 154 -3.59 -7.60 -0.10
CA ILE A 154 -4.19 -8.38 -1.22
C ILE A 154 -5.25 -7.55 -1.94
N ASP A 155 -5.33 -7.66 -3.24
CA ASP A 155 -6.32 -6.84 -3.99
C ASP A 155 -7.75 -7.39 -3.88
N ARG A 156 -8.69 -6.53 -3.58
CA ARG A 156 -10.12 -6.91 -3.55
C ARG A 156 -10.67 -6.32 -4.84
N TRP A 157 -10.94 -7.12 -5.83
CA TRP A 157 -11.36 -6.55 -7.15
C TRP A 157 -12.84 -6.22 -7.26
N TYR A 158 -13.13 -5.35 -8.20
CA TYR A 158 -14.53 -4.91 -8.44
C TYR A 158 -14.64 -4.37 -9.87
N HIS A 159 -15.83 -4.31 -10.40
CA HIS A 159 -16.01 -3.68 -11.73
C HIS A 159 -15.91 -2.18 -11.44
N PRO A 160 -15.46 -1.39 -12.36
CA PRO A 160 -15.34 0.07 -12.09
C PRO A 160 -16.68 0.65 -11.61
N GLY A 161 -17.77 0.28 -12.23
CA GLY A 161 -19.10 0.78 -11.79
C GLY A 161 -19.38 0.30 -10.35
N CYS A 162 -19.25 -0.99 -10.12
CA CYS A 162 -19.48 -1.53 -8.74
C CYS A 162 -18.57 -0.83 -7.72
N PHE A 163 -17.32 -0.59 -8.10
CA PHE A 163 -16.37 0.09 -7.17
C PHE A 163 -16.87 1.49 -6.84
N VAL A 164 -17.31 2.23 -7.83
CA VAL A 164 -17.80 3.60 -7.58
C VAL A 164 -19.01 3.58 -6.65
N LYS A 165 -19.90 2.61 -6.82
CA LYS A 165 -21.10 2.56 -5.93
C LYS A 165 -20.70 2.45 -4.45
N ASN A 166 -19.63 1.76 -4.17
CA ASN A 166 -19.16 1.60 -2.75
C ASN A 166 -17.92 2.45 -2.46
N ARG A 167 -17.74 3.55 -3.17
CA ARG A 167 -16.52 4.39 -2.94
C ARG A 167 -16.36 4.79 -1.46
N GLU A 168 -17.44 5.07 -0.79
CA GLU A 168 -17.35 5.47 0.65
C GLU A 168 -16.84 4.34 1.53
N GLU A 169 -17.51 3.22 1.50
CA GLU A 169 -17.08 2.08 2.37
C GLU A 169 -15.69 1.57 1.97
N LEU A 170 -15.33 1.73 0.72
CA LEU A 170 -13.98 1.26 0.28
C LEU A 170 -12.88 2.27 0.65
N GLY A 171 -13.23 3.37 1.28
CA GLY A 171 -12.21 4.35 1.71
C GLY A 171 -11.69 5.18 0.52
N PHE A 172 -12.46 5.27 -0.54
CA PHE A 172 -11.99 6.08 -1.72
C PHE A 172 -12.53 7.50 -1.57
N ARG A 173 -11.88 8.30 -0.75
CA ARG A 173 -12.34 9.71 -0.50
C ARG A 173 -12.69 10.45 -1.79
N PRO A 174 -13.50 11.49 -1.66
CA PRO A 174 -13.94 12.28 -2.85
C PRO A 174 -12.81 13.16 -3.41
N GLU A 175 -11.75 13.37 -2.66
CA GLU A 175 -10.63 14.19 -3.19
C GLU A 175 -9.74 13.37 -4.14
N TYR A 176 -9.87 12.06 -4.08
CA TYR A 176 -9.05 11.19 -4.97
C TYR A 176 -9.62 11.16 -6.39
N SER A 177 -8.76 11.08 -7.36
CA SER A 177 -9.20 11.03 -8.78
C SER A 177 -8.70 9.73 -9.42
N ALA A 178 -9.24 9.38 -10.55
CA ALA A 178 -8.81 8.12 -11.22
C ALA A 178 -7.29 8.09 -11.48
N SER A 179 -6.71 9.23 -11.73
CA SER A 179 -5.24 9.29 -12.02
C SER A 179 -4.38 8.81 -10.83
N GLN A 180 -4.96 8.70 -9.66
CA GLN A 180 -4.16 8.26 -8.47
C GLN A 180 -4.16 6.73 -8.29
N LEU A 181 -4.94 6.01 -9.07
CA LEU A 181 -4.98 4.51 -8.92
C LEU A 181 -3.65 3.89 -9.35
N LYS A 182 -3.14 2.97 -8.58
CA LYS A 182 -1.86 2.29 -8.96
C LYS A 182 -2.06 1.50 -10.25
N GLY A 183 -1.34 1.82 -11.29
CA GLY A 183 -1.49 1.09 -12.59
C GLY A 183 -2.25 1.94 -13.62
N PHE A 184 -2.80 3.06 -13.20
CA PHE A 184 -3.57 3.92 -14.15
C PHE A 184 -2.78 4.23 -15.43
N SER A 185 -1.58 4.70 -15.27
CA SER A 185 -0.73 5.08 -16.45
C SER A 185 -0.64 3.96 -17.52
N LEU A 186 -0.83 2.72 -17.16
CA LEU A 186 -0.70 1.62 -18.18
C LEU A 186 -2.01 1.35 -18.94
N LEU A 187 -3.02 2.15 -18.73
CA LEU A 187 -4.31 1.92 -19.44
C LEU A 187 -4.38 2.74 -20.73
N ALA A 188 -5.06 2.22 -21.73
CA ALA A 188 -5.20 2.97 -23.00
C ALA A 188 -5.92 4.29 -22.74
N THR A 189 -5.63 5.31 -23.52
CA THR A 189 -6.29 6.65 -23.30
C THR A 189 -7.81 6.51 -23.10
N GLU A 190 -8.46 5.76 -23.94
CA GLU A 190 -9.95 5.57 -23.82
C GLU A 190 -10.32 5.06 -22.43
N ASP A 191 -9.65 4.05 -21.97
CA ASP A 191 -9.95 3.49 -20.61
C ASP A 191 -9.66 4.54 -19.52
N LYS A 192 -8.60 5.30 -19.68
CA LYS A 192 -8.26 6.33 -18.64
C LYS A 192 -9.34 7.41 -18.59
N GLU A 193 -9.86 7.81 -19.72
CA GLU A 193 -10.92 8.86 -19.74
C GLU A 193 -12.19 8.35 -19.03
N ALA A 194 -12.59 7.13 -19.32
CA ALA A 194 -13.81 6.57 -18.66
C ALA A 194 -13.68 6.62 -17.14
N LEU A 195 -12.51 6.30 -16.64
CA LEU A 195 -12.31 6.31 -15.16
C LEU A 195 -12.34 7.76 -14.63
N LYS A 196 -11.54 8.64 -15.20
CA LYS A 196 -11.54 10.06 -14.74
C LYS A 196 -12.98 10.62 -14.75
N LYS A 197 -13.79 10.10 -15.63
CA LYS A 197 -15.21 10.55 -15.73
C LYS A 197 -16.00 10.16 -14.47
N GLN A 198 -15.83 8.95 -14.00
CA GLN A 198 -16.60 8.50 -12.79
C GLN A 198 -15.88 8.90 -11.50
N LEU A 199 -14.58 9.01 -11.53
CA LEU A 199 -13.82 9.43 -10.32
C LEU A 199 -13.06 10.72 -10.66
N PRO A 200 -13.77 11.82 -10.67
CA PRO A 200 -13.16 13.12 -11.03
C PRO A 200 -12.22 13.65 -9.93
N GLY A 201 -12.62 13.53 -8.70
CA GLY A 201 -11.76 14.03 -7.59
C GLY A 201 -11.87 15.55 -7.49
N VAL A 202 -12.82 16.13 -8.18
CA VAL A 202 -12.98 17.62 -8.11
C VAL A 202 -14.46 17.99 -7.99
N LYS A 203 -15.19 17.27 -7.20
CA LYS A 203 -16.65 17.57 -7.03
C LYS A 203 -16.84 18.59 -5.90
N SER A 204 -17.32 19.77 -6.23
CA SER A 204 -17.54 20.81 -5.17
C SER A 204 -18.57 20.31 -4.14
N GLU A 205 -18.11 19.73 -3.08
CA GLU A 205 -19.06 19.24 -2.03
C GLU A 205 -18.74 19.88 -0.68
N GLY A 206 -19.61 20.73 -0.19
CA GLY A 206 -19.36 21.39 1.12
C GLY A 206 -20.21 22.67 1.21
N LYS A 207 -19.76 23.62 1.98
CA LYS A 207 -20.53 24.90 2.12
C LYS A 207 -19.58 26.10 2.12
N ARG A 208 -19.70 26.95 1.15
CA ARG A 208 -18.80 28.14 1.08
C ARG A 208 -19.63 29.42 0.86
N LYS A 209 -20.33 29.85 1.86
CA LYS A 209 -21.16 31.09 1.71
C LYS A 209 -21.17 31.88 3.02
N GLY A 210 -21.69 31.29 4.07
CA GLY A 210 -21.73 32.00 5.38
C GLY A 210 -23.18 32.11 5.85
N ASP A 211 -23.46 33.02 6.75
CA ASP A 211 -24.86 33.18 7.25
C ASP A 211 -25.00 34.52 7.99
N GLU A 212 -24.77 35.61 7.30
CA GLU A 212 -24.90 36.94 7.97
C GLU A 212 -25.28 38.01 6.93
N VAL A 213 -26.14 38.92 7.30
CA VAL A 213 -26.56 39.99 6.34
C VAL A 213 -26.24 41.36 6.92
N ASP A 214 -26.83 41.70 8.04
CA ASP A 214 -26.57 43.02 8.66
C ASP A 214 -25.29 42.98 9.49
ZN ZN C . 18.09 -8.81 4.08
ZN ZN D . -19.46 -6.05 -10.15
N MET A 1 -10.07 -3.20 25.16
CA MET A 1 -9.86 -2.11 26.16
C MET A 1 -8.38 -2.01 26.54
N ALA A 2 -7.67 -3.11 26.53
CA ALA A 2 -6.22 -3.06 26.90
C ALA A 2 -5.38 -2.74 25.66
N GLU A 3 -4.08 -2.71 25.81
CA GLU A 3 -3.20 -2.40 24.64
C GLU A 3 -2.18 -3.53 24.45
N SER A 4 -2.45 -4.44 23.55
CA SER A 4 -1.50 -5.56 23.31
C SER A 4 -0.82 -5.39 21.95
N SER A 5 -0.28 -4.22 21.69
CA SER A 5 0.40 -3.98 20.37
C SER A 5 -0.52 -4.37 19.21
N ASP A 6 -1.55 -3.59 18.98
CA ASP A 6 -2.48 -3.91 17.86
C ASP A 6 -1.93 -3.40 16.53
N LYS A 7 -0.86 -2.64 16.56
CA LYS A 7 -0.27 -2.12 15.29
C LYS A 7 0.10 -3.29 14.36
N LEU A 8 0.08 -3.09 13.08
CA LEU A 8 0.42 -4.21 12.15
C LEU A 8 1.93 -4.29 11.91
N TYR A 9 2.67 -3.25 12.19
CA TYR A 9 4.15 -3.32 11.95
C TYR A 9 4.95 -2.94 13.19
N ARG A 10 6.19 -3.34 13.23
CA ARG A 10 7.07 -3.02 14.39
C ARG A 10 8.47 -2.65 13.89
N VAL A 11 9.07 -1.68 14.52
CA VAL A 11 10.45 -1.27 14.13
C VAL A 11 11.29 -1.17 15.38
N GLU A 12 12.51 -1.63 15.33
CA GLU A 12 13.36 -1.57 16.55
C GLU A 12 14.79 -2.00 16.23
N TYR A 13 15.68 -1.77 17.15
CA TYR A 13 17.08 -2.20 16.95
C TYR A 13 17.14 -3.69 17.31
N ALA A 14 17.65 -4.50 16.42
CA ALA A 14 17.68 -6.00 16.63
C ALA A 14 18.07 -6.39 18.07
N LYS A 15 17.17 -7.06 18.74
CA LYS A 15 17.47 -7.53 20.13
C LYS A 15 18.52 -8.64 20.09
N SER A 16 18.68 -9.26 18.95
CA SER A 16 19.70 -10.33 18.78
C SER A 16 20.15 -10.37 17.31
N GLY A 17 21.08 -11.22 16.98
CA GLY A 17 21.57 -11.29 15.57
C GLY A 17 21.16 -12.64 14.97
N ARG A 18 20.19 -13.30 15.57
CA ARG A 18 19.76 -14.64 15.07
C ARG A 18 18.55 -14.55 14.11
N ALA A 19 17.85 -13.45 14.10
CA ALA A 19 16.68 -13.33 13.16
C ALA A 19 17.14 -13.34 11.69
N SER A 20 16.39 -13.98 10.84
CA SER A 20 16.76 -14.05 9.41
C SER A 20 15.78 -13.22 8.60
N CYS A 21 16.27 -12.44 7.70
CA CYS A 21 15.38 -11.58 6.86
C CYS A 21 14.45 -12.44 6.01
N LYS A 22 13.16 -12.18 6.06
CA LYS A 22 12.20 -12.99 5.27
C LYS A 22 12.29 -12.69 3.76
N LYS A 23 13.08 -11.73 3.37
CA LYS A 23 13.22 -11.38 1.91
C LYS A 23 14.52 -11.96 1.32
N CYS A 24 15.66 -11.58 1.86
CA CYS A 24 16.95 -12.07 1.30
C CYS A 24 17.54 -13.27 2.10
N SER A 25 16.91 -13.64 3.20
CA SER A 25 17.39 -14.77 4.01
C SER A 25 18.67 -14.55 4.85
N GLU A 26 19.36 -13.46 4.64
CA GLU A 26 20.59 -13.20 5.43
C GLU A 26 20.21 -12.84 6.88
N SER A 27 21.11 -13.06 7.81
CA SER A 27 20.80 -12.76 9.23
C SER A 27 20.74 -11.26 9.49
N ILE A 28 19.92 -10.86 10.42
CA ILE A 28 19.82 -9.41 10.77
C ILE A 28 20.74 -9.19 11.98
N PRO A 29 21.77 -8.37 11.81
CA PRO A 29 22.76 -8.16 12.91
C PRO A 29 22.15 -7.46 14.13
N LYS A 30 22.56 -7.88 15.30
CA LYS A 30 22.04 -7.29 16.57
C LYS A 30 22.23 -5.77 16.58
N ASP A 31 21.28 -5.04 17.15
CA ASP A 31 21.34 -3.53 17.23
C ASP A 31 21.05 -2.86 15.88
N SER A 32 20.98 -3.61 14.80
CA SER A 32 20.71 -2.97 13.49
C SER A 32 19.22 -2.62 13.39
N LEU A 33 18.87 -1.65 12.59
CA LEU A 33 17.44 -1.26 12.46
C LEU A 33 16.71 -2.28 11.59
N ARG A 34 15.70 -2.93 12.15
CA ARG A 34 14.94 -3.94 11.38
C ARG A 34 13.45 -3.66 11.49
N MET A 35 12.69 -4.12 10.54
CA MET A 35 11.21 -3.87 10.58
C MET A 35 10.46 -5.19 10.37
N ALA A 36 9.27 -5.30 10.89
CA ALA A 36 8.53 -6.58 10.72
C ALA A 36 7.04 -6.34 10.56
N ILE A 37 6.39 -7.24 9.88
CA ILE A 37 4.90 -7.14 9.75
C ILE A 37 4.28 -8.08 10.80
N MET A 38 3.62 -7.52 11.77
CA MET A 38 3.01 -8.36 12.86
C MET A 38 2.10 -9.46 12.30
N VAL A 39 1.91 -10.51 13.05
CA VAL A 39 1.03 -11.62 12.60
C VAL A 39 0.47 -12.36 13.81
N GLN A 40 -0.82 -12.60 13.83
CA GLN A 40 -1.41 -13.33 14.98
C GLN A 40 -1.19 -14.84 14.82
N SER A 41 -0.68 -15.50 15.82
CA SER A 41 -0.44 -16.97 15.71
C SER A 41 -1.65 -17.76 16.23
N PRO A 42 -2.05 -18.74 15.45
CA PRO A 42 -3.22 -19.58 15.84
C PRO A 42 -2.79 -20.70 16.80
N MET A 43 -1.52 -20.79 17.09
CA MET A 43 -1.05 -21.87 18.01
C MET A 43 -0.92 -21.35 19.44
N PHE A 44 -0.91 -20.05 19.62
CA PHE A 44 -0.78 -19.48 20.99
C PHE A 44 -1.11 -17.99 20.98
N ASP A 45 -1.62 -17.48 22.07
CA ASP A 45 -1.94 -16.02 22.14
C ASP A 45 -0.65 -15.20 22.01
N GLY A 46 -0.58 -14.35 21.02
CA GLY A 46 0.65 -13.52 20.84
C GLY A 46 0.86 -13.29 19.35
N LYS A 47 1.65 -12.32 18.98
CA LYS A 47 1.88 -12.04 17.53
C LYS A 47 3.30 -12.41 17.11
N VAL A 48 3.44 -13.06 15.98
CA VAL A 48 4.80 -13.44 15.50
C VAL A 48 5.27 -12.40 14.48
N PRO A 49 6.47 -11.90 14.66
CA PRO A 49 7.00 -10.88 13.75
C PRO A 49 7.78 -11.49 12.59
N HIS A 50 7.47 -11.08 11.39
CA HIS A 50 8.27 -11.54 10.22
C HIS A 50 9.30 -10.43 10.01
N TRP A 51 10.53 -10.62 10.46
CA TRP A 51 11.53 -9.53 10.37
C TRP A 51 12.23 -9.43 9.02
N TYR A 52 12.69 -8.25 8.74
CA TYR A 52 13.40 -7.95 7.47
C TYR A 52 14.44 -6.86 7.73
N HIS A 53 15.52 -6.83 6.98
CA HIS A 53 16.48 -5.71 7.14
C HIS A 53 15.71 -4.45 6.74
N PHE A 54 16.07 -3.30 7.23
CA PHE A 54 15.30 -2.06 6.87
C PHE A 54 14.98 -1.95 5.37
N SER A 55 15.98 -2.09 4.52
CA SER A 55 15.74 -1.97 3.03
C SER A 55 14.88 -3.13 2.49
N CYS A 56 15.17 -4.34 2.86
CA CYS A 56 14.38 -5.51 2.34
C CYS A 56 12.87 -5.36 2.62
N PHE A 57 12.53 -4.81 3.76
CA PHE A 57 11.07 -4.66 4.12
C PHE A 57 10.26 -3.96 3.02
N TRP A 58 10.83 -3.00 2.32
CA TRP A 58 10.07 -2.25 1.29
C TRP A 58 10.12 -2.95 -0.07
N LYS A 59 11.06 -3.83 -0.27
CA LYS A 59 11.17 -4.52 -1.60
C LYS A 59 10.22 -5.72 -1.71
N VAL A 60 9.46 -6.00 -0.68
CA VAL A 60 8.52 -7.16 -0.72
C VAL A 60 7.09 -6.69 -1.03
N GLY A 61 6.79 -5.44 -0.80
CA GLY A 61 5.42 -4.94 -1.07
C GLY A 61 4.88 -4.20 0.16
N HIS A 62 5.47 -4.42 1.31
CA HIS A 62 5.01 -3.72 2.55
C HIS A 62 4.89 -2.21 2.30
N SER A 63 3.85 -1.59 2.77
CA SER A 63 3.69 -0.12 2.54
C SER A 63 3.19 0.58 3.79
N ILE A 64 3.69 1.76 4.05
CA ILE A 64 3.25 2.53 5.25
C ILE A 64 3.17 4.03 4.91
N ARG A 65 2.01 4.61 5.05
CA ARG A 65 1.86 6.07 4.73
C ARG A 65 2.22 6.90 5.95
N HIS A 66 1.76 6.49 7.11
CA HIS A 66 2.08 7.23 8.37
C HIS A 66 2.75 6.29 9.39
N PRO A 67 4.07 6.30 9.39
CA PRO A 67 4.84 5.41 10.33
C PRO A 67 4.52 5.69 11.81
N ASP A 68 4.52 6.95 12.23
CA ASP A 68 4.23 7.28 13.66
C ASP A 68 2.98 6.56 14.21
N VAL A 69 1.95 6.38 13.41
CA VAL A 69 0.70 5.71 13.92
C VAL A 69 0.57 4.24 13.48
N GLU A 70 1.20 3.84 12.41
CA GLU A 70 1.04 2.42 11.93
C GLU A 70 2.19 1.50 12.37
N VAL A 71 3.30 2.05 12.81
CA VAL A 71 4.43 1.16 13.21
C VAL A 71 4.76 1.29 14.71
N ASP A 72 4.58 0.22 15.44
CA ASP A 72 4.89 0.24 16.90
C ASP A 72 6.40 0.39 17.12
N GLY A 73 6.81 1.14 18.11
CA GLY A 73 8.28 1.31 18.38
C GLY A 73 8.86 2.48 17.57
N PHE A 74 8.10 3.05 16.69
CA PHE A 74 8.63 4.19 15.85
C PHE A 74 9.11 5.35 16.72
N SER A 75 8.29 5.78 17.64
CA SER A 75 8.68 6.93 18.53
C SER A 75 9.93 6.64 19.38
N GLU A 76 10.28 5.38 19.62
CA GLU A 76 11.49 5.11 20.44
C GLU A 76 12.77 5.01 19.58
N LEU A 77 12.67 5.12 18.27
CA LEU A 77 13.88 5.04 17.41
C LEU A 77 14.69 6.34 17.56
N ARG A 78 15.95 6.31 17.23
CA ARG A 78 16.75 7.56 17.30
C ARG A 78 16.19 8.54 16.26
N TRP A 79 16.34 9.82 16.48
CA TRP A 79 15.77 10.84 15.53
C TRP A 79 16.09 10.52 14.06
N ASP A 80 17.35 10.38 13.71
CA ASP A 80 17.71 10.10 12.28
C ASP A 80 16.98 8.87 11.74
N ASP A 81 16.85 7.83 12.53
CA ASP A 81 16.14 6.61 12.04
C ASP A 81 14.65 6.92 11.89
N GLN A 82 14.13 7.80 12.70
CA GLN A 82 12.69 8.18 12.58
C GLN A 82 12.48 8.93 11.26
N GLN A 83 13.47 9.73 10.88
CA GLN A 83 13.35 10.48 9.61
C GLN A 83 13.56 9.52 8.43
N LYS A 84 14.51 8.64 8.56
CA LYS A 84 14.76 7.64 7.46
C LYS A 84 13.50 6.81 7.19
N VAL A 85 12.87 6.33 8.23
CA VAL A 85 11.62 5.55 8.04
C VAL A 85 10.52 6.45 7.48
N LYS A 86 10.44 7.67 7.97
CA LYS A 86 9.39 8.61 7.48
C LYS A 86 9.60 8.91 6.00
N LYS A 87 10.81 9.16 5.59
CA LYS A 87 11.06 9.49 4.16
C LYS A 87 10.91 8.22 3.30
N THR A 88 11.46 7.12 3.75
CA THR A 88 11.34 5.85 2.95
C THR A 88 9.87 5.50 2.78
N ALA A 89 9.07 5.75 3.79
CA ALA A 89 7.62 5.44 3.71
C ALA A 89 6.99 6.32 2.62
N GLU A 90 7.32 7.58 2.61
CA GLU A 90 6.75 8.50 1.57
C GLU A 90 7.20 8.06 0.17
N ALA A 91 8.48 7.84 -0.01
CA ALA A 91 8.98 7.42 -1.34
C ALA A 91 8.29 6.12 -1.78
N GLY A 92 8.65 5.60 -2.92
CA GLY A 92 8.02 4.35 -3.41
C GLY A 92 8.42 4.09 -4.86
N GLY A 93 8.61 2.84 -5.22
CA GLY A 93 9.00 2.52 -6.63
C GLY A 93 7.75 2.49 -7.51
N VAL A 94 7.74 1.64 -8.51
CA VAL A 94 6.55 1.56 -9.41
C VAL A 94 6.64 0.31 -10.29
N THR A 95 5.64 -0.53 -10.24
CA THR A 95 5.65 -1.77 -11.06
C THR A 95 6.92 -2.59 -10.79
N GLY A 96 7.35 -2.63 -9.55
CA GLY A 96 8.58 -3.41 -9.21
C GLY A 96 9.82 -2.59 -9.59
N LYS A 97 10.98 -3.05 -9.22
CA LYS A 97 12.23 -2.31 -9.56
C LYS A 97 13.03 -3.06 -10.64
N GLY A 98 12.84 -2.71 -11.88
CA GLY A 98 13.60 -3.40 -12.97
C GLY A 98 14.93 -2.70 -13.20
N GLN A 99 15.21 -2.32 -14.42
CA GLN A 99 16.51 -1.63 -14.71
C GLN A 99 16.54 -0.27 -14.01
N ASP A 100 17.71 0.24 -13.75
CA ASP A 100 17.82 1.56 -13.07
C ASP A 100 17.44 2.70 -14.04
N GLY A 101 17.09 3.84 -13.52
CA GLY A 101 16.71 4.98 -14.40
C GLY A 101 16.78 6.29 -13.61
N ILE A 102 15.78 6.56 -12.81
CA ILE A 102 15.79 7.82 -12.01
C ILE A 102 15.92 7.50 -10.52
N GLY A 103 15.56 6.31 -10.13
CA GLY A 103 15.66 5.94 -8.68
C GLY A 103 14.28 5.52 -8.16
N SER A 104 14.05 5.67 -6.89
CA SER A 104 12.71 5.29 -6.32
C SER A 104 12.05 6.51 -5.69
N LYS A 105 11.19 7.17 -6.41
CA LYS A 105 10.50 8.36 -5.84
C LYS A 105 8.98 8.27 -6.08
N ALA A 106 8.20 8.74 -5.15
CA ALA A 106 6.71 8.67 -5.32
C ALA A 106 6.12 10.09 -5.37
N GLU A 107 5.60 10.48 -6.50
CA GLU A 107 5.00 11.84 -6.61
C GLU A 107 3.56 11.84 -6.09
N LYS A 108 2.66 11.27 -6.84
CA LYS A 108 1.24 11.23 -6.40
C LYS A 108 0.60 9.90 -6.80
N THR A 109 1.10 8.81 -6.29
CA THR A 109 0.52 7.48 -6.64
C THR A 109 0.13 6.72 -5.37
N LEU A 110 -1.11 6.33 -5.26
CA LEU A 110 -1.55 5.58 -4.04
C LEU A 110 -0.86 4.22 -3.99
N GLY A 111 -0.57 3.73 -2.81
CA GLY A 111 0.11 2.41 -2.69
C GLY A 111 -0.91 1.31 -2.35
N ASP A 112 -2.12 1.68 -2.03
CA ASP A 112 -3.14 0.64 -1.67
C ASP A 112 -4.28 0.60 -2.71
N PHE A 113 -4.15 1.33 -3.79
CA PHE A 113 -5.23 1.33 -4.82
C PHE A 113 -4.62 1.07 -6.21
N ALA A 114 -5.19 0.18 -6.97
CA ALA A 114 -4.59 -0.11 -8.31
C ALA A 114 -5.65 -0.32 -9.40
N ALA A 115 -5.23 -0.14 -10.62
CA ALA A 115 -6.13 -0.33 -11.80
C ALA A 115 -5.37 -1.08 -12.88
N GLU A 116 -5.96 -2.11 -13.44
CA GLU A 116 -5.26 -2.88 -14.50
C GLU A 116 -6.25 -3.73 -15.28
N TYR A 117 -5.85 -4.24 -16.41
CA TYR A 117 -6.76 -5.11 -17.19
C TYR A 117 -6.71 -6.51 -16.55
N ALA A 118 -7.83 -7.15 -16.37
CA ALA A 118 -7.84 -8.50 -15.72
C ALA A 118 -6.82 -9.45 -16.37
N LYS A 119 -5.79 -9.83 -15.63
CA LYS A 119 -4.78 -10.76 -16.18
C LYS A 119 -5.42 -12.12 -16.48
N SER A 120 -6.55 -12.40 -15.89
CA SER A 120 -7.24 -13.70 -16.14
C SER A 120 -8.75 -13.55 -15.95
N ASN A 121 -9.48 -14.64 -15.91
CA ASN A 121 -10.96 -14.53 -15.72
C ASN A 121 -11.42 -15.27 -14.46
N ARG A 122 -10.52 -15.61 -13.57
CA ARG A 122 -10.94 -16.31 -12.33
C ARG A 122 -11.03 -15.34 -11.14
N SER A 123 -10.78 -14.06 -11.36
CA SER A 123 -10.89 -13.09 -10.24
C SER A 123 -12.38 -12.80 -10.02
N THR A 124 -12.73 -12.10 -8.97
CA THR A 124 -14.18 -11.84 -8.72
C THR A 124 -14.38 -10.46 -8.10
N CYS A 125 -15.28 -9.67 -8.66
CA CYS A 125 -15.56 -8.35 -8.07
C CYS A 125 -16.12 -8.54 -6.65
N LYS A 126 -15.46 -7.97 -5.67
CA LYS A 126 -15.93 -8.12 -4.25
C LYS A 126 -17.10 -7.16 -3.91
N GLY A 127 -17.80 -6.65 -4.91
CA GLY A 127 -18.92 -5.72 -4.64
C GLY A 127 -20.21 -6.43 -5.07
N CYS A 128 -20.18 -7.08 -6.21
CA CYS A 128 -21.38 -7.83 -6.68
C CYS A 128 -21.07 -9.35 -6.75
N MET A 129 -19.87 -9.76 -6.37
CA MET A 129 -19.49 -11.22 -6.41
C MET A 129 -19.57 -11.83 -7.82
N GLU A 130 -19.69 -11.03 -8.84
CA GLU A 130 -19.74 -11.59 -10.22
C GLU A 130 -18.31 -11.70 -10.75
N LYS A 131 -18.02 -12.71 -11.52
CA LYS A 131 -16.63 -12.89 -12.02
C LYS A 131 -16.22 -11.77 -12.99
N ILE A 132 -14.97 -11.38 -12.94
CA ILE A 132 -14.48 -10.35 -13.88
C ILE A 132 -13.86 -11.08 -15.09
N GLU A 133 -14.21 -10.68 -16.29
CA GLU A 133 -13.65 -11.39 -17.48
C GLU A 133 -12.22 -10.93 -17.79
N LYS A 134 -11.39 -11.84 -18.22
CA LYS A 134 -9.98 -11.45 -18.60
C LYS A 134 -9.97 -10.28 -19.61
N GLY A 135 -9.12 -9.31 -19.41
CA GLY A 135 -9.06 -8.15 -20.35
C GLY A 135 -9.91 -6.99 -19.81
N GLN A 136 -10.95 -7.29 -19.06
CA GLN A 136 -11.83 -6.21 -18.52
C GLN A 136 -11.07 -5.35 -17.51
N VAL A 137 -11.29 -4.06 -17.55
CA VAL A 137 -10.61 -3.15 -16.58
C VAL A 137 -11.16 -3.41 -15.17
N ARG A 138 -10.29 -3.52 -14.21
CA ARG A 138 -10.75 -3.77 -12.81
C ARG A 138 -9.97 -2.89 -11.85
N LEU A 139 -10.56 -2.55 -10.73
CA LEU A 139 -9.86 -1.69 -9.73
C LEU A 139 -9.71 -2.48 -8.43
N SER A 140 -8.83 -2.06 -7.55
CA SER A 140 -8.67 -2.84 -6.30
C SER A 140 -8.18 -2.02 -5.12
N LYS A 141 -8.65 -2.38 -3.95
CA LYS A 141 -8.21 -1.70 -2.71
C LYS A 141 -7.32 -2.67 -1.91
N LYS A 142 -6.03 -2.52 -2.03
CA LYS A 142 -5.10 -3.44 -1.32
C LYS A 142 -5.43 -3.58 0.16
N MET A 143 -5.39 -4.78 0.68
CA MET A 143 -5.69 -5.00 2.13
C MET A 143 -4.96 -6.26 2.61
N VAL A 144 -4.56 -6.28 3.85
CA VAL A 144 -3.82 -7.47 4.36
C VAL A 144 -4.77 -8.40 5.12
N ASP A 145 -4.55 -9.68 5.02
CA ASP A 145 -5.42 -10.65 5.75
C ASP A 145 -4.68 -11.18 6.99
N PRO A 146 -5.30 -11.07 8.13
CA PRO A 146 -4.66 -11.55 9.38
C PRO A 146 -4.53 -13.08 9.35
N GLU A 147 -5.27 -13.73 8.49
CA GLU A 147 -5.17 -15.22 8.40
C GLU A 147 -4.00 -15.61 7.50
N LYS A 148 -3.65 -14.76 6.56
CA LYS A 148 -2.51 -15.07 5.65
C LYS A 148 -1.58 -13.85 5.59
N PRO A 149 -0.84 -13.64 6.65
CA PRO A 149 0.09 -12.49 6.70
C PRO A 149 1.30 -12.70 5.79
N GLN A 150 1.65 -13.92 5.51
CA GLN A 150 2.80 -14.17 4.59
C GLN A 150 2.56 -13.48 3.24
N LEU A 151 1.31 -13.28 2.90
CA LEU A 151 0.97 -12.62 1.60
C LEU A 151 1.24 -11.12 1.68
N GLY A 152 0.71 -10.47 2.67
CA GLY A 152 0.93 -9.00 2.81
C GLY A 152 -0.28 -8.24 2.26
N MET A 153 -0.04 -7.21 1.52
CA MET A 153 -1.17 -6.41 0.95
C MET A 153 -1.71 -7.12 -0.30
N ILE A 154 -2.86 -7.72 -0.18
CA ILE A 154 -3.44 -8.43 -1.35
C ILE A 154 -4.51 -7.56 -2.02
N ASP A 155 -4.62 -7.65 -3.32
CA ASP A 155 -5.63 -6.83 -4.03
C ASP A 155 -7.06 -7.37 -3.87
N ARG A 156 -7.96 -6.48 -3.54
CA ARG A 156 -9.40 -6.85 -3.46
C ARG A 156 -10.00 -6.25 -4.72
N TRP A 157 -10.30 -7.04 -5.71
CA TRP A 157 -10.77 -6.48 -7.02
C TRP A 157 -12.24 -6.12 -7.08
N TYR A 158 -12.55 -5.26 -8.00
CA TYR A 158 -13.95 -4.78 -8.20
C TYR A 158 -14.11 -4.26 -9.62
N HIS A 159 -15.32 -4.18 -10.11
CA HIS A 159 -15.54 -3.56 -11.43
C HIS A 159 -15.42 -2.06 -11.15
N PRO A 160 -14.98 -1.26 -12.10
CA PRO A 160 -14.83 0.19 -11.83
C PRO A 160 -16.14 0.78 -11.30
N GLY A 161 -17.26 0.42 -11.89
CA GLY A 161 -18.57 0.95 -11.39
C GLY A 161 -18.80 0.47 -9.95
N CYS A 162 -18.68 -0.82 -9.71
CA CYS A 162 -18.87 -1.35 -8.32
C CYS A 162 -17.91 -0.66 -7.35
N PHE A 163 -16.67 -0.44 -7.75
CA PHE A 163 -15.68 0.22 -6.87
C PHE A 163 -16.15 1.64 -6.52
N VAL A 164 -16.62 2.37 -7.51
CA VAL A 164 -17.07 3.76 -7.25
C VAL A 164 -18.25 3.75 -6.28
N LYS A 165 -19.15 2.81 -6.40
CA LYS A 165 -20.33 2.77 -5.47
C LYS A 165 -19.88 2.65 -4.01
N ASN A 166 -18.81 1.95 -3.76
CA ASN A 166 -18.29 1.78 -2.36
C ASN A 166 -17.02 2.63 -2.12
N ARG A 167 -16.85 3.72 -2.84
CA ARG A 167 -15.62 4.56 -2.65
C ARG A 167 -15.40 4.94 -1.18
N GLU A 168 -16.45 5.24 -0.48
CA GLU A 168 -16.30 5.65 0.95
C GLU A 168 -15.78 4.51 1.82
N GLU A 169 -16.46 3.40 1.83
CA GLU A 169 -16.01 2.26 2.68
C GLU A 169 -14.65 1.73 2.22
N LEU A 170 -14.32 1.88 0.97
CA LEU A 170 -13.00 1.39 0.48
C LEU A 170 -11.88 2.39 0.81
N GLY A 171 -12.20 3.48 1.45
CA GLY A 171 -11.14 4.47 1.84
C GLY A 171 -10.67 5.28 0.62
N PHE A 172 -11.45 5.38 -0.41
CA PHE A 172 -11.02 6.18 -1.60
C PHE A 172 -11.54 7.62 -1.45
N ARG A 173 -10.85 8.40 -0.65
CA ARG A 173 -11.28 9.81 -0.39
C ARG A 173 -11.67 10.56 -1.68
N PRO A 174 -12.46 11.62 -1.52
CA PRO A 174 -12.93 12.41 -2.68
C PRO A 174 -11.81 13.27 -3.29
N GLU A 175 -10.72 13.45 -2.58
CA GLU A 175 -9.60 14.27 -3.16
C GLU A 175 -8.77 13.43 -4.13
N TYR A 176 -8.91 12.12 -4.06
CA TYR A 176 -8.14 11.23 -4.97
C TYR A 176 -8.75 11.21 -6.37
N SER A 177 -7.92 11.11 -7.38
CA SER A 177 -8.43 11.07 -8.78
C SER A 177 -7.97 9.77 -9.43
N ALA A 178 -8.55 9.42 -10.55
CA ALA A 178 -8.16 8.14 -11.23
C ALA A 178 -6.66 8.09 -11.54
N SER A 179 -6.06 9.22 -11.81
CA SER A 179 -4.60 9.26 -12.15
C SER A 179 -3.72 8.77 -11.00
N GLN A 180 -4.25 8.67 -9.81
CA GLN A 180 -3.41 8.22 -8.64
C GLN A 180 -3.43 6.69 -8.46
N LEU A 181 -4.24 5.98 -9.20
CA LEU A 181 -4.29 4.50 -9.04
C LEU A 181 -2.99 3.85 -9.53
N LYS A 182 -2.47 2.92 -8.77
CA LYS A 182 -1.22 2.23 -9.19
C LYS A 182 -1.48 1.43 -10.47
N GLY A 183 -0.78 1.75 -11.54
CA GLY A 183 -0.99 1.00 -12.83
C GLY A 183 -1.77 1.86 -13.84
N PHE A 184 -2.30 2.99 -13.40
CA PHE A 184 -3.08 3.88 -14.32
C PHE A 184 -2.34 4.16 -15.63
N SER A 185 -1.13 4.61 -15.52
CA SER A 185 -0.31 4.98 -16.73
C SER A 185 -0.28 3.86 -17.80
N LEU A 186 -0.47 2.61 -17.43
CA LEU A 186 -0.39 1.50 -18.45
C LEU A 186 -1.73 1.25 -19.17
N LEU A 187 -2.72 2.07 -18.92
CA LEU A 187 -4.05 1.85 -19.58
C LEU A 187 -4.16 2.67 -20.87
N ALA A 188 -4.87 2.16 -21.83
CA ALA A 188 -5.05 2.90 -23.12
C ALA A 188 -5.73 4.24 -22.83
N THR A 189 -5.47 5.25 -23.61
CA THR A 189 -6.10 6.60 -23.38
C THR A 189 -7.61 6.49 -23.13
N GLU A 190 -8.30 5.73 -23.94
CA GLU A 190 -9.79 5.57 -23.77
C GLU A 190 -10.11 5.07 -22.35
N ASP A 191 -9.44 4.05 -21.91
CA ASP A 191 -9.70 3.50 -20.55
C ASP A 191 -9.35 4.54 -19.48
N LYS A 192 -8.29 5.29 -19.67
CA LYS A 192 -7.90 6.32 -18.66
C LYS A 192 -8.97 7.42 -18.56
N GLU A 193 -9.51 7.82 -19.68
CA GLU A 193 -10.57 8.88 -19.66
C GLU A 193 -11.81 8.39 -18.91
N ALA A 194 -12.24 7.19 -19.18
CA ALA A 194 -13.45 6.64 -18.48
C ALA A 194 -13.26 6.69 -16.96
N LEU A 195 -12.08 6.36 -16.50
CA LEU A 195 -11.82 6.37 -15.03
C LEU A 195 -11.82 7.81 -14.50
N LYS A 196 -11.02 8.68 -15.11
CA LYS A 196 -10.99 10.11 -14.66
C LYS A 196 -12.41 10.68 -14.62
N LYS A 197 -13.26 10.17 -15.46
CA LYS A 197 -14.68 10.65 -15.51
C LYS A 197 -15.43 10.27 -14.22
N GLN A 198 -15.26 9.06 -13.75
CA GLN A 198 -15.99 8.62 -12.51
C GLN A 198 -15.22 9.02 -11.25
N LEU A 199 -13.92 9.11 -11.33
CA LEU A 199 -13.12 9.53 -10.14
C LEU A 199 -12.34 10.80 -10.52
N PRO A 200 -13.05 11.92 -10.50
CA PRO A 200 -12.42 13.21 -10.89
C PRO A 200 -11.45 13.72 -9.81
N GLY A 201 -11.82 13.62 -8.57
CA GLY A 201 -10.92 14.10 -7.48
C GLY A 201 -11.03 15.62 -7.37
N VAL A 202 -10.98 16.15 -6.17
CA VAL A 202 -11.10 17.63 -5.99
C VAL A 202 -10.05 18.35 -6.84
N LYS A 203 -10.49 19.14 -7.79
CA LYS A 203 -9.53 19.87 -8.66
C LYS A 203 -10.25 21.00 -9.41
N SER A 204 -11.28 21.54 -8.82
CA SER A 204 -12.03 22.65 -9.49
C SER A 204 -12.13 23.86 -8.56
N GLU A 205 -11.22 24.79 -8.68
CA GLU A 205 -11.26 26.00 -7.81
C GLU A 205 -12.17 27.07 -8.42
N GLY A 206 -12.82 27.85 -7.60
CA GLY A 206 -13.72 28.91 -8.13
C GLY A 206 -14.62 29.44 -7.01
N LYS A 207 -15.08 30.65 -7.12
CA LYS A 207 -15.96 31.22 -6.05
C LYS A 207 -17.33 30.54 -6.08
N ARG A 208 -17.44 29.38 -5.49
CA ARG A 208 -18.75 28.66 -5.47
C ARG A 208 -19.61 29.15 -4.30
N LYS A 209 -19.87 30.44 -4.24
CA LYS A 209 -20.70 30.98 -3.12
C LYS A 209 -21.74 31.95 -3.67
N GLY A 210 -22.85 31.45 -4.13
CA GLY A 210 -23.90 32.35 -4.68
C GLY A 210 -24.76 32.90 -3.53
N ASP A 211 -25.85 33.54 -3.84
CA ASP A 211 -26.72 34.10 -2.77
C ASP A 211 -28.02 33.30 -2.67
N GLU A 212 -28.39 32.89 -1.48
CA GLU A 212 -29.64 32.09 -1.32
C GLU A 212 -30.85 32.95 -1.70
N VAL A 213 -32.04 32.44 -1.49
CA VAL A 213 -33.26 33.22 -1.83
C VAL A 213 -34.25 33.22 -0.65
N ASP A 214 -35.28 34.01 -0.73
CA ASP A 214 -36.28 34.06 0.38
C ASP A 214 -37.70 34.11 -0.19
ZN ZN C . 17.35 -8.72 4.05
ZN ZN D . -18.99 -5.87 -9.75
N MET A 1 -2.19 -8.86 24.31
CA MET A 1 -3.08 -8.41 25.41
C MET A 1 -3.11 -6.88 25.46
N ALA A 2 -3.61 -6.25 24.43
CA ALA A 2 -3.68 -4.75 24.41
C ALA A 2 -2.30 -4.16 24.71
N GLU A 3 -1.28 -4.58 24.01
CA GLU A 3 0.08 -4.04 24.27
C GLU A 3 0.40 -2.93 23.26
N SER A 4 -0.60 -2.26 22.77
CA SER A 4 -0.36 -1.15 21.79
C SER A 4 0.51 -1.63 20.63
N SER A 5 0.42 -2.90 20.30
CA SER A 5 1.24 -3.44 19.18
C SER A 5 0.34 -3.83 18.00
N ASP A 6 -0.69 -3.08 17.77
CA ASP A 6 -1.61 -3.40 16.62
C ASP A 6 -0.98 -2.98 15.29
N LYS A 7 0.13 -2.29 15.31
CA LYS A 7 0.77 -1.86 14.04
C LYS A 7 1.10 -3.09 13.19
N LEU A 8 1.15 -2.94 11.90
CA LEU A 8 1.45 -4.10 11.02
C LEU A 8 2.96 -4.29 10.85
N TYR A 9 3.75 -3.29 11.12
CA TYR A 9 5.22 -3.44 10.93
C TYR A 9 6.02 -3.05 12.18
N ARG A 10 7.23 -3.50 12.28
CA ARG A 10 8.09 -3.17 13.45
C ARG A 10 9.52 -2.90 12.97
N VAL A 11 10.15 -1.93 13.56
CA VAL A 11 11.56 -1.61 13.19
C VAL A 11 12.38 -1.49 14.47
N GLU A 12 13.56 -2.01 14.48
CA GLU A 12 14.39 -1.93 15.72
C GLU A 12 15.80 -2.45 15.47
N TYR A 13 16.68 -2.22 16.40
CA TYR A 13 18.06 -2.74 16.26
C TYR A 13 18.03 -4.20 16.70
N ALA A 14 18.51 -5.07 15.86
CA ALA A 14 18.47 -6.56 16.16
C ALA A 14 18.79 -6.90 17.62
N LYS A 15 17.85 -7.49 18.30
CA LYS A 15 18.08 -7.89 19.72
C LYS A 15 19.08 -9.06 19.77
N SER A 16 19.24 -9.75 18.66
CA SER A 16 20.20 -10.88 18.58
C SER A 16 20.68 -11.01 17.13
N GLY A 17 21.59 -11.93 16.86
CA GLY A 17 22.10 -12.09 15.47
C GLY A 17 21.64 -13.45 14.94
N ARG A 18 20.62 -14.03 15.53
CA ARG A 18 20.13 -15.36 15.09
C ARG A 18 18.96 -15.27 14.09
N ALA A 19 18.31 -14.13 14.00
CA ALA A 19 17.18 -14.00 13.02
C ALA A 19 17.68 -14.11 11.57
N SER A 20 16.93 -14.76 10.72
CA SER A 20 17.33 -14.92 9.31
C SER A 20 16.41 -14.09 8.43
N CYS A 21 16.97 -13.37 7.52
CA CYS A 21 16.15 -12.51 6.61
C CYS A 21 15.20 -13.37 5.77
N LYS A 22 13.94 -13.04 5.77
CA LYS A 22 12.94 -13.85 4.99
C LYS A 22 13.09 -13.62 3.47
N LYS A 23 13.95 -12.72 3.06
CA LYS A 23 14.15 -12.46 1.59
C LYS A 23 15.43 -13.14 1.06
N CYS A 24 16.57 -12.79 1.62
CA CYS A 24 17.85 -13.39 1.12
C CYS A 24 18.35 -14.56 2.01
N SER A 25 17.67 -14.85 3.10
CA SER A 25 18.07 -16.01 4.01
C SER A 25 19.34 -15.76 4.85
N GLU A 26 20.09 -14.71 4.60
CA GLU A 26 21.31 -14.46 5.42
C GLU A 26 20.91 -14.02 6.83
N SER A 27 21.77 -14.24 7.81
CA SER A 27 21.43 -13.86 9.20
C SER A 27 21.44 -12.34 9.38
N ILE A 28 20.62 -11.85 10.26
CA ILE A 28 20.59 -10.38 10.53
C ILE A 28 21.49 -10.13 11.76
N PRO A 29 22.56 -9.38 11.58
CA PRO A 29 23.53 -9.16 12.70
C PRO A 29 22.92 -8.37 13.86
N LYS A 30 23.28 -8.75 15.06
CA LYS A 30 22.76 -8.08 16.29
C LYS A 30 23.02 -6.57 16.23
N ASP A 31 22.09 -5.77 16.73
CA ASP A 31 22.23 -4.26 16.74
C ASP A 31 22.01 -3.65 15.35
N SER A 32 21.94 -4.43 14.31
CA SER A 32 21.73 -3.85 12.95
C SER A 32 20.27 -3.43 12.79
N LEU A 33 20.00 -2.49 11.94
CA LEU A 33 18.60 -2.05 11.75
C LEU A 33 17.84 -3.08 10.91
N ARG A 34 16.78 -3.63 11.47
CA ARG A 34 15.99 -4.65 10.72
C ARG A 34 14.51 -4.27 10.77
N MET A 35 13.74 -4.75 9.83
CA MET A 35 12.29 -4.43 9.81
C MET A 35 11.48 -5.71 9.64
N ALA A 36 10.27 -5.73 10.13
CA ALA A 36 9.47 -6.99 10.00
C ALA A 36 8.00 -6.69 9.79
N ILE A 37 7.31 -7.57 9.12
CA ILE A 37 5.83 -7.41 8.94
C ILE A 37 5.14 -8.28 10.00
N MET A 38 4.49 -7.66 10.94
CA MET A 38 3.83 -8.44 12.04
C MET A 38 2.73 -9.37 11.53
N VAL A 39 2.60 -10.52 12.13
CA VAL A 39 1.54 -11.48 11.71
C VAL A 39 0.96 -12.17 12.96
N GLN A 40 -0.34 -12.34 13.02
CA GLN A 40 -0.95 -13.00 14.20
C GLN A 40 -0.80 -14.52 14.10
N SER A 41 -0.40 -15.15 15.16
CA SER A 41 -0.23 -16.64 15.13
C SER A 41 -1.49 -17.33 15.64
N PRO A 42 -1.94 -18.32 14.91
CA PRO A 42 -3.16 -19.07 15.31
C PRO A 42 -2.81 -20.16 16.34
N MET A 43 -1.56 -20.33 16.66
CA MET A 43 -1.17 -21.38 17.64
C MET A 43 -1.05 -20.79 19.06
N PHE A 44 -0.97 -19.49 19.17
CA PHE A 44 -0.85 -18.87 20.52
C PHE A 44 -1.10 -17.35 20.43
N ASP A 45 -1.59 -16.76 21.48
CA ASP A 45 -1.84 -15.30 21.45
C ASP A 45 -0.50 -14.55 21.33
N GLY A 46 -0.35 -13.75 20.31
CA GLY A 46 0.93 -13.00 20.13
C GLY A 46 1.22 -12.88 18.64
N LYS A 47 2.00 -11.91 18.24
CA LYS A 47 2.30 -11.75 16.78
C LYS A 47 3.72 -12.21 16.45
N VAL A 48 3.88 -12.93 15.38
CA VAL A 48 5.24 -13.40 14.97
C VAL A 48 5.81 -12.43 13.92
N PRO A 49 7.03 -11.98 14.13
CA PRO A 49 7.62 -11.04 13.19
C PRO A 49 8.41 -11.74 12.09
N HIS A 50 8.15 -11.38 10.86
CA HIS A 50 8.97 -11.93 9.73
C HIS A 50 10.06 -10.90 9.51
N TRP A 51 11.25 -11.13 10.00
CA TRP A 51 12.32 -10.10 9.89
C TRP A 51 13.06 -10.11 8.55
N TYR A 52 13.59 -8.96 8.24
CA TYR A 52 14.35 -8.77 6.97
C TYR A 52 15.44 -7.71 7.20
N HIS A 53 16.54 -7.78 6.49
CA HIS A 53 17.55 -6.69 6.63
C HIS A 53 16.86 -5.42 6.14
N PHE A 54 17.27 -4.27 6.58
CA PHE A 54 16.57 -3.01 6.14
C PHE A 54 16.31 -2.97 4.61
N SER A 55 17.31 -3.19 3.82
CA SER A 55 17.12 -3.15 2.32
C SER A 55 16.21 -4.28 1.80
N CYS A 56 16.43 -5.49 2.25
CA CYS A 56 15.59 -6.64 1.76
C CYS A 56 14.09 -6.40 1.98
N PHE A 57 13.75 -5.79 3.09
CA PHE A 57 12.29 -5.54 3.40
C PHE A 57 11.54 -4.85 2.23
N TRP A 58 12.19 -3.95 1.51
CA TRP A 58 11.49 -3.23 0.42
C TRP A 58 11.55 -4.00 -0.90
N LYS A 59 12.45 -4.94 -1.04
CA LYS A 59 12.55 -5.69 -2.32
C LYS A 59 11.54 -6.85 -2.40
N VAL A 60 10.71 -7.02 -1.41
CA VAL A 60 9.70 -8.12 -1.44
C VAL A 60 8.33 -7.60 -1.88
N GLY A 61 8.06 -6.35 -1.64
CA GLY A 61 6.73 -5.78 -2.03
C GLY A 61 6.13 -5.02 -0.84
N HIS A 62 6.75 -5.10 0.31
CA HIS A 62 6.23 -4.38 1.50
C HIS A 62 6.26 -2.87 1.24
N SER A 63 5.22 -2.16 1.60
CA SER A 63 5.21 -0.69 1.33
C SER A 63 4.72 0.10 2.55
N ILE A 64 5.25 1.27 2.75
CA ILE A 64 4.83 2.12 3.90
C ILE A 64 4.82 3.59 3.49
N ARG A 65 3.70 4.23 3.57
CA ARG A 65 3.63 5.67 3.18
C ARG A 65 4.00 6.54 4.39
N HIS A 66 3.50 6.21 5.54
CA HIS A 66 3.81 6.99 6.78
C HIS A 66 4.41 6.07 7.86
N PRO A 67 5.73 6.01 7.90
CA PRO A 67 6.42 5.14 8.90
C PRO A 67 6.08 5.51 10.35
N ASP A 68 6.13 6.79 10.72
CA ASP A 68 5.81 7.20 12.11
C ASP A 68 4.50 6.58 12.66
N VAL A 69 3.50 6.41 11.83
CA VAL A 69 2.21 5.83 12.34
C VAL A 69 2.00 4.35 11.97
N GLU A 70 2.65 3.87 10.93
CA GLU A 70 2.43 2.43 10.53
C GLU A 70 3.51 1.48 11.05
N VAL A 71 4.63 1.99 11.49
CA VAL A 71 5.71 1.08 11.97
C VAL A 71 6.00 1.25 13.47
N ASP A 72 5.75 0.24 14.25
CA ASP A 72 6.01 0.31 15.72
C ASP A 72 7.53 0.40 15.97
N GLY A 73 7.96 1.18 16.95
CA GLY A 73 9.41 1.29 17.25
C GLY A 73 10.08 2.39 16.40
N PHE A 74 9.38 2.95 15.46
CA PHE A 74 9.99 4.01 14.58
C PHE A 74 10.50 5.19 15.42
N SER A 75 9.68 5.71 16.29
CA SER A 75 10.10 6.88 17.12
C SER A 75 11.31 6.57 18.03
N GLU A 76 11.60 5.31 18.34
CA GLU A 76 12.76 5.02 19.20
C GLU A 76 14.05 4.80 18.40
N LEU A 77 14.00 4.87 17.09
CA LEU A 77 15.23 4.69 16.27
C LEU A 77 16.09 5.94 16.37
N ARG A 78 17.36 5.83 16.09
CA ARG A 78 18.23 7.05 16.12
C ARG A 78 17.75 8.00 15.01
N TRP A 79 17.96 9.27 15.17
CA TRP A 79 17.47 10.26 14.15
C TRP A 79 17.82 9.86 12.71
N ASP A 80 19.07 9.64 12.41
CA ASP A 80 19.46 9.27 11.01
C ASP A 80 18.67 8.05 10.51
N ASP A 81 18.48 7.06 11.34
CA ASP A 81 17.72 5.85 10.90
C ASP A 81 16.24 6.23 10.68
N GLN A 82 15.75 7.18 11.43
CA GLN A 82 14.34 7.62 11.25
C GLN A 82 14.21 8.32 9.89
N GLN A 83 15.24 9.05 9.49
CA GLN A 83 15.20 9.73 8.18
C GLN A 83 15.39 8.70 7.07
N LYS A 84 16.29 7.77 7.26
CA LYS A 84 16.52 6.72 6.23
C LYS A 84 15.23 5.94 5.96
N VAL A 85 14.54 5.55 7.00
CA VAL A 85 13.26 4.81 6.82
C VAL A 85 12.23 5.75 6.18
N LYS A 86 12.20 7.00 6.61
CA LYS A 86 11.21 7.95 6.04
C LYS A 86 11.46 8.17 4.55
N LYS A 87 12.71 8.34 4.16
CA LYS A 87 13.01 8.57 2.73
C LYS A 87 12.83 7.29 1.93
N THR A 88 13.30 6.17 2.44
CA THR A 88 13.14 4.88 1.71
C THR A 88 11.65 4.60 1.52
N ALA A 89 10.84 4.93 2.49
CA ALA A 89 9.38 4.69 2.36
C ALA A 89 8.84 5.54 1.22
N GLU A 90 9.23 6.79 1.15
CA GLU A 90 8.74 7.68 0.06
C GLU A 90 9.21 7.15 -1.30
N ALA A 91 10.48 6.87 -1.44
CA ALA A 91 11.00 6.34 -2.74
C ALA A 91 10.25 5.08 -3.15
N GLY A 92 10.27 4.07 -2.32
CA GLY A 92 9.55 2.81 -2.66
C GLY A 92 10.20 2.15 -3.88
N GLY A 93 11.49 2.31 -4.03
CA GLY A 93 12.19 1.71 -5.20
C GLY A 93 11.63 2.30 -6.49
N VAL A 94 11.26 1.46 -7.42
CA VAL A 94 10.71 1.98 -8.71
C VAL A 94 9.53 1.12 -9.16
N THR A 95 8.56 1.71 -9.80
CA THR A 95 7.39 0.92 -10.27
C THR A 95 7.58 0.47 -11.71
N GLY A 96 8.65 -0.23 -11.98
CA GLY A 96 8.92 -0.71 -13.37
C GLY A 96 10.30 -1.34 -13.44
N LYS A 97 10.95 -1.25 -14.58
CA LYS A 97 12.31 -1.85 -14.71
C LYS A 97 13.10 -1.13 -15.80
N GLY A 98 14.40 -1.11 -15.70
CA GLY A 98 15.22 -0.42 -16.74
C GLY A 98 16.16 0.59 -16.07
N GLN A 99 17.03 1.20 -16.82
CA GLN A 99 17.96 2.20 -16.23
C GLN A 99 17.53 3.63 -16.59
N ASP A 100 16.69 3.77 -17.59
CA ASP A 100 16.23 5.13 -18.00
C ASP A 100 15.60 5.86 -16.80
N GLY A 101 14.46 5.40 -16.36
CA GLY A 101 13.79 6.06 -15.19
C GLY A 101 12.87 7.17 -15.70
N ILE A 102 13.44 8.25 -16.16
CA ILE A 102 12.59 9.38 -16.68
C ILE A 102 11.60 9.85 -15.60
N GLY A 103 10.98 10.98 -15.81
CA GLY A 103 10.01 11.49 -14.80
C GLY A 103 8.67 11.80 -15.48
N SER A 104 7.61 11.84 -14.72
CA SER A 104 6.27 12.14 -15.33
C SER A 104 5.48 13.07 -14.40
N LYS A 105 4.51 13.76 -14.94
CA LYS A 105 3.70 14.69 -14.10
C LYS A 105 2.47 13.97 -13.56
N ALA A 106 2.66 12.93 -12.79
CA ALA A 106 1.50 12.19 -12.23
C ALA A 106 1.81 11.71 -10.80
N GLU A 107 1.96 12.62 -9.88
CA GLU A 107 2.27 12.22 -8.48
C GLU A 107 0.98 11.94 -7.71
N LYS A 108 1.04 11.90 -6.40
CA LYS A 108 -0.19 11.63 -5.59
C LYS A 108 -0.84 10.31 -6.03
N THR A 109 -0.39 9.21 -5.48
CA THR A 109 -0.97 7.89 -5.86
C THR A 109 -1.33 7.10 -4.61
N LEU A 110 -2.55 6.65 -4.51
CA LEU A 110 -2.97 5.86 -3.31
C LEU A 110 -2.22 4.53 -3.28
N GLY A 111 -1.92 4.03 -2.10
CA GLY A 111 -1.19 2.74 -2.00
C GLY A 111 -2.15 1.60 -1.69
N ASP A 112 -3.40 1.91 -1.40
CA ASP A 112 -4.38 0.83 -1.08
C ASP A 112 -5.50 0.75 -2.13
N PHE A 113 -5.39 1.51 -3.19
CA PHE A 113 -6.45 1.46 -4.25
C PHE A 113 -5.79 1.26 -5.62
N ALA A 114 -6.30 0.35 -6.43
CA ALA A 114 -5.65 0.12 -7.75
C ALA A 114 -6.66 -0.11 -8.88
N ALA A 115 -6.21 0.10 -10.08
CA ALA A 115 -7.08 -0.10 -11.28
C ALA A 115 -6.24 -0.80 -12.36
N GLU A 116 -6.76 -1.84 -12.95
CA GLU A 116 -6.00 -2.56 -14.00
C GLU A 116 -6.92 -3.43 -14.83
N TYR A 117 -6.48 -3.90 -15.97
CA TYR A 117 -7.32 -4.80 -16.78
C TYR A 117 -7.21 -6.20 -16.16
N ALA A 118 -8.31 -6.90 -16.03
CA ALA A 118 -8.28 -8.26 -15.41
C ALA A 118 -7.20 -9.14 -16.05
N LYS A 119 -6.18 -9.50 -15.28
CA LYS A 119 -5.11 -10.38 -15.81
C LYS A 119 -5.67 -11.76 -16.15
N SER A 120 -6.81 -12.10 -15.61
CA SER A 120 -7.43 -13.43 -15.91
C SER A 120 -8.95 -13.34 -15.75
N ASN A 121 -9.63 -14.46 -15.75
CA ASN A 121 -11.12 -14.44 -15.62
C ASN A 121 -11.59 -15.21 -14.37
N ARG A 122 -10.70 -15.52 -13.48
CA ARG A 122 -11.12 -16.28 -12.25
C ARG A 122 -11.29 -15.33 -11.05
N SER A 123 -11.10 -14.04 -11.24
CA SER A 123 -11.29 -13.09 -10.12
C SER A 123 -12.79 -12.88 -9.92
N THR A 124 -13.21 -12.21 -8.88
CA THR A 124 -14.67 -12.03 -8.68
C THR A 124 -14.96 -10.66 -8.03
N CYS A 125 -15.87 -9.91 -8.61
CA CYS A 125 -16.23 -8.61 -8.00
C CYS A 125 -16.82 -8.85 -6.61
N LYS A 126 -16.22 -8.27 -5.59
CA LYS A 126 -16.73 -8.48 -4.20
C LYS A 126 -17.95 -7.58 -3.87
N GLY A 127 -18.64 -7.08 -4.88
CA GLY A 127 -19.81 -6.21 -4.63
C GLY A 127 -21.05 -6.96 -5.11
N CYS A 128 -20.96 -7.59 -6.26
CA CYS A 128 -22.11 -8.39 -6.78
C CYS A 128 -21.73 -9.89 -6.87
N MET A 129 -20.52 -10.26 -6.45
CA MET A 129 -20.07 -11.68 -6.51
C MET A 129 -20.09 -12.28 -7.93
N GLU A 130 -20.21 -11.46 -8.95
CA GLU A 130 -20.19 -11.99 -10.35
C GLU A 130 -18.74 -12.03 -10.82
N LYS A 131 -18.38 -13.02 -11.61
CA LYS A 131 -16.97 -13.13 -12.07
C LYS A 131 -16.59 -11.97 -13.00
N ILE A 132 -15.35 -11.51 -12.91
CA ILE A 132 -14.88 -10.45 -13.81
C ILE A 132 -14.20 -11.12 -15.01
N GLU A 133 -14.52 -10.72 -16.22
CA GLU A 133 -13.90 -11.38 -17.41
C GLU A 133 -12.49 -10.84 -17.65
N LYS A 134 -11.60 -11.71 -18.08
CA LYS A 134 -10.20 -11.25 -18.41
C LYS A 134 -10.21 -10.06 -19.39
N GLY A 135 -9.41 -9.05 -19.14
CA GLY A 135 -9.38 -7.87 -20.06
C GLY A 135 -10.30 -6.76 -19.52
N GLN A 136 -11.34 -7.13 -18.82
CA GLN A 136 -12.29 -6.10 -18.29
C GLN A 136 -11.60 -5.22 -17.23
N VAL A 137 -11.89 -3.95 -17.25
CA VAL A 137 -11.28 -3.03 -16.25
C VAL A 137 -11.84 -3.35 -14.87
N ARG A 138 -11.00 -3.43 -13.88
CA ARG A 138 -11.50 -3.73 -12.51
C ARG A 138 -10.78 -2.83 -11.50
N LEU A 139 -11.42 -2.54 -10.40
CA LEU A 139 -10.80 -1.67 -9.36
C LEU A 139 -10.64 -2.48 -8.07
N SER A 140 -9.81 -2.04 -7.15
CA SER A 140 -9.66 -2.83 -5.92
C SER A 140 -9.24 -2.01 -4.70
N LYS A 141 -9.72 -2.42 -3.56
CA LYS A 141 -9.34 -1.75 -2.29
C LYS A 141 -8.42 -2.70 -1.51
N LYS A 142 -7.14 -2.46 -1.55
CA LYS A 142 -6.17 -3.37 -0.85
C LYS A 142 -6.53 -3.52 0.64
N MET A 143 -6.43 -4.72 1.15
CA MET A 143 -6.75 -4.96 2.59
C MET A 143 -5.98 -6.19 3.07
N VAL A 144 -5.58 -6.22 4.31
CA VAL A 144 -4.83 -7.40 4.81
C VAL A 144 -5.75 -8.34 5.58
N ASP A 145 -5.54 -9.63 5.46
CA ASP A 145 -6.40 -10.59 6.19
C ASP A 145 -5.61 -11.15 7.39
N PRO A 146 -6.23 -11.12 8.55
CA PRO A 146 -5.56 -11.62 9.77
C PRO A 146 -5.36 -13.13 9.70
N GLU A 147 -6.07 -13.79 8.83
CA GLU A 147 -5.92 -15.28 8.70
C GLU A 147 -4.69 -15.59 7.85
N LYS A 148 -4.37 -14.74 6.92
CA LYS A 148 -3.18 -14.98 6.05
C LYS A 148 -2.28 -13.74 6.07
N PRO A 149 -1.59 -13.55 7.17
CA PRO A 149 -0.71 -12.37 7.32
C PRO A 149 0.52 -12.46 6.41
N GLN A 150 0.93 -13.64 6.03
CA GLN A 150 2.12 -13.76 5.14
C GLN A 150 1.85 -13.10 3.78
N LEU A 151 0.60 -12.95 3.42
CA LEU A 151 0.25 -12.31 2.12
C LEU A 151 0.39 -10.80 2.22
N GLY A 152 -0.18 -10.21 3.24
CA GLY A 152 -0.09 -8.73 3.40
C GLY A 152 -1.23 -8.05 2.63
N MET A 153 -0.96 -6.88 2.11
CA MET A 153 -2.00 -6.13 1.34
C MET A 153 -2.53 -6.96 0.16
N ILE A 154 -3.74 -7.46 0.24
CA ILE A 154 -4.30 -8.24 -0.89
C ILE A 154 -5.40 -7.43 -1.59
N ASP A 155 -5.47 -7.52 -2.90
CA ASP A 155 -6.50 -6.72 -3.63
C ASP A 155 -7.91 -7.33 -3.52
N ARG A 156 -8.86 -6.50 -3.20
CA ARG A 156 -10.29 -6.93 -3.17
C ARG A 156 -10.87 -6.32 -4.44
N TRP A 157 -11.11 -7.12 -5.45
CA TRP A 157 -11.56 -6.55 -6.76
C TRP A 157 -13.05 -6.26 -6.86
N TYR A 158 -13.38 -5.39 -7.79
CA TYR A 158 -14.78 -4.97 -8.02
C TYR A 158 -14.92 -4.43 -9.43
N HIS A 159 -16.12 -4.41 -9.95
CA HIS A 159 -16.33 -3.75 -11.27
C HIS A 159 -16.28 -2.26 -10.96
N PRO A 160 -15.84 -1.43 -11.87
CA PRO A 160 -15.78 0.02 -11.58
C PRO A 160 -17.13 0.55 -11.08
N GLY A 161 -18.21 0.15 -11.71
CA GLY A 161 -19.56 0.61 -11.24
C GLY A 161 -19.81 0.09 -9.82
N CYS A 162 -19.64 -1.20 -9.60
CA CYS A 162 -19.85 -1.77 -8.23
C CYS A 162 -18.94 -1.05 -7.21
N PHE A 163 -17.72 -0.77 -7.58
CA PHE A 163 -16.77 -0.07 -6.65
C PHE A 163 -17.33 1.31 -6.29
N VAL A 164 -17.80 2.04 -7.28
CA VAL A 164 -18.32 3.40 -7.01
C VAL A 164 -19.53 3.32 -6.07
N LYS A 165 -20.37 2.33 -6.24
CA LYS A 165 -21.58 2.23 -5.36
C LYS A 165 -21.17 2.10 -3.88
N ASN A 166 -20.07 1.44 -3.61
CA ASN A 166 -19.59 1.28 -2.19
C ASN A 166 -18.37 2.17 -1.89
N ARG A 167 -18.23 3.29 -2.59
CA ARG A 167 -17.05 4.17 -2.35
C ARG A 167 -16.89 4.54 -0.87
N GLU A 168 -17.97 4.77 -0.20
CA GLU A 168 -17.89 5.16 1.25
C GLU A 168 -17.34 4.03 2.11
N GLU A 169 -17.97 2.90 2.08
CA GLU A 169 -17.50 1.75 2.92
C GLU A 169 -16.10 1.30 2.50
N LEU A 170 -15.74 1.49 1.26
CA LEU A 170 -14.39 1.06 0.79
C LEU A 170 -13.32 2.10 1.19
N GLY A 171 -13.71 3.18 1.84
CA GLY A 171 -12.71 4.20 2.27
C GLY A 171 -12.23 5.05 1.09
N PHE A 172 -13.00 5.14 0.03
CA PHE A 172 -12.57 5.98 -1.13
C PHE A 172 -13.15 7.38 -0.96
N ARG A 173 -12.52 8.18 -0.13
CA ARG A 173 -13.03 9.58 0.15
C ARG A 173 -13.41 10.33 -1.15
N PRO A 174 -14.25 11.33 -0.99
CA PRO A 174 -14.72 12.12 -2.16
C PRO A 174 -13.63 13.05 -2.71
N GLU A 175 -12.57 13.28 -1.97
CA GLU A 175 -11.47 14.15 -2.49
C GLU A 175 -10.57 13.36 -3.45
N TYR A 176 -10.65 12.06 -3.42
CA TYR A 176 -9.81 11.22 -4.31
C TYR A 176 -10.39 11.20 -5.73
N SER A 177 -9.53 11.16 -6.71
CA SER A 177 -9.98 11.12 -8.13
C SER A 177 -9.44 9.85 -8.79
N ALA A 178 -9.97 9.50 -9.93
CA ALA A 178 -9.50 8.25 -10.63
C ALA A 178 -7.99 8.28 -10.89
N SER A 179 -7.45 9.44 -11.13
CA SER A 179 -5.98 9.55 -11.42
C SER A 179 -5.11 9.08 -10.24
N GLN A 180 -5.67 8.93 -9.07
CA GLN A 180 -4.84 8.50 -7.89
C GLN A 180 -4.80 6.97 -7.73
N LEU A 181 -5.55 6.24 -8.51
CA LEU A 181 -5.55 4.75 -8.39
C LEU A 181 -4.20 4.17 -8.84
N LYS A 182 -3.66 3.25 -8.08
CA LYS A 182 -2.36 2.62 -8.47
C LYS A 182 -2.54 1.84 -9.78
N GLY A 183 -1.83 2.21 -10.82
CA GLY A 183 -1.97 1.47 -12.13
C GLY A 183 -2.76 2.33 -13.14
N PHE A 184 -3.34 3.42 -12.71
CA PHE A 184 -4.15 4.28 -13.64
C PHE A 184 -3.37 4.63 -14.91
N SER A 185 -2.20 5.14 -14.75
CA SER A 185 -1.36 5.55 -15.94
C SER A 185 -1.23 4.46 -17.02
N LEU A 186 -1.39 3.20 -16.68
CA LEU A 186 -1.22 2.12 -17.73
C LEU A 186 -2.53 1.82 -18.48
N LEU A 187 -3.56 2.58 -18.25
CA LEU A 187 -4.85 2.32 -18.96
C LEU A 187 -4.96 3.16 -20.22
N ALA A 188 -5.62 2.63 -21.23
CA ALA A 188 -5.80 3.40 -22.50
C ALA A 188 -6.55 4.69 -22.20
N THR A 189 -6.30 5.74 -22.97
CA THR A 189 -7.00 7.05 -22.74
C THR A 189 -8.51 6.86 -22.53
N GLU A 190 -9.15 6.10 -23.38
CA GLU A 190 -10.63 5.86 -23.25
C GLU A 190 -10.98 5.33 -21.86
N ASP A 191 -10.27 4.32 -21.42
CA ASP A 191 -10.54 3.73 -20.07
C ASP A 191 -10.28 4.77 -18.97
N LYS A 192 -9.25 5.58 -19.11
CA LYS A 192 -8.94 6.60 -18.07
C LYS A 192 -10.06 7.64 -18.00
N GLU A 193 -10.59 8.03 -19.11
CA GLU A 193 -11.69 9.05 -19.11
C GLU A 193 -12.93 8.50 -18.41
N ALA A 194 -13.29 7.27 -18.71
CA ALA A 194 -14.50 6.66 -18.07
C ALA A 194 -14.36 6.69 -16.54
N LEU A 195 -13.18 6.41 -16.04
CA LEU A 195 -12.96 6.40 -14.57
C LEU A 195 -13.04 7.83 -14.03
N LYS A 196 -12.26 8.74 -14.58
CA LYS A 196 -12.31 10.16 -14.11
C LYS A 196 -13.76 10.66 -14.09
N LYS A 197 -14.56 10.14 -14.98
CA LYS A 197 -16.00 10.55 -15.05
C LYS A 197 -16.77 10.12 -13.80
N GLN A 198 -16.57 8.89 -13.35
CA GLN A 198 -17.31 8.41 -12.14
C GLN A 198 -16.60 8.81 -10.85
N LEU A 199 -15.29 8.97 -10.89
CA LEU A 199 -14.55 9.40 -9.67
C LEU A 199 -13.83 10.71 -10.00
N PRO A 200 -14.57 11.78 -9.98
CA PRO A 200 -14.00 13.13 -10.33
C PRO A 200 -13.09 13.65 -9.22
N GLY A 201 -13.48 13.49 -7.99
CA GLY A 201 -12.64 13.99 -6.87
C GLY A 201 -12.82 15.51 -6.73
N VAL A 202 -12.25 16.26 -7.62
CA VAL A 202 -12.39 17.75 -7.55
C VAL A 202 -13.24 18.25 -8.72
N LYS A 203 -12.80 18.03 -9.93
CA LYS A 203 -13.57 18.50 -11.12
C LYS A 203 -14.87 17.71 -11.24
N SER A 204 -15.96 18.25 -10.75
CA SER A 204 -17.27 17.52 -10.84
C SER A 204 -18.28 18.36 -11.64
N GLU A 205 -17.83 19.04 -12.65
CA GLU A 205 -18.75 19.87 -13.47
C GLU A 205 -19.30 19.05 -14.64
N GLY A 206 -18.50 18.18 -15.20
CA GLY A 206 -18.97 17.36 -16.35
C GLY A 206 -19.05 18.23 -17.61
N LYS A 207 -17.92 18.71 -18.08
CA LYS A 207 -17.93 19.56 -19.31
C LYS A 207 -17.22 18.84 -20.45
N ARG A 208 -17.04 19.49 -21.56
CA ARG A 208 -16.35 18.85 -22.72
C ARG A 208 -14.90 18.53 -22.35
N LYS A 209 -14.28 17.63 -23.08
CA LYS A 209 -12.87 17.27 -22.78
C LYS A 209 -12.07 17.14 -24.09
N GLY A 210 -10.86 16.65 -24.01
CA GLY A 210 -10.03 16.51 -25.23
C GLY A 210 -9.08 15.32 -25.06
N ASP A 211 -8.73 14.67 -26.15
CA ASP A 211 -7.81 13.50 -26.06
C ASP A 211 -7.19 13.21 -27.43
N GLU A 212 -5.97 12.74 -27.45
CA GLU A 212 -5.30 12.42 -28.75
C GLU A 212 -4.15 11.44 -28.53
N VAL A 213 -4.29 10.24 -29.03
CA VAL A 213 -3.21 9.23 -28.84
C VAL A 213 -2.99 8.43 -30.15
N ASP A 214 -4.05 8.09 -30.83
CA ASP A 214 -3.91 7.31 -32.10
C ASP A 214 -3.33 8.21 -33.20
ZN ZN C . 18.35 -9.93 3.70
ZN ZN D . -19.71 -6.25 -9.74
N MET A 1 2.19 6.10 23.05
CA MET A 1 2.08 4.63 23.26
C MET A 1 1.19 4.34 24.48
N ALA A 2 0.01 3.85 24.25
CA ALA A 2 -0.92 3.54 25.39
C ALA A 2 -1.82 2.36 25.03
N GLU A 3 -1.31 1.41 24.30
CA GLU A 3 -2.15 0.23 23.91
C GLU A 3 -1.32 -1.06 23.99
N SER A 4 -1.77 -2.11 23.36
CA SER A 4 -1.00 -3.38 23.39
C SER A 4 -0.15 -3.52 22.12
N SER A 5 -0.72 -3.98 21.04
CA SER A 5 0.06 -4.14 19.78
C SER A 5 -0.86 -4.52 18.62
N ASP A 6 -1.14 -3.60 17.74
CA ASP A 6 -2.03 -3.91 16.59
C ASP A 6 -1.40 -3.42 15.27
N LYS A 7 -0.34 -2.67 15.35
CA LYS A 7 0.31 -2.17 14.10
C LYS A 7 0.70 -3.36 13.22
N LEU A 8 0.75 -3.16 11.92
CA LEU A 8 1.12 -4.30 11.02
C LEU A 8 2.63 -4.40 10.85
N TYR A 9 3.37 -3.36 11.16
CA TYR A 9 4.85 -3.45 10.98
C TYR A 9 5.61 -3.06 12.27
N ARG A 10 6.85 -3.48 12.36
CA ARG A 10 7.67 -3.15 13.55
C ARG A 10 9.09 -2.80 13.11
N VAL A 11 9.68 -1.83 13.74
CA VAL A 11 11.07 -1.44 13.40
C VAL A 11 11.87 -1.33 14.70
N GLU A 12 13.08 -1.80 14.70
CA GLU A 12 13.89 -1.73 15.95
C GLU A 12 15.32 -2.17 15.70
N TYR A 13 16.19 -1.94 16.66
CA TYR A 13 17.58 -2.39 16.52
C TYR A 13 17.61 -3.87 16.90
N ALA A 14 18.14 -4.70 16.04
CA ALA A 14 18.15 -6.19 16.28
C ALA A 14 18.47 -6.57 17.73
N LYS A 15 17.54 -7.23 18.38
CA LYS A 15 17.77 -7.68 19.79
C LYS A 15 18.83 -8.80 19.81
N SER A 16 19.02 -9.44 18.67
CA SER A 16 20.04 -10.51 18.57
C SER A 16 20.54 -10.58 17.12
N GLY A 17 21.49 -11.45 16.84
CA GLY A 17 22.02 -11.54 15.45
C GLY A 17 21.63 -12.89 14.85
N ARG A 18 20.63 -13.54 15.42
CA ARG A 18 20.20 -14.88 14.92
C ARG A 18 19.03 -14.79 13.91
N ALA A 19 18.35 -13.67 13.85
CA ALA A 19 17.21 -13.42 12.80
C ALA A 19 17.74 -13.59 11.41
N SER A 20 17.03 -14.26 10.53
CA SER A 20 17.47 -14.36 9.13
C SER A 20 16.52 -13.52 8.26
N CYS A 21 17.06 -12.74 7.38
CA CYS A 21 16.21 -11.89 6.49
C CYS A 21 15.31 -12.75 5.61
N LYS A 22 14.03 -12.47 5.60
CA LYS A 22 13.08 -13.29 4.77
C LYS A 22 13.24 -13.00 3.27
N LYS A 23 14.07 -12.06 2.90
CA LYS A 23 14.27 -11.74 1.45
C LYS A 23 15.58 -12.33 0.93
N CYS A 24 16.71 -11.96 1.50
CA CYS A 24 18.02 -12.49 1.00
C CYS A 24 18.55 -13.66 1.85
N SER A 25 17.88 -14.03 2.93
CA SER A 25 18.30 -15.19 3.79
C SER A 25 19.56 -14.92 4.66
N GLU A 26 20.27 -13.83 4.46
CA GLU A 26 21.47 -13.57 5.30
C GLU A 26 21.03 -13.19 6.73
N SER A 27 21.89 -13.41 7.70
CA SER A 27 21.51 -13.09 9.11
C SER A 27 21.45 -11.58 9.34
N ILE A 28 20.60 -11.16 10.23
CA ILE A 28 20.51 -9.72 10.55
C ILE A 28 21.37 -9.47 11.80
N PRO A 29 22.42 -8.68 11.66
CA PRO A 29 23.36 -8.46 12.80
C PRO A 29 22.70 -7.73 13.98
N LYS A 30 23.07 -8.15 15.18
CA LYS A 30 22.49 -7.53 16.42
C LYS A 30 22.69 -6.01 16.41
N ASP A 31 21.73 -5.27 16.94
CA ASP A 31 21.81 -3.76 17.00
C ASP A 31 21.59 -3.10 15.64
N SER A 32 21.55 -3.86 14.56
CA SER A 32 21.34 -3.24 13.23
C SER A 32 19.87 -2.87 13.07
N LEU A 33 19.56 -1.91 12.24
CA LEU A 33 18.15 -1.52 12.04
C LEU A 33 17.43 -2.55 11.16
N ARG A 34 16.40 -3.17 11.68
CA ARG A 34 15.66 -4.19 10.89
C ARG A 34 14.17 -3.88 10.93
N MET A 35 13.43 -4.35 9.95
CA MET A 35 11.97 -4.09 9.93
C MET A 35 11.22 -5.40 9.70
N ALA A 36 10.00 -5.50 10.18
CA ALA A 36 9.26 -6.77 9.99
C ALA A 36 7.78 -6.53 9.77
N ILE A 37 7.14 -7.41 9.06
CA ILE A 37 5.66 -7.30 8.87
C ILE A 37 4.98 -8.22 9.89
N MET A 38 4.29 -7.65 10.84
CA MET A 38 3.61 -8.48 11.89
C MET A 38 2.70 -9.54 11.27
N VAL A 39 2.50 -10.62 11.98
CA VAL A 39 1.63 -11.71 11.47
C VAL A 39 1.04 -12.49 12.66
N GLN A 40 -0.26 -12.63 12.71
CA GLN A 40 -0.89 -13.37 13.85
C GLN A 40 -0.66 -14.87 13.69
N SER A 41 -0.29 -15.53 14.74
CA SER A 41 -0.05 -17.01 14.66
C SER A 41 -1.29 -17.78 15.12
N PRO A 42 -1.68 -18.77 14.35
CA PRO A 42 -2.86 -19.59 14.69
C PRO A 42 -2.49 -20.70 15.69
N MET A 43 -1.23 -20.82 16.03
CA MET A 43 -0.82 -21.89 16.98
C MET A 43 -0.74 -21.35 18.41
N PHE A 44 -0.73 -20.05 18.57
CA PHE A 44 -0.65 -19.47 19.95
C PHE A 44 -0.94 -17.97 19.91
N ASP A 45 -1.48 -17.43 20.97
CA ASP A 45 -1.79 -15.97 21.00
C ASP A 45 -0.48 -15.17 20.91
N GLY A 46 -0.37 -14.32 19.94
CA GLY A 46 0.88 -13.52 19.79
C GLY A 46 1.18 -13.33 18.30
N LYS A 47 1.91 -12.32 17.94
CA LYS A 47 2.22 -12.09 16.50
C LYS A 47 3.66 -12.48 16.17
N VAL A 48 3.87 -13.16 15.07
CA VAL A 48 5.25 -13.55 14.66
C VAL A 48 5.79 -12.52 13.66
N PRO A 49 6.98 -12.02 13.90
CA PRO A 49 7.55 -11.01 13.01
C PRO A 49 8.38 -11.64 11.89
N HIS A 50 8.12 -11.25 10.66
CA HIS A 50 8.97 -11.73 9.54
C HIS A 50 10.02 -10.64 9.36
N TRP A 51 11.22 -10.83 9.86
CA TRP A 51 12.23 -9.75 9.80
C TRP A 51 12.99 -9.68 8.48
N TYR A 52 13.47 -8.50 8.21
CA TYR A 52 14.24 -8.23 6.96
C TYR A 52 15.29 -7.15 7.25
N HIS A 53 16.40 -7.13 6.55
CA HIS A 53 17.36 -6.02 6.74
C HIS A 53 16.62 -4.77 6.29
N PHE A 54 16.98 -3.61 6.78
CA PHE A 54 16.23 -2.36 6.37
C PHE A 54 15.98 -2.28 4.85
N SER A 55 17.01 -2.42 4.05
CA SER A 55 16.84 -2.33 2.56
C SER A 55 15.98 -3.48 1.99
N CYS A 56 16.24 -4.71 2.40
CA CYS A 56 15.47 -5.87 1.86
C CYS A 56 13.96 -5.69 2.07
N PHE A 57 13.56 -5.14 3.18
CA PHE A 57 12.10 -4.96 3.48
C PHE A 57 11.34 -4.27 2.32
N TRP A 58 11.95 -3.32 1.65
CA TRP A 58 11.24 -2.58 0.58
C TRP A 58 11.35 -3.30 -0.77
N LYS A 59 12.29 -4.19 -0.92
CA LYS A 59 12.44 -4.90 -2.23
C LYS A 59 11.48 -6.09 -2.37
N VAL A 60 10.65 -6.34 -1.38
CA VAL A 60 9.70 -7.48 -1.47
C VAL A 60 8.30 -7.02 -1.87
N GLY A 61 7.99 -5.77 -1.64
CA GLY A 61 6.63 -5.26 -2.01
C GLY A 61 6.00 -4.57 -0.79
N HIS A 62 6.62 -4.66 0.36
CA HIS A 62 6.04 -4.00 1.57
C HIS A 62 5.99 -2.48 1.33
N SER A 63 4.93 -1.83 1.73
CA SER A 63 4.84 -0.36 1.50
C SER A 63 4.31 0.36 2.73
N ILE A 64 4.79 1.55 2.98
CA ILE A 64 4.31 2.34 4.16
C ILE A 64 4.25 3.82 3.80
N ARG A 65 3.09 4.42 3.89
CA ARG A 65 2.97 5.87 3.55
C ARG A 65 3.29 6.71 4.79
N HIS A 66 2.79 6.31 5.93
CA HIS A 66 3.05 7.06 7.19
C HIS A 66 3.67 6.13 8.25
N PRO A 67 4.99 6.13 8.31
CA PRO A 67 5.71 5.25 9.28
C PRO A 67 5.32 5.56 10.75
N ASP A 68 5.33 6.81 11.16
CA ASP A 68 4.97 7.17 12.56
C ASP A 68 3.69 6.46 13.07
N VAL A 69 2.70 6.29 12.22
CA VAL A 69 1.43 5.64 12.70
C VAL A 69 1.29 4.16 12.27
N GLU A 70 1.96 3.74 11.22
CA GLU A 70 1.82 2.32 10.76
C GLU A 70 2.94 1.40 11.27
N VAL A 71 4.02 1.93 11.74
CA VAL A 71 5.14 1.04 12.20
C VAL A 71 5.41 1.19 13.71
N ASP A 72 5.17 0.13 14.45
CA ASP A 72 5.42 0.17 15.91
C ASP A 72 6.92 0.30 16.20
N GLY A 73 7.31 1.07 17.20
CA GLY A 73 8.76 1.22 17.53
C GLY A 73 9.39 2.37 16.73
N PHE A 74 8.67 2.94 15.80
CA PHE A 74 9.26 4.06 14.98
C PHE A 74 9.71 5.23 15.87
N SER A 75 8.85 5.68 16.74
CA SER A 75 9.21 6.84 17.61
C SER A 75 10.41 6.55 18.53
N GLU A 76 10.75 5.29 18.80
CA GLU A 76 11.92 5.01 19.67
C GLU A 76 13.24 4.89 18.87
N LEU A 77 13.19 4.99 17.56
CA LEU A 77 14.43 4.90 16.75
C LEU A 77 15.25 6.18 16.91
N ARG A 78 16.52 6.14 16.64
CA ARG A 78 17.33 7.38 16.73
C ARG A 78 16.83 8.35 15.65
N TRP A 79 16.98 9.63 15.86
CA TRP A 79 16.46 10.63 14.87
C TRP A 79 16.84 10.30 13.43
N ASP A 80 18.11 10.14 13.14
CA ASP A 80 18.54 9.84 11.73
C ASP A 80 17.80 8.61 11.17
N ASP A 81 17.65 7.58 11.97
CA ASP A 81 16.94 6.36 11.46
C ASP A 81 15.46 6.69 11.24
N GLN A 82 14.91 7.59 12.02
CA GLN A 82 13.48 7.98 11.83
C GLN A 82 13.35 8.71 10.50
N GLN A 83 14.34 9.50 10.15
CA GLN A 83 14.30 10.23 8.86
C GLN A 83 14.54 9.25 7.71
N LYS A 84 15.47 8.36 7.89
CA LYS A 84 15.76 7.34 6.82
C LYS A 84 14.51 6.54 6.50
N VAL A 85 13.83 6.07 7.52
CA VAL A 85 12.58 5.29 7.29
C VAL A 85 11.52 6.20 6.67
N LYS A 86 11.43 7.43 7.14
CA LYS A 86 10.41 8.37 6.60
C LYS A 86 10.68 8.65 5.12
N LYS A 87 11.91 8.88 4.76
CA LYS A 87 12.23 9.19 3.33
C LYS A 87 12.11 7.91 2.49
N THR A 88 12.62 6.81 2.97
CA THR A 88 12.52 5.53 2.19
C THR A 88 11.05 5.19 1.96
N ALA A 89 10.22 5.46 2.94
CA ALA A 89 8.77 5.17 2.78
C ALA A 89 8.20 6.04 1.65
N GLU A 90 8.54 7.30 1.65
CA GLU A 90 8.02 8.21 0.58
C GLU A 90 8.53 7.75 -0.79
N ALA A 91 9.81 7.53 -0.93
CA ALA A 91 10.36 7.08 -2.24
C ALA A 91 9.68 5.78 -2.69
N GLY A 92 10.02 5.29 -3.86
CA GLY A 92 9.38 4.04 -4.35
C GLY A 92 9.75 2.88 -3.42
N GLY A 93 10.86 2.97 -2.74
CA GLY A 93 11.27 1.88 -1.82
C GLY A 93 12.57 1.25 -2.31
N VAL A 94 13.40 2.03 -2.96
CA VAL A 94 14.70 1.47 -3.47
C VAL A 94 15.62 2.61 -3.94
N THR A 95 16.90 2.46 -3.77
CA THR A 95 17.84 3.53 -4.20
C THR A 95 19.18 2.92 -4.60
N GLY A 96 19.16 1.88 -5.40
CA GLY A 96 20.44 1.25 -5.82
C GLY A 96 20.27 -0.27 -5.86
N LYS A 97 19.44 -0.77 -6.74
CA LYS A 97 19.24 -2.24 -6.82
C LYS A 97 20.02 -2.83 -8.00
N GLY A 98 21.12 -2.22 -8.36
CA GLY A 98 21.91 -2.72 -9.51
C GLY A 98 21.78 -1.77 -10.69
N GLN A 99 22.10 -0.52 -10.50
CA GLN A 99 21.99 0.47 -11.62
C GLN A 99 20.59 0.43 -12.23
N ASP A 100 19.57 0.37 -11.40
CA ASP A 100 18.18 0.33 -11.93
C ASP A 100 17.24 1.09 -10.99
N GLY A 101 16.01 1.28 -11.39
CA GLY A 101 15.04 2.01 -10.52
C GLY A 101 14.89 3.45 -11.03
N ILE A 102 13.75 4.04 -10.83
CA ILE A 102 13.55 5.44 -11.29
C ILE A 102 12.70 6.23 -10.28
N GLY A 103 13.04 7.45 -10.02
CA GLY A 103 12.27 8.27 -9.04
C GLY A 103 11.69 9.50 -9.74
N SER A 104 10.63 9.33 -10.48
CA SER A 104 10.01 10.48 -11.19
C SER A 104 8.49 10.39 -11.13
N LYS A 105 7.84 11.37 -10.56
CA LYS A 105 6.35 11.35 -10.47
C LYS A 105 5.79 12.77 -10.43
N ALA A 106 4.53 12.93 -10.68
CA ALA A 106 3.91 14.29 -10.65
C ALA A 106 2.83 14.36 -9.58
N GLU A 107 1.86 13.49 -9.64
CA GLU A 107 0.77 13.50 -8.62
C GLU A 107 1.00 12.40 -7.58
N LYS A 108 0.25 12.42 -6.51
CA LYS A 108 0.43 11.38 -5.45
C LYS A 108 -0.25 10.07 -5.87
N THR A 109 0.24 8.96 -5.42
CA THR A 109 -0.38 7.66 -5.79
C THR A 109 -0.78 6.88 -4.53
N LEU A 110 -2.02 6.47 -4.46
CA LEU A 110 -2.49 5.70 -3.26
C LEU A 110 -1.77 4.35 -3.19
N GLY A 111 -1.51 3.85 -2.02
CA GLY A 111 -0.82 2.54 -1.89
C GLY A 111 -1.84 1.43 -1.58
N ASP A 112 -3.08 1.78 -1.33
CA ASP A 112 -4.09 0.73 -1.00
C ASP A 112 -5.19 0.68 -2.08
N PHE A 113 -5.04 1.41 -3.15
CA PHE A 113 -6.08 1.39 -4.23
C PHE A 113 -5.39 1.16 -5.58
N ALA A 114 -5.91 0.27 -6.40
CA ALA A 114 -5.25 0.00 -7.70
C ALA A 114 -6.24 -0.22 -8.84
N ALA A 115 -5.77 -0.02 -10.04
CA ALA A 115 -6.61 -0.20 -11.25
C ALA A 115 -5.79 -0.93 -12.31
N GLU A 116 -6.32 -1.97 -12.91
CA GLU A 116 -5.55 -2.71 -13.94
C GLU A 116 -6.49 -3.57 -14.78
N TYR A 117 -6.03 -4.06 -15.90
CA TYR A 117 -6.89 -4.94 -16.73
C TYR A 117 -6.84 -6.33 -16.10
N ALA A 118 -7.97 -7.00 -15.99
CA ALA A 118 -7.98 -8.36 -15.36
C ALA A 118 -6.91 -9.28 -15.97
N LYS A 119 -5.91 -9.65 -15.18
CA LYS A 119 -4.86 -10.56 -15.68
C LYS A 119 -5.45 -11.93 -16.03
N SER A 120 -6.63 -12.23 -15.51
CA SER A 120 -7.26 -13.55 -15.81
C SER A 120 -8.79 -13.41 -15.69
N ASN A 121 -9.50 -14.51 -15.69
CA ASN A 121 -10.99 -14.44 -15.59
C ASN A 121 -11.50 -15.20 -14.35
N ARG A 122 -10.64 -15.54 -13.42
CA ARG A 122 -11.10 -16.27 -12.21
C ARG A 122 -11.27 -15.30 -11.01
N SER A 123 -11.04 -14.02 -11.21
CA SER A 123 -11.22 -13.05 -10.09
C SER A 123 -12.72 -12.80 -9.93
N THR A 124 -13.14 -12.13 -8.89
CA THR A 124 -14.60 -11.89 -8.72
C THR A 124 -14.86 -10.52 -8.09
N CYS A 125 -15.73 -9.74 -8.69
CA CYS A 125 -16.07 -8.43 -8.10
C CYS A 125 -16.69 -8.64 -6.71
N LYS A 126 -16.10 -8.07 -5.69
CA LYS A 126 -16.64 -8.25 -4.31
C LYS A 126 -17.83 -7.31 -4.01
N GLY A 127 -18.49 -6.80 -5.03
CA GLY A 127 -19.64 -5.89 -4.82
C GLY A 127 -20.89 -6.61 -5.32
N CYS A 128 -20.80 -7.26 -6.45
CA CYS A 128 -21.96 -8.03 -6.99
C CYS A 128 -21.63 -9.54 -7.07
N MET A 129 -20.43 -9.94 -6.62
CA MET A 129 -20.03 -11.37 -6.66
C MET A 129 -20.03 -11.97 -8.08
N GLU A 130 -20.11 -11.16 -9.11
CA GLU A 130 -20.08 -11.71 -10.49
C GLU A 130 -18.63 -11.79 -10.95
N LYS A 131 -18.28 -12.79 -11.71
CA LYS A 131 -16.86 -12.94 -12.15
C LYS A 131 -16.43 -11.80 -13.08
N ILE A 132 -15.19 -11.38 -12.97
CA ILE A 132 -14.67 -10.34 -13.87
C ILE A 132 -13.98 -11.04 -15.05
N GLU A 133 -14.27 -10.64 -16.26
CA GLU A 133 -13.64 -11.31 -17.44
C GLU A 133 -12.21 -10.83 -17.67
N LYS A 134 -11.34 -11.72 -18.06
CA LYS A 134 -9.92 -11.30 -18.37
C LYS A 134 -9.89 -10.13 -19.36
N GLY A 135 -9.06 -9.14 -19.11
CA GLY A 135 -8.98 -7.97 -20.03
C GLY A 135 -9.86 -6.83 -19.52
N GLN A 136 -10.95 -7.15 -18.83
CA GLN A 136 -11.86 -6.10 -18.33
C GLN A 136 -11.17 -5.24 -17.26
N VAL A 137 -11.41 -3.95 -17.29
CA VAL A 137 -10.80 -3.05 -16.30
C VAL A 137 -11.41 -3.33 -14.91
N ARG A 138 -10.58 -3.43 -13.92
CA ARG A 138 -11.11 -3.71 -12.55
C ARG A 138 -10.39 -2.82 -11.53
N LEU A 139 -11.04 -2.51 -10.45
CA LEU A 139 -10.42 -1.65 -9.40
C LEU A 139 -10.31 -2.46 -8.11
N SER A 140 -9.48 -2.03 -7.17
CA SER A 140 -9.38 -2.83 -5.93
C SER A 140 -8.96 -2.01 -4.71
N LYS A 141 -9.47 -2.39 -3.57
CA LYS A 141 -9.10 -1.72 -2.30
C LYS A 141 -8.23 -2.68 -1.49
N LYS A 142 -6.93 -2.47 -1.50
CA LYS A 142 -6.01 -3.39 -0.76
C LYS A 142 -6.42 -3.53 0.71
N MET A 143 -6.35 -4.73 1.22
CA MET A 143 -6.70 -4.97 2.66
C MET A 143 -5.95 -6.19 3.17
N VAL A 144 -5.65 -6.25 4.44
CA VAL A 144 -4.90 -7.42 4.97
C VAL A 144 -5.86 -8.38 5.70
N ASP A 145 -5.64 -9.65 5.58
CA ASP A 145 -6.52 -10.63 6.28
C ASP A 145 -5.81 -11.16 7.52
N PRO A 146 -6.48 -11.08 8.65
CA PRO A 146 -5.88 -11.55 9.92
C PRO A 146 -5.69 -13.08 9.88
N GLU A 147 -6.40 -13.75 9.01
CA GLU A 147 -6.27 -15.23 8.91
C GLU A 147 -5.07 -15.58 8.01
N LYS A 148 -4.71 -14.69 7.12
CA LYS A 148 -3.56 -14.96 6.21
C LYS A 148 -2.58 -13.77 6.27
N PRO A 149 -1.93 -13.64 7.40
CA PRO A 149 -0.98 -12.52 7.61
C PRO A 149 0.27 -12.65 6.72
N GLN A 150 0.63 -13.84 6.32
CA GLN A 150 1.84 -14.00 5.45
C GLN A 150 1.61 -13.33 4.08
N LEU A 151 0.37 -13.15 3.71
CA LEU A 151 0.08 -12.51 2.39
C LEU A 151 0.28 -10.99 2.47
N GLY A 152 -0.28 -10.37 3.47
CA GLY A 152 -0.14 -8.89 3.60
C GLY A 152 -1.27 -8.18 2.85
N MET A 153 -0.98 -7.03 2.31
CA MET A 153 -2.03 -6.27 1.55
C MET A 153 -2.52 -7.09 0.34
N ILE A 154 -3.73 -7.56 0.39
CA ILE A 154 -4.28 -8.35 -0.75
C ILE A 154 -5.34 -7.51 -1.50
N ASP A 155 -5.39 -7.61 -2.80
CA ASP A 155 -6.38 -6.79 -3.56
C ASP A 155 -7.80 -7.35 -3.47
N ARG A 156 -8.75 -6.49 -3.18
CA ARG A 156 -10.18 -6.87 -3.16
C ARG A 156 -10.71 -6.27 -4.45
N TRP A 157 -10.96 -7.07 -5.46
CA TRP A 157 -11.36 -6.49 -6.79
C TRP A 157 -12.84 -6.16 -6.91
N TYR A 158 -13.13 -5.28 -7.85
CA TYR A 158 -14.52 -4.83 -8.11
C TYR A 158 -14.61 -4.29 -9.53
N HIS A 159 -15.80 -4.24 -10.07
CA HIS A 159 -15.96 -3.59 -11.41
C HIS A 159 -15.88 -2.10 -11.10
N PRO A 160 -15.41 -1.29 -12.01
CA PRO A 160 -15.30 0.16 -11.73
C PRO A 160 -16.65 0.74 -11.26
N GLY A 161 -17.72 0.36 -11.89
CA GLY A 161 -19.08 0.86 -11.46
C GLY A 161 -19.36 0.35 -10.04
N CYS A 162 -19.23 -0.93 -9.82
CA CYS A 162 -19.48 -1.48 -8.44
C CYS A 162 -18.58 -0.79 -7.40
N PHE A 163 -17.34 -0.55 -7.75
CA PHE A 163 -16.39 0.13 -6.81
C PHE A 163 -16.92 1.53 -6.48
N VAL A 164 -17.34 2.27 -7.47
CA VAL A 164 -17.84 3.65 -7.22
C VAL A 164 -19.07 3.60 -6.31
N LYS A 165 -19.94 2.65 -6.48
CA LYS A 165 -21.16 2.57 -5.62
C LYS A 165 -20.77 2.45 -4.14
N ASN A 166 -19.71 1.76 -3.84
CA ASN A 166 -19.25 1.60 -2.42
C ASN A 166 -18.02 2.45 -2.10
N ARG A 167 -17.84 3.56 -2.80
CA ARG A 167 -16.63 4.41 -2.55
C ARG A 167 -16.49 4.79 -1.07
N GLU A 168 -17.57 5.05 -0.42
CA GLU A 168 -17.51 5.45 1.03
C GLU A 168 -17.01 4.31 1.91
N GLU A 169 -17.67 3.19 1.87
CA GLU A 169 -17.25 2.04 2.73
C GLU A 169 -15.85 1.55 2.34
N LEU A 170 -15.47 1.71 1.11
CA LEU A 170 -14.11 1.25 0.68
C LEU A 170 -13.03 2.26 1.07
N GLY A 171 -13.39 3.35 1.72
CA GLY A 171 -12.37 4.34 2.15
C GLY A 171 -11.85 5.17 0.97
N PHE A 172 -12.60 5.28 -0.09
CA PHE A 172 -12.11 6.10 -1.25
C PHE A 172 -12.67 7.52 -1.10
N ARG A 173 -12.03 8.30 -0.26
CA ARG A 173 -12.50 9.71 -0.01
C ARG A 173 -12.84 10.47 -1.31
N PRO A 174 -13.65 11.50 -1.18
CA PRO A 174 -14.07 12.30 -2.36
C PRO A 174 -12.95 13.19 -2.90
N GLU A 175 -11.89 13.39 -2.13
CA GLU A 175 -10.76 14.23 -2.64
C GLU A 175 -9.86 13.40 -3.58
N TYR A 176 -9.98 12.10 -3.54
CA TYR A 176 -9.15 11.24 -4.41
C TYR A 176 -9.70 11.22 -5.85
N SER A 177 -8.82 11.16 -6.80
CA SER A 177 -9.24 11.12 -8.23
C SER A 177 -8.73 9.83 -8.87
N ALA A 178 -9.26 9.48 -10.02
CA ALA A 178 -8.81 8.22 -10.71
C ALA A 178 -7.30 8.20 -10.94
N SER A 179 -6.72 9.35 -11.17
CA SER A 179 -5.24 9.41 -11.44
C SER A 179 -4.39 8.93 -10.24
N GLN A 180 -4.98 8.80 -9.08
CA GLN A 180 -4.20 8.35 -7.88
C GLN A 180 -4.20 6.82 -7.72
N LEU A 181 -4.96 6.11 -8.50
CA LEU A 181 -5.00 4.62 -8.37
C LEU A 181 -3.67 3.99 -8.79
N LYS A 182 -3.16 3.07 -8.01
CA LYS A 182 -1.87 2.40 -8.38
C LYS A 182 -2.06 1.62 -9.68
N GLY A 183 -1.32 1.95 -10.72
CA GLY A 183 -1.45 1.22 -12.02
C GLY A 183 -2.20 2.09 -13.05
N PHE A 184 -2.75 3.19 -12.63
CA PHE A 184 -3.52 4.08 -13.58
C PHE A 184 -2.71 4.39 -14.85
N SER A 185 -1.51 4.87 -14.67
CA SER A 185 -0.65 5.25 -15.83
C SER A 185 -0.54 4.15 -16.92
N LEU A 186 -0.73 2.90 -16.57
CA LEU A 186 -0.58 1.81 -17.60
C LEU A 186 -1.88 1.54 -18.38
N LEU A 187 -2.90 2.33 -18.18
CA LEU A 187 -4.18 2.10 -18.90
C LEU A 187 -4.23 2.94 -20.19
N ALA A 188 -4.90 2.42 -21.19
CA ALA A 188 -5.02 3.18 -22.47
C ALA A 188 -5.75 4.50 -22.20
N THR A 189 -5.45 5.53 -22.96
CA THR A 189 -6.12 6.86 -22.75
C THR A 189 -7.65 6.72 -22.58
N GLU A 190 -8.28 5.96 -23.43
CA GLU A 190 -9.77 5.77 -23.33
C GLU A 190 -10.15 5.26 -21.94
N ASP A 191 -9.49 4.23 -21.48
CA ASP A 191 -9.81 3.68 -20.13
C ASP A 191 -9.53 4.71 -19.03
N LYS A 192 -8.47 5.48 -19.17
CA LYS A 192 -8.15 6.50 -18.12
C LYS A 192 -9.24 7.57 -18.08
N GLU A 193 -9.74 7.98 -19.21
CA GLU A 193 -10.80 9.03 -19.23
C GLU A 193 -12.08 8.51 -18.54
N ALA A 194 -12.48 7.30 -18.85
CA ALA A 194 -13.71 6.72 -18.23
C ALA A 194 -13.60 6.75 -16.69
N LEU A 195 -12.43 6.44 -16.18
CA LEU A 195 -12.24 6.44 -14.70
C LEU A 195 -12.30 7.88 -14.16
N LYS A 196 -11.48 8.76 -14.71
CA LYS A 196 -11.50 10.18 -14.24
C LYS A 196 -12.94 10.73 -14.27
N LYS A 197 -13.73 10.22 -15.15
CA LYS A 197 -15.16 10.67 -15.27
C LYS A 197 -15.96 10.27 -14.02
N GLN A 198 -15.80 9.05 -13.56
CA GLN A 198 -16.57 8.59 -12.37
C GLN A 198 -15.88 8.98 -11.06
N LEU A 199 -14.58 9.10 -11.07
CA LEU A 199 -13.85 9.52 -9.85
C LEU A 199 -13.08 10.80 -10.18
N PRO A 200 -13.79 11.90 -10.18
CA PRO A 200 -13.18 13.22 -10.54
C PRO A 200 -12.26 13.73 -9.42
N GLY A 201 -12.68 13.60 -8.19
CA GLY A 201 -11.84 14.09 -7.06
C GLY A 201 -11.99 15.61 -6.95
N VAL A 202 -11.87 16.14 -5.76
CA VAL A 202 -12.01 17.61 -5.58
C VAL A 202 -10.84 18.15 -4.74
N LYS A 203 -9.72 17.48 -4.76
CA LYS A 203 -8.55 17.95 -3.96
C LYS A 203 -8.03 19.28 -4.51
N SER A 204 -8.23 19.53 -5.78
CA SER A 204 -7.75 20.81 -6.37
C SER A 204 -8.86 21.45 -7.21
N GLU A 205 -8.52 22.44 -8.00
CA GLU A 205 -9.55 23.11 -8.85
C GLU A 205 -9.80 22.29 -10.12
N GLY A 206 -8.78 21.69 -10.67
CA GLY A 206 -8.96 20.87 -11.90
C GLY A 206 -8.67 21.74 -13.13
N LYS A 207 -7.42 22.01 -13.39
CA LYS A 207 -7.07 22.84 -14.57
C LYS A 207 -6.38 21.98 -15.65
N ARG A 208 -6.58 20.69 -15.60
CA ARG A 208 -5.95 19.80 -16.62
C ARG A 208 -4.44 20.07 -16.71
N LYS A 209 -3.77 19.46 -17.66
CA LYS A 209 -2.30 19.68 -17.80
C LYS A 209 -1.99 20.29 -19.16
N GLY A 210 -2.85 21.14 -19.66
CA GLY A 210 -2.61 21.76 -20.98
C GLY A 210 -2.70 20.70 -22.09
N ASP A 211 -3.77 20.71 -22.84
CA ASP A 211 -3.93 19.71 -23.93
C ASP A 211 -3.68 20.36 -25.30
N GLU A 212 -2.46 20.42 -25.72
CA GLU A 212 -2.15 21.05 -27.04
C GLU A 212 -2.08 19.98 -28.13
N VAL A 213 -1.08 19.13 -28.07
CA VAL A 213 -0.94 18.07 -29.10
C VAL A 213 -1.01 16.68 -28.45
N ASP A 214 -2.13 16.35 -27.86
CA ASP A 214 -2.28 15.02 -27.20
C ASP A 214 -2.81 13.99 -28.20
ZN ZN C . 18.34 -9.11 3.71
ZN ZN D . -19.44 -5.99 -9.89
N MET A 1 -6.48 -2.34 29.85
CA MET A 1 -5.58 -3.51 29.64
C MET A 1 -5.01 -3.49 28.22
N ALA A 2 -3.71 -3.34 28.09
CA ALA A 2 -3.09 -3.31 26.73
C ALA A 2 -2.45 -4.66 26.42
N GLU A 3 -1.75 -5.23 27.37
CA GLU A 3 -1.08 -6.55 27.14
C GLU A 3 -0.13 -6.47 25.93
N SER A 4 -0.63 -6.68 24.74
CA SER A 4 0.26 -6.61 23.54
C SER A 4 -0.06 -5.35 22.72
N SER A 5 0.36 -5.32 21.49
CA SER A 5 0.09 -4.13 20.63
C SER A 5 -0.85 -4.52 19.48
N ASP A 6 -1.58 -3.56 18.96
CA ASP A 6 -2.51 -3.87 17.83
C ASP A 6 -1.94 -3.34 16.50
N LYS A 7 -0.90 -2.55 16.56
CA LYS A 7 -0.32 -2.00 15.29
C LYS A 7 0.10 -3.17 14.37
N LEU A 8 0.09 -2.96 13.08
CA LEU A 8 0.47 -4.08 12.17
C LEU A 8 1.98 -4.12 11.93
N TYR A 9 2.71 -3.06 12.23
CA TYR A 9 4.18 -3.12 12.00
C TYR A 9 4.98 -2.75 13.26
N ARG A 10 6.23 -3.15 13.30
CA ARG A 10 7.08 -2.85 14.46
C ARG A 10 8.48 -2.46 13.99
N VAL A 11 9.08 -1.49 14.63
CA VAL A 11 10.45 -1.07 14.25
C VAL A 11 11.30 -0.99 15.52
N GLU A 12 12.52 -1.45 15.47
CA GLU A 12 13.36 -1.40 16.70
C GLU A 12 14.80 -1.81 16.39
N TYR A 13 15.68 -1.59 17.31
CA TYR A 13 17.08 -2.02 17.10
C TYR A 13 17.15 -3.51 17.44
N ALA A 14 17.66 -4.29 16.54
CA ALA A 14 17.71 -5.79 16.73
C ALA A 14 18.08 -6.21 18.15
N LYS A 15 17.18 -6.91 18.82
CA LYS A 15 17.47 -7.40 20.20
C LYS A 15 18.55 -8.50 20.14
N SER A 16 18.71 -9.10 18.99
CA SER A 16 19.74 -10.15 18.81
C SER A 16 20.20 -10.17 17.35
N GLY A 17 21.14 -11.00 17.00
CA GLY A 17 21.63 -11.04 15.60
C GLY A 17 21.23 -12.39 14.97
N ARG A 18 20.26 -13.07 15.55
CA ARG A 18 19.83 -14.39 15.02
C ARG A 18 18.64 -14.29 14.06
N ALA A 19 17.94 -13.21 14.06
CA ALA A 19 16.77 -13.07 13.11
C ALA A 19 17.24 -13.04 11.65
N SER A 20 16.50 -13.69 10.77
CA SER A 20 16.88 -13.73 9.34
C SER A 20 15.90 -12.88 8.55
N CYS A 21 16.40 -12.08 7.67
CA CYS A 21 15.51 -11.21 6.84
C CYS A 21 14.58 -12.07 5.97
N LYS A 22 13.30 -11.81 6.02
CA LYS A 22 12.34 -12.62 5.19
C LYS A 22 12.44 -12.29 3.69
N LYS A 23 13.23 -11.31 3.32
CA LYS A 23 13.38 -10.94 1.88
C LYS A 23 14.69 -11.50 1.29
N CYS A 24 15.82 -11.12 1.83
CA CYS A 24 17.12 -11.61 1.28
C CYS A 24 17.70 -12.81 2.07
N SER A 25 17.08 -13.21 3.15
CA SER A 25 17.56 -14.40 3.96
C SER A 25 18.83 -14.14 4.80
N GLU A 26 19.51 -13.02 4.61
CA GLU A 26 20.75 -12.77 5.42
C GLU A 26 20.35 -12.44 6.86
N SER A 27 21.23 -12.67 7.80
CA SER A 27 20.82 -12.38 9.20
C SER A 27 20.83 -10.91 9.51
N ILE A 28 20.01 -10.53 10.45
CA ILE A 28 19.92 -9.10 10.83
C ILE A 28 20.82 -8.88 12.04
N PRO A 29 21.85 -8.06 11.89
CA PRO A 29 22.81 -7.86 12.99
C PRO A 29 22.20 -7.18 14.23
N LYS A 30 22.61 -7.63 15.39
CA LYS A 30 22.07 -7.06 16.67
C LYS A 30 22.25 -5.54 16.71
N ASP A 31 21.29 -4.83 17.29
CA ASP A 31 21.34 -3.32 17.40
C ASP A 31 21.06 -2.62 16.05
N SER A 32 21.00 -3.35 14.96
CA SER A 32 20.73 -2.69 13.66
C SER A 32 19.24 -2.34 13.57
N LEU A 33 18.90 -1.36 12.77
CA LEU A 33 17.47 -0.99 12.64
C LEU A 33 16.75 -2.00 11.75
N ARG A 34 15.74 -2.66 12.28
CA ARG A 34 14.99 -3.66 11.50
C ARG A 34 13.50 -3.39 11.60
N MET A 35 12.73 -3.84 10.64
CA MET A 35 11.26 -3.61 10.67
C MET A 35 10.53 -4.92 10.44
N ALA A 36 9.33 -5.06 10.94
CA ALA A 36 8.60 -6.33 10.74
C ALA A 36 7.11 -6.11 10.57
N ILE A 37 6.46 -7.00 9.87
CA ILE A 37 4.98 -6.93 9.75
C ILE A 37 4.38 -7.88 10.77
N MET A 38 3.69 -7.37 11.74
CA MET A 38 3.12 -8.25 12.82
C MET A 38 2.04 -9.19 12.28
N VAL A 39 1.99 -10.39 12.82
CA VAL A 39 0.97 -11.37 12.37
C VAL A 39 0.46 -12.17 13.57
N GLN A 40 -0.81 -12.46 13.61
CA GLN A 40 -1.36 -13.24 14.77
C GLN A 40 -1.11 -14.74 14.57
N SER A 41 -0.64 -15.42 15.57
CA SER A 41 -0.37 -16.88 15.43
C SER A 41 -1.58 -17.69 15.92
N PRO A 42 -1.99 -18.65 15.13
CA PRO A 42 -3.15 -19.50 15.50
C PRO A 42 -2.73 -20.63 16.44
N MET A 43 -1.46 -20.74 16.73
CA MET A 43 -0.99 -21.83 17.64
C MET A 43 -0.87 -21.32 19.08
N PHE A 44 -0.87 -20.03 19.28
CA PHE A 44 -0.76 -19.50 20.66
C PHE A 44 -1.08 -18.00 20.68
N ASP A 45 -1.59 -17.50 21.77
CA ASP A 45 -1.93 -16.05 21.86
C ASP A 45 -0.64 -15.22 21.75
N GLY A 46 -0.57 -14.35 20.80
CA GLY A 46 0.66 -13.52 20.63
C GLY A 46 0.91 -13.28 19.14
N LYS A 47 1.62 -12.25 18.79
CA LYS A 47 1.88 -11.97 17.35
C LYS A 47 3.32 -12.33 16.96
N VAL A 48 3.50 -12.93 15.82
CA VAL A 48 4.87 -13.31 15.35
C VAL A 48 5.36 -12.24 14.36
N PRO A 49 6.55 -11.74 14.57
CA PRO A 49 7.07 -10.69 13.68
C PRO A 49 7.87 -11.27 12.51
N HIS A 50 7.56 -10.85 11.32
CA HIS A 50 8.38 -11.28 10.15
C HIS A 50 9.40 -10.16 9.96
N TRP A 51 10.62 -10.35 10.42
CA TRP A 51 11.62 -9.26 10.36
C TRP A 51 12.32 -9.13 9.01
N TYR A 52 12.78 -7.93 8.76
CA TYR A 52 13.50 -7.61 7.49
C TYR A 52 14.53 -6.52 7.78
N HIS A 53 15.61 -6.46 7.04
CA HIS A 53 16.57 -5.33 7.24
C HIS A 53 15.80 -4.09 6.85
N PHE A 54 16.14 -2.93 7.36
CA PHE A 54 15.37 -1.68 7.02
C PHE A 54 15.06 -1.56 5.51
N SER A 55 16.06 -1.67 4.68
CA SER A 55 15.84 -1.53 3.20
C SER A 55 14.97 -2.68 2.62
N CYS A 56 15.28 -3.90 2.98
CA CYS A 56 14.50 -5.07 2.42
C CYS A 56 12.98 -4.93 2.69
N PHE A 57 12.63 -4.41 3.84
CA PHE A 57 11.17 -4.27 4.20
C PHE A 57 10.36 -3.56 3.10
N TRP A 58 10.94 -2.57 2.42
CA TRP A 58 10.17 -1.82 1.40
C TRP A 58 10.24 -2.49 0.03
N LYS A 59 11.18 -3.36 -0.18
CA LYS A 59 11.31 -4.02 -1.51
C LYS A 59 10.37 -5.23 -1.67
N VAL A 60 9.59 -5.53 -0.65
CA VAL A 60 8.66 -6.70 -0.73
C VAL A 60 7.22 -6.25 -1.03
N GLY A 61 6.91 -5.00 -0.80
CA GLY A 61 5.52 -4.53 -1.08
C GLY A 61 4.93 -3.87 0.19
N HIS A 62 5.59 -4.00 1.31
CA HIS A 62 5.07 -3.36 2.56
C HIS A 62 4.97 -1.85 2.35
N SER A 63 3.93 -1.24 2.84
CA SER A 63 3.80 0.25 2.65
C SER A 63 3.24 0.92 3.90
N ILE A 64 3.70 2.10 4.20
CA ILE A 64 3.21 2.84 5.40
C ILE A 64 3.16 4.35 5.09
N ARG A 65 2.00 4.95 5.21
CA ARG A 65 1.88 6.40 4.93
C ARG A 65 2.23 7.20 6.19
N HIS A 66 1.78 6.76 7.33
CA HIS A 66 2.08 7.47 8.61
C HIS A 66 2.75 6.52 9.61
N PRO A 67 4.07 6.54 9.63
CA PRO A 67 4.83 5.64 10.54
C PRO A 67 4.50 5.90 12.03
N ASP A 68 4.50 7.14 12.48
CA ASP A 68 4.18 7.45 13.90
C ASP A 68 2.93 6.70 14.43
N VAL A 69 1.92 6.53 13.62
CA VAL A 69 0.66 5.84 14.11
C VAL A 69 0.55 4.38 13.64
N GLU A 70 1.19 4.01 12.57
CA GLU A 70 1.04 2.60 12.06
C GLU A 70 2.20 1.68 12.50
N VAL A 71 3.30 2.22 12.96
CA VAL A 71 4.43 1.34 13.34
C VAL A 71 4.76 1.44 14.84
N ASP A 72 4.57 0.36 15.56
CA ASP A 72 4.86 0.35 17.02
C ASP A 72 6.38 0.51 17.25
N GLY A 73 6.78 1.24 18.26
CA GLY A 73 8.24 1.41 18.54
C GLY A 73 8.83 2.60 17.76
N PHE A 74 8.06 3.18 16.87
CA PHE A 74 8.60 4.34 16.07
C PHE A 74 9.07 5.48 16.97
N SER A 75 8.23 5.90 17.89
CA SER A 75 8.60 7.03 18.79
C SER A 75 9.85 6.73 19.65
N GLU A 76 10.21 5.48 19.86
CA GLU A 76 11.41 5.19 20.69
C GLU A 76 12.70 5.11 19.84
N LEU A 77 12.60 5.26 18.54
CA LEU A 77 13.83 5.21 17.69
C LEU A 77 14.62 6.50 17.86
N ARG A 78 15.88 6.48 17.54
CA ARG A 78 16.68 7.75 17.64
C ARG A 78 16.12 8.74 16.60
N TRP A 79 16.27 10.01 16.85
CA TRP A 79 15.69 11.04 15.92
C TRP A 79 16.03 10.75 14.45
N ASP A 80 17.29 10.63 14.11
CA ASP A 80 17.66 10.38 12.68
C ASP A 80 16.93 9.15 12.10
N ASP A 81 16.82 8.09 12.87
CA ASP A 81 16.11 6.88 12.36
C ASP A 81 14.62 7.19 12.20
N GLN A 82 14.09 8.06 13.02
CA GLN A 82 12.65 8.42 12.90
C GLN A 82 12.45 9.20 11.59
N GLN A 83 13.42 10.01 11.24
CA GLN A 83 13.32 10.78 9.97
C GLN A 83 13.53 9.84 8.78
N LYS A 84 14.49 8.96 8.90
CA LYS A 84 14.76 7.99 7.78
C LYS A 84 13.51 7.17 7.50
N VAL A 85 12.87 6.65 8.52
CA VAL A 85 11.63 5.87 8.31
C VAL A 85 10.53 6.78 7.76
N LYS A 86 10.44 7.98 8.27
CA LYS A 86 9.38 8.92 7.80
C LYS A 86 9.59 9.26 6.32
N LYS A 87 10.81 9.52 5.91
CA LYS A 87 11.06 9.87 4.49
C LYS A 87 10.93 8.63 3.61
N THR A 88 11.48 7.52 4.04
CA THR A 88 11.39 6.26 3.22
C THR A 88 9.91 5.90 3.04
N ALA A 89 9.11 6.12 4.05
CA ALA A 89 7.65 5.82 3.94
C ALA A 89 7.04 6.71 2.86
N GLU A 90 7.35 7.98 2.88
CA GLU A 90 6.78 8.90 1.86
C GLU A 90 7.24 8.50 0.46
N ALA A 91 8.52 8.30 0.28
CA ALA A 91 9.03 7.89 -1.07
C ALA A 91 8.36 6.59 -1.53
N GLY A 92 8.70 5.49 -0.92
CA GLY A 92 8.07 4.19 -1.33
C GLY A 92 9.00 3.45 -2.29
N GLY A 93 10.29 3.64 -2.15
CA GLY A 93 11.25 2.93 -3.05
C GLY A 93 12.56 3.72 -3.13
N VAL A 94 13.09 3.90 -4.31
CA VAL A 94 14.37 4.66 -4.45
C VAL A 94 14.64 4.97 -5.92
N THR A 95 15.15 6.14 -6.19
CA THR A 95 15.43 6.51 -7.60
C THR A 95 16.92 6.29 -7.93
N GLY A 96 17.79 7.03 -7.30
CA GLY A 96 19.24 6.87 -7.56
C GLY A 96 19.66 7.78 -8.72
N LYS A 97 20.36 7.24 -9.69
CA LYS A 97 20.79 8.08 -10.84
C LYS A 97 19.58 8.64 -11.59
N GLY A 98 19.72 9.77 -12.22
CA GLY A 98 18.57 10.36 -12.97
C GLY A 98 18.51 11.87 -12.69
N GLN A 99 18.41 12.67 -13.71
CA GLN A 99 18.34 14.14 -13.50
C GLN A 99 16.99 14.69 -13.99
N ASP A 100 16.44 14.08 -15.00
CA ASP A 100 15.12 14.56 -15.53
C ASP A 100 14.00 14.21 -14.55
N GLY A 101 12.91 14.94 -14.57
CA GLY A 101 11.79 14.65 -13.64
C GLY A 101 10.66 15.64 -13.87
N ILE A 102 10.98 16.88 -14.08
CA ILE A 102 9.91 17.91 -14.31
C ILE A 102 9.11 17.55 -15.56
N GLY A 103 7.83 17.39 -15.41
CA GLY A 103 6.98 17.05 -16.60
C GLY A 103 5.50 17.20 -16.23
N SER A 104 5.02 16.39 -15.34
CA SER A 104 3.58 16.49 -14.93
C SER A 104 3.44 17.42 -13.72
N LYS A 105 2.43 18.24 -13.70
CA LYS A 105 2.24 19.18 -12.55
C LYS A 105 1.97 18.38 -11.27
N ALA A 106 1.43 17.19 -11.39
CA ALA A 106 1.15 16.37 -10.18
C ALA A 106 2.18 15.25 -10.04
N GLU A 107 2.22 14.60 -8.90
CA GLU A 107 3.20 13.49 -8.71
C GLU A 107 2.86 12.72 -7.44
N LYS A 108 1.96 11.78 -7.53
CA LYS A 108 1.58 10.98 -6.33
C LYS A 108 0.90 9.67 -6.75
N THR A 109 1.22 8.59 -6.09
CA THR A 109 0.60 7.28 -6.44
C THR A 109 0.18 6.53 -5.17
N LEU A 110 -1.07 6.16 -5.06
CA LEU A 110 -1.53 5.42 -3.86
C LEU A 110 -0.86 4.05 -3.79
N GLY A 111 -0.59 3.56 -2.61
CA GLY A 111 0.07 2.22 -2.49
C GLY A 111 -0.96 1.15 -2.15
N ASP A 112 -2.19 1.52 -1.87
CA ASP A 112 -3.22 0.51 -1.52
C ASP A 112 -4.35 0.49 -2.56
N PHE A 113 -4.17 1.17 -3.68
CA PHE A 113 -5.23 1.17 -4.73
C PHE A 113 -4.61 0.91 -6.10
N ALA A 114 -5.17 0.01 -6.89
CA ALA A 114 -4.54 -0.28 -8.21
C ALA A 114 -5.57 -0.46 -9.33
N ALA A 115 -5.13 -0.30 -10.53
CA ALA A 115 -6.01 -0.46 -11.72
C ALA A 115 -5.24 -1.23 -12.80
N GLU A 116 -5.82 -2.25 -13.37
CA GLU A 116 -5.10 -3.02 -14.42
C GLU A 116 -6.10 -3.85 -15.22
N TYR A 117 -5.68 -4.36 -16.35
CA TYR A 117 -6.59 -5.22 -17.15
C TYR A 117 -6.56 -6.62 -16.51
N ALA A 118 -7.70 -7.25 -16.36
CA ALA A 118 -7.74 -8.60 -15.72
C ALA A 118 -6.71 -9.56 -16.35
N LYS A 119 -5.71 -9.95 -15.59
CA LYS A 119 -4.69 -10.90 -16.11
C LYS A 119 -5.34 -12.26 -16.42
N SER A 120 -6.50 -12.52 -15.88
CA SER A 120 -7.20 -13.81 -16.14
C SER A 120 -8.71 -13.63 -15.98
N ASN A 121 -9.46 -14.71 -15.96
CA ASN A 121 -10.93 -14.59 -15.81
C ASN A 121 -11.44 -15.33 -14.55
N ARG A 122 -10.56 -15.69 -13.65
CA ARG A 122 -11.01 -16.39 -12.41
C ARG A 122 -11.10 -15.41 -11.23
N SER A 123 -10.85 -14.14 -11.44
CA SER A 123 -10.98 -13.16 -10.32
C SER A 123 -12.46 -12.86 -10.12
N THR A 124 -12.82 -12.17 -9.09
CA THR A 124 -14.28 -11.88 -8.87
C THR A 124 -14.47 -10.51 -8.24
N CYS A 125 -15.34 -9.70 -8.82
CA CYS A 125 -15.62 -8.38 -8.24
C CYS A 125 -16.21 -8.56 -6.83
N LYS A 126 -15.57 -8.00 -5.83
CA LYS A 126 -16.08 -8.15 -4.43
C LYS A 126 -17.23 -7.18 -4.11
N GLY A 127 -17.90 -6.66 -5.11
CA GLY A 127 -19.02 -5.72 -4.87
C GLY A 127 -20.31 -6.40 -5.33
N CYS A 128 -20.27 -7.05 -6.47
CA CYS A 128 -21.47 -7.79 -6.97
C CYS A 128 -21.18 -9.31 -7.04
N MET A 129 -19.98 -9.74 -6.63
CA MET A 129 -19.62 -11.19 -6.67
C MET A 129 -19.68 -11.80 -8.08
N GLU A 130 -19.77 -10.99 -9.12
CA GLU A 130 -19.80 -11.55 -10.49
C GLU A 130 -18.35 -11.67 -10.98
N LYS A 131 -18.07 -12.69 -11.76
CA LYS A 131 -16.67 -12.89 -12.23
C LYS A 131 -16.23 -11.78 -13.18
N ILE A 132 -14.96 -11.39 -13.11
CA ILE A 132 -14.44 -10.37 -14.04
C ILE A 132 -13.80 -11.10 -15.23
N GLU A 133 -14.12 -10.70 -16.43
CA GLU A 133 -13.55 -11.40 -17.62
C GLU A 133 -12.11 -10.96 -17.89
N LYS A 134 -11.27 -11.89 -18.30
CA LYS A 134 -9.85 -11.51 -18.65
C LYS A 134 -9.81 -10.34 -19.65
N GLY A 135 -8.94 -9.38 -19.43
CA GLY A 135 -8.86 -8.22 -20.37
C GLY A 135 -9.70 -7.05 -19.84
N GLN A 136 -10.77 -7.34 -19.12
CA GLN A 136 -11.63 -6.25 -18.59
C GLN A 136 -10.89 -5.40 -17.56
N VAL A 137 -11.09 -4.11 -17.60
CA VAL A 137 -10.42 -3.21 -16.61
C VAL A 137 -11.00 -3.47 -15.22
N ARG A 138 -10.16 -3.59 -14.24
CA ARG A 138 -10.65 -3.84 -12.86
C ARG A 138 -9.87 -2.98 -11.87
N LEU A 139 -10.49 -2.63 -10.77
CA LEU A 139 -9.81 -1.79 -9.74
C LEU A 139 -9.69 -2.58 -8.45
N SER A 140 -8.82 -2.17 -7.54
CA SER A 140 -8.71 -2.96 -6.29
C SER A 140 -8.23 -2.15 -5.10
N LYS A 141 -8.73 -2.50 -3.95
CA LYS A 141 -8.31 -1.82 -2.69
C LYS A 141 -7.44 -2.80 -1.89
N LYS A 142 -6.15 -2.64 -1.94
CA LYS A 142 -5.24 -3.57 -1.22
C LYS A 142 -5.60 -3.69 0.27
N MET A 143 -5.59 -4.88 0.79
CA MET A 143 -5.92 -5.08 2.24
C MET A 143 -5.20 -6.34 2.74
N VAL A 144 -4.85 -6.38 4.00
CA VAL A 144 -4.14 -7.57 4.53
C VAL A 144 -5.12 -8.49 5.27
N ASP A 145 -4.91 -9.78 5.19
CA ASP A 145 -5.80 -10.73 5.90
C ASP A 145 -5.08 -11.27 7.14
N PRO A 146 -5.71 -11.16 8.27
CA PRO A 146 -5.10 -11.64 9.54
C PRO A 146 -4.98 -13.17 9.51
N GLU A 147 -5.72 -13.82 8.65
CA GLU A 147 -5.64 -15.30 8.57
C GLU A 147 -4.46 -15.71 7.68
N LYS A 148 -4.07 -14.86 6.77
CA LYS A 148 -2.92 -15.18 5.89
C LYS A 148 -1.95 -14.00 5.84
N PRO A 149 -1.27 -13.79 6.94
CA PRO A 149 -0.32 -12.65 7.04
C PRO A 149 0.92 -12.87 6.17
N GLN A 150 1.24 -14.09 5.81
CA GLN A 150 2.43 -14.33 4.95
C GLN A 150 2.23 -13.68 3.58
N LEU A 151 0.99 -13.41 3.21
CA LEU A 151 0.71 -12.79 1.88
C LEU A 151 0.94 -11.28 1.94
N GLY A 152 0.42 -10.63 2.95
CA GLY A 152 0.61 -9.16 3.08
C GLY A 152 -0.55 -8.43 2.39
N MET A 153 -0.27 -7.32 1.76
CA MET A 153 -1.35 -6.55 1.08
C MET A 153 -1.87 -7.32 -0.14
N ILE A 154 -3.08 -7.82 -0.06
CA ILE A 154 -3.65 -8.58 -1.21
C ILE A 154 -4.69 -7.73 -1.94
N ASP A 155 -4.78 -7.84 -3.24
CA ASP A 155 -5.76 -7.00 -3.99
C ASP A 155 -7.20 -7.52 -3.85
N ARG A 156 -8.10 -6.63 -3.54
CA ARG A 156 -9.55 -6.96 -3.48
C ARG A 156 -10.11 -6.35 -4.76
N TRP A 157 -10.40 -7.15 -5.76
CA TRP A 157 -10.83 -6.57 -7.07
C TRP A 157 -12.31 -6.19 -7.15
N TYR A 158 -12.58 -5.33 -8.10
CA TYR A 158 -13.96 -4.84 -8.32
C TYR A 158 -14.08 -4.30 -9.74
N HIS A 159 -15.28 -4.21 -10.25
CA HIS A 159 -15.47 -3.57 -11.58
C HIS A 159 -15.33 -2.08 -11.29
N PRO A 160 -14.85 -1.29 -12.22
CA PRO A 160 -14.70 0.17 -11.94
C PRO A 160 -16.02 0.77 -11.45
N GLY A 161 -17.12 0.43 -12.06
CA GLY A 161 -18.43 0.98 -11.59
C GLY A 161 -18.70 0.49 -10.15
N CYS A 162 -18.60 -0.80 -9.92
CA CYS A 162 -18.83 -1.33 -8.54
C CYS A 162 -17.88 -0.65 -7.53
N PHE A 163 -16.64 -0.45 -7.92
CA PHE A 163 -15.65 0.20 -7.01
C PHE A 163 -16.11 1.61 -6.67
N VAL A 164 -16.55 2.36 -7.66
CA VAL A 164 -16.99 3.75 -7.41
C VAL A 164 -18.20 3.75 -6.46
N LYS A 165 -19.11 2.83 -6.60
CA LYS A 165 -20.30 2.80 -5.71
C LYS A 165 -19.88 2.67 -4.23
N ASN A 166 -18.83 1.95 -3.98
CA ASN A 166 -18.34 1.78 -2.55
C ASN A 166 -17.08 2.60 -2.28
N ARG A 167 -16.87 3.70 -2.99
CA ARG A 167 -15.63 4.52 -2.78
C ARG A 167 -15.45 4.89 -1.30
N GLU A 168 -16.50 5.20 -0.63
CA GLU A 168 -16.39 5.60 0.82
C GLU A 168 -15.89 4.45 1.70
N GLU A 169 -16.59 3.36 1.67
CA GLU A 169 -16.18 2.20 2.53
C GLU A 169 -14.81 1.66 2.12
N LEU A 170 -14.45 1.81 0.87
CA LEU A 170 -13.13 1.30 0.40
C LEU A 170 -11.99 2.28 0.76
N GLY A 171 -12.32 3.38 1.40
CA GLY A 171 -11.26 4.35 1.81
C GLY A 171 -10.74 5.16 0.61
N PHE A 172 -11.51 5.28 -0.44
CA PHE A 172 -11.04 6.08 -1.62
C PHE A 172 -11.54 7.51 -1.47
N ARG A 173 -10.86 8.28 -0.66
CA ARG A 173 -11.28 9.71 -0.39
C ARG A 173 -11.63 10.46 -1.69
N PRO A 174 -12.41 11.52 -1.55
CA PRO A 174 -12.84 12.32 -2.72
C PRO A 174 -11.71 13.17 -3.30
N GLU A 175 -10.62 13.34 -2.57
CA GLU A 175 -9.48 14.15 -3.10
C GLU A 175 -8.64 13.30 -4.07
N TYR A 176 -8.80 11.99 -4.01
CA TYR A 176 -8.02 11.10 -4.91
C TYR A 176 -8.61 11.10 -6.32
N SER A 177 -7.75 10.98 -7.31
CA SER A 177 -8.22 10.96 -8.72
C SER A 177 -7.76 9.64 -9.37
N ALA A 178 -8.33 9.30 -10.50
CA ALA A 178 -7.94 8.02 -11.17
C ALA A 178 -6.43 7.96 -11.45
N SER A 179 -5.82 9.08 -11.70
CA SER A 179 -4.35 9.10 -12.02
C SER A 179 -3.49 8.60 -10.84
N GLN A 180 -4.05 8.49 -9.66
CA GLN A 180 -3.25 8.04 -8.49
C GLN A 180 -3.29 6.51 -8.30
N LEU A 181 -4.10 5.81 -9.07
CA LEU A 181 -4.18 4.33 -8.92
C LEU A 181 -2.88 3.66 -9.37
N LYS A 182 -2.37 2.72 -8.60
CA LYS A 182 -1.12 2.01 -9.00
C LYS A 182 -1.36 1.22 -10.29
N GLY A 183 -0.64 1.53 -11.35
CA GLY A 183 -0.84 0.80 -12.64
C GLY A 183 -1.59 1.67 -13.66
N PHE A 184 -2.10 2.81 -13.24
CA PHE A 184 -2.85 3.70 -14.17
C PHE A 184 -2.08 3.99 -15.46
N SER A 185 -0.87 4.42 -15.32
CA SER A 185 -0.03 4.77 -16.52
C SER A 185 0.03 3.67 -17.59
N LEU A 186 -0.19 2.41 -17.23
CA LEU A 186 -0.10 1.31 -18.25
C LEU A 186 -1.43 1.08 -18.99
N LEU A 187 -2.42 1.91 -18.77
CA LEU A 187 -3.73 1.71 -19.45
C LEU A 187 -3.79 2.54 -20.74
N ALA A 188 -4.50 2.03 -21.72
CA ALA A 188 -4.63 2.78 -23.00
C ALA A 188 -5.31 4.13 -22.73
N THR A 189 -5.01 5.15 -23.50
CA THR A 189 -5.63 6.50 -23.28
C THR A 189 -7.15 6.41 -23.06
N GLU A 190 -7.84 5.67 -23.90
CA GLU A 190 -9.32 5.52 -23.75
C GLU A 190 -9.69 5.02 -22.35
N ASP A 191 -9.04 3.98 -21.90
CA ASP A 191 -9.33 3.44 -20.54
C ASP A 191 -9.00 4.47 -19.46
N LYS A 192 -7.93 5.21 -19.62
CA LYS A 192 -7.54 6.23 -18.61
C LYS A 192 -8.60 7.34 -18.53
N GLU A 193 -9.12 7.75 -19.65
CA GLU A 193 -10.15 8.83 -19.65
C GLU A 193 -11.41 8.35 -18.93
N ALA A 194 -11.86 7.16 -19.21
CA ALA A 194 -13.09 6.62 -18.55
C ALA A 194 -12.93 6.65 -17.02
N LEU A 195 -11.77 6.32 -16.53
CA LEU A 195 -11.54 6.32 -15.06
C LEU A 195 -11.52 7.76 -14.53
N LYS A 196 -10.70 8.62 -15.11
CA LYS A 196 -10.67 10.04 -14.66
C LYS A 196 -12.09 10.63 -14.64
N LYS A 197 -12.92 10.13 -15.51
CA LYS A 197 -14.33 10.63 -15.59
C LYS A 197 -15.11 10.27 -14.31
N GLN A 198 -14.98 9.05 -13.84
CA GLN A 198 -15.74 8.62 -12.63
C GLN A 198 -14.99 9.00 -11.35
N LEU A 199 -13.68 9.07 -11.39
CA LEU A 199 -12.91 9.48 -10.19
C LEU A 199 -12.11 10.74 -10.55
N PRO A 200 -12.80 11.86 -10.58
CA PRO A 200 -12.16 13.15 -10.97
C PRO A 200 -11.22 13.65 -9.88
N GLY A 201 -11.60 13.54 -8.64
CA GLY A 201 -10.73 14.03 -7.54
C GLY A 201 -10.84 15.55 -7.44
N VAL A 202 -11.80 16.13 -8.12
CA VAL A 202 -11.94 17.62 -8.06
C VAL A 202 -13.23 18.00 -7.32
N LYS A 203 -13.15 18.97 -6.44
CA LYS A 203 -14.36 19.39 -5.68
C LYS A 203 -14.54 20.91 -5.80
N SER A 204 -15.66 21.35 -6.33
CA SER A 204 -15.89 22.82 -6.48
C SER A 204 -15.95 23.48 -5.10
N GLU A 205 -15.46 24.69 -5.00
CA GLU A 205 -15.49 25.38 -3.68
C GLU A 205 -15.91 26.85 -3.87
N GLY A 206 -15.84 27.64 -2.82
CA GLY A 206 -16.24 29.07 -2.94
C GLY A 206 -17.06 29.47 -1.72
N LYS A 207 -16.96 30.71 -1.31
CA LYS A 207 -17.74 31.17 -0.12
C LYS A 207 -18.98 31.93 -0.57
N ARG A 208 -19.67 32.56 0.35
CA ARG A 208 -20.90 33.32 -0.02
C ARG A 208 -20.56 34.81 -0.22
N LYS A 209 -21.40 35.51 -0.95
CA LYS A 209 -21.12 36.96 -1.19
C LYS A 209 -22.39 37.64 -1.72
N GLY A 210 -22.46 38.95 -1.61
CA GLY A 210 -23.66 39.67 -2.09
C GLY A 210 -23.28 41.09 -2.52
N ASP A 211 -23.29 42.03 -1.60
CA ASP A 211 -22.93 43.43 -1.95
C ASP A 211 -23.81 43.94 -3.09
N GLU A 212 -23.60 45.15 -3.53
CA GLU A 212 -24.44 45.70 -4.64
C GLU A 212 -23.56 46.48 -5.63
N VAL A 213 -22.91 47.51 -5.17
CA VAL A 213 -22.06 48.32 -6.08
C VAL A 213 -20.59 47.88 -5.94
N ASP A 214 -20.06 47.22 -6.94
CA ASP A 214 -18.64 46.76 -6.87
C ASP A 214 -18.00 46.81 -8.25
ZN ZN C . 17.48 -8.31 4.08
ZN ZN D . -18.98 -5.84 -9.97
N MET A 1 6.03 -16.80 24.59
CA MET A 1 6.31 -15.34 24.38
C MET A 1 6.26 -15.00 22.90
N ALA A 2 5.69 -13.87 22.56
CA ALA A 2 5.61 -13.46 21.12
C ALA A 2 5.59 -11.94 21.01
N GLU A 3 5.25 -11.43 19.85
CA GLU A 3 5.20 -9.95 19.68
C GLU A 3 3.87 -9.39 20.20
N SER A 4 3.57 -8.16 19.91
CA SER A 4 2.30 -7.55 20.39
C SER A 4 1.90 -6.37 19.51
N SER A 5 1.24 -5.39 20.05
CA SER A 5 0.83 -4.21 19.24
C SER A 5 -0.09 -4.63 18.10
N ASP A 6 -0.77 -3.70 17.49
CA ASP A 6 -1.69 -4.05 16.37
C ASP A 6 -1.09 -3.64 15.02
N LYS A 7 0.04 -2.95 15.04
CA LYS A 7 0.67 -2.54 13.75
C LYS A 7 0.98 -3.77 12.91
N LEU A 8 1.10 -3.61 11.62
CA LEU A 8 1.39 -4.79 10.75
C LEU A 8 2.90 -4.98 10.57
N TYR A 9 3.68 -3.97 10.82
CA TYR A 9 5.17 -4.11 10.63
C TYR A 9 5.94 -3.68 11.89
N ARG A 10 7.17 -4.12 11.99
CA ARG A 10 8.00 -3.74 13.16
C ARG A 10 9.44 -3.46 12.69
N VAL A 11 10.05 -2.47 13.26
CA VAL A 11 11.45 -2.14 12.90
C VAL A 11 12.26 -1.99 14.18
N GLU A 12 13.46 -2.49 14.21
CA GLU A 12 14.28 -2.37 15.44
C GLU A 12 15.70 -2.87 15.22
N TYR A 13 16.57 -2.62 16.15
CA TYR A 13 17.95 -3.11 16.02
C TYR A 13 17.94 -4.57 16.48
N ALA A 14 18.44 -5.46 15.67
CA ALA A 14 18.42 -6.93 15.98
C ALA A 14 18.74 -7.24 17.46
N LYS A 15 17.79 -7.85 18.15
CA LYS A 15 18.03 -8.22 19.58
C LYS A 15 19.05 -9.37 19.64
N SER A 16 19.21 -10.06 18.55
CA SER A 16 20.20 -11.18 18.50
C SER A 16 20.69 -11.34 17.05
N GLY A 17 21.61 -12.25 16.81
CA GLY A 17 22.13 -12.43 15.42
C GLY A 17 21.69 -13.80 14.91
N ARG A 18 20.68 -14.38 15.51
CA ARG A 18 20.21 -15.73 15.09
C ARG A 18 19.05 -15.66 14.08
N ALA A 19 18.39 -14.55 13.97
CA ALA A 19 17.25 -14.45 12.98
C ALA A 19 17.76 -14.57 11.54
N SER A 20 17.02 -15.26 10.70
CA SER A 20 17.44 -15.43 9.29
C SER A 20 16.51 -14.63 8.39
N CYS A 21 17.07 -13.92 7.47
CA CYS A 21 16.24 -13.10 6.54
C CYS A 21 15.31 -13.98 5.71
N LYS A 22 14.03 -13.66 5.70
CA LYS A 22 13.05 -14.46 4.93
C LYS A 22 13.21 -14.30 3.41
N LYS A 23 14.06 -13.40 2.99
CA LYS A 23 14.26 -13.17 1.52
C LYS A 23 15.56 -13.83 1.00
N CYS A 24 16.69 -13.46 1.55
CA CYS A 24 17.98 -14.04 1.08
C CYS A 24 18.49 -15.19 1.99
N SER A 25 17.81 -15.47 3.08
CA SER A 25 18.21 -16.61 4.01
C SER A 25 19.48 -16.33 4.85
N GLU A 26 20.21 -15.27 4.59
CA GLU A 26 21.43 -14.99 5.41
C GLU A 26 21.02 -14.52 6.82
N SER A 27 21.87 -14.71 7.80
CA SER A 27 21.52 -14.31 9.18
C SER A 27 21.51 -12.79 9.33
N ILE A 28 20.68 -12.30 10.20
CA ILE A 28 20.63 -10.83 10.45
C ILE A 28 21.50 -10.54 11.68
N PRO A 29 22.57 -9.79 11.49
CA PRO A 29 23.53 -9.53 12.60
C PRO A 29 22.90 -8.73 13.74
N LYS A 30 23.26 -9.09 14.96
CA LYS A 30 22.72 -8.39 16.17
C LYS A 30 22.96 -6.88 16.09
N ASP A 31 22.02 -6.08 16.57
CA ASP A 31 22.15 -4.58 16.55
C ASP A 31 21.93 -3.98 15.14
N SER A 32 21.87 -4.79 14.12
CA SER A 32 21.66 -4.24 12.76
C SER A 32 20.19 -3.85 12.59
N LEU A 33 19.91 -2.93 11.70
CA LEU A 33 18.51 -2.50 11.50
C LEU A 33 17.76 -3.55 10.68
N ARG A 34 16.71 -4.11 11.24
CA ARG A 34 15.95 -5.15 10.52
C ARG A 34 14.45 -4.81 10.55
N MET A 35 13.70 -5.30 9.60
CA MET A 35 12.24 -5.01 9.57
C MET A 35 11.45 -6.32 9.43
N ALA A 36 10.24 -6.34 9.91
CA ALA A 36 9.46 -7.60 9.79
C ALA A 36 7.98 -7.33 9.57
N ILE A 37 7.31 -8.25 8.94
CA ILE A 37 5.83 -8.12 8.77
C ILE A 37 5.18 -8.95 9.87
N MET A 38 4.40 -8.34 10.73
CA MET A 38 3.77 -9.09 11.86
C MET A 38 2.77 -10.13 11.36
N VAL A 39 2.64 -11.22 12.07
CA VAL A 39 1.69 -12.29 11.67
C VAL A 39 1.06 -12.91 12.92
N GLN A 40 -0.23 -13.07 12.94
CA GLN A 40 -0.89 -13.68 14.14
C GLN A 40 -0.73 -15.21 14.07
N SER A 41 -0.30 -15.82 15.15
CA SER A 41 -0.11 -17.30 15.15
C SER A 41 -1.38 -18.01 15.66
N PRO A 42 -1.82 -19.00 14.93
CA PRO A 42 -3.02 -19.76 15.34
C PRO A 42 -2.68 -20.83 16.37
N MET A 43 -1.42 -20.96 16.72
CA MET A 43 -1.02 -22.00 17.72
C MET A 43 -0.90 -21.38 19.12
N PHE A 44 -0.86 -20.08 19.20
CA PHE A 44 -0.74 -19.42 20.54
C PHE A 44 -0.99 -17.92 20.42
N ASP A 45 -1.50 -17.31 21.46
CA ASP A 45 -1.77 -15.84 21.41
C ASP A 45 -0.44 -15.08 21.27
N GLY A 46 -0.31 -14.30 20.23
CA GLY A 46 0.95 -13.53 20.02
C GLY A 46 1.23 -13.45 18.52
N LYS A 47 2.03 -12.50 18.10
CA LYS A 47 2.32 -12.37 16.65
C LYS A 47 3.75 -12.80 16.33
N VAL A 48 3.93 -13.54 15.26
CA VAL A 48 5.30 -13.99 14.87
C VAL A 48 5.86 -13.04 13.80
N PRO A 49 7.07 -12.56 14.00
CA PRO A 49 7.65 -11.62 13.06
C PRO A 49 8.45 -12.33 11.96
N HIS A 50 8.20 -12.01 10.73
CA HIS A 50 9.02 -12.56 9.61
C HIS A 50 10.10 -11.52 9.37
N TRP A 51 11.30 -11.72 9.88
CA TRP A 51 12.35 -10.68 9.75
C TRP A 51 13.10 -10.69 8.43
N TYR A 52 13.61 -9.54 8.08
CA TYR A 52 14.38 -9.38 6.82
C TYR A 52 15.45 -8.30 7.04
N HIS A 53 16.55 -8.35 6.33
CA HIS A 53 17.55 -7.26 6.46
C HIS A 53 16.85 -6.01 5.94
N PHE A 54 17.23 -4.84 6.37
CA PHE A 54 16.52 -3.59 5.90
C PHE A 54 16.27 -3.58 4.37
N SER A 55 17.28 -3.81 3.59
CA SER A 55 17.10 -3.79 2.09
C SER A 55 16.21 -4.95 1.59
N CYS A 56 16.44 -6.15 2.05
CA CYS A 56 15.62 -7.32 1.58
C CYS A 56 14.11 -7.10 1.80
N PHE A 57 13.75 -6.46 2.88
CA PHE A 57 12.30 -6.23 3.18
C PHE A 57 11.54 -5.58 2.00
N TRP A 58 12.18 -4.68 1.27
CA TRP A 58 11.48 -3.99 0.16
C TRP A 58 11.56 -4.79 -1.15
N LYS A 59 12.47 -5.71 -1.26
CA LYS A 59 12.59 -6.49 -2.52
C LYS A 59 11.60 -7.66 -2.59
N VAL A 60 10.77 -7.82 -1.59
CA VAL A 60 9.78 -8.94 -1.60
C VAL A 60 8.39 -8.45 -2.04
N GLY A 61 8.10 -7.20 -1.84
CA GLY A 61 6.76 -6.67 -2.22
C GLY A 61 6.16 -5.87 -1.06
N HIS A 62 6.75 -5.96 0.11
CA HIS A 62 6.21 -5.20 1.27
C HIS A 62 6.24 -3.71 0.95
N SER A 63 5.22 -2.98 1.33
CA SER A 63 5.20 -1.52 1.03
C SER A 63 4.62 -0.72 2.19
N ILE A 64 5.17 0.44 2.44
CA ILE A 64 4.65 1.30 3.54
C ILE A 64 4.66 2.77 3.10
N ARG A 65 3.54 3.42 3.13
CA ARG A 65 3.47 4.85 2.72
C ARG A 65 3.83 5.75 3.91
N HIS A 66 3.32 5.43 5.06
CA HIS A 66 3.62 6.23 6.29
C HIS A 66 4.23 5.34 7.39
N PRO A 67 5.54 5.30 7.45
CA PRO A 67 6.24 4.46 8.45
C PRO A 67 5.89 4.86 9.91
N ASP A 68 5.92 6.13 10.24
CA ASP A 68 5.58 6.57 11.63
C ASP A 68 4.29 5.93 12.19
N VAL A 69 3.29 5.74 11.36
CA VAL A 69 2.00 5.15 11.87
C VAL A 69 1.82 3.66 11.53
N GLU A 70 2.47 3.16 10.50
CA GLU A 70 2.27 1.72 10.11
C GLU A 70 3.37 0.80 10.66
N VAL A 71 4.48 1.33 11.10
CA VAL A 71 5.58 0.43 11.60
C VAL A 71 5.86 0.65 13.10
N ASP A 72 5.61 -0.36 13.90
CA ASP A 72 5.87 -0.24 15.36
C ASP A 72 7.37 -0.14 15.62
N GLY A 73 7.78 0.67 16.59
CA GLY A 73 9.24 0.80 16.89
C GLY A 73 9.90 1.89 16.02
N PHE A 74 9.20 2.43 15.07
CA PHE A 74 9.79 3.48 14.18
C PHE A 74 10.29 4.68 15.00
N SER A 75 9.46 5.21 15.85
CA SER A 75 9.85 6.40 16.67
C SER A 75 11.06 6.13 17.59
N GLU A 76 11.36 4.88 17.92
CA GLU A 76 12.53 4.61 18.80
C GLU A 76 13.83 4.40 18.00
N LEU A 77 13.77 4.44 16.69
CA LEU A 77 15.02 4.26 15.88
C LEU A 77 15.86 5.53 15.96
N ARG A 78 17.14 5.43 15.69
CA ARG A 78 17.98 6.66 15.71
C ARG A 78 17.49 7.58 14.57
N TRP A 79 17.69 8.87 14.71
CA TRP A 79 17.19 9.83 13.68
C TRP A 79 17.55 9.41 12.24
N ASP A 80 18.81 9.20 11.96
CA ASP A 80 19.21 8.81 10.56
C ASP A 80 18.44 7.57 10.08
N ASP A 81 18.26 6.58 10.93
CA ASP A 81 17.52 5.37 10.50
C ASP A 81 16.04 5.72 10.27
N GLN A 82 15.54 6.68 11.00
CA GLN A 82 14.11 7.09 10.80
C GLN A 82 13.98 7.76 9.43
N GLN A 83 15.00 8.49 9.04
CA GLN A 83 14.96 9.16 7.71
C GLN A 83 15.17 8.12 6.61
N LYS A 84 16.08 7.21 6.83
CA LYS A 84 16.34 6.13 5.81
C LYS A 84 15.06 5.34 5.56
N VAL A 85 14.37 4.94 6.60
CA VAL A 85 13.10 4.20 6.42
C VAL A 85 12.06 5.10 5.76
N LYS A 86 12.01 6.36 6.16
CA LYS A 86 11.01 7.29 5.58
C LYS A 86 11.27 7.48 4.08
N LYS A 87 12.51 7.66 3.70
CA LYS A 87 12.82 7.87 2.26
C LYS A 87 12.66 6.57 1.48
N THR A 88 13.14 5.48 2.02
CA THR A 88 13.01 4.16 1.31
C THR A 88 11.52 3.85 1.12
N ALA A 89 10.71 4.20 2.08
CA ALA A 89 9.24 3.94 1.95
C ALA A 89 8.69 4.75 0.78
N GLU A 90 9.08 6.01 0.70
CA GLU A 90 8.59 6.87 -0.41
C GLU A 90 9.07 6.32 -1.76
N ALA A 91 10.34 6.02 -1.85
CA ALA A 91 10.89 5.47 -3.13
C ALA A 91 10.09 4.23 -3.55
N GLY A 92 10.45 3.62 -4.65
CA GLY A 92 9.73 2.41 -5.12
C GLY A 92 10.33 1.17 -4.44
N GLY A 93 9.85 0.00 -4.80
CA GLY A 93 10.41 -1.24 -4.19
C GLY A 93 11.38 -1.90 -5.16
N VAL A 94 11.08 -1.85 -6.43
CA VAL A 94 11.99 -2.48 -7.43
C VAL A 94 13.07 -1.49 -7.87
N THR A 95 12.73 -0.23 -7.95
CA THR A 95 13.73 0.80 -8.37
C THR A 95 14.81 0.94 -7.29
N GLY A 96 14.44 1.38 -6.11
CA GLY A 96 15.45 1.55 -5.02
C GLY A 96 16.05 2.95 -5.09
N LYS A 97 17.06 3.14 -5.90
CA LYS A 97 17.69 4.48 -6.01
C LYS A 97 17.76 4.92 -7.48
N GLY A 98 16.67 4.81 -8.19
CA GLY A 98 16.67 5.22 -9.62
C GLY A 98 15.49 6.15 -9.89
N GLN A 99 15.60 6.98 -10.90
CA GLN A 99 14.48 7.92 -11.21
C GLN A 99 14.26 8.00 -12.72
N ASP A 100 14.46 6.91 -13.42
CA ASP A 100 14.28 6.92 -14.90
C ASP A 100 13.47 5.69 -15.34
N GLY A 101 12.30 5.90 -15.88
CA GLY A 101 11.46 4.76 -16.33
C GLY A 101 10.02 5.23 -16.55
N ILE A 102 9.12 4.85 -15.68
CA ILE A 102 7.71 5.28 -15.84
C ILE A 102 7.24 6.05 -14.60
N GLY A 103 7.37 7.34 -14.61
CA GLY A 103 6.94 8.16 -13.43
C GLY A 103 5.97 9.24 -13.89
N SER A 104 4.77 9.22 -13.40
CA SER A 104 3.78 10.26 -13.80
C SER A 104 3.71 11.36 -12.73
N LYS A 105 4.61 12.30 -12.78
CA LYS A 105 4.60 13.40 -11.77
C LYS A 105 3.43 14.36 -12.05
N ALA A 106 2.35 14.20 -11.34
CA ALA A 106 1.18 15.11 -11.55
C ALA A 106 0.69 15.66 -10.22
N GLU A 107 0.01 14.85 -9.44
CA GLU A 107 -0.50 15.32 -8.12
C GLU A 107 -0.16 14.30 -7.03
N LYS A 108 -0.77 13.15 -7.06
CA LYS A 108 -0.49 12.11 -6.03
C LYS A 108 -1.17 10.79 -6.41
N THR A 109 -0.62 9.68 -5.97
CA THR A 109 -1.24 8.37 -6.31
C THR A 109 -1.56 7.59 -5.02
N LEU A 110 -2.78 7.13 -4.88
CA LEU A 110 -3.15 6.38 -3.64
C LEU A 110 -2.39 5.05 -3.61
N GLY A 111 -2.06 4.58 -2.43
CA GLY A 111 -1.31 3.30 -2.34
C GLY A 111 -2.26 2.16 -1.92
N ASP A 112 -3.51 2.47 -1.67
CA ASP A 112 -4.46 1.40 -1.26
C ASP A 112 -5.59 1.24 -2.30
N PHE A 113 -5.57 2.02 -3.35
CA PHE A 113 -6.64 1.90 -4.39
C PHE A 113 -6.00 1.69 -5.75
N ALA A 114 -6.51 0.78 -6.54
CA ALA A 114 -5.86 0.53 -7.86
C ALA A 114 -6.87 0.27 -8.99
N ALA A 115 -6.43 0.48 -10.19
CA ALA A 115 -7.29 0.23 -11.38
C ALA A 115 -6.45 -0.47 -12.46
N GLU A 116 -6.95 -1.52 -13.03
CA GLU A 116 -6.18 -2.24 -14.08
C GLU A 116 -7.09 -3.16 -14.88
N TYR A 117 -6.63 -3.63 -16.00
CA TYR A 117 -7.47 -4.56 -16.80
C TYR A 117 -7.34 -5.95 -16.17
N ALA A 118 -8.43 -6.66 -16.02
CA ALA A 118 -8.37 -8.01 -15.38
C ALA A 118 -7.27 -8.89 -16.01
N LYS A 119 -6.24 -9.21 -15.23
CA LYS A 119 -5.16 -10.07 -15.75
C LYS A 119 -5.70 -11.48 -16.07
N SER A 120 -6.84 -11.83 -15.52
CA SER A 120 -7.43 -13.17 -15.79
C SER A 120 -8.95 -13.11 -15.64
N ASN A 121 -9.61 -14.24 -15.62
CA ASN A 121 -11.10 -14.23 -15.48
C ASN A 121 -11.56 -15.00 -14.22
N ARG A 122 -10.65 -15.29 -13.32
CA ARG A 122 -11.06 -16.03 -12.09
C ARG A 122 -11.25 -15.05 -10.90
N SER A 123 -11.07 -13.76 -11.11
CA SER A 123 -11.28 -12.80 -9.99
C SER A 123 -12.78 -12.62 -9.81
N THR A 124 -13.21 -11.94 -8.77
CA THR A 124 -14.68 -11.78 -8.57
C THR A 124 -14.98 -10.41 -7.94
N CYS A 125 -15.92 -9.68 -8.53
CA CYS A 125 -16.29 -8.38 -7.94
C CYS A 125 -16.87 -8.61 -6.55
N LYS A 126 -16.29 -8.00 -5.54
CA LYS A 126 -16.79 -8.18 -4.15
C LYS A 126 -18.02 -7.30 -3.83
N GLY A 127 -18.72 -6.83 -4.84
CA GLY A 127 -19.91 -5.98 -4.60
C GLY A 127 -21.14 -6.76 -5.07
N CYS A 128 -21.03 -7.41 -6.21
CA CYS A 128 -22.17 -8.23 -6.71
C CYS A 128 -21.77 -9.74 -6.78
N MET A 129 -20.55 -10.07 -6.36
CA MET A 129 -20.08 -11.49 -6.39
C MET A 129 -20.08 -12.10 -7.81
N GLU A 130 -20.23 -11.31 -8.84
CA GLU A 130 -20.20 -11.86 -10.22
C GLU A 130 -18.76 -11.88 -10.71
N LYS A 131 -18.38 -12.88 -11.47
CA LYS A 131 -16.97 -12.96 -11.93
C LYS A 131 -16.61 -11.82 -12.89
N ILE A 132 -15.38 -11.35 -12.80
CA ILE A 132 -14.92 -10.28 -13.73
C ILE A 132 -14.23 -10.97 -14.92
N GLU A 133 -14.57 -10.58 -16.13
CA GLU A 133 -13.93 -11.25 -17.31
C GLU A 133 -12.54 -10.70 -17.57
N LYS A 134 -11.63 -11.56 -17.98
CA LYS A 134 -10.24 -11.08 -18.32
C LYS A 134 -10.28 -9.92 -19.32
N GLY A 135 -9.49 -8.89 -19.09
CA GLY A 135 -9.48 -7.73 -20.03
C GLY A 135 -10.42 -6.62 -19.51
N GLN A 136 -11.46 -6.99 -18.80
CA GLN A 136 -12.41 -5.97 -18.28
C GLN A 136 -11.74 -5.06 -17.25
N VAL A 137 -12.04 -3.79 -17.28
CA VAL A 137 -11.46 -2.85 -16.30
C VAL A 137 -12.02 -3.15 -14.91
N ARG A 138 -11.17 -3.20 -13.93
CA ARG A 138 -11.64 -3.48 -12.54
C ARG A 138 -10.95 -2.56 -11.55
N LEU A 139 -11.59 -2.26 -10.45
CA LEU A 139 -10.98 -1.37 -9.42
C LEU A 139 -10.82 -2.15 -8.13
N SER A 140 -9.99 -1.68 -7.22
CA SER A 140 -9.82 -2.45 -5.97
C SER A 140 -9.41 -1.61 -4.78
N LYS A 141 -9.83 -2.02 -3.61
CA LYS A 141 -9.42 -1.33 -2.36
C LYS A 141 -8.47 -2.26 -1.60
N LYS A 142 -7.19 -1.96 -1.62
CA LYS A 142 -6.20 -2.85 -0.94
C LYS A 142 -6.48 -2.95 0.56
N MET A 143 -6.43 -4.14 1.09
CA MET A 143 -6.67 -4.34 2.54
C MET A 143 -5.76 -5.47 3.04
N VAL A 144 -5.62 -5.62 4.33
CA VAL A 144 -4.74 -6.71 4.85
C VAL A 144 -5.59 -7.72 5.64
N ASP A 145 -5.33 -8.98 5.46
CA ASP A 145 -6.11 -10.01 6.20
C ASP A 145 -5.32 -10.45 7.45
N PRO A 146 -5.97 -10.42 8.58
CA PRO A 146 -5.31 -10.83 9.85
C PRO A 146 -5.04 -12.34 9.83
N GLU A 147 -5.76 -13.06 9.01
CA GLU A 147 -5.55 -14.54 8.94
C GLU A 147 -4.38 -14.86 8.01
N LYS A 148 -4.08 -13.98 7.08
CA LYS A 148 -2.95 -14.21 6.14
C LYS A 148 -2.06 -12.96 6.10
N PRO A 149 -1.37 -12.74 7.18
CA PRO A 149 -0.49 -11.54 7.30
C PRO A 149 0.76 -11.66 6.39
N GLN A 150 1.17 -12.85 6.05
CA GLN A 150 2.36 -12.99 5.17
C GLN A 150 2.07 -12.40 3.78
N LEU A 151 0.81 -12.25 3.44
CA LEU A 151 0.44 -11.69 2.12
C LEU A 151 0.46 -10.16 2.17
N GLY A 152 -0.03 -9.58 3.25
CA GLY A 152 -0.05 -8.10 3.36
C GLY A 152 -1.05 -7.51 2.37
N MET A 153 -0.91 -6.26 2.09
CA MET A 153 -1.81 -5.54 1.12
C MET A 153 -2.42 -6.48 0.05
N ILE A 154 -3.69 -6.80 0.15
CA ILE A 154 -4.33 -7.67 -0.88
C ILE A 154 -5.44 -6.89 -1.59
N ASP A 155 -5.54 -7.01 -2.88
CA ASP A 155 -6.59 -6.25 -3.63
C ASP A 155 -7.99 -6.87 -3.50
N ARG A 156 -8.95 -6.06 -3.20
CA ARG A 156 -10.37 -6.50 -3.15
C ARG A 156 -10.97 -5.94 -4.43
N TRP A 157 -11.19 -6.76 -5.44
CA TRP A 157 -11.65 -6.21 -6.75
C TRP A 157 -13.15 -5.95 -6.85
N TYR A 158 -13.49 -5.10 -7.79
CA TYR A 158 -14.90 -4.73 -8.02
C TYR A 158 -15.06 -4.20 -9.44
N HIS A 159 -16.26 -4.21 -9.96
CA HIS A 159 -16.47 -3.58 -11.29
C HIS A 159 -16.46 -2.08 -11.00
N PRO A 160 -16.04 -1.26 -11.94
CA PRO A 160 -15.99 0.21 -11.67
C PRO A 160 -17.36 0.71 -11.17
N GLY A 161 -18.44 0.29 -11.79
CA GLY A 161 -19.79 0.73 -11.33
C GLY A 161 -20.02 0.23 -9.90
N CYS A 162 -19.83 -1.05 -9.66
CA CYS A 162 -20.03 -1.60 -8.28
C CYS A 162 -19.14 -0.85 -7.26
N PHE A 163 -17.91 -0.56 -7.65
CA PHE A 163 -16.97 0.17 -6.73
C PHE A 163 -17.55 1.54 -6.39
N VAL A 164 -18.03 2.25 -7.39
CA VAL A 164 -18.59 3.62 -7.14
C VAL A 164 -19.79 3.52 -6.20
N LYS A 165 -20.63 2.52 -6.35
CA LYS A 165 -21.83 2.41 -5.45
C LYS A 165 -21.40 2.32 -3.98
N ASN A 166 -20.30 1.68 -3.71
CA ASN A 166 -19.81 1.55 -2.29
C ASN A 166 -18.61 2.47 -2.01
N ARG A 167 -18.49 3.57 -2.73
CA ARG A 167 -17.32 4.48 -2.51
C ARG A 167 -17.16 4.87 -1.02
N GLU A 168 -18.25 5.10 -0.36
CA GLU A 168 -18.17 5.51 1.08
C GLU A 168 -17.59 4.42 1.97
N GLU A 169 -18.20 3.26 1.94
CA GLU A 169 -17.71 2.14 2.81
C GLU A 169 -16.31 1.70 2.39
N LEU A 170 -15.96 1.88 1.15
CA LEU A 170 -14.59 1.47 0.70
C LEU A 170 -13.54 2.53 1.06
N GLY A 171 -13.95 3.61 1.69
CA GLY A 171 -12.97 4.66 2.11
C GLY A 171 -12.51 5.50 0.91
N PHE A 172 -13.28 5.55 -0.15
CA PHE A 172 -12.87 6.39 -1.33
C PHE A 172 -13.47 7.78 -1.17
N ARG A 173 -12.86 8.61 -0.37
CA ARG A 173 -13.39 10.00 -0.10
C ARG A 173 -13.78 10.72 -1.41
N PRO A 174 -14.64 11.71 -1.26
CA PRO A 174 -15.12 12.47 -2.45
C PRO A 174 -14.05 13.42 -3.02
N GLU A 175 -12.99 13.67 -2.28
CA GLU A 175 -11.92 14.56 -2.82
C GLU A 175 -11.00 13.76 -3.77
N TYR A 176 -11.06 12.45 -3.72
CA TYR A 176 -10.21 11.62 -4.60
C TYR A 176 -10.78 11.57 -6.02
N SER A 177 -9.92 11.53 -7.00
CA SER A 177 -10.37 11.45 -8.42
C SER A 177 -9.81 10.19 -9.06
N ALA A 178 -10.35 9.80 -10.18
CA ALA A 178 -9.87 8.56 -10.86
C ALA A 178 -8.35 8.60 -11.13
N SER A 179 -7.82 9.77 -11.38
CA SER A 179 -6.36 9.90 -11.69
C SER A 179 -5.48 9.47 -10.50
N GLN A 180 -6.03 9.32 -9.32
CA GLN A 180 -5.20 8.93 -8.15
C GLN A 180 -5.13 7.41 -7.97
N LEU A 181 -5.87 6.64 -8.73
CA LEU A 181 -5.83 5.16 -8.57
C LEU A 181 -4.49 4.59 -9.03
N LYS A 182 -3.93 3.70 -8.25
CA LYS A 182 -2.62 3.09 -8.64
C LYS A 182 -2.79 2.28 -9.93
N GLY A 183 -2.09 2.64 -10.98
CA GLY A 183 -2.22 1.89 -12.27
C GLY A 183 -3.02 2.70 -13.30
N PHE A 184 -3.63 3.79 -12.87
CA PHE A 184 -4.44 4.63 -13.82
C PHE A 184 -3.68 4.96 -15.10
N SER A 185 -2.51 5.50 -14.96
CA SER A 185 -1.69 5.91 -16.14
C SER A 185 -1.54 4.80 -17.22
N LEU A 186 -1.67 3.55 -16.85
CA LEU A 186 -1.49 2.45 -17.87
C LEU A 186 -2.80 2.11 -18.63
N LEU A 187 -3.84 2.86 -18.41
CA LEU A 187 -5.13 2.57 -19.10
C LEU A 187 -5.25 3.39 -20.39
N ALA A 188 -5.90 2.83 -21.38
CA ALA A 188 -6.10 3.57 -22.66
C ALA A 188 -6.87 4.86 -22.39
N THR A 189 -6.65 5.89 -23.18
CA THR A 189 -7.37 7.19 -22.95
C THR A 189 -8.87 6.99 -22.74
N GLU A 190 -9.50 6.19 -23.58
CA GLU A 190 -10.97 5.94 -23.44
C GLU A 190 -11.31 5.42 -22.04
N ASP A 191 -10.59 4.44 -21.59
CA ASP A 191 -10.85 3.86 -20.22
C ASP A 191 -10.60 4.93 -19.14
N LYS A 192 -9.58 5.74 -19.31
CA LYS A 192 -9.28 6.79 -18.29
C LYS A 192 -10.42 7.81 -18.21
N GLU A 193 -10.96 8.18 -19.34
CA GLU A 193 -12.07 9.18 -19.36
C GLU A 193 -13.31 8.61 -18.64
N ALA A 194 -13.65 7.38 -18.92
CA ALA A 194 -14.85 6.76 -18.26
C ALA A 194 -14.70 6.81 -16.74
N LEU A 195 -13.51 6.56 -16.24
CA LEU A 195 -13.30 6.58 -14.76
C LEU A 195 -13.40 8.02 -14.24
N LYS A 196 -12.64 8.94 -14.81
CA LYS A 196 -12.71 10.36 -14.37
C LYS A 196 -14.17 10.84 -14.36
N LYS A 197 -14.96 10.28 -15.23
CA LYS A 197 -16.41 10.66 -15.31
C LYS A 197 -17.17 10.24 -14.05
N GLN A 198 -16.94 9.04 -13.58
CA GLN A 198 -17.67 8.55 -12.37
C GLN A 198 -16.96 8.99 -11.08
N LEU A 199 -15.67 9.16 -11.12
CA LEU A 199 -14.93 9.62 -9.91
C LEU A 199 -14.22 10.94 -10.26
N PRO A 200 -14.99 12.01 -10.27
CA PRO A 200 -14.44 13.34 -10.63
C PRO A 200 -13.50 13.89 -9.55
N GLY A 201 -13.88 13.77 -8.31
CA GLY A 201 -13.00 14.29 -7.22
C GLY A 201 -13.19 15.80 -7.10
N VAL A 202 -14.19 16.34 -7.74
CA VAL A 202 -14.42 17.82 -7.66
C VAL A 202 -15.63 18.11 -6.77
N LYS A 203 -15.41 18.28 -5.49
CA LYS A 203 -16.56 18.57 -4.58
C LYS A 203 -16.12 19.58 -3.52
N SER A 204 -17.01 20.46 -3.11
CA SER A 204 -16.64 21.47 -2.08
C SER A 204 -17.52 21.27 -0.83
N GLU A 205 -17.69 20.05 -0.41
CA GLU A 205 -18.53 19.79 0.80
C GLU A 205 -17.66 19.81 2.06
N GLY A 206 -17.63 20.91 2.76
CA GLY A 206 -16.81 20.99 4.00
C GLY A 206 -15.60 21.89 3.74
N LYS A 207 -15.84 23.17 3.58
CA LYS A 207 -14.70 24.11 3.33
C LYS A 207 -15.13 25.54 3.68
N ARG A 208 -14.18 26.42 3.90
CA ARG A 208 -14.51 27.83 4.25
C ARG A 208 -13.51 28.79 3.62
N LYS A 209 -12.25 28.45 3.64
CA LYS A 209 -11.22 29.35 3.05
C LYS A 209 -9.90 28.60 2.87
N GLY A 210 -8.81 29.32 2.76
CA GLY A 210 -7.48 28.65 2.58
C GLY A 210 -6.62 29.48 1.64
N ASP A 211 -5.83 30.38 2.17
CA ASP A 211 -4.96 31.22 1.31
C ASP A 211 -3.60 30.55 1.10
N GLU A 212 -2.82 30.44 2.15
CA GLU A 212 -1.47 29.80 2.02
C GLU A 212 -0.89 29.52 3.41
N VAL A 213 -0.62 30.55 4.17
CA VAL A 213 -0.05 30.34 5.54
C VAL A 213 -1.16 30.00 6.53
N ASP A 214 -0.86 30.05 7.80
CA ASP A 214 -1.91 29.73 8.83
C ASP A 214 -3.06 30.74 8.73
ZN ZN C . 18.41 -10.55 3.59
ZN ZN D . -19.80 -6.11 -9.69
N MET A 1 4.01 -2.68 29.20
CA MET A 1 2.61 -2.36 28.82
C MET A 1 2.32 -2.80 27.38
N ALA A 2 1.56 -3.84 27.21
CA ALA A 2 1.24 -4.33 25.83
C ALA A 2 -0.14 -3.83 25.40
N GLU A 3 -0.29 -2.55 25.18
CA GLU A 3 -1.61 -2.01 24.75
C GLU A 3 -1.45 -1.17 23.49
N SER A 4 -0.48 -1.47 22.67
CA SER A 4 -0.27 -0.70 21.42
C SER A 4 0.50 -1.53 20.40
N SER A 5 0.07 -2.74 20.16
CA SER A 5 0.78 -3.61 19.17
C SER A 5 -0.16 -3.99 18.03
N ASP A 6 -0.61 -3.03 17.27
CA ASP A 6 -1.53 -3.33 16.14
C ASP A 6 -0.90 -2.95 14.80
N LYS A 7 0.22 -2.26 14.83
CA LYS A 7 0.89 -1.86 13.55
C LYS A 7 1.19 -3.11 12.72
N LEU A 8 1.25 -2.96 11.42
CA LEU A 8 1.53 -4.16 10.56
C LEU A 8 3.04 -4.36 10.38
N TYR A 9 3.84 -3.36 10.64
CA TYR A 9 5.31 -3.54 10.46
C TYR A 9 6.10 -3.13 11.71
N ARG A 10 7.32 -3.61 11.82
CA ARG A 10 8.16 -3.26 12.99
C ARG A 10 9.60 -3.01 12.52
N VAL A 11 10.25 -2.05 13.09
CA VAL A 11 11.65 -1.75 12.73
C VAL A 11 12.47 -1.62 14.00
N GLU A 12 13.64 -2.16 14.03
CA GLU A 12 14.46 -2.07 15.28
C GLU A 12 15.88 -2.60 15.04
N TYR A 13 16.75 -2.37 15.98
CA TYR A 13 18.12 -2.90 15.85
C TYR A 13 18.08 -4.36 16.30
N ALA A 14 18.55 -5.26 15.48
CA ALA A 14 18.49 -6.73 15.80
C ALA A 14 18.80 -7.06 17.26
N LYS A 15 17.84 -7.63 17.95
CA LYS A 15 18.06 -8.02 19.38
C LYS A 15 19.05 -9.19 19.44
N SER A 16 19.20 -9.90 18.35
CA SER A 16 20.15 -11.03 18.29
C SER A 16 20.64 -11.20 16.84
N GLY A 17 21.54 -12.13 16.60
CA GLY A 17 22.05 -12.32 15.22
C GLY A 17 21.58 -13.67 14.69
N ARG A 18 20.56 -14.23 15.29
CA ARG A 18 20.05 -15.58 14.86
C ARG A 18 18.89 -15.47 13.85
N ALA A 19 18.26 -14.34 13.75
CA ALA A 19 17.12 -14.22 12.76
C ALA A 19 17.63 -14.34 11.32
N SER A 20 16.88 -15.00 10.48
CA SER A 20 17.29 -15.18 9.06
C SER A 20 16.38 -14.34 8.17
N CYS A 21 16.96 -13.65 7.25
CA CYS A 21 16.15 -12.80 6.32
C CYS A 21 15.20 -13.65 5.49
N LYS A 22 13.93 -13.31 5.48
CA LYS A 22 12.93 -14.11 4.70
C LYS A 22 13.10 -13.91 3.18
N LYS A 23 13.97 -13.03 2.77
CA LYS A 23 14.18 -12.79 1.29
C LYS A 23 15.46 -13.49 0.79
N CYS A 24 16.60 -13.15 1.34
CA CYS A 24 17.87 -13.76 0.86
C CYS A 24 18.35 -14.94 1.76
N SER A 25 17.67 -15.20 2.85
CA SER A 25 18.04 -16.35 3.78
C SER A 25 19.31 -16.10 4.63
N GLU A 26 20.07 -15.06 4.37
CA GLU A 26 21.30 -14.82 5.19
C GLU A 26 20.89 -14.35 6.60
N SER A 27 21.74 -14.57 7.57
CA SER A 27 21.40 -14.16 8.96
C SER A 27 21.42 -12.64 9.12
N ILE A 28 20.61 -12.13 10.00
CA ILE A 28 20.59 -10.66 10.25
C ILE A 28 21.49 -10.41 11.47
N PRO A 29 22.57 -9.68 11.28
CA PRO A 29 23.53 -9.45 12.40
C PRO A 29 22.93 -8.63 13.55
N LYS A 30 23.27 -9.01 14.76
CA LYS A 30 22.75 -8.30 15.98
C LYS A 30 23.03 -6.79 15.90
N ASP A 31 22.11 -5.98 16.38
CA ASP A 31 22.27 -4.48 16.38
C ASP A 31 22.08 -3.88 14.98
N SER A 32 21.99 -4.68 13.94
CA SER A 32 21.80 -4.12 12.58
C SER A 32 20.35 -3.68 12.41
N LEU A 33 20.09 -2.75 11.53
CA LEU A 33 18.70 -2.28 11.33
C LEU A 33 17.92 -3.31 10.51
N ARG A 34 16.86 -3.85 11.06
CA ARG A 34 16.06 -4.87 10.33
C ARG A 34 14.58 -4.48 10.37
N MET A 35 13.82 -4.96 9.43
CA MET A 35 12.36 -4.62 9.38
C MET A 35 11.54 -5.90 9.24
N ALA A 36 10.33 -5.91 9.71
CA ALA A 36 9.52 -7.15 9.60
C ALA A 36 8.04 -6.83 9.37
N ILE A 37 7.35 -7.73 8.72
CA ILE A 37 5.88 -7.56 8.55
C ILE A 37 5.20 -8.39 9.65
N MET A 38 4.49 -7.76 10.54
CA MET A 38 3.85 -8.51 11.66
C MET A 38 2.74 -9.44 11.17
N VAL A 39 2.63 -10.59 11.77
CA VAL A 39 1.56 -11.56 11.38
C VAL A 39 0.96 -12.22 12.63
N GLN A 40 -0.34 -12.34 12.67
CA GLN A 40 -0.98 -12.97 13.87
C GLN A 40 -0.85 -14.50 13.80
N SER A 41 -0.45 -15.13 14.87
CA SER A 41 -0.31 -16.61 14.85
C SER A 41 -1.58 -17.29 15.38
N PRO A 42 -2.05 -18.27 14.65
CA PRO A 42 -3.27 -19.00 15.06
C PRO A 42 -2.94 -20.09 16.09
N MET A 43 -1.69 -20.26 16.43
CA MET A 43 -1.33 -21.31 17.43
C MET A 43 -1.19 -20.71 18.83
N PHE A 44 -1.11 -19.41 18.92
CA PHE A 44 -0.98 -18.76 20.26
C PHE A 44 -1.20 -17.25 20.16
N ASP A 45 -1.70 -16.63 21.19
CA ASP A 45 -1.92 -15.16 21.15
C ASP A 45 -0.58 -14.44 21.01
N GLY A 46 -0.42 -13.64 19.99
CA GLY A 46 0.87 -12.92 19.79
C GLY A 46 1.16 -12.83 18.30
N LYS A 47 1.95 -11.87 17.89
CA LYS A 47 2.25 -11.73 16.44
C LYS A 47 3.67 -12.21 16.13
N VAL A 48 3.83 -12.93 15.04
CA VAL A 48 5.19 -13.43 14.65
C VAL A 48 5.78 -12.48 13.59
N PRO A 49 6.99 -12.05 13.79
CA PRO A 49 7.60 -11.13 12.84
C PRO A 49 8.39 -11.85 11.75
N HIS A 50 8.15 -11.51 10.52
CA HIS A 50 8.95 -12.10 9.41
C HIS A 50 10.05 -11.08 9.16
N TRP A 51 11.25 -11.31 9.67
CA TRP A 51 12.33 -10.30 9.55
C TRP A 51 13.07 -10.32 8.21
N TYR A 52 13.61 -9.19 7.88
CA TYR A 52 14.40 -9.02 6.61
C TYR A 52 15.49 -7.98 6.85
N HIS A 53 16.59 -8.07 6.14
CA HIS A 53 17.62 -7.00 6.28
C HIS A 53 16.95 -5.73 5.76
N PHE A 54 17.36 -4.57 6.18
CA PHE A 54 16.69 -3.30 5.72
C PHE A 54 16.42 -3.28 4.20
N SER A 55 17.43 -3.53 3.40
CA SER A 55 17.26 -3.50 1.91
C SER A 55 16.33 -4.64 1.41
N CYS A 56 16.54 -5.84 1.86
CA CYS A 56 15.69 -6.99 1.39
C CYS A 56 14.19 -6.72 1.60
N PHE A 57 13.84 -6.09 2.70
CA PHE A 57 12.39 -5.82 2.99
C PHE A 57 11.66 -5.15 1.81
N TRP A 58 12.32 -4.27 1.09
CA TRP A 58 11.63 -3.55 -0.02
C TRP A 58 11.69 -4.34 -1.34
N LYS A 59 12.57 -5.29 -1.45
CA LYS A 59 12.69 -6.06 -2.72
C LYS A 59 11.66 -7.20 -2.79
N VAL A 60 10.82 -7.35 -1.79
CA VAL A 60 9.80 -8.45 -1.81
C VAL A 60 8.44 -7.92 -2.26
N GLY A 61 8.17 -6.66 -2.04
CA GLY A 61 6.85 -6.09 -2.43
C GLY A 61 6.25 -5.31 -1.25
N HIS A 62 6.87 -5.37 -0.10
CA HIS A 62 6.34 -4.62 1.07
C HIS A 62 6.39 -3.12 0.77
N SER A 63 5.37 -2.39 1.13
CA SER A 63 5.38 -0.93 0.83
C SER A 63 4.87 -0.11 2.02
N ILE A 64 5.44 1.04 2.23
CA ILE A 64 5.01 1.91 3.37
C ILE A 64 5.03 3.38 2.94
N ARG A 65 3.90 4.05 2.99
CA ARG A 65 3.87 5.49 2.57
C ARG A 65 4.24 6.37 3.77
N HIS A 66 3.73 6.06 4.92
CA HIS A 66 4.04 6.85 6.15
C HIS A 66 4.62 5.94 7.24
N PRO A 67 5.94 5.87 7.30
CA PRO A 67 6.61 5.01 8.30
C PRO A 67 6.26 5.40 9.76
N ASP A 68 6.34 6.68 10.10
CA ASP A 68 6.01 7.12 11.49
C ASP A 68 4.70 6.51 12.04
N VAL A 69 3.69 6.35 11.22
CA VAL A 69 2.38 5.80 11.73
C VAL A 69 2.17 4.31 11.37
N GLU A 70 2.82 3.80 10.35
CA GLU A 70 2.59 2.36 9.95
C GLU A 70 3.65 1.41 10.50
N VAL A 71 4.78 1.91 10.94
CA VAL A 71 5.85 0.98 11.44
C VAL A 71 6.14 1.19 12.94
N ASP A 72 5.86 0.18 13.74
CA ASP A 72 6.11 0.28 15.19
C ASP A 72 7.63 0.35 15.46
N GLY A 73 8.06 1.14 16.42
CA GLY A 73 9.52 1.23 16.72
C GLY A 73 10.21 2.31 15.87
N PHE A 74 9.51 2.87 14.92
CA PHE A 74 10.14 3.91 14.04
C PHE A 74 10.66 5.10 14.85
N SER A 75 9.84 5.64 15.70
CA SER A 75 10.27 6.81 16.54
C SER A 75 11.47 6.50 17.45
N GLU A 76 11.73 5.25 17.78
CA GLU A 76 12.90 4.95 18.66
C GLU A 76 14.19 4.71 17.86
N LEU A 77 14.14 4.75 16.55
CA LEU A 77 15.37 4.55 15.74
C LEU A 77 16.25 5.79 15.82
N ARG A 78 17.53 5.66 15.55
CA ARG A 78 18.40 6.87 15.57
C ARG A 78 17.95 7.81 14.44
N TRP A 79 18.17 9.08 14.59
CA TRP A 79 17.70 10.07 13.55
C TRP A 79 18.04 9.64 12.12
N ASP A 80 19.30 9.40 11.83
CA ASP A 80 19.70 9.00 10.44
C ASP A 80 18.90 7.78 9.95
N ASP A 81 18.69 6.81 10.79
CA ASP A 81 17.90 5.61 10.36
C ASP A 81 16.44 6.00 10.13
N GLN A 82 15.96 6.97 10.87
CA GLN A 82 14.55 7.42 10.68
C GLN A 82 14.44 8.10 9.29
N GLN A 83 15.48 8.81 8.90
CA GLN A 83 15.46 9.48 7.58
C GLN A 83 15.64 8.44 6.48
N LYS A 84 16.53 7.50 6.70
CA LYS A 84 16.75 6.42 5.67
C LYS A 84 15.45 5.67 5.42
N VAL A 85 14.75 5.29 6.46
CA VAL A 85 13.46 4.56 6.27
C VAL A 85 12.45 5.50 5.62
N LYS A 86 12.43 6.75 6.03
CA LYS A 86 11.45 7.72 5.44
C LYS A 86 11.73 7.91 3.95
N LYS A 87 12.96 8.06 3.57
CA LYS A 87 13.28 8.27 2.13
C LYS A 87 13.09 6.97 1.35
N THR A 88 13.54 5.87 1.88
CA THR A 88 13.37 4.56 1.16
C THR A 88 11.89 4.29 0.97
N ALA A 89 11.07 4.65 1.93
CA ALA A 89 9.61 4.42 1.81
C ALA A 89 9.08 5.28 0.64
N GLU A 90 9.48 6.51 0.56
CA GLU A 90 9.01 7.38 -0.55
C GLU A 90 9.46 6.82 -1.90
N ALA A 91 10.73 6.53 -2.03
CA ALA A 91 11.24 5.98 -3.32
C ALA A 91 10.49 4.70 -3.68
N GLY A 92 10.21 4.51 -4.95
CA GLY A 92 9.48 3.28 -5.39
C GLY A 92 9.55 3.15 -6.91
N GLY A 93 8.45 3.31 -7.58
CA GLY A 93 8.46 3.19 -9.08
C GLY A 93 7.73 4.38 -9.68
N VAL A 94 7.81 5.52 -9.06
CA VAL A 94 7.12 6.73 -9.61
C VAL A 94 7.88 7.26 -10.82
N THR A 95 7.33 7.12 -11.99
CA THR A 95 8.02 7.61 -13.22
C THR A 95 7.71 9.10 -13.43
N GLY A 96 6.49 9.41 -13.78
CA GLY A 96 6.12 10.84 -14.01
C GLY A 96 6.77 11.34 -15.29
N LYS A 97 6.81 12.63 -15.49
CA LYS A 97 7.43 13.19 -16.73
C LYS A 97 8.57 14.15 -16.36
N GLY A 98 8.28 15.14 -15.57
CA GLY A 98 9.34 16.11 -15.16
C GLY A 98 9.02 16.70 -13.80
N GLN A 99 9.53 17.86 -13.50
CA GLN A 99 9.25 18.49 -12.18
C GLN A 99 9.29 20.03 -12.31
N ASP A 100 8.18 20.63 -12.68
CA ASP A 100 8.15 22.11 -12.82
C ASP A 100 6.95 22.68 -12.07
N GLY A 101 6.82 22.39 -10.81
CA GLY A 101 5.68 22.92 -10.03
C GLY A 101 5.27 21.90 -8.95
N ILE A 102 4.18 21.21 -9.17
CA ILE A 102 3.72 20.19 -8.17
C ILE A 102 4.78 19.09 -8.03
N GLY A 103 4.47 18.07 -7.28
CA GLY A 103 5.44 16.94 -7.10
C GLY A 103 4.71 15.61 -7.16
N SER A 104 5.25 14.67 -7.91
CA SER A 104 4.57 13.34 -8.01
C SER A 104 4.86 12.51 -6.76
N LYS A 105 5.93 12.79 -6.06
CA LYS A 105 6.26 12.01 -4.84
C LYS A 105 5.72 12.73 -3.59
N ALA A 106 4.54 13.30 -3.68
CA ALA A 106 3.97 14.02 -2.51
C ALA A 106 2.52 13.59 -2.28
N GLU A 107 2.31 12.38 -1.85
CA GLU A 107 0.92 11.88 -1.60
C GLU A 107 0.05 12.12 -2.84
N LYS A 108 0.44 11.59 -3.97
CA LYS A 108 -0.37 11.78 -5.20
C LYS A 108 -1.00 10.44 -5.65
N THR A 109 -0.60 9.36 -5.05
CA THR A 109 -1.17 8.04 -5.44
C THR A 109 -1.54 7.23 -4.19
N LEU A 110 -2.76 6.77 -4.11
CA LEU A 110 -3.18 5.97 -2.92
C LEU A 110 -2.42 4.64 -2.89
N GLY A 111 -2.12 4.15 -1.72
CA GLY A 111 -1.38 2.85 -1.62
C GLY A 111 -2.34 1.70 -1.34
N ASP A 112 -3.58 1.99 -1.03
CA ASP A 112 -4.55 0.89 -0.74
C ASP A 112 -5.66 0.82 -1.80
N PHE A 113 -5.55 1.58 -2.86
CA PHE A 113 -6.59 1.54 -3.93
C PHE A 113 -5.92 1.35 -5.30
N ALA A 114 -6.42 0.44 -6.11
CA ALA A 114 -5.76 0.21 -7.43
C ALA A 114 -6.75 -0.02 -8.56
N ALA A 115 -6.30 0.20 -9.76
CA ALA A 115 -7.15 0.00 -10.96
C ALA A 115 -6.31 -0.69 -12.04
N GLU A 116 -6.81 -1.75 -12.64
CA GLU A 116 -6.02 -2.45 -13.69
C GLU A 116 -6.94 -3.34 -14.52
N TYR A 117 -6.47 -3.79 -15.66
CA TYR A 117 -7.30 -4.70 -16.47
C TYR A 117 -7.19 -6.10 -15.87
N ALA A 118 -8.28 -6.81 -15.74
CA ALA A 118 -8.23 -8.18 -15.12
C ALA A 118 -7.14 -9.05 -15.76
N LYS A 119 -6.12 -9.38 -14.98
CA LYS A 119 -5.03 -10.24 -15.51
C LYS A 119 -5.58 -11.64 -15.86
N SER A 120 -6.72 -11.99 -15.33
CA SER A 120 -7.31 -13.33 -15.63
C SER A 120 -8.83 -13.26 -15.48
N ASN A 121 -9.51 -14.39 -15.49
CA ASN A 121 -11.00 -14.37 -15.37
C ASN A 121 -11.46 -15.17 -14.14
N ARG A 122 -10.58 -15.48 -13.22
CA ARG A 122 -11.00 -16.23 -12.00
C ARG A 122 -11.18 -15.29 -10.80
N SER A 123 -11.01 -14.00 -10.99
CA SER A 123 -11.22 -13.05 -9.86
C SER A 123 -12.73 -12.86 -9.68
N THR A 124 -13.16 -12.21 -8.64
CA THR A 124 -14.62 -12.03 -8.44
C THR A 124 -14.93 -10.68 -7.80
N CYS A 125 -15.85 -9.94 -8.38
CA CYS A 125 -16.22 -8.64 -7.78
C CYS A 125 -16.82 -8.90 -6.38
N LYS A 126 -16.24 -8.30 -5.36
CA LYS A 126 -16.76 -8.52 -3.97
C LYS A 126 -17.98 -7.63 -3.66
N GLY A 127 -18.68 -7.14 -4.66
CA GLY A 127 -19.87 -6.29 -4.42
C GLY A 127 -21.09 -7.06 -4.92
N CYS A 128 -20.98 -7.68 -6.06
CA CYS A 128 -22.12 -8.50 -6.60
C CYS A 128 -21.72 -9.99 -6.69
N MET A 129 -20.51 -10.34 -6.25
CA MET A 129 -20.05 -11.76 -6.32
C MET A 129 -20.04 -12.36 -7.74
N GLU A 130 -20.17 -11.53 -8.75
CA GLU A 130 -20.13 -12.06 -10.15
C GLU A 130 -18.67 -12.08 -10.62
N LYS A 131 -18.30 -13.06 -11.40
CA LYS A 131 -16.88 -13.14 -11.86
C LYS A 131 -16.51 -11.98 -12.78
N ILE A 132 -15.28 -11.52 -12.68
CA ILE A 132 -14.82 -10.45 -13.58
C ILE A 132 -14.12 -11.11 -14.77
N GLU A 133 -14.44 -10.71 -15.98
CA GLU A 133 -13.79 -11.35 -17.17
C GLU A 133 -12.38 -10.80 -17.40
N LYS A 134 -11.48 -11.65 -17.82
CA LYS A 134 -10.09 -11.18 -18.15
C LYS A 134 -10.11 -10.00 -19.12
N GLY A 135 -9.33 -8.97 -18.86
CA GLY A 135 -9.31 -7.79 -19.78
C GLY A 135 -10.23 -6.70 -19.25
N GLN A 136 -11.29 -7.07 -18.56
CA GLN A 136 -12.24 -6.05 -18.02
C GLN A 136 -11.58 -5.17 -16.96
N VAL A 137 -11.87 -3.90 -16.98
CA VAL A 137 -11.28 -2.98 -15.97
C VAL A 137 -11.85 -3.30 -14.60
N ARG A 138 -11.02 -3.38 -13.60
CA ARG A 138 -11.52 -3.68 -12.23
C ARG A 138 -10.82 -2.78 -11.21
N LEU A 139 -11.48 -2.51 -10.12
CA LEU A 139 -10.87 -1.63 -9.07
C LEU A 139 -10.72 -2.44 -7.79
N SER A 140 -9.90 -1.99 -6.86
CA SER A 140 -9.74 -2.79 -5.62
C SER A 140 -9.34 -1.97 -4.41
N LYS A 141 -9.84 -2.38 -3.27
CA LYS A 141 -9.49 -1.71 -2.00
C LYS A 141 -8.57 -2.63 -1.20
N LYS A 142 -7.29 -2.39 -1.26
CA LYS A 142 -6.31 -3.26 -0.53
C LYS A 142 -6.71 -3.47 0.93
N MET A 143 -6.54 -4.67 1.42
CA MET A 143 -6.88 -4.97 2.84
C MET A 143 -6.05 -6.15 3.32
N VAL A 144 -5.79 -6.24 4.61
CA VAL A 144 -4.98 -7.39 5.10
C VAL A 144 -5.87 -8.39 5.85
N ASP A 145 -5.62 -9.65 5.67
CA ASP A 145 -6.45 -10.67 6.37
C ASP A 145 -5.70 -11.18 7.61
N PRO A 146 -6.36 -11.16 8.74
CA PRO A 146 -5.73 -11.63 9.99
C PRO A 146 -5.50 -13.14 9.93
N GLU A 147 -6.18 -13.82 9.05
CA GLU A 147 -5.98 -15.30 8.93
C GLU A 147 -4.79 -15.59 8.03
N LYS A 148 -4.48 -14.70 7.13
CA LYS A 148 -3.31 -14.91 6.21
C LYS A 148 -2.41 -13.67 6.25
N PRO A 149 -1.77 -13.49 7.37
CA PRO A 149 -0.88 -12.32 7.55
C PRO A 149 0.38 -12.40 6.68
N GLN A 150 0.78 -13.58 6.28
CA GLN A 150 2.00 -13.70 5.43
C GLN A 150 1.77 -13.00 4.08
N LEU A 151 0.53 -12.87 3.68
CA LEU A 151 0.23 -12.20 2.36
C LEU A 151 0.31 -10.68 2.53
N GLY A 152 -0.31 -10.15 3.54
CA GLY A 152 -0.27 -8.68 3.76
C GLY A 152 -1.34 -7.99 2.90
N MET A 153 -1.04 -6.82 2.43
CA MET A 153 -2.00 -6.05 1.59
C MET A 153 -2.57 -6.91 0.44
N ILE A 154 -3.80 -7.35 0.54
CA ILE A 154 -4.38 -8.17 -0.58
C ILE A 154 -5.47 -7.35 -1.29
N ASP A 155 -5.52 -7.43 -2.59
CA ASP A 155 -6.56 -6.65 -3.33
C ASP A 155 -7.96 -7.27 -3.22
N ARG A 156 -8.93 -6.45 -2.91
CA ARG A 156 -10.35 -6.89 -2.89
C ARG A 156 -10.93 -6.30 -4.17
N TRP A 157 -11.15 -7.09 -5.19
CA TRP A 157 -11.59 -6.52 -6.49
C TRP A 157 -13.09 -6.25 -6.60
N TYR A 158 -13.41 -5.38 -7.52
CA TYR A 158 -14.83 -4.99 -7.76
C TYR A 158 -14.96 -4.44 -9.18
N HIS A 159 -16.15 -4.43 -9.72
CA HIS A 159 -16.36 -3.77 -11.03
C HIS A 159 -16.33 -2.29 -10.72
N PRO A 160 -15.91 -1.45 -11.63
CA PRO A 160 -15.85 0.00 -11.33
C PRO A 160 -17.22 0.51 -10.84
N GLY A 161 -18.29 0.10 -11.47
CA GLY A 161 -19.65 0.54 -11.01
C GLY A 161 -19.90 0.02 -9.60
N CYS A 162 -19.72 -1.26 -9.38
CA CYS A 162 -19.93 -1.84 -8.02
C CYS A 162 -19.04 -1.12 -6.98
N PHE A 163 -17.81 -0.83 -7.34
CA PHE A 163 -16.88 -0.12 -6.40
C PHE A 163 -17.45 1.26 -6.04
N VAL A 164 -17.93 1.99 -7.03
CA VAL A 164 -18.47 3.34 -6.76
C VAL A 164 -19.69 3.24 -5.84
N LYS A 165 -20.53 2.25 -6.01
CA LYS A 165 -21.73 2.12 -5.13
C LYS A 165 -21.32 2.00 -3.66
N ASN A 166 -20.23 1.35 -3.38
CA ASN A 166 -19.76 1.19 -1.96
C ASN A 166 -18.55 2.09 -1.66
N ARG A 167 -18.42 3.22 -2.34
CA ARG A 167 -17.24 4.11 -2.10
C ARG A 167 -17.10 4.48 -0.62
N GLU A 168 -18.19 4.70 0.05
CA GLU A 168 -18.13 5.09 1.50
C GLU A 168 -17.56 3.97 2.37
N GLU A 169 -18.18 2.81 2.32
CA GLU A 169 -17.71 1.68 3.16
C GLU A 169 -16.30 1.24 2.76
N LEU A 170 -15.93 1.44 1.51
CA LEU A 170 -14.57 1.03 1.07
C LEU A 170 -13.52 2.09 1.46
N GLY A 171 -13.92 3.15 2.11
CA GLY A 171 -12.94 4.19 2.56
C GLY A 171 -12.46 5.05 1.38
N PHE A 172 -13.22 5.12 0.32
CA PHE A 172 -12.79 5.98 -0.84
C PHE A 172 -13.40 7.37 -0.67
N ARG A 173 -12.78 8.18 0.16
CA ARG A 173 -13.30 9.56 0.44
C ARG A 173 -13.69 10.31 -0.85
N PRO A 174 -14.55 11.32 -0.70
CA PRO A 174 -15.02 12.10 -1.87
C PRO A 174 -13.93 13.04 -2.41
N GLU A 175 -12.88 13.27 -1.66
CA GLU A 175 -11.79 14.16 -2.17
C GLU A 175 -10.87 13.40 -3.13
N TYR A 176 -10.93 12.08 -3.10
CA TYR A 176 -10.08 11.26 -3.99
C TYR A 176 -10.64 11.24 -5.41
N SER A 177 -9.78 11.21 -6.38
CA SER A 177 -10.22 11.16 -7.80
C SER A 177 -9.66 9.91 -8.47
N ALA A 178 -10.18 9.55 -9.61
CA ALA A 178 -9.70 8.31 -10.31
C ALA A 178 -8.18 8.35 -10.56
N SER A 179 -7.65 9.53 -10.79
CA SER A 179 -6.17 9.66 -11.07
C SER A 179 -5.30 9.20 -9.89
N GLN A 180 -5.88 9.04 -8.72
CA GLN A 180 -5.05 8.61 -7.54
C GLN A 180 -4.99 7.08 -7.38
N LEU A 181 -5.73 6.35 -8.17
CA LEU A 181 -5.70 4.85 -8.05
C LEU A 181 -4.35 4.28 -8.49
N LYS A 182 -3.80 3.37 -7.73
CA LYS A 182 -2.50 2.76 -8.12
C LYS A 182 -2.66 1.98 -9.42
N GLY A 183 -1.95 2.35 -10.46
CA GLY A 183 -2.07 1.64 -11.77
C GLY A 183 -2.86 2.48 -12.79
N PHE A 184 -3.46 3.56 -12.35
CA PHE A 184 -4.26 4.42 -13.29
C PHE A 184 -3.49 4.77 -14.56
N SER A 185 -2.31 5.29 -14.39
CA SER A 185 -1.48 5.72 -15.56
C SER A 185 -1.33 4.64 -16.65
N LEU A 186 -1.46 3.38 -16.32
CA LEU A 186 -1.29 2.30 -17.36
C LEU A 186 -2.58 1.99 -18.13
N LEU A 187 -3.63 2.73 -17.91
CA LEU A 187 -4.91 2.46 -18.61
C LEU A 187 -5.01 3.30 -19.89
N ALA A 188 -5.67 2.77 -20.90
CA ALA A 188 -5.84 3.53 -22.16
C ALA A 188 -6.61 4.81 -21.88
N THR A 189 -6.37 5.86 -22.63
CA THR A 189 -7.10 7.17 -22.40
C THR A 189 -8.60 6.96 -22.21
N GLU A 190 -9.21 6.19 -23.06
CA GLU A 190 -10.69 5.94 -22.95
C GLU A 190 -11.05 5.39 -21.55
N ASP A 191 -10.33 4.40 -21.11
CA ASP A 191 -10.61 3.80 -19.77
C ASP A 191 -10.36 4.84 -18.66
N LYS A 192 -9.34 5.66 -18.80
CA LYS A 192 -9.05 6.68 -17.76
C LYS A 192 -10.18 7.72 -17.68
N GLU A 193 -10.71 8.10 -18.80
CA GLU A 193 -11.82 9.11 -18.81
C GLU A 193 -13.06 8.53 -18.11
N ALA A 194 -13.41 7.31 -18.42
CA ALA A 194 -14.61 6.67 -17.78
C ALA A 194 -14.48 6.70 -16.26
N LEU A 195 -13.30 6.44 -15.75
CA LEU A 195 -13.10 6.43 -14.28
C LEU A 195 -13.20 7.85 -13.73
N LYS A 196 -12.43 8.78 -14.28
CA LYS A 196 -12.50 10.19 -13.80
C LYS A 196 -13.95 10.68 -13.80
N LYS A 197 -14.74 10.14 -14.69
CA LYS A 197 -16.18 10.54 -14.78
C LYS A 197 -16.96 10.09 -13.53
N GLN A 198 -16.74 8.88 -13.09
CA GLN A 198 -17.48 8.37 -11.88
C GLN A 198 -16.78 8.78 -10.58
N LEU A 199 -15.49 8.95 -10.61
CA LEU A 199 -14.76 9.39 -9.39
C LEU A 199 -14.05 10.71 -9.70
N PRO A 200 -14.80 11.78 -9.68
CA PRO A 200 -14.24 13.13 -10.00
C PRO A 200 -13.33 13.66 -8.88
N GLY A 201 -13.74 13.52 -7.65
CA GLY A 201 -12.90 14.02 -6.53
C GLY A 201 -13.10 15.53 -6.37
N VAL A 202 -14.28 16.01 -6.68
CA VAL A 202 -14.55 17.47 -6.55
C VAL A 202 -16.01 17.71 -6.18
N LYS A 203 -16.33 17.62 -4.91
CA LYS A 203 -17.74 17.85 -4.49
C LYS A 203 -18.01 19.35 -4.31
N SER A 204 -19.17 19.70 -3.83
CA SER A 204 -19.50 21.14 -3.64
C SER A 204 -20.61 21.30 -2.60
N GLU A 205 -20.86 22.51 -2.17
CA GLU A 205 -21.93 22.73 -1.15
C GLU A 205 -23.22 23.20 -1.84
N GLY A 206 -24.32 23.18 -1.13
CA GLY A 206 -25.61 23.63 -1.74
C GLY A 206 -26.56 24.09 -0.64
N LYS A 207 -26.67 25.37 -0.42
CA LYS A 207 -27.58 25.88 0.63
C LYS A 207 -27.92 27.35 0.38
N ARG A 208 -28.76 27.61 -0.59
CA ARG A 208 -29.14 29.03 -0.89
C ARG A 208 -30.13 29.55 0.16
N LYS A 209 -31.31 29.00 0.19
CA LYS A 209 -32.31 29.46 1.20
C LYS A 209 -32.70 28.31 2.13
N GLY A 210 -33.06 27.19 1.58
CA GLY A 210 -33.46 26.02 2.43
C GLY A 210 -34.73 26.35 3.20
N ASP A 211 -35.82 26.59 2.50
CA ASP A 211 -37.09 26.92 3.18
C ASP A 211 -38.26 26.22 2.48
N GLU A 212 -38.02 25.10 1.88
CA GLU A 212 -39.11 24.37 1.18
C GLU A 212 -38.67 22.93 0.85
N VAL A 213 -37.66 22.79 0.03
CA VAL A 213 -37.18 21.43 -0.33
C VAL A 213 -35.76 21.21 0.20
N ASP A 214 -35.63 21.07 1.50
CA ASP A 214 -34.27 20.85 2.09
C ASP A 214 -34.40 20.20 3.47
ZN ZN C . 18.39 -10.29 3.40
ZN ZN D . -19.74 -6.32 -9.53
N MET A 1 5.15 -5.17 25.75
CA MET A 1 4.73 -6.58 25.53
C MET A 1 3.74 -7.02 26.62
N ALA A 2 3.82 -6.43 27.78
CA ALA A 2 2.89 -6.81 28.88
C ALA A 2 1.57 -6.05 28.75
N GLU A 3 1.60 -4.90 28.13
CA GLU A 3 0.34 -4.11 27.98
C GLU A 3 -0.46 -4.64 26.79
N SER A 4 -0.09 -4.26 25.58
CA SER A 4 -0.84 -4.74 24.38
C SER A 4 -0.13 -4.28 23.10
N SER A 5 -0.64 -4.67 21.97
CA SER A 5 -0.02 -4.28 20.67
C SER A 5 -0.93 -4.63 19.51
N ASP A 6 -1.67 -3.67 19.01
CA ASP A 6 -2.60 -3.95 17.87
C ASP A 6 -2.02 -3.40 16.55
N LYS A 7 -1.00 -2.59 16.63
CA LYS A 7 -0.41 -2.02 15.38
C LYS A 7 0.03 -3.16 14.46
N LEU A 8 0.03 -2.95 13.17
CA LEU A 8 0.44 -4.04 12.25
C LEU A 8 1.96 -4.06 12.04
N TYR A 9 2.68 -2.99 12.37
CA TYR A 9 4.15 -3.03 12.14
C TYR A 9 4.94 -2.68 13.42
N ARG A 10 6.18 -3.07 13.45
CA ARG A 10 7.03 -2.77 14.63
C ARG A 10 8.44 -2.36 14.16
N VAL A 11 9.02 -1.40 14.82
CA VAL A 11 10.39 -0.96 14.46
C VAL A 11 11.23 -0.89 15.73
N GLU A 12 12.45 -1.32 15.68
CA GLU A 12 13.29 -1.29 16.91
C GLU A 12 14.73 -1.69 16.60
N TYR A 13 15.60 -1.47 17.53
CA TYR A 13 17.01 -1.87 17.32
C TYR A 13 17.09 -3.37 17.63
N ALA A 14 17.62 -4.14 16.71
CA ALA A 14 17.68 -5.64 16.89
C ALA A 14 18.06 -6.08 18.31
N LYS A 15 17.16 -6.79 18.96
CA LYS A 15 17.45 -7.30 20.33
C LYS A 15 18.53 -8.39 20.26
N SER A 16 18.71 -8.97 19.10
CA SER A 16 19.75 -10.02 18.91
C SER A 16 20.21 -10.00 17.45
N GLY A 17 21.17 -10.82 17.10
CA GLY A 17 21.66 -10.83 15.69
C GLY A 17 21.28 -12.16 15.04
N ARG A 18 20.32 -12.87 15.60
CA ARG A 18 19.91 -14.19 15.05
C ARG A 18 18.72 -14.09 14.08
N ALA A 19 18.00 -13.00 14.10
CA ALA A 19 16.83 -12.87 13.14
C ALA A 19 17.32 -12.82 11.69
N SER A 20 16.59 -13.45 10.80
CA SER A 20 16.98 -13.45 9.37
C SER A 20 15.98 -12.62 8.59
N CYS A 21 16.48 -11.79 7.72
CA CYS A 21 15.58 -10.92 6.90
C CYS A 21 14.67 -11.77 6.00
N LYS A 22 13.38 -11.53 6.06
CA LYS A 22 12.43 -12.33 5.23
C LYS A 22 12.53 -11.97 3.73
N LYS A 23 13.32 -10.98 3.38
CA LYS A 23 13.46 -10.59 1.94
C LYS A 23 14.78 -11.12 1.34
N CYS A 24 15.91 -10.75 1.90
CA CYS A 24 17.22 -11.21 1.33
C CYS A 24 17.81 -12.42 2.12
N SER A 25 17.19 -12.84 3.19
CA SER A 25 17.67 -14.04 3.98
C SER A 25 18.94 -13.78 4.83
N GLU A 26 19.61 -12.66 4.66
CA GLU A 26 20.84 -12.40 5.48
C GLU A 26 20.43 -12.10 6.94
N SER A 27 21.32 -12.34 7.86
CA SER A 27 20.99 -12.10 9.30
C SER A 27 20.89 -10.61 9.60
N ILE A 28 20.07 -10.25 10.53
CA ILE A 28 19.95 -8.82 10.93
C ILE A 28 20.84 -8.61 12.16
N PRO A 29 21.86 -7.78 12.03
CA PRO A 29 22.83 -7.59 13.15
C PRO A 29 22.20 -6.94 14.38
N LYS A 30 22.60 -7.40 15.55
CA LYS A 30 22.05 -6.87 16.83
C LYS A 30 22.21 -5.34 16.90
N ASP A 31 21.25 -4.65 17.48
CA ASP A 31 21.28 -3.15 17.61
C ASP A 31 21.00 -2.43 16.28
N SER A 32 20.96 -3.13 15.17
CA SER A 32 20.68 -2.46 13.88
C SER A 32 19.19 -2.13 13.79
N LEU A 33 18.84 -1.13 13.01
CA LEU A 33 17.41 -0.78 12.88
C LEU A 33 16.70 -1.78 11.97
N ARG A 34 15.70 -2.46 12.49
CA ARG A 34 14.96 -3.45 11.68
C ARG A 34 13.46 -3.20 11.78
N MET A 35 12.71 -3.64 10.81
CA MET A 35 11.23 -3.42 10.84
C MET A 35 10.52 -4.75 10.58
N ALA A 36 9.32 -4.90 11.08
CA ALA A 36 8.60 -6.17 10.85
C ALA A 36 7.10 -5.96 10.69
N ILE A 37 6.47 -6.84 9.96
CA ILE A 37 5.00 -6.76 9.81
C ILE A 37 4.37 -7.76 10.80
N MET A 38 3.71 -7.27 11.81
CA MET A 38 3.13 -8.19 12.84
C MET A 38 2.08 -9.13 12.26
N VAL A 39 2.02 -10.33 12.77
CA VAL A 39 1.02 -11.32 12.28
C VAL A 39 0.53 -12.19 13.46
N GLN A 40 -0.75 -12.43 13.54
CA GLN A 40 -1.28 -13.25 14.67
C GLN A 40 -1.01 -14.74 14.42
N SER A 41 -0.59 -15.45 15.43
CA SER A 41 -0.31 -16.91 15.25
C SER A 41 -1.50 -17.74 15.73
N PRO A 42 -1.92 -18.67 14.91
CA PRO A 42 -3.06 -19.54 15.27
C PRO A 42 -2.62 -20.69 16.19
N MET A 43 -1.35 -20.77 16.49
CA MET A 43 -0.85 -21.88 17.37
C MET A 43 -0.76 -21.41 18.83
N PHE A 44 -0.78 -20.12 19.06
CA PHE A 44 -0.68 -19.60 20.45
C PHE A 44 -1.04 -18.11 20.49
N ASP A 45 -1.54 -17.64 21.60
CA ASP A 45 -1.89 -16.20 21.71
C ASP A 45 -0.62 -15.36 21.63
N GLY A 46 -0.55 -14.46 20.69
CA GLY A 46 0.67 -13.61 20.55
C GLY A 46 0.92 -13.36 19.06
N LYS A 47 1.62 -12.31 18.73
CA LYS A 47 1.88 -12.02 17.29
C LYS A 47 3.34 -12.34 16.91
N VAL A 48 3.54 -12.94 15.77
CA VAL A 48 4.92 -13.26 15.31
C VAL A 48 5.41 -12.18 14.35
N PRO A 49 6.59 -11.66 14.58
CA PRO A 49 7.11 -10.60 13.71
C PRO A 49 7.92 -11.15 12.54
N HIS A 50 7.61 -10.71 11.35
CA HIS A 50 8.43 -11.12 10.18
C HIS A 50 9.45 -9.99 10.01
N TRP A 51 10.67 -10.17 10.47
CA TRP A 51 11.66 -9.06 10.43
C TRP A 51 12.37 -8.90 9.09
N TYR A 52 12.81 -7.70 8.86
CA TYR A 52 13.53 -7.35 7.60
C TYR A 52 14.55 -6.25 7.92
N HIS A 53 15.64 -6.18 7.18
CA HIS A 53 16.58 -5.04 7.40
C HIS A 53 15.79 -3.80 7.03
N PHE A 54 16.13 -2.65 7.56
CA PHE A 54 15.33 -1.41 7.24
C PHE A 54 15.04 -1.26 5.73
N SER A 55 16.04 -1.34 4.90
CA SER A 55 15.81 -1.18 3.42
C SER A 55 14.98 -2.33 2.82
N CYS A 56 15.29 -3.56 3.15
CA CYS A 56 14.52 -4.71 2.58
C CYS A 56 13.01 -4.59 2.86
N PHE A 57 12.64 -4.10 4.00
CA PHE A 57 11.18 -3.99 4.36
C PHE A 57 10.36 -3.27 3.26
N TRP A 58 10.94 -2.26 2.60
CA TRP A 58 10.16 -1.50 1.60
C TRP A 58 10.25 -2.15 0.20
N LYS A 59 11.21 -3.00 -0.01
CA LYS A 59 11.34 -3.65 -1.36
C LYS A 59 10.41 -4.86 -1.52
N VAL A 60 9.64 -5.18 -0.52
CA VAL A 60 8.73 -6.36 -0.63
C VAL A 60 7.29 -5.91 -0.92
N GLY A 61 6.97 -4.67 -0.70
CA GLY A 61 5.58 -4.21 -0.97
C GLY A 61 4.98 -3.56 0.28
N HIS A 62 5.61 -3.73 1.43
CA HIS A 62 5.06 -3.11 2.67
C HIS A 62 4.97 -1.59 2.49
N SER A 63 3.93 -0.98 2.97
CA SER A 63 3.80 0.51 2.81
C SER A 63 3.21 1.16 4.05
N ILE A 64 3.69 2.32 4.40
CA ILE A 64 3.17 3.04 5.60
C ILE A 64 3.08 4.54 5.32
N ARG A 65 1.93 5.12 5.47
CA ARG A 65 1.79 6.59 5.22
C ARG A 65 2.12 7.37 6.49
N HIS A 66 1.65 6.90 7.61
CA HIS A 66 1.95 7.60 8.92
C HIS A 66 2.62 6.63 9.90
N PRO A 67 3.94 6.66 9.92
CA PRO A 67 4.71 5.76 10.83
C PRO A 67 4.38 5.99 12.32
N ASP A 68 4.36 7.23 12.78
CA ASP A 68 4.03 7.50 14.22
C ASP A 68 2.78 6.73 14.73
N VAL A 69 1.77 6.57 13.91
CA VAL A 69 0.53 5.86 14.39
C VAL A 69 0.43 4.41 13.89
N GLU A 70 1.07 4.05 12.81
CA GLU A 70 0.95 2.65 12.28
C GLU A 70 2.11 1.73 12.71
N VAL A 71 3.19 2.29 13.18
CA VAL A 71 4.35 1.40 13.56
C VAL A 71 4.66 1.48 15.06
N ASP A 72 4.48 0.38 15.76
CA ASP A 72 4.78 0.37 17.22
C ASP A 72 6.29 0.52 17.46
N GLY A 73 6.68 1.26 18.49
CA GLY A 73 8.13 1.43 18.77
C GLY A 73 8.71 2.65 18.02
N PHE A 74 7.95 3.24 17.14
CA PHE A 74 8.47 4.41 16.35
C PHE A 74 8.92 5.54 17.27
N SER A 75 8.08 5.93 18.20
CA SER A 75 8.44 7.05 19.12
C SER A 75 9.68 6.76 19.98
N GLU A 76 10.05 5.50 20.17
CA GLU A 76 11.26 5.21 21.00
C GLU A 76 12.55 5.16 20.16
N LEU A 77 12.45 5.32 18.85
CA LEU A 77 13.68 5.30 18.00
C LEU A 77 14.46 6.60 18.20
N ARG A 78 15.73 6.60 17.89
CA ARG A 78 16.50 7.86 18.01
C ARG A 78 15.94 8.87 16.99
N TRP A 79 16.07 10.14 17.26
CA TRP A 79 15.49 11.18 16.34
C TRP A 79 15.84 10.92 14.86
N ASP A 80 17.10 10.81 14.53
CA ASP A 80 17.48 10.59 13.10
C ASP A 80 16.77 9.36 12.51
N ASP A 81 16.66 8.30 13.26
CA ASP A 81 15.97 7.08 12.72
C ASP A 81 14.47 7.37 12.56
N GLN A 82 13.94 8.23 13.39
CA GLN A 82 12.49 8.58 13.27
C GLN A 82 12.29 9.38 11.98
N GLN A 83 13.26 10.20 11.63
CA GLN A 83 13.14 11.00 10.38
C GLN A 83 13.38 10.08 9.18
N LYS A 84 14.35 9.20 9.29
CA LYS A 84 14.63 8.25 8.16
C LYS A 84 13.38 7.42 7.85
N VAL A 85 12.75 6.88 8.86
CA VAL A 85 11.51 6.08 8.63
C VAL A 85 10.41 6.99 8.09
N LYS A 86 10.30 8.19 8.62
CA LYS A 86 9.24 9.14 8.16
C LYS A 86 9.45 9.49 6.68
N LYS A 87 10.67 9.78 6.30
CA LYS A 87 10.93 10.15 4.88
C LYS A 87 10.82 8.92 3.98
N THR A 88 11.38 7.81 4.39
CA THR A 88 11.29 6.57 3.55
C THR A 88 9.82 6.20 3.35
N ALA A 89 9.01 6.39 4.37
CA ALA A 89 7.56 6.07 4.24
C ALA A 89 6.94 6.97 3.18
N GLU A 90 7.25 8.24 3.21
CA GLU A 90 6.68 9.18 2.21
C GLU A 90 7.14 8.81 0.80
N ALA A 91 8.43 8.63 0.62
CA ALA A 91 8.95 8.26 -0.73
C ALA A 91 8.30 6.96 -1.21
N GLY A 92 8.42 6.66 -2.47
CA GLY A 92 7.79 5.42 -3.02
C GLY A 92 8.83 4.29 -3.00
N GLY A 93 8.85 3.48 -4.03
CA GLY A 93 9.84 2.37 -4.08
C GLY A 93 11.03 2.77 -4.94
N VAL A 94 11.71 3.83 -4.58
CA VAL A 94 12.89 4.28 -5.39
C VAL A 94 14.13 3.48 -4.99
N THR A 95 14.17 3.00 -3.77
CA THR A 95 15.36 2.20 -3.33
C THR A 95 15.28 0.78 -3.89
N GLY A 96 16.25 0.38 -4.67
CA GLY A 96 16.24 -0.99 -5.25
C GLY A 96 17.64 -1.36 -5.74
N LYS A 97 18.30 -0.45 -6.42
CA LYS A 97 19.68 -0.74 -6.91
C LYS A 97 20.69 0.22 -6.27
N GLY A 98 21.80 -0.30 -5.82
CA GLY A 98 22.83 0.57 -5.18
C GLY A 98 23.54 1.38 -6.26
N GLN A 99 23.09 2.58 -6.51
CA GLN A 99 23.75 3.43 -7.55
C GLN A 99 23.27 4.88 -7.45
N ASP A 100 22.02 5.12 -7.77
CA ASP A 100 21.49 6.50 -7.68
C ASP A 100 20.00 6.48 -7.29
N GLY A 101 19.29 7.54 -7.55
CA GLY A 101 17.84 7.57 -7.21
C GLY A 101 17.40 9.03 -7.01
N ILE A 102 16.16 9.33 -7.32
CA ILE A 102 15.67 10.72 -7.15
C ILE A 102 14.19 10.71 -6.72
N GLY A 103 13.89 11.30 -5.60
CA GLY A 103 12.47 11.32 -5.13
C GLY A 103 12.09 12.74 -4.71
N SER A 104 11.83 13.60 -5.67
CA SER A 104 11.46 15.01 -5.33
C SER A 104 10.42 15.54 -6.32
N LYS A 105 10.65 15.33 -7.60
CA LYS A 105 9.68 15.82 -8.63
C LYS A 105 8.86 14.65 -9.17
N ALA A 106 8.59 13.66 -8.35
CA ALA A 106 7.79 12.50 -8.83
C ALA A 106 6.30 12.73 -8.56
N GLU A 107 5.45 12.12 -9.33
CA GLU A 107 3.97 12.31 -9.12
C GLU A 107 3.54 11.59 -7.84
N LYS A 108 2.26 11.49 -7.61
CA LYS A 108 1.77 10.80 -6.38
C LYS A 108 1.00 9.54 -6.76
N THR A 109 1.42 8.40 -6.27
CA THR A 109 0.70 7.13 -6.61
C THR A 109 0.30 6.41 -5.32
N LEU A 110 -0.95 6.01 -5.22
CA LEU A 110 -1.40 5.30 -3.98
C LEU A 110 -0.76 3.90 -3.93
N GLY A 111 -0.46 3.42 -2.75
CA GLY A 111 0.16 2.07 -2.63
C GLY A 111 -0.89 1.03 -2.25
N ASP A 112 -2.10 1.45 -1.97
CA ASP A 112 -3.17 0.47 -1.59
C ASP A 112 -4.29 0.42 -2.65
N PHE A 113 -4.12 1.12 -3.75
CA PHE A 113 -5.17 1.11 -4.81
C PHE A 113 -4.54 0.83 -6.17
N ALA A 114 -5.10 -0.06 -6.96
CA ALA A 114 -4.48 -0.36 -8.29
C ALA A 114 -5.50 -0.54 -9.40
N ALA A 115 -5.05 -0.38 -10.60
CA ALA A 115 -5.92 -0.54 -11.80
C ALA A 115 -5.15 -1.31 -12.87
N GLU A 116 -5.75 -2.32 -13.44
CA GLU A 116 -5.02 -3.12 -14.48
C GLU A 116 -6.02 -3.94 -15.29
N TYR A 117 -5.59 -4.46 -16.41
CA TYR A 117 -6.51 -5.31 -17.21
C TYR A 117 -6.50 -6.70 -16.57
N ALA A 118 -7.65 -7.32 -16.43
CA ALA A 118 -7.70 -8.67 -15.78
C ALA A 118 -6.69 -9.65 -16.41
N LYS A 119 -5.69 -10.05 -15.64
CA LYS A 119 -4.68 -11.00 -16.15
C LYS A 119 -5.34 -12.35 -16.47
N SER A 120 -6.50 -12.60 -15.93
CA SER A 120 -7.21 -13.90 -16.19
C SER A 120 -8.72 -13.69 -16.04
N ASN A 121 -9.47 -14.77 -16.02
CA ASN A 121 -10.96 -14.64 -15.88
C ASN A 121 -11.47 -15.36 -14.62
N ARG A 122 -10.60 -15.72 -13.71
CA ARG A 122 -11.07 -16.42 -12.47
C ARG A 122 -11.17 -15.44 -11.30
N SER A 123 -10.89 -14.17 -11.51
CA SER A 123 -11.02 -13.19 -10.39
C SER A 123 -12.50 -12.87 -10.21
N THR A 124 -12.86 -12.17 -9.17
CA THR A 124 -14.31 -11.87 -8.96
C THR A 124 -14.50 -10.49 -8.34
N CYS A 125 -15.36 -9.68 -8.93
CA CYS A 125 -15.62 -8.36 -8.35
C CYS A 125 -16.22 -8.53 -6.95
N LYS A 126 -15.58 -7.97 -5.94
CA LYS A 126 -16.10 -8.11 -4.54
C LYS A 126 -17.24 -7.13 -4.23
N GLY A 127 -17.91 -6.61 -5.24
CA GLY A 127 -19.02 -5.65 -5.02
C GLY A 127 -20.31 -6.33 -5.47
N CYS A 128 -20.27 -6.98 -6.60
CA CYS A 128 -21.47 -7.71 -7.11
C CYS A 128 -21.20 -9.23 -7.18
N MET A 129 -20.01 -9.68 -6.76
CA MET A 129 -19.66 -11.13 -6.80
C MET A 129 -19.72 -11.74 -8.21
N GLU A 130 -19.80 -10.93 -9.23
CA GLU A 130 -19.82 -11.50 -10.62
C GLU A 130 -18.37 -11.64 -11.10
N LYS A 131 -18.09 -12.66 -11.87
CA LYS A 131 -16.69 -12.88 -12.33
C LYS A 131 -16.24 -11.76 -13.28
N ILE A 132 -14.97 -11.39 -13.20
CA ILE A 132 -14.43 -10.38 -14.13
C ILE A 132 -13.80 -11.12 -15.31
N GLU A 133 -14.10 -10.72 -16.53
CA GLU A 133 -13.52 -11.43 -17.71
C GLU A 133 -12.08 -11.00 -17.97
N LYS A 134 -11.26 -11.93 -18.38
CA LYS A 134 -9.83 -11.58 -18.72
C LYS A 134 -9.78 -10.41 -19.73
N GLY A 135 -8.90 -9.45 -19.51
CA GLY A 135 -8.79 -8.30 -20.44
C GLY A 135 -9.63 -7.12 -19.92
N GLN A 136 -10.70 -7.39 -19.20
CA GLN A 136 -11.57 -6.30 -18.68
C GLN A 136 -10.81 -5.46 -17.65
N VAL A 137 -11.01 -4.15 -17.69
CA VAL A 137 -10.34 -3.27 -16.71
C VAL A 137 -10.93 -3.52 -15.32
N ARG A 138 -10.09 -3.64 -14.34
CA ARG A 138 -10.59 -3.88 -12.95
C ARG A 138 -9.81 -3.02 -11.96
N LEU A 139 -10.42 -2.67 -10.86
CA LEU A 139 -9.74 -1.83 -9.84
C LEU A 139 -9.64 -2.61 -8.54
N SER A 140 -8.77 -2.22 -7.63
CA SER A 140 -8.67 -3.00 -6.38
C SER A 140 -8.19 -2.18 -5.19
N LYS A 141 -8.70 -2.53 -4.03
CA LYS A 141 -8.27 -1.84 -2.78
C LYS A 141 -7.42 -2.82 -1.96
N LYS A 142 -6.13 -2.67 -2.00
CA LYS A 142 -5.23 -3.61 -1.26
C LYS A 142 -5.61 -3.71 0.22
N MET A 143 -5.57 -4.90 0.76
CA MET A 143 -5.90 -5.10 2.19
C MET A 143 -5.19 -6.35 2.71
N VAL A 144 -4.86 -6.38 3.98
CA VAL A 144 -4.16 -7.58 4.52
C VAL A 144 -5.13 -8.48 5.27
N ASP A 145 -4.94 -9.77 5.18
CA ASP A 145 -5.85 -10.72 5.90
C ASP A 145 -5.13 -11.25 7.16
N PRO A 146 -5.78 -11.12 8.28
CA PRO A 146 -5.17 -11.59 9.55
C PRO A 146 -5.06 -13.12 9.54
N GLU A 147 -5.82 -13.77 8.69
CA GLU A 147 -5.75 -15.26 8.62
C GLU A 147 -4.58 -15.70 7.73
N LYS A 148 -4.18 -14.84 6.82
CA LYS A 148 -3.04 -15.19 5.93
C LYS A 148 -2.05 -14.01 5.88
N PRO A 149 -1.35 -13.82 6.97
CA PRO A 149 -0.38 -12.70 7.06
C PRO A 149 0.85 -12.94 6.19
N GLN A 150 1.13 -14.17 5.82
CA GLN A 150 2.32 -14.43 4.96
C GLN A 150 2.11 -13.81 3.57
N LEU A 151 0.89 -13.51 3.23
CA LEU A 151 0.60 -12.90 1.89
C LEU A 151 0.84 -11.39 1.93
N GLY A 152 0.34 -10.73 2.94
CA GLY A 152 0.55 -9.25 3.03
C GLY A 152 -0.59 -8.53 2.32
N MET A 153 -0.31 -7.38 1.75
CA MET A 153 -1.37 -6.62 1.03
C MET A 153 -1.90 -7.41 -0.17
N ILE A 154 -3.12 -7.87 -0.11
CA ILE A 154 -3.69 -8.65 -1.25
C ILE A 154 -4.72 -7.78 -1.99
N ASP A 155 -4.80 -7.90 -3.30
CA ASP A 155 -5.77 -7.06 -4.04
C ASP A 155 -7.23 -7.56 -3.91
N ARG A 156 -8.11 -6.66 -3.61
CA ARG A 156 -9.57 -6.99 -3.56
C ARG A 156 -10.11 -6.37 -4.85
N TRP A 157 -10.41 -7.18 -5.84
CA TRP A 157 -10.82 -6.59 -7.15
C TRP A 157 -12.29 -6.20 -7.25
N TYR A 158 -12.56 -5.33 -8.19
CA TYR A 158 -13.94 -4.82 -8.43
C TYR A 158 -14.04 -4.29 -9.85
N HIS A 159 -15.24 -4.20 -10.37
CA HIS A 159 -15.41 -3.56 -11.70
C HIS A 159 -15.25 -2.07 -11.42
N PRO A 160 -14.77 -1.28 -12.35
CA PRO A 160 -14.60 0.16 -12.07
C PRO A 160 -15.92 0.79 -11.58
N GLY A 161 -17.03 0.46 -12.19
CA GLY A 161 -18.33 1.01 -11.74
C GLY A 161 -18.61 0.53 -10.31
N CYS A 162 -18.53 -0.75 -10.06
CA CYS A 162 -18.77 -1.28 -8.68
C CYS A 162 -17.82 -0.62 -7.68
N PHE A 163 -16.57 -0.43 -8.06
CA PHE A 163 -15.58 0.23 -7.14
C PHE A 163 -16.04 1.64 -6.80
N VAL A 164 -16.46 2.39 -7.80
CA VAL A 164 -16.89 3.79 -7.56
C VAL A 164 -18.10 3.80 -6.62
N LYS A 165 -19.01 2.88 -6.77
CA LYS A 165 -20.21 2.86 -5.87
C LYS A 165 -19.81 2.74 -4.39
N ASN A 166 -18.76 2.01 -4.13
CA ASN A 166 -18.29 1.84 -2.70
C ASN A 166 -17.01 2.65 -2.43
N ARG A 167 -16.80 3.74 -3.14
CA ARG A 167 -15.55 4.55 -2.92
C ARG A 167 -15.36 4.94 -1.44
N GLU A 168 -16.43 5.25 -0.78
CA GLU A 168 -16.31 5.66 0.67
C GLU A 168 -15.83 4.51 1.55
N GLU A 169 -16.54 3.41 1.53
CA GLU A 169 -16.15 2.26 2.39
C GLU A 169 -14.78 1.70 1.98
N LEU A 170 -14.42 1.84 0.73
CA LEU A 170 -13.10 1.32 0.28
C LEU A 170 -11.95 2.29 0.64
N GLY A 171 -12.27 3.41 1.28
CA GLY A 171 -11.20 4.36 1.69
C GLY A 171 -10.67 5.16 0.49
N PHE A 172 -11.43 5.27 -0.57
CA PHE A 172 -10.95 6.07 -1.74
C PHE A 172 -11.43 7.51 -1.59
N ARG A 173 -10.75 8.29 -0.79
CA ARG A 173 -11.16 9.71 -0.53
C ARG A 173 -11.49 10.47 -1.83
N PRO A 174 -12.27 11.54 -1.69
CA PRO A 174 -12.69 12.33 -2.87
C PRO A 174 -11.54 13.17 -3.44
N GLU A 175 -10.46 13.33 -2.71
CA GLU A 175 -9.30 14.13 -3.25
C GLU A 175 -8.47 13.26 -4.20
N TYR A 176 -8.64 11.96 -4.15
CA TYR A 176 -7.86 11.06 -5.04
C TYR A 176 -8.43 11.05 -6.45
N SER A 177 -7.58 10.94 -7.43
CA SER A 177 -8.05 10.90 -8.84
C SER A 177 -7.60 9.59 -9.48
N ALA A 178 -8.16 9.25 -10.61
CA ALA A 178 -7.78 7.96 -11.29
C ALA A 178 -6.27 7.89 -11.56
N SER A 179 -5.65 9.00 -11.81
CA SER A 179 -4.17 9.01 -12.12
C SER A 179 -3.33 8.50 -10.93
N GLN A 180 -3.90 8.42 -9.75
CA GLN A 180 -3.10 7.95 -8.57
C GLN A 180 -3.16 6.42 -8.38
N LEU A 181 -3.97 5.73 -9.15
CA LEU A 181 -4.06 4.24 -9.00
C LEU A 181 -2.76 3.56 -9.45
N LYS A 182 -2.28 2.62 -8.67
CA LYS A 182 -1.03 1.90 -9.05
C LYS A 182 -1.27 1.11 -10.35
N GLY A 183 -0.54 1.41 -11.40
CA GLY A 183 -0.73 0.68 -12.69
C GLY A 183 -1.47 1.56 -13.72
N PHE A 184 -1.97 2.69 -13.30
CA PHE A 184 -2.72 3.59 -14.24
C PHE A 184 -1.93 3.86 -15.52
N SER A 185 -0.71 4.29 -15.38
CA SER A 185 0.14 4.63 -16.57
C SER A 185 0.18 3.51 -17.64
N LEU A 186 -0.04 2.27 -17.29
CA LEU A 186 0.03 1.17 -18.30
C LEU A 186 -1.29 0.94 -19.05
N LEU A 187 -2.27 1.78 -18.83
CA LEU A 187 -3.58 1.59 -19.52
C LEU A 187 -3.63 2.42 -20.81
N ALA A 188 -4.33 1.92 -21.80
CA ALA A 188 -4.46 2.67 -23.08
C ALA A 188 -5.12 4.01 -22.81
N THR A 189 -4.81 5.02 -23.60
CA THR A 189 -5.42 6.38 -23.37
C THR A 189 -6.94 6.30 -23.17
N GLU A 190 -7.63 5.57 -24.00
CA GLU A 190 -9.12 5.44 -23.86
C GLU A 190 -9.50 4.95 -22.46
N ASP A 191 -8.85 3.91 -22.01
CA ASP A 191 -9.17 3.36 -20.64
C ASP A 191 -8.83 4.40 -19.56
N LYS A 192 -7.74 5.13 -19.73
CA LYS A 192 -7.36 6.15 -18.70
C LYS A 192 -8.40 7.26 -18.64
N GLU A 193 -8.91 7.68 -19.77
CA GLU A 193 -9.94 8.77 -19.78
C GLU A 193 -11.21 8.31 -19.07
N ALA A 194 -11.66 7.11 -19.35
CA ALA A 194 -12.90 6.59 -18.68
C ALA A 194 -12.75 6.63 -17.16
N LEU A 195 -11.59 6.28 -16.66
CA LEU A 195 -11.38 6.28 -15.18
C LEU A 195 -11.35 7.73 -14.67
N LYS A 196 -10.51 8.57 -15.24
CA LYS A 196 -10.46 10.00 -14.79
C LYS A 196 -11.88 10.61 -14.78
N LYS A 197 -12.72 10.11 -15.65
CA LYS A 197 -14.13 10.62 -15.74
C LYS A 197 -14.92 10.26 -14.48
N GLN A 198 -14.79 9.04 -14.00
CA GLN A 198 -15.56 8.63 -12.78
C GLN A 198 -14.82 9.01 -11.50
N LEU A 199 -13.51 9.07 -11.55
CA LEU A 199 -12.73 9.47 -10.33
C LEU A 199 -11.93 10.72 -10.70
N PRO A 200 -12.60 11.85 -10.73
CA PRO A 200 -11.95 13.12 -11.12
C PRO A 200 -11.01 13.64 -10.04
N GLY A 201 -11.39 13.51 -8.79
CA GLY A 201 -10.50 14.00 -7.69
C GLY A 201 -10.59 15.53 -7.63
N VAL A 202 -9.50 16.17 -7.31
CA VAL A 202 -9.50 17.67 -7.23
C VAL A 202 -8.55 18.26 -8.27
N LYS A 203 -8.24 19.52 -8.16
CA LYS A 203 -7.32 20.16 -9.14
C LYS A 203 -5.87 19.86 -8.78
N SER A 204 -5.04 19.65 -9.77
CA SER A 204 -3.61 19.35 -9.49
C SER A 204 -2.78 19.47 -10.78
N GLU A 205 -3.00 20.50 -11.54
CA GLU A 205 -2.24 20.69 -12.80
C GLU A 205 -1.18 21.78 -12.62
N GLY A 206 -0.57 22.21 -13.70
CA GLY A 206 0.47 23.27 -13.59
C GLY A 206 1.61 22.97 -14.56
N LYS A 207 2.23 21.82 -14.44
CA LYS A 207 3.35 21.46 -15.36
C LYS A 207 3.17 20.04 -15.88
N ARG A 208 2.08 19.78 -16.57
CA ARG A 208 1.84 18.40 -17.11
C ARG A 208 2.92 18.05 -18.14
N LYS A 209 3.32 19.01 -18.94
CA LYS A 209 4.36 18.74 -19.98
C LYS A 209 3.96 17.52 -20.84
N GLY A 210 4.89 16.98 -21.58
CA GLY A 210 4.55 15.81 -22.44
C GLY A 210 5.82 14.95 -22.63
N ASP A 211 6.54 14.71 -21.58
CA ASP A 211 7.78 13.88 -21.69
C ASP A 211 7.55 12.51 -21.06
N GLU A 212 7.16 11.54 -21.85
CA GLU A 212 6.91 10.18 -21.29
C GLU A 212 7.72 9.14 -22.09
N VAL A 213 9.01 9.31 -22.17
CA VAL A 213 9.85 8.34 -22.92
C VAL A 213 10.53 7.35 -21.95
N ASP A 214 10.90 6.19 -22.43
CA ASP A 214 11.57 5.20 -21.54
C ASP A 214 10.74 4.95 -20.28
ZN ZN C . 17.53 -7.95 4.20
ZN ZN D . -18.95 -5.79 -10.11
#